data_8ZDQ
#
_entry.id   8ZDQ
#
loop_
_entity.id
_entity.type
_entity.pdbx_description
1 polymer 'Tail Tube Protein (gp13)'
2 polymer 'Tape Measure Protein (gp16)'
3 polymer 'Baseplate Upper Protein (gp23)'
4 polymer 'Distal Tail Protein (gp17)'
5 polymer 'Baseplate Hub Protein (gp18)'
6 polymer 'Central Fiber Protein (gp20)'
#
loop_
_entity_poly.entity_id
_entity_poly.type
_entity_poly.pdbx_seq_one_letter_code
_entity_poly.pdbx_strand_id
1 'polypeptide(L)'
;MTDFYTIKDAQADLAIAPLNLTVLLAPYSTTPATTLESPTDGSLAIPPGYKSVGHFEKQAGLTLGNEFDSKDIEAYGEPE
PIRTIINKRTTTFDFAMYQNQRNVLELIWTQDFSNIQPSEFGGIVLEAPKVPKNIYYRAILVGMDDRNDRPIWLYWLMPK
VKLDKLDNQTLNDDNVIEYKPTLKAFRDDVVGYSVAQGFAGPGWRDLVATAGFGEALTALTITPGSPTVTVATGASHTAQ
LLVEGDNGINYTPDVVFTSSAPDKASVSAAGLVTGVAAGSATITATKGALTATATVTVTA
;
M,N,O,P,Q,R
2 'polypeptide(L)'
;MAEFVAAQASVLIVPTLGKGANSFHQKLKEQLQTVRESVDVKIKADTAAMVAEVQATKEMLERDPINIRVETDNNGIKEL
VKSVTEVRHKYEDLKGDFRRGLTLNLKVVGLSALSQLGPMLASLNTSIVQLSQSSLLLPGIMSGVASSVGAAVVGSRGLT
DAFKAQSDASKNVAEAGKQQRDANRAIRDSTRDLNNAIRDAKRNIEDLNAQLRDAPLDEAEAMLNLQEAQYEASQKWGKT
AFQQQRDALGLAKAESQLAETRRRNVRLGQDVAEANAKGVNGNDAVVAAQERLTKALEDLAMQTGPIRALNDAMAKLSPN
ARDFVDQVSSLKGAWDGLRSTVQDRLFDGLGASVQTLAGQDLPILERGLAGIAGAINGNLKTAMSQLATDENKGFLGRIF
GNTEEAQNRFSTALKPLLDSFMQLSAVGSDYLPRLSNAFGDVLNRFDGFIERADADGSLDKWINNGLDAMTQLGNSLINV
GSIMNTISEAFTGTGGKGLLELLETGTKRLADFLKGAEGQQKLKQFFLDARTELNNWKPLLSQLPGLIKNVATAGQQWAN
LVLPFLTSAASLLKEHPGLVTAIFTAYMTWRTISPIIGTINLLLSSETGMVGAAKKAGRAVGKGEGLTGKLGVLAGMVGQ
GGVVMTGLSLVAGFLINEWVTAQNEAAEAVSYHASMISRLKGEMDGLTGSLTTQGLQGKLDAARQWTDIHQTDGKPKDLV
AAANSFGVDLPTFMGALTPTNQAARNAVTGKARQTVLDDLNKQGLETVLGKDALNALNLYNQNAAPDKKITNDVLADIAT
GVNPESKKLFEDAKKSNLIHFNESDLLYGYNKPWGFIPGTDPSGKGLSPVARDAANVSGFVLNDTGNALQVGSDIRSTNE
ALYGKAVLTPAGQQMFGQFGSPQASFENGSKDAAVRVDTTLQNLPPQFVKDVESNGGHFEELPDGVIIHMRKDRAAQYVT
AGSYAGGGFLSGPGTGRSDSMLARVSNGEFITRAASVAKYGRGLFDALNSGTLDPSMLPRFDSGGLVDIFLPGGGTAAPP
PTGSANPVDLARGLPRGPAVQSAPANRFDPSPLPTDLLPKPVIPMPDLANPGLYDPATGKYGAAPASAVQQPLKPGVDGD
KGETSGPNVPPTDPRSPGYKQPNHGLGGSPGPGNGTPHLTGPGGTPVSPGAASALPSNGGIPGLTPSATDPLGLSGLPKE
IQPVTILEQIGEILLSAVLGFFGLDPTYFNIGKRIFTGIKGDKPNEANPGVQSILDGYKNPLADGQNPYVGTSIYDASFD
PASQRASNMAELMRGKPYTWGGSSLDGTDCSGLVMYVVDAYEGKEFSGRTGGTGGFASSLPAKGGVIISDPSQAPPGTLR
VGWNASHTAGTLPDGRNFESSTFGKPIAVGAGASGYNDPQFTNWAYFPAPGYANGGFLSGAGTGRSDSMLARVSNGEFIT
RASSVAKYGRSLFDALNAGTVDPGMLPGFADGTPPIPGLPVPQPQTPQQAGPLPDPNGQDAQAAQQVTDTAASALDGVAG
AMNGVNMGSSGAIPGADAPDGAQQGKDPRSILGAAPTNTDHNNPALSKGIQGAFSTVGSLASMAASAAMSAGTMGAGAAG
ASGAAGSGIQAGAQIAGQVATGALNILSSLLVGSAPGSTGTTQSAYGAPVLPQGPPQSSGGGPAVVNNYGDIHTANYDEF
YKGQQRREAQQQAPILPVR
;
S,T,U
3 'polypeptide(L)'
;MLSTGPIMETLTLTVGSAFEIPGWKLRGEYPAGTTSHLVFTDAAGGTLGEFEGTVSAKEIHYLQAPDDVKNIPHGANFQL
FVTYPSMQPQCLYFGTAIRKEPRYPLSTVVSPEDSAVQYKANFVGQYIGPMWKPMGNGWGSLGIHTHALISEAPSMGPNY
SLFSSAAARWLWSMNMDSVTIVVRVLNVGAGKFNVIVCADYQMQTYLGIQFETGISNNKVHVITGDGPLNWGYQGDAVNN
TTANGDVYTIKYNDLLDTISCYKGTSLTPLIEASGLDVPHGEGFRYTGLAWNTALLSPGVEPTAWEAKDGV
;
a,b,c,d,e,f,g,h,i,j,k,l
4 'polypeptide(L)'
;MTDFLKIELIGRDGSHWVLSGPGMGQQGVTLNPNLQQFYDAPVKTLYVPGPFGEEYAGKRVQRREIVFSVQAYDEDPDTW
STVDSLWRWAWDYDEESELRVSTSDGTRFLKVRLMEEPKPYYEKDPHITADNPIVMTVTATFPYWQDEPEELIWTTLSTE
DMTRFPVRNDGDVPVWLKWTLTAPGLWILPDFSWGNDMYSRGREDLGRTVAMPELVAGEHVSVDSDPRVQTLIAVNGMPT
QNRWKGNDLLYPLMPGKGAEIPVQLKNAPEGGACKLTRPRWYSRPWSRPGVRLNG
;
m,n,o,p,q,r
5 'polypeptide(L)'
;MANNWTDILAASDGDEWAAFKTIEAQADEVRAGHQALRRAKPLIRLWMNNPDGSEGLVYVGRVDYDDTIRGSFPFKNNTP
SQGVLELRDDNYLAVWLKQLPNNPELKKNVVITVDFYGGKKRWSGLLDKWTIKSKEHVKYLEVTFNDDLTMLQYLLCPPN
PALPIPVLQFPRIFGIAGPAKWAISTLIFINLFRVQGNLWTLPDDPFNLESWDDILDWSDWQCFVKSNSFLLDDSSVWTF
LSSRMNPVDSIIADALDDAQLTITYRRVLTDDGETAEGFPGAHGIKNGALVFEIVDNSNATALEGTFFSGTIVDGFARSV
LLYGGGFVEDTLSVVSDDQTLQPDEYYQSGWLATMAKMPWLVVRDNEWTPIESSDLSWGPAKNVSVIVGGDNPAADAIAK
LIIETTGNLLGYFLLGGFSSAGTIAADIIMPFLVGTIAAWLQWKNTGRATELGWVHYWELYQQGAETNSWSLAALAALRG
GFLVGRSETVHLMALHDSWIIPGLHIDIGQRMGSTVNSKGVENIVWVNQLEEMTAAWDNSAGQTMPLSWVLKAGKSDRAM
SIGERVARLAKKMSEALNNVGVHIVQS
;
s,t,u
6 'polypeptide(L)'
;MTMPNGSGGLDPGAWLSHWVNQADLSSLAGRTEDEVRAYFENLVQADSGWGDASNTFFNLILGGFQNLSEFVTLIVQAVT
GAPGGLTDLQAFLTERWGDLADAFQAVANLIDAIAGEVGSSLADAIAKLATFLTELSPLNAGMLFGLIGTNHLPLLSVSH
IANINPELLVNAGFDSDVSVVDNPYWDWDGTVGRTAPLGAVKVVADGTIKDLLSGPDAIPVVEGQKLNVSAWLKYSGLVA
GAGAGSIRLSGTAYSADGEVVAYPDFGGIPDGASGTSDWTQVTGQYVVPAGVTQFRLRLSVRENATGGTVWFDDCSVKKA
GLLPQGLVDGLVQALSDLLTWLESLVDNVLSALGLDPIGTIVDKILDLADEFGDWLGATEDTAANLSNLLTKLLSDPASV
IGPLAQSMITGLTGALGNLNTAINQIGDVLVGTVVTPINSAISNVIDWFNSLLNFQDTTTSNQINQQNFQIATLASGIKK
QQWECRYSTAFVTFPEMFCDWGFALGGTTGAQSTGTAHTHTLNTDGLAALQIQILPAGYAIGGYIGISDTTIVDTIAMKM
YKETSSAINNVYLEVFREDSTGALTSVGSVDVSGQLTTASDYVEATLPAGVIVNAGERYVVRMRNATTVGNRVGVSVMKE
LVGGRELSIRTETATDSNKTFYTPSEVLTAQGVSVIMPWAMMAAKNLATTDQSFSDDFNRSAMGGLWFLKSDTGTNQVGV
SGGRAAFSGLTDGNQNALYIRPTAGDKQWVEATLYETGIAASGAREGLLMHANRDLSQVVYLGVNLNTAKIYTGPWNSLT
ERASVSTTGNDVLWQMYFDPATAAYTVLKNGQASGLTWTDSGSVVAHGPNYRFGGLRISRATFFNAGRIDNWTLKDWA
;
v,w,x
#
# COMPACT_ATOMS: atom_id res chain seq x y z
N THR A 2 101.76 -21.86 80.18
CA THR A 2 102.48 -22.74 79.28
C THR A 2 103.44 -21.94 78.41
N ASP A 3 104.66 -22.44 78.27
CA ASP A 3 105.65 -21.72 77.49
C ASP A 3 105.41 -21.90 75.99
N PHE A 4 106.06 -21.04 75.21
CA PHE A 4 105.81 -20.99 73.77
C PHE A 4 106.21 -22.28 73.08
N TYR A 5 107.35 -22.86 73.46
CA TYR A 5 107.79 -24.10 72.84
C TYR A 5 106.80 -25.24 73.11
N THR A 6 106.32 -25.34 74.34
CA THR A 6 105.33 -26.38 74.66
C THR A 6 104.03 -26.15 73.89
N ILE A 7 103.60 -24.90 73.76
CA ILE A 7 102.40 -24.62 72.99
C ILE A 7 102.60 -24.99 71.53
N LYS A 8 103.77 -24.70 70.98
CA LYS A 8 104.06 -25.02 69.58
C LYS A 8 104.10 -26.52 69.33
N ASP A 9 104.73 -27.27 70.25
CA ASP A 9 104.88 -28.73 70.16
C ASP A 9 105.20 -29.20 68.75
N ALA A 10 106.20 -28.57 68.15
CA ALA A 10 106.60 -28.89 66.79
C ALA A 10 107.51 -30.10 66.76
N GLN A 11 107.28 -30.99 65.79
CA GLN A 11 108.11 -32.17 65.58
C GLN A 11 108.75 -32.10 64.21
N ALA A 12 110.08 -32.25 64.17
CA ALA A 12 110.78 -32.28 62.89
C ALA A 12 110.60 -33.62 62.18
N ASP A 13 110.43 -34.71 62.94
CA ASP A 13 110.30 -36.03 62.34
C ASP A 13 109.07 -36.15 61.45
N LEU A 14 108.05 -35.33 61.69
CA LEU A 14 106.86 -35.35 60.85
C LEU A 14 107.09 -34.67 59.50
N ALA A 15 108.24 -34.04 59.30
CA ALA A 15 108.60 -33.52 57.99
C ALA A 15 109.21 -34.63 57.16
N ILE A 16 108.57 -34.94 56.03
CA ILE A 16 108.97 -36.06 55.18
C ILE A 16 109.44 -35.51 53.85
N ALA A 17 110.66 -35.87 53.46
CA ALA A 17 111.26 -35.39 52.22
C ALA A 17 111.24 -36.51 51.18
N PRO A 18 110.54 -36.34 50.06
CA PRO A 18 110.49 -37.41 49.06
C PRO A 18 111.83 -37.58 48.37
N LEU A 19 112.76 -38.27 49.05
CA LEU A 19 114.12 -38.35 48.55
C LEU A 19 114.19 -39.08 47.22
N ASN A 20 113.41 -40.14 47.05
CA ASN A 20 113.36 -40.84 45.76
C ASN A 20 111.91 -41.08 45.39
N LEU A 21 111.47 -40.46 44.30
CA LEU A 21 110.08 -40.53 43.85
C LEU A 21 110.00 -41.30 42.54
N THR A 22 108.93 -42.07 42.37
CA THR A 22 108.70 -42.76 41.11
C THR A 22 107.21 -42.78 40.79
N VAL A 23 106.93 -42.83 39.48
CA VAL A 23 105.58 -42.76 38.94
C VAL A 23 105.30 -44.08 38.23
N LEU A 24 104.16 -44.69 38.54
CA LEU A 24 103.75 -45.95 37.94
C LEU A 24 102.40 -45.77 37.26
N LEU A 25 102.32 -46.18 36.01
CA LEU A 25 101.09 -46.09 35.23
C LEU A 25 100.59 -47.48 34.88
N ALA A 26 99.27 -47.62 34.85
CA ALA A 26 98.62 -48.87 34.51
C ALA A 26 97.46 -48.60 33.56
N PRO A 27 97.12 -49.56 32.71
CA PRO A 27 95.92 -49.40 31.89
C PRO A 27 94.66 -49.37 32.74
N TYR A 28 93.62 -48.75 32.20
CA TYR A 28 92.39 -48.55 32.95
C TYR A 28 91.72 -49.88 33.31
N SER A 29 92.06 -50.96 32.64
CA SER A 29 91.51 -52.27 32.98
C SER A 29 92.14 -52.85 34.23
N THR A 30 93.30 -52.36 34.64
CA THR A 30 93.97 -52.88 35.82
C THR A 30 93.18 -52.54 37.08
N THR A 31 93.11 -53.48 38.00
CA THR A 31 92.41 -53.25 39.26
C THR A 31 93.12 -52.15 40.04
N PRO A 32 92.39 -51.14 40.51
CA PRO A 32 93.06 -50.01 41.18
C PRO A 32 93.73 -50.43 42.47
N ALA A 33 94.80 -49.72 42.81
CA ALA A 33 95.54 -49.96 44.04
C ALA A 33 94.82 -49.29 45.20
N THR A 34 94.27 -50.10 46.11
CA THR A 34 93.65 -49.54 47.31
C THR A 34 94.69 -49.08 48.31
N THR A 35 95.81 -49.79 48.42
CA THR A 35 96.90 -49.41 49.29
C THR A 35 98.18 -50.04 48.77
N LEU A 36 99.31 -49.46 49.14
CA LEU A 36 100.61 -49.96 48.73
C LEU A 36 101.33 -50.70 49.84
N GLU A 37 100.61 -51.12 50.86
CA GLU A 37 101.19 -51.81 52.01
C GLU A 37 100.89 -53.29 51.90
N SER A 38 101.93 -54.11 51.95
CA SER A 38 101.76 -55.54 51.81
C SER A 38 101.04 -56.09 53.05
N PRO A 39 99.92 -56.81 52.87
CA PRO A 39 99.19 -57.31 54.06
C PRO A 39 100.00 -58.25 54.92
N THR A 40 100.90 -59.04 54.33
CA THR A 40 101.62 -60.05 55.10
C THR A 40 102.71 -59.43 55.98
N ASP A 41 103.45 -58.44 55.46
CA ASP A 41 104.59 -57.90 56.21
C ASP A 41 104.71 -56.39 56.13
N GLY A 42 103.72 -55.69 55.57
CA GLY A 42 103.77 -54.24 55.55
C GLY A 42 104.87 -53.66 54.68
N SER A 43 105.29 -54.39 53.66
CA SER A 43 106.30 -53.89 52.74
C SER A 43 105.64 -53.19 51.57
N LEU A 44 106.45 -52.64 50.67
CA LEU A 44 105.94 -51.93 49.50
C LEU A 44 105.47 -52.95 48.47
N ALA A 45 104.17 -52.95 48.19
CA ALA A 45 103.56 -53.93 47.29
C ALA A 45 102.81 -53.19 46.19
N ILE A 46 103.34 -53.24 44.98
CA ILE A 46 102.69 -52.64 43.82
C ILE A 46 101.79 -53.69 43.16
N PRO A 47 100.52 -53.37 42.91
CA PRO A 47 99.64 -54.33 42.24
C PRO A 47 100.14 -54.62 40.84
N PRO A 48 99.87 -55.82 40.33
CA PRO A 48 100.27 -56.13 38.95
C PRO A 48 99.55 -55.25 37.95
N GLY A 49 100.25 -54.95 36.85
CA GLY A 49 99.74 -54.08 35.82
C GLY A 49 100.27 -52.67 35.87
N TYR A 50 100.82 -52.25 37.01
CA TYR A 50 101.43 -50.94 37.15
C TYR A 50 102.88 -51.01 36.72
N LYS A 51 103.25 -50.18 35.74
CA LYS A 51 104.62 -50.15 35.22
C LYS A 51 105.20 -48.75 35.39
N SER A 52 106.44 -48.70 35.86
CA SER A 52 107.10 -47.43 36.10
C SER A 52 107.42 -46.73 34.79
N VAL A 53 107.47 -45.40 34.84
CA VAL A 53 107.87 -44.58 33.70
C VAL A 53 109.37 -44.30 33.71
N GLY A 54 110.12 -44.94 34.60
CA GLY A 54 111.56 -44.77 34.61
C GLY A 54 111.98 -43.43 35.16
N HIS A 55 113.17 -42.99 34.74
CA HIS A 55 113.74 -41.75 35.24
C HIS A 55 112.96 -40.55 34.73
N PHE A 56 112.95 -39.48 35.53
CA PHE A 56 112.40 -38.21 35.10
C PHE A 56 113.28 -37.09 35.63
N GLU A 57 113.07 -35.89 35.10
CA GLU A 57 113.96 -34.77 35.36
C GLU A 57 113.99 -34.40 36.83
N LYS A 58 115.16 -33.97 37.30
CA LYS A 58 115.37 -33.62 38.70
C LYS A 58 114.98 -32.18 38.99
N GLN A 59 115.46 -31.24 38.19
CA GLN A 59 115.16 -29.83 38.44
C GLN A 59 113.67 -29.54 38.34
N ALA A 60 113.01 -30.13 37.34
CA ALA A 60 111.57 -29.95 37.22
C ALA A 60 110.83 -30.58 38.41
N GLY A 61 111.29 -31.73 38.87
CA GLY A 61 110.62 -32.42 39.94
C GLY A 61 109.26 -32.91 39.48
N LEU A 62 108.40 -33.18 40.45
CA LEU A 62 107.01 -33.50 40.20
C LEU A 62 106.14 -32.46 40.89
N THR A 63 105.26 -31.83 40.13
CA THR A 63 104.41 -30.78 40.67
C THR A 63 102.98 -31.28 40.74
N LEU A 64 102.39 -31.20 41.94
CA LEU A 64 101.00 -31.52 42.18
C LEU A 64 100.21 -30.23 42.29
N GLY A 65 99.23 -30.06 41.41
CA GLY A 65 98.43 -28.86 41.39
C GLY A 65 97.00 -29.09 41.84
N ASN A 66 96.57 -28.32 42.82
CA ASN A 66 95.21 -28.35 43.34
C ASN A 66 94.53 -27.05 42.96
N GLU A 67 93.40 -27.14 42.25
CA GLU A 67 92.66 -25.96 41.80
C GLU A 67 91.26 -25.99 42.40
N PHE A 68 90.90 -24.92 43.08
CA PHE A 68 89.61 -24.82 43.74
C PHE A 68 88.71 -23.88 42.95
N ASP A 69 87.50 -24.35 42.66
CA ASP A 69 86.43 -23.49 42.15
C ASP A 69 85.52 -23.15 43.32
N SER A 70 85.38 -21.86 43.61
CA SER A 70 84.68 -21.41 44.80
C SER A 70 83.59 -20.41 44.44
N LYS A 71 82.55 -20.39 45.26
CA LYS A 71 81.44 -19.48 45.10
C LYS A 71 81.16 -18.81 46.45
N ASP A 72 80.95 -17.49 46.42
CA ASP A 72 80.73 -16.72 47.64
C ASP A 72 79.24 -16.55 47.87
N ILE A 73 78.77 -16.99 49.04
CA ILE A 73 77.38 -16.80 49.45
C ILE A 73 77.35 -15.64 50.44
N GLU A 74 76.65 -14.58 50.07
CA GLU A 74 76.54 -13.38 50.88
C GLU A 74 75.08 -13.09 51.17
N ALA A 75 74.80 -12.66 52.40
CA ALA A 75 73.44 -12.44 52.84
C ALA A 75 73.04 -10.99 52.66
N TYR A 76 71.72 -10.76 52.63
CA TYR A 76 71.19 -9.41 52.47
C TYR A 76 71.52 -8.53 53.66
N GLY A 77 71.59 -9.10 54.85
CA GLY A 77 71.86 -8.32 56.04
C GLY A 77 73.29 -8.35 56.51
N GLU A 78 74.21 -8.78 55.64
CA GLU A 78 75.61 -8.85 56.02
C GLU A 78 76.49 -8.20 54.94
N PRO A 79 77.54 -7.48 55.35
CA PRO A 79 78.44 -6.89 54.34
C PRO A 79 79.37 -7.89 53.70
N GLU A 80 79.97 -8.80 54.48
CA GLU A 80 80.84 -9.82 53.90
C GLU A 80 80.07 -11.07 53.54
N PRO A 81 80.61 -11.90 52.66
CA PRO A 81 79.96 -13.18 52.37
C PRO A 81 79.90 -14.07 53.60
N ILE A 82 78.72 -14.59 53.88
CA ILE A 82 78.54 -15.43 55.07
C ILE A 82 79.23 -16.77 54.88
N ARG A 83 79.21 -17.32 53.66
CA ARG A 83 79.77 -18.64 53.43
C ARG A 83 80.53 -18.67 52.11
N THR A 84 81.33 -19.70 51.94
CA THR A 84 81.93 -20.02 50.65
C THR A 84 81.72 -21.50 50.38
N ILE A 85 81.46 -21.83 49.12
CA ILE A 85 81.23 -23.21 48.70
C ILE A 85 82.32 -23.59 47.71
N ILE A 86 83.01 -24.69 47.98
CA ILE A 86 83.98 -25.25 47.06
C ILE A 86 83.22 -26.21 46.15
N ASN A 87 82.88 -25.74 44.95
CA ASN A 87 82.11 -26.57 44.03
C ASN A 87 82.89 -27.80 43.59
N LYS A 88 84.17 -27.64 43.29
CA LYS A 88 84.98 -28.73 42.80
C LYS A 88 86.44 -28.49 43.15
N ARG A 89 87.22 -29.55 43.07
CA ARG A 89 88.66 -29.50 43.36
C ARG A 89 89.37 -30.35 42.32
N THR A 90 90.06 -29.69 41.40
CA THR A 90 90.76 -30.37 40.33
C THR A 90 92.18 -30.69 40.76
N THR A 91 92.61 -31.92 40.51
CA THR A 91 93.96 -32.37 40.83
C THR A 91 94.70 -32.71 39.54
N THR A 92 95.91 -32.18 39.41
CA THR A 92 96.78 -32.49 38.29
C THR A 92 98.17 -32.76 38.81
N PHE A 93 98.99 -33.43 38.00
CA PHE A 93 100.40 -33.57 38.34
C PHE A 93 101.21 -33.64 37.05
N ASP A 94 102.37 -33.00 37.07
CA ASP A 94 103.23 -32.96 35.90
C ASP A 94 104.69 -33.18 36.28
N PHE A 95 105.44 -33.67 35.31
CA PHE A 95 106.83 -34.10 35.47
C PHE A 95 107.40 -34.32 34.09
N ALA A 96 108.71 -34.51 34.01
CA ALA A 96 109.43 -34.58 32.73
C ALA A 96 110.16 -35.90 32.63
N MET A 97 109.56 -36.86 31.92
CA MET A 97 110.16 -38.18 31.75
C MET A 97 111.30 -38.14 30.74
N TYR A 98 112.34 -38.94 31.02
CA TYR A 98 113.51 -39.03 30.17
C TYR A 98 113.47 -40.22 29.21
N GLN A 99 113.01 -41.37 29.70
CA GLN A 99 113.12 -42.60 28.93
C GLN A 99 112.12 -42.63 27.78
N ASN A 100 112.46 -43.42 26.76
CA ASN A 100 111.69 -43.53 25.54
C ASN A 100 111.01 -44.89 25.43
N GLN A 101 110.48 -45.39 26.54
CA GLN A 101 109.86 -46.69 26.56
C GLN A 101 108.42 -46.63 26.07
N ARG A 102 107.83 -47.82 25.89
CA ARG A 102 106.58 -47.93 25.17
C ARG A 102 105.43 -47.25 25.90
N ASN A 103 105.36 -47.40 27.23
CA ASN A 103 104.24 -46.81 27.95
C ASN A 103 104.36 -45.29 27.99
N VAL A 104 105.58 -44.77 28.10
CA VAL A 104 105.80 -43.33 28.02
C VAL A 104 105.35 -42.80 26.67
N LEU A 105 105.76 -43.48 25.59
CA LEU A 105 105.40 -43.02 24.26
C LEU A 105 103.89 -43.14 24.01
N GLU A 106 103.28 -44.19 24.53
CA GLU A 106 101.83 -44.35 24.42
C GLU A 106 101.10 -43.22 25.13
N LEU A 107 101.56 -42.87 26.34
CA LEU A 107 100.96 -41.75 27.06
C LEU A 107 101.13 -40.45 26.28
N ILE A 108 102.31 -40.22 25.72
CA ILE A 108 102.58 -38.98 25.00
C ILE A 108 101.71 -38.88 23.76
N TRP A 109 101.57 -39.96 23.00
CA TRP A 109 100.89 -39.91 21.72
C TRP A 109 99.41 -40.27 21.79
N THR A 110 98.89 -40.59 22.98
CA THR A 110 97.48 -40.98 23.15
C THR A 110 97.11 -42.11 22.20
N GLN A 111 97.99 -43.11 22.10
CA GLN A 111 97.79 -44.22 21.20
C GLN A 111 98.25 -45.50 21.87
N ASP A 112 97.63 -46.62 21.50
CA ASP A 112 98.04 -47.93 21.99
C ASP A 112 99.03 -48.52 21.00
N PHE A 113 100.29 -48.67 21.42
CA PHE A 113 101.35 -49.17 20.56
C PHE A 113 101.69 -50.63 20.84
N SER A 114 100.71 -51.41 21.31
CA SER A 114 100.95 -52.82 21.57
C SER A 114 101.11 -53.61 20.29
N ASN A 115 100.45 -53.19 19.21
CA ASN A 115 100.51 -53.87 17.93
C ASN A 115 101.68 -53.42 17.06
N ILE A 116 102.49 -52.48 17.54
CA ILE A 116 103.63 -52.02 16.76
C ILE A 116 104.70 -53.10 16.77
N GLN A 117 105.01 -53.63 15.59
CA GLN A 117 106.01 -54.69 15.47
C GLN A 117 107.29 -54.09 14.91
N PRO A 118 108.42 -54.25 15.56
CA PRO A 118 109.68 -53.70 15.03
C PRO A 118 110.03 -54.31 13.68
N SER A 119 110.69 -53.51 12.85
CA SER A 119 111.10 -53.97 11.54
C SER A 119 112.21 -55.00 11.67
N GLU A 120 112.73 -55.45 10.51
CA GLU A 120 113.73 -56.51 10.50
C GLU A 120 114.98 -56.12 11.29
N PHE A 121 115.29 -54.82 11.35
CA PHE A 121 116.47 -54.34 12.04
C PHE A 121 116.15 -53.60 13.33
N GLY A 122 114.93 -53.76 13.85
CA GLY A 122 114.55 -53.19 15.11
C GLY A 122 113.90 -51.83 15.04
N GLY A 123 113.99 -51.15 13.89
CA GLY A 123 113.39 -49.83 13.80
C GLY A 123 111.88 -49.89 13.96
N ILE A 124 111.34 -48.88 14.64
CA ILE A 124 109.90 -48.76 14.84
C ILE A 124 109.46 -47.37 14.39
N VAL A 125 108.21 -47.27 13.99
CA VAL A 125 107.62 -45.99 13.58
C VAL A 125 106.28 -45.86 14.28
N LEU A 126 106.12 -44.77 15.04
CA LEU A 126 104.91 -44.53 15.81
C LEU A 126 104.16 -43.36 15.18
N GLU A 127 103.01 -43.64 14.61
CA GLU A 127 102.19 -42.61 13.97
C GLU A 127 101.18 -42.08 14.96
N ALA A 128 101.06 -40.76 15.05
CA ALA A 128 100.05 -40.16 15.89
C ALA A 128 98.66 -40.48 15.34
N PRO A 129 97.67 -40.70 16.20
CA PRO A 129 96.35 -41.09 15.71
C PRO A 129 95.71 -39.99 14.88
N LYS A 130 94.84 -40.40 13.95
CA LYS A 130 94.14 -39.44 13.11
C LYS A 130 93.30 -38.49 13.95
N VAL A 131 92.59 -39.02 14.93
CA VAL A 131 91.89 -38.24 15.94
C VAL A 131 92.50 -38.60 17.29
N PRO A 132 92.85 -37.63 18.14
CA PRO A 132 93.42 -37.96 19.45
C PRO A 132 92.47 -38.83 20.25
N LYS A 133 93.04 -39.80 20.95
CA LYS A 133 92.26 -40.81 21.67
C LYS A 133 92.22 -40.47 23.15
N ASN A 134 91.04 -40.59 23.74
CA ASN A 134 90.81 -40.26 25.14
C ASN A 134 91.04 -41.53 25.96
N ILE A 135 92.24 -41.67 26.52
CA ILE A 135 92.67 -42.86 27.23
C ILE A 135 92.90 -42.51 28.69
N TYR A 136 92.46 -43.40 29.58
CA TYR A 136 92.61 -43.22 31.01
C TYR A 136 93.56 -44.27 31.57
N TYR A 137 94.34 -43.87 32.57
CA TYR A 137 95.29 -44.75 33.23
C TYR A 137 95.08 -44.68 34.73
N ARG A 138 95.75 -45.58 35.45
CA ARG A 138 95.81 -45.56 36.90
C ARG A 138 97.22 -45.21 37.32
N ALA A 139 97.36 -44.23 38.20
CA ALA A 139 98.65 -43.66 38.54
C ALA A 139 98.97 -43.89 40.02
N ILE A 140 100.24 -44.21 40.28
CA ILE A 140 100.78 -44.32 41.63
C ILE A 140 102.02 -43.45 41.69
N LEU A 141 101.98 -42.42 42.52
CA LEU A 141 103.13 -41.55 42.76
C LEU A 141 103.69 -41.92 44.12
N VAL A 142 104.71 -42.77 44.16
CA VAL A 142 105.22 -43.27 45.44
C VAL A 142 106.63 -42.74 45.64
N GLY A 143 106.88 -42.16 46.81
CA GLY A 143 108.18 -41.62 47.15
C GLY A 143 108.68 -42.21 48.45
N MET A 144 109.99 -42.36 48.54
CA MET A 144 110.66 -42.94 49.70
C MET A 144 111.56 -41.90 50.32
N ASP A 145 111.44 -41.77 51.65
CA ASP A 145 112.34 -40.98 52.49
C ASP A 145 113.01 -41.96 53.43
N ASP A 146 114.28 -42.28 53.16
CA ASP A 146 115.01 -43.24 53.98
C ASP A 146 115.76 -42.52 55.10
N ARG A 147 115.33 -42.74 56.34
CA ARG A 147 115.94 -42.17 57.53
C ARG A 147 116.28 -43.28 58.49
N ASN A 148 117.57 -43.38 58.86
CA ASN A 148 118.03 -44.37 59.83
C ASN A 148 117.64 -45.79 59.41
N ASP A 149 117.69 -46.05 58.10
CA ASP A 149 117.37 -47.36 57.54
C ASP A 149 115.94 -47.79 57.86
N ARG A 150 115.06 -46.83 58.11
CA ARG A 150 113.65 -47.08 58.36
C ARG A 150 112.85 -46.20 57.41
N PRO A 151 112.69 -46.63 56.16
CA PRO A 151 112.11 -45.75 55.14
C PRO A 151 110.64 -45.46 55.38
N ILE A 152 110.23 -44.27 54.96
CA ILE A 152 108.83 -43.87 54.92
C ILE A 152 108.42 -43.80 53.46
N TRP A 153 107.41 -44.57 53.09
CA TRP A 153 106.86 -44.55 51.74
C TRP A 153 105.59 -43.72 51.78
N LEU A 154 105.63 -42.54 51.17
CA LEU A 154 104.46 -41.68 51.07
C LEU A 154 104.03 -41.63 49.61
N TYR A 155 102.74 -41.87 49.37
CA TYR A 155 102.29 -42.10 48.02
C TYR A 155 100.94 -41.44 47.76
N TRP A 156 100.68 -41.22 46.48
CA TRP A 156 99.40 -40.73 45.98
C TRP A 156 98.85 -41.76 45.00
N LEU A 157 97.60 -42.15 45.21
CA LEU A 157 96.90 -43.07 44.32
C LEU A 157 95.85 -42.29 43.55
N MET A 158 95.93 -42.33 42.23
CA MET A 158 94.94 -41.69 41.35
C MET A 158 94.38 -42.75 40.43
N PRO A 159 93.21 -43.32 40.74
CA PRO A 159 92.70 -44.44 39.94
C PRO A 159 92.37 -44.10 38.50
N LYS A 160 92.27 -42.83 38.15
CA LYS A 160 91.88 -42.43 36.81
C LYS A 160 92.59 -41.14 36.46
N VAL A 161 93.55 -41.21 35.53
CA VAL A 161 94.28 -40.04 35.08
C VAL A 161 94.22 -39.97 33.56
N LYS A 162 94.27 -38.75 33.03
CA LYS A 162 94.23 -38.53 31.59
C LYS A 162 95.23 -37.44 31.22
N LEU A 163 95.85 -37.58 30.06
CA LEU A 163 96.73 -36.55 29.53
C LEU A 163 95.94 -35.28 29.25
N ASP A 164 96.20 -34.22 30.03
CA ASP A 164 95.51 -32.95 29.86
C ASP A 164 96.23 -32.05 28.87
N LYS A 165 97.53 -31.86 29.05
CA LYS A 165 98.31 -31.03 28.15
C LYS A 165 99.74 -31.56 28.09
N LEU A 166 100.45 -31.18 27.04
CA LEU A 166 101.83 -31.59 26.81
C LEU A 166 102.67 -30.35 26.55
N ASP A 167 103.78 -30.22 27.26
CA ASP A 167 104.64 -29.06 27.13
C ASP A 167 105.48 -29.16 25.86
N ASN A 168 105.82 -27.99 25.31
CA ASN A 168 106.69 -27.95 24.14
C ASN A 168 108.08 -28.46 24.51
N GLN A 169 108.62 -29.31 23.65
CA GLN A 169 109.93 -29.91 23.87
C GLN A 169 110.95 -29.28 22.93
N THR A 170 112.09 -28.89 23.49
CA THR A 170 113.17 -28.26 22.74
C THR A 170 114.32 -29.23 22.61
N LEU A 171 114.83 -29.39 21.39
CA LEU A 171 115.96 -30.27 21.13
C LEU A 171 117.24 -29.47 21.20
N ASN A 172 118.15 -29.88 22.08
CA ASN A 172 119.44 -29.21 22.26
C ASN A 172 120.54 -30.25 22.21
N ASP A 173 121.60 -29.94 21.44
CA ASP A 173 122.66 -30.90 21.20
C ASP A 173 123.44 -31.27 22.46
N ASP A 174 123.03 -30.77 23.62
CA ASP A 174 123.67 -31.12 24.88
C ASP A 174 122.70 -31.68 25.91
N ASN A 175 121.44 -31.92 25.55
CA ASN A 175 120.43 -32.38 26.48
C ASN A 175 119.66 -33.53 25.87
N VAL A 176 119.25 -34.47 26.72
CA VAL A 176 118.42 -35.57 26.24
C VAL A 176 117.01 -35.05 25.97
N ILE A 177 116.26 -35.83 25.20
CA ILE A 177 114.88 -35.48 24.88
C ILE A 177 113.98 -35.92 26.03
N GLU A 178 113.25 -34.97 26.60
CA GLU A 178 112.33 -35.24 27.69
C GLU A 178 110.91 -34.94 27.26
N TYR A 179 109.98 -35.73 27.76
CA TYR A 179 108.55 -35.55 27.49
C TYR A 179 107.91 -35.08 28.79
N LYS A 180 107.28 -33.90 28.75
CA LYS A 180 106.72 -33.30 29.95
C LYS A 180 105.20 -33.27 29.84
N PRO A 181 104.51 -34.31 30.31
CA PRO A 181 103.05 -34.30 30.29
C PRO A 181 102.46 -33.79 31.60
N THR A 182 101.22 -33.31 31.49
CA THR A 182 100.39 -33.01 32.64
C THR A 182 99.23 -33.98 32.66
N LEU A 183 99.01 -34.63 33.81
CA LEU A 183 97.96 -35.63 33.94
C LEU A 183 96.92 -35.12 34.94
N LYS A 184 95.67 -35.11 34.51
CA LYS A 184 94.55 -34.68 35.33
C LYS A 184 93.84 -35.90 35.90
N ALA A 185 93.48 -35.82 37.18
CA ALA A 185 92.85 -36.92 37.90
C ALA A 185 91.34 -36.74 37.89
N PHE A 186 90.63 -37.82 37.58
CA PHE A 186 89.18 -37.88 37.61
C PHE A 186 88.74 -38.82 38.71
N ARG A 187 87.47 -38.72 39.10
CA ARG A 187 86.93 -39.56 40.14
C ARG A 187 86.52 -40.91 39.54
N ASP A 188 87.05 -41.99 40.10
CA ASP A 188 86.70 -43.33 39.67
C ASP A 188 85.47 -43.81 40.43
N ASP A 189 84.46 -44.26 39.70
CA ASP A 189 83.22 -44.71 40.32
C ASP A 189 83.42 -45.97 41.14
N VAL A 190 84.31 -46.86 40.69
CA VAL A 190 84.49 -48.14 41.37
C VAL A 190 85.12 -47.94 42.75
N VAL A 191 86.08 -47.03 42.87
CA VAL A 191 86.75 -46.79 44.15
C VAL A 191 86.20 -45.58 44.88
N GLY A 192 85.49 -44.69 44.20
CA GLY A 192 84.81 -43.60 44.86
C GLY A 192 85.63 -42.38 45.17
N TYR A 193 86.88 -42.31 44.72
CA TYR A 193 87.71 -41.13 44.94
C TYR A 193 88.55 -40.87 43.70
N SER A 194 89.03 -39.64 43.59
CA SER A 194 89.91 -39.23 42.51
C SER A 194 91.38 -39.27 42.90
N VAL A 195 91.71 -38.83 44.11
CA VAL A 195 93.08 -38.84 44.61
C VAL A 195 93.07 -39.25 46.06
N ALA A 196 94.03 -40.09 46.44
CA ALA A 196 94.21 -40.50 47.82
C ALA A 196 95.67 -40.39 48.19
N GLN A 197 95.94 -40.04 49.45
CA GLN A 197 97.30 -39.92 49.96
C GLN A 197 97.49 -40.93 51.08
N GLY A 198 98.62 -41.63 51.06
CA GLY A 198 98.86 -42.68 52.03
C GLY A 198 100.31 -42.71 52.48
N PHE A 199 100.51 -43.34 53.64
CA PHE A 199 101.82 -43.48 54.25
C PHE A 199 102.04 -44.93 54.65
N ALA A 200 103.29 -45.36 54.66
CA ALA A 200 103.62 -46.72 55.02
C ALA A 200 105.10 -46.80 55.38
N GLY A 201 105.50 -47.93 55.95
CA GLY A 201 106.88 -48.18 56.26
C GLY A 201 107.17 -48.18 57.75
N PRO A 202 108.33 -48.70 58.14
CA PRO A 202 108.70 -48.67 59.56
C PRO A 202 108.78 -47.27 60.15
N GLY A 203 109.27 -46.29 59.38
CA GLY A 203 109.30 -44.92 59.88
C GLY A 203 107.91 -44.38 60.17
N TRP A 204 106.96 -44.64 59.25
CA TRP A 204 105.59 -44.24 59.52
C TRP A 204 104.99 -45.01 60.68
N ARG A 205 105.37 -46.27 60.85
CA ARG A 205 104.90 -47.02 62.01
C ARG A 205 105.38 -46.37 63.30
N ASP A 206 106.60 -45.84 63.28
CA ASP A 206 107.08 -45.06 64.42
C ASP A 206 106.27 -43.78 64.60
N LEU A 207 105.91 -43.12 63.49
CA LEU A 207 105.38 -41.77 63.55
C LEU A 207 103.86 -41.67 63.57
N VAL A 208 103.12 -42.78 63.51
CA VAL A 208 101.65 -42.69 63.49
C VAL A 208 101.14 -42.04 64.77
N ALA A 209 101.67 -42.45 65.92
CA ALA A 209 101.19 -41.90 67.18
C ALA A 209 101.43 -40.41 67.28
N THR A 210 102.62 -39.96 66.86
CA THR A 210 102.90 -38.53 66.87
C THR A 210 102.03 -37.79 65.86
N ALA A 211 101.80 -38.38 64.69
CA ALA A 211 100.96 -37.73 63.69
C ALA A 211 99.52 -37.61 64.16
N GLY A 212 99.07 -38.50 65.03
CA GLY A 212 97.74 -38.40 65.59
C GLY A 212 96.69 -39.27 64.95
N PHE A 213 97.08 -40.37 64.31
CA PHE A 213 96.14 -41.32 63.73
C PHE A 213 96.05 -42.52 64.65
N GLY A 214 94.84 -42.85 65.08
CA GLY A 214 94.64 -43.88 66.06
C GLY A 214 94.93 -43.39 67.46
N GLU A 215 95.53 -44.23 68.30
CA GLU A 215 95.86 -43.88 69.67
C GLU A 215 97.33 -44.17 69.93
N ALA A 216 97.88 -43.48 70.92
CA ALA A 216 99.28 -43.64 71.26
C ALA A 216 99.56 -45.03 71.80
N LEU A 217 100.73 -45.57 71.45
CA LEU A 217 101.13 -46.89 71.89
C LEU A 217 101.54 -46.84 73.36
N THR A 218 100.82 -47.55 74.22
CA THR A 218 101.10 -47.57 75.65
C THR A 218 101.17 -48.97 76.24
N ALA A 219 100.53 -49.97 75.64
CA ALA A 219 100.58 -51.33 76.15
C ALA A 219 101.07 -52.26 75.03
N LEU A 220 102.04 -53.09 75.35
CA LEU A 220 102.65 -54.01 74.39
C LEU A 220 102.13 -55.42 74.69
N THR A 221 101.00 -55.77 74.09
CA THR A 221 100.45 -57.10 74.26
C THR A 221 101.12 -58.08 73.29
N ILE A 222 101.00 -59.37 73.60
CA ILE A 222 101.63 -60.41 72.82
C ILE A 222 100.58 -61.47 72.49
N THR A 223 100.87 -62.26 71.46
CA THR A 223 100.11 -63.43 71.06
C THR A 223 99.94 -64.35 72.27
N PRO A 224 98.93 -65.24 72.30
CA PRO A 224 98.75 -66.14 73.44
C PRO A 224 100.06 -66.67 73.99
N GLY A 225 100.30 -66.40 75.28
CA GLY A 225 101.59 -66.57 75.91
C GLY A 225 101.93 -67.96 76.39
N SER A 226 101.16 -68.97 76.00
CA SER A 226 101.44 -70.36 76.36
C SER A 226 101.44 -71.22 75.11
N PRO A 227 102.48 -71.11 74.27
CA PRO A 227 102.57 -71.96 73.09
C PRO A 227 103.35 -73.25 73.35
N THR A 228 102.89 -74.33 72.74
CA THR A 228 103.51 -75.64 72.86
C THR A 228 104.33 -75.94 71.61
N VAL A 229 105.60 -76.30 71.81
CA VAL A 229 106.53 -76.53 70.73
C VAL A 229 107.17 -77.90 70.94
N THR A 230 107.68 -78.47 69.84
CA THR A 230 108.22 -79.82 69.83
C THR A 230 109.72 -79.78 69.56
N VAL A 231 110.48 -80.55 70.35
CA VAL A 231 111.91 -80.67 70.12
C VAL A 231 112.19 -81.33 68.77
N ALA A 232 111.47 -82.42 68.50
CA ALA A 232 111.66 -83.13 67.24
C ALA A 232 111.14 -82.31 66.07
N THR A 233 111.80 -82.47 64.92
CA THR A 233 111.39 -81.75 63.73
C THR A 233 110.00 -82.18 63.30
N GLY A 234 109.16 -81.21 62.95
CA GLY A 234 107.80 -81.50 62.53
C GLY A 234 107.00 -80.23 62.40
N ALA A 235 105.67 -80.40 62.42
CA ALA A 235 104.77 -79.26 62.30
C ALA A 235 104.90 -78.31 63.49
N SER A 236 105.03 -78.85 64.70
CA SER A 236 105.04 -78.06 65.92
C SER A 236 106.44 -77.87 66.48
N HIS A 237 107.48 -77.99 65.65
CA HIS A 237 108.84 -77.74 66.10
C HIS A 237 109.17 -76.25 66.19
N THR A 238 108.38 -75.40 65.54
CA THR A 238 108.56 -73.96 65.58
C THR A 238 107.21 -73.29 65.79
N ALA A 239 107.23 -72.15 66.46
CA ALA A 239 106.03 -71.35 66.70
C ALA A 239 106.35 -69.88 66.49
N GLN A 240 105.43 -69.17 65.84
CA GLN A 240 105.62 -67.75 65.54
C GLN A 240 104.83 -66.89 66.52
N LEU A 241 105.46 -65.83 67.01
CA LEU A 241 104.88 -64.95 68.01
C LEU A 241 104.61 -63.58 67.40
N LEU A 242 103.50 -62.97 67.81
CA LEU A 242 103.09 -61.65 67.34
C LEU A 242 103.11 -60.67 68.51
N VAL A 243 103.61 -59.46 68.24
CA VAL A 243 103.70 -58.41 69.25
C VAL A 243 102.86 -57.24 68.76
N GLU A 244 101.76 -56.95 69.48
CA GLU A 244 100.82 -55.93 69.08
C GLU A 244 100.77 -54.84 70.13
N GLY A 245 100.37 -53.64 69.72
CA GLY A 245 100.16 -52.54 70.63
C GLY A 245 98.68 -52.39 70.99
N ASP A 246 98.43 -51.49 71.94
CA ASP A 246 97.06 -51.20 72.35
C ASP A 246 96.24 -50.55 71.26
N ASN A 247 96.90 -50.03 70.21
CA ASN A 247 96.23 -49.37 69.10
C ASN A 247 96.06 -50.27 67.88
N GLY A 248 96.18 -51.58 68.07
CA GLY A 248 96.00 -52.52 66.98
C GLY A 248 97.05 -52.44 65.88
N ILE A 249 98.30 -52.18 66.25
CA ILE A 249 99.41 -52.11 65.30
C ILE A 249 100.42 -53.18 65.69
N ASN A 250 100.82 -53.99 64.72
CA ASN A 250 101.80 -55.04 64.96
C ASN A 250 103.20 -54.42 65.07
N TYR A 251 103.83 -54.58 66.22
CA TYR A 251 105.16 -54.05 66.48
C TYR A 251 106.22 -55.13 66.53
N THR A 252 105.96 -56.29 65.91
CA THR A 252 106.93 -57.37 65.92
C THR A 252 108.26 -56.98 65.29
N PRO A 253 108.32 -56.36 64.10
CA PRO A 253 109.62 -55.91 63.58
C PRO A 253 110.31 -54.90 64.48
N ASP A 254 109.55 -54.05 65.15
CA ASP A 254 110.15 -52.99 65.97
C ASP A 254 110.72 -53.52 67.29
N VAL A 255 110.09 -54.53 67.87
CA VAL A 255 110.54 -55.06 69.16
C VAL A 255 111.73 -55.98 68.95
N VAL A 256 112.41 -56.34 70.05
CA VAL A 256 113.58 -57.20 70.03
C VAL A 256 113.25 -58.49 70.77
N PHE A 257 113.42 -59.62 70.09
CA PHE A 257 113.08 -60.93 70.63
C PHE A 257 114.29 -61.51 71.37
N THR A 258 114.08 -61.92 72.63
CA THR A 258 115.11 -62.57 73.41
C THR A 258 114.51 -63.76 74.14
N SER A 259 115.37 -64.73 74.47
CA SER A 259 114.96 -65.92 75.21
C SER A 259 115.82 -66.03 76.46
N SER A 260 115.17 -66.10 77.63
CA SER A 260 115.90 -66.27 78.87
C SER A 260 116.52 -67.66 78.98
N ALA A 261 115.90 -68.66 78.35
CA ALA A 261 116.36 -70.03 78.38
C ALA A 261 116.48 -70.53 76.94
N PRO A 262 117.59 -70.20 76.26
CA PRO A 262 117.74 -70.64 74.86
C PRO A 262 117.78 -72.16 74.70
N ASP A 263 118.10 -72.90 75.77
CA ASP A 263 118.12 -74.35 75.67
C ASP A 263 116.73 -74.91 75.36
N LYS A 264 115.70 -74.31 75.94
CA LYS A 264 114.34 -74.82 75.74
C LYS A 264 113.78 -74.39 74.39
N ALA A 265 113.68 -73.08 74.15
CA ALA A 265 113.17 -72.55 72.90
C ALA A 265 114.14 -71.48 72.40
N SER A 266 114.72 -71.71 71.23
CA SER A 266 115.61 -70.75 70.60
C SER A 266 114.78 -69.77 69.78
N VAL A 267 114.91 -68.47 70.07
CA VAL A 267 114.08 -67.45 69.44
C VAL A 267 114.90 -66.74 68.37
N SER A 268 114.28 -66.54 67.20
CA SER A 268 114.88 -65.80 66.11
C SER A 268 114.50 -64.31 66.21
N ALA A 269 115.12 -63.50 65.35
CA ALA A 269 114.82 -62.08 65.33
C ALA A 269 113.38 -61.83 64.91
N ALA A 270 112.90 -62.58 63.92
CA ALA A 270 111.53 -62.39 63.42
C ALA A 270 110.48 -62.81 64.44
N GLY A 271 110.84 -63.66 65.40
CA GLY A 271 109.89 -64.08 66.41
C GLY A 271 109.48 -65.53 66.30
N LEU A 272 110.39 -66.38 65.86
CA LEU A 272 110.15 -67.81 65.72
C LEU A 272 110.90 -68.54 66.82
N VAL A 273 110.16 -69.24 67.67
CA VAL A 273 110.75 -70.04 68.75
C VAL A 273 110.78 -71.50 68.30
N THR A 274 111.96 -72.09 68.33
CA THR A 274 112.18 -73.47 67.91
C THR A 274 112.46 -74.31 69.14
N GLY A 275 111.76 -75.44 69.26
CA GLY A 275 111.94 -76.32 70.39
C GLY A 275 113.27 -77.07 70.30
N VAL A 276 114.12 -76.94 71.32
CA VAL A 276 115.42 -77.59 71.35
C VAL A 276 115.52 -78.59 72.49
N ALA A 277 114.98 -78.26 73.66
CA ALA A 277 115.00 -79.16 74.79
C ALA A 277 113.70 -78.98 75.58
N ALA A 278 113.18 -80.09 76.11
CA ALA A 278 111.90 -80.06 76.80
C ALA A 278 111.98 -79.27 78.10
N GLY A 279 110.86 -78.64 78.45
CA GLY A 279 110.77 -77.80 79.63
C GLY A 279 109.96 -76.54 79.41
N SER A 280 110.36 -75.45 80.06
CA SER A 280 109.69 -74.17 79.91
C SER A 280 110.72 -73.09 79.64
N ALA A 281 110.34 -72.12 78.81
CA ALA A 281 111.21 -71.01 78.44
C ALA A 281 110.45 -69.70 78.55
N THR A 282 111.19 -68.61 78.72
CA THR A 282 110.62 -67.27 78.77
C THR A 282 111.10 -66.50 77.54
N ILE A 283 110.14 -65.98 76.77
CA ILE A 283 110.44 -65.18 75.58
C ILE A 283 109.99 -63.75 75.87
N THR A 284 110.91 -62.80 75.71
CA THR A 284 110.66 -61.41 76.03
C THR A 284 110.90 -60.54 74.79
N ALA A 285 109.92 -59.72 74.46
CA ALA A 285 110.03 -58.76 73.36
C ALA A 285 109.91 -57.36 73.94
N THR A 286 110.95 -56.54 73.78
CA THR A 286 111.01 -55.23 74.39
C THR A 286 111.06 -54.15 73.33
N LYS A 287 110.50 -52.99 73.67
CA LYS A 287 110.51 -51.82 72.79
C LYS A 287 110.49 -50.59 73.68
N GLY A 288 111.62 -49.91 73.77
CA GLY A 288 111.73 -48.78 74.68
C GLY A 288 111.45 -49.23 76.11
N ALA A 289 110.52 -48.53 76.76
CA ALA A 289 110.12 -48.93 78.11
C ALA A 289 109.18 -50.13 78.10
N LEU A 290 108.43 -50.33 77.02
CA LEU A 290 107.43 -51.38 76.98
C LEU A 290 108.07 -52.76 76.81
N THR A 291 107.40 -53.78 77.31
CA THR A 291 107.87 -55.14 77.18
C THR A 291 106.69 -56.11 77.20
N ALA A 292 106.91 -57.28 76.63
CA ALA A 292 105.94 -58.37 76.65
C ALA A 292 106.68 -59.68 76.90
N THR A 293 106.03 -60.60 77.61
CA THR A 293 106.64 -61.86 77.98
C THR A 293 105.68 -63.00 77.70
N ALA A 294 106.25 -64.17 77.42
CA ALA A 294 105.46 -65.37 77.14
C ALA A 294 106.21 -66.60 77.64
N THR A 295 105.48 -67.51 78.27
CA THR A 295 106.05 -68.75 78.79
C THR A 295 105.74 -69.88 77.79
N VAL A 296 106.79 -70.37 77.14
CA VAL A 296 106.66 -71.39 76.09
C VAL A 296 106.93 -72.76 76.70
N THR A 297 106.06 -73.72 76.40
CA THR A 297 106.28 -75.10 76.81
C THR A 297 106.91 -75.88 75.67
N VAL A 298 107.92 -76.69 75.99
CA VAL A 298 108.64 -77.48 75.00
C VAL A 298 108.51 -78.95 75.41
N THR A 299 108.09 -79.78 74.45
CA THR A 299 107.91 -81.21 74.67
C THR A 299 108.81 -82.00 73.74
N ALA A 300 109.40 -83.07 74.26
CA ALA A 300 110.29 -83.91 73.46
C ALA A 300 109.52 -84.65 72.38
N THR B 2 109.10 -55.69 47.46
CA THR B 2 110.06 -55.23 46.46
C THR B 2 110.64 -53.89 46.85
N ASP B 3 111.96 -53.72 46.67
CA ASP B 3 112.59 -52.47 47.05
C ASP B 3 112.33 -51.40 46.01
N PHE B 4 112.59 -50.15 46.43
CA PHE B 4 112.23 -49.00 45.61
C PHE B 4 112.99 -48.98 44.30
N TYR B 5 114.28 -49.33 44.32
CA TYR B 5 115.07 -49.32 43.10
C TYR B 5 114.52 -50.30 42.07
N THR B 6 114.17 -51.51 42.52
CA THR B 6 113.60 -52.50 41.61
C THR B 6 112.24 -52.06 41.09
N ILE B 7 111.42 -51.46 41.97
CA ILE B 7 110.10 -51.00 41.54
C ILE B 7 110.24 -49.89 40.50
N LYS B 8 111.24 -49.01 40.66
CA LYS B 8 111.44 -47.94 39.70
C LYS B 8 111.98 -48.47 38.37
N ASP B 9 112.89 -49.44 38.43
CA ASP B 9 113.48 -50.10 37.26
C ASP B 9 113.79 -49.12 36.13
N ALA B 10 114.46 -48.04 36.48
CA ALA B 10 114.81 -47.01 35.52
C ALA B 10 116.05 -47.40 34.73
N GLN B 11 116.01 -47.17 33.42
CA GLN B 11 117.14 -47.43 32.53
C GLN B 11 117.62 -46.10 31.95
N ALA B 12 118.91 -45.80 32.16
CA ALA B 12 119.47 -44.58 31.60
C ALA B 12 119.70 -44.71 30.09
N ASP B 13 119.94 -45.92 29.61
CA ASP B 13 120.19 -46.12 28.18
C ASP B 13 119.00 -45.72 27.31
N LEU B 14 117.79 -45.74 27.86
CA LEU B 14 116.61 -45.31 27.13
C LEU B 14 116.50 -43.79 27.03
N ALA B 15 117.46 -43.05 27.56
CA ALA B 15 117.52 -41.61 27.39
C ALA B 15 118.35 -41.30 26.15
N ILE B 16 117.72 -40.69 25.15
CA ILE B 16 118.35 -40.44 23.86
C ILE B 16 118.52 -38.94 23.69
N ALA B 17 119.76 -38.51 23.46
CA ALA B 17 120.09 -37.10 23.32
C ALA B 17 120.37 -36.78 21.86
N PRO B 18 119.61 -35.89 21.23
CA PRO B 18 119.87 -35.56 19.82
C PRO B 18 121.17 -34.80 19.67
N LEU B 19 122.29 -35.52 19.72
CA LEU B 19 123.60 -34.88 19.63
C LEU B 19 123.77 -34.14 18.32
N ASN B 20 123.32 -34.75 17.22
CA ASN B 20 123.25 -34.04 15.95
C ASN B 20 121.82 -34.10 15.43
N LEU B 21 121.46 -33.12 14.60
CA LEU B 21 120.09 -33.01 14.13
C LEU B 21 120.08 -32.34 12.77
N THR B 22 119.15 -32.75 11.91
CA THR B 22 119.01 -32.12 10.61
C THR B 22 117.56 -32.16 10.16
N VAL B 23 117.19 -31.16 9.38
CA VAL B 23 115.84 -30.98 8.86
C VAL B 23 115.91 -31.05 7.34
N LEU B 24 115.11 -31.92 6.75
CA LEU B 24 115.08 -32.12 5.31
C LEU B 24 113.69 -31.79 4.80
N LEU B 25 113.61 -30.93 3.78
CA LEU B 25 112.37 -30.50 3.18
C LEU B 25 112.27 -31.01 1.76
N ALA B 26 111.08 -31.44 1.38
CA ALA B 26 110.80 -31.90 0.02
C ALA B 26 109.53 -31.23 -0.49
N PRO B 27 109.43 -31.04 -1.80
CA PRO B 27 108.18 -30.51 -2.36
C PRO B 27 107.03 -31.50 -2.16
N TYR B 28 105.83 -30.95 -2.14
CA TYR B 28 104.65 -31.76 -1.83
C TYR B 28 104.41 -32.87 -2.85
N SER B 29 105.02 -32.77 -4.04
CA SER B 29 104.90 -33.83 -5.03
C SER B 29 105.77 -35.05 -4.71
N THR B 30 106.76 -34.88 -3.83
CA THR B 30 107.62 -36.00 -3.47
C THR B 30 106.85 -37.04 -2.68
N THR B 31 107.14 -38.31 -2.96
CA THR B 31 106.52 -39.40 -2.23
C THR B 31 106.93 -39.33 -0.76
N PRO B 32 105.98 -39.35 0.18
CA PRO B 32 106.34 -39.18 1.58
C PRO B 32 107.16 -40.33 2.12
N ALA B 33 107.98 -40.02 3.12
CA ALA B 33 108.81 -41.03 3.76
C ALA B 33 107.97 -41.81 4.76
N THR B 34 107.90 -43.13 4.56
CA THR B 34 107.19 -43.99 5.49
C THR B 34 108.10 -44.51 6.60
N THR B 35 109.38 -44.70 6.31
CA THR B 35 110.37 -45.09 7.30
C THR B 35 111.73 -44.66 6.81
N LEU B 36 112.63 -44.41 7.76
CA LEU B 36 113.98 -43.99 7.46
C LEU B 36 114.99 -45.12 7.53
N GLU B 37 114.54 -46.35 7.77
CA GLU B 37 115.42 -47.50 7.88
C GLU B 37 115.50 -48.18 6.52
N SER B 38 116.72 -48.36 6.03
CA SER B 38 116.91 -49.00 4.74
C SER B 38 116.52 -50.47 4.83
N PRO B 39 115.70 -50.97 3.90
CA PRO B 39 115.32 -52.39 3.95
C PRO B 39 116.48 -53.35 3.71
N THR B 40 117.61 -52.85 3.19
CA THR B 40 118.73 -53.73 2.89
C THR B 40 119.53 -54.07 4.14
N ASP B 41 120.12 -53.04 4.79
CA ASP B 41 121.00 -53.25 5.92
C ASP B 41 120.59 -52.45 7.15
N GLY B 42 119.41 -51.82 7.14
CA GLY B 42 118.97 -51.08 8.29
C GLY B 42 119.65 -49.75 8.50
N SER B 43 120.43 -49.27 7.53
CA SER B 43 121.06 -47.97 7.63
C SER B 43 120.03 -46.87 7.39
N LEU B 44 120.46 -45.62 7.49
CA LEU B 44 119.55 -44.51 7.28
C LEU B 44 119.35 -44.27 5.79
N ALA B 45 118.09 -44.19 5.37
CA ALA B 45 117.74 -44.05 3.97
C ALA B 45 116.78 -42.87 3.82
N ILE B 46 117.28 -41.78 3.26
CA ILE B 46 116.46 -40.61 2.96
C ILE B 46 115.85 -40.80 1.57
N PRO B 47 114.53 -40.68 1.43
CA PRO B 47 113.93 -40.84 0.11
C PRO B 47 114.37 -39.73 -0.82
N PRO B 48 114.40 -39.98 -2.13
CA PRO B 48 114.78 -38.92 -3.07
C PRO B 48 113.78 -37.77 -3.03
N GLY B 49 114.29 -36.57 -3.27
CA GLY B 49 113.50 -35.36 -3.23
C GLY B 49 113.60 -34.58 -1.94
N TYR B 50 114.08 -35.20 -0.86
CA TYR B 50 114.27 -34.52 0.40
C TYR B 50 115.66 -33.88 0.41
N LYS B 51 115.71 -32.57 0.59
CA LYS B 51 116.96 -31.83 0.64
C LYS B 51 117.12 -31.19 2.00
N SER B 52 118.34 -31.27 2.54
CA SER B 52 118.62 -30.69 3.84
C SER B 52 118.64 -29.17 3.76
N VAL B 53 118.30 -28.52 4.89
CA VAL B 53 118.34 -27.07 4.96
C VAL B 53 119.68 -26.55 5.48
N GLY B 54 120.62 -27.43 5.79
CA GLY B 54 121.92 -27.01 6.24
C GLY B 54 121.99 -26.75 7.73
N HIS B 55 122.91 -25.88 8.13
CA HIS B 55 123.10 -25.55 9.54
C HIS B 55 121.93 -24.74 10.07
N PHE B 56 121.74 -24.79 11.39
CA PHE B 56 120.78 -23.92 12.05
C PHE B 56 121.31 -23.60 13.44
N GLU B 57 120.72 -22.56 14.04
CA GLU B 57 121.28 -21.97 15.25
C GLU B 57 121.25 -22.96 16.40
N LYS B 58 122.27 -22.91 17.24
CA LYS B 58 122.47 -23.92 18.28
C LYS B 58 121.70 -23.61 19.56
N GLN B 59 121.77 -22.36 20.03
CA GLN B 59 121.15 -22.03 21.32
C GLN B 59 119.63 -22.19 21.26
N ALA B 60 119.00 -21.73 20.18
CA ALA B 60 117.56 -21.92 20.04
C ALA B 60 117.21 -23.39 19.87
N GLY B 61 118.10 -24.16 19.28
CA GLY B 61 117.82 -25.56 19.02
C GLY B 61 116.66 -25.70 18.06
N LEU B 62 115.92 -26.78 18.23
CA LEU B 62 114.69 -27.02 17.49
C LEU B 62 113.59 -27.29 18.49
N THR B 63 112.48 -26.56 18.38
CA THR B 63 111.38 -26.67 19.32
C THR B 63 110.20 -27.33 18.64
N LEU B 64 109.70 -28.41 19.23
CA LEU B 64 108.50 -29.10 18.79
C LEU B 64 107.36 -28.71 19.73
N GLY B 65 106.38 -27.98 19.22
CA GLY B 65 105.26 -27.51 20.01
C GLY B 65 104.02 -28.34 19.76
N ASN B 66 103.44 -28.85 20.84
CA ASN B 66 102.18 -29.57 20.81
C ASN B 66 101.15 -28.75 21.57
N GLU B 67 100.04 -28.43 20.91
CA GLU B 67 98.96 -27.71 21.58
C GLU B 67 97.67 -28.51 21.47
N PHE B 68 96.98 -28.66 22.60
CA PHE B 68 95.77 -29.45 22.71
C PHE B 68 94.58 -28.53 22.89
N ASP B 69 93.54 -28.75 22.09
CA ASP B 69 92.24 -28.11 22.29
C ASP B 69 91.35 -29.12 23.01
N SER B 70 90.91 -28.77 24.21
CA SER B 70 90.18 -29.69 25.07
C SER B 70 88.83 -29.11 25.45
N LYS B 71 87.88 -30.02 25.71
CA LYS B 71 86.53 -29.65 26.11
C LYS B 71 86.11 -30.55 27.25
N ASP B 72 85.77 -29.95 28.40
CA ASP B 72 85.37 -30.72 29.56
C ASP B 72 83.91 -31.11 29.48
N ILE B 73 83.63 -32.40 29.62
CA ILE B 73 82.27 -32.92 29.71
C ILE B 73 81.96 -33.15 31.18
N GLU B 74 80.98 -32.41 31.69
CA GLU B 74 80.61 -32.44 33.10
C GLU B 74 79.14 -32.79 33.23
N ALA B 75 78.83 -33.60 34.23
CA ALA B 75 77.51 -34.21 34.37
C ALA B 75 76.66 -33.45 35.37
N TYR B 76 75.35 -33.75 35.32
CA TYR B 76 74.40 -33.09 36.21
C TYR B 76 74.54 -33.59 37.63
N GLY B 77 74.79 -34.87 37.82
CA GLY B 77 74.88 -35.45 39.15
C GLY B 77 76.29 -35.58 39.68
N GLU B 78 77.22 -34.85 39.10
CA GLU B 78 78.61 -34.91 39.51
C GLU B 78 79.18 -33.49 39.53
N PRO B 79 79.93 -33.10 40.57
CA PRO B 79 80.45 -31.73 40.60
C PRO B 79 81.59 -31.50 39.62
N GLU B 80 82.53 -32.43 39.55
CA GLU B 80 83.68 -32.33 38.66
C GLU B 80 83.32 -32.85 37.26
N PRO B 81 84.07 -32.46 36.24
CA PRO B 81 83.82 -33.00 34.90
C PRO B 81 84.07 -34.50 34.86
N ILE B 82 83.10 -35.24 34.35
CA ILE B 82 83.24 -36.69 34.27
C ILE B 82 84.29 -37.07 33.23
N ARG B 83 84.36 -36.33 32.13
CA ARG B 83 85.28 -36.67 31.06
C ARG B 83 85.86 -35.39 30.46
N THR B 84 86.80 -35.57 29.54
CA THR B 84 87.30 -34.49 28.72
C THR B 84 87.64 -35.04 27.34
N ILE B 85 87.40 -34.22 26.32
CA ILE B 85 87.61 -34.61 24.93
C ILE B 85 88.70 -33.72 24.34
N ILE B 86 89.69 -34.35 23.71
CA ILE B 86 90.71 -33.63 22.96
C ILE B 86 90.19 -33.52 21.53
N ASN B 87 89.66 -32.33 21.19
CA ASN B 87 89.12 -32.13 19.85
C ASN B 87 90.20 -32.23 18.80
N LYS B 88 91.37 -31.64 19.06
CA LYS B 88 92.46 -31.63 18.10
C LYS B 88 93.78 -31.49 18.83
N ARG B 89 94.84 -31.91 18.17
CA ARG B 89 96.21 -31.79 18.67
C ARG B 89 97.06 -31.24 17.54
N THR B 90 97.48 -29.98 17.66
CA THR B 90 98.21 -29.30 16.61
C THR B 90 99.71 -29.34 16.91
N THR B 91 100.49 -29.74 15.92
CA THR B 91 101.93 -29.87 16.03
C THR B 91 102.61 -28.83 15.15
N THR B 92 103.57 -28.10 15.72
CA THR B 92 104.41 -27.18 14.99
C THR B 92 105.86 -27.45 15.39
N PHE B 93 106.78 -26.91 14.59
CA PHE B 93 108.19 -26.94 14.97
C PHE B 93 108.90 -25.74 14.39
N ASP B 94 109.86 -25.22 15.15
CA ASP B 94 110.60 -24.04 14.73
C ASP B 94 112.08 -24.18 15.04
N PHE B 95 112.87 -23.43 14.29
CA PHE B 95 114.33 -23.46 14.31
C PHE B 95 114.81 -22.28 13.46
N ALA B 96 116.12 -22.03 13.49
CA ALA B 96 116.69 -20.84 12.87
C ALA B 96 117.79 -21.23 11.88
N MET B 97 117.44 -21.31 10.60
CA MET B 97 118.40 -21.65 9.56
C MET B 97 119.44 -20.55 9.38
N TYR B 98 120.68 -20.95 9.15
CA TYR B 98 121.78 -20.05 8.85
C TYR B 98 121.98 -19.84 7.35
N GLN B 99 121.95 -20.93 6.58
CA GLN B 99 122.37 -20.87 5.19
C GLN B 99 121.35 -20.13 4.33
N ASN B 100 121.84 -19.58 3.21
CA ASN B 100 121.07 -18.74 2.31
C ASN B 100 120.79 -19.46 0.99
N GLN B 101 120.48 -20.74 1.06
CA GLN B 101 120.29 -21.55 -0.14
C GLN B 101 118.85 -21.44 -0.64
N ARG B 102 118.62 -22.04 -1.81
CA ARG B 102 117.38 -21.80 -2.54
C ARG B 102 116.17 -22.35 -1.80
N ASN B 103 116.26 -23.55 -1.22
CA ASN B 103 115.09 -24.10 -0.56
C ASN B 103 114.74 -23.33 0.71
N VAL B 104 115.76 -22.87 1.43
CA VAL B 104 115.54 -22.03 2.61
C VAL B 104 114.84 -20.73 2.19
N LEU B 105 115.34 -20.09 1.14
CA LEU B 105 114.76 -18.82 0.72
C LEU B 105 113.36 -19.01 0.15
N GLU B 106 113.12 -20.12 -0.54
CA GLU B 106 111.79 -20.45 -1.05
C GLU B 106 110.82 -20.62 0.10
N LEU B 107 111.23 -21.33 1.15
CA LEU B 107 110.38 -21.49 2.32
C LEU B 107 110.10 -20.14 2.98
N ILE B 108 111.13 -19.29 3.08
CA ILE B 108 110.96 -18.01 3.76
C ILE B 108 110.00 -17.11 2.99
N TRP B 109 110.15 -17.04 1.67
CA TRP B 109 109.38 -16.10 0.86
C TRP B 109 108.09 -16.70 0.30
N THR B 110 107.81 -17.98 0.56
CA THR B 110 106.62 -18.65 0.05
C THR B 110 106.52 -18.51 -1.48
N GLN B 111 107.65 -18.68 -2.15
CA GLN B 111 107.72 -18.56 -3.60
C GLN B 111 108.59 -19.68 -4.14
N ASP B 112 108.33 -20.06 -5.39
CA ASP B 112 109.14 -21.04 -6.09
C ASP B 112 110.17 -20.30 -6.94
N PHE B 113 111.45 -20.46 -6.61
CA PHE B 113 112.54 -19.77 -7.29
C PHE B 113 113.28 -20.66 -8.26
N SER B 114 112.60 -21.65 -8.84
CA SER B 114 113.26 -22.54 -9.80
C SER B 114 113.55 -21.83 -11.11
N ASN B 115 112.76 -20.82 -11.45
CA ASN B 115 112.93 -20.08 -12.70
C ASN B 115 113.84 -18.87 -12.56
N ILE B 116 114.46 -18.68 -11.40
CA ILE B 116 115.34 -17.54 -11.18
C ILE B 116 116.66 -17.82 -11.86
N GLN B 117 117.00 -17.00 -12.86
CA GLN B 117 118.25 -17.15 -13.58
C GLN B 117 119.24 -16.11 -13.08
N PRO B 118 120.40 -16.50 -12.58
CA PRO B 118 121.39 -15.51 -12.15
C PRO B 118 121.84 -14.62 -13.30
N SER B 119 122.15 -13.37 -12.98
CA SER B 119 122.59 -12.43 -13.97
C SER B 119 123.98 -12.83 -14.49
N GLU B 120 124.51 -12.01 -15.40
CA GLU B 120 125.78 -12.32 -16.03
C GLU B 120 126.90 -12.50 -15.00
N PHE B 121 126.80 -11.82 -13.86
CA PHE B 121 127.83 -11.89 -12.83
C PHE B 121 127.36 -12.66 -11.60
N GLY B 122 126.29 -13.45 -11.73
CA GLY B 122 125.84 -14.32 -10.67
C GLY B 122 124.81 -13.72 -9.73
N GLY B 123 124.53 -12.43 -9.84
CA GLY B 123 123.56 -11.83 -8.94
C GLY B 123 122.17 -12.38 -9.17
N ILE B 124 121.41 -12.48 -8.07
CA ILE B 124 120.02 -12.92 -8.11
C ILE B 124 119.18 -11.91 -7.33
N VAL B 125 117.90 -11.83 -7.68
CA VAL B 125 116.94 -10.99 -6.98
C VAL B 125 115.68 -11.80 -6.77
N LEU B 126 115.25 -11.93 -5.52
CA LEU B 126 114.12 -12.76 -5.14
C LEU B 126 112.98 -11.86 -4.68
N GLU B 127 112.12 -11.50 -5.62
CA GLU B 127 110.96 -10.69 -5.29
C GLU B 127 109.92 -11.51 -4.54
N ALA B 128 109.36 -10.92 -3.49
CA ALA B 128 108.30 -11.58 -2.75
C ALA B 128 107.03 -11.63 -3.61
N PRO B 129 106.22 -12.67 -3.45
CA PRO B 129 105.00 -12.79 -4.26
C PRO B 129 104.03 -11.65 -3.98
N LYS B 130 103.26 -11.30 -5.00
CA LYS B 130 102.25 -10.26 -4.86
C LYS B 130 101.21 -10.66 -3.81
N VAL B 131 100.78 -11.91 -3.84
CA VAL B 131 99.95 -12.50 -2.80
C VAL B 131 100.71 -13.67 -2.21
N PRO B 132 100.81 -13.80 -0.88
CA PRO B 132 101.54 -14.93 -0.32
C PRO B 132 100.94 -16.25 -0.78
N LYS B 133 101.82 -17.22 -1.06
CA LYS B 133 101.41 -18.48 -1.64
C LYS B 133 101.37 -19.56 -0.56
N ASN B 134 100.29 -20.32 -0.55
CA ASN B 134 100.09 -21.40 0.41
C ASN B 134 100.75 -22.65 -0.14
N ILE B 135 101.98 -22.91 0.30
CA ILE B 135 102.79 -24.02 -0.21
C ILE B 135 103.03 -25.00 0.92
N TYR B 136 102.91 -26.29 0.62
CA TYR B 136 103.14 -27.36 1.58
C TYR B 136 104.41 -28.12 1.22
N TYR B 137 105.06 -28.66 2.24
CA TYR B 137 106.30 -29.42 2.08
C TYR B 137 106.20 -30.70 2.90
N ARG B 138 107.16 -31.58 2.67
CA ARG B 138 107.32 -32.81 3.46
C ARG B 138 108.60 -32.70 4.26
N ALA B 139 108.50 -32.90 5.57
CA ALA B 139 109.60 -32.65 6.48
C ALA B 139 110.07 -33.93 7.15
N ILE B 140 111.38 -34.09 7.22
CA ILE B 140 112.03 -35.13 8.00
C ILE B 140 112.98 -34.46 8.99
N LEU B 141 112.73 -34.64 10.27
CA LEU B 141 113.57 -34.07 11.32
C LEU B 141 114.29 -35.24 11.98
N VAL B 142 115.51 -35.53 11.56
CA VAL B 142 116.22 -36.73 12.00
C VAL B 142 117.46 -36.32 12.76
N GLY B 143 117.63 -36.90 13.96
CA GLY B 143 118.80 -36.64 14.77
C GLY B 143 119.46 -37.93 15.18
N MET B 144 120.72 -37.80 15.55
CA MET B 144 121.57 -38.93 15.92
C MET B 144 122.13 -38.73 17.32
N ASP B 145 122.01 -39.77 18.12
CA ASP B 145 122.74 -39.92 19.38
C ASP B 145 123.78 -41.01 19.15
N ASP B 146 125.05 -40.62 19.08
CA ASP B 146 126.14 -41.54 18.78
C ASP B 146 126.73 -42.02 20.09
N ARG B 147 126.41 -43.26 20.47
CA ARG B 147 126.90 -43.86 21.71
C ARG B 147 127.63 -45.14 21.38
N ASN B 148 128.90 -45.23 21.78
CA ASN B 148 129.72 -46.43 21.62
C ASN B 148 129.76 -46.89 20.17
N ASP B 149 129.80 -45.92 19.25
CA ASP B 149 129.87 -46.19 17.80
C ASP B 149 128.66 -46.99 17.32
N ARG B 150 127.55 -46.91 18.06
CA ARG B 150 126.30 -47.58 17.69
C ARG B 150 125.21 -46.52 17.70
N PRO B 151 125.10 -45.75 16.63
CA PRO B 151 124.21 -44.58 16.64
C PRO B 151 122.74 -44.96 16.75
N ILE B 152 121.99 -44.07 17.38
CA ILE B 152 120.53 -44.14 17.41
C ILE B 152 120.01 -42.96 16.62
N TRP B 153 119.30 -43.25 15.53
CA TRP B 153 118.67 -42.22 14.71
C TRP B 153 117.20 -42.13 15.12
N LEU B 154 116.84 -41.02 15.75
CA LEU B 154 115.45 -40.76 16.12
C LEU B 154 114.93 -39.63 15.24
N TYR B 155 113.76 -39.85 14.64
CA TYR B 155 113.29 -38.94 13.61
C TYR B 155 111.80 -38.68 13.74
N TRP B 156 111.41 -37.52 13.22
CA TRP B 156 110.01 -37.11 13.09
C TRP B 156 109.69 -36.97 11.61
N LEU B 157 108.61 -37.61 11.18
CA LEU B 157 108.14 -37.54 9.81
C LEU B 157 106.86 -36.71 9.78
N MET B 158 106.87 -35.62 9.03
CA MET B 158 105.70 -34.77 8.87
C MET B 158 105.40 -34.64 7.38
N PRO B 159 104.48 -35.46 6.85
CA PRO B 159 104.28 -35.49 5.40
C PRO B 159 103.67 -34.22 4.81
N LYS B 160 103.33 -33.24 5.63
CA LYS B 160 102.70 -32.03 5.14
C LYS B 160 102.97 -30.91 6.14
N VAL B 161 103.85 -29.97 5.79
CA VAL B 161 104.17 -28.85 6.65
C VAL B 161 104.02 -27.56 5.87
N LYS B 162 103.53 -26.53 6.54
CA LYS B 162 103.31 -25.24 5.93
C LYS B 162 103.85 -24.15 6.84
N LEU B 163 104.44 -23.12 6.24
CA LEU B 163 104.90 -21.97 7.01
C LEU B 163 103.74 -21.30 7.72
N ASP B 164 103.86 -21.15 9.04
CA ASP B 164 102.82 -20.56 9.86
C ASP B 164 103.15 -19.14 10.30
N LYS B 165 104.39 -18.90 10.72
CA LYS B 165 104.84 -17.56 11.06
C LYS B 165 106.34 -17.47 10.83
N LEU B 166 106.84 -16.25 10.74
CA LEU B 166 108.25 -15.99 10.50
C LEU B 166 108.71 -14.93 11.50
N ASP B 167 109.63 -15.31 12.37
CA ASP B 167 110.10 -14.40 13.41
C ASP B 167 110.88 -13.23 12.81
N ASN B 168 110.80 -12.08 13.48
CA ASN B 168 111.55 -10.92 13.04
C ASN B 168 113.05 -11.18 13.15
N GLN B 169 113.79 -10.75 12.14
CA GLN B 169 115.23 -10.94 12.08
C GLN B 169 115.94 -9.62 12.29
N THR B 170 116.89 -9.60 13.22
CA THR B 170 117.68 -8.43 13.53
C THR B 170 119.07 -8.60 12.93
N LEU B 171 119.52 -7.60 12.18
CA LEU B 171 120.82 -7.62 11.54
C LEU B 171 121.83 -6.94 12.46
N ASN B 172 122.82 -7.70 12.91
CA ASN B 172 123.87 -7.21 13.79
C ASN B 172 125.23 -7.45 13.16
N ASP B 173 126.08 -6.43 13.19
CA ASP B 173 127.36 -6.47 12.49
C ASP B 173 128.30 -7.54 13.04
N ASP B 174 127.86 -8.31 14.03
CA ASP B 174 128.66 -9.40 14.57
C ASP B 174 127.99 -10.77 14.47
N ASN B 175 126.82 -10.87 13.85
CA ASN B 175 126.10 -12.12 13.75
C ASN B 175 125.65 -12.34 12.32
N VAL B 176 125.66 -13.61 11.90
CA VAL B 176 125.15 -13.94 10.57
C VAL B 176 123.63 -13.84 10.55
N ILE B 177 123.09 -13.67 9.36
CA ILE B 177 121.64 -13.56 9.19
C ILE B 177 121.02 -14.94 9.27
N GLU B 178 120.04 -15.08 10.16
CA GLU B 178 119.32 -16.33 10.35
C GLU B 178 117.85 -16.11 10.03
N TYR B 179 117.22 -17.14 9.49
CA TYR B 179 115.80 -17.13 9.20
C TYR B 179 115.13 -18.13 10.14
N LYS B 180 114.22 -17.64 10.97
CA LYS B 180 113.59 -18.45 12.01
C LYS B 180 112.12 -18.66 11.69
N PRO B 181 111.76 -19.69 10.93
CA PRO B 181 110.36 -19.95 10.63
C PRO B 181 109.75 -20.97 11.59
N THR B 182 108.43 -20.89 11.69
CA THR B 182 107.62 -21.90 12.36
C THR B 182 106.84 -22.65 11.30
N LEU B 183 106.86 -23.97 11.37
CA LEU B 183 106.19 -24.81 10.38
C LEU B 183 105.13 -25.65 11.10
N LYS B 184 103.90 -25.55 10.64
CA LYS B 184 102.78 -26.29 11.20
C LYS B 184 102.53 -27.54 10.37
N ALA B 185 102.30 -28.66 11.06
CA ALA B 185 102.07 -29.95 10.41
C ALA B 185 100.58 -30.20 10.24
N PHE B 186 100.20 -30.63 9.04
CA PHE B 186 98.82 -30.98 8.71
C PHE B 186 98.74 -32.47 8.44
N ARG B 187 97.52 -32.98 8.47
CA ARG B 187 97.30 -34.41 8.25
C ARG B 187 97.26 -34.71 6.75
N ASP B 188 98.14 -35.58 6.30
CA ASP B 188 98.17 -36.00 4.91
C ASP B 188 97.19 -37.14 4.71
N ASP B 189 96.31 -36.98 3.72
CA ASP B 189 95.29 -38.01 3.46
C ASP B 189 95.92 -39.31 2.96
N VAL B 190 96.96 -39.20 2.13
CA VAL B 190 97.52 -40.39 1.50
C VAL B 190 98.20 -41.29 2.54
N VAL B 191 98.88 -40.70 3.53
CA VAL B 191 99.56 -41.51 4.53
C VAL B 191 98.75 -41.65 5.82
N GLY B 192 97.74 -40.81 6.01
CA GLY B 192 96.82 -40.97 7.12
C GLY B 192 97.27 -40.41 8.45
N TYR B 193 98.41 -39.72 8.51
CA TYR B 193 98.87 -39.12 9.75
C TYR B 193 99.48 -37.76 9.47
N SER B 194 99.57 -36.94 10.51
CA SER B 194 100.20 -35.62 10.42
C SER B 194 101.63 -35.61 10.91
N VAL B 195 101.92 -36.30 12.01
CA VAL B 195 103.27 -36.39 12.55
C VAL B 195 103.49 -37.82 13.04
N ALA B 196 104.67 -38.35 12.78
CA ALA B 196 105.05 -39.67 13.28
C ALA B 196 106.45 -39.60 13.85
N GLN B 197 106.71 -40.43 14.86
CA GLN B 197 108.00 -40.50 15.50
C GLN B 197 108.55 -41.91 15.35
N GLY B 198 109.85 -42.01 15.02
CA GLY B 198 110.46 -43.29 14.78
C GLY B 198 111.88 -43.35 15.32
N PHE B 199 112.36 -44.58 15.50
CA PHE B 199 113.70 -44.86 15.99
C PHE B 199 114.33 -45.90 15.10
N ALA B 200 115.65 -45.84 14.98
CA ALA B 200 116.38 -46.82 14.17
C ALA B 200 117.85 -46.80 14.58
N GLY B 201 118.60 -47.77 14.06
CA GLY B 201 120.01 -47.84 14.30
C GLY B 201 120.40 -49.05 15.13
N PRO B 202 121.70 -49.38 15.14
CA PRO B 202 122.15 -50.50 15.99
C PRO B 202 121.89 -50.28 17.47
N GLY B 203 122.04 -49.05 17.97
CA GLY B 203 121.71 -48.78 19.35
C GLY B 203 120.24 -49.01 19.65
N TRP B 204 119.36 -48.56 18.75
CA TRP B 204 117.95 -48.85 18.94
C TRP B 204 117.67 -50.34 18.84
N ARG B 205 118.38 -51.07 17.98
CA ARG B 205 118.21 -52.51 17.93
C ARG B 205 118.59 -53.14 19.25
N ASP B 206 119.62 -52.61 19.90
CA ASP B 206 119.96 -53.05 21.25
C ASP B 206 118.84 -52.77 22.23
N LEU B 207 118.20 -51.60 22.12
CA LEU B 207 117.28 -51.12 23.14
C LEU B 207 115.81 -51.39 22.85
N VAL B 208 115.47 -52.08 21.76
CA VAL B 208 114.05 -52.34 21.45
C VAL B 208 113.39 -53.12 22.59
N ALA B 209 114.01 -54.24 22.99
CA ALA B 209 113.41 -55.09 24.01
C ALA B 209 113.26 -54.35 25.33
N THR B 210 114.28 -53.57 25.71
CA THR B 210 114.20 -52.78 26.93
C THR B 210 113.08 -51.73 26.83
N ALA B 211 112.95 -51.09 25.68
CA ALA B 211 111.90 -50.09 25.51
C ALA B 211 110.51 -50.71 25.58
N GLY B 212 110.39 -51.97 25.19
CA GLY B 212 109.14 -52.68 25.33
C GLY B 212 108.34 -52.88 24.07
N PHE B 213 108.94 -52.72 22.90
CA PHE B 213 108.28 -52.96 21.64
C PHE B 213 108.62 -54.36 21.16
N GLY B 214 107.59 -55.14 20.82
CA GLY B 214 107.82 -56.54 20.48
C GLY B 214 108.09 -57.37 21.71
N GLU B 215 108.89 -58.42 21.54
CA GLU B 215 109.23 -59.33 22.61
C GLU B 215 110.74 -59.36 22.81
N ALA B 216 111.16 -59.77 24.00
CA ALA B 216 112.57 -59.80 24.34
C ALA B 216 113.29 -60.90 23.57
N LEU B 217 114.52 -60.61 23.16
CA LEU B 217 115.34 -61.58 22.44
C LEU B 217 115.82 -62.67 23.41
N THR B 218 115.39 -63.91 23.17
CA THR B 218 115.73 -65.01 24.05
C THR B 218 116.29 -66.20 23.27
N ALA B 219 115.92 -66.30 21.99
CA ALA B 219 116.36 -67.39 21.13
C ALA B 219 117.02 -66.82 19.89
N LEU B 220 118.20 -67.32 19.56
CA LEU B 220 118.98 -66.85 18.41
C LEU B 220 118.93 -67.92 17.33
N THR B 221 117.91 -67.84 16.49
CA THR B 221 117.81 -68.78 15.37
C THR B 221 118.69 -68.34 14.22
N ILE B 222 118.99 -69.28 13.32
CA ILE B 222 119.85 -69.03 12.18
C ILE B 222 119.15 -69.55 10.93
N THR B 223 119.62 -69.06 9.78
CA THR B 223 119.19 -69.51 8.46
C THR B 223 119.39 -71.02 8.37
N PRO B 224 118.71 -71.71 7.44
CA PRO B 224 118.88 -73.17 7.32
C PRO B 224 120.33 -73.62 7.48
N GLY B 225 120.56 -74.52 8.43
CA GLY B 225 121.87 -74.87 8.90
C GLY B 225 122.65 -75.85 8.05
N SER B 226 122.18 -76.17 6.85
CA SER B 226 122.89 -77.08 5.95
C SER B 226 123.02 -76.42 4.57
N PRO B 227 123.90 -75.44 4.43
CA PRO B 227 124.14 -74.86 3.11
C PRO B 227 125.29 -75.53 2.38
N THR B 228 125.12 -75.67 1.06
CA THR B 228 126.10 -76.30 0.19
C THR B 228 126.89 -75.23 -0.55
N VAL B 229 128.22 -75.31 -0.46
CA VAL B 229 129.10 -74.32 -1.04
C VAL B 229 130.13 -75.03 -1.91
N THR B 230 130.73 -74.28 -2.84
CA THR B 230 131.64 -74.83 -3.85
C THR B 230 133.03 -74.25 -3.64
N VAL B 231 134.04 -75.14 -3.68
CA VAL B 231 135.42 -74.69 -3.58
C VAL B 231 135.79 -73.84 -4.80
N ALA B 232 135.43 -74.31 -5.99
CA ALA B 232 135.74 -73.59 -7.20
C ALA B 232 134.93 -72.30 -7.29
N THR B 233 135.55 -71.28 -7.89
CA THR B 233 134.88 -69.99 -8.06
C THR B 233 133.66 -70.14 -8.96
N GLY B 234 132.55 -69.53 -8.55
CA GLY B 234 131.33 -69.63 -9.32
C GLY B 234 130.16 -69.05 -8.53
N ALA B 235 128.95 -69.46 -8.95
CA ALA B 235 127.75 -68.98 -8.30
C ALA B 235 127.66 -69.46 -6.85
N SER B 236 128.02 -70.71 -6.59
CA SER B 236 127.87 -71.31 -5.28
C SER B 236 129.19 -71.40 -4.52
N HIS B 237 130.15 -70.54 -4.84
CA HIS B 237 131.40 -70.51 -4.09
C HIS B 237 131.27 -69.80 -2.75
N THR B 238 130.20 -69.01 -2.57
CA THR B 238 129.95 -68.31 -1.32
C THR B 238 128.48 -68.46 -0.96
N ALA B 239 128.20 -68.47 0.34
CA ALA B 239 126.84 -68.55 0.85
C ALA B 239 126.67 -67.58 2.02
N GLN B 240 125.52 -66.93 2.07
CA GLN B 240 125.25 -65.91 3.08
C GLN B 240 124.34 -66.48 4.17
N LEU B 241 124.67 -66.17 5.42
CA LEU B 241 123.94 -66.67 6.57
C LEU B 241 123.24 -65.53 7.28
N LEU B 242 122.02 -65.80 7.76
CA LEU B 242 121.20 -64.82 8.45
C LEU B 242 121.01 -65.25 9.90
N VAL B 243 121.16 -64.32 10.83
CA VAL B 243 120.99 -64.57 12.25
C VAL B 243 119.80 -63.76 12.74
N GLU B 244 118.74 -64.44 13.16
CA GLU B 244 117.50 -63.80 13.55
C GLU B 244 117.19 -64.12 15.01
N GLY B 245 116.49 -63.20 15.66
CA GLY B 245 116.00 -63.45 17.00
C GLY B 245 114.58 -64.00 17.00
N ASP B 246 114.16 -64.47 18.17
CA ASP B 246 112.81 -65.00 18.31
C ASP B 246 111.75 -63.94 18.06
N ASN B 247 112.09 -62.66 18.21
CA ASN B 247 111.16 -61.56 17.99
C ASN B 247 111.18 -61.05 16.55
N GLY B 248 111.69 -61.85 15.62
CA GLY B 248 111.69 -61.45 14.22
C GLY B 248 112.60 -60.28 13.90
N ILE B 249 113.77 -60.21 14.53
CA ILE B 249 114.73 -59.13 14.31
C ILE B 249 116.04 -59.75 13.85
N ASN B 250 116.59 -59.23 12.76
CA ASN B 250 117.86 -59.70 12.24
C ASN B 250 118.99 -59.19 13.12
N TYR B 251 119.73 -60.12 13.74
CA TYR B 251 120.84 -59.78 14.62
C TYR B 251 122.20 -60.11 14.00
N THR B 252 122.25 -60.25 12.68
CA THR B 252 123.51 -60.58 12.02
C THR B 252 124.60 -59.54 12.27
N PRO B 253 124.36 -58.23 12.12
CA PRO B 253 125.43 -57.27 12.45
C PRO B 253 125.84 -57.32 13.91
N ASP B 254 124.92 -57.64 14.82
CA ASP B 254 125.26 -57.65 16.24
C ASP B 254 126.06 -58.87 16.65
N VAL B 255 125.79 -60.02 16.03
CA VAL B 255 126.48 -61.26 16.41
C VAL B 255 127.87 -61.31 15.80
N VAL B 256 128.70 -62.25 16.26
CA VAL B 256 130.06 -62.41 15.78
C VAL B 256 130.17 -63.75 15.06
N PHE B 257 130.61 -63.71 13.81
CA PHE B 257 130.72 -64.90 12.98
C PHE B 257 132.09 -65.54 13.16
N THR B 258 132.10 -66.85 13.44
CA THR B 258 133.33 -67.61 13.57
C THR B 258 133.18 -68.94 12.87
N SER B 259 134.30 -69.50 12.42
CA SER B 259 134.34 -70.81 11.78
C SER B 259 135.29 -71.71 12.55
N SER B 260 134.77 -72.85 13.02
CA SER B 260 135.63 -73.80 13.73
C SER B 260 136.62 -74.47 12.78
N ALA B 261 136.26 -74.60 11.51
CA ALA B 261 137.11 -75.23 10.50
C ALA B 261 137.24 -74.29 9.32
N PRO B 262 138.13 -73.30 9.42
CA PRO B 262 138.31 -72.35 8.31
C PRO B 262 138.78 -73.00 7.02
N ASP B 263 139.38 -74.19 7.10
CA ASP B 263 139.84 -74.86 5.88
C ASP B 263 138.67 -75.22 4.97
N LYS B 264 137.54 -75.62 5.55
CA LYS B 264 136.39 -76.03 4.75
C LYS B 264 135.62 -74.82 4.22
N ALA B 265 135.11 -73.99 5.14
CA ALA B 265 134.40 -72.77 4.78
C ALA B 265 134.96 -71.61 5.59
N SER B 266 135.47 -70.60 4.90
CA SER B 266 136.00 -69.41 5.56
C SER B 266 134.88 -68.39 5.71
N VAL B 267 134.62 -67.96 6.94
CA VAL B 267 133.51 -67.06 7.23
C VAL B 267 134.03 -65.64 7.41
N SER B 268 133.31 -64.69 6.81
CA SER B 268 133.63 -63.28 6.96
C SER B 268 132.80 -62.68 8.09
N ALA B 269 133.08 -61.42 8.40
CA ALA B 269 132.37 -60.74 9.48
C ALA B 269 130.89 -60.59 9.16
N ALA B 270 130.57 -60.24 7.91
CA ALA B 270 129.18 -60.03 7.52
C ALA B 270 128.37 -61.33 7.51
N GLY B 271 129.03 -62.48 7.45
CA GLY B 271 128.30 -63.74 7.44
C GLY B 271 128.32 -64.44 6.10
N LEU B 272 129.44 -64.34 5.38
CA LEU B 272 129.61 -65.01 4.10
C LEU B 272 130.63 -66.13 4.27
N VAL B 273 130.21 -67.35 3.97
CA VAL B 273 131.10 -68.52 4.03
C VAL B 273 131.52 -68.87 2.61
N THR B 274 132.84 -68.93 2.41
CA THR B 274 133.43 -69.24 1.12
C THR B 274 134.01 -70.64 1.15
N GLY B 275 133.69 -71.44 0.14
CA GLY B 275 134.20 -72.80 0.08
C GLY B 275 135.67 -72.82 -0.28
N VAL B 276 136.50 -73.44 0.55
CA VAL B 276 137.93 -73.51 0.34
C VAL B 276 138.41 -74.96 0.17
N ALA B 277 137.86 -75.88 0.96
CA ALA B 277 138.21 -77.29 0.84
C ALA B 277 136.99 -78.14 1.14
N ALA B 278 136.85 -79.24 0.42
CA ALA B 278 135.67 -80.09 0.53
C ALA B 278 135.58 -80.74 1.91
N GLY B 279 134.35 -80.93 2.38
CA GLY B 279 134.10 -81.51 3.69
C GLY B 279 132.94 -80.85 4.42
N SER B 280 133.04 -80.76 5.74
CA SER B 280 132.02 -80.11 6.55
C SER B 280 132.68 -79.13 7.50
N ALA B 281 132.01 -78.00 7.73
CA ALA B 281 132.51 -76.95 8.61
C ALA B 281 131.42 -76.54 9.58
N THR B 282 131.84 -76.01 10.73
CA THR B 282 130.91 -75.49 11.73
C THR B 282 131.04 -73.97 11.78
N ILE B 283 129.92 -73.28 11.60
CA ILE B 283 129.85 -71.82 11.66
C ILE B 283 129.03 -71.44 12.87
N THR B 284 129.59 -70.61 13.74
CA THR B 284 128.96 -70.23 14.99
C THR B 284 128.84 -68.71 15.07
N ALA B 285 127.65 -68.23 15.38
CA ALA B 285 127.39 -66.81 15.59
C ALA B 285 126.91 -66.62 17.02
N THR B 286 127.64 -65.81 17.78
CA THR B 286 127.37 -65.64 19.20
C THR B 286 126.99 -64.19 19.51
N LYS B 287 126.16 -64.04 20.54
CA LYS B 287 125.74 -62.72 21.02
C LYS B 287 125.43 -62.87 22.50
N GLY B 288 126.32 -62.37 23.35
CA GLY B 288 126.15 -62.58 24.78
C GLY B 288 126.13 -64.06 25.11
N ALA B 289 125.09 -64.48 25.83
CA ALA B 289 124.92 -65.90 26.13
C ALA B 289 124.39 -66.67 24.94
N LEU B 290 123.65 -66.02 24.05
CA LEU B 290 123.00 -66.71 22.94
C LEU B 290 124.00 -67.11 21.87
N THR B 291 123.70 -68.21 21.17
CA THR B 291 124.56 -68.66 20.09
C THR B 291 123.72 -69.45 19.08
N ALA B 292 124.22 -69.50 17.85
CA ALA B 292 123.63 -70.30 16.79
C ALA B 292 124.74 -70.99 16.02
N THR B 293 124.45 -72.19 15.54
CA THR B 293 125.44 -73.01 14.85
C THR B 293 124.84 -73.58 13.57
N ALA B 294 125.71 -73.79 12.58
CA ALA B 294 125.30 -74.35 11.29
C ALA B 294 126.41 -75.21 10.73
N THR B 295 126.04 -76.36 10.18
CA THR B 295 127.00 -77.29 9.57
C THR B 295 126.96 -77.08 8.06
N VAL B 296 128.01 -76.49 7.51
CA VAL B 296 128.09 -76.16 6.09
C VAL B 296 128.80 -77.29 5.36
N THR B 297 128.20 -77.74 4.25
CA THR B 297 128.83 -78.73 3.39
C THR B 297 129.58 -78.03 2.27
N VAL B 298 130.80 -78.49 2.01
CA VAL B 298 131.67 -77.91 0.98
C VAL B 298 132.00 -79.01 -0.01
N THR B 299 131.80 -78.72 -1.30
CA THR B 299 132.08 -79.65 -2.37
C THR B 299 133.11 -79.05 -3.33
N ALA B 300 134.04 -79.88 -3.78
CA ALA B 300 135.08 -79.43 -4.70
C ALA B 300 134.49 -79.07 -6.06
N THR C 2 123.49 -43.72 5.02
CA THR C 2 124.36 -42.58 4.79
C THR C 2 124.54 -41.78 6.08
N ASP C 3 125.77 -41.33 6.33
CA ASP C 3 126.07 -40.59 7.55
C ASP C 3 125.46 -39.19 7.50
N PHE C 4 125.27 -38.61 8.69
CA PHE C 4 124.67 -37.28 8.74
C PHE C 4 125.54 -36.22 8.10
N TYR C 5 126.86 -36.39 8.07
CA TYR C 5 127.66 -35.38 7.39
C TYR C 5 127.23 -35.24 5.94
N THR C 6 127.13 -36.36 5.23
CA THR C 6 126.68 -36.33 3.84
C THR C 6 125.22 -35.91 3.73
N ILE C 7 124.36 -36.43 4.61
CA ILE C 7 122.93 -36.15 4.46
C ILE C 7 122.62 -34.69 4.76
N LYS C 8 123.30 -34.11 5.76
CA LYS C 8 123.10 -32.72 6.12
C LYS C 8 123.73 -31.79 5.09
N ASP C 9 124.90 -32.14 4.57
CA ASP C 9 125.63 -31.37 3.57
C ASP C 9 125.56 -29.87 3.84
N ALA C 10 125.90 -29.50 5.07
CA ALA C 10 125.87 -28.11 5.47
C ALA C 10 127.07 -27.36 4.93
N GLN C 11 126.86 -26.11 4.52
CA GLN C 11 127.90 -25.25 3.97
C GLN C 11 127.94 -23.96 4.78
N ALA C 12 128.95 -23.85 5.66
CA ALA C 12 129.11 -22.63 6.45
C ALA C 12 129.31 -21.41 5.57
N ASP C 13 129.87 -21.59 4.38
CA ASP C 13 130.06 -20.48 3.46
C ASP C 13 128.73 -19.84 3.06
N LEU C 14 127.62 -20.55 3.17
CA LEU C 14 126.33 -19.99 2.85
C LEU C 14 125.75 -19.14 3.98
N ALA C 15 126.48 -19.01 5.09
CA ALA C 15 126.08 -18.11 6.17
C ALA C 15 126.72 -16.74 5.93
N ILE C 16 125.89 -15.73 5.73
CA ILE C 16 126.35 -14.39 5.38
C ILE C 16 126.06 -13.45 6.54
N ALA C 17 127.09 -12.74 6.99
CA ALA C 17 126.98 -11.81 8.09
C ALA C 17 127.01 -10.37 7.59
N PRO C 18 125.97 -9.57 7.79
CA PRO C 18 125.99 -8.19 7.30
C PRO C 18 126.99 -7.34 8.06
N LEU C 19 128.27 -7.50 7.72
CA LEU C 19 129.33 -6.86 8.50
C LEU C 19 129.20 -5.34 8.47
N ASN C 20 128.88 -4.76 7.31
CA ASN C 20 128.63 -3.32 7.23
C ASN C 20 127.39 -3.08 6.42
N LEU C 21 126.43 -2.36 6.98
CA LEU C 21 125.13 -2.17 6.34
C LEU C 21 124.81 -0.69 6.26
N THR C 22 124.06 -0.31 5.21
CA THR C 22 123.60 1.05 5.05
C THR C 22 122.19 1.05 4.46
N VAL C 23 121.49 2.14 4.74
CA VAL C 23 120.11 2.35 4.29
C VAL C 23 120.09 3.60 3.42
N LEU C 24 119.56 3.46 2.21
CA LEU C 24 119.46 4.55 1.26
C LEU C 24 117.98 4.84 1.01
N LEU C 25 117.61 6.11 1.13
CA LEU C 25 116.24 6.55 0.93
C LEU C 25 116.17 7.49 -0.26
N ALA C 26 115.11 7.34 -1.05
CA ALA C 26 114.89 8.17 -2.22
C ALA C 26 113.45 8.66 -2.24
N PRO C 27 113.20 9.82 -2.84
CA PRO C 27 111.81 10.27 -3.02
C PRO C 27 111.04 9.31 -3.90
N TYR C 28 109.72 9.28 -3.72
CA TYR C 28 108.87 8.38 -4.47
C TYR C 28 108.92 8.63 -5.97
N SER C 29 109.36 9.82 -6.39
CA SER C 29 109.48 10.11 -7.82
C SER C 29 110.70 9.44 -8.44
N THR C 30 111.67 9.02 -7.65
CA THR C 30 112.85 8.36 -8.17
C THR C 30 112.49 7.01 -8.77
N THR C 31 113.15 6.66 -9.86
CA THR C 31 112.93 5.36 -10.50
C THR C 31 113.38 4.24 -9.56
N PRO C 32 112.54 3.23 -9.33
CA PRO C 32 112.92 2.18 -8.37
C PRO C 32 114.11 1.37 -8.86
N ALA C 33 114.87 0.85 -7.90
CA ALA C 33 116.04 0.04 -8.20
C ALA C 33 115.59 -1.40 -8.43
N THR C 34 115.73 -1.87 -9.66
CA THR C 34 115.42 -3.27 -9.96
C THR C 34 116.52 -4.20 -9.48
N THR C 35 117.77 -3.77 -9.56
CA THR C 35 118.90 -4.58 -9.12
C THR C 35 120.04 -3.64 -8.71
N LEU C 36 120.92 -4.16 -7.87
CA LEU C 36 122.07 -3.41 -7.39
C LEU C 36 123.36 -3.85 -8.04
N GLU C 37 123.31 -4.71 -9.04
CA GLU C 37 124.49 -5.19 -9.73
C GLU C 37 124.68 -4.39 -11.01
N SER C 38 125.87 -3.84 -11.18
CA SER C 38 126.16 -3.03 -12.36
C SER C 38 126.21 -3.93 -13.59
N PRO C 39 125.50 -3.59 -14.66
CA PRO C 39 125.55 -4.43 -15.87
C PRO C 39 126.91 -4.46 -16.54
N THR C 40 127.79 -3.52 -16.22
CA THR C 40 129.09 -3.47 -16.87
C THR C 40 130.06 -4.49 -16.27
N ASP C 41 130.36 -4.35 -14.98
CA ASP C 41 131.35 -5.20 -14.33
C ASP C 41 130.79 -5.91 -13.10
N GLY C 42 129.48 -5.86 -12.86
CA GLY C 42 128.92 -6.54 -11.72
C GLY C 42 129.24 -5.92 -10.39
N SER C 43 129.65 -4.65 -10.37
CA SER C 43 129.95 -3.97 -9.13
C SER C 43 128.66 -3.42 -8.52
N LEU C 44 128.79 -2.79 -7.35
CA LEU C 44 127.63 -2.25 -6.64
C LEU C 44 127.23 -0.92 -7.28
N ALA C 45 126.03 -0.89 -7.87
CA ALA C 45 125.52 0.31 -8.53
C ALA C 45 124.24 0.76 -7.84
N ILE C 46 124.26 1.96 -7.30
CA ILE C 46 123.09 2.57 -6.66
C ILE C 46 122.48 3.56 -7.64
N PRO C 47 121.19 3.47 -7.94
CA PRO C 47 120.58 4.39 -8.90
C PRO C 47 120.62 5.81 -8.38
N PRO C 48 120.65 6.81 -9.26
CA PRO C 48 120.61 8.20 -8.82
C PRO C 48 119.31 8.51 -8.09
N GLY C 49 119.41 9.40 -7.11
CA GLY C 49 118.29 9.78 -6.29
C GLY C 49 118.24 9.09 -4.93
N TYR C 50 118.95 7.98 -4.79
CA TYR C 50 119.02 7.25 -3.51
C TYR C 50 120.13 7.86 -2.67
N LYS C 51 119.78 8.34 -1.48
CA LYS C 51 120.73 8.97 -0.58
C LYS C 51 120.78 8.20 0.73
N SER C 52 121.99 7.98 1.23
CA SER C 52 122.17 7.25 2.47
C SER C 52 121.72 8.09 3.66
N VAL C 53 121.27 7.40 4.72
CA VAL C 53 120.88 8.08 5.96
C VAL C 53 122.04 8.23 6.93
N GLY C 54 123.20 7.63 6.63
CA GLY C 54 124.35 7.78 7.49
C GLY C 54 124.47 6.68 8.53
N HIS C 55 125.18 7.01 9.59
CA HIS C 55 125.42 6.06 10.67
C HIS C 55 124.13 5.78 11.44
N PHE C 56 124.03 4.56 11.97
CA PHE C 56 122.94 4.22 12.88
C PHE C 56 123.48 3.35 14.01
N GLU C 57 122.68 3.25 15.06
CA GLU C 57 123.14 2.61 16.31
C GLU C 57 123.53 1.17 16.09
N LYS C 58 124.70 0.80 16.64
CA LYS C 58 125.21 -0.56 16.46
C LYS C 58 124.41 -1.56 17.29
N GLN C 59 124.13 -1.23 18.55
CA GLN C 59 123.46 -2.18 19.43
C GLN C 59 122.04 -2.48 18.96
N ALA C 60 121.31 -1.45 18.55
CA ALA C 60 119.96 -1.68 18.03
C ALA C 60 120.01 -2.46 16.72
N GLY C 61 121.01 -2.18 15.87
CA GLY C 61 121.09 -2.81 14.58
C GLY C 61 119.92 -2.39 13.71
N LEU C 62 119.61 -3.22 12.73
CA LEU C 62 118.44 -3.04 11.89
C LEU C 62 117.58 -4.28 12.02
N THR C 63 116.31 -4.09 12.36
CA THR C 63 115.38 -5.19 12.57
C THR C 63 114.34 -5.21 11.48
N LEU C 64 114.22 -6.35 10.80
CA LEU C 64 113.20 -6.58 9.79
C LEU C 64 112.08 -7.41 10.41
N GLY C 65 110.86 -6.88 10.37
CA GLY C 65 109.71 -7.55 10.95
C GLY C 65 108.77 -8.03 9.86
N ASN C 66 108.42 -9.31 9.95
CA ASN C 66 107.44 -9.94 9.06
C ASN C 66 106.26 -10.38 9.89
N GLU C 67 105.07 -9.90 9.53
CA GLU C 67 103.85 -10.23 10.25
C GLU C 67 102.88 -10.92 9.31
N PHE C 68 102.42 -12.10 9.69
CA PHE C 68 101.51 -12.89 8.86
C PHE C 68 100.11 -12.83 9.45
N ASP C 69 99.14 -12.47 8.62
CA ASP C 69 97.73 -12.59 8.96
C ASP C 69 97.22 -13.89 8.35
N SER C 70 96.71 -14.79 9.19
CA SER C 70 96.37 -16.14 8.76
C SER C 70 94.92 -16.44 9.10
N LYS C 71 94.37 -17.41 8.38
CA LYS C 71 92.99 -17.86 8.58
C LYS C 71 92.95 -19.36 8.38
N ASP C 72 92.47 -20.09 9.39
CA ASP C 72 92.39 -21.54 9.32
C ASP C 72 91.10 -21.97 8.64
N ILE C 73 91.21 -22.87 7.69
CA ILE C 73 90.07 -23.46 6.99
C ILE C 73 89.86 -24.86 7.55
N GLU C 74 88.70 -25.07 8.15
CA GLU C 74 88.33 -26.32 8.81
C GLU C 74 87.21 -27.01 8.04
N ALA C 75 87.24 -28.34 8.07
CA ALA C 75 86.25 -29.15 7.40
C ALA C 75 85.27 -29.75 8.40
N TYR C 76 84.06 -30.02 7.94
CA TYR C 76 83.06 -30.67 8.78
C TYR C 76 83.50 -32.06 9.20
N GLY C 77 84.10 -32.81 8.28
CA GLY C 77 84.49 -34.18 8.55
C GLY C 77 85.92 -34.35 8.99
N GLU C 78 86.55 -33.27 9.46
CA GLU C 78 87.93 -33.32 9.90
C GLU C 78 88.09 -32.54 11.21
N PRO C 79 88.75 -33.12 12.20
CA PRO C 79 88.95 -32.40 13.47
C PRO C 79 89.87 -31.19 13.35
N GLU C 80 91.07 -31.38 12.81
CA GLU C 80 92.01 -30.28 12.65
C GLU C 80 91.64 -29.45 11.42
N PRO C 81 92.11 -28.19 11.35
CA PRO C 81 91.92 -27.40 10.14
C PRO C 81 92.62 -28.04 8.95
N ILE C 82 91.87 -28.24 7.87
CA ILE C 82 92.45 -28.88 6.69
C ILE C 82 93.47 -27.96 6.03
N ARG C 83 93.21 -26.66 6.02
CA ARG C 83 94.11 -25.74 5.33
C ARG C 83 94.32 -24.50 6.18
N THR C 84 95.29 -23.68 5.76
CA THR C 84 95.44 -22.33 6.29
C THR C 84 95.79 -21.40 5.14
N ILE C 85 95.31 -20.16 5.26
CA ILE C 85 95.48 -19.15 4.22
C ILE C 85 96.19 -17.95 4.82
N ILE C 86 97.28 -17.53 4.18
CA ILE C 86 97.98 -16.30 4.56
C ILE C 86 97.35 -15.17 3.74
N ASN C 87 96.49 -14.39 4.38
CA ASN C 87 95.82 -13.29 3.69
C ASN C 87 96.83 -12.24 3.24
N LYS C 88 97.78 -11.90 4.11
CA LYS C 88 98.74 -10.85 3.79
C LYS C 88 99.99 -11.06 4.62
N ARG C 89 101.09 -10.46 4.15
CA ARG C 89 102.33 -10.39 4.90
C ARG C 89 102.75 -8.92 4.97
N THR C 90 102.92 -8.41 6.17
CA THR C 90 103.35 -7.03 6.40
C THR C 90 104.82 -7.02 6.72
N THR C 91 105.59 -6.21 5.97
CA THR C 91 107.02 -6.08 6.17
C THR C 91 107.33 -4.69 6.69
N THR C 92 108.12 -4.62 7.76
CA THR C 92 108.58 -3.37 8.32
C THR C 92 110.07 -3.49 8.63
N PHE C 93 110.73 -2.36 8.83
CA PHE C 93 112.10 -2.38 9.31
C PHE C 93 112.37 -1.14 10.13
N ASP C 94 113.17 -1.30 11.18
CA ASP C 94 113.48 -0.19 12.07
C ASP C 94 114.96 -0.21 12.46
N PHE C 95 115.44 0.96 12.85
CA PHE C 95 116.85 1.26 13.08
C PHE C 95 116.95 2.67 13.66
N ALA C 96 118.11 2.99 14.22
CA ALA C 96 118.29 4.20 15.03
C ALA C 96 119.36 5.11 14.41
N MET C 97 118.92 6.08 13.62
CA MET C 97 119.81 7.01 12.93
C MET C 97 120.48 7.96 13.92
N TYR C 98 121.75 8.26 13.67
CA TYR C 98 122.53 9.20 14.46
C TYR C 98 122.60 10.59 13.84
N GLN C 99 122.81 10.66 12.53
CA GLN C 99 123.10 11.92 11.87
C GLN C 99 121.86 12.80 11.78
N ASN C 100 122.09 14.11 11.72
CA ASN C 100 121.04 15.12 11.76
C ASN C 100 120.88 15.81 10.41
N GLN C 101 120.93 15.03 9.34
CA GLN C 101 120.88 15.58 8.00
C GLN C 101 119.44 15.75 7.51
N ARG C 102 119.32 16.39 6.34
CA ARG C 102 118.01 16.84 5.88
C ARG C 102 117.07 15.70 5.57
N ASN C 103 117.55 14.64 4.89
CA ASN C 103 116.66 13.55 4.55
C ASN C 103 116.21 12.80 5.81
N VAL C 104 117.11 12.65 6.79
CA VAL C 104 116.74 12.04 8.06
C VAL C 104 115.66 12.86 8.75
N LEU C 105 115.85 14.18 8.81
CA LEU C 105 114.87 15.02 9.51
C LEU C 105 113.55 15.08 8.76
N GLU C 106 113.60 15.07 7.42
CA GLU C 106 112.38 15.03 6.62
C GLU C 106 111.60 13.77 6.88
N LEU C 107 112.30 12.62 6.94
CA LEU C 107 111.63 11.37 7.27
C LEU C 107 111.02 11.43 8.67
N ILE C 108 111.76 11.98 9.63
CA ILE C 108 111.27 12.02 11.01
C ILE C 108 110.02 12.88 11.12
N TRP C 109 110.02 14.05 10.47
CA TRP C 109 108.95 15.01 10.63
C TRP C 109 107.84 14.89 9.59
N THR C 110 107.96 13.96 8.63
CA THR C 110 106.98 13.80 7.57
C THR C 110 106.73 15.12 6.85
N GLN C 111 107.82 15.82 6.53
CA GLN C 111 107.74 17.13 5.90
C GLN C 111 108.85 17.24 4.86
N ASP C 112 108.62 18.08 3.86
CA ASP C 112 109.62 18.40 2.85
C ASP C 112 110.33 19.68 3.25
N PHE C 113 111.65 19.59 3.43
CA PHE C 113 112.45 20.72 3.91
C PHE C 113 113.38 21.25 2.82
N SER C 114 113.01 21.08 1.56
CA SER C 114 113.85 21.56 0.47
C SER C 114 113.82 23.08 0.36
N ASN C 115 112.76 23.71 0.84
CA ASN C 115 112.61 25.16 0.79
C ASN C 115 113.10 25.85 2.05
N ILE C 116 113.67 25.12 3.00
CA ILE C 116 114.15 25.72 4.24
C ILE C 116 115.46 26.43 3.97
N GLN C 117 115.45 27.76 4.10
CA GLN C 117 116.63 28.56 3.88
C GLN C 117 117.33 28.82 5.21
N PRO C 118 118.60 28.46 5.36
CA PRO C 118 119.32 28.81 6.58
C PRO C 118 119.38 30.32 6.76
N SER C 119 119.36 30.74 8.02
CA SER C 119 119.40 32.16 8.34
C SER C 119 120.78 32.73 8.02
N GLU C 120 120.96 34.01 8.32
CA GLU C 120 122.21 34.69 7.99
C GLU C 120 123.41 34.04 8.65
N PHE C 121 123.21 33.37 9.78
CA PHE C 121 124.29 32.72 10.51
C PHE C 121 124.19 31.20 10.49
N GLY C 122 123.38 30.65 9.60
CA GLY C 122 123.31 29.22 9.39
C GLY C 122 122.20 28.52 10.14
N GLY C 123 121.54 29.19 11.07
CA GLY C 123 120.49 28.54 11.84
C GLY C 123 119.29 28.18 10.98
N ILE C 124 118.68 27.04 11.30
CA ILE C 124 117.47 26.58 10.63
C ILE C 124 116.44 26.21 11.68
N VAL C 125 115.17 26.30 11.30
CA VAL C 125 114.06 25.91 12.17
C VAL C 125 113.12 25.04 11.36
N LEU C 126 112.80 23.86 11.88
CA LEU C 126 112.00 22.85 11.18
C LEU C 126 110.70 22.66 11.94
N GLU C 127 109.69 23.44 11.57
CA GLU C 127 108.37 23.28 12.18
C GLU C 127 107.72 22.00 11.69
N ALA C 128 107.05 21.30 12.61
CA ALA C 128 106.30 20.12 12.22
C ALA C 128 105.07 20.54 11.41
N PRO C 129 104.65 19.71 10.46
CA PRO C 129 103.47 20.07 9.65
C PRO C 129 102.22 20.20 10.50
N LYS C 130 101.32 21.07 10.05
CA LYS C 130 100.06 21.26 10.76
C LYS C 130 99.26 19.97 10.80
N VAL C 131 99.21 19.26 9.68
CA VAL C 131 98.66 17.91 9.61
C VAL C 131 99.79 16.99 9.15
N PRO C 132 100.00 15.83 9.79
CA PRO C 132 101.06 14.93 9.33
C PRO C 132 100.84 14.54 7.87
N LYS C 133 101.93 14.51 7.11
CA LYS C 133 101.88 14.29 5.68
C LYS C 133 102.25 12.85 5.37
N ASN C 134 101.46 12.21 4.51
CA ASN C 134 101.66 10.82 4.13
C ASN C 134 102.63 10.79 2.95
N ILE C 135 103.91 10.61 3.24
CA ILE C 135 104.97 10.66 2.24
C ILE C 135 105.57 9.27 2.09
N TYR C 136 105.82 8.87 0.86
CA TYR C 136 106.39 7.57 0.55
C TYR C 136 107.79 7.73 -0.02
N TYR C 137 108.66 6.78 0.32
CA TYR C 137 110.04 6.78 -0.14
C TYR C 137 110.36 5.42 -0.75
N ARG C 138 111.55 5.33 -1.35
CA ARG C 138 112.09 4.08 -1.86
C ARG C 138 113.33 3.74 -1.07
N ALA C 139 113.41 2.51 -0.56
CA ALA C 139 114.45 2.12 0.37
C ALA C 139 115.34 1.04 -0.23
N ILE C 140 116.63 1.18 -0.04
CA ILE C 140 117.63 0.16 -0.36
C ILE C 140 118.39 -0.13 0.91
N LEU C 141 118.25 -1.33 1.43
CA LEU C 141 118.96 -1.76 2.64
C LEU C 141 120.05 -2.73 2.20
N VAL C 142 121.27 -2.24 2.01
CA VAL C 142 122.34 -3.04 1.45
C VAL C 142 123.41 -3.29 2.50
N GLY C 143 123.78 -4.55 2.67
CA GLY C 143 124.82 -4.93 3.61
C GLY C 143 125.91 -5.68 2.89
N MET C 144 127.11 -5.64 3.45
CA MET C 144 128.31 -6.17 2.84
C MET C 144 129.02 -7.06 3.84
N ASP C 145 129.38 -8.26 3.38
CA ASP C 145 130.19 -9.23 4.11
C ASP C 145 131.45 -9.47 3.30
N ASP C 146 132.58 -8.93 3.75
CA ASP C 146 133.84 -9.06 3.01
C ASP C 146 134.60 -10.28 3.55
N ARG C 147 134.64 -11.34 2.76
CA ARG C 147 135.38 -12.55 3.10
C ARG C 147 136.44 -12.80 2.04
N ASN C 148 137.70 -12.91 2.48
CA ASN C 148 138.83 -13.18 1.58
C ASN C 148 138.90 -12.16 0.46
N ASP C 149 138.59 -10.90 0.79
CA ASP C 149 138.60 -9.78 -0.16
C ASP C 149 137.66 -10.01 -1.33
N ARG C 150 136.62 -10.82 -1.14
CA ARG C 150 135.60 -11.08 -2.16
C ARG C 150 134.26 -10.77 -1.52
N PRO C 151 133.82 -9.52 -1.55
CA PRO C 151 132.63 -9.13 -0.80
C PRO C 151 131.36 -9.74 -1.34
N ILE C 152 130.40 -9.94 -0.45
CA ILE C 152 129.04 -10.33 -0.78
C ILE C 152 128.14 -9.18 -0.36
N TRP C 153 127.44 -8.59 -1.33
CA TRP C 153 126.47 -7.54 -1.07
C TRP C 153 125.09 -8.16 -1.10
N LEU C 154 124.43 -8.19 0.04
CA LEU C 154 123.06 -8.68 0.13
C LEU C 154 122.15 -7.53 0.51
N TYR C 155 121.06 -7.37 -0.23
CA TYR C 155 120.28 -6.15 -0.14
C TYR C 155 118.79 -6.45 -0.17
N TRP C 156 118.04 -5.53 0.41
CA TRP C 156 116.58 -5.53 0.38
C TRP C 156 116.11 -4.28 -0.35
N LEU C 157 115.34 -4.46 -1.41
CA LEU C 157 114.76 -3.37 -2.18
C LEU C 157 113.30 -3.24 -1.80
N MET C 158 112.92 -2.08 -1.28
CA MET C 158 111.54 -1.80 -0.91
C MET C 158 111.10 -0.54 -1.65
N PRO C 159 110.43 -0.67 -2.80
CA PRO C 159 110.15 0.50 -3.63
C PRO C 159 109.22 1.51 -2.98
N LYS C 160 108.48 1.14 -1.95
CA LYS C 160 107.51 2.03 -1.32
C LYS C 160 107.56 1.81 0.18
N VAL C 161 108.06 2.80 0.92
CA VAL C 161 108.13 2.72 2.37
C VAL C 161 107.50 3.98 2.96
N LYS C 162 106.89 3.82 4.13
CA LYS C 162 106.24 4.92 4.82
C LYS C 162 106.56 4.86 6.30
N LEU C 163 106.70 6.02 6.93
CA LEU C 163 106.92 6.10 8.37
C LEU C 163 105.68 5.60 9.09
N ASP C 164 105.78 4.40 9.68
CA ASP C 164 104.65 3.83 10.40
C ASP C 164 104.59 4.37 11.83
N LYS C 165 105.71 4.37 12.53
CA LYS C 165 105.76 4.87 13.90
C LYS C 165 107.17 5.36 14.20
N LEU C 166 107.26 6.20 15.23
CA LEU C 166 108.52 6.78 15.68
C LEU C 166 108.70 6.52 17.16
N ASP C 167 109.87 6.02 17.54
CA ASP C 167 110.13 5.68 18.93
C ASP C 167 110.43 6.95 19.74
N ASN C 168 110.22 6.85 21.05
CA ASN C 168 110.48 7.97 21.94
C ASN C 168 111.97 8.28 22.00
N GLN C 169 112.30 9.56 22.04
CA GLN C 169 113.68 10.01 22.14
C GLN C 169 113.99 10.36 23.59
N THR C 170 115.10 9.83 24.10
CA THR C 170 115.58 10.15 25.43
C THR C 170 116.89 10.93 25.28
N LEU C 171 116.94 12.12 25.86
CA LEU C 171 118.11 12.99 25.78
C LEU C 171 118.94 12.80 27.04
N ASN C 172 120.12 12.22 26.89
CA ASN C 172 121.02 11.92 28.00
C ASN C 172 122.34 12.63 27.77
N ASP C 173 122.85 13.28 28.81
CA ASP C 173 124.03 14.14 28.67
C ASP C 173 125.29 13.35 28.31
N ASP C 174 125.17 12.04 28.10
CA ASP C 174 126.30 11.23 27.69
C ASP C 174 126.07 10.49 26.37
N ASN C 175 124.96 10.72 25.69
CA ASN C 175 124.64 10.02 24.45
C ASN C 175 124.19 11.03 23.41
N VAL C 176 124.47 10.73 22.13
CA VAL C 176 124.03 11.58 21.03
C VAL C 176 122.55 11.38 20.84
N ILE C 177 121.92 12.27 20.10
CA ILE C 177 120.48 12.17 19.82
C ILE C 177 120.29 11.22 18.64
N GLU C 178 119.48 10.19 18.85
CA GLU C 178 119.18 9.21 17.81
C GLU C 178 117.69 9.26 17.50
N TYR C 179 117.37 9.12 16.21
CA TYR C 179 115.99 9.06 15.74
C TYR C 179 115.72 7.63 15.30
N LYS C 180 114.72 6.99 15.92
CA LYS C 180 114.44 5.58 15.67
C LYS C 180 113.11 5.45 14.96
N PRO C 181 113.07 5.45 13.64
CA PRO C 181 111.81 5.25 12.93
C PRO C 181 111.58 3.79 12.58
N THR C 182 110.30 3.47 12.42
CA THR C 182 109.86 2.20 11.86
C THR C 182 109.21 2.50 10.51
N LEU C 183 109.65 1.79 9.47
CA LEU C 183 109.16 2.03 8.12
C LEU C 183 108.45 0.78 7.62
N LYS C 184 107.22 0.96 7.17
CA LYS C 184 106.40 -0.11 6.62
C LYS C 184 106.49 -0.12 5.10
N ALA C 185 106.55 -1.30 4.51
CA ALA C 185 106.68 -1.46 3.07
C ALA C 185 105.33 -1.75 2.45
N PHE C 186 105.02 -1.04 1.37
CA PHE C 186 103.81 -1.20 0.59
C PHE C 186 104.17 -1.72 -0.79
N ARG C 187 103.21 -2.37 -1.44
CA ARG C 187 103.45 -2.91 -2.77
C ARG C 187 103.37 -1.80 -3.80
N ASP C 188 104.42 -1.68 -4.61
CA ASP C 188 104.46 -0.70 -5.68
C ASP C 188 103.88 -1.32 -6.94
N ASP C 189 102.88 -0.65 -7.53
CA ASP C 189 102.23 -1.20 -8.71
C ASP C 189 103.16 -1.22 -9.92
N VAL C 190 104.07 -0.25 -10.02
CA VAL C 190 104.93 -0.15 -11.19
C VAL C 190 105.92 -1.33 -11.24
N VAL C 191 106.43 -1.74 -10.09
CA VAL C 191 107.39 -2.85 -10.06
C VAL C 191 106.76 -4.17 -9.64
N GLY C 192 105.56 -4.15 -9.06
CA GLY C 192 104.82 -5.36 -8.78
C GLY C 192 105.16 -6.07 -7.49
N TYR C 193 106.05 -5.52 -6.67
CA TYR C 193 106.38 -6.14 -5.39
C TYR C 193 106.55 -5.06 -4.33
N SER C 194 106.49 -5.49 -3.07
CA SER C 194 106.72 -4.61 -1.94
C SER C 194 108.13 -4.74 -1.37
N VAL C 195 108.66 -5.95 -1.30
CA VAL C 195 110.01 -6.19 -0.81
C VAL C 195 110.67 -7.25 -1.69
N ALA C 196 111.94 -7.05 -2.00
CA ALA C 196 112.72 -8.03 -2.72
C ALA C 196 114.08 -8.18 -2.06
N GLN C 197 114.64 -9.38 -2.14
CA GLN C 197 115.96 -9.66 -1.58
C GLN C 197 116.89 -10.09 -2.71
N GLY C 198 118.12 -9.57 -2.68
CA GLY C 198 119.06 -9.85 -3.74
C GLY C 198 120.47 -10.03 -3.19
N PHE C 199 121.29 -10.69 -3.99
CA PHE C 199 122.69 -10.94 -3.68
C PHE C 199 123.54 -10.56 -4.88
N ALA C 200 124.79 -10.17 -4.61
CA ALA C 200 125.72 -9.79 -5.66
C ALA C 200 127.13 -9.84 -5.09
N GLY C 201 128.11 -9.78 -5.99
CA GLY C 201 129.49 -9.74 -5.60
C GLY C 201 130.27 -10.97 -6.02
N PRO C 202 131.60 -10.87 -6.02
CA PRO C 202 132.43 -12.04 -6.36
C PRO C 202 132.20 -13.23 -5.43
N GLY C 203 132.02 -12.98 -4.13
CA GLY C 203 131.72 -14.08 -3.23
C GLY C 203 130.41 -14.75 -3.55
N TRP C 204 129.39 -13.97 -3.90
CA TRP C 204 128.14 -14.57 -4.32
C TRP C 204 128.29 -15.32 -5.63
N ARG C 205 129.14 -14.82 -6.53
CA ARG C 205 129.39 -15.56 -7.76
C ARG C 205 130.03 -16.90 -7.46
N ASP C 206 130.89 -16.94 -6.45
CA ASP C 206 131.42 -18.22 -5.99
C ASP C 206 130.31 -19.11 -5.43
N LEU C 207 129.37 -18.53 -4.70
CA LEU C 207 128.40 -19.31 -3.94
C LEU C 207 127.08 -19.58 -4.66
N VAL C 208 126.88 -19.10 -5.89
CA VAL C 208 125.59 -19.30 -6.57
C VAL C 208 125.29 -20.79 -6.74
N ALA C 209 126.26 -21.54 -7.27
CA ALA C 209 126.02 -22.95 -7.55
C ALA C 209 125.74 -23.72 -6.26
N THR C 210 126.49 -23.45 -5.20
CA THR C 210 126.26 -24.11 -3.92
C THR C 210 124.89 -23.73 -3.35
N ALA C 211 124.49 -22.47 -3.49
CA ALA C 211 123.19 -22.04 -3.00
C ALA C 211 122.07 -22.71 -3.77
N GLY C 212 122.29 -23.03 -5.03
CA GLY C 212 121.32 -23.77 -5.81
C GLY C 212 120.49 -22.95 -6.76
N PHE C 213 121.02 -21.87 -7.30
CA PHE C 213 120.33 -21.05 -8.29
C PHE C 213 121.01 -21.28 -9.64
N GLY C 214 120.22 -21.70 -10.63
CA GLY C 214 120.78 -22.10 -11.90
C GLY C 214 121.41 -23.47 -11.84
N GLU C 215 122.54 -23.65 -12.54
CA GLU C 215 123.24 -24.93 -12.56
C GLU C 215 124.70 -24.71 -12.19
N ALA C 216 125.32 -25.78 -11.73
CA ALA C 216 126.72 -25.71 -11.28
C ALA C 216 127.65 -25.49 -12.47
N LEU C 217 128.71 -24.73 -12.22
CA LEU C 217 129.73 -24.48 -13.23
C LEU C 217 130.51 -25.76 -13.51
N THR C 218 130.41 -26.26 -14.74
CA THR C 218 131.08 -27.50 -15.10
C THR C 218 131.89 -27.34 -16.38
N ALA C 219 131.51 -26.40 -17.24
CA ALA C 219 132.21 -26.15 -18.50
C ALA C 219 132.58 -24.68 -18.57
N LEU C 220 133.84 -24.40 -18.87
CA LEU C 220 134.35 -23.03 -18.95
C LEU C 220 134.55 -22.68 -20.42
N THR C 221 133.52 -22.11 -21.02
CA THR C 221 133.59 -21.69 -22.41
C THR C 221 134.20 -20.30 -22.51
N ILE C 222 134.67 -19.98 -23.71
CA ILE C 222 135.33 -18.70 -23.97
C ILE C 222 134.72 -18.08 -25.22
N THR C 223 134.88 -16.76 -25.33
CA THR C 223 134.52 -15.99 -26.51
C THR C 223 135.18 -16.62 -27.73
N PRO C 224 134.66 -16.40 -28.96
CA PRO C 224 135.28 -17.00 -30.15
C PRO C 224 136.80 -17.01 -30.12
N GLY C 225 137.38 -18.18 -30.31
CA GLY C 225 138.78 -18.43 -30.04
C GLY C 225 139.75 -18.04 -31.12
N SER C 226 139.31 -17.30 -32.15
CA SER C 226 140.19 -16.84 -33.22
C SER C 226 140.03 -15.33 -33.41
N PRO C 227 140.59 -14.54 -32.50
CA PRO C 227 140.56 -13.08 -32.68
C PRO C 227 141.80 -12.57 -33.41
N THR C 228 141.56 -11.59 -34.28
CA THR C 228 142.62 -10.98 -35.08
C THR C 228 143.01 -9.64 -34.45
N VAL C 229 144.30 -9.46 -34.19
CA VAL C 229 144.81 -8.27 -33.51
C VAL C 229 145.94 -7.70 -34.35
N THR C 230 146.20 -6.41 -34.16
CA THR C 230 147.19 -5.67 -34.94
C THR C 230 148.35 -5.24 -34.07
N VAL C 231 149.57 -5.44 -34.57
CA VAL C 231 150.76 -4.98 -33.87
C VAL C 231 150.75 -3.45 -33.75
N ALA C 232 150.47 -2.78 -34.86
CA ALA C 232 150.45 -1.32 -34.86
C ALA C 232 149.27 -0.80 -34.05
N THR C 233 149.49 0.34 -33.39
CA THR C 233 148.45 0.96 -32.58
C THR C 233 147.27 1.37 -33.46
N GLY C 234 146.06 1.07 -32.99
CA GLY C 234 144.88 1.40 -33.75
C GLY C 234 143.64 0.77 -33.13
N ALA C 235 142.60 0.63 -33.95
CA ALA C 235 141.35 0.05 -33.48
C ALA C 235 141.52 -1.40 -33.08
N SER C 236 142.28 -2.17 -33.86
CA SER C 236 142.42 -3.61 -33.65
C SER C 236 143.76 -3.97 -33.04
N HIS C 237 144.38 -3.06 -32.30
CA HIS C 237 145.62 -3.38 -31.61
C HIS C 237 145.39 -4.13 -30.29
N THR C 238 144.16 -4.12 -29.79
CA THR C 238 143.78 -4.83 -28.57
C THR C 238 142.44 -5.52 -28.77
N ALA C 239 142.31 -6.71 -28.19
CA ALA C 239 141.08 -7.49 -28.27
C ALA C 239 140.73 -8.01 -26.89
N GLN C 240 139.45 -7.92 -26.53
CA GLN C 240 138.97 -8.33 -25.21
C GLN C 240 138.33 -9.71 -25.29
N LEU C 241 138.66 -10.56 -24.31
CA LEU C 241 138.18 -11.93 -24.26
C LEU C 241 137.25 -12.11 -23.08
N LEU C 242 136.18 -12.88 -23.29
CA LEU C 242 135.18 -13.15 -22.27
C LEU C 242 135.21 -14.63 -21.90
N VAL C 243 135.14 -14.91 -20.60
CA VAL C 243 135.16 -16.28 -20.09
C VAL C 243 133.83 -16.53 -19.41
N GLU C 244 133.02 -17.42 -19.97
CA GLU C 244 131.69 -17.70 -19.47
C GLU C 244 131.61 -19.15 -19.00
N GLY C 245 130.63 -19.43 -18.14
CA GLY C 245 130.35 -20.77 -17.72
C GLY C 245 129.16 -21.37 -18.45
N ASP C 246 128.96 -22.67 -18.24
CA ASP C 246 127.83 -23.35 -18.86
C ASP C 246 126.49 -22.86 -18.32
N ASN C 247 126.49 -22.18 -17.17
CA ASN C 247 125.28 -21.65 -16.57
C ASN C 247 125.04 -20.19 -16.92
N GLY C 248 125.72 -19.69 -17.95
CA GLY C 248 125.53 -18.31 -18.37
C GLY C 248 126.01 -17.28 -17.39
N ILE C 249 127.14 -17.52 -16.73
CA ILE C 249 127.73 -16.60 -15.78
C ILE C 249 129.13 -16.24 -16.26
N ASN C 250 129.42 -14.94 -16.33
CA ASN C 250 130.73 -14.49 -16.75
C ASN C 250 131.73 -14.70 -15.62
N TYR C 251 132.72 -15.56 -15.87
CA TYR C 251 133.76 -15.87 -14.90
C TYR C 251 135.09 -15.24 -15.23
N THR C 252 135.09 -14.18 -16.04
CA THR C 252 136.34 -13.52 -16.42
C THR C 252 137.10 -12.98 -15.21
N PRO C 253 136.48 -12.26 -14.26
CA PRO C 253 137.25 -11.83 -13.08
C PRO C 253 137.77 -12.99 -12.25
N ASP C 254 137.04 -14.11 -12.21
CA ASP C 254 137.47 -15.23 -11.38
C ASP C 254 138.62 -16.01 -11.99
N VAL C 255 138.65 -16.13 -13.32
CA VAL C 255 139.69 -16.91 -13.99
C VAL C 255 140.99 -16.11 -14.04
N VAL C 256 142.08 -16.78 -14.39
CA VAL C 256 143.40 -16.17 -14.48
C VAL C 256 143.85 -16.20 -15.93
N PHE C 257 144.17 -15.04 -16.48
CA PHE C 257 144.58 -14.91 -17.88
C PHE C 257 146.09 -15.08 -18.01
N THR C 258 146.51 -15.98 -18.89
CA THR C 258 147.91 -16.20 -19.18
C THR C 258 148.11 -16.33 -20.68
N SER C 259 149.31 -15.99 -21.14
CA SER C 259 149.69 -16.12 -22.54
C SER C 259 150.90 -17.03 -22.65
N SER C 260 150.79 -18.07 -23.47
CA SER C 260 151.91 -18.97 -23.68
C SER C 260 153.01 -18.30 -24.50
N ALA C 261 152.64 -17.40 -25.39
CA ALA C 261 153.58 -16.69 -26.26
C ALA C 261 153.35 -15.20 -26.11
N PRO C 262 153.90 -14.58 -25.07
CA PRO C 262 153.69 -13.14 -24.86
C PRO C 262 154.22 -12.27 -25.99
N ASP C 263 155.15 -12.78 -26.79
CA ASP C 263 155.69 -11.99 -27.89
C ASP C 263 154.60 -11.65 -28.91
N LYS C 264 153.69 -12.58 -29.16
CA LYS C 264 152.64 -12.37 -30.16
C LYS C 264 151.53 -11.48 -29.62
N ALA C 265 150.87 -11.93 -28.55
CA ALA C 265 149.81 -11.15 -27.91
C ALA C 265 150.07 -11.12 -26.41
N SER C 266 150.22 -9.92 -25.87
CA SER C 266 150.41 -9.75 -24.43
C SER C 266 149.05 -9.63 -23.76
N VAL C 267 148.77 -10.51 -22.81
CA VAL C 267 147.46 -10.56 -22.16
C VAL C 267 147.53 -9.88 -20.80
N SER C 268 146.53 -9.06 -20.52
CA SER C 268 146.40 -8.41 -19.23
C SER C 268 145.52 -9.24 -18.29
N ALA C 269 145.44 -8.78 -17.03
CA ALA C 269 144.63 -9.50 -16.06
C ALA C 269 143.15 -9.46 -16.42
N ALA C 270 142.66 -8.31 -16.90
CA ALA C 270 141.26 -8.18 -17.24
C ALA C 270 140.87 -9.02 -18.45
N GLY C 271 141.83 -9.40 -19.29
CA GLY C 271 141.53 -10.21 -20.46
C GLY C 271 141.67 -9.46 -21.77
N LEU C 272 142.61 -8.53 -21.83
CA LEU C 272 142.89 -7.77 -23.05
C LEU C 272 144.20 -8.26 -23.64
N VAL C 273 144.16 -8.74 -24.87
CA VAL C 273 145.35 -9.18 -25.59
C VAL C 273 145.76 -8.06 -26.56
N THR C 274 147.00 -7.63 -26.44
CA THR C 274 147.56 -6.56 -27.26
C THR C 274 148.55 -7.15 -28.25
N GLY C 275 148.39 -6.81 -29.52
CA GLY C 275 149.30 -7.32 -30.54
C GLY C 275 150.67 -6.69 -30.42
N VAL C 276 151.70 -7.53 -30.33
CA VAL C 276 153.08 -7.08 -30.20
C VAL C 276 153.94 -7.57 -31.36
N ALA C 277 153.76 -8.83 -31.77
CA ALA C 277 154.51 -9.37 -32.90
C ALA C 277 153.60 -10.31 -33.68
N ALA C 278 153.72 -10.28 -35.01
CA ALA C 278 152.85 -11.07 -35.87
C ALA C 278 153.07 -12.56 -35.68
N GLY C 279 152.00 -13.33 -35.87
CA GLY C 279 152.03 -14.76 -35.68
C GLY C 279 150.78 -15.30 -35.00
N SER C 280 150.95 -16.33 -34.18
CA SER C 280 149.84 -16.91 -33.43
C SER C 280 150.25 -17.07 -31.97
N ALA C 281 149.28 -16.85 -31.07
CA ALA C 281 149.51 -16.94 -29.64
C ALA C 281 148.41 -17.80 -29.01
N THR C 282 148.73 -18.39 -27.86
CA THR C 282 147.77 -19.16 -27.09
C THR C 282 147.44 -18.41 -25.81
N ILE C 283 146.15 -18.15 -25.58
CA ILE C 283 145.68 -17.47 -24.38
C ILE C 283 144.86 -18.47 -23.58
N THR C 284 145.22 -18.65 -22.31
CA THR C 284 144.59 -19.63 -21.45
C THR C 284 144.04 -18.96 -20.20
N ALA C 285 142.77 -19.23 -19.91
CA ALA C 285 142.11 -18.75 -18.70
C ALA C 285 141.72 -19.96 -17.86
N THR C 286 142.25 -20.05 -16.65
CA THR C 286 142.05 -21.22 -15.80
C THR C 286 141.30 -20.84 -14.53
N LYS C 287 140.54 -21.80 -14.02
CA LYS C 287 139.79 -21.63 -12.78
C LYS C 287 139.62 -23.02 -12.16
N GLY C 288 140.37 -23.28 -11.10
CA GLY C 288 140.36 -24.62 -10.51
C GLY C 288 140.81 -25.64 -11.55
N ALA C 289 140.00 -26.68 -11.72
CA ALA C 289 140.28 -27.67 -12.74
C ALA C 289 139.92 -27.19 -14.15
N LEU C 290 138.96 -26.28 -14.25
CA LEU C 290 138.48 -25.85 -15.56
C LEU C 290 139.47 -24.92 -16.24
N THR C 291 139.43 -24.94 -17.58
CA THR C 291 140.30 -24.07 -18.37
C THR C 291 139.65 -23.79 -19.71
N ALA C 292 140.06 -22.68 -20.31
CA ALA C 292 139.64 -22.30 -21.65
C ALA C 292 140.85 -21.78 -22.42
N THR C 293 140.90 -22.06 -23.72
CA THR C 293 142.03 -21.69 -24.55
C THR C 293 141.54 -21.02 -25.83
N ALA C 294 142.37 -20.11 -26.34
CA ALA C 294 142.05 -19.41 -27.58
C ALA C 294 143.33 -19.13 -28.36
N THR C 295 143.28 -19.35 -29.67
CA THR C 295 144.42 -19.10 -30.55
C THR C 295 144.22 -17.75 -31.22
N VAL C 296 145.01 -16.76 -30.81
CA VAL C 296 144.90 -15.39 -31.30
C VAL C 296 145.85 -15.20 -32.48
N THR C 297 145.35 -14.61 -33.55
CA THR C 297 146.17 -14.27 -34.70
C THR C 297 146.61 -12.80 -34.59
N VAL C 298 147.89 -12.55 -34.86
CA VAL C 298 148.47 -11.21 -34.78
C VAL C 298 149.04 -10.87 -36.15
N THR C 299 148.66 -9.69 -36.65
CA THR C 299 149.12 -9.22 -37.95
C THR C 299 149.88 -7.91 -37.78
N ALA C 300 150.97 -7.77 -38.52
CA ALA C 300 151.80 -6.57 -38.46
C ALA C 300 151.05 -5.36 -38.99
N THR D 2 130.96 1.63 -7.26
CA THR D 2 131.25 2.49 -6.12
C THR D 2 131.37 1.65 -4.86
N ASP D 3 132.40 1.92 -4.04
CA ASP D 3 132.62 1.10 -2.86
C ASP D 3 131.61 1.44 -1.77
N PHE D 4 131.53 0.54 -0.78
CA PHE D 4 130.52 0.63 0.25
C PHE D 4 130.68 1.89 1.10
N TYR D 5 131.92 2.26 1.40
CA TYR D 5 132.14 3.44 2.23
C TYR D 5 131.68 4.71 1.52
N THR D 6 131.99 4.84 0.23
CA THR D 6 131.53 6.00 -0.52
C THR D 6 130.01 6.01 -0.65
N ILE D 7 129.39 4.83 -0.83
CA ILE D 7 127.93 4.77 -0.90
C ILE D 7 127.31 5.20 0.43
N LYS D 8 127.91 4.75 1.54
CA LYS D 8 127.37 5.08 2.86
C LYS D 8 127.53 6.55 3.19
N ASP D 9 128.68 7.13 2.83
CA ASP D 9 129.01 8.55 3.05
C ASP D 9 128.54 9.05 4.41
N ALA D 10 128.87 8.28 5.44
CA ALA D 10 128.47 8.62 6.80
C ALA D 10 129.39 9.70 7.39
N GLN D 11 128.79 10.67 8.06
CA GLN D 11 129.52 11.73 8.74
C GLN D 11 129.26 11.63 10.24
N ALA D 12 130.34 11.55 11.01
CA ALA D 12 130.19 11.52 12.47
C ALA D 12 129.87 12.88 13.04
N ASP D 13 130.31 13.96 12.38
CA ASP D 13 130.07 15.31 12.87
C ASP D 13 128.58 15.65 12.92
N LEU D 14 127.76 14.97 12.13
CA LEU D 14 126.32 15.20 12.16
C LEU D 14 125.65 14.54 13.35
N ALA D 15 126.40 13.80 14.16
CA ALA D 15 125.88 13.27 15.42
C ALA D 15 126.06 14.34 16.50
N ILE D 16 124.96 14.80 17.07
CA ILE D 16 124.97 15.90 18.03
C ILE D 16 124.50 15.36 19.38
N ALA D 17 125.34 15.54 20.39
CA ALA D 17 125.04 15.04 21.73
C ALA D 17 124.60 16.20 22.62
N PRO D 18 123.38 16.19 23.15
CA PRO D 18 122.93 17.31 23.99
C PRO D 18 123.66 17.32 25.33
N LEU D 19 124.88 17.84 25.33
CA LEU D 19 125.74 17.75 26.50
C LEU D 19 125.14 18.48 27.69
N ASN D 20 124.60 19.68 27.47
CA ASN D 20 123.94 20.42 28.54
C ASN D 20 122.60 20.94 28.04
N LEU D 21 121.52 20.58 28.72
CA LEU D 21 120.19 20.91 28.26
C LEU D 21 119.45 21.68 29.34
N THR D 22 118.56 22.58 28.91
CA THR D 22 117.72 23.33 29.83
C THR D 22 116.34 23.53 29.22
N VAL D 23 115.34 23.62 30.11
CA VAL D 23 113.95 23.82 29.75
C VAL D 23 113.52 25.18 30.30
N LEU D 24 112.92 26.00 29.44
CA LEU D 24 112.47 27.33 29.80
C LEU D 24 110.96 27.42 29.57
N LEU D 25 110.24 27.86 30.59
CA LEU D 25 108.79 27.98 30.52
C LEU D 25 108.39 29.45 30.59
N ALA D 26 107.35 29.80 29.85
CA ALA D 26 106.83 31.15 29.82
C ALA D 26 105.31 31.12 29.92
N PRO D 27 104.70 32.16 30.48
CA PRO D 27 103.25 32.24 30.48
C PRO D 27 102.71 32.34 29.07
N TYR D 28 101.46 31.88 28.89
CA TYR D 28 100.85 31.85 27.57
C TYR D 28 100.71 33.23 26.96
N SER D 29 100.77 34.29 27.76
CA SER D 29 100.70 35.65 27.23
C SER D 29 102.02 36.08 26.57
N THR D 30 103.12 35.40 26.86
CA THR D 30 104.40 35.76 26.28
C THR D 30 104.40 35.49 24.77
N THR D 31 105.02 36.39 24.02
CA THR D 31 105.14 36.21 22.58
C THR D 31 105.99 34.97 22.30
N PRO D 32 105.52 34.06 21.45
CA PRO D 32 106.25 32.81 21.22
C PRO D 32 107.60 33.05 20.56
N ALA D 33 108.55 32.17 20.85
CA ALA D 33 109.89 32.24 20.28
C ALA D 33 109.86 31.63 18.89
N THR D 34 110.06 32.47 17.87
CA THR D 34 110.15 31.97 16.51
C THR D 34 111.51 31.33 16.23
N THR D 35 112.58 31.86 16.82
CA THR D 35 113.91 31.31 16.64
C THR D 35 114.76 31.72 17.84
N LEU D 36 115.80 30.93 18.10
CA LEU D 36 116.71 31.18 19.21
C LEU D 36 118.03 31.76 18.74
N GLU D 37 118.12 32.19 17.49
CA GLU D 37 119.35 32.75 16.94
C GLU D 37 119.23 34.26 16.93
N SER D 38 120.19 34.93 17.54
CA SER D 38 120.15 36.39 17.62
C SER D 38 120.36 36.99 16.24
N PRO D 39 119.47 37.88 15.78
CA PRO D 39 119.63 38.45 14.44
C PRO D 39 120.93 39.22 14.24
N THR D 40 121.43 39.89 15.28
CA THR D 40 122.60 40.73 15.11
C THR D 40 123.90 39.93 14.98
N ASP D 41 124.06 38.86 15.78
CA ASP D 41 125.32 38.13 15.78
C ASP D 41 125.16 36.62 15.85
N GLY D 42 123.94 36.10 15.72
CA GLY D 42 123.75 34.66 15.68
C GLY D 42 124.10 33.96 16.97
N SER D 43 123.84 34.58 18.11
CA SER D 43 124.09 33.97 19.41
C SER D 43 122.78 33.41 19.97
N LEU D 44 122.87 32.83 21.16
CA LEU D 44 121.71 32.24 21.81
C LEU D 44 120.89 33.36 22.45
N ALA D 45 119.70 33.61 21.89
CA ALA D 45 118.84 34.71 22.32
C ALA D 45 117.50 34.13 22.76
N ILE D 46 117.20 34.25 24.04
CA ILE D 46 115.93 33.79 24.61
C ILE D 46 114.99 35.00 24.71
N PRO D 47 113.77 34.91 24.20
CA PRO D 47 112.86 36.04 24.31
C PRO D 47 112.50 36.31 25.76
N PRO D 48 112.17 37.55 26.10
CA PRO D 48 111.75 37.84 27.48
C PRO D 48 110.48 37.11 27.84
N GLY D 49 110.38 36.75 29.12
CA GLY D 49 109.25 36.00 29.64
C GLY D 49 109.52 34.53 29.83
N TYR D 50 110.55 33.99 29.18
CA TYR D 50 110.93 32.59 29.34
C TYR D 50 111.87 32.47 30.52
N LYS D 51 111.52 31.64 31.49
CA LYS D 51 112.32 31.44 32.69
C LYS D 51 112.67 29.97 32.83
N SER D 52 113.94 29.69 33.12
CA SER D 52 114.41 28.33 33.22
C SER D 52 113.82 27.63 34.45
N VAL D 53 113.66 26.31 34.35
CA VAL D 53 113.16 25.51 35.46
C VAL D 53 114.33 24.99 36.27
N GLY D 54 115.54 25.42 35.92
CA GLY D 54 116.71 25.07 36.70
C GLY D 54 117.16 23.64 36.48
N HIS D 55 117.82 23.08 37.49
CA HIS D 55 118.36 21.74 37.40
C HIS D 55 117.26 20.70 37.32
N PHE D 56 117.56 19.58 36.65
CA PHE D 56 116.68 18.43 36.64
C PHE D 56 117.53 17.17 36.65
N GLU D 57 116.87 16.04 36.91
CA GLU D 57 117.57 14.78 37.16
C GLU D 57 118.36 14.33 35.93
N LYS D 58 119.52 13.72 36.18
CA LYS D 58 120.43 13.28 35.13
C LYS D 58 120.08 11.90 34.60
N GLN D 59 119.86 10.93 35.50
CA GLN D 59 119.56 9.58 35.05
C GLN D 59 118.25 9.52 34.28
N ALA D 60 117.23 10.23 34.75
CA ALA D 60 115.98 10.29 34.02
C ALA D 60 116.17 10.99 32.68
N GLY D 61 116.96 12.06 32.65
CA GLY D 61 117.14 12.83 31.44
C GLY D 61 115.85 13.53 31.06
N LEU D 62 115.77 13.89 29.78
CA LEU D 62 114.54 14.41 29.20
C LEU D 62 114.09 13.45 28.11
N THR D 63 112.83 13.04 28.16
CA THR D 63 112.27 12.10 27.20
C THR D 63 111.24 12.82 26.34
N LEU D 64 111.44 12.79 25.03
CA LEU D 64 110.50 13.29 24.05
C LEU D 64 109.72 12.12 23.47
N GLY D 65 108.40 12.22 23.50
CA GLY D 65 107.55 11.15 23.03
C GLY D 65 106.65 11.55 21.88
N ASN D 66 106.73 10.80 20.79
CA ASN D 66 105.89 10.97 19.62
C ASN D 66 104.94 9.79 19.52
N GLU D 67 103.64 10.07 19.46
CA GLU D 67 102.62 9.04 19.34
C GLU D 67 101.83 9.26 18.06
N PHE D 68 101.77 8.23 17.22
CA PHE D 68 101.07 8.32 15.94
C PHE D 68 99.75 7.57 16.04
N ASP D 69 98.68 8.22 15.61
CA ASP D 69 97.40 7.56 15.39
C ASP D 69 97.27 7.30 13.89
N SER D 70 97.17 6.02 13.53
CA SER D 70 97.20 5.62 12.13
C SER D 70 95.94 4.84 11.77
N LYS D 71 95.62 4.85 10.47
CA LYS D 71 94.47 4.14 9.95
C LYS D 71 94.83 3.55 8.61
N ASP D 72 94.71 2.23 8.48
CA ASP D 72 95.00 1.56 7.22
C ASP D 72 93.79 1.66 6.29
N ILE D 73 94.06 1.83 5.00
CA ILE D 73 93.03 1.87 3.97
C ILE D 73 93.10 0.57 3.19
N GLU D 74 91.98 -0.14 3.15
CA GLU D 74 91.91 -1.43 2.50
C GLU D 74 91.28 -1.29 1.12
N ALA D 75 91.83 -2.01 0.15
CA ALA D 75 91.30 -2.05 -1.19
C ALA D 75 90.59 -3.37 -1.44
N TYR D 76 89.51 -3.32 -2.21
CA TYR D 76 88.76 -4.53 -2.51
C TYR D 76 89.60 -5.52 -3.31
N GLY D 77 90.39 -5.03 -4.26
CA GLY D 77 91.22 -5.86 -5.09
C GLY D 77 92.62 -6.08 -4.61
N GLU D 78 92.94 -5.70 -3.37
CA GLU D 78 94.29 -5.83 -2.86
C GLU D 78 94.26 -6.48 -1.49
N PRO D 79 95.14 -7.46 -1.23
CA PRO D 79 95.13 -8.09 0.10
C PRO D 79 95.75 -7.22 1.18
N GLU D 80 96.84 -6.53 0.88
CA GLU D 80 97.47 -5.65 1.87
C GLU D 80 96.85 -4.27 1.81
N PRO D 81 97.00 -3.48 2.87
CA PRO D 81 96.53 -2.09 2.81
C PRO D 81 97.30 -1.28 1.79
N ILE D 82 96.57 -0.59 0.92
CA ILE D 82 97.23 0.21 -0.11
C ILE D 82 97.86 1.47 0.48
N ARG D 83 97.25 2.04 1.52
CA ARG D 83 97.72 3.29 2.08
C ARG D 83 97.50 3.28 3.59
N THR D 84 98.20 4.18 4.27
CA THR D 84 97.95 4.46 5.68
C THR D 84 97.86 5.96 5.87
N ILE D 85 96.93 6.39 6.71
CA ILE D 85 96.72 7.80 7.02
C ILE D 85 97.13 8.03 8.47
N ILE D 86 98.00 9.02 8.68
CA ILE D 86 98.37 9.45 10.02
C ILE D 86 97.39 10.55 10.41
N ASN D 87 96.39 10.20 11.22
CA ASN D 87 95.37 11.17 11.60
C ASN D 87 95.96 12.30 12.44
N LYS D 88 96.82 11.96 13.40
CA LYS D 88 97.38 12.97 14.29
C LYS D 88 98.73 12.49 14.82
N ARG D 89 99.48 13.43 15.38
CA ARG D 89 100.79 13.15 15.95
C ARG D 89 100.89 13.90 17.27
N THR D 90 100.88 13.16 18.37
CA THR D 90 100.92 13.76 19.70
C THR D 90 102.36 13.83 20.19
N THR D 91 102.77 15.01 20.67
CA THR D 91 104.10 15.23 21.19
C THR D 91 104.02 15.53 22.67
N THR D 92 104.83 14.82 23.46
CA THR D 92 104.95 15.08 24.89
C THR D 92 106.43 15.10 25.25
N PHE D 93 106.73 15.63 26.43
CA PHE D 93 108.08 15.54 26.95
C PHE D 93 108.04 15.54 28.47
N ASP D 94 108.90 14.75 29.09
CA ASP D 94 108.93 14.65 30.54
C ASP D 94 110.36 14.65 31.04
N PHE D 95 110.51 15.11 32.29
CA PHE D 95 111.78 15.34 32.95
C PHE D 95 111.50 15.52 34.43
N ALA D 96 112.54 15.43 35.24
CA ALA D 96 112.41 15.45 36.70
C ALA D 96 113.15 16.64 37.29
N MET D 97 112.42 17.72 37.55
CA MET D 97 113.01 18.93 38.09
C MET D 97 113.36 18.77 39.57
N TYR D 98 114.45 19.40 39.98
CA TYR D 98 114.92 19.38 41.36
C TYR D 98 114.51 20.60 42.17
N GLN D 99 114.60 21.79 41.58
CA GLN D 99 114.45 23.02 42.34
C GLN D 99 113.00 23.25 42.74
N ASN D 100 112.82 24.06 43.78
CA ASN D 100 111.52 24.32 44.39
C ASN D 100 111.11 25.77 44.18
N GLN D 101 111.33 26.28 42.98
CA GLN D 101 111.06 27.66 42.65
C GLN D 101 109.63 27.85 42.16
N ARG D 102 109.24 29.12 42.00
CA ARG D 102 107.82 29.46 41.86
C ARG D 102 107.23 28.89 40.57
N ASN D 103 107.95 28.97 39.46
CA ASN D 103 107.36 28.50 38.21
C ASN D 103 107.24 26.98 38.20
N VAL D 104 108.21 26.29 38.79
CA VAL D 104 108.12 24.83 38.94
C VAL D 104 106.90 24.46 39.77
N LEU D 105 106.73 25.14 40.91
CA LEU D 105 105.61 24.82 41.79
C LEU D 105 104.27 25.18 41.15
N GLU D 106 104.22 26.29 40.42
CA GLU D 106 103.01 26.67 39.71
C GLU D 106 102.64 25.63 38.66
N LEU D 107 103.63 25.15 37.91
CA LEU D 107 103.37 24.11 36.93
C LEU D 107 102.88 22.83 37.60
N ILE D 108 103.49 22.47 38.73
CA ILE D 108 103.12 21.24 39.42
C ILE D 108 101.69 21.32 39.94
N TRP D 109 101.33 22.45 40.55
CA TRP D 109 100.05 22.56 41.23
C TRP D 109 98.94 23.14 40.36
N THR D 110 99.23 23.50 39.10
CA THR D 110 98.25 24.08 38.20
C THR D 110 97.58 25.30 38.83
N GLN D 111 98.40 26.15 39.45
CA GLN D 111 97.92 27.35 40.13
C GLN D 111 98.86 28.50 39.85
N ASP D 112 98.34 29.72 39.93
CA ASP D 112 99.12 30.93 39.80
C ASP D 112 99.48 31.43 41.19
N PHE D 113 100.75 31.32 41.56
CA PHE D 113 101.22 31.70 42.89
C PHE D 113 101.87 33.09 42.90
N SER D 114 101.45 33.96 41.99
CA SER D 114 102.00 35.32 41.96
C SER D 114 101.53 36.14 43.16
N ASN D 115 100.33 35.88 43.64
CA ASN D 115 99.76 36.60 44.77
C ASN D 115 100.15 36.01 46.13
N ILE D 116 100.92 34.92 46.13
CA ILE D 116 101.35 34.32 47.39
C ILE D 116 102.36 35.24 48.06
N GLN D 117 102.03 35.71 49.26
CA GLN D 117 102.88 36.62 49.99
C GLN D 117 103.53 35.88 51.15
N PRO D 118 104.86 35.83 51.23
CA PRO D 118 105.50 35.13 52.34
C PRO D 118 105.14 35.75 53.68
N SER D 119 105.09 34.92 54.71
CA SER D 119 104.76 35.38 56.05
C SER D 119 105.89 36.22 56.61
N GLU D 120 105.71 36.65 57.87
CA GLU D 120 106.69 37.54 58.49
C GLU D 120 108.08 36.92 58.54
N PHE D 121 108.16 35.59 58.61
CA PHE D 121 109.44 34.90 58.69
C PHE D 121 109.78 34.15 57.40
N GLY D 122 109.09 34.46 56.31
CA GLY D 122 109.42 33.90 55.02
C GLY D 122 108.64 32.65 54.64
N GLY D 123 107.94 32.02 55.58
CA GLY D 123 107.22 30.82 55.25
C GLY D 123 106.08 31.09 54.27
N ILE D 124 105.86 30.12 53.39
CA ILE D 124 104.79 30.20 52.40
C ILE D 124 103.97 28.92 52.47
N VAL D 125 102.70 29.03 52.10
CA VAL D 125 101.80 27.88 52.02
C VAL D 125 101.12 27.92 50.66
N LEU D 126 101.23 26.83 49.90
CA LEU D 126 100.69 26.75 48.55
C LEU D 126 99.55 25.74 48.53
N GLU D 127 98.33 26.24 48.48
CA GLU D 127 97.16 25.38 48.46
C GLU D 127 96.82 24.95 47.04
N ALA D 128 96.49 23.68 46.88
CA ALA D 128 96.02 23.19 45.59
C ALA D 128 94.65 23.79 45.29
N PRO D 129 94.37 24.07 44.02
CA PRO D 129 93.11 24.74 43.68
C PRO D 129 91.90 23.86 43.95
N LYS D 130 90.74 24.52 44.10
CA LYS D 130 89.49 23.81 44.27
C LYS D 130 89.28 22.80 43.15
N VAL D 131 89.42 23.25 41.91
CA VAL D 131 89.36 22.41 40.72
C VAL D 131 90.68 22.63 39.99
N PRO D 132 91.31 21.60 39.44
CA PRO D 132 92.56 21.82 38.70
C PRO D 132 92.35 22.80 37.56
N LYS D 133 93.31 23.69 37.38
CA LYS D 133 93.21 24.77 36.40
C LYS D 133 93.98 24.38 35.14
N ASN D 134 93.34 24.56 33.99
CA ASN D 134 93.92 24.22 32.70
C ASN D 134 94.72 25.41 32.20
N ILE D 135 96.03 25.36 32.44
CA ILE D 135 96.94 26.46 32.13
C ILE D 135 97.91 26.00 31.06
N TYR D 136 98.18 26.88 30.09
CA TYR D 136 99.10 26.61 29.00
C TYR D 136 100.34 27.47 29.14
N TYR D 137 101.48 26.91 28.77
CA TYR D 137 102.76 27.61 28.81
C TYR D 137 103.44 27.51 27.45
N ARG D 138 104.53 28.25 27.31
CA ARG D 138 105.39 28.17 26.13
C ARG D 138 106.73 27.60 26.56
N ALA D 139 107.20 26.58 25.85
CA ALA D 139 108.37 25.82 26.26
C ALA D 139 109.48 25.96 25.24
N ILE D 140 110.70 26.13 25.75
CA ILE D 140 111.92 26.09 24.95
C ILE D 140 112.82 25.04 25.57
N LEU D 141 113.09 23.98 24.82
CA LEU D 141 113.98 22.91 25.27
C LEU D 141 115.27 23.05 24.47
N VAL D 142 116.26 23.74 25.03
CA VAL D 142 117.47 24.07 24.29
C VAL D 142 118.64 23.32 24.91
N GLY D 143 119.40 22.62 24.07
CA GLY D 143 120.57 21.90 24.51
C GLY D 143 121.79 22.35 23.72
N MET D 144 122.95 22.20 24.33
CA MET D 144 124.22 22.65 23.77
C MET D 144 125.18 21.48 23.75
N ASP D 145 125.82 21.28 22.60
CA ASP D 145 126.91 20.36 22.40
C ASP D 145 128.17 21.19 22.16
N ASP D 146 129.10 21.13 23.10
CA ASP D 146 130.35 21.90 23.03
C ASP D 146 131.38 21.06 22.29
N ARG D 147 131.74 21.48 21.08
CA ARG D 147 132.71 20.76 20.26
C ARG D 147 133.74 21.76 19.74
N ASN D 148 134.98 21.62 20.19
CA ASN D 148 136.10 22.45 19.74
C ASN D 148 135.80 23.93 19.93
N ASP D 149 135.16 24.27 21.06
CA ASP D 149 134.80 25.65 21.40
C ASP D 149 133.90 26.28 20.33
N ARG D 150 133.16 25.46 19.60
CA ARG D 150 132.19 25.92 18.60
C ARG D 150 130.87 25.25 18.91
N PRO D 151 130.11 25.78 19.86
CA PRO D 151 128.92 25.08 20.35
C PRO D 151 127.84 24.96 19.30
N ILE D 152 127.09 23.86 19.39
CA ILE D 152 125.88 23.65 18.60
C ILE D 152 124.70 23.70 19.55
N TRP D 153 123.81 24.66 19.34
CA TRP D 153 122.58 24.79 20.13
C TRP D 153 121.45 24.17 19.32
N LEU D 154 120.96 23.02 19.78
CA LEU D 154 119.80 22.39 19.16
C LEU D 154 118.63 22.50 20.11
N TYR D 155 117.50 22.99 19.60
CA TYR D 155 116.41 23.36 20.47
C TYR D 155 115.07 22.89 19.90
N TRP D 156 114.11 22.75 20.80
CA TRP D 156 112.72 22.47 20.46
C TRP D 156 111.87 23.62 20.97
N LEU D 157 110.98 24.12 20.13
CA LEU D 157 110.05 25.17 20.48
C LEU D 157 108.65 24.59 20.53
N MET D 158 108.00 24.71 21.69
CA MET D 158 106.63 24.26 21.88
C MET D 158 105.79 25.45 22.31
N PRO D 159 105.12 26.14 21.38
CA PRO D 159 104.43 27.38 21.74
C PRO D 159 103.25 27.19 22.68
N LYS D 160 102.87 25.96 23.01
CA LYS D 160 101.70 25.72 23.84
C LYS D 160 101.87 24.35 24.49
N VAL D 161 102.12 24.32 25.79
CA VAL D 161 102.28 23.07 26.53
C VAL D 161 101.36 23.08 27.74
N LYS D 162 100.85 21.91 28.08
CA LYS D 162 99.99 21.74 29.24
C LYS D 162 100.44 20.55 30.05
N LEU D 163 100.35 20.67 31.37
CA LEU D 163 100.63 19.55 32.26
C LEU D 163 99.64 18.41 32.01
N ASP D 164 100.12 17.31 31.44
CA ASP D 164 99.27 16.18 31.12
C ASP D 164 99.15 15.21 32.29
N LYS D 165 100.28 14.88 32.92
CA LYS D 165 100.28 13.96 34.05
C LYS D 165 101.47 14.25 34.94
N LEU D 166 101.40 13.77 36.17
CA LEU D 166 102.45 13.93 37.16
C LEU D 166 102.64 12.61 37.87
N ASP D 167 103.85 12.07 37.85
CA ASP D 167 104.10 10.76 38.43
C ASP D 167 104.24 10.86 39.95
N ASN D 168 104.10 9.71 40.61
CA ASN D 168 104.22 9.67 42.06
C ASN D 168 105.65 10.00 42.47
N GLN D 169 105.78 10.82 43.52
CA GLN D 169 107.06 11.22 44.06
C GLN D 169 107.29 10.52 45.39
N THR D 170 108.47 9.93 45.55
CA THR D 170 108.84 9.19 46.75
C THR D 170 109.85 9.99 47.56
N LEU D 171 109.59 10.12 48.86
CA LEU D 171 110.49 10.82 49.76
C LEU D 171 111.45 9.81 50.40
N ASN D 172 112.74 10.01 50.19
CA ASN D 172 113.77 9.13 50.74
C ASN D 172 114.82 9.98 51.44
N ASP D 173 115.20 9.57 52.64
CA ASP D 173 116.09 10.37 53.48
C ASP D 173 117.48 10.55 52.88
N ASP D 174 117.71 10.01 51.69
CA ASP D 174 118.99 10.18 51.01
C ASP D 174 118.88 10.86 49.65
N ASN D 175 117.69 11.28 49.23
CA ASN D 175 117.48 11.87 47.92
C ASN D 175 116.69 13.15 48.06
N VAL D 176 116.98 14.12 47.19
CA VAL D 176 116.21 15.36 47.19
C VAL D 176 114.83 15.09 46.58
N ILE D 177 113.91 16.02 46.83
CA ILE D 177 112.56 15.92 46.30
C ILE D 177 112.57 16.43 44.86
N GLU D 178 112.09 15.59 43.95
CA GLU D 178 112.01 15.94 42.54
C GLU D 178 110.56 15.85 42.08
N TYR D 179 110.21 16.74 41.17
CA TYR D 179 108.89 16.77 40.55
C TYR D 179 109.05 16.38 39.09
N LYS D 180 108.41 15.28 38.68
CA LYS D 180 108.56 14.78 37.32
C LYS D 180 107.24 14.94 36.57
N PRO D 181 107.04 16.05 35.87
CA PRO D 181 105.82 16.21 35.08
C PRO D 181 106.00 15.76 33.63
N THR D 182 104.88 15.44 33.01
CA THR D 182 104.80 15.23 31.58
C THR D 182 104.02 16.39 30.98
N LEU D 183 104.58 17.02 29.95
CA LEU D 183 103.96 18.17 29.31
C LEU D 183 103.60 17.80 27.87
N LYS D 184 102.35 18.05 27.51
CA LYS D 184 101.83 17.74 26.20
C LYS D 184 101.75 19.01 25.36
N ALA D 185 102.21 18.92 24.11
CA ALA D 185 102.23 20.07 23.23
C ALA D 185 100.96 20.12 22.39
N PHE D 186 100.39 21.32 22.28
CA PHE D 186 99.23 21.59 21.46
C PHE D 186 99.63 22.56 20.34
N ARG D 187 98.82 22.58 19.29
CA ARG D 187 99.10 23.46 18.17
C ARG D 187 98.65 24.88 18.49
N ASP D 188 99.56 25.83 18.35
CA ASP D 188 99.25 27.24 18.57
C ASP D 188 98.74 27.85 17.28
N ASP D 189 97.59 28.52 17.35
CA ASP D 189 97.00 29.12 16.15
C ASP D 189 97.83 30.29 15.64
N VAL D 190 98.45 31.06 16.54
CA VAL D 190 99.17 32.25 16.12
C VAL D 190 100.42 31.88 15.33
N VAL D 191 101.12 30.82 15.73
CA VAL D 191 102.34 30.42 15.04
C VAL D 191 102.13 29.26 14.07
N GLY D 192 101.02 28.52 14.19
CA GLY D 192 100.67 27.51 13.22
C GLY D 192 101.33 26.17 13.38
N TYR D 193 102.06 25.94 14.47
CA TYR D 193 102.66 24.64 14.71
C TYR D 193 102.60 24.31 16.19
N SER D 194 102.75 23.02 16.50
CA SER D 194 102.79 22.56 17.88
C SER D 194 104.21 22.34 18.38
N VAL D 195 105.09 21.81 17.55
CA VAL D 195 106.48 21.57 17.91
C VAL D 195 107.37 21.94 16.72
N ALA D 196 108.49 22.58 17.01
CA ALA D 196 109.48 22.89 16.00
C ALA D 196 110.86 22.52 16.53
N GLN D 197 111.74 22.13 15.62
CA GLN D 197 113.12 21.77 15.96
C GLN D 197 114.06 22.66 15.18
N GLY D 198 115.08 23.18 15.85
CA GLY D 198 115.98 24.13 15.24
C GLY D 198 117.41 23.90 15.68
N PHE D 199 118.34 24.43 14.88
CA PHE D 199 119.77 24.36 15.13
C PHE D 199 120.38 25.74 14.99
N ALA D 200 121.46 25.98 15.74
CA ALA D 200 122.14 27.26 15.69
C ALA D 200 123.55 27.09 16.24
N GLY D 201 124.37 28.12 16.05
CA GLY D 201 125.71 28.13 16.57
C GLY D 201 126.76 28.03 15.49
N PRO D 202 128.01 28.37 15.84
CA PRO D 202 129.11 28.24 14.86
C PRO D 202 129.31 26.81 14.38
N GLY D 203 129.14 25.82 15.24
CA GLY D 203 129.24 24.44 14.80
C GLY D 203 128.19 24.08 13.76
N TRP D 204 126.96 24.53 13.98
CA TRP D 204 125.93 24.29 12.98
C TRP D 204 126.18 25.10 11.71
N ARG D 205 126.79 26.28 11.84
CA ARG D 205 127.17 27.02 10.64
C ARG D 205 128.18 26.23 9.83
N ASP D 206 129.11 25.56 10.50
CA ASP D 206 130.04 24.67 9.81
C ASP D 206 129.31 23.49 9.16
N LEU D 207 128.33 22.91 9.86
CA LEU D 207 127.75 21.64 9.45
C LEU D 207 126.49 21.76 8.61
N VAL D 208 125.98 22.96 8.35
CA VAL D 208 124.70 23.07 7.67
C VAL D 208 124.80 22.60 6.21
N ALA D 209 125.89 22.96 5.53
CA ALA D 209 126.07 22.51 4.15
C ALA D 209 126.17 20.99 4.07
N THR D 210 126.91 20.39 4.99
CA THR D 210 126.99 18.93 5.03
C THR D 210 125.64 18.30 5.34
N ALA D 211 124.88 18.90 6.25
CA ALA D 211 123.55 18.38 6.58
C ALA D 211 122.63 18.46 5.38
N GLY D 212 122.83 19.44 4.51
CA GLY D 212 122.08 19.53 3.28
C GLY D 212 120.98 20.56 3.25
N PHE D 213 121.08 21.62 4.03
CA PHE D 213 120.11 22.70 4.02
C PHE D 213 120.72 23.88 3.26
N GLY D 214 120.09 24.27 2.16
CA GLY D 214 120.64 25.28 1.29
C GLY D 214 121.62 24.68 0.29
N GLU D 215 122.69 25.41 -0.01
CA GLU D 215 123.70 24.97 -0.95
C GLU D 215 125.08 25.04 -0.31
N ALA D 216 126.00 24.24 -0.83
CA ALA D 216 127.35 24.18 -0.28
C ALA D 216 128.08 25.49 -0.51
N LEU D 217 128.91 25.86 0.46
CA LEU D 217 129.69 27.09 0.36
C LEU D 217 130.85 26.88 -0.62
N THR D 218 130.84 27.64 -1.71
CA THR D 218 131.87 27.49 -2.74
C THR D 218 132.50 28.83 -3.10
N ALA D 219 131.73 29.91 -2.94
CA ALA D 219 132.20 31.26 -3.26
C ALA D 219 132.09 32.14 -2.03
N LEU D 220 133.11 32.95 -1.79
CA LEU D 220 133.19 33.82 -0.62
C LEU D 220 133.11 35.27 -1.09
N THR D 221 131.90 35.81 -1.15
CA THR D 221 131.70 37.19 -1.54
C THR D 221 131.91 38.11 -0.35
N ILE D 222 132.10 39.39 -0.64
CA ILE D 222 132.41 40.40 0.37
C ILE D 222 131.46 41.57 0.20
N THR D 223 131.27 42.32 1.28
CA THR D 223 130.62 43.62 1.26
C THR D 223 131.38 44.49 0.26
N PRO D 224 130.78 45.58 -0.27
CA PRO D 224 131.48 46.42 -1.25
C PRO D 224 132.95 46.65 -0.92
N GLY D 225 133.81 46.24 -1.84
CA GLY D 225 135.24 46.15 -1.62
C GLY D 225 136.04 47.42 -1.80
N SER D 226 135.37 48.57 -1.88
CA SER D 226 136.05 49.86 -1.98
C SER D 226 135.49 50.81 -0.93
N PRO D 227 135.85 50.60 0.34
CA PRO D 227 135.38 51.51 1.40
C PRO D 227 136.37 52.63 1.67
N THR D 228 135.81 53.80 1.98
CA THR D 228 136.59 55.00 2.27
C THR D 228 136.60 55.24 3.78
N VAL D 229 137.80 55.38 4.34
CA VAL D 229 137.98 55.53 5.77
C VAL D 229 138.82 56.77 6.03
N THR D 230 138.68 57.31 7.24
CA THR D 230 139.32 58.57 7.62
C THR D 230 140.37 58.32 8.70
N VAL D 231 141.55 58.91 8.52
CA VAL D 231 142.59 58.82 9.54
C VAL D 231 142.15 59.53 10.81
N ALA D 232 141.59 60.72 10.67
CA ALA D 232 141.13 61.48 11.83
C ALA D 232 139.94 60.80 12.48
N THR D 233 139.85 60.93 13.80
CA THR D 233 138.75 60.34 14.55
C THR D 233 137.43 60.98 14.13
N GLY D 234 136.41 60.14 13.92
CA GLY D 234 135.12 60.64 13.52
C GLY D 234 134.20 59.50 13.11
N ALA D 235 133.15 59.85 12.37
CA ALA D 235 132.20 58.85 11.92
C ALA D 235 132.84 57.86 10.96
N SER D 236 133.68 58.33 10.05
CA SER D 236 134.26 57.50 9.00
C SER D 236 135.69 57.07 9.31
N HIS D 237 136.07 57.05 10.60
CA HIS D 237 137.39 56.57 10.97
C HIS D 237 137.48 55.06 11.03
N THR D 238 136.33 54.37 11.06
CA THR D 238 136.28 52.92 11.07
C THR D 238 135.19 52.45 10.11
N ALA D 239 135.42 51.29 9.50
CA ALA D 239 134.47 50.68 8.58
C ALA D 239 134.38 49.19 8.84
N GLN D 240 133.16 48.65 8.81
CA GLN D 240 132.94 47.23 9.08
C GLN D 240 132.74 46.47 7.78
N LEU D 241 133.39 45.31 7.68
CA LEU D 241 133.36 44.48 6.48
C LEU D 241 132.61 43.19 6.76
N LEU D 242 131.77 42.79 5.81
CA LEU D 242 130.96 41.59 5.91
C LEU D 242 131.47 40.56 4.92
N VAL D 243 131.66 39.32 5.39
CA VAL D 243 132.13 38.22 4.55
C VAL D 243 131.00 37.21 4.45
N GLU D 244 130.43 37.07 3.26
CA GLU D 244 129.26 36.23 3.04
C GLU D 244 129.61 35.08 2.11
N GLY D 245 128.87 33.98 2.24
CA GLY D 245 129.02 32.88 1.32
C GLY D 245 128.06 32.97 0.15
N ASP D 246 128.27 32.10 -0.83
CA ASP D 246 127.39 32.06 -2.00
C ASP D 246 125.99 31.56 -1.64
N ASN D 247 125.82 30.95 -0.46
CA ASN D 247 124.54 30.44 0.00
C ASN D 247 123.84 31.36 0.98
N GLY D 248 124.19 32.64 0.97
CA GLY D 248 123.54 33.61 1.84
C GLY D 248 123.79 33.42 3.31
N ILE D 249 124.99 32.99 3.68
CA ILE D 249 125.36 32.78 5.08
C ILE D 249 126.56 33.67 5.38
N ASN D 250 126.48 34.44 6.46
CA ASN D 250 127.57 35.30 6.87
C ASN D 250 128.66 34.47 7.51
N TYR D 251 129.86 34.50 6.92
CA TYR D 251 131.01 33.75 7.41
C TYR D 251 132.06 34.65 8.02
N THR D 252 131.68 35.86 8.43
CA THR D 252 132.64 36.78 9.04
C THR D 252 133.29 36.22 10.29
N PRO D 253 132.56 35.66 11.26
CA PRO D 253 133.26 35.05 12.41
C PRO D 253 134.15 33.89 12.02
N ASP D 254 133.79 33.13 10.99
CA ASP D 254 134.57 31.96 10.62
C ASP D 254 135.86 32.31 9.88
N VAL D 255 135.85 33.38 9.09
CA VAL D 255 137.02 33.77 8.32
C VAL D 255 138.02 34.49 9.21
N VAL D 256 139.23 34.69 8.72
CA VAL D 256 140.31 35.35 9.45
C VAL D 256 140.67 36.64 8.73
N PHE D 257 140.56 37.77 9.42
CA PHE D 257 140.81 39.08 8.84
C PHE D 257 142.29 39.42 8.94
N THR D 258 142.87 39.82 7.80
CA THR D 258 144.26 40.27 7.76
C THR D 258 144.36 41.50 6.87
N SER D 259 145.36 42.33 7.15
CA SER D 259 145.63 43.53 6.37
C SER D 259 147.06 43.46 5.83
N SER D 260 147.20 43.58 4.51
CA SER D 260 148.53 43.57 3.91
C SER D 260 149.30 44.84 4.24
N ALA D 261 148.59 45.95 4.46
CA ALA D 261 149.19 47.24 4.76
C ALA D 261 148.56 47.78 6.04
N PRO D 262 149.02 47.32 7.20
CA PRO D 262 148.44 47.81 8.46
C PRO D 262 148.60 49.30 8.68
N ASP D 263 149.58 49.93 8.03
CA ASP D 263 149.77 51.37 8.18
C ASP D 263 148.56 52.15 7.66
N LYS D 264 147.93 51.66 6.58
CA LYS D 264 146.80 52.38 6.00
C LYS D 264 145.51 52.11 6.77
N ALA D 265 145.10 50.84 6.85
CA ALA D 265 143.91 50.45 7.57
C ALA D 265 144.24 49.28 8.47
N SER D 266 144.10 49.48 9.78
CA SER D 266 144.34 48.42 10.76
C SER D 266 143.05 47.61 10.92
N VAL D 267 143.12 46.31 10.71
CA VAL D 267 141.95 45.44 10.71
C VAL D 267 141.88 44.68 12.02
N SER D 268 140.69 44.63 12.61
CA SER D 268 140.44 43.86 13.81
C SER D 268 139.97 42.45 13.45
N ALA D 269 139.85 41.60 14.47
CA ALA D 269 139.38 40.24 14.25
C ALA D 269 137.93 40.23 13.77
N ALA D 270 137.09 41.10 14.34
CA ALA D 270 135.69 41.14 13.95
C ALA D 270 135.49 41.66 12.54
N GLY D 271 136.45 42.41 11.99
CA GLY D 271 136.32 42.92 10.64
C GLY D 271 136.13 44.41 10.57
N LEU D 272 136.76 45.14 11.49
CA LEU D 272 136.70 46.60 11.53
C LEU D 272 138.04 47.14 11.08
N VAL D 273 138.05 47.92 10.01
CA VAL D 273 139.25 48.57 9.49
C VAL D 273 139.24 50.02 9.94
N THR D 274 140.31 50.42 10.62
CA THR D 274 140.47 51.76 11.16
C THR D 274 141.52 52.50 10.35
N GLY D 275 141.18 53.71 9.91
CA GLY D 275 142.12 54.50 9.14
C GLY D 275 143.25 55.01 10.02
N VAL D 276 144.49 54.76 9.59
CA VAL D 276 145.67 55.18 10.32
C VAL D 276 146.57 56.10 9.50
N ALA D 277 146.77 55.77 8.22
CA ALA D 277 147.55 56.61 7.32
C ALA D 277 146.92 56.59 5.93
N ALA D 278 146.97 57.73 5.25
CA ALA D 278 146.32 57.87 3.96
C ALA D 278 146.99 57.00 2.91
N GLY D 279 146.17 56.54 1.95
CA GLY D 279 146.64 55.66 0.90
C GLY D 279 145.67 54.56 0.55
N SER D 280 146.18 53.39 0.18
CA SER D 280 145.35 52.23 -0.13
C SER D 280 145.86 51.01 0.62
N ALA D 281 144.93 50.16 1.03
CA ALA D 281 145.24 48.95 1.78
C ALA D 281 144.48 47.77 1.20
N THR D 282 145.00 46.58 1.44
CA THR D 282 144.35 45.34 1.02
C THR D 282 143.93 44.56 2.26
N ILE D 283 142.66 44.19 2.31
CA ILE D 283 142.10 43.40 3.41
C ILE D 283 141.72 42.03 2.85
N THR D 284 142.18 40.97 3.51
CA THR D 284 141.98 39.60 3.04
C THR D 284 141.37 38.77 4.17
N ALA D 285 140.28 38.06 3.85
CA ALA D 285 139.65 37.13 4.77
C ALA D 285 139.74 35.73 4.19
N THR D 286 140.28 34.79 4.95
CA THR D 286 140.53 33.45 4.47
C THR D 286 139.71 32.43 5.27
N LYS D 287 139.29 31.37 4.57
CA LYS D 287 138.56 30.28 5.21
C LYS D 287 138.87 29.02 4.39
N GLY D 288 139.75 28.18 4.91
CA GLY D 288 140.16 27.00 4.16
C GLY D 288 140.78 27.41 2.84
N ALA D 289 140.28 26.84 1.75
CA ALA D 289 140.75 27.21 0.43
C ALA D 289 140.21 28.57 -0.03
N LEU D 290 139.06 28.98 0.50
CA LEU D 290 138.44 30.22 0.04
C LEU D 290 139.18 31.44 0.57
N THR D 291 139.27 32.47 -0.26
CA THR D 291 139.93 33.71 0.10
C THR D 291 139.11 34.90 -0.38
N ALA D 292 139.36 36.05 0.23
CA ALA D 292 138.68 37.29 -0.11
C ALA D 292 139.69 38.41 -0.25
N THR D 293 139.27 39.48 -0.92
CA THR D 293 140.12 40.65 -1.10
C THR D 293 139.26 41.89 -1.20
N ALA D 294 139.73 42.97 -0.57
CA ALA D 294 139.05 44.27 -0.65
C ALA D 294 140.08 45.38 -0.58
N THR D 295 139.94 46.37 -1.46
CA THR D 295 140.86 47.49 -1.52
C THR D 295 140.22 48.69 -0.81
N VAL D 296 140.83 49.11 0.29
CA VAL D 296 140.31 50.17 1.14
C VAL D 296 141.08 51.45 0.88
N THR D 297 140.36 52.55 0.70
CA THR D 297 140.97 53.86 0.54
C THR D 297 140.96 54.58 1.90
N VAL D 298 142.09 55.20 2.24
CA VAL D 298 142.26 55.92 3.49
C VAL D 298 142.60 57.36 3.16
N THR D 299 141.86 58.29 3.75
CA THR D 299 142.06 59.72 3.53
C THR D 299 142.38 60.40 4.85
N ALA D 300 143.32 61.34 4.82
CA ALA D 300 143.71 62.07 6.02
C ALA D 300 142.60 62.99 6.50
N THR E 2 123.69 35.52 25.31
CA THR E 2 123.81 35.02 26.67
C THR E 2 124.31 33.58 26.67
N ASP E 3 125.24 33.26 27.57
CA ASP E 3 125.80 31.92 27.62
C ASP E 3 124.81 30.95 28.26
N PHE E 4 125.08 29.66 28.05
CA PHE E 4 124.15 28.61 28.45
C PHE E 4 123.99 28.57 29.97
N TYR E 5 125.08 28.75 30.71
CA TYR E 5 124.99 28.72 32.17
C TYR E 5 124.11 29.85 32.69
N THR E 6 124.28 31.05 32.16
CA THR E 6 123.45 32.17 32.58
C THR E 6 121.99 31.95 32.20
N ILE E 7 121.74 31.40 31.02
CA ILE E 7 120.36 31.14 30.61
C ILE E 7 119.73 30.08 31.52
N LYS E 8 120.51 29.09 31.93
CA LYS E 8 119.98 28.02 32.78
C LYS E 8 119.72 28.52 34.19
N ASP E 9 120.61 29.37 34.72
CA ASP E 9 120.51 29.98 36.06
C ASP E 9 120.01 28.99 37.11
N ALA E 10 120.64 27.82 37.13
CA ALA E 10 120.28 26.78 38.07
C ALA E 10 120.85 27.07 39.45
N GLN E 11 120.06 26.80 40.49
CA GLN E 11 120.48 26.94 41.87
C GLN E 11 120.36 25.59 42.57
N ALA E 12 121.47 25.11 43.12
CA ALA E 12 121.44 23.85 43.84
C ALA E 12 120.77 23.99 45.20
N ASP E 13 120.87 25.17 45.81
CA ASP E 13 120.29 25.39 47.13
C ASP E 13 118.78 25.22 47.14
N LEU E 14 118.13 25.36 45.99
CA LEU E 14 116.69 25.17 45.91
C LEU E 14 116.30 23.70 45.84
N ALA E 15 117.27 22.78 45.90
CA ALA E 15 116.99 21.36 46.00
C ALA E 15 116.94 21.00 47.48
N ILE E 16 115.76 20.58 47.94
CA ILE E 16 115.53 20.30 49.36
C ILE E 16 115.35 18.80 49.52
N ALA E 17 116.18 18.21 50.38
CA ALA E 17 116.16 16.76 50.62
C ALA E 17 115.51 16.48 51.97
N PRO E 18 114.38 15.77 52.01
CA PRO E 18 113.74 15.49 53.30
C PRO E 18 114.57 14.53 54.13
N LEU E 19 115.63 15.04 54.76
CA LEU E 19 116.53 14.19 55.54
C LEU E 19 115.80 13.50 56.67
N ASN E 20 114.92 14.23 57.36
CA ASN E 20 114.04 13.61 58.34
C ASN E 20 112.60 13.91 57.96
N LEU E 21 111.68 13.05 58.40
CA LEU E 21 110.29 13.19 58.01
C LEU E 21 109.41 12.57 59.07
N THR E 22 108.25 13.17 59.30
CA THR E 22 107.29 12.61 60.24
C THR E 22 105.87 12.90 59.77
N VAL E 23 104.96 12.01 60.17
CA VAL E 23 103.54 12.11 59.83
C VAL E 23 102.77 12.23 61.14
N LEU E 24 101.91 13.23 61.22
CA LEU E 24 101.09 13.48 62.39
C LEU E 24 99.63 13.39 61.99
N LEU E 25 98.86 12.60 62.75
CA LEU E 25 97.44 12.41 62.51
C LEU E 25 96.64 12.99 63.66
N ALA E 26 95.52 13.63 63.32
CA ALA E 26 94.61 14.18 64.30
C ALA E 26 93.19 13.73 63.99
N PRO E 27 92.33 13.62 65.00
CA PRO E 27 90.93 13.32 64.73
C PRO E 27 90.27 14.44 63.94
N TYR E 28 89.22 14.09 63.20
CA TYR E 28 88.58 15.04 62.31
C TYR E 28 87.97 16.23 63.06
N SER E 29 87.76 16.10 64.37
CA SER E 29 87.26 17.21 65.17
C SER E 29 88.34 18.24 65.48
N THR E 30 89.61 17.88 65.31
CA THR E 30 90.69 18.81 65.58
C THR E 30 90.70 19.94 64.56
N THR E 31 90.97 21.16 65.03
CA THR E 31 91.05 22.30 64.15
C THR E 31 92.19 22.12 63.15
N PRO E 32 91.96 22.27 61.86
CA PRO E 32 93.01 21.98 60.87
C PRO E 32 94.16 22.96 60.97
N ALA E 33 95.33 22.49 60.57
CA ALA E 33 96.55 23.31 60.57
C ALA E 33 96.55 24.18 59.32
N THR E 34 96.43 25.50 59.52
CA THR E 34 96.54 26.43 58.40
C THR E 34 97.99 26.63 58.00
N THR E 35 98.91 26.63 58.97
CA THR E 35 100.33 26.78 58.70
C THR E 35 101.11 26.22 59.87
N LEU E 36 102.34 25.80 59.59
CA LEU E 36 103.21 25.20 60.60
C LEU E 36 104.24 26.17 61.13
N GLU E 37 104.20 27.44 60.74
CA GLU E 37 105.16 28.42 61.20
C GLU E 37 104.58 29.18 62.38
N SER E 38 105.33 29.21 63.47
CA SER E 38 104.88 29.89 64.68
C SER E 38 104.81 31.40 64.44
N PRO E 39 103.70 32.05 64.76
CA PRO E 39 103.63 33.51 64.57
C PRO E 39 104.57 34.30 65.46
N THR E 40 105.12 33.68 66.50
CA THR E 40 106.00 34.40 67.43
C THR E 40 107.41 34.52 66.87
N ASP E 41 108.08 33.38 66.66
CA ASP E 41 109.48 33.39 66.24
C ASP E 41 109.72 32.60 64.96
N GLY E 42 108.66 32.17 64.27
CA GLY E 42 108.83 31.46 63.03
C GLY E 42 109.29 30.02 63.16
N SER E 43 109.29 29.46 64.37
CA SER E 43 109.66 28.08 64.56
C SER E 43 108.52 27.16 64.11
N LEU E 44 108.73 25.86 64.25
CA LEU E 44 107.71 24.89 63.84
C LEU E 44 106.68 24.74 64.96
N ALA E 45 105.41 24.93 64.60
CA ALA E 45 104.31 24.92 65.56
C ALA E 45 103.26 23.92 65.11
N ILE E 46 103.24 22.76 65.75
CA ILE E 46 102.21 21.76 65.48
C ILE E 46 100.96 22.09 66.29
N PRO E 47 99.79 22.22 65.65
CA PRO E 47 98.59 22.55 66.41
C PRO E 47 98.23 21.42 67.37
N PRO E 48 97.55 21.73 68.48
CA PRO E 48 97.16 20.68 69.42
C PRO E 48 96.19 19.69 68.77
N GLY E 49 96.30 18.44 69.19
CA GLY E 49 95.50 17.36 68.67
C GLY E 49 96.21 16.50 67.65
N TYR E 50 97.31 16.97 67.08
CA TYR E 50 98.09 16.21 66.10
C TYR E 50 99.11 15.36 66.83
N LYS E 51 99.02 14.05 66.68
CA LYS E 51 99.93 13.12 67.30
C LYS E 51 100.74 12.39 66.22
N SER E 52 102.03 12.26 66.47
CA SER E 52 102.90 11.57 65.52
C SER E 52 102.66 10.07 65.53
N VAL E 53 102.93 9.42 64.40
CA VAL E 53 102.81 7.97 64.31
C VAL E 53 104.10 7.25 64.61
N GLY E 54 105.21 7.96 64.81
CA GLY E 54 106.47 7.33 65.13
C GLY E 54 107.32 6.99 63.93
N HIS E 55 108.12 5.95 64.05
CA HIS E 55 109.03 5.54 63.00
C HIS E 55 108.26 4.89 61.84
N PHE E 56 108.90 4.87 60.67
CA PHE E 56 108.39 4.12 59.54
C PHE E 56 109.57 3.64 58.69
N GLU E 57 109.29 2.68 57.82
CA GLU E 57 110.34 1.98 57.10
C GLU E 57 111.16 2.93 56.23
N LYS E 58 112.49 2.76 56.28
CA LYS E 58 113.37 3.64 55.53
C LYS E 58 113.33 3.34 54.04
N GLN E 59 113.39 2.06 53.67
CA GLN E 59 113.45 1.70 52.25
C GLN E 59 112.16 2.05 51.53
N ALA E 60 111.01 1.80 52.15
CA ALA E 60 109.75 2.15 51.52
C ALA E 60 109.61 3.66 51.36
N GLY E 61 110.22 4.43 52.25
CA GLY E 61 110.08 5.86 52.20
C GLY E 61 108.64 6.29 52.42
N LEU E 62 108.26 7.38 51.77
CA LEU E 62 106.89 7.86 51.78
C LEU E 62 106.54 8.32 50.39
N THR E 63 105.55 7.70 49.77
CA THR E 63 105.19 7.98 48.40
C THR E 63 103.93 8.82 48.34
N LEU E 64 104.03 9.97 47.65
CA LEU E 64 102.89 10.84 47.39
C LEU E 64 102.43 10.59 45.95
N GLY E 65 101.25 10.02 45.79
CA GLY E 65 100.72 9.68 44.49
C GLY E 65 99.72 10.71 44.02
N ASN E 66 99.92 11.18 42.78
CA ASN E 66 99.02 12.12 42.12
C ASN E 66 98.43 11.44 40.90
N GLU E 67 97.11 11.41 40.81
CA GLU E 67 96.40 10.78 39.70
C GLU E 67 95.51 11.80 39.03
N PHE E 68 95.68 11.97 37.71
CA PHE E 68 94.92 12.92 36.93
C PHE E 68 93.88 12.18 36.10
N ASP E 69 92.64 12.63 36.18
CA ASP E 69 91.60 12.20 35.25
C ASP E 69 91.43 13.30 34.20
N SER E 70 91.67 12.96 32.94
CA SER E 70 91.72 13.95 31.88
C SER E 70 90.75 13.58 30.77
N LYS E 71 90.32 14.61 30.03
CA LYS E 71 89.38 14.44 28.93
C LYS E 71 89.82 15.34 27.78
N ASP E 72 90.08 14.74 26.63
CA ASP E 72 90.50 15.49 25.45
C ASP E 72 89.28 16.05 24.73
N ILE E 73 89.35 17.32 24.35
CA ILE E 73 88.29 17.97 23.59
C ILE E 73 88.71 17.99 22.13
N GLU E 74 87.86 17.44 21.27
CA GLU E 74 88.15 17.30 19.85
C GLU E 74 87.38 18.33 19.04
N ALA E 75 88.05 18.94 18.08
CA ALA E 75 87.43 19.92 17.20
C ALA E 75 87.14 19.29 15.85
N TYR E 76 86.05 19.73 15.22
CA TYR E 76 85.66 19.18 13.93
C TYR E 76 86.69 19.52 12.86
N GLY E 77 87.22 20.73 12.89
CA GLY E 77 88.16 21.17 11.86
C GLY E 77 89.61 21.06 12.26
N GLU E 78 89.91 20.24 13.27
CA GLU E 78 91.27 20.06 13.75
C GLU E 78 91.51 18.58 14.01
N PRO E 79 92.64 18.02 13.55
CA PRO E 79 92.90 16.60 13.79
C PRO E 79 93.25 16.28 15.23
N GLU E 80 94.12 17.09 15.83
CA GLU E 80 94.54 16.88 17.20
C GLU E 80 93.53 17.51 18.17
N PRO E 81 93.53 17.09 19.43
CA PRO E 81 92.69 17.75 20.43
C PRO E 81 93.14 19.18 20.68
N ILE E 82 92.19 20.11 20.60
CA ILE E 82 92.51 21.51 20.83
C ILE E 82 92.82 21.77 22.29
N ARG E 83 92.09 21.12 23.19
CA ARG E 83 92.27 21.32 24.62
C ARG E 83 92.13 19.99 25.35
N THR E 84 92.57 19.99 26.61
CA THR E 84 92.29 18.88 27.51
C THR E 84 91.85 19.46 28.85
N ILE E 85 90.95 18.75 29.53
CA ILE E 85 90.38 19.18 30.79
C ILE E 85 90.76 18.17 31.86
N ILE E 86 91.31 18.67 32.97
CA ILE E 86 91.59 17.84 34.13
C ILE E 86 90.36 17.89 35.03
N ASN E 87 89.56 16.82 34.99
CA ASN E 87 88.35 16.77 35.79
C ASN E 87 88.67 16.77 37.28
N LYS E 88 89.67 16.00 37.69
CA LYS E 88 90.01 15.89 39.10
C LYS E 88 91.47 15.47 39.24
N ARG E 89 92.04 15.79 40.40
CA ARG E 89 93.37 15.35 40.78
C ARG E 89 93.26 14.65 42.13
N THR E 90 93.48 13.34 42.14
CA THR E 90 93.41 12.55 43.36
C THR E 90 94.80 12.45 43.98
N THR E 91 94.89 12.81 45.26
CA THR E 91 96.14 12.76 46.01
C THR E 91 96.05 11.67 47.07
N THR E 92 97.05 10.80 47.09
CA THR E 92 97.18 9.79 48.13
C THR E 92 98.62 9.80 48.64
N PHE E 93 98.84 9.15 49.77
CA PHE E 93 100.20 8.95 50.24
C PHE E 93 100.27 7.68 51.06
N ASP E 94 101.38 6.96 50.94
CA ASP E 94 101.56 5.71 51.66
C ASP E 94 102.96 5.60 52.24
N PHE E 95 103.05 4.84 53.33
CA PHE E 95 104.27 4.65 54.10
C PHE E 95 104.08 3.40 54.94
N ALA E 96 105.19 2.87 55.45
CA ALA E 96 105.18 1.61 56.19
C ALA E 96 105.67 1.88 57.61
N MET E 97 104.72 2.07 58.53
CA MET E 97 105.02 2.50 59.90
C MET E 97 105.16 1.30 60.83
N TYR E 98 106.12 1.43 61.76
CA TYR E 98 106.59 0.32 62.59
C TYR E 98 105.86 0.21 63.92
N GLN E 99 105.63 1.34 64.59
CA GLN E 99 105.20 1.29 65.98
C GLN E 99 103.78 0.76 66.11
N ASN E 100 103.50 0.21 67.28
CA ASN E 100 102.23 -0.47 67.58
C ASN E 100 101.38 0.36 68.54
N GLN E 101 101.34 1.66 68.34
CA GLN E 101 100.67 2.56 69.27
C GLN E 101 99.18 2.68 68.93
N ARG E 102 98.47 3.41 69.80
CA ARG E 102 97.02 3.43 69.77
C ARG E 102 96.50 4.07 68.48
N ASN E 103 97.08 5.18 68.06
CA ASN E 103 96.58 5.85 66.85
C ASN E 103 96.91 5.06 65.60
N VAL E 104 98.08 4.43 65.56
CA VAL E 104 98.44 3.58 64.43
C VAL E 104 97.45 2.43 64.31
N LEU E 105 97.15 1.76 65.43
CA LEU E 105 96.24 0.62 65.39
C LEU E 105 94.81 1.08 65.08
N GLU E 106 94.41 2.25 65.59
CA GLU E 106 93.10 2.80 65.26
C GLU E 106 92.98 3.03 63.76
N LEU E 107 94.02 3.62 63.15
CA LEU E 107 94.00 3.85 61.71
C LEU E 107 93.95 2.52 60.96
N ILE E 108 94.71 1.53 61.40
CA ILE E 108 94.76 0.26 60.68
C ILE E 108 93.41 -0.44 60.74
N TRP E 109 92.78 -0.47 61.92
CA TRP E 109 91.55 -1.24 62.09
C TRP E 109 90.28 -0.44 61.86
N THR E 110 90.39 0.85 61.56
CA THR E 110 89.23 1.72 61.33
C THR E 110 88.26 1.64 62.51
N GLN E 111 88.82 1.74 63.71
CA GLN E 111 88.03 1.66 64.94
C GLN E 111 88.58 2.68 65.94
N ASP E 112 87.71 3.12 66.84
CA ASP E 112 88.11 4.00 67.94
C ASP E 112 88.38 3.13 69.17
N PHE E 113 89.64 3.09 69.59
CA PHE E 113 90.07 2.26 70.71
C PHE E 113 90.26 3.07 71.99
N SER E 114 89.65 4.25 72.08
CA SER E 114 89.78 5.06 73.28
C SER E 114 89.13 4.42 74.49
N ASN E 115 88.14 3.54 74.27
CA ASN E 115 87.44 2.87 75.36
C ASN E 115 88.01 1.51 75.68
N ILE E 116 89.14 1.14 75.08
CA ILE E 116 89.77 -0.14 75.35
C ILE E 116 90.49 -0.06 76.69
N GLN E 117 90.10 -0.92 77.62
CA GLN E 117 90.69 -0.92 78.95
C GLN E 117 91.60 -2.12 79.10
N PRO E 118 92.89 -1.92 79.39
CA PRO E 118 93.79 -3.06 79.55
C PRO E 118 93.35 -3.95 80.71
N SER E 119 93.64 -5.24 80.58
CA SER E 119 93.27 -6.21 81.60
C SER E 119 94.16 -6.01 82.83
N GLU E 120 94.00 -6.89 83.82
CA GLU E 120 94.72 -6.74 85.08
C GLU E 120 96.23 -6.74 84.87
N PHE E 121 96.72 -7.44 83.86
CA PHE E 121 98.15 -7.55 83.60
C PHE E 121 98.56 -6.81 82.33
N GLY E 122 97.76 -5.85 81.88
CA GLY E 122 98.12 -4.98 80.78
C GLY E 122 97.71 -5.47 79.40
N GLY E 123 97.21 -6.70 79.28
CA GLY E 123 96.83 -7.20 77.98
C GLY E 123 95.66 -6.43 77.39
N ILE E 124 95.69 -6.26 76.07
CA ILE E 124 94.61 -5.61 75.33
C ILE E 124 94.21 -6.52 74.18
N VAL E 125 92.96 -6.37 73.73
CA VAL E 125 92.46 -7.08 72.57
C VAL E 125 91.68 -6.09 71.71
N LEU E 126 92.08 -5.96 70.45
CA LEU E 126 91.51 -4.98 69.52
C LEU E 126 90.71 -5.72 68.45
N GLU E 127 89.42 -5.86 68.69
CA GLU E 127 88.55 -6.51 67.72
C GLU E 127 88.26 -5.58 66.55
N ALA E 128 88.28 -6.14 65.35
CA ALA E 128 87.92 -5.38 64.17
C ALA E 128 86.41 -5.10 64.17
N PRO E 129 85.99 -3.95 63.66
CA PRO E 129 84.56 -3.63 63.66
C PRO E 129 83.76 -4.61 62.80
N LYS E 130 82.50 -4.80 63.18
CA LYS E 130 81.62 -5.69 62.42
C LYS E 130 81.45 -5.19 61.00
N VAL E 131 81.27 -3.88 60.83
CA VAL E 131 81.27 -3.23 59.53
C VAL E 131 82.40 -2.21 59.53
N PRO E 132 83.24 -2.16 58.50
CA PRO E 132 84.33 -1.18 58.49
C PRO E 132 83.79 0.24 58.61
N LYS E 133 84.50 1.05 59.39
CA LYS E 133 84.03 2.39 59.72
C LYS E 133 84.77 3.43 58.88
N ASN E 134 84.02 4.33 58.27
CA ASN E 134 84.57 5.38 57.42
C ASN E 134 84.97 6.55 58.31
N ILE E 135 86.25 6.61 58.66
CA ILE E 135 86.78 7.60 59.59
C ILE E 135 87.76 8.49 58.86
N TYR E 136 87.68 9.79 59.12
CA TYR E 136 88.57 10.78 58.52
C TYR E 136 89.51 11.34 59.57
N TYR E 137 90.71 11.72 59.12
CA TYR E 137 91.72 12.29 59.98
C TYR E 137 92.30 13.52 59.29
N ARG E 138 93.11 14.26 60.05
CA ARG E 138 93.86 15.39 59.52
C ARG E 138 95.34 15.05 59.58
N ALA E 139 96.03 15.19 58.45
CA ALA E 139 97.40 14.73 58.32
C ALA E 139 98.35 15.91 58.10
N ILE E 140 99.49 15.84 58.77
CA ILE E 140 100.61 16.74 58.54
C ILE E 140 101.84 15.89 58.24
N LEU E 141 102.39 16.05 57.05
CA LEU E 141 103.62 15.35 56.67
C LEU E 141 104.73 16.38 56.60
N VAL E 142 105.53 16.49 57.65
CA VAL E 142 106.53 17.54 57.74
C VAL E 142 107.92 16.92 57.75
N GLY E 143 108.80 17.44 56.90
CA GLY E 143 110.15 16.94 56.81
C GLY E 143 111.15 18.07 56.96
N MET E 144 112.30 17.71 57.50
CA MET E 144 113.37 18.66 57.80
C MET E 144 114.60 18.33 56.97
N ASP E 145 115.15 19.38 56.35
CA ASP E 145 116.45 19.35 55.69
C ASP E 145 117.32 20.38 56.41
N ASP E 146 118.23 19.91 57.26
CA ASP E 146 119.06 20.79 58.07
C ASP E 146 120.39 21.00 57.35
N ARG E 147 120.58 22.18 56.80
CA ARG E 147 121.83 22.56 56.13
C ARG E 147 122.43 23.75 56.85
N ASN E 148 123.71 23.62 57.25
CA ASN E 148 124.44 24.71 57.92
C ASN E 148 123.70 25.19 59.16
N ASP E 149 123.07 24.26 59.87
CA ASP E 149 122.32 24.56 61.10
C ASP E 149 121.19 25.55 60.84
N ARG E 150 120.67 25.58 59.62
CA ARG E 150 119.55 26.43 59.23
C ARG E 150 118.50 25.55 58.58
N PRO E 151 117.67 24.88 59.37
CA PRO E 151 116.77 23.87 58.83
C PRO E 151 115.70 24.45 57.92
N ILE E 152 115.31 23.65 56.94
CA ILE E 152 114.16 23.91 56.09
C ILE E 152 113.11 22.87 56.40
N TRP E 153 111.96 23.30 56.91
CA TRP E 153 110.83 22.42 57.15
C TRP E 153 109.88 22.55 55.98
N LEU E 154 109.78 21.50 55.17
CA LEU E 154 108.83 21.45 54.07
C LEU E 154 107.75 20.45 54.42
N TYR E 155 106.49 20.85 54.27
CA TYR E 155 105.40 20.07 54.81
C TYR E 155 104.22 20.04 53.86
N TRP E 156 103.42 18.99 54.02
CA TRP E 156 102.15 18.81 53.32
C TRP E 156 101.04 18.78 54.37
N LEU E 157 100.02 19.60 54.16
CA LEU E 157 98.85 19.66 55.02
C LEU E 157 97.68 19.06 54.27
N MET E 158 97.10 18.00 54.84
CA MET E 158 95.92 17.36 54.26
C MET E 158 94.82 17.36 55.31
N PRO E 159 93.89 18.32 55.26
CA PRO E 159 92.92 18.47 56.34
C PRO E 159 91.93 17.33 56.45
N LYS E 160 91.95 16.37 55.52
CA LYS E 160 90.96 15.29 55.53
C LYS E 160 91.56 14.11 54.79
N VAL E 161 91.93 13.06 55.52
CA VAL E 161 92.50 11.86 54.93
C VAL E 161 91.72 10.65 55.42
N LYS E 162 91.66 9.63 54.58
CA LYS E 162 90.93 8.41 54.89
C LYS E 162 91.71 7.20 54.40
N LEU E 163 91.70 6.14 55.19
CA LEU E 163 92.34 4.90 54.79
C LEU E 163 91.69 4.35 53.52
N ASP E 164 92.46 4.30 52.44
CA ASP E 164 91.98 3.81 51.14
C ASP E 164 92.28 2.34 50.93
N LYS E 165 93.47 1.89 51.31
CA LYS E 165 93.82 0.48 51.21
C LYS E 165 94.90 0.17 52.23
N LEU E 166 95.08 -1.12 52.50
CA LEU E 166 96.07 -1.59 53.46
C LEU E 166 96.82 -2.76 52.84
N ASP E 167 98.13 -2.60 52.70
CA ASP E 167 98.95 -3.62 52.06
C ASP E 167 99.06 -4.86 52.93
N ASN E 168 99.22 -6.01 52.28
CA ASN E 168 99.40 -7.26 53.00
C ASN E 168 100.72 -7.23 53.78
N GLN E 169 100.68 -7.74 55.00
CA GLN E 169 101.83 -7.77 55.88
C GLN E 169 102.32 -9.20 56.06
N THR E 170 103.62 -9.41 55.89
CA THR E 170 104.24 -10.71 56.02
C THR E 170 105.05 -10.75 57.31
N LEU E 171 104.85 -11.81 58.10
CA LEU E 171 105.58 -11.98 59.34
C LEU E 171 106.82 -12.81 59.07
N ASN E 172 107.99 -12.23 59.37
CA ASN E 172 109.27 -12.91 59.19
C ASN E 172 110.05 -12.84 60.49
N ASP E 173 110.60 -13.98 60.91
CA ASP E 173 111.24 -14.08 62.22
C ASP E 173 112.48 -13.20 62.35
N ASP E 174 112.81 -12.43 61.30
CA ASP E 174 113.93 -11.51 61.35
C ASP E 174 113.54 -10.05 61.14
N ASN E 175 112.26 -9.75 60.97
CA ASN E 175 111.81 -8.40 60.71
C ASN E 175 110.67 -8.03 61.64
N VAL E 176 110.60 -6.76 62.03
CA VAL E 176 109.51 -6.31 62.88
C VAL E 176 108.24 -6.17 62.04
N ILE E 177 107.11 -6.14 62.73
CA ILE E 177 105.82 -6.01 62.08
C ILE E 177 105.60 -4.56 61.69
N GLU E 178 105.29 -4.34 60.42
CA GLU E 178 105.00 -3.02 59.90
C GLU E 178 103.60 -2.98 59.31
N TYR E 179 102.95 -1.83 59.46
CA TYR E 179 101.64 -1.59 58.88
C TYR E 179 101.82 -0.57 57.77
N LYS E 180 101.39 -0.91 56.56
CA LYS E 180 101.62 -0.07 55.38
C LYS E 180 100.27 0.38 54.83
N PRO E 181 99.74 1.49 55.33
CA PRO E 181 98.47 2.01 54.81
C PRO E 181 98.67 3.02 53.70
N THR E 182 97.65 3.13 52.85
CA THR E 182 97.54 4.19 51.88
C THR E 182 96.40 5.10 52.31
N LEU E 183 96.65 6.40 52.35
CA LEU E 183 95.67 7.37 52.80
C LEU E 183 95.34 8.32 51.66
N LYS E 184 94.07 8.43 51.33
CA LYS E 184 93.59 9.31 50.29
C LYS E 184 93.10 10.62 50.90
N ALA E 185 93.45 11.74 50.26
CA ALA E 185 93.09 13.06 50.73
C ALA E 185 91.83 13.55 50.05
N PHE E 186 90.88 14.03 50.83
CA PHE E 186 89.64 14.61 50.35
C PHE E 186 89.64 16.11 50.61
N ARG E 187 88.82 16.83 49.86
CA ARG E 187 88.77 18.28 50.00
C ARG E 187 87.93 18.65 51.20
N ASP E 188 88.50 19.47 52.09
CA ASP E 188 87.79 19.91 53.28
C ASP E 188 87.07 21.23 52.98
N ASP E 189 85.76 21.25 53.24
CA ASP E 189 84.96 22.42 52.95
C ASP E 189 85.34 23.60 53.84
N VAL E 190 85.70 23.33 55.09
CA VAL E 190 85.96 24.41 56.03
C VAL E 190 87.23 25.18 55.65
N VAL E 191 88.25 24.48 55.17
CA VAL E 191 89.50 25.13 54.79
C VAL E 191 89.64 25.33 53.29
N GLY E 192 88.85 24.62 52.47
CA GLY E 192 88.81 24.89 51.05
C GLY E 192 89.89 24.26 50.22
N TYR E 193 90.59 23.26 50.74
CA TYR E 193 91.58 22.55 49.93
C TYR E 193 91.71 21.12 50.43
N SER E 194 92.23 20.26 49.56
CA SER E 194 92.49 18.87 49.90
C SER E 194 93.94 18.62 50.31
N VAL E 195 94.89 19.26 49.64
CA VAL E 195 96.30 19.15 49.96
C VAL E 195 96.95 20.51 49.76
N ALA E 196 97.86 20.87 50.66
CA ALA E 196 98.64 22.10 50.52
C ALA E 196 100.09 21.80 50.83
N GLN E 197 100.99 22.52 50.18
CA GLN E 197 102.41 22.38 50.38
C GLN E 197 102.98 23.68 50.90
N GLY E 198 103.87 23.59 51.89
CA GLY E 198 104.42 24.76 52.52
C GLY E 198 105.88 24.58 52.88
N PHE E 199 106.54 25.71 53.07
CA PHE E 199 107.96 25.76 53.42
C PHE E 199 108.13 26.73 54.58
N ALA E 200 109.13 26.47 55.42
CA ALA E 200 109.42 27.35 56.55
C ALA E 200 110.83 27.09 57.03
N GLY E 201 111.30 27.95 57.93
CA GLY E 201 112.60 27.80 58.53
C GLY E 201 113.57 28.89 58.12
N PRO E 202 114.68 29.02 58.84
CA PRO E 202 115.69 30.01 58.45
C PRO E 202 116.28 29.78 57.07
N GLY E 203 116.49 28.53 56.69
CA GLY E 203 116.97 28.25 55.35
C GLY E 203 115.99 28.68 54.28
N TRP E 204 114.71 28.40 54.50
CA TRP E 204 113.71 28.88 53.57
C TRP E 204 113.63 30.39 53.55
N ARG E 205 113.83 31.04 54.70
CA ARG E 205 113.87 32.50 54.72
C ARG E 205 115.01 33.02 53.87
N ASP E 206 116.14 32.31 53.90
CA ASP E 206 117.25 32.65 53.01
C ASP E 206 116.85 32.47 51.54
N LEU E 207 116.10 31.43 51.23
CA LEU E 207 115.84 31.06 49.84
C LEU E 207 114.53 31.57 49.27
N VAL E 208 113.74 32.36 50.02
CA VAL E 208 112.47 32.84 49.49
C VAL E 208 112.69 33.67 48.23
N ALA E 209 113.59 34.64 48.28
CA ALA E 209 113.81 35.53 47.14
C ALA E 209 114.33 34.75 45.94
N THR E 210 115.25 33.81 46.18
CA THR E 210 115.77 32.99 45.08
C THR E 210 114.67 32.13 44.46
N ALA E 211 113.80 31.55 45.30
CA ALA E 211 112.71 30.74 44.78
C ALA E 211 111.71 31.58 43.98
N GLY E 212 111.56 32.84 44.35
CA GLY E 212 110.75 33.75 43.56
C GLY E 212 109.40 34.10 44.14
N PHE E 213 109.22 34.01 45.45
CA PHE E 213 107.99 34.40 46.10
C PHE E 213 108.18 35.76 46.76
N GLY E 214 107.30 36.70 46.42
CA GLY E 214 107.46 38.06 46.90
C GLY E 214 108.50 38.83 46.10
N GLU E 215 109.30 39.65 46.79
CA GLU E 215 110.31 40.47 46.13
C GLU E 215 111.66 40.24 46.80
N ALA E 216 112.72 40.51 46.05
CA ALA E 216 114.07 40.31 46.57
C ALA E 216 114.39 41.31 47.67
N LEU E 217 115.14 40.85 48.66
CA LEU E 217 115.53 41.71 49.79
C LEU E 217 116.61 42.68 49.33
N THR E 218 116.30 43.97 49.35
CA THR E 218 117.25 45.00 48.94
C THR E 218 117.39 46.14 49.92
N ALA E 219 116.41 46.41 50.77
CA ALA E 219 116.49 47.47 51.78
C ALA E 219 116.21 46.86 53.15
N LEU E 220 117.08 47.16 54.11
CA LEU E 220 116.99 46.62 55.46
C LEU E 220 116.48 47.72 56.39
N THR E 221 115.17 47.82 56.51
CA THR E 221 114.58 48.80 57.41
C THR E 221 114.58 48.26 58.84
N ILE E 222 114.43 49.19 59.79
CA ILE E 222 114.44 48.86 61.21
C ILE E 222 113.25 49.55 61.87
N THR E 223 112.88 49.02 63.04
CA THR E 223 111.87 49.61 63.92
C THR E 223 112.24 51.06 64.18
N PRO E 224 111.27 51.93 64.57
CA PRO E 224 111.59 53.35 64.81
C PRO E 224 112.93 53.57 65.51
N GLY E 225 113.77 54.40 64.91
CA GLY E 225 115.15 54.52 65.27
C GLY E 225 115.46 55.39 66.47
N SER E 226 114.46 55.83 67.21
CA SER E 226 114.66 56.65 68.41
C SER E 226 113.89 56.05 69.58
N PRO E 227 114.39 54.95 70.16
CA PRO E 227 113.75 54.39 71.35
C PRO E 227 114.37 54.93 72.63
N THR E 228 113.51 55.15 73.62
CA THR E 228 113.91 55.67 74.92
C THR E 228 113.96 54.53 75.93
N VAL E 229 115.09 54.40 76.62
CA VAL E 229 115.33 53.31 77.55
C VAL E 229 115.78 53.89 78.87
N THR E 230 115.59 53.12 79.95
CA THR E 230 115.86 53.58 81.30
C THR E 230 117.02 52.79 81.90
N VAL E 231 117.95 53.50 82.53
CA VAL E 231 119.06 52.84 83.22
C VAL E 231 118.54 52.02 84.39
N ALA E 232 117.65 52.60 85.19
CA ALA E 232 117.11 51.91 86.35
C ALA E 232 116.21 50.75 85.91
N THR E 233 116.20 49.70 86.73
CA THR E 233 115.38 48.53 86.44
C THR E 233 113.90 48.91 86.48
N GLY E 234 113.16 48.45 85.48
CA GLY E 234 111.74 48.76 85.42
C GLY E 234 111.15 48.31 84.09
N ALA E 235 110.01 48.92 83.75
CA ALA E 235 109.32 48.57 82.51
C ALA E 235 110.14 48.99 81.29
N SER E 236 110.76 50.17 81.34
CA SER E 236 111.45 50.74 80.18
C SER E 236 112.97 50.59 80.29
N HIS E 237 113.45 49.60 81.05
CA HIS E 237 114.89 49.36 81.12
C HIS E 237 115.42 48.59 79.91
N THR E 238 114.54 47.97 79.13
CA THR E 238 114.92 47.25 77.93
C THR E 238 113.96 47.59 76.80
N ALA E 239 114.47 47.56 75.58
CA ALA E 239 113.68 47.84 74.38
C ALA E 239 114.07 46.87 73.28
N GLN E 240 113.08 46.37 72.56
CA GLN E 240 113.28 45.37 71.52
C GLN E 240 113.25 46.02 70.13
N LEU E 241 114.18 45.62 69.27
CA LEU E 241 114.30 46.18 67.94
C LEU E 241 113.98 45.11 66.89
N LEU E 242 113.23 45.50 65.87
CA LEU E 242 112.81 44.60 64.80
C LEU E 242 113.49 45.03 63.51
N VAL E 243 114.11 44.07 62.82
CA VAL E 243 114.81 44.31 61.56
C VAL E 243 114.01 43.65 60.45
N GLU E 244 113.49 44.44 59.53
CA GLU E 244 112.63 43.96 58.47
C GLU E 244 113.23 44.28 57.11
N GLY E 245 112.89 43.47 56.12
CA GLY E 245 113.27 43.75 54.75
C GLY E 245 112.22 44.52 54.00
N ASP E 246 112.58 44.97 52.80
CA ASP E 246 111.64 45.70 51.96
C ASP E 246 110.47 44.83 51.52
N ASN E 247 110.63 43.51 51.55
CA ASN E 247 109.58 42.58 51.15
C ASN E 247 108.72 42.11 52.31
N GLY E 248 108.73 42.84 53.42
CA GLY E 248 107.89 42.49 54.56
C GLY E 248 108.26 41.19 55.25
N ILE E 249 109.55 40.90 55.34
CA ILE E 249 110.05 39.70 56.01
C ILE E 249 110.95 40.13 57.16
N ASN E 250 110.69 39.60 58.35
CA ASN E 250 111.50 39.92 59.52
C ASN E 250 112.84 39.21 59.42
N TYR E 251 113.92 39.98 59.37
CA TYR E 251 115.27 39.44 59.27
C TYR E 251 116.06 39.60 60.56
N THR E 252 115.38 39.78 61.68
CA THR E 252 116.07 39.95 62.96
C THR E 252 116.96 38.76 63.33
N PRO E 253 116.50 37.51 63.25
CA PRO E 253 117.42 36.40 63.52
C PRO E 253 118.59 36.33 62.54
N ASP E 254 118.39 36.75 61.29
CA ASP E 254 119.46 36.65 60.30
C ASP E 254 120.52 37.71 60.49
N VAL E 255 120.12 38.92 60.90
CA VAL E 255 121.07 40.02 61.04
C VAL E 255 121.87 39.87 62.34
N VAL E 256 122.93 40.66 62.48
CA VAL E 256 123.81 40.63 63.64
C VAL E 256 123.68 41.97 64.36
N PHE E 257 123.32 41.91 65.64
CA PHE E 257 123.12 43.11 66.46
C PHE E 257 124.43 43.52 67.12
N THR E 258 124.81 44.79 66.94
CA THR E 258 126.00 45.34 67.58
C THR E 258 125.68 46.73 68.11
N SER E 259 126.40 47.13 69.15
CA SER E 259 126.28 48.46 69.74
C SER E 259 127.63 49.15 69.69
N SER E 260 127.65 50.34 69.05
CA SER E 260 128.89 51.12 69.01
C SER E 260 129.26 51.66 70.37
N ALA E 261 128.28 51.91 71.23
CA ALA E 261 128.49 52.44 72.58
C ALA E 261 127.80 51.53 73.58
N PRO E 262 128.44 50.42 73.95
CA PRO E 262 127.80 49.50 74.91
C PRO E 262 127.56 50.12 76.27
N ASP E 263 128.25 51.20 76.61
CA ASP E 263 128.02 51.85 77.90
C ASP E 263 126.61 52.40 78.01
N LYS E 264 126.08 52.95 76.91
CA LYS E 264 124.76 53.57 76.95
C LYS E 264 123.66 52.51 76.90
N ALA E 265 123.62 51.73 75.83
CA ALA E 265 122.65 50.66 75.66
C ALA E 265 123.39 49.40 75.26
N SER E 266 123.28 48.36 76.08
CA SER E 266 123.91 47.08 75.79
C SER E 266 122.92 46.23 74.98
N VAL E 267 123.35 45.79 73.80
CA VAL E 267 122.47 45.07 72.88
C VAL E 267 122.77 43.58 72.96
N SER E 268 121.72 42.78 73.00
CA SER E 268 121.84 41.33 72.99
C SER E 268 121.74 40.81 71.56
N ALA E 269 121.94 39.51 71.39
CA ALA E 269 121.88 38.91 70.06
C ALA E 269 120.47 39.00 69.48
N ALA E 270 119.44 38.77 70.31
CA ALA E 270 118.07 38.79 69.83
C ALA E 270 117.61 40.19 69.43
N GLY E 271 118.27 41.23 69.93
CA GLY E 271 117.88 42.58 69.57
C GLY E 271 117.25 43.35 70.72
N LEU E 272 117.71 43.09 71.93
CA LEU E 272 117.23 43.79 73.12
C LEU E 272 118.32 44.74 73.62
N VAL E 273 118.02 46.02 73.67
CA VAL E 273 118.93 47.04 74.18
C VAL E 273 118.52 47.36 75.61
N THR E 274 119.48 47.26 76.53
CA THR E 274 119.27 47.51 77.94
C THR E 274 119.98 48.81 78.33
N GLY E 275 119.27 49.69 79.01
CA GLY E 275 119.85 50.96 79.41
C GLY E 275 120.83 50.77 80.55
N VAL E 276 122.08 51.21 80.35
CA VAL E 276 123.13 51.08 81.36
C VAL E 276 123.63 52.44 81.83
N ALA E 277 123.78 53.39 80.91
CA ALA E 277 124.23 54.74 81.28
C ALA E 277 123.54 55.75 80.37
N ALA E 278 123.19 56.89 80.94
CA ALA E 278 122.43 57.90 80.22
C ALA E 278 123.24 58.51 79.08
N GLY E 279 122.55 58.86 78.00
CA GLY E 279 123.17 59.41 76.82
C GLY E 279 122.55 58.91 75.53
N SER E 280 123.36 58.74 74.49
CA SER E 280 122.89 58.22 73.21
C SER E 280 123.81 57.10 72.75
N ALA E 281 123.22 56.09 72.10
CA ALA E 281 123.96 54.95 71.59
C ALA E 281 123.56 54.66 70.16
N THR E 282 124.46 54.02 69.43
CA THR E 282 124.20 53.59 68.06
C THR E 282 124.10 52.08 68.01
N ILE E 283 122.98 51.58 67.49
CA ILE E 283 122.75 50.15 67.34
C ILE E 283 122.71 49.83 65.86
N THR E 284 123.53 48.88 65.43
CA THR E 284 123.68 48.52 64.03
C THR E 284 123.38 47.03 63.84
N ALA E 285 122.49 46.74 62.89
CA ALA E 285 122.18 45.37 62.51
C ALA E 285 122.56 45.17 61.05
N THR E 286 123.48 44.25 60.79
CA THR E 286 124.03 44.07 59.45
C THR E 286 123.69 42.67 58.93
N LYS E 287 123.56 42.58 57.60
CA LYS E 287 123.30 41.32 56.93
C LYS E 287 123.91 41.44 55.53
N GLY E 288 125.02 40.76 55.31
CA GLY E 288 125.72 40.91 54.04
C GLY E 288 126.12 42.36 53.83
N ALA E 289 125.75 42.90 52.66
CA ALA E 289 126.00 44.31 52.39
C ALA E 289 125.00 45.22 53.11
N LEU E 290 123.80 44.73 53.39
CA LEU E 290 122.77 45.58 53.96
C LEU E 290 123.04 45.87 55.43
N THR E 291 122.56 47.02 55.89
CA THR E 291 122.70 47.41 57.28
C THR E 291 121.58 48.35 57.68
N ALA E 292 121.30 48.39 58.98
CA ALA E 292 120.34 49.31 59.56
C ALA E 292 120.91 49.87 60.85
N THR E 293 120.59 51.12 61.14
CA THR E 293 121.13 51.82 62.30
C THR E 293 120.01 52.52 63.05
N ALA E 294 120.19 52.65 64.37
CA ALA E 294 119.21 53.32 65.21
C ALA E 294 119.92 54.03 66.36
N THR E 295 119.49 55.26 66.66
CA THR E 295 120.06 56.05 67.74
C THR E 295 119.15 55.92 68.96
N VAL E 296 119.62 55.22 69.97
CA VAL E 296 118.83 54.93 71.17
C VAL E 296 119.17 55.97 72.23
N THR E 297 118.13 56.55 72.84
CA THR E 297 118.30 57.48 73.94
C THR E 297 118.17 56.74 75.26
N VAL E 298 119.09 57.01 76.18
CA VAL E 298 119.12 56.35 77.49
C VAL E 298 118.99 57.44 78.55
N THR E 299 118.06 57.25 79.48
CA THR E 299 117.83 58.19 80.56
C THR E 299 118.01 57.49 81.91
N ALA E 300 118.60 58.20 82.86
CA ALA E 300 118.83 57.64 84.18
C ALA E 300 117.52 57.43 84.93
N THR F 2 109.50 23.69 68.00
CA THR F 2 109.88 22.43 68.61
C THR F 2 110.66 21.58 67.60
N ASP F 3 111.72 20.93 68.08
CA ASP F 3 112.56 20.14 67.19
C ASP F 3 111.86 18.86 66.75
N PHE F 4 112.33 18.31 65.63
CA PHE F 4 111.73 17.09 65.10
C PHE F 4 111.83 15.93 66.05
N TYR F 5 112.88 15.84 66.85
CA TYR F 5 112.98 14.72 67.79
C TYR F 5 111.78 14.71 68.73
N THR F 6 111.50 15.85 69.37
CA THR F 6 110.36 15.94 70.26
C THR F 6 109.04 15.77 69.52
N ILE F 7 108.91 16.38 68.35
CA ILE F 7 107.63 16.33 67.63
C ILE F 7 107.33 14.91 67.15
N LYS F 8 108.35 14.20 66.67
CA LYS F 8 108.18 12.82 66.22
C LYS F 8 107.95 11.87 67.37
N ASP F 9 108.65 12.08 68.49
CA ASP F 9 108.55 11.27 69.70
C ASP F 9 108.42 9.77 69.38
N ALA F 10 109.33 9.30 68.54
CA ALA F 10 109.32 7.90 68.14
C ALA F 10 109.87 7.01 69.24
N GLN F 11 109.26 5.84 69.41
CA GLN F 11 109.67 4.87 70.42
C GLN F 11 109.97 3.54 69.73
N ALA F 12 111.26 3.23 69.56
CA ALA F 12 111.65 1.98 68.94
C ALA F 12 111.15 0.78 69.72
N ASP F 13 110.95 0.92 71.03
CA ASP F 13 110.42 -0.16 71.84
C ASP F 13 109.03 -0.58 71.39
N LEU F 14 108.30 0.29 70.70
CA LEU F 14 106.98 -0.08 70.19
C LEU F 14 107.04 -0.87 68.90
N ALA F 15 108.24 -1.19 68.42
CA ALA F 15 108.41 -2.07 67.27
C ALA F 15 108.56 -3.50 67.76
N ILE F 16 107.61 -4.36 67.40
CA ILE F 16 107.57 -5.73 67.88
C ILE F 16 107.84 -6.67 66.72
N ALA F 17 108.83 -7.55 66.90
CA ALA F 17 109.21 -8.51 65.87
C ALA F 17 108.71 -9.89 66.25
N PRO F 18 107.88 -10.53 65.42
CA PRO F 18 107.39 -11.87 65.75
C PRO F 18 108.50 -12.91 65.64
N LEU F 19 109.35 -12.99 66.66
CA LEU F 19 110.52 -13.85 66.58
C LEU F 19 110.13 -15.32 66.45
N ASN F 20 109.12 -15.76 67.19
CA ASN F 20 108.63 -17.12 67.05
C ASN F 20 107.11 -17.12 66.91
N LEU F 21 106.61 -17.79 65.88
CA LEU F 21 105.19 -17.74 65.56
C LEU F 21 104.60 -19.14 65.51
N THR F 22 103.39 -19.31 66.04
CA THR F 22 102.67 -20.56 65.94
C THR F 22 101.24 -20.30 65.51
N VAL F 23 100.68 -21.28 64.80
CA VAL F 23 99.29 -21.27 64.36
C VAL F 23 98.60 -22.47 65.01
N LEU F 24 97.54 -22.20 65.75
CA LEU F 24 96.76 -23.22 66.42
C LEU F 24 95.37 -23.27 65.80
N LEU F 25 94.96 -24.46 65.37
CA LEU F 25 93.65 -24.67 64.76
C LEU F 25 92.78 -25.52 65.68
N ALA F 26 91.50 -25.16 65.75
CA ALA F 26 90.55 -25.88 66.56
C ALA F 26 89.30 -26.17 65.73
N PRO F 27 88.60 -27.27 66.04
CA PRO F 27 87.32 -27.51 65.37
C PRO F 27 86.31 -26.42 65.71
N TYR F 28 85.35 -26.23 64.81
CA TYR F 28 84.38 -25.16 64.98
C TYR F 28 83.53 -25.32 66.23
N SER F 29 83.47 -26.53 66.79
CA SER F 29 82.71 -26.74 68.02
C SER F 29 83.45 -26.24 69.25
N THR F 30 84.75 -26.00 69.15
CA THR F 30 85.51 -25.50 70.28
C THR F 30 85.09 -24.08 70.64
N THR F 31 85.03 -23.78 71.93
CA THR F 31 84.69 -22.45 72.39
C THR F 31 85.76 -21.45 71.93
N PRO F 32 85.39 -20.34 71.30
CA PRO F 32 86.39 -19.42 70.77
C PRO F 32 87.21 -18.78 71.89
N ALA F 33 88.44 -18.43 71.55
CA ALA F 33 89.35 -17.78 72.48
C ALA F 33 89.06 -16.28 72.51
N THR F 34 88.55 -15.79 73.63
CA THR F 34 88.33 -14.35 73.77
C THR F 34 89.64 -13.62 74.04
N THR F 35 90.55 -14.24 74.78
CA THR F 35 91.85 -13.64 75.07
C THR F 35 92.84 -14.75 75.34
N LEU F 36 94.13 -14.44 75.13
CA LEU F 36 95.21 -15.38 75.38
C LEU F 36 95.96 -15.08 76.67
N GLU F 37 95.40 -14.23 77.53
CA GLU F 37 96.05 -13.83 78.76
C GLU F 37 95.42 -14.59 79.91
N SER F 38 96.24 -15.29 80.69
CA SER F 38 95.72 -16.09 81.79
C SER F 38 95.18 -15.16 82.88
N PRO F 39 93.93 -15.34 83.31
CA PRO F 39 93.37 -14.42 84.32
C PRO F 39 94.11 -14.42 85.64
N THR F 40 94.70 -15.56 86.04
CA THR F 40 95.34 -15.63 87.35
C THR F 40 96.69 -14.92 87.38
N ASP F 41 97.49 -15.03 86.33
CA ASP F 41 98.84 -14.48 86.37
C ASP F 41 99.25 -13.79 85.06
N GLY F 42 98.36 -13.65 84.10
CA GLY F 42 98.72 -12.96 82.87
C GLY F 42 99.66 -13.73 81.97
N SER F 43 99.78 -15.03 82.16
CA SER F 43 100.63 -15.85 81.30
C SER F 43 99.87 -16.23 80.04
N LEU F 44 100.55 -16.96 79.16
CA LEU F 44 99.95 -17.38 77.89
C LEU F 44 99.07 -18.59 78.13
N ALA F 45 97.76 -18.43 77.92
CA ALA F 45 96.80 -19.49 78.13
C ALA F 45 96.07 -19.78 76.82
N ILE F 46 96.21 -20.99 76.33
CA ILE F 46 95.52 -21.45 75.12
C ILE F 46 94.31 -22.27 75.55
N PRO F 47 93.11 -21.96 75.05
CA PRO F 47 91.94 -22.73 75.45
C PRO F 47 92.04 -24.16 74.97
N PRO F 48 91.40 -25.10 75.66
CA PRO F 48 91.42 -26.49 75.20
C PRO F 48 90.73 -26.63 73.84
N GLY F 49 91.24 -27.56 73.05
CA GLY F 49 90.74 -27.80 71.71
C GLY F 49 91.58 -27.19 70.61
N TYR F 50 92.42 -26.21 70.94
CA TYR F 50 93.31 -25.59 69.97
C TYR F 50 94.60 -26.39 69.87
N LYS F 51 94.91 -26.86 68.67
CA LYS F 51 96.10 -27.66 68.43
C LYS F 51 96.99 -26.98 67.41
N SER F 52 98.30 -26.98 67.68
CA SER F 52 99.26 -26.35 66.79
C SER F 52 99.41 -27.14 65.50
N VAL F 53 99.82 -26.45 64.44
CA VAL F 53 100.11 -27.08 63.16
C VAL F 53 101.59 -27.39 63.01
N GLY F 54 102.39 -27.18 64.05
CA GLY F 54 103.79 -27.48 64.01
C GLY F 54 104.60 -26.46 63.24
N HIS F 55 105.76 -26.91 62.77
CA HIS F 55 106.68 -26.04 62.04
C HIS F 55 106.10 -25.63 60.70
N PHE F 56 106.46 -24.43 60.25
CA PHE F 56 106.14 -23.99 58.90
C PHE F 56 107.36 -23.30 58.32
N GLU F 57 107.32 -23.08 57.00
CA GLU F 57 108.50 -22.62 56.27
C GLU F 57 108.93 -21.22 56.72
N LYS F 58 110.23 -21.07 56.93
CA LYS F 58 110.76 -19.80 57.42
C LYS F 58 110.78 -18.73 56.34
N GLN F 59 111.19 -19.08 55.13
CA GLN F 59 111.30 -18.09 54.07
C GLN F 59 109.94 -17.53 53.68
N ALA F 60 108.94 -18.41 53.54
CA ALA F 60 107.59 -17.93 53.24
C ALA F 60 107.04 -17.11 54.40
N GLY F 61 107.30 -17.53 55.63
CA GLY F 61 106.73 -16.85 56.77
C GLY F 61 105.21 -17.05 56.78
N LEU F 62 104.54 -16.15 57.49
CA LEU F 62 103.10 -16.07 57.47
C LEU F 62 102.70 -14.73 56.88
N THR F 63 101.82 -14.75 55.90
CA THR F 63 101.37 -13.53 55.24
C THR F 63 99.90 -13.29 55.57
N LEU F 64 99.61 -12.11 56.10
CA LEU F 64 98.26 -11.65 56.38
C LEU F 64 97.83 -10.68 55.29
N GLY F 65 96.70 -10.96 54.65
CA GLY F 65 96.20 -10.17 53.55
C GLY F 65 94.89 -9.50 53.92
N ASN F 66 94.85 -8.19 53.72
CA ASN F 66 93.65 -7.38 53.92
C ASN F 66 93.23 -6.82 52.57
N GLU F 67 91.99 -7.09 52.17
CA GLU F 67 91.46 -6.64 50.90
C GLU F 67 90.25 -5.77 51.15
N PHE F 68 90.29 -4.54 50.65
CA PHE F 68 89.21 -3.58 50.83
C PHE F 68 88.40 -3.45 49.55
N ASP F 69 87.09 -3.63 49.66
CA ASP F 69 86.17 -3.31 48.57
C ASP F 69 85.59 -1.93 48.88
N SER F 70 85.81 -0.98 47.97
CA SER F 70 85.47 0.41 48.20
C SER F 70 84.54 0.92 47.11
N LYS F 71 83.82 1.99 47.45
CA LYS F 71 82.87 2.62 46.53
C LYS F 71 82.94 4.13 46.73
N ASP F 72 83.31 4.86 45.68
CA ASP F 72 83.38 6.31 45.74
C ASP F 72 81.99 6.91 45.55
N ILE F 73 81.71 7.98 46.30
CA ILE F 73 80.45 8.70 46.20
C ILE F 73 80.74 10.03 45.53
N GLU F 74 80.11 10.26 44.38
CA GLU F 74 80.36 11.45 43.57
C GLU F 74 79.23 12.44 43.76
N ALA F 75 79.59 13.70 43.95
CA ALA F 75 78.62 14.78 44.13
C ALA F 75 78.45 15.55 42.83
N TYR F 76 77.22 16.03 42.61
CA TYR F 76 76.92 16.79 41.41
C TYR F 76 77.70 18.10 41.37
N GLY F 77 77.80 18.78 42.52
CA GLY F 77 78.47 20.06 42.57
C GLY F 77 79.91 19.98 43.02
N GLU F 78 80.52 18.80 42.92
CA GLU F 78 81.90 18.60 43.34
C GLU F 78 82.62 17.72 42.34
N PRO F 79 83.82 18.11 41.90
CA PRO F 79 84.54 17.29 40.91
C PRO F 79 85.08 15.98 41.49
N GLU F 80 85.73 16.03 42.64
CA GLU F 80 86.24 14.81 43.26
C GLU F 80 85.14 14.11 44.05
N PRO F 81 85.30 12.82 44.32
CA PRO F 81 84.36 12.13 45.22
C PRO F 81 84.41 12.74 46.61
N ILE F 82 83.22 13.05 47.14
CA ILE F 82 83.13 13.64 48.47
C ILE F 82 83.50 12.64 49.54
N ARG F 83 83.06 11.39 49.39
CA ARG F 83 83.28 10.36 50.40
C ARG F 83 83.59 9.05 49.69
N THR F 84 84.12 8.10 50.45
CA THR F 84 84.27 6.73 50.00
C THR F 84 83.77 5.79 51.09
N ILE F 85 83.16 4.69 50.67
CA ILE F 85 82.57 3.70 51.57
C ILE F 85 83.33 2.40 51.43
N ILE F 86 83.82 1.87 52.54
CA ILE F 86 84.44 0.55 52.57
C ILE F 86 83.33 -0.46 52.83
N ASN F 87 82.86 -1.12 51.78
CA ASN F 87 81.77 -2.07 51.91
C ASN F 87 82.15 -3.24 52.79
N LYS F 88 83.36 -3.78 52.60
CA LYS F 88 83.79 -4.95 53.34
C LYS F 88 85.31 -4.98 53.39
N ARG F 89 85.83 -5.71 54.37
CA ARG F 89 87.25 -6.01 54.47
C ARG F 89 87.40 -7.51 54.57
N THR F 90 88.15 -8.09 53.66
CA THR F 90 88.42 -9.53 53.64
C THR F 90 89.79 -9.79 54.22
N THR F 91 89.86 -10.67 55.20
CA THR F 91 91.11 -11.04 55.86
C THR F 91 91.45 -12.48 55.52
N THR F 92 92.68 -12.71 55.07
CA THR F 92 93.19 -14.03 54.80
C THR F 92 94.58 -14.15 55.41
N PHE F 93 95.03 -15.39 55.57
CA PHE F 93 96.42 -15.61 55.98
C PHE F 93 96.91 -16.94 55.41
N ASP F 94 98.17 -16.96 55.02
CA ASP F 94 98.75 -18.15 54.42
C ASP F 94 100.16 -18.40 54.94
N PHE F 95 100.57 -19.66 54.87
CA PHE F 95 101.81 -20.17 55.42
C PHE F 95 102.04 -21.56 54.84
N ALA F 96 103.24 -22.10 55.04
CA ALA F 96 103.64 -23.37 54.44
C ALA F 96 104.03 -24.37 55.53
N MET F 97 103.07 -25.21 55.93
CA MET F 97 103.30 -26.20 56.97
C MET F 97 104.20 -27.34 56.46
N TYR F 98 105.08 -27.81 57.35
CA TYR F 98 105.96 -28.94 57.08
C TYR F 98 105.41 -30.26 57.58
N GLN F 99 104.87 -30.29 58.78
CA GLN F 99 104.54 -31.56 59.44
C GLN F 99 103.35 -32.23 58.78
N ASN F 100 103.36 -33.56 58.82
CA ASN F 100 102.36 -34.39 58.16
C ASN F 100 101.36 -34.97 59.15
N GLN F 101 100.94 -34.17 60.13
CA GLN F 101 100.06 -34.64 61.18
C GLN F 101 98.59 -34.56 60.75
N ARG F 102 97.73 -35.10 61.61
CA ARG F 102 96.35 -35.35 61.22
C ARG F 102 95.57 -34.05 61.00
N ASN F 103 95.75 -33.05 61.86
CA ASN F 103 94.99 -31.82 61.69
C ASN F 103 95.44 -31.07 60.45
N VAL F 104 96.73 -31.08 60.16
CA VAL F 104 97.24 -30.48 58.93
C VAL F 104 96.64 -31.17 57.72
N LEU F 105 96.64 -32.50 57.71
CA LEU F 105 96.12 -33.24 56.57
C LEU F 105 94.61 -33.05 56.43
N GLU F 106 93.90 -32.98 57.55
CA GLU F 106 92.47 -32.73 57.52
C GLU F 106 92.17 -31.36 56.93
N LEU F 107 92.95 -30.34 57.31
CA LEU F 107 92.78 -29.02 56.73
C LEU F 107 93.04 -29.05 55.23
N ILE F 108 94.10 -29.75 54.82
CA ILE F 108 94.48 -29.79 53.40
C ILE F 108 93.40 -30.48 52.57
N TRP F 109 92.86 -31.60 53.07
CA TRP F 109 91.95 -32.41 52.28
C TRP F 109 90.48 -32.08 52.53
N THR F 110 90.16 -31.14 53.42
CA THR F 110 88.79 -30.78 53.75
C THR F 110 87.99 -32.01 54.16
N GLN F 111 88.60 -32.87 54.96
CA GLN F 111 87.98 -34.11 55.39
C GLN F 111 88.28 -34.34 56.86
N ASP F 112 87.38 -35.04 57.54
CA ASP F 112 87.59 -35.45 58.92
C ASP F 112 88.20 -36.84 58.95
N PHE F 113 89.41 -36.97 59.49
CA PHE F 113 90.14 -38.22 59.51
C PHE F 113 90.20 -38.83 60.90
N SER F 114 89.21 -38.52 61.74
CA SER F 114 89.20 -39.08 63.09
C SER F 114 88.87 -40.56 63.07
N ASN F 115 88.16 -41.03 62.04
CA ASN F 115 87.79 -42.43 61.91
C ASN F 115 88.81 -43.25 61.13
N ILE F 116 89.91 -42.64 60.70
CA ILE F 116 90.91 -43.37 59.93
C ILE F 116 91.70 -44.26 60.89
N GLN F 117 91.63 -45.58 60.66
CA GLN F 117 92.30 -46.54 61.50
C GLN F 117 93.56 -47.03 60.80
N PRO F 118 94.74 -46.89 61.40
CA PRO F 118 95.95 -47.42 60.77
C PRO F 118 95.87 -48.92 60.58
N SER F 119 96.51 -49.40 59.51
CA SER F 119 96.51 -50.81 59.20
C SER F 119 97.37 -51.56 60.21
N GLU F 120 97.51 -52.88 60.01
CA GLU F 120 98.20 -53.73 60.96
C GLU F 120 99.66 -53.31 61.16
N PHE F 121 100.28 -52.66 60.18
CA PHE F 121 101.67 -52.23 60.29
C PHE F 121 101.80 -50.71 60.28
N GLY F 122 100.71 -49.99 60.53
CA GLY F 122 100.77 -48.56 60.71
C GLY F 122 100.35 -47.73 59.51
N GLY F 123 100.24 -48.34 58.33
CA GLY F 123 99.91 -47.57 57.14
C GLY F 123 98.52 -46.98 57.22
N ILE F 124 98.37 -45.77 56.67
CA ILE F 124 97.09 -45.09 56.57
C ILE F 124 96.91 -44.61 55.13
N VAL F 125 95.65 -44.46 54.74
CA VAL F 125 95.28 -43.96 53.43
C VAL F 125 94.19 -42.92 53.60
N LEU F 126 94.41 -41.72 53.05
CA LEU F 126 93.51 -40.59 53.22
C LEU F 126 92.91 -40.22 51.87
N GLU F 127 91.77 -40.83 51.55
CA GLU F 127 91.09 -40.50 50.30
C GLU F 127 90.44 -39.13 50.38
N ALA F 128 90.52 -38.38 49.28
CA ALA F 128 89.84 -37.10 49.21
C ALA F 128 88.33 -37.31 49.10
N PRO F 129 87.54 -36.41 49.66
CA PRO F 129 86.08 -36.57 49.59
C PRO F 129 85.58 -36.45 48.16
N LYS F 130 84.45 -37.11 47.90
CA LYS F 130 83.83 -37.03 46.57
C LYS F 130 83.47 -35.59 46.23
N VAL F 131 82.89 -34.87 47.19
CA VAL F 131 82.62 -33.45 47.08
C VAL F 131 83.39 -32.74 48.18
N PRO F 132 84.12 -31.67 47.90
CA PRO F 132 84.85 -30.96 48.95
C PRO F 132 83.89 -30.49 50.04
N LYS F 133 84.36 -30.59 51.29
CA LYS F 133 83.54 -30.30 52.45
C LYS F 133 83.89 -28.91 52.99
N ASN F 134 82.87 -28.09 53.21
CA ASN F 134 83.05 -26.73 53.70
C ASN F 134 83.14 -26.78 55.21
N ILE F 135 84.38 -26.85 55.71
CA ILE F 135 84.65 -27.01 57.14
C ILE F 135 85.27 -25.72 57.66
N TYR F 136 84.81 -25.27 58.82
CA TYR F 136 85.32 -24.08 59.46
C TYR F 136 86.11 -24.45 60.71
N TYR F 137 87.13 -23.67 60.99
CA TYR F 137 87.99 -23.87 62.16
C TYR F 137 88.11 -22.55 62.92
N ARG F 138 88.75 -22.62 64.08
CA ARG F 138 89.10 -21.45 64.87
C ARG F 138 90.62 -21.35 64.91
N ALA F 139 91.14 -20.16 64.61
CA ALA F 139 92.57 -19.98 64.43
C ALA F 139 93.13 -19.01 65.48
N ILE F 140 94.26 -19.39 66.04
CA ILE F 140 95.04 -18.52 66.91
C ILE F 140 96.44 -18.40 66.31
N LEU F 141 96.81 -17.20 65.91
CA LEU F 141 98.14 -16.93 65.35
C LEU F 141 98.91 -16.13 66.39
N VAL F 142 99.73 -16.80 67.18
CA VAL F 142 100.39 -16.17 68.32
C VAL F 142 101.89 -16.10 68.07
N GLY F 143 102.46 -14.92 68.26
CA GLY F 143 103.89 -14.71 68.07
C GLY F 143 104.51 -14.15 69.32
N MET F 144 105.77 -14.51 69.54
CA MET F 144 106.53 -14.17 70.72
C MET F 144 107.76 -13.39 70.31
N ASP F 145 107.96 -12.25 70.97
CA ASP F 145 109.15 -11.42 70.84
C ASP F 145 109.84 -11.39 72.20
N ASP F 146 111.03 -11.99 72.27
CA ASP F 146 111.78 -12.07 73.51
C ASP F 146 112.71 -10.86 73.60
N ARG F 147 112.42 -9.95 74.52
CA ARG F 147 113.24 -8.76 74.73
C ARG F 147 113.57 -8.65 76.22
N ASN F 148 114.86 -8.77 76.54
CA ASN F 148 115.34 -8.65 77.91
C ASN F 148 114.62 -9.63 78.84
N ASP F 149 114.37 -10.83 78.35
CA ASP F 149 113.68 -11.89 79.09
C ASP F 149 112.29 -11.47 79.53
N ARG F 150 111.69 -10.50 78.85
CA ARG F 150 110.33 -10.05 79.13
C ARG F 150 109.54 -10.16 77.83
N PRO F 151 108.97 -11.34 77.55
CA PRO F 151 108.39 -11.57 76.23
C PRO F 151 107.14 -10.74 75.99
N ILE F 152 106.91 -10.46 74.71
CA ILE F 152 105.68 -9.85 74.24
C ILE F 152 104.99 -10.87 73.34
N TRP F 153 103.77 -11.25 73.71
CA TRP F 153 102.97 -12.17 72.91
C TRP F 153 101.92 -11.34 72.16
N LEU F 154 102.06 -11.28 70.85
CA LEU F 154 101.10 -10.59 69.99
C LEU F 154 100.37 -11.63 69.16
N TYR F 155 99.04 -11.58 69.17
CA TYR F 155 98.26 -12.67 68.63
C TYR F 155 97.09 -12.14 67.81
N TRP F 156 96.68 -12.96 66.84
CA TRP F 156 95.48 -12.74 66.05
C TRP F 156 94.51 -13.88 66.32
N LEU F 157 93.31 -13.52 66.76
CA LEU F 157 92.24 -14.48 67.01
C LEU F 157 91.26 -14.40 65.85
N MET F 158 91.07 -15.52 65.15
CA MET F 158 90.10 -15.60 64.06
C MET F 158 89.13 -16.73 64.36
N PRO F 159 87.95 -16.44 64.94
CA PRO F 159 87.06 -17.51 65.41
C PRO F 159 86.52 -18.40 64.31
N LYS F 160 86.61 -17.99 63.04
CA LYS F 160 86.03 -18.76 61.95
C LYS F 160 86.95 -18.62 60.74
N VAL F 161 87.64 -19.70 60.39
CA VAL F 161 88.53 -19.70 59.24
C VAL F 161 88.17 -20.87 58.34
N LYS F 162 88.26 -20.65 57.03
CA LYS F 162 87.96 -21.68 56.05
C LYS F 162 89.06 -21.73 55.01
N LEU F 163 89.37 -22.94 54.54
CA LEU F 163 90.35 -23.12 53.47
C LEU F 163 89.86 -22.48 52.18
N ASP F 164 90.47 -21.35 51.79
CA ASP F 164 90.06 -20.65 50.59
C ASP F 164 90.73 -21.23 49.35
N LYS F 165 92.05 -21.48 49.43
CA LYS F 165 92.77 -22.02 48.29
C LYS F 165 94.00 -22.76 48.81
N LEU F 166 94.54 -23.62 47.96
CA LEU F 166 95.72 -24.43 48.28
C LEU F 166 96.75 -24.28 47.18
N ASP F 167 97.97 -23.93 47.55
CA ASP F 167 99.02 -23.71 46.58
C ASP F 167 99.54 -25.04 46.02
N ASN F 168 100.14 -24.95 44.84
CA ASN F 168 100.70 -26.13 44.18
C ASN F 168 101.88 -26.67 44.98
N GLN F 169 101.98 -28.00 45.03
CA GLN F 169 103.09 -28.67 45.71
C GLN F 169 104.10 -29.15 44.67
N THR F 170 105.37 -28.87 44.92
CA THR F 170 106.45 -29.35 44.08
C THR F 170 107.31 -30.32 44.89
N LEU F 171 107.48 -31.53 44.36
CA LEU F 171 108.28 -32.54 45.03
C LEU F 171 109.70 -32.49 44.50
N ASN F 172 110.65 -32.15 45.37
CA ASN F 172 112.05 -32.03 45.01
C ASN F 172 112.89 -32.92 45.90
N ASP F 173 113.79 -33.69 45.31
CA ASP F 173 114.55 -34.70 46.04
C ASP F 173 115.47 -34.09 47.11
N ASP F 174 115.45 -32.76 47.26
CA ASP F 174 116.26 -32.10 48.27
C ASP F 174 115.44 -31.25 49.23
N ASN F 175 114.11 -31.30 49.15
CA ASN F 175 113.25 -30.49 50.01
C ASN F 175 112.13 -31.35 50.56
N VAL F 176 111.71 -31.03 51.79
CA VAL F 176 110.57 -31.74 52.37
C VAL F 176 109.29 -31.30 51.68
N ILE F 177 108.22 -32.07 51.91
CA ILE F 177 106.93 -31.74 51.34
C ILE F 177 106.23 -30.73 52.23
N GLU F 178 105.87 -29.58 51.67
CA GLU F 178 105.18 -28.53 52.39
C GLU F 178 103.78 -28.35 51.82
N TYR F 179 102.83 -28.09 52.71
CA TYR F 179 101.45 -27.80 52.34
C TYR F 179 101.21 -26.32 52.61
N LYS F 180 100.84 -25.57 51.57
CA LYS F 180 100.69 -24.12 51.68
C LYS F 180 99.24 -23.74 51.50
N PRO F 181 98.44 -23.68 52.55
CA PRO F 181 97.06 -23.24 52.43
C PRO F 181 96.89 -21.75 52.67
N THR F 182 95.82 -21.22 52.10
CA THR F 182 95.33 -19.88 52.40
C THR F 182 94.01 -20.03 53.13
N LEU F 183 93.88 -19.36 54.27
CA LEU F 183 92.69 -19.45 55.09
C LEU F 183 92.03 -18.09 55.15
N LYS F 184 90.73 -18.04 54.83
CA LYS F 184 89.94 -16.83 54.86
C LYS F 184 89.13 -16.78 56.14
N ALA F 185 89.08 -15.59 56.75
CA ALA F 185 88.36 -15.39 58.00
C ALA F 185 86.94 -14.90 57.73
N PHE F 186 85.99 -15.45 58.49
CA PHE F 186 84.59 -15.07 58.43
C PHE F 186 84.16 -14.54 59.78
N ARG F 187 83.13 -13.70 59.78
CA ARG F 187 82.64 -13.11 61.02
C ARG F 187 81.82 -14.14 61.79
N ASP F 188 82.22 -14.38 63.04
CA ASP F 188 81.49 -15.31 63.89
C ASP F 188 80.39 -14.57 64.64
N ASP F 189 79.16 -15.08 64.54
CA ASP F 189 78.04 -14.41 65.17
C ASP F 189 78.13 -14.45 66.68
N VAL F 190 78.64 -15.55 67.25
CA VAL F 190 78.66 -15.70 68.69
C VAL F 190 79.61 -14.69 69.34
N VAL F 191 80.76 -14.44 68.70
CA VAL F 191 81.73 -13.51 69.26
C VAL F 191 81.66 -12.12 68.63
N GLY F 192 81.00 -11.98 67.49
CA GLY F 192 80.73 -10.69 66.91
C GLY F 192 81.85 -10.09 66.08
N TYR F 193 82.95 -10.80 65.87
CA TYR F 193 84.03 -10.30 65.04
C TYR F 193 84.61 -11.43 64.21
N SER F 194 85.37 -11.05 63.18
CA SER F 194 86.07 -12.01 62.33
C SER F 194 87.54 -12.12 62.67
N VAL F 195 88.20 -11.01 62.98
CA VAL F 195 89.60 -10.99 63.35
C VAL F 195 89.80 -10.03 64.50
N ALA F 196 90.62 -10.41 65.47
CA ALA F 196 90.98 -9.54 66.57
C ALA F 196 92.48 -9.62 66.80
N GLN F 197 93.07 -8.50 67.18
CA GLN F 197 94.50 -8.43 67.48
C GLN F 197 94.69 -8.09 68.95
N GLY F 198 95.60 -8.81 69.61
CA GLY F 198 95.80 -8.64 71.03
C GLY F 198 97.27 -8.74 71.40
N PHE F 199 97.58 -8.21 72.58
CA PHE F 199 98.93 -8.20 73.13
C PHE F 199 98.90 -8.67 74.57
N ALA F 200 100.01 -9.24 75.02
CA ALA F 200 100.12 -9.71 76.39
C ALA F 200 101.60 -9.89 76.73
N GLY F 201 101.88 -10.07 78.01
CA GLY F 201 103.21 -10.33 78.47
C GLY F 201 103.79 -9.19 79.29
N PRO F 202 104.86 -9.47 80.04
CA PRO F 202 105.50 -8.40 80.83
C PRO F 202 106.02 -7.25 79.98
N GLY F 203 106.55 -7.53 78.79
CA GLY F 203 107.00 -6.45 77.92
C GLY F 203 105.86 -5.56 77.48
N TRP F 204 104.72 -6.17 77.13
CA TRP F 204 103.57 -5.35 76.79
C TRP F 204 103.04 -4.60 78.00
N ARG F 205 103.15 -5.17 79.20
CA ARG F 205 102.77 -4.44 80.40
C ARG F 205 103.65 -3.21 80.57
N ASP F 206 104.93 -3.33 80.23
CA ASP F 206 105.80 -2.17 80.22
C ASP F 206 105.36 -1.15 79.18
N LEU F 207 104.92 -1.62 78.01
CA LEU F 207 104.69 -0.74 76.87
C LEU F 207 103.25 -0.24 76.74
N VAL F 208 102.32 -0.63 77.61
CA VAL F 208 100.93 -0.20 77.47
C VAL F 208 100.82 1.32 77.50
N ALA F 209 101.42 1.95 78.52
CA ALA F 209 101.30 3.40 78.68
C ALA F 209 101.93 4.13 77.50
N THR F 210 103.09 3.67 77.04
CA THR F 210 103.73 4.28 75.89
C THR F 210 102.88 4.12 74.64
N ALA F 211 102.28 2.95 74.45
CA ALA F 211 101.42 2.72 73.29
C ALA F 211 100.18 3.61 73.32
N GLY F 212 99.69 3.93 74.51
CA GLY F 212 98.57 4.83 74.63
C GLY F 212 97.24 4.17 74.89
N PHE F 213 97.21 3.04 75.59
CA PHE F 213 95.97 2.39 75.98
C PHE F 213 95.79 2.60 77.47
N GLY F 214 94.63 3.14 77.85
CA GLY F 214 94.43 3.53 79.23
C GLY F 214 95.19 4.81 79.57
N GLU F 215 95.70 4.87 80.79
CA GLU F 215 96.43 6.02 81.28
C GLU F 215 97.80 5.59 81.79
N ALA F 216 98.73 6.54 81.83
CA ALA F 216 100.09 6.26 82.26
C ALA F 216 100.13 5.95 83.75
N LEU F 217 101.02 5.03 84.13
CA LEU F 217 101.18 4.64 85.51
C LEU F 217 101.92 5.75 86.27
N THR F 218 101.26 6.34 87.26
CA THR F 218 101.85 7.41 88.06
C THR F 218 101.74 7.20 89.56
N ALA F 219 100.79 6.41 90.05
CA ALA F 219 100.64 6.13 91.46
C ALA F 219 100.65 4.63 91.69
N LEU F 220 101.52 4.17 92.57
CA LEU F 220 101.68 2.74 92.86
C LEU F 220 100.94 2.42 94.15
N THR F 221 99.67 2.04 94.01
CA THR F 221 98.88 1.68 95.17
C THR F 221 99.12 0.23 95.54
N ILE F 222 98.75 -0.11 96.78
CA ILE F 222 98.95 -1.44 97.31
C ILE F 222 97.65 -1.91 97.95
N THR F 223 97.53 -3.23 98.09
CA THR F 223 96.46 -3.90 98.81
C THR F 223 96.36 -3.31 100.21
N PRO F 224 95.20 -3.43 100.91
CA PRO F 224 95.10 -2.89 102.27
C PRO F 224 96.34 -3.11 103.10
N GLY F 225 96.91 -2.01 103.60
CA GLY F 225 98.24 -1.98 104.16
C GLY F 225 98.36 -2.43 105.60
N SER F 226 97.32 -3.03 106.17
CA SER F 226 97.36 -3.53 107.54
C SER F 226 96.89 -4.99 107.55
N PRO F 227 97.75 -5.92 107.09
CA PRO F 227 97.40 -7.34 107.16
C PRO F 227 97.91 -7.99 108.44
N THR F 228 97.10 -8.90 108.98
CA THR F 228 97.42 -9.62 110.20
C THR F 228 97.88 -11.03 109.83
N VAL F 229 99.05 -11.42 110.33
CA VAL F 229 99.66 -12.70 110.00
C VAL F 229 100.01 -13.41 111.30
N THR F 230 100.11 -14.74 111.23
CA THR F 230 100.34 -15.58 112.39
C THR F 230 101.72 -16.22 112.31
N VAL F 231 102.44 -16.21 113.43
CA VAL F 231 103.74 -16.86 113.50
C VAL F 231 103.58 -18.37 113.33
N ALA F 232 102.62 -18.96 114.03
CA ALA F 232 102.40 -20.39 113.94
C ALA F 232 101.84 -20.77 112.58
N THR F 233 102.23 -21.94 112.10
CA THR F 233 101.75 -22.43 110.81
C THR F 233 100.25 -22.64 110.85
N GLY F 234 99.58 -22.18 109.80
CA GLY F 234 98.14 -22.31 109.74
C GLY F 234 97.57 -21.53 108.57
N ALA F 235 96.28 -21.19 108.67
CA ALA F 235 95.61 -20.45 107.61
C ALA F 235 96.19 -19.05 107.46
N SER F 236 96.47 -18.38 108.59
CA SER F 236 96.91 -16.99 108.58
C SER F 236 98.41 -16.84 108.83
N HIS F 237 99.19 -17.87 108.51
CA HIS F 237 100.64 -17.78 108.64
C HIS F 237 101.28 -17.06 107.47
N THR F 238 100.57 -16.90 106.36
CA THR F 238 101.07 -16.21 105.18
C THR F 238 99.98 -15.31 104.62
N ALA F 239 100.37 -14.14 104.15
CA ALA F 239 99.45 -13.17 103.55
C ALA F 239 100.02 -12.68 102.23
N GLN F 240 99.16 -12.58 101.22
CA GLN F 240 99.58 -12.17 99.88
C GLN F 240 99.24 -10.71 99.64
N LEU F 241 100.19 -9.98 99.06
CA LEU F 241 100.04 -8.55 98.80
C LEU F 241 99.97 -8.30 97.29
N LEU F 242 99.11 -7.35 96.91
CA LEU F 242 98.91 -6.99 95.52
C LEU F 242 99.36 -5.56 95.30
N VAL F 243 100.19 -5.34 94.28
CA VAL F 243 100.70 -4.02 93.94
C VAL F 243 100.05 -3.60 92.62
N GLU F 244 99.23 -2.56 92.67
CA GLU F 244 98.48 -2.13 91.51
C GLU F 244 98.88 -0.70 91.15
N GLY F 245 98.56 -0.32 89.91
CA GLY F 245 98.79 1.04 89.45
C GLY F 245 97.49 1.83 89.42
N ASP F 246 97.64 3.15 89.21
CA ASP F 246 96.48 4.02 89.12
C ASP F 246 95.61 3.70 87.91
N ASN F 247 96.17 3.04 86.89
CA ASN F 247 95.44 2.67 85.69
C ASN F 247 94.85 1.26 85.76
N GLY F 248 94.70 0.71 86.96
CA GLY F 248 94.09 -0.59 87.13
C GLY F 248 94.89 -1.74 86.55
N ILE F 249 96.20 -1.69 86.66
CA ILE F 249 97.08 -2.74 86.15
C ILE F 249 97.89 -3.28 87.33
N ASN F 250 97.86 -4.60 87.50
CA ASN F 250 98.63 -5.23 88.57
C ASN F 250 100.11 -5.23 88.20
N TYR F 251 100.91 -4.53 89.01
CA TYR F 251 102.35 -4.43 88.78
C TYR F 251 103.16 -5.26 89.78
N THR F 252 102.53 -6.25 90.41
CA THR F 252 103.23 -7.08 91.39
C THR F 252 104.44 -7.79 90.80
N PRO F 253 104.37 -8.46 89.65
CA PRO F 253 105.59 -9.05 89.09
C PRO F 253 106.66 -8.03 88.75
N ASP F 254 106.26 -6.81 88.36
CA ASP F 254 107.24 -5.81 87.96
C ASP F 254 107.95 -5.19 89.16
N VAL F 255 107.25 -5.01 90.28
CA VAL F 255 107.83 -4.37 91.44
C VAL F 255 108.72 -5.35 92.20
N VAL F 256 109.51 -4.83 93.14
CA VAL F 256 110.45 -5.63 93.93
C VAL F 256 109.99 -5.59 95.39
N PHE F 257 109.75 -6.76 95.96
CA PHE F 257 109.28 -6.88 97.34
C PHE F 257 110.46 -6.92 98.30
N THR F 258 110.44 -6.05 99.31
CA THR F 258 111.45 -6.03 100.34
C THR F 258 110.78 -5.87 101.71
N SER F 259 111.44 -6.37 102.74
CA SER F 259 110.98 -6.25 104.11
C SER F 259 112.03 -5.53 104.95
N SER F 260 111.62 -4.45 105.62
CA SER F 260 112.54 -3.74 106.49
C SER F 260 112.87 -4.54 107.75
N ALA F 261 111.92 -5.35 108.22
CA ALA F 261 112.09 -6.16 109.43
C ALA F 261 111.75 -7.60 109.08
N PRO F 262 112.70 -8.34 108.51
CA PRO F 262 112.42 -9.74 108.15
C PRO F 262 112.09 -10.63 109.34
N ASP F 263 112.48 -10.23 110.56
CA ASP F 263 112.16 -11.03 111.73
C ASP F 263 110.65 -11.13 111.94
N LYS F 264 109.93 -10.06 111.64
CA LYS F 264 108.49 -10.05 111.87
C LYS F 264 107.74 -10.77 110.76
N ALA F 265 107.87 -10.27 109.52
CA ALA F 265 107.24 -10.89 108.36
C ALA F 265 108.29 -11.02 107.26
N SER F 266 108.56 -12.24 106.84
CA SER F 266 109.51 -12.50 105.76
C SER F 266 108.75 -12.48 104.44
N VAL F 267 109.16 -11.59 103.54
CA VAL F 267 108.47 -11.40 102.27
C VAL F 267 109.21 -12.15 101.17
N SER F 268 108.45 -12.85 100.33
CA SER F 268 108.99 -13.55 99.18
C SER F 268 108.95 -12.63 97.96
N ALA F 269 109.52 -13.11 96.86
CA ALA F 269 109.54 -12.31 95.62
C ALA F 269 108.12 -12.11 95.09
N ALA F 270 107.28 -13.13 95.15
CA ALA F 270 105.93 -13.02 94.63
C ALA F 270 105.07 -12.06 95.44
N GLY F 271 105.41 -11.86 96.71
CA GLY F 271 104.64 -10.95 97.55
C GLY F 271 103.90 -11.63 98.67
N LEU F 272 104.47 -12.72 99.19
CA LEU F 272 103.89 -13.46 100.31
C LEU F 272 104.70 -13.15 101.55
N VAL F 273 104.05 -12.59 102.58
CA VAL F 273 104.68 -12.31 103.85
C VAL F 273 104.30 -13.42 104.82
N THR F 274 105.32 -14.07 105.40
CA THR F 274 105.15 -15.16 106.34
C THR F 274 105.47 -14.65 107.73
N GLY F 275 104.57 -14.93 108.68
CA GLY F 275 104.78 -14.49 110.06
C GLY F 275 105.86 -15.32 110.72
N VAL F 276 106.89 -14.66 111.26
CA VAL F 276 108.00 -15.33 111.92
C VAL F 276 108.12 -14.93 113.39
N ALA F 277 107.92 -13.66 113.70
CA ALA F 277 107.95 -13.18 115.08
C ALA F 277 106.93 -12.06 115.25
N ALA F 278 106.27 -12.04 116.40
CA ALA F 278 105.19 -11.09 116.64
C ALA F 278 105.72 -9.66 116.69
N GLY F 279 104.88 -8.72 116.27
CA GLY F 279 105.25 -7.32 116.21
C GLY F 279 104.72 -6.62 114.97
N SER F 280 105.49 -5.67 114.44
CA SER F 280 105.11 -4.94 113.24
C SER F 280 106.28 -4.92 112.26
N ALA F 281 105.95 -5.01 110.97
CA ALA F 281 106.95 -5.02 109.91
C ALA F 281 106.53 -4.04 108.81
N THR F 282 107.52 -3.60 108.05
CA THR F 282 107.30 -2.72 106.90
C THR F 282 107.64 -3.48 105.63
N ILE F 283 106.69 -3.54 104.70
CA ILE F 283 106.89 -4.19 103.41
C ILE F 283 106.84 -3.11 102.34
N THR F 284 107.88 -3.04 101.51
CA THR F 284 108.01 -2.01 100.49
C THR F 284 108.17 -2.65 99.12
N ALA F 285 107.36 -2.21 98.17
CA ALA F 285 107.45 -2.65 96.79
C ALA F 285 107.77 -1.44 95.92
N THR F 286 108.91 -1.49 95.23
CA THR F 286 109.40 -0.34 94.47
C THR F 286 109.42 -0.67 92.98
N LYS F 287 109.26 0.38 92.17
CA LYS F 287 109.31 0.26 90.72
C LYS F 287 109.74 1.62 90.18
N GLY F 288 110.99 1.72 89.74
CA GLY F 288 111.51 3.00 89.33
C GLY F 288 111.45 3.99 90.48
N ALA F 289 110.86 5.16 90.21
CA ALA F 289 110.66 6.15 91.26
C ALA F 289 109.50 5.79 92.17
N LEU F 290 108.53 5.03 91.69
CA LEU F 290 107.33 4.75 92.46
C LEU F 290 107.60 3.72 93.55
N THR F 291 106.83 3.81 94.63
CA THR F 291 106.96 2.86 95.72
C THR F 291 105.62 2.74 96.45
N ALA F 292 105.45 1.62 97.13
CA ALA F 292 104.28 1.36 97.96
C ALA F 292 104.75 0.70 99.25
N THR F 293 104.10 1.06 100.37
CA THR F 293 104.49 0.56 101.68
C THR F 293 103.27 0.03 102.42
N ALA F 294 103.50 -0.97 103.27
CA ALA F 294 102.44 -1.57 104.07
C ALA F 294 102.99 -1.98 105.43
N THR F 295 102.23 -1.70 106.49
CA THR F 295 102.62 -2.06 107.85
C THR F 295 101.88 -3.34 108.23
N VAL F 296 102.61 -4.44 108.35
CA VAL F 296 102.05 -5.75 108.61
C VAL F 296 102.12 -6.04 110.11
N THR F 297 101.01 -6.51 110.68
CA THR F 297 100.97 -6.93 112.07
C THR F 297 101.17 -8.43 112.14
N VAL F 298 102.02 -8.87 113.08
CA VAL F 298 102.32 -10.28 113.27
C VAL F 298 101.95 -10.66 114.70
N THR F 299 101.19 -11.74 114.84
CA THR F 299 100.75 -12.23 116.14
C THR F 299 101.28 -13.64 116.36
N ALA F 300 101.72 -13.92 117.57
CA ALA F 300 102.24 -15.23 117.92
C ALA F 300 101.15 -16.29 117.86
N SER G 1658 65.94 -7.94 37.36
CA SER G 1658 65.82 -8.98 36.34
C SER G 1658 64.54 -8.81 35.54
N SER G 1659 63.40 -9.02 36.19
CA SER G 1659 62.12 -8.89 35.50
C SER G 1659 61.87 -7.46 35.06
N GLY G 1660 62.16 -6.48 35.92
CA GLY G 1660 61.98 -5.09 35.57
C GLY G 1660 63.00 -4.59 34.58
N GLY G 1661 62.57 -4.35 33.35
CA GLY G 1661 63.44 -3.87 32.30
C GLY G 1661 63.71 -4.84 31.16
N GLY G 1662 62.87 -5.86 30.98
CA GLY G 1662 63.07 -6.83 29.92
C GLY G 1662 61.75 -7.32 29.34
N PRO G 1663 61.67 -8.60 29.03
CA PRO G 1663 60.38 -9.16 28.58
C PRO G 1663 59.28 -9.05 29.62
N ALA G 1664 59.63 -9.11 30.90
CA ALA G 1664 58.60 -9.02 31.94
C ALA G 1664 57.97 -7.63 31.99
N VAL G 1665 58.69 -6.60 31.56
CA VAL G 1665 58.08 -5.29 31.42
C VAL G 1665 57.53 -5.08 30.02
N VAL G 1666 58.00 -5.84 29.02
CA VAL G 1666 57.35 -5.86 27.73
C VAL G 1666 55.92 -6.36 27.86
N ASN G 1667 55.72 -7.35 28.74
CA ASN G 1667 54.37 -7.83 29.04
C ASN G 1667 53.51 -6.71 29.61
N ASN G 1668 54.08 -5.86 30.45
CA ASN G 1668 53.36 -4.68 30.95
C ASN G 1668 53.06 -3.70 29.83
N TYR G 1669 54.03 -3.49 28.94
CA TYR G 1669 53.81 -2.66 27.75
C TYR G 1669 52.58 -3.13 26.99
N GLY G 1670 52.50 -4.43 26.72
CA GLY G 1670 51.34 -5.00 26.08
C GLY G 1670 51.40 -4.94 24.57
N ASP G 1671 51.26 -6.11 23.93
CA ASP G 1671 51.21 -6.30 22.49
C ASP G 1671 52.17 -5.42 21.70
N ILE G 1672 53.37 -5.20 22.22
CA ILE G 1672 54.40 -4.49 21.48
C ILE G 1672 55.20 -5.47 20.63
N HIS G 1673 55.61 -6.57 21.24
CA HIS G 1673 56.18 -7.73 20.58
C HIS G 1673 55.01 -8.63 20.16
N THR G 1674 55.28 -9.92 19.96
CA THR G 1674 54.42 -10.84 19.22
C THR G 1674 52.94 -10.60 19.49
N ALA G 1675 52.24 -10.19 18.44
CA ALA G 1675 50.79 -9.99 18.45
C ALA G 1675 50.33 -9.76 17.02
N ASN G 1676 49.37 -10.54 16.56
CA ASN G 1676 48.93 -10.49 15.17
C ASN G 1676 47.60 -9.76 15.03
N TYR G 1677 47.33 -9.28 13.83
CA TYR G 1677 46.11 -8.52 13.57
C TYR G 1677 44.95 -9.43 13.21
N ASP G 1678 45.24 -10.61 12.67
CA ASP G 1678 44.18 -11.44 12.10
C ASP G 1678 43.20 -11.92 13.17
N GLU G 1679 43.72 -12.49 14.26
CA GLU G 1679 42.81 -13.00 15.29
C GLU G 1679 42.15 -11.86 16.05
N PHE G 1680 42.83 -10.72 16.18
CA PHE G 1680 42.20 -9.56 16.82
C PHE G 1680 41.01 -9.08 16.01
N TYR G 1681 41.18 -8.96 14.70
CA TYR G 1681 40.06 -8.56 13.84
C TYR G 1681 38.96 -9.60 13.86
N LYS G 1682 39.33 -10.88 13.85
CA LYS G 1682 38.32 -11.94 13.89
C LYS G 1682 37.56 -11.92 15.20
N GLY G 1683 38.24 -11.65 16.32
CA GLY G 1683 37.56 -11.58 17.60
C GLY G 1683 36.64 -10.37 17.69
N GLN G 1684 37.07 -9.23 17.16
CA GLN G 1684 36.17 -8.08 17.11
C GLN G 1684 34.94 -8.38 16.26
N GLN G 1685 35.13 -9.03 15.12
CA GLN G 1685 34.01 -9.41 14.28
C GLN G 1685 33.09 -10.41 15.00
N ARG G 1686 33.67 -11.34 15.75
CA ARG G 1686 32.86 -12.29 16.50
C ARG G 1686 32.04 -11.60 17.58
N ARG G 1687 32.64 -10.63 18.28
CA ARG G 1687 31.89 -9.89 19.29
C ARG G 1687 30.75 -9.09 18.67
N GLU G 1688 31.02 -8.43 17.54
CA GLU G 1688 29.96 -7.69 16.87
C GLU G 1688 28.87 -8.62 16.35
N ALA G 1689 29.26 -9.80 15.85
CA ALA G 1689 28.29 -10.78 15.39
C ALA G 1689 27.44 -11.30 16.54
N GLN G 1690 28.04 -11.50 17.71
CA GLN G 1690 27.27 -11.90 18.88
C GLN G 1690 26.28 -10.80 19.26
N GLN G 1691 26.71 -9.54 19.18
CA GLN G 1691 25.83 -8.44 19.54
C GLN G 1691 24.66 -8.32 18.56
N GLN G 1692 24.91 -8.45 17.26
CA GLN G 1692 23.93 -8.06 16.26
C GLN G 1692 23.17 -9.22 15.62
N ALA G 1693 23.68 -10.45 15.71
CA ALA G 1693 23.04 -11.57 15.04
C ALA G 1693 21.63 -11.86 15.53
N PRO G 1694 21.35 -11.95 16.84
CA PRO G 1694 19.97 -12.25 17.26
C PRO G 1694 18.95 -11.23 16.82
N ILE G 1695 19.33 -9.94 16.70
CA ILE G 1695 18.37 -8.91 16.34
C ILE G 1695 18.25 -8.72 14.83
N LEU G 1696 19.09 -9.38 14.04
CA LEU G 1696 18.94 -9.31 12.60
C LEU G 1696 17.72 -10.14 12.15
N PRO G 1697 16.90 -9.61 11.26
CA PRO G 1697 15.70 -10.34 10.82
C PRO G 1697 16.05 -11.60 10.05
N VAL G 1698 15.09 -12.53 10.06
CA VAL G 1698 15.26 -13.80 9.37
C VAL G 1698 15.04 -13.68 7.87
N ARG G 1699 14.39 -12.61 7.41
CA ARG G 1699 14.11 -12.42 5.98
C ARG G 1699 15.38 -12.42 5.16
N SER H 1658 73.81 8.65 16.44
CA SER H 1658 73.08 8.30 17.65
C SER H 1658 71.61 8.04 17.36
N SER H 1659 70.91 9.08 16.87
CA SER H 1659 69.49 8.93 16.57
C SER H 1659 69.27 7.94 15.43
N GLY H 1660 70.09 8.02 14.38
CA GLY H 1660 69.95 7.09 13.27
C GLY H 1660 70.41 5.69 13.61
N GLY H 1661 69.47 4.75 13.66
CA GLY H 1661 69.79 3.37 13.98
C GLY H 1661 69.28 2.86 15.31
N GLY H 1662 68.38 3.60 15.97
CA GLY H 1662 67.85 3.18 17.25
C GLY H 1662 66.36 3.46 17.38
N PRO H 1663 65.93 3.86 18.58
CA PRO H 1663 64.52 4.24 18.76
C PRO H 1663 64.11 5.42 17.89
N ALA H 1664 65.03 6.34 17.60
CA ALA H 1664 64.71 7.48 16.77
C ALA H 1664 64.39 7.11 15.32
N VAL H 1665 64.90 5.98 14.84
CA VAL H 1665 64.48 5.46 13.55
C VAL H 1665 63.37 4.43 13.69
N VAL H 1666 63.19 3.83 14.87
CA VAL H 1666 61.99 3.05 15.13
C VAL H 1666 60.75 3.94 15.01
N ASN H 1667 60.87 5.18 15.48
CA ASN H 1667 59.78 6.14 15.32
C ASN H 1667 59.48 6.42 13.85
N ASN H 1668 60.50 6.35 12.99
CA ASN H 1668 60.27 6.47 11.54
C ASN H 1668 59.64 5.19 10.99
N TYR H 1669 60.07 4.04 11.50
CA TYR H 1669 59.44 2.77 11.15
C TYR H 1669 57.94 2.83 11.37
N GLY H 1670 57.53 3.26 12.57
CA GLY H 1670 56.12 3.49 12.85
C GLY H 1670 55.39 2.24 13.30
N ASP H 1671 54.76 2.32 14.48
CA ASP H 1671 53.94 1.28 15.09
C ASP H 1671 54.54 -0.12 15.00
N ILE H 1672 55.87 -0.22 15.05
CA ILE H 1672 56.53 -1.52 15.14
C ILE H 1672 56.70 -1.94 16.60
N HIS H 1673 57.13 -1.00 17.44
CA HIS H 1673 57.15 -1.14 18.89
C HIS H 1673 55.83 -0.61 19.42
N THR H 1674 55.78 -0.23 20.70
CA THR H 1674 54.54 -0.06 21.46
C THR H 1674 53.43 0.64 20.70
N ALA H 1675 52.37 -0.13 20.41
CA ALA H 1675 51.13 0.36 19.84
C ALA H 1675 50.09 -0.75 19.96
N ASN H 1676 48.96 -0.47 20.59
CA ASN H 1676 47.94 -1.49 20.84
C ASN H 1676 46.79 -1.38 19.85
N TYR H 1677 46.19 -2.52 19.54
CA TYR H 1677 45.16 -2.60 18.50
C TYR H 1677 43.82 -2.06 18.97
N ASP H 1678 43.58 -2.10 20.28
CA ASP H 1678 42.27 -1.70 20.80
C ASP H 1678 41.98 -0.24 20.52
N GLU H 1679 42.95 0.65 20.76
CA GLU H 1679 42.71 2.07 20.51
C GLU H 1679 42.55 2.35 19.02
N PHE H 1680 43.31 1.65 18.17
CA PHE H 1680 43.18 1.86 16.74
C PHE H 1680 41.81 1.42 16.25
N TYR H 1681 41.34 0.26 16.70
CA TYR H 1681 40.01 -0.21 16.31
C TYR H 1681 38.94 0.74 16.81
N LYS H 1682 39.06 1.21 18.06
CA LYS H 1682 38.07 2.12 18.60
C LYS H 1682 38.07 3.44 17.84
N GLY H 1683 39.25 3.94 17.46
CA GLY H 1683 39.32 5.17 16.69
C GLY H 1683 38.71 5.03 15.31
N GLN H 1684 38.97 3.91 14.64
CA GLN H 1684 38.35 3.67 13.34
C GLN H 1684 36.84 3.56 13.48
N GLN H 1685 36.37 2.88 14.52
CA GLN H 1685 34.93 2.79 14.76
C GLN H 1685 34.33 4.17 15.03
N ARG H 1686 35.06 5.02 15.77
CA ARG H 1686 34.56 6.37 16.03
C ARG H 1686 34.51 7.21 14.76
N ARG H 1687 35.52 7.06 13.88
CA ARG H 1687 35.50 7.77 12.61
C ARG H 1687 34.31 7.33 11.76
N GLU H 1688 34.07 6.03 11.68
CA GLU H 1688 32.92 5.52 10.92
C GLU H 1688 31.61 5.99 11.54
N ALA H 1689 31.53 6.01 12.88
CA ALA H 1689 30.33 6.48 13.56
C ALA H 1689 30.08 7.95 13.29
N GLN H 1690 31.14 8.76 13.27
CA GLN H 1690 30.98 10.17 12.93
C GLN H 1690 30.50 10.32 11.49
N GLN H 1691 31.02 9.50 10.58
CA GLN H 1691 30.62 9.60 9.18
C GLN H 1691 29.17 9.19 8.98
N GLN H 1692 28.71 8.13 9.66
CA GLN H 1692 27.44 7.51 9.33
C GLN H 1692 26.30 7.84 10.28
N ALA H 1693 26.59 8.28 11.50
CA ALA H 1693 25.53 8.51 12.48
C ALA H 1693 24.54 9.59 12.07
N PRO H 1694 24.95 10.78 11.61
CA PRO H 1694 23.96 11.81 11.28
C PRO H 1694 23.01 11.43 10.15
N ILE H 1695 23.40 10.49 9.29
CA ILE H 1695 22.56 10.10 8.17
C ILE H 1695 21.72 8.87 8.46
N LEU H 1696 21.97 8.18 9.58
CA LEU H 1696 21.12 7.07 9.96
C LEU H 1696 19.75 7.59 10.39
N PRO H 1697 18.67 6.91 10.02
CA PRO H 1697 17.33 7.39 10.37
C PRO H 1697 17.06 7.24 11.86
N VAL H 1698 16.03 7.96 12.30
CA VAL H 1698 15.65 7.96 13.71
C VAL H 1698 14.72 6.82 14.07
N ARG H 1699 14.10 6.17 13.10
CA ARG H 1699 13.15 5.09 13.35
C ARG H 1699 13.79 3.95 14.15
N SER I 1658 72.67 -19.10 12.49
CA SER I 1658 72.60 -17.69 12.13
C SER I 1658 71.15 -17.24 11.93
N SER I 1659 70.44 -17.96 11.07
CA SER I 1659 69.05 -17.60 10.80
C SER I 1659 68.15 -17.87 12.01
N GLY I 1660 68.32 -19.03 12.64
CA GLY I 1660 67.52 -19.37 13.80
C GLY I 1660 67.90 -18.59 15.03
N GLY I 1661 67.01 -17.72 15.50
CA GLY I 1661 67.27 -16.90 16.66
C GLY I 1661 67.41 -15.41 16.40
N GLY I 1662 67.12 -14.94 15.19
CA GLY I 1662 67.23 -13.53 14.86
C GLY I 1662 66.05 -13.05 14.06
N PRO I 1663 66.28 -12.09 13.15
CA PRO I 1663 65.18 -11.65 12.27
C PRO I 1663 64.61 -12.76 11.40
N ALA I 1664 65.43 -13.74 11.04
CA ALA I 1664 64.93 -14.85 10.22
C ALA I 1664 63.92 -15.72 10.97
N VAL I 1665 63.95 -15.71 12.30
CA VAL I 1665 62.88 -16.34 13.07
C VAL I 1665 61.83 -15.33 13.52
N VAL I 1666 62.16 -14.03 13.53
CA VAL I 1666 61.14 -13.01 13.71
C VAL I 1666 60.13 -13.07 12.58
N ASN I 1667 60.60 -13.36 11.37
CA ASN I 1667 59.69 -13.56 10.24
C ASN I 1667 58.75 -14.72 10.49
N ASN I 1668 59.25 -15.80 11.11
CA ASN I 1668 58.38 -16.90 11.51
C ASN I 1668 57.40 -16.47 12.59
N TYR I 1669 57.86 -15.68 13.55
CA TYR I 1669 56.97 -15.11 14.56
C TYR I 1669 55.80 -14.41 13.89
N GLY I 1670 56.08 -13.53 12.93
CA GLY I 1670 55.04 -12.89 12.16
C GLY I 1670 54.52 -11.63 12.81
N ASP I 1671 54.56 -10.52 12.07
CA ASP I 1671 54.05 -9.21 12.45
C ASP I 1671 54.32 -8.82 13.90
N ILE I 1672 55.50 -9.17 14.41
CA ILE I 1672 55.89 -8.73 15.75
C ILE I 1672 56.64 -7.40 15.67
N HIS I 1673 57.63 -7.34 14.79
CA HIS I 1673 58.28 -6.11 14.37
C HIS I 1673 57.46 -5.51 13.22
N THR I 1674 58.08 -4.67 12.40
CA THR I 1674 57.39 -3.73 11.51
C THR I 1674 56.17 -4.34 10.86
N ALA I 1675 55.01 -3.75 11.16
CA ALA I 1675 53.71 -4.13 10.61
C ALA I 1675 52.71 -3.06 11.00
N ASN I 1676 51.97 -2.54 10.02
CA ASN I 1676 51.14 -1.36 10.23
C ASN I 1676 49.67 -1.72 10.38
N TYR I 1677 48.95 -0.90 11.14
CA TYR I 1677 47.54 -1.13 11.44
C TYR I 1677 46.63 -0.56 10.36
N ASP I 1678 46.96 0.63 9.86
CA ASP I 1678 46.08 1.30 8.91
C ASP I 1678 45.97 0.52 7.60
N GLU I 1679 47.10 -0.01 7.11
CA GLU I 1679 47.06 -0.79 5.88
C GLU I 1679 46.29 -2.08 6.05
N PHE I 1680 46.46 -2.76 7.20
CA PHE I 1680 45.70 -3.97 7.45
C PHE I 1680 44.21 -3.69 7.52
N TYR I 1681 43.83 -2.61 8.22
CA TYR I 1681 42.42 -2.26 8.32
C TYR I 1681 41.85 -1.91 6.95
N LYS I 1682 42.61 -1.18 6.14
CA LYS I 1682 42.13 -0.83 4.81
C LYS I 1682 42.00 -2.07 3.92
N GLY I 1683 42.92 -3.02 4.06
CA GLY I 1683 42.81 -4.25 3.30
C GLY I 1683 41.59 -5.07 3.70
N GLN I 1684 41.31 -5.16 4.99
CA GLN I 1684 40.11 -5.86 5.45
C GLN I 1684 38.86 -5.16 4.94
N GLN I 1685 38.85 -3.82 4.99
CA GLN I 1685 37.71 -3.07 4.47
C GLN I 1685 37.54 -3.30 2.97
N ARG I 1686 38.64 -3.38 2.23
CA ARG I 1686 38.55 -3.63 0.80
C ARG I 1686 38.01 -5.03 0.51
N ARG I 1687 38.44 -6.03 1.28
CA ARG I 1687 37.90 -7.37 1.09
C ARG I 1687 36.40 -7.43 1.39
N GLU I 1688 35.98 -6.77 2.48
CA GLU I 1688 34.56 -6.71 2.80
C GLU I 1688 33.79 -5.97 1.72
N ALA I 1689 34.36 -4.89 1.19
CA ALA I 1689 33.70 -4.15 0.12
C ALA I 1689 33.56 -4.99 -1.14
N GLN I 1690 34.59 -5.79 -1.47
CA GLN I 1690 34.47 -6.70 -2.60
C GLN I 1690 33.37 -7.72 -2.35
N GLN I 1691 33.26 -8.21 -1.12
CA GLN I 1691 32.23 -9.21 -0.81
C GLN I 1691 30.83 -8.62 -0.91
N GLN I 1692 30.63 -7.39 -0.43
CA GLN I 1692 29.28 -6.87 -0.22
C GLN I 1692 28.82 -5.87 -1.26
N ALA I 1693 29.72 -5.28 -2.03
CA ALA I 1693 29.31 -4.23 -2.97
C ALA I 1693 28.37 -4.72 -4.06
N PRO I 1694 28.63 -5.83 -4.77
CA PRO I 1694 27.72 -6.23 -5.86
C PRO I 1694 26.33 -6.59 -5.39
N ILE I 1695 26.14 -6.92 -4.11
CA ILE I 1695 24.82 -7.29 -3.62
C ILE I 1695 24.08 -6.14 -2.96
N LEU I 1696 24.73 -5.00 -2.78
CA LEU I 1696 24.03 -3.83 -2.27
C LEU I 1696 23.11 -3.26 -3.36
N PRO I 1697 21.95 -2.73 -2.99
CA PRO I 1697 21.04 -2.19 -3.99
C PRO I 1697 21.55 -0.88 -4.58
N VAL I 1698 20.96 -0.50 -5.70
CA VAL I 1698 21.33 0.72 -6.40
C VAL I 1698 20.56 1.94 -5.90
N ARG I 1699 19.43 1.74 -5.22
CA ARG I 1699 18.62 2.82 -4.71
C ARG I 1699 19.40 3.76 -3.80
N MET J 1 71.99 -14.36 69.30
CA MET J 1 71.42 -15.58 69.85
C MET J 1 71.89 -15.80 71.28
N LEU J 2 71.14 -15.25 72.24
CA LEU J 2 71.53 -15.36 73.64
C LEU J 2 71.48 -16.81 74.12
N SER J 3 70.45 -17.55 73.72
CA SER J 3 70.27 -18.93 74.15
C SER J 3 70.52 -19.87 72.98
N THR J 4 71.40 -20.84 73.18
CA THR J 4 71.67 -21.84 72.15
C THR J 4 70.47 -22.78 72.00
N GLY J 5 70.37 -23.39 70.83
CA GLY J 5 69.31 -24.32 70.55
C GLY J 5 69.84 -25.67 70.10
N PRO J 6 68.94 -26.55 69.67
CA PRO J 6 69.36 -27.85 69.16
C PRO J 6 69.92 -27.71 67.75
N ILE J 7 70.34 -28.84 67.20
CA ILE J 7 70.82 -28.93 65.83
C ILE J 7 69.80 -29.72 65.02
N MET J 8 69.43 -29.20 63.86
CA MET J 8 68.51 -29.90 62.99
C MET J 8 69.26 -30.99 62.23
N GLU J 9 68.77 -32.22 62.35
CA GLU J 9 69.40 -33.38 61.72
C GLU J 9 68.30 -34.24 61.14
N THR J 10 68.67 -35.44 60.67
CA THR J 10 67.72 -36.42 60.18
C THR J 10 68.12 -37.80 60.69
N LEU J 11 67.14 -38.68 60.74
CA LEU J 11 67.33 -40.07 61.15
C LEU J 11 66.78 -40.97 60.06
N THR J 12 67.57 -41.95 59.65
CA THR J 12 67.19 -42.85 58.57
C THR J 12 66.59 -44.13 59.14
N LEU J 13 65.43 -44.51 58.62
CA LEU J 13 64.75 -45.73 59.02
C LEU J 13 64.56 -46.64 57.82
N THR J 14 64.73 -47.94 58.03
CA THR J 14 64.59 -48.92 56.97
C THR J 14 63.84 -50.13 57.49
N VAL J 15 62.91 -50.64 56.70
CA VAL J 15 62.15 -51.82 57.11
C VAL J 15 63.07 -53.03 57.17
N GLY J 16 62.94 -53.79 58.25
CA GLY J 16 63.76 -54.97 58.44
C GLY J 16 65.19 -54.70 58.82
N SER J 17 65.52 -53.44 59.12
CA SER J 17 66.88 -53.05 59.45
C SER J 17 66.92 -52.49 60.87
N ALA J 18 67.99 -52.82 61.59
CA ALA J 18 68.15 -52.32 62.95
C ALA J 18 68.43 -50.83 62.92
N PHE J 19 67.68 -50.08 63.71
CA PHE J 19 67.91 -48.65 63.85
C PHE J 19 69.04 -48.43 64.85
N GLU J 20 70.14 -47.85 64.39
CA GLU J 20 71.30 -47.65 65.24
C GLU J 20 71.86 -46.24 65.04
N ILE J 21 72.15 -45.57 66.14
CA ILE J 21 72.92 -44.33 66.15
C ILE J 21 74.29 -44.65 66.72
N PRO J 22 75.35 -44.62 65.92
CA PRO J 22 76.68 -44.94 66.45
C PRO J 22 77.13 -43.91 67.47
N GLY J 23 77.94 -44.37 68.41
CA GLY J 23 78.40 -43.50 69.49
C GLY J 23 79.43 -42.46 69.06
N TRP J 24 80.15 -42.72 67.96
CA TRP J 24 81.21 -41.81 67.57
C TRP J 24 80.69 -40.50 67.01
N LYS J 25 79.41 -40.43 66.63
CA LYS J 25 78.80 -39.19 66.20
C LYS J 25 77.97 -38.52 67.28
N LEU J 26 77.96 -39.08 68.49
CA LEU J 26 77.37 -38.46 69.67
C LEU J 26 78.40 -38.35 70.78
N ARG J 27 79.62 -38.00 70.42
CA ARG J 27 80.71 -37.91 71.39
C ARG J 27 80.52 -36.73 72.32
N GLY J 28 81.04 -36.87 73.54
CA GLY J 28 80.95 -35.81 74.51
C GLY J 28 81.56 -36.27 75.82
N GLU J 29 81.43 -35.40 76.83
CA GLU J 29 81.88 -35.69 78.19
C GLU J 29 80.63 -35.93 79.04
N TYR J 30 80.29 -37.20 79.26
CA TYR J 30 79.08 -37.56 79.97
C TYR J 30 79.43 -38.21 81.30
N PRO J 31 79.24 -37.53 82.43
CA PRO J 31 79.53 -38.15 83.72
C PRO J 31 78.56 -39.28 84.01
N ALA J 32 79.00 -40.19 84.89
CA ALA J 32 78.17 -41.32 85.28
C ALA J 32 76.85 -40.83 85.86
N GLY J 33 75.75 -41.43 85.39
CA GLY J 33 74.42 -40.98 85.73
C GLY J 33 73.76 -40.14 84.65
N THR J 34 74.48 -39.83 83.57
CA THR J 34 73.88 -39.09 82.47
C THR J 34 72.96 -40.00 81.68
N THR J 35 71.77 -39.52 81.37
CA THR J 35 70.80 -40.27 80.59
C THR J 35 70.55 -39.60 79.24
N SER J 36 69.94 -40.33 78.33
CA SER J 36 69.59 -39.80 77.03
C SER J 36 68.39 -40.55 76.49
N HIS J 37 67.41 -39.81 75.99
CA HIS J 37 66.23 -40.45 75.40
C HIS J 37 65.87 -39.79 74.07
N LEU J 38 65.38 -40.60 73.16
CA LEU J 38 64.98 -40.19 71.82
C LEU J 38 63.48 -40.39 71.69
N VAL J 39 62.78 -39.31 71.32
CA VAL J 39 61.32 -39.31 71.23
C VAL J 39 60.93 -39.06 69.78
N PHE J 40 60.09 -39.93 69.24
CA PHE J 40 59.50 -39.80 67.92
C PHE J 40 58.04 -39.43 68.06
N THR J 41 57.65 -38.35 67.39
CA THR J 41 56.33 -37.74 67.53
C THR J 41 55.75 -37.48 66.15
N ASP J 42 54.43 -37.45 66.06
CA ASP J 42 53.75 -37.15 64.81
C ASP J 42 53.45 -35.65 64.73
N ALA J 43 52.67 -35.26 63.72
CA ALA J 43 52.38 -33.84 63.52
C ALA J 43 51.36 -33.31 64.52
N ALA J 44 50.62 -34.18 65.18
CA ALA J 44 49.62 -33.76 66.16
C ALA J 44 50.18 -33.62 67.56
N GLY J 45 51.42 -34.05 67.78
CA GLY J 45 52.02 -34.04 69.10
C GLY J 45 52.00 -35.37 69.82
N GLY J 46 51.53 -36.44 69.17
CA GLY J 46 51.47 -37.75 69.80
C GLY J 46 52.78 -38.50 69.64
N THR J 47 53.19 -39.16 70.72
CA THR J 47 54.46 -39.87 70.74
C THR J 47 54.34 -41.17 69.94
N LEU J 48 55.05 -41.25 68.82
CA LEU J 48 55.09 -42.48 68.04
C LEU J 48 56.14 -43.46 68.55
N GLY J 49 57.08 -43.00 69.36
CA GLY J 49 58.11 -43.88 69.87
C GLY J 49 58.94 -43.21 70.93
N GLU J 50 59.54 -44.03 71.79
CA GLU J 50 60.40 -43.54 72.85
C GLU J 50 61.47 -44.58 73.12
N PHE J 51 62.73 -44.17 73.07
CA PHE J 51 63.85 -45.07 73.28
C PHE J 51 64.87 -44.42 74.20
N GLU J 52 65.63 -45.26 74.90
CA GLU J 52 66.68 -44.80 75.81
C GLU J 52 68.03 -45.22 75.26
N GLY J 53 68.95 -44.27 75.17
CA GLY J 53 70.26 -44.53 74.61
C GLY J 53 71.27 -44.95 75.68
N THR J 54 72.21 -45.78 75.25
CA THR J 54 73.27 -46.26 76.14
C THR J 54 74.32 -45.16 76.28
N VAL J 55 74.32 -44.49 77.43
CA VAL J 55 75.24 -43.39 77.67
C VAL J 55 76.48 -43.93 78.37
N SER J 56 77.63 -43.73 77.76
CA SER J 56 78.91 -44.08 78.36
C SER J 56 79.69 -42.79 78.63
N ALA J 57 80.92 -42.95 79.12
CA ALA J 57 81.71 -41.79 79.53
C ALA J 57 82.06 -40.88 78.37
N LYS J 58 82.06 -41.39 77.14
CA LYS J 58 82.50 -40.61 76.00
C LYS J 58 81.57 -40.67 74.80
N GLU J 59 80.47 -41.41 74.87
CA GLU J 59 79.58 -41.53 73.72
C GLU J 59 78.21 -41.96 74.19
N ILE J 60 77.21 -41.71 73.33
CA ILE J 60 75.85 -42.20 73.52
C ILE J 60 75.51 -43.10 72.34
N HIS J 61 75.02 -44.30 72.64
CA HIS J 61 74.74 -45.30 71.63
C HIS J 61 73.26 -45.63 71.64
N TYR J 62 72.66 -45.68 70.46
CA TYR J 62 71.28 -46.09 70.27
C TYR J 62 71.25 -47.33 69.40
N LEU J 63 70.40 -48.29 69.75
CA LEU J 63 70.29 -49.54 68.99
C LEU J 63 68.92 -50.12 69.25
N GLN J 64 68.11 -50.24 68.21
CA GLN J 64 66.74 -50.74 68.34
C GLN J 64 66.48 -51.80 67.28
N ALA J 65 65.68 -52.78 67.66
CA ALA J 65 65.27 -53.81 66.71
C ALA J 65 64.33 -53.21 65.67
N PRO J 66 64.27 -53.81 64.48
CA PRO J 66 63.39 -53.26 63.43
C PRO J 66 61.92 -53.21 63.83
N ASP J 67 61.48 -54.11 64.72
CA ASP J 67 60.08 -54.09 65.14
C ASP J 67 59.73 -52.82 65.92
N ASP J 68 60.69 -52.29 66.68
CA ASP J 68 60.43 -51.07 67.44
C ASP J 68 60.21 -49.87 66.53
N VAL J 69 61.01 -49.78 65.46
CA VAL J 69 60.96 -48.63 64.56
C VAL J 69 60.10 -48.87 63.33
N LYS J 70 59.44 -50.02 63.26
CA LYS J 70 58.55 -50.29 62.13
C LYS J 70 57.43 -49.26 62.02
N ASN J 71 56.84 -48.86 63.16
CA ASN J 71 55.63 -48.06 63.12
C ASN J 71 55.86 -46.57 62.98
N ILE J 72 57.10 -46.09 63.09
CA ILE J 72 57.38 -44.67 62.86
C ILE J 72 57.35 -44.42 61.35
N PRO J 73 56.50 -43.52 60.88
CA PRO J 73 56.37 -43.28 59.44
C PRO J 73 57.46 -42.36 58.92
N HIS J 74 57.43 -42.14 57.61
CA HIS J 74 58.35 -41.22 56.96
C HIS J 74 57.92 -39.79 57.21
N GLY J 75 58.80 -38.99 57.80
CA GLY J 75 58.51 -37.60 58.09
C GLY J 75 58.14 -37.30 59.52
N ALA J 76 58.20 -38.28 60.42
CA ALA J 76 57.85 -38.06 61.81
C ALA J 76 58.94 -37.26 62.52
N ASN J 77 58.53 -36.34 63.39
CA ASN J 77 59.50 -35.53 64.11
C ASN J 77 60.23 -36.37 65.15
N PHE J 78 61.45 -35.96 65.47
CA PHE J 78 62.26 -36.61 66.50
C PHE J 78 63.00 -35.55 67.29
N GLN J 79 63.15 -35.82 68.59
CA GLN J 79 63.99 -35.03 69.47
C GLN J 79 64.89 -35.96 70.28
N LEU J 80 66.15 -35.57 70.44
CA LEU J 80 67.10 -36.30 71.27
C LEU J 80 67.46 -35.44 72.47
N PHE J 81 67.24 -35.96 73.67
CA PHE J 81 67.49 -35.25 74.91
C PHE J 81 68.60 -35.94 75.69
N VAL J 82 69.46 -35.13 76.30
CA VAL J 82 70.48 -35.61 77.22
C VAL J 82 70.27 -34.93 78.56
N THR J 83 70.20 -35.71 79.62
CA THR J 83 70.00 -35.23 80.98
C THR J 83 71.26 -35.52 81.77
N TYR J 84 72.00 -34.46 82.11
CA TYR J 84 73.16 -34.58 82.97
C TYR J 84 72.72 -34.76 84.42
N PRO J 85 73.57 -35.34 85.27
CA PRO J 85 73.17 -35.58 86.66
C PRO J 85 72.75 -34.30 87.36
N SER J 86 71.63 -34.38 88.08
CA SER J 86 71.07 -33.27 88.85
C SER J 86 70.82 -32.03 88.01
N MET J 87 70.59 -32.20 86.71
CA MET J 87 70.33 -31.08 85.81
C MET J 87 69.11 -31.39 84.95
N GLN J 88 68.49 -30.32 84.46
CA GLN J 88 67.33 -30.48 83.59
C GLN J 88 67.77 -31.02 82.23
N PRO J 89 66.88 -31.75 81.54
CA PRO J 89 67.23 -32.26 80.21
C PRO J 89 67.40 -31.14 79.20
N GLN J 90 68.30 -31.36 78.26
CA GLN J 90 68.52 -30.44 77.16
C GLN J 90 68.49 -31.20 75.85
N CYS J 91 67.98 -30.55 74.81
CA CYS J 91 67.85 -31.17 73.50
C CYS J 91 69.11 -30.89 72.69
N LEU J 92 69.76 -31.95 72.22
CA LEU J 92 70.91 -31.80 71.34
C LEU J 92 70.50 -31.72 69.88
N TYR J 93 69.70 -32.68 69.44
CA TYR J 93 69.32 -32.78 68.03
C TYR J 93 67.81 -32.89 67.91
N PHE J 94 67.29 -32.38 66.80
CA PHE J 94 65.88 -32.52 66.48
C PHE J 94 65.73 -32.51 64.98
N GLY J 95 64.60 -33.01 64.51
CA GLY J 95 64.40 -32.98 63.07
C GLY J 95 63.28 -33.92 62.66
N THR J 96 63.37 -34.40 61.43
CA THR J 96 62.42 -35.36 60.88
C THR J 96 63.15 -36.63 60.49
N ALA J 97 62.53 -37.77 60.76
CA ALA J 97 63.05 -39.06 60.35
C ALA J 97 62.56 -39.39 58.95
N ILE J 98 63.49 -39.70 58.07
CA ILE J 98 63.17 -40.12 56.72
C ILE J 98 63.31 -41.64 56.66
N ARG J 99 62.53 -42.25 55.78
CA ARG J 99 62.56 -43.69 55.57
C ARG J 99 63.25 -43.96 54.25
N LYS J 100 64.44 -44.53 54.33
CA LYS J 100 65.27 -44.80 53.14
C LYS J 100 65.20 -46.29 52.84
N GLU J 101 64.23 -46.66 52.01
CA GLU J 101 63.93 -48.05 51.74
C GLU J 101 63.19 -48.14 50.42
N PRO J 102 63.16 -49.32 49.79
CA PRO J 102 62.29 -49.50 48.63
C PRO J 102 60.83 -49.34 49.03
N ARG J 103 60.09 -48.57 48.26
CA ARG J 103 58.71 -48.26 48.55
C ARG J 103 57.79 -49.00 47.59
N TYR J 104 56.74 -49.60 48.14
CA TYR J 104 55.82 -50.42 47.36
C TYR J 104 54.52 -49.68 47.16
N PRO J 105 54.29 -49.08 45.98
CA PRO J 105 53.05 -48.32 45.79
C PRO J 105 51.84 -49.21 45.64
N LEU J 106 51.94 -50.29 44.88
CA LEU J 106 50.82 -51.20 44.69
C LEU J 106 50.63 -52.06 45.94
N SER J 107 49.42 -52.02 46.49
CA SER J 107 49.13 -52.85 47.67
C SER J 107 49.30 -54.32 47.35
N THR J 108 48.73 -54.77 46.23
CA THR J 108 48.93 -56.13 45.73
C THR J 108 49.07 -56.05 44.22
N VAL J 109 50.22 -56.47 43.70
CA VAL J 109 50.35 -56.66 42.26
C VAL J 109 49.78 -58.03 41.95
N VAL J 110 48.47 -58.07 41.67
CA VAL J 110 47.85 -59.30 41.23
C VAL J 110 48.43 -59.69 39.86
N SER J 111 48.30 -60.96 39.53
CA SER J 111 48.80 -61.43 38.26
C SER J 111 48.07 -60.69 37.14
N PRO J 112 48.77 -59.96 36.28
CA PRO J 112 48.09 -59.18 35.24
C PRO J 112 47.30 -60.09 34.32
N GLU J 113 46.16 -59.58 33.84
CA GLU J 113 45.29 -60.36 32.97
C GLU J 113 45.96 -60.47 31.60
N ASP J 114 46.96 -61.36 31.53
CA ASP J 114 47.60 -61.67 30.27
C ASP J 114 46.60 -62.38 29.37
N SER J 115 46.11 -61.68 28.35
CA SER J 115 45.04 -62.20 27.53
C SER J 115 45.51 -63.41 26.74
N ALA J 116 44.55 -64.08 26.10
CA ALA J 116 44.87 -65.24 25.28
C ALA J 116 45.75 -64.83 24.11
N VAL J 117 46.65 -65.73 23.73
CA VAL J 117 47.61 -65.47 22.67
C VAL J 117 47.53 -66.59 21.65
N GLN J 118 47.81 -66.26 20.39
CA GLN J 118 47.75 -67.21 19.30
C GLN J 118 49.00 -67.08 18.44
N TYR J 119 49.42 -68.22 17.88
CA TYR J 119 50.61 -68.30 17.05
C TYR J 119 50.36 -69.30 15.93
N LYS J 120 51.11 -69.16 14.84
CA LYS J 120 50.99 -70.07 13.72
C LYS J 120 52.33 -70.18 12.99
N ALA J 121 52.48 -71.26 12.23
CA ALA J 121 53.69 -71.52 11.48
C ALA J 121 53.35 -72.41 10.30
N ASN J 122 53.97 -72.15 9.15
CA ASN J 122 53.67 -72.87 7.92
C ASN J 122 54.90 -73.40 7.20
N PHE J 123 56.10 -72.86 7.46
CA PHE J 123 57.36 -73.38 6.95
C PHE J 123 57.42 -73.28 5.42
N VAL J 124 57.37 -72.05 4.93
CA VAL J 124 57.49 -71.81 3.50
C VAL J 124 58.84 -71.19 3.14
N GLY J 125 59.52 -70.57 4.08
CA GLY J 125 60.83 -70.00 3.84
C GLY J 125 61.89 -71.07 3.62
N GLN J 126 63.11 -70.60 3.36
CA GLN J 126 64.22 -71.52 3.09
C GLN J 126 64.66 -72.24 4.36
N TYR J 127 64.80 -71.52 5.46
CA TYR J 127 65.28 -72.08 6.72
C TYR J 127 64.16 -72.03 7.76
N ILE J 128 64.43 -72.64 8.92
CA ILE J 128 63.40 -72.78 9.95
C ILE J 128 62.96 -71.42 10.46
N GLY J 129 63.91 -70.55 10.79
CA GLY J 129 63.60 -69.26 11.35
C GLY J 129 63.84 -69.22 12.85
N PRO J 130 64.03 -68.01 13.38
CA PRO J 130 64.37 -67.89 14.81
C PRO J 130 63.22 -68.18 15.75
N MET J 131 61.99 -68.34 15.24
CA MET J 131 60.85 -68.58 16.13
C MET J 131 60.84 -69.99 16.71
N TRP J 132 61.72 -70.88 16.23
CA TRP J 132 61.87 -72.21 16.79
C TRP J 132 63.25 -72.34 17.41
N LYS J 133 63.30 -72.68 18.69
CA LYS J 133 64.54 -72.84 19.41
C LYS J 133 64.90 -74.32 19.49
N PRO J 134 66.00 -74.76 18.88
CA PRO J 134 66.36 -76.17 18.97
C PRO J 134 66.69 -76.57 20.39
N MET J 135 66.38 -77.82 20.72
CA MET J 135 66.55 -78.36 22.07
C MET J 135 67.24 -79.71 21.99
N GLY J 136 68.06 -79.99 23.01
CA GLY J 136 68.73 -81.27 23.09
C GLY J 136 69.90 -81.40 22.13
N ASN J 137 69.62 -81.40 20.83
CA ASN J 137 70.67 -81.57 19.84
C ASN J 137 71.43 -80.27 19.55
N GLY J 138 70.91 -79.13 19.98
CA GLY J 138 71.62 -77.87 19.82
C GLY J 138 71.30 -77.17 18.51
N TRP J 139 72.02 -76.07 18.31
CA TRP J 139 71.78 -75.20 17.17
C TRP J 139 72.08 -75.91 15.85
N GLY J 140 71.24 -75.66 14.85
CA GLY J 140 71.43 -76.26 13.54
C GLY J 140 70.92 -77.68 13.41
N SER J 141 70.03 -78.11 14.30
CA SER J 141 69.51 -79.47 14.28
C SER J 141 68.15 -79.59 13.62
N LEU J 142 67.66 -78.52 13.00
CA LEU J 142 66.36 -78.53 12.36
C LEU J 142 66.50 -78.13 10.89
N GLY J 143 65.46 -78.40 10.11
CA GLY J 143 65.49 -78.08 8.70
C GLY J 143 64.13 -78.30 8.09
N ILE J 144 64.02 -77.89 6.83
CA ILE J 144 62.76 -77.94 6.08
C ILE J 144 62.90 -78.92 4.94
N HIS J 145 61.94 -79.82 4.81
CA HIS J 145 61.89 -80.80 3.73
C HIS J 145 60.79 -80.41 2.77
N THR J 146 61.13 -80.37 1.48
CA THR J 146 60.25 -79.78 0.48
C THR J 146 59.06 -80.69 0.14
N HIS J 147 59.28 -82.00 0.08
CA HIS J 147 58.25 -82.96 -0.29
C HIS J 147 57.66 -82.64 -1.67
N ALA J 148 58.52 -82.23 -2.60
CA ALA J 148 58.08 -81.92 -3.94
C ALA J 148 57.75 -83.18 -4.75
N LEU J 149 58.27 -84.33 -4.34
CA LEU J 149 57.98 -85.58 -5.05
C LEU J 149 56.56 -86.06 -4.81
N ILE J 150 55.87 -85.52 -3.81
CA ILE J 150 54.49 -85.88 -3.50
C ILE J 150 53.54 -84.71 -3.67
N SER J 151 54.05 -83.53 -4.02
CA SER J 151 53.25 -82.31 -4.17
C SER J 151 52.54 -81.95 -2.85
N GLU J 152 53.35 -81.71 -1.83
CA GLU J 152 52.85 -81.32 -0.52
C GLU J 152 53.65 -80.14 0.00
N ALA J 153 53.10 -79.48 1.01
CA ALA J 153 53.75 -78.32 1.60
C ALA J 153 55.04 -78.72 2.30
N PRO J 154 56.00 -77.80 2.42
CA PRO J 154 57.23 -78.11 3.16
C PRO J 154 56.95 -78.37 4.63
N SER J 155 57.78 -79.20 5.23
CA SER J 155 57.61 -79.62 6.61
C SER J 155 58.89 -79.39 7.40
N MET J 156 58.75 -79.28 8.72
CA MET J 156 59.90 -79.15 9.61
C MET J 156 60.28 -80.53 10.13
N GLY J 157 61.58 -80.79 10.17
CA GLY J 157 62.11 -82.00 10.76
C GLY J 157 63.59 -81.89 10.99
N PRO J 158 64.18 -82.84 11.70
CA PRO J 158 65.63 -82.79 11.93
C PRO J 158 66.38 -82.85 10.61
N ASN J 159 67.47 -82.08 10.54
CA ASN J 159 68.33 -82.15 9.36
C ASN J 159 69.04 -83.50 9.38
N TYR J 160 68.62 -84.39 8.51
CA TYR J 160 69.11 -85.76 8.55
C TYR J 160 70.51 -85.91 7.98
N SER J 161 71.18 -84.79 7.69
CA SER J 161 72.58 -84.85 7.32
C SER J 161 73.43 -85.33 8.50
N LEU J 162 73.11 -84.88 9.71
CA LEU J 162 73.88 -85.27 10.88
C LEU J 162 73.04 -85.59 12.11
N PHE J 163 71.71 -85.58 12.02
CA PHE J 163 70.86 -85.86 13.16
C PHE J 163 69.72 -86.78 12.75
N SER J 164 69.22 -87.54 13.70
CA SER J 164 68.10 -88.45 13.48
C SER J 164 66.89 -88.13 14.34
N SER J 165 67.09 -87.64 15.55
CA SER J 165 66.00 -87.22 16.43
C SER J 165 66.33 -85.83 16.96
N ALA J 166 65.33 -84.95 16.97
CA ALA J 166 65.57 -83.57 17.38
C ALA J 166 64.27 -82.94 17.85
N ALA J 167 64.41 -81.92 18.70
CA ALA J 167 63.26 -81.22 19.26
C ALA J 167 63.41 -79.73 19.05
N ALA J 168 62.26 -79.05 18.93
CA ALA J 168 62.21 -77.60 18.83
C ALA J 168 61.14 -77.08 19.77
N ARG J 169 61.36 -75.88 20.28
CA ARG J 169 60.45 -75.22 21.20
C ARG J 169 60.00 -73.90 20.60
N TRP J 170 58.72 -73.57 20.74
CA TRP J 170 58.26 -72.26 20.30
C TRP J 170 58.95 -71.18 21.10
N LEU J 171 59.34 -70.10 20.41
CA LEU J 171 60.12 -69.05 21.07
C LEU J 171 59.33 -68.39 22.19
N TRP J 172 58.06 -68.09 21.96
CA TRP J 172 57.24 -67.42 22.95
C TRP J 172 56.48 -68.44 23.80
N SER J 173 56.02 -67.96 24.96
CA SER J 173 55.32 -68.79 25.93
C SER J 173 53.84 -68.46 25.94
N MET J 174 53.02 -69.45 26.28
CA MET J 174 51.60 -69.24 26.42
C MET J 174 51.32 -68.49 27.73
N ASN J 175 50.15 -67.86 27.80
CA ASN J 175 49.78 -67.07 28.96
C ASN J 175 48.88 -67.82 29.94
N MET J 176 48.21 -68.89 29.51
CA MET J 176 47.38 -69.70 30.39
C MET J 176 47.80 -71.15 30.32
N ASP J 177 47.37 -71.93 31.31
CA ASP J 177 47.70 -73.35 31.36
C ASP J 177 46.98 -74.11 30.28
N SER J 178 45.68 -73.87 30.12
CA SER J 178 44.91 -74.54 29.07
C SER J 178 45.35 -74.02 27.71
N VAL J 179 45.59 -74.94 26.77
CA VAL J 179 46.04 -74.59 25.43
C VAL J 179 45.45 -75.53 24.40
N THR J 180 45.54 -75.11 23.14
CA THR J 180 45.13 -75.92 21.99
C THR J 180 46.22 -75.85 20.94
N ILE J 181 46.64 -77.00 20.44
CA ILE J 181 47.68 -77.09 19.42
C ILE J 181 47.08 -77.84 18.23
N VAL J 182 46.88 -77.15 17.12
CA VAL J 182 46.36 -77.75 15.90
C VAL J 182 47.52 -77.93 14.94
N VAL J 183 47.79 -79.17 14.56
CA VAL J 183 48.90 -79.47 13.65
C VAL J 183 48.35 -80.23 12.44
N ARG J 184 48.71 -79.75 11.25
CA ARG J 184 48.50 -80.48 10.02
C ARG J 184 49.81 -81.15 9.67
N VAL J 185 49.78 -82.48 9.54
CA VAL J 185 50.98 -83.30 9.43
C VAL J 185 50.85 -84.22 8.23
N LEU J 186 52.01 -84.69 7.75
CA LEU J 186 52.13 -85.70 6.72
C LEU J 186 52.85 -86.92 7.28
N ASN J 187 52.56 -88.07 6.69
CA ASN J 187 53.22 -89.33 7.01
C ASN J 187 53.89 -89.83 5.73
N VAL J 188 55.12 -89.36 5.49
CA VAL J 188 55.85 -89.72 4.28
C VAL J 188 56.89 -90.81 4.54
N GLY J 189 56.89 -91.39 5.74
CA GLY J 189 57.85 -92.43 6.08
C GLY J 189 57.51 -93.14 7.37
N ALA J 190 58.53 -93.48 8.16
CA ALA J 190 58.33 -94.14 9.44
C ALA J 190 59.07 -93.36 10.52
N GLY J 191 58.36 -93.08 11.60
CA GLY J 191 58.96 -92.34 12.71
C GLY J 191 57.95 -92.05 13.79
N LYS J 192 58.35 -91.16 14.69
CA LYS J 192 57.54 -90.72 15.81
C LYS J 192 57.60 -89.21 15.91
N PHE J 193 56.44 -88.59 16.10
CA PHE J 193 56.31 -87.13 16.16
C PHE J 193 55.58 -86.74 17.43
N ASN J 194 56.22 -85.95 18.27
CA ASN J 194 55.70 -85.55 19.57
C ASN J 194 55.24 -84.11 19.52
N VAL J 195 54.03 -83.86 19.98
CA VAL J 195 53.54 -82.51 20.25
C VAL J 195 53.65 -82.29 21.75
N ILE J 196 54.36 -81.23 22.14
CA ILE J 196 54.82 -81.01 23.51
C ILE J 196 54.06 -79.82 24.09
N VAL J 197 53.45 -80.02 25.25
CA VAL J 197 52.59 -79.05 25.89
C VAL J 197 53.02 -78.88 27.34
N CYS J 198 52.86 -77.66 27.85
CA CYS J 198 53.14 -77.33 29.25
C CYS J 198 54.59 -77.59 29.62
N ALA J 199 55.50 -77.40 28.67
CA ALA J 199 56.90 -77.70 28.89
C ALA J 199 57.60 -76.57 29.63
N ASP J 200 58.74 -76.90 30.21
CA ASP J 200 59.62 -75.90 30.80
C ASP J 200 60.43 -75.21 29.69
N TYR J 201 61.17 -74.17 30.08
CA TYR J 201 61.99 -73.46 29.11
C TYR J 201 63.08 -74.33 28.52
N GLN J 202 63.43 -75.43 29.19
CA GLN J 202 64.37 -76.41 28.66
C GLN J 202 63.67 -77.67 28.16
N MET J 203 62.34 -77.72 28.23
CA MET J 203 61.58 -78.91 27.86
C MET J 203 62.04 -80.15 28.64
N GLN J 204 62.08 -80.01 29.96
CA GLN J 204 62.46 -81.12 30.83
C GLN J 204 61.27 -81.95 31.27
N THR J 205 60.17 -81.31 31.66
CA THR J 205 58.94 -82.00 32.01
C THR J 205 57.78 -81.37 31.24
N TYR J 206 56.90 -82.21 30.70
CA TYR J 206 55.82 -81.73 29.86
C TYR J 206 54.83 -82.84 29.64
N LEU J 207 53.63 -82.48 29.21
CA LEU J 207 52.72 -83.44 28.61
C LEU J 207 52.99 -83.50 27.11
N GLY J 208 52.52 -84.57 26.48
CA GLY J 208 52.69 -84.64 25.04
C GLY J 208 51.82 -85.70 24.41
N ILE J 209 51.57 -85.52 23.13
CA ILE J 209 50.87 -86.50 22.31
C ILE J 209 51.82 -86.98 21.23
N GLN J 210 52.02 -88.28 21.15
CA GLN J 210 52.97 -88.88 20.22
C GLN J 210 52.22 -89.62 19.12
N PHE J 211 52.59 -89.35 17.88
CA PHE J 211 52.08 -90.07 16.72
C PHE J 211 53.22 -90.93 16.19
N GLU J 212 53.11 -92.24 16.36
CA GLU J 212 54.05 -93.19 15.79
C GLU J 212 53.44 -93.74 14.51
N THR J 213 54.12 -93.55 13.39
CA THR J 213 53.66 -94.06 12.10
C THR J 213 54.76 -94.96 11.55
N GLY J 214 54.42 -96.22 11.32
CA GLY J 214 55.38 -97.17 10.78
C GLY J 214 54.70 -98.34 10.09
N ILE J 215 55.48 -99.34 9.72
CA ILE J 215 54.91 -100.53 9.09
C ILE J 215 54.05 -101.31 10.08
N SER J 216 54.29 -101.15 11.38
CA SER J 216 53.50 -101.86 12.39
C SER J 216 53.07 -101.01 13.57
N ASN J 217 53.60 -99.79 13.74
CA ASN J 217 53.25 -99.00 14.92
C ASN J 217 51.84 -98.43 14.79
N ASN J 218 51.66 -97.51 13.85
CA ASN J 218 50.36 -96.88 13.52
C ASN J 218 49.56 -96.62 14.80
N LYS J 219 50.14 -95.82 15.68
CA LYS J 219 49.63 -95.69 17.03
C LYS J 219 49.76 -94.26 17.52
N VAL J 220 48.96 -93.92 18.53
CA VAL J 220 49.02 -92.61 19.18
C VAL J 220 49.14 -92.85 20.68
N HIS J 221 50.04 -92.11 21.32
CA HIS J 221 50.37 -92.29 22.73
C HIS J 221 50.24 -90.95 23.46
N VAL J 222 50.09 -91.03 24.77
CA VAL J 222 50.25 -89.88 25.66
C VAL J 222 51.56 -90.07 26.40
N ILE J 223 52.39 -89.03 26.41
CA ILE J 223 53.75 -89.13 26.93
C ILE J 223 54.00 -88.03 27.95
N THR J 224 54.91 -88.33 28.88
CA THR J 224 55.39 -87.40 29.87
C THR J 224 56.87 -87.16 29.63
N GLY J 225 57.31 -85.91 29.79
CA GLY J 225 58.64 -85.51 29.40
C GLY J 225 59.70 -85.75 30.46
N ASP J 226 60.81 -86.36 30.04
CA ASP J 226 62.02 -86.47 30.84
C ASP J 226 63.17 -86.19 29.87
N GLY J 227 63.52 -84.92 29.74
CA GLY J 227 64.50 -84.50 28.75
C GLY J 227 63.84 -84.14 27.43
N PRO J 228 64.48 -83.28 26.66
CA PRO J 228 63.88 -82.87 25.37
C PRO J 228 63.69 -84.01 24.39
N LEU J 229 64.59 -84.99 24.38
CA LEU J 229 64.56 -86.07 23.40
C LEU J 229 64.21 -87.42 24.01
N ASN J 230 63.77 -87.45 25.27
CA ASN J 230 63.38 -88.69 25.94
C ASN J 230 62.05 -88.48 26.64
N TRP J 231 61.26 -89.55 26.71
CA TRP J 231 59.91 -89.45 27.25
C TRP J 231 59.48 -90.81 27.79
N GLY J 232 58.41 -90.78 28.60
CA GLY J 232 57.83 -92.00 29.12
C GLY J 232 56.34 -92.07 28.86
N TYR J 233 55.87 -93.22 28.38
CA TYR J 233 54.47 -93.35 28.00
C TYR J 233 53.58 -93.44 29.24
N GLN J 234 52.32 -93.04 29.07
CA GLN J 234 51.32 -93.10 30.13
C GLN J 234 50.10 -93.86 29.62
N GLY J 235 49.65 -94.82 30.41
CA GLY J 235 48.46 -95.57 30.05
C GLY J 235 48.65 -96.43 28.82
N ASP J 236 47.53 -96.79 28.21
CA ASP J 236 47.53 -97.58 26.99
C ASP J 236 47.60 -96.64 25.78
N ALA J 237 47.41 -97.20 24.59
CA ALA J 237 47.51 -96.41 23.36
C ALA J 237 46.43 -96.85 22.39
N VAL J 238 46.13 -95.97 21.44
CA VAL J 238 45.07 -96.18 20.47
C VAL J 238 45.70 -96.32 19.09
N ASN J 239 45.27 -97.32 18.34
CA ASN J 239 45.74 -97.47 16.96
C ASN J 239 45.20 -96.33 16.11
N ASN J 240 46.07 -95.76 15.28
CA ASN J 240 45.70 -94.61 14.46
C ASN J 240 46.42 -94.70 13.13
N THR J 241 45.75 -94.24 12.07
CA THR J 241 46.36 -94.09 10.76
C THR J 241 46.50 -92.61 10.45
N THR J 242 47.65 -92.24 9.90
CA THR J 242 47.94 -90.85 9.57
C THR J 242 48.13 -90.74 8.07
N ALA J 243 47.16 -90.12 7.40
CA ALA J 243 47.27 -89.82 5.98
C ALA J 243 47.96 -88.48 5.79
N ASN J 244 48.36 -88.21 4.54
CA ASN J 244 48.96 -86.92 4.22
C ASN J 244 47.93 -85.81 4.40
N GLY J 245 48.37 -84.69 4.97
CA GLY J 245 47.49 -83.60 5.26
C GLY J 245 46.44 -83.91 6.30
N ASP J 246 46.84 -84.56 7.39
CA ASP J 246 45.93 -84.94 8.47
C ASP J 246 46.05 -83.92 9.60
N VAL J 247 44.91 -83.45 10.09
CA VAL J 247 44.86 -82.38 11.09
C VAL J 247 44.50 -82.98 12.43
N TYR J 248 45.34 -82.74 13.44
CA TYR J 248 45.14 -83.23 14.78
C TYR J 248 45.11 -82.04 15.74
N THR J 249 44.11 -82.02 16.62
CA THR J 249 43.94 -80.97 17.62
C THR J 249 44.25 -81.58 18.98
N ILE J 250 45.31 -81.08 19.62
CA ILE J 250 45.72 -81.51 20.95
C ILE J 250 45.31 -80.42 21.93
N LYS J 251 44.32 -80.72 22.76
CA LYS J 251 43.82 -79.74 23.74
C LYS J 251 44.22 -80.18 25.14
N TYR J 252 44.88 -79.29 25.86
CA TYR J 252 45.15 -79.48 27.28
C TYR J 252 44.22 -78.56 28.06
N ASN J 253 43.43 -79.14 28.95
CA ASN J 253 42.49 -78.42 29.80
C ASN J 253 43.02 -78.42 31.23
N ASP J 254 43.17 -77.23 31.79
CA ASP J 254 43.69 -77.10 33.15
C ASP J 254 42.65 -77.50 34.19
N LEU J 255 41.53 -76.78 34.23
CA LEU J 255 40.38 -77.28 34.96
C LEU J 255 39.88 -78.54 34.28
N LEU J 256 39.41 -79.50 35.09
CA LEU J 256 39.18 -80.85 34.62
C LEU J 256 40.46 -81.39 33.98
N ASP J 257 41.55 -81.33 34.74
CA ASP J 257 42.91 -81.51 34.25
C ASP J 257 43.01 -82.70 33.32
N THR J 258 43.29 -82.44 32.05
CA THR J 258 43.29 -83.51 31.06
C THR J 258 44.03 -83.06 29.81
N ILE J 259 44.45 -84.05 29.04
CA ILE J 259 45.01 -83.85 27.70
C ILE J 259 44.25 -84.76 26.75
N SER J 260 43.88 -84.23 25.59
CA SER J 260 43.06 -84.98 24.65
C SER J 260 43.50 -84.67 23.22
N CYS J 261 43.21 -85.60 22.32
CA CYS J 261 43.53 -85.45 20.91
C CYS J 261 42.31 -85.75 20.05
N TYR J 262 42.10 -84.93 19.03
CA TYR J 262 41.00 -85.05 18.10
C TYR J 262 41.53 -85.12 16.68
N LYS J 263 40.95 -85.98 15.86
CA LYS J 263 41.33 -86.11 14.46
C LYS J 263 40.31 -85.40 13.58
N GLY J 264 40.78 -84.46 12.79
CA GLY J 264 39.91 -83.77 11.85
C GLY J 264 38.78 -83.03 12.55
N THR J 265 37.57 -83.21 12.03
CA THR J 265 36.40 -82.49 12.51
C THR J 265 35.66 -83.20 13.63
N SER J 266 36.08 -84.40 14.00
CA SER J 266 35.38 -85.14 15.05
C SER J 266 35.72 -84.57 16.42
N LEU J 267 34.69 -84.34 17.23
CA LEU J 267 34.87 -83.86 18.59
C LEU J 267 35.13 -84.98 19.58
N THR J 268 34.98 -86.24 19.16
CA THR J 268 35.29 -87.36 20.05
C THR J 268 36.80 -87.49 20.21
N PRO J 269 37.32 -87.53 21.44
CA PRO J 269 38.76 -87.70 21.62
C PRO J 269 39.22 -89.08 21.17
N LEU J 270 40.19 -89.10 20.24
CA LEU J 270 40.78 -90.37 19.87
C LEU J 270 41.65 -90.92 20.99
N ILE J 271 42.27 -90.04 21.78
CA ILE J 271 43.03 -90.44 22.95
C ILE J 271 42.88 -89.35 24.00
N GLU J 272 42.92 -89.76 25.27
CA GLU J 272 42.74 -88.84 26.37
C GLU J 272 43.42 -89.39 27.61
N ALA J 273 44.04 -88.50 28.38
CA ALA J 273 44.66 -88.85 29.65
C ALA J 273 44.32 -87.79 30.68
N SER J 274 44.31 -88.18 31.95
CA SER J 274 43.97 -87.28 33.03
C SER J 274 44.82 -87.56 34.26
N GLY J 275 45.11 -86.51 35.02
CA GLY J 275 45.84 -86.67 36.26
C GLY J 275 47.32 -86.92 36.11
N LEU J 276 47.93 -86.58 34.98
CA LEU J 276 49.35 -86.80 34.79
C LEU J 276 50.16 -85.88 35.69
N ASP J 277 51.21 -86.44 36.30
CA ASP J 277 52.01 -85.72 37.30
C ASP J 277 53.08 -84.91 36.59
N VAL J 278 52.68 -83.73 36.13
CA VAL J 278 53.60 -82.77 35.52
C VAL J 278 53.36 -81.41 36.14
N PRO J 279 54.41 -80.69 36.53
CA PRO J 279 54.21 -79.35 37.11
C PRO J 279 53.55 -78.41 36.10
N HIS J 280 52.69 -77.54 36.62
CA HIS J 280 51.98 -76.58 35.78
C HIS J 280 52.17 -75.16 36.32
N GLY J 281 51.46 -74.20 35.76
CA GLY J 281 51.54 -72.84 36.24
C GLY J 281 52.58 -72.01 35.50
N GLU J 282 53.02 -70.95 36.17
CA GLU J 282 53.99 -70.05 35.60
C GLU J 282 55.33 -70.75 35.37
N GLY J 283 55.95 -70.47 34.23
CA GLY J 283 57.22 -71.08 33.87
C GLY J 283 57.11 -72.43 33.21
N PHE J 284 55.92 -72.98 33.09
CA PHE J 284 55.68 -74.29 32.48
C PHE J 284 54.58 -74.18 31.44
N ARG J 285 54.67 -73.16 30.59
CA ARG J 285 53.67 -72.90 29.56
C ARG J 285 54.25 -72.93 28.16
N TYR J 286 55.44 -73.53 27.98
CA TYR J 286 56.08 -73.59 26.68
C TYR J 286 55.58 -74.80 25.90
N THR J 287 55.46 -74.63 24.58
CA THR J 287 55.04 -75.69 23.68
C THR J 287 56.17 -76.01 22.71
N GLY J 288 56.07 -77.17 22.08
CA GLY J 288 57.12 -77.56 21.16
C GLY J 288 56.75 -78.77 20.35
N LEU J 289 57.71 -79.21 19.54
CA LEU J 289 57.57 -80.40 18.71
C LEU J 289 58.86 -81.21 18.82
N ALA J 290 58.76 -82.51 18.53
CA ALA J 290 59.92 -83.37 18.54
C ALA J 290 59.74 -84.47 17.50
N TRP J 291 60.86 -84.94 16.95
CA TRP J 291 60.86 -85.99 15.95
C TRP J 291 61.89 -87.04 16.33
N ASN J 292 61.58 -88.29 16.03
CA ASN J 292 62.51 -89.39 16.27
C ASN J 292 62.28 -90.44 15.19
N THR J 293 63.28 -90.64 14.34
CA THR J 293 63.19 -91.62 13.27
C THR J 293 64.36 -92.58 13.37
N ALA J 294 64.08 -93.88 13.26
CA ALA J 294 65.14 -94.88 13.26
C ALA J 294 66.07 -94.71 12.08
N LEU J 295 65.51 -94.43 10.91
CA LEU J 295 66.29 -94.21 9.71
C LEU J 295 66.75 -92.74 9.65
N LEU J 296 67.31 -92.33 8.51
CA LEU J 296 67.75 -90.96 8.31
C LEU J 296 66.92 -90.27 7.22
N SER J 297 65.62 -90.55 7.20
CA SER J 297 64.68 -89.96 6.27
C SER J 297 63.45 -89.47 7.02
N PRO J 298 62.76 -88.46 6.49
CA PRO J 298 61.59 -87.93 7.19
C PRO J 298 60.51 -88.99 7.37
N GLY J 299 59.86 -88.94 8.52
CA GLY J 299 58.78 -89.88 8.82
C GLY J 299 57.43 -89.19 8.83
N VAL J 300 56.91 -88.90 10.02
CA VAL J 300 55.70 -88.11 10.18
C VAL J 300 56.11 -86.74 10.68
N GLU J 301 55.76 -85.70 9.93
CA GLU J 301 56.25 -84.36 10.18
C GLU J 301 55.15 -83.33 9.90
N PRO J 302 55.15 -82.21 10.62
CA PRO J 302 54.09 -81.22 10.41
C PRO J 302 54.40 -80.25 9.28
N THR J 303 53.42 -79.99 8.43
CA THR J 303 53.48 -78.89 7.48
C THR J 303 52.86 -77.62 8.02
N ALA J 304 51.92 -77.73 8.97
CA ALA J 304 51.30 -76.55 9.54
C ALA J 304 51.18 -76.73 11.05
N TRP J 305 51.45 -75.66 11.79
CA TRP J 305 51.36 -75.68 13.24
C TRP J 305 50.61 -74.44 13.70
N GLU J 306 49.83 -74.59 14.77
CA GLU J 306 49.00 -73.50 15.27
C GLU J 306 48.79 -73.69 16.76
N ALA J 307 48.91 -72.61 17.52
CA ALA J 307 48.71 -72.66 18.97
C ALA J 307 47.78 -71.55 19.39
N LYS J 308 46.85 -71.89 20.28
CA LYS J 308 45.90 -70.94 20.84
C LYS J 308 45.87 -71.12 22.34
N ASP J 309 45.79 -70.02 23.08
CA ASP J 309 45.77 -70.07 24.53
C ASP J 309 44.33 -70.27 25.00
N GLY J 310 44.11 -71.30 25.79
CA GLY J 310 42.77 -71.63 26.27
C GLY J 310 42.10 -72.68 25.41
N VAL J 311 41.12 -73.35 26.00
CA VAL J 311 40.36 -74.39 25.30
C VAL J 311 39.02 -73.85 24.83
N MET K 1 72.96 -36.46 59.29
CA MET K 1 72.61 -37.87 59.45
C MET K 1 73.18 -38.42 60.74
N LEU K 2 72.31 -38.86 61.64
CA LEU K 2 72.71 -39.41 62.92
C LEU K 2 72.61 -40.92 63.00
N SER K 3 72.16 -41.58 61.93
CA SER K 3 71.95 -43.02 61.97
C SER K 3 72.59 -43.67 60.75
N THR K 4 72.89 -44.95 60.89
CA THR K 4 73.49 -45.73 59.80
C THR K 4 72.42 -46.00 58.75
N GLY K 5 72.47 -45.25 57.66
CA GLY K 5 71.51 -45.40 56.60
C GLY K 5 72.05 -46.20 55.44
N PRO K 6 71.15 -46.89 54.71
CA PRO K 6 71.58 -47.62 53.53
C PRO K 6 72.03 -46.66 52.43
N ILE K 7 72.93 -47.15 51.60
CA ILE K 7 73.40 -46.40 50.43
C ILE K 7 72.60 -46.83 49.23
N MET K 8 72.04 -45.86 48.51
CA MET K 8 71.32 -46.16 47.29
C MET K 8 72.31 -46.56 46.20
N GLU K 9 72.10 -47.72 45.60
CA GLU K 9 73.01 -48.25 44.59
C GLU K 9 72.18 -48.92 43.51
N THR K 10 72.86 -49.65 42.64
CA THR K 10 72.20 -50.45 41.61
C THR K 10 73.13 -51.57 41.20
N LEU K 11 72.53 -52.70 40.85
CA LEU K 11 73.27 -53.86 40.37
C LEU K 11 72.71 -54.28 39.02
N THR K 12 73.59 -54.78 38.16
CA THR K 12 73.21 -55.14 36.80
C THR K 12 73.00 -56.64 36.66
N LEU K 13 72.03 -57.01 35.85
CA LEU K 13 71.72 -58.40 35.56
C LEU K 13 71.77 -58.62 34.05
N THR K 14 72.32 -59.75 33.65
CA THR K 14 72.43 -60.10 32.24
C THR K 14 71.87 -61.50 32.04
N VAL K 15 71.09 -61.67 30.97
CA VAL K 15 70.50 -62.97 30.68
C VAL K 15 71.58 -63.93 30.20
N GLY K 16 71.60 -65.14 30.76
CA GLY K 16 72.59 -66.11 30.42
C GLY K 16 73.94 -65.94 31.08
N SER K 17 74.09 -64.91 31.92
CA SER K 17 75.33 -64.66 32.63
C SER K 17 75.14 -64.93 34.12
N ALA K 18 76.26 -65.17 34.80
CA ALA K 18 76.24 -65.49 36.23
C ALA K 18 76.25 -64.21 37.04
N PHE K 19 75.27 -64.06 37.92
CA PHE K 19 75.24 -62.93 38.83
C PHE K 19 76.40 -63.04 39.82
N GLU K 20 77.07 -61.91 40.05
CA GLU K 20 78.24 -61.91 40.92
C GLU K 20 78.49 -60.49 41.41
N ILE K 21 78.64 -60.34 42.72
CA ILE K 21 79.09 -59.09 43.34
C ILE K 21 80.52 -59.31 43.81
N PRO K 22 81.50 -58.63 43.21
CA PRO K 22 82.89 -58.83 43.62
C PRO K 22 83.10 -58.46 45.08
N GLY K 23 83.97 -59.23 45.74
CA GLY K 23 84.21 -59.01 47.16
C GLY K 23 85.02 -57.76 47.45
N TRP K 24 85.81 -57.29 46.49
CA TRP K 24 86.71 -56.17 46.75
C TRP K 24 85.98 -54.85 46.98
N LYS K 25 84.68 -54.78 46.70
CA LYS K 25 83.92 -53.56 46.92
C LYS K 25 83.09 -53.59 48.19
N LEU K 26 82.61 -54.77 48.59
CA LEU K 26 81.86 -54.91 49.84
C LEU K 26 82.81 -55.25 51.00
N ARG K 27 83.83 -54.40 51.14
CA ARG K 27 84.86 -54.61 52.14
C ARG K 27 84.36 -54.18 53.52
N GLY K 28 85.20 -54.39 54.53
CA GLY K 28 84.84 -54.11 55.90
C GLY K 28 85.25 -55.22 56.83
N GLU K 29 85.25 -54.97 58.14
CA GLU K 29 85.67 -55.96 59.12
C GLU K 29 84.45 -56.78 59.53
N TYR K 30 84.44 -58.04 59.13
CA TYR K 30 83.34 -58.94 59.46
C TYR K 30 83.82 -60.00 60.43
N PRO K 31 83.41 -59.97 61.69
CA PRO K 31 83.81 -61.01 62.63
C PRO K 31 83.24 -62.36 62.25
N ALA K 32 83.93 -63.42 62.69
CA ALA K 32 83.47 -64.77 62.40
C ALA K 32 82.06 -64.97 62.93
N GLY K 33 81.20 -65.56 62.10
CA GLY K 33 79.79 -65.68 62.40
C GLY K 33 78.92 -64.65 61.71
N THR K 34 79.52 -63.65 61.06
CA THR K 34 78.75 -62.67 60.32
C THR K 34 78.10 -63.30 59.11
N THR K 35 76.80 -63.05 58.95
CA THR K 35 76.07 -63.51 57.77
C THR K 35 75.56 -62.30 57.00
N SER K 36 75.01 -62.56 55.82
CA SER K 36 74.45 -61.49 55.01
C SER K 36 73.59 -62.10 53.92
N HIS K 37 72.57 -61.34 53.50
CA HIS K 37 71.66 -61.83 52.48
C HIS K 37 71.15 -60.67 51.63
N LEU K 38 70.93 -60.97 50.36
CA LEU K 38 70.42 -60.01 49.39
C LEU K 38 68.99 -60.41 49.03
N VAL K 39 68.07 -59.47 49.15
CA VAL K 39 66.65 -59.72 48.95
C VAL K 39 66.18 -58.92 47.74
N PHE K 40 65.55 -59.62 46.80
CA PHE K 40 64.96 -59.04 45.59
C PHE K 40 63.45 -59.08 45.74
N THR K 41 62.81 -57.92 45.62
CA THR K 41 61.37 -57.78 45.77
C THR K 41 60.80 -57.04 44.57
N ASP K 42 59.51 -57.27 44.33
CA ASP K 42 58.81 -56.69 43.19
C ASP K 42 58.17 -55.36 43.59
N ALA K 43 57.30 -54.84 42.72
CA ALA K 43 56.62 -53.58 43.00
C ALA K 43 55.69 -53.68 44.20
N ALA K 44 54.95 -54.78 44.32
CA ALA K 44 54.02 -54.93 45.43
C ALA K 44 54.73 -55.17 46.75
N GLY K 45 55.95 -55.69 46.71
CA GLY K 45 56.65 -56.11 47.90
C GLY K 45 56.77 -57.60 48.07
N GLY K 46 56.15 -58.38 47.19
CA GLY K 46 56.30 -59.82 47.24
C GLY K 46 57.69 -60.25 46.81
N THR K 47 58.49 -60.70 47.77
CA THR K 47 59.87 -61.03 47.48
C THR K 47 59.96 -62.13 46.43
N LEU K 48 60.81 -61.91 45.42
CA LEU K 48 61.04 -62.89 44.38
C LEU K 48 62.48 -63.41 44.38
N GLY K 49 63.26 -63.05 45.39
CA GLY K 49 64.59 -63.64 45.50
C GLY K 49 65.26 -63.46 46.84
N GLU K 50 65.92 -64.50 47.33
CA GLU K 50 66.78 -64.42 48.50
C GLU K 50 68.09 -65.13 48.19
N PHE K 51 69.21 -64.44 48.39
CA PHE K 51 70.52 -65.02 48.17
C PHE K 51 71.37 -64.80 49.41
N GLU K 52 72.29 -65.74 49.67
CA GLU K 52 73.19 -65.68 50.81
C GLU K 52 74.61 -65.49 50.30
N GLY K 53 75.26 -64.42 50.76
CA GLY K 53 76.64 -64.20 50.41
C GLY K 53 77.59 -64.97 51.30
N THR K 54 78.80 -65.18 50.79
CA THR K 54 79.86 -65.85 51.53
C THR K 54 80.71 -64.79 52.23
N VAL K 55 80.66 -64.76 53.55
CA VAL K 55 81.35 -63.75 54.34
C VAL K 55 82.74 -64.26 54.70
N SER K 56 83.74 -63.43 54.46
CA SER K 56 85.12 -63.72 54.85
C SER K 56 85.57 -62.67 55.87
N ALA K 57 86.88 -62.68 56.17
CA ALA K 57 87.40 -61.78 57.19
C ALA K 57 87.23 -60.32 56.79
N LYS K 58 87.49 -59.98 55.53
CA LYS K 58 87.52 -58.59 55.09
C LYS K 58 86.55 -58.27 53.96
N GLU K 59 85.75 -59.23 53.50
CA GLU K 59 84.88 -58.98 52.36
C GLU K 59 83.77 -60.02 52.34
N ILE K 60 82.77 -59.76 51.51
CA ILE K 60 81.70 -60.70 51.20
C ILE K 60 81.58 -60.82 49.69
N HIS K 61 81.35 -62.05 49.22
CA HIS K 61 81.25 -62.35 47.81
C HIS K 61 79.90 -62.98 47.50
N TYR K 62 79.30 -62.56 46.39
CA TYR K 62 78.05 -63.11 45.90
C TYR K 62 78.28 -63.78 44.56
N LEU K 63 77.62 -64.91 44.34
CA LEU K 63 77.77 -65.63 43.08
C LEU K 63 76.57 -66.56 42.92
N GLN K 64 75.77 -66.33 41.88
CA GLN K 64 74.59 -67.14 41.61
C GLN K 64 74.57 -67.56 40.15
N ALA K 65 73.97 -68.71 39.90
CA ALA K 65 73.79 -69.18 38.54
C ALA K 65 72.74 -68.34 37.83
N PRO K 66 72.81 -68.25 36.49
CA PRO K 66 71.82 -67.44 35.76
C PRO K 66 70.38 -67.91 35.96
N ASP K 67 70.17 -69.19 36.24
CA ASP K 67 68.82 -69.66 36.51
C ASP K 67 68.24 -69.01 37.75
N ASP K 68 69.08 -68.66 38.72
CA ASP K 68 68.59 -68.02 39.95
C ASP K 68 68.04 -66.63 39.67
N VAL K 69 68.71 -65.86 38.81
CA VAL K 69 68.33 -64.48 38.54
C VAL K 69 67.52 -64.33 37.28
N LYS K 70 67.20 -65.42 36.59
CA LYS K 70 66.37 -65.33 35.39
C LYS K 70 65.02 -64.69 35.67
N ASN K 71 64.46 -64.91 36.85
CA ASN K 71 63.11 -64.46 37.14
C ASN K 71 63.05 -63.00 37.60
N ILE K 72 64.19 -62.37 37.86
CA ILE K 72 64.22 -60.99 38.36
C ILE K 72 64.21 -60.06 37.16
N PRO K 73 63.20 -59.20 37.01
CA PRO K 73 63.16 -58.26 35.89
C PRO K 73 63.88 -56.96 36.22
N HIS K 74 64.01 -56.11 35.20
CA HIS K 74 64.58 -54.80 35.41
C HIS K 74 63.60 -53.94 36.23
N GLY K 75 64.15 -53.11 37.10
CA GLY K 75 63.34 -52.31 37.99
C GLY K 75 62.92 -52.99 39.27
N ALA K 76 63.31 -54.25 39.47
CA ALA K 76 62.99 -54.93 40.71
C ALA K 76 63.84 -54.39 41.85
N ASN K 77 63.21 -54.11 42.99
CA ASN K 77 63.93 -53.53 44.11
C ASN K 77 64.80 -54.59 44.78
N PHE K 78 65.85 -54.14 45.43
CA PHE K 78 66.74 -55.04 46.15
C PHE K 78 67.26 -54.35 47.41
N GLN K 79 67.69 -55.16 48.36
CA GLN K 79 68.38 -54.64 49.53
C GLN K 79 69.31 -55.69 50.09
N LEU K 80 70.48 -55.26 50.55
CA LEU K 80 71.56 -56.14 50.99
C LEU K 80 71.75 -55.93 52.49
N PHE K 81 71.39 -56.94 53.28
CA PHE K 81 71.53 -56.89 54.72
C PHE K 81 72.78 -57.63 55.16
N VAL K 82 73.47 -57.07 56.15
CA VAL K 82 74.62 -57.71 56.79
C VAL K 82 74.29 -57.84 58.28
N THR K 83 74.25 -59.07 58.77
CA THR K 83 73.91 -59.37 60.15
C THR K 83 75.17 -59.83 60.87
N TYR K 84 75.68 -58.97 61.76
CA TYR K 84 76.80 -59.34 62.61
C TYR K 84 76.35 -60.34 63.66
N PRO K 85 77.27 -61.14 64.21
CA PRO K 85 76.86 -62.13 65.20
C PRO K 85 76.22 -61.49 66.42
N SER K 86 75.15 -62.13 66.91
CA SER K 86 74.39 -61.64 68.06
C SER K 86 73.90 -60.22 67.83
N MET K 87 73.44 -59.93 66.62
CA MET K 87 72.95 -58.60 66.29
C MET K 87 71.80 -58.73 65.29
N GLN K 88 71.07 -57.63 65.13
CA GLN K 88 70.00 -57.55 64.15
C GLN K 88 70.56 -57.21 62.77
N PRO K 89 69.87 -57.61 61.71
CA PRO K 89 70.34 -57.28 60.36
C PRO K 89 70.37 -55.76 60.13
N GLN K 90 71.39 -55.32 59.40
CA GLN K 90 71.56 -53.92 59.06
C GLN K 90 71.64 -53.77 57.55
N CYS K 91 70.80 -52.92 56.97
CA CYS K 91 70.73 -52.76 55.53
C CYS K 91 71.92 -51.91 55.07
N LEU K 92 72.84 -52.54 54.34
CA LEU K 92 73.98 -51.82 53.81
C LEU K 92 73.61 -51.04 52.56
N TYR K 93 72.97 -51.70 51.59
CA TYR K 93 72.63 -51.09 50.32
C TYR K 93 71.21 -51.46 49.94
N PHE K 94 70.56 -50.54 49.24
CA PHE K 94 69.25 -50.79 48.65
C PHE K 94 69.22 -50.15 47.28
N GLY K 95 68.08 -50.26 46.60
CA GLY K 95 67.94 -49.66 45.30
C GLY K 95 67.13 -50.50 44.35
N THR K 96 67.43 -50.41 43.06
CA THR K 96 66.74 -51.15 42.03
C THR K 96 67.75 -51.83 41.12
N ALA K 97 67.32 -52.91 40.49
CA ALA K 97 68.18 -53.71 39.64
C ALA K 97 68.02 -53.28 38.18
N ILE K 98 69.13 -53.01 37.52
CA ILE K 98 69.13 -52.67 36.11
C ILE K 98 69.51 -53.93 35.33
N ARG K 99 69.11 -53.96 34.06
CA ARG K 99 69.38 -55.09 33.19
C ARG K 99 70.23 -54.63 32.02
N LYS K 100 71.41 -55.23 31.86
CA LYS K 100 72.36 -54.85 30.81
C LYS K 100 72.53 -56.05 29.89
N GLU K 101 71.69 -56.11 28.87
CA GLU K 101 71.59 -57.27 28.00
C GLU K 101 70.72 -56.89 26.80
N PRO K 102 70.86 -57.61 25.68
CA PRO K 102 70.05 -57.27 24.50
C PRO K 102 68.56 -57.34 24.76
N ARG K 103 67.89 -56.19 24.70
CA ARG K 103 66.47 -56.14 25.02
C ARG K 103 65.65 -56.87 23.96
N TYR K 104 64.57 -57.50 24.43
CA TYR K 104 63.67 -58.28 23.57
C TYR K 104 62.24 -57.79 23.80
N PRO K 105 61.91 -56.62 23.26
CA PRO K 105 60.54 -56.10 23.43
C PRO K 105 59.48 -57.01 22.86
N LEU K 106 59.76 -57.67 21.74
CA LEU K 106 58.76 -58.55 21.13
C LEU K 106 58.42 -59.71 22.05
N SER K 107 59.42 -60.29 22.73
CA SER K 107 59.15 -61.33 23.71
C SER K 107 58.47 -60.75 24.94
N THR K 108 58.87 -59.53 25.35
CA THR K 108 58.35 -58.96 26.59
C THR K 108 56.85 -58.66 26.49
N VAL K 109 56.44 -57.96 25.44
CA VAL K 109 55.06 -57.50 25.32
C VAL K 109 54.33 -58.39 24.33
N VAL K 110 53.01 -58.47 24.48
CA VAL K 110 52.14 -59.21 23.58
C VAL K 110 51.44 -58.23 22.65
N SER K 111 51.55 -58.47 21.35
CA SER K 111 50.98 -57.57 20.37
C SER K 111 49.46 -57.75 20.30
N PRO K 112 48.72 -56.69 19.98
CA PRO K 112 47.27 -56.85 19.79
C PRO K 112 46.92 -57.82 18.67
N GLU K 113 47.75 -57.92 17.64
CA GLU K 113 47.45 -58.85 16.55
C GLU K 113 47.71 -60.29 16.96
N ASP K 114 48.61 -60.51 17.90
CA ASP K 114 48.85 -61.86 18.45
C ASP K 114 48.06 -62.02 19.74
N SER K 115 46.74 -62.07 19.60
CA SER K 115 45.86 -62.18 20.75
C SER K 115 44.54 -62.81 20.32
N ALA K 116 44.20 -63.95 20.91
CA ALA K 116 42.92 -64.56 20.64
C ALA K 116 41.80 -63.71 21.24
N VAL K 117 40.69 -63.62 20.52
CA VAL K 117 39.59 -62.74 20.91
C VAL K 117 38.33 -63.55 21.11
N GLN K 118 37.52 -63.11 22.06
CA GLN K 118 36.20 -63.67 22.33
C GLN K 118 35.19 -62.54 22.33
N TYR K 119 34.18 -62.65 21.49
CA TYR K 119 33.11 -61.67 21.38
C TYR K 119 31.80 -62.32 21.76
N LYS K 120 30.90 -61.52 22.33
CA LYS K 120 29.64 -62.06 22.84
C LYS K 120 28.55 -61.01 22.72
N ALA K 121 27.34 -61.46 22.39
CA ALA K 121 26.17 -60.61 22.34
C ALA K 121 24.96 -61.42 22.77
N ASN K 122 24.03 -60.77 23.48
CA ASN K 122 22.85 -61.43 23.99
C ASN K 122 21.55 -60.70 23.70
N PHE K 123 21.59 -59.39 23.46
CA PHE K 123 20.46 -58.61 22.96
C PHE K 123 19.30 -58.61 23.96
N VAL K 124 19.62 -58.57 25.25
CA VAL K 124 18.58 -58.63 26.27
C VAL K 124 17.97 -57.27 26.57
N GLY K 125 18.72 -56.19 26.32
CA GLY K 125 18.23 -54.84 26.57
C GLY K 125 17.52 -54.21 25.40
N GLN K 126 17.18 -54.98 24.37
CA GLN K 126 16.48 -54.48 23.19
C GLN K 126 17.27 -53.36 22.51
N TYR K 127 18.59 -53.49 22.48
CA TYR K 127 19.43 -52.52 21.79
C TYR K 127 20.47 -53.28 20.98
N ILE K 128 20.67 -52.87 19.72
CA ILE K 128 21.61 -53.54 18.85
C ILE K 128 23.04 -53.28 19.32
N GLY K 129 23.34 -52.03 19.64
CA GLY K 129 24.68 -51.65 20.02
C GLY K 129 25.49 -51.20 18.83
N PRO K 130 26.66 -50.60 19.10
CA PRO K 130 27.51 -50.13 18.00
C PRO K 130 28.40 -51.21 17.39
N MET K 131 28.37 -52.43 17.91
CA MET K 131 29.25 -53.49 17.44
C MET K 131 28.68 -54.26 16.26
N TRP K 132 27.44 -53.98 15.85
CA TRP K 132 26.79 -54.66 14.73
C TRP K 132 26.58 -53.64 13.61
N LYS K 133 27.48 -53.63 12.65
CA LYS K 133 27.38 -52.72 11.52
C LYS K 133 26.42 -53.30 10.48
N PRO K 134 25.33 -52.62 10.15
CA PRO K 134 24.46 -53.13 9.08
C PRO K 134 25.18 -53.13 7.74
N MET K 135 24.84 -54.14 6.92
CA MET K 135 25.47 -54.33 5.63
C MET K 135 24.39 -54.51 4.57
N GLY K 136 24.55 -53.80 3.45
CA GLY K 136 23.59 -53.91 2.37
C GLY K 136 22.46 -52.91 2.44
N ASN K 137 21.73 -52.89 3.55
CA ASN K 137 20.55 -52.05 3.69
C ASN K 137 20.79 -50.80 4.55
N GLY K 138 22.00 -50.58 5.03
CA GLY K 138 22.29 -49.35 5.74
C GLY K 138 21.68 -49.30 7.13
N TRP K 139 21.73 -48.10 7.71
CA TRP K 139 21.25 -47.90 9.07
C TRP K 139 19.75 -48.13 9.17
N GLY K 140 19.32 -48.63 10.31
CA GLY K 140 17.92 -48.85 10.58
C GLY K 140 17.36 -50.15 10.04
N SER K 141 18.19 -51.00 9.46
CA SER K 141 17.74 -52.26 8.91
C SER K 141 17.76 -53.40 9.90
N LEU K 142 18.31 -53.19 11.10
CA LEU K 142 18.36 -54.20 12.14
C LEU K 142 17.43 -53.82 13.28
N GLY K 143 16.77 -54.82 13.85
CA GLY K 143 15.81 -54.58 14.92
C GLY K 143 15.83 -55.72 15.91
N ILE K 144 15.20 -55.48 17.05
CA ILE K 144 15.09 -56.46 18.12
C ILE K 144 13.62 -56.84 18.28
N HIS K 145 13.35 -58.14 18.34
CA HIS K 145 12.01 -58.68 18.52
C HIS K 145 11.95 -59.38 19.87
N THR K 146 10.96 -59.00 20.68
CA THR K 146 10.93 -59.42 22.07
C THR K 146 10.52 -60.88 22.21
N HIS K 147 9.55 -61.31 21.41
CA HIS K 147 8.98 -62.65 21.51
C HIS K 147 8.45 -62.91 22.92
N ALA K 148 7.46 -62.10 23.31
CA ALA K 148 6.87 -62.20 24.62
C ALA K 148 5.73 -63.21 24.69
N LEU K 149 5.11 -63.54 23.55
CA LEU K 149 4.05 -64.54 23.56
C LEU K 149 4.57 -65.90 24.03
N ILE K 150 5.74 -66.29 23.57
CA ILE K 150 6.45 -67.43 24.11
C ILE K 150 7.44 -66.92 25.14
N SER K 151 7.81 -67.78 26.10
CA SER K 151 8.71 -67.38 27.17
C SER K 151 10.15 -67.49 26.67
N GLU K 152 10.56 -66.50 25.88
CA GLU K 152 11.87 -66.50 25.25
C GLU K 152 12.47 -65.10 25.26
N ALA K 153 13.79 -65.05 25.15
CA ALA K 153 14.54 -63.81 25.19
C ALA K 153 14.48 -63.08 23.85
N PRO K 154 14.73 -61.77 23.84
CA PRO K 154 14.70 -61.02 22.58
C PRO K 154 15.79 -61.47 21.63
N SER K 155 15.51 -61.32 20.33
CA SER K 155 16.43 -61.72 19.28
C SER K 155 16.59 -60.60 18.27
N MET K 156 17.76 -60.58 17.62
CA MET K 156 18.01 -59.62 16.54
C MET K 156 17.59 -60.19 15.20
N GLY K 157 17.08 -59.32 14.34
CA GLY K 157 16.72 -59.68 12.99
C GLY K 157 16.57 -58.45 12.14
N PRO K 158 15.94 -58.59 10.97
CA PRO K 158 15.67 -57.41 10.14
C PRO K 158 14.65 -56.51 10.80
N ASN K 159 14.75 -55.22 10.51
CA ASN K 159 13.72 -54.26 10.91
C ASN K 159 12.56 -54.43 9.94
N TYR K 160 11.56 -55.20 10.36
CA TYR K 160 10.51 -55.63 9.45
C TYR K 160 9.55 -54.52 9.07
N SER K 161 9.64 -53.36 9.71
CA SER K 161 8.87 -52.20 9.24
C SER K 161 9.38 -51.68 7.91
N LEU K 162 10.60 -52.01 7.52
CA LEU K 162 11.17 -51.50 6.28
C LEU K 162 11.75 -52.58 5.38
N PHE K 163 12.36 -53.62 5.95
CA PHE K 163 13.05 -54.63 5.17
C PHE K 163 12.62 -56.04 5.60
N SER K 164 12.66 -56.96 4.63
CA SER K 164 12.44 -58.38 4.90
C SER K 164 13.74 -59.18 4.89
N SER K 165 14.85 -58.55 4.51
CA SER K 165 16.17 -59.17 4.57
C SER K 165 17.15 -58.15 5.12
N ALA K 166 18.13 -58.64 5.87
CA ALA K 166 19.12 -57.76 6.48
C ALA K 166 20.40 -58.55 6.72
N ALA K 167 21.48 -57.82 6.98
CA ALA K 167 22.75 -58.44 7.27
C ALA K 167 23.52 -57.54 8.23
N ALA K 168 24.27 -58.15 9.13
CA ALA K 168 25.07 -57.44 10.11
C ALA K 168 26.48 -58.01 10.10
N ARG K 169 27.46 -57.14 10.30
CA ARG K 169 28.86 -57.52 10.39
C ARG K 169 29.36 -57.10 11.76
N TRP K 170 29.95 -58.04 12.50
CA TRP K 170 30.53 -57.69 13.79
C TRP K 170 31.65 -56.68 13.60
N LEU K 171 31.56 -55.56 14.32
CA LEU K 171 32.42 -54.41 14.03
C LEU K 171 33.88 -54.79 13.95
N TRP K 172 34.37 -55.55 14.92
CA TRP K 172 35.77 -55.91 14.95
C TRP K 172 35.99 -57.26 14.27
N SER K 173 37.23 -57.50 13.87
CA SER K 173 37.61 -58.70 13.15
C SER K 173 38.21 -59.73 14.09
N MET K 174 38.32 -60.95 13.60
CA MET K 174 38.99 -62.02 14.32
C MET K 174 40.48 -62.00 14.00
N ASN K 175 41.28 -62.48 14.95
CA ASN K 175 42.73 -62.51 14.79
C ASN K 175 43.24 -63.85 14.28
N MET K 176 42.36 -64.81 14.06
CA MET K 176 42.75 -66.13 13.58
C MET K 176 41.88 -66.53 12.40
N ASP K 177 42.48 -67.27 11.47
CA ASP K 177 41.71 -67.78 10.34
C ASP K 177 40.66 -68.78 10.80
N SER K 178 41.03 -69.66 11.73
CA SER K 178 40.08 -70.60 12.30
C SER K 178 39.22 -69.90 13.35
N VAL K 179 37.93 -70.24 13.37
CA VAL K 179 36.96 -69.50 14.18
C VAL K 179 35.88 -70.46 14.69
N THR K 180 35.29 -70.10 15.82
CA THR K 180 34.17 -70.85 16.38
C THR K 180 33.04 -69.88 16.69
N ILE K 181 31.83 -70.22 16.26
CA ILE K 181 30.64 -69.40 16.50
C ILE K 181 29.60 -70.25 17.21
N VAL K 182 29.09 -69.76 18.33
CA VAL K 182 28.02 -70.42 19.07
C VAL K 182 26.81 -69.50 19.01
N VAL K 183 25.72 -70.01 18.42
CA VAL K 183 24.49 -69.23 18.28
C VAL K 183 23.33 -70.00 18.86
N ARG K 184 22.58 -69.36 19.75
CA ARG K 184 21.31 -69.89 20.22
C ARG K 184 20.23 -69.29 19.33
N VAL K 185 19.44 -70.12 18.67
CA VAL K 185 18.51 -69.67 17.65
C VAL K 185 17.10 -70.05 18.03
N LEU K 186 16.16 -69.22 17.59
CA LEU K 186 14.74 -69.39 17.80
C LEU K 186 14.05 -69.48 16.46
N ASN K 187 13.12 -70.42 16.33
CA ASN K 187 12.33 -70.61 15.11
C ASN K 187 10.91 -70.14 15.41
N VAL K 188 10.58 -68.93 14.95
CA VAL K 188 9.25 -68.36 15.12
C VAL K 188 8.55 -68.16 13.79
N GLY K 189 9.04 -68.77 12.72
CA GLY K 189 8.42 -68.63 11.42
C GLY K 189 9.34 -69.14 10.33
N ALA K 190 8.90 -68.95 9.10
CA ALA K 190 9.67 -69.36 7.94
C ALA K 190 10.70 -68.30 7.59
N GLY K 191 11.90 -68.75 7.21
CA GLY K 191 12.95 -67.83 6.83
C GLY K 191 14.27 -68.55 6.65
N LYS K 192 15.30 -67.75 6.41
CA LYS K 192 16.67 -68.25 6.24
C LYS K 192 17.60 -67.37 7.08
N PHE K 193 18.47 -68.01 7.84
CA PHE K 193 19.38 -67.31 8.74
C PHE K 193 20.80 -67.80 8.48
N ASN K 194 21.70 -66.89 8.14
CA ASN K 194 23.08 -67.19 7.78
C ASN K 194 24.01 -66.79 8.91
N VAL K 195 24.87 -67.72 9.33
CA VAL K 195 26.01 -67.41 10.17
C VAL K 195 27.24 -67.36 9.26
N ILE K 196 27.91 -66.21 9.24
CA ILE K 196 28.89 -65.88 8.23
C ILE K 196 30.26 -65.73 8.88
N VAL K 197 31.25 -66.47 8.36
CA VAL K 197 32.62 -66.41 8.82
C VAL K 197 33.52 -66.18 7.62
N CYS K 198 34.79 -65.87 7.91
CA CYS K 198 35.81 -65.66 6.88
C CYS K 198 35.42 -64.58 5.89
N ALA K 199 34.64 -63.60 6.35
CA ALA K 199 34.17 -62.55 5.47
C ALA K 199 35.23 -61.47 5.30
N ASP K 200 35.18 -60.79 4.16
CA ASP K 200 36.06 -59.67 3.90
C ASP K 200 35.47 -58.42 4.54
N TYR K 201 36.11 -57.27 4.29
CA TYR K 201 35.68 -56.03 4.91
C TYR K 201 34.25 -55.67 4.49
N GLN K 202 33.93 -55.83 3.21
CA GLN K 202 32.61 -55.49 2.69
C GLN K 202 31.67 -56.69 2.62
N MET K 203 32.08 -57.84 3.16
CA MET K 203 31.27 -59.05 3.16
C MET K 203 30.91 -59.49 1.74
N GLN K 204 31.81 -59.24 0.79
CA GLN K 204 31.59 -59.71 -0.58
C GLN K 204 31.78 -61.22 -0.68
N THR K 205 32.85 -61.73 -0.08
CA THR K 205 33.17 -63.15 -0.11
C THR K 205 33.27 -63.67 1.32
N TYR K 206 32.63 -64.81 1.59
CA TYR K 206 32.65 -65.38 2.92
C TYR K 206 32.21 -66.83 2.84
N LEU K 207 32.46 -67.57 3.92
CA LEU K 207 31.83 -68.86 4.12
C LEU K 207 30.64 -68.67 5.06
N GLY K 208 29.66 -69.53 4.94
CA GLY K 208 28.48 -69.40 5.78
C GLY K 208 27.75 -70.71 5.96
N ILE K 209 27.08 -70.81 7.11
CA ILE K 209 26.15 -71.90 7.38
C ILE K 209 24.75 -71.31 7.44
N GLN K 210 23.83 -71.86 6.65
CA GLN K 210 22.49 -71.34 6.52
C GLN K 210 21.50 -72.30 7.15
N PHE K 211 20.70 -71.80 8.08
CA PHE K 211 19.59 -72.54 8.66
C PHE K 211 18.30 -72.03 8.02
N GLU K 212 17.62 -72.89 7.27
CA GLU K 212 16.41 -72.53 6.58
C GLU K 212 15.25 -73.30 7.19
N THR K 213 14.18 -72.59 7.52
CA THR K 213 12.98 -73.23 8.06
C THR K 213 11.76 -72.73 7.29
N GLY K 214 10.73 -73.57 7.25
CA GLY K 214 9.51 -73.26 6.54
C GLY K 214 8.52 -74.39 6.57
N ILE K 215 7.65 -74.46 5.56
CA ILE K 215 6.68 -75.55 5.50
C ILE K 215 7.37 -76.87 5.20
N SER K 216 8.28 -76.87 4.21
CA SER K 216 8.92 -78.12 3.80
C SER K 216 10.40 -77.95 3.49
N ASN K 217 11.02 -76.86 3.95
CA ASN K 217 12.42 -76.58 3.66
C ASN K 217 13.22 -76.41 4.94
N ASN K 218 12.97 -77.27 5.93
CA ASN K 218 13.72 -77.24 7.19
C ASN K 218 15.03 -77.98 6.97
N LYS K 219 16.12 -77.25 6.79
CA LYS K 219 17.40 -77.86 6.49
C LYS K 219 18.53 -76.88 6.80
N VAL K 220 19.76 -77.35 6.57
CA VAL K 220 20.97 -76.57 6.77
C VAL K 220 21.82 -76.69 5.51
N HIS K 221 22.29 -75.56 5.00
CA HIS K 221 23.12 -75.50 3.81
C HIS K 221 24.47 -74.87 4.15
N VAL K 222 25.43 -75.11 3.25
CA VAL K 222 26.73 -74.44 3.28
C VAL K 222 26.77 -73.49 2.09
N ILE K 223 27.11 -72.22 2.36
CA ILE K 223 27.01 -71.17 1.35
C ILE K 223 28.32 -70.42 1.25
N THR K 224 28.56 -69.84 0.08
CA THR K 224 29.63 -68.88 -0.14
C THR K 224 29.04 -67.50 -0.41
N GLY K 225 29.91 -66.50 -0.33
CA GLY K 225 29.48 -65.12 -0.38
C GLY K 225 29.37 -64.58 -1.79
N ASP K 226 28.26 -63.89 -2.06
CA ASP K 226 28.06 -63.11 -3.27
C ASP K 226 27.61 -61.70 -2.91
N GLY K 227 28.00 -61.24 -1.73
CA GLY K 227 27.51 -59.99 -1.19
C GLY K 227 26.85 -60.21 0.14
N PRO K 228 26.57 -59.13 0.87
CA PRO K 228 25.93 -59.28 2.19
C PRO K 228 24.57 -59.93 2.13
N LEU K 229 23.85 -59.82 1.02
CA LEU K 229 22.50 -60.36 0.91
C LEU K 229 22.35 -61.39 -0.20
N ASN K 230 23.43 -61.78 -0.87
CA ASN K 230 23.39 -62.78 -1.92
C ASN K 230 24.36 -63.91 -1.58
N TRP K 231 23.93 -65.15 -1.81
CA TRP K 231 24.74 -66.30 -1.46
C TRP K 231 24.53 -67.40 -2.48
N GLY K 232 25.49 -68.32 -2.53
CA GLY K 232 25.40 -69.48 -3.40
C GLY K 232 25.58 -70.77 -2.64
N TYR K 233 24.63 -71.70 -2.79
CA TYR K 233 24.70 -72.96 -2.07
C TYR K 233 25.85 -73.83 -2.59
N GLN K 234 26.55 -74.47 -1.67
CA GLN K 234 27.67 -75.34 -1.99
C GLN K 234 27.34 -76.76 -1.55
N GLY K 235 27.43 -77.70 -2.49
CA GLY K 235 27.11 -79.07 -2.15
C GLY K 235 25.62 -79.26 -1.91
N ASP K 236 25.30 -80.34 -1.22
CA ASP K 236 23.93 -80.68 -0.91
C ASP K 236 23.55 -80.17 0.48
N ALA K 237 22.25 -80.22 0.77
CA ALA K 237 21.72 -79.79 2.06
C ALA K 237 21.44 -80.98 2.96
N VAL K 238 21.43 -80.72 4.26
CA VAL K 238 21.17 -81.74 5.28
C VAL K 238 19.88 -81.35 6.00
N ASN K 239 18.96 -82.31 6.10
CA ASN K 239 17.70 -82.04 6.78
C ASN K 239 17.93 -81.77 8.26
N ASN K 240 17.26 -80.76 8.77
CA ASN K 240 17.43 -80.35 10.16
C ASN K 240 16.19 -79.61 10.63
N THR K 241 15.70 -79.98 11.81
CA THR K 241 14.57 -79.30 12.44
C THR K 241 15.12 -78.33 13.48
N THR K 242 14.83 -77.05 13.33
CA THR K 242 15.32 -76.02 14.23
C THR K 242 14.26 -75.74 15.30
N ALA K 243 14.50 -76.23 16.50
CA ALA K 243 13.62 -75.98 17.63
C ALA K 243 13.98 -74.65 18.30
N ASN K 244 13.05 -74.14 19.10
CA ASN K 244 13.29 -72.91 19.82
C ASN K 244 14.38 -73.10 20.86
N GLY K 245 15.28 -72.14 20.94
CA GLY K 245 16.42 -72.24 21.85
C GLY K 245 17.40 -73.33 21.49
N ASP K 246 17.71 -73.48 20.20
CA ASP K 246 18.65 -74.49 19.75
C ASP K 246 20.04 -73.90 19.62
N VAL K 247 21.03 -74.55 20.22
CA VAL K 247 22.40 -74.06 20.24
C VAL K 247 23.19 -74.76 19.15
N TYR K 248 23.68 -73.97 18.19
CA TYR K 248 24.50 -74.47 17.09
C TYR K 248 25.91 -73.94 17.22
N THR K 249 26.88 -74.75 16.79
CA THR K 249 28.29 -74.37 16.79
C THR K 249 28.82 -74.50 15.37
N ILE K 250 29.11 -73.36 14.74
CA ILE K 250 29.69 -73.30 13.42
C ILE K 250 31.19 -73.10 13.60
N LYS K 251 31.98 -74.10 13.22
CA LYS K 251 33.41 -74.08 13.41
C LYS K 251 34.11 -74.14 12.06
N TYR K 252 35.00 -73.19 11.81
CA TYR K 252 35.85 -73.22 10.63
C TYR K 252 37.28 -73.52 11.05
N ASN K 253 37.85 -74.57 10.48
CA ASN K 253 39.23 -74.95 10.72
C ASN K 253 40.03 -74.63 9.46
N ASP K 254 41.05 -73.77 9.61
CA ASP K 254 41.83 -73.32 8.47
C ASP K 254 42.82 -74.37 7.99
N LEU K 255 43.43 -75.13 8.92
CA LEU K 255 44.35 -76.18 8.50
C LEU K 255 43.63 -77.28 7.74
N LEU K 256 42.42 -77.64 8.18
CA LEU K 256 41.57 -78.52 7.40
C LEU K 256 40.94 -77.83 6.19
N ASP K 257 40.87 -76.50 6.21
CA ASP K 257 40.09 -75.75 5.23
C ASP K 257 38.66 -76.26 5.17
N THR K 258 38.09 -76.50 6.35
CA THR K 258 36.80 -77.16 6.48
C THR K 258 35.89 -76.35 7.38
N ILE K 259 34.67 -76.09 6.91
CA ILE K 259 33.65 -75.42 7.71
C ILE K 259 32.58 -76.44 8.06
N SER K 260 32.28 -76.57 9.34
CA SER K 260 31.33 -77.55 9.83
C SER K 260 30.37 -76.92 10.81
N CYS K 261 29.22 -77.55 10.99
CA CYS K 261 28.22 -77.11 11.93
C CYS K 261 27.77 -78.30 12.77
N TYR K 262 27.84 -78.14 14.09
CA TYR K 262 27.40 -79.13 15.06
C TYR K 262 26.13 -78.64 15.74
N LYS K 263 25.14 -79.51 15.85
CA LYS K 263 23.86 -79.18 16.46
C LYS K 263 23.88 -79.60 17.92
N GLY K 264 23.53 -78.67 18.81
CA GLY K 264 23.54 -78.98 20.22
C GLY K 264 24.92 -79.34 20.69
N THR K 265 25.01 -80.44 21.46
CA THR K 265 26.28 -80.92 21.98
C THR K 265 26.79 -82.14 21.20
N SER K 266 26.24 -82.39 20.03
CA SER K 266 26.65 -83.56 19.24
C SER K 266 28.11 -83.42 18.82
N LEU K 267 28.86 -84.50 18.98
CA LEU K 267 30.28 -84.52 18.62
C LEU K 267 30.50 -84.79 17.14
N THR K 268 29.46 -85.16 16.40
CA THR K 268 29.52 -85.36 14.96
C THR K 268 28.95 -84.14 14.26
N PRO K 269 29.62 -83.60 13.24
CA PRO K 269 29.09 -82.40 12.57
C PRO K 269 27.71 -82.66 11.97
N LEU K 270 26.79 -81.72 12.23
CA LEU K 270 25.50 -81.76 11.54
C LEU K 270 25.67 -81.56 10.05
N ILE K 271 26.56 -80.64 9.66
CA ILE K 271 26.92 -80.44 8.26
C ILE K 271 28.42 -80.16 8.17
N GLU K 272 28.98 -80.38 6.99
CA GLU K 272 30.41 -80.21 6.80
C GLU K 272 30.69 -79.95 5.32
N ALA K 273 31.63 -79.06 5.05
CA ALA K 273 32.09 -78.79 3.70
C ALA K 273 33.56 -78.39 3.74
N SER K 274 34.23 -78.57 2.61
CA SER K 274 35.67 -78.34 2.57
C SER K 274 36.07 -77.86 1.18
N GLY K 275 37.21 -77.16 1.13
CA GLY K 275 37.79 -76.76 -0.13
C GLY K 275 37.04 -75.70 -0.90
N LEU K 276 36.19 -74.91 -0.23
CA LEU K 276 35.43 -73.88 -0.92
C LEU K 276 36.36 -72.77 -1.38
N ASP K 277 36.09 -72.26 -2.59
CA ASP K 277 36.96 -71.26 -3.23
C ASP K 277 36.63 -69.89 -2.67
N VAL K 278 37.16 -69.61 -1.48
CA VAL K 278 37.01 -68.33 -0.82
C VAL K 278 38.37 -67.89 -0.30
N PRO K 279 38.78 -66.65 -0.53
CA PRO K 279 40.07 -66.20 0.00
C PRO K 279 40.10 -66.24 1.53
N HIS K 280 41.24 -66.64 2.07
CA HIS K 280 41.42 -66.79 3.50
C HIS K 280 42.68 -66.06 3.92
N GLY K 281 42.78 -65.81 5.22
CA GLY K 281 43.93 -65.13 5.78
C GLY K 281 43.59 -63.74 6.28
N GLU K 282 44.62 -62.91 6.36
CA GLU K 282 44.45 -61.55 6.83
C GLU K 282 43.61 -60.74 5.85
N GLY K 283 42.71 -59.92 6.39
CA GLY K 283 41.78 -59.16 5.59
C GLY K 283 40.48 -59.88 5.30
N PHE K 284 40.39 -61.17 5.61
CA PHE K 284 39.18 -61.97 5.41
C PHE K 284 38.83 -62.71 6.69
N ARG K 285 38.87 -61.99 7.82
CA ARG K 285 38.59 -62.58 9.13
C ARG K 285 37.38 -61.93 9.80
N TYR K 286 36.51 -61.31 9.03
CA TYR K 286 35.31 -60.72 9.60
C TYR K 286 34.21 -61.78 9.71
N THR K 287 33.25 -61.50 10.57
CA THR K 287 32.14 -62.43 10.80
C THR K 287 30.85 -61.62 10.92
N GLY K 288 29.73 -62.32 10.78
CA GLY K 288 28.45 -61.63 10.82
C GLY K 288 27.29 -62.58 10.73
N LEU K 289 26.11 -61.98 10.53
CA LEU K 289 24.85 -62.67 10.50
C LEU K 289 24.01 -62.13 9.35
N ALA K 290 23.06 -62.93 8.88
CA ALA K 290 22.17 -62.48 7.83
C ALA K 290 20.81 -63.13 7.99
N TRP K 291 19.77 -62.43 7.54
CA TRP K 291 18.40 -62.92 7.62
C TRP K 291 17.69 -62.62 6.31
N ASN K 292 16.84 -63.54 5.87
CA ASN K 292 16.02 -63.33 4.69
C ASN K 292 14.70 -64.05 4.88
N THR K 293 13.60 -63.31 4.89
CA THR K 293 12.28 -63.91 5.01
C THR K 293 11.39 -63.41 3.90
N ALA K 294 10.62 -64.33 3.30
CA ALA K 294 9.66 -63.95 2.29
C ALA K 294 8.56 -63.06 2.88
N LEU K 295 8.10 -63.39 4.08
CA LEU K 295 7.09 -62.61 4.77
C LEU K 295 7.75 -61.58 5.68
N LEU K 296 6.96 -60.59 6.08
CA LEU K 296 7.45 -59.53 6.96
C LEU K 296 7.28 -59.90 8.43
N SER K 297 7.76 -61.08 8.79
CA SER K 297 7.67 -61.60 10.14
C SER K 297 8.97 -62.30 10.49
N PRO K 298 9.35 -62.32 11.77
CA PRO K 298 10.58 -63.00 12.16
C PRO K 298 10.55 -64.48 11.82
N GLY K 299 11.70 -65.00 11.40
CA GLY K 299 11.85 -66.41 11.12
C GLY K 299 12.82 -67.07 12.07
N VAL K 300 14.01 -67.42 11.59
CA VAL K 300 15.06 -67.96 12.43
C VAL K 300 15.91 -66.80 12.92
N GLU K 301 15.97 -66.61 14.24
CA GLU K 301 16.66 -65.44 14.75
C GLU K 301 17.58 -65.83 15.91
N PRO K 302 18.74 -65.17 16.03
CA PRO K 302 19.65 -65.48 17.14
C PRO K 302 19.31 -64.72 18.42
N THR K 303 18.98 -65.47 19.47
CA THR K 303 18.89 -64.88 20.80
C THR K 303 20.27 -64.47 21.31
N ALA K 304 21.24 -65.37 21.22
CA ALA K 304 22.59 -65.12 21.72
C ALA K 304 23.61 -65.55 20.69
N TRP K 305 24.68 -64.78 20.57
CA TRP K 305 25.74 -65.00 19.60
C TRP K 305 27.09 -64.90 20.29
N GLU K 306 28.02 -65.75 19.89
CA GLU K 306 29.33 -65.75 20.51
C GLU K 306 30.37 -66.17 19.47
N ALA K 307 31.49 -65.47 19.43
CA ALA K 307 32.58 -65.77 18.52
C ALA K 307 33.86 -65.96 19.31
N LYS K 308 34.70 -66.89 18.86
CA LYS K 308 35.95 -67.20 19.54
C LYS K 308 37.02 -67.52 18.52
N ASP K 309 38.21 -66.97 18.74
CA ASP K 309 39.34 -67.28 17.86
C ASP K 309 39.79 -68.73 18.04
N GLY K 310 40.10 -69.38 16.92
CA GLY K 310 40.64 -70.72 16.96
C GLY K 310 39.57 -71.78 17.11
N VAL K 311 39.98 -73.03 16.96
CA VAL K 311 39.09 -74.17 17.11
C VAL K 311 39.51 -74.99 18.32
N MET L 1 80.16 27.62 54.66
CA MET L 1 79.50 27.74 55.96
C MET L 1 80.22 28.73 56.85
N LEU L 2 79.67 29.94 56.95
CA LEU L 2 80.29 30.96 57.79
C LEU L 2 80.05 30.70 59.28
N SER L 3 78.95 30.04 59.63
CA SER L 3 78.60 29.77 61.01
C SER L 3 78.54 28.28 61.25
N THR L 4 79.06 27.85 62.39
CA THR L 4 78.96 26.45 62.77
C THR L 4 77.57 26.14 63.31
N GLY L 5 77.17 24.88 63.18
CA GLY L 5 75.85 24.46 63.59
C GLY L 5 75.86 23.19 64.41
N PRO L 6 74.69 22.83 64.96
CA PRO L 6 74.60 21.60 65.74
C PRO L 6 74.74 20.36 64.87
N ILE L 7 75.17 19.28 65.51
CA ILE L 7 75.29 17.99 64.85
C ILE L 7 73.97 17.23 65.01
N MET L 8 73.50 16.64 63.91
CA MET L 8 72.26 15.88 63.93
C MET L 8 72.56 14.46 64.41
N GLU L 9 72.06 14.12 65.59
CA GLU L 9 72.20 12.79 66.15
C GLU L 9 70.84 12.25 66.54
N THR L 10 70.80 11.09 67.19
CA THR L 10 69.56 10.53 67.71
C THR L 10 69.80 10.01 69.11
N LEU L 11 68.83 10.23 69.98
CA LEU L 11 68.76 9.60 71.29
C LEU L 11 67.87 8.37 71.20
N THR L 12 68.05 7.45 72.14
CA THR L 12 67.25 6.25 72.20
C THR L 12 66.58 6.14 73.57
N LEU L 13 65.33 5.71 73.57
CA LEU L 13 64.55 5.60 74.79
C LEU L 13 63.92 4.21 74.87
N THR L 14 63.87 3.65 76.08
CA THR L 14 63.32 2.33 76.31
C THR L 14 62.51 2.36 77.60
N VAL L 15 61.33 1.73 77.58
CA VAL L 15 60.51 1.65 78.78
C VAL L 15 61.20 0.77 79.80
N GLY L 16 61.25 1.23 81.05
CA GLY L 16 61.89 0.50 82.11
C GLY L 16 63.40 0.64 82.15
N SER L 17 63.99 1.39 81.24
CA SER L 17 65.43 1.57 81.17
C SER L 17 65.78 3.01 81.50
N ALA L 18 66.82 3.20 82.30
CA ALA L 18 67.25 4.53 82.68
C ALA L 18 67.90 5.23 81.48
N PHE L 19 67.34 6.36 81.08
CA PHE L 19 67.95 7.14 80.00
C PHE L 19 69.27 7.73 80.47
N GLU L 20 70.30 7.60 79.64
CA GLU L 20 71.63 8.03 80.01
C GLU L 20 72.43 8.39 78.76
N ILE L 21 73.08 9.55 78.80
CA ILE L 21 74.08 9.93 77.82
C ILE L 21 75.44 9.86 78.49
N PRO L 22 76.30 8.91 78.13
CA PRO L 22 77.59 8.77 78.82
C PRO L 22 78.46 9.99 78.60
N GLY L 23 79.31 10.27 79.60
CA GLY L 23 80.20 11.41 79.51
C GLY L 23 81.22 11.31 78.39
N TRP L 24 81.66 10.11 78.06
CA TRP L 24 82.68 9.95 77.03
C TRP L 24 82.17 10.24 75.64
N LYS L 25 80.86 10.35 75.44
CA LYS L 25 80.30 10.78 74.17
C LYS L 25 80.06 12.28 74.11
N LEU L 26 80.36 13.00 75.19
CA LEU L 26 80.22 14.45 75.26
C LEU L 26 81.52 15.08 75.75
N ARG L 27 82.63 14.62 75.18
CA ARG L 27 83.94 15.08 75.63
C ARG L 27 84.18 16.53 75.23
N GLY L 28 85.01 17.21 76.02
CA GLY L 28 85.33 18.59 75.77
C GLY L 28 85.93 19.23 77.01
N GLU L 29 86.46 20.42 76.82
CA GLU L 29 87.08 21.19 77.90
C GLU L 29 86.05 22.17 78.43
N TYR L 30 85.47 21.85 79.58
CA TYR L 30 84.40 22.65 80.17
C TYR L 30 84.90 23.34 81.42
N PRO L 31 85.04 24.67 81.43
CA PRO L 31 85.44 25.37 82.64
C PRO L 31 84.36 25.29 83.71
N ALA L 32 84.78 25.54 84.95
CA ALA L 32 83.85 25.51 86.08
C ALA L 32 82.76 26.55 85.88
N GLY L 33 81.52 26.17 86.23
CA GLY L 33 80.37 27.00 86.01
C GLY L 33 79.60 26.69 84.74
N THR L 34 80.14 25.84 83.88
CA THR L 34 79.44 25.44 82.67
C THR L 34 78.22 24.62 83.00
N THR L 35 77.15 24.81 82.23
CA THR L 35 75.91 24.05 82.41
C THR L 35 75.52 23.41 81.08
N SER L 36 74.64 22.42 81.17
CA SER L 36 74.12 21.76 79.98
C SER L 36 72.69 21.32 80.25
N HIS L 37 71.80 21.59 79.30
CA HIS L 37 70.41 21.17 79.43
C HIS L 37 69.92 20.55 78.13
N LEU L 38 69.12 19.51 78.28
CA LEU L 38 68.55 18.76 77.17
C LEU L 38 67.04 18.99 77.15
N VAL L 39 66.53 19.43 76.00
CA VAL L 39 65.13 19.80 75.85
C VAL L 39 64.50 18.85 74.84
N PHE L 40 63.43 18.18 75.25
CA PHE L 40 62.63 17.33 74.40
C PHE L 40 61.36 18.08 74.01
N THR L 41 61.11 18.17 72.71
CA THR L 41 60.05 18.98 72.14
C THR L 41 59.22 18.13 71.20
N ASP L 42 57.98 18.56 70.97
CA ASP L 42 57.11 17.92 70.00
C ASP L 42 57.11 18.72 68.70
N ALA L 43 56.30 18.27 67.73
CA ALA L 43 56.26 18.92 66.43
C ALA L 43 55.71 20.33 66.54
N ALA L 44 54.70 20.54 67.38
CA ALA L 44 54.10 21.87 67.52
C ALA L 44 55.08 22.88 68.14
N GLY L 45 56.05 22.40 68.89
CA GLY L 45 57.02 23.26 69.55
C GLY L 45 56.93 23.29 71.06
N GLY L 46 56.05 22.48 71.66
CA GLY L 46 55.94 22.46 73.11
C GLY L 46 56.96 21.52 73.73
N THR L 47 57.49 21.93 74.88
CA THR L 47 58.51 21.17 75.57
C THR L 47 57.89 19.92 76.20
N LEU L 48 58.25 18.74 75.68
CA LEU L 48 57.83 17.50 76.30
C LEU L 48 58.68 17.13 77.49
N GLY L 49 59.86 17.74 77.63
CA GLY L 49 60.72 17.43 78.75
C GLY L 49 61.94 18.32 78.85
N GLU L 50 62.46 18.49 80.07
CA GLU L 50 63.65 19.30 80.29
C GLU L 50 64.53 18.60 81.32
N PHE L 51 65.82 18.44 80.99
CA PHE L 51 66.75 17.77 81.88
C PHE L 51 68.04 18.58 81.97
N GLU L 52 68.74 18.44 83.08
CA GLU L 52 70.02 19.11 83.29
C GLU L 52 71.10 18.05 83.44
N GLY L 53 72.20 18.22 82.71
CA GLY L 53 73.31 17.29 82.74
C GLY L 53 74.36 17.73 83.73
N THR L 54 74.99 16.75 84.38
CA THR L 54 76.04 17.03 85.35
C THR L 54 77.33 17.30 84.59
N VAL L 55 77.70 18.57 84.50
CA VAL L 55 78.88 18.99 83.74
C VAL L 55 80.10 18.88 84.64
N SER L 56 81.08 18.09 84.22
CA SER L 56 82.35 17.98 84.90
C SER L 56 83.39 18.78 84.13
N ALA L 57 84.66 18.66 84.53
CA ALA L 57 85.72 19.40 83.88
C ALA L 57 86.01 18.90 82.47
N LYS L 58 85.67 17.64 82.16
CA LYS L 58 86.02 17.05 80.88
C LYS L 58 84.88 16.33 80.18
N GLU L 59 83.68 16.29 80.76
CA GLU L 59 82.59 15.56 80.13
C GLU L 59 81.27 16.06 80.68
N ILE L 60 80.19 15.74 79.96
CA ILE L 60 78.83 16.02 80.38
C ILE L 60 78.10 14.69 80.51
N HIS L 61 77.46 14.49 81.65
CA HIS L 61 76.78 13.23 81.94
C HIS L 61 75.30 13.49 82.15
N TYR L 62 74.46 12.71 81.47
CA TYR L 62 73.01 12.74 81.65
C TYR L 62 72.56 11.41 82.21
N LEU L 63 71.64 11.45 83.15
CA LEU L 63 71.13 10.23 83.78
C LEU L 63 69.73 10.52 84.32
N GLN L 64 68.73 9.86 83.76
CA GLN L 64 67.35 10.06 84.17
C GLN L 64 66.67 8.72 84.41
N ALA L 65 65.74 8.71 85.35
CA ALA L 65 64.95 7.52 85.62
C ALA L 65 63.99 7.25 84.48
N PRO L 66 63.58 5.99 84.30
CA PRO L 66 62.58 5.69 83.26
C PRO L 66 61.28 6.44 83.43
N ASP L 67 60.90 6.77 84.66
CA ASP L 67 59.66 7.49 84.90
C ASP L 67 59.71 8.90 84.32
N ASP L 68 60.89 9.52 84.31
CA ASP L 68 61.02 10.85 83.73
C ASP L 68 60.81 10.83 82.22
N VAL L 69 61.34 9.81 81.55
CA VAL L 69 61.31 9.75 80.09
C VAL L 69 60.15 8.91 79.55
N LYS L 70 59.29 8.39 80.43
CA LYS L 70 58.13 7.64 79.97
C LYS L 70 57.20 8.47 79.08
N ASN L 71 57.24 9.80 79.16
CA ASN L 71 56.29 10.65 78.46
C ASN L 71 56.82 11.16 77.12
N ILE L 72 58.01 10.77 76.71
CA ILE L 72 58.59 11.21 75.45
C ILE L 72 58.21 10.21 74.37
N PRO L 73 57.43 10.61 73.36
CA PRO L 73 57.00 9.66 72.33
C PRO L 73 58.12 9.34 71.35
N HIS L 74 57.86 8.33 70.53
CA HIS L 74 58.80 7.96 69.47
C HIS L 74 58.92 9.08 68.46
N GLY L 75 60.15 9.34 68.01
CA GLY L 75 60.40 10.40 67.07
C GLY L 75 60.11 11.79 67.60
N ALA L 76 60.57 12.09 68.80
CA ALA L 76 60.33 13.38 69.45
C ALA L 76 61.60 14.23 69.39
N ASN L 77 61.47 15.50 69.03
CA ASN L 77 62.65 16.33 68.80
C ASN L 77 63.42 16.53 70.10
N PHE L 78 64.73 16.77 69.96
CA PHE L 78 65.57 17.03 71.11
C PHE L 78 66.70 17.97 70.71
N GLN L 79 67.07 18.84 71.64
CA GLN L 79 68.20 19.75 71.50
C GLN L 79 69.03 19.75 72.78
N LEU L 80 70.34 19.70 72.63
CA LEU L 80 71.26 19.63 73.77
C LEU L 80 72.09 20.90 73.78
N PHE L 81 71.77 21.81 74.70
CA PHE L 81 72.45 23.10 74.82
C PHE L 81 73.53 23.04 75.88
N VAL L 82 74.67 23.65 75.59
CA VAL L 82 75.77 23.81 76.53
C VAL L 82 76.03 25.30 76.70
N THR L 83 76.00 25.77 77.94
CA THR L 83 76.19 27.17 78.27
C THR L 83 77.48 27.32 79.06
N TYR L 84 78.48 27.94 78.46
CA TYR L 84 79.72 28.25 79.13
C TYR L 84 79.51 29.44 80.08
N PRO L 85 80.40 29.61 81.05
CA PRO L 85 80.23 30.72 82.00
C PRO L 85 80.21 32.07 81.30
N SER L 86 79.22 32.89 81.68
CA SER L 86 79.04 34.24 81.14
C SER L 86 78.93 34.23 79.62
N MET L 87 78.27 33.21 79.06
CA MET L 87 78.08 33.10 77.63
C MET L 87 76.64 32.69 77.34
N GLN L 88 76.21 32.97 76.11
CA GLN L 88 74.88 32.56 75.68
C GLN L 88 74.86 31.05 75.40
N PRO L 89 73.69 30.41 75.52
CA PRO L 89 73.63 28.96 75.31
C PRO L 89 73.99 28.60 73.88
N GLN L 90 74.63 27.44 73.73
CA GLN L 90 75.08 26.93 72.45
C GLN L 90 74.59 25.50 72.28
N CYS L 91 73.99 25.23 71.13
CA CYS L 91 73.44 23.90 70.84
C CYS L 91 74.51 23.04 70.20
N LEU L 92 74.88 21.95 70.87
CA LEU L 92 75.88 21.04 70.35
C LEU L 92 75.26 19.97 69.47
N TYR L 93 74.18 19.35 69.93
CA TYR L 93 73.52 18.27 69.19
C TYR L 93 72.03 18.53 69.13
N PHE L 94 71.41 18.01 68.09
CA PHE L 94 69.96 18.05 67.95
C PHE L 94 69.52 16.88 67.10
N GLY L 95 68.24 16.56 67.18
CA GLY L 95 67.74 15.46 66.36
C GLY L 95 66.38 15.01 66.82
N THR L 96 66.06 13.75 66.51
CA THR L 96 64.82 13.12 66.93
C THR L 96 65.15 11.90 67.77
N ALA L 97 64.79 11.96 69.05
CA ALA L 97 64.90 10.79 69.91
C ALA L 97 63.88 9.75 69.50
N ILE L 98 64.35 8.52 69.34
CA ILE L 98 63.52 7.39 68.92
C ILE L 98 63.33 6.45 70.10
N ARG L 99 62.42 5.50 69.92
CA ARG L 99 61.98 4.59 70.97
C ARG L 99 62.35 3.17 70.56
N LYS L 100 63.41 2.64 71.16
CA LYS L 100 63.95 1.32 70.81
C LYS L 100 63.54 0.35 71.92
N GLU L 101 62.44 -0.35 71.70
CA GLU L 101 61.88 -1.26 72.69
C GLU L 101 60.84 -2.13 72.02
N PRO L 102 60.42 -3.22 72.67
CA PRO L 102 59.26 -3.96 72.17
C PRO L 102 58.02 -3.10 72.15
N ARG L 103 57.20 -3.26 71.11
CA ARG L 103 55.98 -2.50 70.93
C ARG L 103 54.79 -3.41 71.21
N TYR L 104 53.71 -2.81 71.72
CA TYR L 104 52.48 -3.52 72.06
C TYR L 104 51.33 -2.86 71.33
N PRO L 105 51.21 -3.09 70.02
CA PRO L 105 50.10 -2.48 69.26
C PRO L 105 48.74 -2.99 69.67
N LEU L 106 48.65 -4.19 70.23
CA LEU L 106 47.37 -4.71 70.69
C LEU L 106 46.96 -4.03 71.98
N SER L 107 45.72 -3.52 72.01
CA SER L 107 45.20 -2.93 73.24
C SER L 107 45.11 -3.97 74.35
N THR L 108 44.63 -5.17 74.01
CA THR L 108 44.60 -6.29 74.94
C THR L 108 44.72 -7.58 74.15
N VAL L 109 45.14 -8.63 74.85
CA VAL L 109 45.22 -9.97 74.28
C VAL L 109 44.08 -10.80 74.85
N VAL L 110 43.34 -11.47 73.97
CA VAL L 110 42.17 -12.24 74.35
C VAL L 110 42.35 -13.68 73.89
N SER L 111 42.02 -14.61 74.76
CA SER L 111 42.07 -16.02 74.39
C SER L 111 41.07 -16.27 73.26
N PRO L 112 41.45 -17.01 72.22
CA PRO L 112 40.53 -17.21 71.10
C PRO L 112 39.28 -17.96 71.53
N GLU L 113 38.15 -17.63 70.89
CA GLU L 113 36.88 -18.27 71.18
C GLU L 113 36.92 -19.67 70.55
N ASP L 114 37.53 -20.60 71.28
CA ASP L 114 37.60 -21.98 70.84
C ASP L 114 36.21 -22.62 70.90
N SER L 115 35.80 -23.24 69.79
CA SER L 115 34.48 -23.82 69.69
C SER L 115 34.45 -25.20 70.32
N ALA L 116 33.26 -25.75 70.45
CA ALA L 116 33.10 -27.11 70.95
C ALA L 116 33.72 -28.11 69.99
N VAL L 117 34.32 -29.16 70.54
CA VAL L 117 35.01 -30.16 69.75
C VAL L 117 34.48 -31.55 70.11
N GLN L 118 34.58 -32.46 69.14
CA GLN L 118 34.15 -33.83 69.32
C GLN L 118 35.24 -34.78 68.83
N TYR L 119 35.39 -35.89 69.55
CA TYR L 119 36.42 -36.88 69.25
C TYR L 119 35.83 -38.27 69.33
N LYS L 120 36.40 -39.20 68.56
CA LYS L 120 35.90 -40.55 68.46
C LYS L 120 37.07 -41.53 68.41
N ALA L 121 36.86 -42.73 68.94
CA ALA L 121 37.86 -43.78 68.92
C ALA L 121 37.17 -45.13 69.06
N ASN L 122 37.66 -46.13 68.34
CA ASN L 122 37.04 -47.45 68.33
C ASN L 122 38.00 -48.62 68.46
N PHE L 123 39.31 -48.40 68.32
CA PHE L 123 40.32 -49.43 68.58
C PHE L 123 40.16 -50.63 67.64
N VAL L 124 39.89 -50.36 66.36
CA VAL L 124 39.79 -51.43 65.38
C VAL L 124 41.13 -51.77 64.74
N GLY L 125 42.06 -50.83 64.68
CA GLY L 125 43.35 -51.06 64.08
C GLY L 125 44.21 -52.02 64.89
N GLN L 126 45.49 -52.05 64.51
CA GLN L 126 46.43 -52.98 65.14
C GLN L 126 46.93 -52.46 66.48
N TYR L 127 47.61 -51.32 66.47
CA TYR L 127 48.20 -50.75 67.67
C TYR L 127 47.32 -49.62 68.20
N ILE L 128 47.76 -49.02 69.30
CA ILE L 128 46.95 -48.01 69.98
C ILE L 128 46.87 -46.73 69.16
N GLY L 129 48.00 -46.23 68.68
CA GLY L 129 48.03 -44.99 67.94
C GLY L 129 48.46 -43.83 68.81
N PRO L 130 48.99 -42.77 68.17
CA PRO L 130 49.52 -41.63 68.94
C PRO L 130 48.45 -40.79 69.62
N MET L 131 47.17 -40.95 69.27
CA MET L 131 46.13 -40.14 69.88
C MET L 131 45.95 -40.44 71.37
N TRP L 132 46.45 -41.57 71.84
CA TRP L 132 46.42 -41.92 73.27
C TRP L 132 47.83 -41.81 73.81
N LYS L 133 48.01 -40.95 74.82
CA LYS L 133 49.30 -40.74 75.45
C LYS L 133 49.37 -41.59 76.70
N PRO L 134 50.24 -42.59 76.76
CA PRO L 134 50.36 -43.39 77.97
C PRO L 134 50.91 -42.57 79.13
N MET L 135 50.52 -42.94 80.34
CA MET L 135 50.89 -42.20 81.53
C MET L 135 51.10 -43.16 82.68
N GLY L 136 51.88 -42.71 83.66
CA GLY L 136 52.18 -43.53 84.82
C GLY L 136 53.20 -44.61 84.54
N ASN L 137 52.87 -45.53 83.65
CA ASN L 137 53.74 -46.65 83.33
C ASN L 137 54.65 -46.36 82.14
N GLY L 138 54.55 -45.19 81.53
CA GLY L 138 55.42 -44.82 80.44
C GLY L 138 54.96 -45.34 79.10
N TRP L 139 55.80 -45.10 78.09
CA TRP L 139 55.47 -45.49 76.73
C TRP L 139 55.39 -47.00 76.58
N GLY L 140 54.49 -47.45 75.73
CA GLY L 140 54.33 -48.87 75.47
C GLY L 140 53.62 -49.63 76.56
N SER L 141 52.82 -48.97 77.38
CA SER L 141 52.06 -49.62 78.44
C SER L 141 50.61 -49.87 78.04
N LEU L 142 50.26 -49.66 76.79
CA LEU L 142 48.90 -49.78 76.31
C LEU L 142 48.83 -50.82 75.20
N GLY L 143 47.64 -51.38 75.01
CA GLY L 143 47.48 -52.42 74.01
C GLY L 143 46.02 -52.66 73.66
N ILE L 144 45.83 -53.46 72.62
CA ILE L 144 44.51 -53.80 72.10
C ILE L 144 44.27 -55.29 72.33
N HIS L 145 43.13 -55.61 72.92
CA HIS L 145 42.73 -56.99 73.17
C HIS L 145 41.55 -57.34 72.28
N THR L 146 41.67 -58.46 71.55
CA THR L 146 40.72 -58.76 70.49
C THR L 146 39.36 -59.19 71.04
N HIS L 147 39.36 -59.99 72.11
CA HIS L 147 38.12 -60.49 72.72
C HIS L 147 37.26 -61.23 71.71
N ALA L 148 37.89 -62.06 70.89
CA ALA L 148 37.16 -62.86 69.91
C ALA L 148 36.44 -64.06 70.52
N LEU L 149 36.70 -64.36 71.80
CA LEU L 149 36.04 -65.49 72.44
C LEU L 149 34.54 -65.27 72.53
N ILE L 150 34.12 -64.04 72.86
CA ILE L 150 32.70 -63.70 72.97
C ILE L 150 32.19 -63.01 71.71
N SER L 151 32.98 -62.99 70.64
CA SER L 151 32.62 -62.33 69.38
C SER L 151 32.25 -60.86 69.62
N GLU L 152 33.24 -60.10 70.06
CA GLU L 152 33.07 -58.70 70.40
C GLU L 152 34.17 -57.87 69.73
N ALA L 153 33.94 -56.56 69.71
CA ALA L 153 34.90 -55.64 69.12
C ALA L 153 36.16 -55.58 69.98
N PRO L 154 37.31 -55.27 69.37
CA PRO L 154 38.54 -55.11 70.16
C PRO L 154 38.41 -53.96 71.16
N SER L 155 39.07 -54.12 72.29
CA SER L 155 39.07 -53.13 73.34
C SER L 155 40.49 -52.65 73.61
N MET L 156 40.59 -51.55 74.35
CA MET L 156 41.86 -50.95 74.73
C MET L 156 42.10 -51.15 76.21
N GLY L 157 43.33 -51.50 76.57
CA GLY L 157 43.68 -51.70 77.95
C GLY L 157 45.17 -51.71 78.18
N PRO L 158 45.60 -52.18 79.35
CA PRO L 158 47.02 -52.38 79.58
C PRO L 158 47.56 -53.53 78.74
N ASN L 159 48.85 -53.47 78.43
CA ASN L 159 49.52 -54.59 77.78
C ASN L 159 49.97 -55.54 78.88
N TYR L 160 49.16 -56.56 79.15
CA TYR L 160 49.37 -57.41 80.31
C TYR L 160 50.60 -58.28 80.20
N SER L 161 51.26 -58.32 79.03
CA SER L 161 52.50 -59.07 78.91
C SER L 161 53.57 -58.51 79.84
N LEU L 162 53.53 -57.21 80.13
CA LEU L 162 54.51 -56.62 81.04
C LEU L 162 53.94 -55.55 81.97
N PHE L 163 52.61 -55.43 82.08
CA PHE L 163 52.02 -54.39 82.92
C PHE L 163 50.68 -54.86 83.44
N SER L 164 50.24 -54.23 84.53
CA SER L 164 48.95 -54.54 85.14
C SER L 164 48.01 -53.35 85.20
N SER L 165 48.51 -52.17 85.58
CA SER L 165 47.71 -50.97 85.69
C SER L 165 48.26 -49.92 84.72
N ALA L 166 47.39 -49.31 83.93
CA ALA L 166 47.84 -48.40 82.90
C ALA L 166 46.84 -47.28 82.70
N ALA L 167 47.34 -46.07 82.43
CA ALA L 167 46.50 -44.91 82.20
C ALA L 167 46.84 -44.29 80.85
N ALA L 168 45.82 -43.72 80.20
CA ALA L 168 45.98 -43.06 78.92
C ALA L 168 45.26 -41.73 78.96
N ARG L 169 45.81 -40.76 78.23
CA ARG L 169 45.22 -39.44 78.11
C ARG L 169 44.95 -39.14 76.64
N TRP L 170 43.83 -38.48 76.36
CA TRP L 170 43.57 -38.03 75.00
C TRP L 170 44.60 -36.97 74.62
N LEU L 171 45.08 -37.04 73.38
CA LEU L 171 46.12 -36.12 72.95
C LEU L 171 45.65 -34.68 72.98
N TRP L 172 44.42 -34.44 72.55
CA TRP L 172 43.87 -33.09 72.49
C TRP L 172 43.10 -32.78 73.78
N SER L 173 42.75 -31.50 73.93
CA SER L 173 42.07 -31.01 75.11
C SER L 173 40.73 -30.41 74.73
N MET L 174 39.77 -30.53 75.65
CA MET L 174 38.47 -29.90 75.44
C MET L 174 38.62 -28.38 75.49
N ASN L 175 37.70 -27.70 74.79
CA ASN L 175 37.74 -26.25 74.72
C ASN L 175 36.85 -25.57 75.75
N MET L 176 36.00 -26.33 76.44
CA MET L 176 35.13 -25.78 77.47
C MET L 176 35.16 -26.69 78.68
N ASP L 177 34.72 -26.17 79.82
CA ASP L 177 34.80 -26.92 81.07
C ASP L 177 33.83 -28.09 81.09
N SER L 178 32.58 -27.85 80.70
CA SER L 178 31.61 -28.94 80.64
C SER L 178 31.99 -29.93 79.54
N VAL L 179 31.71 -31.21 79.78
CA VAL L 179 32.14 -32.25 78.86
C VAL L 179 31.22 -33.45 79.00
N THR L 180 31.12 -34.24 77.93
CA THR L 180 30.36 -35.47 77.91
C THR L 180 31.23 -36.57 77.33
N ILE L 181 31.27 -37.73 77.98
CA ILE L 181 32.08 -38.86 77.55
C ILE L 181 31.15 -40.06 77.43
N VAL L 182 31.00 -40.58 76.22
CA VAL L 182 30.18 -41.76 75.97
C VAL L 182 31.11 -42.92 75.68
N VAL L 183 31.04 -43.95 76.52
CA VAL L 183 31.95 -45.09 76.43
C VAL L 183 31.15 -46.37 76.38
N ARG L 184 31.39 -47.19 75.37
CA ARG L 184 30.86 -48.54 75.30
C ARG L 184 31.94 -49.51 75.72
N VAL L 185 31.62 -50.37 76.68
CA VAL L 185 32.61 -51.18 77.39
C VAL L 185 32.28 -52.66 77.26
N LEU L 186 33.22 -53.48 77.72
CA LEU L 186 33.08 -54.92 77.85
C LEU L 186 33.54 -55.34 79.23
N ASN L 187 32.89 -56.38 79.76
CA ASN L 187 33.22 -56.96 81.06
C ASN L 187 33.71 -58.39 80.81
N VAL L 188 35.00 -58.54 80.53
CA VAL L 188 35.59 -59.83 80.26
C VAL L 188 36.37 -60.36 81.46
N GLY L 189 36.14 -59.79 82.64
CA GLY L 189 36.89 -60.19 83.82
C GLY L 189 36.61 -59.29 84.99
N ALA L 190 37.57 -59.21 85.91
CA ALA L 190 37.46 -58.39 87.10
C ALA L 190 38.51 -57.30 87.07
N GLY L 191 38.12 -56.10 87.49
CA GLY L 191 39.06 -54.98 87.50
C GLY L 191 38.35 -53.67 87.75
N LYS L 192 39.06 -52.59 87.44
CA LYS L 192 38.55 -51.23 87.59
C LYS L 192 38.88 -50.44 86.34
N PHE L 193 37.88 -49.69 85.85
CA PHE L 193 38.05 -48.83 84.67
C PHE L 193 37.56 -47.43 85.00
N ASN L 194 38.45 -46.45 84.87
CA ASN L 194 38.16 -45.08 85.24
C ASN L 194 38.05 -44.21 84.00
N VAL L 195 36.94 -43.52 83.85
CA VAL L 195 36.80 -42.45 82.87
C VAL L 195 37.20 -41.15 83.56
N ILE L 196 38.15 -40.43 82.95
CA ILE L 196 38.86 -39.34 83.61
C ILE L 196 38.49 -38.04 82.92
N VAL L 197 38.04 -37.07 83.71
CA VAL L 197 37.56 -35.78 83.25
C VAL L 197 38.28 -34.67 84.01
N CYS L 198 38.48 -33.54 83.32
CA CYS L 198 39.05 -32.34 83.94
C CYS L 198 40.44 -32.61 84.50
N ALA L 199 41.23 -33.39 83.77
CA ALA L 199 42.60 -33.67 84.16
C ALA L 199 43.54 -32.60 83.60
N ASP L 200 44.72 -32.52 84.20
CA ASP L 200 45.76 -31.64 83.71
C ASP L 200 46.54 -32.36 82.61
N TYR L 201 47.65 -31.77 82.16
CA TYR L 201 48.45 -32.40 81.12
C TYR L 201 49.25 -33.59 81.63
N GLN L 202 49.25 -33.85 82.93
CA GLN L 202 49.89 -35.02 83.50
C GLN L 202 48.92 -35.94 84.23
N MET L 203 47.63 -35.62 84.23
CA MET L 203 46.61 -36.39 84.95
C MET L 203 46.97 -36.52 86.44
N GLN L 204 47.31 -35.39 87.05
CA GLN L 204 47.63 -35.37 88.47
C GLN L 204 46.37 -35.16 89.32
N THR L 205 45.54 -34.19 88.95
CA THR L 205 44.28 -33.92 89.64
C THR L 205 43.16 -33.97 88.62
N TYR L 206 42.13 -34.77 88.89
CA TYR L 206 41.05 -34.96 87.93
C TYR L 206 39.84 -35.53 88.64
N LEU L 207 38.68 -35.36 88.02
CA LEU L 207 37.49 -36.11 88.41
C LEU L 207 37.43 -37.39 87.59
N GLY L 208 36.64 -38.34 88.06
CA GLY L 208 36.48 -39.56 87.29
C GLY L 208 35.33 -40.39 87.79
N ILE L 209 34.86 -41.26 86.90
CA ILE L 209 33.87 -42.27 87.22
C ILE L 209 34.52 -43.63 87.06
N GLN L 210 34.52 -44.42 88.12
CA GLN L 210 35.20 -45.70 88.15
C GLN L 210 34.17 -46.83 88.16
N PHE L 211 34.31 -47.77 87.24
CA PHE L 211 33.49 -48.96 87.18
C PHE L 211 34.34 -50.12 87.70
N GLU L 212 33.91 -50.70 88.83
CA GLU L 212 34.58 -51.85 89.41
C GLU L 212 33.74 -53.09 89.14
N THR L 213 34.38 -54.12 88.59
CA THR L 213 33.75 -55.41 88.35
C THR L 213 34.49 -56.47 89.16
N GLY L 214 33.74 -57.25 89.92
CA GLY L 214 34.32 -58.27 90.77
C GLY L 214 33.23 -59.10 91.41
N ILE L 215 33.66 -60.03 92.26
CA ILE L 215 32.71 -60.94 92.91
C ILE L 215 31.78 -60.16 93.83
N SER L 216 32.33 -59.24 94.62
CA SER L 216 31.54 -58.48 95.58
C SER L 216 31.56 -56.99 95.32
N ASN L 217 32.30 -56.51 94.34
CA ASN L 217 32.47 -55.07 94.10
C ASN L 217 32.00 -54.69 92.70
N ASN L 218 30.86 -55.21 92.28
CA ASN L 218 30.22 -54.79 91.03
C ASN L 218 29.56 -53.44 91.28
N LYS L 219 30.35 -52.38 91.20
CA LYS L 219 29.92 -51.07 91.67
C LYS L 219 30.45 -49.97 90.77
N VAL L 220 30.01 -48.75 91.04
CA VAL L 220 30.50 -47.53 90.39
C VAL L 220 30.81 -46.51 91.47
N HIS L 221 31.94 -45.83 91.33
CA HIS L 221 32.39 -44.84 92.28
C HIS L 221 32.68 -43.53 91.56
N VAL L 222 32.64 -42.44 92.32
CA VAL L 222 33.18 -41.16 91.88
C VAL L 222 34.55 -41.02 92.52
N ILE L 223 35.55 -40.71 91.70
CA ILE L 223 36.93 -40.69 92.15
C ILE L 223 37.55 -39.34 91.87
N THR L 224 38.48 -38.95 92.73
CA THR L 224 39.33 -37.79 92.54
C THR L 224 40.78 -38.27 92.49
N GLY L 225 41.49 -37.87 91.44
CA GLY L 225 42.80 -38.45 91.15
C GLY L 225 43.94 -37.80 91.93
N ASP L 226 44.86 -38.63 92.37
CA ASP L 226 46.14 -38.21 92.93
C ASP L 226 47.22 -38.92 92.12
N GLY L 227 47.56 -38.34 90.98
CA GLY L 227 48.41 -39.00 90.01
C GLY L 227 47.60 -39.84 89.05
N PRO L 228 48.20 -40.21 87.92
CA PRO L 228 47.44 -40.97 86.91
C PRO L 228 46.93 -42.33 87.40
N LEU L 229 47.68 -43.01 88.27
CA LEU L 229 47.34 -44.37 88.65
C LEU L 229 46.87 -44.49 90.09
N ASN L 230 46.86 -43.39 90.85
CA ASN L 230 46.41 -43.40 92.23
C ASN L 230 45.24 -42.42 92.38
N TRP L 231 44.24 -42.82 93.16
CA TRP L 231 43.02 -42.02 93.28
C TRP L 231 42.40 -42.27 94.64
N GLY L 232 41.48 -41.37 95.00
CA GLY L 232 40.66 -41.53 96.19
C GLY L 232 39.20 -41.47 95.84
N TYR L 233 38.34 -41.95 96.73
CA TYR L 233 36.90 -42.04 96.47
C TYR L 233 36.17 -40.87 97.11
N GLN L 234 35.04 -40.50 96.52
CA GLN L 234 34.18 -39.45 97.05
C GLN L 234 32.75 -39.97 97.08
N GLY L 235 32.09 -39.83 98.22
CA GLY L 235 30.72 -40.28 98.35
C GLY L 235 30.60 -41.79 98.45
N ASP L 236 29.36 -42.25 98.37
CA ASP L 236 29.06 -43.67 98.48
C ASP L 236 29.36 -44.37 97.15
N ALA L 237 28.99 -45.64 97.07
CA ALA L 237 29.12 -46.42 95.84
C ALA L 237 27.76 -46.96 95.46
N VAL L 238 27.41 -46.84 94.18
CA VAL L 238 26.13 -47.28 93.66
C VAL L 238 26.31 -48.65 93.01
N ASN L 239 25.44 -49.59 93.37
CA ASN L 239 25.52 -50.92 92.80
C ASN L 239 25.21 -50.87 91.31
N ASN L 240 26.00 -51.60 90.52
CA ASN L 240 25.85 -51.58 89.07
C ASN L 240 26.54 -52.81 88.49
N THR L 241 25.80 -53.56 87.68
CA THR L 241 26.38 -54.67 86.93
C THR L 241 26.56 -54.24 85.47
N THR L 242 27.72 -54.55 84.91
CA THR L 242 28.08 -54.14 83.56
C THR L 242 28.15 -55.37 82.67
N ALA L 243 27.41 -55.36 81.58
CA ALA L 243 27.42 -56.43 80.59
C ALA L 243 28.18 -55.98 79.35
N ASN L 244 28.48 -56.95 78.49
CA ASN L 244 29.17 -56.65 77.24
C ASN L 244 28.32 -55.72 76.38
N GLY L 245 28.95 -54.68 75.85
CA GLY L 245 28.23 -53.71 75.05
C GLY L 245 27.46 -52.67 75.81
N ASP L 246 27.77 -52.48 77.09
CA ASP L 246 27.09 -51.47 77.90
C ASP L 246 27.66 -50.09 77.59
N VAL L 247 26.75 -49.11 77.46
CA VAL L 247 27.10 -47.74 77.11
C VAL L 247 26.85 -46.86 78.33
N TYR L 248 27.88 -46.12 78.73
CA TYR L 248 27.80 -45.22 79.87
C TYR L 248 28.15 -43.81 79.44
N THR L 249 27.40 -42.84 79.95
CA THR L 249 27.56 -41.44 79.61
C THR L 249 27.96 -40.68 80.87
N ILE L 250 29.20 -40.20 80.90
CA ILE L 250 29.73 -39.43 82.02
C ILE L 250 29.71 -37.96 81.61
N LYS L 251 28.84 -37.18 82.25
CA LYS L 251 28.71 -35.76 81.96
C LYS L 251 29.23 -34.96 83.15
N TYR L 252 30.18 -34.08 82.89
CA TYR L 252 30.57 -33.06 83.86
C TYR L 252 29.94 -31.74 83.43
N ASN L 253 29.12 -31.17 84.32
CA ASN L 253 28.44 -29.91 84.09
C ASN L 253 29.12 -28.85 84.95
N ASP L 254 29.64 -27.81 84.30
CA ASP L 254 30.37 -26.76 85.01
C ASP L 254 29.44 -25.80 85.75
N LEU L 255 28.26 -25.51 85.18
CA LEU L 255 27.35 -24.58 85.83
C LEU L 255 26.91 -25.09 87.19
N LEU L 256 26.59 -26.38 87.28
CA LEU L 256 26.22 -26.99 88.55
C LEU L 256 27.41 -27.53 89.32
N ASP L 257 28.61 -27.48 88.72
CA ASP L 257 29.81 -28.06 89.33
C ASP L 257 29.58 -29.52 89.72
N THR L 258 28.94 -30.26 88.82
CA THR L 258 28.53 -31.63 89.12
C THR L 258 29.12 -32.60 88.12
N ILE L 259 29.30 -33.84 88.57
CA ILE L 259 29.76 -34.94 87.74
C ILE L 259 28.76 -36.08 87.88
N SER L 260 28.22 -36.55 86.76
CA SER L 260 27.16 -37.54 86.79
C SER L 260 27.44 -38.62 85.76
N CYS L 261 26.91 -39.81 86.02
CA CYS L 261 27.03 -40.94 85.11
C CYS L 261 25.66 -41.54 84.90
N TYR L 262 25.31 -41.75 83.63
CA TYR L 262 24.05 -42.34 83.20
C TYR L 262 24.34 -43.64 82.46
N LYS L 263 23.42 -44.59 82.56
CA LYS L 263 23.57 -45.91 81.97
C LYS L 263 22.56 -46.12 80.87
N GLY L 264 23.02 -46.57 79.71
CA GLY L 264 22.12 -46.92 78.63
C GLY L 264 21.37 -45.71 78.10
N THR L 265 20.06 -45.82 78.02
CA THR L 265 19.22 -44.79 77.42
C THR L 265 18.52 -43.91 78.45
N SER L 266 18.39 -44.38 79.69
CA SER L 266 17.71 -43.61 80.72
C SER L 266 18.47 -42.32 81.02
N LEU L 267 17.71 -41.25 81.25
CA LEU L 267 18.28 -39.95 81.56
C LEU L 267 18.44 -39.70 83.05
N THR L 268 18.00 -40.62 83.90
CA THR L 268 18.24 -40.44 85.32
C THR L 268 19.69 -40.76 85.66
N PRO L 269 20.34 -39.96 86.50
CA PRO L 269 21.76 -40.18 86.81
C PRO L 269 21.95 -41.48 87.58
N LEU L 270 22.71 -42.40 86.99
CA LEU L 270 23.07 -43.62 87.70
C LEU L 270 23.91 -43.31 88.92
N ILE L 271 24.87 -42.39 88.80
CA ILE L 271 25.61 -41.88 89.95
C ILE L 271 25.79 -40.38 89.77
N GLU L 272 25.98 -39.68 90.89
CA GLU L 272 26.11 -38.24 90.86
C GLU L 272 27.03 -37.77 91.98
N ALA L 273 27.63 -36.60 91.79
CA ALA L 273 28.44 -35.95 92.80
C ALA L 273 28.53 -34.48 92.47
N SER L 274 28.77 -33.66 93.49
CA SER L 274 28.81 -32.22 93.31
C SER L 274 29.78 -31.61 94.32
N GLY L 275 30.31 -30.44 93.96
CA GLY L 275 31.15 -29.68 94.87
C GLY L 275 32.52 -30.26 95.10
N LEU L 276 32.99 -31.16 94.24
CA LEU L 276 34.30 -31.77 94.43
C LEU L 276 35.40 -30.74 94.17
N ASP L 277 36.47 -30.85 94.96
CA ASP L 277 37.53 -29.84 94.97
C ASP L 277 38.61 -30.24 93.98
N VAL L 278 38.44 -29.84 92.72
CA VAL L 278 39.47 -30.00 91.70
C VAL L 278 39.59 -28.71 90.92
N PRO L 279 40.78 -28.35 90.43
CA PRO L 279 40.91 -27.14 89.62
C PRO L 279 40.23 -27.30 88.28
N HIS L 280 39.79 -26.16 87.72
CA HIS L 280 39.13 -26.16 86.42
C HIS L 280 39.70 -25.04 85.55
N GLY L 281 39.07 -24.79 84.41
CA GLY L 281 39.53 -23.74 83.52
C GLY L 281 40.63 -24.23 82.59
N GLU L 282 41.42 -23.28 82.11
CA GLU L 282 42.51 -23.60 81.20
C GLU L 282 43.53 -24.49 81.89
N GLY L 283 44.05 -25.46 81.14
CA GLY L 283 45.03 -26.38 81.66
C GLY L 283 44.47 -27.55 82.44
N PHE L 284 43.15 -27.63 82.60
CA PHE L 284 42.49 -28.74 83.28
C PHE L 284 41.30 -29.22 82.47
N ARG L 285 41.52 -29.40 81.17
CA ARG L 285 40.48 -29.83 80.24
C ARG L 285 40.88 -31.08 79.48
N TYR L 286 41.65 -31.96 80.13
CA TYR L 286 42.14 -33.18 79.50
C TYR L 286 41.33 -34.36 79.99
N THR L 287 40.93 -35.22 79.06
CA THR L 287 40.18 -36.43 79.37
C THR L 287 41.08 -37.65 79.19
N GLY L 288 40.64 -38.77 79.75
CA GLY L 288 41.45 -39.97 79.64
C GLY L 288 40.75 -41.19 80.18
N LEU L 289 41.50 -42.29 80.20
CA LEU L 289 41.02 -43.56 80.72
C LEU L 289 42.09 -44.18 81.60
N ALA L 290 41.67 -45.08 82.48
CA ALA L 290 42.60 -45.79 83.34
C ALA L 290 42.08 -47.20 83.59
N TRP L 291 42.99 -48.15 83.71
CA TRP L 291 42.66 -49.54 84.00
C TRP L 291 43.53 -50.03 85.15
N ASN L 292 42.91 -50.69 86.12
CA ASN L 292 43.62 -51.23 87.27
C ASN L 292 43.08 -52.61 87.57
N THR L 293 43.93 -53.62 87.46
CA THR L 293 43.54 -55.00 87.71
C THR L 293 44.56 -55.67 88.61
N ALA L 294 44.07 -56.52 89.52
CA ALA L 294 44.97 -57.31 90.35
C ALA L 294 45.61 -58.44 89.56
N LEU L 295 44.83 -59.08 88.68
CA LEU L 295 45.34 -60.14 87.83
C LEU L 295 46.02 -59.56 86.60
N LEU L 296 46.49 -60.44 85.72
CA LEU L 296 47.12 -60.05 84.46
C LEU L 296 46.24 -60.38 83.27
N SER L 297 44.93 -60.25 83.43
CA SER L 297 43.95 -60.51 82.39
C SER L 297 43.00 -59.33 82.28
N PRO L 298 42.46 -59.05 81.10
CA PRO L 298 41.55 -57.92 80.95
C PRO L 298 40.32 -58.05 81.85
N GLY L 299 39.88 -56.90 82.38
CA GLY L 299 38.70 -56.84 83.20
C GLY L 299 37.57 -56.13 82.49
N VAL L 300 37.31 -54.88 82.87
CA VAL L 300 36.34 -54.04 82.19
C VAL L 300 37.11 -53.02 81.35
N GLU L 301 36.86 -53.04 80.04
CA GLU L 301 37.66 -52.25 79.11
C GLU L 301 36.78 -51.67 78.01
N PRO L 302 37.14 -50.49 77.48
CA PRO L 302 36.28 -49.85 76.47
C PRO L 302 36.55 -50.33 75.06
N THR L 303 35.49 -50.69 74.34
CA THR L 303 35.59 -50.92 72.91
C THR L 303 35.27 -49.69 72.09
N ALA L 304 34.53 -48.74 72.65
CA ALA L 304 34.23 -47.51 71.93
C ALA L 304 34.29 -46.33 72.88
N TRP L 305 34.86 -45.23 72.41
CA TRP L 305 34.99 -44.03 73.22
C TRP L 305 34.68 -42.82 72.36
N GLU L 306 33.94 -41.86 72.93
CA GLU L 306 33.70 -40.62 72.22
C GLU L 306 33.55 -39.50 73.24
N ALA L 307 34.05 -38.33 72.87
CA ALA L 307 34.03 -37.16 73.73
C ALA L 307 33.37 -36.02 72.99
N LYS L 308 32.54 -35.27 73.71
CA LYS L 308 31.90 -34.07 73.17
C LYS L 308 32.11 -32.94 74.16
N ASP L 309 32.42 -31.77 73.64
CA ASP L 309 32.61 -30.60 74.49
C ASP L 309 31.26 -30.03 74.88
N GLY L 310 31.08 -29.77 76.17
CA GLY L 310 29.83 -29.25 76.68
C GLY L 310 28.81 -30.35 76.95
N VAL L 311 27.74 -29.95 77.63
CA VAL L 311 26.67 -30.87 77.95
C VAL L 311 25.35 -30.40 77.33
N MET M 1 73.96 8.84 67.91
CA MET M 1 73.72 7.83 68.93
C MET M 1 74.36 8.24 70.25
N LEU M 2 73.83 9.30 70.85
CA LEU M 2 74.44 9.85 72.07
C LEU M 2 74.13 9.00 73.30
N SER M 3 72.96 8.37 73.35
CA SER M 3 72.52 7.64 74.54
C SER M 3 72.73 6.14 74.36
N THR M 4 72.96 5.46 75.47
CA THR M 4 73.08 4.01 75.46
C THR M 4 71.73 3.38 75.10
N GLY M 5 71.79 2.33 74.29
CA GLY M 5 70.59 1.65 73.87
C GLY M 5 70.76 0.14 73.85
N PRO M 6 69.65 -0.58 73.86
CA PRO M 6 69.71 -2.04 73.80
C PRO M 6 70.09 -2.51 72.40
N ILE M 7 70.39 -3.80 72.31
CA ILE M 7 70.71 -4.45 71.04
C ILE M 7 69.60 -5.42 70.73
N MET M 8 69.05 -5.33 69.52
CA MET M 8 67.99 -6.23 69.09
C MET M 8 68.57 -7.64 68.96
N GLU M 9 68.15 -8.53 69.84
CA GLU M 9 68.64 -9.90 69.88
C GLU M 9 67.46 -10.85 69.81
N THR M 10 67.75 -12.15 69.76
CA THR M 10 66.72 -13.16 69.70
C THR M 10 67.02 -14.26 70.72
N LEU M 11 65.98 -14.93 71.17
CA LEU M 11 66.10 -16.04 72.10
C LEU M 11 65.56 -17.30 71.45
N THR M 12 66.08 -18.44 71.89
CA THR M 12 65.67 -19.73 71.37
C THR M 12 65.05 -20.54 72.50
N LEU M 13 63.88 -21.14 72.23
CA LEU M 13 63.19 -21.98 73.20
C LEU M 13 62.87 -23.33 72.57
N THR M 14 62.89 -24.37 73.40
CA THR M 14 62.55 -25.72 72.96
C THR M 14 61.71 -26.39 74.03
N VAL M 15 60.68 -27.12 73.60
CA VAL M 15 59.87 -27.87 74.55
C VAL M 15 60.66 -29.05 75.08
N GLY M 16 60.63 -29.23 76.40
CA GLY M 16 61.35 -30.30 77.04
C GLY M 16 62.83 -30.03 77.25
N SER M 17 63.31 -28.86 76.87
CA SER M 17 64.71 -28.48 77.03
C SER M 17 64.82 -27.32 78.00
N ALA M 18 65.87 -27.33 78.81
CA ALA M 18 66.09 -26.26 79.77
C ALA M 18 66.54 -25.00 79.05
N PHE M 19 65.83 -23.90 79.26
CA PHE M 19 66.26 -22.62 78.71
C PHE M 19 67.50 -22.13 79.45
N GLU M 20 68.54 -21.77 78.69
CA GLU M 20 69.81 -21.40 79.31
C GLU M 20 70.51 -20.36 78.44
N ILE M 21 71.00 -19.31 79.08
CA ILE M 21 71.86 -18.32 78.45
C ILE M 21 73.24 -18.45 79.07
N PRO M 22 74.26 -18.84 78.31
CA PRO M 22 75.59 -19.01 78.90
C PRO M 22 76.16 -17.71 79.41
N GLY M 23 77.01 -17.82 80.43
CA GLY M 23 77.56 -16.62 81.06
C GLY M 23 78.46 -15.83 80.13
N TRP M 24 79.23 -16.52 79.28
CA TRP M 24 80.17 -15.83 78.41
C TRP M 24 79.48 -14.97 77.36
N LYS M 25 78.20 -15.23 77.09
CA LYS M 25 77.46 -14.35 76.17
C LYS M 25 77.08 -13.04 76.84
N LEU M 26 76.72 -13.09 78.12
CA LEU M 26 76.42 -11.89 78.90
C LEU M 26 77.64 -11.50 79.73
N ARG M 27 78.69 -11.09 79.03
CA ARG M 27 79.96 -10.75 79.66
C ARG M 27 79.91 -9.29 80.14
N GLY M 28 81.04 -8.78 80.59
CA GLY M 28 81.16 -7.43 81.09
C GLY M 28 81.76 -7.39 82.48
N GLU M 29 81.72 -6.20 83.06
CA GLU M 29 82.18 -5.98 84.42
C GLU M 29 80.97 -5.65 85.30
N TYR M 30 80.75 -6.47 86.33
CA TYR M 30 79.59 -6.30 87.21
C TYR M 30 80.06 -6.27 88.65
N PRO M 31 79.94 -5.13 89.34
CA PRO M 31 80.30 -5.08 90.76
C PRO M 31 79.36 -5.91 91.62
N ALA M 32 79.67 -6.02 92.91
CA ALA M 32 78.81 -6.77 93.81
C ALA M 32 77.44 -6.09 93.95
N GLY M 33 76.40 -6.90 94.07
CA GLY M 33 75.05 -6.40 94.20
C GLY M 33 74.32 -6.20 92.89
N THR M 34 75.01 -6.36 91.75
CA THR M 34 74.36 -6.21 90.46
C THR M 34 73.35 -7.35 90.25
N THR M 35 72.18 -7.01 89.74
CA THR M 35 71.12 -7.99 89.52
C THR M 35 70.61 -7.88 88.10
N SER M 36 70.40 -9.02 87.45
CA SER M 36 69.87 -9.07 86.10
C SER M 36 68.56 -9.83 86.08
N HIS M 37 67.58 -9.31 85.36
CA HIS M 37 66.30 -9.99 85.23
C HIS M 37 65.81 -9.95 83.79
N LEU M 38 65.18 -11.04 83.38
CA LEU M 38 64.67 -11.21 82.02
C LEU M 38 63.15 -11.30 82.08
N VAL M 39 62.48 -10.45 81.29
CA VAL M 39 61.03 -10.34 81.32
C VAL M 39 60.48 -10.71 79.95
N PHE M 40 59.50 -11.62 79.93
CA PHE M 40 58.82 -12.03 78.72
C PHE M 40 57.39 -11.50 78.78
N THR M 41 57.00 -10.73 77.78
CA THR M 41 55.66 -10.21 77.62
C THR M 41 55.09 -10.65 76.28
N ASP M 42 53.83 -10.31 76.05
CA ASP M 42 53.09 -10.71 74.87
C ASP M 42 52.72 -9.48 74.04
N ALA M 43 51.88 -9.69 73.03
CA ALA M 43 51.52 -8.62 72.10
C ALA M 43 50.81 -7.47 72.80
N ALA M 44 50.10 -7.75 73.90
CA ALA M 44 49.38 -6.72 74.62
C ALA M 44 50.21 -6.06 75.73
N GLY M 45 51.40 -6.57 76.00
CA GLY M 45 52.23 -6.05 77.05
C GLY M 45 52.15 -6.78 78.37
N GLY M 46 51.15 -7.65 78.54
CA GLY M 46 51.03 -8.43 79.75
C GLY M 46 52.23 -9.34 79.98
N THR M 47 52.80 -9.28 81.18
CA THR M 47 53.98 -10.07 81.49
C THR M 47 53.59 -11.53 81.62
N LEU M 48 54.19 -12.38 80.78
CA LEU M 48 53.97 -13.81 80.84
C LEU M 48 55.16 -14.57 81.41
N GLY M 49 56.22 -13.87 81.79
CA GLY M 49 57.32 -14.53 82.46
C GLY M 49 58.36 -13.58 83.02
N GLU M 50 59.03 -13.99 84.09
CA GLU M 50 60.12 -13.19 84.65
C GLU M 50 61.10 -14.11 85.35
N PHE M 51 62.38 -13.93 85.06
CA PHE M 51 63.44 -14.78 85.60
C PHE M 51 64.59 -13.91 86.07
N GLU M 52 65.39 -14.46 86.98
CA GLU M 52 66.52 -13.75 87.56
C GLU M 52 67.81 -14.43 87.13
N GLY M 53 68.75 -13.62 86.63
CA GLY M 53 70.04 -14.15 86.23
C GLY M 53 71.00 -14.28 87.39
N THR M 54 72.01 -15.13 87.20
CA THR M 54 73.05 -15.36 88.20
C THR M 54 74.24 -14.49 87.83
N VAL M 55 74.19 -13.23 88.26
CA VAL M 55 75.26 -12.29 87.96
C VAL M 55 76.48 -12.63 88.80
N SER M 56 77.64 -12.71 88.14
CA SER M 56 78.91 -12.99 88.78
C SER M 56 79.84 -11.79 88.58
N ALA M 57 81.11 -11.98 88.93
CA ALA M 57 82.08 -10.89 88.78
C ALA M 57 82.18 -10.41 87.35
N LYS M 58 82.04 -11.31 86.37
CA LYS M 58 82.19 -10.93 84.98
C LYS M 58 81.15 -11.53 84.03
N GLU M 59 80.24 -12.37 84.52
CA GLU M 59 79.29 -13.04 83.64
C GLU M 59 77.91 -13.05 84.29
N ILE M 60 76.89 -13.15 83.44
CA ILE M 60 75.50 -13.33 83.87
C ILE M 60 75.01 -14.63 83.26
N HIS M 61 74.51 -15.53 84.10
CA HIS M 61 74.07 -16.85 83.67
C HIS M 61 72.59 -17.02 83.95
N TYR M 62 71.85 -17.45 82.92
CA TYR M 62 70.43 -17.75 83.04
C TYR M 62 70.22 -19.25 82.85
N LEU M 63 69.41 -19.85 83.72
CA LEU M 63 69.14 -21.28 83.64
C LEU M 63 67.79 -21.53 84.29
N GLN M 64 66.80 -21.91 83.49
CA GLN M 64 65.44 -22.13 83.97
C GLN M 64 64.96 -23.51 83.55
N ALA M 65 64.07 -24.08 84.36
CA ALA M 65 63.49 -25.38 84.04
C ALA M 65 62.58 -25.26 82.81
N PRO M 66 62.45 -26.34 82.04
CA PRO M 66 61.57 -26.29 80.86
C PRO M 66 60.13 -25.97 81.19
N ASP M 67 59.66 -26.33 82.39
CA ASP M 67 58.29 -26.01 82.77
C ASP M 67 58.10 -24.51 82.97
N ASP M 68 59.17 -23.79 83.30
CA ASP M 68 59.07 -22.35 83.48
C ASP M 68 58.88 -21.63 82.15
N VAL M 69 59.39 -22.20 81.07
CA VAL M 69 59.33 -21.56 79.75
C VAL M 69 58.33 -22.20 78.81
N LYS M 70 57.73 -23.34 79.19
CA LYS M 70 56.77 -23.99 78.30
C LYS M 70 55.57 -23.12 77.98
N ASN M 71 55.25 -22.13 78.82
CA ASN M 71 54.12 -21.25 78.59
C ASN M 71 54.47 -20.05 77.72
N ILE M 72 55.74 -19.84 77.40
CA ILE M 72 56.16 -18.70 76.59
C ILE M 72 55.97 -19.06 75.11
N PRO M 73 55.11 -18.34 74.40
CA PRO M 73 54.88 -18.66 72.98
C PRO M 73 55.96 -18.08 72.09
N HIS M 74 56.04 -18.61 70.87
CA HIS M 74 56.91 -18.01 69.87
C HIS M 74 56.35 -16.67 69.43
N GLY M 75 57.23 -15.68 69.33
CA GLY M 75 56.80 -14.32 69.09
C GLY M 75 56.61 -13.49 70.34
N ALA M 76 56.62 -14.10 71.51
CA ALA M 76 56.62 -13.34 72.76
C ALA M 76 57.91 -12.54 72.86
N ASN M 77 57.81 -11.30 73.31
CA ASN M 77 58.95 -10.39 73.27
C ASN M 77 59.59 -10.29 74.64
N PHE M 78 60.91 -10.41 74.68
CA PHE M 78 61.67 -10.42 75.92
C PHE M 78 62.42 -9.11 76.08
N GLN M 79 62.89 -8.88 77.31
CA GLN M 79 63.64 -7.69 77.67
C GLN M 79 64.56 -8.06 78.81
N LEU M 80 65.86 -7.94 78.60
CA LEU M 80 66.86 -8.31 79.60
C LEU M 80 67.43 -7.05 80.22
N PHE M 81 67.28 -6.91 81.53
CA PHE M 81 67.75 -5.73 82.26
C PHE M 81 68.89 -6.10 83.18
N VAL M 82 69.90 -5.24 83.23
CA VAL M 82 70.95 -5.30 84.23
C VAL M 82 70.80 -4.09 85.13
N THR M 83 71.11 -4.28 86.42
CA THR M 83 70.93 -3.24 87.42
C THR M 83 72.15 -3.21 88.32
N TYR M 84 72.98 -2.19 88.15
CA TYR M 84 74.10 -1.97 89.05
C TYR M 84 73.59 -1.44 90.39
N PRO M 85 74.31 -1.69 91.47
CA PRO M 85 73.82 -1.26 92.79
C PRO M 85 73.61 0.24 92.85
N SER M 86 72.55 0.65 93.54
CA SER M 86 72.16 2.06 93.68
C SER M 86 71.98 2.72 92.31
N MET M 87 71.30 2.02 91.41
CA MET M 87 71.05 2.54 90.07
C MET M 87 69.73 1.96 89.55
N GLN M 88 69.16 2.65 88.58
CA GLN M 88 67.94 2.18 87.93
C GLN M 88 68.28 1.07 86.93
N PRO M 89 67.33 0.19 86.64
CA PRO M 89 67.60 -0.89 85.68
C PRO M 89 67.91 -0.34 84.30
N GLN M 90 68.84 -1.00 83.62
CA GLN M 90 69.27 -0.61 82.29
C GLN M 90 69.11 -1.80 81.35
N CYS M 91 68.28 -1.64 80.32
CA CYS M 91 67.99 -2.74 79.41
C CYS M 91 69.20 -3.00 78.52
N LEU M 92 69.69 -4.24 78.52
CA LEU M 92 70.82 -4.63 77.68
C LEU M 92 70.38 -5.16 76.34
N TYR M 93 69.41 -6.08 76.34
CA TYR M 93 68.94 -6.70 75.11
C TYR M 93 67.42 -6.75 75.12
N PHE M 94 66.84 -6.66 73.93
CA PHE M 94 65.42 -6.83 73.74
C PHE M 94 65.20 -7.53 72.40
N GLY M 95 64.06 -8.19 72.27
CA GLY M 95 63.78 -8.84 71.01
C GLY M 95 62.61 -9.80 71.02
N THR M 96 62.80 -10.98 70.45
CA THR M 96 61.74 -11.95 70.29
C THR M 96 62.28 -13.34 70.58
N ALA M 97 61.41 -14.20 71.11
CA ALA M 97 61.75 -15.60 71.37
C ALA M 97 61.17 -16.46 70.26
N ILE M 98 62.04 -17.13 69.52
CA ILE M 98 61.64 -18.11 68.52
C ILE M 98 61.78 -19.49 69.13
N ARG M 99 60.97 -20.42 68.67
CA ARG M 99 60.94 -21.78 69.19
C ARG M 99 61.58 -22.71 68.15
N LYS M 100 62.75 -23.24 68.47
CA LYS M 100 63.48 -24.14 67.58
C LYS M 100 63.19 -25.56 68.04
N GLU M 101 62.15 -26.15 67.47
CA GLU M 101 61.62 -27.42 67.95
C GLU M 101 60.71 -28.03 66.90
N PRO M 102 60.33 -29.29 67.02
CA PRO M 102 59.28 -29.83 66.16
C PRO M 102 57.99 -29.04 66.32
N ARG M 103 57.32 -28.78 65.19
CA ARG M 103 56.13 -27.96 65.17
C ARG M 103 54.91 -28.85 65.03
N TYR M 104 53.93 -28.66 65.92
CA TYR M 104 52.70 -29.45 65.94
C TYR M 104 51.54 -28.56 65.57
N PRO M 105 51.20 -28.42 64.28
CA PRO M 105 50.06 -27.57 63.93
C PRO M 105 48.73 -28.22 64.26
N LEU M 106 48.63 -29.53 64.08
CA LEU M 106 47.36 -30.24 64.29
C LEU M 106 46.92 -30.17 65.75
N SER M 107 47.87 -30.03 66.68
CA SER M 107 47.51 -29.88 68.08
C SER M 107 46.77 -28.58 68.32
N THR M 108 47.30 -27.48 67.78
CA THR M 108 46.69 -26.17 68.02
C THR M 108 45.42 -25.96 67.21
N VAL M 109 45.41 -26.37 65.94
CA VAL M 109 44.28 -26.08 65.08
C VAL M 109 43.18 -27.09 65.34
N VAL M 110 41.93 -26.70 65.06
CA VAL M 110 40.78 -27.59 65.13
C VAL M 110 40.06 -27.51 63.80
N SER M 111 39.94 -28.66 63.13
CA SER M 111 39.32 -28.70 61.82
C SER M 111 37.81 -28.51 61.92
N PRO M 112 37.16 -28.01 60.86
CA PRO M 112 35.70 -27.90 60.90
C PRO M 112 35.00 -29.24 61.08
N GLU M 113 35.58 -30.33 60.58
CA GLU M 113 34.99 -31.64 60.80
C GLU M 113 35.08 -32.07 62.25
N ASP M 114 36.11 -31.60 62.97
CA ASP M 114 36.29 -31.93 64.39
C ASP M 114 35.67 -30.85 65.28
N SER M 115 34.39 -30.57 65.08
CA SER M 115 33.72 -29.53 65.85
C SER M 115 32.26 -29.89 66.02
N ALA M 116 31.80 -29.95 67.26
CA ALA M 116 30.39 -30.17 67.53
C ALA M 116 29.57 -28.98 67.06
N VAL M 117 28.42 -29.26 66.46
CA VAL M 117 27.57 -28.22 65.90
C VAL M 117 26.26 -28.16 66.68
N GLN M 118 25.63 -26.99 66.60
CA GLN M 118 24.35 -26.73 67.26
C GLN M 118 23.55 -25.80 66.37
N TYR M 119 22.39 -26.25 65.94
CA TYR M 119 21.53 -25.53 65.01
C TYR M 119 20.19 -25.23 65.66
N LYS M 120 19.58 -24.13 65.24
CA LYS M 120 18.34 -23.68 65.85
C LYS M 120 17.46 -23.01 64.80
N ALA M 121 16.15 -23.15 64.98
CA ALA M 121 15.17 -22.51 64.10
C ALA M 121 13.89 -22.28 64.88
N ASN M 122 13.23 -21.15 64.62
CA ASN M 122 12.03 -20.78 65.35
C ASN M 122 10.86 -20.36 64.46
N PHE M 123 11.08 -20.03 63.20
CA PHE M 123 10.02 -19.71 62.24
C PHE M 123 9.17 -18.52 62.69
N VAL M 124 9.70 -17.68 63.57
CA VAL M 124 8.92 -16.54 64.06
C VAL M 124 8.87 -15.41 63.05
N GLY M 125 9.78 -15.39 62.08
CA GLY M 125 9.80 -14.35 61.07
C GLY M 125 8.85 -14.56 59.91
N GLN M 126 8.06 -15.63 59.94
CA GLN M 126 7.07 -15.94 58.91
C GLN M 126 7.72 -16.13 57.54
N TYR M 127 8.96 -16.63 57.51
CA TYR M 127 9.61 -17.01 56.27
C TYR M 127 10.39 -18.29 56.49
N ILE M 128 10.54 -19.06 55.41
CA ILE M 128 11.18 -20.37 55.52
C ILE M 128 12.66 -20.22 55.87
N GLY M 129 13.36 -19.34 55.15
CA GLY M 129 14.78 -19.15 55.37
C GLY M 129 15.61 -20.02 54.45
N PRO M 130 16.89 -19.69 54.31
CA PRO M 130 17.76 -20.42 53.39
C PRO M 130 18.35 -21.70 53.96
N MET M 131 18.06 -22.04 55.21
CA MET M 131 18.68 -23.19 55.85
C MET M 131 17.88 -24.48 55.67
N TRP M 132 16.67 -24.41 55.12
CA TRP M 132 15.84 -25.59 54.90
C TRP M 132 15.74 -25.86 53.42
N LYS M 133 16.10 -27.07 53.00
CA LYS M 133 16.03 -27.48 51.61
C LYS M 133 14.80 -28.35 51.42
N PRO M 134 13.83 -27.94 50.62
CA PRO M 134 12.65 -28.79 50.41
C PRO M 134 13.02 -30.12 49.77
N MET M 135 12.27 -31.16 50.14
CA MET M 135 12.52 -32.52 49.68
C MET M 135 11.20 -33.21 49.41
N GLY M 136 11.22 -34.11 48.43
CA GLY M 136 10.05 -34.88 48.06
C GLY M 136 9.21 -34.18 47.00
N ASN M 137 8.72 -32.99 47.31
CA ASN M 137 7.82 -32.26 46.43
C ASN M 137 8.51 -31.08 45.76
N GLY M 138 9.81 -30.93 45.92
CA GLY M 138 10.54 -29.90 45.20
C GLY M 138 10.43 -28.53 45.82
N TRP M 139 10.93 -27.54 45.07
CA TRP M 139 11.03 -26.18 45.55
C TRP M 139 9.65 -25.60 45.84
N GLY M 140 9.57 -24.78 46.89
CA GLY M 140 8.32 -24.13 47.22
C GLY M 140 7.27 -25.02 47.84
N SER M 141 7.66 -26.16 48.39
CA SER M 141 6.72 -27.08 49.01
C SER M 141 6.51 -26.81 50.49
N LEU M 142 7.27 -25.91 51.09
CA LEU M 142 7.16 -25.60 52.51
C LEU M 142 6.46 -24.25 52.71
N GLY M 143 6.02 -24.04 53.94
CA GLY M 143 5.33 -22.81 54.28
C GLY M 143 5.29 -22.62 55.78
N ILE M 144 4.87 -21.42 56.17
CA ILE M 144 4.77 -21.03 57.58
C ILE M 144 3.33 -20.66 57.87
N HIS M 145 2.78 -21.23 58.95
CA HIS M 145 1.40 -21.01 59.35
C HIS M 145 1.38 -20.32 60.71
N THR M 146 0.58 -19.25 60.81
CA THR M 146 0.67 -18.35 61.96
C THR M 146 0.00 -18.92 63.20
N HIS M 147 -1.14 -19.61 63.04
CA HIS M 147 -1.97 -20.02 64.17
C HIS M 147 -2.30 -18.84 65.07
N ALA M 148 -2.79 -17.76 64.45
CA ALA M 148 -3.11 -16.55 65.19
C ALA M 148 -4.40 -16.68 66.01
N LEU M 149 -5.26 -17.64 65.67
CA LEU M 149 -6.50 -17.81 66.42
C LEU M 149 -6.22 -18.18 67.87
N ILE M 150 -5.27 -19.08 68.10
CA ILE M 150 -4.84 -19.42 69.45
C ILE M 150 -3.55 -18.66 69.73
N SER M 151 -3.19 -18.58 71.02
CA SER M 151 -1.99 -17.87 71.43
C SER M 151 -0.78 -18.78 71.18
N GLU M 152 -0.39 -18.87 69.90
CA GLU M 152 0.68 -19.75 69.49
C GLU M 152 1.56 -19.05 68.46
N ALA M 153 2.81 -19.48 68.39
CA ALA M 153 3.81 -18.96 67.48
C ALA M 153 3.71 -19.66 66.13
N PRO M 154 4.25 -19.04 65.07
CA PRO M 154 4.18 -19.66 63.74
C PRO M 154 4.94 -20.98 63.68
N SER M 155 4.48 -21.87 62.82
CA SER M 155 5.05 -23.20 62.67
C SER M 155 5.29 -23.51 61.20
N MET M 156 6.31 -24.33 60.95
CA MET M 156 6.64 -24.73 59.59
C MET M 156 5.89 -26.00 59.22
N GLY M 157 5.44 -26.06 57.97
CA GLY M 157 4.74 -27.22 57.47
C GLY M 157 4.76 -27.25 55.95
N PRO M 158 3.96 -28.15 55.37
CA PRO M 158 3.87 -28.19 53.90
C PRO M 158 3.14 -26.98 53.36
N ASN M 159 3.42 -26.68 52.09
CA ASN M 159 2.68 -25.65 51.37
C ASN M 159 1.32 -26.23 51.00
N TYR M 160 0.33 -25.98 51.86
CA TYR M 160 -0.99 -26.58 51.68
C TYR M 160 -1.76 -25.96 50.52
N SER M 161 -1.25 -24.89 49.91
CA SER M 161 -1.83 -24.40 48.68
C SER M 161 -1.52 -25.33 47.50
N LEU M 162 -0.49 -26.15 47.62
CA LEU M 162 -0.09 -27.06 46.54
C LEU M 162 -0.01 -28.52 46.97
N PHE M 163 0.51 -28.82 48.16
CA PHE M 163 0.76 -30.19 48.57
C PHE M 163 0.16 -30.45 49.95
N SER M 164 -0.03 -31.72 50.25
CA SER M 164 -0.42 -32.17 51.58
C SER M 164 0.68 -32.93 52.30
N SER M 165 1.80 -33.20 51.63
CA SER M 165 2.97 -33.81 52.24
C SER M 165 4.20 -33.10 51.74
N ALA M 166 5.26 -33.10 52.56
CA ALA M 166 6.49 -32.42 52.20
C ALA M 166 7.60 -32.90 53.12
N ALA M 167 8.84 -32.59 52.74
CA ALA M 167 9.98 -32.82 53.61
C ALA M 167 10.90 -31.62 53.56
N ALA M 168 11.70 -31.47 54.61
CA ALA M 168 12.70 -30.42 54.67
C ALA M 168 13.98 -31.02 55.23
N ARG M 169 15.09 -30.72 54.60
CA ARG M 169 16.40 -31.17 55.03
C ARG M 169 17.19 -29.97 55.53
N TRP M 170 17.69 -30.05 56.76
CA TRP M 170 18.53 -28.98 57.25
C TRP M 170 19.79 -28.89 56.39
N LEU M 171 20.10 -27.66 55.95
CA LEU M 171 21.06 -27.49 54.86
C LEU M 171 22.40 -28.12 55.17
N TRP M 172 22.91 -27.92 56.37
CA TRP M 172 24.20 -28.45 56.77
C TRP M 172 24.05 -29.76 57.53
N SER M 173 25.15 -30.48 57.65
CA SER M 173 25.16 -31.80 58.26
C SER M 173 25.78 -31.74 59.65
N MET M 174 25.52 -32.77 60.43
CA MET M 174 26.15 -32.92 61.73
C MET M 174 27.55 -33.50 61.57
N ASN M 175 28.34 -33.38 62.64
CA ASN M 175 29.69 -33.91 62.65
C ASN M 175 29.83 -35.19 63.46
N MET M 176 28.79 -35.60 64.18
CA MET M 176 28.78 -36.83 64.94
C MET M 176 27.65 -37.74 64.48
N ASP M 177 27.83 -39.04 64.71
CA ASP M 177 26.74 -39.97 64.44
C ASP M 177 25.64 -39.83 65.47
N SER M 178 26.00 -39.73 66.75
CA SER M 178 25.02 -39.46 67.78
C SER M 178 24.53 -38.02 67.67
N VAL M 179 23.23 -37.83 67.85
CA VAL M 179 22.61 -36.54 67.60
C VAL M 179 21.41 -36.36 68.52
N THR M 180 21.16 -35.12 68.92
CA THR M 180 20.00 -34.78 69.73
C THR M 180 19.15 -33.75 68.99
N ILE M 181 17.86 -34.01 68.89
CA ILE M 181 16.89 -33.10 68.31
C ILE M 181 15.89 -32.73 69.40
N VAL M 182 15.60 -31.44 69.53
CA VAL M 182 14.59 -30.95 70.46
C VAL M 182 13.56 -30.17 69.65
N VAL M 183 12.32 -30.64 69.66
CA VAL M 183 11.26 -29.98 68.89
C VAL M 183 10.12 -29.62 69.84
N ARG M 184 9.74 -28.35 69.82
CA ARG M 184 8.50 -27.89 70.42
C ARG M 184 7.46 -27.83 69.32
N VAL M 185 6.38 -28.60 69.48
CA VAL M 185 5.44 -28.88 68.41
C VAL M 185 4.02 -28.54 68.86
N LEU M 186 3.16 -28.32 67.87
CA LEU M 186 1.77 -27.99 68.02
C LEU M 186 0.92 -29.02 67.29
N ASN M 187 -0.18 -29.43 67.91
CA ASN M 187 -1.12 -30.39 67.33
C ASN M 187 -2.43 -29.64 67.08
N VAL M 188 -2.60 -29.17 65.85
CA VAL M 188 -3.79 -28.41 65.47
C VAL M 188 -4.71 -29.20 64.56
N GLY M 189 -4.45 -30.48 64.38
CA GLY M 189 -5.30 -31.29 63.53
C GLY M 189 -4.70 -32.68 63.35
N ALA M 190 -5.32 -33.43 62.45
CA ALA M 190 -4.87 -34.78 62.15
C ALA M 190 -3.73 -34.76 61.15
N GLY M 191 -2.71 -35.56 61.40
CA GLY M 191 -1.58 -35.64 60.49
C GLY M 191 -0.42 -36.37 61.13
N LYS M 192 0.63 -36.52 60.33
CA LYS M 192 1.84 -37.22 60.75
C LYS M 192 3.04 -36.29 60.56
N PHE M 193 3.86 -36.18 61.61
CA PHE M 193 5.03 -35.33 61.61
C PHE M 193 6.25 -36.18 61.95
N ASN M 194 7.22 -36.22 61.05
CA ASN M 194 8.42 -37.05 61.21
C ASN M 194 9.61 -36.17 61.54
N VAL M 195 10.33 -36.54 62.59
CA VAL M 195 11.65 -35.97 62.88
C VAL M 195 12.68 -36.98 62.40
N ILE M 196 13.58 -36.55 61.52
CA ILE M 196 14.43 -37.42 60.74
C ILE M 196 15.88 -37.14 61.08
N VAL M 197 16.62 -38.19 61.43
CA VAL M 197 18.04 -38.09 61.76
C VAL M 197 18.78 -39.16 60.97
N CYS M 198 20.11 -39.02 60.95
CA CYS M 198 21.00 -39.96 60.25
C CYS M 198 20.60 -40.12 58.80
N ALA M 199 20.21 -39.00 58.17
CA ALA M 199 19.75 -39.00 56.79
C ALA M 199 20.93 -38.80 55.84
N ASP M 200 20.77 -39.30 54.62
CA ASP M 200 21.76 -39.12 53.58
C ASP M 200 21.52 -37.77 52.89
N TYR M 201 22.25 -37.50 51.82
CA TYR M 201 22.16 -36.20 51.16
C TYR M 201 20.77 -35.95 50.60
N GLN M 202 20.16 -36.97 49.99
CA GLN M 202 18.84 -36.85 49.40
C GLN M 202 17.74 -37.38 50.32
N MET M 203 18.07 -37.71 51.57
CA MET M 203 17.11 -38.20 52.55
C MET M 203 16.43 -39.48 52.07
N GLN M 204 17.18 -40.33 51.37
CA GLN M 204 16.63 -41.60 50.91
C GLN M 204 16.50 -42.60 52.06
N THR M 205 17.52 -42.68 52.92
CA THR M 205 17.51 -43.56 54.08
C THR M 205 17.83 -42.75 55.32
N TYR M 206 17.08 -43.01 56.40
CA TYR M 206 17.25 -42.28 57.64
C TYR M 206 16.54 -43.03 58.76
N LEU M 207 16.82 -42.64 59.99
CA LEU M 207 15.99 -43.01 61.13
C LEU M 207 15.05 -41.85 61.43
N GLY M 208 13.95 -42.15 62.10
CA GLY M 208 13.04 -41.08 62.43
C GLY M 208 12.03 -41.48 63.48
N ILE M 209 11.47 -40.46 64.12
CA ILE M 209 10.37 -40.61 65.05
C ILE M 209 9.15 -39.94 64.43
N GLN M 210 8.06 -40.69 64.30
CA GLN M 210 6.83 -40.19 63.69
C GLN M 210 5.80 -39.96 64.78
N PHE M 211 5.30 -38.74 64.88
CA PHE M 211 4.19 -38.40 65.76
C PHE M 211 2.94 -38.34 64.90
N GLU M 212 2.03 -39.28 65.10
CA GLU M 212 0.80 -39.34 64.34
C GLU M 212 -0.36 -38.97 65.26
N THR M 213 -1.21 -38.06 64.80
CA THR M 213 -2.39 -37.67 65.56
C THR M 213 -3.60 -37.70 64.65
N GLY M 214 -4.75 -37.99 65.26
CA GLY M 214 -5.98 -38.08 64.51
C GLY M 214 -7.15 -38.21 65.44
N ILE M 215 -8.27 -38.69 64.89
CA ILE M 215 -9.47 -38.86 65.70
C ILE M 215 -9.24 -39.93 66.77
N SER M 216 -8.60 -41.04 66.39
CA SER M 216 -8.29 -42.10 67.34
C SER M 216 -6.93 -42.73 67.06
N ASN M 217 -5.98 -41.95 66.53
CA ASN M 217 -4.68 -42.47 66.12
C ASN M 217 -3.56 -41.61 66.66
N ASN M 218 -3.61 -41.30 67.95
CA ASN M 218 -2.57 -40.51 68.61
C ASN M 218 -1.50 -41.46 69.12
N LYS M 219 -0.39 -41.57 68.39
CA LYS M 219 0.66 -42.50 68.76
C LYS M 219 1.99 -42.03 68.19
N VAL M 220 3.05 -42.77 68.55
CA VAL M 220 4.42 -42.47 68.15
C VAL M 220 5.02 -43.74 67.58
N HIS M 221 5.64 -43.63 66.40
CA HIS M 221 6.30 -44.73 65.73
C HIS M 221 7.78 -44.45 65.54
N VAL M 222 8.55 -45.51 65.38
CA VAL M 222 9.93 -45.43 64.91
C VAL M 222 9.94 -45.85 63.45
N ILE M 223 10.47 -45.00 62.60
CA ILE M 223 10.39 -45.20 61.15
C ILE M 223 11.79 -45.22 60.56
N THR M 224 11.93 -45.93 59.45
CA THR M 224 13.12 -45.91 58.63
C THR M 224 12.78 -45.30 57.27
N GLY M 225 13.80 -44.80 56.58
CA GLY M 225 13.57 -44.05 55.36
C GLY M 225 13.45 -44.96 54.14
N ASP M 226 12.51 -44.60 53.27
CA ASP M 226 12.33 -45.21 51.97
C ASP M 226 12.22 -44.13 50.90
N GLY M 227 12.87 -43.00 51.12
CA GLY M 227 12.65 -41.81 50.35
C GLY M 227 12.20 -40.68 51.27
N PRO M 228 12.32 -39.44 50.82
CA PRO M 228 11.94 -38.31 51.68
C PRO M 228 10.46 -38.29 52.05
N LEU M 229 9.60 -38.97 51.29
CA LEU M 229 8.17 -38.98 51.56
C LEU M 229 7.63 -40.36 51.91
N ASN M 230 8.46 -41.39 51.87
CA ASN M 230 8.04 -42.74 52.23
C ASN M 230 8.84 -43.22 53.44
N TRP M 231 8.21 -44.06 54.26
CA TRP M 231 8.85 -44.55 55.47
C TRP M 231 8.34 -45.95 55.77
N GLY M 232 9.08 -46.66 56.61
CA GLY M 232 8.68 -47.97 57.05
C GLY M 232 8.64 -48.08 58.57
N TYR M 233 7.51 -48.52 59.11
CA TYR M 233 7.36 -48.62 60.55
C TYR M 233 8.24 -49.73 61.11
N GLN M 234 8.96 -49.41 62.18
CA GLN M 234 9.83 -50.37 62.86
C GLN M 234 9.34 -50.53 64.30
N GLY M 235 9.10 -51.76 64.71
CA GLY M 235 8.61 -52.01 66.04
C GLY M 235 7.14 -51.65 66.20
N ASP M 236 6.70 -51.68 67.45
CA ASP M 236 5.32 -51.36 67.79
C ASP M 236 5.18 -49.87 68.10
N ALA M 237 3.97 -49.35 67.88
CA ALA M 237 3.69 -47.96 68.20
C ALA M 237 3.44 -47.80 69.69
N VAL M 238 3.58 -46.56 70.16
CA VAL M 238 3.34 -46.20 71.55
C VAL M 238 2.32 -45.08 71.56
N ASN M 239 1.25 -45.26 72.33
CA ASN M 239 0.21 -44.24 72.41
C ASN M 239 0.77 -42.95 73.02
N ASN M 240 0.43 -41.83 72.40
CA ASN M 240 0.91 -40.53 72.87
C ASN M 240 -0.03 -39.45 72.34
N THR M 241 -0.63 -38.68 73.24
CA THR M 241 -1.52 -37.58 72.87
C THR M 241 -0.72 -36.29 72.91
N THR M 242 -0.48 -35.70 71.74
CA THR M 242 0.29 -34.48 71.64
C THR M 242 -0.60 -33.27 71.91
N ALA M 243 -0.12 -32.39 72.79
CA ALA M 243 -0.79 -31.12 73.07
C ALA M 243 0.02 -29.98 72.50
N ASN M 244 -0.63 -28.82 72.38
CA ASN M 244 0.04 -27.65 71.82
C ASN M 244 1.21 -27.23 72.71
N GLY M 245 2.35 -26.95 72.09
CA GLY M 245 3.53 -26.57 72.83
C GLY M 245 4.24 -27.72 73.52
N ASP M 246 4.16 -28.93 72.97
CA ASP M 246 4.80 -30.07 73.60
C ASP M 246 6.23 -30.22 73.11
N VAL M 247 7.16 -30.49 74.03
CA VAL M 247 8.57 -30.57 73.71
C VAL M 247 8.99 -32.04 73.73
N TYR M 248 9.53 -32.50 72.62
CA TYR M 248 10.01 -33.87 72.46
C TYR M 248 11.49 -33.85 72.14
N THR M 249 12.23 -34.76 72.76
CA THR M 249 13.66 -34.91 72.52
C THR M 249 13.91 -36.25 71.87
N ILE M 250 14.42 -36.22 70.64
CA ILE M 250 14.79 -37.40 69.89
C ILE M 250 16.31 -37.53 69.94
N LYS M 251 16.80 -38.52 70.67
CA LYS M 251 18.23 -38.74 70.83
C LYS M 251 18.61 -40.04 70.14
N TYR M 252 19.55 -39.96 69.21
CA TYR M 252 20.17 -41.15 68.64
C TYR M 252 21.56 -41.28 69.24
N ASN M 253 21.79 -42.39 69.93
CA ASN M 253 23.08 -42.73 70.51
C ASN M 253 23.75 -43.76 69.59
N ASP M 254 24.93 -43.38 69.07
CA ASP M 254 25.62 -44.21 68.10
C ASP M 254 26.22 -45.45 68.75
N LEU M 255 26.90 -45.29 69.89
CA LEU M 255 27.55 -46.41 70.54
C LEU M 255 26.55 -47.44 71.03
N LEU M 256 25.34 -47.02 71.38
CA LEU M 256 24.26 -47.92 71.72
C LEU M 256 23.41 -48.29 70.52
N ASP M 257 23.62 -47.65 69.37
CA ASP M 257 22.87 -47.89 68.15
C ASP M 257 21.37 -47.78 68.40
N THR M 258 20.99 -46.79 69.20
CA THR M 258 19.62 -46.71 69.72
C THR M 258 19.05 -45.33 69.47
N ILE M 259 17.86 -45.27 68.88
CA ILE M 259 17.12 -44.03 68.71
C ILE M 259 15.96 -44.04 69.68
N SER M 260 15.87 -43.01 70.53
CA SER M 260 14.85 -42.93 71.55
C SER M 260 14.20 -41.56 71.51
N CYS M 261 12.95 -41.50 71.97
CA CYS M 261 12.21 -40.26 72.07
C CYS M 261 11.67 -40.12 73.49
N TYR M 262 11.96 -38.97 74.10
CA TYR M 262 11.46 -38.61 75.42
C TYR M 262 10.46 -37.46 75.28
N LYS M 263 9.38 -37.53 76.03
CA LYS M 263 8.35 -36.50 76.03
C LYS M 263 8.56 -35.54 77.18
N GLY M 264 8.60 -34.25 76.86
CA GLY M 264 8.75 -33.24 77.90
C GLY M 264 10.07 -33.38 78.62
N THR M 265 9.99 -33.48 79.95
CA THR M 265 11.16 -33.62 80.81
C THR M 265 11.27 -35.02 81.40
N SER M 266 10.63 -36.01 80.78
CA SER M 266 10.68 -37.38 81.30
C SER M 266 12.08 -37.96 81.16
N LEU M 267 12.51 -38.67 82.20
CA LEU M 267 13.80 -39.33 82.22
C LEU M 267 13.78 -40.73 81.63
N THR M 268 12.61 -41.20 81.20
CA THR M 268 12.44 -42.50 80.61
C THR M 268 11.98 -42.33 79.16
N PRO M 269 12.57 -43.07 78.21
CA PRO M 269 12.17 -42.91 76.81
C PRO M 269 10.69 -43.21 76.60
N LEU M 270 9.99 -42.26 76.00
CA LEU M 270 8.62 -42.51 75.58
C LEU M 270 8.58 -43.62 74.53
N ILE M 271 9.51 -43.57 73.58
CA ILE M 271 9.70 -44.67 72.63
C ILE M 271 11.19 -44.94 72.49
N GLU M 272 11.51 -46.14 72.02
CA GLU M 272 12.90 -46.56 71.92
C GLU M 272 13.02 -47.69 70.91
N ALA M 273 14.07 -47.64 70.10
CA ALA M 273 14.34 -48.70 69.14
C ALA M 273 15.85 -48.84 68.99
N SER M 274 16.29 -50.05 68.66
CA SER M 274 17.72 -50.36 68.59
C SER M 274 17.99 -51.29 67.42
N GLY M 275 19.22 -51.25 66.94
CA GLY M 275 19.67 -52.17 65.92
C GLY M 275 18.95 -52.07 64.59
N LEU M 276 18.74 -50.86 64.10
CA LEU M 276 18.08 -50.64 62.82
C LEU M 276 19.10 -50.71 61.69
N ASP M 277 18.68 -51.31 60.57
CA ASP M 277 19.56 -51.52 59.42
C ASP M 277 19.56 -50.27 58.56
N VAL M 278 20.28 -49.26 59.02
CA VAL M 278 20.40 -48.00 58.31
C VAL M 278 21.87 -47.57 58.31
N PRO M 279 22.42 -47.17 57.18
CA PRO M 279 23.83 -46.75 57.15
C PRO M 279 24.10 -45.56 58.07
N HIS M 280 25.27 -45.57 58.69
CA HIS M 280 25.70 -44.48 59.56
C HIS M 280 27.15 -44.14 59.26
N GLY M 281 27.52 -42.88 59.53
CA GLY M 281 28.87 -42.41 59.33
C GLY M 281 28.86 -41.18 58.47
N GLU M 282 30.05 -40.86 57.93
CA GLU M 282 30.18 -39.71 57.04
C GLU M 282 29.28 -39.87 55.83
N GLY M 283 28.52 -38.83 55.52
CA GLY M 283 27.51 -38.89 54.49
C GLY M 283 26.14 -39.30 54.98
N PHE M 284 26.01 -39.67 56.24
CA PHE M 284 24.75 -40.09 56.83
C PHE M 284 24.51 -39.36 58.14
N ARG M 285 24.71 -38.05 58.12
CA ARG M 285 24.54 -37.22 59.31
C ARG M 285 23.62 -36.03 59.07
N TYR M 286 22.90 -36.00 57.96
CA TYR M 286 21.91 -34.96 57.74
C TYR M 286 20.67 -35.21 58.58
N THR M 287 19.92 -34.15 58.84
CA THR M 287 18.71 -34.23 59.62
C THR M 287 17.62 -33.42 58.91
N GLY M 288 16.38 -33.60 59.37
CA GLY M 288 15.28 -32.92 58.73
C GLY M 288 13.96 -33.26 59.38
N LEU M 289 12.89 -32.81 58.70
CA LEU M 289 11.53 -33.01 59.15
C LEU M 289 10.67 -33.39 57.95
N ALA M 290 9.51 -33.97 58.24
CA ALA M 290 8.57 -34.32 57.18
C ALA M 290 7.15 -34.17 57.72
N TRP M 291 6.22 -33.86 56.82
CA TRP M 291 4.82 -33.74 57.18
C TRP M 291 3.97 -34.48 56.16
N ASN M 292 2.89 -35.08 56.63
CA ASN M 292 1.94 -35.76 55.76
C ASN M 292 0.55 -35.66 56.38
N THR M 293 -0.37 -35.01 55.68
CA THR M 293 -1.74 -34.89 56.15
C THR M 293 -2.71 -35.29 55.06
N ALA M 294 -3.84 -35.88 55.47
CA ALA M 294 -4.87 -36.24 54.50
C ALA M 294 -5.57 -35.00 53.95
N LEU M 295 -5.93 -34.07 54.83
CA LEU M 295 -6.57 -32.84 54.41
C LEU M 295 -5.52 -31.75 54.19
N LEU M 296 -5.94 -30.66 53.55
CA LEU M 296 -5.04 -29.57 53.22
C LEU M 296 -5.03 -28.52 54.33
N SER M 297 -4.78 -28.96 55.56
CA SER M 297 -4.69 -28.10 56.73
C SER M 297 -3.58 -28.63 57.63
N PRO M 298 -2.98 -27.76 58.43
CA PRO M 298 -1.88 -28.21 59.30
C PRO M 298 -2.34 -29.27 60.30
N GLY M 299 -1.44 -30.22 60.58
CA GLY M 299 -1.67 -31.22 61.60
C GLY M 299 -0.75 -31.02 62.78
N VAL M 300 0.30 -31.84 62.88
CA VAL M 300 1.33 -31.67 63.88
C VAL M 300 2.50 -30.96 63.22
N GLU M 301 2.84 -29.79 63.73
CA GLU M 301 3.88 -28.98 63.10
C GLU M 301 4.81 -28.40 64.15
N PRO M 302 6.10 -28.26 63.83
CA PRO M 302 7.05 -27.75 64.83
C PRO M 302 7.11 -26.23 64.88
N THR M 303 6.78 -25.68 66.04
CA THR M 303 7.03 -24.26 66.27
C THR M 303 8.52 -24.00 66.44
N ALA M 304 9.21 -24.82 67.23
CA ALA M 304 10.64 -24.61 67.49
C ALA M 304 11.40 -25.89 67.20
N TRP M 305 12.56 -25.76 66.55
CA TRP M 305 13.40 -26.89 66.21
C TRP M 305 14.83 -26.59 66.63
N GLU M 306 15.49 -27.60 67.18
CA GLU M 306 16.87 -27.44 67.61
C GLU M 306 17.59 -28.77 67.43
N ALA M 307 18.86 -28.69 67.07
CA ALA M 307 19.69 -29.87 66.84
C ALA M 307 21.06 -29.65 67.45
N LYS M 308 21.68 -30.73 67.90
CA LYS M 308 23.02 -30.64 68.45
C LYS M 308 23.74 -31.95 68.27
N ASP M 309 25.07 -31.85 68.13
CA ASP M 309 25.90 -33.04 68.05
C ASP M 309 25.90 -33.78 69.37
N GLY M 310 26.07 -35.10 69.30
CA GLY M 310 26.25 -35.92 70.49
C GLY M 310 25.01 -36.10 71.34
N VAL M 311 25.05 -37.06 72.26
CA VAL M 311 23.96 -37.29 73.18
C VAL M 311 24.47 -37.38 74.61
N MET N 1 94.00 34.47 12.44
CA MET N 1 93.58 35.74 13.03
C MET N 1 94.66 36.79 12.83
N LEU N 2 94.55 37.55 11.73
CA LEU N 2 95.54 38.58 11.44
C LEU N 2 95.54 39.68 12.49
N SER N 3 94.36 40.11 12.94
CA SER N 3 94.23 41.20 13.89
C SER N 3 93.70 40.67 15.22
N THR N 4 94.42 40.98 16.30
CA THR N 4 93.98 40.58 17.62
C THR N 4 92.78 41.43 18.06
N GLY N 5 91.99 40.87 18.96
CA GLY N 5 90.83 41.55 19.50
C GLY N 5 90.87 41.64 21.01
N PRO N 6 89.76 42.01 21.61
CA PRO N 6 89.67 42.07 23.06
C PRO N 6 89.51 40.67 23.65
N ILE N 7 89.35 40.62 24.96
CA ILE N 7 89.04 39.40 25.69
C ILE N 7 87.65 39.54 26.26
N MET N 8 86.83 38.50 26.13
CA MET N 8 85.49 38.51 26.70
C MET N 8 85.58 38.21 28.19
N GLU N 9 84.89 39.04 28.99
CA GLU N 9 85.00 38.95 30.44
C GLU N 9 83.68 39.33 31.08
N THR N 10 83.66 39.25 32.40
CA THR N 10 82.49 39.61 33.20
C THR N 10 82.92 40.55 34.31
N LEU N 11 82.01 41.45 34.67
CA LEU N 11 82.15 42.33 35.81
C LEU N 11 81.05 42.01 36.81
N THR N 12 81.33 42.25 38.09
CA THR N 12 80.37 41.97 39.15
C THR N 12 79.92 43.28 39.79
N LEU N 13 78.61 43.46 39.89
CA LEU N 13 78.02 44.61 40.55
C LEU N 13 77.16 44.14 41.73
N THR N 14 77.20 44.89 42.82
CA THR N 14 76.43 44.57 44.01
C THR N 14 75.89 45.86 44.61
N VAL N 15 74.63 45.84 45.04
CA VAL N 15 74.05 47.02 45.68
C VAL N 15 74.78 47.29 46.99
N GLY N 16 75.09 48.56 47.23
CA GLY N 16 75.77 48.95 48.45
C GLY N 16 77.24 48.57 48.52
N SER N 17 77.81 48.07 47.43
CA SER N 17 79.19 47.63 47.39
C SER N 17 79.98 48.47 46.41
N ALA N 18 81.20 48.83 46.79
CA ALA N 18 82.06 49.59 45.91
C ALA N 18 82.50 48.75 44.72
N PHE N 19 82.40 49.32 43.52
CA PHE N 19 82.86 48.64 42.32
C PHE N 19 84.36 48.86 42.17
N GLU N 20 85.13 47.78 42.24
CA GLU N 20 86.58 47.85 42.23
C GLU N 20 87.15 46.83 41.26
N ILE N 21 88.09 47.26 40.42
CA ILE N 21 88.91 46.39 39.59
C ILE N 21 90.34 46.48 40.12
N PRO N 22 90.86 45.43 40.75
CA PRO N 22 92.24 45.50 41.28
C PRO N 22 93.26 45.65 40.17
N GLY N 23 94.38 46.30 40.50
CA GLY N 23 95.40 46.54 39.50
C GLY N 23 96.16 45.29 39.10
N TRP N 24 96.20 44.28 39.97
CA TRP N 24 96.89 43.05 39.62
C TRP N 24 96.12 42.24 38.59
N LYS N 25 94.84 42.55 38.37
CA LYS N 25 94.09 41.96 37.27
C LYS N 25 94.25 42.73 35.97
N LEU N 26 94.83 43.93 36.01
CA LEU N 26 95.11 44.72 34.83
C LEU N 26 96.58 45.10 34.74
N ARG N 27 97.45 44.26 35.32
CA ARG N 27 98.89 44.47 35.22
C ARG N 27 99.34 44.61 33.78
N GLY N 28 100.34 45.46 33.57
CA GLY N 28 100.87 45.67 32.25
C GLY N 28 102.06 46.60 32.29
N GLU N 29 102.41 47.16 31.14
CA GLU N 29 103.47 48.15 31.01
C GLU N 29 102.85 49.42 30.42
N TYR N 30 102.65 50.42 31.26
CA TYR N 30 101.97 51.65 30.85
C TYR N 30 102.88 52.85 31.06
N PRO N 31 103.35 53.50 29.98
CA PRO N 31 104.16 54.70 30.15
C PRO N 31 103.34 55.86 30.70
N ALA N 32 104.04 56.81 31.30
CA ALA N 32 103.38 57.99 31.85
C ALA N 32 102.62 58.73 30.75
N GLY N 33 101.38 59.09 31.06
CA GLY N 33 100.47 59.65 30.08
C GLY N 33 99.47 58.67 29.52
N THR N 34 99.56 57.39 29.88
CA THR N 34 98.61 56.40 29.42
C THR N 34 97.29 56.56 30.16
N THR N 35 96.20 56.64 29.41
CA THR N 35 94.88 56.76 30.01
C THR N 35 94.12 55.44 29.84
N SER N 36 93.04 55.31 30.61
CA SER N 36 92.20 54.13 30.50
C SER N 36 90.79 54.48 30.96
N HIS N 37 89.80 54.02 30.22
CA HIS N 37 88.42 54.26 30.61
C HIS N 37 87.59 53.00 30.39
N LEU N 38 86.42 53.00 31.02
CA LEU N 38 85.50 51.87 30.97
C LEU N 38 84.11 52.40 30.73
N VAL N 39 83.42 51.81 29.76
CA VAL N 39 82.11 52.27 29.32
C VAL N 39 81.12 51.13 29.44
N PHE N 40 79.97 51.41 30.06
CA PHE N 40 78.84 50.50 30.12
C PHE N 40 77.80 50.92 29.10
N THR N 41 77.04 49.95 28.62
CA THR N 41 76.10 50.18 27.53
C THR N 41 74.93 49.23 27.66
N ASP N 42 73.77 49.66 27.18
CA ASP N 42 72.60 48.80 27.11
C ASP N 42 72.58 48.12 25.74
N ALA N 43 71.46 47.47 25.41
CA ALA N 43 71.36 46.76 24.14
C ALA N 43 71.08 47.68 22.96
N ALA N 44 70.77 48.96 23.21
CA ALA N 44 70.49 49.91 22.14
C ALA N 44 71.69 50.77 21.79
N GLY N 45 72.77 50.70 22.55
CA GLY N 45 73.94 51.54 22.31
C GLY N 45 74.07 52.75 23.20
N GLY N 46 73.17 52.93 24.16
CA GLY N 46 73.24 54.08 25.04
C GLY N 46 74.17 53.82 26.22
N THR N 47 74.90 54.86 26.61
CA THR N 47 75.89 54.74 27.67
C THR N 47 75.20 54.79 29.03
N LEU N 48 75.40 53.74 29.83
CA LEU N 48 74.89 53.69 31.18
C LEU N 48 75.88 54.19 32.22
N GLY N 49 77.16 54.30 31.85
CA GLY N 49 78.16 54.78 32.78
C GLY N 49 79.54 54.85 32.16
N GLU N 50 80.27 55.93 32.43
CA GLU N 50 81.63 56.11 31.94
C GLU N 50 82.54 56.40 33.12
N PHE N 51 83.62 55.64 33.24
CA PHE N 51 84.55 55.80 34.34
C PHE N 51 85.98 55.83 33.82
N GLU N 52 86.85 56.49 34.56
CA GLU N 52 88.26 56.59 34.22
C GLU N 52 89.08 55.85 35.25
N GLY N 53 89.98 54.98 34.80
CA GLY N 53 90.81 54.20 35.69
C GLY N 53 92.11 54.89 36.04
N THR N 54 92.62 54.58 37.23
CA THR N 54 93.88 55.13 37.71
C THR N 54 95.01 54.29 37.14
N VAL N 55 95.68 54.81 36.12
CA VAL N 55 96.75 54.09 35.44
C VAL N 55 98.07 54.45 36.13
N SER N 56 98.69 53.46 36.76
CA SER N 56 100.01 53.61 37.33
C SER N 56 101.04 53.02 36.37
N ALA N 57 102.28 52.90 36.82
CA ALA N 57 103.35 52.46 35.93
C ALA N 57 103.11 51.05 35.42
N LYS N 58 102.64 50.15 36.29
CA LYS N 58 102.49 48.75 35.93
C LYS N 58 101.12 48.17 36.30
N GLU N 59 100.10 49.01 36.47
CA GLU N 59 98.76 48.51 36.74
C GLU N 59 97.75 49.61 36.46
N ILE N 60 96.49 49.19 36.28
CA ILE N 60 95.36 50.09 36.14
C ILE N 60 94.36 49.74 37.22
N HIS N 61 93.89 50.75 37.95
CA HIS N 61 93.00 50.56 39.08
C HIS N 61 91.67 51.25 38.83
N TYR N 62 90.58 50.55 39.09
CA TYR N 62 89.24 51.10 39.01
C TYR N 62 88.60 51.01 40.39
N LEU N 63 87.91 52.08 40.78
CA LEU N 63 87.27 52.14 42.09
C LEU N 63 86.14 53.15 42.02
N GLN N 64 84.91 52.69 42.21
CA GLN N 64 83.74 53.54 42.12
C GLN N 64 82.83 53.31 43.31
N ALA N 65 82.21 54.37 43.79
CA ALA N 65 81.24 54.26 44.87
C ALA N 65 80.00 53.52 44.38
N PRO N 66 79.28 52.86 45.28
CA PRO N 66 78.07 52.12 44.84
C PRO N 66 77.03 52.99 44.19
N ASP N 67 77.00 54.29 44.52
CA ASP N 67 76.02 55.19 43.90
C ASP N 67 76.24 55.28 42.40
N ASP N 68 77.50 55.29 41.96
CA ASP N 68 77.80 55.42 40.54
C ASP N 68 77.33 54.19 39.76
N VAL N 69 77.53 53.00 40.32
CA VAL N 69 77.21 51.75 39.63
C VAL N 69 75.82 51.24 39.98
N LYS N 70 75.06 52.00 40.77
CA LYS N 70 73.69 51.60 41.10
C LYS N 70 72.83 51.40 39.86
N ASN N 71 72.93 52.30 38.89
CA ASN N 71 71.97 52.32 37.79
C ASN N 71 72.30 51.33 36.67
N ILE N 72 73.51 50.77 36.65
CA ILE N 72 73.84 49.78 35.62
C ILE N 72 73.12 48.48 35.93
N PRO N 73 72.30 47.97 35.03
CA PRO N 73 71.52 46.76 35.32
C PRO N 73 72.34 45.50 35.09
N HIS N 74 71.73 44.37 35.48
CA HIS N 74 72.32 43.07 35.24
C HIS N 74 72.17 42.70 33.76
N GLY N 75 73.28 42.36 33.12
CA GLY N 75 73.28 42.01 31.71
C GLY N 75 73.76 43.10 30.78
N ALA N 76 74.19 44.24 31.28
CA ALA N 76 74.69 45.31 30.43
C ALA N 76 76.04 44.93 29.84
N ASN N 77 76.39 45.59 28.74
CA ASN N 77 77.67 45.37 28.09
C ASN N 77 78.70 46.34 28.65
N PHE N 78 79.96 45.93 28.64
CA PHE N 78 81.04 46.80 29.06
C PHE N 78 82.21 46.68 28.09
N GLN N 79 82.92 47.80 27.92
CA GLN N 79 84.17 47.85 27.19
C GLN N 79 85.22 48.55 28.04
N LEU N 80 86.45 48.08 27.95
CA LEU N 80 87.58 48.69 28.66
C LEU N 80 88.62 49.09 27.62
N PHE N 81 88.98 50.37 27.61
CA PHE N 81 89.92 50.91 26.63
C PHE N 81 91.15 51.44 27.36
N VAL N 82 92.32 51.20 26.77
CA VAL N 82 93.58 51.78 27.21
C VAL N 82 94.15 52.57 26.05
N THR N 83 94.44 53.84 26.31
CA THR N 83 95.02 54.74 25.31
C THR N 83 96.45 55.03 25.71
N TYR N 84 97.39 54.45 24.96
CA TYR N 84 98.80 54.76 25.14
C TYR N 84 99.09 56.15 24.60
N PRO N 85 100.16 56.80 25.09
CA PRO N 85 100.45 58.16 24.62
C PRO N 85 100.63 58.22 23.11
N SER N 86 100.01 59.24 22.51
CA SER N 86 100.11 59.50 21.07
C SER N 86 99.66 58.31 20.23
N MET N 87 98.73 57.51 20.77
CA MET N 87 98.22 56.35 20.06
C MET N 87 96.71 56.29 20.23
N GLN N 88 96.06 55.60 19.29
CA GLN N 88 94.61 55.47 19.34
C GLN N 88 94.22 54.48 20.44
N PRO N 89 93.01 54.65 21.00
CA PRO N 89 92.56 53.70 22.04
C PRO N 89 92.37 52.30 21.47
N GLN N 90 92.67 51.32 22.31
CA GLN N 90 92.49 49.92 21.95
C GLN N 90 91.69 49.23 23.06
N CYS N 91 90.83 48.30 22.66
CA CYS N 91 89.97 47.60 23.61
C CYS N 91 90.72 46.38 24.16
N LEU N 92 90.83 46.31 25.48
CA LEU N 92 91.47 45.17 26.14
C LEU N 92 90.46 44.10 26.54
N TYR N 93 89.47 44.49 27.35
CA TYR N 93 88.44 43.56 27.80
C TYR N 93 87.07 44.11 27.45
N PHE N 94 86.33 43.36 26.66
CA PHE N 94 84.91 43.62 26.46
C PHE N 94 84.13 42.50 27.11
N GLY N 95 82.85 42.72 27.33
CA GLY N 95 82.10 41.62 27.91
C GLY N 95 80.82 42.11 28.54
N THR N 96 80.40 41.41 29.59
CA THR N 96 79.12 41.68 30.22
C THR N 96 79.31 41.94 31.71
N ALA N 97 78.34 42.66 32.28
CA ALA N 97 78.34 43.03 33.69
C ALA N 97 77.16 42.34 34.36
N ILE N 98 77.45 41.32 35.15
CA ILE N 98 76.42 40.65 35.92
C ILE N 98 76.31 41.32 37.29
N ARG N 99 75.14 41.14 37.90
CA ARG N 99 74.86 41.70 39.21
C ARG N 99 74.74 40.54 40.19
N LYS N 100 75.76 40.38 41.03
CA LYS N 100 75.82 39.27 42.00
C LYS N 100 75.37 39.81 43.34
N GLU N 101 74.10 39.61 43.67
CA GLU N 101 73.48 40.22 44.84
C GLU N 101 72.19 39.47 45.15
N PRO N 102 71.66 39.64 46.36
CA PRO N 102 70.32 39.07 46.65
C PRO N 102 69.26 39.80 45.85
N ARG N 103 68.47 39.04 45.10
CA ARG N 103 67.41 39.61 44.29
C ARG N 103 66.13 39.73 45.12
N TYR N 104 65.36 40.79 44.85
CA TYR N 104 64.12 41.07 45.57
C TYR N 104 62.98 40.98 44.58
N PRO N 105 62.35 39.82 44.45
CA PRO N 105 61.28 39.67 43.44
C PRO N 105 60.02 40.45 43.80
N LEU N 106 59.57 40.36 45.05
CA LEU N 106 58.38 41.08 45.48
C LEU N 106 58.73 42.55 45.70
N SER N 107 58.00 43.43 45.04
CA SER N 107 58.25 44.86 45.21
C SER N 107 57.99 45.28 46.65
N THR N 108 56.88 44.85 47.23
CA THR N 108 56.58 45.08 48.64
C THR N 108 55.94 43.81 49.18
N VAL N 109 56.64 43.14 50.10
CA VAL N 109 56.01 42.05 50.84
C VAL N 109 55.18 42.69 51.95
N VAL N 110 53.92 42.97 51.65
CA VAL N 110 53.02 43.46 52.68
C VAL N 110 52.79 42.36 53.71
N SER N 111 52.38 42.77 54.90
CA SER N 111 52.11 41.81 55.95
C SER N 111 51.00 40.86 55.46
N PRO N 112 51.25 39.56 55.41
CA PRO N 112 50.24 38.64 54.87
C PRO N 112 48.96 38.70 55.69
N GLU N 113 47.83 38.60 55.01
CA GLU N 113 46.56 38.68 55.71
C GLU N 113 46.35 37.40 56.53
N ASP N 114 47.07 37.30 57.63
CA ASP N 114 46.92 36.17 58.54
C ASP N 114 45.54 36.20 59.20
N SER N 115 44.70 35.24 58.84
CA SER N 115 43.31 35.28 59.23
C SER N 115 43.16 35.05 60.73
N ALA N 116 41.93 35.17 61.21
CA ALA N 116 41.64 34.94 62.61
C ALA N 116 41.91 33.49 62.97
N VAL N 117 42.37 33.27 64.20
CA VAL N 117 42.73 31.94 64.68
C VAL N 117 41.90 31.65 65.93
N GLN N 118 41.66 30.36 66.18
CA GLN N 118 40.91 29.94 67.35
C GLN N 118 41.67 28.83 68.07
N TYR N 119 41.56 28.84 69.39
CA TYR N 119 42.21 27.84 70.24
C TYR N 119 41.28 27.52 71.41
N LYS N 120 41.45 26.32 71.96
CA LYS N 120 40.64 25.90 73.09
C LYS N 120 41.38 24.85 73.90
N ALA N 121 40.97 24.69 75.14
CA ALA N 121 41.60 23.76 76.07
C ALA N 121 40.63 23.43 77.18
N ASN N 122 40.68 22.18 77.65
CA ASN N 122 39.73 21.70 78.65
C ASN N 122 40.35 20.95 79.81
N PHE N 123 41.64 20.58 79.74
CA PHE N 123 42.35 19.92 80.83
C PHE N 123 41.70 18.61 81.25
N VAL N 124 41.11 17.89 80.31
CA VAL N 124 40.52 16.60 80.63
C VAL N 124 41.59 15.50 80.65
N GLY N 125 42.70 15.70 79.94
CA GLY N 125 43.75 14.71 79.91
C GLY N 125 44.44 14.55 81.24
N GLN N 126 45.28 13.51 81.31
CA GLN N 126 45.97 13.20 82.56
C GLN N 126 46.98 14.27 82.94
N TYR N 127 47.67 14.83 81.95
CA TYR N 127 48.70 15.84 82.19
C TYR N 127 48.28 17.18 81.61
N ILE N 128 49.11 18.20 81.87
CA ILE N 128 48.83 19.54 81.36
C ILE N 128 48.87 19.56 79.84
N GLY N 129 49.93 19.00 79.27
CA GLY N 129 50.10 18.99 77.84
C GLY N 129 51.11 20.01 77.37
N PRO N 130 51.75 19.73 76.23
CA PRO N 130 52.79 20.65 75.72
C PRO N 130 52.25 21.97 75.20
N MET N 131 50.93 22.11 75.03
CA MET N 131 50.38 23.36 74.51
C MET N 131 50.45 24.51 75.51
N TRP N 132 50.81 24.23 76.75
CA TRP N 132 51.01 25.26 77.77
C TRP N 132 52.49 25.30 78.13
N LYS N 133 53.11 26.47 77.98
CA LYS N 133 54.52 26.65 78.29
C LYS N 133 54.64 27.31 79.65
N PRO N 134 55.22 26.65 80.66
CA PRO N 134 55.37 27.27 81.97
C PRO N 134 56.31 28.46 81.92
N MET N 135 56.05 29.44 82.79
CA MET N 135 56.82 30.67 82.86
C MET N 135 57.14 30.99 84.30
N GLY N 136 58.25 31.69 84.50
CA GLY N 136 58.65 32.11 85.84
C GLY N 136 59.20 30.99 86.69
N ASN N 137 58.34 30.03 87.05
CA ASN N 137 58.77 28.92 87.88
C ASN N 137 59.44 27.80 87.10
N GLY N 138 59.38 27.82 85.78
CA GLY N 138 60.08 26.83 84.98
C GLY N 138 59.26 25.57 84.73
N TRP N 139 59.93 24.62 84.09
CA TRP N 139 59.27 23.38 83.66
C TRP N 139 58.81 22.57 84.87
N GLY N 140 57.65 21.94 84.73
CA GLY N 140 57.10 21.12 85.79
C GLY N 140 56.38 21.87 86.88
N SER N 141 56.01 23.13 86.64
CA SER N 141 55.34 23.95 87.64
C SER N 141 53.84 23.98 87.50
N LEU N 142 53.28 23.20 86.59
CA LEU N 142 51.84 23.16 86.36
C LEU N 142 51.29 21.78 86.68
N GLY N 143 49.98 21.72 86.88
CA GLY N 143 49.32 20.47 87.20
C GLY N 143 47.83 20.60 87.04
N ILE N 144 47.17 19.45 87.09
CA ILE N 144 45.72 19.34 86.92
C ILE N 144 45.12 18.83 88.23
N HIS N 145 44.13 19.56 88.73
CA HIS N 145 43.43 19.21 89.96
C HIS N 145 42.05 18.67 89.60
N THR N 146 41.74 17.48 90.12
CA THR N 146 40.55 16.76 89.68
C THR N 146 39.26 17.44 90.13
N HIS N 147 39.23 17.94 91.36
CA HIS N 147 38.03 18.55 91.94
C HIS N 147 36.85 17.58 91.91
N ALA N 148 37.13 16.30 92.17
CA ALA N 148 36.09 15.28 92.21
C ALA N 148 35.28 15.30 93.49
N LEU N 149 35.70 16.07 94.50
CA LEU N 149 34.96 16.16 95.74
C LEU N 149 33.73 17.05 95.63
N ILE N 150 33.61 17.85 94.58
CA ILE N 150 32.44 18.69 94.34
C ILE N 150 31.80 18.41 92.98
N SER N 151 32.21 17.32 92.33
CA SER N 151 31.68 16.93 91.02
C SER N 151 31.89 18.04 89.99
N GLU N 152 33.16 18.35 89.73
CA GLU N 152 33.53 19.40 88.81
C GLU N 152 34.65 18.91 87.91
N ALA N 153 34.79 19.59 86.77
CA ALA N 153 35.79 19.23 85.77
C ALA N 153 37.19 19.53 86.31
N PRO N 154 38.21 18.86 85.77
CA PRO N 154 39.59 19.15 86.18
C PRO N 154 39.98 20.58 85.83
N SER N 155 40.81 21.17 86.67
CA SER N 155 41.24 22.55 86.51
C SER N 155 42.77 22.63 86.47
N MET N 156 43.28 23.58 85.69
CA MET N 156 44.71 23.81 85.62
C MET N 156 45.14 24.73 86.76
N GLY N 157 46.31 24.43 87.33
CA GLY N 157 46.87 25.28 88.35
C GLY N 157 48.34 24.99 88.55
N PRO N 158 48.95 25.64 89.54
CA PRO N 158 50.30 25.24 89.94
C PRO N 158 50.29 23.89 90.62
N ASN N 159 51.41 23.18 90.53
CA ASN N 159 51.57 21.95 91.30
C ASN N 159 51.95 22.34 92.72
N TYR N 160 51.01 22.24 93.63
CA TYR N 160 51.22 22.76 94.98
C TYR N 160 52.11 21.89 95.82
N SER N 161 52.71 20.85 95.23
CA SER N 161 53.73 20.08 95.95
C SER N 161 54.96 20.93 96.23
N LEU N 162 55.36 21.77 95.27
CA LEU N 162 56.56 22.58 95.45
C LEU N 162 56.41 24.01 94.96
N PHE N 163 55.22 24.43 94.51
CA PHE N 163 55.02 25.78 94.01
C PHE N 163 53.70 26.33 94.51
N SER N 164 53.63 27.64 94.63
CA SER N 164 52.43 28.34 95.08
C SER N 164 51.87 29.29 94.04
N SER N 165 52.72 30.02 93.34
CA SER N 165 52.32 30.90 92.25
C SER N 165 53.02 30.46 90.98
N ALA N 166 52.28 30.39 89.88
CA ALA N 166 52.83 29.89 88.63
C ALA N 166 52.07 30.45 87.46
N ALA N 167 52.76 30.58 86.33
CA ALA N 167 52.18 31.13 85.11
C ALA N 167 52.40 30.18 83.94
N ALA N 168 51.46 30.20 83.00
CA ALA N 168 51.56 29.43 81.78
C ALA N 168 51.20 30.32 80.59
N ARG N 169 51.83 30.07 79.46
CA ARG N 169 51.59 30.80 78.22
C ARG N 169 51.08 29.83 77.17
N TRP N 170 50.12 30.27 76.37
CA TRP N 170 49.68 29.46 75.25
C TRP N 170 50.84 29.29 74.27
N LEU N 171 50.99 28.06 73.75
CA LEU N 171 52.13 27.79 72.88
C LEU N 171 52.11 28.63 71.62
N TRP N 172 50.94 28.79 71.01
CA TRP N 172 50.82 29.55 69.78
C TRP N 172 50.44 31.00 70.09
N SER N 173 50.64 31.86 69.09
CA SER N 173 50.40 33.29 69.21
C SER N 173 49.19 33.70 68.38
N MET N 174 48.49 34.73 68.85
CA MET N 174 47.40 35.29 68.09
C MET N 174 47.93 36.08 66.88
N ASN N 175 47.11 36.21 65.86
CA ASN N 175 47.50 36.86 64.62
C ASN N 175 47.00 38.31 64.52
N MET N 176 46.24 38.79 65.50
CA MET N 176 45.74 40.16 65.49
C MET N 176 45.89 40.74 66.89
N ASP N 177 45.84 42.07 66.97
CA ASP N 177 45.93 42.74 68.26
C ASP N 177 44.68 42.53 69.10
N SER N 178 43.50 42.69 68.49
CA SER N 178 42.26 42.42 69.19
C SER N 178 42.13 40.93 69.45
N VAL N 179 41.55 40.58 70.60
CA VAL N 179 41.46 39.18 71.01
C VAL N 179 40.33 39.03 72.01
N THR N 180 39.75 37.84 72.04
CA THR N 180 38.72 37.47 73.01
C THR N 180 39.16 36.20 73.73
N ILE N 181 39.05 36.20 75.05
CA ILE N 181 39.31 35.03 75.87
C ILE N 181 38.06 34.72 76.66
N VAL N 182 37.62 33.48 76.64
CA VAL N 182 36.52 33.03 77.49
C VAL N 182 37.03 31.91 78.38
N VAL N 183 36.82 32.06 79.68
CA VAL N 183 37.30 31.11 80.67
C VAL N 183 36.15 30.73 81.58
N ARG N 184 35.97 29.43 81.79
CA ARG N 184 35.09 28.93 82.83
C ARG N 184 35.94 28.65 84.06
N VAL N 185 35.59 29.26 85.18
CA VAL N 185 36.42 29.20 86.39
C VAL N 185 35.59 28.63 87.53
N LEU N 186 36.26 27.86 88.38
CA LEU N 186 35.74 27.40 89.65
C LEU N 186 36.43 28.15 90.78
N ASN N 187 35.72 28.30 91.89
CA ASN N 187 36.19 29.01 93.07
C ASN N 187 36.15 28.04 94.24
N VAL N 188 37.24 27.27 94.42
CA VAL N 188 37.31 26.26 95.47
C VAL N 188 38.18 26.71 96.64
N GLY N 189 38.52 27.99 96.70
CA GLY N 189 39.37 28.47 97.78
C GLY N 189 39.64 29.94 97.61
N ALA N 190 40.75 30.39 98.20
CA ALA N 190 41.16 31.79 98.14
C ALA N 190 42.44 31.90 97.33
N GLY N 191 42.48 32.89 96.43
CA GLY N 191 43.65 33.07 95.59
C GLY N 191 43.42 34.18 94.57
N LYS N 192 44.31 34.23 93.60
CA LYS N 192 44.28 35.21 92.53
C LYS N 192 44.55 34.52 91.21
N PHE N 193 43.74 34.83 90.19
CA PHE N 193 43.84 34.19 88.89
C PHE N 193 43.87 35.29 87.82
N ASN N 194 44.95 35.31 87.04
CA ASN N 194 45.17 36.32 86.02
C ASN N 194 44.95 35.73 84.65
N VAL N 195 44.17 36.41 83.82
CA VAL N 195 44.10 36.16 82.39
C VAL N 195 44.98 37.19 81.70
N ILE N 196 45.92 36.72 80.88
CA ILE N 196 47.03 37.52 80.37
C ILE N 196 46.85 37.70 78.88
N VAL N 197 46.89 38.95 78.42
CA VAL N 197 46.61 39.32 77.04
C VAL N 197 47.76 40.20 76.54
N CYS N 198 48.05 40.07 75.24
CA CYS N 198 49.04 40.91 74.56
C CYS N 198 50.41 40.79 75.20
N ALA N 199 50.77 39.57 75.60
CA ALA N 199 52.03 39.32 76.29
C ALA N 199 53.15 39.08 75.30
N ASP N 200 54.37 39.28 75.77
CA ASP N 200 55.56 38.93 75.00
C ASP N 200 55.78 37.42 75.05
N TYR N 201 56.76 36.95 74.29
CA TYR N 201 57.07 35.53 74.29
C TYR N 201 57.58 35.05 75.65
N GLN N 202 58.01 35.98 76.51
CA GLN N 202 58.38 35.65 77.87
C GLN N 202 57.39 36.18 78.90
N MET N 203 56.28 36.77 78.47
CA MET N 203 55.29 37.36 79.36
C MET N 203 55.91 38.37 80.30
N GLN N 204 56.63 39.34 79.73
CA GLN N 204 57.25 40.40 80.52
C GLN N 204 56.37 41.63 80.63
N THR N 205 55.69 42.01 79.55
CA THR N 205 54.74 43.11 79.56
C THR N 205 53.45 42.64 78.91
N TYR N 206 52.32 42.95 79.53
CA TYR N 206 51.03 42.46 79.06
C TYR N 206 49.92 43.20 79.79
N LEU N 207 48.73 43.14 79.21
CA LEU N 207 47.52 43.50 79.93
C LEU N 207 46.97 42.24 80.60
N GLY N 208 46.09 42.44 81.58
CA GLY N 208 45.48 41.28 82.20
C GLY N 208 44.28 41.65 83.03
N ILE N 209 43.44 40.65 83.24
CA ILE N 209 42.29 40.75 84.13
C ILE N 209 42.49 39.77 85.28
N GLN N 210 42.42 40.26 86.50
CA GLN N 210 42.68 39.47 87.70
C GLN N 210 41.38 39.24 88.46
N PHE N 211 41.13 38.00 88.83
CA PHE N 211 40.03 37.63 89.71
C PHE N 211 40.63 37.22 91.04
N GLU N 212 40.36 38.02 92.08
CA GLU N 212 40.81 37.72 93.42
C GLU N 212 39.62 37.20 94.23
N THR N 213 39.83 36.10 94.94
CA THR N 213 38.83 35.55 95.84
C THR N 213 39.44 35.38 97.22
N GLY N 214 38.71 35.83 98.23
CA GLY N 214 39.14 35.66 99.60
C GLY N 214 37.99 35.90 100.55
N ILE N 215 38.32 35.98 101.85
CA ILE N 215 37.30 36.29 102.84
C ILE N 215 36.74 37.68 102.61
N SER N 216 37.61 38.65 102.32
CA SER N 216 37.19 40.03 102.08
C SER N 216 37.73 40.59 100.78
N ASN N 217 38.34 39.77 99.93
CA ASN N 217 38.97 40.23 98.70
C ASN N 217 38.32 39.61 97.47
N ASN N 218 37.00 39.46 97.49
CA ASN N 218 36.25 39.04 96.31
C ASN N 218 36.17 40.24 95.37
N LYS N 219 37.03 40.26 94.36
CA LYS N 219 37.21 41.47 93.57
C LYS N 219 37.76 41.11 92.19
N VAL N 220 37.67 42.07 91.28
CA VAL N 220 38.24 41.94 89.94
C VAL N 220 39.05 43.20 89.65
N HIS N 221 40.24 43.01 89.07
CA HIS N 221 41.17 44.09 88.82
C HIS N 221 41.62 44.05 87.36
N VAL N 222 42.14 45.17 86.89
CA VAL N 222 42.88 45.25 85.64
C VAL N 222 44.35 45.45 86.00
N ILE N 223 45.22 44.65 85.39
CA ILE N 223 46.63 44.61 85.76
C ILE N 223 47.50 44.80 84.54
N THR N 224 48.69 45.37 84.76
CA THR N 224 49.73 45.48 83.75
C THR N 224 50.94 44.71 84.25
N GLY N 225 51.50 43.86 83.39
CA GLY N 225 52.52 42.92 83.82
C GLY N 225 53.93 43.48 83.72
N ASP N 226 54.71 43.21 84.76
CA ASP N 226 56.16 43.41 84.76
C ASP N 226 56.77 42.11 85.28
N GLY N 227 56.96 41.15 84.37
CA GLY N 227 57.39 39.83 84.75
C GLY N 227 56.23 38.85 84.75
N PRO N 228 56.53 37.56 84.54
CA PRO N 228 55.45 36.55 84.50
C PRO N 228 54.67 36.44 85.79
N LEU N 229 55.31 36.65 86.94
CA LEU N 229 54.67 36.44 88.24
C LEU N 229 54.52 37.73 89.04
N ASN N 230 54.73 38.89 88.42
CA ASN N 230 54.58 40.17 89.08
C ASN N 230 53.74 41.09 88.20
N TRP N 231 52.96 41.95 88.84
CA TRP N 231 52.04 42.81 88.10
C TRP N 231 51.74 44.06 88.94
N GLY N 232 51.20 45.06 88.27
CA GLY N 232 50.78 46.29 88.91
C GLY N 232 49.35 46.65 88.52
N TYR N 233 48.54 47.00 89.51
CA TYR N 233 47.14 47.29 89.26
C TYR N 233 46.96 48.63 88.59
N GLN N 234 45.91 48.75 87.77
CA GLN N 234 45.56 49.97 87.09
C GLN N 234 44.11 50.33 87.41
N GLY N 235 43.87 51.62 87.68
CA GLY N 235 42.53 52.06 87.97
C GLY N 235 42.01 51.50 89.28
N ASP N 236 40.68 51.42 89.37
CA ASP N 236 40.01 50.91 90.55
C ASP N 236 39.66 49.44 90.35
N ALA N 237 38.88 48.89 91.26
CA ALA N 237 38.46 47.49 91.20
C ALA N 237 36.96 47.40 91.46
N VAL N 238 36.36 46.34 90.94
CA VAL N 238 34.92 46.12 91.04
C VAL N 238 34.69 44.88 91.89
N ASN N 239 33.76 44.97 92.83
CA ASN N 239 33.40 43.82 93.64
C ASN N 239 32.78 42.75 92.76
N ASN N 240 33.22 41.50 92.95
CA ASN N 240 32.74 40.40 92.14
C ASN N 240 32.77 39.12 92.96
N THR N 241 31.71 38.33 92.83
CA THR N 241 31.65 37.00 93.43
C THR N 241 31.78 35.96 92.31
N THR N 242 32.60 34.95 92.55
CA THR N 242 32.86 33.90 91.58
C THR N 242 32.25 32.59 92.08
N ALA N 243 31.24 32.11 91.37
CA ALA N 243 30.65 30.81 91.65
C ALA N 243 31.36 29.73 90.86
N ASN N 244 31.21 28.49 91.33
CA ASN N 244 31.81 27.35 90.64
C ASN N 244 31.15 27.18 89.28
N GLY N 245 31.96 27.29 88.22
CA GLY N 245 31.42 27.20 86.88
C GLY N 245 30.92 28.54 86.37
N ASP N 246 31.73 29.58 86.55
CA ASP N 246 31.38 30.93 86.12
C ASP N 246 32.20 31.29 84.89
N VAL N 247 31.53 31.81 83.87
CA VAL N 247 32.16 32.08 82.58
C VAL N 247 32.44 33.57 82.47
N TYR N 248 33.70 33.90 82.20
CA TYR N 248 34.14 35.28 82.05
C TYR N 248 34.74 35.48 80.67
N THR N 249 34.36 36.59 80.03
CA THR N 249 34.86 36.97 78.71
C THR N 249 35.73 38.21 78.87
N ILE N 250 37.04 38.03 78.68
CA ILE N 250 38.01 39.12 78.66
C ILE N 250 38.26 39.49 77.22
N LYS N 251 37.83 40.69 76.83
CA LYS N 251 37.90 41.14 75.45
C LYS N 251 38.83 42.34 75.37
N TYR N 252 39.86 42.23 74.54
CA TYR N 252 40.75 43.36 74.26
C TYR N 252 40.47 43.84 72.85
N ASN N 253 40.06 45.10 72.73
CA ASN N 253 39.76 45.74 71.45
C ASN N 253 40.87 46.74 71.15
N ASP N 254 41.55 46.54 70.03
CA ASP N 254 42.65 47.42 69.65
C ASP N 254 42.16 48.74 69.07
N LEU N 255 41.01 48.74 68.40
CA LEU N 255 40.50 49.98 67.81
C LEU N 255 40.24 51.03 68.88
N LEU N 256 39.64 50.62 69.99
CA LEU N 256 39.39 51.52 71.12
C LEU N 256 40.48 51.45 72.18
N ASP N 257 41.50 50.61 71.98
CA ASP N 257 42.59 50.44 72.94
C ASP N 257 42.04 50.15 74.34
N THR N 258 41.09 49.23 74.41
CA THR N 258 40.37 48.96 75.64
C THR N 258 40.45 47.50 76.00
N ILE N 259 40.40 47.23 77.30
CA ILE N 259 40.29 45.88 77.85
C ILE N 259 39.06 45.84 78.73
N SER N 260 38.22 44.82 78.54
CA SER N 260 36.97 44.74 79.27
C SER N 260 36.70 43.31 79.69
N CYS N 261 35.85 43.15 80.69
CA CYS N 261 35.45 41.83 81.18
C CYS N 261 33.94 41.77 81.31
N TYR N 262 33.37 40.65 80.88
CA TYR N 262 31.93 40.42 80.94
C TYR N 262 31.68 39.11 81.67
N LYS N 263 30.62 39.09 82.49
CA LYS N 263 30.25 37.90 83.25
C LYS N 263 29.03 37.26 82.64
N GLY N 264 29.13 35.96 82.36
CA GLY N 264 27.99 35.22 81.84
C GLY N 264 27.52 35.77 80.52
N THR N 265 26.20 35.92 80.40
CA THR N 265 25.58 36.38 79.16
C THR N 265 25.37 37.89 79.11
N SER N 266 25.73 38.61 80.17
CA SER N 266 25.54 40.06 80.18
C SER N 266 26.56 40.74 79.30
N LEU N 267 26.09 41.66 78.45
CA LEU N 267 26.97 42.36 77.52
C LEU N 267 27.57 43.63 78.10
N THR N 268 27.13 44.08 79.26
CA THR N 268 27.78 45.25 79.84
C THR N 268 29.03 44.83 80.60
N PRO N 269 30.14 45.55 80.44
CA PRO N 269 31.38 45.15 81.11
C PRO N 269 31.28 45.28 82.62
N LEU N 270 31.75 44.26 83.33
CA LEU N 270 31.88 44.36 84.78
C LEU N 270 33.09 45.20 85.15
N ILE N 271 34.11 45.23 84.30
CA ILE N 271 35.27 46.09 84.49
C ILE N 271 35.82 46.44 83.12
N GLU N 272 36.44 47.63 83.03
CA GLU N 272 36.95 48.10 81.75
C GLU N 272 38.02 49.16 82.00
N ALA N 273 39.10 49.08 81.23
CA ALA N 273 40.18 50.04 81.27
C ALA N 273 40.58 50.42 79.85
N SER N 274 41.14 51.62 79.70
CA SER N 274 41.52 52.12 78.39
C SER N 274 42.81 52.93 78.50
N GLY N 275 43.60 52.88 77.43
CA GLY N 275 44.82 53.66 77.36
C GLY N 275 45.98 53.14 78.16
N LEU N 276 45.98 51.85 78.52
CA LEU N 276 47.08 51.30 79.29
C LEU N 276 48.35 51.24 78.44
N ASP N 277 49.47 51.61 79.06
CA ASP N 277 50.74 51.75 78.34
C ASP N 277 51.43 50.38 78.27
N VAL N 278 51.04 49.62 77.26
CA VAL N 278 51.63 48.31 77.00
C VAL N 278 51.96 48.20 75.52
N PRO N 279 53.15 47.74 75.15
CA PRO N 279 53.46 47.60 73.72
C PRO N 279 52.55 46.59 73.04
N HIS N 280 52.23 46.88 71.78
CA HIS N 280 51.34 46.03 71.00
C HIS N 280 51.97 45.68 69.66
N GLY N 281 51.20 45.07 68.78
CA GLY N 281 51.69 44.72 67.46
C GLY N 281 52.35 43.36 67.41
N GLU N 282 53.20 43.18 66.39
CA GLU N 282 53.88 41.92 66.20
C GLU N 282 54.81 41.62 67.38
N GLY N 283 54.85 40.37 67.79
CA GLY N 283 55.67 39.94 68.91
C GLY N 283 55.05 40.17 70.27
N PHE N 284 53.86 40.74 70.34
CA PHE N 284 53.16 41.00 71.60
C PHE N 284 51.72 40.55 71.49
N ARG N 285 51.51 39.35 70.96
CA ARG N 285 50.17 38.79 70.79
C ARG N 285 50.00 37.47 71.52
N TYR N 286 50.85 37.18 72.50
CA TYR N 286 50.74 35.94 73.26
C TYR N 286 49.73 36.10 74.39
N THR N 287 49.03 35.00 74.69
CA THR N 287 48.07 34.96 75.77
C THR N 287 48.53 33.95 76.82
N GLY N 288 47.96 34.07 78.01
CA GLY N 288 48.37 33.16 79.07
C GLY N 288 47.45 33.23 80.27
N LEU N 289 47.82 32.45 81.28
CA LEU N 289 47.13 32.42 82.56
C LEU N 289 48.17 32.44 83.67
N ALA N 290 47.75 32.90 84.85
CA ALA N 290 48.63 32.91 86.01
C ALA N 290 47.80 32.67 87.25
N TRP N 291 48.42 32.04 88.26
CA TRP N 291 47.78 31.76 89.53
C TRP N 291 48.72 32.18 90.66
N ASN N 292 48.13 32.65 91.75
CA ASN N 292 48.90 33.05 92.93
C ASN N 292 48.04 32.83 94.15
N THR N 293 48.44 31.91 95.02
CA THR N 293 47.69 31.60 96.24
C THR N 293 48.61 31.71 97.44
N ALA N 294 48.11 32.32 98.51
CA ALA N 294 48.87 32.42 99.74
C ALA N 294 49.10 31.04 100.36
N LEU N 295 48.08 30.19 100.34
CA LEU N 295 48.19 28.84 100.87
C LEU N 295 48.76 27.91 99.80
N LEU N 296 48.73 26.60 100.06
CA LEU N 296 49.20 25.60 99.11
C LEU N 296 48.05 24.73 98.62
N SER N 297 46.89 25.34 98.39
CA SER N 297 45.71 24.68 97.90
C SER N 297 45.10 25.47 96.76
N PRO N 298 44.36 24.81 95.87
CA PRO N 298 43.76 25.53 94.73
C PRO N 298 42.81 26.62 95.19
N GLY N 299 42.82 27.73 94.46
CA GLY N 299 41.94 28.85 94.76
C GLY N 299 40.85 29.00 93.71
N VAL N 300 41.01 29.95 92.81
CA VAL N 300 40.13 30.12 91.67
C VAL N 300 40.90 29.71 90.42
N GLU N 301 40.37 28.74 89.69
CA GLU N 301 41.11 28.09 88.62
C GLU N 301 40.19 27.77 87.46
N PRO N 302 40.71 27.76 86.23
CA PRO N 302 39.86 27.49 85.07
C PRO N 302 39.77 26.00 84.72
N THR N 303 38.55 25.59 84.36
CA THR N 303 38.31 24.26 83.81
C THR N 303 38.27 24.24 82.30
N ALA N 304 37.94 25.37 81.67
CA ALA N 304 37.88 25.47 80.23
C ALA N 304 38.35 26.85 79.80
N TRP N 305 39.17 26.88 78.76
CA TRP N 305 39.75 28.11 78.24
C TRP N 305 39.60 28.12 76.73
N GLU N 306 39.33 29.30 76.17
CA GLU N 306 39.13 29.38 74.73
C GLU N 306 39.46 30.77 74.23
N ALA N 307 40.30 30.84 73.21
CA ALA N 307 40.75 32.11 72.66
C ALA N 307 40.30 32.25 71.21
N LYS N 308 39.78 33.42 70.89
CA LYS N 308 39.39 33.79 69.54
C LYS N 308 40.21 35.02 69.16
N ASP N 309 40.67 35.04 67.91
CA ASP N 309 41.47 36.15 67.44
C ASP N 309 40.56 37.25 66.90
N GLY N 310 40.54 38.39 67.56
CA GLY N 310 39.66 39.48 67.16
C GLY N 310 38.43 39.58 68.05
N VAL N 311 37.76 40.72 67.96
CA VAL N 311 36.56 40.97 68.75
C VAL N 311 35.35 41.09 67.84
N MET O 1 87.35 37.14 35.43
CA MET O 1 86.76 38.07 36.39
C MET O 1 87.67 39.25 36.64
N LEU O 2 87.19 40.45 36.31
CA LEU O 2 88.00 41.66 36.48
C LEU O 2 87.71 42.38 37.78
N SER O 3 86.49 42.32 38.28
CA SER O 3 86.10 43.03 39.49
C SER O 3 86.07 42.08 40.68
N THR O 4 86.03 42.68 41.87
CA THR O 4 85.92 41.92 43.11
C THR O 4 84.46 41.59 43.36
N GLY O 5 84.16 40.30 43.48
CA GLY O 5 82.79 39.86 43.64
C GLY O 5 82.55 39.14 44.94
N PRO O 6 81.34 39.26 45.47
CA PRO O 6 80.98 38.50 46.67
C PRO O 6 80.91 37.01 46.38
N ILE O 7 81.15 36.22 47.42
CA ILE O 7 81.07 34.77 47.34
C ILE O 7 79.73 34.32 47.87
N MET O 8 79.02 33.51 47.09
CA MET O 8 77.75 32.96 47.54
C MET O 8 77.97 32.04 48.73
N GLU O 9 77.10 32.14 49.73
CA GLU O 9 77.32 31.44 50.98
C GLU O 9 76.00 31.28 51.72
N THR O 10 76.01 30.40 52.72
CA THR O 10 74.85 30.17 53.56
C THR O 10 75.26 30.27 55.02
N LEU O 11 74.33 30.77 55.83
CA LEU O 11 74.51 30.94 57.27
C LEU O 11 73.52 30.04 57.99
N THR O 12 74.01 29.25 58.94
CA THR O 12 73.13 28.40 59.72
C THR O 12 72.66 29.12 60.97
N LEU O 13 71.39 28.93 61.31
CA LEU O 13 70.78 29.54 62.47
C LEU O 13 70.03 28.46 63.26
N THR O 14 70.07 28.58 64.59
CA THR O 14 69.42 27.62 65.46
C THR O 14 68.62 28.37 66.52
N VAL O 15 67.42 27.87 66.81
CA VAL O 15 66.59 28.48 67.84
C VAL O 15 67.16 28.16 69.20
N GLY O 16 67.28 29.18 70.05
CA GLY O 16 67.84 29.01 71.37
C GLY O 16 69.35 28.90 71.42
N SER O 17 70.03 29.07 70.30
CA SER O 17 71.49 29.00 70.23
C SER O 17 72.04 30.35 69.79
N ALA O 18 73.25 30.64 70.24
CA ALA O 18 73.88 31.92 69.94
C ALA O 18 74.48 31.90 68.54
N PHE O 19 74.12 32.87 67.73
CA PHE O 19 74.71 33.02 66.41
C PHE O 19 76.16 33.47 66.53
N GLU O 20 77.04 32.83 65.76
CA GLU O 20 78.46 33.14 65.84
C GLU O 20 79.14 32.75 64.54
N ILE O 21 79.94 33.66 64.00
CA ILE O 21 80.83 33.39 62.87
C ILE O 21 82.25 33.37 63.42
N PRO O 22 82.91 32.21 63.45
CA PRO O 22 84.28 32.17 63.98
C PRO O 22 85.23 33.04 63.17
N GLY O 23 86.18 33.65 63.86
CA GLY O 23 87.11 34.56 63.20
C GLY O 23 88.11 33.88 62.30
N TRP O 24 88.39 32.59 62.51
CA TRP O 24 89.43 31.91 61.76
C TRP O 24 89.06 31.72 60.29
N LYS O 25 87.80 31.95 59.90
CA LYS O 25 87.42 31.82 58.51
C LYS O 25 87.24 33.16 57.81
N LEU O 26 86.92 34.22 58.55
CA LEU O 26 86.89 35.57 57.97
C LEU O 26 88.25 36.24 58.10
N ARG O 27 89.30 35.55 57.65
CA ARG O 27 90.66 36.04 57.79
C ARG O 27 90.99 37.05 56.69
N GLY O 28 92.08 37.76 56.89
CA GLY O 28 92.53 38.79 55.97
C GLY O 28 93.15 39.93 56.76
N GLU O 29 93.89 40.78 56.04
CA GLU O 29 94.56 41.91 56.67
C GLU O 29 93.57 43.06 56.84
N TYR O 30 93.29 43.42 58.09
CA TYR O 30 92.35 44.50 58.41
C TYR O 30 93.07 45.60 59.16
N PRO O 31 93.37 46.73 58.53
CA PRO O 31 94.02 47.83 59.23
C PRO O 31 93.08 48.45 60.26
N ALA O 32 93.68 49.14 61.23
CA ALA O 32 92.91 49.82 62.26
C ALA O 32 91.93 50.80 61.63
N GLY O 33 90.69 50.77 62.09
CA GLY O 33 89.62 51.52 61.49
C GLY O 33 88.69 50.71 60.62
N THR O 34 89.06 49.46 60.31
CA THR O 34 88.18 48.58 59.57
C THR O 34 86.93 48.26 60.39
N THR O 35 85.81 48.08 59.68
CA THR O 35 84.59 47.64 60.32
C THR O 35 83.92 46.59 59.44
N SER O 36 83.05 45.80 60.07
CA SER O 36 82.30 44.78 59.35
C SER O 36 80.82 44.98 59.63
N HIS O 37 79.99 44.58 58.68
CA HIS O 37 78.56 44.87 58.74
C HIS O 37 77.80 43.73 58.09
N LEU O 38 77.02 43.00 58.87
CA LEU O 38 76.25 41.87 58.37
C LEU O 38 74.78 42.28 58.35
N VAL O 39 74.16 42.20 57.17
CA VAL O 39 72.81 42.69 56.95
C VAL O 39 71.92 41.51 56.57
N PHE O 40 70.80 41.38 57.28
CA PHE O 40 69.80 40.36 57.03
C PHE O 40 68.53 41.03 56.53
N THR O 41 68.01 40.54 55.40
CA THR O 41 66.86 41.14 54.74
C THR O 41 65.93 40.02 54.25
N ASP O 42 64.70 40.42 53.91
CA ASP O 42 63.68 39.50 53.45
C ASP O 42 63.54 39.58 51.93
N ALA O 43 62.50 38.93 51.39
CA ALA O 43 62.27 38.94 49.95
C ALA O 43 61.99 40.35 49.44
N ALA O 44 61.21 41.14 50.18
CA ALA O 44 60.92 42.50 49.75
C ALA O 44 62.17 43.37 49.78
N GLY O 45 62.97 43.24 50.82
CA GLY O 45 64.12 44.11 51.00
C GLY O 45 64.13 44.78 52.36
N GLY O 46 63.08 44.55 53.15
CA GLY O 46 63.03 45.07 54.49
C GLY O 46 64.16 44.55 55.35
N THR O 47 64.81 45.44 56.10
CA THR O 47 65.97 45.05 56.88
C THR O 47 65.52 44.26 58.11
N LEU O 48 65.83 42.97 58.13
CA LEU O 48 65.54 42.15 59.30
C LEU O 48 66.55 42.38 60.41
N GLY O 49 67.81 42.59 60.06
CA GLY O 49 68.82 42.72 61.09
C GLY O 49 70.08 43.42 60.59
N GLU O 50 70.72 44.13 61.49
CA GLU O 50 72.03 44.74 61.26
C GLU O 50 72.94 44.31 62.40
N PHE O 51 74.11 43.77 62.07
CA PHE O 51 75.07 43.35 63.08
C PHE O 51 76.44 43.89 62.73
N GLU O 52 77.20 44.23 63.77
CA GLU O 52 78.56 44.73 63.62
C GLU O 52 79.54 43.72 64.18
N GLY O 53 80.51 43.31 63.35
CA GLY O 53 81.54 42.42 63.81
C GLY O 53 82.66 43.15 64.52
N THR O 54 83.38 42.41 65.35
CA THR O 54 84.53 42.94 66.08
C THR O 54 85.78 42.54 65.31
N VAL O 55 86.29 43.46 64.52
CA VAL O 55 87.45 43.17 63.67
C VAL O 55 88.71 43.15 64.51
N SER O 56 89.71 42.42 64.03
CA SER O 56 91.01 42.38 64.67
C SER O 56 92.09 42.60 63.62
N ALA O 57 93.35 42.38 64.00
CA ALA O 57 94.44 42.56 63.05
C ALA O 57 94.32 41.61 61.86
N LYS O 58 93.76 40.41 62.06
CA LYS O 58 93.69 39.43 61.00
C LYS O 58 92.38 38.68 60.90
N GLU O 59 91.37 39.00 61.71
CA GLU O 59 90.14 38.24 61.73
C GLU O 59 88.95 39.17 61.97
N ILE O 60 87.78 38.71 61.55
CA ILE O 60 86.51 39.35 61.86
C ILE O 60 85.65 38.33 62.59
N HIS O 61 85.15 38.71 63.76
CA HIS O 61 84.40 37.82 64.63
C HIS O 61 82.99 38.34 64.83
N TYR O 62 82.02 37.43 64.72
CA TYR O 62 80.62 37.74 64.95
C TYR O 62 80.09 36.88 66.09
N LEU O 63 79.28 37.49 66.95
CA LEU O 63 78.67 36.77 68.06
C LEU O 63 77.44 37.55 68.51
N GLN O 64 76.27 36.97 68.27
CA GLN O 64 75.00 37.62 68.61
C GLN O 64 74.26 36.77 69.64
N ALA O 65 73.02 37.16 69.91
CA ALA O 65 72.19 36.47 70.88
C ALA O 65 71.00 35.79 70.21
N PRO O 66 70.50 34.71 70.80
CA PRO O 66 69.30 34.07 70.22
C PRO O 66 68.12 35.02 70.12
N ASP O 67 67.98 35.94 71.09
CA ASP O 67 66.95 36.97 70.95
C ASP O 67 67.20 37.84 69.74
N ASP O 68 68.46 38.16 69.46
CA ASP O 68 68.79 38.99 68.31
C ASP O 68 68.45 38.29 67.00
N VAL O 69 68.74 36.98 66.91
CA VAL O 69 68.59 36.26 65.65
C VAL O 69 67.28 35.49 65.57
N LYS O 70 66.39 35.66 66.55
CA LYS O 70 65.10 34.96 66.53
C LYS O 70 64.24 35.38 65.34
N ASN O 71 64.25 36.67 65.01
CA ASN O 71 63.33 37.21 64.01
C ASN O 71 63.69 36.83 62.58
N ILE O 72 64.84 36.21 62.35
CA ILE O 72 65.31 35.89 61.00
C ILE O 72 64.86 34.48 60.67
N PRO O 73 64.02 34.28 59.66
CA PRO O 73 63.60 32.94 59.27
C PRO O 73 64.55 32.34 58.24
N HIS O 74 64.29 31.07 57.92
CA HIS O 74 65.05 30.39 56.89
C HIS O 74 64.74 31.01 55.52
N GLY O 75 65.76 31.06 54.67
CA GLY O 75 65.61 31.68 53.38
C GLY O 75 65.82 33.18 53.34
N ALA O 76 66.05 33.80 54.49
CA ALA O 76 66.30 35.23 54.52
C ALA O 76 67.67 35.53 53.92
N ASN O 77 67.73 36.57 53.09
CA ASN O 77 68.98 36.94 52.43
C ASN O 77 69.90 37.63 53.43
N PHE O 78 71.20 37.49 53.19
CA PHE O 78 72.19 38.16 54.01
C PHE O 78 73.34 38.62 53.14
N GLN O 79 74.05 39.63 53.63
CA GLN O 79 75.29 40.05 52.99
C GLN O 79 76.24 40.65 54.02
N LEU O 80 77.52 40.34 53.87
CA LEU O 80 78.56 40.73 54.83
C LEU O 80 79.51 41.69 54.14
N PHE O 81 79.49 42.95 54.57
CA PHE O 81 80.35 43.99 54.05
C PHE O 81 81.54 44.19 54.99
N VAL O 82 82.68 44.55 54.40
CA VAL O 82 83.85 45.01 55.13
C VAL O 82 84.21 46.40 54.62
N THR O 83 84.37 47.34 55.53
CA THR O 83 84.68 48.73 55.21
C THR O 83 86.05 49.06 55.78
N TYR O 84 87.04 49.14 54.89
CA TYR O 84 88.37 49.59 55.28
C TYR O 84 88.34 51.07 55.59
N PRO O 85 89.29 51.57 56.41
CA PRO O 85 89.30 53.00 56.73
C PRO O 85 89.43 53.85 55.48
N SER O 86 88.64 54.92 55.43
CA SER O 86 88.60 55.84 54.29
C SER O 86 88.33 55.09 52.99
N MET O 87 87.30 54.25 53.02
CA MET O 87 86.95 53.43 51.86
C MET O 87 85.46 53.13 51.91
N GLN O 88 84.92 52.75 50.75
CA GLN O 88 83.53 52.36 50.66
C GLN O 88 83.36 50.90 51.08
N PRO O 89 82.17 50.53 51.58
CA PRO O 89 81.95 49.13 51.97
C PRO O 89 82.05 48.20 50.78
N GLN O 90 82.59 47.00 51.02
CA GLN O 90 82.77 45.99 49.99
C GLN O 90 82.13 44.69 50.46
N CYS O 91 81.27 44.11 49.63
CA CYS O 91 80.51 42.91 50.01
C CYS O 91 81.41 41.69 49.88
N LEU O 92 81.89 41.19 51.01
CA LEU O 92 82.68 39.97 51.00
C LEU O 92 81.84 38.75 50.65
N TYR O 93 80.69 38.60 51.32
CA TYR O 93 79.85 37.42 51.17
C TYR O 93 78.40 37.84 51.12
N PHE O 94 77.65 37.21 50.23
CA PHE O 94 76.19 37.30 50.20
C PHE O 94 75.64 35.89 50.13
N GLY O 95 74.33 35.76 50.28
CA GLY O 95 73.74 34.44 50.18
C GLY O 95 72.43 34.28 50.92
N THR O 96 72.30 33.17 51.65
CA THR O 96 71.02 32.81 52.24
C THR O 96 71.26 32.19 53.62
N ALA O 97 70.24 32.28 54.47
CA ALA O 97 70.29 31.73 55.82
C ALA O 97 69.36 30.54 55.91
N ILE O 98 69.91 29.39 56.29
CA ILE O 98 69.14 28.19 56.57
C ILE O 98 69.15 27.96 58.08
N ARG O 99 68.17 27.20 58.54
CA ARG O 99 68.02 26.90 59.96
C ARG O 99 68.29 25.42 60.19
N LYS O 100 69.22 25.14 61.09
CA LYS O 100 69.57 23.77 61.49
C LYS O 100 69.01 23.56 62.88
N GLU O 101 67.76 23.14 62.96
CA GLU O 101 67.03 23.08 64.22
C GLU O 101 65.82 22.17 64.02
N PRO O 102 65.21 21.70 65.11
CA PRO O 102 63.96 20.94 64.97
C PRO O 102 62.86 21.82 64.39
N ARG O 103 62.40 21.44 63.20
CA ARG O 103 61.36 22.21 62.53
C ARG O 103 60.02 22.04 63.24
N TYR O 104 59.23 23.12 63.25
CA TYR O 104 57.93 23.16 63.92
C TYR O 104 56.89 23.62 62.92
N PRO O 105 56.49 22.76 61.98
CA PRO O 105 55.49 23.17 60.99
C PRO O 105 54.17 23.59 61.62
N LEU O 106 53.76 22.92 62.70
CA LEU O 106 52.49 23.25 63.34
C LEU O 106 52.51 24.67 63.88
N SER O 107 53.63 25.08 64.48
CA SER O 107 53.73 26.46 64.95
C SER O 107 53.82 27.43 63.79
N THR O 108 54.55 27.08 62.74
CA THR O 108 54.76 28.03 61.64
C THR O 108 53.46 28.31 60.89
N VAL O 109 52.74 27.26 60.50
CA VAL O 109 51.56 27.42 59.66
C VAL O 109 50.31 27.32 60.52
N VAL O 110 49.23 27.95 60.04
CA VAL O 110 47.93 27.92 60.71
C VAL O 110 47.02 26.97 59.95
N SER O 111 46.44 26.02 60.67
CA SER O 111 45.59 25.01 60.06
C SER O 111 44.23 25.60 59.70
N PRO O 112 43.60 25.11 58.63
CA PRO O 112 42.24 25.58 58.31
C PRO O 112 41.23 25.30 59.42
N GLU O 113 41.40 24.21 60.18
CA GLU O 113 40.48 23.94 61.27
C GLU O 113 40.73 24.86 62.46
N ASP O 114 41.94 25.40 62.58
CA ASP O 114 42.25 26.40 63.60
C ASP O 114 42.16 27.80 63.00
N SER O 115 40.96 28.17 62.58
CA SER O 115 40.75 29.47 61.96
C SER O 115 39.31 29.91 62.21
N ALA O 116 39.15 31.06 62.85
CA ALA O 116 37.81 31.62 63.04
C ALA O 116 37.27 32.12 61.71
N VAL O 117 35.97 31.91 61.50
CA VAL O 117 35.35 32.22 60.21
C VAL O 117 34.24 33.24 60.41
N GLN O 118 34.02 34.05 59.38
CA GLN O 118 32.94 35.02 59.32
C GLN O 118 32.24 34.88 57.98
N TYR O 119 30.96 34.58 58.02
CA TYR O 119 30.12 34.42 56.84
C TYR O 119 29.10 35.54 56.77
N LYS O 120 28.76 35.95 55.56
CA LYS O 120 27.87 37.09 55.37
C LYS O 120 27.01 36.87 54.14
N ALA O 121 25.77 37.37 54.20
CA ALA O 121 24.82 37.26 53.10
C ALA O 121 23.88 38.45 53.15
N ASN O 122 23.47 38.95 51.99
CA ASN O 122 22.63 40.14 51.90
C ASN O 122 21.42 40.00 51.00
N PHE O 123 21.39 39.06 50.06
CA PHE O 123 20.25 38.83 49.19
C PHE O 123 19.87 40.08 48.39
N VAL O 124 20.83 40.97 48.15
CA VAL O 124 20.52 42.21 47.44
C VAL O 124 20.44 42.00 45.94
N GLY O 125 21.12 41.01 45.39
CA GLY O 125 21.08 40.69 43.98
C GLY O 125 19.92 39.81 43.58
N GLN O 126 19.02 39.49 44.52
CA GLN O 126 17.87 38.63 44.26
C GLN O 126 18.30 37.25 43.76
N TYR O 127 19.41 36.74 44.30
CA TYR O 127 19.86 35.40 44.01
C TYR O 127 20.30 34.73 45.31
N ILE O 128 19.87 33.49 45.50
CA ILE O 128 20.18 32.79 46.75
C ILE O 128 21.67 32.50 46.85
N GLY O 129 22.25 32.00 45.77
CA GLY O 129 23.65 31.62 45.78
C GLY O 129 23.83 30.16 46.12
N PRO O 130 25.04 29.63 45.88
CA PRO O 130 25.29 28.22 46.17
C PRO O 130 25.63 27.93 47.62
N MET O 131 25.64 28.94 48.49
CA MET O 131 26.00 28.77 49.89
C MET O 131 24.81 28.51 50.79
N TRP O 132 23.60 28.46 50.24
CA TRP O 132 22.39 28.17 51.01
C TRP O 132 21.79 26.87 50.48
N LYS O 133 22.17 25.76 51.10
CA LYS O 133 21.65 24.47 50.70
C LYS O 133 20.24 24.27 51.26
N PRO O 134 19.23 24.05 50.41
CA PRO O 134 17.90 23.77 50.94
C PRO O 134 17.85 22.45 51.68
N MET O 135 17.00 22.41 52.71
CA MET O 135 16.83 21.22 53.54
C MET O 135 15.36 20.88 53.65
N GLY O 136 15.04 19.59 53.59
CA GLY O 136 13.67 19.14 53.70
C GLY O 136 12.91 19.17 52.38
N ASN O 137 12.74 20.36 51.81
CA ASN O 137 11.94 20.52 50.60
C ASN O 137 12.75 20.48 49.32
N GLY O 138 14.07 20.32 49.40
CA GLY O 138 14.87 20.17 48.21
C GLY O 138 15.04 21.47 47.42
N TRP O 139 15.57 21.30 46.20
CA TRP O 139 15.87 22.45 45.35
C TRP O 139 14.60 23.18 44.95
N GLY O 140 14.71 24.49 44.80
CA GLY O 140 13.60 25.32 44.39
C GLY O 140 12.66 25.71 45.49
N SER O 141 12.97 25.39 46.74
CA SER O 141 12.12 25.76 47.86
C SER O 141 12.49 27.10 48.49
N LEU O 142 13.57 27.73 48.03
CA LEU O 142 14.00 29.02 48.55
C LEU O 142 13.85 30.08 47.46
N GLY O 143 13.48 31.28 47.87
CA GLY O 143 13.29 32.38 46.95
C GLY O 143 13.62 33.71 47.61
N ILE O 144 13.68 34.74 46.77
CA ILE O 144 13.95 36.10 47.23
C ILE O 144 12.72 36.94 46.94
N HIS O 145 12.26 37.68 47.94
CA HIS O 145 11.11 38.56 47.82
C HIS O 145 11.58 40.00 47.96
N THR O 146 11.18 40.84 47.01
CA THR O 146 11.74 42.19 46.92
C THR O 146 11.19 43.11 48.00
N HIS O 147 9.88 43.02 48.27
CA HIS O 147 9.19 43.98 49.14
C HIS O 147 9.41 45.40 48.64
N ALA O 148 9.00 45.64 47.39
CA ALA O 148 9.15 46.96 46.79
C ALA O 148 8.05 47.93 47.22
N LEU O 149 6.92 47.43 47.71
CA LEU O 149 5.86 48.31 48.18
C LEU O 149 6.34 49.18 49.33
N ILE O 150 7.06 48.58 50.27
CA ILE O 150 7.76 49.35 51.29
C ILE O 150 9.20 49.57 50.81
N SER O 151 9.86 50.58 51.38
CA SER O 151 11.23 50.92 50.98
C SER O 151 12.19 50.08 51.81
N GLU O 152 12.34 48.82 51.39
CA GLU O 152 13.14 47.85 52.14
C GLU O 152 13.89 46.94 51.18
N ALA O 153 14.93 46.29 51.71
CA ALA O 153 15.80 45.41 50.95
C ALA O 153 15.13 44.06 50.70
N PRO O 154 15.59 43.33 49.68
CA PRO O 154 15.04 41.99 49.44
C PRO O 154 15.39 41.03 50.56
N SER O 155 14.53 40.04 50.77
CA SER O 155 14.68 39.08 51.85
C SER O 155 14.52 37.66 51.32
N MET O 156 15.23 36.73 51.95
CA MET O 156 15.15 35.33 51.57
C MET O 156 14.09 34.61 52.39
N GLY O 157 13.33 33.74 51.71
CA GLY O 157 12.30 32.98 52.36
C GLY O 157 11.92 31.77 51.56
N PRO O 158 10.78 31.16 51.88
CA PRO O 158 10.31 30.02 51.09
C PRO O 158 9.86 30.46 49.70
N ASN O 159 9.95 29.53 48.76
CA ASN O 159 9.39 29.73 47.43
C ASN O 159 7.89 29.49 47.54
N TYR O 160 7.13 30.57 47.68
CA TYR O 160 5.71 30.45 48.01
C TYR O 160 4.86 29.96 46.86
N SER O 161 5.44 29.83 45.66
CA SER O 161 4.72 29.19 44.56
C SER O 161 4.55 27.70 44.80
N LEU O 162 5.37 27.08 45.65
CA LEU O 162 5.30 25.64 45.87
C LEU O 162 5.21 25.27 47.34
N PHE O 163 5.85 26.05 48.22
CA PHE O 163 5.95 25.68 49.62
C PHE O 163 5.61 26.88 50.52
N SER O 164 5.03 26.57 51.68
CA SER O 164 4.81 27.56 52.73
C SER O 164 5.78 27.41 53.89
N SER O 165 6.61 26.37 53.88
CA SER O 165 7.67 26.19 54.86
C SER O 165 8.94 25.77 54.13
N ALA O 166 10.08 26.22 54.63
CA ALA O 166 11.35 25.92 54.00
C ALA O 166 12.46 26.03 55.04
N ALA O 167 13.62 25.49 54.68
CA ALA O 167 14.78 25.56 55.56
C ALA O 167 16.04 25.63 54.70
N ALA O 168 17.01 26.40 55.15
CA ALA O 168 18.29 26.53 54.47
C ALA O 168 19.41 26.27 55.46
N ARG O 169 20.48 25.67 54.97
CA ARG O 169 21.67 25.37 55.75
C ARG O 169 22.84 26.07 55.08
N TRP O 170 23.62 26.83 55.84
CA TRP O 170 24.83 27.41 55.28
C TRP O 170 25.77 26.30 54.86
N LEU O 171 26.25 26.38 53.62
CA LEU O 171 26.99 25.26 53.02
C LEU O 171 28.18 24.85 53.88
N TRP O 172 28.86 25.82 54.49
CA TRP O 172 30.04 25.55 55.27
C TRP O 172 29.73 25.62 56.76
N SER O 173 30.50 24.85 57.52
CA SER O 173 30.33 24.74 58.96
C SER O 173 31.18 25.77 59.68
N MET O 174 30.79 26.05 60.92
CA MET O 174 31.60 26.89 61.79
C MET O 174 32.73 26.08 62.38
N ASN O 175 33.81 26.77 62.76
CA ASN O 175 34.97 26.13 63.35
C ASN O 175 34.95 26.15 64.87
N MET O 176 33.88 26.66 65.48
CA MET O 176 33.77 26.70 66.93
C MET O 176 32.39 26.24 67.36
N ASP O 177 32.32 25.78 68.62
CA ASP O 177 31.02 25.48 69.22
C ASP O 177 30.26 26.76 69.52
N SER O 178 30.95 27.76 70.07
CA SER O 178 30.32 29.06 70.34
C SER O 178 30.23 29.87 69.05
N VAL O 179 29.08 30.51 68.86
CA VAL O 179 28.76 31.14 67.58
C VAL O 179 27.95 32.41 67.84
N THR O 180 28.00 33.33 66.88
CA THR O 180 27.22 34.56 66.93
C THR O 180 26.55 34.79 65.57
N ILE O 181 25.23 34.96 65.57
CA ILE O 181 24.47 35.18 64.36
C ILE O 181 23.76 36.52 64.48
N VAL O 182 24.04 37.43 63.54
CA VAL O 182 23.38 38.72 63.47
C VAL O 182 22.45 38.70 62.27
N VAL O 183 21.16 38.83 62.51
CA VAL O 183 20.15 38.80 61.44
C VAL O 183 19.33 40.08 61.51
N ARG O 184 19.20 40.74 60.37
CA ARG O 184 18.25 41.84 60.23
C ARG O 184 16.98 41.28 59.62
N VAL O 185 15.86 41.44 60.31
CA VAL O 185 14.62 40.79 59.94
C VAL O 185 13.56 41.85 59.64
N LEU O 186 12.65 41.47 58.74
CA LEU O 186 11.52 42.29 58.31
C LEU O 186 10.24 41.52 58.61
N ASN O 187 9.25 42.24 59.12
CA ASN O 187 7.94 41.68 59.43
C ASN O 187 6.95 42.19 58.39
N VAL O 188 6.56 41.32 57.48
CA VAL O 188 5.62 41.67 56.42
C VAL O 188 4.40 40.73 56.42
N GLY O 189 4.17 40.05 57.54
CA GLY O 189 3.05 39.13 57.61
C GLY O 189 3.08 38.34 58.90
N ALA O 190 2.46 37.17 58.86
CA ALA O 190 2.41 36.27 60.00
C ALA O 190 3.18 35.00 59.69
N GLY O 191 4.02 34.57 60.61
CA GLY O 191 4.78 33.36 60.43
C GLY O 191 5.86 33.23 61.48
N LYS O 192 6.62 32.14 61.35
CA LYS O 192 7.70 31.81 62.27
C LYS O 192 9.01 31.73 61.50
N PHE O 193 10.05 32.34 62.06
CA PHE O 193 11.38 32.34 61.46
C PHE O 193 12.37 31.81 62.49
N ASN O 194 13.06 30.73 62.15
CA ASN O 194 14.01 30.08 63.04
C ASN O 194 15.42 30.41 62.60
N VAL O 195 16.24 30.88 63.54
CA VAL O 195 17.68 30.97 63.37
C VAL O 195 18.29 29.78 64.10
N ILE O 196 19.02 28.95 63.37
CA ILE O 196 19.41 27.62 63.83
C ILE O 196 20.93 27.57 63.94
N VAL O 197 21.42 27.17 65.11
CA VAL O 197 22.84 27.02 65.38
C VAL O 197 23.08 25.62 65.94
N CYS O 198 24.35 25.23 65.99
CA CYS O 198 24.78 23.96 66.55
C CYS O 198 24.06 22.79 65.90
N ALA O 199 23.78 22.91 64.61
CA ALA O 199 23.08 21.87 63.86
C ALA O 199 24.04 20.81 63.38
N ASP O 200 23.52 19.60 63.20
CA ASP O 200 24.32 18.52 62.64
C ASP O 200 24.31 18.64 61.12
N TYR O 201 24.84 17.62 60.44
CA TYR O 201 24.97 17.66 58.98
C TYR O 201 23.60 17.76 58.31
N GLN O 202 22.63 16.99 58.78
CA GLN O 202 21.30 16.96 58.19
C GLN O 202 20.30 17.82 58.95
N MET O 203 20.75 18.63 59.89
CA MET O 203 19.88 19.50 60.69
C MET O 203 18.82 18.70 61.43
N GLN O 204 19.19 17.49 61.89
CA GLN O 204 18.27 16.71 62.70
C GLN O 204 18.16 17.26 64.11
N THR O 205 19.29 17.62 64.72
CA THR O 205 19.32 18.18 66.07
C THR O 205 20.06 19.50 66.02
N TYR O 206 19.49 20.53 66.67
CA TYR O 206 20.09 21.86 66.67
C TYR O 206 19.47 22.66 67.80
N LEU O 207 20.11 23.78 68.11
CA LEU O 207 19.51 24.81 68.94
C LEU O 207 18.99 25.90 68.02
N GLY O 208 17.96 26.61 68.47
CA GLY O 208 17.43 27.65 67.62
C GLY O 208 16.65 28.70 68.39
N ILE O 209 16.55 29.88 67.78
CA ILE O 209 15.71 30.95 68.28
C ILE O 209 14.64 31.22 67.24
N GLN O 210 13.38 31.18 67.67
CA GLN O 210 12.25 31.37 66.78
C GLN O 210 11.60 32.71 67.04
N PHE O 211 11.53 33.55 66.01
CA PHE O 211 10.76 34.78 66.04
C PHE O 211 9.42 34.52 65.37
N GLU O 212 8.34 34.62 66.14
CA GLU O 212 7.00 34.35 65.62
C GLU O 212 6.18 35.62 65.68
N THR O 213 5.51 35.94 64.57
CA THR O 213 4.64 37.09 64.51
C THR O 213 3.30 36.69 63.93
N GLY O 214 2.26 37.43 64.31
CA GLY O 214 0.90 37.14 63.87
C GLY O 214 -0.10 38.08 64.48
N ILE O 215 -1.35 37.62 64.61
CA ILE O 215 -2.39 38.46 65.22
C ILE O 215 -2.12 38.65 66.70
N SER O 216 -1.83 37.55 67.41
CA SER O 216 -1.63 37.64 68.86
C SER O 216 -0.48 36.77 69.35
N ASN O 217 0.39 36.32 68.46
CA ASN O 217 1.49 35.44 68.82
C ASN O 217 2.84 36.06 68.46
N ASN O 218 3.00 37.34 68.78
CA ASN O 218 4.27 38.03 68.54
C ASN O 218 5.18 37.76 69.72
N LYS O 219 6.12 36.84 69.55
CA LYS O 219 6.99 36.42 70.64
C LYS O 219 8.25 35.78 70.09
N VAL O 220 9.12 35.36 71.00
CA VAL O 220 10.38 34.70 70.69
C VAL O 220 10.48 33.45 71.56
N HIS O 221 10.80 32.32 70.94
CA HIS O 221 10.93 31.05 71.61
C HIS O 221 12.35 30.50 71.44
N VAL O 222 12.70 29.56 72.31
CA VAL O 222 13.92 28.76 72.17
C VAL O 222 13.49 27.35 71.80
N ILE O 223 14.09 26.82 70.74
CA ILE O 223 13.65 25.55 70.17
C ILE O 223 14.84 24.61 70.04
N THR O 224 14.54 23.31 70.06
CA THR O 224 15.49 22.26 69.73
C THR O 224 15.05 21.55 68.46
N GLY O 225 15.99 20.86 67.83
CA GLY O 225 15.76 20.31 66.51
C GLY O 225 15.04 18.98 66.55
N ASP O 226 14.10 18.82 65.61
CA ASP O 226 13.44 17.56 65.33
C ASP O 226 13.40 17.30 63.83
N GLY O 227 14.42 17.78 63.12
CA GLY O 227 14.42 17.77 61.69
C GLY O 227 14.50 19.18 61.13
N PRO O 228 14.74 19.31 59.83
CA PRO O 228 14.85 20.66 59.24
C PRO O 228 13.57 21.46 59.32
N LEU O 229 12.41 20.83 59.49
CA LEU O 229 11.14 21.54 59.52
C LEU O 229 10.31 21.22 60.76
N ASN O 230 10.85 20.48 61.72
CA ASN O 230 10.16 20.17 62.96
C ASN O 230 11.00 20.63 64.13
N TRP O 231 10.36 21.24 65.11
CA TRP O 231 11.05 21.77 66.28
C TRP O 231 10.19 21.58 67.52
N GLY O 232 10.86 21.58 68.67
CA GLY O 232 10.19 21.50 69.95
C GLY O 232 10.51 22.68 70.82
N TYR O 233 9.49 23.29 71.43
CA TYR O 233 9.70 24.47 72.25
C TYR O 233 10.36 24.09 73.57
N GLN O 234 11.27 24.94 74.03
CA GLN O 234 12.00 24.73 75.28
C GLN O 234 11.77 25.93 76.19
N GLY O 235 11.31 25.67 77.40
CA GLY O 235 11.02 26.76 78.31
C GLY O 235 9.80 27.54 77.87
N ASP O 236 9.70 28.76 78.38
CA ASP O 236 8.59 29.65 78.10
C ASP O 236 8.98 30.70 77.07
N ALA O 237 7.96 31.24 76.41
CA ALA O 237 8.17 32.26 75.39
C ALA O 237 8.30 33.64 76.02
N VAL O 238 8.90 34.56 75.26
CA VAL O 238 9.08 35.94 75.69
C VAL O 238 8.39 36.84 74.68
N ASN O 239 7.52 37.72 75.18
CA ASN O 239 6.81 38.63 74.30
C ASN O 239 7.79 39.57 73.59
N ASN O 240 7.58 39.74 72.28
CA ASN O 240 8.48 40.55 71.48
C ASN O 240 7.74 41.06 70.25
N THR O 241 7.89 42.35 69.96
CA THR O 241 7.33 42.95 68.76
C THR O 241 8.44 43.12 67.74
N THR O 242 8.29 42.47 66.59
CA THR O 242 9.30 42.49 65.54
C THR O 242 8.96 43.58 64.54
N ALA O 243 9.68 44.70 64.60
CA ALA O 243 9.51 45.77 63.63
C ALA O 243 10.36 45.50 62.40
N ASN O 244 10.01 46.19 61.31
CA ASN O 244 10.76 46.04 60.08
C ASN O 244 12.18 46.58 60.26
N GLY O 245 13.15 45.85 59.74
CA GLY O 245 14.54 46.22 59.93
C GLY O 245 15.05 46.08 61.34
N ASP O 246 14.67 45.00 62.03
CA ASP O 246 15.10 44.79 63.41
C ASP O 246 16.31 43.86 63.43
N VAL O 247 17.36 44.26 64.12
CA VAL O 247 18.62 43.51 64.16
C VAL O 247 18.65 42.69 65.44
N TYR O 248 18.75 41.38 65.29
CA TYR O 248 18.80 40.45 66.41
C TYR O 248 20.15 39.74 66.41
N THR O 249 20.68 39.49 67.62
CA THR O 249 21.95 38.81 67.79
C THR O 249 21.71 37.55 68.61
N ILE O 250 21.82 36.39 67.96
CA ILE O 250 21.69 35.10 68.61
C ILE O 250 23.10 34.60 68.90
N LYS O 251 23.47 34.56 70.18
CA LYS O 251 24.78 34.11 70.59
C LYS O 251 24.65 32.80 71.36
N TYR O 252 25.39 31.78 70.94
CA TYR O 252 25.53 30.55 71.70
C TYR O 252 26.92 30.51 72.30
N ASN O 253 26.99 30.39 73.62
CA ASN O 253 28.24 30.26 74.36
C ASN O 253 28.36 28.82 74.83
N ASP O 254 29.43 28.15 74.41
CA ASP O 254 29.60 26.74 74.70
C ASP O 254 30.06 26.49 76.13
N LEU O 255 30.90 27.37 76.69
CA LEU O 255 31.32 27.20 78.07
C LEU O 255 30.15 27.36 79.04
N LEU O 256 29.28 28.33 78.77
CA LEU O 256 28.04 28.45 79.53
C LEU O 256 27.00 27.41 79.13
N ASP O 257 27.16 26.78 77.96
CA ASP O 257 26.12 25.93 77.39
C ASP O 257 24.80 26.69 77.30
N THR O 258 24.88 27.96 76.88
CA THR O 258 23.75 28.86 76.95
C THR O 258 23.53 29.53 75.61
N ILE O 259 22.29 29.51 75.13
CA ILE O 259 21.89 30.20 73.91
C ILE O 259 21.02 31.39 74.28
N SER O 260 21.39 32.57 73.80
CA SER O 260 20.68 33.78 74.15
C SER O 260 20.45 34.61 72.89
N CYS O 261 19.43 35.46 72.94
CA CYS O 261 19.10 36.37 71.86
C CYS O 261 18.95 37.77 72.41
N TYR O 262 19.67 38.72 71.81
CA TYR O 262 19.63 40.13 72.16
C TYR O 262 18.94 40.90 71.04
N LYS O 263 17.97 41.74 71.40
CA LYS O 263 17.27 42.56 70.42
C LYS O 263 17.98 43.91 70.28
N GLY O 264 18.23 44.31 69.04
CA GLY O 264 18.90 45.57 68.79
C GLY O 264 20.27 45.60 69.42
N THR O 265 20.57 46.70 70.12
CA THR O 265 21.84 46.88 70.81
C THR O 265 21.71 46.71 72.31
N SER O 266 20.62 46.11 72.78
CA SER O 266 20.42 45.93 74.21
C SER O 266 21.50 45.02 74.79
N LEU O 267 22.05 45.42 75.92
CA LEU O 267 23.11 44.64 76.57
C LEU O 267 22.58 43.48 77.39
N THR O 268 21.27 43.39 77.59
CA THR O 268 20.68 42.25 78.27
C THR O 268 19.99 41.34 77.27
N PRO O 269 20.03 40.02 77.48
CA PRO O 269 19.40 39.11 76.52
C PRO O 269 17.89 39.29 76.46
N LEU O 270 17.36 39.40 75.25
CA LEU O 270 15.91 39.38 75.07
C LEU O 270 15.34 38.03 75.49
N ILE O 271 16.04 36.94 75.13
CA ILE O 271 15.66 35.61 75.59
C ILE O 271 16.94 34.83 75.91
N GLU O 272 16.80 33.80 76.72
CA GLU O 272 17.95 33.03 77.17
C GLU O 272 17.50 31.63 77.58
N ALA O 273 18.35 30.64 77.29
CA ALA O 273 18.11 29.27 77.72
C ALA O 273 19.44 28.57 77.91
N SER O 274 19.45 27.55 78.75
CA SER O 274 20.69 26.88 79.12
C SER O 274 20.44 25.39 79.32
N GLY O 275 21.52 24.61 79.18
CA GLY O 275 21.48 23.19 79.46
C GLY O 275 20.56 22.39 78.58
N LEU O 276 20.49 22.73 77.29
CA LEU O 276 19.62 22.02 76.37
C LEU O 276 20.27 20.70 75.94
N ASP O 277 19.45 19.66 75.81
CA ASP O 277 19.95 18.33 75.48
C ASP O 277 20.12 18.21 73.98
N VAL O 278 21.19 18.82 73.48
CA VAL O 278 21.57 18.75 72.07
C VAL O 278 23.06 18.45 71.99
N PRO O 279 23.49 17.50 71.16
CA PRO O 279 24.92 17.22 71.04
C PRO O 279 25.69 18.42 70.53
N HIS O 280 26.91 18.58 71.04
CA HIS O 280 27.76 19.71 70.72
C HIS O 280 29.16 19.21 70.39
N GLY O 281 29.96 20.08 69.79
CA GLY O 281 31.29 19.75 69.39
C GLY O 281 31.42 19.60 67.89
N GLU O 282 32.51 18.96 67.47
CA GLU O 282 32.76 18.76 66.06
C GLU O 282 31.69 17.85 65.46
N GLY O 283 31.27 18.19 64.24
CA GLY O 283 30.18 17.50 63.60
C GLY O 283 28.81 18.10 63.86
N PHE O 284 28.71 19.06 64.77
CA PHE O 284 27.46 19.73 65.13
C PHE O 284 27.67 21.23 65.17
N ARG O 285 28.33 21.77 64.14
CA ARG O 285 28.62 23.20 64.07
C ARG O 285 28.00 23.84 62.82
N TYR O 286 27.02 23.20 62.23
CA TYR O 286 26.34 23.81 61.09
C TYR O 286 25.29 24.79 61.57
N THR O 287 24.95 25.74 60.71
CA THR O 287 23.99 26.78 61.03
C THR O 287 23.06 26.97 59.84
N GLY O 288 21.93 27.62 60.10
CA GLY O 288 20.95 27.80 59.04
C GLY O 288 19.76 28.61 59.49
N LEU O 289 18.76 28.62 58.60
CA LEU O 289 17.54 29.40 58.78
C LEU O 289 16.37 28.51 58.44
N ALA O 290 15.19 28.89 58.93
CA ALA O 290 13.98 28.17 58.58
C ALA O 290 12.80 29.13 58.62
N TRP O 291 11.79 28.85 57.79
CA TRP O 291 10.60 29.66 57.70
C TRP O 291 9.38 28.76 57.68
N ASN O 292 8.32 29.18 58.34
CA ASN O 292 7.06 28.45 58.32
C ASN O 292 5.91 29.43 58.42
N THR O 293 5.07 29.50 57.39
CA THR O 293 3.92 30.39 57.41
C THR O 293 2.66 29.60 57.09
N ALA O 294 1.59 29.88 57.84
CA ALA O 294 0.31 29.25 57.57
C ALA O 294 -0.23 29.65 56.21
N LEU O 295 -0.08 30.92 55.85
CA LEU O 295 -0.51 31.41 54.55
C LEU O 295 0.65 31.38 53.56
N LEU O 296 0.32 31.56 52.29
CA LEU O 296 1.32 31.54 51.22
C LEU O 296 1.84 32.95 50.94
N SER O 297 2.27 33.64 51.99
CA SER O 297 2.77 34.99 51.91
C SER O 297 3.96 35.13 52.85
N PRO O 298 4.91 36.01 52.55
CA PRO O 298 6.07 36.19 53.44
C PRO O 298 5.63 36.66 54.82
N GLY O 299 6.33 36.17 55.85
CA GLY O 299 6.11 36.58 57.21
C GLY O 299 7.31 37.32 57.78
N VAL O 300 8.06 36.67 58.65
CA VAL O 300 9.31 37.22 59.16
C VAL O 300 10.44 36.71 58.29
N GLU O 301 11.16 37.63 57.65
CA GLU O 301 12.20 37.19 56.71
C GLU O 301 13.48 37.99 56.91
N PRO O 302 14.64 37.36 56.74
CA PRO O 302 15.89 38.10 56.91
C PRO O 302 16.37 38.78 55.64
N THR O 303 16.75 40.04 55.76
CA THR O 303 17.40 40.76 54.66
C THR O 303 18.92 40.59 54.70
N ALA O 304 19.53 40.69 55.88
CA ALA O 304 20.96 40.53 56.02
C ALA O 304 21.25 39.49 57.09
N TRP O 305 22.21 38.61 56.81
CA TRP O 305 22.59 37.52 57.69
C TRP O 305 24.10 37.52 57.87
N GLU O 306 24.55 37.31 59.09
CA GLU O 306 25.98 37.25 59.38
C GLU O 306 26.23 36.21 60.45
N ALA O 307 27.26 35.40 60.26
CA ALA O 307 27.70 34.41 61.24
C ALA O 307 29.17 34.64 61.57
N LYS O 308 29.51 34.47 62.84
CA LYS O 308 30.87 34.69 63.29
C LYS O 308 31.24 33.63 64.32
N ASP O 309 32.44 33.09 64.19
CA ASP O 309 32.94 32.13 65.18
C ASP O 309 33.20 32.82 66.51
N GLY O 310 32.75 32.18 67.59
CA GLY O 310 33.03 32.66 68.93
C GLY O 310 32.05 33.71 69.40
N VAL O 311 32.09 33.98 70.70
CA VAL O 311 31.25 34.98 71.33
C VAL O 311 32.11 36.02 72.03
N MET P 1 100.37 -0.61 -15.04
CA MET P 1 99.96 0.16 -16.20
C MET P 1 101.11 0.28 -17.19
N LEU P 2 100.83 0.03 -18.47
CA LEU P 2 101.88 0.06 -19.48
C LEU P 2 102.31 1.47 -19.81
N SER P 3 101.38 2.40 -19.92
CA SER P 3 101.66 3.77 -20.33
C SER P 3 101.49 4.71 -19.15
N THR P 4 102.45 5.61 -18.97
CA THR P 4 102.35 6.63 -17.95
C THR P 4 101.37 7.72 -18.38
N GLY P 5 100.92 8.51 -17.41
CA GLY P 5 99.94 9.53 -17.66
C GLY P 5 100.17 10.79 -16.86
N PRO P 6 99.37 11.83 -17.12
CA PRO P 6 99.51 13.08 -16.37
C PRO P 6 99.05 12.92 -14.93
N ILE P 7 99.47 13.89 -14.11
CA ILE P 7 99.09 13.95 -12.71
C ILE P 7 97.92 14.90 -12.56
N MET P 8 96.89 14.48 -11.84
CA MET P 8 95.75 15.34 -11.57
C MET P 8 96.11 16.29 -10.43
N GLU P 9 96.03 17.59 -10.70
CA GLU P 9 96.35 18.63 -9.74
C GLU P 9 95.28 19.69 -9.83
N THR P 10 95.53 20.83 -9.18
CA THR P 10 94.66 21.99 -9.28
C THR P 10 95.49 23.24 -9.39
N LEU P 11 94.92 24.26 -10.00
CA LEU P 11 95.46 25.60 -10.02
C LEU P 11 94.50 26.52 -9.29
N THR P 12 95.01 27.64 -8.78
CA THR P 12 94.20 28.60 -8.06
C THR P 12 94.27 29.96 -8.75
N LEU P 13 93.13 30.60 -8.89
CA LEU P 13 93.05 31.92 -9.51
C LEU P 13 92.37 32.90 -8.56
N THR P 14 92.87 34.13 -8.55
CA THR P 14 92.32 35.19 -7.71
C THR P 14 92.26 36.47 -8.52
N VAL P 15 91.16 37.21 -8.37
CA VAL P 15 91.05 38.50 -9.04
C VAL P 15 92.04 39.49 -8.44
N GLY P 16 92.76 40.20 -9.31
CA GLY P 16 93.75 41.15 -8.87
C GLY P 16 95.07 40.56 -8.44
N SER P 17 95.22 39.24 -8.52
CA SER P 17 96.43 38.56 -8.10
C SER P 17 97.11 37.94 -9.30
N ALA P 18 98.42 38.13 -9.41
CA ALA P 18 99.17 37.58 -10.53
C ALA P 18 99.21 36.05 -10.44
N PHE P 19 98.71 35.39 -11.48
CA PHE P 19 98.79 33.94 -11.53
C PHE P 19 100.23 33.52 -11.73
N GLU P 20 100.69 32.58 -10.89
CA GLU P 20 102.09 32.16 -10.93
C GLU P 20 102.20 30.70 -10.51
N ILE P 21 102.92 29.92 -11.31
CA ILE P 21 103.36 28.58 -10.94
C ILE P 21 104.86 28.66 -10.67
N PRO P 22 105.30 28.54 -9.42
CA PRO P 22 106.73 28.70 -9.12
C PRO P 22 107.56 27.58 -9.73
N GLY P 23 108.82 27.91 -10.02
CA GLY P 23 109.70 26.94 -10.65
C GLY P 23 110.00 25.74 -9.76
N TRP P 24 110.06 25.94 -8.45
CA TRP P 24 110.39 24.85 -7.55
C TRP P 24 109.31 23.77 -7.48
N LYS P 25 108.11 24.06 -7.98
CA LYS P 25 107.06 23.05 -8.07
C LYS P 25 107.04 22.35 -9.43
N LEU P 26 107.96 22.68 -10.32
CA LEU P 26 108.06 22.07 -11.64
C LEU P 26 109.49 21.64 -11.92
N ARG P 27 110.12 20.99 -10.95
CA ARG P 27 111.52 20.62 -11.06
C ARG P 27 111.71 19.52 -12.09
N GLY P 28 112.92 19.44 -12.61
CA GLY P 28 113.28 18.47 -13.62
C GLY P 28 114.43 18.97 -14.46
N GLU P 29 115.11 18.02 -15.11
CA GLU P 29 116.26 18.32 -15.95
C GLU P 29 115.74 18.61 -17.36
N TYR P 30 115.72 19.89 -17.73
CA TYR P 30 115.21 20.30 -19.02
C TYR P 30 116.34 20.76 -19.92
N PRO P 31 116.65 20.04 -21.00
CA PRO P 31 117.69 20.49 -21.92
C PRO P 31 117.29 21.77 -22.63
N ALA P 32 118.30 22.47 -23.13
CA ALA P 32 118.06 23.72 -23.85
C ALA P 32 117.18 23.49 -25.06
N GLY P 33 116.28 24.42 -25.32
CA GLY P 33 115.29 24.29 -26.37
C GLY P 33 113.96 23.74 -25.92
N THR P 34 113.86 23.30 -24.67
CA THR P 34 112.60 22.79 -24.14
C THR P 34 111.60 23.93 -23.99
N THR P 35 110.32 23.62 -24.22
CA THR P 35 109.25 24.60 -24.08
C THR P 35 108.16 24.02 -23.19
N SER P 36 107.30 24.90 -22.69
CA SER P 36 106.17 24.47 -21.87
C SER P 36 105.01 25.43 -22.10
N HIS P 37 103.82 24.87 -22.28
CA HIS P 37 102.63 25.69 -22.46
C HIS P 37 101.47 25.14 -21.63
N LEU P 38 100.70 26.07 -21.08
CA LEU P 38 99.55 25.75 -20.24
C LEU P 38 98.28 26.19 -20.99
N VAL P 39 97.33 25.26 -21.12
CA VAL P 39 96.10 25.49 -21.86
C VAL P 39 94.93 25.40 -20.90
N PHE P 40 94.11 26.44 -20.88
CA PHE P 40 92.87 26.48 -20.11
C PHE P 40 91.70 26.30 -21.06
N THR P 41 90.85 25.34 -20.76
CA THR P 41 89.78 24.88 -21.63
C THR P 41 88.47 24.83 -20.84
N ASP P 42 87.36 24.96 -21.54
CA ASP P 42 86.04 24.83 -20.94
C ASP P 42 85.54 23.40 -21.09
N ALA P 43 84.30 23.17 -20.67
CA ALA P 43 83.72 21.83 -20.77
C ALA P 43 83.46 21.43 -22.20
N ALA P 44 83.09 22.40 -23.06
CA ALA P 44 82.83 22.08 -24.46
C ALA P 44 84.10 21.63 -25.17
N GLY P 45 85.24 22.22 -24.82
CA GLY P 45 86.49 21.85 -25.45
C GLY P 45 87.21 23.04 -26.06
N GLY P 46 86.66 24.23 -25.85
CA GLY P 46 87.25 25.44 -26.39
C GLY P 46 88.30 26.02 -25.46
N THR P 47 89.40 26.48 -26.06
CA THR P 47 90.50 27.04 -25.29
C THR P 47 90.10 28.39 -24.71
N LEU P 48 90.07 28.48 -23.38
CA LEU P 48 89.82 29.75 -22.72
C LEU P 48 91.09 30.54 -22.46
N GLY P 49 92.24 29.89 -22.52
CA GLY P 49 93.50 30.58 -22.29
C GLY P 49 94.68 29.76 -22.75
N GLU P 50 95.76 30.46 -23.11
CA GLU P 50 96.99 29.81 -23.54
C GLU P 50 98.16 30.63 -23.04
N PHE P 51 99.05 29.99 -22.29
CA PHE P 51 100.20 30.67 -21.73
C PHE P 51 101.46 29.85 -21.97
N GLU P 52 102.59 30.54 -22.04
CA GLU P 52 103.89 29.90 -22.24
C GLU P 52 104.74 30.11 -20.99
N GLY P 53 105.36 29.04 -20.52
CA GLY P 53 106.19 29.09 -19.32
C GLY P 53 107.66 29.26 -19.69
N THR P 54 108.36 30.07 -18.89
CA THR P 54 109.79 30.30 -19.09
C THR P 54 110.54 29.09 -18.57
N VAL P 55 111.05 28.26 -19.47
CA VAL P 55 111.73 27.02 -19.11
C VAL P 55 113.21 27.32 -18.92
N SER P 56 113.72 27.01 -17.75
CA SER P 56 115.14 27.13 -17.44
C SER P 56 115.78 25.75 -17.50
N ALA P 57 117.06 25.67 -17.10
CA ALA P 57 117.76 24.40 -17.14
C ALA P 57 117.25 23.42 -16.10
N LYS P 58 116.57 23.88 -15.06
CA LYS P 58 116.15 23.01 -13.98
C LYS P 58 114.72 23.22 -13.50
N GLU P 59 113.97 24.14 -14.09
CA GLU P 59 112.61 24.39 -13.62
C GLU P 59 111.83 25.11 -14.71
N ILE P 60 110.50 25.08 -14.55
CA ILE P 60 109.57 25.81 -15.41
C ILE P 60 108.82 26.79 -14.55
N HIS P 61 108.79 28.05 -14.97
CA HIS P 61 108.16 29.12 -14.22
C HIS P 61 107.08 29.78 -15.05
N TYR P 62 105.90 29.95 -14.45
CA TYR P 62 104.78 30.63 -15.07
C TYR P 62 104.50 31.92 -14.30
N LEU P 63 104.16 32.98 -15.03
CA LEU P 63 103.85 34.26 -14.41
C LEU P 63 102.99 35.06 -15.37
N GLN P 64 101.73 35.28 -15.00
CA GLN P 64 100.81 36.05 -15.83
C GLN P 64 100.14 37.12 -14.99
N ALA P 65 99.81 38.23 -15.64
CA ALA P 65 99.09 39.30 -14.98
C ALA P 65 97.66 38.88 -14.69
N PRO P 66 97.02 39.48 -13.68
CA PRO P 66 95.60 39.15 -13.42
C PRO P 66 94.68 39.44 -14.59
N ASP P 67 95.06 40.38 -15.46
CA ASP P 67 94.24 40.70 -16.62
C ASP P 67 94.18 39.55 -17.60
N ASP P 68 95.22 38.71 -17.65
CA ASP P 68 95.21 37.55 -18.54
C ASP P 68 94.27 36.47 -18.03
N VAL P 69 94.21 36.28 -16.70
CA VAL P 69 93.47 35.18 -16.11
C VAL P 69 92.12 35.60 -15.56
N LYS P 70 91.72 36.87 -15.75
CA LYS P 70 90.39 37.29 -15.33
C LYS P 70 89.28 36.51 -16.03
N ASN P 71 89.55 35.98 -17.23
CA ASN P 71 88.51 35.35 -18.03
C ASN P 71 88.40 33.85 -17.83
N ILE P 72 89.21 33.27 -16.95
CA ILE P 72 89.16 31.84 -16.68
C ILE P 72 88.13 31.61 -15.56
N PRO P 73 87.03 30.91 -15.84
CA PRO P 73 86.00 30.72 -14.82
C PRO P 73 86.42 29.70 -13.77
N HIS P 74 85.64 29.67 -12.69
CA HIS P 74 85.86 28.69 -11.63
C HIS P 74 85.62 27.28 -12.16
N GLY P 75 86.50 26.35 -11.78
CA GLY P 75 86.39 24.98 -12.23
C GLY P 75 86.56 24.81 -13.72
N ALA P 76 87.60 25.43 -14.28
CA ALA P 76 87.87 25.37 -15.71
C ALA P 76 89.06 24.46 -15.96
N ASN P 77 88.95 23.57 -16.95
CA ASN P 77 89.98 22.56 -17.16
C ASN P 77 91.30 23.22 -17.52
N PHE P 78 92.40 22.62 -17.07
CA PHE P 78 93.73 23.08 -17.39
C PHE P 78 94.60 21.88 -17.71
N GLN P 79 95.59 22.10 -18.58
CA GLN P 79 96.47 21.05 -19.04
C GLN P 79 97.84 21.66 -19.32
N LEU P 80 98.88 21.12 -18.70
CA LEU P 80 100.23 21.65 -18.80
C LEU P 80 101.08 20.69 -19.62
N PHE P 81 101.63 21.17 -20.73
CA PHE P 81 102.44 20.36 -21.64
C PHE P 81 103.88 20.84 -21.61
N VAL P 82 104.80 19.87 -21.65
CA VAL P 82 106.23 20.13 -21.78
C VAL P 82 106.72 19.44 -23.04
N THR P 83 107.36 20.21 -23.91
CA THR P 83 107.86 19.71 -25.19
C THR P 83 109.39 19.79 -25.16
N TYR P 84 110.02 18.62 -25.12
CA TYR P 84 111.47 18.53 -25.21
C TYR P 84 111.92 18.76 -26.64
N PRO P 85 113.18 19.13 -26.86
CA PRO P 85 113.64 19.40 -28.23
C PRO P 85 113.47 18.19 -29.14
N SER P 86 112.89 18.42 -30.32
CA SER P 86 112.68 17.40 -31.33
C SER P 86 111.85 16.23 -30.82
N MET P 87 110.90 16.51 -29.92
CA MET P 87 110.02 15.49 -29.38
C MET P 87 108.58 16.01 -29.40
N GLN P 88 107.64 15.07 -29.44
CA GLN P 88 106.23 15.44 -29.40
C GLN P 88 105.88 15.97 -28.01
N PRO P 89 104.87 16.84 -27.91
CA PRO P 89 104.52 17.41 -26.60
C PRO P 89 104.07 16.34 -25.62
N GLN P 90 104.42 16.56 -24.35
CA GLN P 90 104.11 15.63 -23.27
C GLN P 90 103.38 16.38 -22.17
N CYS P 91 102.27 15.82 -21.71
CA CYS P 91 101.48 16.43 -20.66
C CYS P 91 101.97 15.96 -19.30
N LEU P 92 102.29 16.91 -18.42
CA LEU P 92 102.75 16.59 -17.08
C LEU P 92 101.64 16.67 -16.04
N TYR P 93 100.82 17.72 -16.09
CA TYR P 93 99.76 17.91 -15.12
C TYR P 93 98.47 18.30 -15.84
N PHE P 94 97.35 17.97 -15.21
CA PHE P 94 96.04 18.35 -15.73
C PHE P 94 95.07 18.43 -14.56
N GLY P 95 93.96 19.11 -14.79
CA GLY P 95 92.98 19.18 -13.72
C GLY P 95 91.98 20.28 -13.98
N THR P 96 91.42 20.81 -12.90
CA THR P 96 90.49 21.93 -12.96
C THR P 96 91.03 23.06 -12.11
N ALA P 97 91.35 24.18 -12.76
CA ALA P 97 91.68 25.40 -12.04
C ALA P 97 90.44 25.94 -11.34
N ILE P 98 90.58 26.22 -10.05
CA ILE P 98 89.52 26.75 -9.23
C ILE P 98 89.81 28.21 -8.91
N ARG P 99 88.80 28.89 -8.38
CA ARG P 99 88.86 30.32 -8.11
C ARG P 99 88.77 30.52 -6.61
N LYS P 100 89.89 30.93 -5.99
CA LYS P 100 89.98 31.06 -4.54
C LYS P 100 90.03 32.55 -4.22
N GLU P 101 88.87 33.13 -3.94
CA GLU P 101 88.75 34.57 -3.75
C GLU P 101 87.40 34.85 -3.11
N PRO P 102 87.20 36.05 -2.56
CA PRO P 102 85.86 36.45 -2.15
C PRO P 102 84.90 36.50 -3.33
N ARG P 103 83.67 36.06 -3.11
CA ARG P 103 82.65 36.03 -4.14
C ARG P 103 81.64 37.16 -3.90
N TYR P 104 81.03 37.62 -4.98
CA TYR P 104 80.04 38.70 -4.94
C TYR P 104 78.77 38.24 -5.63
N PRO P 105 78.01 37.35 -4.99
CA PRO P 105 76.75 36.88 -5.60
C PRO P 105 75.73 38.00 -5.80
N LEU P 106 75.73 39.01 -4.94
CA LEU P 106 74.79 40.11 -5.08
C LEU P 106 75.20 41.00 -6.25
N SER P 107 74.22 41.33 -7.10
CA SER P 107 74.50 42.24 -8.22
C SER P 107 74.84 43.63 -7.71
N THR P 108 74.00 44.18 -6.82
CA THR P 108 74.27 45.45 -6.16
C THR P 108 73.85 45.34 -4.71
N VAL P 109 74.54 46.08 -3.85
CA VAL P 109 74.15 46.26 -2.47
C VAL P 109 73.43 47.61 -2.37
N VAL P 110 72.16 47.56 -1.98
CA VAL P 110 71.33 48.76 -1.90
C VAL P 110 70.97 48.99 -0.43
N SER P 111 70.99 50.25 -0.02
CA SER P 111 70.61 50.59 1.34
C SER P 111 69.16 50.17 1.58
N PRO P 112 68.85 49.55 2.72
CA PRO P 112 67.49 49.09 2.96
C PRO P 112 66.51 50.25 3.00
N GLU P 113 65.30 50.00 2.51
CA GLU P 113 64.24 51.01 2.49
C GLU P 113 63.73 51.18 3.92
N ASP P 114 64.45 51.98 4.69
CA ASP P 114 64.04 52.28 6.05
C ASP P 114 62.78 53.14 6.05
N SER P 115 61.82 52.76 6.90
CA SER P 115 60.53 53.42 6.93
C SER P 115 60.58 54.64 7.85
N ALA P 116 59.48 55.38 7.89
CA ALA P 116 59.37 56.51 8.79
C ALA P 116 59.34 56.03 10.24
N VAL P 117 60.00 56.78 11.12
CA VAL P 117 60.14 56.39 12.51
C VAL P 117 59.74 57.57 13.40
N GLN P 118 59.24 57.24 14.59
CA GLN P 118 58.79 58.23 15.55
C GLN P 118 59.30 57.87 16.94
N TYR P 119 59.56 58.91 17.73
CA TYR P 119 60.13 58.77 19.07
C TYR P 119 59.48 59.76 20.02
N LYS P 120 59.43 59.40 21.29
CA LYS P 120 58.84 60.23 22.34
C LYS P 120 59.75 60.24 23.56
N ALA P 121 59.61 61.30 24.36
CA ALA P 121 60.31 61.41 25.63
C ALA P 121 59.57 62.42 26.50
N ASN P 122 59.50 62.15 27.81
CA ASN P 122 58.74 62.99 28.72
C ASN P 122 59.43 63.34 30.03
N PHE P 123 60.52 62.66 30.39
CA PHE P 123 61.31 62.99 31.58
C PHE P 123 60.47 62.91 32.86
N VAL P 124 59.95 61.72 33.12
CA VAL P 124 59.18 61.48 34.33
C VAL P 124 59.96 60.66 35.35
N GLY P 125 60.81 59.75 34.92
CA GLY P 125 61.58 58.92 35.84
C GLY P 125 62.62 59.66 36.64
N GLN P 126 63.55 58.91 37.24
CA GLN P 126 64.55 59.52 38.12
C GLN P 126 65.65 60.22 37.32
N TYR P 127 66.35 59.46 36.49
CA TYR P 127 67.51 59.97 35.76
C TYR P 127 67.14 60.21 34.30
N ILE P 128 68.15 60.63 33.52
CA ILE P 128 67.91 60.97 32.11
C ILE P 128 67.62 59.72 31.29
N GLY P 129 68.44 58.69 31.44
CA GLY P 129 68.29 57.48 30.68
C GLY P 129 69.25 57.40 29.51
N PRO P 130 69.53 56.19 29.03
CA PRO P 130 70.54 56.01 27.98
C PRO P 130 70.08 56.48 26.60
N MET P 131 68.80 56.80 26.41
CA MET P 131 68.35 57.25 25.10
C MET P 131 68.87 58.64 24.76
N TRP P 132 69.38 59.38 25.74
CA TRP P 132 69.96 60.70 25.52
C TRP P 132 71.46 60.60 25.74
N LYS P 133 72.21 60.65 24.65
CA LYS P 133 73.67 60.60 24.73
C LYS P 133 74.20 62.01 25.01
N PRO P 134 74.86 62.22 26.14
CA PRO P 134 75.43 63.55 26.41
C PRO P 134 76.57 63.87 25.48
N MET P 135 76.79 65.17 25.25
CA MET P 135 77.79 65.62 24.30
C MET P 135 78.38 66.93 24.80
N GLY P 136 79.58 67.24 24.32
CA GLY P 136 80.26 68.46 24.71
C GLY P 136 80.89 68.39 26.08
N ASN P 137 80.05 68.29 27.11
CA ASN P 137 80.51 68.25 28.48
C ASN P 137 80.75 66.83 28.99
N GLY P 138 80.54 65.82 28.15
CA GLY P 138 80.81 64.46 28.54
C GLY P 138 79.67 63.81 29.31
N TRP P 139 79.95 62.61 29.79
CA TRP P 139 78.95 61.83 30.50
C TRP P 139 78.58 62.49 31.83
N GLY P 140 77.32 62.32 32.22
CA GLY P 140 76.85 62.87 33.48
C GLY P 140 76.67 64.37 33.48
N SER P 141 76.45 64.98 32.32
CA SER P 141 76.24 66.41 32.21
C SER P 141 74.77 66.80 32.07
N LEU P 142 73.86 65.85 32.22
CA LEU P 142 72.43 66.10 32.08
C LEU P 142 71.70 65.72 33.35
N GLY P 143 70.54 66.34 33.55
CA GLY P 143 69.76 66.11 34.75
C GLY P 143 68.31 66.48 34.53
N ILE P 144 67.50 66.12 35.52
CA ILE P 144 66.06 66.37 35.52
C ILE P 144 65.75 67.38 36.62
N HIS P 145 65.01 68.42 36.27
CA HIS P 145 64.59 69.45 37.22
C HIS P 145 63.09 69.36 37.43
N THR P 146 62.67 69.29 38.70
CA THR P 146 61.28 68.94 39.00
C THR P 146 60.33 70.10 38.73
N HIS P 147 60.76 71.33 39.02
CA HIS P 147 59.92 72.52 38.83
C HIS P 147 58.61 72.41 39.61
N ALA P 148 58.68 71.89 40.83
CA ALA P 148 57.47 71.76 41.64
C ALA P 148 56.99 73.10 42.17
N LEU P 149 57.82 74.14 42.13
CA LEU P 149 57.40 75.46 42.59
C LEU P 149 56.27 76.00 41.71
N ILE P 150 56.38 75.83 40.39
CA ILE P 150 55.35 76.29 39.47
C ILE P 150 54.33 75.20 39.16
N SER P 151 54.46 74.02 39.78
CA SER P 151 53.53 72.90 39.58
C SER P 151 53.45 72.51 38.12
N GLU P 152 54.58 72.03 37.59
CA GLU P 152 54.69 71.62 36.20
C GLU P 152 55.42 70.28 36.13
N ALA P 153 55.40 69.69 34.93
CA ALA P 153 56.07 68.43 34.71
C ALA P 153 57.58 68.62 34.78
N PRO P 154 58.33 67.58 35.15
CA PRO P 154 59.79 67.71 35.19
C PRO P 154 60.36 67.95 33.80
N SER P 155 61.46 68.70 33.76
CA SER P 155 62.13 69.04 32.52
C SER P 155 63.54 68.48 32.51
N MET P 156 64.13 68.44 31.33
CA MET P 156 65.50 67.99 31.14
C MET P 156 66.40 69.18 30.86
N GLY P 157 67.57 69.18 31.49
CA GLY P 157 68.52 70.25 31.28
C GLY P 157 69.92 69.84 31.71
N PRO P 158 70.82 70.81 31.81
CA PRO P 158 72.14 70.52 32.38
C PRO P 158 72.03 70.24 33.87
N ASN P 159 72.98 69.47 34.39
CA ASN P 159 73.09 69.29 35.83
C ASN P 159 73.89 70.47 36.38
N TYR P 160 73.16 71.45 36.92
CA TYR P 160 73.79 72.71 37.30
C TYR P 160 74.68 72.59 38.52
N SER P 161 74.69 71.43 39.19
CA SER P 161 75.61 71.23 40.30
C SER P 161 77.05 71.33 39.86
N LEU P 162 77.36 70.94 38.61
CA LEU P 162 78.73 71.03 38.11
C LEU P 162 78.82 71.46 36.65
N PHE P 163 77.75 71.95 36.04
CA PHE P 163 77.79 72.32 34.63
C PHE P 163 76.81 73.46 34.37
N SER P 164 77.05 74.18 33.28
CA SER P 164 76.18 75.28 32.88
C SER P 164 75.58 75.09 31.49
N SER P 165 76.38 74.65 30.52
CA SER P 165 75.92 74.44 29.15
C SER P 165 76.10 72.98 28.79
N ALA P 166 75.03 72.36 28.28
CA ALA P 166 75.06 70.93 28.02
C ALA P 166 74.24 70.60 26.78
N ALA P 167 74.70 69.61 26.04
CA ALA P 167 74.00 69.15 24.84
C ALA P 167 73.73 67.66 24.94
N ALA P 168 72.62 67.24 24.34
CA ALA P 168 72.23 65.85 24.29
C ALA P 168 71.81 65.49 22.87
N ARG P 169 72.06 64.24 22.49
CA ARG P 169 71.70 63.73 21.18
C ARG P 169 70.80 62.52 21.35
N TRP P 170 69.77 62.41 20.53
CA TRP P 170 68.95 61.21 20.54
C TRP P 170 69.79 60.02 20.11
N LEU P 171 69.63 58.89 20.81
CA LEU P 171 70.47 57.74 20.53
C LEU P 171 70.26 57.23 19.10
N TRP P 172 69.02 57.19 18.65
CA TRP P 172 68.71 56.71 17.31
C TRP P 172 68.74 57.86 16.30
N SER P 173 68.73 57.49 15.03
CA SER P 173 68.81 58.44 13.94
C SER P 173 67.53 58.39 13.11
N MET P 174 67.16 59.55 12.57
CA MET P 174 66.02 59.60 11.67
C MET P 174 66.34 58.84 10.39
N ASN P 175 65.31 58.26 9.79
CA ASN P 175 65.48 57.46 8.59
C ASN P 175 65.31 58.26 7.31
N MET P 176 64.85 59.51 7.40
CA MET P 176 64.65 60.36 6.24
C MET P 176 65.17 61.75 6.55
N ASP P 177 65.44 62.52 5.50
CA ASP P 177 66.02 63.84 5.69
C ASP P 177 65.01 64.82 6.29
N SER P 178 63.79 64.84 5.77
CA SER P 178 62.75 65.66 6.36
C SER P 178 62.38 65.13 7.73
N VAL P 179 62.10 66.04 8.66
CA VAL P 179 61.90 65.65 10.05
C VAL P 179 61.03 66.69 10.74
N THR P 180 60.26 66.24 11.72
CA THR P 180 59.41 67.10 12.54
C THR P 180 59.71 66.85 14.01
N ILE P 181 59.95 67.92 14.76
CA ILE P 181 60.23 67.84 16.18
C ILE P 181 59.22 68.70 16.92
N VAL P 182 58.43 68.08 17.79
CA VAL P 182 57.43 68.78 18.58
C VAL P 182 57.92 68.80 20.02
N VAL P 183 58.14 69.99 20.57
CA VAL P 183 58.73 70.15 21.88
C VAL P 183 57.80 71.00 22.73
N ARG P 184 57.42 70.48 23.89
CA ARG P 184 56.71 71.25 24.90
C ARG P 184 57.69 71.64 25.98
N VAL P 185 57.75 72.94 26.28
CA VAL P 185 58.83 73.53 27.06
C VAL P 185 58.27 74.29 28.26
N LEU P 186 59.18 74.73 29.11
CA LEU P 186 58.92 75.59 30.26
C LEU P 186 59.94 76.71 30.27
N ASN P 187 59.50 77.88 30.75
CA ASN P 187 60.35 79.06 30.88
C ASN P 187 60.42 79.42 32.36
N VAL P 188 61.36 78.80 33.07
CA VAL P 188 61.53 79.03 34.49
C VAL P 188 62.75 79.91 34.78
N GLY P 189 63.22 80.64 33.78
CA GLY P 189 64.41 81.47 33.96
C GLY P 189 64.87 82.03 32.63
N ALA P 190 66.14 82.42 32.59
CA ALA P 190 66.76 82.99 31.41
C ALA P 190 67.80 82.03 30.84
N GLY P 191 67.86 81.95 29.52
CA GLY P 191 68.83 81.07 28.89
C GLY P 191 68.54 80.89 27.41
N LYS P 192 69.16 79.85 26.85
CA LYS P 192 69.00 79.50 25.44
C LYS P 192 68.76 78.00 25.33
N PHE P 193 67.76 77.62 24.54
CA PHE P 193 67.42 76.22 24.30
C PHE P 193 67.43 75.96 22.80
N ASN P 194 68.22 74.99 22.38
CA ASN P 194 68.41 74.68 20.96
C ASN P 194 67.79 73.33 20.63
N VAL P 195 66.91 73.32 19.64
CA VAL P 195 66.43 72.09 19.02
C VAL P 195 67.29 71.84 17.80
N ILE P 196 67.94 70.67 17.75
CA ILE P 196 69.01 70.37 16.82
C ILE P 196 68.52 69.35 15.82
N VAL P 197 68.67 69.67 14.54
CA VAL P 197 68.19 68.86 13.42
C VAL P 197 69.34 68.63 12.45
N CYS P 198 69.33 67.46 11.81
CA CYS P 198 70.29 67.11 10.77
C CYS P 198 71.73 67.16 11.29
N ALA P 199 71.92 66.71 12.52
CA ALA P 199 73.24 66.64 13.11
C ALA P 199 73.94 65.35 12.68
N ASP P 200 75.27 65.37 12.78
CA ASP P 200 76.06 64.17 12.54
C ASP P 200 76.08 63.35 13.83
N TYR P 201 76.89 62.28 13.84
CA TYR P 201 76.94 61.43 15.02
C TYR P 201 77.68 62.09 16.18
N GLN P 202 78.29 63.25 15.97
CA GLN P 202 78.97 63.99 17.03
C GLN P 202 78.40 65.39 17.23
N MET P 203 77.32 65.73 16.51
CA MET P 203 76.70 67.06 16.58
C MET P 203 77.72 68.16 16.27
N GLN P 204 78.48 67.96 15.20
CA GLN P 204 79.47 68.94 14.76
C GLN P 204 78.86 69.96 13.79
N THR P 205 78.08 69.49 12.81
CA THR P 205 77.39 70.35 11.87
C THR P 205 75.91 70.01 11.90
N TYR P 206 75.07 71.02 12.13
CA TYR P 206 73.63 70.79 12.26
C TYR P 206 72.89 72.09 12.04
N LEU P 207 71.61 71.97 11.68
CA LEU P 207 70.70 73.09 11.75
C LEU P 207 70.04 73.09 13.12
N GLY P 208 69.44 74.22 13.49
CA GLY P 208 68.74 74.25 14.75
C GLY P 208 67.89 75.48 14.90
N ILE P 209 66.97 75.41 15.85
CA ILE P 209 66.14 76.53 16.24
C ILE P 209 66.45 76.85 17.69
N GLN P 210 66.77 78.10 17.97
CA GLN P 210 67.18 78.56 19.29
C GLN P 210 66.09 79.43 19.88
N PHE P 211 65.67 79.11 21.10
CA PHE P 211 64.75 79.94 21.87
C PHE P 211 65.56 80.60 22.97
N GLU P 212 65.68 81.92 22.90
CA GLU P 212 66.37 82.70 23.92
C GLU P 212 65.34 83.39 24.78
N THR P 213 65.48 83.23 26.10
CA THR P 213 64.63 83.91 27.07
C THR P 213 65.51 84.79 27.94
N GLY P 214 65.12 86.05 28.06
CA GLY P 214 65.89 87.00 28.85
C GLY P 214 65.16 88.32 28.97
N ILE P 215 65.82 89.29 29.59
CA ILE P 215 65.21 90.60 29.80
C ILE P 215 64.96 91.30 28.47
N SER P 216 65.95 91.27 27.57
CA SER P 216 65.85 91.94 26.28
C SER P 216 65.98 90.98 25.11
N ASN P 217 66.15 89.69 25.34
CA ASN P 217 66.39 88.73 24.28
C ASN P 217 65.36 87.61 24.28
N ASN P 218 64.09 87.96 24.45
CA ASN P 218 62.99 87.01 24.32
C ASN P 218 62.73 86.79 22.84
N LYS P 219 63.55 85.94 22.22
CA LYS P 219 63.61 85.84 20.78
C LYS P 219 63.78 84.39 20.34
N VAL P 220 63.71 84.19 19.03
CA VAL P 220 63.97 82.90 18.40
C VAL P 220 64.91 83.13 17.21
N HIS P 221 65.88 82.23 17.06
CA HIS P 221 66.89 82.32 16.02
C HIS P 221 66.95 81.01 15.26
N VAL P 222 67.48 81.08 14.05
CA VAL P 222 67.90 79.90 13.30
C VAL P 222 69.41 79.83 13.41
N ILE P 223 69.93 78.65 13.78
CA ILE P 223 71.34 78.51 14.11
C ILE P 223 71.95 77.38 13.29
N THR P 224 73.23 77.53 12.99
CA THR P 224 74.04 76.48 12.39
C THR P 224 75.16 76.14 13.36
N GLY P 225 75.32 74.86 13.66
CA GLY P 225 76.20 74.43 14.73
C GLY P 225 77.65 74.30 14.29
N ASP P 226 78.55 74.74 15.16
CA ASP P 226 79.99 74.52 15.04
C ASP P 226 80.42 73.82 16.31
N GLY P 227 80.25 72.50 16.33
CA GLY P 227 80.40 71.74 17.55
C GLY P 227 79.10 71.70 18.32
N PRO P 228 78.99 70.77 19.27
CA PRO P 228 77.72 70.63 20.02
C PRO P 228 77.34 71.87 20.81
N LEU P 229 78.30 72.61 21.36
CA LEU P 229 78.01 73.71 22.27
C LEU P 229 78.30 75.09 21.68
N ASN P 230 78.82 75.15 20.46
CA ASN P 230 79.11 76.42 19.79
C ASN P 230 78.33 76.50 18.50
N TRP P 231 77.78 77.68 18.20
CA TRP P 231 76.90 77.83 17.06
C TRP P 231 76.99 79.26 16.53
N GLY P 232 76.55 79.43 15.29
CA GLY P 232 76.41 80.74 14.69
C GLY P 232 74.98 80.98 14.23
N TYR P 233 74.62 82.22 13.98
CA TYR P 233 73.24 82.57 13.66
C TYR P 233 73.08 82.82 12.17
N GLN P 234 71.88 82.54 11.66
CA GLN P 234 71.53 82.81 10.27
C GLN P 234 70.24 83.61 10.24
N GLY P 235 70.24 84.70 9.47
CA GLY P 235 69.07 85.53 9.37
C GLY P 235 68.84 86.37 10.61
N ASP P 236 67.67 86.99 10.63
CA ASP P 236 67.28 87.87 11.74
C ASP P 236 66.72 87.03 12.89
N ALA P 237 66.17 87.71 13.88
CA ALA P 237 65.53 87.06 15.02
C ALA P 237 64.11 87.58 15.16
N VAL P 238 63.18 86.68 15.45
CA VAL P 238 61.77 87.01 15.58
C VAL P 238 61.44 87.10 17.07
N ASN P 239 60.75 88.15 17.46
CA ASN P 239 60.32 88.31 18.85
C ASN P 239 59.36 87.19 19.22
N ASN P 240 59.57 86.60 20.39
CA ASN P 240 58.74 85.48 20.83
C ASN P 240 58.86 85.36 22.34
N THR P 241 57.74 85.47 23.04
CA THR P 241 57.68 85.20 24.47
C THR P 241 57.18 83.78 24.68
N THR P 242 57.84 83.04 25.55
CA THR P 242 57.54 81.64 25.80
C THR P 242 57.00 81.49 27.21
N ALA P 243 55.82 80.91 27.33
CA ALA P 243 55.20 80.64 28.62
C ALA P 243 55.30 79.16 28.95
N ASN P 244 54.98 78.83 30.20
CA ASN P 244 55.00 77.44 30.63
C ASN P 244 53.99 76.63 29.83
N GLY P 245 54.43 75.47 29.33
CA GLY P 245 53.57 74.63 28.54
C GLY P 245 53.47 74.99 27.08
N ASP P 246 54.36 75.84 26.57
CA ASP P 246 54.33 76.21 25.16
C ASP P 246 54.85 75.07 24.30
N VAL P 247 54.18 74.85 23.17
CA VAL P 247 54.51 73.76 22.25
C VAL P 247 54.99 74.36 20.94
N TYR P 248 56.17 73.95 20.51
CA TYR P 248 56.79 74.44 19.28
C TYR P 248 57.07 73.27 18.35
N THR P 249 56.81 73.48 17.06
CA THR P 249 57.01 72.47 16.03
C THR P 249 58.09 72.93 15.07
N ILE P 250 59.23 72.28 15.09
CA ILE P 250 60.36 72.57 14.20
C ILE P 250 60.34 71.53 13.10
N LYS P 251 60.07 71.96 11.88
CA LYS P 251 60.06 71.08 10.72
C LYS P 251 61.20 71.43 9.78
N TYR P 252 62.02 70.43 9.44
CA TYR P 252 62.96 70.54 8.35
C TYR P 252 62.36 69.84 7.15
N ASN P 253 62.14 70.58 6.07
CA ASN P 253 61.61 70.05 4.82
C ASN P 253 62.78 69.95 3.83
N ASP P 254 63.03 68.72 3.38
CA ASP P 254 64.17 68.46 2.50
C ASP P 254 63.90 68.94 1.07
N LEU P 255 62.66 68.79 0.60
CA LEU P 255 62.34 69.18 -0.78
C LEU P 255 62.56 70.67 -0.99
N LEU P 256 62.12 71.49 -0.03
CA LEU P 256 62.35 72.93 -0.10
C LEU P 256 63.68 73.35 0.52
N ASP P 257 64.40 72.42 1.13
CA ASP P 257 65.65 72.71 1.82
C ASP P 257 65.45 73.84 2.84
N THR P 258 64.39 73.71 3.63
CA THR P 258 64.00 74.78 4.54
C THR P 258 63.87 74.26 5.98
N ILE P 259 64.09 75.17 6.92
CA ILE P 259 63.89 74.93 8.34
C ILE P 259 62.87 75.95 8.85
N SER P 260 61.81 75.46 9.48
CA SER P 260 60.74 76.33 9.92
C SER P 260 60.33 75.97 11.34
N CYS P 261 59.83 76.96 12.07
CA CYS P 261 59.33 76.76 13.41
C CYS P 261 57.95 77.41 13.54
N TYR P 262 57.00 76.63 14.04
CA TYR P 262 55.63 77.06 14.27
C TYR P 262 55.32 77.00 15.76
N LYS P 263 54.46 77.89 16.21
CA LYS P 263 54.11 78.01 17.62
C LYS P 263 52.67 77.61 17.84
N GLY P 264 52.44 76.74 18.83
CA GLY P 264 51.10 76.37 19.20
C GLY P 264 50.35 75.67 18.08
N THR P 265 49.16 76.18 17.78
CA THR P 265 48.26 75.55 16.82
C THR P 265 48.33 76.18 15.43
N SER P 266 48.76 77.44 15.33
CA SER P 266 48.80 78.13 14.05
C SER P 266 49.80 77.45 13.11
N LEU P 267 49.42 77.37 11.83
CA LEU P 267 50.27 76.76 10.82
C LEU P 267 51.15 77.77 10.09
N THR P 268 51.06 79.04 10.43
CA THR P 268 51.97 80.01 9.82
C THR P 268 53.35 79.89 10.47
N PRO P 269 54.42 79.93 9.68
CA PRO P 269 55.76 79.75 10.24
C PRO P 269 56.14 80.92 11.15
N LEU P 270 56.34 80.61 12.44
CA LEU P 270 56.83 81.63 13.36
C LEU P 270 58.22 82.10 12.96
N ILE P 271 59.10 81.17 12.57
CA ILE P 271 60.38 81.52 11.97
C ILE P 271 60.65 80.60 10.80
N GLU P 272 61.50 81.07 9.89
CA GLU P 272 61.81 80.29 8.68
C GLU P 272 63.20 80.64 8.21
N ALA P 273 63.80 79.69 7.47
CA ALA P 273 65.09 79.89 6.83
C ALA P 273 65.23 78.86 5.73
N SER P 274 66.04 79.20 4.72
CA SER P 274 66.21 78.32 3.58
C SER P 274 67.61 78.46 3.01
N GLY P 275 68.09 77.41 2.36
CA GLY P 275 69.36 77.43 1.67
C GLY P 275 70.58 77.37 2.54
N LEU P 276 70.44 77.03 3.82
CA LEU P 276 71.58 77.00 4.72
C LEU P 276 72.53 75.85 4.35
N ASP P 277 73.83 76.09 4.55
CA ASP P 277 74.87 75.17 4.10
C ASP P 277 75.15 74.16 5.22
N VAL P 278 74.36 73.10 5.25
CA VAL P 278 74.57 72.00 6.18
C VAL P 278 74.43 70.69 5.41
N PRO P 279 75.39 69.76 5.51
CA PRO P 279 75.29 68.51 4.76
C PRO P 279 74.11 67.68 5.21
N HIS P 280 73.54 66.94 4.27
CA HIS P 280 72.38 66.10 4.55
C HIS P 280 72.63 64.68 4.07
N GLY P 281 71.59 63.84 4.08
CA GLY P 281 71.73 62.46 3.68
C GLY P 281 72.14 61.57 4.84
N GLU P 282 72.71 60.42 4.50
CA GLU P 282 73.14 59.46 5.50
C GLU P 282 74.25 60.04 6.36
N GLY P 283 74.19 59.74 7.66
CA GLY P 283 75.17 60.25 8.60
C GLY P 283 74.90 61.64 9.11
N PHE P 284 73.83 62.29 8.65
CA PHE P 284 73.45 63.63 9.11
C PHE P 284 71.95 63.66 9.39
N ARG P 285 71.47 62.65 10.11
CA ARG P 285 70.05 62.51 10.43
C ARG P 285 69.83 62.38 11.93
N TYR P 286 70.72 62.97 12.73
CA TYR P 286 70.63 62.91 14.17
C TYR P 286 70.00 64.18 14.73
N THR P 287 69.11 64.03 15.70
CA THR P 287 68.45 65.14 16.36
C THR P 287 68.94 65.26 17.79
N GLY P 288 68.66 66.40 18.40
CA GLY P 288 69.11 66.60 19.76
C GLY P 288 68.61 67.89 20.36
N LEU P 289 69.11 68.16 21.57
CA LEU P 289 68.78 69.37 22.31
C LEU P 289 70.05 69.96 22.89
N ALA P 290 69.99 71.25 23.20
CA ALA P 290 71.11 71.92 23.84
C ALA P 290 70.59 73.02 24.75
N TRP P 291 71.33 73.26 25.84
CA TRP P 291 70.98 74.31 26.79
C TRP P 291 72.21 75.12 27.11
N ASN P 292 72.07 76.44 27.08
CA ASN P 292 73.16 77.35 27.39
C ASN P 292 72.64 78.45 28.29
N THR P 293 73.17 78.52 29.52
CA THR P 293 72.74 79.52 30.48
C THR P 293 73.95 80.21 31.10
N ALA P 294 73.83 81.51 31.34
CA ALA P 294 74.89 82.23 32.03
C ALA P 294 74.90 81.90 33.52
N LEU P 295 73.73 81.80 34.13
CA LEU P 295 73.60 81.45 35.53
C LEU P 295 73.68 79.93 35.70
N LEU P 296 73.51 79.49 36.94
CA LEU P 296 73.50 78.07 37.27
C LEU P 296 72.10 77.61 37.69
N SER P 297 71.09 78.18 37.05
CA SER P 297 69.70 77.87 37.32
C SER P 297 68.99 77.56 36.01
N PRO P 298 67.96 76.71 36.03
CA PRO P 298 67.26 76.36 34.79
C PRO P 298 66.64 77.58 34.13
N GLY P 299 66.69 77.59 32.80
CA GLY P 299 66.08 78.65 32.01
C GLY P 299 64.88 78.16 31.24
N VAL P 300 65.04 77.95 29.93
CA VAL P 300 64.01 77.39 29.09
C VAL P 300 64.39 75.95 28.78
N GLU P 301 63.52 75.01 29.15
CA GLU P 301 63.87 73.59 29.11
C GLU P 301 62.65 72.76 28.72
N PRO P 302 62.85 71.65 28.03
CA PRO P 302 61.71 70.85 27.56
C PRO P 302 61.22 69.84 28.58
N THR P 303 59.89 69.78 28.71
CA THR P 303 59.24 68.71 29.45
C THR P 303 58.69 67.61 28.55
N ALA P 304 58.53 67.87 27.25
CA ALA P 304 58.05 66.83 26.35
C ALA P 304 58.74 66.98 25.00
N TRP P 305 59.06 65.85 24.38
CA TRP P 305 59.80 65.84 23.12
C TRP P 305 59.28 64.72 22.24
N GLU P 306 59.02 65.03 20.97
CA GLU P 306 58.61 64.05 19.98
C GLU P 306 59.36 64.29 18.68
N ALA P 307 59.80 63.21 18.05
CA ALA P 307 60.45 63.28 16.75
C ALA P 307 59.72 62.37 15.77
N LYS P 308 59.65 62.80 14.52
CA LYS P 308 58.96 62.04 13.50
C LYS P 308 59.65 62.24 12.16
N ASP P 309 59.78 61.16 11.40
CA ASP P 309 60.32 61.26 10.05
C ASP P 309 59.34 61.97 9.13
N GLY P 310 59.88 62.84 8.28
CA GLY P 310 59.09 63.52 7.27
C GLY P 310 58.31 64.69 7.84
N VAL P 311 57.74 65.46 6.92
CA VAL P 311 56.94 66.62 7.29
C VAL P 311 55.52 66.48 6.73
N MET Q 1 98.37 21.31 -6.49
CA MET Q 1 98.46 22.72 -6.09
C MET Q 1 99.70 23.36 -6.67
N LEU Q 2 99.73 23.49 -8.00
CA LEU Q 2 100.91 23.98 -8.68
C LEU Q 2 101.12 25.48 -8.52
N SER Q 3 100.05 26.24 -8.30
CA SER Q 3 100.12 27.69 -8.25
C SER Q 3 100.01 28.19 -6.82
N THR Q 4 100.64 29.33 -6.57
CA THR Q 4 100.54 29.97 -5.26
C THR Q 4 99.12 30.48 -5.03
N GLY Q 5 98.60 30.24 -3.84
CA GLY Q 5 97.25 30.64 -3.50
C GLY Q 5 97.18 31.34 -2.16
N PRO Q 6 96.14 32.15 -1.98
CA PRO Q 6 95.95 32.81 -0.69
C PRO Q 6 95.47 31.83 0.37
N ILE Q 7 95.63 32.24 1.63
CA ILE Q 7 95.17 31.48 2.77
C ILE Q 7 93.90 32.13 3.30
N MET Q 8 92.84 31.34 3.47
CA MET Q 8 91.59 31.87 4.02
C MET Q 8 91.82 32.23 5.48
N GLU Q 9 91.74 33.51 5.78
CA GLU Q 9 92.01 34.04 7.11
C GLU Q 9 90.92 35.04 7.47
N THR Q 10 90.73 35.24 8.77
CA THR Q 10 89.71 36.14 9.27
C THR Q 10 90.34 37.35 9.95
N LEU Q 11 89.58 38.44 9.98
CA LEU Q 11 89.99 39.67 10.63
C LEU Q 11 89.04 39.99 11.77
N THR Q 12 89.54 40.74 12.75
CA THR Q 12 88.75 41.13 13.91
C THR Q 12 88.66 42.65 13.97
N LEU Q 13 87.45 43.16 14.11
CA LEU Q 13 87.20 44.59 14.24
C LEU Q 13 86.44 44.88 15.52
N THR Q 14 86.77 45.98 16.17
CA THR Q 14 86.09 46.43 17.38
C THR Q 14 85.76 47.91 17.26
N VAL Q 15 84.55 48.28 17.68
CA VAL Q 15 84.16 49.69 17.66
C VAL Q 15 84.91 50.43 18.76
N GLY Q 16 85.44 51.60 18.41
CA GLY Q 16 86.20 52.39 19.36
C GLY Q 16 87.61 51.92 19.58
N SER Q 17 88.07 50.90 18.87
CA SER Q 17 89.42 50.36 19.01
C SER Q 17 90.18 50.53 17.70
N ALA Q 18 91.48 50.72 17.82
CA ALA Q 18 92.33 50.88 16.65
C ALA Q 18 92.55 49.53 15.98
N PHE Q 19 92.20 49.45 14.70
CA PHE Q 19 92.47 48.23 13.93
C PHE Q 19 93.98 48.10 13.72
N GLU Q 20 94.51 46.92 14.01
CA GLU Q 20 95.95 46.72 13.97
C GLU Q 20 96.26 45.27 13.64
N ILE Q 21 97.19 45.07 12.71
CA ILE Q 21 97.74 43.76 12.41
C ILE Q 21 99.22 43.79 12.76
N PRO Q 22 99.67 43.01 13.73
CA PRO Q 22 101.09 43.08 14.14
C PRO Q 22 102.02 42.63 13.02
N GLY Q 23 103.23 43.18 13.03
CA GLY Q 23 104.19 42.86 12.01
C GLY Q 23 104.63 41.42 12.02
N TRP Q 24 104.73 40.82 13.21
CA TRP Q 24 105.18 39.43 13.31
C TRP Q 24 104.18 38.44 12.74
N LYS Q 25 102.95 38.86 12.44
CA LYS Q 25 102.01 37.97 11.79
C LYS Q 25 102.21 37.95 10.29
N LEU Q 26 102.55 39.09 9.70
CA LEU Q 26 102.86 39.18 8.27
C LEU Q 26 104.38 39.18 8.09
N ARG Q 27 104.96 38.01 8.29
CA ARG Q 27 106.41 37.83 8.20
C ARG Q 27 106.79 37.55 6.75
N GLY Q 28 108.05 37.17 6.54
CA GLY Q 28 108.59 36.94 5.21
C GLY Q 28 109.61 37.99 4.82
N GLU Q 29 110.35 37.69 3.75
CA GLU Q 29 111.39 38.59 3.26
C GLU Q 29 110.80 39.54 2.23
N TYR Q 30 110.89 40.84 2.51
CA TYR Q 30 110.35 41.86 1.62
C TYR Q 30 111.45 42.84 1.22
N PRO Q 31 111.88 42.85 -0.03
CA PRO Q 31 112.90 43.81 -0.46
C PRO Q 31 112.38 45.23 -0.42
N ALA Q 32 113.29 46.18 -0.61
CA ALA Q 32 112.92 47.59 -0.63
C ALA Q 32 111.98 47.86 -1.80
N GLY Q 33 111.02 48.75 -1.56
CA GLY Q 33 110.02 49.09 -2.56
C GLY Q 33 108.78 48.24 -2.53
N THR Q 34 108.74 47.19 -1.72
CA THR Q 34 107.55 46.35 -1.61
C THR Q 34 106.42 47.13 -0.96
N THR Q 35 105.21 46.99 -1.52
CA THR Q 35 104.04 47.71 -1.02
C THR Q 35 102.92 46.72 -0.75
N SER Q 36 102.31 46.83 0.43
CA SER Q 36 101.19 45.99 0.80
C SER Q 36 99.94 46.85 0.97
N HIS Q 37 98.80 46.32 0.57
CA HIS Q 37 97.55 47.04 0.75
C HIS Q 37 96.41 46.08 1.05
N LEU Q 38 95.50 46.53 1.90
CA LEU Q 38 94.36 45.75 2.37
C LEU Q 38 93.07 46.40 1.87
N VAL Q 39 92.23 45.62 1.20
CA VAL Q 39 91.02 46.12 0.56
C VAL Q 39 89.81 45.43 1.17
N PHE Q 40 88.86 46.22 1.64
CA PHE Q 40 87.60 45.72 2.18
C PHE Q 40 86.48 46.04 1.20
N THR Q 41 85.73 45.01 0.80
CA THR Q 41 84.59 45.17 -0.09
C THR Q 41 83.35 44.56 0.56
N ASP Q 42 82.20 44.85 -0.04
CA ASP Q 42 80.91 44.41 0.44
C ASP Q 42 80.43 43.20 -0.37
N ALA Q 43 79.18 42.81 -0.15
CA ALA Q 43 78.63 41.63 -0.80
C ALA Q 43 78.51 41.78 -2.31
N ALA Q 44 78.45 43.00 -2.83
CA ALA Q 44 78.33 43.25 -4.26
C ALA Q 44 79.65 43.57 -4.93
N GLY Q 45 80.75 43.57 -4.19
CA GLY Q 45 82.04 43.89 -4.74
C GLY Q 45 82.46 45.33 -4.62
N GLY Q 46 81.54 46.23 -4.26
CA GLY Q 46 81.88 47.62 -4.07
C GLY Q 46 82.88 47.82 -2.96
N THR Q 47 83.95 48.58 -3.24
CA THR Q 47 84.99 48.79 -2.25
C THR Q 47 84.49 49.70 -1.15
N LEU Q 48 84.60 49.24 0.10
CA LEU Q 48 84.23 50.04 1.25
C LEU Q 48 85.42 50.39 2.13
N GLY Q 49 86.63 49.99 1.75
CA GLY Q 49 87.82 50.45 2.44
C GLY Q 49 89.12 50.05 1.78
N GLU Q 50 90.17 50.84 1.96
CA GLU Q 50 91.48 50.50 1.43
C GLU Q 50 92.55 51.13 2.32
N PHE Q 51 93.53 50.33 2.73
CA PHE Q 51 94.56 50.77 3.64
C PHE Q 51 95.92 50.30 3.14
N GLU Q 52 96.96 51.04 3.51
CA GLU Q 52 98.32 50.73 3.09
C GLU Q 52 99.11 50.21 4.28
N GLY Q 53 99.78 49.07 4.09
CA GLY Q 53 100.60 48.52 5.15
C GLY Q 53 101.98 49.15 5.20
N THR Q 54 102.58 49.11 6.39
CA THR Q 54 103.92 49.64 6.60
C THR Q 54 104.90 48.49 6.41
N VAL Q 55 105.30 48.26 5.16
CA VAL Q 55 106.22 47.17 4.86
C VAL Q 55 107.62 47.53 5.33
N SER Q 56 108.25 46.60 6.04
CA SER Q 56 109.60 46.77 6.56
C SER Q 56 110.51 45.72 5.92
N ALA Q 57 111.71 45.60 6.46
CA ALA Q 57 112.68 44.64 5.91
C ALA Q 57 112.12 43.23 5.90
N LYS Q 58 111.45 42.82 6.98
CA LYS Q 58 110.91 41.46 7.03
C LYS Q 58 109.53 41.40 7.68
N GLU Q 59 108.82 42.52 7.81
CA GLU Q 59 107.50 42.52 8.43
C GLU Q 59 106.60 43.54 7.74
N ILE Q 60 105.30 43.29 7.80
CA ILE Q 60 104.28 44.22 7.34
C ILE Q 60 103.39 44.56 8.51
N HIS Q 61 103.21 45.84 8.78
CA HIS Q 61 102.44 46.32 9.93
C HIS Q 61 101.29 47.19 9.45
N TYR Q 62 100.09 46.87 9.94
CA TYR Q 62 98.89 47.65 9.65
C TYR Q 62 98.41 48.32 10.93
N LEU Q 63 98.04 49.59 10.83
CA LEU Q 63 97.56 50.35 11.98
C LEU Q 63 96.67 51.47 11.47
N GLN Q 64 95.39 51.39 11.78
CA GLN Q 64 94.41 52.37 11.34
C GLN Q 64 93.62 52.89 12.53
N ALA Q 65 93.17 54.14 12.41
CA ALA Q 65 92.34 54.74 13.45
C ALA Q 65 90.97 54.06 13.48
N PRO Q 66 90.31 54.05 14.64
CA PRO Q 66 88.98 53.43 14.72
C PRO Q 66 87.96 54.08 13.79
N ASP Q 67 88.10 55.36 13.50
CA ASP Q 67 87.17 56.02 12.59
C ASP Q 67 87.30 55.50 11.17
N ASP Q 68 88.50 55.04 10.79
CA ASP Q 68 88.70 54.52 9.44
C ASP Q 68 87.96 53.20 9.24
N VAL Q 69 87.83 52.39 10.27
CA VAL Q 69 87.21 51.07 10.16
C VAL Q 69 85.82 51.03 10.77
N LYS Q 70 85.34 52.13 11.34
CA LYS Q 70 83.99 52.12 11.91
C LYS Q 70 82.91 51.87 10.87
N ASN Q 71 83.19 52.11 9.60
CA ASN Q 71 82.21 51.88 8.55
C ASN Q 71 82.25 50.49 7.96
N ILE Q 72 83.22 49.67 8.34
CA ILE Q 72 83.35 48.31 7.81
C ILE Q 72 82.40 47.40 8.58
N PRO Q 73 81.42 46.78 7.94
CA PRO Q 73 80.48 45.92 8.65
C PRO Q 73 81.05 44.52 8.84
N HIS Q 74 80.44 43.79 9.77
CA HIS Q 74 80.77 42.39 9.92
C HIS Q 74 80.22 41.61 8.73
N GLY Q 75 81.04 40.70 8.20
CA GLY Q 75 80.72 40.02 6.97
C GLY Q 75 81.33 40.64 5.74
N ALA Q 76 81.83 41.88 5.84
CA ALA Q 76 82.57 42.47 4.74
C ALA Q 76 83.83 41.66 4.48
N ASN Q 77 84.15 41.48 3.19
CA ASN Q 77 85.22 40.58 2.81
C ASN Q 77 86.48 41.36 2.45
N PHE Q 78 87.61 40.94 3.00
CA PHE Q 78 88.87 41.64 2.83
C PHE Q 78 89.81 40.84 1.94
N GLN Q 79 90.83 41.55 1.45
CA GLN Q 79 91.82 40.97 0.54
C GLN Q 79 93.13 41.71 0.79
N LEU Q 80 94.16 40.98 1.17
CA LEU Q 80 95.46 41.57 1.50
C LEU Q 80 96.43 41.23 0.38
N PHE Q 81 97.00 42.25 -0.24
CA PHE Q 81 97.90 42.09 -1.38
C PHE Q 81 99.29 42.58 -1.00
N VAL Q 82 100.30 41.84 -1.44
CA VAL Q 82 101.68 42.28 -1.39
C VAL Q 82 102.18 42.46 -2.82
N THR Q 83 103.07 43.43 -3.02
CA THR Q 83 103.55 43.76 -4.35
C THR Q 83 105.06 44.03 -4.24
N TYR Q 84 105.85 43.07 -4.71
CA TYR Q 84 107.27 43.27 -4.82
C TYR Q 84 107.56 44.23 -5.97
N PRO Q 85 108.67 44.96 -5.91
CA PRO Q 85 108.96 45.96 -6.96
C PRO Q 85 109.04 45.31 -8.33
N SER Q 86 108.51 46.02 -9.33
CA SER Q 86 108.46 45.55 -10.72
C SER Q 86 107.72 44.21 -10.81
N MET Q 87 106.56 44.13 -10.17
CA MET Q 87 105.75 42.93 -10.17
C MET Q 87 104.30 43.29 -9.99
N GLN Q 88 103.42 42.37 -10.35
CA GLN Q 88 102.00 42.54 -10.13
C GLN Q 88 101.64 42.15 -8.69
N PRO Q 89 100.56 42.71 -8.15
CA PRO Q 89 100.19 42.39 -6.76
C PRO Q 89 99.86 40.92 -6.59
N GLN Q 90 100.23 40.38 -5.43
CA GLN Q 90 100.00 38.98 -5.09
C GLN Q 90 99.16 38.93 -3.82
N CYS Q 91 98.03 38.23 -3.88
CA CYS Q 91 97.11 38.16 -2.76
C CYS Q 91 97.63 37.15 -1.74
N LEU Q 92 97.98 37.62 -0.55
CA LEU Q 92 98.47 36.74 0.50
C LEU Q 92 97.33 36.13 1.29
N TYR Q 93 96.36 36.94 1.67
CA TYR Q 93 95.25 36.49 2.51
C TYR Q 93 93.94 37.06 1.98
N PHE Q 94 92.86 36.33 2.24
CA PHE Q 94 91.52 36.79 1.94
C PHE Q 94 90.57 36.14 2.94
N GLY Q 95 89.41 36.75 3.12
CA GLY Q 95 88.44 36.18 4.02
C GLY Q 95 87.34 37.14 4.44
N THR Q 96 87.01 37.13 5.73
CA THR Q 96 85.91 37.91 6.27
C THR Q 96 86.38 38.66 7.50
N ALA Q 97 85.85 39.86 7.70
CA ALA Q 97 86.13 40.67 8.88
C ALA Q 97 84.95 40.53 9.85
N ILE Q 98 85.16 39.76 10.91
CA ILE Q 98 84.15 39.61 11.96
C ILE Q 98 84.39 40.69 13.01
N ARG Q 99 83.32 41.05 13.71
CA ARG Q 99 83.36 42.11 14.70
C ARG Q 99 83.25 41.48 16.09
N LYS Q 100 84.29 41.70 16.90
CA LYS Q 100 84.36 41.16 18.26
C LYS Q 100 84.13 42.32 19.22
N GLU Q 101 82.87 42.56 19.56
CA GLU Q 101 82.49 43.76 20.30
C GLU Q 101 81.10 43.52 20.88
N PRO Q 102 80.67 44.35 21.84
CA PRO Q 102 79.27 44.31 22.24
C PRO Q 102 78.36 44.59 21.07
N ARG Q 103 77.27 43.84 20.98
CA ARG Q 103 76.34 43.92 19.87
C ARG Q 103 75.10 44.68 20.28
N TYR Q 104 74.68 45.63 19.43
CA TYR Q 104 73.51 46.46 19.69
C TYR Q 104 72.47 46.16 18.62
N PRO Q 105 71.57 45.21 18.88
CA PRO Q 105 70.52 44.95 17.88
C PRO Q 105 69.47 46.03 17.85
N LEU Q 106 69.09 46.57 19.02
CA LEU Q 106 68.04 47.57 19.10
C LEU Q 106 68.41 48.87 18.39
N SER Q 107 69.70 49.14 18.22
CA SER Q 107 70.11 50.32 17.46
C SER Q 107 69.76 50.15 15.98
N THR Q 108 70.09 49.00 15.40
CA THR Q 108 69.87 48.79 13.98
C THR Q 108 68.40 48.54 13.67
N VAL Q 109 67.72 47.74 14.49
CA VAL Q 109 66.34 47.36 14.18
C VAL Q 109 65.39 48.49 14.56
N VAL Q 110 64.24 48.52 13.89
CA VAL Q 110 63.17 49.46 14.21
C VAL Q 110 61.90 48.65 14.45
N SER Q 111 61.35 48.74 15.65
CA SER Q 111 60.19 47.95 16.01
C SER Q 111 58.96 48.45 15.26
N PRO Q 112 58.03 47.55 14.91
CA PRO Q 112 56.80 48.00 14.24
C PRO Q 112 55.99 48.99 15.04
N GLU Q 113 56.00 48.87 16.37
CA GLU Q 113 55.30 49.85 17.20
C GLU Q 113 55.96 51.22 17.13
N ASP Q 114 57.27 51.25 16.91
CA ASP Q 114 58.02 52.50 16.82
C ASP Q 114 58.24 52.89 15.37
N SER Q 115 57.13 53.18 14.68
CA SER Q 115 57.20 53.56 13.27
C SER Q 115 55.97 54.37 12.91
N ALA Q 116 56.17 55.48 12.22
CA ALA Q 116 55.06 56.31 11.79
C ALA Q 116 54.25 55.61 10.71
N VAL Q 117 52.94 55.85 10.72
CA VAL Q 117 52.03 55.20 9.80
C VAL Q 117 51.36 56.24 8.91
N GLN Q 118 50.92 55.76 7.75
CA GLN Q 118 50.32 56.59 6.71
C GLN Q 118 49.26 55.75 6.01
N TYR Q 119 48.01 56.18 6.08
CA TYR Q 119 46.88 55.43 5.54
C TYR Q 119 46.10 56.29 4.57
N LYS Q 120 45.56 55.64 3.53
CA LYS Q 120 44.80 56.32 2.49
C LYS Q 120 43.53 55.53 2.21
N ALA Q 121 42.52 56.24 1.71
CA ALA Q 121 41.26 55.63 1.30
C ALA Q 121 40.65 56.47 0.20
N ASN Q 122 40.25 55.82 -0.89
CA ASN Q 122 39.79 56.51 -2.09
C ASN Q 122 38.35 56.23 -2.46
N PHE Q 123 37.85 55.03 -2.21
CA PHE Q 123 36.49 54.61 -2.53
C PHE Q 123 36.17 54.68 -4.02
N VAL Q 124 37.18 54.89 -4.87
CA VAL Q 124 36.92 54.99 -6.30
C VAL Q 124 36.56 53.64 -6.90
N GLY Q 125 36.92 52.54 -6.24
CA GLY Q 125 36.56 51.22 -6.70
C GLY Q 125 35.14 50.81 -6.40
N GLN Q 126 34.38 51.64 -5.71
CA GLN Q 126 32.98 51.40 -5.38
C GLN Q 126 32.80 50.14 -4.55
N TYR Q 127 33.75 49.84 -3.67
CA TYR Q 127 33.60 48.79 -2.67
C TYR Q 127 34.19 49.28 -1.37
N ILE Q 128 33.66 48.77 -0.25
CA ILE Q 128 34.06 49.24 1.06
C ILE Q 128 35.53 48.91 1.32
N GLY Q 129 35.93 47.69 1.00
CA GLY Q 129 37.28 47.24 1.26
C GLY Q 129 37.41 46.57 2.61
N PRO Q 130 38.52 45.87 2.82
CA PRO Q 130 38.73 45.14 4.07
C PRO Q 130 39.31 45.97 5.21
N MET Q 131 39.59 47.24 5.00
CA MET Q 131 40.28 48.07 5.99
C MET Q 131 39.33 48.86 6.89
N TRP Q 132 38.02 48.81 6.64
CA TRP Q 132 37.03 49.53 7.41
C TRP Q 132 36.16 48.53 8.15
N LYS Q 133 36.08 48.65 9.47
CA LYS Q 133 35.19 47.78 10.24
C LYS Q 133 33.99 48.57 10.73
N PRO Q 134 32.77 48.19 10.36
CA PRO Q 134 31.60 48.88 10.88
C PRO Q 134 31.51 48.79 12.39
N MET Q 135 31.04 49.86 13.00
CA MET Q 135 30.86 49.99 14.44
C MET Q 135 29.42 50.35 14.73
N GLY Q 136 28.95 49.94 15.91
CA GLY Q 136 27.64 50.34 16.37
C GLY Q 136 26.47 49.68 15.67
N ASN Q 137 26.37 49.87 14.36
CA ASN Q 137 25.26 49.31 13.59
C ASN Q 137 25.53 47.90 13.07
N GLY Q 138 26.75 47.40 13.24
CA GLY Q 138 27.05 46.03 12.86
C GLY Q 138 27.48 45.88 11.41
N TRP Q 139 27.73 44.63 11.05
CA TRP Q 139 28.28 44.30 9.75
C TRP Q 139 27.31 44.65 8.63
N GLY Q 140 27.85 45.20 7.55
CA GLY Q 140 27.03 45.57 6.41
C GLY Q 140 26.28 46.87 6.54
N SER Q 141 26.72 47.77 7.41
CA SER Q 141 26.08 49.05 7.59
C SER Q 141 26.68 50.15 6.73
N LEU Q 142 27.76 49.88 6.01
CA LEU Q 142 28.43 50.87 5.18
C LEU Q 142 28.09 50.66 3.72
N GLY Q 143 28.33 51.71 2.93
CA GLY Q 143 28.05 51.66 1.50
C GLY Q 143 28.80 52.74 0.77
N ILE Q 144 28.83 52.59 -0.55
CA ILE Q 144 29.48 53.55 -1.45
C ILE Q 144 28.43 54.15 -2.36
N HIS Q 145 28.41 55.47 -2.45
CA HIS Q 145 27.45 56.22 -3.26
C HIS Q 145 28.19 56.93 -4.38
N THR Q 146 27.70 56.77 -5.61
CA THR Q 146 28.45 57.17 -6.79
C THR Q 146 28.45 58.68 -7.00
N HIS Q 147 27.32 59.35 -6.76
CA HIS Q 147 27.15 60.76 -7.11
C HIS Q 147 27.50 61.00 -8.57
N ALA Q 148 26.90 60.20 -9.44
CA ALA Q 148 27.17 60.31 -10.87
C ALA Q 148 26.47 61.49 -11.53
N LEU Q 149 25.41 62.02 -10.90
CA LEU Q 149 24.69 63.13 -11.48
C LEU Q 149 25.58 64.37 -11.61
N ILE Q 150 26.36 64.66 -10.58
CA ILE Q 150 27.35 65.72 -10.62
C ILE Q 150 28.73 65.09 -10.85
N SER Q 151 29.66 65.90 -11.34
CA SER Q 151 31.01 65.42 -11.62
C SER Q 151 31.75 65.28 -10.30
N GLU Q 152 31.52 64.14 -9.64
CA GLU Q 152 32.10 63.89 -8.33
C GLU Q 152 32.50 62.42 -8.20
N ALA Q 153 33.45 62.18 -7.31
CA ALA Q 153 33.94 60.84 -7.03
C ALA Q 153 33.00 60.11 -6.07
N PRO Q 154 33.04 58.78 -6.04
CA PRO Q 154 32.21 58.05 -5.07
C PRO Q 154 32.63 58.34 -3.64
N SER Q 155 31.66 58.28 -2.75
CA SER Q 155 31.88 58.59 -1.34
C SER Q 155 31.35 57.47 -0.46
N MET Q 156 31.98 57.30 0.69
CA MET Q 156 31.55 56.29 1.66
C MET Q 156 30.54 56.90 2.62
N GLY Q 157 29.55 56.08 3.00
CA GLY Q 157 28.53 56.52 3.92
C GLY Q 157 27.77 55.36 4.50
N PRO Q 158 26.66 55.65 5.19
CA PRO Q 158 25.83 54.57 5.73
C PRO Q 158 25.14 53.80 4.62
N ASN Q 159 24.81 52.55 4.91
CA ASN Q 159 23.98 51.74 4.03
C ASN Q 159 22.54 52.22 4.19
N TYR Q 160 22.16 53.17 3.33
CA TYR Q 160 20.84 53.80 3.46
C TYR Q 160 19.70 52.87 3.11
N SER Q 161 19.98 51.70 2.56
CA SER Q 161 18.95 50.69 2.41
C SER Q 161 18.50 50.11 3.75
N LEU Q 162 19.32 50.24 4.78
CA LEU Q 162 19.01 49.68 6.09
C LEU Q 162 19.09 50.69 7.22
N PHE Q 163 20.07 51.59 7.20
CA PHE Q 163 20.30 52.51 8.32
C PHE Q 163 20.41 53.93 7.81
N SER Q 164 20.14 54.88 8.72
CA SER Q 164 20.37 56.30 8.48
C SER Q 164 21.58 56.83 9.24
N SER Q 165 22.18 56.03 10.11
CA SER Q 165 23.42 56.38 10.79
C SER Q 165 24.35 55.19 10.74
N ALA Q 166 25.65 55.46 10.77
CA ALA Q 166 26.65 54.40 10.71
C ALA Q 166 27.98 54.93 11.20
N ALA Q 167 28.89 54.00 11.47
CA ALA Q 167 30.24 54.35 11.88
C ALA Q 167 31.21 53.30 11.35
N ALA Q 168 32.43 53.74 11.02
CA ALA Q 168 33.47 52.84 10.55
C ALA Q 168 34.76 53.16 11.29
N ARG Q 169 35.54 52.13 11.58
CA ARG Q 169 36.80 52.26 12.28
C ARG Q 169 37.90 51.75 11.34
N TRP Q 170 38.94 52.54 11.16
CA TRP Q 170 40.08 52.08 10.37
C TRP Q 170 40.74 50.88 11.04
N LEU Q 171 40.90 49.80 10.29
CA LEU Q 171 41.20 48.50 10.88
C LEU Q 171 42.44 48.56 11.78
N TRP Q 172 43.46 49.29 11.36
CA TRP Q 172 44.70 49.36 12.11
C TRP Q 172 44.80 50.66 12.90
N SER Q 173 45.55 50.62 13.99
CA SER Q 173 45.70 51.76 14.87
C SER Q 173 46.92 52.59 14.49
N MET Q 174 46.94 53.82 14.98
CA MET Q 174 48.11 54.67 14.83
C MET Q 174 49.18 54.26 15.82
N ASN Q 175 50.40 54.78 15.61
CA ASN Q 175 51.52 54.44 16.47
C ASN Q 175 51.92 55.55 17.42
N MET Q 176 51.31 56.74 17.29
CA MET Q 176 51.58 57.83 18.21
C MET Q 176 50.28 58.58 18.49
N ASP Q 177 50.28 59.36 19.57
CA ASP Q 177 49.07 60.04 20.00
C ASP Q 177 48.70 61.19 19.07
N SER Q 178 49.67 62.02 18.70
CA SER Q 178 49.41 63.09 17.76
C SER Q 178 49.10 62.51 16.39
N VAL Q 179 48.08 63.06 15.74
CA VAL Q 179 47.55 62.46 14.52
C VAL Q 179 47.04 63.56 13.59
N THR Q 180 47.15 63.33 12.29
CA THR Q 180 46.61 64.23 11.29
C THR Q 180 45.67 63.46 10.37
N ILE Q 181 44.50 64.04 10.12
CA ILE Q 181 43.50 63.47 9.20
C ILE Q 181 43.19 64.51 8.15
N VAL Q 182 43.15 64.10 6.89
CA VAL Q 182 42.81 64.97 5.78
C VAL Q 182 41.65 64.34 5.03
N VAL Q 183 40.50 65.00 5.03
CA VAL Q 183 39.32 64.46 4.37
C VAL Q 183 38.83 65.44 3.31
N ARG Q 184 38.68 64.95 2.08
CA ARG Q 184 38.00 65.66 1.02
C ARG Q 184 36.58 65.13 0.97
N VAL Q 185 35.60 66.03 1.17
CA VAL Q 185 34.24 65.65 1.47
C VAL Q 185 33.28 66.27 0.46
N LEU Q 186 32.05 65.77 0.47
CA LEU Q 186 30.97 66.20 -0.41
C LEU Q 186 29.74 66.49 0.44
N ASN Q 187 29.12 67.64 0.20
CA ASN Q 187 27.90 68.03 0.90
C ASN Q 187 26.71 67.78 -0.02
N VAL Q 188 26.28 66.53 -0.07
CA VAL Q 188 25.16 66.15 -0.93
C VAL Q 188 23.85 66.71 -0.39
N GLY Q 189 23.63 66.59 0.91
CA GLY Q 189 22.41 67.05 1.53
C GLY Q 189 22.61 67.35 3.00
N ALA Q 190 21.54 67.23 3.76
CA ALA Q 190 21.59 67.50 5.19
C ALA Q 190 22.06 66.28 5.96
N GLY Q 191 22.97 66.49 6.90
CA GLY Q 191 23.48 65.41 7.71
C GLY Q 191 24.66 65.86 8.53
N LYS Q 192 25.10 64.96 9.42
CA LYS Q 192 26.21 65.21 10.31
C LYS Q 192 27.28 64.16 10.07
N PHE Q 193 28.52 64.62 9.84
CA PHE Q 193 29.64 63.75 9.52
C PHE Q 193 30.74 63.97 10.55
N ASN Q 194 31.13 62.91 11.25
CA ASN Q 194 32.10 62.97 12.32
C ASN Q 194 33.41 62.34 11.87
N VAL Q 195 34.51 63.05 12.04
CA VAL Q 195 35.85 62.50 11.91
C VAL Q 195 36.35 62.21 13.32
N ILE Q 196 36.76 60.98 13.57
CA ILE Q 196 36.98 60.46 14.91
C ILE Q 196 38.44 60.08 15.05
N VAL Q 197 39.10 60.63 16.07
CA VAL Q 197 40.49 60.31 16.38
C VAL Q 197 40.59 59.93 17.85
N CYS Q 198 41.73 59.32 18.20
CA CYS Q 198 42.02 58.91 19.58
C CYS Q 198 40.94 58.00 20.13
N ALA Q 199 40.43 57.11 19.29
CA ALA Q 199 39.37 56.20 19.68
C ALA Q 199 39.95 54.92 20.27
N ASP Q 200 39.14 54.24 21.07
CA ASP Q 200 39.51 52.96 21.62
C ASP Q 200 39.16 51.87 20.61
N TYR Q 201 39.29 50.60 21.03
CA TYR Q 201 39.06 49.50 20.10
C TYR Q 201 37.63 49.47 19.60
N GLN Q 202 36.66 49.70 20.48
CA GLN Q 202 35.25 49.69 20.11
C GLN Q 202 34.70 51.08 19.84
N MET Q 203 35.57 52.09 19.76
CA MET Q 203 35.17 53.47 19.48
C MET Q 203 34.18 53.99 20.52
N GLN Q 204 34.35 53.56 21.77
CA GLN Q 204 33.47 54.03 22.83
C GLN Q 204 33.78 55.47 23.22
N THR Q 205 35.07 55.81 23.35
CA THR Q 205 35.50 57.15 23.69
C THR Q 205 36.51 57.63 22.66
N TYR Q 206 36.38 58.89 22.24
CA TYR Q 206 37.23 59.44 21.21
C TYR Q 206 37.07 60.96 21.21
N LEU Q 207 38.00 61.64 20.54
CA LEU Q 207 37.79 63.02 20.14
C LEU Q 207 37.29 63.02 18.70
N GLY Q 208 36.63 64.11 18.32
CA GLY Q 208 36.14 64.17 16.95
C GLY Q 208 35.75 65.57 16.56
N ILE Q 209 35.71 65.77 15.24
CA ILE Q 209 35.23 67.00 14.63
C ILE Q 209 33.99 66.66 13.82
N GLN Q 210 32.91 67.40 14.06
CA GLN Q 210 31.62 67.13 13.45
C GLN Q 210 31.27 68.25 12.49
N PHE Q 211 31.07 67.91 11.22
CA PHE Q 211 30.59 68.84 10.21
C PHE Q 211 29.10 68.57 10.02
N GLU Q 212 28.27 69.52 10.43
CA GLU Q 212 26.83 69.41 10.33
C GLU Q 212 26.34 70.37 9.26
N THR Q 213 25.55 69.87 8.31
CA THR Q 213 24.97 70.69 7.28
C THR Q 213 23.47 70.44 7.22
N GLY Q 214 22.73 71.48 6.87
CA GLY Q 214 21.29 71.38 6.81
C GLY Q 214 20.69 72.63 6.22
N ILE Q 215 19.39 72.81 6.48
CA ILE Q 215 18.70 73.99 5.94
C ILE Q 215 19.26 75.26 6.54
N SER Q 216 19.52 75.27 7.85
CA SER Q 216 20.09 76.46 8.50
C SER Q 216 21.11 76.11 9.57
N ASN Q 217 21.67 74.89 9.55
CA ASN Q 217 22.56 74.47 10.61
C ASN Q 217 23.93 74.06 10.09
N ASN Q 218 24.50 74.87 9.19
CA ASN Q 218 25.81 74.58 8.62
C ASN Q 218 26.88 75.07 9.58
N LYS Q 219 27.46 74.14 10.35
CA LYS Q 219 28.43 74.51 11.37
C LYS Q 219 29.33 73.31 11.68
N VAL Q 220 30.27 73.54 12.59
CA VAL Q 220 31.29 72.57 12.98
C VAL Q 220 31.36 72.51 14.50
N HIS Q 221 31.36 71.29 15.04
CA HIS Q 221 31.44 71.06 16.47
C HIS Q 221 32.68 70.25 16.81
N VAL Q 222 33.08 70.32 18.06
CA VAL Q 222 34.07 69.41 18.64
C VAL Q 222 33.31 68.47 19.56
N ILE Q 223 33.47 67.17 19.34
CA ILE Q 223 32.68 66.17 20.03
C ILE Q 223 33.59 65.19 20.74
N THR Q 224 33.05 64.57 21.79
CA THR Q 224 33.69 63.46 22.48
C THR Q 224 32.80 62.24 22.39
N GLY Q 225 33.41 61.07 22.57
CA GLY Q 225 32.71 59.82 22.32
C GLY Q 225 31.84 59.39 23.49
N ASP Q 226 30.65 58.89 23.15
CA ASP Q 226 29.73 58.26 24.09
C ASP Q 226 29.25 56.94 23.53
N GLY Q 227 30.09 56.29 22.73
CA GLY Q 227 29.69 55.17 21.92
C GLY Q 227 29.93 55.48 20.46
N PRO Q 228 29.99 54.46 19.61
CA PRO Q 228 30.27 54.70 18.18
C PRO Q 228 29.21 55.53 17.48
N LEU Q 229 27.99 55.59 18.02
CA LEU Q 229 26.91 56.34 17.41
C LEU Q 229 26.38 57.48 18.27
N ASN Q 230 26.97 57.71 19.43
CA ASN Q 230 26.59 58.81 20.31
C ASN Q 230 27.80 59.70 20.57
N TRP Q 231 27.53 60.95 20.90
CA TRP Q 231 28.60 61.92 21.13
C TRP Q 231 28.07 63.06 21.99
N GLY Q 232 29.00 63.84 22.53
CA GLY Q 232 28.66 65.03 23.27
C GLY Q 232 29.37 66.25 22.76
N TYR Q 233 28.64 67.34 22.56
CA TYR Q 233 29.24 68.56 22.03
C TYR Q 233 30.09 69.24 23.10
N GLN Q 234 31.30 69.64 22.73
CA GLN Q 234 32.22 70.32 23.63
C GLN Q 234 32.49 71.72 23.09
N GLY Q 235 32.34 72.72 23.96
CA GLY Q 235 32.53 74.09 23.52
C GLY Q 235 31.38 74.56 22.65
N ASP Q 236 31.64 75.64 21.93
CA ASP Q 236 30.66 76.23 21.02
C ASP Q 236 30.91 75.77 19.60
N ALA Q 237 29.91 75.98 18.76
CA ALA Q 237 30.00 75.64 17.35
C ALA Q 237 30.52 76.83 16.55
N VAL Q 238 31.13 76.51 15.41
CA VAL Q 238 31.65 77.51 14.48
C VAL Q 238 30.92 77.34 13.16
N ASN Q 239 30.34 78.42 12.66
CA ASN Q 239 29.62 78.37 11.39
C ASN Q 239 30.57 78.00 10.26
N ASN Q 240 30.12 77.07 9.41
CA ASN Q 240 30.96 76.60 8.30
C ASN Q 240 30.05 76.00 7.25
N THR Q 241 30.09 76.55 6.04
CA THR Q 241 29.28 76.06 4.93
C THR Q 241 30.17 75.14 4.07
N THR Q 242 29.90 73.84 4.13
CA THR Q 242 30.68 72.87 3.38
C THR Q 242 30.25 72.88 1.92
N ALA Q 243 31.24 72.93 1.02
CA ALA Q 243 31.00 72.83 -0.41
C ALA Q 243 31.63 71.54 -0.93
N ASN Q 244 31.14 71.10 -2.10
CA ASN Q 244 31.66 69.88 -2.70
C ASN Q 244 33.14 70.03 -3.02
N GLY Q 245 33.92 69.03 -2.64
CA GLY Q 245 35.35 69.06 -2.84
C GLY Q 245 36.14 69.78 -1.77
N ASP Q 246 35.50 70.16 -0.66
CA ASP Q 246 36.22 70.83 0.41
C ASP Q 246 37.15 69.85 1.13
N VAL Q 247 38.32 70.34 1.51
CA VAL Q 247 39.33 69.54 2.19
C VAL Q 247 39.52 70.09 3.59
N TYR Q 248 39.33 69.24 4.58
CA TYR Q 248 39.46 69.60 5.99
C TYR Q 248 40.59 68.79 6.61
N THR Q 249 41.46 69.47 7.35
CA THR Q 249 42.57 68.85 8.06
C THR Q 249 42.28 68.91 9.55
N ILE Q 250 42.03 67.75 10.15
CA ILE Q 250 41.81 67.63 11.58
C ILE Q 250 43.12 67.16 12.21
N LYS Q 251 43.69 68.01 13.05
CA LYS Q 251 44.99 67.75 13.67
C LYS Q 251 44.81 67.66 15.17
N TYR Q 252 45.22 66.54 15.75
CA TYR Q 252 45.29 66.40 17.20
C TYR Q 252 46.75 66.43 17.62
N ASN Q 253 47.11 67.44 18.40
CA ASN Q 253 48.45 67.60 18.95
C ASN Q 253 48.44 67.10 20.39
N ASP Q 254 49.25 66.08 20.65
CA ASP Q 254 49.27 65.44 21.97
C ASP Q 254 49.92 66.35 23.01
N LEU Q 255 51.08 66.92 22.69
CA LEU Q 255 51.79 67.76 23.66
C LEU Q 255 51.01 69.00 24.00
N LEU Q 256 50.29 69.56 23.02
CA LEU Q 256 49.40 70.68 23.26
C LEU Q 256 48.03 70.25 23.74
N ASP Q 257 47.73 68.95 23.69
CA ASP Q 257 46.45 68.40 24.14
C ASP Q 257 45.28 69.07 23.43
N THR Q 258 45.47 69.34 22.13
CA THR Q 258 44.54 70.20 21.40
C THR Q 258 44.12 69.54 20.10
N ILE Q 259 42.81 69.51 19.84
CA ILE Q 259 42.28 69.05 18.57
C ILE Q 259 41.74 70.25 17.82
N SER Q 260 42.23 70.46 16.60
CA SER Q 260 41.87 71.61 15.79
C SER Q 260 41.53 71.17 14.39
N CYS Q 261 40.82 72.04 13.67
CA CYS Q 261 40.42 71.79 12.30
C CYS Q 261 40.77 72.98 11.43
N TYR Q 262 41.32 72.71 10.25
CA TYR Q 262 41.65 73.73 9.26
C TYR Q 262 40.89 73.45 7.98
N LYS Q 263 40.31 74.48 7.40
CA LYS Q 263 39.53 74.35 6.17
C LYS Q 263 40.42 74.70 4.98
N GLY Q 264 40.55 73.76 4.05
CA GLY Q 264 41.36 74.02 2.86
C GLY Q 264 42.81 74.24 3.22
N THR Q 265 43.34 75.39 2.82
CA THR Q 265 44.73 75.75 3.08
C THR Q 265 44.84 76.86 4.13
N SER Q 266 43.85 76.98 5.00
CA SER Q 266 43.89 78.01 6.04
C SER Q 266 44.96 77.71 7.06
N LEU Q 267 45.71 78.75 7.45
CA LEU Q 267 46.74 78.62 8.47
C LEU Q 267 46.22 78.84 9.88
N THR Q 268 44.96 79.25 10.03
CA THR Q 268 44.34 79.45 11.32
C THR Q 268 43.24 78.40 11.51
N PRO Q 269 43.18 77.75 12.67
CA PRO Q 269 42.17 76.70 12.87
C PRO Q 269 40.76 77.24 12.71
N LEU Q 270 39.92 76.46 12.04
CA LEU Q 270 38.50 76.79 11.94
C LEU Q 270 37.82 76.60 13.29
N ILE Q 271 38.06 75.47 13.94
CA ILE Q 271 37.63 75.21 15.30
C ILE Q 271 38.81 74.61 16.04
N GLU Q 272 38.81 74.78 17.36
CA GLU Q 272 39.94 74.31 18.17
C GLU Q 272 39.47 74.11 19.60
N ALA Q 273 39.78 72.96 20.17
CA ALA Q 273 39.43 72.66 21.55
C ALA Q 273 40.63 72.03 22.25
N SER Q 274 40.69 72.21 23.57
CA SER Q 274 41.81 71.74 24.36
C SER Q 274 41.31 71.19 25.70
N GLY Q 275 42.07 70.26 26.26
CA GLY Q 275 41.80 69.76 27.59
C GLY Q 275 40.57 68.89 27.73
N LEU Q 276 40.16 68.20 26.66
CA LEU Q 276 39.01 67.32 26.75
C LEU Q 276 39.36 66.07 27.54
N ASP Q 277 38.42 65.60 28.36
CA ASP Q 277 38.67 64.49 29.28
C ASP Q 277 38.39 63.17 28.56
N VAL Q 278 39.38 62.74 27.78
CA VAL Q 278 39.32 61.48 27.04
C VAL Q 278 40.65 60.78 27.23
N PRO Q 279 40.67 59.46 27.45
CA PRO Q 279 41.95 58.75 27.58
C PRO Q 279 42.79 58.84 26.32
N HIS Q 280 44.11 58.91 26.51
CA HIS Q 280 45.05 58.96 25.40
C HIS Q 280 46.21 58.00 25.69
N GLY Q 281 46.83 57.51 24.64
CA GLY Q 281 47.96 56.61 24.76
C GLY Q 281 47.75 55.28 24.07
N GLU Q 282 48.55 54.28 24.41
CA GLU Q 282 48.40 52.96 23.82
C GLU Q 282 47.01 52.41 24.13
N GLY Q 283 46.36 51.87 23.10
CA GLY Q 283 44.99 51.43 23.21
C GLY Q 283 43.96 52.49 22.89
N PHE Q 284 44.39 53.73 22.70
CA PHE Q 284 43.50 54.86 22.38
C PHE Q 284 44.04 55.63 21.20
N ARG Q 285 44.41 54.92 20.14
CA ARG Q 285 44.97 55.53 18.95
C ARG Q 285 44.22 55.14 17.68
N TYR Q 286 43.08 54.48 17.80
CA TYR Q 286 42.29 54.15 16.62
C TYR Q 286 41.60 55.40 16.09
N THR Q 287 41.16 55.32 14.84
CA THR Q 287 40.50 56.42 14.16
C THR Q 287 39.36 55.88 13.32
N GLY Q 288 38.49 56.78 12.89
CA GLY Q 288 37.36 56.36 12.07
C GLY Q 288 36.49 57.51 11.64
N LEU Q 289 35.32 57.15 11.13
CA LEU Q 289 34.34 58.09 10.60
C LEU Q 289 32.97 57.70 11.10
N ALA Q 290 32.05 58.67 11.07
CA ALA Q 290 30.66 58.41 11.43
C ALA Q 290 29.76 59.31 10.60
N TRP Q 291 28.55 58.82 10.32
CA TRP Q 291 27.55 59.59 9.61
C TRP Q 291 26.21 59.43 10.29
N ASN Q 292 25.41 60.51 10.27
CA ASN Q 292 24.07 60.48 10.83
C ASN Q 292 23.19 61.43 10.02
N THR Q 293 22.13 60.89 9.42
CA THR Q 293 21.19 61.71 8.65
C THR Q 293 19.76 61.39 9.08
N ALA Q 294 18.92 62.42 9.03
CA ALA Q 294 17.49 62.22 9.33
C ALA Q 294 16.82 61.45 8.20
N LEU Q 295 17.07 61.85 6.95
CA LEU Q 295 16.51 61.17 5.80
C LEU Q 295 17.46 60.06 5.34
N LEU Q 296 16.94 59.18 4.49
CA LEU Q 296 17.72 58.04 4.00
C LEU Q 296 18.44 58.38 2.70
N SER Q 297 19.18 59.48 2.71
CA SER Q 297 19.97 59.94 1.58
C SER Q 297 21.29 60.48 2.10
N PRO Q 298 22.34 60.48 1.27
CA PRO Q 298 23.64 60.97 1.73
C PRO Q 298 23.59 62.43 2.15
N GLY Q 299 24.36 62.76 3.18
CA GLY Q 299 24.51 64.13 3.63
C GLY Q 299 25.90 64.65 3.34
N VAL Q 300 26.75 64.70 4.36
CA VAL Q 300 28.16 65.02 4.19
C VAL Q 300 28.93 63.72 4.23
N GLU Q 301 29.60 63.37 3.13
CA GLU Q 301 30.29 62.10 3.05
C GLU Q 301 31.67 62.30 2.45
N PRO Q 302 32.67 61.55 2.90
CA PRO Q 302 34.02 61.74 2.38
C PRO Q 302 34.30 60.94 1.13
N THR Q 303 34.86 61.59 0.11
CA THR Q 303 35.38 60.88 -1.05
C THR Q 303 36.85 60.54 -0.90
N ALA Q 304 37.62 61.33 -0.16
CA ALA Q 304 39.03 61.03 0.05
C ALA Q 304 39.34 61.08 1.54
N TRP Q 305 39.98 60.04 2.06
CA TRP Q 305 40.37 59.98 3.46
C TRP Q 305 41.87 59.73 3.56
N GLU Q 306 42.52 60.48 4.45
CA GLU Q 306 43.96 60.41 4.64
C GLU Q 306 44.25 60.45 6.12
N ALA Q 307 45.17 59.61 6.57
CA ALA Q 307 45.58 59.61 7.98
C ALA Q 307 47.09 59.49 8.05
N LYS Q 308 47.69 60.18 9.01
CA LYS Q 308 49.13 60.10 9.18
C LYS Q 308 49.49 60.33 10.63
N ASP Q 309 50.57 59.68 11.05
CA ASP Q 309 51.08 59.87 12.39
C ASP Q 309 51.70 61.25 12.54
N GLY Q 310 51.57 61.83 13.74
CA GLY Q 310 52.22 63.07 14.05
C GLY Q 310 51.50 64.30 13.54
N VAL Q 311 52.01 65.46 13.95
CA VAL Q 311 51.45 66.73 13.51
C VAL Q 311 52.52 67.55 12.79
N MET R 1 90.91 -42.82 -1.44
CA MET R 1 91.78 -42.38 -2.53
C MET R 1 92.76 -43.48 -2.90
N LEU R 2 92.24 -44.67 -3.18
CA LEU R 2 93.10 -45.78 -3.58
C LEU R 2 93.79 -45.49 -4.91
N SER R 3 93.07 -44.90 -5.85
CA SER R 3 93.61 -44.58 -7.16
C SER R 3 93.66 -43.07 -7.34
N THR R 4 94.81 -42.56 -7.76
CA THR R 4 94.95 -41.14 -8.02
C THR R 4 94.29 -40.77 -9.35
N GLY R 5 94.03 -39.49 -9.53
CA GLY R 5 93.43 -38.99 -10.73
C GLY R 5 94.19 -37.83 -11.33
N PRO R 6 93.63 -37.21 -12.37
CA PRO R 6 94.27 -36.04 -12.96
C PRO R 6 94.12 -34.82 -12.08
N ILE R 7 94.94 -33.81 -12.38
CA ILE R 7 94.84 -32.52 -11.73
C ILE R 7 93.94 -31.63 -12.56
N MET R 8 93.02 -30.93 -11.90
CA MET R 8 92.18 -29.97 -12.60
C MET R 8 92.96 -28.68 -12.82
N GLU R 9 93.01 -28.24 -14.07
CA GLU R 9 93.77 -27.05 -14.44
C GLU R 9 92.94 -26.25 -15.44
N THR R 10 93.55 -25.21 -16.00
CA THR R 10 92.92 -24.41 -17.05
C THR R 10 93.95 -24.09 -18.11
N LEU R 11 93.48 -23.95 -19.35
CA LEU R 11 94.28 -23.50 -20.46
C LEU R 11 93.74 -22.15 -20.92
N THR R 12 94.62 -21.36 -21.55
CA THR R 12 94.26 -20.03 -22.01
C THR R 12 94.41 -19.95 -23.51
N LEU R 13 93.36 -19.51 -24.19
CA LEU R 13 93.37 -19.32 -25.64
C LEU R 13 93.12 -17.85 -25.96
N THR R 14 93.85 -17.34 -26.95
CA THR R 14 93.69 -15.96 -27.39
C THR R 14 93.73 -15.91 -28.91
N VAL R 15 92.83 -15.13 -29.50
CA VAL R 15 92.81 -14.97 -30.94
C VAL R 15 94.10 -14.29 -31.40
N GLY R 16 94.71 -14.85 -32.45
CA GLY R 16 95.94 -14.31 -32.97
C GLY R 16 97.19 -14.63 -32.16
N SER R 17 97.06 -15.42 -31.10
CA SER R 17 98.17 -15.76 -30.24
C SER R 17 98.45 -17.26 -30.33
N ALA R 18 99.73 -17.61 -30.45
CA ALA R 18 100.10 -19.01 -30.50
C ALA R 18 99.84 -19.68 -29.16
N PHE R 19 99.15 -20.81 -29.20
CA PHE R 19 98.88 -21.60 -28.01
C PHE R 19 100.11 -22.44 -27.69
N GLU R 20 100.73 -22.18 -26.54
CA GLU R 20 101.92 -22.92 -26.13
C GLU R 20 101.79 -23.34 -24.67
N ILE R 21 102.41 -24.48 -24.37
CA ILE R 21 102.54 -24.97 -23.00
C ILE R 21 104.02 -25.20 -22.73
N PRO R 22 104.67 -24.37 -21.93
CA PRO R 22 106.10 -24.55 -21.68
C PRO R 22 106.38 -25.84 -20.93
N GLY R 23 107.59 -26.39 -21.15
CA GLY R 23 107.95 -27.63 -20.52
C GLY R 23 108.32 -27.52 -19.06
N TRP R 24 108.62 -26.31 -18.58
CA TRP R 24 109.00 -26.17 -17.18
C TRP R 24 107.83 -26.34 -16.23
N LYS R 25 106.59 -26.37 -16.73
CA LYS R 25 105.44 -26.74 -15.93
C LYS R 25 104.93 -28.13 -16.25
N LEU R 26 105.56 -28.82 -17.20
CA LEU R 26 105.28 -30.23 -17.49
C LEU R 26 106.53 -31.07 -17.32
N ARG R 27 107.46 -30.62 -16.49
CA ARG R 27 108.66 -31.38 -16.19
C ARG R 27 108.33 -32.79 -15.70
N GLY R 28 109.26 -33.70 -15.93
CA GLY R 28 109.07 -35.07 -15.50
C GLY R 28 110.24 -35.93 -15.94
N GLU R 29 110.10 -37.22 -15.72
CA GLU R 29 111.08 -38.22 -16.16
C GLU R 29 110.45 -39.04 -17.27
N TYR R 30 110.70 -38.63 -18.51
CA TYR R 30 110.08 -39.27 -19.66
C TYR R 30 111.12 -40.03 -20.47
N PRO R 31 111.09 -41.36 -20.46
CA PRO R 31 112.04 -42.12 -21.28
C PRO R 31 111.75 -41.94 -22.76
N ALA R 32 112.76 -42.24 -23.57
CA ALA R 32 112.61 -42.15 -25.02
C ALA R 32 111.49 -43.07 -25.49
N GLY R 33 110.62 -42.54 -26.34
CA GLY R 33 109.41 -43.23 -26.74
C GLY R 33 108.16 -42.78 -26.03
N THR R 34 108.27 -41.88 -25.07
CA THR R 34 107.10 -41.36 -24.37
C THR R 34 106.36 -40.38 -25.28
N THR R 35 105.04 -40.57 -25.38
CA THR R 35 104.21 -39.68 -26.17
C THR R 35 103.27 -38.89 -25.26
N SER R 36 102.70 -37.82 -25.80
CA SER R 36 101.74 -37.01 -25.06
C SER R 36 100.81 -36.34 -26.04
N HIS R 37 99.51 -36.40 -25.78
CA HIS R 37 98.55 -35.76 -26.65
C HIS R 37 97.50 -35.02 -25.81
N LEU R 38 97.04 -33.91 -26.37
CA LEU R 38 96.08 -33.02 -25.73
C LEU R 38 94.81 -32.98 -26.58
N VAL R 39 93.68 -33.25 -25.96
CA VAL R 39 92.39 -33.36 -26.66
C VAL R 39 91.44 -32.31 -26.09
N PHE R 40 90.86 -31.52 -26.99
CA PHE R 40 89.81 -30.56 -26.66
C PHE R 40 88.48 -31.10 -27.13
N THR R 41 87.49 -31.09 -26.24
CA THR R 41 86.20 -31.71 -26.44
C THR R 41 85.11 -30.72 -26.05
N ASP R 42 83.93 -30.86 -26.66
CA ASP R 42 82.80 -30.03 -26.32
C ASP R 42 81.97 -30.71 -25.23
N ALA R 43 80.79 -30.16 -24.94
CA ALA R 43 79.95 -30.73 -23.89
C ALA R 43 79.23 -31.99 -24.35
N ALA R 44 79.10 -32.21 -25.66
CA ALA R 44 78.45 -33.40 -26.17
C ALA R 44 79.39 -34.58 -26.33
N GLY R 45 80.69 -34.38 -26.15
CA GLY R 45 81.67 -35.43 -26.32
C GLY R 45 82.41 -35.41 -27.63
N GLY R 46 82.16 -34.43 -28.49
CA GLY R 46 82.85 -34.35 -29.77
C GLY R 46 84.19 -33.67 -29.65
N THR R 47 85.18 -34.21 -30.36
CA THR R 47 86.54 -33.72 -30.26
C THR R 47 86.67 -32.43 -31.06
N LEU R 48 86.82 -31.31 -30.35
CA LEU R 48 87.04 -30.03 -31.00
C LEU R 48 88.48 -29.85 -31.45
N GLY R 49 89.42 -30.61 -30.89
CA GLY R 49 90.81 -30.50 -31.30
C GLY R 49 91.69 -31.60 -30.76
N GLU R 50 92.79 -31.88 -31.46
CA GLU R 50 93.71 -32.91 -31.03
C GLU R 50 95.12 -32.51 -31.43
N PHE R 51 96.03 -32.48 -30.46
CA PHE R 51 97.40 -32.05 -30.70
C PHE R 51 98.36 -33.01 -30.02
N GLU R 52 99.58 -33.09 -30.55
CA GLU R 52 100.63 -33.94 -30.01
C GLU R 52 101.76 -33.05 -29.50
N GLY R 53 102.18 -33.28 -28.27
CA GLY R 53 103.23 -32.49 -27.65
C GLY R 53 104.59 -33.15 -27.81
N THR R 54 105.60 -32.32 -28.05
CA THR R 54 106.97 -32.82 -28.22
C THR R 54 107.53 -33.15 -26.84
N VAL R 55 107.78 -34.43 -26.59
CA VAL R 55 108.24 -34.90 -25.29
C VAL R 55 109.75 -35.05 -25.34
N SER R 56 110.44 -34.31 -24.48
CA SER R 56 111.87 -34.46 -24.29
C SER R 56 112.12 -35.29 -23.02
N ALA R 57 113.41 -35.46 -22.69
CA ALA R 57 113.75 -36.33 -21.57
C ALA R 57 113.26 -35.77 -20.24
N LYS R 58 113.11 -34.45 -20.13
CA LYS R 58 112.75 -33.84 -18.87
C LYS R 58 111.54 -32.91 -18.94
N GLU R 59 110.87 -32.81 -20.08
CA GLU R 59 109.73 -31.91 -20.19
C GLU R 59 108.90 -32.28 -21.41
N ILE R 60 107.67 -31.78 -21.42
CA ILE R 60 106.76 -31.90 -22.56
C ILE R 60 106.40 -30.50 -23.02
N HIS R 61 106.54 -30.24 -24.31
CA HIS R 61 106.32 -28.93 -24.88
C HIS R 61 105.16 -28.99 -25.87
N TYR R 62 104.22 -28.06 -25.74
CA TYR R 62 103.13 -27.90 -26.68
C TYR R 62 103.25 -26.53 -27.34
N LEU R 63 102.96 -26.47 -28.63
CA LEU R 63 103.07 -25.23 -29.38
C LEU R 63 102.20 -25.34 -30.63
N GLN R 64 101.19 -24.49 -30.72
CA GLN R 64 100.25 -24.54 -31.83
C GLN R 64 100.03 -23.14 -32.41
N ALA R 65 99.84 -23.09 -33.72
CA ALA R 65 99.53 -21.83 -34.37
C ALA R 65 98.12 -21.39 -34.01
N PRO R 66 97.84 -20.08 -34.03
CA PRO R 66 96.50 -19.61 -33.66
C PRO R 66 95.39 -20.16 -34.55
N ASP R 67 95.71 -20.54 -35.78
CA ASP R 67 94.68 -21.09 -36.66
C ASP R 67 94.17 -22.44 -36.17
N ASP R 68 95.03 -23.22 -35.50
CA ASP R 68 94.62 -24.52 -35.00
C ASP R 68 93.66 -24.39 -33.83
N VAL R 69 93.79 -23.36 -33.02
CA VAL R 69 93.02 -23.20 -31.79
C VAL R 69 91.96 -22.12 -31.91
N LYS R 70 91.82 -21.49 -33.08
CA LYS R 70 90.77 -20.48 -33.24
C LYS R 70 89.37 -21.05 -33.05
N ASN R 71 89.17 -22.32 -33.39
CA ASN R 71 87.85 -22.92 -33.35
C ASN R 71 87.47 -23.48 -31.99
N ILE R 72 88.40 -23.55 -31.05
CA ILE R 72 88.11 -23.99 -29.69
C ILE R 72 87.36 -22.87 -28.98
N PRO R 73 86.14 -23.10 -28.53
CA PRO R 73 85.38 -22.05 -27.85
C PRO R 73 85.80 -21.92 -26.38
N HIS R 74 85.27 -20.88 -25.75
CA HIS R 74 85.52 -20.63 -24.34
C HIS R 74 84.70 -21.60 -23.51
N GLY R 75 85.37 -22.38 -22.66
CA GLY R 75 84.71 -23.35 -21.82
C GLY R 75 84.76 -24.78 -22.29
N ALA R 76 85.53 -25.08 -23.33
CA ALA R 76 85.63 -26.44 -23.85
C ALA R 76 86.53 -27.28 -22.97
N ASN R 77 86.14 -28.54 -22.76
CA ASN R 77 86.93 -29.43 -21.92
C ASN R 77 88.25 -29.77 -22.59
N PHE R 78 89.26 -30.03 -21.77
CA PHE R 78 90.55 -30.47 -22.27
C PHE R 78 91.07 -31.59 -21.38
N GLN R 79 91.76 -32.55 -22.00
CA GLN R 79 92.48 -33.60 -21.32
C GLN R 79 93.88 -33.71 -21.90
N LEU R 80 94.87 -33.94 -21.04
CA LEU R 80 96.25 -34.11 -21.45
C LEU R 80 96.71 -35.51 -21.02
N PHE R 81 97.10 -36.33 -21.98
CA PHE R 81 97.49 -37.70 -21.73
C PHE R 81 98.98 -37.89 -22.00
N VAL R 82 99.64 -38.63 -21.12
CA VAL R 82 101.03 -39.04 -21.30
C VAL R 82 101.08 -40.55 -21.36
N THR R 83 101.69 -41.09 -22.40
CA THR R 83 101.82 -42.52 -22.62
C THR R 83 103.29 -42.90 -22.54
N TYR R 84 103.64 -43.64 -21.50
CA TYR R 84 104.99 -44.17 -21.36
C TYR R 84 105.17 -45.39 -22.27
N PRO R 85 106.41 -45.73 -22.62
CA PRO R 85 106.64 -46.87 -23.51
C PRO R 85 106.04 -48.15 -22.94
N SER R 86 105.37 -48.91 -23.81
CA SER R 86 104.74 -50.18 -23.48
C SER R 86 103.75 -50.07 -22.33
N MET R 87 103.17 -48.89 -22.12
CA MET R 87 102.23 -48.65 -21.04
C MET R 87 101.00 -47.96 -21.59
N GLN R 88 99.89 -48.09 -20.88
CA GLN R 88 98.66 -47.44 -21.27
C GLN R 88 98.71 -45.95 -20.93
N PRO R 89 98.00 -45.12 -21.68
CA PRO R 89 97.99 -43.68 -21.40
C PRO R 89 97.34 -43.38 -20.06
N GLN R 90 97.85 -42.33 -19.41
CA GLN R 90 97.28 -41.82 -18.18
C GLN R 90 97.04 -40.33 -18.30
N CYS R 91 95.92 -39.88 -17.76
CA CYS R 91 95.55 -38.47 -17.83
C CYS R 91 96.29 -37.70 -16.73
N LEU R 92 97.16 -36.79 -17.14
CA LEU R 92 97.88 -35.97 -16.18
C LEU R 92 97.05 -34.78 -15.73
N TYR R 93 96.49 -34.04 -16.69
CA TYR R 93 95.71 -32.85 -16.39
C TYR R 93 94.40 -32.89 -17.15
N PHE R 94 93.37 -32.29 -16.56
CA PHE R 94 92.10 -32.12 -17.24
C PHE R 94 91.46 -30.84 -16.74
N GLY R 95 90.52 -30.32 -17.51
CA GLY R 95 89.87 -29.10 -17.08
C GLY R 95 89.10 -28.45 -18.21
N THR R 96 88.95 -27.14 -18.11
CA THR R 96 88.31 -26.34 -19.14
C THR R 96 89.27 -25.28 -19.66
N ALA R 97 89.26 -25.07 -20.97
CA ALA R 97 90.08 -24.05 -21.60
C ALA R 97 89.28 -22.77 -21.69
N ILE R 98 89.74 -21.73 -21.02
CA ILE R 98 89.13 -20.43 -21.08
C ILE R 98 89.78 -19.63 -22.20
N ARG R 99 89.05 -18.64 -22.70
CA ARG R 99 89.53 -17.77 -23.77
C ARG R 99 89.74 -16.39 -23.16
N LYS R 100 90.99 -15.97 -23.06
CA LYS R 100 91.36 -14.71 -22.42
C LYS R 100 91.72 -13.72 -23.52
N GLU R 101 90.75 -12.94 -23.94
CA GLU R 101 90.89 -12.07 -25.10
C GLU R 101 89.82 -10.99 -25.02
N PRO R 102 89.99 -9.88 -25.75
CA PRO R 102 88.92 -8.89 -25.82
C PRO R 102 87.71 -9.44 -26.57
N ARG R 103 86.55 -9.39 -25.92
CA ARG R 103 85.32 -9.89 -26.51
C ARG R 103 84.65 -8.81 -27.34
N TYR R 104 84.00 -9.24 -28.42
CA TYR R 104 83.33 -8.33 -29.36
C TYR R 104 81.84 -8.65 -29.34
N PRO R 105 81.07 -7.97 -28.49
CA PRO R 105 79.63 -8.29 -28.42
C PRO R 105 78.86 -7.88 -29.66
N LEU R 106 79.10 -6.67 -30.17
CA LEU R 106 78.41 -6.22 -31.37
C LEU R 106 79.00 -6.92 -32.59
N SER R 107 78.13 -7.56 -33.38
CA SER R 107 78.60 -8.23 -34.58
C SER R 107 79.18 -7.23 -35.57
N THR R 108 78.48 -6.12 -35.79
CA THR R 108 78.98 -5.01 -36.59
C THR R 108 78.55 -3.72 -35.91
N VAL R 109 79.52 -2.90 -35.51
CA VAL R 109 79.22 -1.55 -35.07
C VAL R 109 79.12 -0.70 -36.32
N VAL R 110 77.92 -0.62 -36.89
CA VAL R 110 77.70 0.27 -38.01
C VAL R 110 77.84 1.71 -37.53
N SER R 111 78.08 2.60 -38.48
CA SER R 111 78.20 4.01 -38.14
C SER R 111 76.89 4.48 -37.52
N PRO R 112 76.90 4.97 -36.28
CA PRO R 112 75.64 5.37 -35.65
C PRO R 112 74.97 6.49 -36.43
N GLU R 113 73.64 6.48 -36.42
CA GLU R 113 72.87 7.46 -37.17
C GLU R 113 72.97 8.79 -36.45
N ASP R 114 74.14 9.42 -36.59
CA ASP R 114 74.37 10.74 -36.02
C ASP R 114 73.45 11.73 -36.73
N SER R 115 72.42 12.19 -36.03
CA SER R 115 71.41 13.02 -36.66
C SER R 115 72.00 14.36 -37.09
N ALA R 116 71.22 15.09 -37.87
CA ALA R 116 71.63 16.40 -38.32
C ALA R 116 71.79 17.34 -37.13
N VAL R 117 72.79 18.22 -37.20
CA VAL R 117 73.12 19.13 -36.12
C VAL R 117 73.12 20.55 -36.67
N GLN R 118 72.69 21.50 -35.84
CA GLN R 118 72.64 22.90 -36.22
C GLN R 118 73.37 23.75 -35.18
N TYR R 119 74.04 24.79 -35.66
CA TYR R 119 74.78 25.72 -34.82
C TYR R 119 74.52 27.14 -35.31
N LYS R 120 74.72 28.10 -34.42
CA LYS R 120 74.57 29.50 -34.80
C LYS R 120 75.45 30.37 -33.92
N ALA R 121 75.77 31.56 -34.41
CA ALA R 121 76.62 32.50 -33.71
C ALA R 121 76.28 33.92 -34.18
N ASN R 122 76.40 34.87 -33.26
CA ASN R 122 76.02 36.24 -33.54
C ASN R 122 77.03 37.30 -33.11
N PHE R 123 78.05 36.93 -32.33
CA PHE R 123 79.15 37.84 -31.98
C PHE R 123 78.64 39.09 -31.26
N VAL R 124 77.67 38.91 -30.37
CA VAL R 124 77.16 40.04 -29.58
C VAL R 124 77.86 40.14 -28.22
N GLY R 125 78.56 39.09 -27.80
CA GLY R 125 79.28 39.14 -26.54
C GLY R 125 80.47 40.09 -26.59
N GLN R 126 81.06 40.30 -25.41
CA GLN R 126 82.19 41.22 -25.31
C GLN R 126 83.39 40.73 -26.10
N TYR R 127 83.69 39.44 -26.03
CA TYR R 127 84.82 38.83 -26.72
C TYR R 127 84.33 37.72 -27.64
N ILE R 128 85.27 37.08 -28.34
CA ILE R 128 84.93 36.13 -29.39
C ILE R 128 84.20 34.92 -28.80
N GLY R 129 84.76 34.33 -27.76
CA GLY R 129 84.18 33.14 -27.17
C GLY R 129 84.95 31.89 -27.54
N PRO R 130 84.84 30.86 -26.70
CA PRO R 130 85.60 29.62 -26.93
C PRO R 130 85.03 28.71 -28.01
N MET R 131 83.91 29.08 -28.64
CA MET R 131 83.35 28.26 -29.70
C MET R 131 84.07 28.43 -31.03
N TRP R 132 84.99 29.39 -31.13
CA TRP R 132 85.80 29.60 -32.32
C TRP R 132 87.25 29.32 -31.97
N LYS R 133 87.86 28.36 -32.66
CA LYS R 133 89.25 28.01 -32.44
C LYS R 133 90.11 28.72 -33.48
N PRO R 134 91.00 29.63 -33.08
CA PRO R 134 91.85 30.29 -34.06
C PRO R 134 92.83 29.33 -34.70
N MET R 135 93.18 29.62 -35.96
CA MET R 135 94.07 28.78 -36.75
C MET R 135 95.09 29.66 -37.45
N GLY R 136 96.25 29.06 -37.73
CA GLY R 136 97.30 29.78 -38.44
C GLY R 136 98.03 30.78 -37.59
N ASN R 137 97.32 31.83 -37.16
CA ASN R 137 97.92 32.89 -36.36
C ASN R 137 97.94 32.58 -34.87
N GLY R 138 97.29 31.52 -34.43
CA GLY R 138 97.33 31.12 -33.04
C GLY R 138 96.32 31.84 -32.17
N TRP R 139 96.46 31.57 -30.87
CA TRP R 139 95.51 32.09 -29.88
C TRP R 139 95.57 33.62 -29.80
N GLY R 140 94.41 34.23 -29.61
CA GLY R 140 94.33 35.67 -29.49
C GLY R 140 94.39 36.43 -30.80
N SER R 141 94.09 35.79 -31.92
CA SER R 141 94.14 36.41 -33.23
C SER R 141 92.77 36.84 -33.75
N LEU R 142 91.74 36.78 -32.92
CA LEU R 142 90.39 37.13 -33.33
C LEU R 142 89.84 38.22 -32.41
N GLY R 143 88.85 38.94 -32.93
CA GLY R 143 88.24 40.03 -32.20
C GLY R 143 86.90 40.41 -32.78
N ILE R 144 86.20 41.27 -32.05
CA ILE R 144 84.88 41.73 -32.43
C ILE R 144 84.94 43.23 -32.69
N HIS R 145 84.44 43.64 -33.86
CA HIS R 145 84.39 45.04 -34.26
C HIS R 145 82.95 45.52 -34.16
N THR R 146 82.76 46.64 -33.45
CA THR R 146 81.41 47.07 -33.09
C THR R 146 80.63 47.57 -34.30
N HIS R 147 81.28 48.33 -35.19
CA HIS R 147 80.62 48.95 -36.33
C HIS R 147 79.46 49.84 -35.88
N ALA R 148 79.64 50.53 -34.76
CA ALA R 148 78.62 51.44 -34.25
C ALA R 148 78.59 52.76 -35.01
N LEU R 149 79.58 53.03 -35.87
CA LEU R 149 79.61 54.26 -36.64
C LEU R 149 78.60 54.26 -37.78
N ILE R 150 78.08 53.09 -38.16
CA ILE R 150 77.07 52.97 -39.20
C ILE R 150 75.81 52.26 -38.70
N SER R 151 75.68 52.09 -37.38
CA SER R 151 74.53 51.44 -36.76
C SER R 151 74.34 50.03 -37.29
N GLU R 152 75.33 49.19 -37.05
CA GLU R 152 75.32 47.82 -37.52
C GLU R 152 75.77 46.88 -36.40
N ALA R 153 75.40 45.61 -36.54
CA ALA R 153 75.70 44.62 -35.52
C ALA R 153 77.20 44.35 -35.45
N PRO R 154 77.70 43.89 -34.31
CA PRO R 154 79.13 43.57 -34.20
C PRO R 154 79.50 42.43 -35.14
N SER R 155 80.73 42.47 -35.62
CA SER R 155 81.23 41.49 -36.58
C SER R 155 82.50 40.84 -36.04
N MET R 156 82.76 39.62 -36.51
CA MET R 156 83.94 38.87 -36.12
C MET R 156 85.03 39.05 -37.17
N GLY R 157 86.24 39.33 -36.71
CA GLY R 157 87.36 39.48 -37.62
C GLY R 157 88.68 39.25 -36.93
N PRO R 158 89.78 39.51 -37.63
CA PRO R 158 91.08 39.50 -36.96
C PRO R 158 91.23 40.70 -36.05
N ASN R 159 92.08 40.56 -35.04
CA ASN R 159 92.44 41.70 -34.20
C ASN R 159 93.53 42.47 -34.93
N TYR R 160 93.17 43.59 -35.52
CA TYR R 160 94.09 44.33 -36.36
C TYR R 160 95.14 45.08 -35.58
N SER R 161 95.20 44.89 -34.26
CA SER R 161 96.31 45.45 -33.49
C SER R 161 97.62 44.80 -33.88
N LEU R 162 97.62 43.49 -34.11
CA LEU R 162 98.85 42.78 -34.45
C LEU R 162 98.68 41.75 -35.57
N PHE R 163 97.53 41.70 -36.22
CA PHE R 163 97.30 40.72 -37.28
C PHE R 163 96.51 41.35 -38.41
N SER R 164 96.65 40.78 -39.60
CA SER R 164 95.95 41.23 -40.79
C SER R 164 95.10 40.16 -41.44
N SER R 165 95.57 38.91 -41.45
CA SER R 165 94.81 37.78 -41.96
C SER R 165 94.74 36.72 -40.88
N ALA R 166 93.56 36.16 -40.66
CA ALA R 166 93.36 35.20 -39.59
C ALA R 166 92.19 34.29 -39.92
N ALA R 167 92.25 33.07 -39.39
CA ALA R 167 91.22 32.07 -39.62
C ALA R 167 90.70 31.52 -38.29
N ALA R 168 89.44 31.11 -38.30
CA ALA R 168 88.83 30.48 -37.14
C ALA R 168 88.04 29.26 -37.60
N ARG R 169 87.90 28.29 -36.70
CA ARG R 169 87.19 27.05 -36.98
C ARG R 169 86.11 26.86 -35.93
N TRP R 170 84.96 26.33 -36.35
CA TRP R 170 83.93 26.01 -35.37
C TRP R 170 84.43 24.91 -34.44
N LEU R 171 84.13 25.04 -33.15
CA LEU R 171 84.63 24.08 -32.17
C LEU R 171 84.12 22.68 -32.44
N TRP R 172 82.83 22.55 -32.76
CA TRP R 172 82.23 21.25 -33.03
C TRP R 172 82.25 20.95 -34.52
N SER R 173 82.13 19.66 -34.84
CA SER R 173 82.17 19.18 -36.21
C SER R 173 80.79 18.77 -36.67
N MET R 174 80.56 18.85 -37.97
CA MET R 174 79.31 18.37 -38.54
C MET R 174 79.28 16.85 -38.57
N ASN R 175 78.08 16.29 -38.71
CA ASN R 175 77.90 14.84 -38.68
C ASN R 175 77.65 14.24 -40.06
N MET R 176 77.48 15.05 -41.10
CA MET R 176 77.27 14.55 -42.45
C MET R 176 78.13 15.35 -43.41
N ASP R 177 78.34 14.77 -44.60
CA ASP R 177 79.17 15.44 -45.61
C ASP R 177 78.47 16.67 -46.18
N SER R 178 77.20 16.55 -46.54
CA SER R 178 76.44 17.69 -47.00
C SER R 178 76.25 18.69 -45.87
N VAL R 179 76.30 19.98 -46.21
CA VAL R 179 76.26 21.03 -45.19
C VAL R 179 75.72 22.31 -45.81
N THR R 180 75.14 23.18 -44.98
CA THR R 180 74.67 24.48 -45.38
C THR R 180 75.20 25.51 -44.40
N ILE R 181 75.77 26.60 -44.92
CA ILE R 181 76.33 27.67 -44.09
C ILE R 181 75.70 28.98 -44.55
N VAL R 182 74.89 29.59 -43.71
CA VAL R 182 74.25 30.86 -44.00
C VAL R 182 74.97 31.93 -43.20
N VAL R 183 75.49 32.94 -43.90
CA VAL R 183 76.26 34.01 -43.26
C VAL R 183 75.68 35.35 -43.67
N ARG R 184 75.47 36.23 -42.70
CA ARG R 184 75.16 37.62 -42.97
C ARG R 184 76.45 38.42 -42.87
N VAL R 185 76.77 39.18 -43.92
CA VAL R 185 78.06 39.83 -44.03
C VAL R 185 77.85 41.33 -44.24
N LEU R 186 78.73 42.13 -43.64
CA LEU R 186 78.85 43.55 -43.86
C LEU R 186 80.09 43.83 -44.70
N ASN R 187 80.02 44.91 -45.48
CA ASN R 187 81.10 45.33 -46.37
C ASN R 187 81.50 46.74 -45.96
N VAL R 188 82.41 46.84 -44.99
CA VAL R 188 82.85 48.12 -44.46
C VAL R 188 84.25 48.49 -44.96
N GLY R 189 84.74 47.80 -45.99
CA GLY R 189 86.07 48.07 -46.49
C GLY R 189 86.42 47.11 -47.61
N ALA R 190 87.72 46.93 -47.81
CA ALA R 190 88.25 46.05 -48.85
C ALA R 190 88.98 44.88 -48.22
N GLY R 191 88.72 43.68 -48.72
CA GLY R 191 89.37 42.51 -48.18
C GLY R 191 88.83 41.24 -48.82
N LYS R 192 89.08 40.11 -48.16
CA LYS R 192 88.65 38.81 -48.62
C LYS R 192 88.12 38.02 -47.43
N PHE R 193 86.96 37.41 -47.59
CA PHE R 193 86.31 36.63 -46.54
C PHE R 193 86.00 35.25 -47.07
N ASN R 194 86.55 34.22 -46.42
CA ASN R 194 86.44 32.84 -46.85
C ASN R 194 85.50 32.09 -45.92
N VAL R 195 84.51 31.41 -46.50
CA VAL R 195 83.69 30.44 -45.79
C VAL R 195 84.23 29.05 -46.10
N ILE R 196 84.57 28.30 -45.07
CA ILE R 196 85.37 27.09 -45.17
C ILE R 196 84.50 25.90 -44.82
N VAL R 197 84.48 24.90 -45.72
CA VAL R 197 83.61 23.74 -45.61
C VAL R 197 84.45 22.49 -45.81
N CYS R 198 84.07 21.42 -45.09
CA CYS R 198 84.69 20.11 -45.21
C CYS R 198 86.18 20.15 -44.84
N ALA R 199 86.53 20.99 -43.87
CA ALA R 199 87.92 21.14 -43.48
C ALA R 199 88.34 20.04 -42.52
N ASP R 200 89.64 19.83 -42.44
CA ASP R 200 90.22 18.94 -41.44
C ASP R 200 90.21 19.62 -40.07
N TYR R 201 90.66 18.90 -39.04
CA TYR R 201 90.71 19.48 -37.72
C TYR R 201 91.73 20.61 -37.60
N GLN R 202 92.63 20.75 -38.58
CA GLN R 202 93.57 21.85 -38.64
C GLN R 202 93.31 22.79 -39.82
N MET R 203 92.25 22.55 -40.60
CA MET R 203 91.94 23.34 -41.79
C MET R 203 93.10 23.33 -42.77
N GLN R 204 93.53 22.13 -43.16
CA GLN R 204 94.59 21.97 -44.14
C GLN R 204 94.05 21.84 -45.56
N THR R 205 93.03 21.01 -45.75
CA THR R 205 92.34 20.87 -47.03
C THR R 205 90.85 21.06 -46.82
N TYR R 206 90.22 21.81 -47.71
CA TYR R 206 88.81 22.14 -47.56
C TYR R 206 88.31 22.77 -48.85
N LEU R 207 86.99 22.77 -49.01
CA LEU R 207 86.37 23.63 -50.00
C LEU R 207 86.06 24.97 -49.36
N GLY R 208 85.84 25.98 -50.18
CA GLY R 208 85.48 27.27 -49.63
C GLY R 208 84.90 28.20 -50.67
N ILE R 209 84.15 29.17 -50.19
CA ILE R 209 83.62 30.25 -51.01
C ILE R 209 84.22 31.55 -50.52
N GLN R 210 84.84 32.30 -51.42
CA GLN R 210 85.55 33.52 -51.09
C GLN R 210 84.78 34.72 -51.62
N PHE R 211 84.46 35.66 -50.75
CA PHE R 211 83.89 36.94 -51.13
C PHE R 211 85.02 37.97 -51.06
N GLU R 212 85.44 38.47 -52.22
CA GLU R 212 86.48 39.47 -52.31
C GLU R 212 85.83 40.81 -52.63
N THR R 213 86.21 41.85 -51.88
CA THR R 213 85.70 43.19 -52.12
C THR R 213 86.87 44.16 -52.24
N GLY R 214 86.80 45.03 -53.23
CA GLY R 214 87.81 46.05 -53.41
C GLY R 214 87.31 47.13 -54.34
N ILE R 215 88.24 47.99 -54.76
CA ILE R 215 87.89 49.03 -55.73
C ILE R 215 87.47 48.39 -57.06
N SER R 216 88.20 47.36 -57.50
CA SER R 216 87.90 46.68 -58.75
C SER R 216 87.84 45.16 -58.59
N ASN R 217 87.80 44.65 -57.37
CA ASN R 217 87.83 43.21 -57.11
C ASN R 217 86.60 42.75 -56.35
N ASN R 218 85.44 43.31 -56.68
CA ASN R 218 84.17 42.83 -56.12
C ASN R 218 83.80 41.55 -56.85
N LYS R 219 84.03 40.41 -56.21
CA LYS R 219 83.97 39.14 -56.92
C LYS R 219 83.76 38.01 -55.92
N VAL R 220 83.33 36.86 -56.43
CA VAL R 220 83.11 35.67 -55.62
C VAL R 220 83.84 34.51 -56.28
N HIS R 221 84.69 33.82 -55.50
CA HIS R 221 85.52 32.73 -55.97
C HIS R 221 85.16 31.44 -55.27
N VAL R 222 85.54 30.32 -55.88
CA VAL R 222 85.56 29.02 -55.22
C VAL R 222 87.02 28.67 -54.98
N ILE R 223 87.33 28.23 -53.76
CA ILE R 223 88.71 28.01 -53.35
C ILE R 223 88.88 26.62 -52.77
N THR R 224 90.08 26.08 -52.93
CA THR R 224 90.51 24.84 -52.31
C THR R 224 91.65 25.16 -51.36
N GLY R 225 91.57 24.67 -50.13
CA GLY R 225 92.48 25.09 -49.08
C GLY R 225 93.77 24.31 -49.05
N ASP R 226 94.88 25.04 -48.92
CA ASP R 226 96.20 24.47 -48.65
C ASP R 226 96.75 25.27 -47.47
N GLY R 227 96.38 24.85 -46.26
CA GLY R 227 96.72 25.58 -45.08
C GLY R 227 95.61 26.52 -44.65
N PRO R 228 95.58 26.89 -43.37
CA PRO R 228 94.50 27.76 -42.89
C PRO R 228 94.46 29.12 -43.56
N LEU R 229 95.61 29.68 -43.94
CA LEU R 229 95.68 31.04 -44.47
C LEU R 229 96.14 31.10 -45.92
N ASN R 230 96.17 29.96 -46.62
CA ASN R 230 96.52 29.92 -48.03
C ASN R 230 95.50 29.07 -48.78
N TRP R 231 95.24 29.44 -50.03
CA TRP R 231 94.23 28.75 -50.82
C TRP R 231 94.56 28.89 -52.29
N GLY R 232 93.97 28.00 -53.10
CA GLY R 232 94.08 28.05 -54.54
C GLY R 232 92.73 28.13 -55.20
N TYR R 233 92.58 29.03 -56.16
CA TYR R 233 91.28 29.25 -56.78
C TYR R 233 90.94 28.11 -57.74
N GLN R 234 89.64 27.92 -57.96
CA GLN R 234 89.13 26.88 -58.84
C GLN R 234 88.18 27.50 -59.85
N GLY R 235 88.39 27.21 -61.13
CA GLY R 235 87.50 27.69 -62.16
C GLY R 235 87.51 29.21 -62.28
N ASP R 236 86.39 29.72 -62.80
CA ASP R 236 86.21 31.15 -62.98
C ASP R 236 85.50 31.75 -61.77
N ALA R 237 85.10 33.01 -61.89
CA ALA R 237 84.49 33.73 -60.78
C ALA R 237 83.41 34.67 -61.33
N VAL R 238 82.51 35.06 -60.44
CA VAL R 238 81.36 35.89 -60.78
C VAL R 238 81.44 37.19 -60.00
N ASN R 239 81.25 38.31 -60.70
CA ASN R 239 81.22 39.60 -60.03
C ASN R 239 80.03 39.68 -59.07
N ASN R 240 80.25 40.31 -57.93
CA ASN R 240 79.20 40.42 -56.92
C ASN R 240 79.45 41.66 -56.08
N THR R 241 78.41 42.47 -55.91
CA THR R 241 78.47 43.66 -55.07
C THR R 241 77.85 43.31 -53.72
N THR R 242 78.69 43.21 -52.69
CA THR R 242 78.22 42.88 -51.35
C THR R 242 77.82 44.16 -50.61
N ALA R 243 76.55 44.27 -50.27
CA ALA R 243 76.05 45.40 -49.50
C ALA R 243 76.07 45.05 -48.01
N ASN R 244 75.99 46.09 -47.18
CA ASN R 244 75.99 45.90 -45.74
C ASN R 244 74.74 45.15 -45.29
N GLY R 245 74.90 43.92 -44.83
CA GLY R 245 73.78 43.12 -44.43
C GLY R 245 73.31 42.18 -45.52
N ASP R 246 74.24 41.51 -46.19
CA ASP R 246 73.91 40.60 -47.27
C ASP R 246 74.01 39.17 -46.77
N VAL R 247 72.99 38.37 -47.07
CA VAL R 247 72.91 36.99 -46.59
C VAL R 247 73.29 36.06 -47.73
N TYR R 248 74.31 35.24 -47.51
CA TYR R 248 74.80 34.29 -48.49
C TYR R 248 74.67 32.88 -47.92
N THR R 249 74.15 31.97 -48.73
CA THR R 249 73.96 30.57 -48.36
C THR R 249 74.93 29.73 -49.17
N ILE R 250 75.93 29.17 -48.50
CA ILE R 250 76.92 28.30 -49.11
C ILE R 250 76.49 26.86 -48.84
N LYS R 251 76.12 26.14 -49.89
CA LYS R 251 75.58 24.80 -49.78
C LYS R 251 76.55 23.83 -50.42
N TYR R 252 76.99 22.83 -49.66
CA TYR R 252 77.79 21.73 -50.20
C TYR R 252 76.92 20.48 -50.21
N ASN R 253 76.69 19.95 -51.42
CA ASN R 253 75.92 18.74 -51.62
C ASN R 253 76.90 17.60 -51.92
N ASP R 254 76.86 16.56 -51.08
CA ASP R 254 77.72 15.41 -51.28
C ASP R 254 77.22 14.49 -52.38
N LEU R 255 75.90 14.37 -52.54
CA LEU R 255 75.36 13.49 -53.58
C LEU R 255 75.79 13.96 -54.96
N LEU R 256 75.77 15.27 -55.20
CA LEU R 256 76.21 15.84 -56.46
C LEU R 256 77.68 16.26 -56.44
N ASP R 257 78.35 16.13 -55.29
CA ASP R 257 79.74 16.54 -55.13
C ASP R 257 79.95 17.96 -55.59
N THR R 258 79.05 18.84 -55.18
CA THR R 258 79.03 20.22 -55.67
C THR R 258 79.03 21.20 -54.51
N ILE R 259 79.56 22.39 -54.78
CA ILE R 259 79.53 23.51 -53.84
C ILE R 259 78.93 24.70 -54.57
N SER R 260 77.96 25.36 -53.93
CA SER R 260 77.26 26.46 -54.58
C SER R 260 77.00 27.57 -53.57
N CYS R 261 76.76 28.77 -54.08
CA CYS R 261 76.44 29.91 -53.24
C CYS R 261 75.21 30.63 -53.78
N TYR R 262 74.30 30.98 -52.87
CA TYR R 262 73.07 31.68 -53.19
C TYR R 262 73.05 33.01 -52.46
N LYS R 263 72.57 34.05 -53.14
CA LYS R 263 72.49 35.38 -52.56
C LYS R 263 71.04 35.70 -52.22
N GLY R 264 70.80 36.02 -50.95
CA GLY R 264 69.47 36.43 -50.53
C GLY R 264 68.44 35.36 -50.76
N THR R 265 67.27 35.77 -51.22
CA THR R 265 66.15 34.87 -51.44
C THR R 265 66.21 34.15 -52.77
N SER R 266 67.09 34.55 -53.68
CA SER R 266 67.23 33.85 -54.94
C SER R 266 67.78 32.46 -54.73
N LEU R 267 67.20 31.48 -55.42
CA LEU R 267 67.57 30.09 -55.23
C LEU R 267 68.56 29.60 -56.27
N THR R 268 68.64 30.24 -57.43
CA THR R 268 69.66 29.88 -58.41
C THR R 268 71.04 30.28 -57.88
N PRO R 269 72.05 29.44 -58.09
CA PRO R 269 73.39 29.77 -57.57
C PRO R 269 74.00 30.95 -58.31
N LEU R 270 74.77 31.76 -57.59
CA LEU R 270 75.59 32.77 -58.23
C LEU R 270 76.96 32.23 -58.61
N ILE R 271 77.48 31.28 -57.84
CA ILE R 271 78.72 30.58 -58.15
C ILE R 271 78.52 29.12 -57.78
N GLU R 272 79.11 28.22 -58.58
CA GLU R 272 78.96 26.79 -58.35
C GLU R 272 80.12 26.05 -58.99
N ALA R 273 80.65 25.07 -58.25
CA ALA R 273 81.73 24.23 -58.72
C ALA R 273 81.41 22.78 -58.39
N SER R 274 82.01 21.86 -59.17
CA SER R 274 81.76 20.45 -59.00
C SER R 274 83.04 19.66 -59.27
N GLY R 275 83.19 18.54 -58.56
CA GLY R 275 84.30 17.65 -58.77
C GLY R 275 85.63 18.10 -58.21
N LEU R 276 85.63 19.00 -57.22
CA LEU R 276 86.88 19.46 -56.64
C LEU R 276 87.54 18.33 -55.84
N ASP R 277 88.86 18.26 -55.94
CA ASP R 277 89.63 17.17 -55.35
C ASP R 277 89.98 17.52 -53.91
N VAL R 278 89.02 17.30 -53.03
CA VAL R 278 89.21 17.51 -51.59
C VAL R 278 88.75 16.26 -50.86
N PRO R 279 89.53 15.74 -49.91
CA PRO R 279 89.09 14.57 -49.16
C PRO R 279 87.83 14.86 -48.36
N HIS R 280 86.95 13.87 -48.29
CA HIS R 280 85.69 14.01 -47.57
C HIS R 280 85.52 12.88 -46.57
N GLY R 281 84.35 12.79 -45.95
CA GLY R 281 84.07 11.72 -45.02
C GLY R 281 84.39 12.10 -43.58
N GLU R 282 84.59 11.07 -42.77
CA GLU R 282 84.87 11.27 -41.35
C GLU R 282 86.22 11.98 -41.18
N GLY R 283 86.25 12.90 -40.22
CA GLY R 283 87.45 13.68 -39.96
C GLY R 283 87.62 14.89 -40.86
N PHE R 284 86.72 15.10 -41.82
CA PHE R 284 86.78 16.22 -42.74
C PHE R 284 85.42 16.88 -42.85
N ARG R 285 84.78 17.11 -41.69
CA ARG R 285 83.48 17.77 -41.63
C ARG R 285 83.54 19.04 -40.79
N TYR R 286 84.70 19.66 -40.71
CA TYR R 286 84.87 20.88 -39.95
C TYR R 286 84.60 22.10 -40.83
N THR R 287 83.95 23.10 -40.26
CA THR R 287 83.64 24.34 -40.94
C THR R 287 84.37 25.50 -40.27
N GLY R 288 84.50 26.60 -40.99
CA GLY R 288 85.21 27.73 -40.43
C GLY R 288 85.08 28.97 -41.29
N LEU R 289 85.80 30.01 -40.89
CA LEU R 289 85.86 31.26 -41.60
C LEU R 289 87.30 31.75 -41.64
N ALA R 290 87.57 32.65 -42.58
CA ALA R 290 88.90 33.25 -42.68
C ALA R 290 88.76 34.66 -43.23
N TRP R 291 89.68 35.53 -42.84
CA TRP R 291 89.71 36.91 -43.29
C TRP R 291 91.12 37.26 -43.73
N ASN R 292 91.22 38.08 -44.77
CA ASN R 292 92.52 38.54 -45.27
C ASN R 292 92.34 39.94 -45.83
N THR R 293 92.97 40.93 -45.20
CA THR R 293 92.89 42.30 -45.65
C THR R 293 94.29 42.87 -45.85
N ALA R 294 94.48 43.59 -46.96
CA ALA R 294 95.76 44.23 -47.21
C ALA R 294 96.06 45.29 -46.17
N LEU R 295 95.06 46.08 -45.79
CA LEU R 295 95.21 47.11 -44.78
C LEU R 295 95.04 46.51 -43.39
N LEU R 296 94.93 47.35 -42.38
CA LEU R 296 94.73 46.92 -40.99
C LEU R 296 93.37 47.40 -40.47
N SER R 297 92.35 47.33 -41.31
CA SER R 297 90.99 47.71 -40.97
C SER R 297 90.04 46.64 -41.49
N PRO R 298 88.88 46.48 -40.86
CA PRO R 298 87.93 45.46 -41.31
C PRO R 298 87.49 45.67 -42.75
N GLY R 299 87.32 44.58 -43.47
CA GLY R 299 86.86 44.63 -44.84
C GLY R 299 85.45 44.14 -44.98
N VAL R 300 85.28 42.89 -45.42
CA VAL R 300 83.98 42.23 -45.45
C VAL R 300 83.99 41.15 -44.37
N GLU R 301 83.02 41.23 -43.46
CA GLU R 301 83.05 40.43 -42.25
C GLU R 301 81.64 40.00 -41.86
N PRO R 302 81.50 38.84 -41.21
CA PRO R 302 80.17 38.37 -40.84
C PRO R 302 79.69 38.93 -39.50
N THR R 303 78.39 39.18 -39.42
CA THR R 303 77.71 39.52 -38.18
C THR R 303 76.92 38.36 -37.60
N ALA R 304 76.42 37.46 -38.45
CA ALA R 304 75.71 36.28 -38.00
C ALA R 304 76.11 35.10 -38.87
N TRP R 305 76.28 33.95 -38.23
CA TRP R 305 76.73 32.73 -38.89
C TRP R 305 75.83 31.59 -38.44
N GLU R 306 75.52 30.68 -39.35
CA GLU R 306 74.55 29.62 -39.05
C GLU R 306 74.92 28.39 -39.86
N ALA R 307 75.13 27.27 -39.19
CA ALA R 307 75.48 26.03 -39.85
C ALA R 307 74.36 25.01 -39.65
N LYS R 308 73.99 24.34 -40.73
CA LYS R 308 73.01 23.27 -40.70
C LYS R 308 73.62 22.05 -41.35
N ASP R 309 73.41 20.89 -40.75
CA ASP R 309 73.97 19.66 -41.27
C ASP R 309 73.03 19.09 -42.32
N GLY R 310 73.54 18.92 -43.54
CA GLY R 310 72.73 18.46 -44.65
C GLY R 310 72.15 19.59 -45.46
N VAL R 311 71.74 19.25 -46.67
CA VAL R 311 71.17 20.24 -47.59
C VAL R 311 69.67 20.01 -47.76
N MET S 1 97.23 -22.97 -14.23
CA MET S 1 97.43 -22.46 -15.57
C MET S 1 98.58 -23.18 -16.26
N LEU S 2 98.26 -24.00 -17.26
CA LEU S 2 99.26 -24.76 -17.98
C LEU S 2 99.80 -24.04 -19.21
N SER S 3 99.08 -23.04 -19.71
CA SER S 3 99.49 -22.34 -20.91
C SER S 3 99.92 -20.91 -20.57
N THR S 4 100.56 -20.27 -21.54
CA THR S 4 100.98 -18.88 -21.39
C THR S 4 99.83 -17.97 -21.80
N GLY S 5 99.34 -17.17 -20.86
CA GLY S 5 98.21 -16.31 -21.12
C GLY S 5 98.57 -14.84 -20.99
N PRO S 6 97.81 -13.99 -21.68
CA PRO S 6 98.03 -12.54 -21.56
C PRO S 6 97.64 -12.04 -20.17
N ILE S 7 98.28 -10.96 -19.77
CA ILE S 7 97.97 -10.27 -18.52
C ILE S 7 97.06 -9.09 -18.84
N MET S 8 95.93 -9.00 -18.14
CA MET S 8 95.03 -7.87 -18.33
C MET S 8 95.67 -6.61 -17.77
N GLU S 9 95.70 -5.56 -18.59
CA GLU S 9 96.31 -4.29 -18.19
C GLU S 9 95.44 -3.16 -18.73
N THR S 10 95.97 -1.95 -18.65
CA THR S 10 95.26 -0.77 -19.15
C THR S 10 96.28 0.23 -19.68
N LEU S 11 95.87 0.99 -20.69
CA LEU S 11 96.71 1.97 -21.36
C LEU S 11 96.12 3.35 -21.15
N THR S 12 96.96 4.29 -20.70
CA THR S 12 96.52 5.67 -20.51
C THR S 12 96.72 6.45 -21.80
N LEU S 13 95.67 7.13 -22.24
CA LEU S 13 95.71 7.99 -23.41
C LEU S 13 95.33 9.40 -23.03
N THR S 14 96.06 10.38 -23.56
CA THR S 14 95.82 11.78 -23.25
C THR S 14 95.77 12.57 -24.56
N VAL S 15 94.80 13.48 -24.65
CA VAL S 15 94.67 14.29 -25.85
C VAL S 15 95.77 15.33 -25.88
N GLY S 16 96.44 15.46 -27.03
CA GLY S 16 97.53 16.39 -27.18
C GLY S 16 98.84 15.92 -26.61
N SER S 17 98.91 14.72 -26.05
CA SER S 17 100.12 14.16 -25.48
C SER S 17 100.58 12.97 -26.30
N ALA S 18 101.88 12.70 -26.26
CA ALA S 18 102.45 11.61 -27.03
C ALA S 18 102.29 10.28 -26.30
N PHE S 19 101.68 9.32 -26.97
CA PHE S 19 101.57 7.97 -26.42
C PHE S 19 102.95 7.34 -26.30
N GLU S 20 103.22 6.73 -25.16
CA GLU S 20 104.53 6.14 -24.91
C GLU S 20 104.42 5.05 -23.87
N ILE S 21 104.99 3.89 -24.16
CA ILE S 21 105.15 2.80 -23.21
C ILE S 21 106.63 2.71 -22.86
N PRO S 22 107.03 3.06 -21.64
CA PRO S 22 108.45 3.00 -21.29
C PRO S 22 108.99 1.59 -21.40
N GLY S 23 110.25 1.49 -21.84
CA GLY S 23 110.86 0.19 -22.05
C GLY S 23 111.22 -0.54 -20.76
N TRP S 24 111.38 0.18 -19.66
CA TRP S 24 111.84 -0.44 -18.43
C TRP S 24 110.82 -1.41 -17.82
N LYS S 25 109.57 -1.39 -18.28
CA LYS S 25 108.57 -2.31 -17.75
C LYS S 25 108.31 -3.49 -18.66
N LEU S 26 108.44 -3.33 -19.97
CA LEU S 26 108.25 -4.43 -20.92
C LEU S 26 109.58 -5.16 -21.14
N ARG S 27 110.10 -5.71 -20.05
CA ARG S 27 111.41 -6.35 -20.05
C ARG S 27 111.31 -7.75 -20.65
N GLY S 28 112.40 -8.50 -20.57
CA GLY S 28 112.46 -9.83 -21.15
C GLY S 28 113.57 -9.96 -22.16
N GLU S 29 114.09 -11.17 -22.34
CA GLU S 29 115.18 -11.39 -23.29
C GLU S 29 114.60 -11.53 -24.69
N TYR S 30 114.92 -10.58 -25.56
CA TYR S 30 114.42 -10.58 -26.93
C TYR S 30 115.57 -10.85 -27.89
N PRO S 31 115.62 -12.02 -28.53
CA PRO S 31 116.68 -12.28 -29.51
C PRO S 31 116.57 -11.35 -30.71
N ALA S 32 117.71 -11.09 -31.34
CA ALA S 32 117.74 -10.21 -32.50
C ALA S 32 116.78 -10.71 -33.57
N GLY S 33 116.00 -9.79 -34.14
CA GLY S 33 114.95 -10.13 -35.07
C GLY S 33 113.57 -10.19 -34.45
N THR S 34 113.47 -10.07 -33.13
CA THR S 34 112.17 -10.05 -32.47
C THR S 34 111.42 -8.78 -32.85
N THR S 35 110.15 -8.93 -33.20
CA THR S 35 109.28 -7.80 -33.48
C THR S 35 108.12 -7.80 -32.49
N SER S 36 107.32 -6.75 -32.55
CA SER S 36 106.15 -6.66 -31.68
C SER S 36 105.23 -5.57 -32.19
N HIS S 37 103.94 -5.76 -31.97
CA HIS S 37 102.96 -4.80 -32.44
C HIS S 37 101.80 -4.71 -31.47
N LEU S 38 101.26 -3.51 -31.34
CA LEU S 38 100.13 -3.22 -30.48
C LEU S 38 98.93 -2.88 -31.35
N VAL S 39 97.83 -3.58 -31.14
CA VAL S 39 96.63 -3.46 -31.95
C VAL S 39 95.53 -2.83 -31.11
N PHE S 40 94.94 -1.74 -31.61
CA PHE S 40 93.80 -1.09 -31.00
C PHE S 40 92.56 -1.39 -31.83
N THR S 41 91.52 -1.88 -31.17
CA THR S 41 90.27 -2.29 -31.80
C THR S 41 89.10 -1.79 -30.97
N ASP S 42 87.89 -1.93 -31.52
CA ASP S 42 86.68 -1.40 -30.92
C ASP S 42 85.73 -2.55 -30.55
N ALA S 43 84.49 -2.17 -30.20
CA ALA S 43 83.51 -3.15 -29.75
C ALA S 43 83.20 -4.18 -30.84
N ALA S 44 83.05 -3.73 -32.08
CA ALA S 44 82.79 -4.67 -33.17
C ALA S 44 84.01 -5.53 -33.49
N GLY S 45 85.20 -4.97 -33.35
CA GLY S 45 86.42 -5.61 -33.82
C GLY S 45 87.10 -4.86 -34.94
N GLY S 46 86.52 -3.79 -35.46
CA GLY S 46 87.18 -2.98 -36.46
C GLY S 46 88.46 -2.38 -35.92
N THR S 47 89.56 -2.56 -36.65
CA THR S 47 90.86 -2.14 -36.15
C THR S 47 90.96 -0.62 -36.11
N LEU S 48 91.20 -0.08 -34.91
CA LEU S 48 91.49 1.34 -34.78
C LEU S 48 92.91 1.66 -35.19
N GLY S 49 93.86 0.75 -34.96
CA GLY S 49 95.22 1.01 -35.40
C GLY S 49 96.17 -0.11 -35.05
N GLU S 50 97.33 -0.07 -35.69
CA GLU S 50 98.46 -0.91 -35.36
C GLU S 50 99.68 -0.04 -35.15
N PHE S 51 100.47 -0.37 -34.13
CA PHE S 51 101.73 0.31 -33.87
C PHE S 51 102.82 -0.73 -33.70
N GLU S 52 104.05 -0.36 -34.06
CA GLU S 52 105.19 -1.24 -33.96
C GLU S 52 106.16 -0.70 -32.92
N GLY S 53 106.54 -1.55 -31.97
CA GLY S 53 107.53 -1.17 -30.98
C GLY S 53 108.94 -1.37 -31.46
N THR S 54 109.86 -0.64 -30.84
CA THR S 54 111.29 -0.77 -31.15
C THR S 54 111.89 -1.75 -30.15
N VAL S 55 112.17 -2.96 -30.63
CA VAL S 55 112.66 -4.02 -29.75
C VAL S 55 114.16 -3.88 -29.58
N SER S 56 114.62 -4.00 -28.34
CA SER S 56 116.04 -3.95 -28.00
C SER S 56 116.45 -5.29 -27.40
N ALA S 57 117.67 -5.33 -26.86
CA ALA S 57 118.19 -6.58 -26.30
C ALA S 57 117.33 -7.09 -25.16
N LYS S 58 116.91 -6.19 -24.26
CA LYS S 58 116.16 -6.60 -23.08
C LYS S 58 114.87 -5.82 -22.87
N GLU S 59 114.56 -4.85 -23.73
CA GLU S 59 113.39 -4.01 -23.53
C GLU S 59 112.78 -3.67 -24.88
N ILE S 60 111.51 -3.25 -24.84
CA ILE S 60 110.83 -2.73 -26.02
C ILE S 60 110.15 -1.41 -25.66
N HIS S 61 110.28 -0.43 -26.54
CA HIS S 61 109.78 0.92 -26.32
C HIS S 61 108.74 1.25 -27.38
N TYR S 62 107.64 1.88 -26.92
CA TYR S 62 106.60 2.39 -27.80
C TYR S 62 106.56 3.90 -27.70
N LEU S 63 106.34 4.56 -28.84
CA LEU S 63 106.27 6.01 -28.87
C LEU S 63 105.55 6.44 -30.14
N GLN S 64 104.40 7.08 -29.98
CA GLN S 64 103.60 7.54 -31.11
C GLN S 64 103.25 9.00 -30.95
N ALA S 65 103.08 9.68 -32.08
CA ALA S 65 102.62 11.06 -32.06
C ALA S 65 101.15 11.12 -31.63
N PRO S 66 100.74 12.24 -31.02
CA PRO S 66 99.34 12.33 -30.55
C PRO S 66 98.31 12.17 -31.67
N ASP S 67 98.66 12.52 -32.90
CA ASP S 67 97.74 12.33 -34.01
C ASP S 67 97.42 10.86 -34.23
N ASP S 68 98.39 9.97 -33.95
CA ASP S 68 98.17 8.55 -34.15
C ASP S 68 97.11 8.02 -33.20
N VAL S 69 97.10 8.48 -31.95
CA VAL S 69 96.17 7.98 -30.94
C VAL S 69 94.96 8.88 -30.75
N LYS S 70 94.86 9.98 -31.51
CA LYS S 70 93.70 10.85 -31.40
C LYS S 70 92.40 10.13 -31.69
N ASN S 71 92.43 9.14 -32.58
CA ASN S 71 91.20 8.48 -33.02
C ASN S 71 90.76 7.34 -32.11
N ILE S 72 91.53 7.02 -31.07
CA ILE S 72 91.22 5.91 -30.18
C ILE S 72 90.46 6.47 -28.97
N PRO S 73 89.21 6.09 -28.76
CA PRO S 73 88.46 6.59 -27.61
C PRO S 73 88.68 5.73 -26.38
N HIS S 74 88.15 6.23 -25.26
CA HIS S 74 88.16 5.46 -24.02
C HIS S 74 87.32 4.21 -24.18
N GLY S 75 87.76 3.11 -23.58
CA GLY S 75 87.07 1.86 -23.69
C GLY S 75 87.50 0.99 -24.87
N ALA S 76 88.38 1.50 -25.73
CA ALA S 76 88.85 0.71 -26.86
C ALA S 76 89.75 -0.42 -26.39
N ASN S 77 89.55 -1.60 -26.98
CA ASN S 77 90.34 -2.76 -26.60
C ASN S 77 91.72 -2.68 -27.24
N PHE S 78 92.69 -3.30 -26.60
CA PHE S 78 94.04 -3.36 -27.15
C PHE S 78 94.66 -4.71 -26.86
N GLN S 79 95.56 -5.11 -27.73
CA GLN S 79 96.42 -6.28 -27.52
C GLN S 79 97.86 -5.90 -27.85
N LEU S 80 98.79 -6.57 -27.20
CA LEU S 80 100.22 -6.31 -27.42
C LEU S 80 100.89 -7.65 -27.70
N PHE S 81 101.24 -7.90 -28.95
CA PHE S 81 101.87 -9.14 -29.37
C PHE S 81 103.37 -8.94 -29.49
N VAL S 82 104.13 -9.93 -29.02
CA VAL S 82 105.57 -10.00 -29.22
C VAL S 82 105.85 -11.27 -30.03
N THR S 83 106.42 -11.08 -31.23
CA THR S 83 106.71 -12.17 -32.15
C THR S 83 108.22 -12.40 -32.16
N TYR S 84 108.64 -13.52 -31.57
CA TYR S 84 110.03 -13.92 -31.61
C TYR S 84 110.39 -14.39 -33.02
N PRO S 85 111.67 -14.35 -33.38
CA PRO S 85 112.07 -14.77 -34.73
C PRO S 85 111.68 -16.23 -34.99
N SER S 86 111.15 -16.47 -36.20
CA SER S 86 110.70 -17.79 -36.62
C SER S 86 109.65 -18.36 -35.67
N MET S 87 108.78 -17.50 -35.14
CA MET S 87 107.75 -17.89 -34.20
C MET S 87 106.45 -17.19 -34.54
N GLN S 88 105.35 -17.73 -34.03
CA GLN S 88 104.06 -17.08 -34.15
C GLN S 88 103.93 -15.97 -33.10
N PRO S 89 103.12 -14.95 -33.37
CA PRO S 89 102.92 -13.90 -32.38
C PRO S 89 102.30 -14.45 -31.10
N GLN S 90 102.75 -13.92 -29.96
CA GLN S 90 102.28 -14.34 -28.65
C GLN S 90 101.76 -13.11 -27.91
N CYS S 91 100.46 -13.10 -27.63
CA CYS S 91 99.84 -11.98 -26.92
C CYS S 91 100.18 -12.09 -25.44
N LEU S 92 100.93 -11.10 -24.93
CA LEU S 92 101.30 -11.08 -23.52
C LEU S 92 100.60 -9.98 -22.74
N TYR S 93 99.87 -9.08 -23.40
CA TYR S 93 99.11 -8.05 -22.71
C TYR S 93 97.88 -7.71 -23.52
N PHE S 94 96.72 -7.68 -22.86
CA PHE S 94 95.47 -7.24 -23.48
C PHE S 94 94.70 -6.44 -22.44
N GLY S 95 93.69 -5.73 -22.90
CA GLY S 95 92.89 -4.97 -21.95
C GLY S 95 92.08 -3.89 -22.65
N THR S 96 91.91 -2.78 -21.93
CA THR S 96 91.08 -1.67 -22.37
C THR S 96 91.81 -0.37 -22.11
N ALA S 97 91.69 0.57 -23.05
CA ALA S 97 92.36 1.86 -22.95
C ALA S 97 91.48 2.86 -22.22
N ILE S 98 92.07 3.56 -21.25
CA ILE S 98 91.39 4.60 -20.50
C ILE S 98 92.08 5.93 -20.80
N ARG S 99 91.30 7.00 -20.81
CA ARG S 99 91.80 8.33 -21.15
C ARG S 99 91.94 9.16 -19.87
N LYS S 100 93.13 9.68 -19.64
CA LYS S 100 93.42 10.55 -18.50
C LYS S 100 93.63 11.96 -19.04
N GLU S 101 92.53 12.69 -19.18
CA GLU S 101 92.54 13.98 -19.87
C GLU S 101 91.24 14.69 -19.54
N PRO S 102 91.22 16.04 -19.62
CA PRO S 102 89.99 16.77 -19.30
C PRO S 102 88.82 16.39 -20.18
N ARG S 103 87.80 15.78 -19.57
CA ARG S 103 86.66 15.26 -20.32
C ARG S 103 85.86 16.40 -20.94
N TYR S 104 85.33 16.16 -22.13
CA TYR S 104 84.53 17.15 -22.86
C TYR S 104 83.21 16.51 -23.27
N PRO S 105 82.29 16.34 -22.31
CA PRO S 105 81.00 15.71 -22.65
C PRO S 105 80.22 16.49 -23.69
N LEU S 106 80.30 17.82 -23.65
CA LEU S 106 79.59 18.64 -24.64
C LEU S 106 80.11 18.37 -26.04
N SER S 107 81.43 18.23 -26.19
CA SER S 107 82.00 17.88 -27.49
C SER S 107 81.60 16.47 -27.90
N THR S 108 81.62 15.52 -26.97
CA THR S 108 81.38 14.13 -27.33
C THR S 108 79.94 13.90 -27.76
N VAL S 109 78.97 14.38 -26.97
CA VAL S 109 77.57 14.08 -27.20
C VAL S 109 76.92 15.27 -27.88
N VAL S 110 75.82 15.00 -28.58
CA VAL S 110 75.04 16.04 -29.26
C VAL S 110 73.73 16.23 -28.52
N SER S 111 73.44 17.48 -28.15
CA SER S 111 72.24 17.78 -27.38
C SER S 111 71.00 17.70 -28.25
N PRO S 112 69.86 17.34 -27.67
CA PRO S 112 68.61 17.35 -28.44
C PRO S 112 68.23 18.72 -28.97
N GLU S 113 68.60 19.79 -28.26
CA GLU S 113 68.29 21.13 -28.74
C GLU S 113 69.21 21.54 -29.89
N ASP S 114 70.44 21.01 -29.92
CA ASP S 114 71.35 21.22 -31.03
C ASP S 114 71.22 20.09 -32.05
N SER S 115 70.04 20.00 -32.64
CA SER S 115 69.75 18.93 -33.60
C SER S 115 68.72 19.42 -34.59
N ALA S 116 69.07 19.41 -35.88
CA ALA S 116 68.12 19.77 -36.92
C ALA S 116 67.04 18.69 -37.04
N VAL S 117 65.81 19.11 -37.24
CA VAL S 117 64.68 18.20 -37.27
C VAL S 117 63.87 18.40 -38.55
N GLN S 118 63.33 17.30 -39.05
CA GLN S 118 62.44 17.32 -40.20
C GLN S 118 61.25 16.42 -39.92
N TYR S 119 60.06 16.90 -40.31
CA TYR S 119 58.80 16.25 -40.01
C TYR S 119 58.01 16.01 -41.29
N LYS S 120 57.26 14.91 -41.31
CA LYS S 120 56.48 14.49 -42.46
C LYS S 120 55.03 14.29 -42.07
N ALA S 121 54.14 14.44 -43.05
CA ALA S 121 52.74 14.10 -42.88
C ALA S 121 52.15 13.85 -44.26
N ASN S 122 51.33 12.80 -44.37
CA ASN S 122 50.80 12.42 -45.68
C ASN S 122 49.29 12.24 -45.68
N PHE S 123 48.71 11.92 -44.52
CA PHE S 123 47.27 11.74 -44.36
C PHE S 123 46.71 10.66 -45.27
N VAL S 124 47.55 9.75 -45.76
CA VAL S 124 47.08 8.72 -46.67
C VAL S 124 46.25 7.66 -45.96
N GLY S 125 46.46 7.47 -44.67
CA GLY S 125 45.69 6.53 -43.88
C GLY S 125 44.37 7.04 -43.38
N GLN S 126 44.00 8.26 -43.77
CA GLN S 126 42.75 8.90 -43.33
C GLN S 126 42.68 8.99 -41.81
N TYR S 127 43.82 9.33 -41.19
CA TYR S 127 43.88 9.55 -39.75
C TYR S 127 44.77 10.74 -39.47
N ILE S 128 44.29 11.64 -38.60
CA ILE S 128 45.03 12.85 -38.29
C ILE S 128 46.32 12.52 -37.56
N GLY S 129 46.22 11.66 -36.54
CA GLY S 129 47.37 11.34 -35.72
C GLY S 129 47.48 12.26 -34.53
N PRO S 130 48.33 11.91 -33.57
CA PRO S 130 48.47 12.72 -32.36
C PRO S 130 49.39 13.93 -32.52
N MET S 131 50.05 14.07 -33.67
CA MET S 131 51.02 15.14 -33.87
C MET S 131 50.38 16.47 -34.26
N TRP S 132 49.10 16.49 -34.60
CA TRP S 132 48.40 17.71 -34.98
C TRP S 132 47.47 18.11 -33.83
N LYS S 133 47.86 19.14 -33.09
CA LYS S 133 47.04 19.65 -32.00
C LYS S 133 46.07 20.69 -32.53
N PRO S 134 44.76 20.48 -32.41
CA PRO S 134 43.82 21.51 -32.85
C PRO S 134 43.98 22.79 -32.04
N MET S 135 43.72 23.92 -32.70
CA MET S 135 43.88 25.23 -32.10
C MET S 135 42.62 26.04 -32.32
N GLY S 136 42.20 26.78 -31.30
CA GLY S 136 41.02 27.60 -31.40
C GLY S 136 39.71 26.85 -31.19
N ASN S 137 39.45 25.87 -32.05
CA ASN S 137 38.18 25.15 -32.02
C ASN S 137 38.24 23.86 -31.21
N GLY S 138 39.39 23.51 -30.66
CA GLY S 138 39.47 22.34 -29.80
C GLY S 138 39.37 21.03 -30.57
N TRP S 139 39.21 19.96 -29.80
CA TRP S 139 39.21 18.61 -30.35
C TRP S 139 38.03 18.41 -31.30
N GLY S 140 38.24 17.60 -32.33
CA GLY S 140 37.20 17.26 -33.27
C GLY S 140 37.00 18.26 -34.38
N SER S 141 37.83 19.30 -34.46
CA SER S 141 37.70 20.31 -35.51
C SER S 141 38.52 19.99 -36.75
N LEU S 142 39.31 18.92 -36.72
CA LEU S 142 40.14 18.52 -37.86
C LEU S 142 39.61 17.22 -38.43
N GLY S 143 39.68 17.10 -39.75
CA GLY S 143 39.21 15.91 -40.43
C GLY S 143 40.00 15.64 -41.69
N ILE S 144 39.80 14.45 -42.23
CA ILE S 144 40.45 14.01 -43.46
C ILE S 144 39.38 13.81 -44.51
N HIS S 145 39.61 14.39 -45.69
CA HIS S 145 38.67 14.30 -46.80
C HIS S 145 39.30 13.48 -47.92
N THR S 146 38.55 12.50 -48.42
CA THR S 146 39.12 11.50 -49.32
C THR S 146 39.38 12.07 -50.71
N HIS S 147 38.46 12.88 -51.22
CA HIS S 147 38.53 13.39 -52.60
C HIS S 147 38.65 12.24 -53.59
N ALA S 148 37.71 11.29 -53.49
CA ALA S 148 37.71 10.13 -54.37
C ALA S 148 37.15 10.42 -55.75
N LEU S 149 36.39 11.51 -55.89
CA LEU S 149 35.86 11.88 -57.21
C LEU S 149 36.97 12.14 -58.20
N ILE S 150 37.99 12.88 -57.77
CA ILE S 150 39.22 13.00 -58.53
C ILE S 150 40.18 11.91 -58.06
N SER S 151 41.19 11.62 -58.87
CA SER S 151 42.18 10.61 -58.54
C SER S 151 43.31 11.23 -57.73
N GLU S 152 42.97 11.61 -56.49
CA GLU S 152 43.87 12.34 -55.63
C GLU S 152 43.89 11.73 -54.24
N ALA S 153 45.01 11.96 -53.55
CA ALA S 153 45.21 11.43 -52.21
C ALA S 153 44.37 12.20 -51.20
N PRO S 154 44.09 11.60 -50.03
CA PRO S 154 43.31 12.31 -49.01
C PRO S 154 44.02 13.55 -48.51
N SER S 155 43.23 14.55 -48.14
CA SER S 155 43.74 15.82 -47.64
C SER S 155 43.22 16.07 -46.24
N MET S 156 43.83 17.04 -45.56
CA MET S 156 43.49 17.38 -44.19
C MET S 156 42.90 18.78 -44.14
N GLY S 157 41.82 18.94 -43.39
CA GLY S 157 41.16 20.22 -43.29
C GLY S 157 40.23 20.31 -42.09
N PRO S 158 39.34 21.29 -42.10
CA PRO S 158 38.37 21.40 -41.00
C PRO S 158 37.38 20.24 -41.04
N ASN S 159 36.85 19.92 -39.85
CA ASN S 159 35.74 18.98 -39.74
C ASN S 159 34.48 19.74 -40.10
N TYR S 160 34.05 19.61 -41.36
CA TYR S 160 32.97 20.45 -41.88
C TYR S 160 31.61 20.08 -41.33
N SER S 161 31.49 18.97 -40.58
CA SER S 161 30.25 18.69 -39.89
C SER S 161 29.99 19.65 -38.74
N LEU S 162 31.01 20.34 -38.25
CA LEU S 162 30.84 21.23 -37.11
C LEU S 162 31.46 22.61 -37.34
N PHE S 163 32.52 22.69 -38.13
CA PHE S 163 33.26 23.93 -38.30
C PHE S 163 33.56 24.19 -39.77
N SER S 164 33.61 25.48 -40.13
CA SER S 164 34.06 25.91 -41.45
C SER S 164 35.45 26.52 -41.44
N SER S 165 36.04 26.72 -40.25
CA SER S 165 37.41 27.16 -40.11
C SER S 165 38.06 26.36 -39.00
N ALA S 166 39.36 26.11 -39.15
CA ALA S 166 40.09 25.31 -38.17
C ALA S 166 41.57 25.64 -38.26
N ALA S 167 42.31 25.21 -37.25
CA ALA S 167 43.76 25.40 -37.23
C ALA S 167 44.40 24.23 -36.50
N ALA S 168 45.59 23.86 -36.94
CA ALA S 168 46.35 22.77 -36.34
C ALA S 168 47.78 23.23 -36.11
N ARG S 169 48.38 22.78 -35.02
CA ARG S 169 49.75 23.12 -34.69
C ARG S 169 50.52 21.81 -34.60
N TRP S 170 51.65 21.72 -35.30
CA TRP S 170 52.48 20.53 -35.19
C TRP S 170 53.00 20.39 -33.78
N LEU S 171 52.74 19.22 -33.17
CA LEU S 171 52.91 19.08 -31.72
C LEU S 171 54.29 19.51 -31.25
N TRP S 172 55.32 19.20 -32.02
CA TRP S 172 56.68 19.55 -31.64
C TRP S 172 57.14 20.80 -32.37
N SER S 173 58.13 21.46 -31.79
CA SER S 173 58.66 22.71 -32.29
C SER S 173 59.92 22.49 -33.10
N MET S 174 60.23 23.46 -33.96
CA MET S 174 61.47 23.44 -34.71
C MET S 174 62.62 23.87 -33.80
N ASN S 175 63.82 23.37 -34.10
CA ASN S 175 65.01 23.70 -33.34
C ASN S 175 65.77 24.88 -33.91
N MET S 176 65.30 25.46 -35.02
CA MET S 176 65.97 26.57 -35.67
C MET S 176 64.97 27.67 -35.94
N ASP S 177 65.46 28.91 -35.98
CA ASP S 177 64.61 30.04 -36.33
C ASP S 177 64.22 29.99 -37.80
N SER S 178 65.17 29.64 -38.68
CA SER S 178 64.88 29.51 -40.10
C SER S 178 64.26 28.15 -40.37
N VAL S 179 63.26 28.13 -41.24
CA VAL S 179 62.45 26.93 -41.46
C VAL S 179 62.05 26.85 -42.93
N THR S 180 61.80 25.62 -43.38
CA THR S 180 61.33 25.36 -44.73
C THR S 180 60.12 24.42 -44.66
N ILE S 181 59.01 24.82 -45.28
CA ILE S 181 57.78 24.05 -45.27
C ILE S 181 57.40 23.73 -46.71
N VAL S 182 57.32 22.45 -47.04
CA VAL S 182 56.93 22.00 -48.36
C VAL S 182 55.53 21.39 -48.24
N VAL S 183 54.56 22.00 -48.92
CA VAL S 183 53.18 21.55 -48.85
C VAL S 183 52.68 21.29 -50.27
N ARG S 184 52.13 20.11 -50.49
CA ARG S 184 51.37 19.84 -51.71
C ARG S 184 49.91 20.12 -51.42
N VAL S 185 49.29 20.95 -52.25
CA VAL S 185 47.95 21.45 -51.98
C VAL S 185 47.02 21.09 -53.13
N LEU S 186 45.76 20.91 -52.79
CA LEU S 186 44.68 20.59 -53.70
C LEU S 186 43.62 21.67 -53.62
N ASN S 187 43.12 22.09 -54.77
CA ASN S 187 42.09 23.12 -54.89
C ASN S 187 40.79 22.43 -55.29
N VAL S 188 39.92 22.20 -54.31
CA VAL S 188 38.63 21.55 -54.55
C VAL S 188 37.47 22.46 -54.19
N GLY S 189 37.71 23.77 -54.13
CA GLY S 189 36.66 24.70 -53.77
C GLY S 189 37.20 26.10 -53.58
N ALA S 190 36.51 26.88 -52.75
CA ALA S 190 36.88 28.25 -52.44
C ALA S 190 37.20 28.36 -50.96
N GLY S 191 38.32 29.00 -50.64
CA GLY S 191 38.69 29.20 -49.26
C GLY S 191 40.11 29.68 -49.14
N LYS S 192 40.53 29.82 -47.89
CA LYS S 192 41.86 30.31 -47.54
C LYS S 192 42.60 29.24 -46.75
N PHE S 193 43.86 29.01 -47.11
CA PHE S 193 44.71 28.03 -46.43
C PHE S 193 45.99 28.73 -46.02
N ASN S 194 46.26 28.76 -44.71
CA ASN S 194 47.44 29.41 -44.16
C ASN S 194 48.47 28.35 -43.79
N VAL S 195 49.71 28.56 -44.22
CA VAL S 195 50.87 27.85 -43.69
C VAL S 195 51.56 28.79 -42.73
N ILE S 196 51.71 28.35 -41.48
CA ILE S 196 52.09 29.21 -40.36
C ILE S 196 53.43 28.76 -39.84
N VAL S 197 54.38 29.69 -39.78
CA VAL S 197 55.72 29.44 -39.23
C VAL S 197 56.01 30.50 -38.18
N CYS S 198 57.08 30.25 -37.41
CA CYS S 198 57.53 31.15 -36.36
C CYS S 198 56.41 31.46 -35.36
N ALA S 199 55.56 30.48 -35.10
CA ALA S 199 54.44 30.65 -34.20
C ALA S 199 54.86 30.42 -32.76
N ASP S 200 54.17 31.09 -31.85
CA ASP S 200 54.42 30.90 -30.42
C ASP S 200 53.69 29.65 -29.96
N TYR S 201 53.69 29.41 -28.65
CA TYR S 201 53.11 28.18 -28.11
C TYR S 201 51.62 28.10 -28.41
N GLN S 202 50.90 29.21 -28.27
CA GLN S 202 49.46 29.25 -28.47
C GLN S 202 49.07 29.76 -29.85
N MET S 203 50.03 29.89 -30.77
CA MET S 203 49.78 30.39 -32.12
C MET S 203 49.11 31.75 -32.10
N GLN S 204 49.57 32.62 -31.20
CA GLN S 204 49.02 33.97 -31.13
C GLN S 204 49.72 34.91 -32.10
N THR S 205 51.03 34.81 -32.21
CA THR S 205 51.83 35.60 -33.15
C THR S 205 52.64 34.65 -34.02
N TYR S 206 52.59 34.89 -35.33
CA TYR S 206 53.30 34.02 -36.27
C TYR S 206 53.43 34.73 -37.61
N LEU S 207 54.32 34.22 -38.45
CA LEU S 207 54.33 34.57 -39.85
C LEU S 207 53.54 33.51 -40.61
N GLY S 208 52.97 33.89 -41.75
CA GLY S 208 52.20 32.93 -42.51
C GLY S 208 52.10 33.30 -43.97
N ILE S 209 51.93 32.27 -44.79
CA ILE S 209 51.62 32.45 -46.22
C ILE S 209 50.23 31.89 -46.46
N GLN S 210 49.36 32.70 -47.04
CA GLN S 210 47.96 32.33 -47.25
C GLN S 210 47.72 32.13 -48.73
N PHE S 211 47.24 30.95 -49.10
CA PHE S 211 46.76 30.68 -50.45
C PHE S 211 45.25 30.80 -50.44
N GLU S 212 44.73 31.75 -51.20
CA GLU S 212 43.29 32.03 -51.25
C GLU S 212 42.79 31.72 -52.65
N THR S 213 41.70 30.95 -52.73
CA THR S 213 41.07 30.63 -54.00
C THR S 213 39.58 30.90 -53.91
N GLY S 214 39.00 31.26 -55.06
CA GLY S 214 37.58 31.53 -55.14
C GLY S 214 37.16 31.89 -56.55
N ILE S 215 36.07 32.65 -56.68
CA ILE S 215 35.62 33.09 -58.00
C ILE S 215 36.61 34.09 -58.60
N SER S 216 37.03 35.08 -57.80
CA SER S 216 37.91 36.11 -58.30
C SER S 216 39.00 36.49 -57.30
N ASN S 217 39.25 35.65 -56.30
CA ASN S 217 40.21 35.94 -55.25
C ASN S 217 41.31 34.87 -55.19
N ASN S 218 41.82 34.48 -56.35
CA ASN S 218 42.90 33.50 -56.44
C ASN S 218 44.22 34.24 -56.31
N LYS S 219 44.83 34.17 -55.13
CA LYS S 219 46.07 34.91 -54.88
C LYS S 219 46.78 34.31 -53.67
N VAL S 220 47.90 34.93 -53.32
CA VAL S 220 48.74 34.54 -52.18
C VAL S 220 49.04 35.78 -51.37
N HIS S 221 48.87 35.68 -50.05
CA HIS S 221 49.09 36.78 -49.13
C HIS S 221 50.19 36.41 -48.14
N VAL S 222 50.78 37.43 -47.54
CA VAL S 222 51.66 37.28 -46.39
C VAL S 222 50.92 37.83 -45.19
N ILE S 223 50.81 37.02 -44.13
CA ILE S 223 49.97 37.35 -42.98
C ILE S 223 50.79 37.28 -41.71
N THR S 224 50.37 38.04 -40.71
CA THR S 224 50.87 37.94 -39.36
C THR S 224 49.77 37.43 -38.43
N GLY S 225 50.20 36.92 -37.28
CA GLY S 225 49.29 36.23 -36.39
C GLY S 225 48.46 37.17 -35.53
N ASP S 226 47.20 36.81 -35.35
CA ASP S 226 46.30 37.45 -34.39
C ASP S 226 45.49 36.41 -33.65
N GLY S 227 46.06 35.23 -33.43
CA GLY S 227 45.33 34.09 -32.93
C GLY S 227 45.33 32.98 -33.95
N PRO S 228 44.94 31.77 -33.53
CA PRO S 228 44.94 30.64 -34.46
C PRO S 228 43.99 30.80 -35.64
N LEU S 229 42.97 31.66 -35.52
CA LEU S 229 41.98 31.84 -36.57
C LEU S 229 41.84 33.28 -37.05
N ASN S 230 42.64 34.20 -36.54
CA ASN S 230 42.61 35.59 -36.95
C ASN S 230 43.98 36.01 -37.46
N TRP S 231 44.00 36.75 -38.56
CA TRP S 231 45.25 37.13 -39.19
C TRP S 231 45.11 38.52 -39.80
N GLY S 232 46.25 39.17 -39.99
CA GLY S 232 46.29 40.47 -40.64
C GLY S 232 47.20 40.46 -41.85
N TYR S 233 46.71 40.99 -42.97
CA TYR S 233 47.47 40.95 -44.21
C TYR S 233 48.61 41.96 -44.16
N GLN S 234 49.74 41.58 -44.73
CA GLN S 234 50.94 42.42 -44.79
C GLN S 234 51.32 42.63 -46.24
N GLY S 235 51.53 43.89 -46.62
CA GLY S 235 51.89 44.18 -48.00
C GLY S 235 50.73 43.95 -48.96
N ASP S 236 51.07 43.66 -50.20
CA ASP S 236 50.11 43.50 -51.28
C ASP S 236 50.09 42.06 -51.76
N ALA S 237 48.98 41.68 -52.40
CA ALA S 237 48.80 40.32 -52.85
C ALA S 237 49.62 40.06 -54.12
N VAL S 238 49.82 38.77 -54.41
CA VAL S 238 50.41 38.33 -55.67
C VAL S 238 49.43 37.34 -56.29
N ASN S 239 49.07 37.58 -57.56
CA ASN S 239 48.12 36.70 -58.23
C ASN S 239 48.70 35.30 -58.39
N ASN S 240 47.86 34.30 -58.14
CA ASN S 240 48.29 32.91 -58.21
C ASN S 240 47.11 32.04 -58.56
N THR S 241 47.39 30.97 -59.31
CA THR S 241 46.40 29.96 -59.66
C THR S 241 46.84 28.65 -59.00
N THR S 242 46.05 28.18 -58.04
CA THR S 242 46.38 26.97 -57.29
C THR S 242 45.74 25.79 -58.00
N ALA S 243 46.55 25.02 -58.72
CA ALA S 243 46.08 23.80 -59.36
C ALA S 243 46.14 22.63 -58.39
N ASN S 244 45.43 21.56 -58.74
CA ASN S 244 45.43 20.37 -57.91
C ASN S 244 46.81 19.73 -57.91
N GLY S 245 47.27 19.33 -56.72
CA GLY S 245 48.60 18.78 -56.59
C GLY S 245 49.72 19.76 -56.84
N ASP S 246 49.58 20.99 -56.34
CA ASP S 246 50.62 22.00 -56.51
C ASP S 246 51.53 22.04 -55.30
N VAL S 247 52.83 21.99 -55.54
CA VAL S 247 53.82 21.93 -54.46
C VAL S 247 54.37 23.33 -54.23
N TYR S 248 54.21 23.84 -53.01
CA TYR S 248 54.71 25.13 -52.61
C TYR S 248 55.76 24.97 -51.52
N THR S 249 56.74 25.86 -51.52
CA THR S 249 57.82 25.85 -50.53
C THR S 249 57.86 27.22 -49.86
N ILE S 250 57.54 27.25 -48.58
CA ILE S 250 57.57 28.46 -47.78
C ILE S 250 58.84 28.43 -46.95
N LYS S 251 59.76 29.34 -47.23
CA LYS S 251 61.03 29.42 -46.52
C LYS S 251 61.06 30.70 -45.71
N TYR S 252 61.31 30.57 -44.41
CA TYR S 252 61.62 31.71 -43.57
C TYR S 252 63.11 31.67 -43.27
N ASN S 253 63.82 32.73 -43.65
CA ASN S 253 65.24 32.90 -43.37
C ASN S 253 65.37 33.96 -42.28
N ASP S 254 65.97 33.57 -41.16
CA ASP S 254 66.05 34.44 -40.00
C ASP S 254 67.10 35.52 -40.16
N LEU S 255 68.25 35.20 -40.78
CA LEU S 255 69.28 36.22 -40.98
C LEU S 255 68.79 37.29 -41.94
N LEU S 256 68.07 36.90 -43.00
CA LEU S 256 67.39 37.87 -43.84
C LEU S 256 66.18 38.50 -43.16
N ASP S 257 65.63 37.84 -42.14
CA ASP S 257 64.34 38.23 -41.56
C ASP S 257 63.27 38.28 -42.63
N THR S 258 63.31 37.30 -43.54
CA THR S 258 62.49 37.33 -44.74
C THR S 258 61.74 36.01 -44.91
N ILE S 259 60.44 36.10 -45.15
CA ILE S 259 59.60 34.94 -45.43
C ILE S 259 59.20 34.99 -46.89
N SER S 260 59.43 33.90 -47.61
CA SER S 260 59.17 33.84 -49.04
C SER S 260 58.45 32.54 -49.36
N CYS S 261 57.70 32.55 -50.46
CA CYS S 261 57.00 31.38 -50.96
C CYS S 261 57.35 31.17 -52.42
N TYR S 262 57.81 29.97 -52.74
CA TYR S 262 58.15 29.55 -54.10
C TYR S 262 57.11 28.56 -54.59
N LYS S 263 56.62 28.75 -55.81
CA LYS S 263 55.64 27.86 -56.40
C LYS S 263 56.34 26.81 -57.26
N GLY S 264 56.03 25.55 -57.02
CA GLY S 264 56.66 24.48 -57.77
C GLY S 264 58.16 24.48 -57.56
N THR S 265 58.90 24.37 -58.65
CA THR S 265 60.36 24.37 -58.63
C THR S 265 60.94 25.71 -59.05
N SER S 266 60.13 26.77 -59.09
CA SER S 266 60.60 28.08 -59.49
C SER S 266 61.69 28.57 -58.55
N LEU S 267 62.78 29.07 -59.12
CA LEU S 267 63.90 29.57 -58.34
C LEU S 267 63.67 30.98 -57.80
N THR S 268 62.69 31.70 -58.33
CA THR S 268 62.29 33.03 -57.89
C THR S 268 61.09 32.91 -56.96
N PRO S 269 61.09 33.60 -55.82
CA PRO S 269 59.94 33.50 -54.91
C PRO S 269 58.65 33.94 -55.59
N LEU S 270 57.59 33.15 -55.40
CA LEU S 270 56.27 33.58 -55.83
C LEU S 270 55.82 34.80 -55.04
N ILE S 271 56.09 34.82 -53.74
CA ILE S 271 55.83 35.98 -52.90
C ILE S 271 56.97 36.12 -51.90
N GLU S 272 57.11 37.33 -51.35
CA GLU S 272 58.21 37.63 -50.46
C GLU S 272 57.84 38.79 -49.55
N ALA S 273 58.28 38.73 -48.30
CA ALA S 273 58.08 39.82 -47.36
C ALA S 273 59.21 39.80 -46.35
N SER S 274 59.45 40.96 -45.73
CA SER S 274 60.60 41.11 -44.85
C SER S 274 60.27 42.07 -43.72
N GLY S 275 60.96 41.90 -42.60
CA GLY S 275 60.88 42.85 -41.50
C GLY S 275 59.56 42.89 -40.77
N LEU S 276 58.78 41.83 -40.81
CA LEU S 276 57.49 41.82 -40.12
C LEU S 276 57.70 41.79 -38.61
N ASP S 277 56.86 42.54 -37.89
CA ASP S 277 57.02 42.70 -36.44
C ASP S 277 56.42 41.50 -35.73
N VAL S 278 57.20 40.43 -35.67
CA VAL S 278 56.82 39.21 -34.96
C VAL S 278 58.02 38.75 -34.14
N PRO S 279 57.83 38.38 -32.87
CA PRO S 279 58.96 37.89 -32.08
C PRO S 279 59.54 36.61 -32.65
N HIS S 280 60.86 36.47 -32.50
CA HIS S 280 61.59 35.35 -33.06
C HIS S 280 62.55 34.78 -32.04
N GLY S 281 62.91 33.52 -32.23
CA GLY S 281 63.81 32.85 -31.32
C GLY S 281 63.16 31.72 -30.57
N GLU S 282 63.70 31.36 -29.42
CA GLU S 282 63.14 30.29 -28.61
C GLU S 282 61.76 30.67 -28.11
N GLY S 283 60.85 29.70 -28.10
CA GLY S 283 59.47 29.94 -27.75
C GLY S 283 58.59 30.35 -28.90
N PHE S 284 59.18 30.67 -30.05
CA PHE S 284 58.46 31.11 -31.24
C PHE S 284 58.92 30.33 -32.46
N ARG S 285 59.10 29.02 -32.30
CA ARG S 285 59.53 28.15 -33.39
C ARG S 285 58.47 27.13 -33.76
N TYR S 286 57.24 27.32 -33.32
CA TYR S 286 56.18 26.38 -33.66
C TYR S 286 55.66 26.65 -35.07
N THR S 287 55.04 25.63 -35.64
CA THR S 287 54.54 25.69 -37.00
C THR S 287 53.18 25.01 -37.06
N GLY S 288 52.41 25.34 -38.09
CA GLY S 288 51.08 24.78 -38.20
C GLY S 288 50.41 25.16 -39.50
N LEU S 289 49.13 24.79 -39.58
CA LEU S 289 48.29 25.06 -40.73
C LEU S 289 46.96 25.62 -40.26
N ALA S 290 46.25 26.28 -41.18
CA ALA S 290 44.93 26.79 -40.87
C ALA S 290 44.08 26.81 -42.13
N TRP S 291 42.78 26.68 -41.95
CA TRP S 291 41.83 26.69 -43.05
C TRP S 291 40.64 27.55 -42.68
N ASN S 292 40.08 28.24 -43.67
CA ASN S 292 38.89 29.05 -43.46
C ASN S 292 38.10 29.07 -44.76
N THR S 293 36.90 28.49 -44.76
CA THR S 293 36.05 28.48 -45.94
C THR S 293 34.70 29.07 -45.59
N ALA S 294 34.19 29.94 -46.45
CA ALA S 294 32.87 30.51 -46.24
C ALA S 294 31.79 29.44 -46.30
N LEU S 295 31.92 28.50 -47.24
CA LEU S 295 30.99 27.39 -47.36
C LEU S 295 31.47 26.21 -46.53
N LEU S 296 30.55 25.26 -46.31
CA LEU S 296 30.86 24.05 -45.55
C LEU S 296 31.38 22.94 -46.45
N SER S 297 32.38 23.27 -47.27
CA SER S 297 32.97 22.36 -48.23
C SER S 297 34.47 22.57 -48.25
N PRO S 298 35.24 21.54 -48.58
CA PRO S 298 36.70 21.71 -48.67
C PRO S 298 37.08 22.77 -49.69
N GLY S 299 38.12 23.54 -49.35
CA GLY S 299 38.65 24.55 -50.24
C GLY S 299 40.04 24.21 -50.72
N VAL S 300 41.05 24.85 -50.14
CA VAL S 300 42.44 24.53 -50.42
C VAL S 300 42.96 23.68 -49.28
N GLU S 301 43.38 22.45 -49.58
CA GLU S 301 43.76 21.57 -48.50
C GLU S 301 45.08 20.87 -48.81
N PRO S 302 45.88 20.58 -47.80
CA PRO S 302 47.16 19.92 -48.04
C PRO S 302 47.06 18.40 -48.08
N THR S 303 47.60 17.81 -49.14
CA THR S 303 47.75 16.36 -49.22
C THR S 303 48.97 15.89 -48.45
N ALA S 304 50.12 16.50 -48.70
CA ALA S 304 51.37 16.15 -48.04
C ALA S 304 52.00 17.40 -47.45
N TRP S 305 52.56 17.25 -46.25
CA TRP S 305 53.17 18.35 -45.51
C TRP S 305 54.55 17.93 -45.05
N GLU S 306 55.51 18.86 -45.12
CA GLU S 306 56.89 18.61 -44.77
C GLU S 306 57.47 19.83 -44.09
N ALA S 307 58.18 19.62 -43.00
CA ALA S 307 58.88 20.69 -42.30
C ALA S 307 60.35 20.33 -42.15
N LYS S 308 61.22 21.32 -42.28
CA LYS S 308 62.65 21.09 -42.18
C LYS S 308 63.32 22.27 -41.51
N ASP S 309 64.24 21.99 -40.60
CA ASP S 309 65.01 23.04 -39.95
C ASP S 309 65.97 23.69 -40.93
N GLY S 310 66.06 25.01 -40.87
CA GLY S 310 67.01 25.75 -41.67
C GLY S 310 66.56 25.95 -43.10
N VAL S 311 67.27 26.84 -43.78
CA VAL S 311 67.01 27.12 -45.18
C VAL S 311 68.22 26.73 -46.03
N MET T 1 77.79 -49.18 41.49
CA MET T 1 77.49 -50.44 40.83
C MET T 1 78.06 -51.62 41.61
N LEU T 2 77.18 -52.41 42.23
CA LEU T 2 77.64 -53.55 43.01
C LEU T 2 78.10 -54.69 42.13
N SER T 3 77.39 -54.95 41.04
CA SER T 3 77.70 -56.07 40.15
C SER T 3 78.32 -55.55 38.86
N THR T 4 79.39 -56.19 38.42
CA THR T 4 79.98 -55.85 37.13
C THR T 4 79.10 -56.36 35.99
N GLY T 5 79.21 -55.69 34.84
CA GLY T 5 78.40 -56.01 33.70
C GLY T 5 79.17 -56.11 32.41
N PRO T 6 78.50 -56.55 31.35
CA PRO T 6 79.15 -56.65 30.04
C PRO T 6 79.46 -55.28 29.47
N ILE T 7 80.33 -55.29 28.45
CA ILE T 7 80.72 -54.09 27.74
C ILE T 7 79.95 -54.01 26.44
N MET T 8 79.40 -52.84 26.13
CA MET T 8 78.65 -52.65 24.89
C MET T 8 79.63 -52.34 23.77
N GLU T 9 79.71 -53.23 22.79
CA GLU T 9 80.55 -53.06 21.62
C GLU T 9 79.71 -53.31 20.37
N THR T 10 80.33 -53.33 19.20
CA THR T 10 79.68 -53.76 17.98
C THR T 10 80.59 -54.69 17.20
N LEU T 11 79.98 -55.64 16.51
CA LEU T 11 80.63 -56.45 15.51
C LEU T 11 80.30 -55.91 14.13
N THR T 12 81.11 -56.27 13.15
CA THR T 12 80.90 -55.83 11.79
C THR T 12 80.82 -57.03 10.86
N LEU T 13 79.87 -56.99 9.93
CA LEU T 13 79.66 -58.06 8.98
C LEU T 13 79.71 -57.51 7.57
N THR T 14 80.33 -58.27 6.67
CA THR T 14 80.45 -57.90 5.27
C THR T 14 80.17 -59.14 4.42
N VAL T 15 79.39 -58.96 3.35
CA VAL T 15 79.13 -60.07 2.45
C VAL T 15 80.42 -60.47 1.72
N GLY T 16 80.69 -61.77 1.70
CA GLY T 16 81.89 -62.27 1.06
C GLY T 16 83.15 -62.12 1.88
N SER T 17 83.07 -61.62 3.10
CA SER T 17 84.22 -61.42 3.96
C SER T 17 84.11 -62.33 5.18
N ALA T 18 85.20 -63.01 5.50
CA ALA T 18 85.21 -63.90 6.66
C ALA T 18 85.10 -63.11 7.93
N PHE T 19 84.05 -63.37 8.71
CA PHE T 19 83.91 -62.70 10.01
C PHE T 19 84.89 -63.30 11.01
N GLU T 20 85.64 -62.44 11.68
CA GLU T 20 86.61 -62.94 12.65
C GLU T 20 86.90 -61.85 13.68
N ILE T 21 87.02 -62.27 14.93
CA ILE T 21 87.43 -61.42 16.04
C ILE T 21 88.83 -61.84 16.45
N PRO T 22 89.84 -60.99 16.24
CA PRO T 22 91.21 -61.37 16.61
C PRO T 22 91.38 -61.50 18.10
N GLY T 23 92.33 -62.35 18.49
CA GLY T 23 92.58 -62.60 19.90
C GLY T 23 93.21 -61.44 20.65
N TRP T 24 93.91 -60.57 19.93
CA TRP T 24 94.52 -59.42 20.61
C TRP T 24 93.48 -58.42 21.09
N LYS T 25 92.23 -58.56 20.66
CA LYS T 25 91.12 -57.77 21.21
C LYS T 25 90.33 -58.52 22.27
N LEU T 26 90.58 -59.82 22.44
CA LEU T 26 89.94 -60.63 23.47
C LEU T 26 90.98 -61.20 24.43
N ARG T 27 92.13 -60.52 24.54
CA ARG T 27 93.20 -60.95 25.44
C ARG T 27 92.69 -61.15 26.86
N GLY T 28 93.39 -62.00 27.60
CA GLY T 28 93.05 -62.30 28.97
C GLY T 28 93.70 -63.59 29.40
N GLU T 29 93.68 -63.82 30.71
CA GLU T 29 94.28 -65.01 31.30
C GLU T 29 93.21 -66.10 31.36
N TYR T 30 93.31 -67.07 30.46
CA TYR T 30 92.32 -68.14 30.34
C TYR T 30 92.94 -69.49 30.68
N PRO T 31 92.57 -70.11 31.79
CA PRO T 31 93.10 -71.44 32.10
C PRO T 31 92.58 -72.48 31.12
N ALA T 32 93.29 -73.61 31.08
CA ALA T 32 92.90 -74.69 30.19
C ALA T 32 91.52 -75.22 30.55
N GLY T 33 90.73 -75.53 29.53
CA GLY T 33 89.36 -75.94 29.70
C GLY T 33 88.36 -74.82 29.51
N THR T 34 88.82 -73.57 29.41
CA THR T 34 87.92 -72.44 29.18
C THR T 34 87.31 -72.52 27.79
N THR T 35 86.07 -72.08 27.68
CA THR T 35 85.38 -72.02 26.39
C THR T 35 84.78 -70.63 26.21
N SER T 36 84.39 -70.33 24.97
CA SER T 36 83.73 -69.07 24.67
C SER T 36 82.79 -69.29 23.50
N HIS T 37 81.59 -68.73 23.61
CA HIS T 37 80.60 -68.83 22.54
C HIS T 37 79.95 -67.48 22.28
N LEU T 38 79.68 -67.21 21.01
CA LEU T 38 79.09 -65.98 20.55
C LEU T 38 77.71 -66.28 19.98
N VAL T 39 76.69 -65.57 20.46
CA VAL T 39 75.31 -65.82 20.06
C VAL T 39 74.76 -64.55 19.41
N PHE T 40 74.24 -64.70 18.20
CA PHE T 40 73.54 -63.64 17.49
C PHE T 40 72.04 -63.90 17.59
N THR T 41 71.31 -62.90 18.04
CA THR T 41 69.91 -63.00 18.38
C THR T 41 69.13 -61.90 17.65
N ASP T 42 67.87 -62.16 17.36
CA ASP T 42 67.00 -61.16 16.76
C ASP T 42 66.33 -60.35 17.86
N ALA T 43 65.45 -59.43 17.46
CA ALA T 43 64.76 -58.59 18.43
C ALA T 43 63.79 -59.40 19.28
N ALA T 44 63.13 -60.40 18.66
CA ALA T 44 62.18 -61.22 19.41
C ALA T 44 62.87 -62.03 20.50
N GLY T 45 64.06 -62.55 20.21
CA GLY T 45 64.79 -63.33 21.18
C GLY T 45 65.30 -64.65 20.62
N GLY T 46 64.97 -64.92 19.36
CA GLY T 46 65.41 -66.15 18.73
C GLY T 46 66.86 -66.07 18.28
N THR T 47 67.57 -67.19 18.42
CA THR T 47 68.97 -67.23 18.04
C THR T 47 69.11 -67.25 16.53
N LEU T 48 69.72 -66.22 15.97
CA LEU T 48 70.04 -66.20 14.55
C LEU T 48 71.37 -66.88 14.24
N GLY T 49 72.23 -67.05 15.24
CA GLY T 49 73.50 -67.72 15.00
C GLY T 49 74.22 -68.08 16.27
N GLU T 50 75.05 -69.12 16.22
CA GLU T 50 75.82 -69.56 17.36
C GLU T 50 77.19 -70.03 16.89
N PHE T 51 78.25 -69.48 17.48
CA PHE T 51 79.61 -69.82 17.11
C PHE T 51 80.42 -70.07 18.36
N GLU T 52 81.49 -70.86 18.21
CA GLU T 52 82.39 -71.16 19.31
C GLU T 52 83.77 -70.63 18.97
N GLY T 53 84.37 -69.89 19.90
CA GLY T 53 85.69 -69.33 19.68
C GLY T 53 86.79 -70.27 20.17
N THR T 54 87.92 -70.22 19.46
CA THR T 54 89.07 -71.03 19.83
C THR T 54 89.82 -70.32 20.95
N VAL T 55 89.69 -70.83 22.16
CA VAL T 55 90.27 -70.21 23.33
C VAL T 55 91.68 -70.77 23.53
N SER T 56 92.67 -69.87 23.54
CA SER T 56 94.04 -70.24 23.82
C SER T 56 94.37 -69.86 25.27
N ALA T 57 95.64 -69.98 25.64
CA ALA T 57 96.04 -69.65 27.00
C ALA T 57 96.00 -68.16 27.29
N LYS T 58 95.99 -67.31 26.25
CA LYS T 58 96.03 -65.88 26.47
C LYS T 58 95.07 -65.07 25.61
N GLU T 59 94.22 -65.70 24.81
CA GLU T 59 93.30 -64.95 23.96
C GLU T 59 92.23 -65.89 23.43
N ILE T 60 91.15 -65.28 22.94
CA ILE T 60 90.05 -66.00 22.29
C ILE T 60 89.97 -65.53 20.85
N HIS T 61 89.96 -66.48 19.91
CA HIS T 61 89.95 -66.18 18.49
C HIS T 61 88.67 -66.72 17.87
N TYR T 62 87.99 -65.87 17.10
CA TYR T 62 86.82 -66.27 16.33
C TYR T 62 87.14 -66.19 14.85
N LEU T 63 86.61 -67.12 14.08
CA LEU T 63 86.86 -67.15 12.64
C LEU T 63 85.76 -67.96 11.98
N GLN T 64 84.92 -67.30 11.18
CA GLN T 64 83.81 -67.95 10.51
C GLN T 64 83.81 -67.59 9.03
N ALA T 65 83.35 -68.52 8.21
CA ALA T 65 83.21 -68.27 6.79
C ALA T 65 82.06 -67.30 6.54
N PRO T 66 82.09 -66.56 5.43
CA PRO T 66 80.98 -65.65 5.13
C PRO T 66 79.64 -66.35 4.99
N ASP T 67 79.64 -67.64 4.62
CA ASP T 67 78.40 -68.38 4.47
C ASP T 67 77.70 -68.57 5.81
N ASP T 68 78.46 -68.56 6.91
CA ASP T 68 77.85 -68.69 8.23
C ASP T 68 77.16 -67.40 8.65
N VAL T 69 77.78 -66.25 8.35
CA VAL T 69 77.26 -64.96 8.80
C VAL T 69 76.40 -64.27 7.76
N LYS T 70 76.18 -64.89 6.61
CA LYS T 70 75.30 -64.30 5.59
C LYS T 70 73.88 -64.09 6.09
N ASN T 71 73.43 -64.85 7.09
CA ASN T 71 72.05 -64.79 7.55
C ASN T 71 71.84 -63.84 8.72
N ILE T 72 72.88 -63.18 9.20
CA ILE T 72 72.77 -62.25 10.32
C ILE T 72 72.46 -60.87 9.74
N PRO T 73 71.30 -60.29 10.05
CA PRO T 73 70.92 -59.00 9.47
C PRO T 73 71.65 -57.85 10.14
N HIS T 74 71.50 -56.68 9.53
CA HIS T 74 72.05 -55.45 10.09
C HIS T 74 71.25 -55.06 11.33
N GLY T 75 71.93 -54.90 12.46
CA GLY T 75 71.28 -54.54 13.70
C GLY T 75 70.86 -55.71 14.58
N ALA T 76 71.35 -56.91 14.32
CA ALA T 76 71.03 -58.06 15.15
C ALA T 76 71.86 -58.05 16.42
N ASN T 77 71.23 -58.38 17.55
CA ASN T 77 71.92 -58.37 18.82
C ASN T 77 72.97 -59.48 18.87
N PHE T 78 73.98 -59.28 19.71
CA PHE T 78 75.01 -60.30 19.88
C PHE T 78 75.50 -60.26 21.33
N GLN T 79 75.84 -61.44 21.84
CA GLN T 79 76.42 -61.60 23.17
C GLN T 79 77.60 -62.56 23.08
N LEU T 80 78.64 -62.29 23.85
CA LEU T 80 79.86 -63.09 23.84
C LEU T 80 80.11 -63.60 25.25
N PHE T 81 79.88 -64.90 25.46
CA PHE T 81 80.01 -65.51 26.77
C PHE T 81 81.34 -66.26 26.86
N VAL T 82 81.97 -66.17 28.03
CA VAL T 82 83.19 -66.92 28.34
C VAL T 82 82.90 -67.77 29.57
N THR T 83 83.16 -69.07 29.45
CA THR T 83 82.91 -70.02 30.53
C THR T 83 84.24 -70.60 30.98
N TYR T 84 84.68 -70.23 32.17
CA TYR T 84 85.86 -70.80 32.79
C TYR T 84 85.56 -72.20 33.29
N PRO T 85 86.58 -73.03 33.51
CA PRO T 85 86.32 -74.39 33.98
C PRO T 85 85.57 -74.39 35.31
N SER T 86 84.56 -75.26 35.39
CA SER T 86 83.73 -75.43 36.59
C SER T 86 83.12 -74.10 37.04
N MET T 87 82.70 -73.30 36.07
CA MET T 87 82.08 -72.01 36.35
C MET T 87 80.90 -71.80 35.43
N GLN T 88 79.97 -70.96 35.88
CA GLN T 88 78.82 -70.61 35.06
C GLN T 88 79.26 -69.65 33.95
N PRO T 89 78.53 -69.62 32.83
CA PRO T 89 78.91 -68.72 31.74
C PRO T 89 78.87 -67.26 32.16
N GLN T 90 79.83 -66.50 31.65
CA GLN T 90 79.98 -65.08 31.97
C GLN T 90 80.02 -64.28 30.68
N CYS T 91 79.20 -63.24 30.62
CA CYS T 91 79.12 -62.39 29.43
C CYS T 91 80.18 -61.30 29.51
N LEU T 92 81.04 -61.23 28.50
CA LEU T 92 82.08 -60.21 28.42
C LEU T 92 81.64 -59.01 27.58
N TYR T 93 81.09 -59.27 26.39
CA TYR T 93 80.67 -58.21 25.49
C TYR T 93 79.26 -58.47 24.99
N PHE T 94 78.58 -57.40 24.63
CA PHE T 94 77.27 -57.49 24.00
C PHE T 94 77.04 -56.24 23.17
N GLY T 95 76.08 -56.33 22.27
CA GLY T 95 75.79 -55.15 21.45
C GLY T 95 74.98 -55.54 20.23
N THR T 96 75.16 -54.75 19.16
CA THR T 96 74.52 -54.99 17.89
C THR T 96 75.58 -55.15 16.81
N ALA T 97 75.39 -56.14 15.94
CA ALA T 97 76.29 -56.38 14.82
C ALA T 97 75.82 -55.56 13.63
N ILE T 98 76.61 -54.57 13.24
CA ILE T 98 76.29 -53.74 12.10
C ILE T 98 76.82 -54.40 10.83
N ARG T 99 76.27 -53.98 9.71
CA ARG T 99 76.60 -54.54 8.40
C ARG T 99 77.32 -53.46 7.60
N LYS T 100 78.64 -53.57 7.53
CA LYS T 100 79.48 -52.57 6.87
C LYS T 100 79.85 -53.09 5.49
N GLU T 101 79.02 -52.78 4.51
CA GLU T 101 79.17 -53.32 3.16
C GLU T 101 78.35 -52.46 2.21
N PRO T 102 78.63 -52.53 0.91
CA PRO T 102 77.75 -51.88 -0.06
C PRO T 102 76.34 -52.47 -0.02
N ARG T 103 75.35 -51.59 -0.16
CA ARG T 103 73.96 -51.98 -0.13
C ARG T 103 73.39 -52.00 -1.55
N TYR T 104 72.38 -52.85 -1.76
CA TYR T 104 71.73 -52.99 -3.06
C TYR T 104 70.23 -52.84 -2.86
N PRO T 105 69.76 -51.60 -2.63
CA PRO T 105 68.32 -51.40 -2.42
C PRO T 105 67.49 -51.70 -3.66
N LEU T 106 68.05 -51.57 -4.85
CA LEU T 106 67.31 -51.88 -6.06
C LEU T 106 67.20 -53.38 -6.25
N SER T 107 66.00 -53.85 -6.59
CA SER T 107 65.82 -55.26 -6.89
C SER T 107 66.58 -55.65 -8.15
N THR T 108 66.39 -54.89 -9.23
CA THR T 108 67.13 -55.07 -10.47
C THR T 108 67.46 -53.71 -11.06
N VAL T 109 68.56 -53.66 -11.79
CA VAL T 109 68.93 -52.49 -12.58
C VAL T 109 68.62 -52.82 -14.03
N VAL T 110 67.70 -52.08 -14.62
CA VAL T 110 67.27 -52.31 -15.99
C VAL T 110 67.74 -51.15 -16.86
N SER T 111 68.04 -51.47 -18.11
CA SER T 111 68.43 -50.43 -19.05
C SER T 111 67.26 -49.47 -19.26
N PRO T 112 67.50 -48.16 -19.23
CA PRO T 112 66.39 -47.20 -19.38
C PRO T 112 65.71 -47.35 -20.74
N GLU T 113 64.41 -47.10 -20.75
CA GLU T 113 63.63 -47.19 -21.97
C GLU T 113 63.96 -46.01 -22.88
N ASP T 114 65.02 -46.14 -23.65
CA ASP T 114 65.40 -45.09 -24.59
C ASP T 114 64.44 -45.07 -25.77
N SER T 115 63.94 -43.88 -26.11
CA SER T 115 62.94 -43.72 -27.14
C SER T 115 63.60 -43.59 -28.51
N ALA T 116 62.77 -43.44 -29.54
CA ALA T 116 63.28 -43.19 -30.88
C ALA T 116 63.97 -41.84 -30.93
N VAL T 117 65.02 -41.75 -31.74
CA VAL T 117 65.86 -40.56 -31.81
C VAL T 117 66.03 -40.16 -33.28
N GLN T 118 66.39 -38.89 -33.48
CA GLN T 118 66.50 -38.33 -34.81
C GLN T 118 67.73 -37.45 -34.89
N TYR T 119 68.32 -37.35 -36.07
CA TYR T 119 69.48 -36.51 -36.30
C TYR T 119 69.48 -36.04 -37.74
N LYS T 120 70.07 -34.87 -37.99
CA LYS T 120 70.17 -34.34 -39.33
C LYS T 120 71.43 -33.50 -39.44
N ALA T 121 71.92 -33.35 -40.68
CA ALA T 121 73.11 -32.57 -40.97
C ALA T 121 73.07 -32.12 -42.42
N ASN T 122 73.56 -30.91 -42.68
CA ASN T 122 73.50 -30.34 -44.02
C ASN T 122 74.81 -29.74 -44.51
N PHE T 123 75.79 -29.52 -43.62
CA PHE T 123 77.13 -29.07 -44.01
C PHE T 123 77.10 -27.70 -44.69
N VAL T 124 76.27 -26.80 -44.17
CA VAL T 124 76.24 -25.44 -44.67
C VAL T 124 77.31 -24.57 -44.02
N GLY T 125 77.72 -24.89 -42.80
CA GLY T 125 78.68 -24.09 -42.08
C GLY T 125 80.08 -24.16 -42.69
N GLN T 126 81.03 -23.61 -41.94
CA GLN T 126 82.40 -23.50 -42.42
C GLN T 126 83.15 -24.82 -42.31
N TYR T 127 83.32 -25.32 -41.10
CA TYR T 127 84.07 -26.53 -40.84
C TYR T 127 83.12 -27.71 -40.62
N ILE T 128 83.68 -28.87 -40.28
CA ILE T 128 82.87 -30.08 -40.17
C ILE T 128 82.03 -30.05 -38.89
N GLY T 129 82.67 -29.78 -37.76
CA GLY T 129 81.97 -29.75 -36.48
C GLY T 129 82.20 -31.00 -35.66
N PRO T 130 82.03 -30.88 -34.34
CA PRO T 130 82.33 -32.01 -33.45
C PRO T 130 81.34 -33.16 -33.53
N MET T 131 80.18 -32.96 -34.16
CA MET T 131 79.20 -34.03 -34.27
C MET T 131 79.67 -35.18 -35.14
N TRP T 132 80.72 -34.98 -35.93
CA TRP T 132 81.31 -36.02 -36.75
C TRP T 132 82.69 -36.36 -36.20
N LYS T 133 82.88 -37.61 -35.82
CA LYS T 133 84.14 -38.07 -35.27
C LYS T 133 84.96 -38.71 -36.38
N PRO T 134 86.10 -38.14 -36.76
CA PRO T 134 86.93 -38.78 -37.78
C PRO T 134 87.51 -40.09 -37.27
N MET T 135 87.74 -41.01 -38.19
CA MET T 135 88.21 -42.35 -37.86
C MET T 135 89.17 -42.83 -38.92
N GLY T 136 90.02 -43.77 -38.53
CA GLY T 136 91.00 -44.33 -39.43
C GLY T 136 92.17 -43.40 -39.69
N ASN T 137 91.90 -42.27 -40.34
CA ASN T 137 92.93 -41.29 -40.66
C ASN T 137 93.18 -40.29 -39.55
N GLY T 138 92.44 -40.37 -38.45
CA GLY T 138 92.66 -39.50 -37.32
C GLY T 138 91.97 -38.16 -37.46
N TRP T 139 92.24 -37.29 -36.48
CA TRP T 139 91.61 -35.98 -36.43
C TRP T 139 92.06 -35.12 -37.61
N GLY T 140 91.15 -34.26 -38.07
CA GLY T 140 91.46 -33.37 -39.16
C GLY T 140 91.52 -34.01 -40.52
N SER T 141 90.84 -35.14 -40.70
CA SER T 141 90.81 -35.84 -41.98
C SER T 141 89.53 -35.60 -42.76
N LEU T 142 88.70 -34.65 -42.33
CA LEU T 142 87.43 -34.39 -42.96
C LEU T 142 87.34 -32.92 -43.37
N GLY T 143 86.51 -32.64 -44.37
CA GLY T 143 86.39 -31.30 -44.88
C GLY T 143 85.12 -31.10 -45.67
N ILE T 144 84.87 -29.84 -46.01
CA ILE T 144 83.67 -29.42 -46.74
C ILE T 144 84.09 -28.92 -48.11
N HIS T 145 83.45 -29.43 -49.15
CA HIS T 145 83.70 -29.02 -50.52
C HIS T 145 82.49 -28.26 -51.05
N THR T 146 82.74 -27.08 -51.61
CA THR T 146 81.66 -26.15 -51.92
C THR T 146 80.87 -26.61 -53.15
N HIS T 147 81.55 -27.11 -54.17
CA HIS T 147 80.92 -27.56 -55.42
C HIS T 147 80.12 -26.42 -56.07
N ALA T 148 80.71 -25.22 -56.10
CA ALA T 148 80.04 -24.08 -56.69
C ALA T 148 80.03 -24.12 -58.22
N LEU T 149 80.81 -25.01 -58.83
CA LEU T 149 80.80 -25.13 -60.29
C LEU T 149 79.44 -25.57 -60.79
N ILE T 150 78.82 -26.54 -60.11
CA ILE T 150 77.49 -27.00 -60.46
C ILE T 150 76.41 -26.16 -59.77
N SER T 151 76.80 -25.26 -58.87
CA SER T 151 75.87 -24.49 -58.05
C SER T 151 75.00 -25.41 -57.20
N GLU T 152 75.67 -26.14 -56.31
CA GLU T 152 75.03 -27.10 -55.44
C GLU T 152 75.45 -26.85 -54.00
N ALA T 153 74.72 -27.45 -53.07
CA ALA T 153 75.01 -27.29 -51.65
C ALA T 153 76.37 -27.93 -51.32
N PRO T 154 77.07 -27.41 -50.31
CA PRO T 154 78.35 -28.00 -49.93
C PRO T 154 78.19 -29.43 -49.44
N SER T 155 79.22 -30.23 -49.66
CA SER T 155 79.21 -31.63 -49.29
C SER T 155 80.37 -31.94 -48.34
N MET T 156 80.24 -33.06 -47.64
CA MET T 156 81.27 -33.53 -46.72
C MET T 156 82.11 -34.60 -47.40
N GLY T 157 83.43 -34.54 -47.20
CA GLY T 157 84.31 -35.54 -47.74
C GLY T 157 85.64 -35.55 -47.02
N PRO T 158 86.60 -36.30 -47.54
CA PRO T 158 87.97 -36.20 -47.01
C PRO T 158 88.58 -34.85 -47.36
N ASN T 159 89.51 -34.41 -46.52
CA ASN T 159 90.30 -33.22 -46.84
C ASN T 159 91.41 -33.65 -47.78
N TYR T 160 91.17 -33.49 -49.08
CA TYR T 160 92.07 -34.04 -50.09
C TYR T 160 93.41 -33.34 -50.14
N SER T 161 93.59 -32.25 -49.39
CA SER T 161 94.91 -31.63 -49.32
C SER T 161 95.95 -32.57 -48.73
N LEU T 162 95.55 -33.46 -47.84
CA LEU T 162 96.49 -34.41 -47.26
C LEU T 162 95.91 -35.82 -47.04
N PHE T 163 94.76 -36.13 -47.61
CA PHE T 163 94.17 -37.45 -47.40
C PHE T 163 93.35 -37.84 -48.63
N SER T 164 93.12 -39.14 -48.77
CA SER T 164 92.33 -39.68 -49.88
C SER T 164 91.11 -40.46 -49.43
N SER T 165 91.25 -41.31 -48.41
CA SER T 165 90.14 -42.11 -47.89
C SER T 165 89.92 -41.75 -46.43
N ALA T 166 88.68 -41.45 -46.09
CA ALA T 166 88.38 -40.98 -44.74
C ALA T 166 87.01 -41.47 -44.31
N ALA T 167 86.88 -41.77 -43.02
CA ALA T 167 85.63 -42.23 -42.44
C ALA T 167 85.25 -41.34 -41.27
N ALA T 168 83.94 -41.17 -41.08
CA ALA T 168 83.40 -40.40 -39.98
C ALA T 168 82.27 -41.17 -39.31
N ARG T 169 82.15 -40.97 -38.00
CA ARG T 169 81.10 -41.61 -37.21
C ARG T 169 80.25 -40.54 -36.55
N TRP T 170 78.93 -40.74 -36.53
CA TRP T 170 78.06 -39.83 -35.82
C TRP T 170 78.39 -39.88 -34.33
N LEU T 171 78.40 -38.70 -33.68
CA LEU T 171 78.82 -38.64 -32.29
C LEU T 171 77.88 -39.44 -31.39
N TRP T 172 76.59 -39.36 -31.65
CA TRP T 172 75.60 -40.05 -30.83
C TRP T 172 75.31 -41.44 -31.41
N SER T 173 74.55 -42.21 -30.66
CA SER T 173 74.22 -43.58 -31.02
C SER T 173 72.71 -43.74 -31.10
N MET T 174 72.28 -44.61 -32.01
CA MET T 174 70.87 -44.95 -32.10
C MET T 174 70.43 -45.69 -30.84
N ASN T 175 69.16 -45.53 -30.49
CA ASN T 175 68.60 -46.19 -29.31
C ASN T 175 67.91 -47.51 -29.64
N MET T 176 67.80 -47.86 -30.92
CA MET T 176 67.15 -49.09 -31.34
C MET T 176 67.98 -49.73 -32.44
N ASP T 177 67.77 -51.04 -32.62
CA ASP T 177 68.54 -51.77 -33.62
C ASP T 177 68.12 -51.36 -35.03
N SER T 178 66.82 -51.29 -35.30
CA SER T 178 66.35 -50.83 -36.60
C SER T 178 66.67 -49.35 -36.78
N VAL T 179 66.98 -48.97 -38.02
CA VAL T 179 67.44 -47.61 -38.28
C VAL T 179 67.17 -47.25 -39.72
N THR T 180 66.97 -45.97 -40.00
CA THR T 180 66.78 -45.45 -41.34
C THR T 180 67.73 -44.29 -41.57
N ILE T 181 68.45 -44.31 -42.68
CA ILE T 181 69.40 -43.26 -43.03
C ILE T 181 69.02 -42.73 -44.40
N VAL T 182 68.64 -41.46 -44.45
CA VAL T 182 68.26 -40.80 -45.70
C VAL T 182 69.40 -39.84 -46.07
N VAL T 183 70.04 -40.10 -47.20
CA VAL T 183 71.23 -39.37 -47.61
C VAL T 183 71.00 -38.78 -48.99
N ARG T 184 71.18 -37.48 -49.12
CA ARG T 184 71.17 -36.81 -50.41
C ARG T 184 72.61 -36.52 -50.81
N VAL T 185 72.99 -36.99 -52.00
CA VAL T 185 74.40 -37.04 -52.41
C VAL T 185 74.63 -36.29 -53.71
N LEU T 186 75.90 -36.23 -54.12
CA LEU T 186 76.34 -35.64 -55.38
C LEU T 186 77.23 -36.62 -56.12
N ASN T 187 77.44 -36.35 -57.40
CA ASN T 187 78.36 -37.13 -58.23
C ASN T 187 79.26 -36.13 -58.96
N VAL T 188 80.36 -35.72 -58.31
CA VAL T 188 81.29 -34.77 -58.88
C VAL T 188 82.59 -35.45 -59.28
N GLY T 189 82.58 -36.77 -59.40
CA GLY T 189 83.78 -37.51 -59.74
C GLY T 189 83.57 -38.99 -59.56
N ALA T 190 84.68 -39.72 -59.48
CA ALA T 190 84.68 -41.17 -59.31
C ALA T 190 85.16 -41.52 -57.92
N GLY T 191 84.50 -42.50 -57.31
CA GLY T 191 84.89 -42.92 -55.97
C GLY T 191 83.88 -43.87 -55.37
N LYS T 192 83.99 -44.05 -54.05
CA LYS T 192 83.11 -44.92 -53.28
C LYS T 192 82.65 -44.18 -52.04
N PHE T 193 81.35 -44.27 -51.75
CA PHE T 193 80.75 -43.64 -50.58
C PHE T 193 79.93 -44.68 -49.83
N ASN T 194 80.27 -44.92 -48.57
CA ASN T 194 79.63 -45.95 -47.76
C ASN T 194 78.79 -45.30 -46.68
N VAL T 195 77.52 -45.69 -46.60
CA VAL T 195 76.66 -45.39 -45.47
C VAL T 195 76.77 -46.55 -44.49
N ILE T 196 77.14 -46.25 -43.25
CA ILE T 196 77.56 -47.25 -42.27
C ILE T 196 76.50 -47.34 -41.18
N VAL T 197 76.04 -48.57 -40.92
CA VAL T 197 74.96 -48.85 -39.99
C VAL T 197 75.43 -49.94 -39.03
N CYS T 198 74.92 -49.88 -37.79
CA CYS T 198 75.16 -50.91 -36.78
C CYS T 198 76.64 -51.09 -36.49
N ALA T 199 77.36 -49.97 -36.41
CA ALA T 199 78.78 -49.99 -36.12
C ALA T 199 79.01 -49.89 -34.61
N ASP T 200 80.19 -50.35 -34.19
CA ASP T 200 80.61 -50.20 -32.81
C ASP T 200 81.15 -48.78 -32.61
N TYR T 201 81.68 -48.50 -31.42
CA TYR T 201 82.21 -47.17 -31.16
C TYR T 201 83.50 -46.88 -31.91
N GLN T 202 84.09 -47.90 -32.56
CA GLN T 202 85.29 -47.71 -33.36
C GLN T 202 85.07 -48.00 -34.84
N MET T 203 83.84 -48.30 -35.25
CA MET T 203 83.51 -48.66 -36.63
C MET T 203 84.38 -49.82 -37.11
N GLN T 204 84.50 -50.84 -36.26
CA GLN T 204 85.28 -52.03 -36.58
C GLN T 204 84.45 -53.07 -37.33
N THR T 205 83.24 -53.34 -36.84
CA THR T 205 82.31 -54.25 -37.50
C THR T 205 80.99 -53.53 -37.73
N TYR T 206 80.52 -53.53 -38.96
CA TYR T 206 79.31 -52.79 -39.30
C TYR T 206 78.73 -53.33 -40.60
N LEU T 207 77.46 -53.03 -40.83
CA LEU T 207 76.88 -53.18 -42.15
C LEU T 207 76.97 -51.86 -42.89
N GLY T 208 76.80 -51.90 -44.19
CA GLY T 208 76.82 -50.66 -44.94
C GLY T 208 76.35 -50.84 -46.36
N ILE T 209 75.97 -49.71 -46.95
CA ILE T 209 75.60 -49.64 -48.37
C ILE T 209 76.62 -48.74 -49.06
N GLN T 210 77.24 -49.27 -50.12
CA GLN T 210 78.32 -48.58 -50.81
C GLN T 210 77.86 -48.16 -52.19
N PHE T 211 78.01 -46.88 -52.52
CA PHE T 211 77.74 -46.37 -53.85
C PHE T 211 79.08 -46.12 -54.53
N GLU T 212 79.32 -46.83 -55.62
CA GLU T 212 80.53 -46.67 -56.41
C GLU T 212 80.19 -45.95 -57.70
N THR T 213 80.91 -44.88 -58.00
CA THR T 213 80.79 -44.15 -59.25
C THR T 213 82.11 -44.26 -60.00
N GLY T 214 82.01 -44.62 -61.28
CA GLY T 214 83.20 -44.80 -62.10
C GLY T 214 82.79 -45.10 -63.53
N ILE T 215 83.81 -45.30 -64.36
CA ILE T 215 83.57 -45.55 -65.79
C ILE T 215 82.81 -46.86 -65.98
N SER T 216 83.24 -47.91 -65.29
CA SER T 216 82.61 -49.22 -65.42
C SER T 216 82.02 -49.74 -64.12
N ASN T 217 82.05 -48.97 -63.03
CA ASN T 217 81.59 -49.43 -61.73
C ASN T 217 80.57 -48.46 -61.14
N ASN T 218 79.60 -48.05 -61.95
CA ASN T 218 78.47 -47.26 -61.47
C ASN T 218 77.47 -48.21 -60.82
N LYS T 219 77.75 -48.57 -59.57
CA LYS T 219 77.06 -49.68 -58.93
C LYS T 219 76.80 -49.37 -57.46
N VAL T 220 76.07 -50.29 -56.83
CA VAL T 220 75.80 -50.26 -55.40
C VAL T 220 76.05 -51.64 -54.83
N HIS T 221 76.71 -51.70 -53.67
CA HIS T 221 77.07 -52.94 -53.01
C HIS T 221 76.57 -52.92 -51.57
N VAL T 222 76.42 -54.12 -51.01
CA VAL T 222 76.24 -54.30 -49.58
C VAL T 222 77.59 -54.71 -49.00
N ILE T 223 78.04 -54.00 -47.97
CA ILE T 223 79.39 -54.21 -47.45
C ILE T 223 79.32 -54.52 -45.97
N THR T 224 80.28 -55.34 -45.53
CA THR T 224 80.51 -55.62 -44.13
C THR T 224 81.90 -55.11 -43.76
N GLY T 225 81.98 -54.32 -42.70
CA GLY T 225 83.21 -53.61 -42.40
C GLY T 225 84.21 -54.45 -41.63
N ASP T 226 85.50 -54.27 -41.98
CA ASP T 226 86.62 -54.83 -41.23
C ASP T 226 87.55 -53.65 -40.94
N GLY T 227 87.23 -52.92 -39.87
CA GLY T 227 87.88 -51.65 -39.61
C GLY T 227 87.15 -50.52 -40.30
N PRO T 228 87.42 -49.28 -39.89
CA PRO T 228 86.71 -48.14 -40.48
C PRO T 228 86.92 -47.97 -41.97
N LEU T 229 88.10 -48.29 -42.49
CA LEU T 229 88.44 -47.99 -43.87
C LEU T 229 88.59 -49.23 -44.74
N ASN T 230 88.49 -50.43 -44.17
CA ASN T 230 88.57 -51.68 -44.92
C ASN T 230 87.25 -52.42 -44.79
N TRP T 231 86.80 -53.02 -45.90
CA TRP T 231 85.50 -53.66 -45.93
C TRP T 231 85.52 -54.80 -46.94
N GLY T 232 84.54 -55.69 -46.80
CA GLY T 232 84.31 -56.75 -47.75
C GLY T 232 82.91 -56.69 -48.30
N TYR T 233 82.66 -57.36 -49.41
CA TYR T 233 81.37 -57.28 -50.09
C TYR T 233 80.53 -58.53 -49.82
N GLN T 234 79.22 -58.35 -49.83
CA GLN T 234 78.26 -59.44 -49.66
C GLN T 234 77.28 -59.41 -50.81
N GLY T 235 77.07 -60.58 -51.43
CA GLY T 235 76.13 -60.67 -52.53
C GLY T 235 76.66 -60.01 -53.79
N ASP T 236 75.73 -59.83 -54.73
CA ASP T 236 76.06 -59.25 -56.02
C ASP T 236 76.04 -57.73 -55.94
N ALA T 237 76.13 -57.07 -57.09
CA ALA T 237 76.04 -55.62 -57.18
C ALA T 237 74.95 -55.25 -58.17
N VAL T 238 74.26 -54.15 -57.89
CA VAL T 238 73.14 -53.68 -58.71
C VAL T 238 73.59 -52.42 -59.42
N ASN T 239 73.33 -52.37 -60.73
CA ASN T 239 73.67 -51.17 -61.50
C ASN T 239 72.85 -49.98 -61.02
N ASN T 240 73.53 -48.84 -60.88
CA ASN T 240 72.88 -47.63 -60.39
C ASN T 240 73.71 -46.44 -60.81
N THR T 241 73.10 -45.54 -61.59
CA THR T 241 73.72 -44.25 -61.91
C THR T 241 73.19 -43.21 -60.92
N THR T 242 74.09 -42.40 -60.39
CA THR T 242 73.77 -41.41 -59.38
C THR T 242 73.98 -40.02 -59.94
N ALA T 243 72.94 -39.19 -59.88
CA ALA T 243 72.99 -37.81 -60.31
C ALA T 243 73.01 -36.89 -59.10
N ASN T 244 73.35 -35.62 -59.35
CA ASN T 244 73.37 -34.64 -58.28
C ASN T 244 71.98 -34.48 -57.68
N GLY T 245 71.92 -34.48 -56.36
CA GLY T 245 70.64 -34.38 -55.68
C GLY T 245 69.91 -35.69 -55.50
N ASP T 246 70.54 -36.81 -55.76
CA ASP T 246 69.89 -38.10 -55.57
C ASP T 246 69.76 -38.43 -54.09
N VAL T 247 68.59 -38.94 -53.71
CA VAL T 247 68.26 -39.25 -52.33
C VAL T 247 68.12 -40.76 -52.20
N TYR T 248 68.86 -41.34 -51.26
CA TYR T 248 68.85 -42.77 -51.01
C TYR T 248 68.46 -43.04 -49.56
N THR T 249 67.64 -44.07 -49.37
CA THR T 249 67.16 -44.45 -48.05
C THR T 249 67.69 -45.85 -47.71
N ILE T 250 68.59 -45.91 -46.74
CA ILE T 250 69.17 -47.17 -46.28
C ILE T 250 68.45 -47.54 -44.99
N LYS T 251 67.67 -48.62 -45.04
CA LYS T 251 66.91 -49.07 -43.89
C LYS T 251 67.46 -50.40 -43.41
N TYR T 252 67.83 -50.48 -42.14
CA TYR T 252 68.13 -51.74 -41.49
C TYR T 252 66.94 -52.12 -40.62
N ASN T 253 66.35 -53.27 -40.89
CA ASN T 253 65.21 -53.78 -40.14
C ASN T 253 65.69 -54.97 -39.32
N ASP T 254 65.57 -54.86 -38.00
CA ASP T 254 66.06 -55.90 -37.10
C ASP T 254 65.15 -57.11 -37.06
N LEU T 255 63.84 -56.91 -37.22
CA LEU T 255 62.91 -58.04 -37.19
C LEU T 255 63.21 -59.03 -38.31
N LEU T 256 63.47 -58.53 -39.51
CA LEU T 256 63.85 -59.37 -40.63
C LEU T 256 65.35 -59.60 -40.73
N ASP T 257 66.14 -58.92 -39.88
CA ASP T 257 67.60 -58.98 -39.96
C ASP T 257 68.09 -58.63 -41.36
N THR T 258 67.53 -57.56 -41.92
CA THR T 258 67.78 -57.22 -43.31
C THR T 258 68.31 -55.80 -43.44
N ILE T 259 69.12 -55.59 -44.48
CA ILE T 259 69.60 -54.27 -44.87
C ILE T 259 69.15 -54.01 -46.30
N SER T 260 68.49 -52.87 -46.51
CA SER T 260 67.94 -52.54 -47.82
C SER T 260 68.24 -51.10 -48.17
N CYS T 261 68.32 -50.83 -49.46
CA CYS T 261 68.51 -49.48 -49.97
C CYS T 261 67.47 -49.20 -51.04
N TYR T 262 66.78 -48.07 -50.90
CA TYR T 262 65.78 -47.59 -51.82
C TYR T 262 66.25 -46.27 -52.43
N LYS T 263 65.84 -46.02 -53.66
CA LYS T 263 66.27 -44.83 -54.39
C LYS T 263 65.08 -43.93 -54.65
N GLY T 264 65.26 -42.63 -54.37
CA GLY T 264 64.23 -41.66 -54.69
C GLY T 264 62.96 -41.88 -53.91
N THR T 265 61.84 -41.99 -54.64
CA THR T 265 60.53 -42.09 -54.03
C THR T 265 59.95 -43.49 -54.07
N SER T 266 60.45 -44.35 -54.97
CA SER T 266 59.93 -45.71 -55.07
C SER T 266 60.23 -46.51 -53.80
N LEU T 267 59.28 -47.33 -53.39
CA LEU T 267 59.42 -48.14 -52.20
C LEU T 267 59.97 -49.53 -52.48
N THR T 268 60.23 -49.87 -53.72
CA THR T 268 60.85 -51.15 -54.03
C THR T 268 62.33 -51.12 -53.65
N PRO T 269 62.86 -52.16 -53.02
CA PRO T 269 64.26 -52.16 -52.60
C PRO T 269 65.19 -52.13 -53.79
N LEU T 270 65.96 -51.06 -53.93
CA LEU T 270 66.98 -50.99 -54.97
C LEU T 270 68.03 -52.06 -54.77
N ILE T 271 68.47 -52.27 -53.52
CA ILE T 271 69.32 -53.40 -53.18
C ILE T 271 68.87 -53.95 -51.84
N GLU T 272 69.18 -55.22 -51.59
CA GLU T 272 68.76 -55.88 -50.36
C GLU T 272 69.77 -56.95 -49.98
N ALA T 273 69.79 -57.28 -48.69
CA ALA T 273 70.62 -58.34 -48.16
C ALA T 273 70.06 -58.76 -46.81
N SER T 274 70.30 -60.02 -46.44
CA SER T 274 69.76 -60.55 -45.20
C SER T 274 70.71 -61.60 -44.64
N GLY T 275 70.61 -61.82 -43.33
CA GLY T 275 71.38 -62.86 -42.68
C GLY T 275 72.86 -62.57 -42.52
N LEU T 276 73.27 -61.32 -42.67
CA LEU T 276 74.68 -60.98 -42.55
C LEU T 276 75.15 -61.10 -41.11
N ASP T 277 76.37 -61.61 -40.92
CA ASP T 277 76.89 -61.92 -39.59
C ASP T 277 77.59 -60.69 -39.02
N VAL T 278 76.79 -59.82 -38.39
CA VAL T 278 77.29 -58.63 -37.73
C VAL T 278 76.63 -58.50 -36.37
N PRO T 279 77.38 -58.26 -35.30
CA PRO T 279 76.75 -58.15 -33.98
C PRO T 279 75.82 -56.96 -33.87
N HIS T 280 74.81 -57.11 -33.02
CA HIS T 280 73.82 -56.05 -32.83
C HIS T 280 73.60 -55.80 -31.34
N GLY T 281 72.59 -55.01 -31.01
CA GLY T 281 72.31 -54.71 -29.62
C GLY T 281 73.07 -53.50 -29.13
N GLU T 282 73.23 -53.43 -27.81
CA GLU T 282 73.94 -52.33 -27.19
C GLU T 282 75.40 -52.31 -27.62
N GLY T 283 75.93 -51.12 -27.85
CA GLY T 283 77.31 -50.96 -28.29
C GLY T 283 77.53 -51.15 -29.77
N PHE T 284 76.49 -51.45 -30.54
CA PHE T 284 76.58 -51.63 -31.98
C PHE T 284 75.47 -50.86 -32.68
N ARG T 285 75.24 -49.62 -32.25
CA ARG T 285 74.16 -48.79 -32.79
C ARG T 285 74.71 -47.47 -33.33
N TYR T 286 75.95 -47.46 -33.78
CA TYR T 286 76.59 -46.25 -34.30
C TYR T 286 76.51 -46.24 -35.81
N THR T 287 76.17 -45.07 -36.37
CA THR T 287 76.11 -44.87 -37.81
C THR T 287 77.26 -43.97 -38.26
N GLY T 288 77.48 -43.93 -39.56
CA GLY T 288 78.56 -43.12 -40.06
C GLY T 288 78.61 -43.09 -41.58
N LEU T 289 79.68 -42.48 -42.08
CA LEU T 289 79.92 -42.36 -43.51
C LEU T 289 81.39 -42.68 -43.78
N ALA T 290 81.67 -43.04 -45.02
CA ALA T 290 83.04 -43.32 -45.43
C ALA T 290 83.21 -42.94 -46.90
N TRP T 291 84.39 -42.44 -47.25
CA TRP T 291 84.72 -42.07 -48.61
C TRP T 291 86.05 -42.69 -48.98
N ASN T 292 86.12 -43.29 -50.17
CA ASN T 292 87.34 -43.91 -50.67
C ASN T 292 87.49 -43.56 -52.14
N THR T 293 88.55 -42.83 -52.48
CA THR T 293 88.80 -42.43 -53.85
C THR T 293 90.25 -42.73 -54.22
N ALA T 294 90.45 -43.15 -55.47
CA ALA T 294 91.81 -43.36 -55.96
C ALA T 294 92.50 -42.04 -56.24
N LEU T 295 91.77 -41.07 -56.79
CA LEU T 295 92.31 -39.74 -57.05
C LEU T 295 92.27 -38.89 -55.78
N LEU T 296 92.64 -37.63 -55.92
CA LEU T 296 92.62 -36.66 -54.82
C LEU T 296 91.58 -35.59 -55.06
N SER T 297 90.45 -35.97 -55.65
CA SER T 297 89.35 -35.06 -55.94
C SER T 297 88.05 -35.68 -55.46
N PRO T 298 87.05 -34.85 -55.12
CA PRO T 298 85.77 -35.40 -54.64
C PRO T 298 85.11 -36.29 -55.68
N GLY T 299 84.49 -37.36 -55.19
CA GLY T 299 83.74 -38.27 -56.05
C GLY T 299 82.26 -38.22 -55.76
N VAL T 300 81.76 -39.18 -54.99
CA VAL T 300 80.38 -39.19 -54.52
C VAL T 300 80.38 -38.88 -53.03
N GLU T 301 79.76 -37.77 -52.67
CA GLU T 301 79.78 -37.25 -51.31
C GLU T 301 78.39 -36.73 -50.94
N PRO T 302 78.03 -36.75 -49.66
CA PRO T 302 76.69 -36.32 -49.26
C PRO T 302 76.60 -34.83 -48.96
N THR T 303 75.54 -34.19 -49.46
CA THR T 303 75.20 -32.85 -49.03
C THR T 303 74.13 -32.82 -47.95
N ALA T 304 73.37 -33.90 -47.79
CA ALA T 304 72.36 -33.94 -46.73
C ALA T 304 72.34 -35.31 -46.09
N TRP T 305 72.18 -35.35 -44.77
CA TRP T 305 72.18 -36.59 -44.02
C TRP T 305 71.09 -36.54 -42.95
N GLU T 306 70.35 -37.64 -42.83
CA GLU T 306 69.31 -37.77 -41.81
C GLU T 306 69.34 -39.18 -41.26
N ALA T 307 69.22 -39.31 -39.94
CA ALA T 307 69.16 -40.61 -39.28
C ALA T 307 67.93 -40.64 -38.39
N LYS T 308 67.18 -41.73 -38.48
CA LYS T 308 65.99 -41.94 -37.66
C LYS T 308 66.08 -43.32 -37.03
N ASP T 309 65.68 -43.40 -35.76
CA ASP T 309 65.68 -44.68 -35.06
C ASP T 309 64.43 -45.47 -35.42
N GLY T 310 64.62 -46.70 -35.87
CA GLY T 310 63.51 -47.55 -36.24
C GLY T 310 63.11 -47.39 -37.70
N VAL T 311 62.41 -48.39 -38.20
CA VAL T 311 61.93 -48.38 -39.57
C VAL T 311 60.41 -48.42 -39.59
N MET U 1 84.23 -52.39 18.82
CA MET U 1 84.69 -52.81 17.50
C MET U 1 85.52 -54.08 17.62
N LEU U 2 84.89 -55.16 18.08
CA LEU U 2 85.63 -56.40 18.33
C LEU U 2 86.14 -57.03 17.04
N SER U 3 85.34 -57.01 15.98
CA SER U 3 85.68 -57.68 14.74
C SER U 3 86.28 -56.70 13.75
N THR U 4 87.28 -57.18 13.00
CA THR U 4 87.88 -56.36 11.95
C THR U 4 86.90 -56.12 10.82
N GLY U 5 86.90 -54.89 10.30
CA GLY U 5 86.01 -54.52 9.23
C GLY U 5 86.69 -53.72 8.16
N PRO U 6 86.02 -53.54 7.02
CA PRO U 6 86.60 -52.76 5.94
C PRO U 6 86.63 -51.27 6.26
N ILE U 7 87.50 -50.56 5.56
CA ILE U 7 87.58 -49.11 5.64
C ILE U 7 86.86 -48.54 4.43
N MET U 8 85.91 -47.62 4.69
CA MET U 8 85.21 -46.99 3.59
C MET U 8 86.16 -46.06 2.84
N GLU U 9 86.28 -46.29 1.53
CA GLU U 9 87.22 -45.57 0.70
C GLU U 9 86.51 -45.18 -0.60
N THR U 10 87.25 -44.52 -1.48
CA THR U 10 86.72 -44.13 -2.79
C THR U 10 87.76 -44.45 -3.86
N LEU U 11 87.26 -44.67 -5.07
CA LEU U 11 88.12 -44.91 -6.22
C LEU U 11 87.91 -43.80 -7.25
N THR U 12 88.94 -43.55 -8.05
CA THR U 12 88.88 -42.54 -9.09
C THR U 12 89.06 -43.21 -10.45
N LEU U 13 88.17 -42.89 -11.39
CA LEU U 13 88.24 -43.39 -12.75
C LEU U 13 88.24 -42.24 -13.72
N THR U 14 88.98 -42.40 -14.82
CA THR U 14 89.04 -41.40 -15.87
C THR U 14 88.92 -42.09 -17.22
N VAL U 15 88.16 -41.48 -18.13
CA VAL U 15 88.05 -42.03 -19.49
C VAL U 15 89.35 -41.77 -20.24
N GLY U 16 89.85 -42.81 -20.90
CA GLY U 16 91.10 -42.70 -21.63
C GLY U 16 92.35 -42.83 -20.77
N SER U 17 92.20 -43.01 -19.47
CA SER U 17 93.33 -43.15 -18.56
C SER U 17 93.31 -44.54 -17.96
N ALA U 18 94.50 -45.11 -17.76
CA ALA U 18 94.61 -46.45 -17.18
C ALA U 18 94.29 -46.40 -15.69
N PHE U 19 93.40 -47.27 -15.25
CA PHE U 19 93.08 -47.38 -13.83
C PHE U 19 94.25 -48.04 -13.11
N GLU U 20 94.70 -47.44 -12.02
CA GLU U 20 95.88 -47.92 -11.32
C GLU U 20 95.79 -47.60 -9.84
N ILE U 21 96.01 -48.60 -9.01
CA ILE U 21 96.16 -48.43 -7.56
C ILE U 21 97.61 -48.72 -7.21
N PRO U 22 98.39 -47.72 -6.81
CA PRO U 22 99.81 -47.95 -6.55
C PRO U 22 100.03 -48.89 -5.39
N GLY U 23 101.16 -49.60 -5.43
CA GLY U 23 101.47 -50.57 -4.40
C GLY U 23 101.67 -49.96 -3.04
N TRP U 24 102.21 -48.74 -2.97
CA TRP U 24 102.44 -48.09 -1.69
C TRP U 24 101.18 -47.67 -0.98
N LYS U 25 99.98 -48.00 -1.49
CA LYS U 25 98.76 -47.74 -0.76
C LYS U 25 98.19 -48.98 -0.09
N LEU U 26 98.41 -50.16 -0.67
CA LEU U 26 98.01 -51.42 -0.08
C LEU U 26 99.25 -52.08 0.54
N ARG U 27 99.62 -51.60 1.72
CA ARG U 27 100.75 -52.14 2.46
C ARG U 27 100.32 -53.41 3.19
N GLY U 28 101.20 -53.90 4.06
CA GLY U 28 100.93 -55.09 4.84
C GLY U 28 101.92 -56.20 4.53
N GLU U 29 101.85 -57.24 5.36
CA GLU U 29 102.68 -58.43 5.19
C GLU U 29 101.86 -59.49 4.47
N TYR U 30 102.24 -59.80 3.24
CA TYR U 30 101.51 -60.76 2.42
C TYR U 30 102.37 -61.99 2.16
N PRO U 31 102.10 -63.13 2.79
CA PRO U 31 102.85 -64.35 2.47
C PRO U 31 102.58 -64.81 1.05
N ALA U 32 103.43 -65.72 0.59
CA ALA U 32 103.28 -66.25 -0.76
C ALA U 32 101.94 -66.96 -0.90
N GLY U 33 101.31 -66.80 -2.07
CA GLY U 33 100.01 -67.36 -2.32
C GLY U 33 98.84 -66.43 -2.07
N THR U 34 99.08 -65.27 -1.47
CA THR U 34 98.01 -64.31 -1.23
C THR U 34 97.48 -63.76 -2.56
N THR U 35 96.16 -63.66 -2.66
CA THR U 35 95.52 -63.18 -3.87
C THR U 35 94.56 -62.05 -3.55
N SER U 36 94.67 -60.94 -4.28
CA SER U 36 93.80 -59.80 -4.09
C SER U 36 92.93 -59.61 -5.33
N HIS U 37 91.64 -59.37 -5.10
CA HIS U 37 90.74 -59.12 -6.23
C HIS U 37 89.79 -57.97 -5.90
N LEU U 38 89.51 -57.17 -6.91
CA LEU U 38 88.64 -56.00 -6.79
C LEU U 38 87.38 -56.23 -7.60
N VAL U 39 86.22 -56.06 -6.96
CA VAL U 39 84.94 -56.37 -7.57
C VAL U 39 84.11 -55.08 -7.65
N PHE U 40 83.59 -54.79 -8.84
CA PHE U 40 82.72 -53.65 -9.07
C PHE U 40 81.32 -54.14 -9.40
N THR U 41 80.34 -53.66 -8.64
CA THR U 41 78.95 -54.00 -8.85
C THR U 41 78.13 -52.73 -9.02
N ASP U 42 76.88 -52.91 -9.45
CA ASP U 42 75.94 -51.82 -9.68
C ASP U 42 74.97 -51.73 -8.52
N ALA U 43 73.92 -50.91 -8.69
CA ALA U 43 72.95 -50.70 -7.62
C ALA U 43 72.17 -51.96 -7.29
N ALA U 44 72.03 -52.87 -8.26
CA ALA U 44 71.30 -54.11 -8.04
C ALA U 44 72.17 -55.25 -7.56
N GLY U 45 73.49 -55.04 -7.47
CA GLY U 45 74.40 -56.08 -7.05
C GLY U 45 75.04 -56.86 -8.18
N GLY U 46 74.56 -56.70 -9.41
CA GLY U 46 75.16 -57.38 -10.54
C GLY U 46 76.61 -56.98 -10.75
N THR U 47 77.50 -57.96 -10.84
CA THR U 47 78.92 -57.69 -10.97
C THR U 47 79.20 -57.13 -12.37
N LEU U 48 79.59 -55.86 -12.42
CA LEU U 48 79.97 -55.22 -13.67
C LEU U 48 81.48 -55.17 -13.88
N GLY U 49 82.26 -55.72 -12.95
CA GLY U 49 83.68 -55.82 -13.17
C GLY U 49 84.43 -56.63 -12.13
N GLU U 50 85.51 -57.28 -12.53
CA GLU U 50 86.36 -57.99 -11.58
C GLU U 50 87.80 -57.96 -12.07
N PHE U 51 88.71 -57.61 -11.18
CA PHE U 51 90.12 -57.49 -11.51
C PHE U 51 90.96 -58.19 -10.44
N GLU U 52 92.17 -58.57 -10.82
CA GLU U 52 93.08 -59.28 -9.93
C GLU U 52 94.29 -58.41 -9.64
N GLY U 53 94.64 -58.30 -8.36
CA GLY U 53 95.78 -57.51 -7.97
C GLY U 53 97.08 -58.30 -8.06
N THR U 54 98.17 -57.55 -8.17
CA THR U 54 99.52 -58.13 -8.25
C THR U 54 100.10 -58.09 -6.85
N VAL U 55 99.82 -59.14 -6.07
CA VAL U 55 100.28 -59.20 -4.69
C VAL U 55 101.77 -59.48 -4.66
N SER U 56 102.50 -58.69 -3.89
CA SER U 56 103.94 -58.84 -3.72
C SER U 56 104.23 -59.14 -2.24
N ALA U 57 105.51 -59.09 -1.89
CA ALA U 57 105.89 -59.39 -0.51
C ALA U 57 105.24 -58.43 0.47
N LYS U 58 105.15 -57.15 0.12
CA LYS U 58 104.58 -56.16 1.03
C LYS U 58 103.64 -55.17 0.36
N GLU U 59 103.29 -55.36 -0.91
CA GLU U 59 102.44 -54.41 -1.62
C GLU U 59 101.52 -55.15 -2.57
N ILE U 60 100.39 -54.51 -2.88
CA ILE U 60 99.46 -54.97 -3.90
C ILE U 60 99.32 -53.87 -4.94
N HIS U 61 99.50 -54.23 -6.20
CA HIS U 61 99.44 -53.27 -7.31
C HIS U 61 98.32 -53.65 -8.25
N TYR U 62 97.48 -52.67 -8.59
CA TYR U 62 96.40 -52.82 -9.54
C TYR U 62 96.71 -51.98 -10.77
N LEU U 63 96.53 -52.56 -11.96
CA LEU U 63 96.80 -51.85 -13.20
C LEU U 63 95.95 -52.48 -14.29
N GLN U 64 94.96 -51.73 -14.79
CA GLN U 64 94.05 -52.22 -15.81
C GLN U 64 94.01 -51.24 -16.97
N ALA U 65 93.78 -51.77 -18.16
CA ALA U 65 93.65 -50.93 -19.34
C ALA U 65 92.39 -50.09 -19.24
N PRO U 66 92.38 -48.90 -19.86
CA PRO U 66 91.18 -48.05 -19.79
C PRO U 66 89.94 -48.71 -20.38
N ASP U 67 90.10 -49.62 -21.34
CA ASP U 67 88.94 -50.30 -21.90
C ASP U 67 88.30 -51.24 -20.88
N ASP U 68 89.07 -51.72 -19.91
CA ASP U 68 88.49 -52.60 -18.89
C ASP U 68 87.57 -51.84 -17.94
N VAL U 69 87.87 -50.56 -17.68
CA VAL U 69 87.11 -49.77 -16.71
C VAL U 69 86.19 -48.76 -17.38
N LYS U 70 86.21 -48.65 -18.71
CA LYS U 70 85.34 -47.70 -19.38
C LYS U 70 83.86 -48.00 -19.19
N ASN U 71 83.51 -49.23 -18.82
CA ASN U 71 82.12 -49.62 -18.62
C ASN U 71 81.66 -49.46 -17.18
N ILE U 72 82.53 -49.03 -16.27
CA ILE U 72 82.19 -48.88 -14.86
C ILE U 72 81.66 -47.45 -14.68
N PRO U 73 80.40 -47.26 -14.32
CA PRO U 73 79.86 -45.91 -14.17
C PRO U 73 80.22 -45.31 -12.82
N HIS U 74 80.07 -43.99 -12.74
CA HIS U 74 80.23 -43.31 -11.46
C HIS U 74 79.07 -43.69 -10.56
N GLY U 75 79.37 -43.95 -9.30
CA GLY U 75 78.40 -44.50 -8.37
C GLY U 75 78.39 -46.00 -8.28
N ALA U 76 79.06 -46.69 -9.19
CA ALA U 76 79.23 -48.13 -9.05
C ALA U 76 80.07 -48.42 -7.82
N ASN U 77 79.70 -49.44 -7.07
CA ASN U 77 80.30 -49.70 -5.77
C ASN U 77 81.31 -50.84 -5.86
N PHE U 78 82.48 -50.62 -5.29
CA PHE U 78 83.59 -51.56 -5.36
C PHE U 78 83.83 -52.23 -4.02
N GLN U 79 84.63 -53.28 -4.08
CA GLN U 79 84.95 -54.07 -2.90
C GLN U 79 86.28 -54.77 -3.15
N LEU U 80 87.27 -54.49 -2.32
CA LEU U 80 88.61 -55.04 -2.49
C LEU U 80 88.83 -56.13 -1.46
N PHE U 81 89.10 -57.35 -1.92
CA PHE U 81 89.30 -58.50 -1.06
C PHE U 81 90.75 -58.97 -1.13
N VAL U 82 91.29 -59.34 0.02
CA VAL U 82 92.61 -59.97 0.12
C VAL U 82 92.42 -61.34 0.75
N THR U 83 92.96 -62.37 0.10
CA THR U 83 92.81 -63.75 0.52
C THR U 83 94.19 -64.32 0.81
N TYR U 84 94.49 -64.51 2.09
CA TYR U 84 95.69 -65.21 2.48
C TYR U 84 95.55 -66.69 2.16
N PRO U 85 96.66 -67.39 1.94
CA PRO U 85 96.56 -68.82 1.55
C PRO U 85 95.84 -69.63 2.61
N SER U 86 95.02 -70.57 2.13
CA SER U 86 94.22 -71.45 2.99
C SER U 86 93.33 -70.64 3.94
N MET U 87 92.73 -69.58 3.43
CA MET U 87 91.84 -68.74 4.21
C MET U 87 90.72 -68.22 3.33
N GLN U 88 89.63 -67.81 3.96
CA GLN U 88 88.53 -67.20 3.25
C GLN U 88 88.87 -65.75 2.91
N PRO U 89 88.29 -65.20 1.83
CA PRO U 89 88.61 -63.81 1.45
C PRO U 89 88.21 -62.83 2.55
N GLN U 90 89.04 -61.80 2.71
CA GLN U 90 88.81 -60.76 3.71
C GLN U 90 88.77 -59.41 2.99
N CYS U 91 87.66 -58.69 3.16
CA CYS U 91 87.48 -57.41 2.49
C CYS U 91 88.21 -56.32 3.24
N LEU U 92 89.14 -55.65 2.57
CA LEU U 92 89.90 -54.56 3.17
C LEU U 92 89.21 -53.21 3.00
N TYR U 93 88.75 -52.91 1.78
CA TYR U 93 88.14 -51.64 1.46
C TYR U 93 86.86 -51.85 0.69
N PHE U 94 85.93 -50.92 0.85
CA PHE U 94 84.70 -50.88 0.08
C PHE U 94 84.30 -49.42 -0.07
N GLY U 95 83.50 -49.15 -1.09
CA GLY U 95 83.05 -47.79 -1.28
C GLY U 95 82.44 -47.52 -2.65
N THR U 96 82.77 -46.36 -3.22
CA THR U 96 82.19 -45.92 -4.47
C THR U 96 83.30 -45.48 -5.41
N ALA U 97 83.08 -45.72 -6.70
CA ALA U 97 84.01 -45.29 -7.75
C ALA U 97 83.44 -44.01 -8.37
N ILE U 98 84.10 -42.89 -8.10
CA ILE U 98 83.77 -41.61 -8.71
C ILE U 98 84.64 -41.41 -9.93
N ARG U 99 84.15 -40.65 -10.89
CA ARG U 99 84.85 -40.39 -12.13
C ARG U 99 85.33 -38.95 -12.14
N LYS U 100 86.64 -38.76 -12.27
CA LYS U 100 87.25 -37.44 -12.32
C LYS U 100 87.70 -37.22 -13.77
N GLU U 101 86.85 -36.56 -14.54
CA GLU U 101 87.05 -36.42 -15.98
C GLU U 101 86.12 -35.34 -16.50
N PRO U 102 86.31 -34.89 -17.74
CA PRO U 102 85.29 -34.03 -18.37
C PRO U 102 83.95 -34.73 -18.41
N ARG U 103 82.90 -33.99 -18.09
CA ARG U 103 81.56 -34.55 -18.01
C ARG U 103 80.77 -34.15 -19.25
N TYR U 104 80.15 -35.12 -19.91
CA TYR U 104 79.37 -34.90 -21.12
C TYR U 104 77.92 -35.20 -20.81
N PRO U 105 77.11 -34.20 -20.46
CA PRO U 105 75.69 -34.47 -20.20
C PRO U 105 74.93 -34.66 -21.50
N LEU U 106 75.28 -33.86 -22.52
CA LEU U 106 74.55 -33.88 -23.79
C LEU U 106 74.71 -35.21 -24.50
N SER U 107 75.80 -35.93 -24.24
CA SER U 107 75.95 -37.26 -24.83
C SER U 107 74.91 -38.23 -24.28
N THR U 108 74.75 -38.24 -22.96
CA THR U 108 73.84 -39.21 -22.33
C THR U 108 72.38 -38.81 -22.54
N VAL U 109 72.05 -37.53 -22.38
CA VAL U 109 70.66 -37.11 -22.42
C VAL U 109 70.21 -36.94 -23.86
N VAL U 110 68.91 -37.08 -24.09
CA VAL U 110 68.30 -36.85 -25.40
C VAL U 110 67.21 -35.80 -25.22
N SER U 111 67.32 -34.69 -25.96
CA SER U 111 66.36 -33.61 -25.84
C SER U 111 65.02 -34.03 -26.45
N PRO U 112 63.91 -33.50 -25.92
CA PRO U 112 62.61 -33.81 -26.53
C PRO U 112 62.51 -33.38 -27.98
N GLU U 113 63.17 -32.28 -28.35
CA GLU U 113 63.18 -31.88 -29.75
C GLU U 113 63.95 -32.88 -30.60
N ASP U 114 64.92 -33.57 -30.03
CA ASP U 114 65.69 -34.59 -30.74
C ASP U 114 65.12 -35.99 -30.52
N SER U 115 63.82 -36.16 -30.79
CA SER U 115 63.18 -37.44 -30.59
C SER U 115 62.09 -37.63 -31.64
N ALA U 116 62.16 -38.74 -32.37
CA ALA U 116 61.14 -39.06 -33.35
C ALA U 116 59.83 -39.40 -32.64
N VAL U 117 58.73 -38.91 -33.21
CA VAL U 117 57.41 -39.09 -32.61
C VAL U 117 56.56 -39.97 -33.49
N GLN U 118 55.50 -40.52 -32.89
CA GLN U 118 54.58 -41.42 -33.56
C GLN U 118 53.23 -41.33 -32.87
N TYR U 119 52.22 -40.87 -33.59
CA TYR U 119 50.89 -40.62 -33.06
C TYR U 119 49.86 -41.49 -33.76
N LYS U 120 48.83 -41.88 -33.00
CA LYS U 120 47.76 -42.72 -33.49
C LYS U 120 46.42 -42.08 -33.17
N ALA U 121 45.40 -42.44 -33.95
CA ALA U 121 44.04 -42.00 -33.71
C ALA U 121 43.08 -43.03 -34.28
N ASN U 122 42.12 -43.45 -33.46
CA ASN U 122 41.22 -44.55 -33.81
C ASN U 122 39.77 -44.14 -33.98
N PHE U 123 39.31 -43.14 -33.23
CA PHE U 123 37.92 -42.65 -33.28
C PHE U 123 36.91 -43.73 -32.94
N VAL U 124 37.32 -44.80 -32.28
CA VAL U 124 36.41 -45.87 -31.95
C VAL U 124 35.58 -45.55 -30.70
N GLY U 125 36.02 -44.61 -29.88
CA GLY U 125 35.31 -44.23 -28.69
C GLY U 125 34.17 -43.26 -28.89
N GLN U 126 33.91 -42.86 -30.14
CA GLN U 126 32.82 -41.96 -30.48
C GLN U 126 32.97 -40.59 -29.81
N TYR U 127 34.20 -40.17 -29.54
CA TYR U 127 34.46 -38.83 -29.07
C TYR U 127 35.68 -38.27 -29.78
N ILE U 128 35.71 -36.94 -29.91
CA ILE U 128 36.80 -36.30 -30.64
C ILE U 128 38.12 -36.49 -29.93
N GLY U 129 38.15 -36.26 -28.63
CA GLY U 129 39.37 -36.34 -27.87
C GLY U 129 40.06 -35.00 -27.77
N PRO U 130 41.02 -34.88 -26.85
CA PRO U 130 41.71 -33.61 -26.65
C PRO U 130 42.88 -33.37 -27.60
N MET U 131 43.21 -34.33 -28.46
CA MET U 131 44.38 -34.23 -29.33
C MET U 131 44.09 -33.56 -30.66
N TRP U 132 42.83 -33.30 -30.99
CA TRP U 132 42.46 -32.68 -32.25
C TRP U 132 41.93 -31.28 -31.98
N LYS U 133 42.55 -30.28 -32.61
CA LYS U 133 42.14 -28.90 -32.43
C LYS U 133 41.34 -28.46 -33.65
N PRO U 134 40.06 -28.14 -33.50
CA PRO U 134 39.27 -27.69 -34.66
C PRO U 134 39.82 -26.40 -35.23
N MET U 135 39.76 -26.29 -36.56
CA MET U 135 40.28 -25.14 -37.28
C MET U 135 39.37 -24.81 -38.46
N GLY U 136 39.39 -23.55 -38.85
CA GLY U 136 38.57 -23.06 -39.93
C GLY U 136 37.21 -22.60 -39.46
N ASN U 137 36.47 -23.49 -38.83
CA ASN U 137 35.11 -23.21 -38.36
C ASN U 137 35.02 -23.08 -36.85
N GLY U 138 36.13 -23.18 -36.13
CA GLY U 138 36.12 -22.96 -34.70
C GLY U 138 35.70 -24.18 -33.91
N TRP U 139 35.51 -23.94 -32.61
CA TRP U 139 35.24 -25.02 -31.67
C TRP U 139 33.91 -25.70 -31.98
N GLY U 140 33.89 -27.02 -31.85
CA GLY U 140 32.68 -27.77 -32.09
C GLY U 140 32.36 -28.06 -33.54
N SER U 141 33.32 -27.88 -34.44
CA SER U 141 33.10 -28.14 -35.85
C SER U 141 33.36 -29.58 -36.25
N LEU U 142 33.91 -30.40 -35.35
CA LEU U 142 34.23 -31.78 -35.64
C LEU U 142 33.21 -32.72 -35.01
N GLY U 143 33.15 -33.93 -35.54
CA GLY U 143 32.22 -34.93 -35.04
C GLY U 143 32.64 -36.32 -35.45
N ILE U 144 31.98 -37.30 -34.84
CA ILE U 144 32.24 -38.72 -35.08
C ILE U 144 30.97 -39.35 -35.62
N HIS U 145 31.10 -40.06 -36.73
CA HIS U 145 29.97 -40.69 -37.41
C HIS U 145 30.12 -42.21 -37.33
N THR U 146 29.05 -42.87 -36.92
CA THR U 146 29.15 -44.28 -36.54
C THR U 146 29.28 -45.20 -37.76
N HIS U 147 28.55 -44.90 -38.84
CA HIS U 147 28.47 -45.78 -40.00
C HIS U 147 28.05 -47.20 -39.60
N ALA U 148 27.00 -47.26 -38.76
CA ALA U 148 26.53 -48.54 -38.25
C ALA U 148 25.77 -49.35 -39.28
N LEU U 149 25.29 -48.71 -40.35
CA LEU U 149 24.54 -49.44 -41.38
C LEU U 149 25.41 -50.49 -42.05
N ILE U 150 26.65 -50.14 -42.36
CA ILE U 150 27.62 -51.08 -42.91
C ILE U 150 28.56 -51.49 -41.78
N SER U 151 29.23 -52.64 -41.98
CA SER U 151 30.15 -53.16 -40.98
C SER U 151 31.44 -52.33 -41.04
N GLU U 152 31.38 -51.14 -40.43
CA GLU U 152 32.49 -50.20 -40.46
C GLU U 152 32.66 -49.54 -39.10
N ALA U 153 33.88 -49.13 -38.82
CA ALA U 153 34.21 -48.45 -37.57
C ALA U 153 33.88 -46.96 -37.68
N PRO U 154 33.70 -46.29 -36.55
CA PRO U 154 33.36 -44.86 -36.60
C PRO U 154 34.47 -44.04 -37.24
N SER U 155 34.07 -43.00 -37.96
CA SER U 155 34.98 -42.10 -38.65
C SER U 155 34.84 -40.70 -38.09
N MET U 156 35.81 -39.86 -38.42
CA MET U 156 35.87 -38.48 -37.96
C MET U 156 35.63 -37.55 -39.13
N GLY U 157 34.79 -36.54 -38.93
CA GLY U 157 34.47 -35.59 -39.98
C GLY U 157 33.98 -34.27 -39.44
N PRO U 158 33.43 -33.43 -40.30
CA PRO U 158 32.87 -32.16 -39.83
C PRO U 158 31.58 -32.38 -39.06
N ASN U 159 31.24 -31.39 -38.25
CA ASN U 159 29.96 -31.38 -37.55
C ASN U 159 28.89 -30.98 -38.55
N TYR U 160 28.21 -31.98 -39.12
CA TYR U 160 27.24 -31.72 -40.18
C TYR U 160 25.94 -31.14 -39.65
N SER U 161 25.78 -31.05 -38.33
CA SER U 161 24.66 -30.30 -37.78
C SER U 161 24.86 -28.79 -37.94
N LEU U 162 26.09 -28.34 -38.11
CA LEU U 162 26.40 -26.92 -38.24
C LEU U 162 27.17 -26.57 -39.51
N PHE U 163 28.15 -27.39 -39.92
CA PHE U 163 29.03 -27.04 -41.02
C PHE U 163 29.10 -28.17 -42.04
N SER U 164 29.55 -27.82 -43.24
CA SER U 164 29.84 -28.78 -44.28
C SER U 164 31.33 -28.91 -44.58
N SER U 165 32.17 -28.07 -43.96
CA SER U 165 33.61 -28.16 -44.09
C SER U 165 34.23 -27.90 -42.72
N ALA U 166 35.43 -28.44 -42.53
CA ALA U 166 36.11 -28.30 -41.24
C ALA U 166 37.58 -28.67 -41.42
N ALA U 167 38.40 -28.32 -40.42
CA ALA U 167 39.77 -28.80 -40.36
C ALA U 167 40.07 -29.19 -38.92
N ALA U 168 41.07 -30.05 -38.77
CA ALA U 168 41.51 -30.49 -37.45
C ALA U 168 43.03 -30.58 -37.46
N ARG U 169 43.66 -29.96 -36.48
CA ARG U 169 45.11 -29.91 -36.37
C ARG U 169 45.52 -30.82 -35.22
N TRP U 170 46.44 -31.75 -35.47
CA TRP U 170 46.93 -32.59 -34.38
C TRP U 170 47.64 -31.73 -33.35
N LEU U 171 47.26 -31.87 -32.09
CA LEU U 171 47.63 -30.90 -31.06
C LEU U 171 49.14 -30.68 -31.02
N TRP U 172 49.92 -31.74 -31.08
CA TRP U 172 51.37 -31.64 -31.00
C TRP U 172 51.98 -31.66 -32.39
N SER U 173 53.19 -31.10 -32.49
CA SER U 173 53.90 -31.01 -33.75
C SER U 173 54.86 -32.18 -33.90
N MET U 174 55.36 -32.34 -35.12
CA MET U 174 56.37 -33.33 -35.39
C MET U 174 57.75 -32.79 -35.00
N ASN U 175 58.77 -33.62 -35.19
CA ASN U 175 60.14 -33.22 -34.91
C ASN U 175 61.05 -33.29 -36.12
N MET U 176 60.53 -33.74 -37.27
CA MET U 176 61.29 -33.78 -38.51
C MET U 176 60.49 -33.09 -39.60
N ASP U 177 61.20 -32.66 -40.64
CA ASP U 177 60.51 -32.13 -41.82
C ASP U 177 59.90 -33.26 -42.64
N SER U 178 60.61 -34.39 -42.73
CA SER U 178 60.05 -35.57 -43.39
C SER U 178 59.05 -36.25 -42.48
N VAL U 179 57.95 -36.71 -43.05
CA VAL U 179 56.83 -37.20 -42.24
C VAL U 179 56.06 -38.25 -43.03
N THR U 180 55.57 -39.26 -42.32
CA THR U 180 54.72 -40.29 -42.92
C THR U 180 53.36 -40.26 -42.25
N ILE U 181 52.31 -40.27 -43.07
CA ILE U 181 50.93 -40.36 -42.60
C ILE U 181 50.30 -41.59 -43.22
N VAL U 182 49.63 -42.40 -42.41
CA VAL U 182 48.92 -43.58 -42.88
C VAL U 182 47.47 -43.44 -42.46
N VAL U 183 46.58 -43.33 -43.44
CA VAL U 183 45.16 -43.12 -43.16
C VAL U 183 44.36 -44.25 -43.79
N ARG U 184 43.58 -44.95 -42.97
CA ARG U 184 42.57 -45.86 -43.46
C ARG U 184 41.25 -45.10 -43.51
N VAL U 185 40.66 -45.01 -44.70
CA VAL U 185 39.56 -44.10 -44.98
C VAL U 185 38.39 -44.85 -45.59
N LEU U 186 37.22 -44.23 -45.48
CA LEU U 186 35.94 -44.74 -45.95
C LEU U 186 35.33 -43.73 -46.91
N ASN U 187 34.77 -44.24 -48.02
CA ASN U 187 34.11 -43.40 -49.01
C ASN U 187 32.60 -43.58 -48.87
N VAL U 188 32.02 -42.81 -47.94
CA VAL U 188 30.58 -42.89 -47.70
C VAL U 188 29.82 -42.26 -48.87
N GLY U 189 30.26 -41.11 -49.33
CA GLY U 189 29.58 -40.41 -50.39
C GLY U 189 30.51 -39.43 -51.08
N ALA U 190 29.92 -38.39 -51.68
CA ALA U 190 30.70 -37.39 -52.39
C ALA U 190 31.30 -36.39 -51.40
N GLY U 191 32.55 -36.03 -51.64
CA GLY U 191 33.22 -35.06 -50.80
C GLY U 191 34.69 -34.95 -51.16
N LYS U 192 35.39 -34.17 -50.34
CA LYS U 192 36.82 -33.94 -50.51
C LYS U 192 37.48 -34.02 -49.15
N PHE U 193 38.53 -34.84 -49.05
CA PHE U 193 39.21 -35.10 -47.80
C PHE U 193 40.70 -34.82 -47.97
N ASN U 194 41.23 -33.87 -47.21
CA ASN U 194 42.61 -33.44 -47.31
C ASN U 194 43.42 -33.98 -46.14
N VAL U 195 44.54 -34.62 -46.44
CA VAL U 195 45.56 -34.96 -45.45
C VAL U 195 46.63 -33.89 -45.55
N ILE U 196 46.95 -33.25 -44.42
CA ILE U 196 47.72 -32.02 -44.39
C ILE U 196 48.99 -32.27 -43.61
N VAL U 197 50.14 -31.97 -44.21
CA VAL U 197 51.45 -32.09 -43.58
C VAL U 197 52.19 -30.77 -43.75
N CYS U 198 53.25 -30.62 -42.97
CA CYS U 198 54.12 -29.43 -43.01
C CYS U 198 53.32 -28.16 -42.81
N ALA U 199 52.36 -28.20 -41.91
CA ALA U 199 51.50 -27.06 -41.64
C ALA U 199 52.09 -26.18 -40.55
N ASP U 200 51.71 -24.91 -40.57
CA ASP U 200 52.13 -23.97 -39.54
C ASP U 200 51.18 -24.08 -38.35
N TYR U 201 51.34 -23.17 -37.38
CA TYR U 201 50.54 -23.26 -36.16
C TYR U 201 49.06 -23.09 -36.45
N GLN U 202 48.70 -22.13 -37.31
CA GLN U 202 47.31 -21.84 -37.64
C GLN U 202 46.87 -22.49 -38.94
N MET U 203 47.68 -23.41 -39.49
CA MET U 203 47.34 -24.13 -40.72
C MET U 203 47.16 -23.18 -41.91
N GLN U 204 47.91 -22.09 -41.94
CA GLN U 204 47.79 -21.15 -43.05
C GLN U 204 48.45 -21.70 -44.32
N THR U 205 49.64 -22.28 -44.19
CA THR U 205 50.35 -22.87 -45.32
C THR U 205 50.72 -24.31 -44.97
N TYR U 206 50.55 -25.20 -45.94
CA TYR U 206 50.84 -26.61 -45.74
C TYR U 206 50.91 -27.30 -47.10
N LEU U 207 51.46 -28.51 -47.10
CA LEU U 207 51.30 -29.42 -48.22
C LEU U 207 50.18 -30.38 -47.90
N GLY U 208 49.54 -30.92 -48.93
CA GLY U 208 48.43 -31.82 -48.68
C GLY U 208 48.15 -32.73 -49.85
N ILE U 209 47.57 -33.88 -49.53
CA ILE U 209 47.03 -34.80 -50.52
C ILE U 209 45.52 -34.80 -50.36
N GLN U 210 44.81 -34.52 -51.44
CA GLN U 210 43.36 -34.37 -51.42
C GLN U 210 42.73 -35.53 -52.18
N PHE U 211 41.87 -36.28 -51.50
CA PHE U 211 41.10 -37.34 -52.13
C PHE U 211 39.69 -36.82 -52.38
N GLU U 212 39.30 -36.75 -53.65
CA GLU U 212 38.00 -36.23 -54.04
C GLU U 212 37.18 -37.37 -54.62
N THR U 213 35.97 -37.56 -54.10
CA THR U 213 35.05 -38.56 -54.62
C THR U 213 33.72 -37.90 -54.95
N GLY U 214 33.07 -38.42 -55.98
CA GLY U 214 31.81 -37.87 -56.41
C GLY U 214 31.18 -38.72 -57.47
N ILE U 215 30.22 -38.14 -58.19
CA ILE U 215 29.53 -38.87 -59.23
C ILE U 215 30.52 -39.26 -60.34
N SER U 216 31.38 -38.33 -60.74
CA SER U 216 32.38 -38.63 -61.77
C SER U 216 33.74 -37.98 -61.49
N ASN U 217 33.98 -37.54 -60.25
CA ASN U 217 35.18 -36.80 -59.91
C ASN U 217 36.04 -37.55 -58.89
N ASN U 218 36.21 -38.85 -59.10
CA ASN U 218 37.02 -39.69 -58.22
C ASN U 218 38.48 -39.52 -58.62
N LYS U 219 39.22 -38.73 -57.86
CA LYS U 219 40.62 -38.49 -58.20
C LYS U 219 41.38 -38.02 -56.97
N VAL U 220 42.67 -37.74 -57.16
CA VAL U 220 43.60 -37.34 -56.11
C VAL U 220 44.38 -36.13 -56.60
N HIS U 221 44.49 -35.11 -55.74
CA HIS U 221 45.21 -33.89 -56.03
C HIS U 221 46.33 -33.68 -55.02
N VAL U 222 47.32 -32.88 -55.41
CA VAL U 222 48.31 -32.34 -54.50
C VAL U 222 48.00 -30.86 -54.31
N ILE U 223 47.84 -30.44 -53.05
CA ILE U 223 47.35 -29.11 -52.74
C ILE U 223 48.34 -28.41 -51.83
N THR U 224 48.29 -27.07 -51.87
CA THR U 224 49.03 -26.21 -50.97
C THR U 224 48.05 -25.34 -50.19
N GLY U 225 48.47 -24.91 -49.02
CA GLY U 225 47.56 -24.24 -48.10
C GLY U 225 47.36 -22.77 -48.44
N ASP U 226 46.12 -22.32 -48.31
CA ASP U 226 45.74 -20.92 -48.38
C ASP U 226 44.85 -20.56 -47.21
N GLY U 227 45.05 -21.24 -46.08
CA GLY U 227 44.14 -21.20 -44.97
C GLY U 227 43.66 -22.60 -44.64
N PRO U 228 43.13 -22.79 -43.43
CA PRO U 228 42.68 -24.13 -43.05
C PRO U 228 41.53 -24.66 -43.89
N LEU U 229 40.79 -23.80 -44.58
CA LEU U 229 39.67 -24.23 -45.40
C LEU U 229 39.84 -23.92 -46.88
N ASN U 230 40.97 -23.34 -47.29
CA ASN U 230 41.23 -23.02 -48.68
C ASN U 230 42.53 -23.67 -49.11
N TRP U 231 42.62 -23.99 -50.40
CA TRP U 231 43.79 -24.67 -50.93
C TRP U 231 43.91 -24.38 -52.41
N GLY U 232 45.10 -24.67 -52.94
CA GLY U 232 45.34 -24.54 -54.36
C GLY U 232 45.89 -25.81 -54.97
N TYR U 233 45.26 -26.31 -56.02
CA TYR U 233 45.72 -27.53 -56.66
C TYR U 233 47.06 -27.29 -57.35
N GLN U 234 47.98 -28.24 -57.16
CA GLN U 234 49.31 -28.16 -57.76
C GLN U 234 49.50 -29.37 -58.66
N GLY U 235 49.89 -29.12 -59.90
CA GLY U 235 50.03 -30.19 -60.86
C GLY U 235 48.68 -30.70 -61.33
N ASP U 236 48.73 -31.85 -61.99
CA ASP U 236 47.55 -32.52 -62.51
C ASP U 236 47.02 -33.54 -61.53
N ALA U 237 45.73 -33.84 -61.66
CA ALA U 237 45.10 -34.84 -60.81
C ALA U 237 45.39 -36.25 -61.32
N VAL U 238 45.20 -37.22 -60.43
CA VAL U 238 45.35 -38.63 -60.75
C VAL U 238 44.06 -39.34 -60.39
N ASN U 239 43.50 -40.08 -61.35
CA ASN U 239 42.25 -40.79 -61.11
C ASN U 239 42.45 -41.86 -60.04
N ASN U 240 41.50 -41.93 -59.12
CA ASN U 240 41.56 -42.91 -58.03
C ASN U 240 40.16 -43.12 -57.49
N THR U 241 39.70 -44.37 -57.47
CA THR U 241 38.39 -44.71 -56.92
C THR U 241 38.59 -45.24 -55.51
N THR U 242 38.22 -44.44 -54.52
CA THR U 242 38.38 -44.82 -53.12
C THR U 242 37.28 -45.80 -52.72
N ALA U 243 37.66 -46.87 -52.06
CA ALA U 243 36.74 -47.85 -51.51
C ALA U 243 36.80 -47.83 -50.00
N ASN U 244 35.76 -48.36 -49.36
CA ASN U 244 35.70 -48.38 -47.91
C ASN U 244 36.86 -49.21 -47.35
N GLY U 245 37.53 -48.66 -46.34
CA GLY U 245 38.67 -49.33 -45.76
C GLY U 245 39.94 -49.24 -46.57
N ASP U 246 40.12 -48.17 -47.33
CA ASP U 246 41.33 -48.04 -48.15
C ASP U 246 42.43 -47.33 -47.39
N VAL U 247 43.64 -47.87 -47.47
CA VAL U 247 44.78 -47.37 -46.72
C VAL U 247 45.68 -46.59 -47.68
N TYR U 248 45.91 -45.32 -47.37
CA TYR U 248 46.78 -44.45 -48.15
C TYR U 248 47.93 -43.96 -47.28
N THR U 249 49.13 -43.96 -47.85
CA THR U 249 50.34 -43.50 -47.17
C THR U 249 50.83 -42.23 -47.87
N ILE U 250 50.79 -41.12 -47.16
CA ILE U 250 51.30 -39.84 -47.63
C ILE U 250 52.68 -39.65 -47.00
N LYS U 251 53.72 -39.69 -47.81
CA LYS U 251 55.08 -39.53 -47.34
C LYS U 251 55.65 -38.24 -47.90
N TYR U 252 56.09 -37.34 -47.02
CA TYR U 252 56.87 -36.19 -47.43
C TYR U 252 58.32 -36.44 -47.09
N ASN U 253 59.17 -36.46 -48.11
CA ASN U 253 60.61 -36.58 -47.98
C ASN U 253 61.24 -35.20 -48.07
N ASP U 254 61.91 -34.79 -46.99
CA ASP U 254 62.48 -33.45 -46.92
C ASP U 254 63.67 -33.29 -47.85
N LEU U 255 64.61 -34.24 -47.80
CA LEU U 255 65.80 -34.14 -48.64
C LEU U 255 65.48 -34.24 -50.12
N LEU U 256 64.40 -34.93 -50.47
CA LEU U 256 63.90 -34.96 -51.83
C LEU U 256 62.93 -33.83 -52.12
N ASP U 257 62.48 -33.11 -51.09
CA ASP U 257 61.50 -32.03 -51.24
C ASP U 257 60.27 -32.52 -51.98
N THR U 258 59.83 -33.73 -51.66
CA THR U 258 58.83 -34.41 -52.46
C THR U 258 57.72 -34.97 -51.57
N ILE U 259 56.48 -34.63 -51.89
CA ILE U 259 55.31 -35.21 -51.22
C ILE U 259 54.68 -36.20 -52.18
N SER U 260 54.56 -37.45 -51.74
CA SER U 260 54.00 -38.51 -52.55
C SER U 260 52.92 -39.25 -51.78
N CYS U 261 51.99 -39.85 -52.51
CA CYS U 261 50.93 -40.65 -51.93
C CYS U 261 50.92 -42.02 -52.61
N TYR U 262 50.95 -43.06 -51.79
CA TYR U 262 50.85 -44.45 -52.23
C TYR U 262 49.52 -45.02 -51.77
N LYS U 263 48.92 -45.88 -52.58
CA LYS U 263 47.64 -46.49 -52.28
C LYS U 263 47.86 -47.94 -51.85
N GLY U 264 47.30 -48.30 -50.70
CA GLY U 264 47.42 -49.67 -50.22
C GLY U 264 48.85 -50.06 -49.96
N THR U 265 49.27 -51.17 -50.55
CA THR U 265 50.63 -51.68 -50.41
C THR U 265 51.45 -51.48 -51.67
N SER U 266 51.05 -50.56 -52.53
CA SER U 266 51.77 -50.30 -53.77
C SER U 266 53.14 -49.71 -53.48
N LEU U 267 54.14 -50.15 -54.24
CA LEU U 267 55.50 -49.65 -54.12
C LEU U 267 55.76 -48.43 -54.99
N THR U 268 54.81 -48.05 -55.85
CA THR U 268 54.93 -46.90 -56.71
C THR U 268 53.94 -45.83 -56.25
N PRO U 269 54.37 -44.57 -56.16
CA PRO U 269 53.46 -43.52 -55.70
C PRO U 269 52.24 -43.39 -56.59
N LEU U 270 51.06 -43.37 -55.97
CA LEU U 270 49.84 -43.06 -56.72
C LEU U 270 49.90 -41.65 -57.25
N ILE U 271 50.35 -40.70 -56.43
CA ILE U 271 50.58 -39.33 -56.87
C ILE U 271 51.91 -38.86 -56.29
N GLU U 272 52.49 -37.83 -56.91
CA GLU U 272 53.80 -37.35 -56.51
C GLU U 272 53.96 -35.91 -56.96
N ALA U 273 54.56 -35.09 -56.10
CA ALA U 273 54.85 -33.71 -56.43
C ALA U 273 56.14 -33.30 -55.74
N SER U 274 56.83 -32.33 -56.31
CA SER U 274 58.13 -31.90 -55.82
C SER U 274 58.31 -30.41 -56.01
N GLY U 275 59.18 -29.82 -55.20
CA GLY U 275 59.53 -28.42 -55.34
C GLY U 275 58.39 -27.46 -55.10
N LEU U 276 57.59 -27.70 -54.08
CA LEU U 276 56.47 -26.81 -53.76
C LEU U 276 56.96 -25.64 -52.93
N ASP U 277 56.40 -24.46 -53.21
CA ASP U 277 56.82 -23.21 -52.55
C ASP U 277 56.06 -23.07 -51.24
N VAL U 278 56.48 -23.86 -50.25
CA VAL U 278 55.90 -23.83 -48.92
C VAL U 278 57.04 -23.79 -47.90
N PRO U 279 56.94 -22.96 -46.87
CA PRO U 279 58.00 -22.94 -45.84
C PRO U 279 58.11 -24.29 -45.13
N HIS U 280 59.35 -24.66 -44.80
CA HIS U 280 59.62 -25.91 -44.11
C HIS U 280 60.61 -25.66 -42.99
N GLY U 281 60.55 -26.51 -41.96
CA GLY U 281 61.46 -26.42 -40.85
C GLY U 281 60.76 -26.25 -39.52
N GLU U 282 61.47 -25.73 -38.52
CA GLU U 282 60.88 -25.52 -37.21
C GLU U 282 59.73 -24.53 -37.31
N GLY U 283 58.62 -24.85 -36.66
CA GLY U 283 57.41 -24.06 -36.79
C GLY U 283 56.53 -24.44 -37.95
N PHE U 284 56.95 -25.40 -38.77
CA PHE U 284 56.21 -25.85 -39.95
C PHE U 284 56.19 -27.37 -40.00
N ARG U 285 55.88 -27.99 -38.87
CA ARG U 285 55.83 -29.44 -38.77
C ARG U 285 54.51 -29.96 -38.22
N TYR U 286 53.49 -29.11 -38.16
CA TYR U 286 52.18 -29.57 -37.73
C TYR U 286 51.50 -30.37 -38.84
N THR U 287 50.54 -31.19 -38.45
CA THR U 287 49.81 -32.03 -39.37
C THR U 287 48.34 -32.00 -39.01
N GLY U 288 47.50 -32.47 -39.93
CA GLY U 288 46.08 -32.49 -39.67
C GLY U 288 45.28 -33.02 -40.83
N LEU U 289 43.97 -32.78 -40.73
CA LEU U 289 43.00 -33.29 -41.69
C LEU U 289 42.02 -32.18 -42.01
N ALA U 290 41.34 -32.32 -43.15
CA ALA U 290 40.31 -31.36 -43.51
C ALA U 290 39.24 -32.06 -44.33
N TRP U 291 38.00 -31.59 -44.22
CA TRP U 291 36.89 -32.13 -44.98
C TRP U 291 36.08 -31.01 -45.59
N ASN U 292 35.54 -31.27 -46.78
CA ASN U 292 34.66 -30.34 -47.47
C ASN U 292 33.64 -31.13 -48.26
N THR U 293 32.35 -30.92 -47.98
CA THR U 293 31.29 -31.61 -48.70
C THR U 293 30.23 -30.60 -49.12
N ALA U 294 29.62 -30.86 -50.29
CA ALA U 294 28.52 -30.02 -50.75
C ALA U 294 27.26 -30.25 -49.92
N LEU U 295 26.93 -31.52 -49.67
CA LEU U 295 25.79 -31.87 -48.86
C LEU U 295 26.20 -32.06 -47.39
N LEU U 296 25.21 -32.09 -46.52
CA LEU U 296 25.45 -32.22 -45.09
C LEU U 296 25.47 -33.69 -44.67
N SER U 297 26.29 -34.48 -45.35
CA SER U 297 26.46 -35.90 -45.07
C SER U 297 27.94 -36.25 -45.26
N PRO U 298 28.42 -37.29 -44.57
CA PRO U 298 29.83 -37.66 -44.71
C PRO U 298 30.19 -38.04 -46.14
N GLY U 299 31.41 -37.69 -46.53
CA GLY U 299 31.96 -38.09 -47.81
C GLY U 299 33.09 -39.08 -47.63
N VAL U 300 34.33 -38.62 -47.84
CA VAL U 300 35.51 -39.42 -47.53
C VAL U 300 35.96 -39.05 -46.12
N GLU U 301 36.01 -40.03 -45.24
CA GLU U 301 36.37 -39.75 -43.85
C GLU U 301 37.35 -40.78 -43.33
N PRO U 302 38.29 -40.38 -42.48
CA PRO U 302 39.29 -41.32 -41.98
C PRO U 302 38.81 -42.11 -40.77
N THR U 303 38.72 -43.43 -40.92
CA THR U 303 38.49 -44.29 -39.77
C THR U 303 39.73 -44.37 -38.89
N ALA U 304 40.91 -44.54 -39.49
CA ALA U 304 42.14 -44.69 -38.72
C ALA U 304 43.19 -43.71 -39.22
N TRP U 305 43.88 -43.05 -38.28
CA TRP U 305 44.90 -42.07 -38.60
C TRP U 305 46.19 -42.42 -37.89
N GLU U 306 47.31 -42.30 -38.60
CA GLU U 306 48.62 -42.60 -38.06
C GLU U 306 49.62 -41.58 -38.60
N ALA U 307 50.50 -41.10 -37.72
CA ALA U 307 51.56 -40.19 -38.15
C ALA U 307 52.86 -40.62 -37.49
N LYS U 308 53.96 -40.42 -38.23
CA LYS U 308 55.27 -40.76 -37.69
C LYS U 308 56.32 -39.85 -38.31
N ASP U 309 57.38 -39.60 -37.54
CA ASP U 309 58.48 -38.80 -38.03
C ASP U 309 59.27 -39.56 -39.09
N GLY U 310 59.80 -38.81 -40.05
CA GLY U 310 60.72 -39.37 -41.04
C GLY U 310 60.07 -40.26 -42.08
N VAL U 311 60.78 -40.49 -43.17
CA VAL U 311 60.30 -41.39 -44.22
C VAL U 311 61.38 -42.41 -44.56
N THR V 2 71.81 -7.03 59.92
CA THR V 2 72.17 -6.11 61.00
C THR V 2 71.14 -6.15 62.12
N ASP V 3 71.49 -5.57 63.26
CA ASP V 3 70.59 -5.49 64.40
C ASP V 3 69.62 -4.32 64.31
N PHE V 4 69.71 -3.51 63.26
CA PHE V 4 68.76 -2.43 63.03
C PHE V 4 67.55 -2.86 62.23
N LEU V 5 67.55 -4.09 61.70
CA LEU V 5 66.48 -4.54 60.82
C LEU V 5 66.35 -6.05 60.92
N LYS V 6 65.13 -6.54 61.05
CA LYS V 6 64.85 -7.97 61.09
C LYS V 6 63.73 -8.29 60.12
N ILE V 7 63.91 -9.34 59.32
CA ILE V 7 62.91 -9.76 58.35
C ILE V 7 62.53 -11.20 58.65
N GLU V 8 61.24 -11.44 58.83
CA GLU V 8 60.73 -12.77 59.13
C GLU V 8 59.63 -13.13 58.15
N LEU V 9 59.43 -14.43 57.98
CA LEU V 9 58.32 -14.97 57.21
C LEU V 9 57.53 -15.94 58.07
N ILE V 10 56.23 -15.71 58.16
CA ILE V 10 55.31 -16.65 58.80
C ILE V 10 54.50 -17.28 57.68
N GLY V 11 54.79 -18.54 57.39
CA GLY V 11 54.18 -19.21 56.27
C GLY V 11 52.69 -19.44 56.48
N ARG V 12 52.04 -19.84 55.39
CA ARG V 12 50.62 -20.17 55.45
C ARG V 12 50.34 -21.33 56.38
N ASP V 13 51.35 -22.15 56.69
CA ASP V 13 51.20 -23.25 57.62
C ASP V 13 51.56 -22.88 59.06
N GLY V 14 51.94 -21.64 59.31
CA GLY V 14 52.32 -21.20 60.63
C GLY V 14 53.80 -21.31 60.96
N SER V 15 54.62 -21.78 60.03
CA SER V 15 56.05 -21.86 60.25
C SER V 15 56.64 -20.45 60.35
N HIS V 16 57.73 -20.35 61.12
CA HIS V 16 58.38 -19.07 61.39
C HIS V 16 59.82 -19.13 60.93
N TRP V 17 60.22 -18.19 60.08
CA TRP V 17 61.55 -18.12 59.53
C TRP V 17 62.11 -16.72 59.73
N VAL V 18 63.40 -16.63 60.01
CA VAL V 18 64.09 -15.35 60.13
C VAL V 18 65.06 -15.26 58.96
N LEU V 19 64.66 -14.53 57.92
CA LEU V 19 65.49 -14.44 56.72
C LEU V 19 66.69 -13.53 56.94
N SER V 20 66.48 -12.39 57.59
CA SER V 20 67.55 -11.44 57.86
C SER V 20 67.38 -10.88 59.25
N GLY V 21 68.48 -10.36 59.80
CA GLY V 21 68.48 -9.78 61.12
C GLY V 21 69.08 -10.70 62.16
N PRO V 22 68.87 -10.39 63.43
CA PRO V 22 69.37 -11.28 64.49
C PRO V 22 68.68 -12.64 64.43
N GLY V 23 69.48 -13.69 64.55
CA GLY V 23 68.95 -15.04 64.47
C GLY V 23 68.59 -15.50 63.08
N MET V 24 69.16 -14.88 62.04
CA MET V 24 68.85 -15.25 60.67
C MET V 24 69.58 -16.54 60.29
N GLY V 25 68.90 -17.37 59.51
CA GLY V 25 69.46 -18.63 59.07
C GLY V 25 69.39 -19.76 60.05
N GLN V 26 68.76 -19.56 61.22
CA GLN V 26 68.64 -20.64 62.19
C GLN V 26 67.78 -21.77 61.66
N GLN V 27 66.75 -21.45 60.89
CA GLN V 27 65.90 -22.45 60.27
C GLN V 27 66.46 -22.95 58.94
N GLY V 28 67.62 -22.45 58.52
CA GLY V 28 68.29 -22.93 57.33
C GLY V 28 68.16 -22.04 56.12
N VAL V 29 67.30 -21.03 56.16
CA VAL V 29 67.04 -20.19 55.00
C VAL V 29 67.46 -18.76 55.33
N THR V 30 68.32 -18.19 54.50
CA THR V 30 68.71 -16.79 54.59
C THR V 30 68.19 -16.05 53.36
N LEU V 31 68.30 -14.72 53.42
CA LEU V 31 67.81 -13.85 52.36
C LEU V 31 68.99 -13.31 51.56
N ASN V 32 69.00 -13.56 50.26
CA ASN V 32 70.01 -13.04 49.37
C ASN V 32 69.74 -11.57 49.06
N PRO V 33 70.76 -10.83 48.64
CA PRO V 33 70.56 -9.40 48.33
C PRO V 33 69.67 -9.15 47.12
N ASN V 34 69.45 -7.88 46.81
CA ASN V 34 68.74 -7.45 45.61
C ASN V 34 67.29 -7.98 45.58
N LEU V 35 66.50 -7.47 46.52
CA LEU V 35 65.06 -7.68 46.53
C LEU V 35 64.36 -6.41 46.07
N GLN V 36 63.38 -6.55 45.19
CA GLN V 36 62.80 -5.44 44.45
C GLN V 36 61.32 -5.26 44.78
N GLN V 37 60.86 -4.01 44.64
CA GLN V 37 59.49 -3.62 44.99
C GLN V 37 59.14 -4.01 46.42
N PHE V 38 60.13 -3.87 47.31
CA PHE V 38 59.99 -4.26 48.70
C PHE V 38 59.74 -3.09 49.62
N TYR V 39 60.26 -1.90 49.30
CA TYR V 39 60.24 -0.77 50.21
C TYR V 39 59.07 0.17 49.96
N ASP V 40 59.02 0.80 48.79
CA ASP V 40 57.99 1.78 48.48
C ASP V 40 56.84 1.13 47.74
N ALA V 41 55.62 1.54 48.06
CA ALA V 41 54.46 1.02 47.38
C ALA V 41 54.41 1.54 45.94
N PRO V 42 54.34 0.68 44.94
CA PRO V 42 54.33 1.14 43.54
C PRO V 42 53.06 1.94 43.23
N VAL V 43 53.25 3.16 42.77
CA VAL V 43 52.15 4.05 42.42
C VAL V 43 52.43 4.62 41.04
N LYS V 44 51.41 4.61 40.18
CA LYS V 44 51.51 5.25 38.88
C LYS V 44 50.57 6.44 38.83
N THR V 45 51.08 7.55 38.28
CA THR V 45 50.32 8.79 38.21
C THR V 45 49.74 8.97 36.80
N LEU V 46 48.68 9.75 36.72
CA LEU V 46 47.89 9.90 35.51
C LEU V 46 47.96 11.34 35.02
N TYR V 47 47.96 11.52 33.71
CA TYR V 47 48.08 12.84 33.12
C TYR V 47 47.18 12.96 31.90
N VAL V 48 46.50 14.11 31.81
CA VAL V 48 45.65 14.43 30.66
C VAL V 48 46.36 15.46 29.80
N PRO V 49 46.10 15.52 28.50
CA PRO V 49 46.70 16.59 27.69
C PRO V 49 46.22 17.96 28.14
N GLY V 50 47.11 18.94 28.05
CA GLY V 50 46.79 20.29 28.45
C GLY V 50 47.52 21.32 27.61
N PRO V 51 47.20 22.60 27.83
CA PRO V 51 47.87 23.66 27.06
C PRO V 51 49.38 23.70 27.26
N PHE V 52 49.87 23.37 28.45
CA PHE V 52 51.29 23.41 28.74
C PHE V 52 51.89 22.01 28.80
N GLY V 53 51.41 21.11 27.96
CA GLY V 53 51.85 19.73 27.98
C GLY V 53 50.79 18.80 28.53
N GLU V 54 50.99 18.31 29.74
CA GLU V 54 50.06 17.40 30.37
C GLU V 54 49.73 17.91 31.77
N GLU V 55 48.50 17.64 32.20
CA GLU V 55 48.01 18.07 33.51
C GLU V 55 47.81 16.85 34.40
N TYR V 56 48.08 17.01 35.69
CA TYR V 56 47.91 15.92 36.65
C TYR V 56 46.46 15.47 36.71
N ALA V 57 46.23 14.16 36.66
CA ALA V 57 44.90 13.60 36.69
C ALA V 57 44.63 12.71 37.90
N GLY V 58 45.65 12.36 38.66
CA GLY V 58 45.45 11.51 39.83
C GLY V 58 46.51 10.44 39.93
N LYS V 59 46.38 9.58 40.94
CA LYS V 59 47.32 8.49 41.14
C LYS V 59 46.55 7.21 41.44
N ARG V 60 47.18 6.09 41.13
CA ARG V 60 46.67 4.78 41.49
C ARG V 60 47.81 3.97 42.08
N VAL V 61 47.56 3.30 43.19
CA VAL V 61 48.55 2.44 43.82
C VAL V 61 48.46 1.05 43.20
N GLN V 62 49.60 0.49 42.85
CA GLN V 62 49.67 -0.79 42.16
C GLN V 62 50.08 -1.90 43.11
N ARG V 63 49.76 -3.13 42.73
CA ARG V 63 50.10 -4.27 43.56
C ARG V 63 51.60 -4.54 43.51
N ARG V 64 52.14 -5.05 44.61
CA ARG V 64 53.58 -5.28 44.69
C ARG V 64 53.95 -6.58 43.99
N GLU V 65 54.96 -6.53 43.13
CA GLU V 65 55.49 -7.71 42.47
C GLU V 65 56.92 -7.88 42.97
N ILE V 66 57.07 -8.55 44.11
CA ILE V 66 58.35 -8.68 44.77
C ILE V 66 59.08 -9.89 44.21
N VAL V 67 60.33 -9.70 43.83
CA VAL V 67 61.20 -10.79 43.39
C VAL V 67 62.38 -10.83 44.33
N PHE V 68 62.57 -11.96 45.00
CA PHE V 68 63.68 -12.06 45.94
C PHE V 68 64.18 -13.49 45.97
N SER V 69 65.44 -13.66 46.34
CA SER V 69 66.06 -14.97 46.41
C SER V 69 66.35 -15.31 47.86
N VAL V 70 66.11 -16.56 48.22
CA VAL V 70 66.52 -17.08 49.51
C VAL V 70 67.56 -18.16 49.26
N GLN V 71 68.30 -18.49 50.30
CA GLN V 71 69.34 -19.50 50.24
C GLN V 71 69.07 -20.53 51.33
N ALA V 72 68.78 -21.76 50.92
CA ALA V 72 68.53 -22.86 51.84
C ALA V 72 69.79 -23.70 51.97
N TYR V 73 70.25 -23.89 53.19
CA TYR V 73 71.53 -24.52 53.45
C TYR V 73 71.43 -25.51 54.60
N ASP V 74 72.21 -26.57 54.51
CA ASP V 74 72.45 -27.46 55.64
C ASP V 74 73.72 -28.25 55.38
N GLU V 75 74.25 -28.85 56.45
CA GLU V 75 75.49 -29.61 56.33
C GLU V 75 75.31 -30.87 55.50
N ASP V 76 74.19 -31.56 55.67
CA ASP V 76 73.98 -32.80 54.94
C ASP V 76 72.79 -32.70 54.00
N PRO V 77 72.85 -33.37 52.85
CA PRO V 77 71.81 -33.21 51.83
C PRO V 77 70.42 -33.64 52.28
N ASP V 78 70.30 -34.64 53.17
CA ASP V 78 68.98 -35.05 53.62
C ASP V 78 68.30 -33.96 54.44
N THR V 79 69.04 -33.36 55.38
CA THR V 79 68.49 -32.23 56.13
C THR V 79 68.26 -31.03 55.23
N TRP V 80 69.12 -30.82 54.23
CA TRP V 80 68.86 -29.76 53.26
C TRP V 80 67.54 -30.01 52.53
N SER V 81 67.28 -31.26 52.16
CA SER V 81 66.03 -31.60 51.49
C SER V 81 64.83 -31.33 52.39
N THR V 82 64.95 -31.66 53.67
CA THR V 82 63.89 -31.33 54.61
C THR V 82 63.67 -29.82 54.68
N VAL V 83 64.75 -29.05 54.73
CA VAL V 83 64.63 -27.59 54.82
C VAL V 83 63.98 -27.03 53.58
N ASP V 84 64.39 -27.51 52.40
CA ASP V 84 63.81 -27.04 51.15
C ASP V 84 62.33 -27.38 51.06
N SER V 85 61.95 -28.60 51.48
CA SER V 85 60.55 -28.97 51.47
C SER V 85 59.73 -28.12 52.42
N LEU V 86 60.27 -27.84 53.61
CA LEU V 86 59.55 -26.99 54.55
C LEU V 86 59.38 -25.57 54.01
N TRP V 87 60.42 -25.05 53.37
CA TRP V 87 60.32 -23.73 52.76
C TRP V 87 59.25 -23.71 51.67
N ARG V 88 59.21 -24.75 50.85
CA ARG V 88 58.17 -24.81 49.81
C ARG V 88 56.79 -24.93 50.43
N TRP V 89 56.65 -25.69 51.51
CA TRP V 89 55.36 -25.83 52.17
C TRP V 89 54.91 -24.52 52.79
N ALA V 90 55.85 -23.67 53.19
CA ALA V 90 55.50 -22.36 53.76
C ALA V 90 54.89 -21.40 52.76
N TRP V 91 54.61 -21.78 51.51
CA TRP V 91 54.10 -20.85 50.51
C TRP V 91 52.92 -21.47 49.79
N ASP V 92 52.12 -20.62 49.14
CA ASP V 92 50.98 -21.07 48.37
C ASP V 92 50.56 -19.98 47.40
N TYR V 93 49.69 -20.34 46.47
CA TYR V 93 49.11 -19.39 45.53
C TYR V 93 47.77 -18.86 46.04
N ASP V 94 46.92 -19.72 46.59
CA ASP V 94 45.57 -19.31 46.96
C ASP V 94 45.56 -18.46 48.22
N GLU V 95 46.35 -18.84 49.22
CA GLU V 95 46.37 -18.13 50.49
C GLU V 95 47.74 -17.52 50.75
N GLU V 96 47.74 -16.41 51.48
CA GLU V 96 48.90 -15.55 51.63
C GLU V 96 49.63 -15.83 52.93
N SER V 97 50.95 -15.78 52.88
CA SER V 97 51.80 -15.85 54.06
C SER V 97 52.29 -14.45 54.43
N GLU V 98 52.62 -14.29 55.71
CA GLU V 98 52.99 -12.99 56.24
C GLU V 98 54.49 -12.77 56.16
N LEU V 99 54.88 -11.53 55.86
CA LEU V 99 56.27 -11.13 55.75
C LEU V 99 56.45 -9.91 56.64
N ARG V 100 57.09 -10.09 57.80
CA ARG V 100 57.19 -9.05 58.80
C ARG V 100 58.56 -8.41 58.78
N VAL V 101 58.58 -7.08 58.93
CA VAL V 101 59.80 -6.30 59.04
C VAL V 101 59.77 -5.57 60.37
N SER V 102 60.81 -5.75 61.17
CA SER V 102 60.90 -5.17 62.50
C SER V 102 62.09 -4.24 62.55
N THR V 103 61.85 -2.99 62.93
CA THR V 103 62.88 -1.97 63.12
C THR V 103 62.54 -1.18 64.37
N SER V 104 63.29 -0.10 64.60
CA SER V 104 63.00 0.78 65.72
C SER V 104 61.65 1.47 65.58
N ASP V 105 61.07 1.46 64.38
CA ASP V 105 59.74 1.99 64.15
C ASP V 105 58.64 0.98 64.45
N GLY V 106 58.99 -0.22 64.86
CA GLY V 106 58.03 -1.25 65.13
C GLY V 106 58.07 -2.36 64.10
N THR V 107 56.99 -3.15 64.08
CA THR V 107 56.89 -4.29 63.19
C THR V 107 55.72 -4.07 62.25
N ARG V 108 55.99 -4.16 60.94
CA ARG V 108 54.99 -4.01 59.90
C ARG V 108 55.00 -5.25 59.02
N PHE V 109 53.82 -5.75 58.67
CA PHE V 109 53.71 -6.99 57.94
C PHE V 109 53.05 -6.78 56.59
N LEU V 110 53.46 -7.61 55.62
CA LEU V 110 52.90 -7.62 54.27
C LEU V 110 52.41 -9.02 53.96
N LYS V 111 51.21 -9.14 53.41
CA LYS V 111 50.67 -10.44 53.05
C LYS V 111 51.00 -10.74 51.59
N VAL V 112 51.74 -11.82 51.35
CA VAL V 112 52.28 -12.12 50.03
C VAL V 112 51.93 -13.55 49.66
N ARG V 113 51.69 -13.78 48.37
CA ARG V 113 51.42 -15.10 47.84
C ARG V 113 52.30 -15.34 46.61
N LEU V 114 52.48 -16.60 46.27
CA LEU V 114 53.29 -16.96 45.11
C LEU V 114 52.62 -16.47 43.83
N MET V 115 53.29 -15.55 43.13
CA MET V 115 52.78 -15.10 41.84
C MET V 115 52.99 -16.14 40.76
N GLU V 116 54.06 -16.93 40.86
CA GLU V 116 54.36 -17.98 39.89
C GLU V 116 55.21 -19.03 40.59
N GLU V 117 55.54 -20.08 39.85
CA GLU V 117 56.30 -21.18 40.43
C GLU V 117 57.69 -20.70 40.86
N PRO V 118 58.18 -21.16 42.00
CA PRO V 118 59.54 -20.80 42.40
C PRO V 118 60.58 -21.41 41.47
N LYS V 119 61.73 -20.75 41.38
CA LYS V 119 62.84 -21.23 40.56
C LYS V 119 63.94 -21.70 41.48
N PRO V 120 64.05 -23.01 41.75
CA PRO V 120 65.02 -23.48 42.75
C PRO V 120 66.33 -23.99 42.16
N TYR V 121 67.35 -24.07 43.01
CA TYR V 121 68.57 -24.85 42.79
C TYR V 121 69.48 -24.25 41.72
N TYR V 122 70.66 -24.83 41.57
CA TYR V 122 71.65 -24.43 40.58
C TYR V 122 71.46 -25.24 39.30
N GLU V 123 72.46 -25.19 38.41
CA GLU V 123 72.41 -25.98 37.20
C GLU V 123 72.51 -27.48 37.50
N LYS V 124 73.38 -27.86 38.43
CA LYS V 124 73.54 -29.25 38.80
C LYS V 124 72.51 -29.62 39.87
N ASP V 125 72.49 -30.90 40.25
CA ASP V 125 71.51 -31.32 41.23
C ASP V 125 71.83 -30.71 42.58
N PRO V 126 70.81 -30.34 43.37
CA PRO V 126 71.07 -29.58 44.60
C PRO V 126 71.66 -30.42 45.74
N HIS V 127 71.68 -31.75 45.62
CA HIS V 127 72.23 -32.56 46.68
C HIS V 127 73.75 -32.52 46.71
N ILE V 128 74.39 -32.07 45.62
CA ILE V 128 75.84 -31.88 45.63
C ILE V 128 76.22 -30.81 46.64
N THR V 129 75.49 -29.70 46.64
CA THR V 129 75.85 -28.54 47.43
C THR V 129 75.17 -28.53 48.79
N ALA V 130 73.90 -28.94 48.86
CA ALA V 130 73.07 -28.77 50.05
C ALA V 130 73.00 -27.31 50.49
N ASP V 131 73.27 -26.40 49.55
CA ASP V 131 73.26 -24.95 49.78
C ASP V 131 72.83 -24.32 48.45
N ASN V 132 71.53 -24.10 48.32
CA ASN V 132 70.99 -23.74 47.02
C ASN V 132 70.06 -22.55 47.12
N PRO V 133 70.00 -21.72 46.07
CA PRO V 133 69.10 -20.57 46.07
C PRO V 133 67.76 -20.87 45.44
N ILE V 134 66.72 -20.29 46.02
CA ILE V 134 65.37 -20.35 45.50
C ILE V 134 64.95 -18.93 45.16
N VAL V 135 64.74 -18.66 43.88
CA VAL V 135 64.23 -17.37 43.44
C VAL V 135 62.72 -17.42 43.50
N MET V 136 62.11 -16.44 44.14
CA MET V 136 60.68 -16.44 44.40
C MET V 136 60.09 -15.12 43.93
N THR V 137 59.02 -15.22 43.16
CA THR V 137 58.27 -14.07 42.67
C THR V 137 56.94 -14.08 43.40
N VAL V 138 56.87 -13.32 44.49
CA VAL V 138 55.67 -13.22 45.29
C VAL V 138 54.96 -11.92 44.94
N THR V 139 53.70 -11.83 45.32
CA THR V 139 52.92 -10.65 45.02
C THR V 139 52.11 -10.22 46.23
N ALA V 140 51.98 -8.91 46.40
CA ALA V 140 51.15 -8.32 47.44
C ALA V 140 49.94 -7.68 46.75
N THR V 141 48.79 -8.32 46.88
CA THR V 141 47.54 -7.75 46.40
C THR V 141 47.20 -6.47 47.14
N PHE V 142 47.37 -6.46 48.47
CA PHE V 142 47.30 -5.24 49.24
C PHE V 142 48.72 -4.72 49.38
N PRO V 143 49.07 -3.59 48.74
CA PRO V 143 50.49 -3.22 48.64
C PRO V 143 51.04 -2.46 49.83
N TYR V 144 50.20 -2.05 50.78
CA TYR V 144 50.67 -1.25 51.90
C TYR V 144 51.15 -2.12 53.04
N TRP V 145 52.29 -1.75 53.62
CA TRP V 145 52.71 -2.35 54.87
C TRP V 145 51.80 -1.87 56.00
N GLN V 146 51.44 -2.78 56.89
CA GLN V 146 50.48 -2.46 57.93
C GLN V 146 50.95 -2.96 59.28
N ASP V 147 50.46 -2.29 60.32
CA ASP V 147 50.64 -2.69 61.71
C ASP V 147 49.31 -3.18 62.25
N GLU V 148 49.31 -3.59 63.51
CA GLU V 148 48.07 -4.01 64.15
C GLU V 148 47.15 -2.81 64.31
N PRO V 149 45.89 -2.91 63.90
CA PRO V 149 45.00 -1.75 63.96
C PRO V 149 44.70 -1.32 65.40
N GLU V 150 44.44 -0.03 65.56
CA GLU V 150 44.09 0.52 66.86
C GLU V 150 42.60 0.40 67.09
N GLU V 151 42.22 -0.22 68.21
CA GLU V 151 40.83 -0.53 68.49
C GLU V 151 40.36 0.17 69.76
N LEU V 152 39.15 0.70 69.71
CA LEU V 152 38.52 1.35 70.85
C LEU V 152 37.09 0.85 70.98
N ILE V 153 36.62 0.76 72.22
CA ILE V 153 35.30 0.22 72.52
C ILE V 153 34.55 1.20 73.41
N TRP V 154 33.29 1.48 73.07
CA TRP V 154 32.41 2.29 73.89
C TRP V 154 31.09 1.57 74.07
N THR V 155 30.77 1.22 75.30
CA THR V 155 29.50 0.58 75.63
C THR V 155 28.66 1.51 76.48
N THR V 156 27.34 1.31 76.43
CA THR V 156 26.44 2.14 77.21
C THR V 156 25.22 1.34 77.58
N LEU V 157 24.51 1.82 78.62
CA LEU V 157 23.24 1.26 79.03
C LEU V 157 22.07 2.19 78.76
N SER V 158 22.34 3.45 78.39
CA SER V 158 21.27 4.41 78.16
C SER V 158 20.55 4.11 76.86
N THR V 159 19.29 4.54 76.79
CA THR V 159 18.54 4.42 75.54
C THR V 159 19.13 5.32 74.46
N GLU V 160 19.52 6.54 74.81
CA GLU V 160 20.15 7.47 73.89
C GLU V 160 21.46 7.95 74.52
N ASP V 161 22.52 7.95 73.73
CA ASP V 161 23.83 8.33 74.25
C ASP V 161 24.71 8.81 73.11
N MET V 162 25.86 9.36 73.47
CA MET V 162 26.83 9.86 72.51
C MET V 162 28.23 9.66 73.08
N THR V 163 29.21 9.59 72.19
CA THR V 163 30.59 9.38 72.62
C THR V 163 31.53 10.01 71.61
N ARG V 164 32.78 10.20 72.03
CA ARG V 164 33.84 10.75 71.21
C ARG V 164 34.98 9.74 71.12
N PHE V 165 35.41 9.44 69.89
CA PHE V 165 36.52 8.53 69.66
C PHE V 165 37.71 9.33 69.17
N PRO V 166 38.84 9.35 69.87
CA PRO V 166 40.04 9.98 69.32
C PRO V 166 40.60 9.16 68.18
N VAL V 167 40.85 9.82 67.05
CA VAL V 167 41.34 9.16 65.85
C VAL V 167 42.44 10.01 65.25
N ARG V 168 43.48 9.36 64.72
CA ARG V 168 44.64 10.08 64.21
C ARG V 168 45.41 9.17 63.27
N ASN V 169 45.59 9.60 62.03
CA ASN V 169 46.37 8.86 61.04
C ASN V 169 47.81 9.30 61.12
N ASP V 170 48.67 8.47 61.69
CA ASP V 170 50.10 8.73 61.80
C ASP V 170 50.90 8.12 60.67
N GLY V 171 50.25 7.51 59.68
CA GLY V 171 50.93 6.84 58.60
C GLY V 171 51.10 7.72 57.38
N ASP V 172 51.43 7.07 56.26
CA ASP V 172 51.67 7.76 55.01
C ASP V 172 50.43 7.86 54.13
N VAL V 173 49.47 6.95 54.30
CA VAL V 173 48.38 6.80 53.35
C VAL V 173 47.04 6.88 54.09
N PRO V 174 45.97 7.30 53.43
CA PRO V 174 44.66 7.31 54.08
C PRO V 174 44.22 5.91 54.48
N VAL V 175 43.57 5.80 55.63
CA VAL V 175 43.09 4.54 56.15
C VAL V 175 41.57 4.58 56.23
N TRP V 176 40.96 3.41 56.15
CA TRP V 176 39.50 3.28 56.12
C TRP V 176 39.04 2.66 57.43
N LEU V 177 38.12 3.34 58.11
CA LEU V 177 37.69 2.92 59.44
C LEU V 177 36.70 1.76 59.37
N LYS V 178 36.71 0.94 60.42
CA LYS V 178 35.78 -0.16 60.56
C LYS V 178 34.99 0.04 61.85
N TRP V 179 33.70 -0.25 61.80
CA TRP V 179 32.84 -0.14 62.97
C TRP V 179 32.16 -1.47 63.23
N THR V 180 31.96 -1.77 64.51
CA THR V 180 31.14 -2.90 64.93
C THR V 180 30.08 -2.36 65.86
N LEU V 181 28.81 -2.50 65.47
CA LEU V 181 27.70 -1.87 66.18
C LEU V 181 26.73 -2.94 66.64
N THR V 182 26.33 -2.87 67.90
CA THR V 182 25.35 -3.82 68.41
C THR V 182 23.94 -3.44 67.99
N ALA V 183 23.01 -4.36 68.23
CA ALA V 183 21.60 -4.19 67.92
C ALA V 183 20.75 -4.58 69.12
N PRO V 184 19.54 -4.03 69.24
CA PRO V 184 18.88 -3.04 68.37
C PRO V 184 19.40 -1.63 68.61
N GLY V 185 19.03 -0.69 67.77
CA GLY V 185 19.42 0.70 67.96
C GLY V 185 19.71 1.39 66.64
N LEU V 186 19.52 2.69 66.63
CA LEU V 186 19.83 3.53 65.47
C LEU V 186 21.13 4.27 65.76
N TRP V 187 22.14 4.03 64.93
CA TRP V 187 23.44 4.65 65.09
C TRP V 187 23.61 5.79 64.10
N ILE V 188 24.30 6.83 64.53
CA ILE V 188 24.77 7.90 63.65
C ILE V 188 26.28 7.93 63.77
N LEU V 189 26.96 7.65 62.64
CA LEU V 189 28.40 7.52 62.58
C LEU V 189 29.01 8.67 61.79
N PRO V 190 30.22 9.10 62.17
CA PRO V 190 30.87 10.20 61.45
C PRO V 190 31.49 9.72 60.15
N ASP V 191 31.44 10.58 59.14
CA ASP V 191 32.09 10.37 57.85
C ASP V 191 32.81 11.63 57.43
N PHE V 192 33.60 12.18 58.35
CA PHE V 192 34.24 13.46 58.14
C PHE V 192 35.14 13.44 56.90
N SER V 193 35.10 14.52 56.13
CA SER V 193 35.92 14.62 54.94
C SER V 193 37.40 14.76 55.29
N TRP V 194 37.70 15.33 56.46
CA TRP V 194 39.07 15.65 56.86
C TRP V 194 39.73 16.62 55.87
N GLY V 195 38.92 17.46 55.23
CA GLY V 195 39.42 18.37 54.23
C GLY V 195 39.72 17.75 52.88
N ASN V 196 39.35 16.49 52.67
CA ASN V 196 39.65 15.83 51.41
C ASN V 196 38.70 16.33 50.32
N ASP V 197 39.29 16.79 49.22
CA ASP V 197 38.54 17.44 48.13
C ASP V 197 38.29 16.49 46.97
N MET V 198 38.18 15.18 47.23
CA MET V 198 38.03 14.22 46.15
C MET V 198 36.67 14.32 45.49
N TYR V 199 35.64 14.70 46.24
CA TYR V 199 34.30 14.89 45.69
C TYR V 199 33.95 16.36 45.52
N SER V 200 34.93 17.26 45.65
CA SER V 200 34.70 18.71 45.66
C SER V 200 33.73 19.11 46.77
N ARG V 201 33.86 18.46 47.93
CA ARG V 201 33.05 18.76 49.10
C ARG V 201 33.91 18.76 50.35
N GLY V 202 35.14 19.25 50.22
CA GLY V 202 36.12 19.08 51.29
C GLY V 202 35.70 19.72 52.60
N ARG V 203 35.26 20.98 52.54
CA ARG V 203 34.79 21.65 53.74
C ARG V 203 33.28 21.63 53.88
N GLU V 204 32.55 21.19 52.86
CA GLU V 204 31.13 20.96 53.01
C GLU V 204 30.85 19.71 53.84
N ASP V 205 31.75 18.73 53.78
CA ASP V 205 31.60 17.49 54.52
C ASP V 205 32.55 17.41 55.71
N LEU V 206 32.91 18.56 56.28
CA LEU V 206 33.81 18.56 57.43
C LEU V 206 33.19 17.85 58.62
N GLY V 207 31.90 18.08 58.87
CA GLY V 207 31.22 17.45 59.98
C GLY V 207 30.09 16.53 59.53
N ARG V 208 30.33 15.77 58.47
CA ARG V 208 29.31 14.89 57.94
C ARG V 208 29.06 13.73 58.89
N THR V 209 27.79 13.46 59.17
CA THR V 209 27.37 12.31 59.94
C THR V 209 26.25 11.61 59.20
N VAL V 210 26.32 10.28 59.14
CA VAL V 210 25.37 9.47 58.40
C VAL V 210 24.69 8.51 59.36
N ALA V 211 23.38 8.37 59.22
CA ALA V 211 22.59 7.50 60.09
C ALA V 211 22.44 6.12 59.45
N MET V 212 22.87 5.09 60.17
CA MET V 212 22.62 3.73 59.74
C MET V 212 21.14 3.40 59.88
N PRO V 213 20.66 2.42 59.13
CA PRO V 213 19.26 2.01 59.29
C PRO V 213 19.02 1.40 60.66
N GLU V 214 17.78 1.55 61.14
CA GLU V 214 17.41 1.04 62.46
C GLU V 214 17.59 -0.47 62.52
N LEU V 215 18.52 -0.93 63.35
CA LEU V 215 18.82 -2.35 63.46
C LEU V 215 17.78 -3.05 64.33
N VAL V 216 17.28 -4.17 63.85
CA VAL V 216 16.34 -5.00 64.61
C VAL V 216 17.12 -5.89 65.56
N ALA V 217 16.41 -6.54 66.49
CA ALA V 217 17.06 -7.32 67.54
C ALA V 217 17.90 -8.44 66.95
N GLY V 218 19.11 -8.59 67.47
CA GLY V 218 20.03 -9.63 67.05
C GLY V 218 20.80 -9.32 65.79
N GLU V 219 20.59 -8.15 65.18
CA GLU V 219 21.21 -7.80 63.92
C GLU V 219 22.42 -6.89 64.15
N HIS V 220 23.43 -7.43 64.83
CA HIS V 220 24.67 -6.68 65.01
C HIS V 220 25.38 -6.56 63.67
N VAL V 221 25.90 -5.37 63.40
CA VAL V 221 26.42 -5.08 62.06
C VAL V 221 27.90 -4.73 62.15
N SER V 222 28.59 -4.98 61.06
CA SER V 222 29.94 -4.47 60.83
C SER V 222 29.90 -3.54 59.64
N VAL V 223 30.44 -2.35 59.81
CA VAL V 223 30.41 -1.28 58.83
C VAL V 223 31.87 -0.98 58.48
N ASP V 224 32.35 -1.59 57.41
CA ASP V 224 33.73 -1.41 56.98
C ASP V 224 33.76 -0.42 55.82
N SER V 225 34.46 0.70 56.00
CA SER V 225 34.41 1.73 54.98
C SER V 225 35.34 1.47 53.81
N ASP V 226 36.23 0.48 53.92
CA ASP V 226 37.17 0.24 52.82
C ASP V 226 36.42 -0.26 51.59
N PRO V 227 36.91 0.06 50.40
CA PRO V 227 36.20 -0.34 49.17
C PRO V 227 36.36 -1.80 48.80
N ARG V 228 37.28 -2.52 49.43
CA ARG V 228 37.46 -3.94 49.10
C ARG V 228 36.23 -4.75 49.46
N VAL V 229 35.46 -4.31 50.45
CA VAL V 229 34.42 -5.10 51.07
C VAL V 229 33.13 -4.30 51.09
N GLN V 230 32.01 -5.01 51.13
CA GLN V 230 30.71 -4.35 51.28
C GLN V 230 30.66 -3.61 52.61
N THR V 231 30.02 -2.45 52.59
CA THR V 231 30.06 -1.55 53.76
C THR V 231 29.34 -2.17 54.95
N LEU V 232 28.04 -2.41 54.81
CA LEU V 232 27.20 -2.92 55.90
C LEU V 232 27.03 -4.42 55.75
N ILE V 233 27.36 -5.17 56.80
CA ILE V 233 27.13 -6.61 56.82
C ILE V 233 26.63 -7.01 58.19
N ALA V 234 25.45 -7.61 58.24
CA ALA V 234 24.87 -8.09 59.50
C ALA V 234 25.39 -9.48 59.81
N VAL V 235 25.47 -9.78 61.12
CA VAL V 235 25.97 -11.08 61.54
C VAL V 235 24.90 -12.15 61.51
N ASN V 236 23.63 -11.77 61.47
CA ASN V 236 22.53 -12.73 61.35
C ASN V 236 22.14 -12.98 59.90
N GLY V 237 22.86 -12.39 58.95
CA GLY V 237 22.57 -12.57 57.54
C GLY V 237 21.48 -11.68 56.99
N MET V 238 20.92 -10.79 57.80
CA MET V 238 19.89 -9.90 57.31
C MET V 238 20.49 -8.91 56.31
N PRO V 239 19.75 -8.56 55.26
CA PRO V 239 20.22 -7.61 54.25
C PRO V 239 20.10 -6.16 54.72
N THR V 240 21.07 -5.75 55.53
CA THR V 240 20.98 -4.42 56.17
C THR V 240 21.16 -3.30 55.15
N GLN V 241 22.14 -3.43 54.25
CA GLN V 241 22.41 -2.35 53.31
C GLN V 241 21.27 -2.14 52.33
N ASN V 242 20.40 -3.14 52.15
CA ASN V 242 19.19 -2.96 51.37
C ASN V 242 18.27 -1.89 51.95
N ARG V 243 18.36 -1.62 53.25
CA ARG V 243 17.50 -0.66 53.92
C ARG V 243 18.17 0.70 54.07
N TRP V 244 19.20 0.98 53.29
CA TRP V 244 20.07 2.13 53.54
C TRP V 244 19.98 3.16 52.42
N LYS V 245 19.08 2.97 51.45
CA LYS V 245 18.69 3.99 50.48
C LYS V 245 19.85 4.55 49.68
N GLY V 246 20.91 3.75 49.50
CA GLY V 246 22.05 4.22 48.75
C GLY V 246 23.04 5.05 49.53
N ASN V 247 22.85 5.19 50.85
CA ASN V 247 23.82 5.90 51.68
C ASN V 247 25.08 5.05 51.83
N ASP V 248 26.19 5.72 52.17
CA ASP V 248 27.47 5.06 52.26
C ASP V 248 28.44 5.95 53.02
N LEU V 249 29.54 5.33 53.47
CA LEU V 249 30.68 6.07 54.00
C LEU V 249 31.66 6.33 52.86
N LEU V 250 32.02 7.60 52.68
CA LEU V 250 32.72 8.03 51.48
C LEU V 250 34.17 8.42 51.70
N TYR V 251 34.56 8.75 52.93
CA TYR V 251 35.85 9.39 53.16
C TYR V 251 36.74 8.52 54.02
N PRO V 252 38.00 8.33 53.65
CA PRO V 252 38.97 7.70 54.54
C PRO V 252 39.56 8.73 55.51
N LEU V 253 40.27 8.22 56.50
CA LEU V 253 40.98 9.08 57.44
C LEU V 253 42.30 9.50 56.80
N MET V 254 42.37 10.74 56.35
CA MET V 254 43.53 11.22 55.61
C MET V 254 44.76 11.28 56.52
N PRO V 255 45.95 11.11 55.95
CA PRO V 255 47.17 11.15 56.78
C PRO V 255 47.35 12.50 57.44
N GLY V 256 47.85 12.48 58.68
CA GLY V 256 48.06 13.68 59.44
C GLY V 256 46.81 14.29 60.05
N LYS V 257 45.66 13.64 59.89
CA LYS V 257 44.39 14.16 60.36
C LYS V 257 43.89 13.34 61.54
N GLY V 258 43.25 14.01 62.48
CA GLY V 258 42.67 13.34 63.63
C GLY V 258 41.79 14.29 64.40
N ALA V 259 40.83 13.70 65.11
CA ALA V 259 39.86 14.47 65.89
C ALA V 259 39.11 13.51 66.80
N GLU V 260 38.19 14.07 67.58
CA GLU V 260 37.29 13.29 68.43
C GLU V 260 36.00 13.09 67.66
N ILE V 261 35.95 12.02 66.87
CA ILE V 261 34.78 11.80 66.02
C ILE V 261 33.60 11.36 66.87
N PRO V 262 32.40 11.90 66.66
CA PRO V 262 31.26 11.57 67.52
C PRO V 262 30.42 10.41 66.99
N VAL V 263 30.01 9.55 67.93
CA VAL V 263 29.12 8.43 67.64
C VAL V 263 27.86 8.61 68.46
N GLN V 264 26.70 8.53 67.81
CA GLN V 264 25.42 8.71 68.47
C GLN V 264 24.61 7.42 68.42
N LEU V 265 23.96 7.09 69.53
CA LEU V 265 23.09 5.92 69.61
C LEU V 265 21.73 6.38 70.11
N LYS V 266 20.67 5.97 69.41
CA LYS V 266 19.31 6.32 69.79
C LYS V 266 18.44 5.09 69.68
N ASN V 267 17.28 5.14 70.36
CA ASN V 267 16.28 4.08 70.29
C ASN V 267 16.87 2.71 70.61
N ALA V 268 17.70 2.66 71.65
CA ALA V 268 18.35 1.43 72.09
C ALA V 268 17.81 1.06 73.47
N PRO V 269 16.71 0.28 73.54
CA PRO V 269 16.13 -0.03 74.85
C PRO V 269 17.09 -0.74 75.79
N GLU V 270 17.91 -1.66 75.27
CA GLU V 270 18.90 -2.31 76.10
C GLU V 270 20.10 -1.41 76.38
N GLY V 271 20.50 -0.63 75.39
CA GLY V 271 21.74 0.13 75.48
C GLY V 271 22.87 -0.70 74.90
N GLY V 272 23.41 -0.26 73.77
CA GLY V 272 24.32 -1.08 73.00
C GLY V 272 25.78 -0.68 73.15
N ALA V 273 26.60 -1.25 72.28
CA ALA V 273 28.03 -1.00 72.26
C ALA V 273 28.51 -0.82 70.84
N CYS V 274 29.63 -0.11 70.71
CA CYS V 274 30.27 0.08 69.42
C CYS V 274 31.77 -0.07 69.58
N LYS V 275 32.42 -0.49 68.50
CA LYS V 275 33.86 -0.65 68.46
C LYS V 275 34.38 -0.01 67.19
N LEU V 276 35.42 0.80 67.32
CA LEU V 276 36.07 1.47 66.20
C LEU V 276 37.45 0.86 65.98
N THR V 277 37.70 0.43 64.76
CA THR V 277 38.99 -0.11 64.35
C THR V 277 39.60 0.83 63.32
N ARG V 278 40.80 1.33 63.63
CA ARG V 278 41.53 2.22 62.76
C ARG V 278 42.78 1.50 62.25
N PRO V 279 42.83 1.13 60.98
CA PRO V 279 44.02 0.44 60.46
C PRO V 279 45.22 1.36 60.45
N ARG V 280 46.40 0.75 60.54
CA ARG V 280 47.67 1.47 60.50
C ARG V 280 48.41 1.02 59.25
N TRP V 281 48.12 1.67 58.14
CA TRP V 281 48.73 1.34 56.85
C TRP V 281 49.89 2.27 56.57
N TYR V 282 50.96 1.71 56.00
CA TYR V 282 52.14 2.46 55.64
C TYR V 282 52.61 2.02 54.26
N SER V 283 53.27 2.92 53.56
CA SER V 283 53.81 2.64 52.23
C SER V 283 55.25 2.16 52.27
N ARG V 284 55.81 1.93 53.46
CA ARG V 284 57.21 1.62 53.61
C ARG V 284 57.39 0.70 54.80
N PRO V 285 58.33 -0.24 54.74
CA PRO V 285 58.54 -1.13 55.90
C PRO V 285 58.93 -0.39 57.17
N TRP V 286 59.62 0.73 57.07
CA TRP V 286 59.97 1.53 58.22
C TRP V 286 59.91 3.00 57.84
N SER V 287 59.43 3.83 58.76
CA SER V 287 59.33 5.27 58.55
C SER V 287 59.09 5.94 59.88
N ARG V 288 59.70 7.11 60.06
CA ARG V 288 59.47 7.90 61.26
C ARG V 288 58.04 8.44 61.25
N PRO V 289 57.42 8.57 62.43
CA PRO V 289 56.03 9.02 62.48
C PRO V 289 55.87 10.41 61.88
N GLY V 290 54.76 10.61 61.18
CA GLY V 290 54.50 11.87 60.52
C GLY V 290 53.40 12.69 61.17
N VAL V 291 53.73 13.91 61.59
CA VAL V 291 52.78 14.76 62.28
C VAL V 291 51.79 15.40 61.30
N THR W 2 79.57 23.72 43.59
CA THR W 2 80.17 24.99 43.24
C THR W 2 79.37 26.14 43.83
N ASP W 3 80.03 27.29 43.99
CA ASP W 3 79.39 28.48 44.51
C ASP W 3 78.68 29.30 43.45
N PHE W 4 78.77 28.90 42.18
CA PHE W 4 78.04 29.55 41.11
C PHE W 4 76.63 29.02 40.93
N LEU W 5 76.28 27.93 41.63
CA LEU W 5 74.99 27.29 41.47
C LEU W 5 74.58 26.66 42.78
N LYS W 6 73.34 26.89 43.20
CA LYS W 6 72.84 26.36 44.46
C LYS W 6 71.46 25.76 44.23
N ILE W 7 71.31 24.47 44.50
CA ILE W 7 70.05 23.77 44.29
C ILE W 7 69.45 23.42 45.64
N GLU W 8 68.20 23.80 45.84
CA GLU W 8 67.48 23.54 47.08
C GLU W 8 66.14 22.91 46.77
N LEU W 9 65.61 22.18 47.75
CA LEU W 9 64.27 21.62 47.68
C LEU W 9 63.50 22.05 48.91
N ILE W 10 62.30 22.58 48.70
CA ILE W 10 61.34 22.81 49.76
C ILE W 10 60.27 21.73 49.61
N GLY W 11 60.21 20.83 50.59
CA GLY W 11 59.25 19.76 50.54
C GLY W 11 57.84 20.27 50.72
N ARG W 12 56.89 19.37 50.46
CA ARG W 12 55.49 19.68 50.68
C ARG W 12 55.18 20.01 52.13
N ASP W 13 56.03 19.58 53.06
CA ASP W 13 55.84 19.86 54.47
C ASP W 13 56.66 21.06 54.95
N GLY W 14 57.29 21.78 54.03
CA GLY W 14 58.08 22.95 54.39
C GLY W 14 59.52 22.68 54.74
N SER W 15 59.97 21.43 54.66
CA SER W 15 61.37 21.12 54.94
C SER W 15 62.26 21.75 53.88
N HIS W 16 63.46 22.15 54.29
CA HIS W 16 64.42 22.82 53.43
C HIS W 16 65.66 21.95 53.31
N TRP W 17 66.02 21.59 52.08
CA TRP W 17 67.20 20.79 51.80
C TRP W 17 68.07 21.52 50.80
N VAL W 18 69.37 21.51 51.04
CA VAL W 18 70.34 22.07 50.10
C VAL W 18 71.06 20.89 49.46
N LEU W 19 70.68 20.56 48.23
CA LEU W 19 71.21 19.38 47.56
C LEU W 19 72.52 19.64 46.86
N SER W 20 72.78 20.88 46.44
CA SER W 20 74.02 21.21 45.77
C SER W 20 74.35 22.67 46.05
N GLY W 21 75.63 23.01 45.88
CA GLY W 21 76.09 24.35 46.12
C GLY W 21 76.60 24.53 47.53
N PRO W 22 76.76 25.79 47.95
CA PRO W 22 77.19 26.05 49.33
C PRO W 22 76.17 25.53 50.33
N GLY W 23 76.65 24.82 51.35
CA GLY W 23 75.78 24.22 52.34
C GLY W 23 75.18 22.90 51.95
N MET W 24 75.66 22.26 50.91
CA MET W 24 75.11 20.98 50.48
C MET W 24 75.46 19.89 51.48
N GLY W 25 74.50 18.99 51.72
CA GLY W 25 74.70 17.90 52.64
C GLY W 25 74.55 18.23 54.10
N GLN W 26 74.20 19.47 54.45
CA GLN W 26 74.00 19.82 55.84
C GLN W 26 72.79 19.10 56.43
N GLN W 27 71.77 18.86 55.62
CA GLN W 27 70.60 18.10 56.04
C GLN W 27 70.76 16.60 55.80
N GLY W 28 71.94 16.16 55.33
CA GLY W 28 72.22 14.76 55.14
C GLY W 28 72.00 14.24 53.74
N VAL W 29 71.39 15.03 52.85
CA VAL W 29 71.07 14.60 51.50
C VAL W 29 71.83 15.46 50.52
N THR W 30 72.61 14.81 49.64
CA THR W 30 73.33 15.46 48.56
C THR W 30 72.76 14.99 47.22
N LEU W 31 73.11 15.72 46.17
CA LEU W 31 72.61 15.44 44.83
C LEU W 31 73.69 14.73 44.02
N ASN W 32 73.32 13.63 43.35
CA ASN W 32 74.19 12.84 42.52
C ASN W 32 74.24 13.41 41.11
N PRO W 33 75.30 13.13 40.35
CA PRO W 33 75.38 13.66 38.99
C PRO W 33 74.37 13.00 38.04
N ASN W 34 74.37 13.44 36.79
CA ASN W 34 73.53 12.87 35.72
C ASN W 34 72.05 12.99 36.07
N LEU W 35 71.59 14.23 36.12
CA LEU W 35 70.18 14.55 36.25
C LEU W 35 69.64 15.02 34.90
N GLN W 36 68.49 14.48 34.51
CA GLN W 36 68.00 14.62 33.14
C GLN W 36 66.75 15.50 33.08
N GLN W 37 66.55 16.11 31.91
CA GLN W 37 65.41 17.00 31.65
C GLN W 37 65.28 18.06 32.74
N PHE W 38 66.41 18.64 33.11
CA PHE W 38 66.48 19.61 34.19
C PHE W 38 66.68 21.04 33.73
N TYR W 39 67.36 21.24 32.60
CA TYR W 39 67.75 22.58 32.17
C TYR W 39 66.77 23.17 31.16
N ASP W 40 66.60 22.55 30.00
CA ASP W 40 65.76 23.09 28.95
C ASP W 40 64.38 22.46 29.00
N ALA W 41 63.36 23.29 28.82
CA ALA W 41 61.99 22.79 28.80
C ALA W 41 61.78 21.92 27.57
N PRO W 42 61.29 20.69 27.74
CA PRO W 42 61.09 19.80 26.57
C PRO W 42 60.01 20.35 25.65
N VAL W 43 60.40 20.67 24.43
CA VAL W 43 59.48 21.16 23.41
C VAL W 43 59.58 20.23 22.21
N LYS W 44 58.43 19.82 21.69
CA LYS W 44 58.37 19.04 20.46
C LYS W 44 57.80 19.90 19.34
N THR W 45 58.31 19.72 18.13
CA THR W 45 57.89 20.48 16.97
C THR W 45 57.06 19.60 16.06
N LEU W 46 56.05 20.19 15.42
CA LEU W 46 55.17 19.48 14.51
C LEU W 46 55.55 19.78 13.07
N TYR W 47 55.39 18.77 12.21
CA TYR W 47 55.71 18.91 10.80
C TYR W 47 54.63 18.22 9.98
N VAL W 48 54.19 18.89 8.93
CA VAL W 48 53.21 18.32 8.00
C VAL W 48 53.92 18.10 6.67
N PRO W 49 53.45 17.19 5.81
CA PRO W 49 54.11 16.99 4.52
C PRO W 49 54.13 18.27 3.68
N GLY W 50 55.23 18.45 2.96
CA GLY W 50 55.39 19.62 2.13
C GLY W 50 56.07 19.29 0.82
N PRO W 51 56.20 20.30 -0.04
CA PRO W 51 56.84 20.07 -1.36
C PRO W 51 58.27 19.58 -1.28
N PHE W 52 59.03 19.97 -0.26
CA PHE W 52 60.43 19.60 -0.13
C PHE W 52 60.65 18.76 1.12
N GLY W 53 59.76 17.81 1.37
CA GLY W 53 59.84 17.00 2.56
C GLY W 53 58.70 17.27 3.51
N GLU W 54 58.99 17.93 4.63
CA GLU W 54 57.99 18.28 5.61
C GLU W 54 58.13 19.75 5.97
N GLU W 55 57.00 20.38 6.26
CA GLU W 55 56.95 21.80 6.60
C GLU W 55 56.63 21.99 8.07
N TYR W 56 57.31 22.94 8.70
CA TYR W 56 57.09 23.23 10.10
C TYR W 56 55.64 23.65 10.34
N ALA W 57 55.04 23.09 11.39
CA ALA W 57 53.61 23.31 11.66
C ALA W 57 53.35 23.83 13.06
N GLY W 58 54.38 24.16 13.83
CA GLY W 58 54.24 24.66 15.17
C GLY W 58 54.97 23.79 16.18
N LYS W 59 54.92 24.24 17.43
CA LYS W 59 55.60 23.56 18.53
C LYS W 59 54.63 23.33 19.68
N ARG W 60 54.91 22.29 20.46
CA ARG W 60 54.17 22.00 21.67
C ARG W 60 55.18 21.71 22.78
N VAL W 61 54.99 22.35 23.92
CA VAL W 61 55.85 22.13 25.07
C VAL W 61 55.32 20.92 25.84
N GLN W 62 56.24 20.11 26.35
CA GLN W 62 55.91 18.88 27.04
C GLN W 62 56.21 19.02 28.53
N ARG W 63 55.51 18.24 29.34
CA ARG W 63 55.76 18.26 30.78
C ARG W 63 57.12 17.64 31.08
N ARG W 64 57.78 18.16 32.11
CA ARG W 64 59.12 17.71 32.44
C ARG W 64 59.10 16.39 33.19
N GLU W 65 60.02 15.50 32.83
CA GLU W 65 60.22 14.23 33.52
C GLU W 65 61.66 14.20 34.02
N ILE W 66 61.88 14.70 35.23
CA ILE W 66 63.22 14.82 35.79
C ILE W 66 63.54 13.56 36.57
N VAL W 67 64.55 12.83 36.11
CA VAL W 67 65.05 11.64 36.79
C VAL W 67 66.41 11.99 37.37
N PHE W 68 66.50 12.02 38.69
CA PHE W 68 67.76 12.34 39.36
C PHE W 68 67.95 11.40 40.53
N SER W 69 69.03 11.59 41.28
CA SER W 69 69.37 10.72 42.37
C SER W 69 69.98 11.53 43.50
N VAL W 70 69.79 11.05 44.72
CA VAL W 70 70.33 11.71 45.91
C VAL W 70 71.02 10.68 46.77
N GLN W 71 71.94 11.16 47.59
CA GLN W 71 72.58 10.38 48.64
C GLN W 71 72.04 10.83 49.99
N ALA W 72 71.43 9.92 50.74
CA ALA W 72 71.11 10.15 52.13
C ALA W 72 72.19 9.48 52.97
N TYR W 73 72.87 10.26 53.80
CA TYR W 73 74.07 9.80 54.48
C TYR W 73 74.10 10.26 55.92
N ASP W 74 74.63 9.40 56.78
CA ASP W 74 75.06 9.80 58.11
C ASP W 74 75.97 8.72 58.68
N GLU W 75 76.65 9.07 59.78
CA GLU W 75 77.59 8.14 60.38
C GLU W 75 76.90 7.01 61.13
N ASP W 76 75.71 7.26 61.68
CA ASP W 76 75.03 6.23 62.43
C ASP W 76 73.74 5.80 61.71
N PRO W 77 73.46 4.49 61.70
CA PRO W 77 72.27 4.01 60.97
C PRO W 77 70.95 4.58 61.48
N ASP W 78 70.82 4.83 62.77
CA ASP W 78 69.57 5.38 63.29
C ASP W 78 69.30 6.77 62.73
N THR W 79 70.32 7.64 62.76
CA THR W 79 70.12 8.97 62.22
C THR W 79 70.02 8.94 60.71
N TRP W 80 70.68 8.00 60.06
CA TRP W 80 70.48 7.83 58.63
C TRP W 80 69.02 7.48 58.34
N SER W 81 68.43 6.61 59.15
CA SER W 81 67.03 6.23 58.96
C SER W 81 66.12 7.43 59.17
N THR W 82 66.43 8.26 60.16
CA THR W 82 65.66 9.49 60.35
C THR W 82 65.74 10.39 59.13
N VAL W 83 66.95 10.56 58.57
CA VAL W 83 67.13 11.42 57.42
C VAL W 83 66.40 10.87 56.20
N ASP W 84 66.49 9.55 56.00
CA ASP W 84 65.81 8.91 54.88
C ASP W 84 64.30 9.07 54.98
N SER W 85 63.76 8.89 56.20
CA SER W 85 62.32 9.09 56.40
C SER W 85 61.92 10.53 56.12
N LEU W 86 62.74 11.49 56.55
CA LEU W 86 62.42 12.89 56.31
C LEU W 86 62.45 13.21 54.82
N TRP W 87 63.43 12.67 54.10
CA TRP W 87 63.49 12.87 52.66
C TRP W 87 62.25 12.31 51.98
N ARG W 88 61.82 11.11 52.39
CA ARG W 88 60.60 10.54 51.81
C ARG W 88 59.39 11.39 52.16
N TRP W 89 59.36 11.95 53.38
CA TRP W 89 58.23 12.79 53.78
C TRP W 89 58.19 14.09 52.99
N ALA W 90 59.34 14.55 52.49
CA ALA W 90 59.37 15.80 51.73
C ALA W 90 58.74 15.70 50.35
N TRP W 91 58.15 14.57 49.98
CA TRP W 91 57.65 14.35 48.63
C TRP W 91 56.23 13.80 48.66
N ASP W 92 55.54 13.94 47.54
CA ASP W 92 54.20 13.37 47.38
C ASP W 92 53.87 13.27 45.89
N TYR W 93 52.73 12.65 45.61
CA TYR W 93 52.16 12.61 44.27
C TYR W 93 51.05 13.64 44.08
N ASP W 94 50.17 13.80 45.06
CA ASP W 94 49.04 14.71 44.91
C ASP W 94 49.50 16.17 44.94
N GLU W 95 50.32 16.54 45.91
CA GLU W 95 50.77 17.91 46.08
C GLU W 95 52.24 18.04 45.74
N GLU W 96 52.61 19.23 45.27
CA GLU W 96 53.91 19.48 44.67
C GLU W 96 54.87 20.11 45.67
N SER W 97 56.17 19.85 45.47
CA SER W 97 57.23 20.47 46.23
C SER W 97 58.07 21.35 45.31
N GLU W 98 58.73 22.34 45.91
CA GLU W 98 59.46 23.33 45.15
C GLU W 98 60.92 22.94 45.00
N LEU W 99 61.49 23.22 43.84
CA LEU W 99 62.89 22.94 43.55
C LEU W 99 63.51 24.23 43.02
N ARG W 100 64.33 24.87 43.84
CA ARG W 100 64.90 26.17 43.49
C ARG W 100 66.34 26.01 43.00
N VAL W 101 66.65 26.74 41.94
CA VAL W 101 68.01 26.89 41.45
C VAL W 101 68.37 28.37 41.58
N SER W 102 69.45 28.65 42.30
CA SER W 102 69.90 30.01 42.53
C SER W 102 71.28 30.18 41.92
N THR W 103 71.42 31.17 41.04
CA THR W 103 72.67 31.49 40.38
C THR W 103 72.80 33.00 40.35
N SER W 104 73.80 33.49 39.61
CA SER W 104 73.99 34.93 39.45
C SER W 104 72.83 35.58 38.71
N ASP W 105 71.98 34.79 38.07
CA ASP W 105 70.78 35.29 37.41
C ASP W 105 69.56 35.26 38.31
N GLY W 106 69.75 35.08 39.61
CA GLY W 106 68.63 35.04 40.54
C GLY W 106 68.25 33.63 40.89
N THR W 107 67.06 33.52 41.49
CA THR W 107 66.53 32.24 41.95
C THR W 107 65.26 31.92 41.18
N ARG W 108 65.23 30.75 40.55
CA ARG W 108 64.08 30.28 39.80
C ARG W 108 63.67 28.90 40.30
N PHE W 109 62.37 28.68 40.43
CA PHE W 109 61.89 27.45 41.03
C PHE W 109 61.00 26.68 40.05
N LEU W 110 60.94 25.37 40.28
CA LEU W 110 60.11 24.46 39.52
C LEU W 110 59.27 23.64 40.51
N LYS W 111 57.97 23.56 40.26
CA LYS W 111 57.08 22.78 41.10
C LYS W 111 57.03 21.35 40.56
N VAL W 112 57.48 20.39 41.36
CA VAL W 112 57.63 19.01 40.92
C VAL W 112 56.92 18.09 41.88
N ARG W 113 56.45 16.95 41.35
CA ARG W 113 55.78 15.94 42.15
C ARG W 113 56.32 14.56 41.77
N LEU W 114 56.15 13.61 42.68
CA LEU W 114 56.60 12.25 42.42
C LEU W 114 55.83 11.64 41.27
N MET W 115 56.53 11.33 40.18
CA MET W 115 55.89 10.66 39.05
C MET W 115 55.57 9.21 39.39
N GLU W 116 56.49 8.52 40.05
CA GLU W 116 56.25 7.18 40.55
C GLU W 116 57.03 7.00 41.84
N GLU W 117 56.92 5.82 42.42
CA GLU W 117 57.55 5.56 43.71
C GLU W 117 59.07 5.66 43.59
N PRO W 118 59.75 6.19 44.61
CA PRO W 118 61.20 6.28 44.55
C PRO W 118 61.85 4.90 44.62
N LYS W 119 63.08 4.84 44.11
CA LYS W 119 63.84 3.59 44.16
C LYS W 119 65.00 3.76 45.12
N PRO W 120 64.86 3.33 46.37
CA PRO W 120 65.93 3.60 47.35
C PRO W 120 66.91 2.45 47.53
N TYR W 121 68.04 2.76 48.16
CA TYR W 121 68.96 1.80 48.76
C TYR W 121 69.73 0.98 47.73
N TYR W 122 70.74 0.26 48.20
CA TYR W 122 71.53 -0.64 47.37
C TYR W 122 70.89 -2.03 47.36
N GLU W 123 71.66 -3.04 46.94
CA GLU W 123 71.14 -4.39 46.90
C GLU W 123 71.00 -5.01 48.29
N LYS W 124 71.86 -4.61 49.23
CA LYS W 124 71.79 -5.13 50.60
C LYS W 124 70.97 -4.17 51.46
N ASP W 125 70.84 -4.50 52.75
CA ASP W 125 70.05 -3.63 53.62
C ASP W 125 70.80 -2.32 53.85
N PRO W 126 70.08 -1.20 53.83
CA PRO W 126 70.76 0.11 53.85
C PRO W 126 71.38 0.47 55.20
N HIS W 127 71.02 -0.23 56.28
CA HIS W 127 71.59 0.09 57.59
C HIS W 127 73.06 -0.28 57.70
N ILE W 128 73.57 -1.11 56.78
CA ILE W 128 74.99 -1.42 56.78
C ILE W 128 75.81 -0.18 56.47
N THR W 129 75.59 0.40 55.29
CA THR W 129 76.36 1.57 54.87
C THR W 129 75.90 2.84 55.55
N ALA W 130 74.60 2.97 55.84
CA ALA W 130 74.03 4.22 56.34
C ALA W 130 74.32 5.38 55.39
N ASP W 131 74.52 5.05 54.11
CA ASP W 131 74.82 6.03 53.08
C ASP W 131 74.30 5.45 51.78
N ASN W 132 73.08 5.83 51.39
CA ASN W 132 72.40 5.12 50.34
C ASN W 132 71.80 6.07 49.31
N PRO W 133 71.71 5.62 48.06
CA PRO W 133 71.12 6.45 47.00
C PRO W 133 69.62 6.23 46.86
N ILE W 134 68.92 7.32 46.60
CA ILE W 134 67.50 7.30 46.31
C ILE W 134 67.33 7.82 44.89
N VAL W 135 66.69 7.03 44.03
CA VAL W 135 66.42 7.43 42.66
C VAL W 135 65.04 8.04 42.62
N MET W 136 64.97 9.31 42.24
CA MET W 136 63.73 10.08 42.19
C MET W 136 63.33 10.34 40.74
N THR W 137 62.10 9.97 40.41
CA THR W 137 61.52 10.29 39.11
C THR W 137 60.37 11.26 39.40
N VAL W 138 60.69 12.55 39.31
CA VAL W 138 59.72 13.59 39.58
C VAL W 138 59.25 14.16 38.24
N THR W 139 58.11 14.83 38.26
CA THR W 139 57.56 15.42 37.06
C THR W 139 57.13 16.85 37.34
N ALA W 140 57.28 17.69 36.32
CA ALA W 140 56.84 19.08 36.36
C ALA W 140 55.70 19.25 35.37
N THR W 141 54.48 19.33 35.90
CA THR W 141 53.32 19.57 35.06
C THR W 141 53.41 20.90 34.34
N PHE W 142 53.85 21.95 35.04
CA PHE W 142 54.18 23.21 34.39
C PHE W 142 55.68 23.22 34.13
N PRO W 143 56.12 22.99 32.89
CA PRO W 143 57.54 22.72 32.64
C PRO W 143 58.44 23.95 32.72
N TYR W 144 57.89 25.14 32.91
CA TYR W 144 58.69 26.35 32.91
C TYR W 144 59.22 26.66 34.29
N TRP W 145 60.50 27.03 34.36
CA TRP W 145 61.06 27.54 35.59
C TRP W 145 60.48 28.91 35.88
N GLN W 146 60.02 29.11 37.11
CA GLN W 146 59.30 30.32 37.48
C GLN W 146 60.10 31.16 38.46
N ASP W 147 59.77 32.43 38.51
CA ASP W 147 60.16 33.33 39.58
C ASP W 147 58.90 33.83 40.28
N GLU W 148 59.09 34.61 41.31
CA GLU W 148 57.93 35.14 42.03
C GLU W 148 57.17 36.11 41.12
N PRO W 149 55.86 35.93 40.94
CA PRO W 149 55.11 36.82 40.05
C PRO W 149 55.13 38.26 40.54
N GLU W 150 55.12 39.18 39.59
CA GLU W 150 55.10 40.61 39.90
C GLU W 150 53.68 41.07 40.08
N GLU W 151 53.40 41.70 41.23
CA GLU W 151 52.05 42.11 41.59
C GLU W 151 51.98 43.63 41.71
N LEU W 152 50.96 44.22 41.12
CA LEU W 152 50.72 45.64 41.16
C LEU W 152 49.31 45.90 41.65
N ILE W 153 49.14 46.97 42.44
CA ILE W 153 47.86 47.33 43.03
C ILE W 153 47.52 48.74 42.62
N TRP W 154 46.28 48.96 42.17
CA TRP W 154 45.77 50.29 41.88
C TRP W 154 44.40 50.42 42.52
N THR W 155 44.30 51.25 43.55
CA THR W 155 43.04 51.53 44.22
C THR W 155 42.63 52.97 43.97
N THR W 156 41.33 53.21 43.83
CA THR W 156 40.83 54.54 43.59
C THR W 156 39.48 54.72 44.26
N LEU W 157 39.18 55.97 44.63
CA LEU W 157 37.90 56.31 45.24
C LEU W 157 36.96 57.02 44.27
N SER W 158 37.43 57.40 43.09
CA SER W 158 36.61 58.10 42.12
C SER W 158 35.64 57.13 41.46
N THR W 159 34.52 57.68 40.98
CA THR W 159 33.57 56.87 40.22
C THR W 159 34.16 56.43 38.89
N GLU W 160 34.79 57.35 38.16
CA GLU W 160 35.48 57.05 36.91
C GLU W 160 36.95 57.37 37.07
N ASP W 161 37.80 56.43 36.69
CA ASP W 161 39.24 56.61 36.80
C ASP W 161 39.93 55.72 35.79
N MET W 162 41.23 55.98 35.58
CA MET W 162 42.01 55.23 34.61
C MET W 162 43.46 55.24 35.06
N THR W 163 44.16 54.12 34.85
CA THR W 163 45.55 54.00 35.23
C THR W 163 46.33 53.26 34.16
N ARG W 164 47.66 53.35 34.27
CA ARG W 164 48.58 52.66 33.38
C ARG W 164 49.44 51.71 34.20
N PHE W 165 49.34 50.42 33.91
CA PHE W 165 50.16 49.42 34.57
C PHE W 165 51.41 49.16 33.75
N PRO W 166 52.60 49.38 34.28
CA PRO W 166 53.83 49.00 33.56
C PRO W 166 53.98 47.49 33.53
N VAL W 167 54.18 46.94 32.35
CA VAL W 167 54.24 45.50 32.15
C VAL W 167 55.37 45.19 31.19
N ARG W 168 56.10 44.10 31.46
CA ARG W 168 57.26 43.75 30.65
C ARG W 168 57.55 42.27 30.83
N ASN W 169 57.81 41.58 29.72
CA ASN W 169 58.10 40.15 29.71
C ASN W 169 59.60 39.97 29.47
N ASP W 170 60.35 39.80 30.55
CA ASP W 170 61.80 39.59 30.44
C ASP W 170 62.16 38.13 30.17
N GLY W 171 61.20 37.22 30.25
CA GLY W 171 61.47 35.81 30.00
C GLY W 171 61.47 35.48 28.52
N ASP W 172 61.77 34.22 28.24
CA ASP W 172 61.83 33.72 26.88
C ASP W 172 60.54 33.07 26.42
N VAL W 173 59.50 33.07 27.25
CA VAL W 173 58.23 32.45 26.89
C VAL W 173 57.09 33.43 27.20
N PRO W 174 55.99 33.38 26.46
CA PRO W 174 54.84 34.24 26.80
C PRO W 174 54.23 33.87 28.15
N VAL W 175 53.66 34.87 28.81
CA VAL W 175 53.03 34.70 30.10
C VAL W 175 51.60 35.23 30.03
N TRP W 176 50.76 34.72 30.92
CA TRP W 176 49.34 35.07 30.95
C TRP W 176 49.05 35.88 32.19
N LEU W 177 48.39 37.02 32.02
CA LEU W 177 48.15 37.96 33.11
C LEU W 177 46.90 37.59 33.89
N LYS W 178 46.92 37.91 35.18
CA LYS W 178 45.78 37.70 36.06
C LYS W 178 45.35 39.04 36.64
N TRP W 179 44.04 39.28 36.66
CA TRP W 179 43.48 40.49 37.24
C TRP W 179 42.56 40.11 38.39
N THR W 180 42.55 40.93 39.42
CA THR W 180 41.61 40.81 40.53
C THR W 180 40.90 42.15 40.63
N LEU W 181 39.62 42.18 40.28
CA LEU W 181 38.85 43.41 40.20
C LEU W 181 37.77 43.41 41.27
N THR W 182 37.70 44.50 42.02
CA THR W 182 36.64 44.64 43.01
C THR W 182 35.33 45.05 42.33
N ALA W 183 34.23 44.92 43.08
CA ALA W 183 32.90 45.24 42.62
C ALA W 183 32.24 46.20 43.60
N PRO W 184 31.27 47.01 43.15
CA PRO W 184 30.68 47.10 41.80
C PRO W 184 31.54 47.89 40.82
N GLY W 185 31.01 48.17 39.64
CA GLY W 185 31.71 48.97 38.66
C GLY W 185 31.89 48.26 37.33
N LEU W 186 32.16 49.04 36.28
CA LEU W 186 32.44 48.52 34.96
C LEU W 186 33.92 48.69 34.67
N TRP W 187 34.60 47.58 34.40
CA TRP W 187 36.03 47.58 34.16
C TRP W 187 36.30 47.38 32.67
N ILE W 188 37.32 48.05 32.17
CA ILE W 188 37.83 47.82 30.82
C ILE W 188 39.31 47.49 30.95
N LEU W 189 39.69 46.33 30.44
CA LEU W 189 41.02 45.77 30.61
C LEU W 189 41.71 45.59 29.27
N PRO W 190 43.02 45.79 29.21
CA PRO W 190 43.73 45.59 27.94
C PRO W 190 43.85 44.12 27.60
N ASP W 191 43.78 43.83 26.30
CA ASP W 191 44.04 42.52 25.74
C ASP W 191 44.93 42.65 24.52
N PHE W 192 46.00 43.43 24.67
CA PHE W 192 46.87 43.74 23.54
C PHE W 192 47.49 42.48 22.98
N SER W 193 47.55 42.41 21.65
CA SER W 193 48.12 41.23 21.00
C SER W 193 49.63 41.21 21.09
N TRP W 194 50.27 42.37 21.21
CA TRP W 194 51.73 42.49 21.15
C TRP W 194 52.28 41.92 19.84
N GLY W 195 51.52 42.07 18.76
CA GLY W 195 51.92 41.55 17.47
C GLY W 195 51.71 40.07 17.27
N ASN W 196 50.87 39.42 18.08
CA ASN W 196 50.66 37.99 17.99
C ASN W 196 49.58 37.70 16.94
N ASP W 197 49.96 36.95 15.90
CA ASP W 197 49.04 36.57 14.83
C ASP W 197 48.34 35.24 15.10
N MET W 198 48.21 34.83 16.35
CA MET W 198 47.55 33.57 16.66
C MET W 198 46.06 33.61 16.33
N TYR W 199 45.49 34.79 16.08
CA TYR W 199 44.13 34.91 15.58
C TYR W 199 44.07 35.75 14.32
N SER W 200 45.20 35.90 13.63
CA SER W 200 45.29 36.68 12.39
C SER W 200 44.88 38.13 12.59
N ARG W 201 45.10 38.67 13.79
CA ARG W 201 44.76 40.04 14.12
C ARG W 201 45.88 40.69 14.92
N GLY W 202 47.13 40.38 14.56
CA GLY W 202 48.25 40.80 15.38
C GLY W 202 48.38 42.30 15.52
N ARG W 203 48.21 43.02 14.41
CA ARG W 203 48.27 44.48 14.46
C ARG W 203 46.90 45.14 14.49
N GLU W 204 45.84 44.41 14.14
CA GLU W 204 44.49 44.90 14.35
C GLU W 204 44.14 44.97 15.82
N ASP W 205 44.77 44.11 16.64
CA ASP W 205 44.52 44.04 18.08
C ASP W 205 45.66 44.63 18.89
N LEU W 206 46.42 45.57 18.32
CA LEU W 206 47.55 46.15 19.04
C LEU W 206 47.09 46.90 20.28
N GLY W 207 46.00 47.63 20.17
CA GLY W 207 45.46 48.37 21.30
C GLY W 207 44.08 47.87 21.70
N ARG W 208 43.88 46.56 21.64
CA ARG W 208 42.58 45.98 21.94
C ARG W 208 42.28 46.09 23.42
N THR W 209 41.07 46.54 23.75
CA THR W 209 40.59 46.56 25.12
C THR W 209 39.24 45.87 25.18
N VAL W 210 39.05 45.05 26.20
CA VAL W 210 37.82 44.28 26.40
C VAL W 210 37.12 44.83 27.64
N ALA W 211 35.82 45.09 27.50
CA ALA W 211 35.01 45.63 28.59
C ALA W 211 34.34 44.48 29.32
N MET W 212 34.71 44.27 30.58
CA MET W 212 34.08 43.24 31.37
C MET W 212 32.63 43.61 31.68
N PRO W 213 31.77 42.63 31.94
CA PRO W 213 30.38 42.96 32.27
C PRO W 213 30.28 43.75 33.55
N GLU W 214 29.23 44.57 33.64
CA GLU W 214 28.99 45.36 34.84
C GLU W 214 28.85 44.46 36.05
N LEU W 215 29.54 44.80 37.13
CA LEU W 215 29.57 43.99 38.34
C LEU W 215 28.61 44.55 39.37
N VAL W 216 27.78 43.69 39.94
CA VAL W 216 26.88 44.06 41.03
C VAL W 216 27.67 44.03 42.33
N ALA W 217 27.09 44.57 43.39
CA ALA W 217 27.79 44.64 44.67
C ALA W 217 28.14 43.25 45.17
N GLY W 218 29.38 43.09 45.64
CA GLY W 218 29.85 41.82 46.15
C GLY W 218 30.34 40.85 45.12
N GLU W 219 30.28 41.20 43.84
CA GLU W 219 30.69 40.30 42.75
C GLU W 219 32.13 40.58 42.33
N HIS W 220 33.05 40.43 43.28
CA HIS W 220 34.47 40.58 42.97
C HIS W 220 34.91 39.47 42.04
N VAL W 221 35.69 39.82 41.02
CA VAL W 221 36.01 38.90 39.94
C VAL W 221 37.50 38.65 39.86
N SER W 222 37.86 37.41 39.58
CA SER W 222 39.21 37.05 39.16
C SER W 222 39.17 36.78 37.66
N VAL W 223 39.96 37.55 36.92
CA VAL W 223 39.99 37.47 35.47
C VAL W 223 41.38 36.96 35.06
N ASP W 224 41.51 35.66 34.89
CA ASP W 224 42.78 35.04 34.56
C ASP W 224 42.80 34.68 33.09
N SER W 225 43.80 35.20 32.35
CA SER W 225 43.89 34.87 30.94
C SER W 225 44.49 33.49 30.70
N ASP W 226 44.97 32.83 31.74
CA ASP W 226 45.58 31.52 31.59
C ASP W 226 44.58 30.54 30.99
N PRO W 227 44.94 29.80 29.94
CA PRO W 227 44.01 28.83 29.37
C PRO W 227 43.64 27.70 30.31
N ARG W 228 44.45 27.45 31.34
CA ARG W 228 44.16 26.35 32.26
C ARG W 228 42.87 26.60 33.03
N VAL W 229 42.62 27.86 33.42
CA VAL W 229 41.50 28.19 34.28
C VAL W 229 40.48 29.03 33.50
N GLN W 230 39.26 29.05 34.02
CA GLN W 230 38.22 29.88 33.44
C GLN W 230 38.58 31.36 33.60
N THR W 231 38.25 32.15 32.58
CA THR W 231 38.67 33.55 32.57
C THR W 231 38.01 34.34 33.70
N LEU W 232 36.69 34.41 33.69
CA LEU W 232 35.94 35.11 34.73
C LEU W 232 35.51 34.14 35.82
N ILE W 233 35.90 34.45 37.06
CA ILE W 233 35.45 33.69 38.23
C ILE W 233 34.91 34.69 39.25
N ALA W 234 33.62 34.62 39.53
CA ALA W 234 33.03 35.44 40.57
C ALA W 234 33.22 34.79 41.92
N VAL W 235 33.57 35.61 42.92
CA VAL W 235 33.86 35.07 44.25
C VAL W 235 32.59 34.54 44.91
N ASN W 236 31.43 35.07 44.55
CA ASN W 236 30.17 34.66 45.14
C ASN W 236 29.45 33.58 44.35
N GLY W 237 30.07 33.07 43.28
CA GLY W 237 29.47 32.02 42.49
C GLY W 237 28.53 32.46 41.39
N MET W 238 28.36 33.76 41.19
CA MET W 238 27.48 34.25 40.15
C MET W 238 28.04 33.90 38.78
N PRO W 239 27.17 33.65 37.80
CA PRO W 239 27.65 33.45 36.41
C PRO W 239 27.92 34.79 35.71
N THR W 240 29.07 35.38 36.03
CA THR W 240 29.44 36.65 35.41
C THR W 240 29.81 36.47 33.94
N GLN W 241 30.45 35.34 33.62
CA GLN W 241 30.77 35.04 32.23
C GLN W 241 29.52 34.92 31.37
N ASN W 242 28.36 34.69 31.99
CA ASN W 242 27.12 34.50 31.25
C ASN W 242 26.68 35.78 30.55
N ARG W 243 27.06 36.94 31.09
CA ARG W 243 26.64 38.24 30.60
C ARG W 243 27.76 38.95 29.84
N TRP W 244 28.50 38.21 29.02
CA TRP W 244 29.77 38.67 28.49
C TRP W 244 29.87 38.52 26.98
N LYS W 245 28.91 37.84 26.35
CA LYS W 245 28.59 37.97 24.92
C LYS W 245 29.77 37.63 24.02
N GLY W 246 30.32 36.44 24.25
CA GLY W 246 31.34 35.88 23.36
C GLY W 246 32.59 36.71 23.21
N ASN W 247 33.01 37.37 24.28
CA ASN W 247 34.24 38.14 24.28
C ASN W 247 35.18 37.51 25.29
N ASP W 248 36.48 37.67 25.10
CA ASP W 248 37.43 36.96 25.95
C ASP W 248 38.80 37.61 25.87
N LEU W 249 39.63 37.32 26.86
CA LEU W 249 41.05 37.64 26.82
C LEU W 249 41.76 36.54 26.06
N LEU W 250 42.44 36.92 24.97
CA LEU W 250 42.97 35.95 24.02
C LEU W 250 44.48 35.93 23.93
N TYR W 251 45.16 36.97 24.38
CA TYR W 251 46.55 37.17 24.06
C TYR W 251 47.43 37.13 25.30
N PRO W 252 48.53 36.38 25.27
CA PRO W 252 49.49 36.45 26.38
C PRO W 252 50.45 37.61 26.21
N LEU W 253 51.32 37.82 27.19
CA LEU W 253 52.36 38.83 27.10
C LEU W 253 53.56 38.21 26.41
N MET W 254 53.79 38.59 25.16
CA MET W 254 54.84 37.98 24.37
C MET W 254 56.22 38.37 24.91
N PRO W 255 57.22 37.50 24.74
CA PRO W 255 58.56 37.81 25.25
C PRO W 255 59.14 39.05 24.59
N GLY W 256 59.84 39.85 25.40
CA GLY W 256 60.46 41.05 24.91
C GLY W 256 59.53 42.23 24.74
N LYS W 257 58.25 42.07 25.04
CA LYS W 257 57.25 43.11 24.85
C LYS W 257 56.80 43.65 26.20
N GLY W 258 56.37 44.91 26.21
CA GLY W 258 55.90 45.55 27.42
C GLY W 258 55.58 47.01 27.21
N ALA W 259 54.64 47.54 27.99
CA ALA W 259 54.19 48.91 27.85
C ALA W 259 53.40 49.28 29.10
N GLU W 260 52.80 50.46 29.08
CA GLU W 260 51.89 50.89 30.14
C GLU W 260 50.48 50.57 29.67
N ILE W 261 49.99 49.40 30.06
CA ILE W 261 48.67 48.95 29.62
C ILE W 261 47.59 49.72 30.37
N PRO W 262 46.56 50.22 29.70
CA PRO W 262 45.55 51.02 30.39
C PRO W 262 44.43 50.19 31.00
N VAL W 263 44.09 50.48 32.26
CA VAL W 263 42.95 49.87 32.93
C VAL W 263 41.99 50.99 33.31
N GLN W 264 40.74 50.86 32.87
CA GLN W 264 39.73 51.89 33.10
C GLN W 264 38.63 51.34 34.01
N LEU W 265 38.13 52.20 34.88
CA LEU W 265 37.00 51.89 35.76
C LEU W 265 35.97 52.98 35.63
N LYS W 266 34.71 52.59 35.43
CA LYS W 266 33.60 53.53 35.35
C LYS W 266 32.46 53.04 36.22
N ASN W 267 31.53 53.94 36.52
CA ASN W 267 30.29 53.60 37.22
C ASN W 267 30.56 52.87 38.53
N ALA W 268 31.54 53.35 39.29
CA ALA W 268 31.90 52.72 40.56
C ALA W 268 31.55 53.66 41.70
N PRO W 269 30.42 53.46 42.37
CA PRO W 269 30.01 54.41 43.43
C PRO W 269 31.01 54.52 44.57
N GLU W 270 31.73 53.44 44.89
CA GLU W 270 32.66 53.43 46.01
C GLU W 270 34.09 53.22 45.54
N GLY W 271 34.40 53.65 44.32
CA GLY W 271 35.73 53.41 43.80
C GLY W 271 35.93 51.95 43.42
N GLY W 272 37.18 51.56 43.36
CA GLY W 272 37.50 50.19 43.01
C GLY W 272 38.97 49.91 43.14
N ALA W 273 39.30 48.64 43.25
CA ALA W 273 40.68 48.17 43.36
C ALA W 273 40.94 47.14 42.28
N CYS W 274 42.10 47.26 41.64
CA CYS W 274 42.56 46.33 40.61
C CYS W 274 43.93 45.81 41.00
N LYS W 275 44.09 44.49 40.96
CA LYS W 275 45.37 43.85 41.21
C LYS W 275 45.81 43.12 39.95
N LEU W 276 47.03 43.39 39.50
CA LEU W 276 47.58 42.75 38.31
C LEU W 276 48.73 41.84 38.74
N THR W 277 48.63 40.56 38.38
CA THR W 277 49.68 39.59 38.62
C THR W 277 50.25 39.16 37.27
N ARG W 278 51.56 39.33 37.11
CA ARG W 278 52.27 38.95 35.90
C ARG W 278 53.28 37.85 36.26
N PRO W 279 53.14 36.66 35.72
CA PRO W 279 54.12 35.60 36.01
C PRO W 279 55.45 35.84 35.32
N ARG W 280 56.48 35.19 35.84
CA ARG W 280 57.84 35.28 35.32
C ARG W 280 58.31 33.87 35.02
N TRP W 281 58.03 33.42 33.80
CA TRP W 281 58.32 32.05 33.39
C TRP W 281 59.59 32.01 32.54
N TYR W 282 60.44 31.02 32.81
CA TYR W 282 61.67 30.81 32.08
C TYR W 282 61.77 29.35 31.69
N SER W 283 62.44 29.09 30.58
CA SER W 283 62.66 27.72 30.12
C SER W 283 63.92 27.10 30.71
N ARG W 284 64.74 27.86 31.41
CA ARG W 284 66.01 27.38 31.94
C ARG W 284 66.14 27.79 33.40
N PRO W 285 66.87 27.01 34.20
CA PRO W 285 67.13 27.42 35.59
C PRO W 285 67.89 28.73 35.68
N TRP W 286 68.77 29.00 34.72
CA TRP W 286 69.51 30.25 34.68
C TRP W 286 69.71 30.67 33.23
N SER W 287 69.68 31.97 33.00
CA SER W 287 69.89 32.54 31.68
C SER W 287 70.06 34.04 31.82
N ARG W 288 70.95 34.59 31.01
CA ARG W 288 71.16 36.03 31.03
C ARG W 288 69.95 36.74 30.41
N PRO W 289 69.68 37.97 30.85
CA PRO W 289 68.54 38.70 30.27
C PRO W 289 68.73 38.93 28.78
N GLY W 290 67.64 38.84 28.04
CA GLY W 290 67.67 39.01 26.61
C GLY W 290 66.62 39.98 26.13
N VAL W 291 66.99 40.75 25.11
CA VAL W 291 66.08 41.74 24.53
C VAL W 291 66.55 42.11 23.13
N THR X 2 89.92 23.49 9.36
CA THR X 2 91.00 23.82 8.42
C THR X 2 90.72 25.13 7.69
N ASP X 3 91.70 25.59 6.93
CA ASP X 3 91.55 26.80 6.13
C ASP X 3 90.86 26.54 4.80
N PHE X 4 90.50 25.30 4.50
CA PHE X 4 89.74 24.96 3.31
C PHE X 4 88.24 24.99 3.54
N LEU X 5 87.80 25.17 4.77
CA LEU X 5 86.38 25.07 5.11
C LEU X 5 86.09 25.94 6.31
N LYS X 6 85.04 26.77 6.22
CA LYS X 6 84.60 27.63 7.30
C LYS X 6 83.13 27.37 7.56
N ILE X 7 82.76 27.26 8.83
CA ILE X 7 81.37 27.04 9.23
C ILE X 7 80.96 28.14 10.19
N GLU X 8 79.81 28.75 9.91
CA GLU X 8 79.30 29.89 10.65
C GLU X 8 77.84 29.66 11.04
N LEU X 9 77.45 30.28 12.13
CA LEU X 9 76.05 30.36 12.53
C LEU X 9 75.68 31.83 12.71
N ILE X 10 74.55 32.22 12.13
CA ILE X 10 73.95 33.53 12.35
C ILE X 10 72.60 33.28 12.99
N GLY X 11 72.48 33.63 14.26
CA GLY X 11 71.31 33.28 15.03
C GLY X 11 70.09 34.09 14.64
N ARG X 12 68.97 33.74 15.27
CA ARG X 12 67.74 34.48 15.09
C ARG X 12 67.88 35.93 15.52
N ASP X 13 68.85 36.23 16.38
CA ASP X 13 69.10 37.59 16.85
C ASP X 13 70.20 38.29 16.09
N GLY X 14 70.77 37.65 15.07
CA GLY X 14 71.82 38.26 14.29
C GLY X 14 73.23 38.06 14.82
N SER X 15 73.41 37.26 15.86
CA SER X 15 74.74 37.00 16.38
C SER X 15 75.54 36.14 15.42
N HIS X 16 76.85 36.35 15.41
CA HIS X 16 77.76 35.69 14.48
C HIS X 16 78.68 34.75 15.25
N TRP X 17 78.72 33.49 14.84
CA TRP X 17 79.53 32.47 15.50
C TRP X 17 80.34 31.73 14.46
N VAL X 18 81.63 31.56 14.73
CA VAL X 18 82.53 30.78 13.88
C VAL X 18 82.71 29.42 14.53
N LEU X 19 81.97 28.42 14.05
CA LEU X 19 82.06 27.10 14.65
C LEU X 19 83.31 26.36 14.21
N SER X 20 83.70 26.51 12.95
CA SER X 20 84.87 25.82 12.42
C SER X 20 85.53 26.70 11.38
N GLY X 21 86.80 26.42 11.12
CA GLY X 21 87.56 27.16 10.14
C GLY X 21 88.46 28.20 10.77
N PRO X 22 88.95 29.13 9.97
CA PRO X 22 89.80 30.21 10.51
C PRO X 22 89.01 31.13 11.41
N GLY X 23 89.50 31.32 12.63
CA GLY X 23 88.80 32.13 13.61
C GLY X 23 87.74 31.39 14.40
N MET X 24 87.82 30.07 14.45
CA MET X 24 86.84 29.29 15.19
C MET X 24 87.09 29.37 16.68
N GLY X 25 86.00 29.44 17.46
CA GLY X 25 86.09 29.53 18.90
C GLY X 25 86.35 30.90 19.45
N GLN X 26 86.41 31.94 18.62
CA GLN X 26 86.63 33.29 19.13
C GLN X 26 85.46 33.75 20.00
N GLN X 27 84.25 33.32 19.68
CA GLN X 27 83.08 33.63 20.49
C GLN X 27 82.82 32.59 21.57
N GLY X 28 83.71 31.61 21.71
CA GLY X 28 83.64 30.65 22.79
C GLY X 28 83.06 29.31 22.43
N VAL X 29 82.47 29.17 21.25
CA VAL X 29 81.79 27.95 20.86
C VAL X 29 82.50 27.37 19.64
N THR X 30 82.93 26.11 19.74
CA THR X 30 83.48 25.36 18.63
C THR X 30 82.55 24.22 18.27
N LEU X 31 82.86 23.52 17.17
CA LEU X 31 82.04 22.43 16.67
C LEU X 31 82.76 21.11 16.92
N ASN X 32 82.04 20.15 17.52
CA ASN X 32 82.55 18.83 17.76
C ASN X 32 82.39 17.95 16.53
N PRO X 33 83.18 16.88 16.41
CA PRO X 33 83.06 16.01 15.24
C PRO X 33 81.75 15.26 15.18
N ASN X 34 81.56 14.48 14.11
CA ASN X 34 80.39 13.61 13.92
C ASN X 34 79.09 14.41 13.89
N LEU X 35 78.97 15.22 12.85
CA LEU X 35 77.72 15.90 12.52
C LEU X 35 77.07 15.18 11.34
N GLN X 36 75.77 14.93 11.44
CA GLN X 36 75.10 14.02 10.53
C GLN X 36 73.98 14.72 9.77
N GLN X 37 73.66 14.17 8.60
CA GLN X 37 72.70 14.75 7.65
C GLN X 37 73.05 16.19 7.34
N PHE X 38 74.35 16.44 7.18
CA PHE X 38 74.87 17.77 6.94
C PHE X 38 75.31 18.02 5.51
N TYR X 39 75.77 16.99 4.80
CA TYR X 39 76.36 17.18 3.48
C TYR X 39 75.34 16.97 2.36
N ASP X 40 74.83 15.75 2.23
CA ASP X 40 73.92 15.42 1.13
C ASP X 40 72.48 15.58 1.58
N ALA X 41 71.66 16.13 0.69
CA ALA X 41 70.25 16.30 0.98
C ALA X 41 69.57 14.94 1.02
N PRO X 42 68.87 14.59 2.10
CA PRO X 42 68.24 13.26 2.18
C PRO X 42 67.15 13.11 1.14
N VAL X 43 67.25 12.04 0.35
CA VAL X 43 66.29 11.73 -0.70
C VAL X 43 65.89 10.28 -0.56
N LYS X 44 64.59 10.01 -0.65
CA LYS X 44 64.07 8.65 -0.67
C LYS X 44 63.53 8.34 -2.06
N THR X 45 63.82 7.15 -2.54
CA THR X 45 63.38 6.71 -3.86
C THR X 45 62.20 5.75 -3.72
N LEU X 46 61.30 5.80 -4.68
CA LEU X 46 60.05 5.05 -4.64
C LEU X 46 60.10 3.92 -5.66
N TYR X 47 59.52 2.78 -5.29
CA TYR X 47 59.53 1.61 -6.15
C TYR X 47 58.17 0.93 -6.13
N VAL X 48 57.75 0.44 -7.28
CA VAL X 48 56.45 -0.21 -7.44
C VAL X 48 56.69 -1.63 -7.91
N PRO X 49 55.88 -2.61 -7.51
CA PRO X 49 56.10 -3.98 -7.96
C PRO X 49 56.06 -4.12 -9.47
N GLY X 50 56.95 -4.95 -10.00
CA GLY X 50 57.03 -5.19 -11.42
C GLY X 50 57.40 -6.63 -11.72
N PRO X 51 57.42 -6.98 -13.01
CA PRO X 51 57.73 -8.37 -13.39
C PRO X 51 59.12 -8.82 -12.97
N PHE X 52 60.10 -7.91 -12.93
CA PHE X 52 61.47 -8.25 -12.60
C PHE X 52 61.88 -7.79 -11.21
N GLY X 53 60.89 -7.63 -10.32
CA GLY X 53 61.17 -7.11 -8.99
C GLY X 53 60.36 -5.87 -8.72
N GLU X 54 61.03 -4.73 -8.57
CA GLU X 54 60.38 -3.46 -8.33
C GLU X 54 60.86 -2.43 -9.35
N GLU X 55 59.94 -1.68 -9.91
CA GLU X 55 60.25 -0.67 -10.90
C GLU X 55 60.38 0.70 -10.24
N TYR X 56 61.23 1.53 -10.82
CA TYR X 56 61.42 2.89 -10.30
C TYR X 56 60.13 3.68 -10.40
N ALA X 57 59.75 4.32 -9.31
CA ALA X 57 58.51 5.10 -9.25
C ALA X 57 58.73 6.58 -8.98
N GLY X 58 59.94 6.99 -8.63
CA GLY X 58 60.21 8.40 -8.41
C GLY X 58 61.10 8.67 -7.22
N LYS X 59 61.35 9.94 -6.93
CA LYS X 59 62.16 10.35 -5.81
C LYS X 59 61.46 11.48 -5.07
N ARG X 60 61.68 11.53 -3.76
CA ARG X 60 61.18 12.61 -2.93
C ARG X 60 62.29 13.07 -2.00
N VAL X 61 62.55 14.37 -1.98
CA VAL X 61 63.54 14.90 -1.05
C VAL X 61 62.91 15.03 0.33
N GLN X 62 63.71 14.82 1.36
CA GLN X 62 63.26 14.82 2.74
C GLN X 62 63.95 15.95 3.51
N ARG X 63 63.31 16.38 4.59
CA ARG X 63 63.89 17.44 5.40
C ARG X 63 65.12 16.93 6.14
N ARG X 64 66.03 17.85 6.44
CA ARG X 64 67.27 17.49 7.12
C ARG X 64 67.06 17.44 8.63
N GLU X 65 67.58 16.40 9.26
CA GLU X 65 67.60 16.28 10.71
C GLU X 65 69.06 16.26 11.15
N ILE X 66 69.62 17.43 11.37
CA ILE X 66 71.04 17.57 11.67
C ILE X 66 71.23 17.52 13.19
N VAL X 67 71.92 16.49 13.66
CA VAL X 67 72.29 16.37 15.06
C VAL X 67 73.78 16.65 15.15
N PHE X 68 74.14 17.74 15.83
CA PHE X 68 75.54 18.10 15.95
C PHE X 68 75.80 18.63 17.35
N SER X 69 77.05 18.51 17.79
CA SER X 69 77.45 18.96 19.11
C SER X 69 78.36 20.18 18.98
N VAL X 70 78.18 21.14 19.88
CA VAL X 70 79.09 22.26 19.99
C VAL X 70 79.69 22.23 21.38
N GLN X 71 80.81 22.93 21.53
CA GLN X 71 81.51 23.02 22.80
C GLN X 71 81.65 24.48 23.18
N ALA X 72 81.01 24.87 24.28
CA ALA X 72 81.09 26.23 24.79
C ALA X 72 82.09 26.25 25.94
N TYR X 73 83.09 27.13 25.83
CA TYR X 73 84.21 27.13 26.76
C TYR X 73 84.59 28.56 27.12
N ASP X 74 85.03 28.73 28.36
CA ASP X 74 85.74 29.94 28.75
C ASP X 74 86.49 29.68 30.05
N GLU X 75 87.45 30.55 30.34
CA GLU X 75 88.29 30.37 31.51
C GLU X 75 87.50 30.49 32.81
N ASP X 76 86.60 31.47 32.90
CA ASP X 76 85.89 31.61 34.16
C ASP X 76 84.42 31.26 34.01
N PRO X 77 83.81 30.65 35.03
CA PRO X 77 82.44 30.16 34.90
C PRO X 77 81.41 31.24 34.62
N ASP X 78 81.59 32.46 35.12
CA ASP X 78 80.63 33.52 34.83
C ASP X 78 80.60 33.85 33.35
N THR X 79 81.78 34.00 32.75
CA THR X 79 81.83 34.28 31.32
C THR X 79 81.38 33.07 30.52
N TRP X 80 81.66 31.86 31.00
CA TRP X 80 81.12 30.68 30.34
C TRP X 80 79.60 30.69 30.35
N SER X 81 79.00 31.09 31.47
CA SER X 81 77.55 31.16 31.56
C SER X 81 77.00 32.19 30.60
N THR X 82 77.69 33.32 30.47
CA THR X 82 77.27 34.30 29.46
C THR X 82 77.33 33.71 28.06
N VAL X 83 78.41 32.98 27.76
CA VAL X 83 78.57 32.40 26.43
C VAL X 83 77.46 31.38 26.15
N ASP X 84 77.17 30.53 27.13
CA ASP X 84 76.13 29.53 26.97
C ASP X 84 74.75 30.18 26.79
N SER X 85 74.48 31.23 27.56
CA SER X 85 73.21 31.93 27.39
C SER X 85 73.10 32.56 26.02
N LEU X 86 74.20 33.16 25.52
CA LEU X 86 74.17 33.74 24.18
C LEU X 86 73.95 32.67 23.12
N TRP X 87 74.59 31.52 23.27
CA TRP X 87 74.40 30.44 22.31
C TRP X 87 72.96 29.95 22.32
N ARG X 88 72.36 29.81 23.50
CA ARG X 88 70.96 29.42 23.57
C ARG X 88 70.05 30.48 22.95
N TRP X 89 70.36 31.76 23.17
CA TRP X 89 69.56 32.83 22.61
C TRP X 89 69.67 32.88 21.09
N ALA X 90 70.77 32.39 20.54
CA ALA X 90 70.93 32.35 19.10
C ALA X 90 70.04 31.31 18.43
N TRP X 91 69.12 30.64 19.11
CA TRP X 91 68.32 29.58 18.52
C TRP X 91 66.86 29.76 18.89
N ASP X 92 65.99 29.15 18.08
CA ASP X 92 64.56 29.17 18.34
C ASP X 92 63.90 28.00 17.63
N TYR X 93 62.65 27.73 18.01
CA TYR X 93 61.83 26.76 17.33
C TYR X 93 61.01 27.38 16.21
N ASP X 94 60.42 28.54 16.45
CA ASP X 94 59.51 29.15 15.48
C ASP X 94 60.25 29.79 14.31
N GLU X 95 61.38 30.43 14.57
CA GLU X 95 62.13 31.13 13.53
C GLU X 95 63.47 30.46 13.31
N GLU X 96 63.93 30.49 12.07
CA GLU X 96 65.14 29.80 11.65
C GLU X 96 66.35 30.71 11.74
N SER X 97 67.51 30.10 11.94
CA SER X 97 68.79 30.77 11.93
C SER X 97 69.68 30.18 10.84
N GLU X 98 70.60 30.99 10.34
CA GLU X 98 71.40 30.63 9.18
C GLU X 98 72.64 29.85 9.59
N LEU X 99 73.03 28.89 8.75
CA LEU X 99 74.22 28.08 8.96
C LEU X 99 75.00 28.11 7.65
N ARG X 100 76.12 28.83 7.63
CA ARG X 100 76.84 29.13 6.40
C ARG X 100 78.10 28.29 6.31
N VAL X 101 78.31 27.68 5.15
CA VAL X 101 79.51 26.92 4.85
C VAL X 101 80.24 27.62 3.72
N SER X 102 81.49 27.99 3.96
CA SER X 102 82.31 28.71 3.00
C SER X 102 83.50 27.84 2.60
N THR X 103 83.67 27.66 1.29
CA THR X 103 84.78 26.91 0.72
C THR X 103 85.24 27.63 -0.53
N SER X 104 86.16 27.00 -1.27
CA SER X 104 86.60 27.56 -2.54
C SER X 104 85.49 27.62 -3.56
N ASP X 105 84.41 26.88 -3.36
CA ASP X 105 83.23 26.93 -4.22
C ASP X 105 82.29 28.07 -3.87
N GLY X 106 82.59 28.84 -2.83
CA GLY X 106 81.75 29.93 -2.41
C GLY X 106 81.12 29.68 -1.04
N THR X 107 80.11 30.47 -0.73
CA THR X 107 79.42 30.40 0.55
C THR X 107 77.98 29.98 0.30
N ARG X 108 77.55 28.90 0.96
CA ARG X 108 76.20 28.39 0.84
C ARG X 108 75.60 28.25 2.22
N PHE X 109 74.34 28.65 2.37
CA PHE X 109 73.71 28.70 3.68
C PHE X 109 72.51 27.77 3.76
N LEU X 110 72.26 27.29 4.97
CA LEU X 110 71.14 26.41 5.28
C LEU X 110 70.38 26.98 6.47
N LYS X 111 69.07 27.13 6.33
CA LYS X 111 68.26 27.70 7.40
C LYS X 111 67.75 26.58 8.30
N VAL X 112 68.16 26.60 9.57
CA VAL X 112 67.85 25.52 10.49
C VAL X 112 67.14 26.09 11.70
N ARG X 113 66.28 25.26 12.30
CA ARG X 113 65.57 25.62 13.51
C ARG X 113 65.68 24.47 14.51
N LEU X 114 65.50 24.80 15.79
CA LEU X 114 65.55 23.79 16.84
C LEU X 114 64.45 22.76 16.66
N MET X 115 64.82 21.52 16.33
CA MET X 115 63.81 20.47 16.22
C MET X 115 63.28 20.08 17.59
N GLU X 116 64.14 20.05 18.59
CA GLU X 116 63.73 19.75 19.96
C GLU X 116 64.67 20.50 20.91
N GLU X 117 64.45 20.30 22.20
CA GLU X 117 65.22 21.01 23.20
C GLU X 117 66.69 20.58 23.13
N PRO X 118 67.63 21.52 23.28
CA PRO X 118 69.04 21.15 23.31
C PRO X 118 69.36 20.30 24.54
N LYS X 119 70.41 19.50 24.43
CA LYS X 119 70.87 18.69 25.55
C LYS X 119 72.22 19.24 26.01
N PRO X 120 72.25 20.05 27.07
CA PRO X 120 73.51 20.70 27.46
C PRO X 120 74.27 19.99 28.56
N TYR X 121 75.56 20.31 28.68
CA TYR X 121 76.38 20.05 29.86
C TYR X 121 76.73 18.59 30.05
N TYR X 122 77.61 18.32 31.01
CA TYR X 122 78.03 16.99 31.38
C TYR X 122 77.14 16.46 32.49
N GLU X 123 77.57 15.36 33.14
CA GLU X 123 76.77 14.78 34.22
C GLU X 123 76.81 15.66 35.47
N LYS X 124 77.96 16.29 35.75
CA LYS X 124 78.07 17.20 36.88
C LYS X 124 77.68 18.61 36.44
N ASP X 125 77.67 19.55 37.38
CA ASP X 125 77.25 20.89 37.03
C ASP X 125 78.28 21.54 36.11
N PRO X 126 77.85 22.35 35.16
CA PRO X 126 78.78 22.86 34.14
C PRO X 126 79.74 23.92 34.65
N HIS X 127 79.51 24.47 35.84
CA HIS X 127 80.40 25.50 36.37
C HIS X 127 81.73 24.93 36.85
N ILE X 128 81.82 23.62 37.06
CA ILE X 128 83.09 23.02 37.45
C ILE X 128 84.12 23.21 36.35
N THR X 129 83.74 22.90 35.12
CA THR X 129 84.67 22.94 34.00
C THR X 129 84.60 24.22 33.19
N ALA X 130 83.44 24.87 33.13
CA ALA X 130 83.22 26.02 32.25
C ALA X 130 83.56 25.68 30.80
N ASP X 131 83.45 24.40 30.46
CA ASP X 131 83.79 23.92 29.12
C ASP X 131 82.89 22.71 28.87
N ASN X 132 81.73 22.95 28.27
CA ASN X 132 80.69 21.95 28.23
C ASN X 132 80.13 21.78 26.82
N PRO X 133 79.68 20.56 26.50
CA PRO X 133 79.08 20.33 25.18
C PRO X 133 77.58 20.48 25.20
N ILE X 134 77.06 21.06 24.12
CA ILE X 134 75.63 21.21 23.89
C ILE X 134 75.30 20.41 22.64
N VAL X 135 74.43 19.42 22.78
CA VAL X 135 73.98 18.62 21.65
C VAL X 135 72.71 19.26 21.09
N MET X 136 72.77 19.67 19.84
CA MET X 136 71.69 20.37 19.16
C MET X 136 71.12 19.47 18.08
N THR X 137 69.81 19.25 18.14
CA THR X 137 69.07 18.53 17.11
C THR X 137 68.26 19.57 16.34
N VAL X 138 68.82 20.06 15.24
CA VAL X 138 68.19 21.08 14.44
C VAL X 138 67.60 20.41 13.20
N THR X 139 66.70 21.12 12.53
CA THR X 139 66.07 20.59 11.33
C THR X 139 66.04 21.66 10.25
N ALA X 140 66.16 21.19 9.01
CA ALA X 140 66.08 22.04 7.82
C ALA X 140 64.83 21.62 7.05
N THR X 141 63.79 22.44 7.14
CA THR X 141 62.57 22.20 6.37
C THR X 141 62.83 22.31 4.89
N PHE X 142 63.60 23.30 4.47
CA PHE X 142 64.11 23.37 3.10
C PHE X 142 65.48 22.69 3.09
N PRO X 143 65.62 21.51 2.48
CA PRO X 143 66.84 20.72 2.68
C PRO X 143 68.00 21.11 1.78
N TYR X 144 67.81 21.98 0.81
CA TYR X 144 68.88 22.32 -0.13
C TYR X 144 69.73 23.46 0.41
N TRP X 145 71.02 23.42 0.08
CA TRP X 145 71.91 24.53 0.40
C TRP X 145 71.76 25.63 -0.64
N GLN X 146 71.74 26.87 -0.17
CA GLN X 146 71.39 28.01 -0.99
C GLN X 146 72.56 28.97 -1.13
N ASP X 147 72.68 29.55 -2.31
CA ASP X 147 73.49 30.73 -2.54
C ASP X 147 72.56 31.90 -2.85
N GLU X 148 73.13 33.10 -2.82
CA GLU X 148 72.33 34.29 -3.10
C GLU X 148 71.81 34.22 -4.54
N PRO X 149 70.53 34.45 -4.78
CA PRO X 149 69.98 34.23 -6.12
C PRO X 149 70.48 35.26 -7.12
N GLU X 150 70.49 34.85 -8.39
CA GLU X 150 70.92 35.72 -9.48
C GLU X 150 69.73 36.50 -9.99
N GLU X 151 69.84 37.83 -9.99
CA GLU X 151 68.72 38.71 -10.32
C GLU X 151 69.06 39.55 -11.54
N LEU X 152 68.07 39.70 -12.42
CA LEU X 152 68.19 40.52 -13.62
C LEU X 152 66.97 41.42 -13.74
N ILE X 153 67.17 42.62 -14.28
CA ILE X 153 66.11 43.60 -14.40
C ILE X 153 66.06 44.11 -15.84
N TRP X 154 64.85 44.24 -16.39
CA TRP X 154 64.63 44.79 -17.71
C TRP X 154 63.51 45.82 -17.64
N THR X 155 63.81 47.05 -18.04
CA THR X 155 62.84 48.14 -18.03
C THR X 155 62.57 48.61 -19.45
N THR X 156 61.32 48.97 -19.73
CA THR X 156 60.98 49.49 -21.04
C THR X 156 59.94 50.60 -20.90
N LEU X 157 60.08 51.62 -21.74
CA LEU X 157 59.09 52.69 -21.85
C LEU X 157 58.11 52.46 -22.98
N SER X 158 58.31 51.43 -23.81
CA SER X 158 57.46 51.18 -24.95
C SER X 158 56.15 50.52 -24.51
N THR X 159 55.11 50.75 -25.30
CA THR X 159 53.83 50.10 -25.05
C THR X 159 53.94 48.59 -25.23
N GLU X 160 54.64 48.15 -26.28
CA GLU X 160 54.86 46.74 -26.56
C GLU X 160 56.36 46.51 -26.71
N ASP X 161 56.86 45.47 -26.05
CA ASP X 161 58.29 45.19 -26.09
C ASP X 161 58.54 43.74 -25.76
N MET X 162 59.77 43.31 -25.99
CA MET X 162 60.20 41.94 -25.70
C MET X 162 61.65 41.97 -25.28
N THR X 163 62.01 41.04 -24.39
CA THR X 163 63.39 40.92 -23.92
C THR X 163 63.74 39.44 -23.78
N ARG X 164 65.02 39.17 -23.63
CA ARG X 164 65.51 37.82 -23.39
C ARG X 164 66.42 37.81 -22.18
N PHE X 165 66.15 36.92 -21.24
CA PHE X 165 66.92 36.80 -20.01
C PHE X 165 67.81 35.57 -20.10
N PRO X 166 69.13 35.70 -20.06
CA PRO X 166 69.99 34.51 -19.97
C PRO X 166 69.83 33.83 -18.62
N VAL X 167 69.54 32.54 -18.64
CA VAL X 167 69.30 31.77 -17.44
C VAL X 167 70.01 30.43 -17.57
N ARG X 168 70.61 29.96 -16.48
CA ARG X 168 71.35 28.70 -16.50
C ARG X 168 71.45 28.15 -15.10
N ASN X 169 71.05 26.90 -14.93
CA ASN X 169 71.14 26.20 -13.65
C ASN X 169 72.48 25.48 -13.58
N ASP X 170 73.41 26.04 -12.81
CA ASP X 170 74.72 25.43 -12.61
C ASP X 170 74.75 24.48 -11.43
N GLY X 171 73.65 24.34 -10.69
CA GLY X 171 73.57 23.44 -9.57
C GLY X 171 73.16 22.04 -9.99
N ASP X 172 72.91 21.21 -8.99
CA ASP X 172 72.52 19.82 -9.21
C ASP X 172 71.05 19.55 -8.93
N VAL X 173 70.26 20.57 -8.61
CA VAL X 173 68.83 20.38 -8.36
C VAL X 173 68.05 21.42 -9.16
N PRO X 174 66.84 21.11 -9.60
CA PRO X 174 66.04 22.11 -10.32
C PRO X 174 65.66 23.27 -9.40
N VAL X 175 65.65 24.47 -9.98
CA VAL X 175 65.30 25.68 -9.25
C VAL X 175 64.07 26.29 -9.89
N TRP X 176 63.30 27.01 -9.07
CA TRP X 176 62.03 27.59 -9.50
C TRP X 176 62.19 29.10 -9.60
N LEU X 177 61.86 29.65 -10.76
CA LEU X 177 62.09 31.05 -11.03
C LEU X 177 61.04 31.93 -10.36
N LYS X 178 61.45 33.14 -10.03
CA LYS X 178 60.55 34.15 -9.48
C LYS X 178 60.55 35.38 -10.38
N TRP X 179 59.39 35.94 -10.62
CA TRP X 179 59.25 37.13 -11.44
C TRP X 179 58.61 38.23 -10.61
N THR X 180 58.99 39.47 -10.90
CA THR X 180 58.31 40.63 -10.36
C THR X 180 57.99 41.55 -11.52
N LEU X 181 56.70 41.72 -11.81
CA LEU X 181 56.25 42.43 -13.00
C LEU X 181 55.44 43.65 -12.59
N THR X 182 55.76 44.81 -13.16
CA THR X 182 54.99 45.99 -12.84
C THR X 182 53.66 45.99 -13.60
N ALA X 183 52.79 46.92 -13.22
CA ALA X 183 51.47 47.09 -13.79
C ALA X 183 51.26 48.55 -14.16
N PRO X 184 50.36 48.84 -15.12
CA PRO X 184 49.52 47.92 -15.91
C PRO X 184 50.31 47.23 -17.00
N GLY X 185 49.73 46.23 -17.64
CA GLY X 185 50.36 45.57 -18.76
C GLY X 185 50.04 44.10 -18.78
N LEU X 186 49.95 43.56 -20.00
CA LEU X 186 49.77 42.13 -20.23
C LEU X 186 51.15 41.53 -20.46
N TRP X 187 51.57 40.65 -19.55
CA TRP X 187 52.86 39.99 -19.65
C TRP X 187 52.69 38.58 -20.18
N ILE X 188 53.66 38.14 -20.98
CA ILE X 188 53.78 36.76 -21.40
C ILE X 188 55.14 36.27 -20.92
N LEU X 189 55.12 35.25 -20.06
CA LEU X 189 56.29 34.71 -19.41
C LEU X 189 56.59 33.30 -19.93
N PRO X 190 57.87 32.94 -20.01
CA PRO X 190 58.22 31.60 -20.47
C PRO X 190 58.07 30.57 -19.37
N ASP X 191 57.65 29.37 -19.75
CA ASP X 191 57.55 28.21 -18.87
C ASP X 191 58.16 27.01 -19.54
N PHE X 192 59.37 27.19 -20.05
CA PHE X 192 60.03 26.17 -20.86
C PHE X 192 60.18 24.87 -20.08
N SER X 193 59.96 23.76 -20.77
CA SER X 193 60.07 22.46 -20.13
C SER X 193 61.53 22.08 -19.87
N TRP X 194 62.45 22.57 -20.70
CA TRP X 194 63.86 22.16 -20.66
C TRP X 194 64.01 20.66 -20.87
N GLY X 195 63.09 20.06 -21.61
CA GLY X 195 63.12 18.63 -21.82
C GLY X 195 62.68 17.81 -20.63
N ASN X 196 61.94 18.40 -19.70
CA ASN X 196 61.48 17.68 -18.52
C ASN X 196 60.21 16.93 -18.86
N ASP X 197 60.26 15.60 -18.74
CA ASP X 197 59.15 14.73 -19.11
C ASP X 197 58.29 14.35 -17.90
N MET X 198 58.23 15.23 -16.90
CA MET X 198 57.43 14.94 -15.71
C MET X 198 55.94 14.90 -16.03
N TYR X 199 55.49 15.73 -16.97
CA TYR X 199 54.11 15.72 -17.43
C TYR X 199 53.95 14.98 -18.75
N SER X 200 54.98 14.27 -19.21
CA SER X 200 54.99 13.61 -20.51
C SER X 200 54.79 14.61 -21.64
N ARG X 201 55.35 15.81 -21.48
CA ARG X 201 55.28 16.87 -22.48
C ARG X 201 56.62 17.57 -22.64
N GLY X 202 57.73 16.85 -22.44
CA GLY X 202 59.03 17.49 -22.43
C GLY X 202 59.36 18.17 -23.75
N ARG X 203 59.07 17.52 -24.87
CA ARG X 203 59.34 18.09 -26.18
C ARG X 203 58.23 18.99 -26.67
N GLU X 204 56.99 18.75 -26.21
CA GLU X 204 55.88 19.59 -26.63
C GLU X 204 55.95 20.96 -25.97
N ASP X 205 56.42 21.03 -24.73
CA ASP X 205 56.50 22.28 -23.98
C ASP X 205 57.89 22.89 -24.01
N LEU X 206 58.65 22.63 -25.09
CA LEU X 206 60.00 23.18 -25.18
C LEU X 206 59.99 24.70 -25.20
N GLY X 207 59.03 25.29 -25.92
CA GLY X 207 58.92 26.73 -25.99
C GLY X 207 57.61 27.25 -25.46
N ARG X 208 57.15 26.67 -24.35
CA ARG X 208 55.87 27.05 -23.78
C ARG X 208 55.94 28.45 -23.20
N THR X 209 54.94 29.27 -23.50
CA THR X 209 54.79 30.59 -22.92
C THR X 209 53.36 30.73 -22.42
N VAL X 210 53.19 31.44 -21.31
CA VAL X 210 51.89 31.62 -20.69
C VAL X 210 51.68 33.11 -20.43
N ALA X 211 50.45 33.57 -20.68
CA ALA X 211 50.11 34.98 -20.51
C ALA X 211 49.48 35.20 -19.14
N MET X 212 50.06 36.12 -18.37
CA MET X 212 49.43 36.57 -17.15
C MET X 212 48.17 37.36 -17.48
N PRO X 213 47.23 37.45 -16.54
CA PRO X 213 46.04 38.27 -16.80
C PRO X 213 46.40 39.74 -16.88
N GLU X 214 45.61 40.47 -17.64
CA GLU X 214 45.86 41.91 -17.82
C GLU X 214 45.83 42.61 -16.46
N LEU X 215 46.96 43.20 -16.09
CA LEU X 215 47.10 43.85 -14.79
C LEU X 215 46.59 45.27 -14.86
N VAL X 216 45.80 45.66 -13.84
CA VAL X 216 45.28 47.02 -13.74
C VAL X 216 46.29 47.88 -13.01
N ALA X 217 46.08 49.21 -13.06
CA ALA X 217 47.04 50.15 -12.49
C ALA X 217 47.27 49.90 -11.01
N GLY X 218 48.55 49.89 -10.62
CA GLY X 218 48.93 49.67 -9.24
C GLY X 218 49.01 48.23 -8.82
N GLU X 219 48.67 47.30 -9.69
CA GLU X 219 48.62 45.87 -9.37
C GLU X 219 49.90 45.17 -9.80
N HIS X 220 51.03 45.64 -9.26
CA HIS X 220 52.30 44.97 -9.51
C HIS X 220 52.26 43.58 -8.89
N VAL X 221 52.78 42.58 -9.61
CA VAL X 221 52.60 41.21 -9.18
C VAL X 221 53.96 40.55 -8.99
N SER X 222 53.98 39.56 -8.10
CA SER X 222 55.09 38.63 -7.95
C SER X 222 54.60 37.26 -8.36
N VAL X 223 55.37 36.60 -9.22
CA VAL X 223 55.00 35.33 -9.83
C VAL X 223 56.08 34.35 -9.40
N ASP X 224 55.83 33.61 -8.33
CA ASP X 224 56.79 32.68 -7.78
C ASP X 224 56.41 31.27 -8.22
N SER X 225 57.30 30.61 -8.96
CA SER X 225 56.95 29.30 -9.48
C SER X 225 57.14 28.17 -8.48
N ASP X 226 57.82 28.41 -7.36
CA ASP X 226 58.05 27.34 -6.42
C ASP X 226 56.75 26.92 -5.76
N PRO X 227 56.60 25.62 -5.43
CA PRO X 227 55.31 25.12 -4.97
C PRO X 227 54.97 25.48 -3.53
N ARG X 228 55.92 25.96 -2.73
CA ARG X 228 55.61 26.36 -1.36
C ARG X 228 54.76 27.62 -1.29
N VAL X 229 54.59 28.32 -2.41
CA VAL X 229 54.06 29.67 -2.44
C VAL X 229 53.00 29.75 -3.53
N GLN X 230 51.95 30.53 -3.29
CA GLN X 230 50.99 30.82 -4.34
C GLN X 230 51.67 31.54 -5.48
N THR X 231 51.33 31.15 -6.71
CA THR X 231 52.06 31.63 -7.89
C THR X 231 51.94 33.14 -8.04
N LEU X 232 50.74 33.64 -8.25
CA LEU X 232 50.48 35.06 -8.45
C LEU X 232 50.07 35.71 -7.15
N ILE X 233 50.81 36.77 -6.75
CA ILE X 233 50.41 37.58 -5.61
C ILE X 233 50.56 39.04 -6.00
N ALA X 234 49.48 39.81 -5.89
CA ALA X 234 49.48 41.22 -6.23
C ALA X 234 49.89 42.06 -5.02
N VAL X 235 50.54 43.18 -5.31
CA VAL X 235 50.98 44.08 -4.25
C VAL X 235 49.80 44.70 -3.52
N ASN X 236 48.77 45.12 -4.27
CA ASN X 236 47.63 45.80 -3.68
C ASN X 236 46.58 44.83 -3.14
N GLY X 237 46.88 43.54 -3.06
CA GLY X 237 45.97 42.58 -2.50
C GLY X 237 44.88 42.09 -3.42
N MET X 238 44.92 42.45 -4.70
CA MET X 238 43.90 42.01 -5.63
C MET X 238 44.10 40.52 -5.98
N PRO X 239 43.02 39.81 -6.28
CA PRO X 239 43.10 38.37 -6.61
C PRO X 239 43.42 38.08 -8.08
N THR X 240 44.70 38.25 -8.41
CA THR X 240 45.15 38.08 -9.79
C THR X 240 45.06 36.63 -10.24
N GLN X 241 45.58 35.71 -9.41
CA GLN X 241 45.45 34.29 -9.75
C GLN X 241 44.00 33.87 -9.80
N ASN X 242 43.14 34.54 -9.03
CA ASN X 242 41.71 34.32 -9.14
C ASN X 242 41.20 34.71 -10.52
N ARG X 243 41.72 35.80 -11.08
CA ARG X 243 41.36 36.17 -12.44
C ARG X 243 41.99 35.27 -13.50
N TRP X 244 43.05 34.57 -13.16
CA TRP X 244 43.91 33.93 -14.18
C TRP X 244 43.40 32.52 -14.69
N LYS X 245 42.17 32.10 -14.42
CA LYS X 245 41.51 31.03 -15.17
C LYS X 245 42.19 29.67 -15.04
N GLY X 246 42.76 29.37 -13.87
CA GLY X 246 43.26 28.04 -13.61
C GLY X 246 44.56 27.68 -14.29
N ASN X 247 45.31 28.66 -14.78
CA ASN X 247 46.62 28.37 -15.35
C ASN X 247 47.68 28.33 -14.23
N ASP X 248 48.90 27.96 -14.61
CA ASP X 248 50.00 27.89 -13.65
C ASP X 248 51.32 27.81 -14.40
N LEU X 249 52.39 28.17 -13.71
CA LEU X 249 53.75 27.84 -14.14
C LEU X 249 54.08 26.44 -13.67
N LEU X 250 54.53 25.60 -14.59
CA LEU X 250 54.62 24.17 -14.33
C LEU X 250 56.05 23.64 -14.22
N TYR X 251 57.02 24.29 -14.84
CA TYR X 251 58.31 23.65 -14.98
C TYR X 251 59.40 24.41 -14.25
N PRO X 252 60.27 23.72 -13.52
CA PRO X 252 61.48 24.35 -12.99
C PRO X 252 62.61 24.33 -14.00
N LEU X 253 63.62 25.15 -13.73
CA LEU X 253 64.82 25.17 -14.55
C LEU X 253 65.69 23.98 -14.16
N MET X 254 65.73 22.96 -15.00
CA MET X 254 66.42 21.72 -14.67
C MET X 254 67.93 21.94 -14.63
N PRO X 255 68.66 21.13 -13.87
CA PRO X 255 70.12 21.28 -13.81
C PRO X 255 70.76 21.12 -15.17
N GLY X 256 71.76 21.96 -15.43
CA GLY X 256 72.50 21.89 -16.67
C GLY X 256 71.84 22.55 -17.84
N LYS X 257 70.65 23.12 -17.67
CA LYS X 257 69.91 23.73 -18.76
C LYS X 257 69.93 25.25 -18.62
N GLY X 258 69.94 25.94 -19.76
CA GLY X 258 69.90 27.38 -19.79
C GLY X 258 69.65 27.92 -21.17
N ALA X 259 69.06 29.10 -21.26
CA ALA X 259 68.71 29.70 -22.55
C ALA X 259 68.40 31.17 -22.29
N GLU X 260 68.10 31.89 -23.38
CA GLU X 260 67.64 33.27 -23.30
C GLU X 260 66.13 33.25 -23.34
N ILE X 261 65.51 33.15 -22.17
CA ILE X 261 64.06 33.00 -22.10
C ILE X 261 63.39 34.31 -22.47
N PRO X 262 62.36 34.31 -23.31
CA PRO X 262 61.74 35.56 -23.74
C PRO X 262 60.59 36.03 -22.85
N VAL X 263 60.59 37.32 -22.56
CA VAL X 263 59.54 37.97 -21.80
C VAL X 263 58.89 39.02 -22.70
N GLN X 264 57.56 38.97 -22.80
CA GLN X 264 56.81 39.88 -23.67
C GLN X 264 55.93 40.78 -22.84
N LEU X 265 55.89 42.07 -23.20
CA LEU X 265 55.03 43.04 -22.55
C LEU X 265 54.17 43.71 -23.61
N LYS X 266 52.87 43.78 -23.37
CA LYS X 266 51.93 44.42 -24.28
C LYS X 266 50.96 45.26 -23.48
N ASN X 267 50.30 46.19 -24.17
CA ASN X 267 49.23 47.00 -23.58
C ASN X 267 49.69 47.69 -22.29
N ALA X 268 50.89 48.28 -22.34
CA ALA X 268 51.47 48.98 -21.20
C ALA X 268 51.74 50.42 -21.61
N PRO X 269 50.76 51.31 -21.45
CA PRO X 269 50.95 52.70 -21.89
C PRO X 269 52.10 53.40 -21.19
N GLU X 270 52.32 53.12 -19.92
CA GLU X 270 53.42 53.76 -19.20
C GLU X 270 54.77 53.15 -19.55
N GLY X 271 54.79 51.88 -19.95
CA GLY X 271 56.04 51.15 -20.07
C GLY X 271 56.41 50.59 -18.71
N GLY X 272 56.78 49.31 -18.65
CA GLY X 272 56.90 48.60 -17.41
C GLY X 272 58.26 47.98 -17.19
N ALA X 273 58.40 47.36 -16.02
CA ALA X 273 59.64 46.72 -15.62
C ALA X 273 59.39 45.28 -15.20
N CYS X 274 60.39 44.45 -15.42
CA CYS X 274 60.37 43.04 -15.09
C CYS X 274 61.66 42.69 -14.36
N LYS X 275 61.54 41.83 -13.34
CA LYS X 275 62.70 41.34 -12.61
C LYS X 275 62.63 39.82 -12.54
N LEU X 276 63.72 39.17 -12.89
CA LEU X 276 63.83 37.71 -12.83
C LEU X 276 64.82 37.33 -11.75
N THR X 277 64.38 36.46 -10.84
CA THR X 277 65.20 35.93 -9.77
C THR X 277 65.35 34.43 -9.97
N ARG X 278 66.58 33.99 -10.19
CA ARG X 278 66.91 32.58 -10.34
C ARG X 278 67.61 32.11 -9.08
N PRO X 279 67.00 31.22 -8.30
CA PRO X 279 67.66 30.73 -7.09
C PRO X 279 68.82 29.82 -7.42
N ARG X 280 69.73 29.70 -6.47
CA ARG X 280 70.92 28.88 -6.60
C ARG X 280 70.90 27.83 -5.49
N TRP X 281 70.22 26.71 -5.74
CA TRP X 281 70.09 25.65 -4.77
C TRP X 281 71.09 24.53 -5.08
N TYR X 282 71.66 23.96 -4.03
CA TYR X 282 72.62 22.87 -4.15
C TYR X 282 72.31 21.82 -3.10
N SER X 283 72.71 20.58 -3.38
CA SER X 283 72.46 19.48 -2.46
C SER X 283 73.61 19.22 -1.50
N ARG X 284 74.74 19.90 -1.66
CA ARG X 284 75.89 19.74 -0.77
C ARG X 284 76.43 21.12 -0.43
N PRO X 285 77.01 21.29 0.77
CA PRO X 285 77.61 22.60 1.10
C PRO X 285 78.69 23.06 0.14
N TRP X 286 79.39 22.15 -0.52
CA TRP X 286 80.38 22.54 -1.52
C TRP X 286 80.35 21.53 -2.66
N SER X 287 80.55 22.03 -3.87
CA SER X 287 80.56 21.18 -5.06
C SER X 287 81.11 21.98 -6.22
N ARG X 288 81.88 21.31 -7.07
CA ARG X 288 82.38 21.95 -8.27
C ARG X 288 81.22 22.24 -9.22
N PRO X 289 81.32 23.32 -10.01
CA PRO X 289 80.20 23.68 -10.88
C PRO X 289 79.88 22.58 -11.88
N GLY X 290 78.59 22.40 -12.14
CA GLY X 290 78.13 21.39 -13.07
C GLY X 290 77.80 21.99 -14.43
N VAL X 291 78.06 21.21 -15.47
CA VAL X 291 77.86 21.68 -16.83
C VAL X 291 76.95 20.75 -17.62
N THR Y 2 92.99 -7.10 -8.38
CA THR Y 2 93.65 -8.20 -9.08
C THR Y 2 93.46 -8.07 -10.59
N ASP Y 3 94.29 -8.79 -11.34
CA ASP Y 3 94.18 -8.78 -12.79
C ASP Y 3 93.16 -9.78 -13.32
N PHE Y 4 92.53 -10.56 -12.45
CA PHE Y 4 91.47 -11.47 -12.86
C PHE Y 4 90.09 -10.81 -12.83
N LEU Y 5 89.98 -9.60 -12.30
CA LEU Y 5 88.70 -8.94 -12.12
C LEU Y 5 88.90 -7.44 -12.23
N LYS Y 6 88.06 -6.77 -13.01
CA LYS Y 6 88.17 -5.32 -13.20
C LYS Y 6 86.78 -4.71 -13.07
N ILE Y 7 86.63 -3.73 -12.19
CA ILE Y 7 85.34 -3.08 -11.95
C ILE Y 7 85.43 -1.64 -12.40
N GLU Y 8 84.50 -1.23 -13.25
CA GLU Y 8 84.45 0.13 -13.77
C GLU Y 8 83.07 0.72 -13.54
N LEU Y 9 83.01 2.05 -13.54
CA LEU Y 9 81.76 2.80 -13.48
C LEU Y 9 81.75 3.83 -14.59
N ILE Y 10 80.65 3.87 -15.35
CA ILE Y 10 80.37 4.96 -16.27
C ILE Y 10 79.20 5.74 -15.69
N GLY Y 11 79.45 6.98 -15.31
CA GLY Y 11 78.46 7.76 -14.63
C GLY Y 11 77.34 8.22 -15.52
N ARG Y 12 76.38 8.91 -14.91
CA ARG Y 12 75.30 9.52 -15.66
C ARG Y 12 75.81 10.55 -16.66
N ASP Y 13 76.97 11.14 -16.37
CA ASP Y 13 77.58 12.13 -17.24
C ASP Y 13 78.62 11.55 -18.18
N GLY Y 14 78.82 10.23 -18.16
CA GLY Y 14 79.76 9.58 -19.04
C GLY Y 14 81.17 9.46 -18.50
N SER Y 15 81.42 9.90 -17.27
CA SER Y 15 82.74 9.77 -16.68
C SER Y 15 83.08 8.30 -16.46
N HIS Y 16 84.37 7.98 -16.60
CA HIS Y 16 84.85 6.61 -16.52
C HIS Y 16 85.75 6.48 -15.31
N TRP Y 17 85.39 5.57 -14.40
CA TRP Y 17 86.15 5.30 -13.19
C TRP Y 17 86.53 3.83 -13.15
N VAL Y 18 87.73 3.54 -12.68
CA VAL Y 18 88.18 2.17 -12.45
C VAL Y 18 88.32 2.00 -10.95
N LEU Y 19 87.36 1.28 -10.36
CA LEU Y 19 87.34 1.11 -8.91
C LEU Y 19 88.22 -0.03 -8.42
N SER Y 20 88.32 -1.12 -9.20
CA SER Y 20 89.14 -2.25 -8.82
C SER Y 20 89.72 -2.88 -10.08
N GLY Y 21 90.85 -3.55 -9.90
CA GLY Y 21 91.52 -4.20 -11.01
C GLY Y 21 92.71 -3.40 -11.51
N PRO Y 22 93.20 -3.75 -12.70
CA PRO Y 22 94.31 -2.98 -13.28
C PRO Y 22 93.89 -1.54 -13.58
N GLY Y 23 94.67 -0.61 -13.06
CA GLY Y 23 94.38 0.80 -13.23
C GLY Y 23 93.44 1.40 -12.21
N MET Y 24 93.22 0.72 -11.08
CA MET Y 24 92.32 1.23 -10.07
C MET Y 24 92.93 2.41 -9.33
N GLY Y 25 92.10 3.39 -9.00
CA GLY Y 25 92.55 4.56 -8.29
C GLY Y 25 93.21 5.63 -9.14
N GLN Y 26 93.24 5.47 -10.46
CA GLN Y 26 93.83 6.48 -11.32
C GLN Y 26 93.00 7.76 -11.33
N GLN Y 27 91.68 7.63 -11.23
CA GLN Y 27 90.80 8.78 -11.15
C GLN Y 27 90.59 9.26 -9.72
N GLY Y 28 91.26 8.64 -8.75
CA GLY Y 28 91.21 9.07 -7.37
C GLY Y 28 90.31 8.24 -6.47
N VAL Y 29 89.43 7.41 -7.04
CA VAL Y 29 88.44 6.68 -6.26
C VAL Y 29 88.74 5.19 -6.40
N THR Y 30 88.90 4.52 -5.26
CA THR Y 30 89.05 3.08 -5.19
C THR Y 30 87.83 2.46 -4.51
N LEU Y 31 87.73 1.14 -4.57
CA LEU Y 31 86.61 0.41 -4.00
C LEU Y 31 87.03 -0.28 -2.71
N ASN Y 32 86.28 -0.03 -1.64
CA ASN Y 32 86.53 -0.64 -0.36
C ASN Y 32 85.92 -2.03 -0.30
N PRO Y 33 86.43 -2.90 0.58
CA PRO Y 33 85.88 -4.26 0.67
C PRO Y 33 84.45 -4.31 1.18
N ASN Y 34 83.89 -5.52 1.24
CA ASN Y 34 82.57 -5.78 1.84
C ASN Y 34 81.46 -5.02 1.09
N LEU Y 35 81.26 -5.43 -0.15
CA LEU Y 35 80.11 -4.99 -0.94
C LEU Y 35 79.10 -6.13 -1.04
N GLN Y 36 77.83 -5.81 -0.84
CA GLN Y 36 76.80 -6.82 -0.62
C GLN Y 36 75.75 -6.78 -1.73
N GLN Y 37 75.15 -7.95 -1.98
CA GLN Y 37 74.19 -8.17 -3.06
C GLN Y 37 74.75 -7.71 -4.40
N PHE Y 38 76.01 -8.07 -4.65
CA PHE Y 38 76.70 -7.70 -5.87
C PHE Y 38 76.86 -8.84 -6.86
N TYR Y 39 76.94 -10.08 -6.38
CA TYR Y 39 77.24 -11.22 -7.23
C TYR Y 39 75.99 -11.95 -7.73
N ASP Y 40 75.21 -12.51 -6.82
CA ASP Y 40 74.05 -13.31 -7.20
C ASP Y 40 72.79 -12.47 -7.20
N ALA Y 41 71.94 -12.72 -8.18
CA ALA Y 41 70.67 -12.01 -8.26
C ALA Y 41 69.76 -12.45 -7.12
N PRO Y 42 69.25 -11.51 -6.32
CA PRO Y 42 68.38 -11.88 -5.20
C PRO Y 42 67.07 -12.47 -5.72
N VAL Y 43 66.77 -13.69 -5.30
CA VAL Y 43 65.55 -14.39 -5.66
C VAL Y 43 64.90 -14.89 -4.39
N LYS Y 44 63.61 -14.64 -4.23
CA LYS Y 44 62.82 -15.22 -3.16
C LYS Y 44 61.93 -16.31 -3.72
N THR Y 45 61.88 -17.44 -3.03
CA THR Y 45 61.10 -18.59 -3.47
C THR Y 45 59.81 -18.66 -2.66
N LEU Y 46 58.71 -18.92 -3.35
CA LEU Y 46 57.41 -18.97 -2.72
C LEU Y 46 57.10 -20.37 -2.24
N TYR Y 47 56.45 -20.47 -1.09
CA TYR Y 47 56.06 -21.75 -0.50
C TYR Y 47 54.63 -21.67 -0.02
N VAL Y 48 53.88 -22.73 -0.23
CA VAL Y 48 52.45 -22.75 0.07
C VAL Y 48 52.24 -23.99 0.94
N PRO Y 49 51.27 -24.01 1.86
CA PRO Y 49 51.12 -25.17 2.73
C PRO Y 49 50.89 -26.47 1.97
N GLY Y 50 51.44 -27.55 2.50
CA GLY Y 50 51.32 -28.85 1.88
C GLY Y 50 51.26 -29.96 2.90
N PRO Y 51 51.05 -31.20 2.43
CA PRO Y 51 50.91 -32.33 3.37
C PRO Y 51 52.12 -32.57 4.24
N PHE Y 52 53.33 -32.35 3.74
CA PHE Y 52 54.56 -32.60 4.48
C PHE Y 52 55.27 -31.30 4.85
N GLY Y 53 54.48 -30.28 5.21
CA GLY Y 53 55.04 -28.98 5.51
C GLY Y 53 54.56 -27.92 4.55
N GLU Y 54 55.47 -27.44 3.69
CA GLU Y 54 55.14 -26.44 2.69
C GLU Y 54 55.65 -26.90 1.33
N GLU Y 55 54.86 -26.64 0.30
CA GLU Y 55 55.21 -27.03 -1.06
C GLU Y 55 55.72 -25.82 -1.84
N TYR Y 56 56.69 -26.09 -2.72
CA TYR Y 56 57.24 -25.04 -3.58
C TYR Y 56 56.15 -24.48 -4.48
N ALA Y 57 56.08 -23.15 -4.55
CA ALA Y 57 55.06 -22.48 -5.33
C ALA Y 57 55.60 -21.58 -6.43
N GLY Y 58 56.92 -21.38 -6.50
CA GLY Y 58 57.52 -20.55 -7.52
C GLY Y 58 58.57 -19.62 -6.91
N LYS Y 59 59.18 -18.84 -7.80
CA LYS Y 59 60.24 -17.92 -7.42
C LYS Y 59 59.91 -16.52 -7.95
N ARG Y 60 60.40 -15.52 -7.23
CA ARG Y 60 60.27 -14.13 -7.65
C ARG Y 60 61.62 -13.46 -7.50
N VAL Y 61 62.16 -12.94 -8.59
CA VAL Y 61 63.43 -12.22 -8.55
C VAL Y 61 63.19 -10.84 -7.98
N GLN Y 62 64.09 -10.40 -7.09
CA GLN Y 62 63.99 -9.12 -6.42
C GLN Y 62 65.01 -8.16 -7.01
N ARG Y 63 64.71 -6.86 -6.91
CA ARG Y 63 65.65 -5.86 -7.37
C ARG Y 63 66.89 -5.83 -6.47
N ARG Y 64 68.03 -5.52 -7.07
CA ARG Y 64 69.27 -5.53 -6.32
C ARG Y 64 69.40 -4.27 -5.48
N GLU Y 65 69.86 -4.43 -4.24
CA GLU Y 65 70.14 -3.32 -3.34
C GLU Y 65 71.60 -3.44 -2.94
N ILE Y 66 72.48 -2.84 -3.74
CA ILE Y 66 73.92 -2.97 -3.56
C ILE Y 66 74.40 -1.85 -2.64
N VAL Y 67 74.92 -2.23 -1.48
CA VAL Y 67 75.53 -1.29 -0.55
C VAL Y 67 77.03 -1.52 -0.61
N PHE Y 68 77.78 -0.53 -1.08
CA PHE Y 68 79.22 -0.63 -1.15
C PHE Y 68 79.83 0.68 -0.67
N SER Y 69 81.16 0.74 -0.70
CA SER Y 69 81.88 1.91 -0.24
C SER Y 69 83.03 2.18 -1.17
N VAL Y 70 83.30 3.46 -1.42
CA VAL Y 70 84.44 3.87 -2.21
C VAL Y 70 85.30 4.78 -1.34
N GLN Y 71 86.54 4.97 -1.77
CA GLN Y 71 87.48 5.83 -1.09
C GLN Y 71 88.04 6.83 -2.08
N ALA Y 72 87.74 8.11 -1.88
CA ALA Y 72 88.26 9.18 -2.71
C ALA Y 72 89.49 9.77 -2.03
N TYR Y 73 90.61 9.76 -2.74
CA TYR Y 73 91.90 10.12 -2.16
C TYR Y 73 92.65 11.06 -3.09
N ASP Y 74 93.41 11.97 -2.48
CA ASP Y 74 94.38 12.77 -3.22
C ASP Y 74 95.37 13.36 -2.25
N GLU Y 75 96.48 13.87 -2.79
CA GLU Y 75 97.55 14.41 -1.95
C GLU Y 75 97.18 15.77 -1.37
N ASP Y 76 96.38 16.57 -2.09
CA ASP Y 76 96.03 17.89 -1.61
C ASP Y 76 94.52 18.04 -1.48
N PRO Y 77 94.04 18.77 -0.47
CA PRO Y 77 92.59 18.87 -0.24
C PRO Y 77 91.81 19.49 -1.38
N ASP Y 78 92.40 20.43 -2.13
CA ASP Y 78 91.67 21.04 -3.24
C ASP Y 78 91.37 20.01 -4.33
N THR Y 79 92.39 19.26 -4.73
CA THR Y 79 92.18 18.23 -5.74
C THR Y 79 91.30 17.11 -5.20
N TRP Y 80 91.41 16.81 -3.90
CA TRP Y 80 90.49 15.84 -3.31
C TRP Y 80 89.06 16.31 -3.43
N SER Y 81 88.82 17.60 -3.19
CA SER Y 81 87.47 18.15 -3.31
C SER Y 81 86.97 18.05 -4.74
N THR Y 82 87.85 18.32 -5.70
CA THR Y 82 87.49 18.15 -7.11
C THR Y 82 87.09 16.71 -7.39
N VAL Y 83 87.87 15.75 -6.90
CA VAL Y 83 87.59 14.34 -7.16
C VAL Y 83 86.28 13.92 -6.52
N ASP Y 84 86.03 14.35 -5.29
CA ASP Y 84 84.78 14.01 -4.61
C ASP Y 84 83.59 14.60 -5.33
N SER Y 85 83.70 15.85 -5.80
CA SER Y 85 82.61 16.45 -6.55
C SER Y 85 82.35 15.68 -7.84
N LEU Y 86 83.41 15.29 -8.55
CA LEU Y 86 83.22 14.52 -9.77
C LEU Y 86 82.57 13.18 -9.50
N TRP Y 87 82.98 12.51 -8.42
CA TRP Y 87 82.37 11.24 -8.07
C TRP Y 87 80.89 11.40 -7.78
N ARG Y 88 80.51 12.44 -7.04
CA ARG Y 88 79.10 12.68 -6.79
C ARG Y 88 78.35 12.99 -8.08
N TRP Y 89 78.98 13.75 -8.98
CA TRP Y 89 78.33 14.08 -10.24
C TRP Y 89 78.14 12.84 -11.11
N ALA Y 90 78.98 11.84 -10.94
CA ALA Y 90 78.82 10.59 -11.68
C ALA Y 90 77.59 9.78 -11.27
N TRP Y 91 76.70 10.26 -10.39
CA TRP Y 91 75.55 9.49 -9.95
C TRP Y 91 74.29 10.35 -10.01
N ASP Y 92 73.14 9.69 -9.93
CA ASP Y 92 71.86 10.37 -9.91
C ASP Y 92 70.80 9.41 -9.38
N TYR Y 93 69.63 9.96 -9.10
CA TYR Y 93 68.48 9.17 -8.69
C TYR Y 93 67.58 8.83 -9.88
N ASP Y 94 67.26 9.82 -10.70
CA ASP Y 94 66.32 9.60 -11.80
C ASP Y 94 66.94 8.74 -12.90
N GLU Y 95 68.16 9.07 -13.30
CA GLU Y 95 68.83 8.35 -14.38
C GLU Y 95 69.91 7.43 -13.81
N GLU Y 96 70.19 6.37 -14.55
CA GLU Y 96 71.05 5.29 -14.08
C GLU Y 96 72.46 5.42 -14.67
N SER Y 97 73.41 4.79 -14.00
CA SER Y 97 74.79 4.73 -14.42
C SER Y 97 75.23 3.26 -14.50
N GLU Y 98 76.22 3.01 -15.33
CA GLU Y 98 76.65 1.65 -15.64
C GLU Y 98 77.77 1.21 -14.73
N LEU Y 99 77.71 -0.04 -14.29
CA LEU Y 99 78.73 -0.66 -13.44
C LEU Y 99 79.18 -1.93 -14.15
N ARG Y 100 80.37 -1.89 -14.74
CA ARG Y 100 80.88 -2.99 -15.54
C ARG Y 100 81.84 -3.86 -14.73
N VAL Y 101 81.76 -5.16 -14.94
CA VAL Y 101 82.69 -6.13 -14.40
C VAL Y 101 83.30 -6.90 -15.56
N SER Y 102 84.63 -6.90 -15.63
CA SER Y 102 85.37 -7.55 -16.69
C SER Y 102 86.20 -8.68 -16.09
N THR Y 103 86.04 -9.88 -16.65
CA THR Y 103 86.77 -11.07 -16.25
C THR Y 103 87.11 -11.87 -17.49
N SER Y 104 87.69 -13.05 -17.29
CA SER Y 104 87.98 -13.94 -18.41
C SER Y 104 86.70 -14.42 -19.09
N ASP Y 105 85.55 -14.26 -18.44
CA ASP Y 105 84.27 -14.61 -19.03
C ASP Y 105 83.65 -13.45 -19.80
N GLY Y 106 84.35 -12.33 -19.94
CA GLY Y 106 83.86 -11.19 -20.68
C GLY Y 106 83.51 -10.02 -19.78
N THR Y 107 82.75 -9.10 -20.34
CA THR Y 107 82.34 -7.88 -19.65
C THR Y 107 80.82 -7.88 -19.50
N ARG Y 108 80.35 -7.74 -18.26
CA ARG Y 108 78.93 -7.68 -17.97
C ARG Y 108 78.65 -6.45 -17.14
N PHE Y 109 77.57 -5.73 -17.45
CA PHE Y 109 77.28 -4.47 -16.81
C PHE Y 109 75.93 -4.51 -16.10
N LEU Y 110 75.80 -3.66 -15.09
CA LEU Y 110 74.58 -3.49 -14.32
C LEU Y 110 74.22 -2.02 -14.30
N LYS Y 111 72.96 -1.71 -14.60
CA LYS Y 111 72.48 -0.34 -14.54
C LYS Y 111 71.96 -0.05 -13.12
N VAL Y 112 72.59 0.90 -12.44
CA VAL Y 112 72.31 1.17 -11.04
C VAL Y 112 72.03 2.65 -10.85
N ARG Y 113 71.23 2.97 -9.84
CA ARG Y 113 70.91 4.35 -9.49
C ARG Y 113 71.02 4.51 -7.98
N LEU Y 114 71.21 5.75 -7.55
CA LEU Y 114 71.26 6.06 -6.13
C LEU Y 114 69.93 5.75 -5.45
N MET Y 115 69.92 4.79 -4.53
CA MET Y 115 68.70 4.51 -3.78
C MET Y 115 68.43 5.61 -2.77
N GLU Y 116 69.45 6.05 -2.06
CA GLU Y 116 69.34 7.10 -1.07
C GLU Y 116 70.57 8.00 -1.17
N GLU Y 117 70.60 9.02 -0.34
CA GLU Y 117 71.72 9.95 -0.35
C GLU Y 117 73.00 9.24 0.08
N PRO Y 118 74.13 9.54 -0.54
CA PRO Y 118 75.39 8.93 -0.11
C PRO Y 118 75.79 9.42 1.27
N LYS Y 119 76.58 8.59 1.96
CA LYS Y 119 77.08 8.96 3.27
C LYS Y 119 78.58 9.19 3.18
N PRO Y 120 79.04 10.42 3.03
CA PRO Y 120 80.47 10.66 2.82
C PRO Y 120 81.23 11.04 4.08
N TYR Y 121 82.56 10.92 4.00
CA TYR Y 121 83.51 11.52 4.93
C TYR Y 121 83.52 10.83 6.29
N TYR Y 122 84.48 11.21 7.12
CA TYR Y 122 84.61 10.73 8.48
C TYR Y 122 83.86 11.66 9.43
N GLU Y 123 84.13 11.55 10.74
CA GLU Y 123 83.47 12.41 11.70
C GLU Y 123 83.98 13.85 11.63
N LYS Y 124 85.24 14.05 11.27
CA LYS Y 124 85.80 15.38 11.16
C LYS Y 124 85.71 15.88 9.73
N ASP Y 125 86.13 17.12 9.49
CA ASP Y 125 86.02 17.67 8.15
C ASP Y 125 86.96 16.92 7.19
N PRO Y 126 86.49 16.59 6.00
CA PRO Y 126 87.27 15.71 5.13
C PRO Y 126 88.53 16.36 4.56
N HIS Y 127 88.64 17.70 4.62
CA HIS Y 127 89.83 18.36 4.09
C HIS Y 127 91.09 18.06 4.90
N ILE Y 128 90.93 17.57 6.14
CA ILE Y 128 92.10 17.20 6.94
C ILE Y 128 92.83 16.04 6.29
N THR Y 129 92.14 14.91 6.15
CA THR Y 129 92.77 13.72 5.59
C THR Y 129 92.92 13.79 4.08
N ALA Y 130 91.99 14.47 3.39
CA ALA Y 130 91.96 14.48 1.92
C ALA Y 130 91.89 13.07 1.36
N ASP Y 131 91.39 12.13 2.17
CA ASP Y 131 91.29 10.73 1.80
C ASP Y 131 90.12 10.17 2.61
N ASN Y 132 88.94 10.14 1.99
CA ASN Y 132 87.72 9.91 2.74
C ASN Y 132 86.84 8.89 2.04
N PRO Y 133 86.08 8.10 2.80
CA PRO Y 133 85.19 7.12 2.21
C PRO Y 133 83.78 7.64 2.01
N ILE Y 134 83.15 7.16 0.94
CA ILE Y 134 81.77 7.47 0.63
C ILE Y 134 81.00 6.16 0.60
N VAL Y 135 79.98 6.06 1.43
CA VAL Y 135 79.12 4.88 1.47
C VAL Y 135 77.98 5.08 0.48
N MET Y 136 77.92 4.21 -0.51
CA MET Y 136 76.93 4.29 -1.58
C MET Y 136 75.92 3.16 -1.42
N THR Y 137 74.64 3.51 -1.52
CA THR Y 137 73.55 2.55 -1.51
C THR Y 137 72.85 2.69 -2.86
N VAL Y 138 73.28 1.91 -3.84
CA VAL Y 138 72.72 1.97 -5.17
C VAL Y 138 71.75 0.81 -5.33
N THR Y 139 70.88 0.90 -6.33
CA THR Y 139 69.90 -0.14 -6.59
C THR Y 139 69.85 -0.46 -8.07
N ALA Y 140 69.62 -1.72 -8.37
CA ALA Y 140 69.43 -2.21 -9.73
C ALA Y 140 67.97 -2.63 -9.86
N THR Y 141 67.18 -1.80 -10.53
CA THR Y 141 65.80 -2.14 -10.82
C THR Y 141 65.73 -3.39 -11.69
N PHE Y 142 66.59 -3.49 -12.69
CA PHE Y 142 66.77 -4.72 -13.43
C PHE Y 142 67.91 -5.48 -12.79
N PRO Y 143 67.65 -6.59 -12.09
CA PRO Y 143 68.68 -7.21 -11.25
C PRO Y 143 69.67 -8.09 -11.99
N TYR Y 144 69.53 -8.26 -13.30
CA TYR Y 144 70.37 -9.17 -14.05
C TYR Y 144 71.54 -8.43 -14.67
N TRP Y 145 72.74 -8.97 -14.51
CA TRP Y 145 73.89 -8.47 -15.26
C TRP Y 145 73.69 -8.70 -16.74
N GLN Y 146 74.09 -7.74 -17.55
CA GLN Y 146 73.83 -7.77 -18.98
C GLN Y 146 75.13 -7.65 -19.76
N ASP Y 147 75.14 -8.28 -20.92
CA ASP Y 147 76.11 -7.98 -21.96
C ASP Y 147 75.36 -7.28 -23.10
N GLU Y 148 76.11 -6.78 -24.07
CA GLU Y 148 75.48 -6.06 -25.17
C GLU Y 148 74.55 -6.98 -25.94
N PRO Y 149 73.30 -6.58 -26.16
CA PRO Y 149 72.36 -7.47 -26.86
C PRO Y 149 72.79 -7.70 -28.30
N GLU Y 150 72.44 -8.86 -28.83
CA GLU Y 150 72.76 -9.23 -30.20
C GLU Y 150 71.67 -8.74 -31.13
N GLU Y 151 72.08 -8.06 -32.21
CA GLU Y 151 71.15 -7.48 -33.17
C GLU Y 151 71.37 -8.14 -34.52
N LEU Y 152 70.28 -8.55 -35.16
CA LEU Y 152 70.30 -9.16 -36.47
C LEU Y 152 69.34 -8.42 -37.39
N ILE Y 153 69.79 -8.15 -38.62
CA ILE Y 153 69.03 -7.38 -39.60
C ILE Y 153 68.74 -8.27 -40.80
N TRP Y 154 67.50 -8.24 -41.27
CA TRP Y 154 67.11 -8.95 -42.49
C TRP Y 154 66.29 -8.00 -43.34
N THR Y 155 66.84 -7.62 -44.49
CA THR Y 155 66.17 -6.73 -45.44
C THR Y 155 65.85 -7.52 -46.70
N THR Y 156 64.63 -7.38 -47.21
CA THR Y 156 64.21 -8.06 -48.43
C THR Y 156 63.48 -7.08 -49.33
N LEU Y 157 63.65 -7.29 -50.64
CA LEU Y 157 62.97 -6.50 -51.65
C LEU Y 157 61.75 -7.20 -52.23
N SER Y 158 61.61 -8.51 -52.00
CA SER Y 158 60.49 -9.25 -52.55
C SER Y 158 59.21 -8.93 -51.81
N THR Y 159 58.08 -9.16 -52.48
CA THR Y 159 56.78 -9.00 -51.83
C THR Y 159 56.59 -10.04 -50.73
N GLU Y 160 56.87 -11.30 -51.04
CA GLU Y 160 56.80 -12.39 -50.07
C GLU Y 160 58.19 -12.98 -49.88
N ASP Y 161 58.60 -13.14 -48.63
CA ASP Y 161 59.92 -13.70 -48.34
C ASP Y 161 59.89 -14.31 -46.94
N MET Y 162 60.96 -15.03 -46.61
CA MET Y 162 61.07 -15.71 -45.34
C MET Y 162 62.53 -15.85 -44.97
N THR Y 163 62.82 -15.79 -43.67
CA THR Y 163 64.19 -15.90 -43.19
C THR Y 163 64.23 -16.73 -41.93
N ARG Y 164 65.44 -17.18 -41.58
CA ARG Y 164 65.70 -17.96 -40.37
C ARG Y 164 66.69 -17.20 -39.51
N PHE Y 165 66.22 -16.61 -38.42
CA PHE Y 165 67.11 -15.91 -37.50
C PHE Y 165 67.75 -16.90 -36.54
N PRO Y 166 69.08 -17.01 -36.50
CA PRO Y 166 69.71 -17.89 -35.50
C PRO Y 166 69.67 -17.24 -34.12
N VAL Y 167 69.10 -17.95 -33.16
CA VAL Y 167 68.88 -17.41 -31.83
C VAL Y 167 69.29 -18.47 -30.81
N ARG Y 168 69.91 -18.02 -29.72
CA ARG Y 168 70.41 -18.94 -28.70
C ARG Y 168 70.55 -18.19 -27.39
N ASN Y 169 70.16 -18.85 -26.30
CA ASN Y 169 70.23 -18.28 -24.95
C ASN Y 169 71.38 -18.94 -24.21
N ASP Y 170 72.51 -18.23 -24.12
CA ASP Y 170 73.67 -18.73 -23.39
C ASP Y 170 73.64 -18.37 -21.91
N GLY Y 171 72.70 -17.53 -21.48
CA GLY Y 171 72.61 -17.15 -20.10
C GLY Y 171 71.85 -18.16 -19.26
N ASP Y 172 71.78 -17.86 -17.97
CA ASP Y 172 71.09 -18.72 -17.01
C ASP Y 172 69.66 -18.28 -16.73
N VAL Y 173 69.18 -17.24 -17.39
CA VAL Y 173 67.82 -16.76 -17.18
C VAL Y 173 67.14 -16.55 -18.53
N PRO Y 174 65.83 -16.66 -18.62
CA PRO Y 174 65.15 -16.40 -19.89
C PRO Y 174 65.25 -14.94 -20.29
N VAL Y 175 65.22 -14.71 -21.60
CA VAL Y 175 65.33 -13.38 -22.18
C VAL Y 175 64.15 -13.13 -23.11
N TRP Y 176 63.81 -11.86 -23.28
CA TRP Y 176 62.66 -11.45 -24.07
C TRP Y 176 63.14 -10.75 -25.33
N LEU Y 177 62.62 -11.17 -26.48
CA LEU Y 177 63.09 -10.67 -27.76
C LEU Y 177 62.34 -9.41 -28.18
N LYS Y 178 63.04 -8.55 -28.92
CA LYS Y 178 62.46 -7.35 -29.49
C LYS Y 178 62.56 -7.43 -31.01
N TRP Y 179 61.48 -7.05 -31.68
CA TRP Y 179 61.44 -7.00 -33.13
C TRP Y 179 61.16 -5.57 -33.57
N THR Y 180 61.84 -5.15 -34.63
CA THR Y 180 61.57 -3.89 -35.30
C THR Y 180 61.17 -4.22 -36.72
N LEU Y 181 59.90 -4.02 -37.05
CA LEU Y 181 59.36 -4.40 -38.36
C LEU Y 181 58.99 -3.15 -39.13
N THR Y 182 59.42 -3.09 -40.39
CA THR Y 182 59.01 -2.00 -41.26
C THR Y 182 57.64 -2.27 -41.85
N ALA Y 183 57.02 -1.21 -42.37
CA ALA Y 183 55.70 -1.24 -42.97
C ALA Y 183 55.76 -0.64 -44.35
N PRO Y 184 54.83 -1.01 -45.26
CA PRO Y 184 53.69 -1.93 -45.10
C PRO Y 184 54.09 -3.39 -45.16
N GLY Y 185 53.14 -4.28 -44.87
CA GLY Y 185 53.37 -5.71 -45.00
C GLY Y 185 52.71 -6.49 -43.88
N LEU Y 186 52.48 -7.77 -44.14
CA LEU Y 186 51.96 -8.70 -43.14
C LEU Y 186 53.11 -9.55 -42.63
N TRP Y 187 53.39 -9.43 -41.33
CA TRP Y 187 54.49 -10.15 -40.72
C TRP Y 187 53.98 -11.33 -39.91
N ILE Y 188 54.72 -12.43 -39.96
CA ILE Y 188 54.51 -13.58 -39.10
C ILE Y 188 55.81 -13.82 -38.35
N LEU Y 189 55.74 -13.76 -37.02
CA LEU Y 189 56.88 -13.85 -36.14
C LEU Y 189 56.79 -15.10 -35.28
N PRO Y 190 57.92 -15.70 -34.92
CA PRO Y 190 57.88 -16.90 -34.07
C PRO Y 190 57.60 -16.55 -32.62
N ASP Y 191 56.82 -17.41 -31.97
CA ASP Y 191 56.55 -17.35 -30.54
C ASP Y 191 56.74 -18.72 -29.92
N PHE Y 192 57.87 -19.35 -30.24
CA PHE Y 192 58.11 -20.72 -29.82
C PHE Y 192 58.13 -20.82 -28.29
N SER Y 193 57.51 -21.88 -27.77
CA SER Y 193 57.48 -22.05 -26.33
C SER Y 193 58.84 -22.44 -25.78
N TRP Y 194 59.69 -23.07 -26.60
CA TRP Y 194 60.98 -23.61 -26.17
C TRP Y 194 60.79 -24.61 -25.03
N GLY Y 195 59.64 -25.29 -25.00
CA GLY Y 195 59.33 -26.21 -23.94
C GLY Y 195 58.79 -25.57 -22.69
N ASN Y 196 58.69 -24.24 -22.64
CA ASN Y 196 58.15 -23.57 -21.46
C ASN Y 196 56.68 -23.88 -21.32
N ASP Y 197 56.27 -24.29 -20.11
CA ASP Y 197 54.94 -24.79 -19.86
C ASP Y 197 54.15 -23.83 -18.97
N MET Y 198 54.48 -22.54 -19.02
CA MET Y 198 53.82 -21.54 -18.18
C MET Y 198 52.37 -21.30 -18.56
N TYR Y 199 51.95 -21.75 -19.74
CA TYR Y 199 50.55 -21.65 -20.15
C TYR Y 199 49.95 -23.01 -20.44
N SER Y 200 50.56 -24.08 -19.90
CA SER Y 200 50.11 -25.45 -20.10
C SER Y 200 50.06 -25.84 -21.58
N ARG Y 201 50.94 -25.25 -22.38
CA ARG Y 201 51.01 -25.53 -23.81
C ARG Y 201 52.45 -25.65 -24.27
N GLY Y 202 53.29 -26.29 -23.44
CA GLY Y 202 54.70 -26.37 -23.75
C GLY Y 202 55.00 -27.13 -25.03
N ARG Y 203 54.28 -28.23 -25.26
CA ARG Y 203 54.45 -29.00 -26.49
C ARG Y 203 53.55 -28.52 -27.61
N GLU Y 204 52.39 -27.96 -27.26
CA GLU Y 204 51.48 -27.45 -28.28
C GLU Y 204 52.06 -26.21 -28.98
N ASP Y 205 52.86 -25.42 -28.27
CA ASP Y 205 53.39 -24.18 -28.82
C ASP Y 205 54.88 -24.27 -29.16
N LEU Y 206 55.37 -25.48 -29.42
CA LEU Y 206 56.78 -25.64 -29.77
C LEU Y 206 57.12 -24.91 -31.06
N GLY Y 207 56.24 -25.00 -32.05
CA GLY Y 207 56.45 -24.33 -33.32
C GLY Y 207 55.42 -23.26 -33.58
N ARG Y 208 55.09 -22.50 -32.54
CA ARG Y 208 54.04 -21.50 -32.62
C ARG Y 208 54.50 -20.26 -33.36
N THR Y 209 53.65 -19.76 -34.26
CA THR Y 209 53.91 -18.52 -34.97
C THR Y 209 52.69 -17.62 -34.83
N VAL Y 210 52.94 -16.32 -34.69
CA VAL Y 210 51.90 -15.33 -34.47
C VAL Y 210 51.92 -14.35 -35.64
N ALA Y 211 50.75 -14.04 -36.17
CA ALA Y 211 50.62 -13.14 -37.31
C ALA Y 211 50.22 -11.75 -36.82
N MET Y 212 51.08 -10.77 -37.07
CA MET Y 212 50.75 -9.40 -36.72
C MET Y 212 49.69 -8.87 -37.67
N PRO Y 213 48.95 -7.84 -37.26
CA PRO Y 213 47.98 -7.24 -38.19
C PRO Y 213 48.69 -6.60 -39.38
N GLU Y 214 47.98 -6.56 -40.50
CA GLU Y 214 48.50 -5.91 -41.69
C GLU Y 214 48.85 -4.46 -41.38
N LEU Y 215 50.05 -4.05 -41.77
CA LEU Y 215 50.55 -2.71 -41.49
C LEU Y 215 50.36 -1.83 -42.71
N VAL Y 216 49.80 -0.65 -42.50
CA VAL Y 216 49.63 0.35 -43.56
C VAL Y 216 50.95 1.09 -43.72
N ALA Y 217 51.05 1.89 -44.79
CA ALA Y 217 52.29 2.61 -45.06
C ALA Y 217 52.63 3.56 -43.93
N GLY Y 218 53.90 3.57 -43.53
CA GLY Y 218 54.37 4.44 -42.48
C GLY Y 218 54.14 3.92 -41.07
N GLU Y 219 53.53 2.76 -40.91
CA GLU Y 219 53.22 2.21 -39.59
C GLU Y 219 54.26 1.18 -39.17
N HIS Y 220 55.51 1.65 -39.03
CA HIS Y 220 56.57 0.79 -38.56
C HIS Y 220 56.32 0.45 -37.09
N VAL Y 221 56.58 -0.81 -36.72
CA VAL Y 221 56.19 -1.27 -35.40
C VAL Y 221 57.40 -1.80 -34.63
N SER Y 222 57.35 -1.59 -33.32
CA SER Y 222 58.24 -2.25 -32.38
C SER Y 222 57.42 -3.28 -31.62
N VAL Y 223 57.88 -4.52 -31.64
CA VAL Y 223 57.18 -5.65 -31.04
C VAL Y 223 58.11 -6.19 -29.95
N ASP Y 224 57.90 -5.73 -28.72
CA ASP Y 224 58.74 -6.13 -27.60
C ASP Y 224 58.00 -7.16 -26.76
N SER Y 225 58.60 -8.33 -26.56
CA SER Y 225 57.90 -9.38 -25.86
C SER Y 225 57.96 -9.25 -24.34
N ASP Y 226 58.84 -8.41 -23.81
CA ASP Y 226 59.01 -8.33 -22.37
C ASP Y 226 57.76 -7.75 -21.71
N PRO Y 227 57.42 -8.22 -20.51
CA PRO Y 227 56.21 -7.73 -19.83
C PRO Y 227 56.25 -6.26 -19.47
N ARG Y 228 57.44 -5.66 -19.34
CA ARG Y 228 57.53 -4.26 -18.95
C ARG Y 228 56.94 -3.34 -20.01
N VAL Y 229 57.15 -3.65 -21.28
CA VAL Y 229 56.75 -2.80 -22.38
C VAL Y 229 55.50 -3.39 -23.04
N GLN Y 230 54.69 -2.51 -23.62
CA GLN Y 230 53.60 -2.95 -24.48
C GLN Y 230 54.17 -3.74 -25.66
N THR Y 231 53.42 -4.75 -26.10
CA THR Y 231 53.93 -5.61 -27.17
C THR Y 231 54.08 -4.83 -28.47
N LEU Y 232 52.98 -4.29 -28.98
CA LEU Y 232 52.96 -3.56 -30.25
C LEU Y 232 52.97 -2.06 -30.00
N ILE Y 233 53.95 -1.37 -30.58
CA ILE Y 233 53.94 0.09 -30.59
C ILE Y 233 54.18 0.56 -32.03
N ALA Y 234 53.23 1.31 -32.57
CA ALA Y 234 53.41 1.95 -33.86
C ALA Y 234 54.14 3.26 -33.70
N VAL Y 235 55.07 3.54 -34.62
CA VAL Y 235 55.89 4.74 -34.50
C VAL Y 235 55.06 6.00 -34.73
N ASN Y 236 53.95 5.89 -35.46
CA ASN Y 236 53.10 7.03 -35.76
C ASN Y 236 51.95 7.21 -34.78
N GLY Y 237 51.90 6.40 -33.73
CA GLY Y 237 50.85 6.51 -32.73
C GLY Y 237 49.56 5.79 -33.04
N MET Y 238 49.50 5.06 -34.15
CA MET Y 238 48.29 4.33 -34.49
C MET Y 238 48.08 3.17 -33.53
N PRO Y 239 46.83 2.88 -33.15
CA PRO Y 239 46.57 1.68 -32.31
C PRO Y 239 46.64 0.38 -33.11
N THR Y 240 47.86 -0.10 -33.31
CA THR Y 240 48.05 -1.33 -34.07
C THR Y 240 47.58 -2.55 -33.27
N GLN Y 241 47.81 -2.54 -31.96
CA GLN Y 241 47.32 -3.61 -31.10
C GLN Y 241 45.82 -3.72 -31.12
N ASN Y 242 45.13 -2.66 -31.55
CA ASN Y 242 43.68 -2.64 -31.55
C ASN Y 242 43.09 -3.57 -32.60
N ARG Y 243 43.88 -3.93 -33.62
CA ARG Y 243 43.44 -4.77 -34.73
C ARG Y 243 44.02 -6.17 -34.67
N TRP Y 244 44.25 -6.70 -33.47
CA TRP Y 244 45.09 -7.87 -33.31
C TRP Y 244 44.41 -9.00 -32.54
N LYS Y 245 43.16 -8.80 -32.12
CA LYS Y 245 42.20 -9.87 -31.85
C LYS Y 245 42.70 -10.83 -30.76
N GLY Y 246 42.97 -10.27 -29.58
CA GLY Y 246 43.25 -11.07 -28.41
C GLY Y 246 44.41 -12.04 -28.56
N ASN Y 247 45.53 -11.53 -29.04
CA ASN Y 247 46.68 -12.37 -29.37
C ASN Y 247 47.93 -11.65 -28.87
N ASP Y 248 48.96 -12.43 -28.53
CA ASP Y 248 50.14 -11.82 -27.92
C ASP Y 248 51.33 -12.76 -28.04
N LEU Y 249 52.52 -12.20 -27.78
CA LEU Y 249 53.75 -12.96 -27.62
C LEU Y 249 53.93 -13.31 -26.16
N LEU Y 250 53.92 -14.60 -25.84
CA LEU Y 250 53.85 -15.05 -24.46
C LEU Y 250 55.12 -15.68 -23.92
N TYR Y 251 56.07 -16.04 -24.79
CA TYR Y 251 57.14 -16.92 -24.39
C TYR Y 251 58.50 -16.25 -24.53
N PRO Y 252 59.32 -16.26 -23.50
CA PRO Y 252 60.71 -15.80 -23.63
C PRO Y 252 61.59 -16.91 -24.19
N LEU Y 253 62.86 -16.60 -24.37
CA LEU Y 253 63.84 -17.57 -24.83
C LEU Y 253 64.43 -18.27 -23.61
N MET Y 254 64.08 -19.53 -23.42
CA MET Y 254 64.51 -20.25 -22.24
C MET Y 254 66.01 -20.52 -22.29
N PRO Y 255 66.67 -20.58 -21.13
CA PRO Y 255 68.12 -20.78 -21.12
C PRO Y 255 68.52 -22.10 -21.75
N GLY Y 256 69.63 -22.07 -22.49
CA GLY Y 256 70.14 -23.27 -23.13
C GLY Y 256 69.41 -23.70 -24.39
N LYS Y 257 68.46 -22.90 -24.86
CA LYS Y 257 67.67 -23.25 -26.03
C LYS Y 257 67.91 -22.23 -27.14
N GLY Y 258 67.78 -22.69 -28.38
CA GLY Y 258 67.95 -21.83 -29.53
C GLY Y 258 67.81 -22.63 -30.80
N ALA Y 259 67.46 -21.93 -31.87
CA ALA Y 259 67.23 -22.54 -33.17
C ALA Y 259 67.20 -21.42 -34.21
N GLU Y 260 66.83 -21.78 -35.43
CA GLU Y 260 66.64 -20.82 -36.51
C GLU Y 260 65.16 -20.49 -36.56
N ILE Y 261 64.78 -19.44 -35.86
CA ILE Y 261 63.36 -19.07 -35.77
C ILE Y 261 62.91 -18.46 -37.09
N PRO Y 262 61.78 -18.88 -37.65
CA PRO Y 262 61.36 -18.35 -38.95
C PRO Y 262 60.57 -17.07 -38.87
N VAL Y 263 60.92 -16.09 -39.69
CA VAL Y 263 60.20 -14.83 -39.81
C VAL Y 263 59.72 -14.71 -41.25
N GLN Y 264 58.41 -14.53 -41.42
CA GLN Y 264 57.80 -14.48 -42.74
C GLN Y 264 57.25 -13.08 -43.00
N LEU Y 265 57.41 -12.62 -44.23
CA LEU Y 265 56.83 -11.35 -44.68
C LEU Y 265 56.02 -11.62 -45.93
N LYS Y 266 54.79 -11.10 -45.96
CA LYS Y 266 53.92 -11.21 -47.12
C LYS Y 266 53.32 -9.85 -47.42
N ASN Y 267 52.77 -9.71 -48.63
CA ASN Y 267 52.00 -8.53 -49.02
C ASN Y 267 52.80 -7.25 -48.78
N ALA Y 268 54.08 -7.27 -49.15
CA ALA Y 268 54.94 -6.11 -48.97
C ALA Y 268 55.31 -5.53 -50.33
N PRO Y 269 54.62 -4.48 -50.79
CA PRO Y 269 54.90 -3.96 -52.14
C PRO Y 269 56.33 -3.47 -52.32
N GLU Y 270 56.96 -2.96 -51.26
CA GLU Y 270 58.32 -2.43 -51.35
C GLU Y 270 59.29 -3.21 -50.48
N GLY Y 271 59.03 -4.49 -50.27
CA GLY Y 271 59.89 -5.27 -49.40
C GLY Y 271 59.67 -4.89 -47.95
N GLY Y 272 60.68 -5.18 -47.14
CA GLY Y 272 60.62 -4.84 -45.73
C GLY Y 272 61.87 -5.25 -45.01
N ALA Y 273 62.04 -4.67 -43.82
CA ALA Y 273 63.18 -4.95 -42.97
C ALA Y 273 62.71 -5.38 -41.59
N CYS Y 274 63.38 -6.40 -41.06
CA CYS Y 274 63.11 -6.94 -39.73
C CYS Y 274 64.40 -6.96 -38.94
N LYS Y 275 64.37 -6.36 -37.75
CA LYS Y 275 65.51 -6.38 -36.83
C LYS Y 275 65.13 -7.16 -35.59
N LEU Y 276 65.98 -8.11 -35.21
CA LEU Y 276 65.79 -8.90 -34.00
C LEU Y 276 66.86 -8.51 -32.99
N THR Y 277 66.42 -8.07 -31.81
CA THR Y 277 67.32 -7.77 -30.70
C THR Y 277 67.09 -8.80 -29.61
N ARG Y 278 68.17 -9.49 -29.24
CA ARG Y 278 68.13 -10.53 -28.22
C ARG Y 278 69.04 -10.13 -27.07
N PRO Y 279 68.50 -9.94 -25.87
CA PRO Y 279 69.34 -9.55 -24.73
C PRO Y 279 70.15 -10.74 -24.20
N ARG Y 280 71.26 -10.41 -23.56
CA ARG Y 280 72.14 -11.39 -22.94
C ARG Y 280 72.16 -11.10 -21.44
N TRP Y 281 71.34 -11.82 -20.68
CA TRP Y 281 71.13 -11.57 -19.26
C TRP Y 281 71.78 -12.65 -18.42
N TYR Y 282 72.48 -12.25 -17.37
CA TYR Y 282 73.14 -13.17 -16.46
C TYR Y 282 72.82 -12.77 -15.02
N SER Y 283 72.82 -13.77 -14.14
CA SER Y 283 72.58 -13.52 -12.73
C SER Y 283 73.85 -13.25 -11.94
N ARG Y 284 75.02 -13.41 -12.55
CA ARG Y 284 76.30 -13.18 -11.90
C ARG Y 284 77.18 -12.30 -12.74
N PRO Y 285 78.10 -11.55 -12.13
CA PRO Y 285 79.05 -10.75 -12.92
C PRO Y 285 79.94 -11.61 -13.79
N TRP Y 286 80.19 -12.86 -13.42
CA TRP Y 286 81.00 -13.76 -14.22
C TRP Y 286 80.55 -15.19 -13.95
N SER Y 287 80.62 -16.01 -14.99
CA SER Y 287 80.26 -17.42 -14.89
C SER Y 287 80.68 -18.13 -16.17
N ARG Y 288 81.14 -19.36 -16.03
CA ARG Y 288 81.49 -20.15 -17.19
C ARG Y 288 80.23 -20.53 -17.96
N PRO Y 289 80.32 -20.62 -19.29
CA PRO Y 289 79.14 -20.98 -20.07
C PRO Y 289 78.60 -22.35 -19.69
N GLY Y 290 77.28 -22.47 -19.69
CA GLY Y 290 76.62 -23.70 -19.32
C GLY Y 290 75.67 -24.16 -20.41
N VAL Y 291 75.55 -25.48 -20.52
CA VAL Y 291 74.68 -26.09 -21.53
C VAL Y 291 74.37 -27.53 -21.15
N THR Z 2 85.42 -37.87 8.36
CA THR Z 2 85.74 -39.22 8.80
C THR Z 2 85.27 -40.26 7.79
N ASP Z 3 85.71 -41.50 7.98
CA ASP Z 3 85.33 -42.60 7.12
C ASP Z 3 84.05 -43.29 7.58
N PHE Z 4 83.41 -42.80 8.63
CA PHE Z 4 82.11 -43.32 9.07
C PHE Z 4 80.95 -42.59 8.42
N LEU Z 5 81.19 -41.51 7.69
CA LEU Z 5 80.13 -40.72 7.09
C LEU Z 5 80.64 -40.12 5.78
N LYS Z 6 79.82 -40.15 4.74
CA LYS Z 6 80.19 -39.59 3.45
C LYS Z 6 79.01 -38.78 2.93
N ILE Z 7 79.24 -37.52 2.59
CA ILE Z 7 78.19 -36.61 2.12
C ILE Z 7 78.51 -36.22 0.69
N GLU Z 8 77.52 -36.36 -0.19
CA GLU Z 8 77.66 -36.01 -1.60
C GLU Z 8 76.51 -35.12 -2.02
N LEU Z 9 76.76 -34.34 -3.07
CA LEU Z 9 75.73 -33.59 -3.77
C LEU Z 9 75.73 -34.01 -5.23
N ILE Z 10 74.56 -34.37 -5.74
CA ILE Z 10 74.35 -34.59 -7.16
C ILE Z 10 73.47 -33.46 -7.66
N GLY Z 11 74.06 -32.57 -8.45
CA GLY Z 11 73.38 -31.35 -8.84
C GLY Z 11 72.26 -31.60 -9.84
N ARG Z 12 71.57 -30.50 -10.15
CA ARG Z 12 70.51 -30.56 -11.16
C ARG Z 12 71.05 -30.98 -12.51
N ASP Z 13 72.33 -30.75 -12.76
CA ASP Z 13 72.96 -31.08 -14.03
C ASP Z 13 73.65 -32.44 -14.03
N GLY Z 14 73.53 -33.20 -12.94
CA GLY Z 14 74.15 -34.51 -12.86
C GLY Z 14 75.56 -34.53 -12.34
N SER Z 15 76.13 -33.38 -12.00
CA SER Z 15 77.48 -33.34 -11.46
C SER Z 15 77.52 -34.01 -10.08
N HIS Z 16 78.69 -34.55 -9.74
CA HIS Z 16 78.88 -35.29 -8.50
C HIS Z 16 79.95 -34.61 -7.67
N TRP Z 17 79.62 -34.25 -6.44
CA TRP Z 17 80.54 -33.61 -5.51
C TRP Z 17 80.56 -34.39 -4.21
N VAL Z 18 81.75 -34.58 -3.67
CA VAL Z 18 81.92 -35.23 -2.37
C VAL Z 18 82.32 -34.14 -1.38
N LEU Z 19 81.37 -33.71 -0.56
CA LEU Z 19 81.60 -32.61 0.36
C LEU Z 19 82.25 -33.06 1.66
N SER Z 20 82.01 -34.29 2.09
CA SER Z 20 82.62 -34.80 3.31
C SER Z 20 82.79 -36.31 3.18
N GLY Z 21 83.72 -36.86 3.94
CA GLY Z 21 83.98 -38.27 3.94
C GLY Z 21 85.20 -38.62 3.11
N PRO Z 22 85.34 -39.90 2.76
CA PRO Z 22 86.47 -40.33 1.92
C PRO Z 22 86.37 -39.70 0.54
N GLY Z 23 87.50 -39.12 0.10
CA GLY Z 23 87.53 -38.45 -1.18
C GLY Z 23 86.88 -37.09 -1.21
N MET Z 24 86.72 -36.44 -0.06
CA MET Z 24 86.11 -35.12 -0.04
C MET Z 24 87.07 -34.07 -0.57
N GLY Z 25 86.52 -33.09 -1.28
CA GLY Z 25 87.31 -32.00 -1.83
C GLY Z 25 88.02 -32.31 -3.12
N GLN Z 26 87.88 -33.52 -3.66
CA GLN Z 26 88.54 -33.85 -4.92
C GLN Z 26 87.99 -33.02 -6.07
N GLN Z 27 86.76 -32.56 -5.96
CA GLN Z 27 86.15 -31.67 -6.95
C GLN Z 27 86.34 -30.20 -6.61
N GLY Z 28 87.04 -29.89 -5.51
CA GLY Z 28 87.37 -28.54 -5.15
C GLY Z 28 86.51 -27.94 -4.06
N VAL Z 29 85.38 -28.56 -3.72
CA VAL Z 29 84.44 -28.00 -2.76
C VAL Z 29 84.36 -28.93 -1.55
N THR Z 30 84.60 -28.39 -0.36
CA THR Z 30 84.44 -29.11 0.89
C THR Z 30 83.28 -28.49 1.68
N LEU Z 31 82.91 -29.16 2.77
CA LEU Z 31 81.81 -28.76 3.61
C LEU Z 31 82.34 -28.15 4.91
N ASN Z 32 81.91 -26.93 5.21
CA ASN Z 32 82.29 -26.27 6.45
C ASN Z 32 81.42 -26.76 7.59
N PRO Z 33 81.89 -26.62 8.84
CA PRO Z 33 81.08 -27.07 9.98
C PRO Z 33 79.81 -26.27 10.18
N ASN Z 34 79.01 -26.67 11.17
CA ASN Z 34 77.79 -25.96 11.57
C ASN Z 34 76.76 -25.92 10.43
N LEU Z 35 76.27 -27.10 10.08
CA LEU Z 35 75.13 -27.24 9.18
C LEU Z 35 73.89 -27.55 10.01
N GLN Z 36 72.80 -26.84 9.73
CA GLN Z 36 71.65 -26.83 10.62
C GLN Z 36 70.39 -27.35 9.93
N GLN Z 37 69.46 -27.84 10.75
CA GLN Z 37 68.24 -28.50 10.29
C GLN Z 37 68.55 -29.61 9.29
N PHE Z 38 69.62 -30.34 9.57
CA PHE Z 38 70.15 -31.36 8.67
C PHE Z 38 69.86 -32.77 9.14
N TYR Z 39 69.76 -33.00 10.45
CA TYR Z 39 69.64 -34.36 10.96
C TYR Z 39 68.20 -34.77 11.21
N ASP Z 40 67.51 -34.09 12.12
CA ASP Z 40 66.14 -34.45 12.47
C ASP Z 40 65.15 -33.63 11.66
N ALA Z 41 64.08 -34.29 11.21
CA ALA Z 41 63.04 -33.61 10.48
C ALA Z 41 62.28 -32.68 11.42
N PRO Z 42 62.17 -31.39 11.10
CA PRO Z 42 61.48 -30.46 12.02
C PRO Z 42 60.00 -30.81 12.14
N VAL Z 43 59.52 -30.84 13.38
CA VAL Z 43 58.13 -31.15 13.69
C VAL Z 43 57.65 -30.17 14.74
N LYS Z 44 56.46 -29.61 14.55
CA LYS Z 44 55.80 -28.79 15.55
C LYS Z 44 54.61 -29.54 16.11
N THR Z 45 54.48 -29.55 17.43
CA THR Z 45 53.37 -30.21 18.11
C THR Z 45 52.29 -29.20 18.44
N LEU Z 46 51.05 -29.67 18.45
CA LEU Z 46 49.89 -28.81 18.63
C LEU Z 46 49.25 -29.10 19.98
N TYR Z 47 48.73 -28.05 20.62
CA TYR Z 47 48.13 -28.18 21.95
C TYR Z 47 46.89 -27.32 22.03
N VAL Z 48 45.85 -27.89 22.65
CA VAL Z 48 44.58 -27.18 22.87
C VAL Z 48 44.52 -26.80 24.35
N PRO Z 49 43.81 -25.74 24.72
CA PRO Z 49 43.62 -25.46 26.15
C PRO Z 49 42.86 -26.58 26.82
N GLY Z 50 43.23 -26.87 28.07
CA GLY Z 50 42.62 -27.95 28.82
C GLY Z 50 42.53 -27.66 30.30
N PRO Z 51 41.86 -28.55 31.04
CA PRO Z 51 41.71 -28.34 32.49
C PRO Z 51 43.03 -28.28 33.24
N PHE Z 52 44.04 -29.05 32.81
CA PHE Z 52 45.33 -29.09 33.48
C PHE Z 52 46.39 -28.36 32.68
N GLY Z 53 46.01 -27.29 32.00
CA GLY Z 53 46.93 -26.57 31.14
C GLY Z 53 46.58 -26.72 29.68
N GLU Z 54 47.39 -27.47 28.93
CA GLU Z 54 47.12 -27.72 27.52
C GLU Z 54 47.16 -29.20 27.25
N GLU Z 55 46.35 -29.64 26.28
CA GLU Z 55 46.25 -31.03 25.89
C GLU Z 55 46.86 -31.22 24.51
N TYR Z 56 47.54 -32.35 24.32
CA TYR Z 56 48.17 -32.65 23.04
C TYR Z 56 47.11 -32.79 21.95
N ALA Z 57 47.34 -32.11 20.82
CA ALA Z 57 46.39 -32.09 19.72
C ALA Z 57 46.89 -32.78 18.46
N GLY Z 58 48.19 -32.96 18.31
CA GLY Z 58 48.73 -33.61 17.13
C GLY Z 58 50.10 -33.07 16.81
N LYS Z 59 50.64 -33.57 15.69
CA LYS Z 59 51.96 -33.18 15.21
C LYS Z 59 51.89 -32.87 13.73
N ARG Z 60 52.72 -31.92 13.31
CA ARG Z 60 52.86 -31.57 11.91
C ARG Z 60 54.34 -31.49 11.59
N VAL Z 61 54.75 -32.12 10.50
CA VAL Z 61 56.14 -32.08 10.06
C VAL Z 61 56.35 -30.87 9.17
N GLN Z 62 57.43 -30.14 9.41
CA GLN Z 62 57.73 -28.91 8.70
C GLN Z 62 58.83 -29.15 7.66
N ARG Z 63 58.89 -28.26 6.67
CA ARG Z 63 59.89 -28.37 5.63
C ARG Z 63 61.26 -28.00 6.18
N ARG Z 64 62.30 -28.59 5.60
CA ARG Z 64 63.65 -28.36 6.09
C ARG Z 64 64.21 -27.07 5.50
N GLU Z 65 64.81 -26.25 6.35
CA GLU Z 65 65.49 -25.02 5.94
C GLU Z 65 66.95 -25.17 6.34
N ILE Z 66 67.75 -25.77 5.46
CA ILE Z 66 69.12 -26.13 5.76
C ILE Z 66 70.04 -24.99 5.32
N VAL Z 67 70.75 -24.41 6.29
CA VAL Z 67 71.78 -23.41 6.01
C VAL Z 67 73.13 -24.05 6.25
N PHE Z 68 73.94 -24.12 5.20
CA PHE Z 68 75.25 -24.73 5.32
C PHE Z 68 76.24 -23.98 4.45
N SER Z 69 77.52 -24.09 4.80
CA SER Z 69 78.57 -23.42 4.07
C SER Z 69 79.46 -24.45 3.38
N VAL Z 70 79.87 -24.12 2.17
CA VAL Z 70 80.89 -24.91 1.47
C VAL Z 70 82.08 -24.01 1.24
N GLN Z 71 83.21 -24.63 0.91
CA GLN Z 71 84.47 -23.94 0.69
C GLN Z 71 85.02 -24.42 -0.64
N ALA Z 72 85.06 -23.52 -1.62
CA ALA Z 72 85.60 -23.83 -2.95
C ALA Z 72 87.02 -23.34 -3.02
N TYR Z 73 87.93 -24.22 -3.44
CA TYR Z 73 89.36 -23.96 -3.38
C TYR Z 73 90.04 -24.49 -4.62
N ASP Z 74 91.07 -23.78 -5.08
CA ASP Z 74 92.00 -24.31 -6.06
C ASP Z 74 93.28 -23.49 -6.01
N GLU Z 75 94.35 -24.06 -6.57
CA GLU Z 75 95.64 -23.40 -6.54
C GLU Z 75 95.64 -22.12 -7.35
N ASP Z 76 95.02 -22.12 -8.53
CA ASP Z 76 95.04 -20.92 -9.32
C ASP Z 76 93.65 -20.30 -9.45
N PRO Z 77 93.57 -18.98 -9.51
CA PRO Z 77 92.26 -18.31 -9.53
C PRO Z 77 91.37 -18.68 -10.71
N ASP Z 78 91.95 -18.98 -11.88
CA ASP Z 78 91.11 -19.36 -13.02
C ASP Z 78 90.42 -20.70 -12.78
N THR Z 79 91.17 -21.68 -12.28
CA THR Z 79 90.55 -22.95 -11.95
C THR Z 79 89.58 -22.81 -10.79
N TRP Z 80 89.88 -21.92 -9.83
CA TRP Z 80 88.91 -21.65 -8.77
C TRP Z 80 87.63 -21.08 -9.36
N SER Z 81 87.74 -20.18 -10.35
CA SER Z 81 86.55 -19.61 -10.97
C SER Z 81 85.75 -20.69 -11.68
N THR Z 82 86.43 -21.61 -12.35
CA THR Z 82 85.72 -22.73 -12.98
C THR Z 82 84.99 -23.57 -11.93
N VAL Z 83 85.65 -23.85 -10.81
CA VAL Z 83 85.04 -24.66 -9.75
C VAL Z 83 83.83 -23.94 -9.17
N ASP Z 84 83.94 -22.64 -8.91
CA ASP Z 84 82.84 -21.87 -8.36
C ASP Z 84 81.66 -21.83 -9.32
N SER Z 85 81.93 -21.66 -10.62
CA SER Z 85 80.86 -21.67 -11.60
C SER Z 85 80.17 -23.03 -11.66
N LEU Z 86 80.96 -24.12 -11.60
CA LEU Z 86 80.36 -25.45 -11.62
C LEU Z 86 79.49 -25.68 -10.39
N TRP Z 87 79.96 -25.24 -9.22
CA TRP Z 87 79.16 -25.36 -8.02
C TRP Z 87 77.86 -24.57 -8.14
N ARG Z 88 77.93 -23.37 -8.70
CA ARG Z 88 76.71 -22.58 -8.90
C ARG Z 88 75.77 -23.28 -9.86
N TRP Z 89 76.30 -23.85 -10.94
CA TRP Z 89 75.46 -24.56 -11.91
C TRP Z 89 74.84 -25.83 -11.31
N ALA Z 90 75.44 -26.38 -10.27
CA ALA Z 90 74.88 -27.56 -9.63
C ALA Z 90 73.58 -27.30 -8.88
N TRP Z 91 73.18 -26.04 -8.73
CA TRP Z 91 72.03 -25.67 -7.92
C TRP Z 91 71.00 -24.91 -8.74
N ASP Z 92 69.75 -24.92 -8.25
CA ASP Z 92 68.67 -24.19 -8.90
C ASP Z 92 67.57 -23.95 -7.88
N TYR Z 93 66.65 -23.06 -8.26
CA TYR Z 93 65.44 -22.82 -7.49
C TYR Z 93 64.28 -23.71 -7.93
N ASP Z 94 64.10 -23.87 -9.25
CA ASP Z 94 62.93 -24.60 -9.75
C ASP Z 94 63.09 -26.10 -9.57
N GLU Z 95 64.27 -26.64 -9.85
CA GLU Z 95 64.50 -28.08 -9.76
C GLU Z 95 65.43 -28.41 -8.60
N GLU Z 96 65.25 -29.58 -8.03
CA GLU Z 96 65.95 -30.01 -6.84
C GLU Z 96 67.16 -30.87 -7.18
N SER Z 97 68.20 -30.75 -6.36
CA SER Z 97 69.39 -31.58 -6.44
C SER Z 97 69.45 -32.51 -5.25
N GLU Z 98 70.10 -33.64 -5.43
CA GLU Z 98 70.15 -34.68 -4.41
C GLU Z 98 71.31 -34.46 -3.46
N LEU Z 99 71.07 -34.75 -2.18
CA LEU Z 99 72.08 -34.65 -1.14
C LEU Z 99 72.13 -36.00 -0.44
N ARG Z 100 73.18 -36.77 -0.70
CA ARG Z 100 73.25 -38.16 -0.24
C ARG Z 100 74.16 -38.28 0.96
N VAL Z 101 73.68 -38.97 1.99
CA VAL Z 101 74.44 -39.28 3.19
C VAL Z 101 74.60 -40.79 3.25
N SER Z 102 75.85 -41.26 3.26
CA SER Z 102 76.16 -42.67 3.26
C SER Z 102 76.90 -43.01 4.54
N THR Z 103 76.36 -43.97 5.30
CA THR Z 103 76.97 -44.47 6.52
C THR Z 103 76.82 -45.99 6.54
N SER Z 104 77.16 -46.60 7.67
CA SER Z 104 77.01 -48.04 7.84
C SER Z 104 75.57 -48.48 7.81
N ASP Z 105 74.61 -47.56 7.91
CA ASP Z 105 73.20 -47.86 7.78
C ASP Z 105 72.71 -47.77 6.34
N GLY Z 106 73.59 -47.47 5.40
CA GLY Z 106 73.21 -47.32 4.02
C GLY Z 106 73.31 -45.89 3.55
N THR Z 107 72.73 -45.63 2.38
CA THR Z 107 72.75 -44.32 1.75
C THR Z 107 71.34 -43.79 1.65
N ARG Z 108 71.12 -42.61 2.24
CA ARG Z 108 69.82 -41.95 2.21
C ARG Z 108 69.98 -40.56 1.60
N PHE Z 109 69.03 -40.16 0.76
CA PHE Z 109 69.13 -38.93 0.02
C PHE Z 109 68.01 -37.96 0.37
N LEU Z 110 68.33 -36.68 0.30
CA LEU Z 110 67.39 -35.60 0.55
C LEU Z 110 67.40 -34.66 -0.66
N LYS Z 111 66.22 -34.35 -1.18
CA LYS Z 111 66.11 -33.49 -2.36
C LYS Z 111 65.97 -32.04 -1.90
N VAL Z 112 66.94 -31.21 -2.27
CA VAL Z 112 67.01 -29.83 -1.79
C VAL Z 112 67.10 -28.88 -2.97
N ARG Z 113 66.51 -27.70 -2.79
CA ARG Z 113 66.57 -26.64 -3.79
C ARG Z 113 66.98 -25.35 -3.11
N LEU Z 114 67.51 -24.43 -3.91
CA LEU Z 114 67.91 -23.13 -3.40
C LEU Z 114 66.70 -22.37 -2.86
N MET Z 115 66.71 -22.08 -1.56
CA MET Z 115 65.66 -21.26 -0.97
C MET Z 115 65.82 -19.79 -1.31
N GLU Z 116 67.06 -19.33 -1.42
CA GLU Z 116 67.35 -17.96 -1.81
C GLU Z 116 68.73 -17.93 -2.47
N GLU Z 117 69.15 -16.74 -2.86
CA GLU Z 117 70.42 -16.61 -3.57
C GLU Z 117 71.57 -17.00 -2.65
N PRO Z 118 72.57 -17.70 -3.15
CA PRO Z 118 73.74 -18.02 -2.32
C PRO Z 118 74.54 -16.77 -1.98
N LYS Z 119 75.24 -16.82 -0.85
CA LYS Z 119 76.09 -15.72 -0.44
C LYS Z 119 77.55 -16.13 -0.59
N PRO Z 120 78.23 -15.73 -1.67
CA PRO Z 120 79.58 -16.22 -1.90
C PRO Z 120 80.68 -15.27 -1.44
N TYR Z 121 81.90 -15.81 -1.33
CA TYR Z 121 83.14 -15.06 -1.24
C TYR Z 121 83.31 -14.31 0.08
N TYR Z 122 84.50 -13.76 0.29
CA TYR Z 122 84.83 -12.96 1.47
C TYR Z 122 84.52 -11.49 1.20
N GLU Z 123 85.03 -10.60 2.05
CA GLU Z 123 84.80 -9.18 1.88
C GLU Z 123 85.61 -8.61 0.72
N LYS Z 124 86.75 -9.20 0.41
CA LYS Z 124 87.55 -8.77 -0.73
C LYS Z 124 87.21 -9.64 -1.94
N ASP Z 125 87.83 -9.34 -3.08
CA ASP Z 125 87.52 -10.12 -4.27
C ASP Z 125 88.05 -11.54 -4.11
N PRO Z 126 87.33 -12.54 -4.64
CA PRO Z 126 87.68 -13.93 -4.35
C PRO Z 126 88.88 -14.44 -5.12
N HIS Z 127 89.35 -13.71 -6.13
CA HIS Z 127 90.53 -14.13 -6.87
C HIS Z 127 91.81 -13.95 -6.09
N ILE Z 128 91.80 -13.11 -5.05
CA ILE Z 128 92.97 -12.97 -4.19
C ILE Z 128 93.31 -14.30 -3.53
N THR Z 129 92.29 -14.97 -3.00
CA THR Z 129 92.48 -16.18 -2.22
C THR Z 129 92.33 -17.45 -3.03
N ALA Z 130 91.42 -17.48 -4.01
CA ALA Z 130 91.04 -18.69 -4.72
C ALA Z 130 90.57 -19.78 -3.78
N ASP Z 131 90.14 -19.38 -2.58
CA ASP Z 131 89.68 -20.31 -1.54
C ASP Z 131 88.61 -19.55 -0.75
N ASN Z 132 87.37 -19.72 -1.15
CA ASN Z 132 86.30 -18.86 -0.67
C ASN Z 132 85.09 -19.68 -0.22
N PRO Z 133 84.36 -19.20 0.78
CA PRO Z 133 83.16 -19.90 1.23
C PRO Z 133 81.90 -19.40 0.55
N ILE Z 134 81.00 -20.34 0.29
CA ILE Z 134 79.68 -20.05 -0.25
C ILE Z 134 78.66 -20.50 0.79
N VAL Z 135 77.86 -19.57 1.26
CA VAL Z 135 76.79 -19.88 2.21
C VAL Z 135 75.54 -20.18 1.41
N MET Z 136 74.95 -21.35 1.65
CA MET Z 136 73.80 -21.85 0.91
C MET Z 136 72.64 -22.04 1.87
N THR Z 137 71.51 -21.44 1.52
CA THR Z 137 70.25 -21.65 2.23
C THR Z 137 69.36 -22.48 1.30
N VAL Z 138 69.39 -23.79 1.49
CA VAL Z 138 68.60 -24.70 0.68
C VAL Z 138 67.40 -25.14 1.50
N THR Z 139 66.41 -25.71 0.82
CA THR Z 139 65.21 -26.17 1.49
C THR Z 139 64.80 -27.52 0.95
N ALA Z 140 64.24 -28.34 1.83
CA ALA Z 140 63.69 -29.64 1.49
C ALA Z 140 62.18 -29.58 1.72
N THR Z 141 61.43 -29.50 0.62
CA THR Z 141 59.97 -29.52 0.71
C THR Z 141 59.48 -30.85 1.26
N PHE Z 142 60.05 -31.95 0.79
CA PHE Z 142 59.84 -33.24 1.43
C PHE Z 142 60.94 -33.42 2.47
N PRO Z 143 60.64 -33.34 3.76
CA PRO Z 143 61.69 -33.25 4.78
C PRO Z 143 62.29 -34.59 5.22
N TYR Z 144 61.78 -35.70 4.72
CA TYR Z 144 62.24 -37.01 5.18
C TYR Z 144 63.40 -37.50 4.33
N TRP Z 145 64.45 -38.00 4.98
CA TRP Z 145 65.48 -38.73 4.27
C TRP Z 145 64.92 -40.06 3.79
N GLN Z 146 65.28 -40.45 2.57
CA GLN Z 146 64.68 -41.63 1.97
C GLN Z 146 65.75 -42.46 1.29
N ASP Z 147 65.44 -43.75 1.14
CA ASP Z 147 66.23 -44.71 0.39
C ASP Z 147 65.41 -45.17 -0.81
N GLU Z 148 66.01 -46.04 -1.61
CA GLU Z 148 65.31 -46.59 -2.75
C GLU Z 148 64.17 -47.48 -2.29
N PRO Z 149 62.97 -47.34 -2.83
CA PRO Z 149 61.83 -48.10 -2.32
C PRO Z 149 61.91 -49.58 -2.64
N GLU Z 150 61.25 -50.38 -1.80
CA GLU Z 150 61.12 -51.81 -2.03
C GLU Z 150 60.03 -52.07 -3.06
N GLU Z 151 60.37 -52.78 -4.12
CA GLU Z 151 59.43 -53.04 -5.20
C GLU Z 151 59.19 -54.54 -5.34
N LEU Z 152 57.93 -54.91 -5.52
CA LEU Z 152 57.54 -56.30 -5.71
C LEU Z 152 56.57 -56.38 -6.88
N ILE Z 153 56.65 -57.50 -7.61
CA ILE Z 153 55.85 -57.70 -8.81
C ILE Z 153 55.15 -59.05 -8.72
N TRP Z 154 53.86 -59.07 -9.07
CA TRP Z 154 53.08 -60.30 -9.15
C TRP Z 154 52.27 -60.27 -10.44
N THR Z 155 52.63 -61.11 -11.39
CA THR Z 155 51.90 -61.25 -12.64
C THR Z 155 51.13 -62.57 -12.63
N THR Z 156 50.04 -62.61 -13.38
CA THR Z 156 49.26 -63.84 -13.43
C THR Z 156 48.59 -63.96 -14.80
N LEU Z 157 48.20 -65.18 -15.13
CA LEU Z 157 47.44 -65.46 -16.33
C LEU Z 157 45.99 -65.85 -16.04
N SER Z 158 45.66 -66.12 -14.78
CA SER Z 158 44.32 -66.54 -14.43
C SER Z 158 43.33 -65.37 -14.53
N THR Z 159 42.08 -65.71 -14.84
CA THR Z 159 41.03 -64.69 -14.86
C THR Z 159 40.80 -64.13 -13.46
N GLU Z 160 40.80 -65.00 -12.45
CA GLU Z 160 40.64 -64.60 -11.06
C GLU Z 160 41.79 -65.19 -10.25
N ASP Z 161 42.44 -64.35 -9.45
CA ASP Z 161 43.59 -64.80 -8.67
C ASP Z 161 43.76 -63.90 -7.46
N MET Z 162 44.64 -64.33 -6.56
CA MET Z 162 44.95 -63.58 -5.35
C MET Z 162 46.41 -63.80 -4.98
N THR Z 163 46.99 -62.81 -4.32
CA THR Z 163 48.39 -62.89 -3.93
C THR Z 163 48.57 -62.15 -2.60
N ARG Z 164 49.71 -62.39 -1.97
CA ARG Z 164 50.07 -61.73 -0.72
C ARG Z 164 51.43 -61.08 -0.87
N PHE Z 165 51.50 -59.79 -0.60
CA PHE Z 165 52.76 -59.05 -0.66
C PHE Z 165 53.30 -58.87 0.75
N PRO Z 166 54.48 -59.37 1.06
CA PRO Z 166 55.09 -59.06 2.37
C PRO Z 166 55.50 -57.59 2.42
N VAL Z 167 55.13 -56.93 3.51
CA VAL Z 167 55.38 -55.50 3.65
C VAL Z 167 55.77 -55.23 5.09
N ARG Z 168 56.69 -54.28 5.29
CA ARG Z 168 57.23 -54.00 6.62
C ARG Z 168 57.89 -52.64 6.61
N ASN Z 169 57.48 -51.78 7.55
CA ASN Z 169 58.04 -50.42 7.67
C ASN Z 169 59.17 -50.47 8.70
N ASP Z 170 60.40 -50.46 8.21
CA ASP Z 170 61.57 -50.47 9.06
C ASP Z 170 62.01 -49.09 9.52
N GLY Z 171 61.41 -48.02 8.97
CA GLY Z 171 61.75 -46.68 9.35
C GLY Z 171 60.99 -46.20 10.57
N ASP Z 172 61.19 -44.93 10.90
CA ASP Z 172 60.55 -44.31 12.05
C ASP Z 172 59.35 -43.45 11.69
N VAL Z 173 59.03 -43.32 10.40
CA VAL Z 173 57.89 -42.51 9.98
C VAL Z 173 57.00 -43.35 9.09
N PRO Z 174 55.69 -43.09 9.06
CA PRO Z 174 54.81 -43.84 8.16
C PRO Z 174 55.11 -43.55 6.70
N VAL Z 175 54.92 -44.57 5.87
CA VAL Z 175 55.16 -44.48 4.44
C VAL Z 175 53.86 -44.81 3.72
N TRP Z 176 53.73 -44.27 2.51
CA TRP Z 176 52.51 -44.42 1.72
C TRP Z 176 52.80 -45.30 0.51
N LEU Z 177 52.00 -46.34 0.33
CA LEU Z 177 52.26 -47.34 -0.69
C LEU Z 177 51.77 -46.89 -2.06
N LYS Z 178 52.44 -47.38 -3.09
CA LYS Z 178 52.04 -47.13 -4.47
C LYS Z 178 51.80 -48.46 -5.16
N TRP Z 179 50.81 -48.50 -6.04
CA TRP Z 179 50.48 -49.68 -6.81
C TRP Z 179 50.48 -49.33 -8.29
N THR Z 180 50.87 -50.29 -9.11
CA THR Z 180 50.77 -50.19 -10.56
C THR Z 180 49.99 -51.40 -11.03
N LEU Z 181 48.81 -51.18 -11.61
CA LEU Z 181 47.85 -52.22 -11.87
C LEU Z 181 47.54 -52.26 -13.36
N THR Z 182 47.67 -53.42 -13.98
CA THR Z 182 47.36 -53.47 -15.40
C THR Z 182 45.86 -53.60 -15.64
N ALA Z 183 45.46 -53.44 -16.89
CA ALA Z 183 44.08 -53.49 -17.33
C ALA Z 183 43.95 -54.44 -18.51
N PRO Z 184 42.77 -55.01 -18.73
CA PRO Z 184 41.51 -54.89 -17.97
C PRO Z 184 41.57 -55.64 -16.65
N GLY Z 185 40.56 -55.47 -15.81
CA GLY Z 185 40.46 -56.20 -14.56
C GLY Z 185 39.95 -55.36 -13.41
N LEU Z 186 39.31 -56.02 -12.46
CA LEU Z 186 38.85 -55.40 -11.24
C LEU Z 186 39.77 -55.82 -10.11
N TRP Z 187 40.35 -54.85 -9.41
CA TRP Z 187 41.33 -55.11 -8.36
C TRP Z 187 40.74 -54.82 -7.00
N ILE Z 188 41.08 -55.65 -6.03
CA ILE Z 188 40.79 -55.42 -4.62
C ILE Z 188 42.15 -55.22 -3.95
N LEU Z 189 42.37 -54.02 -3.43
CA LEU Z 189 43.63 -53.62 -2.82
C LEU Z 189 43.47 -53.43 -1.32
N PRO Z 190 44.47 -53.82 -0.53
CA PRO Z 190 44.38 -53.64 0.92
C PRO Z 190 44.63 -52.19 1.32
N ASP Z 191 43.91 -51.75 2.34
CA ASP Z 191 44.10 -50.44 2.95
C ASP Z 191 44.12 -50.59 4.46
N PHE Z 192 44.93 -51.55 4.93
CA PHE Z 192 44.94 -51.93 6.34
C PHE Z 192 45.28 -50.74 7.22
N SER Z 193 44.57 -50.63 8.33
CA SER Z 193 44.82 -49.52 9.26
C SER Z 193 46.12 -49.72 10.02
N TRP Z 194 46.56 -50.97 10.19
CA TRP Z 194 47.72 -51.31 11.03
C TRP Z 194 47.52 -50.86 12.47
N GLY Z 195 46.26 -50.83 12.91
CA GLY Z 195 45.94 -50.37 14.24
C GLY Z 195 45.99 -48.87 14.43
N ASN Z 196 46.16 -48.10 13.36
CA ASN Z 196 46.25 -46.65 13.49
C ASN Z 196 44.88 -46.07 13.77
N ASP Z 197 44.83 -45.12 14.72
CA ASP Z 197 43.58 -44.60 15.24
C ASP Z 197 43.31 -43.16 14.79
N MET Z 198 43.79 -42.77 13.61
CA MET Z 198 43.59 -41.39 13.17
C MET Z 198 42.14 -41.10 12.85
N TYR Z 199 41.38 -42.09 12.39
CA TYR Z 199 39.97 -41.93 12.06
C TYR Z 199 39.05 -42.55 13.11
N SER Z 200 39.59 -42.93 14.27
CA SER Z 200 38.84 -43.65 15.29
C SER Z 200 38.27 -44.96 14.76
N ARG Z 201 39.01 -45.61 13.86
CA ARG Z 201 38.64 -46.89 13.29
C ARG Z 201 39.84 -47.83 13.28
N GLY Z 202 40.65 -47.77 14.33
CA GLY Z 202 41.89 -48.52 14.41
C GLY Z 202 41.74 -50.00 14.14
N ARG Z 203 41.06 -50.73 15.02
CA ARG Z 203 40.85 -52.14 14.80
C ARG Z 203 39.58 -52.44 14.01
N GLU Z 204 38.76 -51.43 13.75
CA GLU Z 204 37.64 -51.60 12.83
C GLU Z 204 38.14 -51.79 11.40
N ASP Z 205 39.21 -51.08 11.02
CA ASP Z 205 39.78 -51.15 9.68
C ASP Z 205 41.03 -52.00 9.64
N LEU Z 206 41.13 -53.02 10.49
CA LEU Z 206 42.33 -53.85 10.50
C LEU Z 206 42.49 -54.61 9.19
N GLY Z 207 41.40 -55.10 8.63
CA GLY Z 207 41.46 -55.83 7.37
C GLY Z 207 40.70 -55.16 6.27
N ARG Z 208 40.78 -53.84 6.19
CA ARG Z 208 40.04 -53.09 5.19
C ARG Z 208 40.60 -53.35 3.79
N THR Z 209 39.72 -53.64 2.85
CA THR Z 209 40.08 -53.76 1.44
C THR Z 209 39.14 -52.89 0.62
N VAL Z 210 39.68 -52.25 -0.40
CA VAL Z 210 38.90 -51.35 -1.25
C VAL Z 210 38.94 -51.88 -2.67
N ALA Z 211 37.82 -51.74 -3.36
CA ALA Z 211 37.68 -52.21 -4.74
C ALA Z 211 37.90 -51.05 -5.70
N MET Z 212 38.91 -51.18 -6.55
CA MET Z 212 39.11 -50.20 -7.60
C MET Z 212 38.02 -50.34 -8.66
N PRO Z 213 37.71 -49.27 -9.39
CA PRO Z 213 36.73 -49.38 -10.47
C PRO Z 213 37.22 -50.30 -11.56
N GLU Z 214 36.28 -50.96 -12.24
CA GLU Z 214 36.61 -51.91 -13.30
C GLU Z 214 37.35 -51.20 -14.43
N LEU Z 215 38.61 -51.57 -14.65
CA LEU Z 215 39.42 -50.94 -15.66
C LEU Z 215 39.13 -51.54 -17.03
N VAL Z 216 38.93 -50.67 -18.03
CA VAL Z 216 38.71 -51.10 -19.40
C VAL Z 216 40.06 -51.36 -20.05
N ALA Z 217 40.03 -51.96 -21.25
CA ALA Z 217 41.27 -52.34 -21.93
C ALA Z 217 42.17 -51.13 -22.15
N GLY Z 218 43.45 -51.30 -21.84
CA GLY Z 218 44.43 -50.26 -22.02
C GLY Z 218 44.52 -49.24 -20.91
N GLU Z 219 43.69 -49.37 -19.87
CA GLU Z 219 43.62 -48.39 -18.79
C GLU Z 219 44.46 -48.83 -17.59
N HIS Z 220 45.76 -48.96 -17.82
CA HIS Z 220 46.66 -49.30 -16.72
C HIS Z 220 46.76 -48.12 -15.77
N VAL Z 221 46.63 -48.38 -14.47
CA VAL Z 221 46.50 -47.30 -13.51
C VAL Z 221 47.66 -47.35 -12.52
N SER Z 222 48.00 -46.18 -12.01
CA SER Z 222 48.89 -46.03 -10.87
C SER Z 222 48.06 -45.49 -9.70
N VAL Z 223 48.18 -46.16 -8.56
CA VAL Z 223 47.38 -45.90 -7.38
C VAL Z 223 48.35 -45.49 -6.28
N ASP Z 224 48.54 -44.19 -6.10
CA ASP Z 224 49.49 -43.67 -5.13
C ASP Z 224 48.74 -43.20 -3.90
N SER Z 225 49.05 -43.79 -2.73
CA SER Z 225 48.29 -43.44 -1.54
C SER Z 225 48.77 -42.15 -0.88
N ASP Z 226 49.94 -41.63 -1.26
CA ASP Z 226 50.45 -40.44 -0.59
C ASP Z 226 49.57 -39.23 -0.89
N PRO Z 227 49.45 -38.30 0.07
CA PRO Z 227 48.53 -37.17 -0.11
C PRO Z 227 49.03 -36.11 -1.07
N ARG Z 228 50.31 -36.14 -1.46
CA ARG Z 228 50.83 -35.13 -2.36
C ARG Z 228 50.20 -35.22 -3.73
N VAL Z 229 49.74 -36.41 -4.12
CA VAL Z 229 49.40 -36.72 -5.50
C VAL Z 229 48.02 -37.36 -5.54
N GLN Z 230 47.33 -37.20 -6.67
CA GLN Z 230 46.03 -37.84 -6.86
C GLN Z 230 46.19 -39.36 -6.82
N THR Z 231 45.17 -40.03 -6.26
CA THR Z 231 45.29 -41.46 -5.99
C THR Z 231 45.33 -42.28 -7.28
N LEU Z 232 44.26 -42.21 -8.07
CA LEU Z 232 44.14 -42.97 -9.31
C LEU Z 232 44.57 -42.09 -10.49
N ILE Z 233 45.55 -42.56 -11.25
CA ILE Z 233 45.88 -41.93 -12.53
C ILE Z 233 46.06 -43.03 -13.56
N ALA Z 234 45.28 -42.96 -14.64
CA ALA Z 234 45.39 -43.91 -15.73
C ALA Z 234 46.42 -43.43 -16.75
N VAL Z 235 47.08 -44.38 -17.40
CA VAL Z 235 48.12 -44.03 -18.37
C VAL Z 235 47.53 -43.55 -19.69
N ASN Z 236 46.28 -43.87 -19.98
CA ASN Z 236 45.63 -43.40 -21.20
C ASN Z 236 44.85 -42.11 -20.99
N GLY Z 237 44.94 -41.51 -19.79
CA GLY Z 237 44.29 -40.25 -19.52
C GLY Z 237 42.84 -40.33 -19.14
N MET Z 238 42.26 -41.52 -19.06
CA MET Z 238 40.87 -41.65 -18.68
C MET Z 238 40.68 -41.28 -17.21
N PRO Z 239 39.56 -40.67 -16.85
CA PRO Z 239 39.31 -40.32 -15.44
C PRO Z 239 38.82 -41.51 -14.62
N THR Z 240 39.78 -42.34 -14.20
CA THR Z 240 39.45 -43.53 -13.43
C THR Z 240 38.85 -43.16 -12.07
N GLN Z 241 39.41 -42.15 -11.41
CA GLN Z 241 38.91 -41.77 -10.10
C GLN Z 241 37.49 -41.22 -10.15
N ASN Z 242 37.07 -40.69 -11.29
CA ASN Z 242 35.69 -40.21 -11.41
C ASN Z 242 34.69 -41.34 -11.25
N ARG Z 243 35.06 -42.55 -11.66
CA ARG Z 243 34.22 -43.72 -11.51
C ARG Z 243 34.37 -44.39 -10.16
N TRP Z 244 35.21 -43.84 -9.29
CA TRP Z 244 35.54 -44.41 -7.99
C TRP Z 244 34.83 -43.54 -6.97
N LYS Z 245 33.60 -43.94 -6.60
CA LYS Z 245 32.60 -43.04 -6.04
C LYS Z 245 33.00 -42.60 -4.63
N GLY Z 246 33.96 -41.69 -4.57
CA GLY Z 246 34.40 -41.14 -3.32
C GLY Z 246 35.32 -42.03 -2.52
N ASN Z 247 35.71 -43.18 -3.05
CA ASN Z 247 36.58 -44.08 -2.32
C ASN Z 247 38.03 -43.61 -2.40
N ASP Z 248 38.84 -44.06 -1.44
CA ASP Z 248 40.23 -43.63 -1.37
C ASP Z 248 41.00 -44.61 -0.51
N LEU Z 249 42.32 -44.55 -0.63
CA LEU Z 249 43.22 -45.23 0.30
C LEU Z 249 43.56 -44.27 1.43
N LEU Z 250 43.21 -44.64 2.65
CA LEU Z 250 43.27 -43.73 3.77
C LEU Z 250 44.46 -43.95 4.70
N TYR Z 251 45.02 -45.14 4.73
CA TYR Z 251 45.99 -45.45 5.78
C TYR Z 251 47.38 -45.65 5.21
N PRO Z 252 48.40 -45.10 5.86
CA PRO Z 252 49.79 -45.42 5.50
C PRO Z 252 50.28 -46.63 6.28
N LEU Z 253 51.43 -47.14 5.83
CA LEU Z 253 52.08 -48.26 6.51
C LEU Z 253 52.80 -47.71 7.74
N MET Z 254 52.25 -48.00 8.92
CA MET Z 254 52.79 -47.43 10.16
C MET Z 254 54.14 -48.04 10.49
N PRO Z 255 55.00 -47.28 11.17
CA PRO Z 255 56.33 -47.82 11.54
C PRO Z 255 56.20 -49.05 12.43
N GLY Z 256 57.09 -50.01 12.20
CA GLY Z 256 57.09 -51.24 12.96
C GLY Z 256 56.01 -52.23 12.57
N LYS Z 257 55.23 -51.94 11.54
CA LYS Z 257 54.11 -52.77 11.14
C LYS Z 257 54.41 -53.46 9.81
N GLY Z 258 53.95 -54.68 9.67
CA GLY Z 258 54.12 -55.42 8.44
C GLY Z 258 53.27 -56.66 8.44
N ALA Z 259 52.93 -57.11 7.24
CA ALA Z 259 52.08 -58.28 7.07
C ALA Z 259 52.12 -58.70 5.61
N GLU Z 260 51.38 -59.76 5.29
CA GLU Z 260 51.21 -60.23 3.92
C GLU Z 260 49.90 -59.64 3.41
N ILE Z 261 49.98 -58.44 2.83
CA ILE Z 261 48.76 -57.74 2.42
C ILE Z 261 48.19 -58.42 1.17
N PRO Z 262 46.89 -58.72 1.13
CA PRO Z 262 46.33 -59.45 0.00
C PRO Z 262 45.84 -58.56 -1.14
N VAL Z 263 46.16 -58.98 -2.35
CA VAL Z 263 45.72 -58.31 -3.58
C VAL Z 263 44.90 -59.30 -4.38
N GLN Z 264 43.71 -58.90 -4.79
CA GLN Z 264 42.81 -59.77 -5.53
C GLN Z 264 42.55 -59.20 -6.92
N LEU Z 265 42.54 -60.08 -7.92
CA LEU Z 265 42.24 -59.71 -9.29
C LEU Z 265 41.08 -60.56 -9.77
N LYS Z 266 40.06 -59.90 -10.33
CA LYS Z 266 38.89 -60.58 -10.88
C LYS Z 266 38.55 -59.98 -12.22
N ASN Z 267 37.78 -60.73 -13.01
CA ASN Z 267 37.26 -60.25 -14.29
C ASN Z 267 38.39 -59.76 -15.21
N ALA Z 268 39.46 -60.54 -15.27
CA ALA Z 268 40.63 -60.21 -16.09
C ALA Z 268 40.82 -61.31 -17.13
N PRO Z 269 40.21 -61.16 -18.31
CA PRO Z 269 40.32 -62.23 -19.33
C PRO Z 269 41.75 -62.54 -19.73
N GLU Z 270 42.61 -61.52 -19.85
CA GLU Z 270 44.00 -61.77 -20.20
C GLU Z 270 44.80 -62.27 -19.01
N GLY Z 271 44.51 -61.77 -17.82
CA GLY Z 271 45.33 -62.03 -16.66
C GLY Z 271 46.35 -60.93 -16.50
N GLY Z 272 46.24 -60.14 -15.45
CA GLY Z 272 46.97 -58.91 -15.31
C GLY Z 272 48.21 -59.03 -14.43
N ALA Z 273 48.82 -57.87 -14.18
CA ALA Z 273 50.00 -57.76 -13.36
C ALA Z 273 49.84 -56.63 -12.35
N CYS Z 274 50.50 -56.80 -11.21
CA CYS Z 274 50.49 -55.85 -10.11
C CYS Z 274 51.91 -55.57 -9.68
N LYS Z 275 52.18 -54.32 -9.34
CA LYS Z 275 53.46 -53.92 -8.76
C LYS Z 275 53.20 -53.10 -7.51
N LEU Z 276 53.91 -53.40 -6.44
CA LEU Z 276 53.82 -52.69 -5.18
C LEU Z 276 55.14 -51.98 -4.91
N THR Z 277 55.06 -50.68 -4.61
CA THR Z 277 56.21 -49.87 -4.25
C THR Z 277 56.02 -49.37 -2.84
N ARG Z 278 56.94 -49.74 -1.95
CA ARG Z 278 56.93 -49.35 -0.55
C ARG Z 278 58.09 -48.40 -0.30
N PRO Z 279 57.84 -47.12 -0.04
CA PRO Z 279 58.93 -46.18 0.20
C PRO Z 279 59.66 -46.49 1.49
N ARG Z 280 60.92 -46.05 1.54
CA ARG Z 280 61.76 -46.17 2.73
C ARG Z 280 62.05 -44.75 3.22
N TRP Z 281 61.16 -44.19 4.03
CA TRP Z 281 61.31 -42.85 4.54
C TRP Z 281 61.88 -42.87 5.95
N TYR Z 282 62.81 -41.95 6.21
CA TYR Z 282 63.45 -41.83 7.51
C TYR Z 282 63.52 -40.36 7.89
N SER Z 283 63.50 -40.09 9.19
CA SER Z 283 63.59 -38.73 9.68
C SER Z 283 65.01 -38.30 9.99
N ARG Z 284 66.00 -39.17 9.76
CA ARG Z 284 67.38 -38.91 10.12
C ARG Z 284 68.28 -39.45 9.02
N PRO Z 285 69.42 -38.80 8.77
CA PRO Z 285 70.32 -39.31 7.72
C PRO Z 285 70.83 -40.72 7.98
N TRP Z 286 71.00 -41.09 9.25
CA TRP Z 286 71.39 -42.45 9.60
C TRP Z 286 70.68 -42.85 10.89
N SER Z 287 70.30 -44.11 10.96
CA SER Z 287 69.64 -44.64 12.15
C SER Z 287 69.63 -46.16 12.05
N ARG Z 288 69.79 -46.82 13.20
CA ARG Z 288 69.71 -48.26 13.23
C ARG Z 288 68.28 -48.72 12.94
N PRO Z 289 68.09 -49.89 12.34
CA PRO Z 289 66.74 -50.34 12.01
C PRO Z 289 65.89 -50.51 13.26
N GLY Z 290 64.62 -50.13 13.14
CA GLY Z 290 63.69 -50.18 14.26
C GLY Z 290 62.73 -51.36 14.11
N VAL Z 291 62.51 -52.06 15.22
CA VAL Z 291 61.66 -53.24 15.22
C VAL Z 291 60.32 -52.92 15.89
N THR AA 2 74.62 -37.99 42.24
CA THR AA 2 74.61 -38.29 43.67
C THR AA 2 73.71 -39.47 43.97
N ASP AA 3 73.96 -40.12 45.12
CA ASP AA 3 73.14 -41.23 45.55
C ASP AA 3 71.82 -40.80 46.18
N PHE AA 4 71.66 -39.51 46.48
CA PHE AA 4 70.40 -39.02 47.02
C PHE AA 4 69.33 -38.81 45.96
N LEU AA 5 69.72 -38.77 44.69
CA LEU AA 5 68.79 -38.48 43.60
C LEU AA 5 69.16 -39.32 42.40
N LYS AA 6 68.18 -40.03 41.85
CA LYS AA 6 68.38 -40.87 40.68
C LYS AA 6 67.34 -40.52 39.63
N ILE AA 7 67.78 -40.32 38.40
CA ILE AA 7 66.90 -39.95 37.30
C ILE AA 7 66.99 -41.02 36.22
N GLU AA 8 65.84 -41.54 35.81
CA GLU AA 8 65.77 -42.57 34.80
C GLU AA 8 64.76 -42.14 33.74
N LEU AA 9 64.90 -42.75 32.56
CA LEU AA 9 63.92 -42.62 31.49
C LEU AA 9 63.48 -44.01 31.07
N ILE AA 10 62.17 -44.22 31.04
CA ILE AA 10 61.56 -45.40 30.45
C ILE AA 10 60.98 -44.98 29.12
N GLY AA 11 61.59 -45.43 28.04
CA GLY AA 11 61.21 -44.98 26.72
C GLY AA 11 59.88 -45.56 26.28
N ARG AA 12 59.40 -45.04 25.16
CA ARG AA 12 58.18 -45.56 24.54
C ARG AA 12 58.34 -47.01 24.11
N ASP AA 13 59.56 -47.46 23.87
CA ASP AA 13 59.82 -48.85 23.48
C ASP AA 13 60.25 -49.69 24.68
N GLY AA 14 60.11 -49.18 25.89
CA GLY AA 14 60.46 -49.92 27.08
C GLY AA 14 61.91 -49.85 27.47
N SER AA 15 62.74 -49.10 26.75
CA SER AA 15 64.14 -49.00 27.09
C SER AA 15 64.32 -48.25 28.41
N HIS AA 16 65.31 -48.68 29.18
CA HIS AA 16 65.59 -48.12 30.50
C HIS AA 16 66.94 -47.42 30.45
N TRP AA 17 66.94 -46.12 30.74
CA TRP AA 17 68.15 -45.31 30.75
C TRP AA 17 68.31 -44.68 32.13
N VAL AA 18 69.53 -44.66 32.63
CA VAL AA 18 69.83 -44.01 33.90
C VAL AA 18 70.66 -42.77 33.55
N LEU AA 19 70.03 -41.60 33.63
CA LEU AA 19 70.69 -40.37 33.24
C LEU AA 19 71.52 -39.79 34.37
N SER AA 20 71.06 -39.92 35.60
CA SER AA 20 71.78 -39.37 36.74
C SER AA 20 71.59 -40.28 37.95
N GLY AA 21 72.51 -40.18 38.89
CA GLY AA 21 72.47 -40.98 40.09
C GLY AA 21 73.34 -42.21 39.98
N PRO AA 22 73.16 -43.17 40.89
CA PRO AA 22 73.92 -44.41 40.80
C PRO AA 22 73.62 -45.16 39.52
N GLY AA 23 74.67 -45.65 38.87
CA GLY AA 23 74.52 -46.35 37.61
C GLY AA 23 74.29 -45.46 36.41
N MET AA 24 74.62 -44.18 36.51
CA MET AA 24 74.42 -43.27 35.38
C MET AA 24 75.46 -43.50 34.30
N GLY AA 25 75.03 -43.41 33.05
CA GLY AA 25 75.92 -43.60 31.92
C GLY AA 25 76.20 -45.04 31.55
N GLN AA 26 75.58 -46.01 32.22
CA GLN AA 26 75.82 -47.40 31.87
C GLN AA 26 75.26 -47.74 30.50
N GLN AA 27 74.18 -47.08 30.09
CA GLN AA 27 73.62 -47.26 28.75
C GLN AA 27 74.22 -46.29 27.73
N GLY AA 28 75.18 -45.48 28.15
CA GLY AA 28 75.89 -44.59 27.24
C GLY AA 28 75.43 -43.15 27.28
N VAL AA 29 74.30 -42.85 27.90
CA VAL AA 29 73.73 -41.51 27.89
C VAL AA 29 73.69 -41.00 29.33
N THR AA 30 74.27 -39.82 29.54
CA THR AA 30 74.22 -39.12 30.82
C THR AA 30 73.45 -37.83 30.67
N LEU AA 31 73.10 -37.22 31.80
CA LEU AA 31 72.34 -35.97 31.81
C LEU AA 31 73.27 -34.81 32.08
N ASN AA 32 73.12 -33.71 31.28
CA ASN AA 32 73.87 -32.48 31.42
C ASN AA 32 73.14 -31.51 32.35
N PRO AA 33 73.86 -30.59 32.98
CA PRO AA 33 73.20 -29.65 33.90
C PRO AA 33 72.28 -28.67 33.19
N ASN AA 34 71.68 -27.78 33.97
CA ASN AA 34 70.81 -26.71 33.45
C ASN AA 34 69.60 -27.27 32.72
N LEU AA 35 68.76 -27.98 33.47
CA LEU AA 35 67.47 -28.45 33.00
C LEU AA 35 66.37 -27.60 33.63
N GLN AA 36 65.44 -27.13 32.81
CA GLN AA 36 64.48 -26.13 33.23
C GLN AA 36 63.07 -26.70 33.31
N GLN AA 37 62.24 -26.06 34.14
CA GLN AA 37 60.86 -26.45 34.37
C GLN AA 37 60.76 -27.94 34.72
N PHE AA 38 61.67 -28.39 35.58
CA PHE AA 38 61.77 -29.78 35.97
C PHE AA 38 61.24 -30.04 37.38
N TYR AA 39 61.36 -29.08 38.28
CA TYR AA 39 61.04 -29.29 39.68
C TYR AA 39 59.63 -28.85 40.05
N ASP AA 40 59.32 -27.57 39.89
CA ASP AA 40 58.04 -27.02 40.29
C ASP AA 40 57.07 -26.98 39.10
N ALA AA 41 55.83 -27.34 39.36
CA ALA AA 41 54.81 -27.30 38.32
C ALA AA 41 54.52 -25.85 37.97
N PRO AA 42 54.63 -25.47 36.69
CA PRO AA 42 54.37 -24.07 36.31
C PRO AA 42 52.90 -23.71 36.55
N VAL AA 43 52.69 -22.72 37.42
CA VAL AA 43 51.36 -22.22 37.73
C VAL AA 43 51.34 -20.73 37.43
N LYS AA 44 50.34 -20.30 36.66
CA LYS AA 44 50.11 -18.89 36.43
C LYS AA 44 48.95 -18.42 37.29
N THR AA 45 49.07 -17.23 37.85
CA THR AA 45 48.05 -16.64 38.70
C THR AA 45 47.34 -15.53 37.94
N LEU AA 46 46.03 -15.46 38.11
CA LEU AA 46 45.21 -14.45 37.47
C LEU AA 46 44.95 -13.31 38.44
N TYR AA 47 44.97 -12.08 37.92
CA TYR AA 47 44.70 -10.89 38.71
C TYR AA 47 43.74 -10.00 37.95
N VAL AA 48 42.84 -9.36 38.68
CA VAL AA 48 41.78 -8.56 38.07
C VAL AA 48 41.84 -7.20 38.75
N PRO AA 49 41.46 -6.11 38.09
CA PRO AA 49 41.60 -4.78 38.72
C PRO AA 49 40.82 -4.67 40.02
N GLY AA 50 41.39 -3.93 40.96
CA GLY AA 50 40.79 -3.74 42.26
C GLY AA 50 41.07 -2.37 42.83
N PRO AA 51 40.50 -2.09 44.01
CA PRO AA 51 40.67 -0.76 44.61
C PRO AA 51 42.11 -0.37 44.91
N PHE AA 52 42.95 -1.33 45.27
CA PHE AA 52 44.33 -1.06 45.64
C PHE AA 52 45.31 -1.67 44.64
N GLY AA 53 44.99 -1.57 43.36
CA GLY AA 53 45.80 -2.18 42.33
C GLY AA 53 45.06 -3.29 41.61
N GLU AA 54 45.44 -4.53 41.86
CA GLU AA 54 44.81 -5.69 41.26
C GLU AA 54 44.52 -6.71 42.35
N GLU AA 55 43.43 -7.46 42.16
CA GLU AA 55 42.99 -8.46 43.13
C GLU AA 55 43.19 -9.86 42.57
N TYR AA 56 43.59 -10.78 43.44
CA TYR AA 56 43.78 -12.17 43.06
C TYR AA 56 42.48 -12.77 42.55
N ALA AA 57 42.55 -13.47 41.42
CA ALA AA 57 41.37 -14.03 40.78
C ALA AA 57 41.45 -15.53 40.54
N GLY AA 58 42.52 -16.19 40.96
CA GLY AA 58 42.67 -17.61 40.79
C GLY AA 58 44.01 -17.97 40.17
N LYS AA 59 44.21 -19.26 40.01
CA LYS AA 59 45.43 -19.80 39.44
C LYS AA 59 45.10 -20.81 38.36
N ARG AA 60 45.98 -20.90 37.37
CA ARG AA 60 45.88 -21.92 36.33
C ARG AA 60 47.23 -22.60 36.19
N VAL AA 61 47.23 -23.92 36.24
CA VAL AA 61 48.47 -24.67 36.03
C VAL AA 61 48.73 -24.79 34.54
N GLN AA 62 50.00 -24.74 34.16
CA GLN AA 62 50.41 -24.78 32.77
C GLN AA 62 51.16 -26.07 32.49
N ARG AA 63 51.13 -26.50 31.24
CA ARG AA 63 51.86 -27.70 30.86
C ARG AA 63 53.36 -27.46 30.98
N ARG AA 64 54.08 -28.52 31.34
CA ARG AA 64 55.52 -28.39 31.56
C ARG AA 64 56.27 -28.38 30.24
N GLU AA 65 57.28 -27.54 30.14
CA GLU AA 65 58.18 -27.49 28.99
C GLU AA 65 59.60 -27.66 29.52
N ILE AA 66 60.11 -28.89 29.47
CA ILE AA 66 61.42 -29.22 30.00
C ILE AA 66 62.42 -29.20 28.86
N VAL AA 67 63.39 -28.30 28.92
CA VAL AA 67 64.50 -28.26 27.98
C VAL AA 67 65.73 -28.78 28.72
N PHE AA 68 66.24 -29.92 28.29
CA PHE AA 68 67.39 -30.52 28.96
C PHE AA 68 68.31 -31.13 27.93
N SER AA 69 69.57 -31.27 28.29
CA SER AA 69 70.58 -31.83 27.41
C SER AA 69 71.05 -33.17 27.94
N VAL AA 70 71.31 -34.10 27.03
CA VAL AA 70 71.93 -35.36 27.39
C VAL AA 70 73.21 -35.49 26.59
N GLN AA 71 74.10 -36.35 27.06
CA GLN AA 71 75.37 -36.61 26.39
C GLN AA 71 75.45 -38.10 26.10
N ALA AA 72 75.51 -38.44 24.81
CA ALA AA 72 75.71 -39.82 24.37
C ALA AA 72 77.18 -40.01 24.07
N TYR AA 73 77.80 -40.97 24.76
CA TYR AA 73 79.24 -41.16 24.71
C TYR AA 73 79.55 -42.63 24.49
N ASP AA 74 80.65 -42.88 23.77
CA ASP AA 74 81.21 -44.22 23.72
C ASP AA 74 82.61 -44.14 23.13
N GLU AA 75 83.38 -45.23 23.32
CA GLU AA 75 84.76 -45.24 22.88
C GLU AA 75 84.88 -45.32 21.35
N ASP AA 76 83.98 -46.05 20.70
CA ASP AA 76 84.11 -46.22 19.27
C ASP AA 76 82.91 -45.61 18.54
N PRO AA 77 83.14 -45.02 17.37
CA PRO AA 77 82.04 -44.34 16.66
C PRO AA 77 80.89 -45.24 16.27
N ASP AA 78 81.13 -46.50 15.93
CA ASP AA 78 80.04 -47.38 15.53
C ASP AA 78 79.10 -47.66 16.68
N THR AA 79 79.65 -48.05 17.84
CA THR AA 79 78.79 -48.35 18.96
C THR AA 79 78.18 -47.07 19.51
N TRP AA 80 78.88 -45.95 19.38
CA TRP AA 80 78.29 -44.66 19.73
C TRP AA 80 77.07 -44.37 18.86
N SER AA 81 77.17 -44.66 17.56
CA SER AA 81 76.05 -44.45 16.67
C SER AA 81 74.88 -45.34 17.05
N THR AA 82 75.16 -46.57 17.45
CA THR AA 82 74.12 -47.45 17.97
C THR AA 82 73.44 -46.82 19.18
N VAL AA 83 74.23 -46.29 20.11
CA VAL AA 83 73.67 -45.69 21.32
C VAL AA 83 72.82 -44.49 20.99
N ASP AA 84 73.29 -43.62 20.10
CA ASP AA 84 72.55 -42.43 19.72
C ASP AA 84 71.24 -42.80 19.03
N SER AA 85 71.27 -43.80 18.15
CA SER AA 85 70.05 -44.25 17.50
C SER AA 85 69.06 -44.81 18.52
N LEU AA 86 69.55 -45.58 19.50
CA LEU AA 86 68.66 -46.11 20.53
C LEU AA 86 68.04 -45.00 21.35
N TRP AA 87 68.83 -43.99 21.71
CA TRP AA 87 68.29 -42.87 22.46
C TRP AA 87 67.21 -42.15 21.67
N ARG AA 88 67.42 -41.96 20.37
CA ARG AA 88 66.39 -41.33 19.55
C ARG AA 88 65.15 -42.20 19.47
N TRP AA 89 65.33 -43.51 19.35
CA TRP AA 89 64.20 -44.44 19.27
C TRP AA 89 63.42 -44.48 20.57
N ALA AA 90 64.03 -44.09 21.68
CA ALA AA 90 63.32 -44.06 22.97
C ALA AA 90 62.25 -42.97 23.05
N TRP AA 91 62.18 -42.05 22.09
CA TRP AA 91 61.28 -40.90 22.17
C TRP AA 91 60.31 -40.87 21.00
N ASP AA 92 59.22 -40.11 21.17
CA ASP AA 92 58.25 -39.89 20.12
C ASP AA 92 57.48 -38.62 20.40
N TYR AA 93 56.68 -38.21 19.42
CA TYR AA 93 55.77 -37.08 19.55
C TYR AA 93 54.38 -37.53 19.99
N ASP AA 94 53.87 -38.61 19.38
CA ASP AA 94 52.51 -39.04 19.65
C ASP AA 94 52.39 -39.71 21.02
N GLU AA 95 53.31 -40.60 21.35
CA GLU AA 95 53.23 -41.37 22.58
C GLU AA 95 54.26 -40.89 23.59
N GLU AA 96 53.89 -40.95 24.86
CA GLU AA 96 54.70 -40.42 25.94
C GLU AA 96 55.60 -41.48 26.54
N SER AA 97 56.68 -41.02 27.17
CA SER AA 97 57.62 -41.88 27.88
C SER AA 97 57.81 -41.34 29.29
N GLU AA 98 58.21 -42.23 30.21
CA GLU AA 98 58.28 -41.87 31.62
C GLU AA 98 59.65 -41.30 31.97
N LEU AA 99 59.64 -40.24 32.77
CA LEU AA 99 60.85 -39.67 33.36
C LEU AA 99 60.69 -39.83 34.86
N ARG AA 100 61.48 -40.72 35.46
CA ARG AA 100 61.30 -41.14 36.83
C ARG AA 100 62.41 -40.56 37.71
N VAL AA 101 62.01 -39.96 38.83
CA VAL AA 101 62.94 -39.41 39.81
C VAL AA 101 62.76 -40.19 41.10
N SER AA 102 63.84 -40.78 41.59
CA SER AA 102 63.84 -41.56 42.83
C SER AA 102 64.71 -40.86 43.85
N THR AA 103 64.14 -40.56 45.02
CA THR AA 103 64.86 -39.99 46.14
C THR AA 103 64.40 -40.70 47.40
N SER AA 104 64.80 -40.17 48.56
CA SER AA 104 64.39 -40.73 49.83
C SER AA 104 62.89 -40.60 50.07
N ASP AA 105 62.19 -39.80 49.27
CA ASP AA 105 60.75 -39.67 49.35
C ASP AA 105 60.03 -40.62 48.40
N GLY AA 106 60.75 -41.49 47.74
CA GLY AA 106 60.16 -42.46 46.83
C GLY AA 106 60.46 -42.16 45.38
N THR AA 107 59.66 -42.76 44.50
CA THR AA 107 59.82 -42.63 43.06
C THR AA 107 58.58 -41.97 42.48
N ARG AA 108 58.80 -40.90 41.72
CA ARG AA 108 57.73 -40.16 41.06
C ARG AA 108 58.08 -39.96 39.60
N PHE AA 109 57.10 -40.18 38.72
CA PHE AA 109 57.37 -40.13 37.28
C PHE AA 109 56.57 -39.01 36.63
N LEU AA 110 57.02 -38.65 35.43
CA LEU AA 110 56.39 -37.62 34.61
C LEU AA 110 56.29 -38.14 33.19
N LYS AA 111 55.09 -38.07 32.61
CA LYS AA 111 54.88 -38.50 31.23
C LYS AA 111 55.26 -37.36 30.30
N VAL AA 112 56.35 -37.52 29.55
CA VAL AA 112 56.87 -36.47 28.69
C VAL AA 112 56.90 -36.97 27.26
N ARG AA 113 56.73 -36.05 26.32
CA ARG AA 113 56.79 -36.36 24.90
C ARG AA 113 57.62 -35.29 24.20
N LEU AA 114 58.15 -35.66 23.04
CA LEU AA 114 58.94 -34.73 22.25
C LEU AA 114 58.10 -33.54 21.81
N MET AA 115 58.40 -32.35 22.33
CA MET AA 115 57.68 -31.16 21.89
C MET AA 115 58.10 -30.74 20.49
N GLU AA 116 59.39 -30.89 20.17
CA GLU AA 116 59.90 -30.56 18.84
C GLU AA 116 61.06 -31.50 18.54
N GLU AA 117 61.63 -31.35 17.35
CA GLU AA 117 62.71 -32.22 16.94
C GLU AA 117 63.94 -32.00 17.83
N PRO AA 118 64.64 -33.06 18.20
CA PRO AA 118 65.86 -32.89 19.00
C PRO AA 118 66.94 -32.15 18.21
N LYS AA 119 67.79 -31.44 18.94
CA LYS AA 119 68.92 -30.75 18.33
C LYS AA 119 70.19 -31.49 18.69
N PRO AA 120 70.71 -32.35 17.83
CA PRO AA 120 71.86 -33.18 18.21
C PRO AA 120 73.20 -32.65 17.72
N TYR AA 121 74.26 -33.08 18.39
CA TYR AA 121 75.64 -33.03 17.95
C TYR AA 121 76.24 -31.64 18.01
N TYR AA 122 77.54 -31.54 17.79
CA TYR AA 122 78.26 -30.27 17.70
C TYR AA 122 78.17 -29.74 16.27
N GLU AA 123 79.01 -28.76 15.93
CA GLU AA 123 79.01 -28.21 14.59
C GLU AA 123 79.75 -29.09 13.58
N LYS AA 124 80.58 -30.02 14.05
CA LYS AA 124 81.37 -30.87 13.18
C LYS AA 124 80.77 -32.27 13.10
N ASP AA 125 81.49 -33.17 12.44
CA ASP AA 125 81.04 -34.54 12.27
C ASP AA 125 80.96 -35.25 13.61
N PRO AA 126 79.81 -35.82 13.98
CA PRO AA 126 79.70 -36.47 15.30
C PRO AA 126 80.65 -37.64 15.49
N HIS AA 127 80.96 -38.38 14.43
CA HIS AA 127 81.84 -39.54 14.57
C HIS AA 127 83.27 -39.15 14.90
N ILE AA 128 83.63 -37.87 14.76
CA ILE AA 128 84.96 -37.43 15.17
C ILE AA 128 85.16 -37.64 16.66
N THR AA 129 84.20 -37.18 17.46
CA THR AA 129 84.32 -37.27 18.90
C THR AA 129 83.66 -38.50 19.49
N ALA AA 130 82.60 -39.01 18.86
CA ALA AA 130 81.81 -40.13 19.40
C ALA AA 130 81.32 -39.83 20.81
N ASP AA 131 81.18 -38.55 21.13
CA ASP AA 131 80.72 -38.11 22.45
C ASP AA 131 80.01 -36.78 22.24
N ASN AA 132 78.70 -36.83 22.04
CA ASN AA 132 77.98 -35.67 21.54
C ASN AA 132 76.74 -35.38 22.36
N PRO AA 133 76.36 -34.11 22.46
CA PRO AA 133 75.17 -33.73 23.22
C PRO AA 133 73.92 -33.62 22.36
N ILE AA 134 72.81 -34.07 22.91
CA ILE AA 134 71.51 -33.98 22.28
C ILE AA 134 70.66 -33.06 23.14
N VAL AA 135 70.12 -32.00 22.54
CA VAL AA 135 69.24 -31.07 23.24
C VAL AA 135 67.80 -31.52 23.01
N MET AA 136 67.10 -31.80 24.09
CA MET AA 136 65.75 -32.31 24.07
C MET AA 136 64.80 -31.27 24.64
N THR AA 137 63.76 -30.94 23.88
CA THR AA 137 62.68 -30.08 24.33
C THR AA 137 61.45 -30.97 24.46
N VAL AA 138 61.23 -31.48 25.66
CA VAL AA 138 60.10 -32.37 25.93
C VAL AA 138 59.03 -31.58 26.65
N THR AA 139 57.81 -32.09 26.59
CA THR AA 139 56.68 -31.42 27.23
C THR AA 139 55.87 -32.43 28.03
N ALA AA 140 55.31 -31.94 29.13
CA ALA AA 140 54.44 -32.72 29.99
C ALA AA 140 53.04 -32.10 29.89
N THR AA 141 52.15 -32.79 29.17
CA THR AA 141 50.76 -32.35 29.09
C THR AA 141 50.10 -32.37 30.46
N PHE AA 142 50.37 -33.41 31.24
CA PHE AA 142 49.96 -33.43 32.64
C PHE AA 142 51.14 -32.97 33.48
N PRO AA 143 51.09 -31.77 34.06
CA PRO AA 143 52.29 -31.16 34.65
C PRO AA 143 52.67 -31.68 36.02
N TYR AA 144 51.91 -32.61 36.59
CA TYR AA 144 52.14 -33.07 37.96
C TYR AA 144 52.95 -34.35 37.94
N TRP AA 145 53.97 -34.41 38.79
CA TRP AA 145 54.69 -35.65 39.01
C TRP AA 145 53.77 -36.66 39.67
N GLN AA 146 53.80 -37.89 39.18
CA GLN AA 146 52.85 -38.91 39.59
C GLN AA 146 53.56 -40.05 40.30
N ASP AA 147 52.86 -40.64 41.26
CA ASP AA 147 53.20 -41.96 41.79
C ASP AA 147 52.16 -42.94 41.29
N GLU AA 148 52.40 -44.22 41.55
CA GLU AA 148 51.44 -45.24 41.13
C GLU AA 148 50.12 -45.04 41.87
N PRO AA 149 49.00 -44.94 41.15
CA PRO AA 149 47.72 -44.75 41.83
C PRO AA 149 47.35 -45.95 42.68
N GLU AA 150 46.60 -45.69 43.74
CA GLU AA 150 46.16 -46.73 44.66
C GLU AA 150 44.84 -47.31 44.19
N GLU AA 151 44.74 -48.64 44.19
CA GLU AA 151 43.55 -49.34 43.74
C GLU AA 151 42.97 -50.14 44.90
N LEU AA 152 41.67 -50.04 45.10
CA LEU AA 152 40.96 -50.79 46.13
C LEU AA 152 39.79 -51.52 45.49
N ILE AA 153 39.58 -52.77 45.92
CA ILE AA 153 38.55 -53.64 45.36
C ILE AA 153 37.57 -53.99 46.47
N TRP AA 154 36.29 -53.92 46.17
CA TRP AA 154 35.24 -54.38 47.08
C TRP AA 154 34.27 -55.24 46.28
N THR AA 155 34.21 -56.53 46.59
CA THR AA 155 33.30 -57.47 45.95
C THR AA 155 32.31 -57.97 46.98
N THR AA 156 31.02 -57.96 46.63
CA THR AA 156 29.98 -58.45 47.51
C THR AA 156 29.04 -59.38 46.76
N LEU AA 157 28.59 -60.43 47.45
CA LEU AA 157 27.62 -61.36 46.91
C LEU AA 157 26.19 -61.01 47.28
N SER AA 158 26.00 -60.02 48.15
CA SER AA 158 24.66 -59.66 48.62
C SER AA 158 23.94 -58.81 47.59
N THR AA 159 22.61 -58.84 47.65
CA THR AA 159 21.81 -57.96 46.82
C THR AA 159 22.02 -56.50 47.19
N GLU AA 160 22.03 -56.20 48.49
CA GLU AA 160 22.27 -54.85 48.99
C GLU AA 160 23.40 -54.89 50.00
N ASP AA 161 24.38 -54.01 49.85
CA ASP AA 161 25.53 -53.97 50.73
C ASP AA 161 26.11 -52.57 50.74
N MET AA 162 27.09 -52.37 51.61
CA MET AA 162 27.71 -51.06 51.79
C MET AA 162 29.13 -51.27 52.30
N THR AA 163 30.04 -50.41 51.86
CA THR AA 163 31.44 -50.50 52.28
C THR AA 163 32.01 -49.12 52.50
N ARG AA 164 33.14 -49.08 53.21
CA ARG AA 164 33.87 -47.86 53.51
C ARG AA 164 35.25 -47.94 52.85
N PHE AA 165 35.50 -47.07 51.88
CA PHE AA 165 36.79 -47.02 51.21
C PHE AA 165 37.69 -46.00 51.90
N PRO AA 166 38.84 -46.41 52.45
CA PRO AA 166 39.75 -45.44 53.06
C PRO AA 166 40.48 -44.65 51.99
N VAL AA 167 40.38 -43.33 52.06
CA VAL AA 167 40.93 -42.44 51.03
C VAL AA 167 41.64 -41.29 51.71
N ARG AA 168 42.78 -40.88 51.15
CA ARG AA 168 43.60 -39.85 51.77
C ARG AA 168 44.50 -39.24 50.71
N ASN AA 169 44.49 -37.91 50.60
CA ASN AA 169 45.32 -37.18 49.66
C ASN AA 169 46.55 -36.68 50.39
N ASP AA 170 47.68 -37.33 50.16
CA ASP AA 170 48.95 -36.93 50.76
C ASP AA 170 49.72 -35.93 49.90
N GLY AA 171 49.26 -35.66 48.68
CA GLY AA 171 49.93 -34.73 47.81
C GLY AA 171 49.54 -33.29 48.09
N ASP AA 172 50.16 -32.39 47.33
CA ASP AA 172 49.93 -30.97 47.46
C ASP AA 172 48.89 -30.44 46.47
N VAL AA 173 48.28 -31.31 45.67
CA VAL AA 173 47.29 -30.88 44.69
C VAL AA 173 46.07 -31.79 44.78
N PRO AA 174 44.87 -31.31 44.46
CA PRO AA 174 43.70 -32.18 44.47
C PRO AA 174 43.79 -33.24 43.38
N VAL AA 175 43.15 -34.39 43.65
CA VAL AA 175 43.14 -35.52 42.74
C VAL AA 175 41.70 -35.93 42.48
N TRP AA 176 41.50 -36.59 41.33
CA TRP AA 176 40.17 -37.00 40.88
C TRP AA 176 40.07 -38.52 40.89
N LEU AA 177 39.04 -39.03 41.56
CA LEU AA 177 38.90 -40.47 41.74
C LEU AA 177 38.21 -41.11 40.55
N LYS AA 178 38.54 -42.38 40.32
CA LYS AA 178 37.91 -43.19 39.29
C LYS AA 178 37.25 -44.40 39.93
N TRP AA 179 36.07 -44.74 39.46
CA TRP AA 179 35.34 -45.90 39.93
C TRP AA 179 35.08 -46.85 38.77
N THR AA 180 35.19 -48.14 39.02
CA THR AA 180 34.80 -49.17 38.07
C THR AA 180 33.71 -49.98 38.74
N LEU AA 181 32.48 -49.87 38.24
CA LEU AA 181 31.32 -50.50 38.86
C LEU AA 181 30.79 -51.60 37.96
N THR AA 182 30.55 -52.77 38.52
CA THR AA 182 29.94 -53.85 37.77
C THR AA 182 28.43 -53.64 37.68
N ALA AA 183 27.80 -54.40 36.79
CA ALA AA 183 26.37 -54.37 36.55
C ALA AA 183 25.81 -55.78 36.57
N PRO AA 184 24.52 -55.95 36.90
CA PRO AA 184 23.49 -54.95 37.19
C PRO AA 184 23.58 -54.39 38.61
N GLY AA 185 22.71 -53.45 38.94
CA GLY AA 185 22.68 -52.88 40.27
C GLY AA 185 22.61 -51.37 40.29
N LEU AA 186 22.16 -50.81 41.41
CA LEU AA 186 22.10 -49.37 41.62
C LEU AA 186 23.18 -48.99 42.62
N TRP AA 187 24.09 -48.12 42.20
CA TRP AA 187 25.21 -47.71 43.04
C TRP AA 187 24.97 -46.29 43.57
N ILE AA 188 25.40 -46.07 44.80
CA ILE AA 188 25.48 -44.73 45.38
C ILE AA 188 26.93 -44.49 45.75
N LEU AA 189 27.52 -43.44 45.17
CA LEU AA 189 28.92 -43.13 45.31
C LEU AA 189 29.10 -41.81 46.04
N PRO AA 190 30.14 -41.67 46.84
CA PRO AA 190 30.37 -40.41 47.55
C PRO AA 190 30.95 -39.35 46.61
N ASP AA 191 30.44 -38.13 46.75
CA ASP AA 191 30.94 -36.95 46.06
C ASP AA 191 31.23 -35.87 47.07
N PHE AA 192 31.94 -36.24 48.14
CA PHE AA 192 32.19 -35.32 49.24
C PHE AA 192 32.96 -34.11 48.77
N SER AA 193 32.56 -32.94 49.26
CA SER AA 193 33.25 -31.71 48.87
C SER AA 193 34.60 -31.57 49.54
N TRP AA 194 34.80 -32.21 50.69
CA TRP AA 194 36.02 -32.08 51.49
C TRP AA 194 36.26 -30.62 51.89
N GLY AA 195 35.19 -29.85 52.00
CA GLY AA 195 35.29 -28.45 52.30
C GLY AA 195 35.60 -27.56 51.11
N ASN AA 196 35.81 -28.14 49.94
CA ASN AA 196 36.04 -27.35 48.74
C ASN AA 196 34.79 -26.57 48.40
N ASP AA 197 34.95 -25.27 48.14
CA ASP AA 197 33.84 -24.34 48.06
C ASP AA 197 33.77 -23.68 46.69
N MET AA 198 34.08 -24.42 45.63
CA MET AA 198 34.06 -23.87 44.29
C MET AA 198 32.69 -23.91 43.64
N TYR AA 199 31.70 -24.55 44.28
CA TYR AA 199 30.32 -24.47 43.85
C TYR AA 199 29.43 -23.81 44.91
N SER AA 200 30.05 -23.07 45.84
CA SER AA 200 29.34 -22.37 46.91
C SER AA 200 28.55 -23.32 47.80
N ARG AA 201 29.01 -24.56 47.91
CA ARG AA 201 28.35 -25.58 48.72
C ARG AA 201 29.37 -26.39 49.50
N GLY AA 202 30.42 -25.72 49.97
CA GLY AA 202 31.50 -26.43 50.64
C GLY AA 202 31.06 -27.15 51.90
N ARG AA 203 30.11 -26.56 52.63
CA ARG AA 203 29.59 -27.20 53.83
C ARG AA 203 28.31 -27.98 53.57
N GLU AA 204 27.52 -27.56 52.59
CA GLU AA 204 26.30 -28.28 52.25
C GLU AA 204 26.61 -29.66 51.65
N ASP AA 205 27.75 -29.78 50.96
CA ASP AA 205 28.11 -31.03 50.29
C ASP AA 205 29.21 -31.79 51.03
N LEU AA 206 29.30 -31.63 52.34
CA LEU AA 206 30.32 -32.35 53.10
C LEU AA 206 30.10 -33.86 53.01
N GLY AA 207 28.85 -34.30 53.10
CA GLY AA 207 28.54 -35.71 52.99
C GLY AA 207 27.66 -36.01 51.79
N ARG AA 208 27.96 -35.37 50.67
CA ARG AA 208 27.15 -35.53 49.47
C ARG AA 208 27.37 -36.92 48.87
N THR AA 209 26.27 -37.57 48.47
CA THR AA 209 26.32 -38.83 47.76
C THR AA 209 25.46 -38.74 46.51
N VAL AA 210 25.97 -39.26 45.41
CA VAL AA 210 25.29 -39.22 44.12
C VAL AA 210 24.90 -40.65 43.74
N ALA AA 211 23.65 -40.81 43.33
CA ALA AA 211 23.12 -42.12 42.96
C ALA AA 211 23.23 -42.29 41.45
N MET AA 212 24.04 -43.25 41.02
CA MET AA 212 24.17 -43.54 39.61
C MET AA 212 22.88 -44.16 39.08
N PRO AA 213 22.62 -44.02 37.79
CA PRO AA 213 21.41 -44.66 37.23
C PRO AA 213 21.50 -46.17 37.33
N GLU AA 214 20.32 -46.79 37.43
CA GLU AA 214 20.24 -48.25 37.53
C GLU AA 214 20.89 -48.88 36.31
N LEU AA 215 21.75 -49.86 36.55
CA LEU AA 215 22.50 -50.52 35.49
C LEU AA 215 21.85 -51.86 35.15
N VAL AA 216 21.60 -52.07 33.86
CA VAL AA 216 21.09 -53.35 33.38
C VAL AA 216 22.26 -54.30 33.18
N ALA AA 217 21.96 -55.58 32.96
CA ALA AA 217 23.01 -56.59 32.85
C ALA AA 217 23.97 -56.26 31.71
N GLY AA 218 25.26 -56.41 31.99
CA GLY AA 218 26.30 -56.15 31.01
C GLY AA 218 26.71 -54.70 30.87
N GLU AA 219 26.08 -53.79 31.62
CA GLU AA 219 26.37 -52.36 31.51
C GLU AA 219 27.37 -51.93 32.59
N HIS AA 220 28.54 -52.55 32.58
CA HIS AA 220 29.60 -52.16 33.49
C HIS AA 220 30.06 -50.74 33.16
N VAL AA 221 30.27 -49.93 34.19
CA VAL AA 221 30.54 -48.51 33.97
C VAL AA 221 31.88 -48.11 34.56
N SER AA 222 32.53 -47.18 33.90
CA SER AA 222 33.67 -46.46 34.44
C SER AA 222 33.21 -45.03 34.73
N VAL AA 223 33.35 -44.63 35.99
CA VAL AA 223 32.85 -43.35 36.48
C VAL AA 223 34.07 -42.57 36.93
N ASP AA 224 34.59 -41.73 36.04
CA ASP AA 224 35.81 -40.99 36.30
C ASP AA 224 35.48 -39.53 36.58
N SER AA 225 35.96 -39.00 37.71
CA SER AA 225 35.68 -37.62 38.05
C SER AA 225 36.56 -36.63 37.30
N ASP AA 226 37.60 -37.10 36.63
CA ASP AA 226 38.52 -36.23 35.94
C ASP AA 226 37.79 -35.42 34.88
N PRO AA 227 37.96 -34.09 34.83
CA PRO AA 227 37.30 -33.30 33.78
C PRO AA 227 37.74 -33.65 32.37
N ARG AA 228 38.93 -34.23 32.20
CA ARG AA 228 39.42 -34.57 30.87
C ARG AA 228 38.57 -35.64 30.19
N VAL AA 229 37.88 -36.48 30.96
CA VAL AA 229 37.12 -37.59 30.41
C VAL AA 229 35.67 -37.47 30.85
N GLN AA 230 34.79 -38.09 30.06
CA GLN AA 230 33.38 -38.15 30.41
C GLN AA 230 33.20 -38.97 31.68
N THR AA 231 32.30 -38.50 32.55
CA THR AA 231 32.14 -39.13 33.86
C THR AA 231 31.68 -40.58 33.73
N LEU AA 232 30.49 -40.78 33.17
CA LEU AA 232 29.95 -42.12 32.96
C LEU AA 232 30.35 -42.65 31.59
N ILE AA 233 30.98 -43.82 31.55
CA ILE AA 233 31.28 -44.51 30.30
C ILE AA 233 30.83 -45.95 30.44
N ALA AA 234 29.83 -46.35 29.66
CA ALA AA 234 29.40 -47.74 29.65
C ALA AA 234 30.30 -48.56 28.73
N VAL AA 235 30.62 -49.77 29.18
CA VAL AA 235 31.57 -50.59 28.44
C VAL AA 235 30.98 -51.07 27.12
N ASN AA 236 29.66 -51.26 27.06
CA ASN AA 236 29.01 -51.77 25.86
C ASN AA 236 28.51 -50.68 24.92
N GLY AA 237 28.67 -49.41 25.29
CA GLY AA 237 28.32 -48.32 24.41
C GLY AA 237 26.95 -47.71 24.62
N MET AA 238 26.15 -48.23 25.56
CA MET AA 238 24.85 -47.65 25.80
C MET AA 238 24.99 -46.24 26.36
N PRO AA 239 24.09 -45.32 25.99
CA PRO AA 239 24.09 -44.01 26.64
C PRO AA 239 23.49 -44.09 28.03
N THR AA 240 24.35 -44.08 29.04
CA THR AA 240 23.92 -44.20 30.42
C THR AA 240 23.86 -42.85 31.14
N GLN AA 241 24.41 -41.80 30.54
CA GLN AA 241 24.33 -40.47 31.11
C GLN AA 241 22.98 -39.81 30.86
N ASN AA 242 22.18 -40.35 29.93
CA ASN AA 242 20.84 -39.81 29.69
C ASN AA 242 19.87 -40.14 30.81
N ARG AA 243 20.12 -41.21 31.57
CA ARG AA 243 19.27 -41.58 32.69
C ARG AA 243 19.79 -41.02 34.00
N TRP AA 244 20.64 -40.00 33.94
CA TRP AA 244 21.32 -39.46 35.11
C TRP AA 244 20.77 -38.12 35.57
N LYS AA 245 19.88 -37.50 34.78
CA LYS AA 245 19.05 -36.39 35.23
C LYS AA 245 19.86 -35.18 35.69
N GLY AA 246 21.00 -34.94 35.06
CA GLY AA 246 21.77 -33.75 35.35
C GLY AA 246 22.70 -33.86 36.54
N ASN AA 247 22.72 -34.99 37.24
CA ASN AA 247 23.59 -35.12 38.39
C ASN AA 247 24.99 -35.54 37.94
N ASP AA 248 25.98 -35.16 38.73
CA ASP AA 248 27.37 -35.35 38.31
C ASP AA 248 28.28 -35.37 39.52
N LEU AA 249 29.48 -35.91 39.33
CA LEU AA 249 30.52 -35.87 40.36
C LEU AA 249 31.34 -34.59 40.16
N LEU AA 250 31.31 -33.70 41.14
CA LEU AA 250 31.85 -32.37 40.98
C LEU AA 250 33.14 -32.11 41.73
N TYR AA 251 33.46 -32.91 42.74
CA TYR AA 251 34.52 -32.49 43.66
C TYR AA 251 35.72 -33.42 43.59
N PRO AA 252 36.93 -32.86 43.60
CA PRO AA 252 38.13 -33.71 43.71
C PRO AA 252 38.48 -34.00 45.16
N LEU AA 253 39.50 -34.82 45.39
CA LEU AA 253 39.99 -35.11 46.72
C LEU AA 253 41.00 -34.02 47.09
N MET AA 254 40.60 -33.12 47.97
CA MET AA 254 41.44 -31.99 48.34
C MET AA 254 42.68 -32.46 49.10
N PRO AA 255 43.79 -31.73 48.98
CA PRO AA 255 45.01 -32.15 49.68
C PRO AA 255 44.84 -32.14 51.19
N GLY AA 256 45.45 -33.13 51.84
CA GLY AA 256 45.37 -33.23 53.28
C GLY AA 256 44.06 -33.74 53.82
N LYS AA 257 43.17 -34.20 52.95
CA LYS AA 257 41.85 -34.65 53.35
C LYS AA 257 41.69 -36.14 53.05
N GLY AA 258 40.87 -36.80 53.86
CA GLY AA 258 40.60 -38.20 53.65
C GLY AA 258 39.70 -38.73 54.75
N ALA AA 259 39.03 -39.82 54.43
CA ALA AA 259 38.06 -40.45 55.33
C ALA AA 259 37.71 -41.82 54.76
N GLU AA 260 36.75 -42.49 55.39
CA GLU AA 260 36.20 -43.73 54.89
C GLU AA 260 34.93 -43.37 54.12
N ILE AA 261 35.07 -43.20 52.81
CA ILE AA 261 33.94 -42.77 51.99
C ILE AA 261 32.98 -43.94 51.79
N PRO AA 262 31.67 -43.74 51.91
CA PRO AA 262 30.75 -44.87 51.80
C PRO AA 262 30.30 -45.15 50.38
N VAL AA 263 30.37 -46.41 49.97
CA VAL AA 263 29.86 -46.85 48.68
C VAL AA 263 28.74 -47.85 48.93
N GLN AA 264 27.58 -47.59 48.33
CA GLN AA 264 26.39 -48.40 48.55
C GLN AA 264 26.00 -49.11 47.26
N LEU AA 265 25.59 -50.37 47.38
CA LEU AA 265 25.06 -51.13 46.26
C LEU AA 265 23.69 -51.67 46.65
N LYS AA 266 22.71 -51.50 45.76
CA LYS AA 266 21.37 -52.00 45.99
C LYS AA 266 20.86 -52.68 44.73
N ASN AA 267 19.85 -53.51 44.89
CA ASN AA 267 19.16 -54.15 43.76
C ASN AA 267 20.13 -54.88 42.84
N ALA AA 268 21.04 -55.65 43.45
CA ALA AA 268 22.03 -56.39 42.68
C ALA AA 268 21.75 -57.88 42.76
N PRO AA 269 21.10 -58.47 41.75
CA PRO AA 269 20.72 -59.89 41.85
C PRO AA 269 21.90 -60.84 41.96
N GLU AA 270 23.10 -60.42 41.56
CA GLU AA 270 24.27 -61.27 41.59
C GLU AA 270 25.45 -60.59 42.29
N GLY AA 271 25.15 -59.71 43.24
CA GLY AA 271 26.23 -59.00 43.90
C GLY AA 271 26.80 -57.93 42.98
N GLY AA 272 28.00 -57.46 43.35
CA GLY AA 272 28.66 -56.45 42.55
C GLY AA 272 30.07 -56.23 43.00
N ALA AA 273 30.86 -55.65 42.11
CA ALA AA 273 32.25 -55.31 42.37
C ALA AA 273 32.48 -53.84 42.08
N CYS AA 274 33.17 -53.16 42.99
CA CYS AA 274 33.52 -51.76 42.87
C CYS AA 274 35.02 -51.61 43.05
N LYS AA 275 35.66 -50.97 42.08
CA LYS AA 275 37.08 -50.66 42.14
C LYS AA 275 37.27 -49.16 42.23
N LEU AA 276 38.03 -48.71 43.23
CA LEU AA 276 38.33 -47.30 43.41
C LEU AA 276 39.80 -47.07 43.10
N THR AA 277 40.08 -46.20 42.13
CA THR AA 277 41.43 -45.79 41.78
C THR AA 277 41.61 -44.35 42.23
N ARG AA 278 42.59 -44.13 43.10
CA ARG AA 278 42.93 -42.81 43.60
C ARG AA 278 44.31 -42.43 43.10
N PRO AA 279 44.43 -41.40 42.27
CA PRO AA 279 45.75 -40.98 41.79
C PRO AA 279 46.56 -40.34 42.90
N ARG AA 280 47.88 -40.33 42.71
CA ARG AA 280 48.81 -39.77 43.69
C ARG AA 280 49.68 -38.76 42.94
N TRP AA 281 49.26 -37.50 42.94
CA TRP AA 281 49.87 -36.45 42.15
C TRP AA 281 50.68 -35.51 43.03
N TYR AA 282 51.83 -35.08 42.52
CA TYR AA 282 52.68 -34.11 43.21
C TYR AA 282 53.15 -33.07 42.22
N SER AA 283 53.47 -31.89 42.74
CA SER AA 283 53.98 -30.80 41.91
C SER AA 283 55.51 -30.76 41.88
N ARG AA 284 56.19 -31.68 42.56
CA ARG AA 284 57.63 -31.69 42.64
C ARG AA 284 58.13 -33.13 42.51
N PRO AA 285 59.34 -33.32 41.98
CA PRO AA 285 59.91 -34.67 41.94
C PRO AA 285 60.10 -35.29 43.31
N TRP AA 286 60.35 -34.48 44.33
CA TRP AA 286 60.48 -34.96 45.69
C TRP AA 286 60.00 -33.88 46.65
N SER AA 287 59.46 -34.33 47.77
CA SER AA 287 58.97 -33.43 48.81
C SER AA 287 58.64 -34.25 50.04
N ARG AA 288 58.87 -33.66 51.21
CA ARG AA 288 58.50 -34.32 52.45
C ARG AA 288 56.98 -34.32 52.61
N PRO AA 289 56.42 -35.33 53.27
CA PRO AA 289 54.97 -35.36 53.48
C PRO AA 289 54.52 -34.16 54.28
N GLY AA 290 53.34 -33.65 53.93
CA GLY AA 290 52.79 -32.48 54.60
C GLY AA 290 51.38 -32.74 55.08
N VAL AA 291 51.06 -32.16 56.23
CA VAL AA 291 49.74 -32.31 56.82
C VAL AA 291 49.51 -31.20 57.85
N ALA BA 2 18.92 -14.17 67.44
CA ALA BA 2 18.72 -12.89 68.12
C ALA BA 2 19.55 -12.81 69.40
N ASN BA 3 20.86 -12.93 69.25
CA ASN BA 3 21.78 -12.87 70.39
C ASN BA 3 21.98 -11.41 70.77
N ASN BA 4 21.51 -11.04 71.95
CA ASN BA 4 21.66 -9.67 72.43
C ASN BA 4 23.13 -9.41 72.79
N TRP BA 5 23.45 -8.12 72.93
CA TRP BA 5 24.79 -7.75 73.38
C TRP BA 5 25.07 -8.29 74.77
N THR BA 6 24.09 -8.20 75.67
CA THR BA 6 24.27 -8.73 77.01
C THR BA 6 24.50 -10.24 77.00
N ASP BA 7 23.74 -10.95 76.16
CA ASP BA 7 23.92 -12.39 76.06
C ASP BA 7 25.29 -12.75 75.51
N ILE BA 8 25.74 -12.02 74.48
CA ILE BA 8 27.08 -12.28 73.91
C ILE BA 8 28.15 -12.00 74.95
N LEU BA 9 28.01 -10.90 75.69
CA LEU BA 9 28.98 -10.57 76.73
C LEU BA 9 29.00 -11.63 77.83
N ALA BA 10 27.82 -12.12 78.23
CA ALA BA 10 27.77 -13.17 79.23
C ALA BA 10 28.44 -14.45 78.73
N ALA BA 11 28.20 -14.81 77.47
CA ALA BA 11 28.87 -15.97 76.90
C ALA BA 11 30.38 -15.77 76.85
N SER BA 12 30.83 -14.54 76.63
CA SER BA 12 32.25 -14.22 76.60
C SER BA 12 32.81 -13.91 77.99
N ASP BA 13 31.99 -14.05 79.04
CA ASP BA 13 32.42 -13.89 80.43
C ASP BA 13 32.79 -12.45 80.74
N GLY BA 14 32.04 -11.50 80.18
CA GLY BA 14 32.21 -10.10 80.50
C GLY BA 14 33.37 -9.41 79.83
N ASP BA 15 33.98 -10.04 78.82
CA ASP BA 15 35.10 -9.44 78.09
C ASP BA 15 34.56 -8.78 76.83
N GLU BA 16 34.60 -7.44 76.81
CA GLU BA 16 34.08 -6.70 75.66
C GLU BA 16 34.87 -7.01 74.41
N TRP BA 17 36.19 -7.13 74.52
CA TRP BA 17 37.02 -7.42 73.36
C TRP BA 17 36.72 -8.81 72.81
N ALA BA 18 36.53 -9.80 73.70
CA ALA BA 18 36.15 -11.13 73.25
C ALA BA 18 34.78 -11.13 72.56
N ALA BA 19 33.82 -10.41 73.13
CA ALA BA 19 32.50 -10.35 72.51
C ALA BA 19 32.57 -9.69 71.13
N PHE BA 20 33.34 -8.62 71.00
CA PHE BA 20 33.43 -7.94 69.73
C PHE BA 20 34.19 -8.76 68.70
N LYS BA 21 35.19 -9.54 69.13
CA LYS BA 21 35.85 -10.43 68.18
C LYS BA 21 34.94 -11.57 67.77
N THR BA 22 34.03 -12.00 68.65
CA THR BA 22 33.00 -12.96 68.25
C THR BA 22 32.11 -12.38 67.16
N ILE BA 23 31.66 -11.14 67.36
CA ILE BA 23 30.80 -10.49 66.36
C ILE BA 23 31.57 -10.32 65.05
N GLU BA 24 32.84 -9.96 65.13
CA GLU BA 24 33.65 -9.81 63.93
C GLU BA 24 33.82 -11.15 63.21
N ALA BA 25 33.98 -12.24 63.97
CA ALA BA 25 34.07 -13.55 63.36
C ALA BA 25 32.78 -13.90 62.61
N GLN BA 26 31.62 -13.60 63.20
CA GLN BA 26 30.36 -13.88 62.51
C GLN BA 26 30.25 -13.05 61.23
N ALA BA 27 30.62 -11.77 61.31
CA ALA BA 27 30.59 -10.93 60.11
C ALA BA 27 31.53 -11.44 59.04
N ASP BA 28 32.70 -11.92 59.46
CA ASP BA 28 33.65 -12.50 58.51
C ASP BA 28 33.09 -13.76 57.87
N GLU BA 29 32.37 -14.57 58.64
CA GLU BA 29 31.72 -15.76 58.06
C GLU BA 29 30.71 -15.35 57.00
N VAL BA 30 29.91 -14.32 57.27
CA VAL BA 30 28.94 -13.88 56.27
C VAL BA 30 29.64 -13.35 55.02
N ARG BA 31 30.70 -12.57 55.20
CA ARG BA 31 31.43 -12.04 54.07
C ARG BA 31 32.07 -13.16 53.24
N ALA BA 32 32.61 -14.18 53.92
CA ALA BA 32 33.22 -15.30 53.22
C ALA BA 32 32.17 -16.10 52.45
N GLY BA 33 30.98 -16.25 53.03
CA GLY BA 33 29.90 -16.87 52.29
C GLY BA 33 29.56 -16.12 51.02
N HIS BA 34 29.49 -14.78 51.13
CA HIS BA 34 29.25 -13.98 49.93
C HIS BA 34 30.38 -14.13 48.91
N GLN BA 35 31.62 -14.17 49.39
CA GLN BA 35 32.75 -14.33 48.49
C GLN BA 35 32.69 -15.66 47.73
N ALA BA 36 32.38 -16.74 48.46
CA ALA BA 36 32.26 -18.04 47.81
C ALA BA 36 31.09 -18.07 46.83
N LEU BA 37 29.98 -17.43 47.20
CA LEU BA 37 28.84 -17.39 46.30
C LEU BA 37 29.16 -16.62 45.03
N ARG BA 38 29.94 -15.54 45.15
CA ARG BA 38 30.31 -14.76 43.97
C ARG BA 38 31.31 -15.51 43.10
N ARG BA 39 32.27 -16.21 43.70
CA ARG BA 39 33.31 -16.89 42.95
C ARG BA 39 32.94 -18.32 42.58
N ALA BA 40 31.71 -18.75 42.87
CA ALA BA 40 31.28 -20.09 42.52
C ALA BA 40 31.38 -20.30 41.01
N LYS BA 41 31.84 -21.49 40.62
CA LYS BA 41 31.94 -21.83 39.21
C LYS BA 41 30.54 -22.08 38.63
N PRO BA 42 30.29 -21.68 37.39
CA PRO BA 42 29.00 -21.97 36.76
C PRO BA 42 28.89 -23.43 36.39
N LEU BA 43 27.64 -23.90 36.32
CA LEU BA 43 27.32 -25.26 35.93
C LEU BA 43 26.71 -25.24 34.54
N ILE BA 44 27.45 -25.72 33.55
CA ILE BA 44 27.02 -25.72 32.16
C ILE BA 44 26.55 -27.12 31.81
N ARG BA 45 25.30 -27.25 31.35
CA ARG BA 45 24.74 -28.55 31.06
C ARG BA 45 24.02 -28.53 29.72
N LEU BA 46 24.21 -29.59 28.94
CA LEU BA 46 23.57 -29.77 27.65
C LEU BA 46 22.46 -30.81 27.78
N TRP BA 47 21.29 -30.48 27.26
CA TRP BA 47 20.10 -31.33 27.25
C TRP BA 47 19.62 -31.45 25.81
N MET BA 48 18.91 -32.55 25.53
CA MET BA 48 18.38 -32.81 24.21
C MET BA 48 16.92 -33.21 24.28
N ASN BA 49 16.23 -33.09 23.14
CA ASN BA 49 14.88 -33.59 23.02
C ASN BA 49 14.87 -35.11 23.08
N ASN BA 50 13.75 -35.67 23.48
CA ASN BA 50 13.61 -37.11 23.59
C ASN BA 50 13.68 -37.73 22.20
N PRO BA 51 14.58 -38.69 21.96
CA PRO BA 51 14.69 -39.27 20.61
C PRO BA 51 13.41 -39.89 20.10
N ASP BA 52 12.58 -40.45 20.98
CA ASP BA 52 11.33 -41.07 20.56
C ASP BA 52 10.25 -40.05 20.21
N GLY BA 53 10.49 -38.77 20.46
CA GLY BA 53 9.52 -37.74 20.13
C GLY BA 53 8.56 -37.36 21.24
N SER BA 54 8.77 -37.86 22.46
CA SER BA 54 7.93 -37.51 23.58
C SER BA 54 8.37 -36.18 24.19
N GLU BA 55 7.70 -35.77 25.26
CA GLU BA 55 8.02 -34.52 25.94
C GLU BA 55 9.16 -34.74 26.92
N GLY BA 56 9.68 -33.62 27.43
CA GLY BA 56 10.73 -33.66 28.42
C GLY BA 56 12.13 -33.68 27.83
N LEU BA 57 12.98 -32.76 28.27
CA LEU BA 57 14.36 -32.74 27.82
C LEU BA 57 15.15 -33.87 28.47
N VAL BA 58 16.09 -34.43 27.72
CA VAL BA 58 16.91 -35.53 28.18
C VAL BA 58 18.33 -35.02 28.41
N TYR BA 59 18.87 -35.28 29.58
CA TYR BA 59 20.19 -34.78 29.95
C TYR BA 59 21.25 -35.42 29.06
N VAL BA 60 22.03 -34.59 28.38
CA VAL BA 60 23.11 -35.07 27.52
C VAL BA 60 24.40 -35.12 28.33
N GLY BA 61 24.78 -33.99 28.91
CA GLY BA 61 26.04 -33.98 29.65
C GLY BA 61 26.30 -32.66 30.31
N ARG BA 62 27.49 -32.56 30.91
CA ARG BA 62 27.91 -31.37 31.61
C ARG BA 62 29.28 -30.95 31.11
N VAL BA 63 29.45 -29.67 30.83
CA VAL BA 63 30.74 -29.11 30.47
C VAL BA 63 31.38 -28.58 31.74
N ASP BA 64 32.63 -28.94 31.98
CA ASP BA 64 33.36 -28.36 33.10
C ASP BA 64 33.83 -26.96 32.72
N TYR BA 65 33.75 -26.04 33.70
CA TYR BA 65 34.24 -24.69 33.46
C TYR BA 65 35.71 -24.69 33.11
N ASP BA 66 36.49 -25.55 33.77
CA ASP BA 66 37.91 -25.69 33.42
C ASP BA 66 38.08 -26.30 32.04
N ASP BA 67 37.16 -27.18 31.63
CA ASP BA 67 37.26 -27.81 30.32
C ASP BA 67 36.81 -26.89 29.19
N THR BA 68 36.11 -25.81 29.50
CA THR BA 68 35.80 -24.82 28.49
C THR BA 68 37.07 -24.12 28.01
N ILE BA 69 37.03 -23.62 26.78
CA ILE BA 69 38.07 -22.73 26.30
C ILE BA 69 37.66 -21.27 26.48
N ARG BA 70 36.42 -20.95 26.16
CA ARG BA 70 35.92 -19.59 26.18
C ARG BA 70 34.43 -19.64 26.44
N GLY BA 71 33.90 -18.55 26.98
CA GLY BA 71 32.47 -18.47 27.23
C GLY BA 71 31.98 -17.05 27.30
N SER BA 72 30.77 -16.81 26.80
CA SER BA 72 30.17 -15.48 26.84
C SER BA 72 28.66 -15.65 26.84
N PHE BA 73 28.01 -15.22 27.91
CA PHE BA 73 26.57 -15.36 28.07
C PHE BA 73 25.98 -14.03 28.52
N PRO BA 74 25.27 -13.32 27.66
CA PRO BA 74 24.62 -12.08 28.07
C PRO BA 74 23.16 -12.25 28.46
N PHE BA 75 22.73 -11.48 29.46
CA PHE BA 75 21.32 -11.34 29.82
C PHE BA 75 20.91 -9.93 29.44
N LYS BA 76 19.88 -9.81 28.61
CA LYS BA 76 19.44 -8.53 28.09
C LYS BA 76 17.98 -8.29 28.42
N ASN BA 77 17.64 -7.02 28.59
CA ASN BA 77 16.27 -6.62 28.92
C ASN BA 77 15.41 -6.63 27.67
N ASN BA 78 14.49 -7.65 27.62
CA ASN BA 78 13.50 -7.76 26.54
C ASN BA 78 14.15 -7.94 25.18
N THR BA 79 15.40 -8.39 25.14
CA THR BA 79 16.15 -8.50 23.89
C THR BA 79 16.78 -9.87 23.81
N PRO BA 80 16.66 -10.56 22.67
CA PRO BA 80 17.39 -11.81 22.50
C PRO BA 80 18.89 -11.60 22.46
N SER BA 81 19.62 -12.61 22.91
CA SER BA 81 21.07 -12.55 22.96
C SER BA 81 21.65 -13.90 22.59
N GLN BA 82 22.91 -13.87 22.15
CA GLN BA 82 23.63 -15.06 21.70
C GLN BA 82 24.70 -15.41 22.72
N GLY BA 83 24.70 -16.67 23.16
CA GLY BA 83 25.72 -17.17 24.06
C GLY BA 83 26.69 -18.06 23.30
N VAL BA 84 27.98 -17.82 23.52
CA VAL BA 84 29.04 -18.50 22.79
C VAL BA 84 29.86 -19.33 23.77
N LEU BA 85 30.05 -20.60 23.44
CA LEU BA 85 30.86 -21.52 24.24
C LEU BA 85 31.86 -22.20 23.35
N GLU BA 86 33.14 -22.16 23.72
CA GLU BA 86 34.20 -22.77 22.93
C GLU BA 86 34.76 -23.98 23.66
N LEU BA 87 34.82 -25.11 22.96
CA LEU BA 87 35.32 -26.36 23.51
C LEU BA 87 36.44 -26.89 22.63
N ARG BA 88 37.24 -27.78 23.19
CA ARG BA 88 38.22 -28.50 22.39
C ARG BA 88 37.54 -29.66 21.66
N ASP BA 89 38.14 -30.06 20.53
CA ASP BA 89 37.50 -31.07 19.69
C ASP BA 89 37.34 -32.41 20.40
N ASP BA 90 38.37 -32.82 21.14
CA ASP BA 90 38.31 -34.12 21.82
C ASP BA 90 37.48 -34.10 23.09
N ASN BA 91 36.85 -32.97 23.42
CA ASN BA 91 35.88 -32.95 24.50
C ASN BA 91 34.67 -33.79 24.13
N TYR BA 92 34.09 -34.48 25.11
CA TYR BA 92 33.08 -35.48 24.79
C TYR BA 92 31.77 -34.82 24.34
N LEU BA 93 31.40 -33.69 24.92
CA LEU BA 93 30.22 -32.98 24.42
C LEU BA 93 30.49 -32.32 23.08
N ALA BA 94 31.71 -31.87 22.82
CA ALA BA 94 32.03 -31.39 21.48
C ALA BA 94 31.88 -32.51 20.46
N VAL BA 95 32.36 -33.71 20.79
CA VAL BA 95 32.21 -34.86 19.90
C VAL BA 95 30.75 -35.19 19.69
N TRP BA 96 29.96 -35.17 20.76
CA TRP BA 96 28.53 -35.44 20.63
C TRP BA 96 27.84 -34.43 19.73
N LEU BA 97 28.15 -33.14 19.92
CA LEU BA 97 27.52 -32.11 19.10
C LEU BA 97 27.94 -32.23 17.65
N LYS BA 98 29.20 -32.62 17.39
CA LYS BA 98 29.64 -32.80 16.02
C LYS BA 98 29.01 -34.01 15.37
N GLN BA 99 28.77 -35.08 16.13
CA GLN BA 99 28.07 -36.25 15.61
C GLN BA 99 26.57 -36.04 15.49
N LEU BA 100 26.04 -35.02 16.14
CA LEU BA 100 24.59 -34.78 16.12
C LEU BA 100 24.01 -34.62 14.73
N PRO BA 101 24.57 -33.80 13.82
CA PRO BA 101 23.93 -33.63 12.51
C PRO BA 101 23.79 -34.92 11.72
N ASN BA 102 24.74 -35.84 11.83
CA ASN BA 102 24.72 -37.08 11.05
C ASN BA 102 24.18 -38.27 11.85
N ASN BA 103 23.75 -38.06 13.09
CA ASN BA 103 23.17 -39.14 13.86
C ASN BA 103 21.68 -39.24 13.57
N PRO BA 104 21.19 -40.35 13.02
CA PRO BA 104 19.77 -40.44 12.68
C PRO BA 104 18.87 -40.82 13.85
N GLU BA 105 19.44 -41.17 15.01
CA GLU BA 105 18.66 -41.52 16.18
C GLU BA 105 18.44 -40.35 17.13
N LEU BA 106 18.90 -39.16 16.77
CA LEU BA 106 18.86 -38.00 17.65
C LEU BA 106 18.06 -36.87 17.01
N LYS BA 107 17.31 -36.16 17.83
CA LYS BA 107 16.70 -34.92 17.37
C LYS BA 107 17.75 -33.82 17.29
N LYS BA 108 17.50 -32.85 16.42
CA LYS BA 108 18.55 -31.88 16.07
C LYS BA 108 18.57 -30.66 16.98
N ASN BA 109 17.64 -30.53 17.91
CA ASN BA 109 17.61 -29.37 18.80
C ASN BA 109 18.28 -29.71 20.13
N VAL BA 110 19.10 -28.79 20.62
CA VAL BA 110 19.84 -28.93 21.86
C VAL BA 110 19.63 -27.69 22.70
N VAL BA 111 19.49 -27.87 24.01
CA VAL BA 111 19.30 -26.77 24.95
C VAL BA 111 20.51 -26.72 25.89
N ILE BA 112 21.06 -25.55 26.08
CA ILE BA 112 22.10 -25.33 27.07
C ILE BA 112 21.50 -24.60 28.25
N THR BA 113 21.89 -25.02 29.46
CA THR BA 113 21.53 -24.34 30.69
C THR BA 113 22.81 -24.05 31.46
N VAL BA 114 23.08 -22.77 31.70
CA VAL BA 114 24.22 -22.32 32.49
C VAL BA 114 23.68 -21.78 33.79
N ASP BA 115 24.03 -22.42 34.89
CA ASP BA 115 23.54 -22.06 36.21
C ASP BA 115 24.63 -21.33 36.97
N PHE BA 116 24.34 -20.09 37.36
CA PHE BA 116 25.16 -19.31 38.26
C PHE BA 116 24.52 -19.30 39.64
N TYR BA 117 25.36 -19.48 40.66
CA TYR BA 117 24.95 -19.41 42.06
C TYR BA 117 23.98 -20.53 42.42
N GLY BA 118 24.31 -21.74 41.99
CA GLY BA 118 23.48 -22.90 42.27
C GLY BA 118 22.10 -22.85 41.65
N GLY BA 119 21.99 -22.35 40.42
CA GLY BA 119 20.73 -22.31 39.72
C GLY BA 119 19.88 -21.09 39.98
N LYS BA 120 20.29 -20.20 40.89
CA LYS BA 120 19.53 -18.99 41.12
C LYS BA 120 19.50 -18.11 39.88
N LYS BA 121 20.64 -17.98 39.20
CA LYS BA 121 20.71 -17.32 37.90
C LYS BA 121 20.86 -18.40 36.84
N ARG BA 122 20.11 -18.29 35.74
CA ARG BA 122 20.18 -19.31 34.71
C ARG BA 122 20.08 -18.70 33.33
N TRP BA 123 20.99 -19.09 32.45
CA TRP BA 123 20.96 -18.74 31.03
C TRP BA 123 20.65 -20.02 30.26
N SER BA 124 19.47 -20.08 29.66
CA SER BA 124 19.05 -21.25 28.90
C SER BA 124 18.73 -20.85 27.47
N GLY BA 125 19.14 -21.70 26.52
CA GLY BA 125 18.86 -21.38 25.13
C GLY BA 125 19.07 -22.54 24.17
N LEU BA 126 18.45 -22.42 23.00
CA LEU BA 126 18.59 -23.41 21.94
C LEU BA 126 19.88 -23.20 21.15
N LEU BA 127 20.41 -24.31 20.63
CA LEU BA 127 21.60 -24.30 19.80
C LEU BA 127 21.32 -23.59 18.49
N ASP BA 128 21.98 -22.45 18.27
CA ASP BA 128 21.88 -21.77 16.98
C ASP BA 128 22.72 -22.48 15.93
N LYS BA 129 24.00 -22.70 16.24
CA LYS BA 129 24.89 -23.37 15.30
C LYS BA 129 26.17 -23.75 16.04
N TRP BA 130 27.03 -24.49 15.35
CA TRP BA 130 28.40 -24.67 15.79
C TRP BA 130 29.33 -24.57 14.60
N THR BA 131 30.61 -24.39 14.88
CA THR BA 131 31.62 -24.21 13.84
C THR BA 131 32.92 -24.82 14.32
N ILE BA 132 33.50 -25.69 13.49
CA ILE BA 132 34.85 -26.19 13.73
C ILE BA 132 35.83 -25.17 13.18
N LYS BA 133 36.64 -24.60 14.07
CA LYS BA 133 37.56 -23.53 13.71
C LYS BA 133 38.99 -23.94 14.03
N SER BA 134 39.90 -23.58 13.15
CA SER BA 134 41.31 -23.94 13.27
C SER BA 134 42.13 -22.68 13.53
N LYS BA 135 42.87 -22.68 14.64
CA LYS BA 135 43.91 -21.70 14.90
C LYS BA 135 45.24 -22.43 14.94
N GLU BA 136 46.10 -22.15 13.96
CA GLU BA 136 47.44 -22.72 13.86
C GLU BA 136 47.36 -24.26 13.92
N HIS BA 137 46.60 -24.81 12.98
CA HIS BA 137 46.35 -26.25 12.85
C HIS BA 137 45.71 -26.86 14.09
N VAL BA 138 45.25 -26.05 15.03
CA VAL BA 138 44.63 -26.52 16.25
C VAL BA 138 43.13 -26.30 16.14
N LYS BA 139 42.35 -27.39 16.20
CA LYS BA 139 40.93 -27.33 15.90
C LYS BA 139 40.11 -27.36 17.18
N TYR BA 140 39.17 -26.43 17.29
CA TYR BA 140 38.22 -26.36 18.39
C TYR BA 140 36.83 -26.17 17.82
N LEU BA 141 35.83 -26.24 18.69
CA LEU BA 141 34.43 -26.10 18.30
C LEU BA 141 33.83 -24.92 19.03
N GLU BA 142 33.32 -23.95 18.27
CA GLU BA 142 32.62 -22.81 18.86
C GLU BA 142 31.12 -23.02 18.65
N VAL BA 143 30.35 -22.92 19.72
CA VAL BA 143 28.94 -23.25 19.72
C VAL BA 143 28.16 -22.01 20.11
N THR BA 144 27.21 -21.63 19.26
CA THR BA 144 26.38 -20.46 19.46
C THR BA 144 24.97 -20.88 19.78
N PHE BA 145 24.45 -20.39 20.90
CA PHE BA 145 23.09 -20.62 21.35
C PHE BA 145 22.34 -19.30 21.33
N ASN BA 146 21.03 -19.38 21.12
CA ASN BA 146 20.14 -18.24 21.22
C ASN BA 146 19.32 -18.35 22.50
N ASP BA 147 19.31 -17.30 23.30
CA ASP BA 147 18.57 -17.31 24.54
C ASP BA 147 17.09 -17.55 24.27
N ASP BA 148 16.37 -17.98 25.31
CA ASP BA 148 15.00 -18.47 25.15
C ASP BA 148 14.02 -17.36 24.80
N LEU BA 149 14.42 -16.10 24.85
CA LEU BA 149 13.55 -15.02 24.39
C LEU BA 149 13.36 -15.00 22.88
N THR BA 150 14.16 -15.78 22.14
CA THR BA 150 13.99 -15.84 20.69
C THR BA 150 12.71 -16.56 20.28
N MET BA 151 12.10 -17.33 21.19
CA MET BA 151 10.84 -17.99 20.87
C MET BA 151 9.74 -17.00 20.55
N LEU BA 152 9.82 -15.80 21.14
CA LEU BA 152 8.80 -14.78 20.87
C LEU BA 152 8.92 -14.21 19.47
N GLN BA 153 10.09 -14.31 18.85
CA GLN BA 153 10.21 -13.92 17.45
C GLN BA 153 9.46 -14.88 16.55
N TYR BA 154 9.48 -16.17 16.87
CA TYR BA 154 8.81 -17.18 16.07
C TYR BA 154 7.37 -17.43 16.49
N LEU BA 155 6.93 -16.85 17.60
CA LEU BA 155 5.52 -16.81 17.95
C LEU BA 155 4.92 -15.52 17.39
N LEU BA 156 3.87 -15.65 16.57
CA LEU BA 156 3.23 -14.51 15.96
C LEU BA 156 1.72 -14.57 16.21
N CYS BA 157 1.09 -13.39 16.18
CA CYS BA 157 -0.33 -13.28 16.50
C CYS BA 157 -1.14 -13.06 15.22
N PRO BA 158 -1.98 -14.02 14.82
CA PRO BA 158 -2.85 -13.80 13.68
C PRO BA 158 -4.04 -12.93 14.07
N PRO BA 159 -4.79 -12.43 13.09
CA PRO BA 159 -5.96 -11.60 13.43
C PRO BA 159 -6.98 -12.30 14.32
N ASN BA 160 -7.18 -13.61 14.16
CA ASN BA 160 -8.07 -14.38 15.02
C ASN BA 160 -7.35 -15.64 15.47
N PRO BA 161 -6.62 -15.58 16.59
CA PRO BA 161 -5.87 -16.76 17.04
C PRO BA 161 -6.74 -17.95 17.41
N ALA BA 162 -8.03 -17.75 17.65
CA ALA BA 162 -8.91 -18.80 18.12
C ALA BA 162 -9.60 -19.57 16.99
N LEU BA 163 -9.28 -19.27 15.75
CA LEU BA 163 -9.93 -19.86 14.59
C LEU BA 163 -8.89 -20.32 13.59
N PRO BA 164 -9.23 -21.26 12.71
CA PRO BA 164 -8.27 -21.70 11.68
C PRO BA 164 -7.85 -20.54 10.79
N ILE BA 165 -6.57 -20.53 10.44
CA ILE BA 165 -5.95 -19.41 9.74
C ILE BA 165 -6.35 -19.37 8.27
N PRO BA 166 -6.24 -20.46 7.51
CA PRO BA 166 -6.58 -20.37 6.08
C PRO BA 166 -8.07 -20.31 5.78
N VAL BA 167 -8.94 -20.21 6.79
CA VAL BA 167 -10.38 -20.21 6.54
C VAL BA 167 -10.93 -18.79 6.63
N LEU BA 168 -10.86 -18.18 7.81
CA LEU BA 168 -11.36 -16.81 7.99
C LEU BA 168 -10.69 -16.22 9.22
N GLN BA 169 -9.99 -15.11 9.03
CA GLN BA 169 -9.29 -14.42 10.11
C GLN BA 169 -9.90 -13.02 10.22
N PHE BA 170 -10.89 -12.89 11.09
CA PHE BA 170 -11.60 -11.64 11.27
C PHE BA 170 -11.45 -11.14 12.70
N PRO BA 171 -11.33 -9.82 12.91
CA PRO BA 171 -11.29 -8.74 11.92
C PRO BA 171 -9.94 -8.62 11.22
N ARG BA 172 -9.67 -7.48 10.59
CA ARG BA 172 -8.42 -7.33 9.86
C ARG BA 172 -7.22 -7.44 10.79
N ILE BA 173 -7.30 -6.83 11.96
CA ILE BA 173 -6.23 -6.92 12.96
C ILE BA 173 -6.84 -7.36 14.29
N PHE BA 174 -6.00 -8.00 15.10
CA PHE BA 174 -6.39 -8.42 16.45
C PHE BA 174 -5.95 -7.35 17.44
N GLY BA 175 -6.88 -6.90 18.27
CA GLY BA 175 -6.56 -5.90 19.28
C GLY BA 175 -7.02 -6.31 20.66
N ILE BA 176 -6.11 -6.28 21.63
CA ILE BA 176 -6.40 -6.60 23.01
C ILE BA 176 -5.98 -5.44 23.89
N ALA BA 177 -6.88 -4.98 24.75
CA ALA BA 177 -6.62 -3.87 25.65
C ALA BA 177 -6.86 -4.33 27.08
N GLY BA 178 -5.98 -3.89 27.99
CA GLY BA 178 -6.13 -4.22 29.39
C GLY BA 178 -4.94 -3.78 30.20
N PRO BA 179 -4.86 -4.21 31.46
CA PRO BA 179 -3.66 -3.92 32.25
C PRO BA 179 -2.43 -4.44 31.53
N ALA BA 180 -1.32 -3.72 31.67
CA ALA BA 180 -0.19 -3.95 30.78
C ALA BA 180 0.32 -5.39 30.89
N LYS BA 181 0.63 -5.84 32.11
CA LYS BA 181 1.18 -7.17 32.29
C LYS BA 181 0.17 -8.23 31.86
N TRP BA 182 -1.09 -8.08 32.26
CA TRP BA 182 -2.09 -9.07 31.91
C TRP BA 182 -2.27 -9.17 30.40
N ALA BA 183 -2.31 -8.02 29.72
CA ALA BA 183 -2.57 -8.03 28.28
C ALA BA 183 -1.39 -8.61 27.51
N ILE BA 184 -0.15 -8.27 27.90
CA ILE BA 184 1.01 -8.86 27.24
C ILE BA 184 1.03 -10.37 27.45
N SER BA 185 0.88 -10.80 28.71
CA SER BA 185 0.87 -12.22 29.00
C SER BA 185 -0.28 -12.93 28.32
N THR BA 186 -1.40 -12.24 28.13
CA THR BA 186 -2.56 -12.85 27.51
C THR BA 186 -2.37 -13.02 26.02
N LEU BA 187 -1.79 -12.03 25.36
CA LEU BA 187 -1.45 -12.20 23.94
C LEU BA 187 -0.50 -13.38 23.76
N ILE BA 188 0.54 -13.45 24.59
CA ILE BA 188 1.48 -14.57 24.48
C ILE BA 188 0.76 -15.90 24.72
N PHE BA 189 -0.10 -15.94 25.74
CA PHE BA 189 -0.78 -17.19 26.06
C PHE BA 189 -1.73 -17.63 24.96
N ILE BA 190 -2.47 -16.69 24.37
CA ILE BA 190 -3.40 -17.06 23.31
C ILE BA 190 -2.63 -17.61 22.11
N ASN BA 191 -1.50 -16.99 21.77
CA ASN BA 191 -0.71 -17.50 20.66
C ASN BA 191 -0.13 -18.88 20.98
N LEU BA 192 0.33 -19.08 22.22
CA LEU BA 192 0.82 -20.39 22.61
C LEU BA 192 -0.28 -21.44 22.54
N PHE BA 193 -1.48 -21.09 23.00
CA PHE BA 193 -2.63 -21.98 22.92
C PHE BA 193 -2.92 -22.37 21.48
N ARG BA 194 -2.95 -21.38 20.59
CA ARG BA 194 -3.24 -21.65 19.18
C ARG BA 194 -2.17 -22.54 18.56
N VAL BA 195 -0.89 -22.27 18.84
CA VAL BA 195 0.16 -23.06 18.21
C VAL BA 195 0.27 -24.44 18.85
N GLN BA 196 -0.20 -24.62 20.08
CA GLN BA 196 -0.29 -25.97 20.65
C GLN BA 196 -1.52 -26.71 20.18
N GLY BA 197 -2.50 -26.01 19.59
CA GLY BA 197 -3.52 -26.73 18.86
C GLY BA 197 -4.94 -26.20 18.94
N ASN BA 198 -5.20 -25.25 19.84
CA ASN BA 198 -6.55 -24.74 20.07
C ASN BA 198 -7.51 -25.87 20.41
N LEU BA 199 -7.01 -26.84 21.18
CA LEU BA 199 -7.76 -28.07 21.44
C LEU BA 199 -8.99 -27.82 22.30
N TRP BA 200 -8.89 -26.91 23.27
CA TRP BA 200 -9.97 -26.62 24.19
C TRP BA 200 -10.54 -25.24 23.93
N THR BA 201 -11.68 -24.97 24.56
CA THR BA 201 -12.33 -23.67 24.40
C THR BA 201 -11.70 -22.66 25.34
N LEU BA 202 -11.38 -21.49 24.80
CA LEU BA 202 -10.77 -20.44 25.61
C LEU BA 202 -11.81 -19.81 26.53
N PRO BA 203 -11.54 -19.74 27.83
CA PRO BA 203 -12.42 -18.99 28.72
C PRO BA 203 -12.21 -17.49 28.54
N ASP BA 204 -13.05 -16.70 29.22
CA ASP BA 204 -12.97 -15.25 29.09
C ASP BA 204 -11.61 -14.74 29.55
N ASP BA 205 -11.16 -15.16 30.72
CA ASP BA 205 -9.86 -14.79 31.23
C ASP BA 205 -8.97 -16.01 31.32
N PRO BA 206 -7.92 -16.11 30.51
CA PRO BA 206 -7.04 -17.29 30.59
C PRO BA 206 -6.40 -17.48 31.95
N PHE BA 207 -6.09 -16.40 32.66
CA PHE BA 207 -5.35 -16.48 33.90
C PHE BA 207 -6.25 -16.50 35.13
N ASN BA 208 -7.56 -16.56 34.94
CA ASN BA 208 -8.47 -16.90 36.03
C ASN BA 208 -8.48 -18.41 36.13
N LEU BA 209 -7.65 -18.94 37.04
CA LEU BA 209 -7.38 -20.38 37.07
C LEU BA 209 -8.62 -21.21 37.41
N GLU BA 210 -9.66 -20.61 37.97
CA GLU BA 210 -10.88 -21.35 38.25
C GLU BA 210 -11.69 -21.65 36.99
N SER BA 211 -11.39 -20.97 35.88
CA SER BA 211 -12.11 -21.22 34.64
C SER BA 211 -11.63 -22.50 33.94
N TRP BA 212 -10.36 -22.85 34.09
CA TRP BA 212 -9.80 -24.01 33.41
C TRP BA 212 -10.20 -25.29 34.13
N ASP BA 213 -10.53 -26.31 33.35
CA ASP BA 213 -10.86 -27.61 33.92
C ASP BA 213 -9.63 -28.27 34.51
N ASP BA 214 -9.84 -29.04 35.58
CA ASP BA 214 -8.75 -29.75 36.23
C ASP BA 214 -8.38 -31.05 35.52
N ILE BA 215 -9.24 -31.53 34.62
CA ILE BA 215 -8.94 -32.76 33.89
C ILE BA 215 -7.99 -32.53 32.74
N LEU BA 216 -7.85 -31.27 32.28
CA LEU BA 216 -7.02 -30.97 31.13
C LEU BA 216 -5.56 -31.31 31.42
N ASP BA 217 -4.86 -31.77 30.39
CA ASP BA 217 -3.45 -32.13 30.47
C ASP BA 217 -2.64 -31.13 29.67
N TRP BA 218 -1.70 -30.46 30.33
CA TRP BA 218 -0.85 -29.46 29.70
C TRP BA 218 0.60 -29.93 29.55
N SER BA 219 0.87 -31.19 29.86
CA SER BA 219 2.25 -31.67 29.87
C SER BA 219 2.89 -31.59 28.51
N ASP BA 220 2.11 -31.70 27.43
CA ASP BA 220 2.66 -31.63 26.09
C ASP BA 220 3.15 -30.23 25.74
N TRP BA 221 2.67 -29.20 26.44
CA TRP BA 221 3.11 -27.84 26.19
C TRP BA 221 4.60 -27.70 26.49
N GLN BA 222 5.30 -26.95 25.65
CA GLN BA 222 6.70 -26.64 25.89
C GLN BA 222 6.92 -25.24 26.43
N CYS BA 223 5.97 -24.33 26.24
CA CYS BA 223 6.07 -22.97 26.72
C CYS BA 223 4.79 -22.59 27.44
N PHE BA 224 4.93 -22.06 28.65
CA PHE BA 224 3.82 -21.58 29.45
C PHE BA 224 4.03 -20.11 29.75
N VAL BA 225 2.95 -19.44 30.15
CA VAL BA 225 3.00 -18.05 30.61
C VAL BA 225 2.25 -17.97 31.93
N LYS BA 226 2.84 -17.32 32.92
CA LYS BA 226 2.20 -17.13 34.21
C LYS BA 226 1.89 -15.66 34.42
N SER BA 227 0.66 -15.38 34.88
CA SER BA 227 0.23 -14.00 35.10
C SER BA 227 -0.97 -14.02 36.03
N ASN BA 228 -1.26 -12.85 36.59
CA ASN BA 228 -2.47 -12.66 37.37
C ASN BA 228 -3.66 -12.45 36.43
N SER BA 229 -4.86 -12.46 37.02
CA SER BA 229 -6.08 -12.34 36.24
C SER BA 229 -6.28 -10.89 35.78
N PHE BA 230 -7.36 -10.67 35.03
CA PHE BA 230 -7.68 -9.33 34.55
C PHE BA 230 -8.01 -8.40 35.72
N LEU BA 231 -8.75 -8.90 36.71
CA LEU BA 231 -9.15 -8.07 37.83
C LEU BA 231 -8.07 -8.00 38.91
N LEU BA 232 -7.26 -9.06 39.05
CA LEU BA 232 -6.24 -9.12 40.09
C LEU BA 232 -4.92 -8.49 39.66
N ASP BA 233 -4.79 -8.08 38.40
CA ASP BA 233 -3.55 -7.48 37.94
C ASP BA 233 -3.35 -6.12 38.60
N ASP BA 234 -2.13 -5.87 39.09
CA ASP BA 234 -1.81 -4.65 39.80
C ASP BA 234 -1.14 -3.61 38.91
N SER BA 235 -1.14 -3.82 37.59
CA SER BA 235 -0.58 -2.83 36.68
C SER BA 235 -1.38 -1.55 36.75
N SER BA 236 -0.70 -0.44 37.00
CA SER BA 236 -1.38 0.85 37.11
C SER BA 236 -1.88 1.33 35.75
N VAL BA 237 -1.03 1.26 34.74
CA VAL BA 237 -1.38 1.70 33.41
C VAL BA 237 -1.94 0.54 32.61
N TRP BA 238 -2.71 0.86 31.57
CA TRP BA 238 -3.23 -0.12 30.64
C TRP BA 238 -2.32 -0.20 29.42
N THR BA 239 -2.77 -0.93 28.41
CA THR BA 239 -2.06 -1.04 27.15
C THR BA 239 -3.04 -1.57 26.12
N PHE BA 240 -2.75 -1.26 24.85
CA PHE BA 240 -3.48 -1.77 23.71
C PHE BA 240 -2.47 -2.38 22.75
N LEU BA 241 -2.60 -3.67 22.49
CA LEU BA 241 -1.72 -4.39 21.60
C LEU BA 241 -2.50 -4.84 20.37
N SER BA 242 -1.96 -4.54 19.19
CA SER BA 242 -2.61 -4.88 17.93
C SER BA 242 -1.64 -5.67 17.07
N SER BA 243 -2.19 -6.51 16.21
CA SER BA 243 -1.35 -7.37 15.38
C SER BA 243 -2.09 -7.82 14.14
N ARG BA 244 -1.37 -7.89 13.03
CA ARG BA 244 -1.82 -8.59 11.82
C ARG BA 244 -0.66 -9.50 11.41
N MET BA 245 -0.62 -10.70 12.00
CA MET BA 245 0.47 -11.66 11.80
C MET BA 245 1.83 -11.09 12.17
N ASN BA 246 1.85 -10.15 13.11
CA ASN BA 246 3.10 -9.62 13.61
C ASN BA 246 3.71 -10.58 14.63
N PRO BA 247 5.04 -10.62 14.73
CA PRO BA 247 5.67 -11.39 15.80
C PRO BA 247 5.34 -10.79 17.17
N VAL BA 248 5.26 -11.67 18.17
CA VAL BA 248 4.80 -11.27 19.49
C VAL BA 248 5.75 -10.24 20.09
N ASP BA 249 7.05 -10.45 19.95
CA ASP BA 249 8.02 -9.52 20.51
C ASP BA 249 7.88 -8.14 19.87
N SER BA 250 7.67 -8.09 18.55
CA SER BA 250 7.45 -6.82 17.89
C SER BA 250 6.16 -6.16 18.37
N ILE BA 251 5.13 -6.97 18.64
CA ILE BA 251 3.87 -6.41 19.14
C ILE BA 251 4.09 -5.76 20.51
N ILE BA 252 4.83 -6.42 21.39
CA ILE BA 252 4.88 -6.03 22.79
C ILE BA 252 6.08 -5.17 23.13
N ALA BA 253 6.99 -4.92 22.19
CA ALA BA 253 8.19 -4.15 22.51
C ALA BA 253 7.86 -2.74 22.96
N ASP BA 254 6.96 -2.06 22.25
CA ASP BA 254 6.61 -0.69 22.61
C ASP BA 254 5.93 -0.61 23.97
N ALA BA 255 5.02 -1.54 24.25
CA ALA BA 255 4.35 -1.57 25.55
C ALA BA 255 5.35 -1.83 26.67
N LEU BA 256 6.26 -2.79 26.46
CA LEU BA 256 7.28 -3.07 27.47
C LEU BA 256 8.16 -1.84 27.73
N ASP BA 257 8.56 -1.16 26.65
CA ASP BA 257 9.40 0.03 26.80
C ASP BA 257 8.66 1.13 27.55
N ASP BA 258 7.39 1.37 27.21
CA ASP BA 258 6.66 2.47 27.80
C ASP BA 258 6.32 2.19 29.27
N ALA BA 259 5.99 0.94 29.60
CA ALA BA 259 5.65 0.59 30.97
C ALA BA 259 6.85 0.17 31.80
N GLN BA 260 8.04 0.11 31.19
CA GLN BA 260 9.26 -0.33 31.87
C GLN BA 260 9.08 -1.70 32.50
N LEU BA 261 8.48 -2.61 31.74
CA LEU BA 261 8.29 -3.99 32.18
C LEU BA 261 9.43 -4.88 31.66
N THR BA 262 9.48 -6.09 32.17
CA THR BA 262 10.53 -7.04 31.84
C THR BA 262 9.91 -8.39 31.51
N ILE BA 263 10.45 -9.06 30.51
CA ILE BA 263 10.11 -10.46 30.25
C ILE BA 263 11.16 -11.33 30.92
N THR BA 264 10.72 -12.23 31.78
CA THR BA 264 11.61 -13.19 32.42
C THR BA 264 11.23 -14.58 31.95
N TYR BA 265 12.22 -15.34 31.49
CA TYR BA 265 12.04 -16.73 31.10
C TYR BA 265 12.77 -17.63 32.08
N ARG BA 266 12.15 -18.75 32.41
CA ARG BA 266 12.78 -19.74 33.28
C ARG BA 266 12.49 -21.13 32.71
N ARG BA 267 13.54 -21.88 32.44
CA ARG BA 267 13.40 -23.26 31.98
C ARG BA 267 13.38 -24.15 33.21
N VAL BA 268 12.23 -24.73 33.50
CA VAL BA 268 12.03 -25.48 34.75
C VAL BA 268 12.59 -26.89 34.57
N LEU BA 269 13.71 -27.16 35.23
CA LEU BA 269 14.33 -28.49 35.18
C LEU BA 269 13.76 -29.32 36.32
N THR BA 270 12.71 -30.09 36.03
CA THR BA 270 12.11 -30.95 37.04
C THR BA 270 13.04 -32.08 37.45
N ASP BA 271 14.07 -32.36 36.66
CA ASP BA 271 15.07 -33.34 37.06
C ASP BA 271 15.90 -32.87 38.24
N ASP BA 272 15.99 -31.55 38.46
CA ASP BA 272 16.67 -30.99 39.61
C ASP BA 272 15.76 -30.76 40.79
N GLY BA 273 14.50 -31.17 40.69
CA GLY BA 273 13.52 -30.94 41.73
C GLY BA 273 12.78 -29.63 41.61
N GLU BA 274 13.08 -28.81 40.60
CA GLU BA 274 12.39 -27.54 40.45
C GLU BA 274 10.92 -27.77 40.08
N THR BA 275 10.08 -26.87 40.56
CA THR BA 275 8.65 -26.88 40.28
C THR BA 275 8.23 -25.51 39.78
N ALA BA 276 6.95 -25.36 39.49
CA ALA BA 276 6.39 -24.08 39.08
C ALA BA 276 4.93 -24.03 39.48
N GLU BA 277 4.40 -22.81 39.57
CA GLU BA 277 3.01 -22.61 39.97
C GLU BA 277 2.54 -21.26 39.46
N GLY BA 278 1.23 -21.10 39.42
CA GLY BA 278 0.63 -19.84 39.02
C GLY BA 278 0.15 -19.73 37.61
N PHE BA 279 0.19 -20.80 36.84
CA PHE BA 279 -0.33 -20.82 35.48
C PHE BA 279 -1.10 -22.11 35.27
N PRO BA 280 -1.99 -22.16 34.28
CA PRO BA 280 -2.72 -23.40 34.02
C PRO BA 280 -1.77 -24.55 33.72
N GLY BA 281 -2.07 -25.71 34.30
CA GLY BA 281 -1.22 -26.87 34.11
C GLY BA 281 0.19 -26.71 34.63
N ALA BA 282 0.35 -26.00 35.75
CA ALA BA 282 1.68 -25.76 36.30
C ALA BA 282 2.25 -26.96 37.02
N HIS BA 283 1.42 -27.92 37.41
CA HIS BA 283 1.90 -29.08 38.15
C HIS BA 283 2.36 -30.22 37.25
N GLY BA 284 1.90 -30.26 36.01
CA GLY BA 284 2.26 -31.34 35.12
C GLY BA 284 3.32 -30.98 34.10
N ILE BA 285 4.01 -29.86 34.31
CA ILE BA 285 5.04 -29.43 33.37
C ILE BA 285 6.17 -30.43 33.36
N LYS BA 286 6.75 -30.65 32.17
CA LYS BA 286 7.81 -31.62 32.00
C LYS BA 286 9.17 -30.95 32.17
N ASN BA 287 10.23 -31.75 32.09
CA ASN BA 287 11.58 -31.24 32.30
C ASN BA 287 11.98 -30.33 31.14
N GLY BA 288 12.52 -29.16 31.48
CA GLY BA 288 13.00 -28.24 30.47
C GLY BA 288 11.92 -27.41 29.80
N ALA BA 289 10.70 -27.41 30.32
CA ALA BA 289 9.67 -26.53 29.77
C ALA BA 289 9.96 -25.09 30.16
N LEU BA 290 9.72 -24.18 29.22
CA LEU BA 290 10.00 -22.77 29.43
C LEU BA 290 8.76 -22.06 29.96
N VAL BA 291 8.95 -21.16 30.91
CA VAL BA 291 7.87 -20.38 31.50
C VAL BA 291 8.22 -18.91 31.37
N PHE BA 292 7.28 -18.12 30.87
CA PHE BA 292 7.41 -16.68 30.72
C PHE BA 292 6.63 -15.95 31.79
N GLU BA 293 7.14 -14.77 32.17
CA GLU BA 293 6.48 -13.93 33.14
C GLU BA 293 6.83 -12.47 32.88
N ILE BA 294 5.81 -11.62 32.85
CA ILE BA 294 6.00 -10.17 32.74
C ILE BA 294 6.09 -9.60 34.14
N VAL BA 295 7.19 -8.91 34.44
CA VAL BA 295 7.51 -8.47 35.79
C VAL BA 295 7.81 -6.98 35.75
N ASP BA 296 7.25 -6.23 36.68
CA ASP BA 296 7.56 -4.82 36.84
C ASP BA 296 8.74 -4.70 37.80
N ASN BA 297 9.94 -4.55 37.24
CA ASN BA 297 11.15 -4.45 38.05
C ASN BA 297 11.55 -3.01 38.33
N SER BA 298 11.21 -2.08 37.43
CA SER BA 298 11.54 -0.68 37.64
C SER BA 298 10.61 -0.01 38.65
N ASN BA 299 9.33 -0.41 38.66
CA ASN BA 299 8.32 0.16 39.56
C ASN BA 299 8.16 1.66 39.35
N ALA BA 300 8.35 2.12 38.11
CA ALA BA 300 8.24 3.55 37.83
C ALA BA 300 6.80 4.03 37.79
N THR BA 301 5.87 3.19 37.34
CA THR BA 301 4.47 3.55 37.22
C THR BA 301 3.67 3.29 38.49
N ALA BA 302 4.32 2.87 39.56
CA ALA BA 302 3.62 2.55 40.79
C ALA BA 302 3.10 3.82 41.48
N LEU BA 303 2.12 3.63 42.37
CA LEU BA 303 1.54 4.76 43.08
C LEU BA 303 2.57 5.42 43.99
N GLU BA 304 3.39 4.62 44.67
CA GLU BA 304 4.41 5.16 45.57
C GLU BA 304 5.65 5.64 44.84
N GLY BA 305 5.76 5.39 43.54
CA GLY BA 305 6.92 5.81 42.80
C GLY BA 305 8.15 4.97 43.12
N THR BA 306 9.29 5.46 42.67
CA THR BA 306 10.57 4.81 42.91
C THR BA 306 11.64 5.87 42.97
N PHE BA 307 12.91 5.46 42.86
CA PHE BA 307 14.04 6.36 42.88
C PHE BA 307 14.46 6.67 41.44
N PHE BA 308 14.48 7.95 41.09
CA PHE BA 308 14.91 8.38 39.77
C PHE BA 308 16.23 9.14 39.78
N SER BA 309 16.71 9.53 40.96
CA SER BA 309 17.95 10.30 41.09
C SER BA 309 18.50 10.07 42.48
N GLY BA 310 19.66 10.65 42.75
CA GLY BA 310 20.23 10.56 44.07
C GLY BA 310 21.59 11.22 44.13
N THR BA 311 22.11 11.31 45.35
CA THR BA 311 23.45 11.84 45.59
C THR BA 311 24.18 10.92 46.55
N ILE BA 312 25.51 10.88 46.41
CA ILE BA 312 26.32 10.00 47.23
C ILE BA 312 26.30 10.42 48.70
N VAL BA 313 25.89 11.65 49.00
CA VAL BA 313 25.86 12.14 50.38
C VAL BA 313 24.45 12.15 50.95
N ASP BA 314 23.44 11.81 50.16
CA ASP BA 314 22.07 11.78 50.65
C ASP BA 314 21.30 10.55 50.19
N GLY BA 315 21.91 9.63 49.44
CA GLY BA 315 21.19 8.48 48.99
C GLY BA 315 20.25 8.81 47.85
N PHE BA 316 19.31 7.90 47.62
CA PHE BA 316 18.36 8.04 46.52
C PHE BA 316 17.27 9.05 46.86
N ALA BA 317 16.60 9.53 45.82
CA ALA BA 317 15.51 10.49 45.94
C ALA BA 317 14.25 9.88 45.32
N ARG BA 318 13.15 9.90 46.08
CA ARG BA 318 11.91 9.27 45.65
C ARG BA 318 11.06 10.25 44.86
N SER BA 319 10.59 9.81 43.70
CA SER BA 319 9.74 10.62 42.83
C SER BA 319 8.56 9.78 42.38
N VAL BA 320 7.48 10.47 42.01
CA VAL BA 320 6.28 9.83 41.50
C VAL BA 320 5.91 10.47 40.17
N LEU BA 321 5.37 9.66 39.26
CA LEU BA 321 4.98 10.13 37.94
C LEU BA 321 3.67 10.91 38.03
N LEU BA 322 3.68 12.11 37.45
CA LEU BA 322 2.50 12.96 37.37
C LEU BA 322 2.19 13.19 35.89
N TYR BA 323 0.94 12.92 35.51
CA TYR BA 323 0.54 12.94 34.11
C TYR BA 323 -0.14 14.27 33.79
N GLY BA 324 0.23 14.87 32.66
CA GLY BA 324 -0.38 16.10 32.21
C GLY BA 324 -1.70 15.86 31.51
N GLY BA 325 -2.16 16.89 30.82
CA GLY BA 325 -3.41 16.81 30.08
C GLY BA 325 -3.35 15.77 28.97
N GLY BA 326 -4.31 14.86 28.96
CA GLY BA 326 -4.35 13.81 27.97
C GLY BA 326 -3.48 12.61 28.27
N PHE BA 327 -2.72 12.64 29.35
CA PHE BA 327 -1.87 11.55 29.81
C PHE BA 327 -0.76 11.21 28.83
N VAL BA 328 -0.55 12.02 27.80
CA VAL BA 328 0.55 11.77 26.87
C VAL BA 328 1.89 12.05 27.54
N GLU BA 329 1.97 13.13 28.32
CA GLU BA 329 3.21 13.54 28.96
C GLU BA 329 3.19 13.18 30.43
N ASP BA 330 4.33 12.70 30.93
CA ASP BA 330 4.51 12.37 32.34
C ASP BA 330 5.79 13.02 32.83
N THR BA 331 5.70 13.67 33.99
CA THR BA 331 6.83 14.31 34.64
C THR BA 331 7.05 13.67 36.01
N LEU BA 332 8.11 14.08 36.70
CA LEU BA 332 8.46 13.54 38.00
C LEU BA 332 8.25 14.60 39.06
N SER BA 333 7.51 14.25 40.11
CA SER BA 333 7.34 15.11 41.27
C SER BA 333 7.96 14.41 42.48
N VAL BA 334 8.86 15.10 43.16
CA VAL BA 334 9.61 14.50 44.25
C VAL BA 334 8.72 14.41 45.49
N VAL BA 335 8.82 13.29 46.20
CA VAL BA 335 8.10 13.10 47.45
C VAL BA 335 8.94 13.74 48.56
N SER BA 336 8.48 14.89 49.03
CA SER BA 336 9.27 15.65 50.02
C SER BA 336 9.40 14.88 51.33
N ASP BA 337 8.29 14.31 51.81
CA ASP BA 337 8.29 13.50 53.02
C ASP BA 337 8.09 12.04 52.61
N ASP BA 338 9.20 11.36 52.33
CA ASP BA 338 9.15 9.97 51.90
C ASP BA 338 8.97 9.08 53.12
N GLN BA 339 7.88 8.30 53.12
CA GLN BA 339 7.55 7.44 54.26
C GLN BA 339 7.21 6.02 53.81
N THR BA 340 7.79 5.58 52.69
CA THR BA 340 7.55 4.23 52.22
C THR BA 340 8.22 3.22 53.14
N LEU BA 341 7.46 2.22 53.57
CA LEU BA 341 8.01 1.19 54.44
C LEU BA 341 8.96 0.29 53.67
N GLN BA 342 9.96 -0.23 54.37
CA GLN BA 342 10.87 -1.18 53.77
C GLN BA 342 10.14 -2.48 53.48
N PRO BA 343 10.53 -3.18 52.41
CA PRO BA 343 9.91 -4.48 52.12
C PRO BA 343 10.20 -5.48 53.22
N ASP BA 344 9.25 -6.40 53.43
CA ASP BA 344 9.43 -7.44 54.43
C ASP BA 344 10.59 -8.36 54.09
N GLU BA 345 10.97 -8.44 52.82
CA GLU BA 345 12.09 -9.30 52.44
C GLU BA 345 13.40 -8.78 52.99
N TYR BA 346 13.50 -7.46 53.24
CA TYR BA 346 14.73 -6.89 53.76
C TYR BA 346 14.98 -7.25 55.22
N TYR BA 347 13.99 -7.85 55.88
CA TYR BA 347 14.14 -8.31 57.26
C TYR BA 347 14.28 -9.82 57.37
N GLN BA 348 14.59 -10.49 56.26
CA GLN BA 348 14.72 -11.93 56.22
C GLN BA 348 16.18 -12.30 55.99
N SER BA 349 16.70 -13.20 56.84
CA SER BA 349 18.08 -13.63 56.71
C SER BA 349 18.32 -14.32 55.39
N GLY BA 350 19.50 -14.08 54.81
CA GLY BA 350 19.87 -14.69 53.56
C GLY BA 350 19.31 -14.02 52.31
N TRP BA 351 18.58 -12.92 52.46
CA TRP BA 351 18.04 -12.21 51.32
C TRP BA 351 19.09 -11.29 50.71
N LEU BA 352 19.13 -11.25 49.37
CA LEU BA 352 20.08 -10.42 48.66
C LEU BA 352 19.45 -9.56 47.57
N ALA BA 353 18.29 -9.95 47.04
CA ALA BA 353 17.75 -9.31 45.85
C ALA BA 353 17.31 -7.88 46.12
N THR BA 354 17.04 -7.16 45.05
CA THR BA 354 16.55 -5.79 45.11
C THR BA 354 15.06 -5.78 44.84
N MET BA 355 14.29 -5.31 45.82
CA MET BA 355 12.87 -5.14 45.61
C MET BA 355 12.61 -3.93 44.73
N ALA BA 356 11.58 -4.04 43.89
CA ALA BA 356 11.29 -2.97 42.94
C ALA BA 356 10.93 -1.67 43.66
N LYS BA 357 10.19 -1.77 44.76
CA LYS BA 357 9.74 -0.57 45.46
C LYS BA 357 10.88 0.17 46.14
N MET BA 358 11.91 -0.55 46.59
CA MET BA 358 13.01 0.03 47.36
C MET BA 358 14.35 -0.36 46.74
N PRO BA 359 14.78 0.32 45.69
CA PRO BA 359 16.14 0.13 45.18
C PRO BA 359 17.15 0.58 46.21
N TRP BA 360 18.30 -0.09 46.24
CA TRP BA 360 19.32 0.14 47.24
C TRP BA 360 20.73 0.23 46.70
N LEU BA 361 21.00 -0.35 45.53
CA LEU BA 361 22.36 -0.58 45.07
C LEU BA 361 22.88 0.64 44.32
N VAL BA 362 23.92 1.26 44.87
CA VAL BA 362 24.62 2.36 44.22
C VAL BA 362 26.08 1.94 44.05
N VAL BA 363 26.58 2.04 42.82
CA VAL BA 363 27.90 1.58 42.46
C VAL BA 363 28.79 2.81 42.35
N ARG BA 364 29.70 2.97 43.29
CA ARG BA 364 30.43 4.21 43.48
C ARG BA 364 31.82 4.12 42.85
N ASP BA 365 32.18 5.13 42.08
CA ASP BA 365 33.47 5.21 41.41
C ASP BA 365 34.28 6.34 42.03
N ASN BA 366 35.48 6.02 42.49
CA ASN BA 366 36.39 7.00 43.05
C ASN BA 366 37.81 6.52 42.78
N GLU BA 367 38.79 7.07 43.51
CA GLU BA 367 40.18 6.65 43.33
C GLU BA 367 40.36 5.19 43.69
N TRP BA 368 39.61 4.68 44.66
CA TRP BA 368 39.69 3.30 45.10
C TRP BA 368 38.45 2.51 44.71
N THR BA 369 37.94 2.74 43.51
CA THR BA 369 36.74 2.04 43.08
C THR BA 369 37.04 0.56 42.87
N PRO BA 370 36.13 -0.33 43.27
CA PRO BA 370 36.32 -1.76 42.99
C PRO BA 370 35.88 -2.17 41.60
N ILE BA 371 35.25 -1.29 40.84
CA ILE BA 371 34.78 -1.59 39.50
C ILE BA 371 35.63 -0.82 38.50
N GLU BA 372 35.37 -1.00 37.21
CA GLU BA 372 35.89 -0.13 36.17
C GLU BA 372 34.73 0.47 35.40
N SER BA 373 34.61 1.79 35.46
CA SER BA 373 33.57 2.49 34.69
C SER BA 373 34.08 2.72 33.28
N SER BA 374 33.48 2.05 32.31
CA SER BA 374 33.94 2.16 30.93
C SER BA 374 33.56 3.51 30.35
N ASP BA 375 32.26 3.80 30.27
CA ASP BA 375 31.83 5.08 29.72
C ASP BA 375 30.41 5.38 30.20
N LEU BA 376 30.18 6.65 30.54
CA LEU BA 376 28.86 7.16 30.88
C LEU BA 376 28.51 8.25 29.89
N SER BA 377 27.41 8.07 29.17
CA SER BA 377 27.03 9.02 28.13
C SER BA 377 25.61 9.50 28.35
N TRP BA 378 25.42 10.81 28.28
CA TRP BA 378 24.12 11.44 28.39
C TRP BA 378 23.84 12.23 27.13
N GLY BA 379 22.58 12.27 26.73
CA GLY BA 379 22.15 13.07 25.62
C GLY BA 379 20.74 13.59 25.83
N PRO BA 380 20.47 14.80 25.36
CA PRO BA 380 19.17 15.42 25.57
C PRO BA 380 18.12 14.87 24.60
N ALA BA 381 16.87 15.21 24.88
CA ALA BA 381 15.78 14.88 23.98
C ALA BA 381 15.90 15.70 22.70
N LYS BA 382 15.27 15.22 21.63
CA LYS BA 382 15.45 15.82 20.32
C LYS BA 382 14.22 16.55 19.82
N ASN BA 383 13.09 15.86 19.65
CA ASN BA 383 11.94 16.41 18.95
C ASN BA 383 10.85 16.76 19.95
N VAL BA 384 10.37 17.99 19.87
CA VAL BA 384 9.33 18.45 20.80
C VAL BA 384 7.99 17.83 20.45
N SER BA 385 7.70 17.63 19.17
CA SER BA 385 6.39 17.17 18.75
C SER BA 385 6.50 15.93 17.87
N VAL BA 386 5.44 15.12 17.90
CA VAL BA 386 5.36 13.90 17.12
C VAL BA 386 4.05 13.92 16.32
N ILE BA 387 4.12 13.43 15.09
CA ILE BA 387 2.96 13.26 14.23
C ILE BA 387 2.85 11.78 13.89
N VAL BA 388 1.67 11.21 14.13
CA VAL BA 388 1.39 9.82 13.80
C VAL BA 388 0.05 9.77 13.07
N GLY BA 389 -0.01 8.98 12.01
CA GLY BA 389 -1.26 8.90 11.29
C GLY BA 389 -1.14 8.26 9.93
N GLY BA 390 -1.70 8.90 8.91
CA GLY BA 390 -1.80 8.26 7.61
C GLY BA 390 -3.22 8.28 7.11
N ASP BA 391 -3.86 7.12 7.08
CA ASP BA 391 -5.26 7.01 6.72
C ASP BA 391 -6.08 6.65 7.96
N ASN BA 392 -7.26 7.25 8.09
CA ASN BA 392 -8.14 7.02 9.23
C ASN BA 392 -9.34 6.20 8.78
N PRO BA 393 -9.36 4.89 9.04
CA PRO BA 393 -10.42 4.04 8.45
C PRO BA 393 -11.83 4.40 8.92
N ALA BA 394 -11.96 5.09 10.05
CA ALA BA 394 -13.29 5.48 10.52
C ALA BA 394 -13.98 6.47 9.61
N ALA BA 395 -13.26 7.09 8.68
CA ALA BA 395 -13.83 8.08 7.77
C ALA BA 395 -13.86 7.61 6.32
N ASP BA 396 -12.85 6.88 5.85
CA ASP BA 396 -12.76 6.51 4.44
C ASP BA 396 -12.35 5.05 4.31
N ALA BA 397 -12.98 4.18 5.08
CA ALA BA 397 -12.81 2.75 4.84
C ALA BA 397 -13.41 2.39 3.49
N ILE BA 398 -12.87 1.34 2.86
CA ILE BA 398 -13.34 0.97 1.53
C ILE BA 398 -14.80 0.53 1.57
N ALA BA 399 -15.23 -0.12 2.66
CA ALA BA 399 -16.64 -0.48 2.79
C ALA BA 399 -17.53 0.74 2.78
N LYS BA 400 -17.14 1.77 3.53
CA LYS BA 400 -17.88 3.03 3.50
C LYS BA 400 -17.87 3.65 2.11
N LEU BA 401 -16.67 3.77 1.53
CA LEU BA 401 -16.50 4.40 0.22
C LEU BA 401 -17.32 3.71 -0.85
N ILE BA 402 -17.60 2.43 -0.69
CA ILE BA 402 -18.43 1.75 -1.68
C ILE BA 402 -19.89 1.93 -1.31
N ILE BA 403 -20.30 1.39 -0.17
CA ILE BA 403 -21.72 1.25 0.14
C ILE BA 403 -22.36 2.61 0.37
N GLU BA 404 -21.78 3.42 1.26
CA GLU BA 404 -22.45 4.67 1.61
C GLU BA 404 -22.42 5.64 0.44
N THR BA 405 -21.31 5.69 -0.30
CA THR BA 405 -21.24 6.57 -1.45
C THR BA 405 -22.22 6.18 -2.53
N THR BA 406 -22.35 4.87 -2.82
CA THR BA 406 -23.29 4.49 -3.86
C THR BA 406 -24.73 4.69 -3.40
N GLY BA 407 -25.01 4.52 -2.11
CA GLY BA 407 -26.35 4.81 -1.61
C GLY BA 407 -26.70 6.28 -1.70
N ASN BA 408 -25.76 7.15 -1.30
CA ASN BA 408 -26.00 8.59 -1.40
C ASN BA 408 -26.14 9.03 -2.85
N LEU BA 409 -25.31 8.47 -3.74
CA LEU BA 409 -25.41 8.80 -5.15
C LEU BA 409 -26.74 8.34 -5.74
N LEU BA 410 -27.20 7.16 -5.36
CA LEU BA 410 -28.50 6.69 -5.84
C LEU BA 410 -29.63 7.56 -5.31
N GLY BA 411 -29.56 7.98 -4.04
CA GLY BA 411 -30.57 8.88 -3.52
C GLY BA 411 -30.60 10.20 -4.24
N TYR BA 412 -29.42 10.78 -4.49
CA TYR BA 412 -29.33 12.04 -5.24
C TYR BA 412 -29.87 11.87 -6.65
N PHE BA 413 -29.52 10.76 -7.30
CA PHE BA 413 -29.99 10.48 -8.65
C PHE BA 413 -31.51 10.34 -8.70
N LEU BA 414 -32.09 9.62 -7.74
CA LEU BA 414 -33.54 9.44 -7.72
C LEU BA 414 -34.25 10.74 -7.43
N LEU BA 415 -33.67 11.59 -6.57
CA LEU BA 415 -34.22 12.92 -6.35
C LEU BA 415 -34.07 13.80 -7.59
N GLY BA 416 -33.10 13.50 -8.46
CA GLY BA 416 -32.92 14.24 -9.68
C GLY BA 416 -31.81 15.25 -9.65
N GLY BA 417 -30.78 15.05 -8.82
CA GLY BA 417 -29.71 16.02 -8.74
C GLY BA 417 -28.90 16.13 -10.03
N PHE BA 418 -28.70 15.00 -10.71
CA PHE BA 418 -27.95 15.04 -11.96
C PHE BA 418 -28.79 15.60 -13.09
N SER BA 419 -30.12 15.46 -13.01
CA SER BA 419 -30.98 16.11 -13.99
C SER BA 419 -30.93 17.63 -13.85
N SER BA 420 -30.93 18.12 -12.62
CA SER BA 420 -30.85 19.55 -12.34
C SER BA 420 -30.14 19.75 -11.03
N ALA BA 421 -29.19 20.69 -10.99
CA ALA BA 421 -28.31 20.90 -9.85
C ALA BA 421 -29.01 21.48 -8.61
N GLY BA 422 -30.34 21.65 -8.61
CA GLY BA 422 -31.00 22.24 -7.48
C GLY BA 422 -30.94 21.40 -6.21
N THR BA 423 -30.94 20.08 -6.35
CA THR BA 423 -30.98 19.20 -5.19
C THR BA 423 -29.71 19.34 -4.35
N ILE BA 424 -29.87 19.22 -3.04
CA ILE BA 424 -28.75 19.29 -2.10
C ILE BA 424 -28.27 17.87 -1.82
N ALA BA 425 -27.00 17.61 -2.07
CA ALA BA 425 -26.45 16.28 -1.91
C ALA BA 425 -26.05 16.01 -0.46
N ALA BA 426 -25.83 14.74 -0.15
CA ALA BA 426 -25.47 14.30 1.20
C ALA BA 426 -24.27 13.37 1.11
N ASP BA 427 -23.06 13.95 1.14
CA ASP BA 427 -21.81 13.20 1.20
C ASP BA 427 -21.67 12.21 0.04
N ILE BA 428 -21.60 12.77 -1.17
CA ILE BA 428 -21.34 11.99 -2.37
C ILE BA 428 -19.92 12.19 -2.88
N ILE BA 429 -19.04 12.76 -2.06
CA ILE BA 429 -17.72 13.19 -2.51
C ILE BA 429 -16.59 12.57 -1.69
N MET BA 430 -16.90 11.81 -0.64
CA MET BA 430 -15.84 11.29 0.22
C MET BA 430 -14.85 10.35 -0.46
N PRO BA 431 -15.18 9.71 -1.60
CA PRO BA 431 -14.10 9.07 -2.36
C PRO BA 431 -13.01 10.04 -2.79
N PHE BA 432 -13.34 11.32 -2.98
CA PHE BA 432 -12.33 12.31 -3.30
C PHE BA 432 -11.51 12.74 -2.10
N LEU BA 433 -11.98 12.46 -0.88
CA LEU BA 433 -11.37 12.95 0.34
C LEU BA 433 -10.73 11.82 1.15
N VAL BA 434 -10.13 10.86 0.45
CA VAL BA 434 -9.54 9.71 1.12
C VAL BA 434 -8.21 10.11 1.74
N GLY BA 435 -8.08 9.90 3.05
CA GLY BA 435 -6.84 10.20 3.75
C GLY BA 435 -6.66 11.64 4.16
N THR BA 436 -7.71 12.47 4.07
CA THR BA 436 -7.58 13.88 4.38
C THR BA 436 -8.33 14.31 5.64
N ILE BA 437 -9.36 13.59 6.05
CA ILE BA 437 -10.22 13.99 7.16
C ILE BA 437 -9.76 13.25 8.41
N ALA BA 438 -9.27 14.00 9.40
CA ALA BA 438 -8.89 13.45 10.71
C ALA BA 438 -7.92 12.28 10.57
N ALA BA 439 -7.00 12.39 9.62
CA ALA BA 439 -6.07 11.33 9.31
C ALA BA 439 -4.75 11.43 10.08
N TRP BA 440 -4.60 12.44 10.93
CA TRP BA 440 -3.34 12.68 11.61
C TRP BA 440 -3.60 12.96 13.09
N LEU BA 441 -2.58 12.70 13.89
CA LEU BA 441 -2.54 13.09 15.29
C LEU BA 441 -1.21 13.76 15.54
N GLN BA 442 -1.25 15.00 16.00
CA GLN BA 442 -0.06 15.77 16.31
C GLN BA 442 -0.07 16.11 17.79
N TRP BA 443 1.04 15.84 18.47
CA TRP BA 443 1.16 16.21 19.87
C TRP BA 443 2.49 16.87 20.11
N LYS BA 444 2.46 18.04 20.73
CA LYS BA 444 3.66 18.76 21.13
C LYS BA 444 3.92 18.51 22.61
N ASN BA 445 5.09 17.96 22.92
CA ASN BA 445 5.46 17.61 24.29
C ASN BA 445 5.89 18.89 25.01
N THR BA 446 4.98 19.45 25.81
CA THR BA 446 5.25 20.72 26.48
C THR BA 446 6.39 20.59 27.49
N GLY BA 447 6.44 19.48 28.23
CA GLY BA 447 7.54 19.28 29.15
C GLY BA 447 8.87 19.18 28.45
N ARG BA 448 8.91 18.47 27.32
CA ARG BA 448 10.14 18.38 26.54
C ARG BA 448 10.56 19.73 25.99
N ALA BA 449 9.59 20.53 25.51
CA ALA BA 449 9.90 21.86 25.03
C ALA BA 449 10.46 22.74 26.14
N THR BA 450 9.87 22.66 27.33
CA THR BA 450 10.38 23.42 28.47
C THR BA 450 11.79 22.99 28.83
N GLU BA 451 12.05 21.68 28.80
CA GLU BA 451 13.39 21.19 29.09
C GLU BA 451 14.41 21.69 28.07
N LEU BA 452 14.05 21.66 26.79
CA LEU BA 452 15.01 21.95 25.73
C LEU BA 452 15.27 23.45 25.60
N GLY BA 453 14.22 24.25 25.45
CA GLY BA 453 14.41 25.68 25.37
C GLY BA 453 14.08 26.30 24.03
N TRP BA 454 14.70 27.44 23.73
CA TRP BA 454 14.38 28.18 22.52
C TRP BA 454 14.85 27.43 21.28
N VAL BA 455 16.09 26.96 21.27
CA VAL BA 455 16.65 26.24 20.13
C VAL BA 455 16.39 24.75 20.34
N HIS BA 456 15.64 24.16 19.42
CA HIS BA 456 15.26 22.75 19.56
C HIS BA 456 14.88 22.21 18.18
N TYR BA 457 14.86 20.89 18.10
CA TYR BA 457 14.30 20.21 16.93
C TYR BA 457 12.79 20.17 17.05
N TRP BA 458 12.10 20.33 15.93
CA TRP BA 458 10.67 20.63 15.99
C TRP BA 458 9.83 19.37 16.16
N GLU BA 459 9.86 18.49 15.16
CA GLU BA 459 8.84 17.45 15.06
C GLU BA 459 9.41 16.22 14.37
N LEU BA 460 8.70 15.12 14.54
CA LEU BA 460 9.09 13.85 13.95
C LEU BA 460 7.84 13.06 13.60
N TYR BA 461 7.84 12.42 12.43
CA TYR BA 461 6.76 11.52 12.07
C TYR BA 461 7.12 10.12 12.52
N GLN BA 462 6.20 9.47 13.22
CA GLN BA 462 6.43 8.14 13.77
C GLN BA 462 5.43 7.16 13.19
N GLN BA 463 5.92 6.03 12.70
CA GLN BA 463 5.10 4.94 12.21
C GLN BA 463 5.09 3.83 13.25
N GLY BA 464 3.89 3.41 13.66
CA GLY BA 464 3.77 2.42 14.70
C GLY BA 464 4.11 1.02 14.22
N ALA BA 465 4.27 0.12 15.18
CA ALA BA 465 4.50 -1.29 14.86
C ALA BA 465 3.32 -1.86 14.08
N GLU BA 466 2.11 -1.50 14.48
CA GLU BA 466 0.91 -1.81 13.71
C GLU BA 466 0.51 -0.53 12.97
N THR BA 467 0.37 -0.63 11.65
CA THR BA 467 0.21 0.56 10.82
C THR BA 467 -1.18 1.18 10.97
N ASN BA 468 -2.20 0.38 11.28
CA ASN BA 468 -3.58 0.84 11.30
C ASN BA 468 -4.20 0.73 12.69
N SER BA 469 -3.47 1.14 13.72
CA SER BA 469 -3.95 1.03 15.09
C SER BA 469 -4.01 2.34 15.85
N TRP BA 470 -3.46 3.44 15.30
CA TRP BA 470 -3.49 4.71 16.00
C TRP BA 470 -4.91 5.20 16.21
N SER BA 471 -5.80 4.94 15.24
CA SER BA 471 -7.19 5.30 15.41
C SER BA 471 -7.84 4.49 16.52
N LEU BA 472 -7.44 3.23 16.67
CA LEU BA 472 -7.96 2.41 17.77
C LEU BA 472 -7.47 2.93 19.12
N ALA BA 473 -6.21 3.32 19.21
CA ALA BA 473 -5.65 3.85 20.47
C ALA BA 473 -4.77 5.06 20.14
N ALA BA 474 -5.40 6.24 20.11
CA ALA BA 474 -4.66 7.48 19.88
C ALA BA 474 -3.59 7.71 20.95
N LEU BA 475 -3.96 7.58 22.22
CA LEU BA 475 -3.02 7.87 23.30
C LEU BA 475 -1.83 6.90 23.28
N ALA BA 476 -2.11 5.61 23.07
CA ALA BA 476 -1.04 4.62 23.00
C ALA BA 476 -0.12 4.91 21.82
N ALA BA 477 -0.68 5.29 20.67
CA ALA BA 477 0.13 5.62 19.51
C ALA BA 477 1.01 6.83 19.78
N LEU BA 478 0.46 7.86 20.42
CA LEU BA 478 1.25 9.05 20.73
C LEU BA 478 2.38 8.74 21.70
N ARG BA 479 2.11 7.92 22.71
CA ARG BA 479 3.17 7.58 23.67
C ARG BA 479 4.23 6.70 23.01
N GLY BA 480 3.83 5.77 22.16
CA GLY BA 480 4.81 4.99 21.42
C GLY BA 480 5.65 5.84 20.49
N GLY BA 481 5.04 6.87 19.91
CA GLY BA 481 5.80 7.80 19.10
C GLY BA 481 6.78 8.62 19.90
N PHE BA 482 6.37 9.08 21.09
CA PHE BA 482 7.26 9.83 21.96
C PHE BA 482 8.31 8.95 22.62
N LEU BA 483 8.20 7.63 22.51
CA LEU BA 483 9.25 6.76 23.01
C LEU BA 483 10.56 6.89 22.25
N VAL BA 484 10.67 7.74 21.23
CA VAL BA 484 11.83 7.69 20.34
C VAL BA 484 12.88 8.73 20.74
N GLY BA 485 12.56 10.00 20.59
CA GLY BA 485 13.55 11.04 20.79
C GLY BA 485 13.61 11.62 22.18
N ARG BA 486 13.93 10.80 23.17
CA ARG BA 486 13.90 11.21 24.56
C ARG BA 486 15.31 11.29 25.12
N SER BA 487 15.43 12.00 26.25
CA SER BA 487 16.71 12.10 26.94
C SER BA 487 17.19 10.72 27.35
N GLU BA 488 18.46 10.43 27.08
CA GLU BA 488 18.97 9.08 27.27
C GLU BA 488 20.34 9.12 27.92
N THR BA 489 20.49 8.35 29.00
CA THR BA 489 21.78 8.17 29.65
C THR BA 489 22.06 6.68 29.79
N VAL BA 490 23.30 6.28 29.48
CA VAL BA 490 23.71 4.90 29.57
C VAL BA 490 25.09 4.82 30.20
N HIS BA 491 25.27 3.87 31.11
CA HIS BA 491 26.52 3.69 31.83
C HIS BA 491 27.01 2.26 31.68
N LEU BA 492 28.28 2.10 31.33
CA LEU BA 492 28.91 0.80 31.23
C LEU BA 492 29.82 0.59 32.44
N MET BA 493 29.63 -0.52 33.13
CA MET BA 493 30.44 -0.87 34.29
C MET BA 493 31.00 -2.27 34.10
N ALA BA 494 32.16 -2.51 34.69
CA ALA BA 494 32.79 -3.83 34.69
C ALA BA 494 33.09 -4.18 36.13
N LEU BA 495 32.40 -5.19 36.65
CA LEU BA 495 32.61 -5.64 38.03
C LEU BA 495 33.71 -6.69 38.01
N HIS BA 496 34.86 -6.34 38.59
CA HIS BA 496 36.02 -7.21 38.52
C HIS BA 496 36.10 -8.13 39.74
N ASP BA 497 36.24 -7.54 40.93
CA ASP BA 497 36.16 -8.30 42.18
C ASP BA 497 35.27 -7.57 43.19
N SER BA 498 34.39 -6.70 42.70
CA SER BA 498 33.48 -5.99 43.58
C SER BA 498 32.54 -6.96 44.26
N TRP BA 499 32.05 -6.57 45.43
CA TRP BA 499 31.14 -7.39 46.20
C TRP BA 499 29.79 -7.56 45.53
N ILE BA 500 29.50 -6.80 44.48
CA ILE BA 500 28.23 -6.92 43.77
C ILE BA 500 28.15 -8.27 43.10
N ILE BA 501 27.01 -8.93 43.25
CA ILE BA 501 26.76 -10.24 42.66
C ILE BA 501 25.61 -10.11 41.68
N PRO BA 502 25.91 -9.98 40.38
CA PRO BA 502 24.83 -9.81 39.39
C PRO BA 502 23.89 -11.00 39.38
N GLY BA 503 22.61 -10.71 39.21
CA GLY BA 503 21.57 -11.73 39.28
C GLY BA 503 21.04 -11.92 40.69
N LEU BA 504 21.93 -11.84 41.68
CA LEU BA 504 21.51 -11.96 43.07
C LEU BA 504 21.25 -10.59 43.69
N HIS BA 505 22.26 -9.72 43.74
CA HIS BA 505 22.08 -8.40 44.29
C HIS BA 505 21.18 -7.54 43.39
N ILE BA 506 21.39 -7.62 42.07
CA ILE BA 506 20.65 -6.82 41.12
C ILE BA 506 20.30 -7.71 39.94
N ASP BA 507 19.12 -7.50 39.36
CA ASP BA 507 18.65 -8.28 38.24
C ASP BA 507 18.33 -7.36 37.06
N ILE BA 508 18.10 -7.98 35.90
CA ILE BA 508 17.80 -7.23 34.70
C ILE BA 508 16.47 -6.50 34.86
N GLY BA 509 16.45 -5.22 34.49
CA GLY BA 509 15.26 -4.41 34.60
C GLY BA 509 15.10 -3.70 35.93
N GLN BA 510 15.96 -3.97 36.90
CA GLN BA 510 15.85 -3.37 38.22
C GLN BA 510 16.72 -2.12 38.31
N ARG BA 511 16.20 -1.10 38.98
CA ARG BA 511 16.89 0.18 39.04
C ARG BA 511 18.08 0.11 39.98
N MET BA 512 19.14 0.82 39.61
CA MET BA 512 20.34 0.94 40.42
C MET BA 512 21.01 2.26 40.08
N GLY BA 513 21.75 2.79 41.05
CA GLY BA 513 22.48 4.03 40.86
C GLY BA 513 23.95 3.75 40.60
N SER BA 514 24.59 4.68 39.91
CA SER BA 514 26.02 4.56 39.64
C SER BA 514 26.63 5.94 39.61
N THR BA 515 27.92 6.02 39.94
CA THR BA 515 28.63 7.28 39.92
C THR BA 515 29.85 7.18 39.02
N VAL BA 516 30.29 8.35 38.56
CA VAL BA 516 31.52 8.48 37.77
C VAL BA 516 32.40 9.51 38.45
N ASN BA 517 33.69 9.18 38.61
CA ASN BA 517 34.62 10.04 39.32
C ASN BA 517 35.16 11.11 38.36
N SER BA 518 34.27 12.02 37.99
CA SER BA 518 34.61 13.15 37.14
C SER BA 518 34.18 14.43 37.83
N LYS BA 519 34.97 15.48 37.62
CA LYS BA 519 34.72 16.74 38.30
C LYS BA 519 33.37 17.32 37.92
N GLY BA 520 32.62 17.76 38.93
CA GLY BA 520 31.30 18.29 38.73
C GLY BA 520 30.17 17.27 38.81
N VAL BA 521 30.48 15.98 38.80
CA VAL BA 521 29.44 14.96 38.85
C VAL BA 521 29.78 13.88 39.87
N GLU BA 522 30.73 14.15 40.78
CA GLU BA 522 31.04 13.16 41.80
C GLU BA 522 29.83 12.87 42.67
N ASN BA 523 29.13 13.91 43.13
CA ASN BA 523 28.01 13.71 44.03
C ASN BA 523 26.81 13.08 43.34
N ILE BA 524 26.62 13.39 42.05
CA ILE BA 524 25.45 12.93 41.32
C ILE BA 524 25.47 11.42 41.20
N VAL BA 525 24.29 10.80 41.34
CA VAL BA 525 24.12 9.36 41.19
C VAL BA 525 23.15 9.15 40.04
N TRP BA 526 23.64 8.58 38.94
CA TRP BA 526 22.81 8.31 37.78
C TRP BA 526 22.04 7.02 38.02
N VAL BA 527 20.72 7.12 38.07
CA VAL BA 527 19.86 5.98 38.40
C VAL BA 527 19.23 5.47 37.11
N ASN BA 528 19.55 4.22 36.76
CA ASN BA 528 18.98 3.59 35.58
C ASN BA 528 18.60 2.16 35.94
N GLN BA 529 17.61 1.63 35.25
CA GLN BA 529 17.27 0.22 35.42
C GLN BA 529 18.24 -0.62 34.61
N LEU BA 530 18.81 -1.64 35.25
CA LEU BA 530 19.83 -2.45 34.61
C LEU BA 530 19.29 -3.08 33.34
N GLU BA 531 20.03 -2.94 32.25
CA GLU BA 531 19.59 -3.39 30.94
C GLU BA 531 20.32 -4.64 30.48
N GLU BA 532 21.65 -4.68 30.57
CA GLU BA 532 22.40 -5.85 30.14
C GLU BA 532 23.40 -6.24 31.22
N MET BA 533 23.62 -7.55 31.37
CA MET BA 533 24.74 -8.05 32.15
C MET BA 533 25.30 -9.29 31.47
N THR BA 534 26.59 -9.24 31.13
CA THR BA 534 27.24 -10.32 30.42
C THR BA 534 28.26 -10.98 31.33
N ALA BA 535 28.24 -12.31 31.38
CA ALA BA 535 29.25 -13.10 32.07
C ALA BA 535 30.16 -13.71 31.01
N ALA BA 536 31.45 -13.42 31.11
CA ALA BA 536 32.40 -13.90 30.11
C ALA BA 536 33.65 -14.45 30.78
N TRP BA 537 34.26 -15.43 30.13
CA TRP BA 537 35.50 -16.00 30.62
C TRP BA 537 36.32 -16.51 29.44
N ASP BA 538 37.62 -16.63 29.66
CA ASP BA 538 38.55 -17.14 28.67
C ASP BA 538 39.60 -17.97 29.37
N ASN BA 539 39.67 -19.26 29.04
CA ASN BA 539 40.61 -20.17 29.67
C ASN BA 539 41.88 -20.37 28.84
N SER BA 540 42.04 -19.61 27.76
CA SER BA 540 43.21 -19.75 26.90
C SER BA 540 44.47 -19.36 27.65
N ALA BA 541 45.56 -20.06 27.35
CA ALA BA 541 46.83 -19.79 28.01
C ALA BA 541 47.37 -18.41 27.67
N GLY BA 542 47.23 -17.99 26.40
CA GLY BA 542 47.74 -16.69 26.02
C GLY BA 542 47.04 -15.55 26.72
N GLN BA 543 45.71 -15.59 26.76
CA GLN BA 543 44.92 -14.59 27.46
C GLN BA 543 43.91 -15.30 28.35
N THR BA 544 44.17 -15.33 29.65
CA THR BA 544 43.30 -15.97 30.63
C THR BA 544 42.54 -14.88 31.38
N MET BA 545 41.22 -14.94 31.33
CA MET BA 545 40.36 -13.94 31.94
C MET BA 545 39.28 -14.66 32.72
N PRO BA 546 39.31 -14.62 34.06
CA PRO BA 546 38.34 -15.37 34.85
C PRO BA 546 36.93 -14.85 34.63
N LEU BA 547 35.95 -15.63 35.10
CA LEU BA 547 34.56 -15.28 34.88
C LEU BA 547 34.28 -13.89 35.44
N SER BA 548 33.97 -12.95 34.55
CA SER BA 548 33.77 -11.56 34.89
C SER BA 548 32.42 -11.09 34.37
N TRP BA 549 31.84 -10.14 35.07
CA TRP BA 549 30.54 -9.59 34.74
C TRP BA 549 30.67 -8.15 34.28
N VAL BA 550 29.96 -7.81 33.21
CA VAL BA 550 29.92 -6.46 32.67
C VAL BA 550 28.47 -6.02 32.63
N LEU BA 551 28.17 -4.91 33.28
CA LEU BA 551 26.84 -4.35 33.34
C LEU BA 551 26.70 -3.16 32.40
N LYS BA 552 25.52 -3.01 31.83
CA LYS BA 552 25.13 -1.80 31.09
C LYS BA 552 23.79 -1.36 31.64
N ALA BA 553 23.78 -0.20 32.27
CA ALA BA 553 22.59 0.37 32.89
C ALA BA 553 22.06 1.50 32.02
N GLY BA 554 20.77 1.47 31.76
CA GLY BA 554 20.16 2.43 30.87
C GLY BA 554 20.42 2.08 29.41
N LYS BA 555 19.69 2.77 28.53
CA LYS BA 555 19.82 2.55 27.10
C LYS BA 555 19.79 3.89 26.39
N SER BA 556 20.44 3.93 25.23
CA SER BA 556 20.49 5.14 24.43
C SER BA 556 20.78 4.77 22.99
N ASP BA 557 19.96 5.27 22.07
CA ASP BA 557 20.25 5.06 20.65
C ASP BA 557 21.41 5.91 20.19
N ARG BA 558 21.66 7.05 20.85
CA ARG BA 558 22.77 7.91 20.48
C ARG BA 558 24.12 7.22 20.70
N ALA BA 559 24.28 6.54 21.83
CA ALA BA 559 25.55 5.90 22.15
C ALA BA 559 25.62 4.45 21.69
N MET BA 560 24.57 3.95 21.04
CA MET BA 560 24.62 2.61 20.47
C MET BA 560 25.65 2.56 19.34
N SER BA 561 26.28 1.41 19.19
CA SER BA 561 27.22 1.23 18.09
C SER BA 561 26.48 1.29 16.76
N ILE BA 562 27.22 1.66 15.71
CA ILE BA 562 26.60 1.83 14.40
C ILE BA 562 26.08 0.49 13.89
N GLY BA 563 26.82 -0.59 14.14
CA GLY BA 563 26.35 -1.89 13.72
C GLY BA 563 25.04 -2.28 14.39
N GLU BA 564 24.96 -2.08 15.70
CA GLU BA 564 23.73 -2.39 16.42
C GLU BA 564 22.58 -1.49 15.97
N ARG BA 565 22.87 -0.21 15.72
CA ARG BA 565 21.84 0.69 15.23
C ARG BA 565 21.31 0.24 13.88
N VAL BA 566 22.21 -0.15 12.97
CA VAL BA 566 21.79 -0.60 11.65
C VAL BA 566 20.99 -1.88 11.75
N ALA BA 567 21.42 -2.81 12.62
CA ALA BA 567 20.69 -4.06 12.78
C ALA BA 567 19.29 -3.83 13.35
N ARG BA 568 19.17 -2.99 14.37
CA ARG BA 568 17.86 -2.70 14.94
C ARG BA 568 16.96 -2.00 13.93
N LEU BA 569 17.53 -1.07 13.16
CA LEU BA 569 16.78 -0.39 12.12
C LEU BA 569 16.30 -1.36 11.06
N ALA BA 570 17.16 -2.30 10.67
CA ALA BA 570 16.78 -3.31 9.68
C ALA BA 570 15.66 -4.18 10.20
N LYS BA 571 15.73 -4.54 11.49
CA LYS BA 571 14.65 -5.33 12.10
C LYS BA 571 13.33 -4.58 12.03
N LYS BA 572 13.33 -3.31 12.45
CA LYS BA 572 12.10 -2.54 12.45
C LYS BA 572 11.57 -2.33 11.04
N MET BA 573 12.47 -2.06 10.09
CA MET BA 573 12.06 -1.84 8.71
C MET BA 573 11.49 -3.11 8.09
N SER BA 574 12.08 -4.27 8.38
CA SER BA 574 11.54 -5.53 7.87
C SER BA 574 10.15 -5.81 8.44
N GLU BA 575 9.98 -5.58 9.75
CA GLU BA 575 8.66 -5.79 10.35
C GLU BA 575 7.62 -4.83 9.74
N ALA BA 576 8.00 -3.57 9.55
CA ALA BA 576 7.07 -2.59 8.99
C ALA BA 576 6.75 -2.92 7.54
N LEU BA 577 7.74 -3.41 6.78
CA LEU BA 577 7.50 -3.82 5.41
C LEU BA 577 6.53 -4.98 5.34
N ASN BA 578 6.69 -5.96 6.23
CA ASN BA 578 5.73 -7.06 6.29
C ASN BA 578 4.33 -6.56 6.62
N ASN BA 579 4.23 -5.64 7.58
CA ASN BA 579 2.92 -5.12 7.97
C ASN BA 579 2.26 -4.35 6.82
N VAL BA 580 3.03 -3.51 6.13
CA VAL BA 580 2.47 -2.76 5.01
C VAL BA 580 2.04 -3.71 3.91
N GLY BA 581 2.89 -4.69 3.58
CA GLY BA 581 2.54 -5.63 2.53
C GLY BA 581 1.29 -6.44 2.86
N VAL BA 582 1.09 -6.77 4.13
CA VAL BA 582 -0.12 -7.50 4.48
C VAL BA 582 -1.33 -6.56 4.57
N HIS BA 583 -1.13 -5.26 4.76
CA HIS BA 583 -2.22 -4.31 4.72
C HIS BA 583 -2.53 -3.80 3.32
N ILE BA 584 -1.75 -4.23 2.31
CA ILE BA 584 -2.05 -3.85 0.92
C ILE BA 584 -3.44 -4.30 0.53
N VAL BA 585 -4.15 -3.44 -0.20
CA VAL BA 585 -5.47 -3.77 -0.75
C VAL BA 585 -5.30 -4.22 -2.20
N GLN BA 586 -5.89 -5.35 -2.54
CA GLN BA 586 -5.74 -5.92 -3.87
C GLN BA 586 -6.50 -5.11 -4.91
N SER BA 587 -6.06 -5.23 -6.16
CA SER BA 587 -6.68 -4.53 -7.27
C SER BA 587 -7.63 -5.46 -8.03
N ALA CA 2 45.08 -48.84 -26.59
CA ALA CA 2 44.87 -49.99 -25.71
C ALA CA 2 46.07 -50.92 -25.73
N ASN CA 3 47.13 -50.52 -25.04
CA ASN CA 3 48.34 -51.34 -24.95
C ASN CA 3 48.14 -52.37 -23.84
N ASN CA 4 47.97 -53.63 -24.21
CA ASN CA 4 47.75 -54.68 -23.24
C ASN CA 4 49.04 -54.96 -22.47
N TRP CA 5 48.90 -55.66 -21.34
CA TRP CA 5 50.06 -56.02 -20.55
C TRP CA 5 51.00 -56.93 -21.35
N THR CA 6 50.44 -57.88 -22.09
CA THR CA 6 51.28 -58.76 -22.91
C THR CA 6 52.02 -57.97 -23.98
N ASP CA 7 51.34 -57.00 -24.60
CA ASP CA 7 51.97 -56.17 -25.62
C ASP CA 7 53.10 -55.33 -25.01
N ILE CA 8 52.86 -54.75 -23.84
CA ILE CA 8 53.90 -53.94 -23.19
C ILE CA 8 55.09 -54.82 -22.80
N LEU CA 9 54.81 -56.01 -22.28
CA LEU CA 9 55.90 -56.93 -21.93
C LEU CA 9 56.70 -57.34 -23.15
N ALA CA 10 56.02 -57.60 -24.27
CA ALA CA 10 56.73 -57.94 -25.50
C ALA CA 10 57.58 -56.78 -25.99
N ALA CA 11 57.05 -55.56 -25.90
CA ALA CA 11 57.85 -54.39 -26.27
C ALA CA 11 59.06 -54.24 -25.37
N SER CA 12 58.92 -54.57 -24.09
CA SER CA 12 60.03 -54.51 -23.15
C SER CA 12 60.88 -55.78 -23.17
N ASP CA 13 60.57 -56.73 -24.05
CA ASP CA 13 61.36 -57.95 -24.24
C ASP CA 13 61.28 -58.87 -23.02
N GLY CA 14 60.08 -59.00 -22.46
CA GLY CA 14 59.85 -59.93 -21.37
C GLY CA 14 60.35 -59.49 -20.01
N ASP CA 15 60.75 -58.22 -19.86
CA ASP CA 15 61.23 -57.72 -18.59
C ASP CA 15 60.08 -57.01 -17.88
N GLU CA 16 59.58 -57.64 -16.81
CA GLU CA 16 58.46 -57.06 -16.07
C GLU CA 16 58.82 -55.72 -15.46
N TRP CA 17 60.06 -55.59 -14.97
CA TRP CA 17 60.48 -54.33 -14.37
C TRP CA 17 60.53 -53.22 -15.41
N ALA CA 18 61.04 -53.53 -16.61
CA ALA CA 18 61.05 -52.54 -17.68
C ALA CA 18 59.63 -52.15 -18.08
N ALA CA 19 58.73 -53.13 -18.18
CA ALA CA 19 57.34 -52.83 -18.55
C ALA CA 19 56.67 -51.95 -17.51
N PHE CA 20 56.89 -52.26 -16.23
CA PHE CA 20 56.27 -51.46 -15.18
C PHE CA 20 56.90 -50.07 -15.11
N LYS CA 21 58.18 -49.94 -15.44
CA LYS CA 21 58.78 -48.60 -15.52
C LYS CA 21 58.18 -47.81 -16.68
N THR CA 22 57.88 -48.48 -17.79
CA THR CA 22 57.18 -47.82 -18.89
C THR CA 22 55.83 -47.29 -18.42
N ILE CA 23 55.05 -48.14 -17.73
CA ILE CA 23 53.74 -47.72 -17.25
C ILE CA 23 53.87 -46.57 -16.25
N GLU CA 24 54.87 -46.65 -15.37
CA GLU CA 24 55.09 -45.59 -14.39
C GLU CA 24 55.47 -44.27 -15.07
N ALA CA 25 56.26 -44.34 -16.14
CA ALA CA 25 56.60 -43.13 -16.89
C ALA CA 25 55.37 -42.52 -17.52
N GLN CA 26 54.48 -43.36 -18.08
CA GLN CA 26 53.23 -42.83 -18.63
C GLN CA 26 52.39 -42.15 -17.56
N ALA CA 27 52.26 -42.79 -16.40
CA ALA CA 27 51.50 -42.19 -15.30
C ALA CA 27 52.14 -40.88 -14.84
N ASP CA 28 53.47 -40.85 -14.79
CA ASP CA 28 54.17 -39.63 -14.39
C ASP CA 28 53.94 -38.50 -15.37
N GLU CA 29 53.93 -38.81 -16.68
CA GLU CA 29 53.69 -37.76 -17.65
C GLU CA 29 52.26 -37.25 -17.57
N VAL CA 30 51.29 -38.13 -17.28
CA VAL CA 30 49.92 -37.66 -17.07
C VAL CA 30 49.84 -36.75 -15.85
N ARG CA 31 50.48 -37.15 -14.76
CA ARG CA 31 50.47 -36.33 -13.55
C ARG CA 31 51.14 -34.97 -13.80
N ALA CA 32 52.24 -34.97 -14.56
CA ALA CA 32 52.93 -33.74 -14.89
C ALA CA 32 52.07 -32.83 -15.74
N GLY CA 33 51.33 -33.39 -16.70
CA GLY CA 33 50.39 -32.60 -17.46
C GLY CA 33 49.33 -31.96 -16.58
N HIS CA 34 48.80 -32.74 -15.62
CA HIS CA 34 47.83 -32.19 -14.68
C HIS CA 34 48.43 -31.05 -13.87
N GLN CA 35 49.66 -31.23 -13.38
CA GLN CA 35 50.28 -30.19 -12.57
C GLN CA 35 50.54 -28.93 -13.38
N ALA CA 36 50.98 -29.08 -14.63
CA ALA CA 36 51.18 -27.92 -15.49
C ALA CA 36 49.86 -27.20 -15.75
N LEU CA 37 48.79 -27.96 -15.99
CA LEU CA 37 47.49 -27.35 -16.19
C LEU CA 37 47.04 -26.60 -14.93
N ARG CA 38 47.32 -27.16 -13.76
CA ARG CA 38 46.95 -26.50 -12.51
C ARG CA 38 47.74 -25.22 -12.29
N ARG CA 39 49.04 -25.24 -12.58
CA ARG CA 39 49.91 -24.12 -12.29
C ARG CA 39 50.07 -23.15 -13.46
N ALA CA 40 49.33 -23.34 -14.54
CA ALA CA 40 49.40 -22.43 -15.68
C ALA CA 40 48.97 -21.03 -15.27
N LYS CA 41 49.66 -20.03 -15.82
CA LYS CA 41 49.33 -18.65 -15.54
C LYS CA 41 48.01 -18.26 -16.20
N PRO CA 42 47.25 -17.35 -15.60
CA PRO CA 42 46.03 -16.87 -16.24
C PRO CA 42 46.34 -15.89 -17.37
N LEU CA 43 45.33 -15.68 -18.21
CA LEU CA 43 45.41 -14.77 -19.34
C LEU CA 43 44.40 -13.66 -19.12
N ILE CA 44 44.88 -12.47 -18.78
CA ILE CA 44 44.04 -11.33 -18.49
C ILE CA 44 44.03 -10.41 -19.71
N ARG CA 45 42.86 -10.18 -20.28
CA ARG CA 45 42.75 -9.37 -21.49
C ARG CA 45 41.64 -8.34 -21.33
N LEU CA 46 41.92 -7.12 -21.75
CA LEU CA 46 40.97 -6.02 -21.74
C LEU CA 46 40.47 -5.78 -23.16
N TRP CA 47 39.14 -5.64 -23.29
CA TRP CA 47 38.46 -5.37 -24.54
C TRP CA 47 37.57 -4.15 -24.34
N MET CA 48 37.26 -3.48 -25.45
CA MET CA 48 36.43 -2.28 -25.42
C MET CA 48 35.35 -2.36 -26.47
N ASN CA 49 34.35 -1.50 -26.33
CA ASN CA 49 33.32 -1.36 -27.35
C ASN CA 49 33.91 -0.68 -28.59
N ASN CA 50 33.29 -0.94 -29.73
CA ASN CA 50 33.76 -0.35 -30.97
C ASN CA 50 33.53 1.16 -30.94
N PRO CA 51 34.56 1.97 -31.17
CA PRO CA 51 34.37 3.42 -31.11
C PRO CA 51 33.33 3.96 -32.08
N ASP CA 52 33.16 3.33 -33.24
CA ASP CA 52 32.16 3.79 -34.19
C ASP CA 52 30.74 3.44 -33.77
N GLY CA 53 30.57 2.62 -32.73
CA GLY CA 53 29.24 2.28 -32.26
C GLY CA 53 28.67 1.00 -32.80
N SER CA 54 29.47 0.18 -33.50
CA SER CA 54 29.00 -1.08 -34.03
C SER CA 54 29.10 -2.17 -32.96
N GLU CA 55 28.75 -3.39 -33.35
CA GLU CA 55 28.79 -4.53 -32.45
C GLU CA 55 30.17 -5.18 -32.45
N GLY CA 56 30.39 -6.06 -31.47
CA GLY CA 56 31.66 -6.75 -31.35
C GLY CA 56 32.64 -6.01 -30.48
N LEU CA 57 33.10 -6.65 -29.41
CA LEU CA 57 34.13 -6.07 -28.56
C LEU CA 57 35.45 -6.04 -29.32
N VAL CA 58 36.24 -5.00 -29.06
CA VAL CA 58 37.48 -4.76 -29.77
C VAL CA 58 38.63 -4.89 -28.79
N TYR CA 59 39.65 -5.65 -29.18
CA TYR CA 59 40.75 -6.00 -28.28
C TYR CA 59 41.55 -4.77 -27.91
N VAL CA 60 41.61 -4.46 -26.61
CA VAL CA 60 42.44 -3.37 -26.12
C VAL CA 60 43.84 -3.88 -25.89
N GLY CA 61 43.99 -4.87 -25.02
CA GLY CA 61 45.33 -5.34 -24.70
C GLY CA 61 45.31 -6.47 -23.71
N ARG CA 62 46.50 -6.81 -23.24
CA ARG CA 62 46.70 -7.92 -22.31
C ARG CA 62 47.53 -7.46 -21.14
N VAL CA 63 47.13 -7.85 -19.93
CA VAL CA 63 47.90 -7.62 -18.72
C VAL CA 63 48.63 -8.90 -18.38
N ASP CA 64 49.94 -8.80 -18.16
CA ASP CA 64 50.71 -9.95 -17.76
C ASP CA 64 50.48 -10.26 -16.28
N TYR CA 65 50.42 -11.55 -15.96
CA TYR CA 65 50.26 -11.97 -14.58
C TYR CA 65 51.42 -11.48 -13.72
N ASP CA 66 52.64 -11.57 -14.25
CA ASP CA 66 53.80 -11.04 -13.55
C ASP CA 66 53.75 -9.52 -13.45
N ASP CA 67 53.09 -8.86 -14.40
CA ASP CA 67 52.99 -7.41 -14.37
C ASP CA 67 51.84 -6.91 -13.50
N THR CA 68 50.96 -7.78 -13.04
CA THR CA 68 49.98 -7.39 -12.05
C THR CA 68 50.66 -7.10 -10.72
N ILE CA 69 49.96 -6.36 -9.86
CA ILE CA 69 50.33 -6.22 -8.46
C ILE CA 69 49.59 -7.22 -7.59
N ARG CA 70 48.27 -7.28 -7.73
CA ARG CA 70 47.47 -8.29 -7.08
C ARG CA 70 46.16 -8.45 -7.85
N GLY CA 71 45.49 -9.55 -7.60
CA GLY CA 71 44.23 -9.83 -8.29
C GLY CA 71 43.37 -10.74 -7.46
N SER CA 72 42.06 -10.65 -7.68
CA SER CA 72 41.09 -11.46 -6.94
C SER CA 72 39.84 -11.57 -7.78
N PHE CA 73 39.47 -12.80 -8.14
CA PHE CA 73 38.33 -13.05 -9.01
C PHE CA 73 37.49 -14.16 -8.44
N PRO CA 74 36.32 -13.87 -7.88
CA PRO CA 74 35.46 -14.93 -7.36
C PRO CA 74 34.39 -15.39 -8.34
N PHE CA 75 34.11 -16.68 -8.36
CA PHE CA 75 32.98 -17.26 -9.07
C PHE CA 75 31.97 -17.71 -8.03
N LYS CA 76 30.76 -17.18 -8.10
CA LYS CA 76 29.72 -17.47 -7.11
C LYS CA 76 28.51 -18.09 -7.79
N ASN CA 77 27.75 -18.84 -7.01
CA ASN CA 77 26.57 -19.52 -7.53
C ASN CA 77 25.38 -18.57 -7.49
N ASN CA 78 24.98 -18.08 -8.70
CA ASN CA 78 23.79 -17.25 -8.87
C ASN CA 78 23.92 -15.91 -8.18
N THR CA 79 25.14 -15.48 -7.87
CA THR CA 79 25.36 -14.23 -7.15
C THR CA 79 26.39 -13.41 -7.90
N PRO CA 80 26.14 -12.12 -8.12
CA PRO CA 80 27.16 -11.24 -8.70
C PRO CA 80 28.36 -11.12 -7.78
N SER CA 81 29.54 -11.02 -8.39
CA SER CA 81 30.79 -10.89 -7.64
C SER CA 81 31.64 -9.80 -8.28
N GLN CA 82 32.54 -9.24 -7.48
CA GLN CA 82 33.42 -8.17 -7.91
C GLN CA 82 34.83 -8.71 -8.09
N GLY CA 83 35.42 -8.44 -9.24
CA GLY CA 83 36.81 -8.78 -9.50
C GLY CA 83 37.69 -7.55 -9.32
N VAL CA 84 38.84 -7.74 -8.70
CA VAL CA 84 39.74 -6.64 -8.36
C VAL CA 84 41.10 -6.93 -8.98
N LEU CA 85 41.64 -5.94 -9.67
CA LEU CA 85 42.95 -6.06 -10.32
C LEU CA 85 43.75 -4.80 -10.02
N GLU CA 86 44.92 -4.95 -9.41
CA GLU CA 86 45.77 -3.82 -9.10
C GLU CA 86 46.97 -3.82 -10.03
N LEU CA 87 47.23 -2.65 -10.63
CA LEU CA 87 48.30 -2.47 -11.60
C LEU CA 87 49.16 -1.29 -11.18
N ARG CA 88 50.41 -1.29 -11.64
CA ARG CA 88 51.22 -0.10 -11.53
C ARG CA 88 50.76 0.93 -12.55
N ASP CA 89 50.84 2.21 -12.17
CA ASP CA 89 50.34 3.25 -13.07
C ASP CA 89 51.23 3.47 -14.29
N ASP CA 90 52.43 2.91 -14.31
CA ASP CA 90 53.24 2.93 -15.52
C ASP CA 90 52.85 1.83 -16.49
N ASN CA 91 52.02 0.88 -16.07
CA ASN CA 91 51.53 -0.15 -16.97
C ASN CA 91 50.71 0.46 -18.10
N TYR CA 92 50.85 -0.09 -19.30
CA TYR CA 92 50.23 0.53 -20.46
C TYR CA 92 48.71 0.41 -20.43
N LEU CA 93 48.19 -0.71 -19.92
CA LEU CA 93 46.75 -0.83 -19.78
C LEU CA 93 46.22 0.07 -18.66
N ALA CA 94 47.00 0.26 -17.59
CA ALA CA 94 46.61 1.22 -16.57
C ALA CA 94 46.55 2.64 -17.14
N VAL CA 95 47.53 3.00 -17.96
CA VAL CA 95 47.52 4.32 -18.59
C VAL CA 95 46.32 4.45 -19.51
N TRP CA 96 46.02 3.41 -20.28
CA TRP CA 96 44.86 3.44 -21.16
C TRP CA 96 43.57 3.64 -20.38
N LEU CA 97 43.42 2.91 -19.26
CA LEU CA 97 42.21 3.03 -18.45
C LEU CA 97 42.11 4.42 -17.84
N LYS CA 98 43.23 4.99 -17.41
CA LYS CA 98 43.20 6.32 -16.83
C LYS CA 98 42.85 7.38 -17.88
N GLN CA 99 43.35 7.23 -19.10
CA GLN CA 99 43.00 8.17 -20.16
C GLN CA 99 41.60 7.95 -20.71
N LEU CA 100 40.99 6.80 -20.43
CA LEU CA 100 39.68 6.50 -20.98
C LEU CA 100 38.60 7.51 -20.61
N PRO CA 101 38.44 7.95 -19.36
CA PRO CA 101 37.36 8.90 -19.06
C PRO CA 101 37.43 10.19 -19.85
N ASN CA 102 38.62 10.68 -20.16
CA ASN CA 102 38.78 11.96 -20.85
C ASN CA 102 39.12 11.78 -22.32
N ASN CA 103 39.02 10.57 -22.85
CA ASN CA 103 39.24 10.33 -24.28
C ASN CA 103 37.91 10.41 -24.99
N PRO CA 104 37.70 11.39 -25.87
CA PRO CA 104 36.39 11.51 -26.54
C PRO CA 104 36.21 10.55 -27.71
N GLU CA 105 37.25 9.84 -28.11
CA GLU CA 105 37.17 8.89 -29.21
C GLU CA 105 36.85 7.47 -28.77
N LEU CA 106 36.62 7.26 -27.48
CA LEU CA 106 36.45 5.92 -26.93
C LEU CA 106 35.10 5.80 -26.24
N LYS CA 107 34.53 4.60 -26.32
CA LYS CA 107 33.38 4.26 -25.49
C LYS CA 107 33.85 3.97 -24.07
N LYS CA 108 32.97 4.23 -23.10
CA LYS CA 108 33.36 4.24 -21.71
C LYS CA 108 33.25 2.88 -21.02
N ASN CA 109 32.75 1.86 -21.70
CA ASN CA 109 32.60 0.54 -21.11
C ASN CA 109 33.77 -0.36 -21.53
N VAL CA 110 34.35 -1.05 -20.55
CA VAL CA 110 35.48 -1.94 -20.77
C VAL CA 110 35.10 -3.32 -20.22
N VAL CA 111 35.56 -4.37 -20.87
CA VAL CA 111 35.30 -5.74 -20.47
C VAL CA 111 36.63 -6.42 -20.17
N ILE CA 112 36.72 -7.06 -19.02
CA ILE CA 112 37.87 -7.89 -18.68
C ILE CA 112 37.49 -9.35 -18.90
N THR CA 113 38.43 -10.12 -19.43
CA THR CA 113 38.32 -11.56 -19.55
C THR CA 113 39.58 -12.19 -18.98
N VAL CA 114 39.43 -12.99 -17.94
CA VAL CA 114 40.53 -13.72 -17.32
C VAL CA 114 40.32 -15.19 -17.61
N ASP CA 115 41.27 -15.80 -18.30
CA ASP CA 115 41.18 -17.18 -18.75
C ASP CA 115 42.11 -18.05 -17.92
N PHE CA 116 41.56 -19.10 -17.35
CA PHE CA 116 42.30 -20.15 -16.66
C PHE CA 116 42.19 -21.44 -17.46
N TYR CA 117 43.32 -22.14 -17.57
CA TYR CA 117 43.39 -23.45 -18.21
C TYR CA 117 43.08 -23.33 -19.71
N GLY CA 118 43.68 -22.33 -20.34
CA GLY CA 118 43.48 -22.11 -21.77
C GLY CA 118 42.06 -21.72 -22.13
N GLY CA 119 41.42 -20.89 -21.33
CA GLY CA 119 40.07 -20.44 -21.61
C GLY CA 119 38.97 -21.38 -21.17
N LYS CA 120 39.30 -22.53 -20.58
CA LYS CA 120 38.27 -23.44 -20.10
C LYS CA 120 37.48 -22.80 -18.96
N LYS CA 121 38.16 -22.10 -18.05
CA LYS CA 121 37.50 -21.31 -17.03
C LYS CA 121 37.66 -19.84 -17.39
N ARG CA 122 36.57 -19.09 -17.40
CA ARG CA 122 36.66 -17.69 -17.79
C ARG CA 122 35.88 -16.82 -16.83
N TRP CA 123 36.52 -15.75 -16.37
CA TRP CA 123 35.88 -14.69 -15.58
C TRP CA 123 35.82 -13.45 -16.45
N SER CA 124 34.63 -13.08 -16.89
CA SER CA 124 34.44 -11.91 -17.73
C SER CA 124 33.49 -10.95 -17.05
N GLY CA 125 33.78 -9.66 -17.16
CA GLY CA 125 32.92 -8.68 -16.51
C GLY CA 125 33.18 -7.27 -16.98
N LEU CA 126 32.16 -6.43 -16.77
CA LEU CA 126 32.26 -5.01 -17.09
C LEU CA 126 33.01 -4.23 -16.02
N LEU CA 127 33.65 -3.16 -16.45
CA LEU CA 127 34.33 -2.25 -15.53
C LEU CA 127 33.32 -1.62 -14.59
N ASP CA 128 33.62 -1.65 -13.29
CA ASP CA 128 32.82 -0.93 -12.31
C ASP CA 128 33.43 0.43 -12.02
N LYS CA 129 34.73 0.47 -11.76
CA LYS CA 129 35.44 1.73 -11.52
C LYS CA 129 36.93 1.46 -11.49
N TRP CA 130 37.71 2.53 -11.36
CA TRP CA 130 39.11 2.41 -10.99
C TRP CA 130 39.45 3.52 -10.02
N THR CA 131 40.51 3.30 -9.25
CA THR CA 131 40.93 4.23 -8.21
C THR CA 131 42.45 4.38 -8.25
N ILE CA 132 42.93 5.61 -8.25
CA ILE CA 132 44.36 5.87 -8.14
C ILE CA 132 44.68 5.98 -6.66
N LYS CA 133 45.40 4.99 -6.14
CA LYS CA 133 45.69 4.89 -4.71
C LYS CA 133 47.18 5.08 -4.48
N SER CA 134 47.52 5.78 -3.40
CA SER CA 134 48.90 6.11 -3.07
C SER CA 134 49.31 5.34 -1.81
N LYS CA 135 50.23 4.40 -1.98
CA LYS CA 135 50.88 3.72 -0.88
C LYS CA 135 52.29 4.30 -0.75
N GLU CA 136 52.50 5.12 0.28
CA GLU CA 136 53.78 5.75 0.55
C GLU CA 136 54.36 6.42 -0.70
N HIS CA 137 53.58 7.37 -1.23
CA HIS CA 137 53.92 8.17 -2.40
C HIS CA 137 54.04 7.34 -3.68
N VAL CA 138 53.74 6.04 -3.63
CA VAL CA 138 53.78 5.19 -4.81
C VAL CA 138 52.35 4.98 -5.28
N LYS CA 139 52.06 5.41 -6.50
CA LYS CA 139 50.70 5.37 -7.01
C LYS CA 139 50.45 4.09 -7.81
N TYR CA 140 49.28 3.50 -7.62
CA TYR CA 140 48.86 2.34 -8.37
C TYR CA 140 47.38 2.44 -8.68
N LEU CA 141 46.96 1.76 -9.73
CA LEU CA 141 45.58 1.78 -10.19
C LEU CA 141 44.89 0.50 -9.73
N GLU CA 142 43.86 0.65 -8.89
CA GLU CA 142 43.04 -0.46 -8.43
C GLU CA 142 41.75 -0.45 -9.24
N VAL CA 143 41.56 -1.47 -10.07
CA VAL CA 143 40.47 -1.51 -11.03
C VAL CA 143 39.47 -2.57 -10.59
N THR CA 144 38.21 -2.18 -10.47
CA THR CA 144 37.14 -3.05 -10.01
C THR CA 144 36.17 -3.31 -11.15
N PHE CA 145 35.89 -4.60 -11.39
CA PHE CA 145 34.96 -5.06 -12.40
C PHE CA 145 33.81 -5.79 -11.74
N ASN CA 146 32.65 -5.74 -12.38
CA ASN CA 146 31.48 -6.51 -11.96
C ASN CA 146 31.30 -7.68 -12.91
N ASP CA 147 31.16 -8.88 -12.37
CA ASP CA 147 31.02 -10.06 -13.21
C ASP CA 147 29.74 -9.98 -14.05
N ASP CA 148 29.70 -10.76 -15.11
CA ASP CA 148 28.64 -10.66 -16.10
C ASP CA 148 27.31 -11.16 -15.62
N LEU CA 149 27.13 -11.53 -14.35
CA LEU CA 149 25.81 -11.82 -13.82
C LEU CA 149 25.09 -10.57 -13.33
N THR CA 150 25.75 -9.42 -13.33
CA THR CA 150 25.09 -8.17 -12.94
C THR CA 150 24.13 -7.66 -14.00
N MET CA 151 24.21 -8.20 -15.24
CA MET CA 151 23.25 -7.81 -16.27
C MET CA 151 21.84 -8.20 -15.89
N LEU CA 152 21.69 -9.27 -15.10
CA LEU CA 152 20.36 -9.70 -14.68
C LEU CA 152 19.76 -8.78 -13.63
N GLN CA 153 20.57 -7.96 -12.98
CA GLN CA 153 20.03 -6.94 -12.09
C GLN CA 153 19.42 -5.79 -12.88
N TYR CA 154 20.03 -5.45 -14.01
CA TYR CA 154 19.55 -4.35 -14.85
C TYR CA 154 18.57 -4.82 -15.92
N LEU CA 155 18.35 -6.12 -16.04
CA LEU CA 155 17.23 -6.64 -16.81
C LEU CA 155 16.04 -6.82 -15.88
N LEU CA 156 14.90 -6.27 -16.29
CA LEU CA 156 13.68 -6.35 -15.49
C LEU CA 156 12.51 -6.78 -16.36
N CYS CA 157 11.52 -7.41 -15.73
CA CYS CA 157 10.38 -7.96 -16.43
C CYS CA 157 9.14 -7.11 -16.20
N PRO CA 158 8.64 -6.41 -17.21
CA PRO CA 158 7.39 -5.68 -17.06
C PRO CA 158 6.20 -6.62 -17.10
N PRO CA 159 5.01 -6.14 -16.73
CA PRO CA 159 3.82 -7.01 -16.80
C PRO CA 159 3.54 -7.54 -18.19
N ASN CA 160 3.80 -6.77 -19.24
CA ASN CA 160 3.64 -7.23 -20.62
C ASN CA 160 4.92 -6.90 -21.39
N PRO CA 161 5.88 -7.82 -21.42
CA PRO CA 161 7.14 -7.55 -22.12
C PRO CA 161 7.01 -7.48 -23.62
N ALA CA 162 5.86 -7.84 -24.20
CA ALA CA 162 5.67 -7.86 -25.63
C ALA CA 162 4.93 -6.64 -26.16
N LEU CA 163 4.72 -5.63 -25.32
CA LEU CA 163 3.94 -4.45 -25.69
C LEU CA 163 4.66 -3.22 -25.16
N PRO CA 164 4.38 -2.05 -25.73
CA PRO CA 164 4.99 -0.81 -25.22
C PRO CA 164 4.61 -0.59 -23.76
N ILE CA 165 5.58 -0.10 -23.00
CA ILE CA 165 5.46 -0.01 -21.54
C ILE CA 165 4.58 1.17 -21.12
N PRO CA 166 4.80 2.39 -21.60
CA PRO CA 166 3.97 3.52 -21.17
C PRO CA 166 2.58 3.58 -21.77
N VAL CA 167 2.13 2.53 -22.47
CA VAL CA 167 0.81 2.57 -23.10
C VAL CA 167 -0.17 1.71 -22.30
N LEU CA 168 0.08 0.42 -22.22
CA LEU CA 168 -0.80 -0.49 -21.49
C LEU CA 168 -0.01 -1.74 -21.14
N GLN CA 169 0.14 -2.00 -19.85
CA GLN CA 169 0.86 -3.17 -19.35
C GLN CA 169 -0.12 -4.05 -18.59
N PHE CA 170 -0.74 -4.98 -19.30
CA PHE CA 170 -1.75 -5.85 -18.74
C PHE CA 170 -1.32 -7.31 -18.82
N PRO CA 171 -1.63 -8.13 -17.80
CA PRO CA 171 -2.33 -7.82 -16.55
C PRO CA 171 -1.45 -7.07 -15.56
N ARG CA 172 -1.84 -7.03 -14.28
CA ARG CA 172 -1.07 -6.29 -13.30
C ARG CA 172 0.33 -6.86 -13.14
N ILE CA 173 0.44 -8.20 -13.12
CA ILE CA 173 1.72 -8.87 -13.03
C ILE CA 173 1.83 -9.87 -14.16
N PHE CA 174 3.07 -10.16 -14.57
CA PHE CA 174 3.36 -11.17 -15.57
C PHE CA 174 3.71 -12.47 -14.88
N GLY CA 175 3.03 -13.54 -15.27
CA GLY CA 175 3.30 -14.85 -14.69
C GLY CA 175 3.53 -15.92 -15.72
N ILE CA 176 4.67 -16.61 -15.62
CA ILE CA 176 5.02 -17.69 -16.54
C ILE CA 176 5.25 -18.95 -15.71
N ALA CA 177 4.63 -20.04 -16.13
CA ALA CA 177 4.75 -21.32 -15.45
C ALA CA 177 5.22 -22.38 -16.44
N GLY CA 178 6.13 -23.24 -15.99
CA GLY CA 178 6.62 -24.30 -16.84
C GLY CA 178 7.77 -25.04 -16.20
N PRO CA 179 8.46 -25.89 -16.96
CA PRO CA 179 9.67 -26.53 -16.43
C PRO CA 179 10.65 -25.47 -15.98
N ALA CA 180 11.40 -25.76 -14.92
CA ALA CA 180 12.14 -24.71 -14.23
C ALA CA 180 13.15 -24.03 -15.15
N LYS CA 181 14.00 -24.83 -15.79
CA LYS CA 181 15.04 -24.26 -16.66
C LYS CA 181 14.41 -23.52 -17.82
N TRP CA 182 13.40 -24.14 -18.45
CA TRP CA 182 12.77 -23.50 -19.60
C TRP CA 182 12.13 -22.17 -19.22
N ALA CA 183 11.45 -22.12 -18.08
CA ALA CA 183 10.73 -20.93 -17.68
C ALA CA 183 11.70 -19.81 -17.30
N ILE CA 184 12.76 -20.13 -16.57
CA ILE CA 184 13.75 -19.11 -16.23
C ILE CA 184 14.41 -18.56 -17.50
N SER CA 185 14.85 -19.46 -18.37
CA SER CA 185 15.49 -19.03 -19.61
C SER CA 185 14.52 -18.25 -20.48
N THR CA 186 13.25 -18.63 -20.48
CA THR CA 186 12.26 -17.96 -21.31
C THR CA 186 11.97 -16.56 -20.80
N LEU CA 187 11.88 -16.39 -19.47
CA LEU CA 187 11.73 -15.06 -18.91
C LEU CA 187 12.90 -14.17 -19.32
N ILE CA 188 14.12 -14.68 -19.15
CA ILE CA 188 15.29 -13.89 -19.52
C ILE CA 188 15.25 -13.55 -21.01
N PHE CA 189 14.89 -14.51 -21.86
CA PHE CA 189 14.89 -14.27 -23.30
C PHE CA 189 13.81 -13.27 -23.70
N ILE CA 190 12.64 -13.35 -23.09
CA ILE CA 190 11.58 -12.40 -23.43
C ILE CA 190 12.00 -10.99 -23.07
N ASN CA 191 12.64 -10.82 -21.91
CA ASN CA 191 13.10 -9.49 -21.55
C ASN CA 191 14.24 -9.03 -22.45
N LEU CA 192 15.13 -9.95 -22.87
CA LEU CA 192 16.17 -9.59 -23.82
C LEU CA 192 15.58 -9.15 -25.15
N PHE CA 193 14.58 -9.88 -25.63
CA PHE CA 193 13.87 -9.50 -26.86
C PHE CA 193 13.28 -8.10 -26.73
N ARG CA 194 12.58 -7.85 -25.62
CA ARG CA 194 11.96 -6.55 -25.42
C ARG CA 194 12.99 -5.44 -25.39
N VAL CA 195 14.10 -5.64 -24.69
CA VAL CA 195 15.08 -4.58 -24.55
C VAL CA 195 15.91 -4.40 -25.82
N GLN CA 196 16.03 -5.44 -26.65
CA GLN CA 196 16.63 -5.28 -27.96
C GLN CA 196 15.67 -4.62 -28.96
N GLY CA 197 14.37 -4.61 -28.65
CA GLY CA 197 13.49 -3.74 -29.41
C GLY CA 197 12.11 -4.27 -29.71
N ASN CA 198 11.85 -5.55 -29.41
CA ASN CA 198 10.59 -6.20 -29.76
C ASN CA 198 10.34 -6.10 -31.26
N LEU CA 199 11.41 -6.19 -32.04
CA LEU CA 199 11.32 -5.92 -33.48
C LEU CA 199 10.43 -6.94 -34.18
N TRP CA 200 10.52 -8.21 -33.79
CA TRP CA 200 9.78 -9.25 -34.49
C TRP CA 200 8.70 -9.82 -33.58
N THR CA 201 7.90 -10.74 -34.15
CA THR CA 201 6.80 -11.34 -33.44
C THR CA 201 7.29 -12.56 -32.66
N LEU CA 202 6.88 -12.64 -31.39
CA LEU CA 202 7.28 -13.76 -30.55
C LEU CA 202 6.51 -15.01 -30.93
N PRO CA 203 7.17 -16.13 -31.20
CA PRO CA 203 6.48 -17.39 -31.39
C PRO CA 203 6.03 -17.94 -30.05
N ASP CA 204 5.28 -19.04 -30.10
CA ASP CA 204 4.77 -19.65 -28.87
C ASP CA 204 5.91 -20.08 -27.95
N ASP CA 205 6.86 -20.83 -28.49
CA ASP CA 205 8.04 -21.26 -27.72
C ASP CA 205 9.28 -20.63 -28.32
N PRO CA 206 9.95 -19.72 -27.62
CA PRO CA 206 11.16 -19.09 -28.19
C PRO CA 206 12.26 -20.09 -28.50
N PHE CA 207 12.38 -21.16 -27.74
CA PHE CA 207 13.48 -22.10 -27.89
C PHE CA 207 13.13 -23.27 -28.80
N ASN CA 208 11.96 -23.24 -29.43
CA ASN CA 208 11.67 -24.11 -30.55
C ASN CA 208 12.26 -23.46 -31.79
N LEU CA 209 13.49 -23.87 -32.15
CA LEU CA 209 14.26 -23.14 -33.15
C LEU CA 209 13.63 -23.17 -34.53
N GLU CA 210 12.71 -24.10 -34.80
CA GLU CA 210 12.03 -24.11 -36.09
C GLU CA 210 11.01 -22.99 -36.21
N SER CA 211 10.61 -22.37 -35.10
CA SER CA 211 9.66 -21.28 -35.14
C SER CA 211 10.28 -19.98 -35.62
N TRP CA 212 11.59 -19.80 -35.40
CA TRP CA 212 12.27 -18.58 -35.79
C TRP CA 212 12.67 -18.62 -37.26
N ASP CA 213 12.46 -17.51 -37.96
CA ASP CA 213 12.87 -17.41 -39.35
C ASP CA 213 14.38 -17.41 -39.47
N ASP CA 214 14.88 -17.99 -40.55
CA ASP CA 214 16.32 -18.05 -40.78
C ASP CA 214 16.88 -16.76 -41.37
N ILE CA 215 16.03 -15.88 -41.89
CA ILE CA 215 16.49 -14.60 -42.43
C ILE CA 215 16.79 -13.61 -41.31
N LEU CA 216 16.30 -13.87 -40.10
CA LEU CA 216 16.46 -12.94 -38.99
C LEU CA 216 17.93 -12.76 -38.64
N ASP CA 217 18.29 -11.55 -38.25
CA ASP CA 217 19.65 -11.21 -37.86
C ASP CA 217 19.67 -10.88 -36.37
N TRP CA 218 20.46 -11.64 -35.61
CA TRP CA 218 20.60 -11.44 -34.18
C TRP CA 218 21.98 -10.91 -33.80
N SER CA 219 22.76 -10.45 -34.78
CA SER CA 219 24.15 -10.08 -34.52
C SER CA 219 24.25 -8.86 -33.61
N ASP CA 220 23.25 -8.00 -33.61
CA ASP CA 220 23.28 -6.80 -32.78
C ASP CA 220 23.00 -7.11 -31.31
N TRP CA 221 22.47 -8.27 -30.98
CA TRP CA 221 22.23 -8.63 -29.60
C TRP CA 221 23.55 -8.76 -28.84
N GLN CA 222 23.60 -8.18 -27.65
CA GLN CA 222 24.76 -8.33 -26.79
C GLN CA 222 24.64 -9.52 -25.85
N CYS CA 223 23.42 -9.96 -25.56
CA CYS CA 223 23.17 -11.10 -24.68
C CYS CA 223 22.23 -12.07 -25.36
N PHE CA 224 22.47 -13.36 -25.12
CA PHE CA 224 21.64 -14.45 -25.63
C PHE CA 224 21.36 -15.42 -24.50
N VAL CA 225 20.33 -16.23 -24.69
CA VAL CA 225 19.96 -17.28 -23.73
C VAL CA 225 19.78 -18.57 -24.52
N LYS CA 226 20.40 -19.64 -24.05
CA LYS CA 226 20.25 -20.94 -24.70
C LYS CA 226 19.52 -21.90 -23.76
N SER CA 227 18.49 -22.56 -24.30
CA SER CA 227 17.70 -23.52 -23.53
C SER CA 227 17.00 -24.46 -24.49
N ASN CA 228 16.52 -25.57 -23.95
CA ASN CA 228 15.70 -26.48 -24.72
C ASN CA 228 14.27 -25.96 -24.79
N SER CA 229 13.46 -26.60 -25.62
CA SER CA 229 12.08 -26.16 -25.81
C SER CA 229 11.23 -26.56 -24.60
N PHE CA 230 9.96 -26.14 -24.64
CA PHE CA 230 9.03 -26.46 -23.55
C PHE CA 230 8.82 -27.96 -23.44
N LEU CA 231 8.65 -28.64 -24.57
CA LEU CA 231 8.43 -30.09 -24.55
C LEU CA 231 9.71 -30.88 -24.32
N LEU CA 232 10.84 -30.39 -24.82
CA LEU CA 232 12.10 -31.11 -24.71
C LEU CA 232 12.84 -30.87 -23.40
N ASP CA 233 12.36 -29.93 -22.57
CA ASP CA 233 13.05 -29.66 -21.32
C ASP CA 233 12.90 -30.83 -20.36
N ASP CA 234 14.00 -31.25 -19.76
CA ASP CA 234 14.04 -32.41 -18.88
C ASP CA 234 13.95 -32.02 -17.41
N SER CA 235 13.64 -30.77 -17.11
CA SER CA 235 13.45 -30.36 -15.72
C SER CA 235 12.29 -31.14 -15.11
N SER CA 236 12.59 -31.91 -14.06
CA SER CA 236 11.55 -32.71 -13.43
C SER CA 236 10.48 -31.84 -12.78
N VAL CA 237 10.89 -30.78 -12.10
CA VAL CA 237 9.96 -29.92 -11.39
C VAL CA 237 9.60 -28.73 -12.27
N TRP CA 238 8.45 -28.15 -12.00
CA TRP CA 238 8.01 -26.94 -12.67
C TRP CA 238 8.36 -25.73 -11.81
N THR CA 239 7.89 -24.55 -12.22
CA THR CA 239 8.09 -23.32 -11.49
C THR CA 239 7.12 -22.28 -12.03
N PHE CA 240 6.74 -21.36 -11.15
CA PHE CA 240 5.93 -20.20 -11.49
C PHE CA 240 6.72 -18.96 -11.13
N LEU CA 241 6.97 -18.11 -12.13
CA LEU CA 241 7.70 -16.87 -11.95
C LEU CA 241 6.76 -15.70 -12.24
N SER CA 242 6.70 -14.75 -11.31
CA SER CA 242 5.81 -13.61 -11.43
C SER CA 242 6.63 -12.33 -11.26
N SER CA 243 6.18 -11.26 -11.90
CA SER CA 243 6.93 -10.02 -11.89
C SER CA 243 6.02 -8.83 -12.15
N ARG CA 244 6.27 -7.74 -11.44
CA ARG CA 244 5.72 -6.42 -11.77
C ARG CA 244 6.90 -5.46 -11.73
N MET CA 245 7.60 -5.36 -12.87
CA MET CA 245 8.82 -4.56 -13.01
C MET CA 245 9.93 -5.00 -12.06
N ASN CA 246 9.89 -6.24 -11.58
CA ASN CA 246 10.95 -6.75 -10.74
C ASN CA 246 12.18 -7.08 -11.57
N PRO CA 247 13.38 -6.96 -11.00
CA PRO CA 247 14.58 -7.41 -11.70
C PRO CA 247 14.56 -8.92 -11.90
N VAL CA 248 15.15 -9.36 -13.00
CA VAL CA 248 15.09 -10.76 -13.41
C VAL CA 248 15.76 -11.64 -12.36
N ASP CA 249 16.91 -11.21 -11.83
CA ASP CA 249 17.61 -12.02 -10.84
C ASP CA 249 16.77 -12.18 -9.58
N SER CA 250 16.10 -11.11 -9.16
CA SER CA 250 15.21 -11.21 -8.00
C SER CA 250 14.04 -12.13 -8.29
N ILE CA 251 13.53 -12.12 -9.52
CA ILE CA 251 12.43 -13.01 -9.89
C ILE CA 251 12.87 -14.46 -9.80
N ILE CA 252 14.07 -14.77 -10.29
CA ILE CA 252 14.48 -16.16 -10.47
C ILE CA 252 15.31 -16.71 -9.32
N ALA CA 253 15.67 -15.88 -8.33
CA ALA CA 253 16.51 -16.37 -7.23
C ALA CA 253 15.85 -17.51 -6.47
N ASP CA 254 14.57 -17.34 -6.12
CA ASP CA 254 13.88 -18.36 -5.33
C ASP CA 254 13.75 -19.67 -6.11
N ALA CA 255 13.40 -19.58 -7.40
CA ALA CA 255 13.28 -20.79 -8.21
C ALA CA 255 14.63 -21.49 -8.37
N LEU CA 256 15.69 -20.72 -8.60
CA LEU CA 256 17.02 -21.32 -8.71
C LEU CA 256 17.42 -22.01 -7.42
N ASP CA 257 17.16 -21.37 -6.28
CA ASP CA 257 17.50 -21.99 -5.00
C ASP CA 257 16.68 -23.25 -4.75
N ASP CA 258 15.38 -23.21 -5.06
CA ASP CA 258 14.53 -24.36 -4.76
C ASP CA 258 14.84 -25.55 -5.66
N ALA CA 259 15.15 -25.29 -6.94
CA ALA CA 259 15.48 -26.37 -7.86
C ALA CA 259 16.96 -26.69 -7.91
N GLN CA 260 17.79 -25.97 -7.15
CA GLN CA 260 19.23 -26.16 -7.14
C GLN CA 260 19.82 -26.04 -8.55
N LEU CA 261 19.36 -25.04 -9.29
CA LEU CA 261 19.84 -24.77 -10.63
C LEU CA 261 20.94 -23.71 -10.60
N THR CA 262 21.74 -23.69 -11.65
CA THR CA 262 22.88 -22.80 -11.78
C THR CA 262 22.74 -21.97 -13.05
N ILE CA 263 23.03 -20.67 -12.94
CA ILE CA 263 23.15 -19.82 -14.11
C ILE CA 263 24.62 -19.79 -14.52
N THR CA 264 24.90 -20.19 -15.75
CA THR CA 264 26.24 -20.13 -16.31
C THR CA 264 26.27 -19.09 -17.42
N TYR CA 265 27.22 -18.17 -17.34
CA TYR CA 265 27.43 -17.16 -18.37
C TYR CA 265 28.76 -17.42 -19.05
N ARG CA 266 28.77 -17.27 -20.38
CA ARG CA 266 30.01 -17.37 -21.13
C ARG CA 266 30.05 -16.27 -22.17
N ARG CA 267 31.14 -15.52 -22.22
CA ARG CA 267 31.33 -14.48 -23.20
C ARG CA 267 32.08 -15.08 -24.38
N VAL CA 268 31.39 -15.21 -25.51
CA VAL CA 268 31.93 -15.91 -26.67
C VAL CA 268 32.88 -14.98 -27.41
N LEU CA 269 34.19 -15.22 -27.27
CA LEU CA 269 35.20 -14.46 -27.98
C LEU CA 269 35.44 -15.16 -29.32
N THR CA 270 34.72 -14.72 -30.35
CA THR CA 270 34.90 -15.28 -31.68
C THR CA 270 36.25 -14.92 -32.28
N ASP CA 271 36.94 -13.93 -31.72
CA ASP CA 271 38.31 -13.65 -32.13
C ASP CA 271 39.26 -14.78 -31.75
N ASP CA 272 38.90 -15.57 -30.75
CA ASP CA 272 39.68 -16.73 -30.33
C ASP CA 272 39.28 -18.00 -31.06
N GLY CA 273 38.34 -17.92 -32.00
CA GLY CA 273 37.83 -19.08 -32.68
C GLY CA 273 36.64 -19.73 -32.01
N GLU CA 274 36.23 -19.27 -30.84
CA GLU CA 274 35.10 -19.88 -30.15
C GLU CA 274 33.80 -19.61 -30.90
N THR CA 275 32.91 -20.59 -30.87
CA THR CA 275 31.60 -20.49 -31.47
C THR CA 275 30.55 -20.85 -30.44
N ALA CA 276 29.29 -20.66 -30.80
CA ALA CA 276 28.18 -21.00 -29.93
C ALA CA 276 27.06 -21.60 -30.76
N GLU CA 277 26.20 -22.37 -30.08
CA GLU CA 277 25.08 -23.02 -30.75
C GLU CA 277 24.00 -23.30 -29.72
N GLY CA 278 22.80 -23.56 -30.20
CA GLY CA 278 21.68 -23.94 -29.36
C GLY CA 278 20.70 -22.84 -29.04
N PHE CA 279 20.86 -21.65 -29.59
CA PHE CA 279 19.94 -20.56 -29.39
C PHE CA 279 19.71 -19.85 -30.71
N PRO CA 280 18.61 -19.11 -30.85
CA PRO CA 280 18.37 -18.38 -32.09
C PRO CA 280 19.51 -17.42 -32.42
N GLY CA 281 19.91 -17.42 -33.68
CA GLY CA 281 20.98 -16.55 -34.13
C GLY CA 281 22.33 -16.87 -33.55
N ALA CA 282 22.57 -18.12 -33.15
CA ALA CA 282 23.82 -18.50 -32.53
C ALA CA 282 25.00 -18.50 -33.49
N HIS CA 283 24.75 -18.46 -34.79
CA HIS CA 283 25.84 -18.52 -35.76
C HIS CA 283 26.40 -17.15 -36.11
N GLY CA 284 25.60 -16.10 -35.98
CA GLY CA 284 26.05 -14.77 -36.35
C GLY CA 284 26.42 -13.88 -35.20
N ILE CA 285 26.62 -14.45 -34.01
CA ILE CA 285 26.93 -13.65 -32.84
C ILE CA 285 28.29 -12.99 -33.00
N LYS CA 286 28.45 -11.82 -32.40
CA LYS CA 286 29.66 -11.03 -32.52
C LYS CA 286 30.63 -11.37 -31.40
N ASN CA 287 31.83 -10.81 -31.49
CA ASN CA 287 32.87 -11.07 -30.50
C ASN CA 287 32.47 -10.48 -29.15
N GLY CA 288 32.67 -11.26 -28.10
CA GLY CA 288 32.39 -10.80 -26.75
C GLY CA 288 30.93 -10.71 -26.39
N ALA CA 289 30.06 -11.40 -27.11
CA ALA CA 289 28.64 -11.44 -26.74
C ALA CA 289 28.43 -12.46 -25.64
N LEU CA 290 27.57 -12.13 -24.69
CA LEU CA 290 27.33 -12.97 -23.53
C LEU CA 290 26.21 -13.96 -23.81
N VAL CA 291 26.38 -15.19 -23.32
CA VAL CA 291 25.36 -16.23 -23.46
C VAL CA 291 25.08 -16.81 -22.09
N PHE CA 292 23.80 -16.92 -21.74
CA PHE CA 292 23.34 -17.49 -20.48
C PHE CA 292 22.77 -18.88 -20.71
N GLU CA 293 22.93 -19.73 -19.69
CA GLU CA 293 22.36 -21.07 -19.73
C GLU CA 293 22.05 -21.52 -18.31
N ILE CA 294 20.83 -22.00 -18.11
CA ILE CA 294 20.45 -22.61 -16.84
C ILE CA 294 20.76 -24.09 -16.90
N VAL CA 295 21.52 -24.57 -15.92
CA VAL CA 295 21.98 -25.95 -15.88
C VAL CA 295 21.60 -26.55 -14.53
N ASP CA 296 21.55 -27.88 -14.51
CA ASP CA 296 21.30 -28.64 -13.28
C ASP CA 296 22.60 -29.33 -12.92
N ASN CA 297 23.45 -28.62 -12.17
CA ASN CA 297 24.74 -29.17 -11.78
C ASN CA 297 24.65 -30.04 -10.53
N SER CA 298 23.60 -29.88 -9.72
CA SER CA 298 23.45 -30.69 -8.53
C SER CA 298 22.70 -31.98 -8.78
N ASN CA 299 21.75 -31.99 -9.71
CA ASN CA 299 20.97 -33.17 -10.07
C ASN CA 299 20.21 -33.72 -8.87
N ALA CA 300 19.78 -32.84 -7.97
CA ALA CA 300 19.08 -33.28 -6.76
C ALA CA 300 17.65 -33.70 -7.05
N THR CA 301 16.99 -33.05 -8.01
CA THR CA 301 15.60 -33.34 -8.33
C THR CA 301 15.45 -34.42 -9.41
N ALA CA 302 16.55 -35.01 -9.86
CA ALA CA 302 16.48 -35.99 -10.92
C ALA CA 302 15.84 -37.30 -10.44
N LEU CA 303 15.39 -38.09 -11.40
CA LEU CA 303 14.72 -39.36 -11.07
C LEU CA 303 15.68 -40.32 -10.39
N GLU CA 304 16.93 -40.39 -10.86
CA GLU CA 304 17.92 -41.28 -10.27
C GLU CA 304 18.55 -40.72 -9.00
N GLY CA 305 18.23 -39.49 -8.65
CA GLY CA 305 18.81 -38.91 -7.45
C GLY CA 305 20.29 -38.59 -7.64
N THR CA 306 20.95 -38.37 -6.51
CA THR CA 306 22.39 -38.10 -6.50
C THR CA 306 22.92 -38.47 -5.12
N PHE CA 307 24.14 -38.04 -4.83
CA PHE CA 307 24.80 -38.32 -3.57
C PHE CA 307 24.57 -37.17 -2.61
N PHE CA 308 23.95 -37.45 -1.47
CA PHE CA 308 23.71 -36.44 -0.45
C PHE CA 308 24.58 -36.61 0.78
N SER CA 309 25.25 -37.74 0.94
CA SER CA 309 26.09 -38.00 2.11
C SER CA 309 27.03 -39.15 1.78
N GLY CA 310 27.91 -39.45 2.71
CA GLY CA 310 28.79 -40.60 2.55
C GLY CA 310 29.79 -40.68 3.67
N THR CA 311 30.61 -41.72 3.61
CA THR CA 311 31.70 -41.90 4.56
C THR CA 311 32.98 -42.20 3.79
N ILE CA 312 34.11 -41.86 4.40
CA ILE CA 312 35.40 -42.03 3.76
C ILE CA 312 35.78 -43.48 3.55
N VAL CA 313 35.05 -44.42 4.16
CA VAL CA 313 35.36 -45.84 4.05
C VAL CA 313 34.49 -46.57 3.05
N ASP CA 314 33.38 -45.97 2.60
CA ASP CA 314 32.58 -46.59 1.56
C ASP CA 314 32.09 -45.57 0.53
N GLY CA 315 32.69 -44.38 0.49
CA GLY CA 315 32.33 -43.41 -0.52
C GLY CA 315 30.96 -42.77 -0.29
N PHE CA 316 30.38 -42.30 -1.38
CA PHE CA 316 29.12 -41.59 -1.34
C PHE CA 316 27.94 -42.54 -1.21
N ALA CA 317 26.80 -41.99 -0.83
CA ALA CA 317 25.54 -42.72 -0.71
C ALA CA 317 24.48 -42.04 -1.54
N ARG CA 318 23.83 -42.81 -2.41
CA ARG CA 318 22.84 -42.28 -3.35
C ARG CA 318 21.47 -42.20 -2.68
N SER CA 319 20.84 -41.04 -2.79
CA SER CA 319 19.50 -40.82 -2.27
C SER CA 319 18.64 -40.19 -3.35
N VAL CA 320 17.33 -40.38 -3.24
CA VAL CA 320 16.37 -39.82 -4.17
C VAL CA 320 15.32 -39.06 -3.36
N LEU CA 321 14.86 -37.93 -3.91
CA LEU CA 321 13.86 -37.12 -3.22
C LEU CA 321 12.48 -37.77 -3.32
N LEU CA 322 11.82 -37.88 -2.17
CA LEU CA 322 10.44 -38.36 -2.07
C LEU CA 322 9.57 -37.26 -1.51
N TYR CA 323 8.50 -36.92 -2.21
CA TYR CA 323 7.65 -35.80 -1.86
C TYR CA 323 6.44 -36.27 -1.08
N GLY CA 324 6.15 -35.60 0.03
CA GLY CA 324 5.01 -35.92 0.85
C GLY CA 324 3.73 -35.34 0.30
N GLY CA 325 2.70 -35.32 1.15
CA GLY CA 325 1.41 -34.78 0.78
C GLY CA 325 1.47 -33.31 0.40
N GLY CA 326 0.97 -32.99 -0.79
CA GLY CA 326 0.99 -31.63 -1.28
C GLY CA 326 2.28 -31.19 -1.91
N PHE CA 327 3.31 -32.04 -1.91
CA PHE CA 327 4.61 -31.80 -2.53
C PHE CA 327 5.35 -30.62 -1.88
N VAL CA 328 4.86 -30.09 -0.77
CA VAL CA 328 5.59 -29.04 -0.06
C VAL CA 328 6.84 -29.60 0.59
N GLU CA 329 6.76 -30.81 1.13
CA GLU CA 329 7.84 -31.44 1.87
C GLU CA 329 8.53 -32.48 1.00
N ASP CA 330 9.86 -32.48 1.04
CA ASP CA 330 10.65 -33.49 0.35
C ASP CA 330 11.66 -34.09 1.32
N THR CA 331 11.71 -35.41 1.38
CA THR CA 331 12.67 -36.15 2.20
C THR CA 331 13.59 -36.96 1.29
N LEU CA 332 14.60 -37.57 1.90
CA LEU CA 332 15.58 -38.35 1.16
C LEU CA 332 15.39 -39.82 1.48
N SER CA 333 15.24 -40.64 0.44
CA SER CA 333 15.19 -42.09 0.58
C SER CA 333 16.41 -42.68 -0.09
N VAL CA 334 17.17 -43.47 0.65
CA VAL CA 334 18.43 -44.01 0.15
C VAL CA 334 18.15 -45.16 -0.81
N VAL CA 335 18.94 -45.23 -1.89
CA VAL CA 335 18.84 -46.30 -2.86
C VAL CA 335 19.70 -47.45 -2.34
N SER CA 336 19.06 -48.49 -1.80
CA SER CA 336 19.79 -49.59 -1.19
C SER CA 336 20.64 -50.34 -2.21
N ASP CA 337 20.06 -50.63 -3.37
CA ASP CA 337 20.78 -51.28 -4.46
C ASP CA 337 20.99 -50.23 -5.55
N ASP CA 338 22.11 -49.50 -5.45
CA ASP CA 338 22.42 -48.44 -6.39
C ASP CA 338 23.07 -49.04 -7.63
N GLN CA 339 22.40 -48.90 -8.78
CA GLN CA 339 22.87 -49.50 -10.02
C GLN CA 339 22.90 -48.49 -11.15
N THR CA 340 23.20 -47.22 -10.84
CA THR CA 340 23.29 -46.20 -11.87
C THR CA 340 24.57 -46.38 -12.68
N LEU CA 341 24.44 -46.37 -14.00
CA LEU CA 341 25.61 -46.52 -14.87
C LEU CA 341 26.48 -45.27 -14.81
N GLN CA 342 27.78 -45.47 -15.02
CA GLN CA 342 28.69 -44.35 -15.07
C GLN CA 342 28.47 -43.55 -16.36
N PRO CA 343 28.70 -42.25 -16.32
CA PRO CA 343 28.57 -41.43 -17.54
C PRO CA 343 29.58 -41.87 -18.60
N ASP CA 344 29.19 -41.71 -19.86
CA ASP CA 344 30.09 -42.03 -20.96
C ASP CA 344 31.31 -41.10 -20.98
N GLU CA 345 31.18 -39.90 -20.42
CA GLU CA 345 32.31 -38.99 -20.35
C GLU CA 345 33.43 -39.53 -19.46
N TYR CA 346 33.09 -40.35 -18.47
CA TYR CA 346 34.10 -40.90 -17.58
C TYR CA 346 34.97 -41.95 -18.27
N TYR CA 347 34.61 -42.37 -19.47
CA TYR CA 347 35.40 -43.32 -20.25
C TYR CA 347 36.15 -42.66 -21.39
N GLN CA 348 36.18 -41.33 -21.43
CA GLN CA 348 36.84 -40.58 -22.48
C GLN CA 348 38.17 -40.05 -21.98
N SER CA 349 39.21 -40.19 -22.80
CA SER CA 349 40.53 -39.70 -22.42
C SER CA 349 40.52 -38.18 -22.31
N GLY CA 350 41.23 -37.68 -21.31
CA GLY CA 350 41.34 -36.25 -21.10
C GLY CA 350 40.18 -35.60 -20.39
N TRP CA 351 39.18 -36.37 -19.97
CA TRP CA 351 38.07 -35.81 -19.24
C TRP CA 351 38.44 -35.59 -17.77
N LEU CA 352 38.00 -34.46 -17.23
CA LEU CA 352 38.27 -34.11 -15.85
C LEU CA 352 37.04 -33.60 -15.09
N ALA CA 353 35.96 -33.26 -15.78
CA ALA CA 353 34.84 -32.60 -15.14
C ALA CA 353 34.05 -33.59 -14.29
N THR CA 354 33.16 -33.04 -13.45
CA THR CA 354 32.28 -33.82 -12.61
C THR CA 354 30.89 -33.82 -13.23
N MET CA 355 30.41 -35.00 -13.61
CA MET CA 355 29.05 -35.11 -14.11
C MET CA 355 28.06 -34.98 -12.97
N ALA CA 356 26.92 -34.36 -13.27
CA ALA CA 356 25.92 -34.12 -12.24
C ALA CA 356 25.37 -35.43 -11.67
N LYS CA 357 25.20 -36.44 -12.53
CA LYS CA 357 24.58 -37.68 -12.09
C LYS CA 357 25.53 -38.51 -11.24
N MET CA 358 26.83 -38.35 -11.40
CA MET CA 358 27.83 -39.15 -10.68
C MET CA 358 28.90 -38.24 -10.09
N PRO CA 359 28.61 -37.59 -8.96
CA PRO CA 359 29.67 -36.87 -8.26
C PRO CA 359 30.77 -37.81 -7.79
N TRP CA 360 32.01 -37.31 -7.81
CA TRP CA 360 33.16 -38.13 -7.48
C TRP CA 360 34.16 -37.47 -6.56
N LEU CA 361 34.18 -36.15 -6.47
CA LEU CA 361 35.24 -35.44 -5.77
C LEU CA 361 34.95 -35.40 -4.28
N VAL CA 362 35.79 -36.07 -3.49
CA VAL CA 362 35.77 -35.98 -2.04
C VAL CA 362 37.12 -35.47 -1.59
N VAL CA 363 37.11 -34.42 -0.79
CA VAL CA 363 38.31 -33.71 -0.38
C VAL CA 363 38.54 -34.02 1.10
N ARG CA 364 39.59 -34.78 1.38
CA ARG CA 364 39.82 -35.30 2.72
C ARG CA 364 40.81 -34.43 3.47
N ASP CA 365 40.52 -34.22 4.76
CA ASP CA 365 41.40 -33.48 5.66
C ASP CA 365 41.88 -34.43 6.74
N ASN CA 366 43.20 -34.53 6.89
CA ASN CA 366 43.81 -35.36 7.93
C ASN CA 366 45.14 -34.71 8.30
N GLU CA 367 46.00 -35.48 8.98
CA GLU CA 367 47.31 -34.95 9.37
C GLU CA 367 48.13 -34.55 8.15
N TRP CA 368 48.09 -35.35 7.09
CA TRP CA 368 48.78 -35.05 5.84
C TRP CA 368 47.70 -34.68 4.81
N THR CA 369 47.35 -33.40 4.76
CA THR CA 369 46.33 -32.98 3.84
C THR CA 369 46.86 -31.91 2.90
N PRO CA 370 46.54 -31.99 1.60
CA PRO CA 370 47.01 -30.96 0.67
C PRO CA 370 46.24 -29.65 0.77
N ILE CA 371 45.09 -29.64 1.43
CA ILE CA 371 44.28 -28.44 1.56
C ILE CA 371 44.42 -27.93 2.99
N GLU CA 372 43.85 -26.75 3.24
CA GLU CA 372 43.57 -26.33 4.61
C GLU CA 372 42.08 -26.07 4.73
N SER CA 373 41.47 -26.65 5.77
CA SER CA 373 40.06 -26.44 6.04
C SER CA 373 39.91 -25.29 7.02
N SER CA 374 39.27 -24.21 6.57
CA SER CA 374 39.14 -23.02 7.41
C SER CA 374 38.09 -23.22 8.49
N ASP CA 375 36.84 -23.45 8.09
CA ASP CA 375 35.79 -23.68 9.07
C ASP CA 375 34.65 -24.46 8.44
N LEU CA 376 34.09 -25.39 9.20
CA LEU CA 376 32.90 -26.14 8.84
C LEU CA 376 31.84 -25.87 9.88
N SER CA 377 30.71 -25.32 9.46
CA SER CA 377 29.65 -24.96 10.38
C SER CA 377 28.35 -25.65 9.97
N TRP CA 378 27.66 -26.21 10.96
CA TRP CA 378 26.35 -26.81 10.78
C TRP CA 378 25.36 -26.16 11.73
N GLY CA 379 24.13 -26.02 11.28
CA GLY CA 379 23.07 -25.49 12.09
C GLY CA 379 21.75 -26.14 11.74
N PRO CA 380 20.94 -26.44 12.74
CA PRO CA 380 19.66 -27.11 12.50
C PRO CA 380 18.62 -26.16 11.93
N ALA CA 381 17.54 -26.74 11.43
CA ALA CA 381 16.42 -25.94 10.96
C ALA CA 381 15.75 -25.24 12.13
N LYS CA 382 15.03 -24.17 11.84
CA LYS CA 382 14.53 -23.28 12.88
C LYS CA 382 13.02 -23.36 13.06
N ASN CA 383 12.25 -23.05 12.03
CA ASN CA 383 10.81 -22.86 12.18
C ASN CA 383 10.07 -24.04 11.55
N VAL CA 384 9.15 -24.63 12.31
CA VAL CA 384 8.41 -25.78 11.82
C VAL CA 384 7.38 -25.38 10.78
N SER CA 385 6.72 -24.23 10.96
CA SER CA 385 5.63 -23.84 10.09
C SER CA 385 5.87 -22.47 9.48
N VAL CA 386 5.29 -22.27 8.30
CA VAL CA 386 5.41 -21.03 7.56
C VAL CA 386 4.00 -20.53 7.22
N ILE CA 387 3.82 -19.22 7.31
CA ILE CA 387 2.59 -18.54 6.93
C ILE CA 387 2.91 -17.56 5.83
N VAL CA 388 2.18 -17.66 4.72
CA VAL CA 388 2.34 -16.74 3.60
C VAL CA 388 0.95 -16.28 3.16
N GLY CA 389 0.80 -14.99 2.90
CA GLY CA 389 -0.50 -14.50 2.52
C GLY CA 389 -0.64 -13.00 2.56
N GLY CA 390 -1.70 -12.51 3.19
CA GLY CA 390 -2.02 -11.10 3.08
C GLY CA 390 -3.45 -10.92 2.63
N ASP CA 391 -3.64 -10.47 1.41
CA ASP CA 391 -4.95 -10.37 0.80
C ASP CA 391 -5.08 -11.39 -0.32
N ASN CA 392 -6.27 -11.95 -0.48
CA ASN CA 392 -6.55 -12.91 -1.55
C ASN CA 392 -7.39 -12.22 -2.61
N PRO CA 393 -6.80 -11.82 -3.74
CA PRO CA 393 -7.57 -11.05 -4.74
C PRO CA 393 -8.72 -11.80 -5.35
N ALA CA 394 -8.71 -13.13 -5.33
CA ALA CA 394 -9.80 -13.91 -5.89
C ALA CA 394 -11.10 -13.72 -5.11
N ALA CA 395 -11.03 -13.17 -3.91
CA ALA CA 395 -12.20 -12.95 -3.07
C ALA CA 395 -12.59 -11.48 -2.92
N ASP CA 396 -11.62 -10.58 -2.83
CA ASP CA 396 -11.90 -9.18 -2.54
C ASP CA 396 -11.06 -8.26 -3.42
N ALA CA 397 -10.98 -8.57 -4.72
CA ALA CA 397 -10.39 -7.62 -5.66
C ALA CA 397 -11.25 -6.37 -5.72
N ILE CA 398 -10.62 -5.24 -6.03
CA ILE CA 398 -11.35 -3.98 -6.03
C ILE CA 398 -12.42 -3.97 -7.13
N ALA CA 399 -12.15 -4.62 -8.26
CA ALA CA 399 -13.15 -4.71 -9.31
C ALA CA 399 -14.38 -5.45 -8.84
N LYS CA 400 -14.18 -6.57 -8.13
CA LYS CA 400 -15.29 -7.29 -7.54
C LYS CA 400 -16.01 -6.43 -6.51
N LEU CA 401 -15.25 -5.83 -5.59
CA LEU CA 401 -15.81 -5.02 -4.51
C LEU CA 401 -16.66 -3.89 -5.05
N ILE CA 402 -16.32 -3.35 -6.22
CA ILE CA 402 -17.15 -2.31 -6.80
C ILE CA 402 -18.34 -2.92 -7.53
N ILE CA 403 -18.08 -3.70 -8.58
CA ILE CA 403 -19.14 -4.10 -9.51
C ILE CA 403 -20.11 -5.06 -8.84
N GLU CA 404 -19.60 -6.17 -8.29
CA GLU CA 404 -20.50 -7.19 -7.76
C GLU CA 404 -21.28 -6.68 -6.58
N THR CA 405 -20.62 -5.93 -5.69
CA THR CA 405 -21.30 -5.42 -4.51
C THR CA 405 -22.34 -4.37 -4.86
N THR CA 406 -22.03 -3.48 -5.82
CA THR CA 406 -23.04 -2.49 -6.19
C THR CA 406 -24.22 -3.15 -6.91
N GLY CA 407 -23.97 -4.20 -7.69
CA GLY CA 407 -25.07 -4.92 -8.30
C GLY CA 407 -25.94 -5.63 -7.28
N ASN CA 408 -25.31 -6.28 -6.30
CA ASN CA 408 -26.08 -6.94 -5.24
C ASN CA 408 -26.88 -5.95 -4.42
N LEU CA 409 -26.27 -4.80 -4.11
CA LEU CA 409 -26.98 -3.76 -3.37
C LEU CA 409 -28.16 -3.22 -4.17
N LEU CA 410 -27.98 -3.02 -5.48
CA LEU CA 410 -29.09 -2.54 -6.30
C LEU CA 410 -30.20 -3.58 -6.40
N GLY CA 411 -29.84 -4.86 -6.49
CA GLY CA 411 -30.87 -5.90 -6.49
C GLY CA 411 -31.64 -5.95 -5.19
N TYR CA 412 -30.94 -5.84 -4.06
CA TYR CA 412 -31.58 -5.79 -2.75
C TYR CA 412 -32.50 -4.58 -2.65
N PHE CA 413 -32.02 -3.42 -3.13
CA PHE CA 413 -32.81 -2.19 -3.10
C PHE CA 413 -34.07 -2.31 -3.94
N LEU CA 414 -33.95 -2.87 -5.15
CA LEU CA 414 -35.11 -3.01 -6.01
C LEU CA 414 -36.10 -4.05 -5.46
N LEU CA 415 -35.59 -5.07 -4.77
CA LEU CA 415 -36.49 -5.99 -4.09
C LEU CA 415 -37.13 -5.36 -2.86
N GLY CA 416 -36.53 -4.32 -2.31
CA GLY CA 416 -37.09 -3.61 -1.19
C GLY CA 416 -36.48 -3.95 0.16
N GLY CA 417 -35.21 -4.37 0.19
CA GLY CA 417 -34.60 -4.74 1.45
C GLY CA 417 -34.44 -3.57 2.40
N PHE CA 418 -34.10 -2.39 1.86
CA PHE CA 418 -33.93 -1.22 2.70
C PHE CA 418 -35.25 -0.59 3.12
N SER CA 419 -36.34 -0.92 2.43
CA SER CA 419 -37.65 -0.50 2.90
C SER CA 419 -38.10 -1.31 4.11
N SER CA 420 -37.85 -2.61 4.09
CA SER CA 420 -38.13 -3.49 5.21
C SER CA 420 -37.18 -4.68 5.17
N ALA CA 421 -36.72 -5.11 6.34
CA ALA CA 421 -35.66 -6.11 6.48
C ALA CA 421 -36.08 -7.53 6.06
N GLY CA 422 -37.28 -7.74 5.49
CA GLY CA 422 -37.70 -9.09 5.17
C GLY CA 422 -36.87 -9.76 4.09
N THR CA 423 -36.40 -8.99 3.12
CA THR CA 423 -35.68 -9.56 1.98
C THR CA 423 -34.37 -10.18 2.41
N ILE CA 424 -34.01 -11.29 1.77
CA ILE CA 424 -32.75 -11.99 2.02
C ILE CA 424 -31.72 -11.48 1.03
N ALA CA 425 -30.60 -10.98 1.55
CA ALA CA 425 -29.57 -10.39 0.71
C ALA CA 425 -28.64 -11.45 0.16
N ALA CA 426 -27.86 -11.06 -0.86
CA ALA CA 426 -26.89 -11.96 -1.50
C ALA CA 426 -25.55 -11.23 -1.60
N ASP CA 427 -24.74 -11.33 -0.54
CA ASP CA 427 -23.38 -10.81 -0.51
C ASP CA 427 -23.35 -9.30 -0.77
N ILE CA 428 -23.98 -8.55 0.13
CA ILE CA 428 -23.92 -7.09 0.11
C ILE CA 428 -22.93 -6.55 1.12
N ILE CA 429 -22.13 -7.42 1.75
CA ILE CA 429 -21.18 -7.04 2.77
C ILE CA 429 -19.75 -7.36 2.38
N MET CA 430 -19.50 -7.66 1.11
CA MET CA 430 -18.16 -8.01 0.66
C MET CA 430 -17.11 -6.95 1.00
N PRO CA 431 -17.35 -5.65 0.84
CA PRO CA 431 -16.30 -4.68 1.22
C PRO CA 431 -15.95 -4.67 2.69
N PHE CA 432 -16.81 -5.22 3.54
CA PHE CA 432 -16.51 -5.27 4.97
C PHE CA 432 -15.52 -6.37 5.34
N LEU CA 433 -15.26 -7.32 4.44
CA LEU CA 433 -14.44 -8.49 4.74
C LEU CA 433 -13.23 -8.55 3.81
N VAL CA 434 -12.56 -7.42 3.61
CA VAL CA 434 -11.39 -7.38 2.75
C VAL CA 434 -10.19 -7.88 3.53
N GLY CA 435 -9.52 -8.91 2.99
CA GLY CA 435 -8.37 -9.47 3.65
C GLY CA 435 -8.67 -10.50 4.71
N THR CA 436 -9.88 -11.02 4.77
CA THR CA 436 -10.27 -11.98 5.79
C THR CA 436 -10.66 -13.35 5.27
N ILE CA 437 -11.10 -13.45 4.02
CA ILE CA 437 -11.59 -14.72 3.46
C ILE CA 437 -10.44 -15.37 2.71
N ALA CA 438 -9.95 -16.50 3.25
CA ALA CA 438 -8.92 -17.31 2.61
C ALA CA 438 -7.70 -16.47 2.25
N ALA CA 439 -7.33 -15.58 3.16
CA ALA CA 439 -6.26 -14.62 2.93
C ALA CA 439 -4.88 -15.15 3.29
N TRP CA 440 -4.79 -16.37 3.80
CA TRP CA 440 -3.53 -16.90 4.31
C TRP CA 440 -3.35 -18.34 3.88
N LEU CA 441 -2.10 -18.80 3.94
CA LEU CA 441 -1.74 -20.19 3.76
C LEU CA 441 -0.73 -20.54 4.82
N GLN CA 442 -1.08 -21.49 5.68
CA GLN CA 442 -0.21 -21.96 6.75
C GLN CA 442 0.15 -23.41 6.49
N TRP CA 443 1.44 -23.71 6.49
CA TRP CA 443 1.90 -25.09 6.33
C TRP CA 443 2.86 -25.43 7.45
N LYS CA 444 2.63 -26.56 8.10
CA LYS CA 444 3.54 -27.08 9.12
C LYS CA 444 4.39 -28.17 8.49
N ASN CA 445 5.71 -28.01 8.55
CA ASN CA 445 6.64 -28.95 7.96
C ASN CA 445 6.78 -30.16 8.89
N THR CA 446 6.09 -31.24 8.54
CA THR CA 446 6.10 -32.43 9.40
C THR CA 446 7.49 -33.05 9.50
N GLY CA 447 8.22 -33.10 8.39
CA GLY CA 447 9.58 -33.62 8.44
C GLY CA 447 10.48 -32.77 9.31
N ARG CA 448 10.35 -31.45 9.21
CA ARG CA 448 11.15 -30.57 10.04
C ARG CA 448 10.81 -30.74 11.51
N ALA CA 449 9.52 -30.87 11.83
CA ALA CA 449 9.11 -31.09 13.21
C ALA CA 449 9.67 -32.40 13.75
N THR CA 450 9.60 -33.46 12.94
CA THR CA 450 10.14 -34.75 13.36
C THR CA 450 11.64 -34.68 13.59
N GLU CA 451 12.35 -33.96 12.72
CA GLU CA 451 13.80 -33.82 12.88
C GLU CA 451 14.15 -32.97 14.09
N LEU CA 452 13.33 -31.98 14.42
CA LEU CA 452 13.68 -31.03 15.47
C LEU CA 452 13.31 -31.53 16.86
N GLY CA 453 12.08 -31.97 17.07
CA GLY CA 453 11.69 -32.57 18.32
C GLY CA 453 10.71 -31.73 19.12
N TRP CA 454 10.71 -31.97 20.44
CA TRP CA 454 9.72 -31.36 21.32
C TRP CA 454 9.93 -29.86 21.46
N VAL CA 455 11.17 -29.42 21.63
CA VAL CA 455 11.49 -28.00 21.75
C VAL CA 455 11.91 -27.49 20.38
N HIS CA 456 11.18 -26.50 19.87
CA HIS CA 456 11.44 -25.97 18.54
C HIS CA 456 10.80 -24.60 18.41
N TYR CA 457 11.29 -23.83 17.44
CA TYR CA 457 10.62 -22.60 17.07
C TYR CA 457 9.38 -22.92 16.25
N TRP CA 458 8.31 -22.15 16.46
CA TRP CA 458 7.01 -22.56 15.95
C TRP CA 458 6.83 -22.20 14.48
N GLU CA 459 6.80 -20.90 14.17
CA GLU CA 459 6.31 -20.47 12.88
C GLU CA 459 7.04 -19.21 12.43
N LEU CA 460 6.89 -18.91 11.14
CA LEU CA 460 7.51 -17.74 10.55
C LEU CA 460 6.62 -17.23 9.44
N TYR CA 461 6.45 -15.92 9.37
CA TYR CA 461 5.73 -15.30 8.26
C TYR CA 461 6.72 -14.95 7.16
N GLN CA 462 6.40 -15.36 5.93
CA GLN CA 462 7.28 -15.13 4.79
C GLN CA 462 6.57 -14.34 3.73
N GLN CA 463 7.18 -13.25 3.30
CA GLN CA 463 6.68 -12.42 2.20
C GLN CA 463 7.48 -12.75 0.94
N GLY CA 464 6.78 -13.09 -0.13
CA GLY CA 464 7.44 -13.49 -1.35
C GLY CA 464 8.05 -12.32 -2.10
N ALA CA 465 8.86 -12.66 -3.11
CA ALA CA 465 9.45 -11.63 -3.96
C ALA CA 465 8.37 -10.84 -4.68
N GLU CA 466 7.33 -11.51 -5.17
CA GLU CA 466 6.14 -10.86 -5.69
C GLU CA 466 5.06 -10.94 -4.62
N THR CA 467 4.51 -9.78 -4.25
CA THR CA 467 3.66 -9.72 -3.07
C THR CA 467 2.30 -10.37 -3.30
N ASN CA 468 1.84 -10.44 -4.54
CA ASN CA 468 0.49 -10.91 -4.85
C ASN CA 468 0.50 -12.05 -5.85
N SER CA 469 1.35 -13.05 -5.60
CA SER CA 469 1.45 -14.21 -6.48
C SER CA 469 1.19 -15.54 -5.77
N TRP CA 470 1.07 -15.54 -4.45
CA TRP CA 470 0.83 -16.80 -3.73
C TRP CA 470 -0.51 -17.40 -4.12
N SER CA 471 -1.51 -16.56 -4.39
CA SER CA 471 -2.80 -17.07 -4.85
C SER CA 471 -2.66 -17.70 -6.22
N LEU CA 472 -1.73 -17.24 -7.04
CA LEU CA 472 -1.49 -17.87 -8.34
C LEU CA 472 -0.77 -19.20 -8.19
N ALA CA 473 0.22 -19.27 -7.30
CA ALA CA 473 0.96 -20.50 -7.05
C ALA CA 473 1.10 -20.70 -5.54
N ALA CA 474 0.10 -21.35 -4.95
CA ALA CA 474 0.13 -21.65 -3.52
C ALA CA 474 1.31 -22.54 -3.16
N LEU CA 475 1.54 -23.61 -3.93
CA LEU CA 475 2.61 -24.54 -3.61
C LEU CA 475 3.98 -23.87 -3.74
N ALA CA 476 4.17 -23.09 -4.80
CA ALA CA 476 5.45 -22.41 -4.98
C ALA CA 476 5.70 -21.41 -3.87
N ALA CA 477 4.67 -20.70 -3.43
CA ALA CA 477 4.83 -19.75 -2.33
C ALA CA 477 5.23 -20.46 -1.05
N LEU CA 478 4.60 -21.59 -0.74
CA LEU CA 478 4.94 -22.32 0.47
C LEU CA 478 6.36 -22.88 0.41
N ARG CA 479 6.77 -23.40 -0.74
CA ARG CA 479 8.14 -23.91 -0.86
C ARG CA 479 9.16 -22.78 -0.77
N GLY CA 480 8.88 -21.63 -1.38
CA GLY CA 480 9.76 -20.49 -1.24
C GLY CA 480 9.84 -19.99 0.19
N GLY CA 481 8.73 -20.07 0.91
CA GLY CA 481 8.75 -19.71 2.33
C GLY CA 481 9.58 -20.68 3.15
N PHE CA 482 9.46 -21.97 2.87
CA PHE CA 482 10.25 -22.97 3.58
C PHE CA 482 11.71 -23.00 3.15
N LEU CA 483 12.05 -22.27 2.09
CA LEU CA 483 13.46 -22.14 1.71
C LEU CA 483 14.30 -21.44 2.77
N VAL CA 484 13.68 -20.75 3.73
CA VAL CA 484 14.40 -19.81 4.59
C VAL CA 484 15.05 -20.49 5.78
N GLY CA 485 14.25 -21.04 6.67
CA GLY CA 485 14.78 -21.54 7.94
C GLY CA 485 15.09 -23.02 7.98
N ARG CA 486 16.06 -23.45 7.19
CA ARG CA 486 16.37 -24.87 7.04
C ARG CA 486 17.74 -25.19 7.63
N SER CA 487 18.04 -26.48 7.70
CA SER CA 487 19.36 -26.92 8.13
C SER CA 487 20.41 -26.43 7.16
N GLU CA 488 21.51 -25.91 7.69
CA GLU CA 488 22.52 -25.26 6.87
C GLU CA 488 23.90 -25.79 7.23
N THR CA 489 24.65 -26.21 6.22
CA THR CA 489 26.04 -26.62 6.39
C THR CA 489 26.90 -25.88 5.38
N VAL CA 490 28.00 -25.29 5.85
CA VAL CA 490 28.93 -24.61 4.97
C VAL CA 490 30.35 -24.95 5.37
N HIS CA 491 31.20 -25.21 4.37
CA HIS CA 491 32.58 -25.58 4.60
C HIS CA 491 33.49 -24.70 3.75
N LEU CA 492 34.54 -24.17 4.35
CA LEU CA 492 35.53 -23.35 3.67
C LEU CA 492 36.81 -24.14 3.49
N MET CA 493 37.31 -24.19 2.25
CA MET CA 493 38.55 -24.87 1.95
C MET CA 493 39.48 -23.88 1.26
N ALA CA 494 40.78 -24.08 1.42
CA ALA CA 494 41.79 -23.40 0.63
C ALA CA 494 42.68 -24.46 0.00
N LEU CA 495 42.69 -24.52 -1.33
CA LEU CA 495 43.47 -25.51 -2.06
C LEU CA 495 44.82 -24.89 -2.35
N HIS CA 496 45.83 -25.26 -1.55
CA HIS CA 496 47.13 -24.65 -1.71
C HIS CA 496 47.92 -25.28 -2.84
N ASP CA 497 48.24 -26.57 -2.70
CA ASP CA 497 48.90 -27.32 -3.76
C ASP CA 497 48.21 -28.65 -4.00
N SER CA 498 46.93 -28.74 -3.66
CA SER CA 498 46.18 -29.96 -3.88
C SER CA 498 46.04 -30.23 -5.37
N TRP CA 499 45.94 -31.51 -5.73
CA TRP CA 499 45.77 -31.91 -7.12
C TRP CA 499 44.44 -31.43 -7.70
N ILE CA 500 43.51 -30.98 -6.87
CA ILE CA 500 42.22 -30.54 -7.35
C ILE CA 500 42.38 -29.30 -8.21
N ILE CA 501 41.73 -29.29 -9.37
CA ILE CA 501 41.77 -28.16 -10.29
C ILE CA 501 40.39 -27.52 -10.33
N PRO CA 502 40.18 -26.39 -9.66
CA PRO CA 502 38.85 -25.75 -9.68
C PRO CA 502 38.47 -25.35 -11.10
N GLY CA 503 37.19 -25.49 -11.41
CA GLY CA 503 36.70 -25.19 -12.74
C GLY CA 503 36.83 -26.38 -13.66
N LEU CA 504 37.92 -27.12 -13.54
CA LEU CA 504 38.16 -28.30 -14.36
C LEU CA 504 37.62 -29.56 -13.69
N HIS CA 505 38.12 -29.87 -12.50
CA HIS CA 505 37.64 -31.04 -11.77
C HIS CA 505 36.24 -30.81 -11.22
N ILE CA 506 35.99 -29.61 -10.69
CA ILE CA 506 34.73 -29.28 -10.05
C ILE CA 506 34.33 -27.87 -10.49
N ASP CA 507 33.04 -27.67 -10.70
CA ASP CA 507 32.50 -26.39 -11.13
C ASP CA 507 31.49 -25.87 -10.11
N ILE CA 508 31.11 -24.61 -10.29
CA ILE CA 508 30.11 -23.99 -9.42
C ILE CA 508 28.78 -24.71 -9.56
N GLY CA 509 28.13 -24.98 -8.43
CA GLY CA 509 26.86 -25.65 -8.41
C GLY CA 509 26.94 -27.16 -8.42
N GLN CA 510 28.13 -27.73 -8.50
CA GLN CA 510 28.32 -29.17 -8.60
C GLN CA 510 28.66 -29.76 -7.24
N ARG CA 511 28.02 -30.88 -6.91
CA ARG CA 511 28.16 -31.45 -5.58
C ARG CA 511 29.54 -32.07 -5.39
N MET CA 512 30.09 -31.88 -4.20
CA MET CA 512 31.35 -32.47 -3.81
C MET CA 512 31.30 -32.77 -2.32
N GLY CA 513 32.09 -33.74 -1.90
CA GLY CA 513 32.19 -34.10 -0.50
C GLY CA 513 33.46 -33.54 0.11
N SER CA 514 33.41 -33.29 1.41
CA SER CA 514 34.56 -32.80 2.13
C SER CA 514 34.58 -33.39 3.53
N THR CA 515 35.77 -33.56 4.09
CA THR CA 515 35.91 -34.06 5.44
C THR CA 515 36.69 -33.05 6.28
N VAL CA 516 36.54 -33.17 7.59
CA VAL CA 516 37.28 -32.36 8.55
C VAL CA 516 37.91 -33.30 9.57
N ASN CA 517 39.19 -33.08 9.87
CA ASN CA 517 39.93 -33.96 10.78
C ASN CA 517 39.62 -33.54 12.23
N SER CA 518 38.38 -33.83 12.62
CA SER CA 518 37.90 -33.56 13.96
C SER CA 518 37.31 -34.83 14.55
N LYS CA 519 37.58 -35.06 15.83
CA LYS CA 519 37.15 -36.31 16.45
C LYS CA 519 35.64 -36.43 16.45
N GLY CA 520 35.14 -37.58 16.01
CA GLY CA 520 33.73 -37.84 15.91
C GLY CA 520 33.15 -37.67 14.51
N VAL CA 521 33.85 -36.95 13.63
CA VAL CA 521 33.36 -36.74 12.28
C VAL CA 521 34.44 -37.04 11.25
N GLU CA 522 35.43 -37.86 11.63
CA GLU CA 522 36.48 -38.24 10.68
C GLU CA 522 35.90 -39.02 9.52
N ASN CA 523 35.01 -39.98 9.82
CA ASN CA 523 34.44 -40.83 8.78
C ASN CA 523 33.42 -40.08 7.93
N ILE CA 524 32.70 -39.13 8.53
CA ILE CA 524 31.62 -38.45 7.85
C ILE CA 524 32.15 -37.62 6.69
N VAL CA 525 31.41 -37.61 5.58
CA VAL CA 525 31.70 -36.75 4.44
C VAL CA 525 30.51 -35.81 4.28
N TRP CA 526 30.77 -34.52 4.35
CA TRP CA 526 29.74 -33.50 4.14
C TRP CA 526 29.66 -33.21 2.66
N VAL CA 527 28.51 -33.50 2.05
CA VAL CA 527 28.32 -33.36 0.62
C VAL CA 527 27.51 -32.10 0.37
N ASN CA 528 28.13 -31.11 -0.26
CA ASN CA 528 27.49 -29.85 -0.58
C ASN CA 528 27.78 -29.51 -2.02
N GLN CA 529 26.86 -28.79 -2.66
CA GLN CA 529 27.13 -28.29 -3.99
C GLN CA 529 28.03 -27.06 -3.88
N LEU CA 530 29.05 -27.01 -4.72
CA LEU CA 530 30.02 -25.92 -4.64
C LEU CA 530 29.32 -24.59 -4.90
N GLU CA 531 29.58 -23.62 -4.03
CA GLU CA 531 28.91 -22.33 -4.07
C GLU CA 531 29.83 -21.18 -4.41
N GLU CA 532 31.06 -21.17 -3.92
CA GLU CA 532 31.98 -20.11 -4.27
C GLU CA 532 33.37 -20.68 -4.52
N MET CA 533 34.10 -20.07 -5.42
CA MET CA 533 35.53 -20.32 -5.52
C MET CA 533 36.22 -19.06 -6.02
N THR CA 534 37.18 -18.57 -5.25
CA THR CA 534 37.89 -17.35 -5.55
C THR CA 534 39.33 -17.66 -5.90
N ALA CA 535 39.80 -17.10 -7.02
CA ALA CA 535 41.21 -17.18 -7.40
C ALA CA 535 41.85 -15.86 -7.06
N ALA CA 536 42.85 -15.89 -6.18
CA ALA CA 536 43.49 -14.66 -5.72
C ALA CA 536 45.00 -14.81 -5.77
N TRP CA 537 45.67 -13.70 -6.02
CA TRP CA 537 47.13 -13.67 -6.01
C TRP CA 537 47.60 -12.28 -5.60
N ASP CA 538 48.85 -12.21 -5.14
CA ASP CA 538 49.47 -10.95 -4.75
C ASP CA 538 50.94 -11.01 -5.12
N ASN CA 539 51.39 -10.06 -5.92
CA ASN CA 539 52.77 -10.02 -6.39
C ASN CA 539 53.62 -9.01 -5.63
N SER CA 540 53.12 -8.48 -4.52
CA SER CA 540 53.85 -7.47 -3.76
C SER CA 540 55.10 -8.08 -3.13
N ALA CA 541 56.12 -7.23 -2.96
CA ALA CA 541 57.37 -7.69 -2.38
C ALA CA 541 57.20 -8.09 -0.92
N GLY CA 542 56.42 -7.33 -0.16
CA GLY CA 542 56.20 -7.63 1.23
C GLY CA 542 55.56 -8.99 1.45
N GLN CA 543 54.31 -9.15 1.03
CA GLN CA 543 53.64 -10.44 1.04
C GLN CA 543 53.39 -10.85 -0.40
N THR CA 544 53.83 -12.05 -0.77
CA THR CA 544 53.70 -12.56 -2.13
C THR CA 544 52.96 -13.89 -2.06
N MET CA 545 51.74 -13.90 -2.56
CA MET CA 545 50.92 -15.10 -2.58
C MET CA 545 50.71 -15.54 -4.02
N PRO CA 546 51.15 -16.74 -4.41
CA PRO CA 546 50.88 -17.23 -5.76
C PRO CA 546 49.37 -17.44 -5.96
N LEU CA 547 48.99 -17.59 -7.22
CA LEU CA 547 47.58 -17.74 -7.55
C LEU CA 547 47.01 -18.95 -6.84
N SER CA 548 46.09 -18.72 -5.90
CA SER CA 548 45.53 -19.77 -5.08
C SER CA 548 44.01 -19.69 -5.12
N TRP CA 549 43.38 -20.84 -4.94
CA TRP CA 549 41.93 -20.97 -5.00
C TRP CA 549 41.39 -21.28 -3.61
N VAL CA 550 40.30 -20.62 -3.26
CA VAL CA 550 39.58 -20.85 -2.02
C VAL CA 550 38.14 -21.22 -2.37
N LEU CA 551 37.70 -22.37 -1.89
CA LEU CA 551 36.36 -22.87 -2.16
C LEU CA 551 35.47 -22.69 -0.94
N LYS CA 552 34.18 -22.50 -1.21
CA LYS CA 552 33.14 -22.50 -0.18
C LYS CA 552 32.04 -23.42 -0.69
N ALA CA 553 31.88 -24.56 -0.03
CA ALA CA 553 30.90 -25.57 -0.39
C ALA CA 553 29.71 -25.46 0.54
N GLY CA 554 28.51 -25.40 -0.03
CA GLY CA 554 27.30 -25.18 0.73
C GLY CA 554 27.16 -23.72 1.11
N LYS CA 555 25.97 -23.38 1.58
CA LYS CA 555 25.68 -22.03 2.01
C LYS CA 555 24.91 -22.06 3.33
N SER CA 556 25.05 -21.00 4.10
CA SER CA 556 24.37 -20.89 5.39
C SER CA 556 24.17 -19.43 5.71
N ASP CA 557 22.91 -19.05 5.95
CA ASP CA 557 22.63 -17.69 6.41
C ASP CA 557 23.18 -17.46 7.81
N ARG CA 558 23.27 -18.51 8.62
CA ARG CA 558 23.71 -18.37 10.00
C ARG CA 558 25.19 -18.01 10.07
N ALA CA 559 26.03 -18.73 9.34
CA ALA CA 559 27.47 -18.48 9.38
C ALA CA 559 27.91 -17.37 8.43
N MET CA 560 26.98 -16.79 7.68
CA MET CA 560 27.29 -15.63 6.86
C MET CA 560 27.69 -14.47 7.76
N SER CA 561 28.66 -13.68 7.30
CA SER CA 561 29.14 -12.54 8.07
C SER CA 561 28.01 -11.52 8.26
N ILE CA 562 28.16 -10.68 9.28
CA ILE CA 562 27.11 -9.73 9.61
C ILE CA 562 26.97 -8.69 8.51
N GLY CA 563 28.09 -8.22 7.94
CA GLY CA 563 28.01 -7.27 6.86
C GLY CA 563 27.31 -7.83 5.64
N GLU CA 564 27.65 -9.07 5.27
CA GLU CA 564 26.99 -9.72 4.14
C GLU CA 564 25.51 -9.94 4.41
N ARG CA 565 25.17 -10.34 5.64
CA ARG CA 565 23.77 -10.51 6.01
C ARG CA 565 23.00 -9.20 5.89
N VAL CA 566 23.61 -8.11 6.37
CA VAL CA 566 22.96 -6.80 6.30
C VAL CA 566 22.77 -6.39 4.85
N ALA CA 567 23.78 -6.62 4.01
CA ALA CA 567 23.66 -6.26 2.60
C ALA CA 567 22.57 -7.06 1.90
N ARG CA 568 22.52 -8.37 2.15
CA ARG CA 568 21.49 -9.21 1.52
C ARG CA 568 20.10 -8.80 1.99
N LEU CA 569 19.95 -8.55 3.29
CA LEU CA 569 18.68 -8.10 3.84
C LEU CA 569 18.28 -6.77 3.23
N ALA CA 570 19.24 -5.86 3.07
CA ALA CA 570 18.95 -4.55 2.49
C ALA CA 570 18.49 -4.68 1.04
N LYS CA 571 19.13 -5.57 0.28
CA LYS CA 571 18.72 -5.78 -1.10
C LYS CA 571 17.31 -6.32 -1.17
N LYS CA 572 17.01 -7.33 -0.34
CA LYS CA 572 15.67 -7.90 -0.35
C LYS CA 572 14.63 -6.89 0.12
N MET CA 573 14.96 -6.08 1.12
CA MET CA 573 14.05 -5.05 1.60
C MET CA 573 13.78 -3.99 0.54
N SER CA 574 14.82 -3.58 -0.19
CA SER CA 574 14.63 -2.59 -1.25
C SER CA 574 13.75 -3.15 -2.36
N GLU CA 575 13.98 -4.41 -2.76
CA GLU CA 575 13.15 -5.01 -3.80
C GLU CA 575 11.70 -5.13 -3.34
N ALA CA 576 11.48 -5.56 -2.10
CA ALA CA 576 10.13 -5.69 -1.58
C ALA CA 576 9.45 -4.33 -1.47
N LEU CA 577 10.21 -3.30 -1.10
CA LEU CA 577 9.66 -1.96 -1.02
C LEU CA 577 9.24 -1.45 -2.38
N ASN CA 578 10.06 -1.70 -3.41
CA ASN CA 578 9.65 -1.35 -4.77
C ASN CA 578 8.38 -2.08 -5.17
N ASN CA 579 8.30 -3.38 -4.86
CA ASN CA 579 7.12 -4.14 -5.22
C ASN CA 579 5.87 -3.61 -4.53
N VAL CA 580 5.97 -3.33 -3.23
CA VAL CA 580 4.81 -2.81 -2.51
C VAL CA 580 4.41 -1.44 -3.05
N GLY CA 581 5.38 -0.56 -3.27
CA GLY CA 581 5.08 0.76 -3.79
C GLY CA 581 4.41 0.71 -5.15
N VAL CA 582 4.81 -0.24 -6.00
CA VAL CA 582 4.17 -0.34 -7.30
C VAL CA 582 2.82 -1.04 -7.20
N HIS CA 583 2.58 -1.84 -6.15
CA HIS CA 583 1.27 -2.43 -5.93
C HIS CA 583 0.33 -1.51 -5.17
N ILE CA 584 0.79 -0.33 -4.74
CA ILE CA 584 -0.11 0.62 -4.08
C ILE CA 584 -1.26 0.99 -4.99
N VAL CA 585 -2.47 1.05 -4.42
CA VAL CA 585 -3.67 1.48 -5.14
C VAL CA 585 -3.87 2.96 -4.86
N GLN CA 586 -4.09 3.75 -5.91
CA GLN CA 586 -4.19 5.19 -5.77
C GLN CA 586 -5.52 5.59 -5.14
N SER CA 587 -5.53 6.78 -4.54
CA SER CA 587 -6.71 7.30 -3.90
C SER CA 587 -7.44 8.28 -4.81
N ALA DA 2 47.28 53.11 -6.24
CA ALA DA 2 47.90 52.77 -7.53
C ALA DA 2 49.27 53.42 -7.66
N ASN DA 3 50.28 52.76 -7.10
CA ASN DA 3 51.65 53.25 -7.17
C ASN DA 3 52.27 52.80 -8.48
N ASN DA 4 52.40 53.72 -9.43
CA ASN DA 4 52.97 53.37 -10.73
C ASN DA 4 54.46 53.05 -10.58
N TRP DA 5 55.01 52.40 -11.61
CA TRP DA 5 56.43 52.08 -11.60
C TRP DA 5 57.27 53.35 -11.56
N THR DA 6 56.87 54.37 -12.33
CA THR DA 6 57.61 55.63 -12.31
C THR DA 6 57.57 56.26 -10.93
N ASP DA 7 56.41 56.22 -10.27
CA ASP DA 7 56.30 56.78 -8.92
C ASP DA 7 57.17 56.01 -7.93
N ILE DA 8 57.18 54.68 -8.02
CA ILE DA 8 58.00 53.89 -7.13
C ILE DA 8 59.49 54.16 -7.37
N LEU DA 9 59.88 54.27 -8.64
CA LEU DA 9 61.27 54.57 -8.96
C LEU DA 9 61.66 55.96 -8.44
N ALA DA 10 60.77 56.94 -8.57
CA ALA DA 10 61.05 58.27 -8.04
C ALA DA 10 61.18 58.24 -6.52
N ALA DA 11 60.33 57.47 -5.84
CA ALA DA 11 60.44 57.34 -4.39
C ALA DA 11 61.76 56.68 -4.00
N SER DA 12 62.21 55.71 -4.79
CA SER DA 12 63.47 55.04 -4.55
C SER DA 12 64.67 55.78 -5.11
N ASP DA 13 64.44 56.96 -5.71
CA ASP DA 13 65.51 57.83 -6.22
C ASP DA 13 66.21 57.20 -7.41
N GLY DA 14 65.43 56.60 -8.31
CA GLY DA 14 65.97 56.07 -9.55
C GLY DA 14 66.72 54.76 -9.43
N ASP DA 15 66.62 54.08 -8.29
CA ASP DA 15 67.29 52.80 -8.09
C ASP DA 15 66.29 51.68 -8.39
N GLU DA 16 66.48 51.00 -9.53
CA GLU DA 16 65.58 49.93 -9.92
C GLU DA 16 65.61 48.79 -8.92
N TRP DA 17 66.80 48.47 -8.40
CA TRP DA 17 66.91 47.39 -7.43
C TRP DA 17 66.18 47.74 -6.13
N ALA DA 18 66.29 48.98 -5.67
CA ALA DA 18 65.56 49.39 -4.48
C ALA DA 18 64.05 49.37 -4.72
N ALA DA 19 63.62 49.82 -5.90
CA ALA DA 19 62.19 49.80 -6.21
C ALA DA 19 61.65 48.38 -6.25
N PHE DA 20 62.40 47.47 -6.85
CA PHE DA 20 61.94 46.08 -6.92
C PHE DA 20 61.99 45.41 -5.57
N LYS DA 21 62.94 45.79 -4.71
CA LYS DA 21 62.95 45.29 -3.34
C LYS DA 21 61.72 45.79 -2.57
N THR DA 22 61.32 47.04 -2.83
CA THR DA 22 60.08 47.56 -2.25
C THR DA 22 58.89 46.72 -2.68
N ILE DA 23 58.78 46.44 -3.97
CA ILE DA 23 57.67 45.64 -4.48
C ILE DA 23 57.68 44.24 -3.87
N GLU DA 24 58.87 43.64 -3.77
CA GLU DA 24 58.98 42.31 -3.20
C GLU DA 24 58.61 42.30 -1.73
N ALA DA 25 58.98 43.37 -1.00
CA ALA DA 25 58.58 43.48 0.40
C ALA DA 25 57.06 43.56 0.53
N GLN DA 26 56.41 44.33 -0.33
CA GLN DA 26 54.95 44.40 -0.28
C GLN DA 26 54.31 43.04 -0.58
N ALA DA 27 54.83 42.34 -1.59
CA ALA DA 27 54.32 41.01 -1.91
C ALA DA 27 54.54 40.05 -0.74
N ASP DA 28 55.68 40.15 -0.07
CA ASP DA 28 55.94 39.32 1.09
C ASP DA 28 54.97 39.65 2.22
N GLU DA 29 54.63 40.93 2.38
CA GLU DA 29 53.64 41.30 3.39
C GLU DA 29 52.30 40.66 3.10
N VAL DA 30 51.87 40.67 1.83
CA VAL DA 30 50.61 40.04 1.47
C VAL DA 30 50.66 38.54 1.71
N ARG DA 31 51.76 37.90 1.33
CA ARG DA 31 51.89 36.46 1.54
C ARG DA 31 51.89 36.11 3.02
N ALA DA 32 52.56 36.93 3.83
CA ALA DA 32 52.58 36.69 5.28
C ALA DA 32 51.21 36.90 5.89
N GLY DA 33 50.45 37.86 5.38
CA GLY DA 33 49.08 38.01 5.82
C GLY DA 33 48.26 36.76 5.51
N HIS DA 34 48.42 36.21 4.30
CA HIS DA 34 47.71 34.98 3.97
C HIS DA 34 48.14 33.82 4.86
N GLN DA 35 49.44 33.72 5.14
CA GLN DA 35 49.94 32.65 5.98
C GLN DA 35 49.40 32.74 7.40
N ALA DA 36 49.42 33.95 7.98
CA ALA DA 36 48.89 34.13 9.32
C ALA DA 36 47.39 33.87 9.37
N LEU DA 37 46.68 34.31 8.33
CA LEU DA 37 45.25 33.99 8.23
C LEU DA 37 45.02 32.49 8.20
N ARG DA 38 45.83 31.77 7.43
CA ARG DA 38 45.65 30.33 7.31
C ARG DA 38 45.96 29.64 8.63
N ARG DA 39 46.99 30.10 9.34
CA ARG DA 39 47.43 29.48 10.58
C ARG DA 39 46.66 29.98 11.79
N ALA DA 40 45.72 30.91 11.62
CA ALA DA 40 44.95 31.41 12.75
C ALA DA 40 44.24 30.28 13.47
N LYS DA 41 44.28 30.33 14.80
CA LYS DA 41 43.59 29.33 15.62
C LYS DA 41 42.08 29.52 15.52
N PRO DA 42 41.31 28.45 15.62
CA PRO DA 42 39.85 28.57 15.64
C PRO DA 42 39.35 29.09 16.98
N LEU DA 43 38.15 29.64 16.95
CA LEU DA 43 37.48 30.16 18.14
C LEU DA 43 36.28 29.26 18.42
N ILE DA 44 36.39 28.44 19.46
CA ILE DA 44 35.33 27.50 19.83
C ILE DA 44 34.58 28.11 21.01
N ARG DA 45 33.26 28.28 20.85
CA ARG DA 45 32.46 28.90 21.89
C ARG DA 45 31.16 28.14 22.07
N LEU DA 46 30.81 27.91 23.34
CA LEU DA 46 29.57 27.24 23.72
C LEU DA 46 28.56 28.27 24.18
N TRP DA 47 27.32 28.13 23.68
CA TRP DA 47 26.20 28.98 23.98
C TRP DA 47 25.04 28.10 24.45
N MET DA 48 24.13 28.69 25.23
CA MET DA 48 22.99 27.95 25.75
C MET DA 48 21.72 28.76 25.58
N ASN DA 49 20.60 28.06 25.65
CA ASN DA 49 19.30 28.71 25.63
C ASN DA 49 19.10 29.52 26.91
N ASN DA 50 18.29 30.55 26.82
CA ASN DA 50 18.03 31.40 27.97
C ASN DA 50 17.28 30.61 29.04
N PRO DA 51 17.79 30.56 30.27
CA PRO DA 51 17.12 29.75 31.31
C PRO DA 51 15.71 30.20 31.62
N ASP DA 52 15.34 31.44 31.36
CA ASP DA 52 13.99 31.91 31.63
C ASP DA 52 13.02 31.58 30.51
N GLY DA 53 13.48 30.96 29.43
CA GLY DA 53 12.62 30.58 28.33
C GLY DA 53 12.41 31.64 27.27
N SER DA 54 13.19 32.71 27.28
CA SER DA 54 13.09 33.76 26.28
C SER DA 54 13.90 33.37 25.06
N GLU DA 55 14.06 34.30 24.12
CA GLU DA 55 14.81 34.07 22.89
C GLU DA 55 16.24 34.55 23.04
N GLY DA 56 17.07 34.14 22.08
CA GLY DA 56 18.47 34.51 22.08
C GLY DA 56 19.35 33.55 22.84
N LEU DA 57 20.41 33.07 22.21
CA LEU DA 57 21.36 32.20 22.87
C LEU DA 57 22.18 32.99 23.88
N VAL DA 58 22.49 32.34 25.00
CA VAL DA 58 23.25 32.97 26.08
C VAL DA 58 24.64 32.36 26.12
N TYR DA 59 25.65 33.22 26.11
CA TYR DA 59 27.04 32.79 26.05
C TYR DA 59 27.42 31.99 27.28
N VAL DA 60 27.90 30.77 27.07
CA VAL DA 60 28.37 29.94 28.17
C VAL DA 60 29.86 30.16 28.34
N GLY DA 61 30.63 29.87 27.31
CA GLY DA 61 32.07 29.99 27.49
C GLY DA 61 32.82 29.77 26.20
N ARG DA 62 34.15 29.78 26.32
CA ARG DA 62 35.04 29.57 25.19
C ARG DA 62 36.04 28.47 25.52
N VAL DA 63 36.21 27.54 24.59
CA VAL DA 63 37.23 26.50 24.70
C VAL DA 63 38.48 27.00 24.00
N ASP DA 64 39.62 26.91 24.67
CA ASP DA 64 40.87 27.23 24.01
C ASP DA 64 41.29 26.08 23.10
N TYR DA 65 41.83 26.43 21.94
CA TYR DA 65 42.31 25.41 21.02
C TYR DA 65 43.41 24.57 21.66
N ASP DA 66 44.28 25.22 22.45
CA ASP DA 66 45.29 24.49 23.19
C ASP DA 66 44.68 23.63 24.28
N ASP DA 67 43.56 24.07 24.85
CA ASP DA 67 42.90 23.31 25.92
C ASP DA 67 42.07 22.15 25.38
N THR DA 68 41.79 22.11 24.08
CA THR DA 68 41.18 20.93 23.51
C THR DA 68 42.15 19.75 23.53
N ILE DA 69 41.60 18.56 23.41
CA ILE DA 69 42.38 17.34 23.22
C ILE DA 69 42.43 16.94 21.75
N ARG DA 70 41.27 16.85 21.12
CA ARG DA 70 41.18 16.63 19.69
C ARG DA 70 39.84 17.18 19.20
N GLY DA 71 39.76 17.42 17.91
CA GLY DA 71 38.56 17.98 17.32
C GLY DA 71 38.46 17.61 15.86
N SER DA 72 37.22 17.54 15.38
CA SER DA 72 36.96 17.17 13.98
C SER DA 72 35.62 17.76 13.59
N PHE DA 73 35.64 18.73 12.67
CA PHE DA 73 34.43 19.41 12.24
C PHE DA 73 34.34 19.35 10.72
N PRO DA 74 33.44 18.55 10.17
CA PRO DA 74 33.28 18.50 8.72
C PRO DA 74 32.17 19.41 8.20
N PHE DA 75 32.40 20.02 7.04
CA PHE DA 75 31.38 20.75 6.30
C PHE DA 75 31.06 19.91 5.07
N LYS DA 76 29.79 19.58 4.89
CA LYS DA 76 29.35 18.72 3.80
C LYS DA 76 28.31 19.43 2.96
N ASN DA 77 28.22 19.03 1.70
CA ASN DA 77 27.26 19.62 0.77
C ASN DA 77 25.90 18.96 0.94
N ASN DA 78 24.95 19.73 1.54
CA ASN DA 78 23.57 19.32 1.69
C ASN DA 78 23.42 18.08 2.58
N THR DA 79 24.43 17.78 3.39
CA THR DA 79 24.42 16.58 4.22
C THR DA 79 24.73 16.97 5.66
N PRO DA 80 23.96 16.48 6.63
CA PRO DA 80 24.31 16.71 8.02
C PRO DA 80 25.62 16.02 8.38
N SER DA 81 26.35 16.62 9.32
CA SER DA 81 27.63 16.09 9.77
C SER DA 81 27.74 16.22 11.27
N GLN DA 82 28.58 15.38 11.86
CA GLN DA 82 28.82 15.36 13.30
C GLN DA 82 30.18 15.96 13.60
N GLY DA 83 30.21 16.92 14.51
CA GLY DA 83 31.45 17.48 15.00
C GLY DA 83 31.78 16.90 16.37
N VAL DA 84 33.05 16.55 16.56
CA VAL DA 84 33.51 15.89 17.77
C VAL DA 84 34.56 16.76 18.44
N LEU DA 85 34.35 17.06 19.71
CA LEU DA 85 35.29 17.86 20.51
C LEU DA 85 35.63 17.09 21.78
N GLU DA 86 36.90 16.85 22.01
CA GLU DA 86 37.33 16.10 23.19
C GLU DA 86 38.04 17.04 24.16
N LEU DA 87 37.60 17.03 25.41
CA LEU DA 87 38.13 17.91 26.44
C LEU DA 87 38.58 17.08 27.63
N ARG DA 88 39.51 17.63 28.40
CA ARG DA 88 39.84 17.03 29.69
C ARG DA 88 38.70 17.29 30.66
N ASP DA 89 38.48 16.33 31.56
CA ASP DA 89 37.34 16.44 32.47
C ASP DA 89 37.48 17.58 33.47
N ASP DA 90 38.69 18.10 33.66
CA ASP DA 90 38.90 19.24 34.52
C ASP DA 90 38.68 20.57 33.82
N ASN DA 91 38.47 20.57 32.50
CA ASN DA 91 38.14 21.80 31.79
C ASN DA 91 36.81 22.36 32.30
N TYR DA 92 36.72 23.69 32.35
CA TYR DA 92 35.54 24.29 32.97
C TYR DA 92 34.30 24.09 32.12
N LEU DA 93 34.43 24.12 30.80
CA LEU DA 93 33.27 23.84 29.96
C LEU DA 93 32.91 22.37 29.97
N ALA DA 94 33.89 21.48 30.13
CA ALA DA 94 33.58 20.07 30.33
C ALA DA 94 32.80 19.87 31.62
N VAL DA 95 33.21 20.55 32.70
CA VAL DA 95 32.48 20.47 33.96
C VAL DA 95 31.07 21.00 33.80
N TRP DA 96 30.92 22.12 33.09
CA TRP DA 96 29.59 22.68 32.85
C TRP DA 96 28.71 21.70 32.09
N LEU DA 97 29.25 21.08 31.04
CA LEU DA 97 28.46 20.14 30.25
C LEU DA 97 28.08 18.92 31.09
N LYS DA 98 28.99 18.45 31.94
CA LYS DA 98 28.68 17.31 32.79
C LYS DA 98 27.60 17.65 33.82
N GLN DA 99 27.65 18.86 34.37
CA GLN DA 99 26.62 19.28 35.33
C GLN DA 99 25.30 19.64 34.66
N LEU DA 100 25.30 19.85 33.34
CA LEU DA 100 24.09 20.28 32.67
C LEU DA 100 22.90 19.33 32.83
N PRO DA 101 23.03 18.01 32.64
CA PRO DA 101 21.84 17.16 32.77
C PRO DA 101 21.16 17.23 34.12
N ASN DA 102 21.93 17.33 35.21
CA ASN DA 102 21.37 17.34 36.55
C ASN DA 102 21.14 18.74 37.10
N ASN DA 103 21.43 19.77 36.33
CA ASN DA 103 21.16 21.14 36.75
C ASN DA 103 19.72 21.49 36.39
N PRO DA 104 18.87 21.78 37.37
CA PRO DA 104 17.46 22.08 37.06
C PRO DA 104 17.20 23.52 36.68
N GLU DA 105 18.20 24.39 36.73
CA GLU DA 105 18.04 25.79 36.36
C GLU DA 105 18.48 26.08 34.94
N LEU DA 106 18.88 25.07 34.17
CA LEU DA 106 19.40 25.26 32.83
C LEU DA 106 18.55 24.50 31.83
N LYS DA 107 18.50 25.03 30.61
CA LYS DA 107 17.91 24.30 29.49
C LYS DA 107 18.93 23.32 28.93
N LYS DA 108 18.43 22.21 28.39
CA LYS DA 108 19.26 21.07 28.06
C LYS DA 108 19.91 21.14 26.69
N ASN DA 109 19.61 22.18 25.90
CA ASN DA 109 20.17 22.31 24.56
C ASN DA 109 21.35 23.27 24.59
N VAL DA 110 22.43 22.88 23.93
CA VAL DA 110 23.67 23.67 23.86
C VAL DA 110 24.06 23.79 22.39
N VAL DA 111 24.58 24.95 22.02
CA VAL DA 111 25.02 25.22 20.65
C VAL DA 111 26.51 25.52 20.67
N ILE DA 112 27.26 24.82 19.84
CA ILE DA 112 28.67 25.11 19.65
C ILE DA 112 28.84 25.92 18.37
N THR DA 113 29.72 26.91 18.42
CA THR DA 113 30.14 27.65 17.24
C THR DA 113 31.66 27.63 17.17
N VAL DA 114 32.18 27.10 16.08
CA VAL DA 114 33.62 27.08 15.81
C VAL DA 114 33.87 28.04 14.66
N ASP DA 115 34.60 29.11 14.93
CA ASP DA 115 34.87 30.16 13.95
C ASP DA 115 36.30 30.00 13.45
N PHE DA 116 36.42 29.79 12.15
CA PHE DA 116 37.69 29.83 11.45
C PHE DA 116 37.79 31.16 10.71
N TYR DA 117 38.96 31.78 10.81
CA TYR DA 117 39.35 32.90 9.96
C TYR DA 117 38.60 34.16 10.37
N GLY DA 118 38.52 34.40 11.67
CA GLY DA 118 37.78 35.53 12.22
C GLY DA 118 36.29 35.47 12.00
N GLY DA 119 35.71 34.28 12.07
CA GLY DA 119 34.29 34.12 11.87
C GLY DA 119 33.84 34.07 10.43
N LYS DA 120 34.78 34.16 9.48
CA LYS DA 120 34.41 34.05 8.06
C LYS DA 120 33.86 32.67 7.75
N LYS DA 121 34.44 31.63 8.34
CA LYS DA 121 33.92 30.27 8.25
C LYS DA 121 33.38 29.88 9.62
N ARG DA 122 32.19 29.32 9.67
CA ARG DA 122 31.62 28.96 10.96
C ARG DA 122 30.95 27.60 10.91
N TRP DA 123 31.21 26.80 11.93
CA TRP DA 123 30.56 25.51 12.15
C TRP DA 123 29.72 25.63 13.41
N SER DA 124 28.40 25.68 13.27
CA SER DA 124 27.51 25.76 14.41
C SER DA 124 26.63 24.52 14.45
N GLY DA 125 26.38 24.02 15.66
CA GLY DA 125 25.58 22.81 15.80
C GLY DA 125 25.06 22.60 17.20
N LEU DA 126 23.95 21.88 17.29
CA LEU DA 126 23.38 21.48 18.57
C LEU DA 126 24.11 20.28 19.16
N LEU DA 127 24.15 20.23 20.48
CA LEU DA 127 24.79 19.14 21.19
C LEU DA 127 24.01 17.84 20.99
N ASP DA 128 24.66 16.84 20.41
CA ASP DA 128 24.03 15.53 20.30
C ASP DA 128 24.17 14.74 21.59
N LYS DA 129 25.38 14.67 22.14
CA LYS DA 129 25.58 13.97 23.40
C LYS DA 129 27.00 14.23 23.89
N TRP DA 130 27.30 13.74 25.09
CA TRP DA 130 28.68 13.65 25.55
C TRP DA 130 28.88 12.32 26.25
N THR DA 131 30.14 11.89 26.31
CA THR DA 131 30.49 10.63 26.94
C THR DA 131 31.76 10.84 27.75
N ILE DA 132 31.77 10.31 28.97
CA ILE DA 132 32.95 10.30 29.82
C ILE DA 132 33.70 9.01 29.50
N LYS DA 133 34.82 9.14 28.80
CA LYS DA 133 35.60 8.00 28.34
C LYS DA 133 36.93 7.94 29.06
N SER DA 134 37.37 6.74 29.40
CA SER DA 134 38.58 6.52 30.17
C SER DA 134 39.61 5.78 29.33
N LYS DA 135 40.81 6.33 29.25
CA LYS DA 135 41.98 5.63 28.74
C LYS DA 135 43.01 5.57 29.84
N GLU DA 136 43.41 4.35 30.21
CA GLU DA 136 44.35 4.07 31.31
C GLU DA 136 44.08 4.95 32.53
N HIS DA 137 42.85 4.82 33.03
CA HIS DA 137 42.39 5.50 34.25
C HIS DA 137 42.36 7.01 34.10
N VAL DA 138 42.43 7.51 32.88
CA VAL DA 138 42.41 8.94 32.61
C VAL DA 138 41.09 9.25 31.92
N LYS DA 139 40.32 10.16 32.51
CA LYS DA 139 38.96 10.43 32.05
C LYS DA 139 38.92 11.73 31.26
N TYR DA 140 38.26 11.67 30.10
CA TYR DA 140 38.01 12.84 29.28
C TYR DA 140 36.57 12.82 28.82
N LEU DA 141 36.12 13.93 28.26
CA LEU DA 141 34.74 14.09 27.80
C LEU DA 141 34.77 14.28 26.30
N GLU DA 142 34.18 13.34 25.56
CA GLU DA 142 34.01 13.57 24.13
C GLU DA 142 32.59 14.09 23.92
N VAL DA 143 32.46 15.17 23.17
CA VAL DA 143 31.19 15.86 22.99
C VAL DA 143 30.89 15.85 21.51
N THR DA 144 29.73 15.30 21.16
CA THR DA 144 29.29 15.17 19.78
C THR DA 144 28.17 16.16 19.52
N PHE DA 145 28.33 16.97 18.48
CA PHE DA 145 27.36 17.96 18.04
C PHE DA 145 26.89 17.61 16.63
N ASN DA 146 25.65 17.96 16.33
CA ASN DA 146 25.09 17.81 15.00
C ASN DA 146 24.97 19.19 14.37
N ASP DA 147 25.52 19.35 13.18
CA ASP DA 147 25.51 20.64 12.51
C ASP DA 147 24.08 21.10 12.25
N ASP DA 148 23.94 22.39 11.98
CA ASP DA 148 22.63 23.02 11.92
C ASP DA 148 21.83 22.64 10.67
N LEU DA 149 22.33 21.74 9.85
CA LEU DA 149 21.52 21.19 8.76
C LEU DA 149 20.62 20.05 9.21
N THR DA 150 20.74 19.62 10.47
CA THR DA 150 19.89 18.57 10.99
C THR DA 150 18.48 19.06 11.29
N MET DA 151 18.27 20.39 11.36
CA MET DA 151 16.94 20.92 11.57
C MET DA 151 15.99 20.55 10.44
N LEU DA 152 16.52 20.39 9.23
CA LEU DA 152 15.68 20.04 8.10
C LEU DA 152 15.18 18.61 8.16
N GLN DA 153 15.88 17.73 8.87
CA GLN DA 153 15.38 16.38 9.08
C GLN DA 153 14.17 16.39 10.00
N TYR DA 154 14.13 17.31 10.97
CA TYR DA 154 13.03 17.41 11.90
C TYR DA 154 11.96 18.38 11.46
N LEU DA 155 12.18 19.10 10.37
CA LEU DA 155 11.12 19.89 9.74
C LEU DA 155 10.34 18.99 8.79
N LEU DA 156 9.03 18.91 9.00
CA LEU DA 156 8.14 18.10 8.16
C LEU DA 156 7.28 19.01 7.29
N CYS DA 157 6.81 18.45 6.18
CA CYS DA 157 5.89 19.15 5.28
C CYS DA 157 4.56 18.40 5.22
N PRO DA 158 3.52 18.90 5.89
CA PRO DA 158 2.21 18.26 5.79
C PRO DA 158 1.56 18.56 4.46
N PRO DA 159 0.49 17.83 4.11
CA PRO DA 159 -0.22 18.13 2.86
C PRO DA 159 -0.74 19.55 2.75
N ASN DA 160 -1.17 20.16 3.86
CA ASN DA 160 -1.58 21.56 3.88
C ASN DA 160 -0.92 22.24 5.07
N PRO DA 161 0.25 22.84 4.88
CA PRO DA 161 0.95 23.48 6.00
C PRO DA 161 0.28 24.73 6.52
N ALA DA 162 -0.75 25.24 5.85
CA ALA DA 162 -1.42 26.47 6.26
C ALA DA 162 -2.67 26.22 7.08
N LEU DA 163 -2.96 24.98 7.43
CA LEU DA 163 -4.18 24.61 8.14
C LEU DA 163 -3.84 23.65 9.27
N PRO DA 164 -4.71 23.53 10.28
CA PRO DA 164 -4.45 22.56 11.34
C PRO DA 164 -4.34 21.14 10.81
N ILE DA 165 -3.40 20.39 11.36
CA ILE DA 165 -3.05 19.07 10.86
C ILE DA 165 -4.09 18.03 11.27
N PRO DA 166 -4.54 17.95 12.53
CA PRO DA 166 -5.52 16.91 12.89
C PRO DA 166 -6.92 17.14 12.32
N VAL DA 167 -7.18 18.27 11.67
CA VAL DA 167 -8.54 18.56 11.22
C VAL DA 167 -8.74 18.10 9.78
N LEU DA 168 -8.03 18.71 8.84
CA LEU DA 168 -8.18 18.36 7.43
C LEU DA 168 -6.92 18.79 6.69
N GLN DA 169 -6.31 17.85 5.98
CA GLN DA 169 -5.08 18.08 5.24
C GLN DA 169 -5.34 17.73 3.78
N PHE DA 170 -5.79 18.71 3.01
CA PHE DA 170 -6.11 18.51 1.60
C PHE DA 170 -5.20 19.35 0.73
N PRO DA 171 -4.76 18.84 -0.43
CA PRO DA 171 -5.03 17.51 -0.99
C PRO DA 171 -4.21 16.41 -0.33
N ARG DA 172 -4.11 15.25 -0.97
CA ARG DA 172 -3.39 14.14 -0.36
C ARG DA 172 -1.91 14.48 -0.19
N ILE DA 173 -1.30 15.12 -1.19
CA ILE DA 173 0.09 15.53 -1.12
C ILE DA 173 0.18 17.02 -1.45
N PHE DA 174 1.09 17.72 -0.77
CA PHE DA 174 1.38 19.11 -1.09
C PHE DA 174 2.38 19.17 -2.22
N GLY DA 175 2.05 19.96 -3.24
CA GLY DA 175 2.95 20.15 -4.36
C GLY DA 175 3.21 21.60 -4.66
N ILE DA 176 4.47 21.97 -4.81
CA ILE DA 176 4.88 23.33 -5.12
C ILE DA 176 5.84 23.30 -6.30
N ALA DA 177 5.57 24.12 -7.31
CA ALA DA 177 6.40 24.20 -8.50
C ALA DA 177 6.85 25.63 -8.72
N GLY DA 178 8.10 25.80 -9.13
CA GLY DA 178 8.62 27.11 -9.40
C GLY DA 178 10.12 27.09 -9.65
N PRO DA 179 10.75 28.26 -9.74
CA PRO DA 179 12.21 28.28 -9.87
C PRO DA 179 12.83 27.55 -8.70
N ALA DA 180 13.95 26.86 -8.96
CA ALA DA 180 14.44 25.87 -8.01
C ALA DA 180 14.73 26.47 -6.65
N LYS DA 181 15.53 27.54 -6.62
CA LYS DA 181 15.91 28.15 -5.35
C LYS DA 181 14.70 28.72 -4.62
N TRP DA 182 13.83 29.42 -5.36
CA TRP DA 182 12.65 30.00 -4.74
C TRP DA 182 11.75 28.94 -4.17
N ALA DA 183 11.54 27.84 -4.91
CA ALA DA 183 10.62 26.81 -4.46
C ALA DA 183 11.16 26.07 -3.24
N ILE DA 184 12.46 25.76 -3.24
CA ILE DA 184 13.04 25.10 -2.07
C ILE DA 184 12.94 26.01 -0.84
N SER DA 185 13.36 27.26 -1.01
CA SER DA 185 13.32 28.21 0.10
C SER DA 185 11.89 28.44 0.56
N THR DA 186 10.94 28.43 -0.37
CA THR DA 186 9.54 28.67 -0.02
C THR DA 186 8.96 27.49 0.74
N LEU DA 187 9.29 26.27 0.34
CA LEU DA 187 8.88 25.11 1.10
C LEU DA 187 9.39 25.18 2.53
N ILE DA 188 10.68 25.47 2.68
CA ILE DA 188 11.26 25.57 4.02
C ILE DA 188 10.57 26.68 4.82
N PHE DA 189 10.32 27.83 4.18
CA PHE DA 189 9.69 28.95 4.87
C PHE DA 189 8.27 28.62 5.30
N ILE DA 190 7.49 27.96 4.44
CA ILE DA 190 6.12 27.62 4.80
C ILE DA 190 6.11 26.68 6.00
N ASN DA 191 7.03 25.71 6.00
CA ASN DA 191 7.07 24.80 7.14
C ASN DA 191 7.53 25.51 8.41
N LEU DA 192 8.49 26.42 8.30
CA LEU DA 192 8.91 27.21 9.46
C LEU DA 192 7.77 28.06 9.98
N PHE DA 193 7.01 28.69 9.08
CA PHE DA 193 5.84 29.46 9.47
C PHE DA 193 4.84 28.59 10.23
N ARG DA 194 4.54 27.42 9.69
CA ARG DA 194 3.60 26.52 10.34
C ARG DA 194 4.07 26.12 11.73
N VAL DA 195 5.35 25.77 11.85
CA VAL DA 195 5.83 25.26 13.13
C VAL DA 195 6.05 26.39 14.14
N GLN DA 196 6.23 27.63 13.68
CA GLN DA 196 6.23 28.76 14.61
C GLN DA 196 4.82 29.19 14.98
N GLY DA 197 3.80 28.75 14.25
CA GLY DA 197 2.46 28.86 14.76
C GLY DA 197 1.37 29.18 13.77
N ASN DA 198 1.73 29.50 12.53
CA ASN DA 198 0.77 29.92 11.51
C ASN DA 198 -0.03 31.12 12.02
N LEU DA 199 0.63 31.99 12.78
CA LEU DA 199 -0.07 33.06 13.49
C LEU DA 199 -0.70 34.05 12.51
N TRP DA 200 -0.02 34.36 11.42
CA TRP DA 200 -0.53 35.35 10.49
C TRP DA 200 -0.92 34.69 9.18
N THR DA 201 -1.47 35.50 8.28
CA THR DA 201 -1.93 35.02 6.98
C THR DA 201 -0.80 35.05 5.97
N LEU DA 202 -0.60 33.95 5.27
CA LEU DA 202 0.47 33.86 4.28
C LEU DA 202 0.12 34.69 3.06
N PRO DA 203 1.02 35.54 2.57
CA PRO DA 203 0.81 36.22 1.29
C PRO DA 203 1.12 35.27 0.14
N ASP DA 204 0.83 35.74 -1.07
CA ASP DA 204 1.03 34.90 -2.25
C ASP DA 204 2.50 34.51 -2.40
N ASP DA 205 3.40 35.47 -2.24
CA ASP DA 205 4.84 35.20 -2.30
C ASP DA 205 5.47 35.54 -0.96
N PRO DA 206 5.96 34.55 -0.20
CA PRO DA 206 6.56 34.84 1.10
C PRO DA 206 7.78 35.76 1.00
N PHE DA 207 8.53 35.69 -0.09
CA PHE DA 207 9.76 36.46 -0.23
C PHE DA 207 9.57 37.77 -0.96
N ASN DA 208 8.32 38.12 -1.30
CA ASN DA 208 8.00 39.48 -1.72
C ASN DA 208 7.88 40.30 -0.45
N LEU DA 209 8.98 40.96 -0.07
CA LEU DA 209 9.05 41.60 1.24
C LEU DA 209 8.06 42.75 1.40
N GLU DA 210 7.54 43.29 0.30
CA GLU DA 210 6.54 44.35 0.41
C GLU DA 210 5.18 43.82 0.85
N SER DA 211 4.96 42.51 0.77
CA SER DA 211 3.69 41.93 1.19
C SER DA 211 3.56 41.84 2.71
N TRP DA 212 4.67 41.61 3.40
CA TRP DA 212 4.62 41.43 4.85
C TRP DA 212 4.45 42.77 5.55
N ASP DA 213 3.62 42.78 6.59
CA ASP DA 213 3.42 43.97 7.39
C ASP DA 213 4.67 44.29 8.20
N ASP DA 214 4.93 45.58 8.39
CA ASP DA 214 6.11 46.02 9.14
C ASP DA 214 5.90 45.98 10.65
N ILE DA 215 4.64 45.89 11.11
CA ILE DA 215 4.38 45.80 12.54
C ILE DA 215 4.69 44.40 13.07
N LEU DA 216 4.83 43.42 12.19
CA LEU DA 216 5.03 42.04 12.60
C LEU DA 216 6.35 41.86 13.34
N ASP DA 217 6.35 40.97 14.32
CA ASP DA 217 7.53 40.64 15.12
C ASP DA 217 7.94 39.21 14.82
N TRP DA 218 9.19 39.04 14.36
CA TRP DA 218 9.74 37.72 14.05
C TRP DA 218 10.85 37.33 15.01
N SER DA 219 11.05 38.10 16.08
CA SER DA 219 12.19 37.86 16.95
C SER DA 219 12.10 36.51 17.66
N ASP DA 220 10.89 35.98 17.83
CA ASP DA 220 10.76 34.68 18.49
C ASP DA 220 11.16 33.53 17.59
N TRP DA 221 11.26 33.75 16.28
CA TRP DA 221 11.67 32.70 15.36
C TRP DA 221 13.12 32.31 15.61
N GLN DA 222 13.38 31.00 15.59
CA GLN DA 222 14.74 30.50 15.71
C GLN DA 222 15.40 30.22 14.37
N CYS DA 223 14.62 29.97 13.33
CA CYS DA 223 15.13 29.72 12.00
C CYS DA 223 14.44 30.62 11.00
N PHE DA 224 15.22 31.17 10.07
CA PHE DA 224 14.73 31.99 8.98
C PHE DA 224 15.26 31.44 7.67
N VAL DA 225 14.63 31.85 6.58
CA VAL DA 225 15.06 31.52 5.24
C VAL DA 225 15.10 32.79 4.41
N LYS DA 226 16.19 33.02 3.70
CA LYS DA 226 16.30 34.18 2.83
C LYS DA 226 16.36 33.73 1.38
N SER DA 227 15.55 34.39 0.55
CA SER DA 227 15.49 34.08 -0.88
C SER DA 227 14.90 35.28 -1.60
N ASN DA 228 15.06 35.29 -2.92
CA ASN DA 228 14.41 36.29 -3.74
C ASN DA 228 12.96 35.88 -4.00
N SER DA 229 12.21 36.77 -4.63
CA SER DA 229 10.81 36.53 -4.89
C SER DA 229 10.66 35.54 -6.04
N PHE DA 230 9.40 35.19 -6.34
CA PHE DA 230 9.11 34.29 -7.44
C PHE DA 230 9.54 34.88 -8.77
N LEU DA 231 9.27 36.17 -8.98
CA LEU DA 231 9.62 36.82 -10.24
C LEU DA 231 11.10 37.18 -10.31
N LEU DA 232 11.71 37.55 -9.19
CA LEU DA 232 13.09 38.00 -9.17
C LEU DA 232 14.11 36.87 -9.09
N ASP DA 233 13.66 35.62 -8.99
CA ASP DA 233 14.59 34.51 -8.89
C ASP DA 233 15.28 34.27 -10.22
N ASP DA 234 16.60 34.14 -10.18
CA ASP DA 234 17.41 33.97 -11.37
C ASP DA 234 17.67 32.52 -11.73
N SER DA 235 17.04 31.58 -11.02
CA SER DA 235 17.22 30.17 -11.35
C SER DA 235 16.73 29.89 -12.76
N SER DA 236 17.58 29.22 -13.55
CA SER DA 236 17.21 28.93 -14.93
C SER DA 236 16.19 27.80 -15.00
N VAL DA 237 16.36 26.76 -14.19
CA VAL DA 237 15.50 25.60 -14.22
C VAL DA 237 14.47 25.71 -13.11
N TRP DA 238 13.32 25.08 -13.32
CA TRP DA 238 12.28 24.99 -12.31
C TRP DA 238 12.46 23.71 -11.49
N THR DA 239 11.47 23.44 -10.64
CA THR DA 239 11.45 22.25 -9.81
C THR DA 239 10.03 22.08 -9.28
N PHE DA 240 9.68 20.82 -9.06
CA PHE DA 240 8.41 20.44 -8.45
C PHE DA 240 8.72 19.61 -7.22
N LEU DA 241 8.33 20.11 -6.04
CA LEU DA 241 8.53 19.42 -4.79
C LEU DA 241 7.18 18.96 -4.26
N SER DA 242 7.09 17.69 -3.87
CA SER DA 242 5.87 17.11 -3.35
C SER DA 242 6.15 16.46 -2.01
N SER DA 243 5.13 16.40 -1.16
CA SER DA 243 5.32 15.86 0.18
C SER DA 243 4.01 15.38 0.76
N ARG DA 244 4.06 14.25 1.46
CA ARG DA 244 3.00 13.81 2.36
C ARG DA 244 3.68 13.48 3.68
N MET DA 245 3.86 14.50 4.52
CA MET DA 245 4.57 14.39 5.80
C MET DA 245 6.01 13.92 5.62
N ASN DA 246 6.60 14.21 4.48
CA ASN DA 246 8.00 13.90 4.27
C ASN DA 246 8.89 14.95 4.93
N PRO DA 247 10.08 14.55 5.38
CA PRO DA 247 11.04 15.55 5.88
C PRO DA 247 11.50 16.46 4.76
N VAL DA 248 11.78 17.71 5.13
CA VAL DA 248 12.11 18.74 4.14
C VAL DA 248 13.38 18.38 3.39
N ASP DA 249 14.39 17.88 4.10
CA ASP DA 249 15.64 17.52 3.45
C ASP DA 249 15.43 16.40 2.45
N SER DA 250 14.61 15.41 2.80
CA SER DA 250 14.31 14.33 1.86
C SER DA 250 13.54 14.86 0.65
N ILE DA 251 12.65 15.83 0.87
CA ILE DA 251 11.92 16.42 -0.25
C ILE DA 251 12.86 17.13 -1.21
N ILE DA 252 13.82 17.89 -0.67
CA ILE DA 252 14.63 18.78 -1.50
C ILE DA 252 15.95 18.16 -1.95
N ALA DA 253 16.29 16.96 -1.49
CA ALA DA 253 17.58 16.38 -1.86
C ALA DA 253 17.69 16.16 -3.36
N ASP DA 254 16.65 15.62 -3.99
CA ASP DA 254 16.71 15.35 -5.43
C ASP DA 254 16.83 16.64 -6.22
N ALA DA 255 16.07 17.66 -5.85
CA ALA DA 255 16.15 18.95 -6.55
C ALA DA 255 17.52 19.58 -6.40
N LEU DA 256 18.07 19.54 -5.18
CA LEU DA 256 19.40 20.09 -4.96
C LEU DA 256 20.45 19.35 -5.78
N ASP DA 257 20.35 18.02 -5.83
CA ASP DA 257 21.30 17.24 -6.61
C ASP DA 257 21.18 17.56 -8.10
N ASP DA 258 19.96 17.66 -8.60
CA ASP DA 258 19.76 17.86 -10.04
C ASP DA 258 20.17 19.25 -10.47
N ALA DA 259 19.88 20.27 -9.67
CA ALA DA 259 20.22 21.65 -10.02
C ALA DA 259 21.57 22.09 -9.49
N GLN DA 260 22.28 21.22 -8.77
CA GLN DA 260 23.59 21.52 -8.18
C GLN DA 260 23.53 22.77 -7.31
N LEU DA 261 22.54 22.80 -6.42
CA LEU DA 261 22.36 23.90 -5.47
C LEU DA 261 22.94 23.51 -4.12
N THR DA 262 23.19 24.53 -3.31
CA THR DA 262 23.80 24.37 -2.00
C THR DA 262 22.94 25.03 -0.94
N ILE DA 263 22.64 24.32 0.13
CA ILE DA 263 22.05 24.92 1.32
C ILE DA 263 23.19 25.45 2.17
N THR DA 264 23.16 26.75 2.48
CA THR DA 264 24.11 27.36 3.38
C THR DA 264 23.36 27.84 4.62
N TYR DA 265 23.85 27.44 5.78
CA TYR DA 265 23.29 27.87 7.04
C TYR DA 265 24.29 28.80 7.73
N ARG DA 266 23.77 29.85 8.37
CA ARG DA 266 24.60 30.78 9.11
C ARG DA 266 23.88 31.14 10.40
N ARG DA 267 24.55 30.95 11.52
CA ARG DA 267 23.98 31.31 12.82
C ARG DA 267 24.43 32.74 13.15
N VAL DA 268 23.49 33.67 13.13
CA VAL DA 268 23.79 35.10 13.27
C VAL DA 268 23.95 35.40 14.76
N LEU DA 269 25.20 35.53 15.20
CA LEU DA 269 25.50 35.93 16.57
C LEU DA 269 25.47 37.45 16.62
N THR DA 270 24.32 38.00 16.99
CA THR DA 270 24.19 39.45 17.13
C THR DA 270 25.03 39.99 18.26
N ASP DA 271 25.44 39.14 19.21
CA ASP DA 271 26.35 39.56 20.26
C ASP DA 271 27.72 39.94 19.72
N ASP DA 272 28.09 39.42 18.55
CA ASP DA 272 29.35 39.76 17.91
C ASP DA 272 29.23 40.97 16.99
N GLY DA 273 28.06 41.59 16.91
CA GLY DA 273 27.82 42.67 15.98
C GLY DA 273 27.29 42.24 14.63
N GLU DA 274 27.18 40.93 14.39
CA GLU DA 274 26.66 40.46 13.11
C GLU DA 274 25.20 40.83 12.94
N THR DA 275 24.81 41.09 11.70
CA THR DA 275 23.43 41.39 11.34
C THR DA 275 23.02 40.48 10.20
N ALA DA 276 21.78 40.66 9.73
CA ALA DA 276 21.28 39.89 8.60
C ALA DA 276 20.25 40.73 7.86
N GLU DA 277 20.02 40.38 6.60
CA GLU DA 277 19.06 41.10 5.77
C GLU DA 277 18.63 40.19 4.64
N GLY DA 278 17.51 40.57 4.02
CA GLY DA 278 17.01 39.86 2.85
C GLY DA 278 15.88 38.90 3.10
N PHE DA 279 15.41 38.77 4.33
CA PHE DA 279 14.29 37.90 4.66
C PHE DA 279 13.34 38.67 5.57
N PRO DA 280 12.07 38.25 5.64
CA PRO DA 280 11.13 38.93 6.53
C PRO DA 280 11.61 38.93 7.98
N GLY DA 281 11.47 40.07 8.64
CA GLY DA 281 11.89 40.20 10.02
C GLY DA 281 13.37 40.00 10.23
N ALA DA 282 14.20 40.47 9.29
CA ALA DA 282 15.64 40.28 9.40
C ALA DA 282 16.26 41.22 10.43
N HIS DA 283 15.68 42.40 10.63
CA HIS DA 283 16.28 43.38 11.52
C HIS DA 283 16.12 43.04 12.99
N GLY DA 284 15.10 42.26 13.35
CA GLY DA 284 14.84 41.98 14.76
C GLY DA 284 15.25 40.61 15.23
N ILE DA 285 16.08 39.90 14.46
CA ILE DA 285 16.47 38.55 14.83
C ILE DA 285 17.33 38.60 16.08
N LYS DA 286 17.30 37.50 16.83
CA LYS DA 286 18.00 37.40 18.11
C LYS DA 286 19.32 36.66 17.94
N ASN DA 287 20.12 36.68 19.01
CA ASN DA 287 21.42 36.04 18.99
C ASN DA 287 21.28 34.54 18.80
N GLY DA 288 22.10 33.98 17.92
CA GLY DA 288 22.08 32.56 17.67
C GLY DA 288 20.98 32.07 16.76
N ALA DA 289 20.21 32.98 16.16
CA ALA DA 289 19.18 32.57 15.21
C ALA DA 289 19.83 32.06 13.93
N LEU DA 290 19.30 30.98 13.39
CA LEU DA 290 19.86 30.32 12.22
C LEU DA 290 19.15 30.78 10.96
N VAL DA 291 19.92 31.09 9.91
CA VAL DA 291 19.37 31.54 8.64
C VAL DA 291 19.83 30.58 7.55
N PHE DA 292 18.89 30.12 6.74
CA PHE DA 292 19.16 29.27 5.59
C PHE DA 292 19.11 30.09 4.31
N GLU DA 293 19.93 29.69 3.34
CA GLU DA 293 19.91 30.29 2.01
C GLU DA 293 20.29 29.23 0.99
N ILE DA 294 19.54 29.19 -0.10
CA ILE DA 294 19.85 28.30 -1.22
C ILE DA 294 20.66 29.10 -2.23
N VAL DA 295 21.84 28.61 -2.56
CA VAL DA 295 22.75 29.31 -3.46
C VAL DA 295 23.13 28.39 -4.60
N ASP DA 296 23.55 28.99 -5.70
CA ASP DA 296 24.07 28.27 -6.86
C ASP DA 296 25.57 28.52 -6.91
N ASN DA 297 26.35 27.56 -6.41
CA ASN DA 297 27.79 27.69 -6.39
C ASN DA 297 28.47 27.01 -7.57
N SER DA 298 27.84 25.99 -8.15
CA SER DA 298 28.41 25.33 -9.33
C SER DA 298 28.20 26.16 -10.59
N ASN DA 299 27.06 26.83 -10.69
CA ASN DA 299 26.70 27.64 -11.87
C ASN DA 299 26.65 26.79 -13.14
N ALA DA 300 26.28 25.52 -12.99
CA ALA DA 300 26.24 24.63 -14.15
C ALA DA 300 25.05 24.93 -15.05
N THR DA 301 23.92 25.32 -14.48
CA THR DA 301 22.70 25.57 -15.25
C THR DA 301 22.60 27.00 -15.74
N ALA DA 302 23.62 27.83 -15.54
CA ALA DA 302 23.56 29.22 -15.95
C ALA DA 302 23.66 29.35 -17.47
N LEU DA 303 23.26 30.52 -17.97
CA LEU DA 303 23.30 30.77 -19.41
C LEU DA 303 24.73 30.75 -19.95
N GLU DA 304 25.65 31.37 -19.22
CA GLU DA 304 27.04 31.42 -19.66
C GLU DA 304 27.80 30.14 -19.37
N GLY DA 305 27.22 29.22 -18.61
CA GLY DA 305 27.89 27.98 -18.29
C GLY DA 305 29.01 28.19 -17.28
N THR DA 306 29.80 27.14 -17.12
CA THR DA 306 30.95 27.17 -16.22
C THR DA 306 32.01 26.24 -16.77
N PHE DA 307 33.02 25.97 -15.96
CA PHE DA 307 34.13 25.11 -16.36
C PHE DA 307 33.84 23.68 -15.92
N PHE DA 308 33.75 22.76 -16.88
CA PHE DA 308 33.54 21.35 -16.58
C PHE DA 308 34.78 20.50 -16.78
N SER DA 309 35.85 21.06 -17.35
CA SER DA 309 37.08 20.32 -17.61
C SER DA 309 38.20 21.33 -17.79
N GLY DA 310 39.42 20.81 -17.93
CA GLY DA 310 40.54 21.69 -18.19
C GLY DA 310 41.83 20.90 -18.26
N THR DA 311 42.90 21.62 -18.57
CA THR DA 311 44.23 21.06 -18.62
C THR DA 311 45.19 22.00 -17.90
N ILE DA 312 46.29 21.43 -17.41
CA ILE DA 312 47.29 22.22 -16.69
C ILE DA 312 48.07 23.14 -17.60
N VAL DA 313 47.98 22.96 -18.91
CA VAL DA 313 48.70 23.81 -19.85
C VAL DA 313 47.81 24.85 -20.52
N ASP DA 314 46.49 24.66 -20.51
CA ASP DA 314 45.56 25.60 -21.14
C ASP DA 314 44.54 26.16 -20.16
N GLY DA 315 44.59 25.76 -18.90
CA GLY DA 315 43.60 26.22 -17.95
C GLY DA 315 42.27 25.50 -18.10
N PHE DA 316 41.21 26.19 -17.68
CA PHE DA 316 39.88 25.63 -17.71
C PHE DA 316 39.23 25.82 -19.07
N ALA DA 317 38.22 24.99 -19.35
CA ALA DA 317 37.45 25.06 -20.58
C ALA DA 317 35.99 25.31 -20.24
N ARG DA 318 35.39 26.32 -20.87
CA ARG DA 318 34.03 26.72 -20.58
C ARG DA 318 33.05 25.90 -21.41
N SER DA 319 32.03 25.36 -20.76
CA SER DA 319 30.99 24.59 -21.40
C SER DA 319 29.64 25.09 -20.94
N VAL DA 320 28.62 24.84 -21.75
CA VAL DA 320 27.24 25.20 -21.43
C VAL DA 320 26.35 23.99 -21.65
N LEU DA 321 25.33 23.85 -20.82
CA LEU DA 321 24.41 22.73 -20.93
C LEU DA 321 23.49 22.91 -22.13
N LEU DA 322 23.31 21.84 -22.90
CA LEU DA 322 22.40 21.80 -24.03
C LEU DA 322 21.43 20.66 -23.81
N TYR DA 323 20.14 20.98 -23.77
CA TYR DA 323 19.11 20.01 -23.42
C TYR DA 323 18.52 19.41 -24.69
N GLY DA 324 18.43 18.08 -24.72
CA GLY DA 324 17.86 17.37 -25.84
C GLY DA 324 16.35 17.40 -25.83
N GLY DA 325 15.77 16.55 -26.67
CA GLY DA 325 14.32 16.44 -26.76
C GLY DA 325 13.68 16.01 -25.46
N GLY DA 326 12.71 16.79 -25.00
CA GLY DA 326 12.05 16.52 -23.74
C GLY DA 326 12.77 17.03 -22.52
N PHE DA 327 13.97 17.59 -22.67
CA PHE DA 327 14.76 18.19 -21.61
C PHE DA 327 15.18 17.19 -20.54
N VAL DA 328 14.98 15.89 -20.77
CA VAL DA 328 15.43 14.90 -19.80
C VAL DA 328 16.94 14.80 -19.82
N GLU DA 329 17.55 14.87 -21.00
CA GLU DA 329 18.99 14.70 -21.17
C GLU DA 329 19.65 16.04 -21.42
N ASP DA 330 20.81 16.24 -20.82
CA ASP DA 330 21.61 17.44 -21.03
C ASP DA 330 23.04 17.03 -21.34
N THR DA 331 23.56 17.55 -22.44
CA THR DA 331 24.96 17.37 -22.84
C THR DA 331 25.71 18.67 -22.62
N LEU DA 332 27.03 18.63 -22.84
CA LEU DA 332 27.89 19.78 -22.66
C LEU DA 332 28.43 20.23 -24.01
N SER DA 333 28.23 21.50 -24.35
CA SER DA 333 28.77 22.08 -25.56
C SER DA 333 29.78 23.15 -25.19
N VAL DA 334 30.99 23.04 -25.74
CA VAL DA 334 32.09 23.91 -25.37
C VAL DA 334 31.92 25.27 -26.05
N VAL DA 335 32.24 26.33 -25.31
CA VAL DA 335 32.23 27.69 -25.85
C VAL DA 335 33.59 27.90 -26.51
N SER DA 336 33.62 27.86 -27.85
CA SER DA 336 34.88 27.96 -28.57
C SER DA 336 35.53 29.32 -28.36
N ASP DA 337 34.73 30.38 -28.46
CA ASP DA 337 35.21 31.75 -28.23
C ASP DA 337 34.63 32.21 -26.90
N ASP DA 338 35.36 31.92 -25.82
CA ASP DA 338 34.91 32.26 -24.47
C ASP DA 338 35.22 33.73 -24.20
N GLN DA 339 34.18 34.53 -23.97
CA GLN DA 339 34.32 35.96 -23.75
C GLN DA 339 33.60 36.41 -22.49
N THR DA 340 33.48 35.52 -21.51
CA THR DA 340 32.83 35.88 -20.25
C THR DA 340 33.71 36.85 -19.47
N LEU DA 341 33.12 37.93 -18.99
CA LEU DA 341 33.87 38.94 -18.26
C LEU DA 341 34.19 38.44 -16.85
N GLN DA 342 35.28 38.96 -16.30
CA GLN DA 342 35.65 38.62 -14.94
C GLN DA 342 34.69 39.29 -13.96
N PRO DA 343 34.41 38.65 -12.82
CA PRO DA 343 33.55 39.27 -11.81
C PRO DA 343 34.20 40.53 -11.24
N ASP DA 344 33.34 41.47 -10.84
CA ASP DA 344 33.84 42.70 -10.21
C ASP DA 344 34.56 42.41 -8.91
N GLU DA 345 34.20 41.33 -8.23
CA GLU DA 345 34.83 40.95 -6.98
C GLU DA 345 36.30 40.61 -7.16
N TYR DA 346 36.71 40.24 -8.38
CA TYR DA 346 38.11 39.89 -8.63
C TYR DA 346 39.00 41.10 -8.77
N TYR DA 347 38.42 42.31 -8.84
CA TYR DA 347 39.19 43.53 -8.91
C TYR DA 347 39.21 44.29 -7.60
N GLN DA 348 38.75 43.66 -6.53
CA GLN DA 348 38.66 44.28 -5.21
C GLN DA 348 39.77 43.76 -4.32
N SER DA 349 40.42 44.66 -3.60
CA SER DA 349 41.49 44.27 -2.68
C SER DA 349 40.94 43.43 -1.55
N GLY DA 350 41.71 42.44 -1.13
CA GLY DA 350 41.33 41.58 -0.04
C GLY DA 350 40.35 40.49 -0.39
N TRP DA 351 39.95 40.35 -1.65
CA TRP DA 351 39.05 39.28 -2.05
C TRP DA 351 39.81 37.99 -2.26
N LEU DA 352 39.22 36.89 -1.79
CA LEU DA 352 39.80 35.56 -1.95
C LEU DA 352 38.82 34.53 -2.45
N ALA DA 353 37.51 34.78 -2.38
CA ALA DA 353 36.52 33.76 -2.65
C ALA DA 353 36.47 33.41 -4.13
N THR DA 354 35.80 32.29 -4.42
CA THR DA 354 35.58 31.83 -5.78
C THR DA 354 34.17 32.21 -6.21
N MET DA 355 34.07 33.01 -7.26
CA MET DA 355 32.76 33.30 -7.83
C MET DA 355 32.29 32.11 -8.66
N ALA DA 356 30.99 31.89 -8.65
CA ALA DA 356 30.43 30.72 -9.32
C ALA DA 356 30.68 30.77 -10.81
N LYS DA 357 30.57 31.96 -11.41
CA LYS DA 357 30.72 32.08 -12.86
C LYS DA 357 32.16 31.90 -13.32
N MET DA 358 33.14 32.12 -12.45
CA MET DA 358 34.55 32.05 -12.82
C MET DA 358 35.32 31.20 -11.82
N PRO DA 359 35.23 29.87 -11.92
CA PRO DA 359 36.13 29.02 -11.14
C PRO DA 359 37.58 29.29 -11.49
N TRP DA 360 38.44 29.23 -10.48
CA TRP DA 360 39.84 29.59 -10.64
C TRP DA 360 40.82 28.62 -10.01
N LEU DA 361 40.40 27.83 -9.02
CA LEU DA 361 41.32 27.11 -8.15
C LEU DA 361 41.59 25.74 -8.75
N VAL DA 362 42.83 25.52 -9.16
CA VAL DA 362 43.30 24.22 -9.62
C VAL DA 362 44.39 23.76 -8.66
N VAL DA 363 44.18 22.58 -8.08
CA VAL DA 363 45.07 22.01 -7.08
C VAL DA 363 45.93 20.98 -7.79
N ARG DA 364 47.21 21.27 -7.93
CA ARG DA 364 48.10 20.50 -8.80
C ARG DA 364 48.93 19.54 -7.97
N ASP DA 365 49.00 18.28 -8.40
CA ASP DA 365 49.80 17.25 -7.76
C ASP DA 365 50.94 16.87 -8.69
N ASN DA 366 52.16 16.99 -8.19
CA ASN DA 366 53.36 16.59 -8.92
C ASN DA 366 54.40 16.14 -7.91
N GLU DA 367 55.67 16.05 -8.35
CA GLU DA 367 56.71 15.58 -7.45
C GLU DA 367 56.92 16.53 -6.28
N TRP DA 368 56.62 17.81 -6.47
CA TRP DA 368 56.77 18.81 -5.41
C TRP DA 368 55.41 19.36 -4.99
N THR DA 369 54.40 18.51 -4.92
CA THR DA 369 53.08 18.98 -4.58
C THR DA 369 53.01 19.41 -3.12
N PRO DA 370 52.28 20.49 -2.81
CA PRO DA 370 52.09 20.87 -1.41
C PRO DA 370 50.97 20.11 -0.73
N ILE DA 371 50.19 19.32 -1.46
CA ILE DA 371 49.05 18.60 -0.89
C ILE DA 371 49.41 17.13 -0.82
N GLU DA 372 48.49 16.32 -0.33
CA GLU DA 372 48.58 14.87 -0.43
C GLU DA 372 47.30 14.35 -1.06
N SER DA 373 47.38 13.90 -2.30
CA SER DA 373 46.25 13.24 -2.95
C SER DA 373 46.12 11.82 -2.41
N SER DA 374 44.89 11.37 -2.22
CA SER DA 374 44.65 10.09 -1.60
C SER DA 374 43.87 9.12 -2.48
N ASP DA 375 42.87 9.61 -3.21
CA ASP DA 375 41.97 8.72 -3.94
C ASP DA 375 41.33 9.54 -5.05
N LEU DA 376 41.68 9.25 -6.29
CA LEU DA 376 40.98 9.77 -7.45
C LEU DA 376 40.34 8.59 -8.15
N SER DA 377 39.02 8.49 -8.08
CA SER DA 377 38.31 7.35 -8.63
C SER DA 377 37.26 7.82 -9.62
N TRP DA 378 37.24 7.17 -10.79
CA TRP DA 378 36.25 7.43 -11.82
C TRP DA 378 35.54 6.13 -12.16
N GLY DA 379 34.22 6.24 -12.33
CA GLY DA 379 33.42 5.13 -12.80
C GLY DA 379 32.45 5.60 -13.86
N PRO DA 380 32.19 4.76 -14.85
CA PRO DA 380 31.30 5.15 -15.96
C PRO DA 380 29.84 5.03 -15.54
N ALA DA 381 28.97 5.57 -16.41
CA ALA DA 381 27.54 5.46 -16.20
C ALA DA 381 27.12 3.99 -16.31
N LYS DA 382 25.98 3.67 -15.71
CA LYS DA 382 25.58 2.28 -15.55
C LYS DA 382 24.39 1.90 -16.42
N ASN DA 383 23.24 2.54 -16.24
CA ASN DA 383 22.00 2.08 -16.85
C ASN DA 383 21.58 3.07 -17.94
N VAL DA 384 21.31 2.54 -19.13
CA VAL DA 384 20.94 3.40 -20.25
C VAL DA 384 19.54 3.98 -20.05
N SER DA 385 18.61 3.18 -19.54
CA SER DA 385 17.22 3.60 -19.45
C SER DA 385 16.69 3.48 -18.04
N VAL DA 386 15.69 4.29 -17.73
CA VAL DA 386 15.05 4.31 -16.43
C VAL DA 386 13.55 4.14 -16.63
N ILE DA 387 12.93 3.38 -15.72
CA ILE DA 387 11.49 3.21 -15.67
C ILE DA 387 11.01 3.72 -14.32
N VAL DA 388 10.09 4.68 -14.35
CA VAL DA 388 9.49 5.21 -13.14
C VAL DA 388 7.97 5.18 -13.31
N GLY DA 389 7.28 4.65 -12.32
CA GLY DA 389 5.84 4.55 -12.45
C GLY DA 389 5.16 3.83 -11.32
N GLY DA 390 4.23 2.94 -11.66
CA GLY DA 390 3.41 2.35 -10.64
C GLY DA 390 1.95 2.42 -11.02
N ASP DA 391 1.18 3.21 -10.30
CA ASP DA 391 -0.20 3.48 -10.64
C ASP DA 391 -0.36 4.94 -11.07
N ASN DA 392 -1.20 5.17 -12.06
CA ASN DA 392 -1.47 6.52 -12.54
C ASN DA 392 -2.81 6.99 -12.02
N PRO DA 393 -2.86 7.84 -10.99
CA PRO DA 393 -4.16 8.21 -10.40
C PRO DA 393 -5.08 8.93 -11.35
N ALA DA 394 -4.56 9.55 -12.41
CA ALA DA 394 -5.41 10.26 -13.36
C ALA DA 394 -6.31 9.32 -14.15
N ALA DA 395 -6.07 8.01 -14.09
CA ALA DA 395 -6.86 7.03 -14.82
C ALA DA 395 -7.69 6.13 -13.93
N ASP DA 396 -7.17 5.73 -12.77
CA ASP DA 396 -7.86 4.77 -11.90
C ASP DA 396 -7.77 5.20 -10.44
N ALA DA 397 -8.03 6.48 -10.17
CA ALA DA 397 -8.20 6.91 -8.80
C ALA DA 397 -9.44 6.24 -8.21
N ILE DA 398 -9.45 6.06 -6.88
CA ILE DA 398 -10.56 5.34 -6.26
C ILE DA 398 -11.86 6.12 -6.43
N ALA DA 399 -11.80 7.45 -6.41
CA ALA DA 399 -13.00 8.25 -6.64
C ALA DA 399 -13.58 7.99 -8.01
N LYS DA 400 -12.72 7.94 -9.04
CA LYS DA 400 -13.17 7.58 -10.38
C LYS DA 400 -13.76 6.18 -10.39
N LEU DA 401 -13.01 5.21 -9.87
CA LEU DA 401 -13.42 3.81 -9.88
C LEU DA 401 -14.77 3.61 -9.21
N ILE DA 402 -15.09 4.41 -8.21
CA ILE DA 402 -16.40 4.29 -7.57
C ILE DA 402 -17.45 5.05 -8.35
N ILE DA 403 -17.32 6.37 -8.44
CA ILE DA 403 -18.41 7.20 -8.93
C ILE DA 403 -18.64 6.97 -10.42
N GLU DA 404 -17.58 7.06 -11.23
CA GLU DA 404 -17.79 7.00 -12.68
C GLU DA 404 -18.23 5.61 -13.11
N THR DA 405 -17.65 4.57 -12.53
CA THR DA 405 -18.04 3.21 -12.89
C THR DA 405 -19.45 2.90 -12.41
N THR DA 406 -19.84 3.39 -11.23
CA THR DA 406 -21.21 3.18 -10.78
C THR DA 406 -22.20 3.89 -11.68
N GLY DA 407 -21.88 5.11 -12.10
CA GLY DA 407 -22.76 5.82 -13.02
C GLY DA 407 -22.88 5.13 -14.37
N ASN DA 408 -21.75 4.67 -14.90
CA ASN DA 408 -21.77 3.97 -16.19
C ASN DA 408 -22.54 2.67 -16.10
N LEU DA 409 -22.34 1.91 -15.02
CA LEU DA 409 -23.08 0.67 -14.84
C LEU DA 409 -24.57 0.93 -14.67
N LEU DA 410 -24.94 1.99 -13.95
CA LEU DA 410 -26.36 2.32 -13.80
C LEU DA 410 -26.97 2.72 -15.14
N GLY DA 411 -26.24 3.50 -15.95
CA GLY DA 411 -26.74 3.85 -17.27
C GLY DA 411 -26.92 2.63 -18.17
N TYR DA 412 -25.93 1.73 -18.15
CA TYR DA 412 -26.02 0.50 -18.92
C TYR DA 412 -27.21 -0.35 -18.45
N PHE DA 413 -27.40 -0.45 -17.14
CA PHE DA 413 -28.51 -1.20 -16.57
C PHE DA 413 -29.85 -0.61 -16.98
N LEU DA 414 -29.98 0.72 -16.91
CA LEU DA 414 -31.24 1.35 -17.28
C LEU DA 414 -31.52 1.22 -18.78
N LEU DA 415 -30.47 1.24 -19.60
CA LEU DA 415 -30.66 0.98 -21.02
C LEU DA 415 -31.05 -0.48 -21.25
N GLY DA 416 -30.63 -1.38 -20.38
CA GLY DA 416 -31.02 -2.77 -20.50
C GLY DA 416 -29.88 -3.67 -20.92
N GLY DA 417 -28.65 -3.27 -20.57
CA GLY DA 417 -27.50 -4.04 -20.98
C GLY DA 417 -27.45 -5.42 -20.35
N PHE DA 418 -27.83 -5.51 -19.07
CA PHE DA 418 -27.83 -6.80 -18.40
C PHE DA 418 -29.07 -7.63 -18.72
N SER DA 419 -30.12 -7.00 -19.26
CA SER DA 419 -31.26 -7.77 -19.74
C SER DA 419 -30.93 -8.49 -21.04
N SER DA 420 -30.20 -7.82 -21.93
CA SER DA 420 -29.73 -8.41 -23.16
C SER DA 420 -28.46 -7.69 -23.59
N ALA DA 421 -27.51 -8.45 -24.12
CA ALA DA 421 -26.16 -7.95 -24.43
C ALA DA 421 -26.12 -6.96 -25.61
N GLY DA 422 -27.25 -6.54 -26.18
CA GLY DA 422 -27.20 -5.68 -27.35
C GLY DA 422 -26.62 -4.31 -27.10
N THR DA 423 -26.85 -3.75 -25.91
CA THR DA 423 -26.43 -2.39 -25.62
C THR DA 423 -24.90 -2.28 -25.62
N ILE DA 424 -24.42 -1.12 -26.08
CA ILE DA 424 -23.00 -0.81 -26.10
C ILE DA 424 -22.66 -0.04 -24.83
N ALA DA 425 -21.72 -0.56 -24.06
CA ALA DA 425 -21.36 0.03 -22.77
C ALA DA 425 -20.34 1.15 -22.94
N ALA DA 426 -20.19 1.94 -21.87
CA ALA DA 426 -19.26 3.07 -21.85
C ALA DA 426 -18.43 2.99 -20.57
N ASP DA 427 -17.33 2.24 -20.62
CA ASP DA 427 -16.35 2.14 -19.53
C ASP DA 427 -17.00 1.67 -18.24
N ILE DA 428 -17.50 0.43 -18.27
CA ILE DA 428 -17.98 -0.24 -17.07
C ILE DA 428 -16.95 -1.21 -16.52
N ILE DA 429 -15.76 -1.24 -17.09
CA ILE DA 429 -14.71 -2.19 -16.73
C ILE DA 429 -13.49 -1.49 -16.16
N MET DA 430 -13.63 -0.21 -15.80
CA MET DA 430 -12.49 0.54 -15.27
C MET DA 430 -11.86 -0.12 -14.04
N PRO DA 431 -12.60 -0.63 -13.05
CA PRO DA 431 -11.93 -1.28 -11.91
C PRO DA 431 -11.13 -2.50 -12.28
N PHE DA 432 -11.39 -3.11 -13.44
CA PHE DA 432 -10.63 -4.28 -13.87
C PHE DA 432 -9.25 -3.93 -14.39
N LEU DA 433 -9.01 -2.66 -14.73
CA LEU DA 433 -7.78 -2.22 -15.35
C LEU DA 433 -7.00 -1.28 -14.45
N VAL DA 434 -6.97 -1.57 -13.16
CA VAL DA 434 -6.30 -0.69 -12.20
C VAL DA 434 -4.80 -0.93 -12.28
N GLY DA 435 -4.05 0.15 -12.51
CA GLY DA 435 -2.61 0.07 -12.57
C GLY DA 435 -2.04 -0.36 -13.89
N THR DA 436 -2.84 -0.35 -14.97
CA THR DA 436 -2.40 -0.82 -16.27
C THR DA 436 -2.42 0.24 -17.36
N ILE DA 437 -3.19 1.31 -17.21
CA ILE DA 437 -3.35 2.32 -18.25
C ILE DA 437 -2.39 3.46 -17.94
N ALA DA 438 -1.41 3.66 -18.82
CA ALA DA 438 -0.48 4.78 -18.73
C ALA DA 438 0.18 4.86 -17.35
N ALA DA 439 0.54 3.71 -16.82
CA ALA DA 439 1.01 3.60 -15.45
C ALA DA 439 2.53 3.75 -15.32
N TRP DA 440 3.25 3.86 -16.44
CA TRP DA 440 4.71 3.85 -16.41
C TRP DA 440 5.25 4.96 -17.30
N LEU DA 441 6.49 5.34 -17.01
CA LEU DA 441 7.26 6.25 -17.85
C LEU DA 441 8.63 5.62 -18.04
N GLN DA 442 8.95 5.29 -19.28
CA GLN DA 442 10.24 4.72 -19.63
C GLN DA 442 11.00 5.70 -20.50
N TRP DA 443 12.24 6.00 -20.12
CA TRP DA 443 13.08 6.88 -20.91
C TRP DA 443 14.44 6.23 -21.10
N LYS DA 444 14.89 6.16 -22.36
CA LYS DA 444 16.21 5.68 -22.70
C LYS DA 444 17.13 6.87 -22.92
N ASN DA 445 18.22 6.93 -22.16
CA ASN DA 445 19.15 8.05 -22.25
C ASN DA 445 20.06 7.85 -23.44
N THR DA 446 19.78 8.57 -24.53
CA THR DA 446 20.56 8.40 -25.75
C THR DA 446 22.00 8.85 -25.57
N GLY DA 447 22.22 9.94 -24.83
CA GLY DA 447 23.58 10.37 -24.56
C GLY DA 447 24.36 9.35 -23.75
N ARG DA 448 23.71 8.75 -22.76
CA ARG DA 448 24.36 7.71 -21.97
C ARG DA 448 24.67 6.49 -22.83
N ALA DA 449 23.74 6.11 -23.72
CA ALA DA 449 24.00 4.98 -24.60
C ALA DA 449 25.17 5.25 -25.53
N THR DA 450 25.24 6.47 -26.06
CA THR DA 450 26.37 6.85 -26.92
C THR DA 450 27.68 6.81 -26.14
N GLU DA 451 27.67 7.29 -24.90
CA GLU DA 451 28.88 7.24 -24.08
C GLU DA 451 29.31 5.79 -23.82
N LEU DA 452 28.35 4.92 -23.52
CA LEU DA 452 28.70 3.57 -23.05
C LEU DA 452 29.08 2.65 -24.21
N GLY DA 453 28.20 2.52 -25.20
CA GLY DA 453 28.53 1.69 -26.34
C GLY DA 453 27.71 0.42 -26.49
N TRP DA 454 28.28 -0.57 -27.18
CA TRP DA 454 27.52 -1.78 -27.50
C TRP DA 454 27.17 -2.59 -26.26
N VAL DA 455 28.11 -2.71 -25.32
CA VAL DA 455 27.89 -3.48 -24.11
C VAL DA 455 27.56 -2.50 -22.98
N HIS DA 456 26.38 -2.65 -22.40
CA HIS DA 456 25.92 -1.75 -21.36
C HIS DA 456 24.84 -2.44 -20.54
N TYR DA 457 24.61 -1.91 -19.34
CA TYR DA 457 23.45 -2.29 -18.56
C TYR DA 457 22.22 -1.62 -19.13
N TRP DA 458 21.10 -2.33 -19.13
CA TRP DA 458 19.95 -1.90 -19.93
C TRP DA 458 19.12 -0.84 -19.21
N GLU DA 459 18.51 -1.20 -18.09
CA GLU DA 459 17.45 -0.39 -17.52
C GLU DA 459 17.45 -0.52 -16.01
N LEU DA 460 16.78 0.42 -15.36
CA LEU DA 460 16.66 0.42 -13.92
C LEU DA 460 15.33 1.03 -13.52
N TYR DA 461 14.64 0.39 -12.58
CA TYR DA 461 13.41 0.95 -12.03
C TYR DA 461 13.76 1.88 -10.88
N GLN DA 462 13.16 3.06 -10.88
CA GLN DA 462 13.46 4.07 -9.86
C GLN DA 462 12.18 4.51 -9.18
N GLN DA 463 12.19 4.53 -7.85
CA GLN DA 463 11.08 4.97 -7.03
C GLN DA 463 11.41 6.35 -6.48
N GLY DA 464 10.52 7.30 -6.68
CA GLY DA 464 10.76 8.66 -6.24
C GLY DA 464 10.63 8.84 -4.74
N ALA DA 465 11.12 9.99 -4.27
CA ALA DA 465 10.98 10.33 -2.86
C ALA DA 465 9.50 10.42 -2.46
N GLU DA 466 8.69 11.05 -3.29
CA GLU DA 466 7.25 11.02 -3.15
C GLU DA 466 6.69 10.02 -4.16
N THR DA 467 6.00 8.99 -3.65
CA THR DA 467 5.63 7.86 -4.48
C THR DA 467 4.48 8.15 -5.44
N ASN DA 468 3.79 9.28 -5.30
CA ASN DA 468 2.62 9.60 -6.11
C ASN DA 468 2.77 10.99 -6.74
N SER DA 469 3.93 11.25 -7.34
CA SER DA 469 4.21 12.56 -7.91
C SER DA 469 4.71 12.54 -9.34
N TRP DA 470 5.07 11.37 -9.88
CA TRP DA 470 5.57 11.31 -11.25
C TRP DA 470 4.50 11.75 -12.24
N SER DA 471 3.24 11.41 -11.98
CA SER DA 471 2.16 11.87 -12.84
C SER DA 471 2.00 13.38 -12.77
N LEU DA 472 2.35 13.99 -11.64
CA LEU DA 472 2.30 15.44 -11.53
C LEU DA 472 3.45 16.10 -12.30
N ALA DA 473 4.64 15.52 -12.21
CA ALA DA 473 5.80 16.05 -12.94
C ALA DA 473 6.56 14.87 -13.54
N ALA DA 474 6.18 14.49 -14.76
CA ALA DA 474 6.86 13.40 -15.47
C ALA DA 474 8.33 13.72 -15.69
N LEU DA 475 8.64 14.92 -16.20
CA LEU DA 475 10.02 15.26 -16.52
C LEU DA 475 10.89 15.28 -15.27
N ALA DA 476 10.39 15.88 -14.19
CA ALA DA 476 11.14 15.91 -12.94
C ALA DA 476 11.39 14.51 -12.41
N ALA DA 477 10.39 13.63 -12.50
CA ALA DA 477 10.56 12.26 -12.04
C ALA DA 477 11.60 11.53 -12.87
N LEU DA 478 11.59 11.72 -14.18
CA LEU DA 478 12.57 11.06 -15.04
C LEU DA 478 13.99 11.56 -14.75
N ARG DA 479 14.15 12.87 -14.55
CA ARG DA 479 15.48 13.39 -14.22
C ARG DA 479 15.94 12.91 -12.85
N GLY DA 480 15.04 12.84 -11.88
CA GLY DA 480 15.39 12.28 -10.59
C GLY DA 480 15.78 10.82 -10.68
N GLY DA 481 15.11 10.07 -11.55
CA GLY DA 481 15.50 8.68 -11.77
C GLY DA 481 16.86 8.56 -12.43
N PHE DA 482 17.16 9.44 -13.39
CA PHE DA 482 18.45 9.44 -14.05
C PHE DA 482 19.56 10.02 -13.19
N LEU DA 483 19.21 10.60 -12.04
CA LEU DA 483 20.25 11.06 -11.11
C LEU DA 483 21.08 9.91 -10.54
N VAL DA 484 20.65 8.66 -10.68
CA VAL DA 484 21.23 7.56 -9.92
C VAL DA 484 22.47 6.99 -10.58
N GLY DA 485 22.31 6.39 -11.76
CA GLY DA 485 23.39 5.64 -12.37
C GLY DA 485 24.23 6.41 -13.37
N ARG DA 486 24.93 7.44 -12.92
CA ARG DA 486 25.67 8.31 -13.81
C ARG DA 486 27.17 8.16 -13.59
N SER DA 487 27.95 8.70 -14.53
CA SER DA 487 29.39 8.71 -14.40
C SER DA 487 29.79 9.52 -13.17
N GLU DA 488 30.72 8.98 -12.40
CA GLU DA 488 31.08 9.55 -11.10
C GLU DA 488 32.59 9.69 -10.98
N THR DA 489 33.03 10.87 -10.56
CA THR DA 489 34.43 11.12 -10.25
C THR DA 489 34.51 11.71 -8.85
N VAL DA 490 35.41 11.16 -8.03
CA VAL DA 490 35.62 11.69 -6.68
C VAL DA 490 37.11 11.75 -6.41
N HIS DA 491 37.55 12.86 -5.83
CA HIS DA 491 38.96 13.07 -5.49
C HIS DA 491 39.08 13.47 -4.03
N LEU DA 492 40.03 12.86 -3.34
CA LEU DA 492 40.34 13.13 -1.95
C LEU DA 492 41.70 13.80 -1.85
N MET DA 493 41.74 14.94 -1.18
CA MET DA 493 42.96 15.70 -1.01
C MET DA 493 43.13 16.05 0.46
N ALA DA 494 44.38 16.15 0.91
CA ALA DA 494 44.69 16.63 2.24
C ALA DA 494 45.62 17.83 2.10
N LEU DA 495 45.14 19.00 2.51
CA LEU DA 495 45.92 20.23 2.43
C LEU DA 495 46.72 20.35 3.72
N HIS DA 496 47.99 19.98 3.68
CA HIS DA 496 48.81 20.02 4.89
C HIS DA 496 49.30 21.43 5.16
N ASP DA 497 50.12 21.97 4.27
CA ASP DA 497 50.59 23.35 4.41
C ASP DA 497 50.47 24.11 3.09
N SER DA 498 49.57 23.68 2.21
CA SER DA 498 49.37 24.37 0.95
C SER DA 498 48.81 25.77 1.19
N TRP DA 499 49.04 26.64 0.22
CA TRP DA 499 48.54 28.01 0.30
C TRP DA 499 47.03 28.10 0.21
N ILE DA 500 46.35 27.01 -0.17
CA ILE DA 500 44.90 27.02 -0.33
C ILE DA 500 44.25 27.23 1.01
N ILE DA 501 43.24 28.10 1.06
CA ILE DA 501 42.51 28.36 2.28
C ILE DA 501 41.09 27.85 2.15
N PRO DA 502 40.76 26.69 2.71
CA PRO DA 502 39.37 26.22 2.64
C PRO DA 502 38.41 27.18 3.32
N GLY DA 503 37.24 27.36 2.72
CA GLY DA 503 36.26 28.31 3.18
C GLY DA 503 36.49 29.72 2.67
N LEU DA 504 37.74 30.13 2.51
CA LEU DA 504 38.07 31.45 1.99
C LEU DA 504 38.32 31.41 0.48
N HIS DA 505 39.29 30.60 0.04
CA HIS DA 505 39.52 30.47 -1.40
C HIS DA 505 38.42 29.67 -2.08
N ILE DA 506 37.96 28.61 -1.44
CA ILE DA 506 36.95 27.71 -2.01
C ILE DA 506 35.94 27.38 -0.92
N ASP DA 507 34.67 27.32 -1.29
CA ASP DA 507 33.61 26.99 -0.35
C ASP DA 507 32.92 25.71 -0.80
N ILE DA 508 32.08 25.16 0.09
CA ILE DA 508 31.37 23.93 -0.19
C ILE DA 508 30.40 24.17 -1.34
N GLY DA 509 30.41 23.26 -2.32
CA GLY DA 509 29.55 23.36 -3.48
C GLY DA 509 30.14 24.12 -4.65
N GLN DA 510 31.31 24.72 -4.48
CA GLN DA 510 31.94 25.50 -5.55
C GLN DA 510 32.90 24.63 -6.34
N ARG DA 511 33.00 24.92 -7.64
CA ARG DA 511 33.79 24.09 -8.53
C ARG DA 511 35.27 24.41 -8.40
N MET DA 512 36.09 23.38 -8.34
CA MET DA 512 37.53 23.49 -8.37
C MET DA 512 38.09 22.33 -9.19
N GLY DA 513 39.26 22.54 -9.76
CA GLY DA 513 39.94 21.51 -10.52
C GLY DA 513 41.07 20.91 -9.70
N SER DA 514 41.39 19.66 -10.00
CA SER DA 514 42.47 18.98 -9.30
C SER DA 514 43.19 18.06 -10.28
N THR DA 515 44.48 17.84 -10.02
CA THR DA 515 45.28 16.95 -10.84
C THR DA 515 45.90 15.87 -9.97
N VAL DA 516 46.26 14.77 -10.62
CA VAL DA 516 46.96 13.66 -9.98
C VAL DA 516 48.19 13.32 -10.82
N ASN DA 517 49.32 13.13 -10.16
CA ASN DA 517 50.59 12.86 -10.86
C ASN DA 517 50.68 11.37 -11.19
N SER DA 518 49.84 10.95 -12.12
CA SER DA 518 49.81 9.59 -12.62
C SER DA 518 49.96 9.61 -14.13
N LYS DA 519 50.70 8.64 -14.66
CA LYS DA 519 51.03 8.64 -16.07
C LYS DA 519 49.78 8.50 -16.93
N GLY DA 520 49.69 9.34 -17.96
CA GLY DA 520 48.55 9.39 -18.84
C GLY DA 520 47.55 10.47 -18.49
N VAL DA 521 47.57 10.99 -17.26
CA VAL DA 521 46.61 11.98 -16.82
C VAL DA 521 47.25 13.15 -16.09
N GLU DA 522 48.53 13.44 -16.35
CA GLU DA 522 49.11 14.63 -15.75
C GLU DA 522 48.41 15.90 -16.23
N ASN DA 523 48.19 16.00 -17.55
CA ASN DA 523 47.64 17.22 -18.13
C ASN DA 523 46.18 17.43 -17.74
N ILE DA 524 45.43 16.35 -17.57
CA ILE DA 524 44.00 16.45 -17.30
C ILE DA 524 43.77 17.12 -15.95
N VAL DA 525 42.74 17.96 -15.88
CA VAL DA 525 42.30 18.58 -14.65
C VAL DA 525 40.87 18.15 -14.40
N TRP DA 526 40.66 17.38 -13.34
CA TRP DA 526 39.33 16.91 -12.99
C TRP DA 526 38.61 18.03 -12.24
N VAL DA 527 37.54 18.54 -12.83
CA VAL DA 527 36.82 19.69 -12.29
C VAL DA 527 35.56 19.17 -11.62
N ASN DA 528 35.50 19.33 -10.30
CA ASN DA 528 34.36 18.89 -9.52
C ASN DA 528 34.00 19.98 -8.53
N GLN DA 529 32.74 20.03 -8.14
CA GLN DA 529 32.34 20.97 -7.11
C GLN DA 529 32.66 20.39 -5.74
N LEU DA 530 33.26 21.21 -4.88
CA LEU DA 530 33.69 20.75 -3.57
C LEU DA 530 32.50 20.22 -2.78
N GLU DA 531 32.64 19.00 -2.27
CA GLU DA 531 31.55 18.33 -1.58
C GLU DA 531 31.77 18.16 -0.09
N GLU DA 532 33.00 17.96 0.35
CA GLU DA 532 33.29 17.88 1.78
C GLU DA 532 34.59 18.58 2.09
N MET DA 533 34.67 19.18 3.27
CA MET DA 533 35.95 19.63 3.81
C MET DA 533 35.91 19.52 5.32
N THR DA 534 36.84 18.76 5.88
CA THR DA 534 36.90 18.50 7.31
C THR DA 534 38.12 19.19 7.90
N ALA DA 535 37.91 19.93 8.99
CA ALA DA 535 39.00 20.49 9.78
C ALA DA 535 39.20 19.63 11.00
N ALA DA 536 40.40 19.07 11.15
CA ALA DA 536 40.68 18.14 12.24
C ALA DA 536 42.01 18.48 12.89
N TRP DA 537 42.07 18.24 14.20
CA TRP DA 537 43.32 18.42 14.94
C TRP DA 537 43.34 17.45 16.10
N ASP DA 538 44.55 17.16 16.57
CA ASP DA 538 44.74 16.31 17.74
C ASP DA 538 45.90 16.86 18.55
N ASN DA 539 45.65 17.18 19.81
CA ASN DA 539 46.64 17.78 20.69
C ASN DA 539 47.27 16.77 21.65
N SER DA 540 47.01 15.49 21.46
CA SER DA 540 47.52 14.48 22.38
C SER DA 540 49.05 14.42 22.32
N ALA DA 541 49.66 14.10 23.47
CA ALA DA 541 51.11 14.04 23.53
C ALA DA 541 51.65 12.92 22.67
N GLY DA 542 50.98 11.77 22.64
CA GLY DA 542 51.43 10.65 21.84
C GLY DA 542 51.47 10.97 20.36
N GLN DA 543 50.31 11.17 19.75
CA GLN DA 543 50.22 11.61 18.37
C GLN DA 543 49.61 13.00 18.35
N THR DA 544 50.23 13.91 17.60
CA THR DA 544 49.81 15.31 17.56
C THR DA 544 49.76 15.76 16.11
N MET DA 545 48.59 16.24 15.69
CA MET DA 545 48.45 16.82 14.37
C MET DA 545 47.84 18.21 14.51
N PRO DA 546 48.43 19.23 13.90
CA PRO DA 546 47.83 20.57 13.97
C PRO DA 546 46.54 20.63 13.16
N LEU DA 547 45.84 21.75 13.22
CA LEU DA 547 44.58 21.87 12.49
C LEU DA 547 44.85 21.74 11.00
N SER DA 548 44.33 20.69 10.40
CA SER DA 548 44.53 20.40 8.99
C SER DA 548 43.18 20.18 8.32
N TRP DA 549 43.13 20.45 7.03
CA TRP DA 549 41.90 20.34 6.25
C TRP DA 549 42.03 19.21 5.24
N VAL DA 550 40.94 18.48 5.06
CA VAL DA 550 40.84 17.41 4.08
C VAL DA 550 39.64 17.69 3.21
N LEU DA 551 39.85 17.77 1.90
CA LEU DA 551 38.80 18.05 0.94
C LEU DA 551 38.41 16.78 0.20
N LYS DA 552 37.13 16.70 -0.15
CA LYS DA 552 36.60 15.68 -1.05
C LYS DA 552 35.81 16.40 -2.11
N ALA DA 553 36.32 16.40 -3.33
CA ALA DA 553 35.70 17.06 -4.47
C ALA DA 553 34.98 16.03 -5.32
N GLY DA 554 33.74 16.32 -5.69
CA GLY DA 554 32.93 15.37 -6.42
C GLY DA 554 32.41 14.27 -5.52
N LYS DA 555 31.35 13.60 -5.95
CA LYS DA 555 30.75 12.53 -5.18
C LYS DA 555 30.56 11.31 -6.06
N SER DA 556 30.64 10.13 -5.45
CA SER DA 556 30.46 8.88 -6.17
C SER DA 556 29.82 7.88 -5.23
N ASP DA 557 28.75 7.23 -5.70
CA ASP DA 557 28.15 6.15 -4.93
C ASP DA 557 29.02 4.90 -4.97
N ARG DA 558 29.83 4.75 -6.02
CA ARG DA 558 30.64 3.53 -6.17
C ARG DA 558 31.80 3.52 -5.19
N ALA DA 559 32.51 4.64 -5.05
CA ALA DA 559 33.67 4.71 -4.18
C ALA DA 559 33.32 5.07 -2.75
N MET DA 560 32.02 5.21 -2.44
CA MET DA 560 31.60 5.38 -1.07
C MET DA 560 31.90 4.11 -0.26
N SER DA 561 32.21 4.30 1.01
CA SER DA 561 32.45 3.17 1.89
C SER DA 561 31.17 2.35 2.04
N ILE DA 562 31.34 1.07 2.35
CA ILE DA 562 30.20 0.18 2.46
C ILE DA 562 29.29 0.59 3.61
N GLY DA 563 29.88 1.00 4.73
CA GLY DA 563 29.08 1.46 5.85
C GLY DA 563 28.24 2.68 5.50
N GLU DA 564 28.85 3.66 4.84
CA GLU DA 564 28.11 4.86 4.45
C GLU DA 564 27.04 4.53 3.41
N ARG DA 565 27.34 3.61 2.49
CA ARG DA 565 26.34 3.20 1.52
C ARG DA 565 25.16 2.54 2.21
N VAL DA 566 25.42 1.68 3.19
CA VAL DA 566 24.34 1.03 3.93
C VAL DA 566 23.54 2.04 4.70
N ALA DA 567 24.20 3.03 5.30
CA ALA DA 567 23.49 4.06 6.06
C ALA DA 567 22.58 4.89 5.17
N ARG DA 568 23.09 5.33 4.01
CA ARG DA 568 22.28 6.12 3.09
C ARG DA 568 21.12 5.30 2.55
N LEU DA 569 21.37 4.03 2.22
CA LEU DA 569 20.31 3.17 1.74
C LEU DA 569 19.24 2.94 2.80
N ALA DA 570 19.67 2.78 4.06
CA ALA DA 570 18.72 2.65 5.15
C ALA DA 570 17.88 3.90 5.31
N LYS DA 571 18.51 5.08 5.17
CA LYS DA 571 17.76 6.33 5.24
C LYS DA 571 16.70 6.40 4.15
N LYS DA 572 17.10 6.10 2.92
CA LYS DA 572 16.16 6.15 1.80
C LYS DA 572 15.04 5.13 1.97
N MET DA 573 15.38 3.93 2.43
CA MET DA 573 14.38 2.88 2.62
C MET DA 573 13.41 3.25 3.73
N SER DA 574 13.90 3.84 4.82
CA SER DA 574 13.01 4.25 5.90
C SER DA 574 12.05 5.34 5.45
N GLU DA 575 12.57 6.33 4.71
CA GLU DA 575 11.70 7.39 4.20
C GLU DA 575 10.66 6.83 3.24
N ALA DA 576 11.07 5.92 2.34
CA ALA DA 576 10.14 5.35 1.38
C ALA DA 576 9.10 4.48 2.07
N LEU DA 577 9.50 3.76 3.12
CA LEU DA 577 8.55 2.95 3.87
C LEU DA 577 7.53 3.84 4.57
N ASN DA 578 7.97 4.95 5.15
CA ASN DA 578 7.03 5.91 5.73
C ASN DA 578 6.05 6.41 4.68
N ASN DA 579 6.56 6.74 3.49
CA ASN DA 579 5.70 7.27 2.44
C ASN DA 579 4.68 6.23 1.96
N VAL DA 580 5.12 4.98 1.78
CA VAL DA 580 4.19 3.95 1.36
C VAL DA 580 3.13 3.70 2.43
N GLY DA 581 3.56 3.62 3.69
CA GLY DA 581 2.62 3.41 4.77
C GLY DA 581 1.60 4.53 4.87
N VAL DA 582 2.02 5.77 4.61
CA VAL DA 582 1.06 6.87 4.66
C VAL DA 582 0.18 6.90 3.43
N HIS DA 583 0.64 6.32 2.31
CA HIS DA 583 -0.20 6.24 1.12
C HIS DA 583 -1.09 5.00 1.10
N ILE DA 584 -0.99 4.12 2.10
CA ILE DA 584 -1.88 2.96 2.16
C ILE DA 584 -3.34 3.43 2.22
N VAL DA 585 -4.20 2.73 1.49
CA VAL DA 585 -5.63 2.97 1.50
C VAL DA 585 -6.27 2.00 2.48
N GLN DA 586 -7.09 2.53 3.39
CA GLN DA 586 -7.69 1.71 4.43
C GLN DA 586 -8.75 0.77 3.87
N SER DA 587 -8.91 -0.37 4.53
CA SER DA 587 -9.90 -1.36 4.12
C SER DA 587 -11.20 -1.19 4.89
N MET EA 1 10.29 -22.01 -4.81
CA MET EA 1 9.36 -21.45 -5.78
C MET EA 1 9.11 -22.42 -6.92
N THR EA 2 9.53 -23.67 -6.72
CA THR EA 2 9.33 -24.72 -7.70
C THR EA 2 8.12 -25.56 -7.32
N MET EA 3 7.41 -26.03 -8.34
CA MET EA 3 6.27 -26.91 -8.13
C MET EA 3 6.69 -28.32 -8.51
N PRO EA 4 6.85 -29.24 -7.54
CA PRO EA 4 7.29 -30.60 -7.89
C PRO EA 4 6.35 -31.32 -8.83
N ASN EA 5 5.04 -31.09 -8.71
CA ASN EA 5 4.10 -31.62 -9.67
C ASN EA 5 4.09 -30.74 -10.92
N GLY EA 6 3.30 -31.12 -11.91
CA GLY EA 6 3.32 -30.42 -13.18
C GLY EA 6 2.52 -29.15 -13.18
N SER EA 7 1.66 -28.99 -14.19
CA SER EA 7 0.78 -27.84 -14.25
C SER EA 7 -0.28 -27.85 -13.16
N GLY EA 8 -0.43 -28.96 -12.44
CA GLY EA 8 -1.38 -29.05 -11.34
C GLY EA 8 -1.00 -28.24 -10.13
N GLY EA 9 0.22 -27.69 -10.09
CA GLY EA 9 0.61 -26.82 -9.00
C GLY EA 9 -0.03 -25.45 -9.06
N LEU EA 10 -0.51 -25.03 -10.23
CA LEU EA 10 -1.20 -23.76 -10.37
C LEU EA 10 -2.62 -23.87 -9.82
N ASP EA 11 -3.18 -22.70 -9.49
CA ASP EA 11 -4.54 -22.64 -8.98
C ASP EA 11 -5.47 -22.15 -10.09
N PRO EA 12 -6.35 -22.99 -10.61
CA PRO EA 12 -7.25 -22.53 -11.69
C PRO EA 12 -8.22 -21.44 -11.26
N GLY EA 13 -8.53 -21.33 -9.97
CA GLY EA 13 -9.46 -20.35 -9.48
C GLY EA 13 -8.86 -19.02 -9.08
N ALA EA 14 -7.57 -18.80 -9.34
CA ALA EA 14 -6.93 -17.55 -8.96
C ALA EA 14 -7.46 -16.40 -9.81
N TRP EA 15 -7.23 -15.18 -9.32
CA TRP EA 15 -7.74 -13.99 -9.99
C TRP EA 15 -7.15 -13.82 -11.38
N LEU EA 16 -5.83 -14.00 -11.50
CA LEU EA 16 -5.13 -13.86 -12.77
C LEU EA 16 -4.66 -15.20 -13.32
N SER EA 17 -5.41 -16.28 -13.04
CA SER EA 17 -5.01 -17.59 -13.53
C SER EA 17 -5.17 -17.70 -15.04
N HIS EA 18 -6.09 -16.94 -15.62
CA HIS EA 18 -6.29 -16.97 -17.07
C HIS EA 18 -5.13 -16.34 -17.82
N TRP EA 19 -4.29 -15.55 -17.15
CA TRP EA 19 -3.23 -14.80 -17.81
C TRP EA 19 -1.85 -15.36 -17.52
N VAL EA 20 -1.76 -16.53 -16.90
CA VAL EA 20 -0.48 -17.17 -16.65
C VAL EA 20 -0.05 -17.92 -17.91
N ASN EA 21 1.12 -17.59 -18.43
CA ASN EA 21 1.61 -18.18 -19.66
C ASN EA 21 2.33 -19.48 -19.38
N GLN EA 22 2.05 -20.51 -20.19
CA GLN EA 22 2.76 -21.78 -20.11
C GLN EA 22 3.64 -22.01 -21.32
N ALA EA 23 3.07 -22.01 -22.52
CA ALA EA 23 3.86 -22.05 -23.74
C ALA EA 23 3.26 -21.20 -24.85
N ASP EA 24 2.18 -20.46 -24.58
CA ASP EA 24 1.52 -19.64 -25.58
C ASP EA 24 1.98 -18.20 -25.44
N LEU EA 25 3.24 -17.97 -25.78
CA LEU EA 25 3.82 -16.63 -25.68
C LEU EA 25 3.44 -15.73 -26.85
N SER EA 26 2.85 -16.28 -27.91
CA SER EA 26 2.34 -15.42 -28.98
C SER EA 26 1.13 -14.63 -28.55
N SER EA 27 0.48 -15.02 -27.45
CA SER EA 27 -0.68 -14.32 -26.94
C SER EA 27 -0.32 -13.06 -26.16
N LEU EA 28 0.95 -12.87 -25.82
CA LEU EA 28 1.36 -11.67 -25.09
C LEU EA 28 1.11 -10.42 -25.91
N ALA EA 29 1.41 -10.46 -27.21
CA ALA EA 29 1.17 -9.33 -28.09
C ALA EA 29 -0.31 -9.08 -28.34
N GLY EA 30 -1.18 -10.03 -28.00
CA GLY EA 30 -2.60 -9.86 -28.13
C GLY EA 30 -3.29 -9.24 -26.94
N ARG EA 31 -2.55 -8.85 -25.91
CA ARG EA 31 -3.13 -8.23 -24.72
C ARG EA 31 -3.18 -6.71 -24.87
N THR EA 32 -3.78 -6.24 -25.94
CA THR EA 32 -3.92 -4.82 -26.19
C THR EA 32 -5.20 -4.30 -25.55
N GLU EA 33 -5.48 -3.02 -25.78
CA GLU EA 33 -6.64 -2.39 -25.15
C GLU EA 33 -7.94 -3.03 -25.60
N ASP EA 34 -8.06 -3.33 -26.90
CA ASP EA 34 -9.33 -3.79 -27.44
C ASP EA 34 -9.68 -5.20 -26.94
N GLU EA 35 -8.71 -6.11 -26.95
CA GLU EA 35 -9.00 -7.49 -26.56
C GLU EA 35 -9.29 -7.60 -25.08
N VAL EA 36 -8.49 -6.94 -24.24
CA VAL EA 36 -8.74 -6.94 -22.81
C VAL EA 36 -10.07 -6.27 -22.50
N ARG EA 37 -10.37 -5.17 -23.20
CA ARG EA 37 -11.64 -4.48 -23.02
C ARG EA 37 -12.81 -5.40 -23.35
N ALA EA 38 -12.71 -6.15 -24.45
CA ALA EA 38 -13.78 -7.06 -24.83
C ALA EA 38 -13.95 -8.17 -23.80
N TYR EA 39 -12.83 -8.73 -23.33
CA TYR EA 39 -12.89 -9.79 -22.33
C TYR EA 39 -13.59 -9.31 -21.05
N PHE EA 40 -13.21 -8.13 -20.57
CA PHE EA 40 -13.79 -7.65 -19.32
C PHE EA 40 -15.21 -7.16 -19.50
N GLU EA 41 -15.55 -6.61 -20.67
CA GLU EA 41 -16.95 -6.27 -20.95
C GLU EA 41 -17.80 -7.54 -20.96
N ASN EA 42 -17.27 -8.62 -21.52
CA ASN EA 42 -17.99 -9.89 -21.47
C ASN EA 42 -18.21 -10.35 -20.04
N LEU EA 43 -17.18 -10.26 -19.19
CA LEU EA 43 -17.34 -10.65 -17.80
C LEU EA 43 -18.39 -9.80 -17.09
N VAL EA 44 -18.33 -8.47 -17.28
CA VAL EA 44 -19.27 -7.59 -16.61
C VAL EA 44 -20.69 -7.84 -17.09
N GLN EA 45 -20.86 -8.12 -18.38
CA GLN EA 45 -22.18 -8.49 -18.89
C GLN EA 45 -22.66 -9.78 -18.27
N ALA EA 46 -21.76 -10.74 -18.05
CA ALA EA 46 -22.13 -12.00 -17.44
C ALA EA 46 -22.28 -11.91 -15.93
N ASP EA 47 -21.97 -10.77 -15.33
CA ASP EA 47 -22.13 -10.59 -13.89
C ASP EA 47 -23.57 -10.89 -13.47
N SER EA 48 -23.71 -11.62 -12.35
CA SER EA 48 -24.99 -12.21 -11.96
C SER EA 48 -25.87 -11.26 -11.15
N GLY EA 49 -25.29 -10.54 -10.19
CA GLY EA 49 -26.09 -9.65 -9.38
C GLY EA 49 -26.75 -8.55 -10.19
N TRP EA 50 -26.00 -7.96 -11.12
CA TRP EA 50 -26.56 -6.93 -11.98
C TRP EA 50 -27.65 -7.49 -12.88
N GLY EA 51 -27.47 -8.72 -13.36
CA GLY EA 51 -28.51 -9.35 -14.16
C GLY EA 51 -29.78 -9.61 -13.38
N ASP EA 52 -29.64 -10.09 -12.15
CA ASP EA 52 -30.81 -10.28 -11.30
C ASP EA 52 -31.50 -8.97 -11.00
N ALA EA 53 -30.73 -7.91 -10.75
CA ALA EA 53 -31.32 -6.59 -10.55
C ALA EA 53 -32.05 -6.12 -11.80
N SER EA 54 -31.49 -6.39 -12.98
CA SER EA 54 -32.17 -6.04 -14.21
C SER EA 54 -33.48 -6.78 -14.37
N ASN EA 55 -33.48 -8.08 -14.05
CA ASN EA 55 -34.72 -8.85 -14.11
C ASN EA 55 -35.76 -8.27 -13.16
N THR EA 56 -35.35 -7.96 -11.93
CA THR EA 56 -36.29 -7.41 -10.95
C THR EA 56 -36.84 -6.07 -11.40
N PHE EA 57 -35.97 -5.21 -11.93
CA PHE EA 57 -36.41 -3.87 -12.33
C PHE EA 57 -37.34 -3.92 -13.52
N PHE EA 58 -36.97 -4.65 -14.57
CA PHE EA 58 -37.71 -4.61 -15.82
C PHE EA 58 -38.92 -5.54 -15.84
N ASN EA 59 -38.94 -6.60 -15.02
CA ASN EA 59 -40.04 -7.54 -15.03
C ASN EA 59 -40.99 -7.34 -13.85
N LEU EA 60 -40.45 -7.19 -12.64
CA LEU EA 60 -41.30 -7.00 -11.47
C LEU EA 60 -41.75 -5.55 -11.33
N ILE EA 61 -40.78 -4.62 -11.18
CA ILE EA 61 -41.13 -3.23 -10.90
C ILE EA 61 -41.83 -2.59 -12.09
N LEU EA 62 -41.33 -2.83 -13.29
CA LEU EA 62 -41.88 -2.21 -14.50
C LEU EA 62 -42.90 -3.07 -15.20
N GLY EA 63 -43.29 -4.19 -14.61
CA GLY EA 63 -44.24 -5.08 -15.28
C GLY EA 63 -43.63 -5.67 -16.53
N GLY EA 64 -44.43 -5.74 -17.59
CA GLY EA 64 -43.94 -6.22 -18.87
C GLY EA 64 -43.61 -5.07 -19.80
N PHE EA 65 -43.49 -3.87 -19.26
CA PHE EA 65 -43.29 -2.66 -20.04
C PHE EA 65 -41.86 -2.18 -19.90
N GLN EA 66 -41.23 -1.85 -21.02
CA GLN EA 66 -39.88 -1.30 -20.99
C GLN EA 66 -39.85 0.05 -20.31
N ASN EA 67 -40.86 0.88 -20.56
CA ASN EA 67 -40.87 2.24 -20.05
C ASN EA 67 -42.30 2.66 -19.75
N LEU EA 68 -42.48 3.93 -19.40
CA LEU EA 68 -43.80 4.47 -19.14
C LEU EA 68 -44.48 5.00 -20.40
N SER EA 69 -43.72 5.40 -21.42
CA SER EA 69 -44.34 5.93 -22.63
C SER EA 69 -45.12 4.85 -23.36
N GLU EA 70 -44.52 3.68 -23.56
CA GLU EA 70 -45.25 2.60 -24.21
C GLU EA 70 -46.40 2.11 -23.35
N PHE EA 71 -46.28 2.22 -22.02
CA PHE EA 71 -47.39 1.88 -21.14
C PHE EA 71 -48.55 2.87 -21.32
N VAL EA 72 -48.23 4.15 -21.49
CA VAL EA 72 -49.27 5.14 -21.80
C VAL EA 72 -49.95 4.78 -23.11
N THR EA 73 -49.16 4.41 -24.12
CA THR EA 73 -49.74 4.00 -25.40
C THR EA 73 -50.65 2.78 -25.21
N LEU EA 74 -50.23 1.84 -24.37
CA LEU EA 74 -51.05 0.65 -24.10
C LEU EA 74 -52.36 1.03 -23.42
N ILE EA 75 -52.32 1.96 -22.47
CA ILE EA 75 -53.54 2.43 -21.82
C ILE EA 75 -54.46 3.07 -22.86
N VAL EA 76 -53.89 3.89 -23.75
CA VAL EA 76 -54.68 4.55 -24.77
C VAL EA 76 -55.31 3.53 -25.71
N GLN EA 77 -54.55 2.49 -26.08
CA GLN EA 77 -55.09 1.46 -26.96
C GLN EA 77 -56.14 0.61 -26.25
N ALA EA 78 -56.02 0.46 -24.93
CA ALA EA 78 -57.00 -0.34 -24.20
C ALA EA 78 -58.32 0.39 -24.04
N VAL EA 79 -58.26 1.70 -23.77
CA VAL EA 79 -59.50 2.46 -23.56
C VAL EA 79 -60.03 3.12 -24.84
N THR EA 80 -59.25 3.12 -25.92
CA THR EA 80 -59.64 3.75 -27.17
C THR EA 80 -59.16 2.87 -28.32
N GLY EA 81 -59.92 2.87 -29.41
CA GLY EA 81 -59.52 2.10 -30.58
C GLY EA 81 -58.25 2.64 -31.23
N ALA EA 82 -58.17 3.95 -31.38
CA ALA EA 82 -57.04 4.57 -32.07
C ALA EA 82 -55.84 4.67 -31.13
N PRO EA 83 -54.68 4.14 -31.48
CA PRO EA 83 -53.49 4.34 -30.65
C PRO EA 83 -53.02 5.78 -30.70
N GLY EA 84 -52.36 6.20 -29.64
CA GLY EA 84 -51.87 7.56 -29.55
C GLY EA 84 -51.48 7.90 -28.13
N GLY EA 85 -51.23 9.20 -27.92
CA GLY EA 85 -50.80 9.69 -26.64
C GLY EA 85 -51.95 9.95 -25.68
N LEU EA 86 -51.59 10.50 -24.52
CA LEU EA 86 -52.59 10.84 -23.53
C LEU EA 86 -53.55 11.89 -24.05
N THR EA 87 -53.06 12.83 -24.87
CA THR EA 87 -53.95 13.80 -25.50
C THR EA 87 -54.93 13.12 -26.43
N ASP EA 88 -54.48 12.11 -27.19
CA ASP EA 88 -55.38 11.35 -28.03
C ASP EA 88 -56.43 10.62 -27.20
N LEU EA 89 -56.02 10.03 -26.08
CA LEU EA 89 -56.96 9.38 -25.17
C LEU EA 89 -58.02 10.37 -24.71
N GLN EA 90 -57.58 11.54 -24.26
CA GLN EA 90 -58.51 12.56 -23.78
C GLN EA 90 -59.45 13.01 -24.88
N ALA EA 91 -58.94 13.18 -26.10
CA ALA EA 91 -59.78 13.60 -27.22
C ALA EA 91 -60.84 12.56 -27.54
N PHE EA 92 -60.45 11.28 -27.59
CA PHE EA 92 -61.43 10.24 -27.88
C PHE EA 92 -62.49 10.15 -26.78
N LEU EA 93 -62.06 10.25 -25.51
CA LEU EA 93 -63.03 10.19 -24.42
C LEU EA 93 -63.95 11.40 -24.43
N THR EA 94 -63.42 12.58 -24.77
CA THR EA 94 -64.26 13.76 -24.88
C THR EA 94 -65.28 13.63 -25.99
N GLU EA 95 -64.86 13.09 -27.13
CA GLU EA 95 -65.81 12.84 -28.22
C GLU EA 95 -66.88 11.84 -27.80
N ARG EA 96 -66.48 10.78 -27.08
CA ARG EA 96 -67.45 9.80 -26.62
C ARG EA 96 -68.45 10.42 -25.65
N TRP EA 97 -67.96 11.23 -24.70
CA TRP EA 97 -68.88 11.85 -23.75
C TRP EA 97 -69.80 12.86 -24.45
N GLY EA 98 -69.28 13.58 -25.44
CA GLY EA 98 -70.12 14.48 -26.19
C GLY EA 98 -71.20 13.75 -26.97
N ASP EA 99 -70.85 12.62 -27.59
CA ASP EA 99 -71.85 11.82 -28.29
C ASP EA 99 -72.89 11.26 -27.33
N LEU EA 100 -72.44 10.84 -26.14
CA LEU EA 100 -73.39 10.33 -25.15
C LEU EA 100 -74.34 11.43 -24.68
N ALA EA 101 -73.81 12.64 -24.47
CA ALA EA 101 -74.67 13.76 -24.10
C ALA EA 101 -75.66 14.08 -25.22
N ASP EA 102 -75.20 14.00 -26.48
CA ASP EA 102 -76.11 14.21 -27.60
C ASP EA 102 -77.21 13.16 -27.63
N ALA EA 103 -76.88 11.91 -27.33
CA ALA EA 103 -77.90 10.86 -27.28
C ALA EA 103 -78.88 11.09 -26.13
N PHE EA 104 -78.38 11.54 -24.98
CA PHE EA 104 -79.27 11.84 -23.86
C PHE EA 104 -80.22 12.98 -24.21
N GLN EA 105 -79.70 14.02 -24.86
CA GLN EA 105 -80.55 15.11 -25.30
C GLN EA 105 -81.52 14.67 -26.39
N ALA EA 106 -81.12 13.70 -27.22
CA ALA EA 106 -82.05 13.14 -28.20
C ALA EA 106 -83.19 12.40 -27.51
N VAL EA 107 -82.89 11.66 -26.43
CA VAL EA 107 -83.94 11.01 -25.67
C VAL EA 107 -84.88 12.04 -25.05
N ALA EA 108 -84.30 13.12 -24.50
CA ALA EA 108 -85.13 14.20 -23.96
C ALA EA 108 -86.00 14.83 -25.03
N ASN EA 109 -85.45 15.03 -26.23
CA ASN EA 109 -86.24 15.57 -27.33
C ASN EA 109 -87.33 14.61 -27.77
N LEU EA 110 -87.09 13.30 -27.65
CA LEU EA 110 -88.14 12.33 -27.92
C LEU EA 110 -89.24 12.43 -26.87
N ILE EA 111 -88.87 12.67 -25.62
CA ILE EA 111 -89.86 13.00 -24.59
C ILE EA 111 -90.69 14.19 -25.02
N ASP EA 112 -90.01 15.24 -25.48
CA ASP EA 112 -90.70 16.48 -25.85
C ASP EA 112 -91.62 16.26 -27.05
N ALA EA 113 -91.18 15.46 -28.02
CA ALA EA 113 -92.01 15.17 -29.18
C ALA EA 113 -93.23 14.35 -28.81
N ILE EA 114 -93.06 13.35 -27.93
CA ILE EA 114 -94.21 12.57 -27.47
C ILE EA 114 -95.18 13.46 -26.71
N ALA EA 115 -94.66 14.40 -25.93
CA ALA EA 115 -95.51 15.35 -25.22
C ALA EA 115 -96.02 16.48 -26.10
N GLY EA 116 -95.58 16.55 -27.35
CA GLY EA 116 -96.11 17.51 -28.29
C GLY EA 116 -95.45 18.88 -28.29
N GLU EA 117 -94.49 19.12 -27.41
CA GLU EA 117 -93.85 20.43 -27.34
C GLU EA 117 -92.44 20.26 -26.79
N VAL EA 118 -91.50 21.07 -27.30
CA VAL EA 118 -90.13 21.02 -26.85
C VAL EA 118 -90.04 21.42 -25.37
N GLY EA 119 -89.10 20.80 -24.66
CA GLY EA 119 -88.92 21.10 -23.25
C GLY EA 119 -90.07 20.69 -22.35
N SER EA 120 -90.62 19.49 -22.56
CA SER EA 120 -91.72 18.98 -21.77
C SER EA 120 -91.27 17.80 -20.92
N SER EA 121 -92.22 17.18 -20.23
CA SER EA 121 -91.93 16.13 -19.25
C SER EA 121 -92.69 14.86 -19.59
N LEU EA 122 -92.37 13.80 -18.82
CA LEU EA 122 -93.04 12.52 -18.99
C LEU EA 122 -94.51 12.59 -18.61
N ALA EA 123 -94.85 13.45 -17.64
CA ALA EA 123 -96.26 13.66 -17.30
C ALA EA 123 -97.02 14.25 -18.49
N ASP EA 124 -96.41 15.23 -19.17
CA ASP EA 124 -97.02 15.78 -20.37
C ASP EA 124 -97.11 14.72 -21.47
N ALA EA 125 -96.09 13.86 -21.57
CA ALA EA 125 -96.10 12.81 -22.58
C ALA EA 125 -97.26 11.84 -22.34
N ILE EA 126 -97.45 11.41 -21.09
CA ILE EA 126 -98.53 10.47 -20.81
C ILE EA 126 -99.89 11.17 -20.91
N ALA EA 127 -99.96 12.46 -20.61
CA ALA EA 127 -101.21 13.19 -20.83
C ALA EA 127 -101.55 13.25 -22.31
N LYS EA 128 -100.55 13.49 -23.17
CA LYS EA 128 -100.78 13.48 -24.60
C LYS EA 128 -101.19 12.10 -25.08
N LEU EA 129 -100.59 11.04 -24.51
CA LEU EA 129 -101.00 9.69 -24.86
C LEU EA 129 -102.45 9.43 -24.44
N ALA EA 130 -102.85 9.99 -23.29
CA ALA EA 130 -104.25 9.87 -22.87
C ALA EA 130 -105.18 10.59 -23.83
N THR EA 131 -104.79 11.78 -24.28
CA THR EA 131 -105.59 12.51 -25.26
C THR EA 131 -105.62 11.81 -26.61
N PHE EA 132 -104.59 11.00 -26.92
CA PHE EA 132 -104.54 10.21 -28.13
C PHE EA 132 -105.74 9.27 -28.21
N LEU EA 133 -106.62 9.50 -29.18
CA LEU EA 133 -107.85 8.73 -29.28
C LEU EA 133 -107.58 7.38 -29.96
N THR EA 134 -108.04 6.31 -29.32
CA THR EA 134 -107.83 4.96 -29.80
C THR EA 134 -109.08 4.44 -30.50
N GLU EA 135 -108.99 3.20 -30.97
CA GLU EA 135 -110.13 2.59 -31.66
C GLU EA 135 -111.33 2.40 -30.72
N LEU EA 136 -111.07 2.19 -29.44
CA LEU EA 136 -112.13 1.99 -28.46
C LEU EA 136 -112.59 3.28 -27.81
N SER EA 137 -112.02 4.42 -28.19
CA SER EA 137 -112.38 5.70 -27.60
C SER EA 137 -113.52 6.35 -28.39
N PRO EA 138 -114.60 6.75 -27.73
CA PRO EA 138 -115.67 7.46 -28.43
C PRO EA 138 -115.22 8.84 -28.88
N LEU EA 139 -115.91 9.37 -29.87
CA LEU EA 139 -115.51 10.60 -30.53
C LEU EA 139 -116.56 11.69 -30.35
N ASN EA 140 -116.08 12.93 -30.26
CA ASN EA 140 -116.96 14.08 -30.19
C ASN EA 140 -117.85 14.15 -31.42
N ALA EA 141 -119.15 14.36 -31.20
CA ALA EA 141 -120.11 14.51 -32.28
C ALA EA 141 -120.39 15.97 -32.61
N GLY EA 142 -119.57 16.89 -32.10
CA GLY EA 142 -119.87 18.30 -32.25
C GLY EA 142 -119.85 18.77 -33.69
N MET EA 143 -118.76 18.46 -34.40
CA MET EA 143 -118.53 19.05 -35.73
C MET EA 143 -118.68 18.05 -36.87
N LEU EA 144 -117.90 16.96 -36.87
CA LEU EA 144 -117.90 15.98 -37.96
C LEU EA 144 -117.92 16.65 -39.33
N PHE EA 145 -116.83 17.33 -39.68
CA PHE EA 145 -116.77 18.02 -40.97
C PHE EA 145 -116.91 17.03 -42.12
N GLY EA 146 -117.57 17.47 -43.19
CA GLY EA 146 -117.73 16.63 -44.36
C GLY EA 146 -119.19 16.37 -44.68
N LEU EA 147 -119.53 15.10 -44.90
CA LEU EA 147 -120.90 14.74 -45.27
C LEU EA 147 -121.06 13.24 -45.08
N ILE EA 148 -122.09 12.85 -44.35
CA ILE EA 148 -122.33 11.45 -44.02
C ILE EA 148 -123.17 10.82 -45.12
N GLY EA 149 -122.75 9.64 -45.59
CA GLY EA 149 -123.44 9.01 -46.69
C GLY EA 149 -124.83 8.51 -46.32
N THR EA 150 -125.62 8.24 -47.36
CA THR EA 150 -127.00 7.83 -47.15
C THR EA 150 -127.09 6.39 -46.65
N ASN EA 151 -126.28 5.49 -47.22
CA ASN EA 151 -126.38 4.08 -46.88
C ASN EA 151 -126.00 3.78 -45.43
N HIS EA 152 -125.38 4.73 -44.73
CA HIS EA 152 -125.00 4.54 -43.34
C HIS EA 152 -126.10 4.95 -42.38
N LEU EA 153 -127.24 5.42 -42.86
CA LEU EA 153 -128.34 5.83 -42.00
C LEU EA 153 -129.47 4.81 -42.09
N PRO EA 154 -129.62 3.93 -41.10
CA PRO EA 154 -130.55 2.81 -41.23
C PRO EA 154 -132.00 3.17 -40.94
N LEU EA 155 -132.22 4.08 -40.00
CA LEU EA 155 -133.56 4.31 -39.48
C LEU EA 155 -133.64 5.72 -38.92
N LEU EA 156 -134.69 6.44 -39.29
CA LEU EA 156 -134.90 7.82 -38.88
C LEU EA 156 -135.94 7.87 -37.77
N SER EA 157 -136.32 9.09 -37.39
CA SER EA 157 -137.38 9.29 -36.41
C SER EA 157 -138.41 10.23 -36.98
N VAL EA 158 -139.66 9.75 -37.07
CA VAL EA 158 -140.73 10.54 -37.66
C VAL EA 158 -140.95 11.84 -36.87
N SER EA 159 -140.91 11.74 -35.54
CA SER EA 159 -141.02 12.95 -34.73
C SER EA 159 -139.84 13.89 -34.98
N HIS EA 160 -138.64 13.33 -35.09
CA HIS EA 160 -137.47 14.15 -35.35
C HIS EA 160 -137.52 14.83 -36.71
N ILE EA 161 -138.32 14.29 -37.64
CA ILE EA 161 -138.51 14.98 -38.91
C ILE EA 161 -139.17 16.33 -38.67
N ALA EA 162 -138.67 17.36 -39.34
CA ALA EA 162 -139.18 18.71 -39.20
C ALA EA 162 -138.76 19.52 -40.42
N ASN EA 163 -138.97 20.83 -40.35
CA ASN EA 163 -138.77 21.74 -41.49
C ASN EA 163 -137.53 22.60 -41.24
N ILE EA 164 -136.43 22.26 -41.90
CA ILE EA 164 -135.18 23.02 -41.83
C ILE EA 164 -134.48 22.91 -43.18
N ASN EA 165 -133.89 24.02 -43.63
CA ASN EA 165 -133.11 24.07 -44.87
C ASN EA 165 -131.70 24.53 -44.52
N PRO EA 166 -130.80 23.61 -44.23
CA PRO EA 166 -129.43 23.98 -43.88
C PRO EA 166 -128.51 23.98 -45.10
N GLU EA 167 -127.34 24.59 -44.90
CA GLU EA 167 -126.34 24.64 -45.96
C GLU EA 167 -125.83 23.24 -46.27
N LEU EA 168 -125.38 23.05 -47.52
CA LEU EA 168 -124.91 21.75 -47.99
C LEU EA 168 -123.40 21.64 -47.96
N LEU EA 169 -122.70 22.56 -48.62
CA LEU EA 169 -121.26 22.49 -48.72
C LEU EA 169 -120.60 22.85 -47.39
N VAL EA 170 -119.36 22.41 -47.23
CA VAL EA 170 -118.54 22.72 -46.07
C VAL EA 170 -117.52 23.77 -46.50
N ASN EA 171 -117.34 24.80 -45.66
CA ASN EA 171 -116.52 25.96 -46.00
C ASN EA 171 -117.04 26.62 -47.28
N ALA EA 172 -118.35 26.83 -47.33
CA ALA EA 172 -118.98 27.42 -48.51
C ALA EA 172 -118.52 28.87 -48.70
N GLY EA 173 -118.38 29.62 -47.61
CA GLY EA 173 -118.01 31.01 -47.68
C GLY EA 173 -116.54 31.29 -47.93
N PHE EA 174 -115.72 30.24 -48.05
CA PHE EA 174 -114.29 30.38 -48.29
C PHE EA 174 -113.60 31.16 -47.17
N ASP EA 175 -114.15 31.10 -45.97
CA ASP EA 175 -113.58 31.83 -44.84
C ASP EA 175 -112.28 31.22 -44.35
N SER EA 176 -111.94 30.01 -44.78
CA SER EA 176 -110.70 29.35 -44.40
C SER EA 176 -109.97 28.89 -45.66
N ASP EA 177 -108.81 28.25 -45.46
CA ASP EA 177 -107.99 27.81 -46.58
C ASP EA 177 -108.53 26.58 -47.28
N VAL EA 178 -109.46 25.85 -46.66
CA VAL EA 178 -109.98 24.63 -47.26
C VAL EA 178 -110.77 24.96 -48.51
N SER EA 179 -110.84 23.99 -49.44
CA SER EA 179 -111.53 24.01 -50.73
C SER EA 179 -110.73 24.74 -51.81
N VAL EA 180 -109.56 25.30 -51.48
CA VAL EA 180 -108.73 25.97 -52.47
C VAL EA 180 -107.35 25.31 -52.37
N VAL EA 181 -107.33 24.06 -51.91
CA VAL EA 181 -106.06 23.37 -51.67
C VAL EA 181 -105.40 23.02 -53.01
N ASP EA 182 -104.07 23.02 -53.01
CA ASP EA 182 -103.22 22.61 -54.12
C ASP EA 182 -103.70 23.18 -55.45
N ASN EA 183 -103.68 24.51 -55.54
CA ASN EA 183 -104.11 25.17 -56.77
C ASN EA 183 -103.26 26.42 -57.04
N PRO EA 184 -102.47 26.41 -58.12
CA PRO EA 184 -101.75 27.64 -58.51
C PRO EA 184 -102.64 28.67 -59.19
N TYR EA 185 -103.91 28.34 -59.47
CA TYR EA 185 -104.80 29.28 -60.13
C TYR EA 185 -105.50 30.17 -59.12
N TRP EA 186 -106.21 29.56 -58.16
CA TRP EA 186 -106.88 30.26 -57.09
C TRP EA 186 -106.04 30.22 -55.83
N ASP EA 187 -106.33 31.15 -54.91
CA ASP EA 187 -105.74 31.09 -53.58
C ASP EA 187 -106.71 31.68 -52.57
N TRP EA 188 -106.46 31.36 -51.30
CA TRP EA 188 -107.31 31.86 -50.21
C TRP EA 188 -106.80 33.22 -49.75
N ASP EA 189 -107.73 34.10 -49.40
CA ASP EA 189 -107.41 35.43 -48.90
C ASP EA 189 -108.14 35.70 -47.60
N GLY EA 190 -107.43 36.33 -46.66
CA GLY EA 190 -108.01 36.73 -45.40
C GLY EA 190 -108.22 38.22 -45.23
N THR EA 191 -108.09 39.01 -46.29
CA THR EA 191 -108.22 40.46 -46.18
C THR EA 191 -109.35 41.04 -47.02
N VAL EA 192 -109.90 40.29 -47.97
CA VAL EA 192 -111.01 40.75 -48.80
C VAL EA 192 -112.20 39.85 -48.53
N GLY EA 193 -113.32 40.44 -48.16
CA GLY EA 193 -114.52 39.69 -47.86
C GLY EA 193 -115.45 40.52 -46.99
N ARG EA 194 -116.53 39.87 -46.56
CA ARG EA 194 -117.51 40.49 -45.69
C ARG EA 194 -117.58 39.84 -44.32
N THR EA 195 -117.80 38.53 -44.26
CA THR EA 195 -117.87 37.83 -42.98
C THR EA 195 -116.48 37.50 -42.48
N ALA EA 196 -116.32 37.48 -41.16
CA ALA EA 196 -115.03 37.19 -40.57
C ALA EA 196 -114.61 35.76 -40.92
N PRO EA 197 -113.31 35.52 -41.14
CA PRO EA 197 -112.20 36.46 -41.09
C PRO EA 197 -111.90 37.12 -42.43
N LEU EA 198 -112.94 37.58 -43.15
CA LEU EA 198 -112.80 38.19 -44.46
C LEU EA 198 -112.06 37.26 -45.42
N GLY EA 199 -112.44 35.99 -45.41
CA GLY EA 199 -111.83 35.00 -46.27
C GLY EA 199 -112.60 34.82 -47.56
N ALA EA 200 -111.89 34.95 -48.68
CA ALA EA 200 -112.49 34.79 -49.99
C ALA EA 200 -111.47 34.14 -50.91
N VAL EA 201 -111.80 34.05 -52.19
CA VAL EA 201 -110.95 33.43 -53.19
C VAL EA 201 -110.38 34.51 -54.10
N LYS EA 202 -109.06 34.53 -54.22
CA LYS EA 202 -108.34 35.42 -55.10
C LYS EA 202 -107.85 34.65 -56.33
N VAL EA 203 -107.73 35.36 -57.45
CA VAL EA 203 -107.38 34.74 -58.71
C VAL EA 203 -106.89 35.82 -59.66
N VAL EA 204 -106.06 35.44 -60.62
CA VAL EA 204 -105.61 36.33 -61.69
C VAL EA 204 -105.98 35.70 -63.03
N ALA EA 205 -106.57 36.49 -63.91
CA ALA EA 205 -107.04 36.01 -65.21
C ALA EA 205 -106.03 36.43 -66.27
N ASP EA 206 -105.09 35.53 -66.56
CA ASP EA 206 -104.04 35.79 -67.56
C ASP EA 206 -104.50 35.41 -68.96
N GLY EA 207 -105.66 35.93 -69.37
CA GLY EA 207 -106.16 35.66 -70.70
C GLY EA 207 -106.64 34.24 -70.91
N THR EA 208 -107.03 33.54 -69.86
CA THR EA 208 -107.32 32.11 -69.97
C THR EA 208 -108.66 31.72 -69.36
N ILE EA 209 -108.93 30.42 -69.33
CA ILE EA 209 -110.12 29.86 -68.68
C ILE EA 209 -109.80 29.64 -67.22
N LYS EA 210 -110.84 29.44 -66.39
CA LYS EA 210 -110.61 29.27 -64.97
C LYS EA 210 -111.66 28.32 -64.40
N ASP EA 211 -111.24 27.45 -63.49
CA ASP EA 211 -112.14 26.53 -62.84
C ASP EA 211 -111.69 26.30 -61.40
N LEU EA 212 -112.67 26.01 -60.54
CA LEU EA 212 -112.43 25.77 -59.13
C LEU EA 212 -113.46 24.78 -58.60
N LEU EA 213 -112.99 23.81 -57.83
CA LEU EA 213 -113.82 22.75 -57.30
C LEU EA 213 -113.98 22.90 -55.78
N SER EA 214 -115.15 22.50 -55.29
CA SER EA 214 -115.40 22.52 -53.85
C SER EA 214 -114.56 21.46 -53.15
N GLY EA 215 -113.99 21.83 -52.00
CA GLY EA 215 -113.16 20.94 -51.23
C GLY EA 215 -113.87 19.68 -50.75
N PRO EA 216 -115.06 19.84 -50.15
CA PRO EA 216 -115.85 18.67 -49.80
C PRO EA 216 -116.27 17.89 -51.04
N ASP EA 217 -116.52 16.61 -50.84
CA ASP EA 217 -116.78 15.69 -51.95
C ASP EA 217 -118.18 15.93 -52.50
N ALA EA 218 -118.63 15.03 -53.37
CA ALA EA 218 -119.87 15.24 -54.11
C ALA EA 218 -121.07 15.24 -53.19
N ILE EA 219 -121.92 16.25 -53.36
CA ILE EA 219 -123.21 16.29 -52.66
C ILE EA 219 -124.14 15.28 -53.31
N PRO EA 220 -124.76 14.37 -52.55
CA PRO EA 220 -125.68 13.41 -53.17
C PRO EA 220 -126.97 14.07 -53.61
N VAL EA 221 -127.12 14.23 -54.93
CA VAL EA 221 -128.28 14.88 -55.52
C VAL EA 221 -129.12 13.82 -56.21
N VAL EA 222 -130.44 14.00 -56.17
CA VAL EA 222 -131.38 13.01 -56.67
C VAL EA 222 -132.52 13.72 -57.38
N GLU EA 223 -133.34 12.94 -58.10
CA GLU EA 223 -134.42 13.51 -58.88
C GLU EA 223 -135.43 14.20 -57.96
N GLY EA 224 -136.14 15.16 -58.54
CA GLY EA 224 -137.00 15.99 -57.70
C GLY EA 224 -136.15 16.85 -56.79
N GLN EA 225 -136.73 17.18 -55.62
CA GLN EA 225 -136.06 17.94 -54.56
C GLN EA 225 -135.28 19.13 -55.12
N LYS EA 226 -136.00 20.10 -55.66
CA LYS EA 226 -135.39 21.26 -56.30
C LYS EA 226 -134.35 21.91 -55.39
N LEU EA 227 -133.37 22.56 -56.01
CA LEU EA 227 -132.28 23.19 -55.29
C LEU EA 227 -132.18 24.66 -55.69
N ASN EA 228 -131.55 25.46 -54.82
CA ASN EA 228 -131.22 26.84 -55.16
C ASN EA 228 -129.75 27.11 -54.87
N VAL EA 229 -129.10 27.79 -55.80
CA VAL EA 229 -127.67 28.11 -55.71
C VAL EA 229 -127.51 29.62 -55.76
N SER EA 230 -126.71 30.15 -54.83
CA SER EA 230 -126.44 31.58 -54.80
C SER EA 230 -125.04 31.81 -54.26
N ALA EA 231 -124.49 32.98 -54.56
CA ALA EA 231 -123.17 33.38 -54.09
C ALA EA 231 -122.97 34.86 -54.40
N TRP EA 232 -122.28 35.56 -53.51
CA TRP EA 232 -121.95 36.97 -53.74
C TRP EA 232 -120.61 37.03 -54.46
N LEU EA 233 -120.64 37.49 -55.71
CA LEU EA 233 -119.47 37.56 -56.56
C LEU EA 233 -119.07 39.01 -56.80
N LYS EA 234 -117.78 39.19 -57.10
CA LYS EA 234 -117.22 40.51 -57.36
C LYS EA 234 -116.05 40.36 -58.32
N TYR EA 235 -115.80 41.41 -59.09
CA TYR EA 235 -114.63 41.44 -59.97
C TYR EA 235 -113.97 42.80 -59.84
N SER EA 236 -112.70 42.81 -59.46
CA SER EA 236 -111.94 44.04 -59.26
C SER EA 236 -110.85 44.14 -60.32
N GLY EA 237 -110.76 45.30 -60.96
CA GLY EA 237 -109.78 45.52 -62.00
C GLY EA 237 -109.94 44.57 -63.18
N LEU EA 238 -111.17 44.22 -63.52
CA LEU EA 238 -111.41 43.22 -64.56
C LEU EA 238 -110.99 43.76 -65.91
N VAL EA 239 -109.83 43.30 -66.38
CA VAL EA 239 -109.38 43.60 -67.74
C VAL EA 239 -109.82 42.50 -68.70
N ALA EA 240 -110.72 41.63 -68.26
CA ALA EA 240 -111.22 40.56 -69.11
C ALA EA 240 -111.96 41.12 -70.31
N GLY EA 241 -111.92 40.38 -71.40
CA GLY EA 241 -112.60 40.79 -72.61
C GLY EA 241 -114.09 40.99 -72.42
N ALA EA 242 -114.61 42.13 -72.87
CA ALA EA 242 -116.02 42.44 -72.70
C ALA EA 242 -116.88 41.58 -73.63
N GLY EA 243 -117.35 40.45 -73.12
CA GLY EA 243 -118.14 39.54 -73.93
C GLY EA 243 -119.10 38.69 -73.11
N ALA EA 244 -119.70 37.69 -73.76
CA ALA EA 244 -120.63 36.80 -73.09
C ALA EA 244 -119.87 35.61 -72.52
N GLY EA 245 -119.95 35.45 -71.20
CA GLY EA 245 -119.25 34.36 -70.53
C GLY EA 245 -118.59 34.80 -69.24
N SER EA 246 -117.29 34.51 -69.12
CA SER EA 246 -116.50 34.82 -67.92
C SER EA 246 -117.17 34.13 -66.75
N ILE EA 247 -117.72 34.85 -65.77
CA ILE EA 247 -118.28 34.21 -64.58
C ILE EA 247 -119.53 33.43 -64.96
N ARG EA 248 -119.55 32.14 -64.61
CA ARG EA 248 -120.73 31.29 -64.81
C ARG EA 248 -120.85 30.40 -63.57
N LEU EA 249 -121.63 30.85 -62.59
CA LEU EA 249 -121.85 30.07 -61.38
C LEU EA 249 -122.71 28.86 -61.72
N SER EA 250 -122.15 27.66 -61.53
CA SER EA 250 -122.82 26.45 -61.96
C SER EA 250 -122.37 25.27 -61.11
N GLY EA 251 -122.87 24.09 -61.45
CA GLY EA 251 -122.56 22.89 -60.71
C GLY EA 251 -122.15 21.76 -61.62
N THR EA 252 -121.52 20.76 -61.00
CA THR EA 252 -121.09 19.53 -61.66
C THR EA 252 -122.03 18.42 -61.21
N ALA EA 253 -122.79 17.86 -62.14
CA ALA EA 253 -123.72 16.78 -61.87
C ALA EA 253 -123.07 15.47 -62.31
N TYR EA 254 -122.62 14.68 -61.34
CA TYR EA 254 -121.99 13.40 -61.62
C TYR EA 254 -123.02 12.29 -61.61
N SER EA 255 -122.84 11.33 -62.52
CA SER EA 255 -123.76 10.20 -62.65
C SER EA 255 -123.46 9.18 -61.55
N ALA EA 256 -124.03 7.98 -61.69
CA ALA EA 256 -123.84 6.95 -60.68
C ALA EA 256 -122.36 6.59 -60.52
N ASP EA 257 -121.64 6.48 -61.63
CA ASP EA 257 -120.21 6.24 -61.59
C ASP EA 257 -119.40 7.52 -61.46
N GLY EA 258 -120.02 8.69 -61.55
CA GLY EA 258 -119.31 9.94 -61.43
C GLY EA 258 -118.91 10.56 -62.75
N GLU EA 259 -119.86 10.66 -63.68
CA GLU EA 259 -119.61 11.23 -65.00
C GLU EA 259 -120.37 12.53 -65.17
N VAL EA 260 -119.69 13.55 -65.70
CA VAL EA 260 -120.32 14.83 -65.96
C VAL EA 260 -121.40 14.67 -67.01
N VAL EA 261 -122.56 15.27 -66.77
CA VAL EA 261 -123.69 15.16 -67.67
C VAL EA 261 -124.05 16.52 -68.30
N ALA EA 262 -123.92 17.60 -67.55
CA ALA EA 262 -124.31 18.92 -68.04
C ALA EA 262 -123.57 19.99 -67.27
N TYR EA 263 -123.73 21.23 -67.73
CA TYR EA 263 -123.16 22.41 -67.08
C TYR EA 263 -124.30 23.38 -66.78
N PRO EA 264 -125.15 23.06 -65.81
CA PRO EA 264 -126.30 23.92 -65.54
C PRO EA 264 -125.91 25.24 -64.88
N ASP EA 265 -125.96 26.32 -65.64
CA ASP EA 265 -125.57 27.63 -65.14
C ASP EA 265 -126.70 28.24 -64.33
N PHE EA 266 -126.48 28.45 -63.04
CA PHE EA 266 -127.47 29.05 -62.16
C PHE EA 266 -127.29 30.55 -61.99
N GLY EA 267 -126.31 31.14 -62.65
CA GLY EA 267 -126.09 32.57 -62.53
C GLY EA 267 -124.77 32.97 -63.12
N GLY EA 268 -124.43 34.24 -62.93
CA GLY EA 268 -123.20 34.79 -63.45
C GLY EA 268 -123.39 36.16 -64.09
N ILE EA 269 -122.33 36.71 -64.66
CA ILE EA 269 -122.38 38.03 -65.27
C ILE EA 269 -122.95 37.91 -66.68
N PRO EA 270 -123.63 38.94 -67.17
CA PRO EA 270 -124.14 38.91 -68.55
C PRO EA 270 -123.05 39.23 -69.58
N ASP EA 271 -123.45 39.38 -70.83
CA ASP EA 271 -122.50 39.74 -71.89
C ASP EA 271 -121.84 41.07 -71.59
N GLY EA 272 -120.63 41.23 -72.08
CA GLY EA 272 -119.85 42.43 -71.82
C GLY EA 272 -119.05 42.33 -70.53
N ALA EA 273 -118.21 41.31 -70.45
CA ALA EA 273 -117.43 41.01 -69.23
C ALA EA 273 -116.27 41.99 -69.13
N SER EA 274 -116.52 43.11 -68.44
CA SER EA 274 -115.47 44.09 -68.18
C SER EA 274 -115.96 45.02 -67.06
N GLY EA 275 -115.02 45.81 -66.55
CA GLY EA 275 -115.33 46.81 -65.56
C GLY EA 275 -115.09 46.34 -64.13
N THR EA 276 -115.80 46.98 -63.21
CA THR EA 276 -115.70 46.68 -61.79
C THR EA 276 -117.09 46.74 -61.18
N SER EA 277 -117.31 45.93 -60.14
CA SER EA 277 -118.58 45.89 -59.44
C SER EA 277 -118.31 45.59 -57.97
N ASP EA 278 -119.37 45.27 -57.24
CA ASP EA 278 -119.29 44.91 -55.84
C ASP EA 278 -119.96 43.55 -55.64
N TRP EA 279 -120.17 43.17 -54.37
CA TRP EA 279 -120.79 41.89 -54.06
C TRP EA 279 -122.20 41.83 -54.65
N THR EA 280 -122.39 40.99 -55.67
CA THR EA 280 -123.68 40.83 -56.33
C THR EA 280 -124.09 39.37 -56.26
N GLN EA 281 -125.38 39.15 -56.07
CA GLN EA 281 -125.92 37.80 -55.89
C GLN EA 281 -126.64 37.36 -57.15
N VAL EA 282 -126.35 36.13 -57.59
CA VAL EA 282 -127.06 35.49 -58.68
C VAL EA 282 -127.77 34.26 -58.12
N THR EA 283 -129.07 34.16 -58.36
CA THR EA 283 -129.91 33.10 -57.81
C THR EA 283 -130.29 32.13 -58.92
N GLY EA 284 -130.09 30.85 -58.68
CA GLY EA 284 -130.45 29.84 -59.65
C GLY EA 284 -131.24 28.69 -59.09
N GLN EA 285 -132.44 28.48 -59.58
CA GLN EA 285 -133.27 27.35 -59.19
C GLN EA 285 -133.01 26.19 -60.14
N TYR EA 286 -132.49 25.10 -59.61
CA TYR EA 286 -132.11 23.93 -60.39
C TYR EA 286 -133.08 22.79 -60.12
N VAL EA 287 -133.59 22.20 -61.20
CA VAL EA 287 -134.46 21.03 -61.15
C VAL EA 287 -133.66 19.85 -61.68
N VAL EA 288 -133.60 18.78 -60.89
CA VAL EA 288 -132.71 17.66 -61.17
C VAL EA 288 -133.32 16.74 -62.22
N PRO EA 289 -132.67 16.55 -63.36
CA PRO EA 289 -133.12 15.54 -64.31
C PRO EA 289 -132.81 14.14 -63.82
N ALA EA 290 -133.44 13.16 -64.45
CA ALA EA 290 -133.29 11.77 -64.04
C ALA EA 290 -131.88 11.27 -64.30
N GLY EA 291 -131.52 10.19 -63.62
CA GLY EA 291 -130.21 9.57 -63.77
C GLY EA 291 -129.05 10.41 -63.29
N VAL EA 292 -129.23 11.18 -62.22
CA VAL EA 292 -128.17 11.98 -61.63
C VAL EA 292 -128.09 11.64 -60.15
N THR EA 293 -126.87 11.38 -59.66
CA THR EA 293 -126.67 10.90 -58.30
C THR EA 293 -125.81 11.80 -57.44
N GLN EA 294 -124.83 12.50 -58.02
CA GLN EA 294 -123.89 13.29 -57.24
C GLN EA 294 -123.89 14.74 -57.73
N PHE EA 295 -123.63 15.67 -56.80
CA PHE EA 295 -123.58 17.08 -57.15
C PHE EA 295 -122.36 17.73 -56.50
N ARG EA 296 -121.81 18.71 -57.20
CA ARG EA 296 -120.75 19.56 -56.69
C ARG EA 296 -121.00 20.97 -57.20
N LEU EA 297 -120.43 21.96 -56.51
CA LEU EA 297 -120.53 23.35 -56.93
C LEU EA 297 -119.22 23.75 -57.61
N ARG EA 298 -119.29 24.09 -58.89
CA ARG EA 298 -118.11 24.46 -59.65
C ARG EA 298 -118.08 25.97 -59.85
N LEU EA 299 -116.87 26.52 -59.87
CA LEU EA 299 -116.65 27.93 -60.16
C LEU EA 299 -115.96 28.01 -61.51
N SER EA 300 -116.67 28.53 -62.50
CA SER EA 300 -116.17 28.54 -63.88
C SER EA 300 -116.10 29.95 -64.43
N VAL EA 301 -115.00 30.24 -65.12
CA VAL EA 301 -114.81 31.49 -65.84
C VAL EA 301 -114.37 31.14 -67.24
N ARG EA 302 -115.13 31.59 -68.23
CA ARG EA 302 -114.90 31.23 -69.62
C ARG EA 302 -113.50 31.65 -70.08
N GLU EA 303 -113.03 31.00 -71.15
CA GLU EA 303 -111.68 31.22 -71.63
C GLU EA 303 -111.46 32.61 -72.18
N ASN EA 304 -112.52 33.29 -72.62
CA ASN EA 304 -112.37 34.62 -73.20
C ASN EA 304 -111.94 35.68 -72.19
N ALA EA 305 -111.98 35.37 -70.89
CA ALA EA 305 -111.53 36.32 -69.88
C ALA EA 305 -110.05 36.61 -70.04
N THR EA 306 -109.67 37.87 -69.80
CA THR EA 306 -108.30 38.31 -70.06
C THR EA 306 -107.74 39.21 -68.96
N GLY EA 307 -108.28 39.19 -67.76
CA GLY EA 307 -107.73 39.97 -66.68
C GLY EA 307 -108.72 40.21 -65.57
N GLY EA 308 -108.19 40.70 -64.45
CA GLY EA 308 -108.97 41.03 -63.27
C GLY EA 308 -108.84 40.00 -62.17
N THR EA 309 -109.33 40.37 -61.00
CA THR EA 309 -109.36 39.49 -59.83
C THR EA 309 -110.80 39.23 -59.46
N VAL EA 310 -111.18 37.95 -59.39
CA VAL EA 310 -112.56 37.57 -59.13
C VAL EA 310 -112.65 37.04 -57.70
N TRP EA 311 -113.64 37.53 -56.96
CA TRP EA 311 -113.89 37.14 -55.59
C TRP EA 311 -115.27 36.50 -55.48
N PHE EA 312 -115.35 35.44 -54.69
CA PHE EA 312 -116.60 34.76 -54.41
C PHE EA 312 -116.73 34.53 -52.91
N ASP EA 313 -117.93 34.77 -52.38
CA ASP EA 313 -118.17 34.60 -50.95
C ASP EA 313 -119.61 34.21 -50.73
N ASP EA 314 -119.89 33.73 -49.51
CA ASP EA 314 -121.24 33.40 -49.06
C ASP EA 314 -121.93 32.46 -50.03
N CYS EA 315 -121.19 31.48 -50.53
CA CYS EA 315 -121.79 30.46 -51.38
C CYS EA 315 -122.83 29.67 -50.61
N SER EA 316 -123.91 29.31 -51.29
CA SER EA 316 -125.02 28.61 -50.65
C SER EA 316 -125.75 27.79 -51.70
N VAL EA 317 -125.57 26.48 -51.64
CA VAL EA 317 -126.36 25.53 -52.43
C VAL EA 317 -127.26 24.81 -51.44
N LYS EA 318 -128.57 25.00 -51.56
CA LYS EA 318 -129.51 24.48 -50.60
C LYS EA 318 -130.55 23.61 -51.28
N LYS EA 319 -130.91 22.51 -50.62
CA LYS EA 319 -132.07 21.73 -51.02
C LYS EA 319 -133.31 22.39 -50.44
N ALA EA 320 -134.25 22.77 -51.30
CA ALA EA 320 -135.43 23.50 -50.88
C ALA EA 320 -136.68 22.80 -51.39
N GLY EA 321 -137.78 23.04 -50.68
CA GLY EA 321 -139.07 22.49 -51.01
C GLY EA 321 -139.68 21.77 -49.82
N LEU EA 322 -140.78 21.08 -50.08
CA LEU EA 322 -141.49 20.30 -49.07
C LEU EA 322 -141.45 18.83 -49.47
N LEU EA 323 -142.21 18.01 -48.75
CA LEU EA 323 -142.28 16.59 -49.06
C LEU EA 323 -142.86 16.40 -50.44
N PRO EA 324 -142.16 15.73 -51.36
CA PRO EA 324 -142.75 15.45 -52.68
C PRO EA 324 -144.00 14.59 -52.54
N GLN EA 325 -144.96 14.85 -53.44
CA GLN EA 325 -146.25 14.16 -53.38
C GLN EA 325 -146.08 12.66 -53.59
N GLY EA 326 -145.21 12.26 -54.51
CA GLY EA 326 -145.08 10.87 -54.88
C GLY EA 326 -144.18 10.04 -53.98
N LEU EA 327 -144.17 10.33 -52.68
CA LEU EA 327 -143.42 9.53 -51.72
C LEU EA 327 -144.31 8.87 -50.68
N VAL EA 328 -145.46 9.44 -50.38
CA VAL EA 328 -146.42 8.83 -49.46
C VAL EA 328 -147.18 7.71 -50.18
N ASP EA 329 -147.53 6.68 -49.42
CA ASP EA 329 -148.04 5.44 -50.01
C ASP EA 329 -149.48 5.61 -50.49
N GLY EA 330 -149.69 5.42 -51.79
CA GLY EA 330 -151.01 5.38 -52.36
C GLY EA 330 -151.86 6.62 -52.13
N LEU EA 331 -151.29 7.61 -51.46
CA LEU EA 331 -152.03 8.84 -51.18
C LEU EA 331 -152.34 9.60 -52.45
N VAL EA 332 -151.40 9.62 -53.41
CA VAL EA 332 -151.65 10.30 -54.68
C VAL EA 332 -152.84 9.66 -55.37
N GLN EA 333 -152.85 8.33 -55.45
CA GLN EA 333 -153.95 7.62 -56.09
C GLN EA 333 -155.26 7.84 -55.34
N ALA EA 334 -155.22 7.83 -54.02
CA ALA EA 334 -156.45 8.00 -53.24
C ALA EA 334 -157.02 9.41 -53.40
N LEU EA 335 -156.18 10.43 -53.34
CA LEU EA 335 -156.65 11.80 -53.52
C LEU EA 335 -157.19 12.01 -54.94
N SER EA 336 -156.48 11.48 -55.94
CA SER EA 336 -156.97 11.55 -57.30
C SER EA 336 -158.31 10.85 -57.44
N ASP EA 337 -158.45 9.68 -56.81
CA ASP EA 337 -159.69 8.93 -56.89
C ASP EA 337 -160.85 9.71 -56.26
N LEU EA 338 -160.60 10.33 -55.10
CA LEU EA 338 -161.65 11.10 -54.45
C LEU EA 338 -162.06 12.30 -55.30
N LEU EA 339 -161.09 13.04 -55.83
CA LEU EA 339 -161.42 14.20 -56.63
C LEU EA 339 -162.16 13.81 -57.91
N THR EA 340 -161.70 12.75 -58.58
CA THR EA 340 -162.36 12.30 -59.79
C THR EA 340 -163.75 11.73 -59.48
N TRP EA 341 -163.93 11.08 -58.34
CA TRP EA 341 -165.25 10.60 -57.96
C TRP EA 341 -166.22 11.76 -57.76
N LEU EA 342 -165.77 12.80 -57.06
CA LEU EA 342 -166.64 13.97 -56.86
C LEU EA 342 -167.00 14.61 -58.19
N GLU EA 343 -165.99 14.86 -59.03
CA GLU EA 343 -166.27 15.55 -60.29
C GLU EA 343 -167.11 14.67 -61.22
N SER EA 344 -166.90 13.35 -61.21
CA SER EA 344 -167.68 12.47 -62.05
C SER EA 344 -169.12 12.39 -61.58
N LEU EA 345 -169.34 12.39 -60.26
CA LEU EA 345 -170.70 12.46 -59.74
C LEU EA 345 -171.38 13.73 -60.20
N VAL EA 346 -170.68 14.87 -60.10
CA VAL EA 346 -171.26 16.14 -60.52
C VAL EA 346 -171.60 16.11 -62.01
N ASP EA 347 -170.65 15.62 -62.82
CA ASP EA 347 -170.85 15.61 -64.27
C ASP EA 347 -171.99 14.67 -64.67
N ASN EA 348 -172.06 13.50 -64.06
CA ASN EA 348 -173.13 12.55 -64.39
C ASN EA 348 -174.48 13.09 -63.98
N VAL EA 349 -174.57 13.72 -62.80
CA VAL EA 349 -175.83 14.32 -62.38
C VAL EA 349 -176.24 15.43 -63.34
N LEU EA 350 -175.29 16.27 -63.74
CA LEU EA 350 -175.61 17.36 -64.65
C LEU EA 350 -176.07 16.81 -66.01
N SER EA 351 -175.41 15.76 -66.49
CA SER EA 351 -175.82 15.15 -67.76
C SER EA 351 -177.22 14.56 -67.65
N ALA EA 352 -177.52 13.91 -66.52
CA ALA EA 352 -178.85 13.36 -66.33
C ALA EA 352 -179.91 14.46 -66.31
N LEU EA 353 -179.63 15.56 -65.64
CA LEU EA 353 -180.60 16.65 -65.59
C LEU EA 353 -180.63 17.48 -66.86
N GLY EA 354 -179.67 17.30 -67.76
CA GLY EA 354 -179.77 17.93 -69.07
C GLY EA 354 -178.63 18.85 -69.45
N LEU EA 355 -178.12 19.61 -68.49
CA LEU EA 355 -177.06 20.57 -68.78
C LEU EA 355 -175.75 19.86 -69.08
N ASP EA 356 -174.96 20.46 -69.97
CA ASP EA 356 -173.66 19.93 -70.33
C ASP EA 356 -172.59 20.52 -69.42
N PRO EA 357 -171.87 19.71 -68.65
CA PRO EA 357 -170.89 20.25 -67.68
C PRO EA 357 -169.59 20.65 -68.35
N ILE EA 358 -169.36 21.96 -68.46
CA ILE EA 358 -168.10 22.51 -68.93
C ILE EA 358 -167.66 23.61 -67.97
N GLY EA 359 -166.42 23.51 -67.49
CA GLY EA 359 -165.87 24.49 -66.58
C GLY EA 359 -165.24 23.82 -65.38
N THR EA 360 -165.08 24.60 -64.31
CA THR EA 360 -164.50 24.09 -63.08
C THR EA 360 -165.56 23.39 -62.24
N ILE EA 361 -165.10 22.79 -61.14
CA ILE EA 361 -166.03 22.13 -60.22
C ILE EA 361 -166.98 23.13 -59.62
N VAL EA 362 -166.49 24.33 -59.29
CA VAL EA 362 -167.34 25.36 -58.70
C VAL EA 362 -168.41 25.79 -59.69
N ASP EA 363 -168.02 26.01 -60.95
CA ASP EA 363 -168.99 26.40 -61.96
C ASP EA 363 -170.02 25.31 -62.21
N LYS EA 364 -169.56 24.05 -62.26
CA LYS EA 364 -170.50 22.95 -62.44
C LYS EA 364 -171.47 22.85 -61.27
N ILE EA 365 -170.98 23.05 -60.06
CA ILE EA 365 -171.85 23.01 -58.89
C ILE EA 365 -172.87 24.14 -58.93
N LEU EA 366 -172.44 25.34 -59.34
CA LEU EA 366 -173.38 26.45 -59.46
C LEU EA 366 -174.44 26.18 -60.51
N ASP EA 367 -174.03 25.64 -61.66
CA ASP EA 367 -175.01 25.27 -62.68
C ASP EA 367 -175.98 24.21 -62.15
N LEU EA 368 -175.46 23.26 -61.37
CA LEU EA 368 -176.29 22.23 -60.77
C LEU EA 368 -177.31 22.85 -59.82
N ALA EA 369 -176.88 23.83 -59.03
CA ALA EA 369 -177.79 24.51 -58.11
C ALA EA 369 -178.88 25.25 -58.88
N ASP EA 370 -178.50 25.93 -59.96
CA ASP EA 370 -179.50 26.62 -60.78
C ASP EA 370 -180.48 25.63 -61.38
N GLU EA 371 -179.98 24.47 -61.81
CA GLU EA 371 -180.86 23.45 -62.39
C GLU EA 371 -181.85 22.94 -61.36
N PHE EA 372 -181.38 22.69 -60.12
CA PHE EA 372 -182.34 22.29 -59.08
C PHE EA 372 -183.32 23.40 -58.73
N GLY EA 373 -182.91 24.67 -58.82
CA GLY EA 373 -183.86 25.75 -58.64
C GLY EA 373 -184.95 25.72 -59.68
N ASP EA 374 -184.57 25.49 -60.94
CA ASP EA 374 -185.57 25.35 -62.00
C ASP EA 374 -186.45 24.12 -61.77
N TRP EA 375 -185.86 23.05 -61.24
CA TRP EA 375 -186.63 21.87 -60.88
C TRP EA 375 -187.69 22.20 -59.84
N LEU EA 376 -187.30 22.94 -58.81
CA LEU EA 376 -188.25 23.36 -57.78
C LEU EA 376 -189.36 24.21 -58.38
N GLY EA 377 -188.99 25.16 -59.24
CA GLY EA 377 -190.00 25.98 -59.89
C GLY EA 377 -190.99 25.14 -60.68
N ALA EA 378 -190.47 24.18 -61.45
CA ALA EA 378 -191.33 23.35 -62.29
C ALA EA 378 -192.28 22.52 -61.44
N THR EA 379 -191.75 21.88 -60.39
CA THR EA 379 -192.58 21.03 -59.55
C THR EA 379 -193.68 21.85 -58.87
N GLU EA 380 -193.31 22.99 -58.29
CA GLU EA 380 -194.30 23.79 -57.60
C GLU EA 380 -195.33 24.36 -58.56
N ASP EA 381 -194.90 24.77 -59.76
CA ASP EA 381 -195.84 25.28 -60.74
C ASP EA 381 -196.81 24.20 -61.19
N THR EA 382 -196.31 22.98 -61.41
CA THR EA 382 -197.21 21.88 -61.77
C THR EA 382 -198.22 21.60 -60.67
N ALA EA 383 -197.77 21.56 -59.42
CA ALA EA 383 -198.69 21.31 -58.31
C ALA EA 383 -199.74 22.41 -58.21
N ALA EA 384 -199.31 23.66 -58.30
CA ALA EA 384 -200.23 24.78 -58.19
C ALA EA 384 -201.22 24.78 -59.34
N ASN EA 385 -200.76 24.50 -60.56
CA ASN EA 385 -201.66 24.45 -61.70
C ASN EA 385 -202.68 23.35 -61.54
N LEU EA 386 -202.25 22.18 -61.05
CA LEU EA 386 -203.20 21.09 -60.85
C LEU EA 386 -204.24 21.45 -59.80
N SER EA 387 -203.80 22.05 -58.69
CA SER EA 387 -204.74 22.45 -57.65
C SER EA 387 -205.72 23.50 -58.15
N ASN EA 388 -205.21 24.49 -58.89
CA ASN EA 388 -206.07 25.55 -59.41
C ASN EA 388 -207.07 25.00 -60.42
N LEU EA 389 -206.62 24.09 -61.29
CA LEU EA 389 -207.53 23.48 -62.25
C LEU EA 389 -208.61 22.69 -61.56
N LEU EA 390 -208.24 21.91 -60.53
CA LEU EA 390 -209.24 21.15 -59.80
C LEU EA 390 -210.27 22.06 -59.15
N THR EA 391 -209.79 23.11 -58.47
CA THR EA 391 -210.71 24.02 -57.77
C THR EA 391 -211.62 24.74 -58.76
N LYS EA 392 -211.07 25.22 -59.87
CA LYS EA 392 -211.89 25.93 -60.86
C LYS EA 392 -212.90 24.99 -61.51
N LEU EA 393 -212.47 23.77 -61.84
CA LEU EA 393 -213.40 22.81 -62.45
C LEU EA 393 -214.50 22.43 -61.48
N LEU EA 394 -214.21 22.41 -60.18
CA LEU EA 394 -215.26 22.13 -59.20
C LEU EA 394 -216.21 23.32 -59.06
N SER EA 395 -215.67 24.53 -58.97
CA SER EA 395 -216.51 25.68 -58.66
C SER EA 395 -217.20 26.24 -59.91
N ASP EA 396 -216.41 26.75 -60.86
CA ASP EA 396 -216.93 27.37 -62.07
C ASP EA 396 -216.38 26.65 -63.29
N PRO EA 397 -217.13 25.73 -63.89
CA PRO EA 397 -216.64 25.00 -65.07
C PRO EA 397 -216.88 25.69 -66.40
N ALA EA 398 -217.24 26.98 -66.41
CA ALA EA 398 -217.57 27.65 -67.66
C ALA EA 398 -216.32 27.99 -68.46
N SER EA 399 -215.41 28.76 -67.87
CA SER EA 399 -214.23 29.22 -68.60
C SER EA 399 -213.33 28.06 -68.99
N VAL EA 400 -213.13 27.09 -68.09
CA VAL EA 400 -212.17 26.03 -68.33
C VAL EA 400 -212.68 25.08 -69.41
N ILE EA 401 -213.96 24.72 -69.37
CA ILE EA 401 -214.53 23.75 -70.31
C ILE EA 401 -215.09 24.48 -71.51
N GLY EA 402 -214.71 24.05 -72.71
CA GLY EA 402 -215.20 24.65 -73.92
C GLY EA 402 -216.58 24.14 -74.28
N PRO EA 403 -217.12 24.68 -75.38
CA PRO EA 403 -218.44 24.24 -75.85
C PRO EA 403 -218.43 22.76 -76.20
N LEU EA 404 -219.57 22.11 -75.96
CA LEU EA 404 -219.70 20.67 -76.17
C LEU EA 404 -221.02 20.35 -76.85
N ALA EA 405 -221.03 19.25 -77.60
CA ALA EA 405 -222.21 18.87 -78.38
C ALA EA 405 -223.31 18.33 -77.49
N GLN EA 406 -224.55 18.66 -77.85
CA GLN EA 406 -225.72 18.19 -77.11
C GLN EA 406 -225.73 16.67 -77.01
N SER EA 407 -225.26 15.99 -78.06
CA SER EA 407 -225.27 14.52 -78.08
C SER EA 407 -224.43 13.94 -76.95
N MET EA 408 -223.52 14.71 -76.36
CA MET EA 408 -222.75 14.18 -75.25
C MET EA 408 -223.63 13.97 -74.02
N ILE EA 409 -224.65 14.79 -73.83
CA ILE EA 409 -225.54 14.66 -72.68
C ILE EA 409 -226.43 13.44 -72.88
N THR EA 410 -226.59 12.65 -71.81
CA THR EA 410 -227.36 11.42 -71.89
C THR EA 410 -228.85 11.73 -71.99
N GLY EA 411 -229.46 11.37 -73.11
CA GLY EA 411 -230.89 11.50 -73.29
C GLY EA 411 -231.37 12.88 -73.68
N LEU EA 412 -230.47 13.86 -73.81
CA LEU EA 412 -230.89 15.20 -74.19
C LEU EA 412 -231.45 15.21 -75.61
N THR EA 413 -230.74 14.57 -76.54
CA THR EA 413 -231.23 14.50 -77.92
C THR EA 413 -232.53 13.71 -78.00
N GLY EA 414 -232.66 12.66 -77.19
CA GLY EA 414 -233.89 11.90 -77.17
C GLY EA 414 -235.07 12.72 -76.68
N ALA EA 415 -234.87 13.47 -75.60
CA ALA EA 415 -235.95 14.31 -75.08
C ALA EA 415 -236.33 15.40 -76.07
N LEU EA 416 -235.32 16.04 -76.68
CA LEU EA 416 -235.62 17.08 -77.67
C LEU EA 416 -236.36 16.52 -78.87
N GLY EA 417 -235.94 15.34 -79.35
CA GLY EA 417 -236.64 14.71 -80.45
C GLY EA 417 -238.06 14.34 -80.09
N ASN EA 418 -238.27 13.82 -78.89
CA ASN EA 418 -239.62 13.49 -78.45
C ASN EA 418 -240.51 14.72 -78.40
N LEU EA 419 -239.99 15.83 -77.84
CA LEU EA 419 -240.79 17.05 -77.76
C LEU EA 419 -241.10 17.60 -79.15
N ASN EA 420 -240.10 17.61 -80.05
CA ASN EA 420 -240.33 18.11 -81.39
C ASN EA 420 -241.34 17.24 -82.15
N THR EA 421 -241.23 15.92 -82.00
CA THR EA 421 -242.18 15.03 -82.65
C THR EA 421 -243.59 15.21 -82.08
N ALA EA 422 -243.69 15.45 -80.78
CA ALA EA 422 -245.00 15.71 -80.19
C ALA EA 422 -245.61 16.99 -80.75
N ILE EA 423 -244.79 18.04 -80.89
CA ILE EA 423 -245.30 19.28 -81.46
C ILE EA 423 -245.72 19.08 -82.91
N ASN EA 424 -244.91 18.34 -83.68
CA ASN EA 424 -245.24 18.08 -85.07
C ASN EA 424 -246.53 17.28 -85.20
N GLN EA 425 -246.70 16.28 -84.33
CA GLN EA 425 -247.93 15.49 -84.35
C GLN EA 425 -249.14 16.33 -83.98
N ILE EA 426 -248.97 17.23 -83.00
CA ILE EA 426 -250.07 18.13 -82.63
C ILE EA 426 -250.45 19.00 -83.82
N GLY EA 427 -249.46 19.51 -84.54
CA GLY EA 427 -249.75 20.28 -85.73
C GLY EA 427 -250.41 19.47 -86.82
N ASP EA 428 -249.97 18.22 -87.01
CA ASP EA 428 -250.45 17.42 -88.12
C ASP EA 428 -251.86 16.91 -87.91
N VAL EA 429 -252.20 16.52 -86.67
CA VAL EA 429 -253.50 15.91 -86.42
C VAL EA 429 -254.63 16.88 -86.77
N LEU EA 430 -254.41 18.18 -86.51
CA LEU EA 430 -255.45 19.16 -86.76
C LEU EA 430 -255.81 19.27 -88.24
N VAL EA 431 -254.88 18.91 -89.14
CA VAL EA 431 -255.16 18.95 -90.57
C VAL EA 431 -255.32 17.55 -91.15
N GLY EA 432 -255.14 16.50 -90.35
CA GLY EA 432 -255.34 15.14 -90.81
C GLY EA 432 -254.07 14.32 -90.67
N THR EA 433 -253.80 13.50 -91.69
CA THR EA 433 -252.58 12.69 -91.75
C THR EA 433 -252.42 11.85 -90.47
N VAL EA 434 -253.36 10.92 -90.31
CA VAL EA 434 -253.43 10.12 -89.08
C VAL EA 434 -252.07 9.50 -88.79
N VAL EA 435 -251.61 9.68 -87.55
CA VAL EA 435 -250.29 9.24 -87.14
C VAL EA 435 -250.41 8.57 -85.77
N THR EA 436 -249.47 7.70 -85.48
CA THR EA 436 -249.45 7.02 -84.19
C THR EA 436 -249.13 8.02 -83.09
N PRO EA 437 -249.98 8.17 -82.08
CA PRO EA 437 -249.71 9.14 -81.01
C PRO EA 437 -248.48 8.74 -80.20
N ILE EA 438 -247.76 9.76 -79.74
CA ILE EA 438 -246.58 9.51 -78.93
C ILE EA 438 -246.97 9.02 -77.55
N ASN EA 439 -247.90 9.70 -76.90
CA ASN EA 439 -248.25 9.38 -75.53
C ASN EA 439 -249.71 9.74 -75.28
N SER EA 440 -250.08 9.80 -73.99
CA SER EA 440 -251.49 9.97 -73.62
C SER EA 440 -252.03 11.32 -74.08
N ALA EA 441 -251.21 12.37 -74.02
CA ALA EA 441 -251.67 13.68 -74.46
C ALA EA 441 -252.04 13.67 -75.93
N ILE EA 442 -251.19 13.07 -76.77
CA ILE EA 442 -251.47 13.00 -78.20
C ILE EA 442 -252.67 12.11 -78.46
N SER EA 443 -252.81 11.02 -77.70
CA SER EA 443 -253.98 10.16 -77.86
C SER EA 443 -255.26 10.92 -77.53
N ASN EA 444 -255.23 11.71 -76.46
CA ASN EA 444 -256.41 12.52 -76.09
C ASN EA 444 -256.71 13.55 -77.17
N VAL EA 445 -255.67 14.16 -77.75
CA VAL EA 445 -255.89 15.10 -78.84
C VAL EA 445 -256.52 14.41 -80.03
N ILE EA 446 -256.07 13.19 -80.34
CA ILE EA 446 -256.66 12.41 -81.42
C ILE EA 446 -258.14 12.17 -81.16
N ASP EA 447 -258.48 11.76 -79.93
CA ASP EA 447 -259.87 11.47 -79.59
C ASP EA 447 -260.73 12.74 -79.70
N TRP EA 448 -260.21 13.86 -79.20
CA TRP EA 448 -260.98 15.10 -79.26
C TRP EA 448 -261.17 15.55 -80.70
N PHE EA 449 -260.15 15.40 -81.54
CA PHE EA 449 -260.30 15.79 -82.94
C PHE EA 449 -261.31 14.91 -83.65
N ASN EA 450 -261.31 13.60 -83.35
CA ASN EA 450 -262.32 12.72 -83.93
C ASN EA 450 -263.72 13.12 -83.48
N SER EA 451 -263.88 13.47 -82.20
CA SER EA 451 -265.17 13.92 -81.71
C SER EA 451 -265.61 15.21 -82.41
N LEU EA 452 -264.67 16.14 -82.61
CA LEU EA 452 -265.00 17.39 -83.29
C LEU EA 452 -265.39 17.13 -84.75
N LEU EA 453 -264.71 16.20 -85.42
CA LEU EA 453 -265.09 15.87 -86.79
C LEU EA 453 -266.48 15.24 -86.84
N ASN EA 454 -266.79 14.36 -85.89
CA ASN EA 454 -268.13 13.79 -85.83
C ASN EA 454 -269.19 14.87 -85.64
N PHE EA 455 -268.94 15.81 -84.72
CA PHE EA 455 -269.85 16.91 -84.51
C PHE EA 455 -269.99 17.76 -85.78
N GLN EA 456 -268.88 17.99 -86.46
CA GLN EA 456 -268.89 18.79 -87.69
C GLN EA 456 -269.79 18.17 -88.75
N ASP EA 457 -269.60 16.87 -89.02
CA ASP EA 457 -270.39 16.23 -90.05
C ASP EA 457 -271.86 16.14 -89.65
N THR EA 458 -272.13 15.85 -88.37
CA THR EA 458 -273.53 15.81 -87.92
C THR EA 458 -274.19 17.17 -88.08
N THR EA 459 -273.49 18.25 -87.72
CA THR EA 459 -274.08 19.58 -87.84
C THR EA 459 -274.32 19.95 -89.29
N THR EA 460 -273.37 19.64 -90.17
CA THR EA 460 -273.58 19.95 -91.59
C THR EA 460 -274.77 19.18 -92.15
N SER EA 461 -274.86 17.88 -91.83
CA SER EA 461 -276.00 17.09 -92.31
C SER EA 461 -277.31 17.62 -91.76
N ASN EA 462 -277.33 18.00 -90.48
CA ASN EA 462 -278.54 18.54 -89.88
C ASN EA 462 -278.94 19.85 -90.53
N GLN EA 463 -277.97 20.72 -90.84
CA GLN EA 463 -278.28 21.98 -91.49
C GLN EA 463 -278.88 21.74 -92.87
N ILE EA 464 -278.27 20.84 -93.64
CA ILE EA 464 -278.80 20.56 -94.98
C ILE EA 464 -280.21 19.99 -94.89
N ASN EA 465 -280.41 19.04 -93.98
CA ASN EA 465 -281.73 18.43 -93.83
C ASN EA 465 -282.77 19.46 -93.40
N GLN EA 466 -282.40 20.34 -92.47
CA GLN EA 466 -283.35 21.35 -91.99
C GLN EA 466 -283.74 22.31 -93.10
N GLN EA 467 -282.76 22.80 -93.87
CA GLN EA 467 -283.08 23.71 -94.96
C GLN EA 467 -283.95 23.04 -96.02
N ASN EA 468 -283.62 21.79 -96.35
CA ASN EA 468 -284.44 21.07 -97.32
C ASN EA 468 -285.86 20.84 -96.79
N PHE EA 469 -285.99 20.58 -95.48
CA PHE EA 469 -287.32 20.45 -94.88
C PHE EA 469 -288.10 21.75 -94.99
N GLN EA 470 -287.44 22.87 -94.71
CA GLN EA 470 -288.09 24.18 -94.87
C GLN EA 470 -288.61 24.35 -96.30
N ILE EA 471 -287.75 24.08 -97.28
CA ILE EA 471 -288.12 24.31 -98.66
C ILE EA 471 -289.26 23.39 -99.08
N ALA EA 472 -289.20 22.12 -98.66
CA ALA EA 472 -290.26 21.18 -99.02
C ALA EA 472 -291.60 21.58 -98.40
N THR EA 473 -291.58 22.00 -97.14
CA THR EA 473 -292.82 22.44 -96.48
C THR EA 473 -293.38 23.68 -97.16
N LEU EA 474 -292.50 24.61 -97.55
CA LEU EA 474 -292.98 25.81 -98.26
C LEU EA 474 -293.55 25.44 -99.62
N ALA EA 475 -292.92 24.50 -100.32
CA ALA EA 475 -293.38 24.12 -101.66
C ALA EA 475 -294.74 23.44 -101.60
N SER EA 476 -294.89 22.47 -100.70
CA SER EA 476 -296.15 21.75 -100.57
C SER EA 476 -297.03 22.45 -99.53
N GLY EA 477 -298.11 21.80 -99.13
CA GLY EA 477 -298.97 22.36 -98.10
C GLY EA 477 -300.45 22.32 -98.44
N ILE EA 478 -301.15 23.42 -98.20
CA ILE EA 478 -302.59 23.46 -98.42
C ILE EA 478 -302.86 23.46 -99.92
N LYS EA 479 -303.89 22.71 -100.31
CA LYS EA 479 -304.34 22.67 -101.69
C LYS EA 479 -305.85 22.85 -101.72
N LYS EA 480 -306.35 23.39 -102.83
CA LYS EA 480 -307.78 23.63 -102.96
C LYS EA 480 -308.55 22.32 -103.05
N GLN EA 481 -309.71 22.28 -102.41
CA GLN EA 481 -310.53 21.09 -102.42
C GLN EA 481 -311.21 20.91 -103.78
N GLN EA 482 -311.91 19.79 -103.93
CA GLN EA 482 -312.49 19.44 -105.23
C GLN EA 482 -313.62 20.38 -105.62
N TRP EA 483 -314.44 20.80 -104.66
CA TRP EA 483 -315.58 21.65 -104.99
C TRP EA 483 -315.15 23.07 -105.30
N GLU EA 484 -314.09 23.56 -104.67
CA GLU EA 484 -313.61 24.91 -104.95
C GLU EA 484 -313.08 25.00 -106.38
N CYS EA 485 -312.35 23.99 -106.83
CA CYS EA 485 -311.76 24.01 -108.17
C CYS EA 485 -311.51 22.60 -108.65
N ARG EA 486 -311.40 22.47 -109.98
CA ARG EA 486 -310.95 21.21 -110.57
C ARG EA 486 -309.48 20.96 -110.26
N TYR EA 487 -308.65 21.96 -110.48
CA TYR EA 487 -307.21 21.82 -110.30
C TYR EA 487 -306.85 21.90 -108.83
N SER EA 488 -305.68 21.34 -108.50
CA SER EA 488 -305.24 21.28 -107.10
C SER EA 488 -305.01 22.69 -106.54
N THR EA 489 -304.36 23.56 -107.32
CA THR EA 489 -304.06 24.91 -106.88
C THR EA 489 -304.66 25.89 -107.87
N ALA EA 490 -305.54 26.77 -107.39
CA ALA EA 490 -306.18 27.76 -108.23
C ALA EA 490 -306.85 28.80 -107.35
N PHE EA 491 -307.34 29.85 -107.99
CA PHE EA 491 -308.11 30.90 -107.34
C PHE EA 491 -309.32 31.21 -108.19
N VAL EA 492 -310.47 31.30 -107.56
CA VAL EA 492 -311.74 31.49 -108.25
C VAL EA 492 -312.53 32.59 -107.55
N THR EA 493 -313.28 33.36 -108.35
CA THR EA 493 -314.06 34.46 -107.78
C THR EA 493 -315.15 33.96 -106.85
N PHE EA 494 -315.70 32.77 -107.11
CA PHE EA 494 -316.63 32.13 -106.19
C PHE EA 494 -316.62 30.63 -106.47
N PRO EA 495 -316.87 29.80 -105.47
CA PRO EA 495 -316.61 28.36 -105.60
C PRO EA 495 -317.25 27.76 -106.84
N GLU EA 496 -316.48 26.91 -107.53
CA GLU EA 496 -316.92 26.28 -108.77
C GLU EA 496 -318.10 25.34 -108.56
N MET EA 497 -318.38 24.95 -107.32
CA MET EA 497 -319.51 24.05 -107.08
C MET EA 497 -320.83 24.71 -107.45
N PHE EA 498 -320.93 26.03 -107.29
CA PHE EA 498 -322.11 26.75 -107.79
C PHE EA 498 -322.17 26.70 -109.30
N CYS EA 499 -321.03 26.89 -109.97
CA CYS EA 499 -321.01 26.88 -111.42
C CYS EA 499 -321.35 25.50 -111.98
N ASP EA 500 -321.11 24.46 -111.19
CA ASP EA 500 -321.36 23.10 -111.65
C ASP EA 500 -322.74 22.57 -111.23
N TRP EA 501 -323.30 23.09 -110.13
CA TRP EA 501 -324.51 22.49 -109.57
C TRP EA 501 -325.57 23.54 -109.29
N GLY EA 502 -326.63 23.14 -108.58
CA GLY EA 502 -327.70 24.03 -108.20
C GLY EA 502 -328.36 23.55 -106.92
N PHE EA 503 -329.37 24.29 -106.49
CA PHE EA 503 -330.13 23.97 -105.28
C PHE EA 503 -331.58 23.66 -105.65
N ALA EA 504 -332.19 22.73 -104.93
CA ALA EA 504 -333.59 22.43 -105.12
C ALA EA 504 -334.45 23.37 -104.29
N LEU EA 505 -335.50 23.89 -104.90
CA LEU EA 505 -336.37 24.84 -104.22
C LEU EA 505 -337.34 24.12 -103.29
N GLY EA 506 -337.92 24.89 -102.37
CA GLY EA 506 -338.91 24.34 -101.45
C GLY EA 506 -339.66 25.46 -100.76
N GLY EA 507 -340.88 25.13 -100.34
CA GLY EA 507 -341.71 26.09 -99.65
C GLY EA 507 -342.96 26.48 -100.41
N THR EA 508 -343.37 27.74 -100.29
CA THR EA 508 -344.61 28.22 -100.90
C THR EA 508 -344.45 29.69 -101.24
N THR EA 509 -344.96 30.08 -102.41
CA THR EA 509 -344.88 31.47 -102.84
C THR EA 509 -345.91 32.32 -102.10
N GLY EA 510 -346.01 33.58 -102.50
CA GLY EA 510 -346.91 34.53 -101.90
C GLY EA 510 -348.12 34.82 -102.77
N ALA EA 511 -348.65 36.04 -102.65
CA ALA EA 511 -349.82 36.44 -103.40
C ALA EA 511 -349.49 36.61 -104.88
N GLN EA 512 -350.53 36.58 -105.71
CA GLN EA 512 -350.42 36.70 -107.15
C GLN EA 512 -350.61 38.16 -107.59
N SER EA 513 -350.27 38.41 -108.85
CA SER EA 513 -350.46 39.75 -109.41
C SER EA 513 -351.93 40.05 -109.65
N THR EA 514 -352.66 39.10 -110.23
CA THR EA 514 -354.07 39.30 -110.54
C THR EA 514 -354.76 37.94 -110.64
N GLY EA 515 -356.08 37.97 -110.54
CA GLY EA 515 -356.87 36.76 -110.58
C GLY EA 515 -357.20 36.22 -109.21
N THR EA 516 -357.63 34.97 -109.19
CA THR EA 516 -357.99 34.30 -107.95
C THR EA 516 -356.77 34.18 -107.04
N ALA EA 517 -356.94 34.55 -105.77
CA ALA EA 517 -355.84 34.51 -104.82
C ALA EA 517 -355.46 33.06 -104.52
N HIS EA 518 -354.18 32.74 -104.72
CA HIS EA 518 -353.69 31.39 -104.46
C HIS EA 518 -352.18 31.45 -104.31
N THR EA 519 -351.62 30.38 -103.74
CA THR EA 519 -350.19 30.24 -103.54
C THR EA 519 -349.74 28.89 -104.05
N HIS EA 520 -348.73 28.88 -104.92
CA HIS EA 520 -348.22 27.65 -105.48
C HIS EA 520 -347.22 27.00 -104.50
N THR EA 521 -347.06 25.70 -104.65
CA THR EA 521 -346.19 24.90 -103.78
C THR EA 521 -344.89 24.62 -104.50
N LEU EA 522 -343.77 24.97 -103.88
CA LEU EA 522 -342.47 24.71 -104.47
C LEU EA 522 -342.12 23.23 -104.34
N ASN EA 523 -341.23 22.78 -105.22
CA ASN EA 523 -340.78 21.40 -105.22
C ASN EA 523 -339.39 21.33 -105.81
N THR EA 524 -338.88 20.12 -105.99
CA THR EA 524 -337.54 19.93 -106.55
C THR EA 524 -337.45 20.35 -108.01
N ASP EA 525 -338.58 20.56 -108.68
CA ASP EA 525 -338.55 20.99 -110.08
C ASP EA 525 -337.99 22.39 -110.24
N GLY EA 526 -337.93 23.17 -109.17
CA GLY EA 526 -337.35 24.50 -109.23
C GLY EA 526 -335.87 24.46 -108.85
N LEU EA 527 -335.04 25.03 -109.71
CA LEU EA 527 -333.59 25.02 -109.54
C LEU EA 527 -333.08 26.42 -109.31
N ALA EA 528 -332.30 26.61 -108.25
CA ALA EA 528 -331.65 27.87 -107.96
C ALA EA 528 -330.17 27.74 -108.30
N ALA EA 529 -329.70 28.56 -109.23
CA ALA EA 529 -328.31 28.51 -109.68
C ALA EA 529 -327.97 29.85 -110.34
N LEU EA 530 -326.73 29.96 -110.78
CA LEU EA 530 -326.30 31.17 -111.46
C LEU EA 530 -326.98 31.31 -112.81
N GLN EA 531 -326.99 32.53 -113.33
CA GLN EA 531 -327.65 32.82 -114.60
C GLN EA 531 -326.63 32.96 -115.71
N ILE EA 532 -327.11 33.17 -116.93
CA ILE EA 532 -326.27 33.36 -118.10
C ILE EA 532 -326.53 34.76 -118.64
N GLN EA 533 -325.47 35.50 -118.90
CA GLN EA 533 -325.57 36.87 -119.40
C GLN EA 533 -325.07 36.92 -120.82
N ILE EA 534 -325.92 37.35 -121.74
CA ILE EA 534 -325.50 37.56 -123.12
C ILE EA 534 -324.76 38.89 -123.23
N LEU EA 535 -323.93 39.00 -124.26
CA LEU EA 535 -323.07 40.17 -124.36
C LEU EA 535 -322.64 40.41 -125.81
N PRO EA 536 -322.88 41.59 -126.35
CA PRO EA 536 -322.52 41.88 -127.74
C PRO EA 536 -321.05 42.29 -127.85
N ALA EA 537 -320.61 42.46 -129.08
CA ALA EA 537 -319.21 42.83 -129.34
C ALA EA 537 -318.90 44.20 -128.75
N GLY EA 538 -317.65 44.38 -128.34
CA GLY EA 538 -317.20 45.62 -127.76
C GLY EA 538 -317.49 45.79 -126.28
N TYR EA 539 -318.12 44.82 -125.64
CA TYR EA 539 -318.43 44.87 -124.23
C TYR EA 539 -317.48 43.95 -123.47
N ALA EA 540 -316.86 44.46 -122.42
CA ALA EA 540 -315.90 43.71 -121.63
C ALA EA 540 -316.41 43.55 -120.21
N ILE EA 541 -316.20 42.36 -119.65
CA ILE EA 541 -316.66 42.05 -118.30
C ILE EA 541 -315.55 41.37 -117.52
N GLY EA 542 -315.43 41.71 -116.25
CA GLY EA 542 -314.43 41.07 -115.41
C GLY EA 542 -314.83 41.07 -113.96
N GLY EA 543 -314.24 40.14 -113.20
CA GLY EA 543 -314.49 40.05 -111.78
C GLY EA 543 -313.20 39.97 -111.01
N TYR EA 544 -313.24 40.50 -109.80
CA TYR EA 544 -312.05 40.49 -108.94
C TYR EA 544 -311.76 39.08 -108.43
N ILE EA 545 -310.48 38.75 -108.36
CA ILE EA 545 -310.03 37.45 -107.88
C ILE EA 545 -309.08 37.66 -106.71
N GLY EA 546 -309.30 36.93 -105.63
CA GLY EA 546 -308.39 36.98 -104.50
C GLY EA 546 -307.35 35.87 -104.59
N ILE EA 547 -306.16 36.17 -104.08
CA ILE EA 547 -305.05 35.21 -104.09
C ILE EA 547 -304.90 34.67 -102.68
N SER EA 548 -305.17 33.38 -102.51
CA SER EA 548 -305.09 32.77 -101.19
C SER EA 548 -303.64 32.57 -100.75
N ASP EA 549 -302.78 32.12 -101.67
CA ASP EA 549 -301.38 31.89 -101.36
C ASP EA 549 -300.54 32.19 -102.61
N THR EA 550 -299.29 32.57 -102.38
CA THR EA 550 -298.43 32.93 -103.49
C THR EA 550 -298.01 31.69 -104.29
N THR EA 551 -298.01 31.83 -105.61
CA THR EA 551 -297.62 30.77 -106.54
C THR EA 551 -297.44 31.41 -107.91
N ILE EA 552 -297.25 30.58 -108.92
CA ILE EA 552 -297.13 31.02 -110.31
C ILE EA 552 -298.37 30.57 -111.06
N VAL EA 553 -298.99 31.50 -111.79
CA VAL EA 553 -300.19 31.21 -112.56
C VAL EA 553 -299.76 30.80 -113.96
N ASP EA 554 -300.56 29.92 -114.59
CA ASP EA 554 -300.21 29.43 -115.91
C ASP EA 554 -301.40 29.52 -116.86
N THR EA 555 -302.62 29.47 -116.32
CA THR EA 555 -303.81 29.44 -117.17
C THR EA 555 -304.97 30.10 -116.46
N ILE EA 556 -305.95 30.52 -117.26
CA ILE EA 556 -307.17 31.14 -116.76
C ILE EA 556 -308.36 30.54 -117.50
N ALA EA 557 -309.49 30.46 -116.81
CA ALA EA 557 -310.66 29.79 -117.36
C ALA EA 557 -311.92 30.59 -117.05
N MET EA 558 -312.92 30.42 -117.91
CA MET EA 558 -314.25 31.00 -117.70
C MET EA 558 -315.29 30.10 -118.33
N LYS EA 559 -316.53 30.20 -117.84
CA LYS EA 559 -317.65 29.49 -118.44
C LYS EA 559 -318.36 30.42 -119.41
N MET EA 560 -318.23 30.12 -120.70
CA MET EA 560 -318.79 30.97 -121.75
C MET EA 560 -319.09 30.12 -122.97
N TYR EA 561 -319.92 30.68 -123.85
CA TYR EA 561 -320.27 30.02 -125.09
C TYR EA 561 -320.69 31.09 -126.11
N LYS EA 562 -320.83 30.66 -127.36
CA LYS EA 562 -321.30 31.52 -128.44
C LYS EA 562 -322.76 31.23 -128.72
N GLU EA 563 -323.52 32.28 -129.03
CA GLU EA 563 -324.95 32.11 -129.28
C GLU EA 563 -325.21 31.39 -130.59
N THR EA 564 -324.73 31.96 -131.69
CA THR EA 564 -324.93 31.38 -133.02
C THR EA 564 -323.65 30.68 -133.46
N SER EA 565 -323.82 29.66 -134.29
CA SER EA 565 -322.72 28.83 -134.79
C SER EA 565 -321.85 29.54 -135.82
N SER EA 566 -322.07 30.83 -136.09
CA SER EA 566 -321.25 31.53 -137.07
C SER EA 566 -319.83 31.70 -136.57
N ALA EA 567 -318.92 31.99 -137.51
CA ALA EA 567 -317.51 32.15 -137.17
C ALA EA 567 -317.30 33.35 -136.26
N ILE EA 568 -316.38 33.22 -135.31
CA ILE EA 568 -316.08 34.27 -134.36
C ILE EA 568 -314.57 34.43 -134.27
N ASN EA 569 -314.14 35.61 -133.83
CA ASN EA 569 -312.74 35.93 -133.63
C ASN EA 569 -312.65 37.07 -132.64
N ASN EA 570 -311.42 37.50 -132.35
CA ASN EA 570 -311.17 38.66 -131.49
C ASN EA 570 -311.84 38.50 -130.13
N VAL EA 571 -311.83 37.28 -129.61
CA VAL EA 571 -312.34 36.98 -128.28
C VAL EA 571 -311.14 36.77 -127.38
N TYR EA 572 -310.95 37.67 -126.42
CA TYR EA 572 -309.73 37.74 -125.64
C TYR EA 572 -310.01 37.61 -124.16
N LEU EA 573 -309.16 36.86 -123.47
CA LEU EA 573 -309.13 36.77 -122.02
C LEU EA 573 -307.82 37.35 -121.52
N GLU EA 574 -307.91 38.27 -120.58
CA GLU EA 574 -306.73 38.96 -120.06
C GLU EA 574 -306.80 39.00 -118.54
N VAL EA 575 -305.64 39.19 -117.92
CA VAL EA 575 -305.53 39.26 -116.47
C VAL EA 575 -304.94 40.62 -116.09
N PHE EA 576 -305.59 41.28 -115.13
CA PHE EA 576 -305.18 42.59 -114.64
C PHE EA 576 -304.84 42.47 -113.16
N ARG EA 577 -303.71 43.03 -112.77
CA ARG EA 577 -303.30 43.09 -111.38
C ARG EA 577 -303.72 44.43 -110.81
N GLU EA 578 -304.29 44.42 -109.60
CA GLU EA 578 -304.70 45.64 -108.92
C GLU EA 578 -303.56 46.11 -108.04
N ASP EA 579 -303.11 47.34 -108.25
CA ASP EA 579 -301.99 47.88 -107.50
C ASP EA 579 -302.49 48.38 -106.14
N SER EA 580 -301.61 49.06 -105.40
CA SER EA 580 -302.02 49.65 -104.12
C SER EA 580 -303.08 50.73 -104.33
N THR EA 581 -302.90 51.54 -105.38
CA THR EA 581 -303.85 52.63 -105.66
C THR EA 581 -305.18 52.12 -106.21
N GLY EA 582 -305.28 50.83 -106.55
CA GLY EA 582 -306.47 50.30 -107.14
C GLY EA 582 -306.47 50.27 -108.66
N ALA EA 583 -305.46 50.85 -109.29
CA ALA EA 583 -305.36 50.81 -110.75
C ALA EA 583 -305.07 49.39 -111.23
N LEU EA 584 -305.54 49.10 -112.44
CA LEU EA 584 -305.39 47.77 -113.03
C LEU EA 584 -304.31 47.81 -114.10
N THR EA 585 -303.38 46.85 -114.03
CA THR EA 585 -302.30 46.74 -115.00
C THR EA 585 -302.41 45.39 -115.70
N SER EA 586 -302.38 45.41 -117.03
CA SER EA 586 -302.46 44.17 -117.80
C SER EA 586 -301.15 43.41 -117.73
N VAL EA 587 -301.24 42.11 -117.43
CA VAL EA 587 -300.05 41.27 -117.31
C VAL EA 587 -300.23 39.99 -118.13
N GLY EA 588 -301.31 39.93 -118.90
CA GLY EA 588 -301.55 38.76 -119.73
C GLY EA 588 -302.64 39.02 -120.73
N SER EA 589 -302.66 38.18 -121.77
CA SER EA 589 -303.65 38.27 -122.84
C SER EA 589 -303.58 36.99 -123.66
N VAL EA 590 -304.74 36.48 -124.05
CA VAL EA 590 -304.81 35.25 -124.82
C VAL EA 590 -306.09 35.25 -125.65
N ASP EA 591 -306.00 34.69 -126.85
CA ASP EA 591 -307.15 34.58 -127.74
C ASP EA 591 -307.80 33.22 -127.55
N VAL EA 592 -309.09 33.22 -127.22
CA VAL EA 592 -309.82 31.99 -126.94
C VAL EA 592 -310.98 31.77 -127.89
N SER EA 593 -311.05 32.54 -128.98
CA SER EA 593 -312.14 32.39 -129.93
C SER EA 593 -312.09 31.04 -130.65
N GLY EA 594 -310.89 30.50 -130.85
CA GLY EA 594 -310.76 29.27 -131.62
C GLY EA 594 -311.40 28.08 -130.93
N GLN EA 595 -311.26 27.97 -129.62
CA GLN EA 595 -311.73 26.80 -128.89
C GLN EA 595 -313.12 26.98 -128.30
N LEU EA 596 -313.79 28.09 -128.58
CA LEU EA 596 -315.13 28.30 -128.05
C LEU EA 596 -316.13 27.37 -128.72
N THR EA 597 -317.16 26.98 -127.97
CA THR EA 597 -318.19 26.07 -128.44
C THR EA 597 -319.56 26.64 -128.10
N THR EA 598 -320.55 26.34 -128.94
CA THR EA 598 -321.90 26.84 -128.72
C THR EA 598 -322.47 26.39 -127.39
N ALA EA 599 -322.12 25.18 -126.94
CA ALA EA 599 -322.57 24.70 -125.65
C ALA EA 599 -321.81 25.40 -124.53
N SER EA 600 -322.48 25.54 -123.38
CA SER EA 600 -321.87 26.18 -122.22
C SER EA 600 -320.83 25.24 -121.64
N ASP EA 601 -319.56 25.48 -121.96
CA ASP EA 601 -318.47 24.64 -121.53
C ASP EA 601 -317.32 25.51 -121.02
N TYR EA 602 -316.47 24.91 -120.19
CA TYR EA 602 -315.32 25.62 -119.66
C TYR EA 602 -314.35 25.97 -120.78
N VAL EA 603 -313.83 27.19 -120.74
CA VAL EA 603 -312.80 27.65 -121.66
C VAL EA 603 -311.55 27.92 -120.84
N GLU EA 604 -310.50 27.16 -121.12
CA GLU EA 604 -309.23 27.25 -120.42
C GLU EA 604 -308.16 27.71 -121.41
N ALA EA 605 -307.37 28.71 -121.02
CA ALA EA 605 -306.36 29.27 -121.90
C ALA EA 605 -305.07 29.49 -121.14
N THR EA 606 -303.96 29.14 -121.77
CA THR EA 606 -302.63 29.29 -121.17
C THR EA 606 -302.09 30.68 -121.45
N LEU EA 607 -301.53 31.30 -120.43
CA LEU EA 607 -300.94 32.62 -120.58
C LEU EA 607 -299.67 32.53 -121.43
N PRO EA 608 -299.29 33.62 -122.09
CA PRO EA 608 -298.01 33.62 -122.82
C PRO EA 608 -296.82 33.32 -121.93
N ALA EA 609 -296.84 33.78 -120.69
CA ALA EA 609 -295.79 33.48 -119.73
C ALA EA 609 -296.38 33.52 -118.33
N GLY EA 610 -295.70 32.86 -117.40
CA GLY EA 610 -296.16 32.85 -116.03
C GLY EA 610 -296.05 34.23 -115.39
N VAL EA 611 -297.03 34.55 -114.55
CA VAL EA 611 -297.08 35.81 -113.83
C VAL EA 611 -297.18 35.48 -112.34
N ILE EA 612 -296.15 35.82 -111.57
CA ILE EA 612 -296.14 35.48 -110.16
C ILE EA 612 -297.23 36.27 -109.43
N VAL EA 613 -297.86 35.62 -108.46
CA VAL EA 613 -298.91 36.23 -107.66
C VAL EA 613 -298.56 36.06 -106.19
N ASN EA 614 -299.09 36.95 -105.36
CA ASN EA 614 -298.85 36.93 -103.93
C ASN EA 614 -300.17 37.08 -103.19
N ALA EA 615 -300.23 36.45 -102.01
CA ALA EA 615 -301.44 36.51 -101.20
C ALA EA 615 -301.70 37.92 -100.74
N GLY EA 616 -302.96 38.34 -100.80
CA GLY EA 616 -303.39 39.66 -100.39
C GLY EA 616 -303.67 40.62 -101.54
N GLU EA 617 -303.19 40.30 -102.74
CA GLU EA 617 -303.46 41.14 -103.89
C GLU EA 617 -304.70 40.67 -104.63
N ARG EA 618 -305.22 41.53 -105.50
CA ARG EA 618 -306.45 41.26 -106.23
C ARG EA 618 -306.18 41.27 -107.73
N TYR EA 619 -306.88 40.40 -108.44
CA TYR EA 619 -306.72 40.26 -109.88
C TYR EA 619 -308.07 40.22 -110.55
N VAL EA 620 -308.09 40.60 -111.83
CA VAL EA 620 -309.30 40.67 -112.63
C VAL EA 620 -309.10 39.83 -113.88
N VAL EA 621 -310.06 38.97 -114.18
CA VAL EA 621 -310.06 38.19 -115.41
C VAL EA 621 -311.06 38.85 -116.34
N ARG EA 622 -310.55 39.62 -117.30
CA ARG EA 622 -311.38 40.40 -118.20
C ARG EA 622 -311.61 39.63 -119.50
N MET EA 623 -312.88 39.54 -119.89
CA MET EA 623 -313.29 39.02 -121.19
C MET EA 623 -313.63 40.21 -122.06
N ARG EA 624 -312.97 40.32 -123.22
CA ARG EA 624 -313.05 41.52 -124.05
C ARG EA 624 -314.13 41.41 -125.13
N ASN EA 625 -314.06 40.40 -125.98
CA ASN EA 625 -315.07 40.12 -127.00
C ASN EA 625 -315.26 41.31 -127.95
N ALA EA 626 -314.20 41.56 -128.72
CA ALA EA 626 -314.19 42.63 -129.71
C ALA EA 626 -314.30 42.06 -131.13
N THR EA 627 -315.17 41.06 -131.29
CA THR EA 627 -315.27 40.33 -132.55
C THR EA 627 -315.68 41.24 -133.70
N THR EA 628 -315.35 40.79 -134.92
CA THR EA 628 -315.68 41.53 -136.12
C THR EA 628 -316.98 41.06 -136.76
N VAL EA 629 -317.25 39.75 -136.71
CA VAL EA 629 -318.48 39.22 -137.30
C VAL EA 629 -319.70 39.79 -136.58
N GLY EA 630 -319.67 39.82 -135.25
CA GLY EA 630 -320.75 40.37 -134.47
C GLY EA 630 -321.53 39.37 -133.64
N ASN EA 631 -321.12 38.11 -133.62
CA ASN EA 631 -321.82 37.12 -132.82
C ASN EA 631 -321.64 37.40 -131.33
N ARG EA 632 -322.73 37.36 -130.58
CA ARG EA 632 -322.68 37.64 -129.16
C ARG EA 632 -322.12 36.45 -128.39
N VAL EA 633 -321.70 36.71 -127.16
CA VAL EA 633 -321.10 35.70 -126.29
C VAL EA 633 -321.87 35.67 -124.98
N GLY EA 634 -322.21 34.47 -124.52
CA GLY EA 634 -322.85 34.29 -123.23
C GLY EA 634 -321.82 33.85 -122.20
N VAL EA 635 -321.86 34.50 -121.04
CA VAL EA 635 -320.94 34.23 -119.94
C VAL EA 635 -321.76 33.90 -118.70
N SER EA 636 -321.36 32.83 -118.00
CA SER EA 636 -322.06 32.45 -116.79
C SER EA 636 -321.75 33.44 -115.68
N VAL EA 637 -322.78 34.03 -115.07
CA VAL EA 637 -322.62 35.06 -114.07
C VAL EA 637 -323.54 34.77 -112.89
N MET EA 638 -323.27 35.45 -111.78
CA MET EA 638 -324.11 35.42 -110.60
C MET EA 638 -324.91 36.71 -110.49
N LYS EA 639 -325.96 36.67 -109.68
CA LYS EA 639 -326.85 37.81 -109.50
C LYS EA 639 -326.32 38.66 -108.35
N GLU EA 640 -325.75 39.82 -108.68
CA GLU EA 640 -325.30 40.73 -107.65
C GLU EA 640 -326.49 41.36 -106.93
N LEU EA 641 -326.29 41.68 -105.67
CA LEU EA 641 -327.34 42.25 -104.83
C LEU EA 641 -326.97 43.66 -104.42
N VAL EA 642 -327.94 44.57 -104.51
CA VAL EA 642 -327.69 45.95 -104.14
C VAL EA 642 -327.49 46.07 -102.63
N GLY EA 643 -326.84 47.16 -102.23
CA GLY EA 643 -326.55 47.40 -100.83
C GLY EA 643 -325.23 46.84 -100.34
N GLY EA 644 -324.50 46.11 -101.18
CA GLY EA 644 -323.23 45.54 -100.77
C GLY EA 644 -322.06 46.10 -101.55
N ARG EA 645 -320.87 45.55 -101.31
CA ARG EA 645 -319.67 45.99 -102.01
C ARG EA 645 -319.74 45.66 -103.49
N GLU EA 646 -319.09 46.48 -104.30
CA GLU EA 646 -319.02 46.30 -105.74
C GLU EA 646 -317.60 45.85 -106.09
N LEU EA 647 -317.48 44.68 -106.71
CA LEU EA 647 -316.18 44.11 -107.03
C LEU EA 647 -316.18 43.44 -108.40
N SER EA 648 -316.98 43.95 -109.33
CA SER EA 648 -316.95 43.52 -110.72
C SER EA 648 -316.91 44.74 -111.62
N ILE EA 649 -316.23 44.61 -112.75
CA ILE EA 649 -316.07 45.71 -113.69
C ILE EA 649 -316.73 45.35 -115.01
N ARG EA 650 -317.30 46.36 -115.65
CA ARG EA 650 -318.01 46.17 -116.91
C ARG EA 650 -317.85 47.44 -117.74
N THR EA 651 -317.47 47.27 -119.00
CA THR EA 651 -317.28 48.39 -119.91
C THR EA 651 -318.00 48.12 -121.22
N GLU EA 652 -318.51 49.19 -121.82
CA GLU EA 652 -319.32 49.10 -123.04
C GLU EA 652 -318.64 49.67 -124.26
N THR EA 653 -317.92 50.79 -124.13
CA THR EA 653 -317.30 51.41 -125.28
C THR EA 653 -316.13 50.58 -125.79
N ALA EA 654 -315.92 50.62 -127.11
CA ALA EA 654 -314.84 49.86 -127.71
C ALA EA 654 -313.48 50.32 -127.21
N THR EA 655 -313.34 51.62 -126.97
CA THR EA 655 -312.07 52.13 -126.44
C THR EA 655 -311.78 51.55 -125.06
N ASP EA 656 -312.80 51.52 -124.19
CA ASP EA 656 -312.61 50.93 -122.87
C ASP EA 656 -312.34 49.43 -122.96
N SER EA 657 -313.00 48.75 -123.90
CA SER EA 657 -312.75 47.32 -124.09
C SER EA 657 -311.31 47.07 -124.52
N ASN EA 658 -310.78 47.91 -125.41
CA ASN EA 658 -309.40 47.77 -125.86
C ASN EA 658 -308.39 48.38 -124.90
N LYS EA 659 -308.85 49.04 -123.83
CA LYS EA 659 -307.92 49.62 -122.86
C LYS EA 659 -307.07 48.54 -122.21
N THR EA 660 -305.81 48.88 -121.95
CA THR EA 660 -304.87 47.96 -121.32
C THR EA 660 -304.30 48.49 -120.01
N PHE EA 661 -304.71 49.69 -119.57
CA PHE EA 661 -304.21 50.26 -118.32
C PHE EA 661 -305.31 51.17 -117.77
N TYR EA 662 -306.04 50.66 -116.78
CA TYR EA 662 -307.18 51.38 -116.22
C TYR EA 662 -306.75 52.25 -115.06
N THR EA 663 -307.15 53.51 -115.09
CA THR EA 663 -306.94 54.43 -113.99
C THR EA 663 -307.97 54.19 -112.89
N PRO EA 664 -307.70 54.66 -111.66
CA PRO EA 664 -308.68 54.46 -110.59
C PRO EA 664 -310.04 55.05 -110.89
N SER EA 665 -310.10 56.20 -111.57
CA SER EA 665 -311.39 56.80 -111.90
C SER EA 665 -312.19 55.89 -112.82
N GLU EA 666 -311.55 55.37 -113.87
CA GLU EA 666 -312.24 54.46 -114.78
C GLU EA 666 -312.63 53.18 -114.07
N VAL EA 667 -311.79 52.71 -113.15
CA VAL EA 667 -312.12 51.50 -112.39
C VAL EA 667 -313.38 51.73 -111.56
N LEU EA 668 -313.46 52.88 -110.89
CA LEU EA 668 -314.64 53.19 -110.10
C LEU EA 668 -315.89 53.32 -110.97
N THR EA 669 -315.75 53.96 -112.13
CA THR EA 669 -316.90 54.07 -113.04
C THR EA 669 -317.38 52.70 -113.50
N ALA EA 670 -316.43 51.83 -113.87
CA ALA EA 670 -316.81 50.48 -114.30
C ALA EA 670 -317.47 49.71 -113.16
N GLN EA 671 -316.95 49.84 -111.95
CA GLN EA 671 -317.54 49.15 -110.80
C GLN EA 671 -318.96 49.65 -110.56
N GLY EA 672 -319.20 50.95 -110.67
CA GLY EA 672 -320.55 51.47 -110.52
C GLY EA 672 -321.47 50.99 -111.62
N VAL EA 673 -320.99 50.93 -112.85
CA VAL EA 673 -321.82 50.54 -113.98
C VAL EA 673 -322.19 49.06 -113.91
N SER EA 674 -321.26 48.22 -113.45
CA SER EA 674 -321.43 46.78 -113.52
C SER EA 674 -322.67 46.33 -112.75
N VAL EA 675 -323.33 45.29 -113.29
CA VAL EA 675 -324.58 44.79 -112.73
C VAL EA 675 -324.49 43.29 -112.54
N ILE EA 676 -323.46 42.67 -113.12
CA ILE EA 676 -323.29 41.22 -113.02
C ILE EA 676 -321.95 40.91 -112.37
N MET EA 677 -321.67 39.62 -112.18
CA MET EA 677 -320.42 39.17 -111.60
C MET EA 677 -320.02 37.84 -112.23
N PRO EA 678 -319.00 37.82 -113.09
CA PRO EA 678 -318.69 36.60 -113.84
C PRO EA 678 -317.96 35.58 -112.99
N TRP EA 679 -317.78 34.40 -113.59
CA TRP EA 679 -317.02 33.31 -112.99
C TRP EA 679 -315.66 33.22 -113.68
N ALA EA 680 -314.59 33.29 -112.89
CA ALA EA 680 -313.25 33.40 -113.45
C ALA EA 680 -312.30 32.48 -112.71
N MET EA 681 -311.20 32.12 -113.38
CA MET EA 681 -310.22 31.21 -112.85
C MET EA 681 -308.81 31.77 -113.01
N MET EA 682 -307.94 31.40 -112.07
CA MET EA 682 -306.50 31.63 -112.18
C MET EA 682 -305.84 30.38 -111.58
N ALA EA 683 -305.37 29.48 -112.44
CA ALA EA 683 -305.00 28.14 -112.00
C ALA EA 683 -303.49 27.98 -111.95
N ALA EA 684 -303.07 26.78 -111.51
CA ALA EA 684 -301.67 26.38 -111.40
C ALA EA 684 -301.48 24.99 -111.99
N LYS EA 685 -301.93 24.81 -113.23
CA LYS EA 685 -302.06 23.49 -113.83
C LYS EA 685 -300.76 22.68 -113.73
N ASN EA 686 -299.64 23.26 -114.14
CA ASN EA 686 -298.36 22.57 -114.12
C ASN EA 686 -297.34 23.36 -113.30
N LEU EA 687 -296.66 22.66 -112.40
CA LEU EA 687 -295.62 23.25 -111.55
C LEU EA 687 -294.34 22.44 -111.67
N ALA EA 688 -293.22 23.11 -111.43
CA ALA EA 688 -291.93 22.44 -111.29
C ALA EA 688 -291.89 21.85 -109.88
N THR EA 689 -292.30 20.59 -109.76
CA THR EA 689 -292.42 19.96 -108.46
C THR EA 689 -291.04 19.76 -107.84
N THR EA 690 -290.91 20.17 -106.57
CA THR EA 690 -289.67 19.98 -105.84
C THR EA 690 -289.61 18.57 -105.27
N ASP EA 691 -288.43 18.20 -104.78
CA ASP EA 691 -288.23 16.91 -104.13
C ASP EA 691 -288.44 17.10 -102.64
N GLN EA 692 -289.58 16.64 -102.13
CA GLN EA 692 -289.90 16.81 -100.72
C GLN EA 692 -288.95 15.99 -99.86
N SER EA 693 -288.53 16.60 -98.74
CA SER EA 693 -287.64 15.94 -97.80
C SER EA 693 -288.13 16.23 -96.39
N PHE EA 694 -288.00 15.24 -95.51
CA PHE EA 694 -288.48 15.37 -94.14
C PHE EA 694 -287.46 14.79 -93.18
N SER EA 695 -287.45 15.32 -91.96
CA SER EA 695 -286.53 14.87 -90.94
C SER EA 695 -287.18 15.03 -89.57
N ASP EA 696 -286.99 14.04 -88.71
CA ASP EA 696 -287.52 14.06 -87.36
C ASP EA 696 -286.44 13.62 -86.39
N ASP EA 697 -286.20 14.45 -85.36
CA ASP EA 697 -285.23 14.12 -84.33
C ASP EA 697 -285.78 13.19 -83.26
N PHE EA 698 -287.09 12.96 -83.26
CA PHE EA 698 -287.74 12.08 -82.28
C PHE EA 698 -287.43 12.54 -80.86
N ASN EA 699 -287.41 13.86 -80.66
CA ASN EA 699 -287.02 14.40 -79.37
C ASN EA 699 -288.17 15.13 -78.70
N ARG EA 700 -289.36 14.52 -78.73
CA ARG EA 700 -290.55 15.11 -78.14
C ARG EA 700 -291.21 14.15 -77.17
N SER EA 701 -292.41 14.51 -76.68
CA SER EA 701 -293.06 13.73 -75.63
C SER EA 701 -293.74 12.49 -76.19
N ALA EA 702 -294.66 12.66 -77.13
CA ALA EA 702 -295.41 11.56 -77.72
C ALA EA 702 -295.01 11.35 -79.17
N MET EA 703 -295.46 10.23 -79.74
CA MET EA 703 -295.14 9.92 -81.13
C MET EA 703 -295.70 10.98 -82.07
N GLY EA 704 -296.93 11.42 -81.84
CA GLY EA 704 -297.52 12.47 -82.62
C GLY EA 704 -298.35 11.97 -83.79
N GLY EA 705 -299.05 12.90 -84.42
CA GLY EA 705 -299.90 12.60 -85.56
C GLY EA 705 -299.21 12.53 -86.90
N LEU EA 706 -297.89 12.73 -86.94
CA LEU EA 706 -297.12 12.64 -88.17
C LEU EA 706 -296.65 11.24 -88.46
N TRP EA 707 -297.20 10.23 -87.80
CA TRP EA 707 -296.75 8.84 -87.95
C TRP EA 707 -297.95 7.93 -87.86
N PHE EA 708 -298.30 7.27 -88.96
CA PHE EA 708 -299.30 6.21 -88.94
C PHE EA 708 -298.67 4.97 -88.32
N LEU EA 709 -299.22 4.51 -87.21
CA LEU EA 709 -298.65 3.42 -86.44
C LEU EA 709 -299.45 2.15 -86.66
N LYS EA 710 -298.75 1.04 -86.91
CA LYS EA 710 -299.39 -0.25 -87.06
C LYS EA 710 -298.49 -1.31 -86.43
N SER EA 711 -299.04 -2.07 -85.49
CA SER EA 711 -298.26 -3.06 -84.75
C SER EA 711 -299.05 -4.35 -84.68
N ASP EA 712 -298.31 -5.45 -84.46
CA ASP EA 712 -298.98 -6.73 -84.22
C ASP EA 712 -299.31 -6.96 -82.75
N THR EA 713 -298.89 -6.06 -81.87
CA THR EA 713 -299.23 -6.20 -80.45
C THR EA 713 -300.72 -5.99 -80.22
N GLY EA 714 -301.29 -4.96 -80.85
CA GLY EA 714 -302.71 -4.67 -80.69
C GLY EA 714 -303.00 -3.35 -80.02
N THR EA 715 -302.24 -3.03 -78.97
CA THR EA 715 -302.43 -1.79 -78.23
C THR EA 715 -301.19 -0.92 -78.17
N ASN EA 716 -300.00 -1.50 -78.14
CA ASN EA 716 -298.76 -0.74 -78.02
C ASN EA 716 -298.11 -0.56 -79.38
N GLN EA 717 -297.65 0.66 -79.66
CA GLN EA 717 -297.01 0.96 -80.93
C GLN EA 717 -295.64 1.59 -80.68
N VAL EA 718 -295.02 2.11 -81.75
CA VAL EA 718 -293.72 2.76 -81.60
C VAL EA 718 -293.88 3.97 -80.68
N GLY EA 719 -293.20 3.93 -79.55
CA GLY EA 719 -293.29 5.00 -78.56
C GLY EA 719 -291.96 5.68 -78.39
N VAL EA 720 -291.99 7.00 -78.24
CA VAL EA 720 -290.76 7.77 -78.05
C VAL EA 720 -290.49 7.90 -76.55
N SER EA 721 -289.29 7.53 -76.14
CA SER EA 721 -288.84 7.65 -74.77
C SER EA 721 -287.40 8.10 -74.76
N GLY EA 722 -287.07 9.00 -73.84
CA GLY EA 722 -285.71 9.50 -73.74
C GLY EA 722 -285.20 10.16 -75.00
N GLY EA 723 -286.10 10.67 -75.83
CA GLY EA 723 -285.69 11.25 -77.09
C GLY EA 723 -285.37 10.25 -78.19
N ARG EA 724 -285.84 9.02 -78.08
CA ARG EA 724 -285.59 8.03 -79.12
C ARG EA 724 -286.80 7.11 -79.24
N ALA EA 725 -287.06 6.67 -80.48
CA ALA EA 725 -288.15 5.73 -80.71
C ALA EA 725 -287.78 4.35 -80.18
N ALA EA 726 -288.80 3.63 -79.71
CA ALA EA 726 -288.56 2.32 -79.12
C ALA EA 726 -289.87 1.53 -79.13
N PHE EA 727 -289.75 0.27 -78.74
CA PHE EA 727 -290.87 -0.66 -78.70
C PHE EA 727 -291.59 -0.52 -77.37
N SER EA 728 -292.76 0.12 -77.39
CA SER EA 728 -293.55 0.25 -76.18
C SER EA 728 -294.15 -1.10 -75.81
N GLY EA 729 -294.18 -1.39 -74.51
CA GLY EA 729 -294.77 -2.60 -74.01
C GLY EA 729 -293.78 -3.75 -73.91
N LEU EA 730 -294.17 -4.76 -73.15
CA LEU EA 730 -293.36 -5.95 -72.94
C LEU EA 730 -293.73 -7.11 -73.86
N THR EA 731 -294.70 -6.90 -74.76
CA THR EA 731 -295.16 -7.97 -75.61
C THR EA 731 -294.13 -8.30 -76.69
N ASP EA 732 -294.31 -9.46 -77.32
CA ASP EA 732 -293.44 -9.93 -78.38
C ASP EA 732 -294.13 -9.67 -79.72
N GLY EA 733 -293.44 -8.96 -80.62
CA GLY EA 733 -294.03 -8.68 -81.91
C GLY EA 733 -293.26 -7.61 -82.66
N ASN EA 734 -293.96 -6.93 -83.56
CA ASN EA 734 -293.39 -5.95 -84.46
C ASN EA 734 -294.23 -4.67 -84.44
N GLN EA 735 -293.55 -3.54 -84.66
CA GLN EA 735 -294.18 -2.23 -84.70
C GLN EA 735 -293.62 -1.47 -85.89
N ASN EA 736 -294.51 -0.84 -86.67
CA ASN EA 736 -294.13 -0.07 -87.85
C ASN EA 736 -294.73 1.32 -87.74
N ALA EA 737 -293.96 2.33 -88.12
CA ALA EA 737 -294.42 3.71 -88.19
C ALA EA 737 -294.15 4.23 -89.59
N LEU EA 738 -295.16 4.83 -90.20
CA LEU EA 738 -295.06 5.34 -91.57
C LEU EA 738 -295.27 6.84 -91.57
N TYR EA 739 -294.39 7.55 -92.27
CA TYR EA 739 -294.53 9.00 -92.39
C TYR EA 739 -295.77 9.33 -93.20
N ILE EA 740 -296.55 10.29 -92.73
CA ILE EA 740 -297.75 10.70 -93.44
C ILE EA 740 -297.38 11.34 -94.77
N ARG EA 741 -296.36 12.18 -94.77
CA ARG EA 741 -295.97 12.90 -95.97
C ARG EA 741 -295.22 11.97 -96.93
N PRO EA 742 -295.67 11.85 -98.17
CA PRO EA 742 -294.94 11.04 -99.15
C PRO EA 742 -293.84 11.88 -99.81
N THR EA 743 -293.10 11.23 -100.70
CA THR EA 743 -292.03 11.88 -101.44
C THR EA 743 -292.48 12.20 -102.86
N ALA EA 744 -291.55 12.71 -103.67
CA ALA EA 744 -291.89 13.16 -105.01
C ALA EA 744 -291.96 12.00 -106.00
N GLY EA 745 -290.84 11.32 -106.20
CA GLY EA 745 -290.79 10.26 -107.21
C GLY EA 745 -290.29 8.94 -106.68
N ASP EA 746 -289.97 8.02 -107.59
CA ASP EA 746 -289.49 6.71 -107.18
C ASP EA 746 -288.11 6.78 -106.54
N LYS EA 747 -287.32 7.80 -106.87
CA LYS EA 747 -286.04 7.97 -106.22
C LYS EA 747 -286.24 8.19 -104.72
N GLN EA 748 -285.49 7.45 -103.91
CA GLN EA 748 -285.74 7.44 -102.47
C GLN EA 748 -284.42 7.32 -101.72
N TRP EA 749 -284.34 7.98 -100.57
CA TRP EA 749 -283.16 7.92 -99.72
C TRP EA 749 -283.63 8.07 -98.28
N VAL EA 750 -283.34 7.07 -97.45
CA VAL EA 750 -283.72 7.12 -96.04
C VAL EA 750 -282.46 6.93 -95.21
N GLU EA 751 -282.44 7.53 -94.03
CA GLU EA 751 -281.28 7.44 -93.16
C GLU EA 751 -281.69 7.65 -91.71
N ALA EA 752 -280.93 7.03 -90.81
CA ALA EA 752 -281.15 7.18 -89.38
C ALA EA 752 -279.99 6.52 -88.65
N THR EA 753 -279.69 7.00 -87.45
CA THR EA 753 -278.65 6.41 -86.63
C THR EA 753 -279.28 5.41 -85.66
N LEU EA 754 -278.64 4.26 -85.51
CA LEU EA 754 -279.13 3.19 -84.67
C LEU EA 754 -278.45 3.27 -83.30
N TYR EA 755 -279.25 3.29 -82.24
CA TYR EA 755 -278.73 3.43 -80.88
C TYR EA 755 -279.14 2.25 -80.04
N GLU EA 756 -278.23 1.84 -79.14
CA GLU EA 756 -278.47 0.75 -78.18
C GLU EA 756 -278.85 -0.55 -78.88
N THR EA 757 -278.25 -0.79 -80.05
CA THR EA 757 -278.47 -2.03 -80.78
C THR EA 757 -277.39 -3.08 -80.52
N GLY EA 758 -276.28 -2.70 -79.91
CA GLY EA 758 -275.23 -3.63 -79.57
C GLY EA 758 -275.44 -4.41 -78.30
N ILE EA 759 -276.53 -4.14 -77.59
CA ILE EA 759 -276.87 -4.86 -76.37
C ILE EA 759 -278.02 -5.83 -76.57
N ALA EA 760 -278.37 -6.11 -77.82
CA ALA EA 760 -279.46 -7.05 -78.10
C ALA EA 760 -279.04 -8.47 -77.73
N ALA EA 761 -280.05 -9.34 -77.60
CA ALA EA 761 -279.81 -10.74 -77.26
C ALA EA 761 -279.87 -11.65 -78.48
N SER EA 762 -281.00 -11.65 -79.19
CA SER EA 762 -281.18 -12.54 -80.33
C SER EA 762 -282.37 -12.12 -81.18
N GLY EA 763 -282.16 -11.99 -82.49
CA GLY EA 763 -283.26 -11.76 -83.41
C GLY EA 763 -283.85 -10.37 -83.38
N ALA EA 764 -283.20 -9.41 -82.71
CA ALA EA 764 -283.70 -8.05 -82.64
C ALA EA 764 -283.60 -7.41 -84.02
N ARG EA 765 -284.74 -7.27 -84.70
CA ARG EA 765 -284.79 -6.74 -86.05
C ARG EA 765 -285.35 -5.33 -86.02
N GLU EA 766 -284.55 -4.36 -86.43
CA GLU EA 766 -284.97 -2.97 -86.43
C GLU EA 766 -284.33 -2.27 -87.61
N GLY EA 767 -284.93 -1.15 -88.00
CA GLY EA 767 -284.33 -0.37 -89.09
C GLY EA 767 -285.36 0.51 -89.76
N LEU EA 768 -285.09 0.81 -91.02
CA LEU EA 768 -285.85 1.78 -91.79
C LEU EA 768 -286.69 1.10 -92.86
N LEU EA 769 -287.79 1.75 -93.22
CA LEU EA 769 -288.74 1.26 -94.20
C LEU EA 769 -288.81 2.27 -95.34
N MET EA 770 -288.82 1.77 -96.57
CA MET EA 770 -288.93 2.63 -97.74
C MET EA 770 -289.74 1.92 -98.79
N HIS EA 771 -290.30 2.69 -99.72
CA HIS EA 771 -291.18 2.18 -100.76
C HIS EA 771 -292.38 1.45 -100.14
N ALA EA 772 -292.87 1.98 -99.04
CA ALA EA 772 -293.98 1.36 -98.32
C ALA EA 772 -295.31 1.81 -98.89
N ASN EA 773 -296.23 0.87 -99.06
CA ASN EA 773 -297.56 1.19 -99.51
C ASN EA 773 -298.35 1.89 -98.40
N ARG EA 774 -299.38 2.64 -98.82
CA ARG EA 774 -300.24 3.31 -97.85
C ARG EA 774 -300.89 2.33 -96.90
N ASP EA 775 -301.25 1.14 -97.41
CA ASP EA 775 -301.82 0.08 -96.60
C ASP EA 775 -300.80 -0.97 -96.19
N LEU EA 776 -299.52 -0.69 -96.39
CA LEU EA 776 -298.43 -1.61 -96.05
C LEU EA 776 -298.54 -2.93 -96.83
N SER EA 777 -299.08 -2.86 -98.04
CA SER EA 777 -299.24 -4.08 -98.84
C SER EA 777 -297.89 -4.68 -99.21
N GLN EA 778 -296.92 -3.85 -99.59
CA GLN EA 778 -295.59 -4.32 -99.90
C GLN EA 778 -294.59 -3.25 -99.50
N VAL EA 779 -293.52 -3.66 -98.80
CA VAL EA 779 -292.52 -2.72 -98.31
C VAL EA 779 -291.13 -3.28 -98.58
N VAL EA 780 -290.14 -2.39 -98.53
CA VAL EA 780 -288.73 -2.73 -98.55
C VAL EA 780 -288.15 -2.32 -97.20
N TYR EA 781 -287.55 -3.28 -96.49
CA TYR EA 781 -287.19 -3.12 -95.10
C TYR EA 781 -285.72 -3.44 -94.90
N LEU EA 782 -285.05 -2.66 -94.07
CA LEU EA 782 -283.66 -2.90 -93.70
C LEU EA 782 -283.65 -3.35 -92.24
N GLY EA 783 -283.30 -4.62 -92.01
CA GLY EA 783 -283.26 -5.14 -90.66
C GLY EA 783 -281.84 -5.35 -90.16
N VAL EA 784 -281.45 -4.61 -89.12
CA VAL EA 784 -280.10 -4.65 -88.60
C VAL EA 784 -280.15 -5.17 -87.17
N ASN EA 785 -279.52 -6.31 -86.93
CA ASN EA 785 -279.39 -6.86 -85.59
C ASN EA 785 -277.98 -6.60 -85.07
N LEU EA 786 -277.65 -7.20 -83.93
CA LEU EA 786 -276.31 -7.06 -83.38
C LEU EA 786 -275.25 -7.69 -84.28
N ASN EA 787 -275.64 -8.61 -85.17
CA ASN EA 787 -274.71 -9.41 -85.94
C ASN EA 787 -274.75 -9.10 -87.43
N THR EA 788 -275.94 -8.99 -88.01
CA THR EA 788 -276.08 -8.92 -89.46
C THR EA 788 -277.02 -7.80 -89.87
N ALA EA 789 -277.09 -7.57 -91.18
CA ALA EA 789 -278.03 -6.62 -91.77
C ALA EA 789 -278.62 -7.27 -93.02
N LYS EA 790 -279.95 -7.30 -93.09
CA LYS EA 790 -280.65 -7.98 -94.17
C LYS EA 790 -281.65 -7.03 -94.81
N ILE EA 791 -282.04 -7.38 -96.03
CA ILE EA 791 -283.06 -6.65 -96.79
C ILE EA 791 -284.27 -7.54 -96.94
N TYR EA 792 -285.44 -7.03 -96.60
CA TYR EA 792 -286.69 -7.76 -96.66
C TYR EA 792 -287.65 -7.07 -97.62
N THR EA 793 -288.53 -7.85 -98.23
CA THR EA 793 -289.54 -7.32 -99.13
C THR EA 793 -290.88 -7.96 -98.84
N GLY EA 794 -291.95 -7.22 -99.10
CA GLY EA 794 -293.29 -7.75 -99.06
C GLY EA 794 -294.16 -7.16 -97.97
N PRO EA 795 -295.31 -7.77 -97.73
CA PRO EA 795 -296.21 -7.28 -96.67
C PRO EA 795 -295.62 -7.50 -95.29
N TRP EA 796 -296.06 -6.66 -94.36
CA TRP EA 796 -295.54 -6.72 -92.99
C TRP EA 796 -295.91 -8.00 -92.28
N ASN EA 797 -296.95 -8.70 -92.73
CA ASN EA 797 -297.31 -9.97 -92.12
C ASN EA 797 -296.22 -11.02 -92.33
N SER EA 798 -295.66 -11.08 -93.54
CA SER EA 798 -294.61 -12.05 -93.84
C SER EA 798 -293.62 -11.39 -94.80
N LEU EA 799 -292.34 -11.38 -94.42
CA LEU EA 799 -291.30 -10.75 -95.20
C LEU EA 799 -290.43 -11.82 -95.87
N THR EA 800 -289.86 -11.47 -97.03
CA THR EA 800 -288.96 -12.34 -97.76
C THR EA 800 -287.59 -11.70 -97.81
N GLU EA 801 -286.55 -12.47 -97.47
CA GLU EA 801 -285.19 -11.95 -97.43
C GLU EA 801 -284.59 -11.99 -98.83
N ARG EA 802 -284.18 -10.82 -99.33
CA ARG EA 802 -283.55 -10.73 -100.64
C ARG EA 802 -282.03 -10.85 -100.56
N ALA EA 803 -281.41 -10.20 -99.58
CA ALA EA 803 -279.97 -10.25 -99.43
C ALA EA 803 -279.61 -10.00 -97.97
N SER EA 804 -278.37 -10.37 -97.62
CA SER EA 804 -277.90 -10.23 -96.26
C SER EA 804 -276.40 -9.98 -96.26
N VAL EA 805 -275.91 -9.43 -95.15
CA VAL EA 805 -274.49 -9.18 -94.97
C VAL EA 805 -274.18 -9.28 -93.48
N SER EA 806 -272.95 -9.66 -93.16
CA SER EA 806 -272.50 -9.83 -91.79
C SER EA 806 -271.53 -8.70 -91.43
N THR EA 807 -271.94 -7.87 -90.48
CA THR EA 807 -271.14 -6.72 -90.06
C THR EA 807 -270.92 -6.73 -88.56
N THR EA 808 -270.39 -5.64 -88.01
CA THR EA 808 -270.19 -5.50 -86.59
C THR EA 808 -270.25 -4.03 -86.22
N GLY EA 809 -270.47 -3.77 -84.93
CA GLY EA 809 -270.57 -2.40 -84.44
C GLY EA 809 -271.74 -1.65 -85.05
N ASN EA 810 -272.90 -2.28 -85.07
CA ASN EA 810 -274.09 -1.73 -85.74
C ASN EA 810 -274.79 -0.72 -84.83
N ASP EA 811 -274.07 0.34 -84.49
CA ASP EA 811 -274.60 1.47 -83.72
C ASP EA 811 -274.21 2.78 -84.41
N VAL EA 812 -274.37 2.82 -85.72
CA VAL EA 812 -273.92 3.94 -86.55
C VAL EA 812 -275.08 4.52 -87.32
N LEU EA 813 -274.78 5.50 -88.17
CA LEU EA 813 -275.79 6.17 -89.01
C LEU EA 813 -275.97 5.33 -90.27
N TRP EA 814 -276.97 4.44 -90.24
CA TRP EA 814 -277.28 3.61 -91.39
C TRP EA 814 -278.16 4.38 -92.36
N GLN EA 815 -277.82 4.33 -93.64
CA GLN EA 815 -278.62 4.94 -94.68
C GLN EA 815 -278.79 3.94 -95.82
N MET EA 816 -279.84 4.15 -96.61
CA MET EA 816 -280.02 3.32 -97.79
C MET EA 816 -280.84 4.08 -98.81
N TYR EA 817 -280.48 3.90 -100.09
CA TYR EA 817 -281.09 4.64 -101.18
C TYR EA 817 -281.41 3.70 -102.32
N PHE EA 818 -282.27 4.18 -103.21
CA PHE EA 818 -282.67 3.44 -104.41
C PHE EA 818 -282.30 4.25 -105.65
N ASP EA 819 -281.57 3.63 -106.56
CA ASP EA 819 -281.25 4.25 -107.83
C ASP EA 819 -282.13 3.63 -108.91
N PRO EA 820 -283.04 4.39 -109.53
CA PRO EA 820 -283.86 3.82 -110.61
C PRO EA 820 -283.16 3.74 -111.94
N ALA EA 821 -281.96 4.32 -112.08
CA ALA EA 821 -281.22 4.21 -113.32
C ALA EA 821 -280.89 2.75 -113.63
N THR EA 822 -280.47 2.00 -112.61
CA THR EA 822 -280.25 0.57 -112.74
C THR EA 822 -281.24 -0.24 -111.91
N ALA EA 823 -282.20 0.42 -111.26
CA ALA EA 823 -283.20 -0.23 -110.42
C ALA EA 823 -282.54 -1.08 -109.34
N ALA EA 824 -281.68 -0.44 -108.55
CA ALA EA 824 -280.89 -1.13 -107.54
C ALA EA 824 -280.95 -0.39 -106.21
N TYR EA 825 -280.96 -1.15 -105.13
CA TYR EA 825 -280.99 -0.60 -103.79
C TYR EA 825 -279.63 -0.79 -103.13
N THR EA 826 -279.11 0.27 -102.50
CA THR EA 826 -277.80 0.24 -101.88
C THR EA 826 -277.91 0.71 -100.44
N VAL EA 827 -277.18 0.04 -99.55
CA VAL EA 827 -277.17 0.36 -98.12
C VAL EA 827 -275.77 0.76 -97.73
N LEU EA 828 -275.65 1.94 -97.10
CA LEU EA 828 -274.37 2.46 -96.63
C LEU EA 828 -274.38 2.54 -95.12
N LYS EA 829 -273.25 2.12 -94.51
CA LYS EA 829 -273.08 2.12 -93.07
C LYS EA 829 -272.00 3.13 -92.71
N ASN EA 830 -272.38 4.17 -91.97
CA ASN EA 830 -271.46 5.21 -91.52
C ASN EA 830 -270.71 5.83 -92.71
N GLY EA 831 -271.42 6.02 -93.82
CA GLY EA 831 -270.82 6.57 -95.01
C GLY EA 831 -269.91 5.64 -95.78
N GLN EA 832 -269.94 4.35 -95.47
CA GLN EA 832 -269.12 3.36 -96.15
C GLN EA 832 -270.01 2.45 -97.00
N ALA EA 833 -269.39 1.83 -98.01
CA ALA EA 833 -270.15 1.02 -98.95
C ALA EA 833 -270.83 -0.16 -98.25
N SER EA 834 -270.11 -0.84 -97.36
CA SER EA 834 -270.63 -1.95 -96.56
C SER EA 834 -271.08 -3.13 -97.41
N GLY EA 835 -270.91 -3.03 -98.73
CA GLY EA 835 -271.17 -4.16 -99.61
C GLY EA 835 -272.59 -4.67 -99.60
N LEU EA 836 -273.56 -3.86 -99.18
CA LEU EA 836 -274.95 -4.28 -99.14
C LEU EA 836 -275.69 -3.68 -100.34
N THR EA 837 -276.03 -4.52 -101.31
CA THR EA 837 -276.67 -4.06 -102.53
C THR EA 837 -277.61 -5.15 -103.04
N TRP EA 838 -278.78 -4.74 -103.50
CA TRP EA 838 -279.76 -5.64 -104.09
C TRP EA 838 -280.12 -5.13 -105.47
N THR EA 839 -280.21 -6.06 -106.42
CA THR EA 839 -280.60 -5.77 -107.80
C THR EA 839 -281.94 -6.42 -108.07
N ASP EA 840 -282.92 -5.60 -108.49
CA ASP EA 840 -284.27 -6.09 -108.75
C ASP EA 840 -284.40 -6.48 -110.23
N SER EA 841 -283.77 -7.61 -110.57
CA SER EA 841 -283.88 -8.12 -111.93
C SER EA 841 -285.31 -8.52 -112.26
N GLY EA 842 -286.00 -9.14 -111.32
CA GLY EA 842 -287.36 -9.59 -111.53
C GLY EA 842 -288.44 -8.53 -111.34
N SER EA 843 -288.06 -7.32 -110.94
CA SER EA 843 -289.00 -6.22 -110.73
C SER EA 843 -290.11 -6.61 -109.75
N VAL EA 844 -289.71 -7.26 -108.65
CA VAL EA 844 -290.68 -7.65 -107.63
C VAL EA 844 -291.25 -6.45 -106.89
N VAL EA 845 -290.57 -5.31 -106.93
CA VAL EA 845 -291.00 -4.11 -106.22
C VAL EA 845 -291.58 -3.14 -107.24
N ALA EA 846 -292.86 -2.81 -107.08
CA ALA EA 846 -293.53 -1.89 -107.98
C ALA EA 846 -293.30 -0.45 -107.53
N HIS EA 847 -293.11 0.44 -108.50
CA HIS EA 847 -292.87 1.85 -108.24
C HIS EA 847 -293.96 2.67 -108.90
N GLY EA 848 -294.45 3.68 -108.19
CA GLY EA 848 -295.51 4.52 -108.69
C GLY EA 848 -295.94 5.56 -107.67
N PRO EA 849 -297.08 6.21 -107.93
CA PRO EA 849 -297.57 7.22 -106.98
C PRO EA 849 -297.88 6.68 -105.61
N ASN EA 850 -298.26 5.40 -105.50
CA ASN EA 850 -298.71 4.82 -104.25
C ASN EA 850 -297.60 4.10 -103.48
N TYR EA 851 -296.36 4.19 -103.93
CA TYR EA 851 -295.25 3.49 -103.30
C TYR EA 851 -294.10 4.45 -103.02
N ARG EA 852 -294.41 5.60 -102.43
CA ARG EA 852 -293.42 6.61 -102.10
C ARG EA 852 -293.56 7.04 -100.65
N PHE EA 853 -293.67 6.07 -99.75
CA PHE EA 853 -293.79 6.32 -98.32
C PHE EA 853 -292.70 5.57 -97.57
N GLY EA 854 -292.10 6.26 -96.59
CA GLY EA 854 -291.07 5.68 -95.76
C GLY EA 854 -291.49 5.63 -94.30
N GLY EA 855 -290.56 5.16 -93.46
CA GLY EA 855 -290.85 5.05 -92.05
C GLY EA 855 -289.81 4.23 -91.32
N LEU EA 856 -290.24 3.69 -90.19
CA LEU EA 856 -289.38 3.01 -89.23
C LEU EA 856 -290.03 1.70 -88.81
N ARG EA 857 -289.20 0.72 -88.43
CA ARG EA 857 -289.70 -0.57 -87.97
C ARG EA 857 -288.84 -1.08 -86.83
N ILE EA 858 -289.48 -1.61 -85.79
CA ILE EA 858 -288.79 -2.17 -84.64
C ILE EA 858 -289.52 -3.41 -84.18
N SER EA 859 -288.77 -4.48 -83.91
CA SER EA 859 -289.35 -5.73 -83.43
C SER EA 859 -288.72 -6.12 -82.10
N ARG EA 860 -289.55 -6.64 -81.20
CA ARG EA 860 -289.11 -7.09 -79.89
C ARG EA 860 -289.48 -8.56 -79.71
N ALA EA 861 -288.55 -9.32 -79.12
CA ALA EA 861 -288.77 -10.74 -78.91
C ALA EA 861 -287.97 -11.22 -77.70
N THR EA 862 -288.36 -12.39 -77.20
CA THR EA 862 -287.71 -13.12 -76.10
C THR EA 862 -287.20 -12.17 -75.00
N PHE EA 863 -288.09 -11.28 -74.56
CA PHE EA 863 -287.84 -10.42 -73.40
C PHE EA 863 -286.61 -9.54 -73.57
N PHE EA 864 -286.31 -9.15 -74.80
CA PHE EA 864 -285.19 -8.23 -75.07
C PHE EA 864 -285.60 -7.31 -76.21
N ASN EA 865 -285.92 -6.07 -75.87
CA ASN EA 865 -286.28 -5.09 -76.87
C ASN EA 865 -285.09 -4.74 -77.75
N ALA EA 866 -285.37 -4.49 -79.02
CA ALA EA 866 -284.33 -4.05 -79.95
C ALA EA 866 -283.87 -2.64 -79.58
N GLY EA 867 -282.89 -2.14 -80.32
CA GLY EA 867 -282.34 -0.84 -80.04
C GLY EA 867 -283.30 0.28 -80.37
N ARG EA 868 -282.90 1.49 -79.97
CA ARG EA 868 -283.69 2.69 -80.20
C ARG EA 868 -283.14 3.44 -81.41
N ILE EA 869 -283.98 4.29 -81.98
CA ILE EA 869 -283.67 4.96 -83.24
C ILE EA 869 -283.71 6.46 -83.01
N ASP EA 870 -282.89 7.19 -83.77
CA ASP EA 870 -282.88 8.65 -83.67
C ASP EA 870 -282.46 9.24 -85.01
N ASN EA 871 -282.84 10.51 -85.21
CA ASN EA 871 -282.46 11.30 -86.38
C ASN EA 871 -282.90 10.62 -87.68
N TRP EA 872 -284.22 10.46 -87.81
CA TRP EA 872 -284.78 9.85 -89.01
C TRP EA 872 -284.92 10.88 -90.11
N THR EA 873 -284.63 10.49 -91.34
CA THR EA 873 -284.67 11.42 -92.46
C THR EA 873 -285.03 10.69 -93.75
N LEU EA 874 -285.92 11.28 -94.51
CA LEU EA 874 -286.31 10.80 -95.84
C LEU EA 874 -286.12 11.94 -96.84
N LYS EA 875 -285.68 11.60 -98.04
CA LYS EA 875 -285.48 12.60 -99.08
C LYS EA 875 -285.39 11.91 -100.43
N ASP EA 876 -285.27 12.72 -101.48
CA ASP EA 876 -285.13 12.26 -102.85
C ASP EA 876 -283.81 12.78 -103.38
N TRP EA 877 -282.76 11.96 -103.25
CA TRP EA 877 -281.43 12.36 -103.68
C TRP EA 877 -281.38 12.56 -105.19
N ALA EA 878 -280.58 13.53 -105.61
CA ALA EA 878 -280.42 13.84 -107.02
C ALA EA 878 -279.46 12.84 -107.69
N MET FA 1 15.32 16.15 -9.88
CA MET FA 1 13.90 16.45 -9.92
C MET FA 1 13.66 17.91 -10.28
N THR FA 2 14.43 18.41 -11.25
CA THR FA 2 14.28 19.76 -11.76
C THR FA 2 13.74 19.72 -13.18
N MET FA 3 12.96 20.73 -13.53
CA MET FA 3 12.41 20.84 -14.87
C MET FA 3 13.18 21.90 -15.63
N PRO FA 4 13.99 21.54 -16.62
CA PRO FA 4 14.77 22.56 -17.35
C PRO FA 4 13.91 23.58 -18.06
N ASN FA 5 12.73 23.19 -18.54
CA ASN FA 5 11.80 24.15 -19.08
C ASN FA 5 11.02 24.83 -17.95
N GLY FA 6 10.07 25.68 -18.30
CA GLY FA 6 9.38 26.46 -17.28
C GLY FA 6 8.26 25.70 -16.61
N SER FA 7 7.09 26.32 -16.53
CA SER FA 7 5.91 25.64 -16.00
C SER FA 7 5.41 24.54 -16.93
N GLY FA 8 5.94 24.46 -18.15
CA GLY FA 8 5.55 23.42 -19.08
C GLY FA 8 5.97 22.03 -18.67
N GLY FA 9 6.85 21.91 -17.68
CA GLY FA 9 7.21 20.59 -17.17
C GLY FA 9 6.10 19.90 -16.42
N LEU FA 10 5.14 20.66 -15.88
CA LEU FA 10 4.01 20.07 -15.19
C LEU FA 10 3.03 19.48 -16.19
N ASP FA 11 2.26 18.49 -15.72
CA ASP FA 11 1.25 17.86 -16.56
C ASP FA 11 -0.11 18.42 -16.22
N PRO FA 12 -0.75 19.18 -17.11
CA PRO FA 12 -2.07 19.76 -16.77
C PRO FA 12 -3.15 18.73 -16.57
N GLY FA 13 -3.00 17.52 -17.09
CA GLY FA 13 -3.99 16.48 -16.95
C GLY FA 13 -3.83 15.59 -15.75
N ALA FA 14 -2.91 15.91 -14.84
CA ALA FA 14 -2.68 15.09 -13.67
C ALA FA 14 -3.88 15.17 -12.72
N TRP FA 15 -3.96 14.18 -11.83
CA TRP FA 15 -5.09 14.10 -10.91
C TRP FA 15 -5.13 15.28 -9.96
N LEU FA 16 -3.97 15.67 -9.42
CA LEU FA 16 -3.86 16.78 -8.48
C LEU FA 16 -3.19 18.00 -9.12
N SER FA 17 -3.31 18.15 -10.44
CA SER FA 17 -2.67 19.28 -11.10
C SER FA 17 -3.31 20.60 -10.69
N HIS FA 18 -4.59 20.59 -10.34
CA HIS FA 18 -5.26 21.82 -9.92
C HIS FA 18 -4.76 22.32 -8.58
N TRP FA 19 -4.09 21.48 -7.80
CA TRP FA 19 -3.68 21.82 -6.45
C TRP FA 19 -2.17 22.04 -6.32
N VAL FA 20 -1.45 22.10 -7.44
CA VAL FA 20 -0.03 22.40 -7.41
C VAL FA 20 0.14 23.90 -7.28
N ASN FA 21 0.88 24.34 -6.27
CA ASN FA 21 1.06 25.75 -5.99
C ASN FA 21 2.27 26.29 -6.74
N GLN FA 22 2.09 27.42 -7.41
CA GLN FA 22 3.18 28.08 -8.12
C GLN FA 22 3.59 29.38 -7.45
N ALA FA 23 2.67 30.33 -7.30
CA ALA FA 23 2.94 31.54 -6.52
C ALA FA 23 1.72 32.00 -5.75
N ASP FA 24 0.62 31.25 -5.77
CA ASP FA 24 -0.61 31.62 -5.07
C ASP FA 24 -0.70 30.88 -3.74
N LEU FA 25 0.24 31.20 -2.85
CA LEU FA 25 0.28 30.53 -1.56
C LEU FA 25 -0.71 31.08 -0.55
N SER FA 26 -1.41 32.17 -0.88
CA SER FA 26 -2.51 32.61 -0.03
C SER FA 26 -3.73 31.71 -0.18
N SER FA 27 -3.79 30.93 -1.26
CA SER FA 27 -4.88 29.99 -1.47
C SER FA 27 -4.73 28.72 -0.63
N LEU FA 28 -3.59 28.53 0.02
CA LEU FA 28 -3.41 27.37 0.89
C LEU FA 28 -4.39 27.40 2.06
N ALA FA 29 -4.59 28.58 2.66
CA ALA FA 29 -5.52 28.70 3.77
C ALA FA 29 -6.98 28.61 3.32
N GLY FA 30 -7.24 28.63 2.02
CA GLY FA 30 -8.57 28.45 1.50
C GLY FA 30 -8.96 27.02 1.19
N ARG FA 31 -8.12 26.05 1.52
CA ARG FA 31 -8.44 24.64 1.29
C ARG FA 31 -9.10 24.02 2.50
N THR FA 32 -10.18 24.65 2.98
CA THR FA 32 -10.92 24.14 4.12
C THR FA 32 -11.97 23.14 3.64
N GLU FA 33 -12.74 22.60 4.58
CA GLU FA 33 -13.70 21.56 4.25
C GLU FA 33 -14.78 22.09 3.31
N ASP FA 34 -15.24 23.33 3.52
CA ASP FA 34 -16.36 23.85 2.76
C ASP FA 34 -15.99 24.07 1.29
N GLU FA 35 -14.84 24.70 1.04
CA GLU FA 35 -14.46 25.00 -0.35
C GLU FA 35 -14.15 23.73 -1.12
N VAL FA 36 -13.40 22.80 -0.51
CA VAL FA 36 -13.12 21.54 -1.16
C VAL FA 36 -14.40 20.75 -1.40
N ARG FA 37 -15.31 20.78 -0.43
CA ARG FA 37 -16.59 20.11 -0.59
C ARG FA 37 -17.37 20.69 -1.76
N ALA FA 38 -17.39 22.01 -1.89
CA ALA FA 38 -18.11 22.63 -3.00
C ALA FA 38 -17.48 22.26 -4.34
N TYR FA 39 -16.14 22.28 -4.40
CA TYR FA 39 -15.44 21.92 -5.63
C TYR FA 39 -15.79 20.49 -6.06
N PHE FA 40 -15.73 19.55 -5.12
CA PHE FA 40 -15.97 18.16 -5.48
C PHE FA 40 -17.44 17.88 -5.73
N GLU FA 41 -18.35 18.59 -5.04
CA GLU FA 41 -19.77 18.47 -5.37
C GLU FA 41 -20.03 18.96 -6.78
N ASN FA 42 -19.37 20.05 -7.19
CA ASN FA 42 -19.48 20.51 -8.56
C ASN FA 42 -18.98 19.45 -9.54
N LEU FA 43 -17.83 18.83 -9.24
CA LEU FA 43 -17.32 17.79 -10.12
C LEU FA 43 -18.29 16.62 -10.24
N VAL FA 44 -18.82 16.15 -9.11
CA VAL FA 44 -19.72 15.00 -9.13
C VAL FA 44 -21.01 15.35 -9.87
N GLN FA 45 -21.49 16.59 -9.72
CA GLN FA 45 -22.66 17.01 -10.48
C GLN FA 45 -22.36 17.04 -11.97
N ALA FA 46 -21.14 17.43 -12.35
CA ALA FA 46 -20.75 17.44 -13.76
C ALA FA 46 -20.39 16.07 -14.29
N ASP FA 47 -20.34 15.04 -13.43
CA ASP FA 47 -20.06 13.69 -13.89
C ASP FA 47 -21.04 13.27 -14.99
N SER FA 48 -20.49 12.67 -16.05
CA SER FA 48 -21.24 12.43 -17.28
C SER FA 48 -22.06 11.15 -17.25
N GLY FA 49 -21.51 10.07 -16.72
CA GLY FA 49 -22.25 8.81 -16.68
C GLY FA 49 -23.52 8.90 -15.86
N TRP FA 50 -23.44 9.55 -14.70
CA TRP FA 50 -24.62 9.75 -13.87
C TRP FA 50 -25.64 10.65 -14.57
N GLY FA 51 -25.16 11.66 -15.29
CA GLY FA 51 -26.07 12.50 -16.04
C GLY FA 51 -26.80 11.76 -17.14
N ASP FA 52 -26.08 10.91 -17.89
CA ASP FA 52 -26.72 10.11 -18.92
C ASP FA 52 -27.72 9.14 -18.31
N ALA FA 53 -27.36 8.52 -17.18
CA ALA FA 53 -28.30 7.63 -16.50
C ALA FA 53 -29.54 8.39 -16.04
N SER FA 54 -29.36 9.60 -15.54
CA SER FA 54 -30.50 10.42 -15.13
C SER FA 54 -31.40 10.74 -16.31
N ASN FA 55 -30.80 11.10 -17.45
CA ASN FA 55 -31.59 11.36 -18.65
C ASN FA 55 -32.40 10.13 -19.04
N THR FA 56 -31.73 8.97 -19.07
CA THR FA 56 -32.41 7.73 -19.45
C THR FA 56 -33.55 7.41 -18.49
N PHE FA 57 -33.31 7.53 -17.19
CA PHE FA 57 -34.33 7.16 -16.21
C PHE FA 57 -35.52 8.11 -16.26
N PHE FA 58 -35.26 9.42 -16.22
CA PHE FA 58 -36.33 10.38 -16.10
C PHE FA 58 -36.99 10.74 -17.42
N ASN FA 59 -36.42 10.34 -18.56
CA ASN FA 59 -37.01 10.63 -19.86
C ASN FA 59 -37.46 9.39 -20.60
N LEU FA 60 -36.61 8.37 -20.68
CA LEU FA 60 -36.99 7.15 -21.37
C LEU FA 60 -37.88 6.27 -20.49
N ILE FA 61 -37.35 5.81 -19.35
CA ILE FA 61 -38.07 4.84 -18.53
C ILE FA 61 -39.32 5.46 -17.94
N LEU FA 62 -39.22 6.68 -17.41
CA LEU FA 62 -40.35 7.33 -16.77
C LEU FA 62 -41.16 8.20 -17.72
N GLY FA 63 -40.84 8.18 -19.01
CA GLY FA 63 -41.53 9.07 -19.93
C GLY FA 63 -41.24 10.52 -19.58
N GLY FA 64 -42.22 11.37 -19.86
CA GLY FA 64 -42.12 12.75 -19.44
C GLY FA 64 -42.63 13.03 -18.06
N PHE FA 65 -43.02 12.01 -17.32
CA PHE FA 65 -43.64 12.17 -16.02
C PHE FA 65 -42.60 12.11 -14.92
N GLN FA 66 -42.75 13.00 -13.93
CA GLN FA 66 -41.83 12.99 -12.79
C GLN FA 66 -41.97 11.73 -11.97
N ASN FA 67 -43.21 11.27 -11.75
CA ASN FA 67 -43.44 10.13 -10.88
C ASN FA 67 -44.79 9.52 -11.19
N LEU FA 68 -45.03 8.34 -10.60
CA LEU FA 68 -46.28 7.63 -10.84
C LEU FA 68 -47.48 8.38 -10.28
N SER FA 69 -47.32 9.12 -9.19
CA SER FA 69 -48.43 9.91 -8.67
C SER FA 69 -48.84 11.01 -9.65
N GLU FA 70 -47.85 11.71 -10.21
CA GLU FA 70 -48.14 12.71 -11.23
C GLU FA 70 -48.77 12.08 -12.46
N PHE FA 71 -48.27 10.90 -12.85
CA PHE FA 71 -48.86 10.21 -14.00
C PHE FA 71 -50.29 9.78 -13.72
N VAL FA 72 -50.60 9.38 -12.48
CA VAL FA 72 -51.97 9.05 -12.11
C VAL FA 72 -52.85 10.28 -12.22
N THR FA 73 -52.36 11.43 -11.74
CA THR FA 73 -53.13 12.66 -11.87
C THR FA 73 -53.38 12.99 -13.33
N LEU FA 74 -52.38 12.77 -14.20
CA LEU FA 74 -52.56 13.03 -15.62
C LEU FA 74 -53.59 12.09 -16.23
N ILE FA 75 -53.57 10.81 -15.85
CA ILE FA 75 -54.56 9.85 -16.34
C ILE FA 75 -55.96 10.29 -15.92
N VAL FA 76 -56.12 10.70 -14.65
CA VAL FA 76 -57.41 11.13 -14.16
C VAL FA 76 -57.87 12.38 -14.90
N GLN FA 77 -56.96 13.31 -15.16
CA GLN FA 77 -57.32 14.52 -15.88
C GLN FA 77 -57.67 14.23 -17.34
N ALA FA 78 -57.06 13.21 -17.93
CA ALA FA 78 -57.35 12.87 -19.31
C ALA FA 78 -58.68 12.15 -19.45
N VAL FA 79 -59.02 11.28 -18.49
CA VAL FA 79 -60.27 10.53 -18.59
C VAL FA 79 -61.45 11.24 -17.94
N THR FA 80 -61.20 12.19 -17.04
CA THR FA 80 -62.25 12.92 -16.35
C THR FA 80 -61.89 14.40 -16.35
N GLY FA 81 -62.92 15.25 -16.33
CA GLY FA 81 -62.67 16.68 -16.26
C GLY FA 81 -62.03 17.11 -14.96
N ALA FA 82 -62.50 16.57 -13.84
CA ALA FA 82 -62.01 16.99 -12.54
C ALA FA 82 -60.69 16.28 -12.22
N PRO FA 83 -59.63 17.03 -11.91
CA PRO FA 83 -58.38 16.38 -11.48
C PRO FA 83 -58.54 15.76 -10.10
N GLY FA 84 -57.75 14.73 -9.84
CA GLY FA 84 -57.80 14.05 -8.57
C GLY FA 84 -57.08 12.71 -8.65
N GLY FA 85 -57.25 11.93 -7.59
CA GLY FA 85 -56.61 10.65 -7.48
C GLY FA 85 -57.40 9.54 -8.16
N LEU FA 86 -56.93 8.31 -7.95
CA LEU FA 86 -57.61 7.15 -8.49
C LEU FA 86 -59.01 7.01 -7.92
N THR FA 87 -59.18 7.38 -6.64
CA THR FA 87 -60.51 7.38 -6.04
C THR FA 87 -61.42 8.38 -6.73
N ASP FA 88 -60.88 9.56 -7.07
CA ASP FA 88 -61.66 10.56 -7.80
C ASP FA 88 -62.04 10.03 -9.19
N LEU FA 89 -61.11 9.36 -9.87
CA LEU FA 89 -61.42 8.75 -11.16
C LEU FA 89 -62.56 7.75 -11.01
N GLN FA 90 -62.47 6.88 -10.01
CA GLN FA 90 -63.50 5.88 -9.80
C GLN FA 90 -64.85 6.53 -9.49
N ALA FA 91 -64.84 7.59 -8.68
CA ALA FA 91 -66.08 8.26 -8.32
C ALA FA 91 -66.73 8.91 -9.54
N PHE FA 92 -65.95 9.62 -10.35
CA PHE FA 92 -66.51 10.25 -11.54
C PHE FA 92 -67.03 9.21 -12.51
N LEU FA 93 -66.26 8.14 -12.74
CA LEU FA 93 -66.71 7.12 -13.67
C LEU FA 93 -67.92 6.36 -13.14
N THR FA 94 -68.04 6.21 -11.82
CA THR FA 94 -69.19 5.52 -11.25
C THR FA 94 -70.45 6.36 -11.34
N GLU FA 95 -70.34 7.67 -11.07
CA GLU FA 95 -71.51 8.52 -11.26
C GLU FA 95 -71.90 8.61 -12.73
N ARG FA 96 -70.92 8.57 -13.63
CA ARG FA 96 -71.25 8.51 -15.05
C ARG FA 96 -71.89 7.18 -15.42
N TRP FA 97 -71.47 6.08 -14.78
CA TRP FA 97 -72.15 4.80 -14.99
C TRP FA 97 -73.59 4.87 -14.53
N GLY FA 98 -73.83 5.51 -13.39
CA GLY FA 98 -75.19 5.68 -12.91
C GLY FA 98 -76.03 6.50 -13.86
N ASP FA 99 -75.46 7.60 -14.38
CA ASP FA 99 -76.19 8.42 -15.35
C ASP FA 99 -76.48 7.65 -16.63
N LEU FA 100 -75.52 6.86 -17.10
CA LEU FA 100 -75.71 6.08 -18.32
C LEU FA 100 -76.75 4.99 -18.11
N ALA FA 101 -76.75 4.34 -16.94
CA ALA FA 101 -77.77 3.36 -16.62
C ALA FA 101 -79.15 4.01 -16.55
N ASP FA 102 -79.22 5.21 -15.98
CA ASP FA 102 -80.49 5.93 -15.95
C ASP FA 102 -80.96 6.26 -17.36
N ALA FA 103 -80.05 6.63 -18.25
CA ALA FA 103 -80.41 6.91 -19.63
C ALA FA 103 -80.92 5.64 -20.33
N PHE FA 104 -80.26 4.51 -20.11
CA PHE FA 104 -80.71 3.27 -20.73
C PHE FA 104 -82.08 2.85 -20.20
N GLN FA 105 -82.30 3.01 -18.90
CA GLN FA 105 -83.61 2.73 -18.34
C GLN FA 105 -84.65 3.70 -18.85
N ALA FA 106 -84.26 4.95 -19.15
CA ALA FA 106 -85.16 5.87 -19.80
C ALA FA 106 -85.53 5.40 -21.20
N VAL FA 107 -84.57 4.86 -21.94
CA VAL FA 107 -84.86 4.32 -23.26
C VAL FA 107 -85.84 3.15 -23.15
N ALA FA 108 -85.63 2.28 -22.17
CA ALA FA 108 -86.56 1.18 -21.94
C ALA FA 108 -87.94 1.70 -21.55
N ASN FA 109 -88.00 2.75 -20.73
CA ASN FA 109 -89.26 3.35 -20.34
C ASN FA 109 -89.97 3.97 -21.55
N LEU FA 110 -89.21 4.48 -22.52
CA LEU FA 110 -89.84 4.99 -23.73
C LEU FA 110 -90.34 3.87 -24.62
N ILE FA 111 -89.62 2.74 -24.64
CA ILE FA 111 -90.17 1.53 -25.27
C ILE FA 111 -91.52 1.20 -24.65
N ASP FA 112 -91.58 1.19 -23.33
CA ASP FA 112 -92.82 0.85 -22.62
C ASP FA 112 -93.90 1.90 -22.85
N ALA FA 113 -93.51 3.18 -22.94
CA ALA FA 113 -94.49 4.25 -23.13
C ALA FA 113 -95.10 4.19 -24.52
N ILE FA 114 -94.28 3.92 -25.54
CA ILE FA 114 -94.81 3.69 -26.88
C ILE FA 114 -95.70 2.45 -26.88
N ALA FA 115 -95.32 1.44 -26.10
CA ALA FA 115 -96.14 0.24 -25.98
C ALA FA 115 -97.39 0.47 -25.13
N GLY FA 116 -97.51 1.61 -24.47
CA GLY FA 116 -98.70 1.95 -23.70
C GLY FA 116 -98.73 1.42 -22.28
N GLU FA 117 -97.73 0.65 -21.85
CA GLU FA 117 -97.73 0.11 -20.50
C GLU FA 117 -96.28 -0.16 -20.08
N VAL FA 118 -96.02 0.01 -18.78
CA VAL FA 118 -94.68 -0.18 -18.26
C VAL FA 118 -94.27 -1.64 -18.41
N GLY FA 119 -92.99 -1.86 -18.73
CA GLY FA 119 -92.45 -3.20 -18.86
C GLY FA 119 -93.01 -4.00 -20.03
N SER FA 120 -93.13 -3.39 -21.20
CA SER FA 120 -93.60 -4.06 -22.41
C SER FA 120 -92.48 -4.13 -23.43
N SER FA 121 -92.82 -4.62 -24.63
CA SER FA 121 -91.84 -4.90 -25.67
C SER FA 121 -92.15 -4.10 -26.94
N LEU FA 122 -91.22 -4.20 -27.89
CA LEU FA 122 -91.40 -3.52 -29.17
C LEU FA 122 -92.59 -4.10 -29.94
N ALA FA 123 -92.93 -5.36 -29.69
CA ALA FA 123 -94.14 -5.93 -30.30
C ALA FA 123 -95.37 -5.19 -29.81
N ASP FA 124 -95.45 -4.93 -28.50
CA ASP FA 124 -96.54 -4.12 -27.99
C ASP FA 124 -96.47 -2.68 -28.50
N ALA FA 125 -95.27 -2.16 -28.69
CA ALA FA 125 -95.12 -0.81 -29.24
C ALA FA 125 -95.71 -0.72 -30.64
N ILE FA 126 -95.37 -1.67 -31.51
CA ILE FA 126 -95.90 -1.64 -32.87
C ILE FA 126 -97.39 -1.99 -32.88
N ALA FA 127 -97.85 -2.81 -31.93
CA ALA FA 127 -99.28 -3.05 -31.82
C ALA FA 127 -100.03 -1.76 -31.48
N LYS FA 128 -99.50 -0.97 -30.54
CA LYS FA 128 -100.10 0.32 -30.24
C LYS FA 128 -100.03 1.26 -31.43
N LEU FA 129 -98.93 1.21 -32.18
CA LEU FA 129 -98.83 2.01 -33.39
C LEU FA 129 -99.93 1.63 -34.38
N ALA FA 130 -100.21 0.33 -34.49
CA ALA FA 130 -101.32 -0.12 -35.34
C ALA FA 130 -102.66 0.36 -34.81
N THR FA 131 -102.86 0.33 -33.49
CA THR FA 131 -104.12 0.79 -32.91
C THR FA 131 -104.30 2.28 -33.09
N PHE FA 132 -103.21 3.03 -33.25
CA PHE FA 132 -103.30 4.46 -33.55
C PHE FA 132 -104.08 4.66 -34.84
N LEU FA 133 -105.06 5.57 -34.80
CA LEU FA 133 -105.94 5.82 -35.94
C LEU FA 133 -105.57 7.15 -36.58
N THR FA 134 -105.26 7.12 -37.88
CA THR FA 134 -104.84 8.29 -38.62
C THR FA 134 -106.00 8.81 -39.47
N GLU FA 135 -105.74 9.83 -40.29
CA GLU FA 135 -106.76 10.37 -41.17
C GLU FA 135 -107.22 9.33 -42.18
N LEU FA 136 -106.28 8.57 -42.74
CA LEU FA 136 -106.60 7.55 -43.72
C LEU FA 136 -107.16 6.27 -43.10
N SER FA 137 -107.09 6.12 -41.78
CA SER FA 137 -107.54 4.90 -41.14
C SER FA 137 -109.07 4.84 -41.14
N PRO FA 138 -109.64 3.65 -41.26
CA PRO FA 138 -111.10 3.52 -41.13
C PRO FA 138 -111.55 3.86 -39.72
N LEU FA 139 -112.77 4.35 -39.60
CA LEU FA 139 -113.28 4.86 -38.34
C LEU FA 139 -114.56 4.13 -37.98
N ASN FA 140 -114.59 3.56 -36.78
CA ASN FA 140 -115.75 2.80 -36.33
C ASN FA 140 -116.91 3.72 -35.99
N ALA FA 141 -118.12 3.33 -36.43
CA ALA FA 141 -119.34 4.02 -36.08
C ALA FA 141 -120.03 3.38 -34.88
N GLY FA 142 -119.25 2.83 -33.96
CA GLY FA 142 -119.77 2.11 -32.81
C GLY FA 142 -120.78 2.90 -31.99
N MET FA 143 -120.34 3.98 -31.35
CA MET FA 143 -121.23 4.80 -30.54
C MET FA 143 -121.41 6.19 -31.11
N LEU FA 144 -120.32 6.94 -31.33
CA LEU FA 144 -120.37 8.32 -31.78
C LEU FA 144 -121.26 9.16 -30.87
N PHE FA 145 -120.83 9.26 -29.61
CA PHE FA 145 -121.64 9.92 -28.59
C PHE FA 145 -121.88 11.38 -28.95
N GLY FA 146 -123.10 11.85 -28.70
CA GLY FA 146 -123.50 13.19 -29.03
C GLY FA 146 -124.62 13.21 -30.06
N LEU FA 147 -124.67 14.30 -30.82
CA LEU FA 147 -125.68 14.46 -31.87
C LEU FA 147 -125.01 15.04 -33.10
N ILE FA 148 -125.38 14.53 -34.26
CA ILE FA 148 -124.83 14.99 -35.53
C ILE FA 148 -125.66 16.16 -36.03
N GLY FA 149 -124.98 17.20 -36.51
CA GLY FA 149 -125.68 18.38 -36.96
C GLY FA 149 -126.53 18.12 -38.18
N THR FA 150 -127.58 18.93 -38.34
CA THR FA 150 -128.50 18.76 -39.45
C THR FA 150 -127.82 19.02 -40.78
N ASN FA 151 -126.98 20.05 -40.86
CA ASN FA 151 -126.35 20.43 -42.12
C ASN FA 151 -125.42 19.35 -42.65
N HIS FA 152 -125.02 18.39 -41.81
CA HIS FA 152 -124.14 17.32 -42.24
C HIS FA 152 -124.89 16.11 -42.80
N LEU FA 153 -126.22 16.14 -42.80
CA LEU FA 153 -127.01 15.04 -43.34
C LEU FA 153 -127.58 15.47 -44.69
N PRO FA 154 -127.02 14.99 -45.80
CA PRO FA 154 -127.43 15.51 -47.11
C PRO FA 154 -128.67 14.83 -47.69
N LEU FA 155 -128.88 13.56 -47.37
CA LEU FA 155 -129.96 12.82 -48.00
C LEU FA 155 -130.35 11.65 -47.10
N LEU FA 156 -131.65 11.47 -46.91
CA LEU FA 156 -132.20 10.43 -46.07
C LEU FA 156 -132.70 9.29 -46.94
N SER FA 157 -133.38 8.33 -46.33
CA SER FA 157 -133.98 7.21 -47.04
C SER FA 157 -135.46 7.14 -46.69
N VAL FA 158 -136.32 7.34 -47.71
CA VAL FA 158 -137.76 7.35 -47.50
C VAL FA 158 -138.21 6.01 -46.94
N SER FA 159 -137.63 4.90 -47.42
CA SER FA 159 -137.94 3.60 -46.85
C SER FA 159 -137.48 3.52 -45.40
N HIS FA 160 -136.30 4.06 -45.10
CA HIS FA 160 -135.81 4.02 -43.73
C HIS FA 160 -136.66 4.85 -42.79
N ILE FA 161 -137.43 5.81 -43.32
CA ILE FA 161 -138.34 6.58 -42.46
C ILE FA 161 -139.34 5.64 -41.82
N ALA FA 162 -139.54 5.78 -40.52
CA ALA FA 162 -140.46 4.93 -39.77
C ALA FA 162 -140.82 5.65 -38.48
N ASN FA 163 -141.46 4.92 -37.55
CA ASN FA 163 -142.02 5.51 -36.33
C ASN FA 163 -141.24 5.02 -35.11
N ILE FA 164 -140.30 5.84 -34.65
CA ILE FA 164 -139.54 5.60 -33.43
C ILE FA 164 -139.34 6.93 -32.71
N ASN FA 165 -139.47 6.91 -31.38
CA ASN FA 165 -139.22 8.06 -30.53
C ASN FA 165 -138.10 7.71 -29.57
N PRO FA 166 -136.86 8.00 -29.91
CA PRO FA 166 -135.73 7.68 -29.03
C PRO FA 166 -135.37 8.84 -28.11
N GLU FA 167 -134.46 8.56 -27.19
CA GLU FA 167 -133.96 9.59 -26.29
C GLU FA 167 -133.11 10.60 -27.05
N LEU FA 168 -132.93 11.77 -26.46
CA LEU FA 168 -132.17 12.84 -27.07
C LEU FA 168 -130.89 13.15 -26.29
N LEU FA 169 -131.01 13.42 -25.00
CA LEU FA 169 -129.84 13.75 -24.19
C LEU FA 169 -128.93 12.54 -24.04
N VAL FA 170 -127.63 12.77 -24.13
CA VAL FA 170 -126.64 11.70 -24.06
C VAL FA 170 -126.31 11.43 -22.60
N ASN FA 171 -126.43 10.16 -22.20
CA ASN FA 171 -126.25 9.75 -20.80
C ASN FA 171 -127.22 10.50 -19.88
N ALA FA 172 -128.50 10.37 -20.21
CA ALA FA 172 -129.54 11.11 -19.49
C ALA FA 172 -129.74 10.59 -18.08
N GLY FA 173 -129.35 9.34 -17.82
CA GLY FA 173 -129.51 8.78 -16.50
C GLY FA 173 -128.45 9.16 -15.50
N PHE FA 174 -127.47 9.98 -15.91
CA PHE FA 174 -126.37 10.40 -15.05
C PHE FA 174 -125.60 9.18 -14.51
N ASP FA 175 -125.58 8.10 -15.28
CA ASP FA 175 -124.89 6.89 -14.88
C ASP FA 175 -123.38 7.00 -15.00
N SER FA 176 -122.87 8.08 -15.56
CA SER FA 176 -121.43 8.27 -15.69
C SER FA 176 -121.00 9.62 -15.13
N ASP FA 177 -119.74 9.99 -15.36
CA ASP FA 177 -119.22 11.27 -14.90
C ASP FA 177 -119.50 12.41 -15.87
N VAL FA 178 -120.05 12.12 -17.05
CA VAL FA 178 -120.32 13.16 -18.03
C VAL FA 178 -121.55 13.96 -17.61
N SER FA 179 -121.59 15.23 -18.02
CA SER FA 179 -122.65 16.22 -17.79
C SER FA 179 -122.64 16.79 -16.39
N VAL FA 180 -121.69 16.39 -15.53
CA VAL FA 180 -121.60 16.94 -14.19
C VAL FA 180 -120.17 17.40 -13.93
N VAL FA 181 -119.42 17.62 -15.01
CA VAL FA 181 -118.00 17.96 -14.89
C VAL FA 181 -117.86 19.38 -14.35
N ASP FA 182 -116.79 19.59 -13.58
CA ASP FA 182 -116.38 20.90 -13.04
C ASP FA 182 -117.55 21.66 -12.42
N ASN FA 183 -118.36 20.96 -11.64
CA ASN FA 183 -119.51 21.55 -10.97
C ASN FA 183 -119.36 21.43 -9.46
N PRO FA 184 -118.98 22.51 -8.76
CA PRO FA 184 -118.93 22.43 -7.29
C PRO FA 184 -120.30 22.22 -6.65
N TYR FA 185 -121.39 22.50 -7.35
CA TYR FA 185 -122.71 22.32 -6.79
C TYR FA 185 -123.18 20.87 -6.91
N TRP FA 186 -123.17 20.33 -8.12
CA TRP FA 186 -123.64 18.99 -8.41
C TRP FA 186 -122.47 18.08 -8.72
N ASP FA 187 -122.52 16.85 -8.19
CA ASP FA 187 -121.49 15.87 -8.47
C ASP FA 187 -122.13 14.52 -8.77
N TRP FA 188 -121.39 13.71 -9.53
CA TRP FA 188 -121.85 12.37 -9.87
C TRP FA 188 -121.84 11.48 -8.63
N ASP FA 189 -122.91 10.71 -8.44
CA ASP FA 189 -123.06 9.81 -7.31
C ASP FA 189 -123.26 8.39 -7.81
N GLY FA 190 -122.54 7.45 -7.22
CA GLY FA 190 -122.66 6.05 -7.56
C GLY FA 190 -123.44 5.22 -6.56
N THR FA 191 -124.06 5.83 -5.56
CA THR FA 191 -124.78 5.08 -4.54
C THR FA 191 -126.28 5.33 -4.52
N VAL FA 192 -126.77 6.39 -5.17
CA VAL FA 192 -128.19 6.68 -5.24
C VAL FA 192 -128.60 6.68 -6.71
N GLY FA 193 -129.57 5.83 -7.05
CA GLY FA 193 -130.04 5.74 -8.42
C GLY FA 193 -131.05 4.63 -8.63
N ARG FA 194 -131.96 4.83 -9.59
CA ARG FA 194 -132.96 3.79 -9.87
C ARG FA 194 -132.35 2.63 -10.62
N THR FA 195 -131.49 2.90 -11.60
CA THR FA 195 -130.91 1.87 -12.45
C THR FA 195 -129.40 1.81 -12.23
N ALA FA 196 -128.80 0.71 -12.68
CA ALA FA 196 -127.37 0.51 -12.53
C ALA FA 196 -126.60 1.56 -13.33
N PRO FA 197 -125.45 2.02 -12.84
CA PRO FA 197 -124.80 1.63 -11.57
C PRO FA 197 -125.21 2.52 -10.41
N LEU FA 198 -126.52 2.80 -10.29
CA LEU FA 198 -127.05 3.65 -9.21
C LEU FA 198 -126.37 5.02 -9.21
N GLY FA 199 -126.18 5.58 -10.40
CA GLY FA 199 -125.55 6.88 -10.55
C GLY FA 199 -126.57 7.95 -10.83
N ALA FA 200 -126.45 9.07 -10.10
CA ALA FA 200 -127.35 10.20 -10.26
C ALA FA 200 -126.58 11.46 -9.93
N VAL FA 201 -127.30 12.56 -9.73
CA VAL FA 201 -126.71 13.87 -9.44
C VAL FA 201 -126.96 14.19 -7.97
N LYS FA 202 -125.91 14.56 -7.27
CA LYS FA 202 -125.96 14.89 -5.85
C LYS FA 202 -125.65 16.37 -5.67
N VAL FA 203 -126.37 17.01 -4.76
CA VAL FA 203 -126.22 18.44 -4.52
C VAL FA 203 -126.39 18.72 -3.03
N VAL FA 204 -125.70 19.74 -2.56
CA VAL FA 204 -125.80 20.21 -1.18
C VAL FA 204 -126.40 21.61 -1.23
N ALA FA 205 -127.72 21.69 -1.03
CA ALA FA 205 -128.40 22.98 -1.14
C ALA FA 205 -128.10 23.85 0.08
N ASP FA 206 -127.00 24.59 0.02
CA ASP FA 206 -126.56 25.43 1.13
C ASP FA 206 -127.32 26.75 1.16
N GLY FA 207 -128.65 26.68 1.12
CA GLY FA 207 -129.46 27.88 1.24
C GLY FA 207 -129.45 28.79 0.03
N THR FA 208 -129.02 28.31 -1.13
CA THR FA 208 -128.76 29.18 -2.27
C THR FA 208 -129.40 28.61 -3.53
N ILE FA 209 -129.23 29.36 -4.63
CA ILE FA 209 -129.61 28.87 -5.94
C ILE FA 209 -128.77 27.65 -6.32
N LYS FA 210 -129.35 26.76 -7.11
CA LYS FA 210 -128.64 25.61 -7.62
C LYS FA 210 -128.96 25.44 -9.10
N ASP FA 211 -127.93 25.22 -9.91
CA ASP FA 211 -128.07 25.15 -11.35
C ASP FA 211 -127.40 23.90 -11.88
N LEU FA 212 -128.00 23.31 -12.92
CA LEU FA 212 -127.42 22.13 -13.56
C LEU FA 212 -127.80 22.12 -15.04
N LEU FA 213 -126.82 21.85 -15.89
CA LEU FA 213 -126.98 21.82 -17.32
C LEU FA 213 -126.63 20.45 -17.87
N SER FA 214 -126.85 20.28 -19.17
CA SER FA 214 -126.56 19.02 -19.85
C SER FA 214 -125.20 19.08 -20.50
N GLY FA 215 -124.37 18.07 -20.26
CA GLY FA 215 -123.05 17.98 -20.81
C GLY FA 215 -123.02 18.01 -22.33
N PRO FA 216 -123.86 17.19 -22.97
CA PRO FA 216 -124.02 17.32 -24.43
C PRO FA 216 -124.52 18.70 -24.80
N ASP FA 217 -124.14 19.15 -25.99
CA ASP FA 217 -124.45 20.50 -26.43
C ASP FA 217 -125.94 20.62 -26.74
N ALA FA 218 -126.33 21.78 -27.26
CA ALA FA 218 -127.74 22.10 -27.43
C ALA FA 218 -128.44 21.12 -28.36
N ILE FA 219 -129.62 20.66 -27.94
CA ILE FA 219 -130.45 19.80 -28.77
C ILE FA 219 -131.17 20.68 -29.78
N PRO FA 220 -131.05 20.40 -31.08
CA PRO FA 220 -131.72 21.26 -32.06
C PRO FA 220 -133.23 21.03 -32.07
N VAL FA 221 -133.99 22.12 -32.06
CA VAL FA 221 -135.44 22.09 -32.09
C VAL FA 221 -135.92 23.17 -33.07
N VAL FA 222 -137.16 23.01 -33.53
CA VAL FA 222 -137.78 23.96 -34.45
C VAL FA 222 -139.22 24.20 -33.97
N GLU FA 223 -139.95 25.02 -34.74
CA GLU FA 223 -141.34 25.30 -34.42
C GLU FA 223 -142.17 24.03 -34.50
N GLY FA 224 -143.25 24.00 -33.73
CA GLY FA 224 -144.05 22.78 -33.64
C GLY FA 224 -143.25 21.66 -33.01
N GLN FA 225 -143.36 20.47 -33.60
CA GLN FA 225 -142.62 19.28 -33.18
C GLN FA 225 -142.65 19.11 -31.66
N LYS FA 226 -143.83 18.85 -31.13
CA LYS FA 226 -144.06 18.75 -29.69
C LYS FA 226 -143.03 17.86 -29.01
N LEU FA 227 -142.70 18.20 -27.77
CA LEU FA 227 -141.71 17.47 -26.99
C LEU FA 227 -142.30 17.06 -25.65
N ASN FA 228 -141.78 15.97 -25.09
CA ASN FA 228 -142.14 15.54 -23.75
C ASN FA 228 -140.89 15.40 -22.91
N VAL FA 229 -140.91 16.00 -21.71
CA VAL FA 229 -139.79 15.97 -20.78
C VAL FA 229 -140.26 15.28 -19.51
N SER FA 230 -139.59 14.19 -19.15
CA SER FA 230 -139.92 13.43 -17.95
C SER FA 230 -138.65 13.16 -17.15
N ALA FA 231 -138.80 13.13 -15.83
CA ALA FA 231 -137.67 12.89 -14.95
C ALA FA 231 -138.16 12.44 -13.58
N TRP FA 232 -137.43 11.51 -12.97
CA TRP FA 232 -137.70 11.07 -11.61
C TRP FA 232 -136.83 11.89 -10.66
N LEU FA 233 -137.48 12.69 -9.81
CA LEU FA 233 -136.80 13.51 -8.82
C LEU FA 233 -136.96 12.91 -7.44
N LYS FA 234 -135.96 13.14 -6.59
CA LYS FA 234 -135.99 12.67 -5.21
C LYS FA 234 -135.25 13.68 -4.35
N TYR FA 235 -135.77 13.96 -3.17
CA TYR FA 235 -135.11 14.87 -2.24
C TYR FA 235 -135.09 14.25 -0.85
N SER FA 236 -133.95 14.36 -0.18
CA SER FA 236 -133.76 13.83 1.15
C SER FA 236 -133.10 14.89 2.03
N GLY FA 237 -133.57 14.96 3.29
CA GLY FA 237 -133.05 15.95 4.21
C GLY FA 237 -133.29 17.38 3.76
N LEU FA 238 -134.39 17.64 3.07
CA LEU FA 238 -134.63 18.94 2.48
C LEU FA 238 -134.88 19.97 3.57
N VAL FA 239 -133.88 20.82 3.81
CA VAL FA 239 -134.05 21.94 4.73
C VAL FA 239 -134.64 23.16 4.01
N ALA FA 240 -134.92 23.03 2.71
CA ALA FA 240 -135.50 24.13 1.95
C ALA FA 240 -136.81 24.58 2.57
N GLY FA 241 -136.96 25.90 2.69
CA GLY FA 241 -138.18 26.44 3.27
C GLY FA 241 -139.39 26.03 2.47
N ALA FA 242 -140.47 25.69 3.18
CA ALA FA 242 -141.70 25.25 2.55
C ALA FA 242 -142.34 26.45 1.85
N GLY FA 243 -142.13 26.55 0.55
CA GLY FA 243 -142.67 27.65 -0.21
C GLY FA 243 -142.71 27.33 -1.68
N ALA FA 244 -142.81 28.39 -2.48
CA ALA FA 244 -142.89 28.25 -3.94
C ALA FA 244 -141.50 28.32 -4.55
N GLY FA 245 -141.17 27.35 -5.38
CA GLY FA 245 -139.88 27.31 -6.04
C GLY FA 245 -139.16 25.99 -5.87
N SER FA 246 -137.90 26.05 -5.46
CA SER FA 246 -137.06 24.87 -5.23
C SER FA 246 -136.93 24.12 -6.55
N ILE FA 247 -137.43 22.90 -6.67
CA ILE FA 247 -137.15 22.07 -7.84
C ILE FA 247 -137.90 22.60 -9.05
N ARG FA 248 -137.18 22.83 -10.14
CA ARG FA 248 -137.76 23.21 -11.43
C ARG FA 248 -136.98 22.50 -12.53
N LEU FA 249 -137.67 21.64 -13.26
CA LEU FA 249 -137.10 20.94 -14.42
C LEU FA 249 -137.59 21.66 -15.67
N SER FA 250 -136.73 22.52 -16.22
CA SER FA 250 -137.16 23.38 -17.32
C SER FA 250 -136.24 23.22 -18.52
N GLY FA 251 -136.38 24.11 -19.49
CA GLY FA 251 -135.55 24.06 -20.68
C GLY FA 251 -134.90 25.41 -20.96
N THR FA 252 -133.66 25.36 -21.42
CA THR FA 252 -132.94 26.54 -21.90
C THR FA 252 -133.03 26.56 -23.42
N ALA FA 253 -133.84 27.46 -23.96
CA ALA FA 253 -134.09 27.53 -25.39
C ALA FA 253 -133.22 28.64 -25.96
N TYR FA 254 -132.10 28.25 -26.58
CA TYR FA 254 -131.23 29.19 -27.25
C TYR FA 254 -131.76 29.51 -28.64
N SER FA 255 -131.65 30.78 -29.02
CA SER FA 255 -132.10 31.24 -30.33
C SER FA 255 -131.05 30.86 -31.37
N ALA FA 256 -131.17 31.44 -32.58
CA ALA FA 256 -130.23 31.12 -33.65
C ALA FA 256 -128.80 31.46 -33.25
N ASP FA 257 -128.61 32.59 -32.60
CA ASP FA 257 -127.28 32.98 -32.12
C ASP FA 257 -126.96 32.42 -30.74
N GLY FA 258 -127.93 31.78 -30.08
CA GLY FA 258 -127.68 31.20 -28.77
C GLY FA 258 -128.10 32.08 -27.62
N GLU FA 259 -129.32 32.61 -27.69
CA GLU FA 259 -129.85 33.51 -26.68
C GLU FA 259 -131.05 32.86 -26.00
N VAL FA 260 -131.06 32.87 -24.67
CA VAL FA 260 -132.19 32.33 -23.92
C VAL FA 260 -133.42 33.18 -24.19
N VAL FA 261 -134.57 32.52 -24.28
CA VAL FA 261 -135.84 33.20 -24.56
C VAL FA 261 -136.81 33.06 -23.39
N ALA FA 262 -136.83 31.92 -22.72
CA ALA FA 262 -137.78 31.69 -21.63
C ALA FA 262 -137.25 30.57 -20.75
N TYR FA 263 -138.00 30.28 -19.69
CA TYR FA 263 -137.68 29.19 -18.76
C TYR FA 263 -138.90 28.29 -18.63
N PRO FA 264 -139.25 27.55 -19.68
CA PRO FA 264 -140.45 26.73 -19.63
C PRO FA 264 -140.32 25.52 -18.71
N ASP FA 265 -140.99 25.58 -17.57
CA ASP FA 265 -140.93 24.50 -16.59
C ASP FA 265 -141.97 23.44 -16.92
N PHE FA 266 -141.54 22.19 -17.02
CA PHE FA 266 -142.42 21.07 -17.34
C PHE FA 266 -142.64 20.12 -16.17
N GLY FA 267 -142.10 20.43 -15.00
CA GLY FA 267 -142.28 19.57 -13.85
C GLY FA 267 -141.54 20.12 -12.65
N GLY FA 268 -141.64 19.38 -11.56
CA GLY FA 268 -141.03 19.75 -10.31
C GLY FA 268 -142.02 19.69 -9.16
N ILE FA 269 -141.52 20.00 -7.98
CA ILE FA 269 -142.33 19.97 -6.76
C ILE FA 269 -143.25 21.18 -6.73
N PRO FA 270 -144.45 21.06 -6.16
CA PRO FA 270 -145.32 22.23 -6.00
C PRO FA 270 -144.84 23.14 -4.89
N ASP FA 271 -145.64 24.16 -4.56
CA ASP FA 271 -145.28 25.09 -3.50
C ASP FA 271 -145.27 24.37 -2.15
N GLY FA 272 -144.84 25.09 -1.12
CA GLY FA 272 -144.62 24.48 0.18
C GLY FA 272 -143.52 23.45 0.13
N ALA FA 273 -142.40 23.82 -0.49
CA ALA FA 273 -141.31 22.89 -0.79
C ALA FA 273 -140.56 22.54 0.48
N SER FA 274 -140.91 21.41 1.10
CA SER FA 274 -140.18 20.88 2.23
C SER FA 274 -140.54 19.42 2.40
N GLY FA 275 -139.69 18.70 3.13
CA GLY FA 275 -139.94 17.31 3.46
C GLY FA 275 -139.01 16.35 2.73
N THR FA 276 -139.45 15.10 2.66
CA THR FA 276 -138.68 14.04 2.03
C THR FA 276 -139.62 13.17 1.20
N SER FA 277 -139.11 12.65 0.09
CA SER FA 277 -139.89 11.78 -0.77
C SER FA 277 -138.95 10.86 -1.54
N ASP FA 278 -139.52 9.82 -2.13
CA ASP FA 278 -138.77 8.87 -2.94
C ASP FA 278 -138.84 9.34 -4.40
N TRP FA 279 -138.40 8.49 -5.33
CA TRP FA 279 -138.46 8.81 -6.75
C TRP FA 279 -139.88 9.12 -7.20
N THR FA 280 -140.13 10.36 -7.62
CA THR FA 280 -141.42 10.76 -8.17
C THR FA 280 -141.19 11.32 -9.56
N GLN FA 281 -141.99 10.87 -10.52
CA GLN FA 281 -141.80 11.27 -11.91
C GLN FA 281 -142.63 12.50 -12.22
N VAL FA 282 -141.98 13.51 -12.79
CA VAL FA 282 -142.66 14.69 -13.33
C VAL FA 282 -142.51 14.66 -14.85
N THR FA 283 -143.62 14.87 -15.54
CA THR FA 283 -143.68 14.82 -16.99
C THR FA 283 -144.43 16.03 -17.51
N GLY FA 284 -143.92 16.64 -18.57
CA GLY FA 284 -144.51 17.84 -19.12
C GLY FA 284 -144.39 17.88 -20.62
N GLN FA 285 -145.32 18.60 -21.26
CA GLN FA 285 -145.35 18.76 -22.70
C GLN FA 285 -144.89 20.17 -23.06
N TYR FA 286 -144.07 20.26 -24.12
CA TYR FA 286 -143.53 21.53 -24.57
C TYR FA 286 -143.87 21.73 -26.04
N VAL FA 287 -144.38 22.92 -26.36
CA VAL FA 287 -144.60 23.35 -27.73
C VAL FA 287 -143.63 24.50 -28.00
N VAL FA 288 -142.78 24.33 -28.99
CA VAL FA 288 -141.72 25.30 -29.26
C VAL FA 288 -142.29 26.50 -30.02
N PRO FA 289 -142.13 27.70 -29.50
CA PRO FA 289 -142.57 28.89 -30.26
C PRO FA 289 -141.61 29.19 -31.40
N ALA FA 290 -142.01 30.13 -32.24
CA ALA FA 290 -141.23 30.49 -33.41
C ALA FA 290 -139.92 31.17 -32.99
N GLY FA 291 -138.96 31.14 -33.91
CA GLY FA 291 -137.66 31.76 -33.65
C GLY FA 291 -136.85 31.09 -32.57
N VAL FA 292 -136.97 29.78 -32.42
CA VAL FA 292 -136.19 29.00 -31.46
C VAL FA 292 -135.56 27.83 -32.19
N THR FA 293 -134.25 27.65 -32.00
CA THR FA 293 -133.51 26.66 -32.75
C THR FA 293 -132.75 25.65 -31.91
N GLN FA 294 -132.27 26.05 -30.72
CA GLN FA 294 -131.47 25.17 -29.89
C GLN FA 294 -132.15 24.95 -28.55
N PHE FA 295 -132.03 23.74 -28.01
CA PHE FA 295 -132.66 23.40 -26.74
C PHE FA 295 -131.69 22.66 -25.85
N ARG FA 296 -131.72 22.95 -24.55
CA ARG FA 296 -130.96 22.23 -23.55
C ARG FA 296 -131.85 21.98 -22.35
N LEU FA 297 -131.51 20.96 -21.57
CA LEU FA 297 -132.25 20.64 -20.35
C LEU FA 297 -131.66 21.45 -19.19
N ARG FA 298 -132.53 22.16 -18.48
CA ARG FA 298 -132.14 23.03 -17.37
C ARG FA 298 -132.69 22.48 -16.07
N LEU FA 299 -131.87 22.44 -15.04
CA LEU FA 299 -132.28 22.02 -13.71
C LEU FA 299 -132.00 23.18 -12.75
N SER FA 300 -133.04 23.68 -12.11
CA SER FA 300 -132.90 24.87 -11.27
C SER FA 300 -133.60 24.65 -9.94
N VAL FA 301 -132.83 24.71 -8.86
CA VAL FA 301 -133.38 24.76 -7.51
C VAL FA 301 -133.33 26.22 -7.08
N ARG FA 302 -134.51 26.81 -6.90
CA ARG FA 302 -134.64 28.24 -6.72
C ARG FA 302 -133.88 28.72 -5.48
N GLU FA 303 -133.53 30.00 -5.48
CA GLU FA 303 -132.66 30.57 -4.45
C GLU FA 303 -133.29 30.53 -3.07
N ASN FA 304 -134.62 30.47 -2.98
CA ASN FA 304 -135.27 30.49 -1.67
C ASN FA 304 -135.09 29.18 -0.90
N ALA FA 305 -134.52 28.15 -1.52
CA ALA FA 305 -134.25 26.91 -0.83
C ALA FA 305 -133.18 27.11 0.24
N THR FA 306 -133.19 26.23 1.24
CA THR FA 306 -132.29 26.35 2.39
C THR FA 306 -131.65 25.02 2.82
N GLY FA 307 -131.63 24.02 1.96
CA GLY FA 307 -130.91 22.79 2.29
C GLY FA 307 -131.58 21.57 1.70
N GLY FA 308 -130.86 20.47 1.77
CA GLY FA 308 -131.32 19.19 1.26
C GLY FA 308 -130.38 18.63 0.20
N THR FA 309 -130.60 17.36 -0.12
CA THR FA 309 -129.86 16.67 -1.17
C THR FA 309 -130.85 16.11 -2.16
N VAL FA 310 -130.70 16.47 -3.43
CA VAL FA 310 -131.67 16.16 -4.46
C VAL FA 310 -130.99 15.37 -5.57
N TRP FA 311 -131.65 14.29 -5.99
CA TRP FA 311 -131.21 13.48 -7.11
C TRP FA 311 -132.24 13.52 -8.23
N PHE FA 312 -131.75 13.38 -9.46
CA PHE FA 312 -132.59 13.26 -10.64
C PHE FA 312 -132.12 12.08 -11.47
N ASP FA 313 -133.07 11.36 -12.06
CA ASP FA 313 -132.74 10.18 -12.84
C ASP FA 313 -133.78 9.96 -13.93
N ASP FA 314 -133.46 9.04 -14.83
CA ASP FA 314 -134.35 8.66 -15.93
C ASP FA 314 -134.81 9.87 -16.72
N CYS FA 315 -133.87 10.80 -16.97
CA CYS FA 315 -134.18 11.96 -17.78
C CYS FA 315 -134.58 11.53 -19.18
N SER FA 316 -135.65 12.11 -19.70
CA SER FA 316 -136.14 11.76 -21.02
C SER FA 316 -136.76 13.02 -21.64
N VAL FA 317 -135.97 13.70 -22.45
CA VAL FA 317 -136.45 14.82 -23.26
C VAL FA 317 -136.55 14.29 -24.68
N LYS FA 318 -137.76 13.98 -25.12
CA LYS FA 318 -137.97 13.34 -26.40
C LYS FA 318 -138.84 14.19 -27.30
N LYS FA 319 -138.66 14.01 -28.61
CA LYS FA 319 -139.58 14.56 -29.60
C LYS FA 319 -140.64 13.51 -29.90
N ALA FA 320 -141.90 13.90 -29.79
CA ALA FA 320 -143.03 12.98 -29.98
C ALA FA 320 -143.98 13.55 -31.02
N GLY FA 321 -145.01 12.77 -31.34
CA GLY FA 321 -145.98 13.18 -32.33
C GLY FA 321 -145.84 12.42 -33.63
N LEU FA 322 -146.28 13.04 -34.73
CA LEU FA 322 -146.22 12.42 -36.05
C LEU FA 322 -145.74 13.47 -37.04
N LEU FA 323 -145.80 13.12 -38.33
CA LEU FA 323 -145.41 14.07 -39.36
C LEU FA 323 -146.37 15.25 -39.37
N PRO FA 324 -145.89 16.48 -39.21
CA PRO FA 324 -146.79 17.64 -39.25
C PRO FA 324 -147.54 17.73 -40.58
N GLN FA 325 -148.78 18.20 -40.50
CA GLN FA 325 -149.64 18.23 -41.67
C GLN FA 325 -149.08 19.12 -42.77
N GLY FA 326 -148.56 20.29 -42.40
CA GLY FA 326 -148.05 21.22 -43.38
C GLY FA 326 -146.64 20.93 -43.86
N LEU FA 327 -146.36 19.67 -44.21
CA LEU FA 327 -145.06 19.29 -44.72
C LEU FA 327 -145.08 18.69 -46.12
N VAL FA 328 -146.22 18.21 -46.58
CA VAL FA 328 -146.32 17.64 -47.92
C VAL FA 328 -146.73 18.74 -48.89
N ASP FA 329 -146.26 18.62 -50.14
CA ASP FA 329 -146.43 19.68 -51.13
C ASP FA 329 -147.91 19.84 -51.46
N GLY FA 330 -148.52 20.91 -50.96
CA GLY FA 330 -149.89 21.23 -51.28
C GLY FA 330 -150.92 20.23 -50.81
N LEU FA 331 -150.54 19.28 -49.95
CA LEU FA 331 -151.52 18.31 -49.45
C LEU FA 331 -152.59 19.00 -48.62
N VAL FA 332 -152.19 19.93 -47.76
CA VAL FA 332 -153.16 20.64 -46.93
C VAL FA 332 -154.14 21.40 -47.81
N GLN FA 333 -153.63 22.11 -48.80
CA GLN FA 333 -154.50 22.87 -49.70
C GLN FA 333 -155.43 21.95 -50.46
N ALA FA 334 -154.92 20.81 -50.95
CA ALA FA 334 -155.76 19.89 -51.72
C ALA FA 334 -156.86 19.28 -50.86
N LEU FA 335 -156.52 18.85 -49.64
CA LEU FA 335 -157.52 18.26 -48.76
C LEU FA 335 -158.56 19.29 -48.37
N SER FA 336 -158.13 20.52 -48.05
CA SER FA 336 -159.07 21.57 -47.72
C SER FA 336 -159.97 21.88 -48.91
N ASP FA 337 -159.40 21.89 -50.12
CA ASP FA 337 -160.20 22.15 -51.31
C ASP FA 337 -161.25 21.08 -51.53
N LEU FA 338 -160.88 19.80 -51.34
CA LEU FA 338 -161.84 18.72 -51.51
C LEU FA 338 -162.97 18.81 -50.48
N LEU FA 339 -162.60 19.01 -49.21
CA LEU FA 339 -163.61 19.08 -48.16
C LEU FA 339 -164.54 20.28 -48.39
N THR FA 340 -163.96 21.44 -48.73
CA THR FA 340 -164.77 22.62 -48.97
C THR FA 340 -165.63 22.47 -50.21
N TRP FA 341 -165.15 21.77 -51.24
CA TRP FA 341 -165.97 21.53 -52.42
C TRP FA 341 -167.17 20.68 -52.08
N LEU FA 342 -166.97 19.60 -51.31
CA LEU FA 342 -168.11 18.78 -50.89
C LEU FA 342 -169.08 19.59 -50.04
N GLU FA 343 -168.55 20.37 -49.10
CA GLU FA 343 -169.41 21.16 -48.23
C GLU FA 343 -170.20 22.19 -49.03
N SER FA 344 -169.55 22.85 -49.98
CA SER FA 344 -170.22 23.85 -50.80
C SER FA 344 -171.26 23.21 -51.70
N LEU FA 345 -170.98 22.03 -52.25
CA LEU FA 345 -171.98 21.32 -53.04
C LEU FA 345 -173.22 21.03 -52.21
N VAL FA 346 -173.02 20.50 -51.00
CA VAL FA 346 -174.17 20.20 -50.14
C VAL FA 346 -174.93 21.47 -49.79
N ASP FA 347 -174.19 22.53 -49.43
CA ASP FA 347 -174.80 23.79 -49.05
C ASP FA 347 -175.64 24.36 -50.19
N ASN FA 348 -175.07 24.41 -51.39
CA ASN FA 348 -175.77 24.99 -52.53
C ASN FA 348 -176.98 24.15 -52.92
N VAL FA 349 -176.85 22.82 -52.90
CA VAL FA 349 -177.99 21.98 -53.24
C VAL FA 349 -179.12 22.18 -52.25
N LEU FA 350 -178.80 22.20 -50.95
CA LEU FA 350 -179.86 22.36 -49.96
C LEU FA 350 -180.48 23.75 -50.04
N SER FA 351 -179.67 24.77 -50.30
CA SER FA 351 -180.23 26.11 -50.45
C SER FA 351 -181.16 26.19 -51.66
N ALA FA 352 -180.78 25.54 -52.76
CA ALA FA 352 -181.66 25.51 -53.93
C ALA FA 352 -182.96 24.78 -53.60
N LEU FA 353 -182.88 23.66 -52.89
CA LEU FA 353 -184.08 22.92 -52.54
C LEU FA 353 -184.88 23.58 -51.43
N GLY FA 354 -184.36 24.61 -50.78
CA GLY FA 354 -185.15 25.40 -49.86
C GLY FA 354 -184.65 25.42 -48.42
N LEU FA 355 -184.20 24.28 -47.92
CA LEU FA 355 -183.77 24.20 -46.53
C LEU FA 355 -182.46 24.97 -46.32
N ASP FA 356 -182.35 25.59 -45.14
CA ASP FA 356 -181.13 26.30 -44.78
C ASP FA 356 -180.21 25.36 -44.01
N PRO FA 357 -179.03 25.03 -44.54
CA PRO FA 357 -178.15 24.05 -43.88
C PRO FA 357 -177.31 24.71 -42.79
N ILE FA 358 -177.55 24.31 -41.54
CA ILE FA 358 -176.75 24.75 -40.41
C ILE FA 358 -176.37 23.51 -39.61
N GLY FA 359 -175.08 23.36 -39.34
CA GLY FA 359 -174.59 22.21 -38.58
C GLY FA 359 -173.46 21.48 -39.25
N THR FA 360 -173.34 20.19 -38.97
CA THR FA 360 -172.28 19.38 -39.55
C THR FA 360 -172.67 18.90 -40.94
N ILE FA 361 -171.67 18.37 -41.66
CA ILE FA 361 -171.92 17.81 -42.98
C ILE FA 361 -172.86 16.61 -42.89
N VAL FA 362 -172.74 15.82 -41.82
CA VAL FA 362 -173.63 14.69 -41.63
C VAL FA 362 -175.08 15.15 -41.46
N ASP FA 363 -175.28 16.18 -40.63
CA ASP FA 363 -176.62 16.72 -40.44
C ASP FA 363 -177.18 17.31 -41.73
N LYS FA 364 -176.33 18.01 -42.48
CA LYS FA 364 -176.77 18.56 -43.76
C LYS FA 364 -177.16 17.46 -44.74
N ILE FA 365 -176.40 16.36 -44.75
CA ILE FA 365 -176.72 15.24 -45.62
C ILE FA 365 -178.05 14.61 -45.21
N LEU FA 366 -178.28 14.47 -43.90
CA LEU FA 366 -179.56 13.93 -43.43
C LEU FA 366 -180.71 14.83 -43.83
N ASP FA 367 -180.54 16.15 -43.70
CA ASP FA 367 -181.57 17.09 -44.13
C ASP FA 367 -181.81 16.99 -45.63
N LEU FA 368 -180.74 16.81 -46.40
CA LEU FA 368 -180.89 16.65 -47.85
C LEU FA 368 -181.67 15.39 -48.17
N ALA FA 369 -181.40 14.30 -47.45
CA ALA FA 369 -182.15 13.06 -47.68
C ALA FA 369 -183.62 13.26 -47.34
N ASP FA 370 -183.92 13.95 -46.24
CA ASP FA 370 -185.32 14.22 -45.90
C ASP FA 370 -185.99 15.08 -46.95
N GLU FA 371 -185.27 16.07 -47.48
CA GLU FA 371 -185.83 16.93 -48.51
C GLU FA 371 -186.12 16.14 -49.78
N PHE FA 372 -185.22 15.23 -50.16
CA PHE FA 372 -185.48 14.38 -51.31
C PHE FA 372 -186.66 13.44 -51.08
N GLY FA 373 -186.82 12.95 -49.86
CA GLY FA 373 -188.00 12.16 -49.55
C GLY FA 373 -189.28 12.95 -49.71
N ASP FA 374 -189.28 14.20 -49.23
CA ASP FA 374 -190.45 15.06 -49.45
C ASP FA 374 -190.67 15.33 -50.92
N TRP FA 375 -189.59 15.48 -51.68
CA TRP FA 375 -189.69 15.65 -53.14
C TRP FA 375 -190.38 14.45 -53.77
N LEU FA 376 -189.96 13.24 -53.39
CA LEU FA 376 -190.58 12.03 -53.91
C LEU FA 376 -192.05 11.98 -53.55
N GLY FA 377 -192.39 12.30 -52.30
CA GLY FA 377 -193.78 12.32 -51.90
C GLY FA 377 -194.59 13.29 -52.73
N ALA FA 378 -194.05 14.49 -52.95
CA ALA FA 378 -194.76 15.50 -53.72
C ALA FA 378 -194.99 15.05 -55.16
N THR FA 379 -193.95 14.54 -55.82
CA THR FA 379 -194.11 14.16 -57.21
C THR FA 379 -195.05 12.98 -57.37
N GLU FA 380 -194.95 11.99 -56.48
CA GLU FA 380 -195.84 10.84 -56.58
C GLU FA 380 -197.28 11.22 -56.28
N ASP FA 381 -197.50 12.11 -55.30
CA ASP FA 381 -198.85 12.57 -55.01
C ASP FA 381 -199.43 13.35 -56.19
N THR FA 382 -198.61 14.18 -56.84
CA THR FA 382 -199.10 14.92 -58.00
C THR FA 382 -199.46 13.98 -59.14
N ALA FA 383 -198.61 12.98 -59.41
CA ALA FA 383 -198.91 12.04 -60.48
C ALA FA 383 -200.17 11.24 -60.17
N ALA FA 384 -200.32 10.78 -58.92
CA ALA FA 384 -201.51 10.04 -58.54
C ALA FA 384 -202.75 10.90 -58.64
N ASN FA 385 -202.66 12.17 -58.22
CA ASN FA 385 -203.81 13.06 -58.33
C ASN FA 385 -204.20 13.27 -59.78
N LEU FA 386 -203.21 13.46 -60.66
CA LEU FA 386 -203.52 13.65 -62.07
C LEU FA 386 -204.18 12.41 -62.66
N SER FA 387 -203.64 11.23 -62.35
CA SER FA 387 -204.22 10.00 -62.88
C SER FA 387 -205.64 9.78 -62.34
N ASN FA 388 -205.84 10.03 -61.04
CA ASN FA 388 -207.17 9.86 -60.45
C ASN FA 388 -208.17 10.85 -61.04
N LEU FA 389 -207.75 12.10 -61.23
CA LEU FA 389 -208.64 13.08 -61.84
C LEU FA 389 -209.01 12.69 -63.26
N LEU FA 390 -208.03 12.21 -64.03
CA LEU FA 390 -208.32 11.77 -65.40
C LEU FA 390 -209.32 10.62 -65.40
N THR FA 391 -209.08 9.62 -64.54
CA THR FA 391 -209.96 8.45 -64.52
C THR FA 391 -211.37 8.83 -64.07
N LYS FA 392 -211.49 9.66 -63.03
CA LYS FA 392 -212.80 10.08 -62.55
C LYS FA 392 -213.52 10.92 -63.59
N LEU FA 393 -212.80 11.84 -64.24
CA LEU FA 393 -213.43 12.68 -65.26
C LEU FA 393 -213.88 11.85 -66.46
N LEU FA 394 -213.17 10.75 -66.75
CA LEU FA 394 -213.61 9.86 -67.81
C LEU FA 394 -214.84 9.05 -67.40
N SER FA 395 -214.81 8.48 -66.20
CA SER FA 395 -215.87 7.55 -65.80
C SER FA 395 -217.09 8.26 -65.24
N ASP FA 396 -216.93 8.96 -64.12
CA ASP FA 396 -218.03 9.64 -63.44
C ASP FA 396 -217.71 11.13 -63.32
N PRO FA 397 -218.24 11.98 -64.18
CA PRO FA 397 -217.96 13.41 -64.12
C PRO FA 397 -218.85 14.20 -63.17
N ALA FA 398 -219.77 13.55 -62.46
CA ALA FA 398 -220.70 14.28 -61.61
C ALA FA 398 -220.01 14.93 -60.42
N SER FA 399 -219.16 14.17 -59.73
CA SER FA 399 -218.54 14.69 -58.52
C SER FA 399 -217.47 15.74 -58.84
N VAL FA 400 -216.63 15.48 -59.85
CA VAL FA 400 -215.53 16.39 -60.13
C VAL FA 400 -216.04 17.71 -60.70
N ILE FA 401 -217.00 17.65 -61.62
CA ILE FA 401 -217.50 18.84 -62.31
C ILE FA 401 -218.70 19.39 -61.55
N GLY FA 402 -218.65 20.68 -61.24
CA GLY FA 402 -219.75 21.33 -60.57
C GLY FA 402 -220.87 21.69 -61.51
N PRO FA 403 -221.93 22.29 -60.95
CA PRO FA 403 -223.05 22.73 -61.78
C PRO FA 403 -222.61 23.78 -62.80
N LEU FA 404 -223.26 23.76 -63.96
CA LEU FA 404 -222.89 24.62 -65.07
C LEU FA 404 -224.13 25.23 -65.72
N ALA FA 405 -223.96 26.42 -66.29
CA ALA FA 405 -225.06 27.13 -66.90
C ALA FA 405 -225.47 26.51 -68.24
N GLN FA 406 -226.78 26.53 -68.50
CA GLN FA 406 -227.29 25.99 -69.76
C GLN FA 406 -226.64 26.66 -70.96
N SER FA 407 -226.30 27.93 -70.85
CA SER FA 407 -225.70 28.66 -71.96
C SER FA 407 -224.38 28.05 -72.41
N MET FA 408 -223.74 27.24 -71.56
CA MET FA 408 -222.51 26.58 -71.98
C MET FA 408 -222.78 25.56 -73.08
N ILE FA 409 -223.93 24.89 -73.04
CA ILE FA 409 -224.25 23.86 -74.03
C ILE FA 409 -224.62 24.54 -75.35
N THR FA 410 -224.10 24.01 -76.44
CA THR FA 410 -224.31 24.61 -77.76
C THR FA 410 -225.73 24.34 -78.23
N GLY FA 411 -226.51 25.40 -78.41
CA GLY FA 411 -227.86 25.29 -78.95
C GLY FA 411 -228.92 24.88 -77.97
N LEU FA 412 -228.56 24.60 -76.72
CA LEU FA 412 -229.55 24.19 -75.73
C LEU FA 412 -230.55 25.33 -75.47
N THR FA 413 -230.03 26.54 -75.26
CA THR FA 413 -230.90 27.69 -75.03
C THR FA 413 -231.74 27.99 -76.27
N GLY FA 414 -231.15 27.86 -77.45
CA GLY FA 414 -231.91 28.08 -78.67
C GLY FA 414 -233.05 27.10 -78.82
N ALA FA 415 -232.78 25.82 -78.55
CA ALA FA 415 -233.83 24.80 -78.66
C ALA FA 415 -234.93 25.04 -77.63
N LEU FA 416 -234.56 25.33 -76.38
CA LEU FA 416 -235.59 25.60 -75.38
C LEU FA 416 -236.40 26.83 -75.74
N GLY FA 417 -235.75 27.88 -76.25
CA GLY FA 417 -236.49 29.05 -76.68
C GLY FA 417 -237.44 28.74 -77.83
N ASN FA 418 -236.99 27.91 -78.78
CA ASN FA 418 -237.86 27.53 -79.89
C ASN FA 418 -239.09 26.77 -79.41
N LEU FA 419 -238.89 25.80 -78.51
CA LEU FA 419 -240.04 25.05 -77.99
C LEU FA 419 -240.98 25.95 -77.17
N ASN FA 420 -240.42 26.83 -76.34
CA ASN FA 420 -241.26 27.71 -75.54
C ASN FA 420 -242.05 28.66 -76.43
N THR FA 421 -241.42 29.21 -77.47
CA THR FA 421 -242.13 30.08 -78.39
C THR FA 421 -243.19 29.31 -79.17
N ALA FA 422 -242.92 28.05 -79.51
CA ALA FA 422 -243.92 27.24 -80.18
C ALA FA 422 -245.14 27.03 -79.28
N ILE FA 423 -244.90 26.72 -78.01
CA ILE FA 423 -246.01 26.53 -77.07
C ILE FA 423 -246.79 27.83 -76.90
N ASN FA 424 -246.09 28.95 -76.77
CA ASN FA 424 -246.75 30.23 -76.60
C ASN FA 424 -247.58 30.59 -77.84
N GLN FA 425 -247.04 30.32 -79.03
CA GLN FA 425 -247.78 30.59 -80.26
C GLN FA 425 -249.00 29.69 -80.36
N ILE FA 426 -248.88 28.42 -79.95
CA ILE FA 426 -250.02 27.53 -79.94
C ILE FA 426 -251.09 28.05 -79.01
N GLY FA 427 -250.70 28.54 -77.83
CA GLY FA 427 -251.67 29.12 -76.92
C GLY FA 427 -252.31 30.38 -77.48
N ASP FA 428 -251.54 31.21 -78.15
CA ASP FA 428 -252.03 32.50 -78.61
C ASP FA 428 -252.96 32.37 -79.81
N VAL FA 429 -252.65 31.47 -80.76
CA VAL FA 429 -253.41 31.41 -81.99
C VAL FA 429 -254.86 31.01 -81.71
N LEU FA 430 -255.07 30.12 -80.74
CA LEU FA 430 -256.43 29.65 -80.46
C LEU FA 430 -257.33 30.76 -79.94
N VAL FA 431 -256.77 31.87 -79.48
CA VAL FA 431 -257.58 33.01 -79.05
C VAL FA 431 -257.42 34.22 -79.97
N GLY FA 432 -256.47 34.20 -80.89
CA GLY FA 432 -256.30 35.31 -81.81
C GLY FA 432 -254.87 35.79 -81.89
N THR FA 433 -254.68 37.11 -82.02
CA THR FA 433 -253.35 37.72 -82.06
C THR FA 433 -252.46 37.04 -83.10
N VAL FA 434 -252.86 37.23 -84.36
CA VAL FA 434 -252.19 36.58 -85.48
C VAL FA 434 -250.69 36.79 -85.38
N VAL FA 435 -249.94 35.70 -85.46
CA VAL FA 435 -248.50 35.70 -85.26
C VAL FA 435 -247.85 34.89 -86.36
N THR FA 436 -246.58 35.19 -86.62
CA THR FA 436 -245.82 34.45 -87.63
C THR FA 436 -245.59 33.03 -87.15
N PRO FA 437 -246.00 32.01 -87.91
CA PRO FA 437 -245.77 30.63 -87.47
C PRO FA 437 -244.28 30.29 -87.47
N ILE FA 438 -243.93 29.35 -86.60
CA ILE FA 438 -242.54 28.92 -86.50
C ILE FA 438 -242.19 27.90 -87.57
N ASN FA 439 -243.01 26.85 -87.69
CA ASN FA 439 -242.69 25.76 -88.61
C ASN FA 439 -243.99 25.16 -89.14
N SER FA 440 -243.88 23.96 -89.72
CA SER FA 440 -245.02 23.35 -90.39
C SER FA 440 -246.15 23.05 -89.43
N ALA FA 441 -245.83 22.62 -88.20
CA ALA FA 441 -246.88 22.32 -87.23
C ALA FA 441 -247.69 23.57 -86.90
N ILE FA 442 -247.01 24.70 -86.67
CA ILE FA 442 -247.71 25.93 -86.35
C ILE FA 442 -248.50 26.42 -87.55
N SER FA 443 -247.96 26.26 -88.76
CA SER FA 443 -248.71 26.63 -89.96
C SER FA 443 -249.98 25.81 -90.10
N ASN FA 444 -249.88 24.51 -89.83
CA ASN FA 444 -251.06 23.64 -89.91
C ASN FA 444 -252.08 24.02 -88.85
N VAL FA 445 -251.62 24.39 -87.65
CA VAL FA 445 -252.53 24.84 -86.61
C VAL FA 445 -253.24 26.13 -87.04
N ILE FA 446 -252.49 27.04 -87.66
CA ILE FA 446 -253.09 28.28 -88.18
C ILE FA 446 -254.18 27.96 -89.20
N ASP FA 447 -253.88 27.04 -90.13
CA ASP FA 447 -254.85 26.70 -91.16
C ASP FA 447 -256.09 26.05 -90.55
N TRP FA 448 -255.90 25.16 -89.58
CA TRP FA 448 -257.04 24.51 -88.95
C TRP FA 448 -257.89 25.50 -88.18
N PHE FA 449 -257.25 26.45 -87.49
CA PHE FA 449 -258.01 27.47 -86.76
C PHE FA 449 -258.80 28.35 -87.72
N ASN FA 450 -258.20 28.72 -88.86
CA ASN FA 450 -258.93 29.50 -89.84
C ASN FA 450 -260.12 28.73 -90.38
N SER FA 451 -259.93 27.43 -90.65
CA SER FA 451 -261.04 26.61 -91.12
C SER FA 451 -262.15 26.52 -90.08
N LEU FA 452 -261.77 26.37 -88.80
CA LEU FA 452 -262.77 26.30 -87.75
C LEU FA 452 -263.52 27.62 -87.61
N LEU FA 453 -262.82 28.75 -87.75
CA LEU FA 453 -263.50 30.04 -87.70
C LEU FA 453 -264.47 30.21 -88.86
N ASN FA 454 -264.06 29.77 -90.06
CA ASN FA 454 -264.96 29.83 -91.20
C ASN FA 454 -266.20 28.99 -90.96
N PHE FA 455 -266.03 27.78 -90.44
CA PHE FA 455 -267.16 26.92 -90.12
C PHE FA 455 -268.04 27.56 -89.06
N GLN FA 456 -267.43 28.19 -88.06
CA GLN FA 456 -268.17 28.86 -87.00
C GLN FA 456 -269.08 29.95 -87.56
N ASP FA 457 -268.51 30.85 -88.36
CA ASP FA 457 -269.31 31.95 -88.88
C ASP FA 457 -270.38 31.45 -89.83
N THR FA 458 -270.06 30.46 -90.68
CA THR FA 458 -271.06 29.93 -91.59
C THR FA 458 -272.21 29.29 -90.83
N THR FA 459 -271.90 28.53 -89.77
CA THR FA 459 -272.95 27.88 -89.00
C THR FA 459 -273.82 28.91 -88.27
N THR FA 460 -273.22 29.94 -87.70
CA THR FA 460 -274.01 30.96 -87.03
C THR FA 460 -274.92 31.69 -88.02
N SER FA 461 -274.39 32.04 -89.19
CA SER FA 461 -275.21 32.71 -90.20
C SER FA 461 -276.33 31.81 -90.67
N ASN FA 462 -276.05 30.52 -90.86
CA ASN FA 462 -277.08 29.59 -91.29
C ASN FA 462 -278.16 29.45 -90.23
N GLN FA 463 -277.77 29.39 -88.95
CA GLN FA 463 -278.76 29.30 -87.88
C GLN FA 463 -279.67 30.52 -87.87
N ILE FA 464 -279.07 31.71 -87.96
CA ILE FA 464 -279.86 32.94 -87.96
C ILE FA 464 -280.81 32.95 -89.15
N ASN FA 465 -280.29 32.60 -90.33
CA ASN FA 465 -281.12 32.62 -91.53
C ASN FA 465 -282.27 31.62 -91.44
N GLN FA 466 -281.99 30.41 -90.93
CA GLN FA 466 -283.03 29.40 -90.84
C GLN FA 466 -284.12 29.82 -89.86
N GLN FA 467 -283.73 30.35 -88.69
CA GLN FA 467 -284.72 30.78 -87.72
C GLN FA 467 -285.56 31.93 -88.26
N ASN FA 468 -284.92 32.91 -88.91
CA ASN FA 468 -285.67 34.03 -89.47
C ASN FA 468 -286.60 33.57 -90.59
N PHE FA 469 -286.14 32.62 -91.42
CA PHE FA 469 -286.99 32.10 -92.49
C PHE FA 469 -288.20 31.39 -91.92
N GLN FA 470 -288.02 30.59 -90.88
CA GLN FA 470 -289.14 29.90 -90.27
C GLN FA 470 -290.12 30.90 -89.66
N ILE FA 471 -289.60 31.92 -88.98
CA ILE FA 471 -290.48 32.91 -88.37
C ILE FA 471 -291.28 33.65 -89.44
N ALA FA 472 -290.62 34.01 -90.55
CA ALA FA 472 -291.30 34.69 -91.64
C ALA FA 472 -292.38 33.81 -92.26
N THR FA 473 -292.07 32.53 -92.47
CA THR FA 473 -293.06 31.62 -93.03
C THR FA 473 -294.26 31.46 -92.10
N LEU FA 474 -294.02 31.37 -90.81
CA LEU FA 474 -295.12 31.30 -89.86
C LEU FA 474 -295.95 32.58 -89.87
N ALA FA 475 -295.29 33.74 -89.96
CA ALA FA 475 -296.02 35.00 -89.96
C ALA FA 475 -296.88 35.14 -91.20
N SER FA 476 -296.34 34.80 -92.36
CA SER FA 476 -297.08 34.89 -93.61
C SER FA 476 -297.80 33.57 -93.86
N GLY FA 477 -298.33 33.39 -95.07
CA GLY FA 477 -298.95 32.14 -95.43
C GLY FA 477 -300.31 32.28 -96.10
N ILE FA 478 -301.23 31.39 -95.75
CA ILE FA 478 -302.55 31.37 -96.37
C ILE FA 478 -303.33 32.61 -95.96
N LYS FA 479 -304.02 33.21 -96.92
CA LYS FA 479 -304.92 34.32 -96.67
C LYS FA 479 -306.28 34.02 -97.27
N LYS FA 480 -307.32 34.56 -96.64
CA LYS FA 480 -308.67 34.32 -97.13
C LYS FA 480 -308.88 34.98 -98.49
N GLN FA 481 -309.59 34.28 -99.37
CA GLN FA 481 -309.82 34.77 -100.71
C GLN FA 481 -310.80 35.93 -100.68
N GLN FA 482 -311.07 36.50 -101.86
CA GLN FA 482 -311.92 37.67 -101.95
C GLN FA 482 -313.37 37.35 -101.58
N TRP FA 483 -313.87 36.20 -102.01
CA TRP FA 483 -315.28 35.88 -101.78
C TRP FA 483 -315.56 35.44 -100.35
N GLU FA 484 -314.61 34.74 -99.71
CA GLU FA 484 -314.83 34.30 -98.34
C GLU FA 484 -315.03 35.49 -97.40
N CYS FA 485 -314.18 36.50 -97.53
CA CYS FA 485 -314.31 37.70 -96.73
C CYS FA 485 -313.63 38.86 -97.45
N ARG FA 486 -313.99 40.08 -97.04
CA ARG FA 486 -313.41 41.26 -97.66
C ARG FA 486 -311.94 41.43 -97.28
N TYR FA 487 -311.64 41.29 -95.99
CA TYR FA 487 -310.27 41.50 -95.52
C TYR FA 487 -309.42 40.27 -95.80
N SER FA 488 -308.10 40.48 -95.82
CA SER FA 488 -307.18 39.39 -96.14
C SER FA 488 -307.25 38.28 -95.11
N THR FA 489 -307.29 38.63 -93.83
CA THR FA 489 -307.35 37.66 -92.75
C THR FA 489 -308.59 37.93 -91.91
N ALA FA 490 -309.50 36.97 -91.87
CA ALA FA 490 -310.74 37.12 -91.13
C ALA FA 490 -311.40 35.75 -91.01
N PHE FA 491 -312.50 35.72 -90.28
CA PHE FA 491 -313.30 34.52 -90.09
C PHE FA 491 -314.77 34.91 -90.12
N VAL FA 492 -315.55 34.23 -90.94
CA VAL FA 492 -316.95 34.56 -91.12
C VAL FA 492 -317.79 33.30 -90.94
N THR FA 493 -318.98 33.47 -90.37
CA THR FA 493 -319.85 32.32 -90.13
C THR FA 493 -320.29 31.66 -91.43
N PHE FA 494 -320.41 32.43 -92.51
CA PHE FA 494 -320.59 31.87 -93.84
C PHE FA 494 -320.13 32.92 -94.85
N PRO FA 495 -319.68 32.49 -96.03
CA PRO FA 495 -318.90 33.40 -96.89
C PRO FA 495 -319.66 34.68 -97.23
N GLU FA 496 -318.91 35.78 -97.28
CA GLU FA 496 -319.48 37.10 -97.59
C GLU FA 496 -320.06 37.16 -98.99
N MET FA 497 -319.73 36.20 -99.86
CA MET FA 497 -320.25 36.22 -101.21
C MET FA 497 -321.76 36.02 -101.23
N PHE FA 498 -322.28 35.22 -100.29
CA PHE FA 498 -323.73 35.12 -100.15
C PHE FA 498 -324.34 36.45 -99.74
N CYS FA 499 -323.71 37.13 -98.78
CA CYS FA 499 -324.25 38.40 -98.30
C CYS FA 499 -324.19 39.48 -99.36
N ASP FA 500 -323.24 39.38 -100.30
CA ASP FA 500 -323.08 40.39 -101.33
C ASP FA 500 -323.85 40.08 -102.61
N TRP FA 501 -324.10 38.80 -102.89
CA TRP FA 501 -324.71 38.42 -104.16
C TRP FA 501 -325.95 37.55 -103.94
N GLY FA 502 -326.46 36.97 -105.03
CA GLY FA 502 -327.60 36.09 -104.96
C GLY FA 502 -327.59 35.11 -106.11
N PHE FA 503 -328.59 34.24 -106.12
CA PHE FA 503 -328.75 33.21 -107.14
C PHE FA 503 -330.01 33.47 -107.95
N ALA FA 504 -329.92 33.25 -109.25
CA ALA FA 504 -331.08 33.30 -110.11
C ALA FA 504 -331.91 32.04 -109.95
N LEU FA 505 -333.22 32.16 -110.16
CA LEU FA 505 -334.11 31.01 -110.06
C LEU FA 505 -334.34 30.40 -111.44
N GLY FA 506 -334.75 29.13 -111.43
CA GLY FA 506 -335.03 28.43 -112.66
C GLY FA 506 -335.85 27.19 -112.38
N GLY FA 507 -336.55 26.73 -113.43
CA GLY FA 507 -337.39 25.57 -113.29
C GLY FA 507 -338.87 25.87 -113.37
N THR FA 508 -339.67 25.17 -112.58
CA THR FA 508 -341.12 25.32 -112.61
C THR FA 508 -341.68 24.96 -111.24
N THR FA 509 -342.68 25.72 -110.80
CA THR FA 509 -343.32 25.48 -109.52
C THR FA 509 -344.28 24.29 -109.63
N GLY FA 510 -345.03 24.02 -108.56
CA GLY FA 510 -345.95 22.90 -108.55
C GLY FA 510 -347.40 23.31 -108.55
N ALA FA 511 -348.24 22.55 -107.85
CA ALA FA 511 -349.67 22.81 -107.83
C ALA FA 511 -349.98 24.08 -107.04
N GLN FA 512 -351.16 24.64 -107.33
CA GLN FA 512 -351.63 25.86 -106.70
C GLN FA 512 -352.54 25.54 -105.51
N SER FA 513 -352.77 26.56 -104.69
CA SER FA 513 -353.67 26.40 -103.54
C SER FA 513 -355.11 26.24 -103.99
N THR FA 514 -355.56 27.10 -104.90
CA THR FA 514 -356.93 27.04 -105.39
C THR FA 514 -356.98 27.66 -106.78
N GLY FA 515 -358.05 27.34 -107.50
CA GLY FA 515 -358.24 27.85 -108.85
C GLY FA 515 -357.81 26.85 -109.91
N THR FA 516 -357.66 27.39 -111.13
CA THR FA 516 -357.25 26.56 -112.26
C THR FA 516 -355.86 26.00 -112.02
N ALA FA 517 -355.70 24.70 -112.27
CA ALA FA 517 -354.42 24.03 -112.07
C ALA FA 517 -353.40 24.52 -113.10
N HIS FA 518 -352.33 25.14 -112.63
CA HIS FA 518 -351.29 25.66 -113.51
C HIS FA 518 -349.98 25.73 -112.74
N THR FA 519 -348.88 25.80 -113.48
CA THR FA 519 -347.55 25.88 -112.90
C THR FA 519 -346.78 27.00 -113.61
N HIS FA 520 -346.38 28.01 -112.85
CA HIS FA 520 -345.64 29.12 -113.41
C HIS FA 520 -344.20 28.72 -113.71
N THR FA 521 -343.60 29.41 -114.68
CA THR FA 521 -342.24 29.13 -115.12
C THR FA 521 -341.29 30.11 -114.45
N LEU FA 522 -340.25 29.58 -113.80
CA LEU FA 522 -339.27 30.41 -113.15
C LEU FA 522 -338.36 31.07 -114.18
N ASN FA 523 -337.76 32.19 -113.78
CA ASN FA 523 -336.84 32.92 -114.65
C ASN FA 523 -335.83 33.64 -113.77
N THR FA 524 -335.04 34.53 -114.39
CA THR FA 524 -334.03 35.27 -113.66
C THR FA 524 -334.62 36.29 -112.71
N ASP FA 525 -335.92 36.57 -112.80
CA ASP FA 525 -336.55 37.55 -111.91
C ASP FA 525 -336.66 37.04 -110.48
N GLY FA 526 -336.49 35.73 -110.26
CA GLY FA 526 -336.52 35.17 -108.92
C GLY FA 526 -335.13 35.14 -108.32
N LEU FA 527 -335.00 35.69 -107.13
CA LEU FA 527 -333.72 35.83 -106.45
C LEU FA 527 -333.69 34.99 -105.18
N ALA FA 528 -332.58 34.28 -104.99
CA ALA FA 528 -332.33 33.52 -103.76
C ALA FA 528 -331.14 34.12 -103.07
N ALA FA 529 -331.35 34.61 -101.85
CA ALA FA 529 -330.27 35.24 -101.08
C ALA FA 529 -330.66 35.22 -99.61
N LEU FA 530 -329.92 35.97 -98.80
CA LEU FA 530 -330.20 36.05 -97.38
C LEU FA 530 -331.49 36.84 -97.14
N GLN FA 531 -332.10 36.60 -95.99
CA GLN FA 531 -333.28 37.34 -95.59
C GLN FA 531 -332.92 38.37 -94.53
N ILE FA 532 -333.86 39.27 -94.27
CA ILE FA 532 -333.69 40.33 -93.27
C ILE FA 532 -334.73 40.13 -92.18
N GLN FA 533 -334.29 40.13 -90.93
CA GLN FA 533 -335.20 39.91 -89.81
C GLN FA 533 -335.17 41.13 -88.90
N ILE FA 534 -336.35 41.61 -88.52
CA ILE FA 534 -336.43 42.75 -87.61
C ILE FA 534 -336.30 42.25 -86.17
N LEU FA 535 -335.97 43.18 -85.27
CA LEU FA 535 -335.65 42.77 -83.92
C LEU FA 535 -335.85 43.94 -82.96
N PRO FA 536 -336.65 43.77 -81.91
CA PRO FA 536 -336.91 44.86 -80.97
C PRO FA 536 -335.83 44.96 -79.90
N ALA FA 537 -335.94 45.97 -79.05
CA ALA FA 537 -334.96 46.19 -78.00
C ALA FA 537 -334.98 45.04 -76.99
N GLY FA 538 -333.81 44.72 -76.46
CA GLY FA 538 -333.67 43.66 -75.49
C GLY FA 538 -333.50 42.27 -76.06
N TYR FA 539 -333.47 42.11 -77.37
CA TYR FA 539 -333.28 40.82 -78.01
C TYR FA 539 -331.85 40.73 -78.55
N ALA FA 540 -331.15 39.68 -78.16
CA ALA FA 540 -329.76 39.48 -78.56
C ALA FA 540 -329.65 38.27 -79.48
N ILE FA 541 -328.87 38.41 -80.55
CA ILE FA 541 -328.68 37.34 -81.52
C ILE FA 541 -327.20 37.18 -81.83
N GLY FA 542 -326.75 35.94 -81.95
CA GLY FA 542 -325.36 35.67 -82.23
C GLY FA 542 -325.17 34.35 -82.95
N GLY FA 543 -324.05 34.25 -83.64
CA GLY FA 543 -323.71 33.04 -84.36
C GLY FA 543 -322.29 32.61 -84.07
N TYR FA 544 -322.08 31.30 -84.09
CA TYR FA 544 -320.75 30.75 -83.84
C TYR FA 544 -319.84 31.03 -85.02
N ILE FA 545 -318.56 31.30 -84.72
CA ILE FA 545 -317.55 31.58 -85.73
C ILE FA 545 -316.43 30.57 -85.57
N GLY FA 546 -316.03 29.96 -86.67
CA GLY FA 546 -314.90 29.05 -86.66
C GLY FA 546 -313.59 29.79 -86.93
N ILE FA 547 -312.53 29.28 -86.31
CA ILE FA 547 -311.19 29.86 -86.47
C ILE FA 547 -310.36 28.88 -87.30
N SER FA 548 -309.88 29.35 -88.44
CA SER FA 548 -309.09 28.52 -89.33
C SER FA 548 -307.60 28.58 -88.98
N ASP FA 549 -307.03 29.77 -88.89
CA ASP FA 549 -305.65 29.96 -88.51
C ASP FA 549 -305.58 30.96 -87.36
N THR FA 550 -304.74 30.66 -86.37
CA THR FA 550 -304.62 31.53 -85.22
C THR FA 550 -303.98 32.86 -85.60
N THR FA 551 -304.47 33.93 -84.99
CA THR FA 551 -303.97 35.29 -85.20
C THR FA 551 -304.55 36.17 -84.11
N ILE FA 552 -304.38 37.47 -84.26
CA ILE FA 552 -304.92 38.46 -83.32
C ILE FA 552 -306.09 39.16 -83.99
N VAL FA 553 -307.20 39.29 -83.27
CA VAL FA 553 -308.40 39.92 -83.78
C VAL FA 553 -308.38 41.39 -83.38
N ASP FA 554 -308.93 42.24 -84.23
CA ASP FA 554 -308.96 43.68 -83.98
C ASP FA 554 -310.32 44.33 -84.24
N THR FA 555 -311.17 43.74 -85.09
CA THR FA 555 -312.45 44.35 -85.40
C THR FA 555 -313.45 43.26 -85.73
N ILE FA 556 -314.72 43.62 -85.62
CA ILE FA 556 -315.82 42.72 -85.93
C ILE FA 556 -316.84 43.44 -86.80
N ALA FA 557 -317.48 42.68 -87.68
CA ALA FA 557 -318.35 43.22 -88.71
C ALA FA 557 -319.68 42.50 -88.70
N MET FA 558 -320.74 43.26 -89.01
CA MET FA 558 -322.10 42.74 -88.92
C MET FA 558 -322.90 43.43 -90.02
N LYS FA 559 -324.01 42.84 -90.44
CA LYS FA 559 -324.90 43.49 -91.39
C LYS FA 559 -326.23 43.79 -90.73
N MET FA 560 -326.43 45.06 -90.38
CA MET FA 560 -327.63 45.51 -89.70
C MET FA 560 -327.95 46.93 -90.15
N TYR FA 561 -329.21 47.32 -89.92
CA TYR FA 561 -329.64 48.68 -90.19
C TYR FA 561 -330.84 49.00 -89.32
N LYS FA 562 -330.96 50.27 -88.93
CA LYS FA 562 -332.13 50.70 -88.18
C LYS FA 562 -333.33 50.82 -89.11
N GLU FA 563 -334.51 50.48 -88.58
CA GLU FA 563 -335.72 50.52 -89.41
C GLU FA 563 -336.11 51.96 -89.71
N THR FA 564 -336.37 52.75 -88.67
CA THR FA 564 -336.74 54.15 -88.83
C THR FA 564 -335.54 55.05 -88.55
N SER FA 565 -335.62 56.28 -89.06
CA SER FA 565 -334.54 57.25 -88.94
C SER FA 565 -334.47 57.90 -87.56
N SER FA 566 -335.19 57.38 -86.57
CA SER FA 566 -335.17 57.96 -85.24
C SER FA 566 -333.82 57.69 -84.56
N ALA FA 567 -333.57 58.45 -83.50
CA ALA FA 567 -332.32 58.31 -82.75
C ALA FA 567 -332.24 56.94 -82.10
N ILE FA 568 -331.02 56.38 -82.07
CA ILE FA 568 -330.78 55.06 -81.49
C ILE FA 568 -329.56 55.15 -80.58
N ASN FA 569 -329.50 54.22 -79.63
CA ASN FA 569 -328.36 54.12 -78.71
C ASN FA 569 -328.35 52.70 -78.15
N ASN FA 570 -327.34 52.42 -77.34
CA ASN FA 570 -327.22 51.13 -76.64
C ASN FA 570 -327.28 49.95 -77.60
N VAL FA 571 -326.64 50.11 -78.75
CA VAL FA 571 -326.49 49.04 -79.72
C VAL FA 571 -325.08 48.50 -79.58
N TYR FA 572 -324.97 47.26 -79.11
CA TYR FA 572 -323.69 46.68 -78.72
C TYR FA 572 -323.38 45.44 -79.55
N LEU FA 573 -322.12 45.34 -79.96
CA LEU FA 573 -321.57 44.15 -80.58
C LEU FA 573 -320.51 43.58 -79.65
N GLU FA 574 -320.64 42.31 -79.30
CA GLU FA 574 -319.77 41.66 -78.34
C GLU FA 574 -319.20 40.38 -78.93
N VAL FA 575 -318.05 39.96 -78.41
CA VAL FA 575 -317.39 38.73 -78.83
C VAL FA 575 -317.27 37.82 -77.61
N PHE FA 576 -317.67 36.56 -77.79
CA PHE FA 576 -317.66 35.57 -76.72
C PHE FA 576 -316.83 34.37 -77.15
N ARG FA 577 -315.87 33.99 -76.33
CA ARG FA 577 -315.11 32.76 -76.54
C ARG FA 577 -315.84 31.60 -75.91
N GLU FA 578 -315.88 30.47 -76.62
CA GLU FA 578 -316.46 29.25 -76.08
C GLU FA 578 -315.37 28.40 -75.44
N ASP FA 579 -315.58 28.02 -74.19
CA ASP FA 579 -314.58 27.24 -73.45
C ASP FA 579 -314.73 25.76 -73.82
N SER FA 580 -314.01 24.91 -73.10
CA SER FA 580 -314.13 23.46 -73.33
C SER FA 580 -315.52 22.97 -72.95
N THR FA 581 -316.09 23.50 -71.87
CA THR FA 581 -317.41 23.09 -71.41
C THR FA 581 -318.54 23.65 -72.25
N GLY FA 582 -318.25 24.55 -73.19
CA GLY FA 582 -319.26 25.18 -74.00
C GLY FA 582 -319.76 26.51 -73.46
N ALA FA 583 -319.33 26.92 -72.27
CA ALA FA 583 -319.74 28.21 -71.73
C ALA FA 583 -319.10 29.34 -72.53
N LEU FA 584 -319.80 30.47 -72.56
CA LEU FA 584 -319.37 31.65 -73.32
C LEU FA 584 -318.84 32.70 -72.36
N THR FA 585 -317.66 33.24 -72.66
CA THR FA 585 -317.05 34.30 -71.87
C THR FA 585 -316.81 35.52 -72.76
N SER FA 586 -317.29 36.68 -72.30
CA SER FA 586 -317.10 37.91 -73.05
C SER FA 586 -315.64 38.35 -72.99
N VAL FA 587 -315.09 38.72 -74.15
CA VAL FA 587 -313.71 39.15 -74.22
C VAL FA 587 -313.60 40.47 -74.98
N GLY FA 588 -314.74 41.07 -75.30
CA GLY FA 588 -314.73 42.34 -75.99
C GLY FA 588 -316.12 42.88 -76.33
N SER FA 589 -316.31 44.18 -76.16
CA SER FA 589 -317.58 44.83 -76.44
C SER FA 589 -317.32 46.15 -77.16
N VAL FA 590 -318.30 46.58 -77.96
CA VAL FA 590 -318.19 47.83 -78.69
C VAL FA 590 -319.59 48.38 -78.94
N ASP FA 591 -319.70 49.70 -78.95
CA ASP FA 591 -320.94 50.41 -79.21
C ASP FA 591 -320.96 50.86 -80.66
N VAL FA 592 -321.96 50.41 -81.43
CA VAL FA 592 -322.04 50.71 -82.84
C VAL FA 592 -323.32 51.47 -83.20
N SER FA 593 -323.99 52.04 -82.20
CA SER FA 593 -325.22 52.77 -82.47
C SER FA 593 -324.96 54.04 -83.27
N GLY FA 594 -323.83 54.69 -83.02
CA GLY FA 594 -323.57 55.97 -83.67
C GLY FA 594 -323.38 55.85 -85.17
N GLN FA 595 -322.70 54.81 -85.62
CA GLN FA 595 -322.36 54.67 -87.03
C GLN FA 595 -323.37 53.87 -87.83
N LEU FA 596 -324.49 53.48 -87.21
CA LEU FA 596 -325.52 52.74 -87.93
C LEU FA 596 -326.20 53.64 -88.96
N THR FA 597 -326.67 53.02 -90.04
CA THR FA 597 -327.34 53.73 -91.12
C THR FA 597 -328.63 53.01 -91.48
N THR FA 598 -329.63 53.78 -91.93
CA THR FA 598 -330.90 53.19 -92.30
C THR FA 598 -330.75 52.22 -93.46
N ALA FA 599 -329.90 52.54 -94.42
CA ALA FA 599 -329.61 51.61 -95.51
C ALA FA 599 -328.85 50.40 -94.99
N SER FA 600 -329.13 49.24 -95.59
CA SER FA 600 -328.48 48.00 -95.18
C SER FA 600 -327.02 48.03 -95.62
N ASP FA 601 -326.13 48.36 -94.69
CA ASP FA 601 -324.71 48.47 -94.97
C ASP FA 601 -323.91 47.78 -93.87
N TYR FA 602 -322.69 47.38 -94.21
CA TYR FA 602 -321.83 46.69 -93.26
C TYR FA 602 -321.41 47.64 -92.15
N VAL FA 603 -321.38 47.13 -90.92
CA VAL FA 603 -320.93 47.88 -89.76
C VAL FA 603 -319.69 47.18 -89.22
N GLU FA 604 -318.57 47.88 -89.22
CA GLU FA 604 -317.29 47.37 -88.76
C GLU FA 604 -316.84 48.19 -87.55
N ALA FA 605 -316.53 47.49 -86.45
CA ALA FA 605 -316.19 48.14 -85.20
C ALA FA 605 -314.92 47.57 -84.62
N THR FA 606 -314.06 48.45 -84.10
CA THR FA 606 -312.78 48.07 -83.54
C THR FA 606 -312.95 47.69 -82.07
N LEU FA 607 -312.32 46.60 -81.67
CA LEU FA 607 -312.37 46.16 -80.29
C LEU FA 607 -311.55 47.10 -79.40
N PRO FA 608 -311.88 47.17 -78.12
CA PRO FA 608 -311.04 47.98 -77.20
C PRO FA 608 -309.60 47.51 -77.16
N ALA FA 609 -309.36 46.21 -77.28
CA ALA FA 609 -308.00 45.68 -77.30
C ALA FA 609 -308.01 44.38 -78.08
N GLY FA 610 -306.83 43.99 -78.56
CA GLY FA 610 -306.70 42.75 -79.31
C GLY FA 610 -306.99 41.54 -78.44
N VAL FA 611 -307.61 40.54 -79.05
CA VAL FA 611 -307.94 39.28 -78.38
C VAL FA 611 -307.37 38.15 -79.21
N ILE FA 612 -306.41 37.42 -78.63
CA ILE FA 612 -305.77 36.34 -79.37
C ILE FA 612 -306.74 35.19 -79.55
N VAL FA 613 -306.73 34.60 -80.75
CA VAL FA 613 -307.58 33.46 -81.07
C VAL FA 613 -306.71 32.35 -81.61
N ASN FA 614 -307.20 31.12 -81.49
CA ASN FA 614 -306.47 29.95 -81.93
C ASN FA 614 -307.40 29.03 -82.72
N ALA FA 615 -306.80 28.28 -83.65
CA ALA FA 615 -307.57 27.37 -84.48
C ALA FA 615 -308.15 26.25 -83.62
N GLY FA 616 -309.41 25.91 -83.88
CA GLY FA 616 -310.12 24.88 -83.16
C GLY FA 616 -311.13 25.40 -82.15
N GLU FA 617 -310.96 26.62 -81.67
CA GLU FA 617 -311.91 27.23 -80.75
C GLU FA 617 -313.02 27.91 -81.52
N ARG FA 618 -314.09 28.28 -80.81
CA ARG FA 618 -315.25 28.90 -81.42
C ARG FA 618 -315.56 30.22 -80.72
N TYR FA 619 -316.05 31.16 -81.52
CA TYR FA 619 -316.39 32.49 -81.03
C TYR FA 619 -317.78 32.88 -81.53
N VAL FA 620 -318.45 33.70 -80.74
CA VAL FA 620 -319.81 34.15 -81.03
C VAL FA 620 -319.81 35.67 -81.07
N VAL FA 621 -320.39 36.22 -82.13
CA VAL FA 621 -320.55 37.67 -82.26
C VAL FA 621 -322.00 38.01 -81.94
N ARG FA 622 -322.22 38.60 -80.77
CA ARG FA 622 -323.55 38.87 -80.27
C ARG FA 622 -323.93 40.32 -80.52
N MET FA 623 -325.10 40.53 -81.12
CA MET FA 623 -325.71 41.83 -81.26
C MET FA 623 -326.79 41.94 -80.18
N ARG FA 624 -326.67 42.98 -79.35
CA ARG FA 624 -327.47 43.09 -78.12
C ARG FA 624 -328.74 43.90 -78.31
N ASN FA 625 -328.60 45.16 -78.76
CA ASN FA 625 -329.74 46.06 -79.01
C ASN FA 625 -330.57 46.26 -77.73
N ALA FA 626 -329.95 46.92 -76.76
CA ALA FA 626 -330.62 47.27 -75.50
C ALA FA 626 -331.03 48.73 -75.47
N THR FA 627 -331.50 49.24 -76.61
CA THR FA 627 -331.74 50.67 -76.79
C THR FA 627 -332.81 51.18 -75.82
N THR FA 628 -332.88 52.50 -75.73
CA THR FA 628 -333.85 53.19 -74.88
C THR FA 628 -334.97 53.87 -75.66
N VAL FA 629 -334.67 54.40 -76.85
CA VAL FA 629 -335.71 55.05 -77.65
C VAL FA 629 -336.77 54.04 -78.05
N GLY FA 630 -336.35 52.86 -78.52
CA GLY FA 630 -337.27 51.81 -78.89
C GLY FA 630 -337.27 51.45 -80.36
N ASN FA 631 -336.45 52.09 -81.18
CA ASN FA 631 -336.41 51.76 -82.60
C ASN FA 631 -335.81 50.38 -82.80
N ARG FA 632 -336.44 49.58 -83.66
CA ARG FA 632 -335.99 48.23 -83.90
C ARG FA 632 -334.79 48.22 -84.84
N VAL FA 633 -334.12 47.06 -84.89
CA VAL FA 633 -332.94 46.86 -85.72
C VAL FA 633 -333.18 45.66 -86.60
N GLY FA 634 -332.91 45.80 -87.90
CA GLY FA 634 -332.99 44.69 -88.83
C GLY FA 634 -331.61 44.14 -89.09
N VAL FA 635 -331.50 42.81 -89.04
CA VAL FA 635 -330.24 42.10 -89.18
C VAL FA 635 -330.36 41.14 -90.36
N SER FA 636 -329.33 41.09 -91.20
CA SER FA 636 -329.32 40.16 -92.32
C SER FA 636 -328.94 38.78 -91.81
N VAL FA 637 -329.85 37.82 -91.93
CA VAL FA 637 -329.64 36.46 -91.50
C VAL FA 637 -329.88 35.54 -92.69
N MET FA 638 -329.59 34.26 -92.47
CA MET FA 638 -329.83 33.22 -93.47
C MET FA 638 -330.57 32.08 -92.80
N LYS FA 639 -331.68 31.67 -93.42
CA LYS FA 639 -332.60 30.75 -92.76
C LYS FA 639 -331.95 29.39 -92.51
N GLU FA 640 -332.25 28.82 -91.36
CA GLU FA 640 -331.79 27.49 -90.99
C GLU FA 640 -332.89 26.46 -91.23
N LEU FA 641 -332.49 25.25 -91.58
CA LEU FA 641 -333.40 24.16 -91.84
C LEU FA 641 -333.37 23.17 -90.69
N VAL FA 642 -334.56 22.67 -90.32
CA VAL FA 642 -334.64 21.74 -89.20
C VAL FA 642 -333.95 20.42 -89.54
N GLY FA 643 -333.64 19.66 -88.50
CA GLY FA 643 -332.96 18.39 -88.67
C GLY FA 643 -331.45 18.47 -88.66
N GLY FA 644 -330.87 19.66 -88.56
CA GLY FA 644 -329.44 19.84 -88.55
C GLY FA 644 -328.92 20.35 -87.22
N ARG FA 645 -327.61 20.62 -87.20
CA ARG FA 645 -326.96 21.11 -85.99
C ARG FA 645 -327.42 22.52 -85.67
N GLU FA 646 -327.58 22.81 -84.38
CA GLU FA 646 -327.97 24.12 -83.91
C GLU FA 646 -326.74 24.84 -83.37
N LEU FA 647 -326.39 25.97 -83.99
CA LEU FA 647 -325.18 26.70 -83.62
C LEU FA 647 -325.39 28.21 -83.62
N SER FA 648 -326.61 28.68 -83.44
CA SER FA 648 -326.89 30.11 -83.28
C SER FA 648 -327.64 30.32 -81.97
N ILE FA 649 -327.38 31.44 -81.32
CA ILE FA 649 -327.98 31.75 -80.02
C ILE FA 649 -328.89 32.96 -80.19
N ARG FA 650 -330.00 32.95 -79.47
CA ARG FA 650 -330.97 34.03 -79.52
C ARG FA 650 -331.65 34.13 -78.17
N THR FA 651 -331.54 35.29 -77.52
CA THR FA 651 -332.12 35.54 -76.21
C THR FA 651 -333.11 36.69 -76.30
N GLU FA 652 -334.19 36.60 -75.53
CA GLU FA 652 -335.27 37.58 -75.57
C GLU FA 652 -335.33 38.48 -74.36
N THR FA 653 -335.16 37.94 -73.16
CA THR FA 653 -335.29 38.74 -71.95
C THR FA 653 -334.14 39.73 -71.83
N ALA FA 654 -334.44 40.88 -71.20
CA ALA FA 654 -333.43 41.92 -71.05
C ALA FA 654 -332.27 41.45 -70.21
N THR FA 655 -332.54 40.67 -69.15
CA THR FA 655 -331.47 40.13 -68.33
C THR FA 655 -330.56 39.21 -69.14
N ASP FA 656 -331.15 38.35 -69.97
CA ASP FA 656 -330.35 37.48 -70.82
C ASP FA 656 -329.52 38.27 -71.81
N SER FA 657 -330.11 39.34 -72.37
CA SER FA 657 -329.36 40.18 -73.29
C SER FA 657 -328.18 40.87 -72.60
N ASN FA 658 -328.39 41.31 -71.36
CA ASN FA 658 -327.35 41.98 -70.59
C ASN FA 658 -326.38 41.01 -69.91
N LYS FA 659 -326.62 39.70 -70.02
CA LYS FA 659 -325.70 38.73 -69.44
C LYS FA 659 -324.30 38.87 -70.04
N THR FA 660 -323.29 38.65 -69.21
CA THR FA 660 -321.89 38.76 -69.61
C THR FA 660 -321.16 37.44 -69.57
N PHE FA 661 -321.53 36.52 -68.68
CA PHE FA 661 -320.90 35.21 -68.59
C PHE FA 661 -322.00 34.15 -68.63
N TYR FA 662 -322.24 33.58 -69.80
CA TYR FA 662 -323.27 32.57 -69.96
C TYR FA 662 -322.83 31.24 -69.35
N THR FA 663 -323.81 30.40 -69.07
CA THR FA 663 -323.61 29.04 -68.58
C THR FA 663 -324.01 28.04 -69.65
N PRO FA 664 -323.50 26.80 -69.59
CA PRO FA 664 -323.85 25.83 -70.63
C PRO FA 664 -325.35 25.57 -70.76
N SER FA 665 -326.09 25.56 -69.65
CA SER FA 665 -327.52 25.32 -69.73
C SER FA 665 -328.22 26.45 -70.48
N GLU FA 666 -327.87 27.69 -70.15
CA GLU FA 666 -328.47 28.83 -70.85
C GLU FA 666 -328.06 28.84 -72.32
N VAL FA 667 -326.83 28.44 -72.61
CA VAL FA 667 -326.38 28.36 -74.00
C VAL FA 667 -327.21 27.34 -74.77
N LEU FA 668 -327.45 26.18 -74.16
CA LEU FA 668 -328.27 25.16 -74.83
C LEU FA 668 -329.69 25.65 -75.04
N THR FA 669 -330.26 26.33 -74.04
CA THR FA 669 -331.61 26.85 -74.19
C THR FA 669 -331.69 27.88 -75.31
N ALA FA 670 -330.71 28.78 -75.38
CA ALA FA 670 -330.69 29.77 -76.44
C ALA FA 670 -330.53 29.11 -77.81
N GLN FA 671 -329.69 28.09 -77.90
CA GLN FA 671 -329.51 27.38 -79.16
C GLN FA 671 -330.82 26.72 -79.59
N GLY FA 672 -331.52 26.10 -78.64
CA GLY FA 672 -332.81 25.50 -78.98
C GLY FA 672 -333.85 26.53 -79.41
N VAL FA 673 -333.85 27.68 -78.75
CA VAL FA 673 -334.84 28.71 -79.06
C VAL FA 673 -334.57 29.33 -80.43
N SER FA 674 -333.30 29.54 -80.77
CA SER FA 674 -332.96 30.28 -81.99
C SER FA 674 -333.52 29.60 -83.23
N VAL FA 675 -333.93 30.42 -84.20
CA VAL FA 675 -334.54 29.94 -85.43
C VAL FA 675 -333.83 30.58 -86.62
N ILE FA 676 -332.96 31.55 -86.35
CA ILE FA 676 -332.23 32.25 -87.38
C ILE FA 676 -330.74 32.16 -87.09
N MET FA 677 -329.94 32.44 -88.13
CA MET FA 677 -328.48 32.41 -88.03
C MET FA 677 -327.93 33.68 -88.65
N PRO FA 678 -327.21 34.51 -87.90
CA PRO FA 678 -326.76 35.80 -88.43
C PRO FA 678 -325.41 35.70 -89.13
N TRP FA 679 -325.09 36.76 -89.87
CA TRP FA 679 -323.82 36.88 -90.58
C TRP FA 679 -322.89 37.76 -89.76
N ALA FA 680 -321.75 37.20 -89.34
CA ALA FA 680 -320.82 37.90 -88.47
C ALA FA 680 -319.40 37.65 -88.93
N MET FA 681 -318.55 38.65 -88.74
CA MET FA 681 -317.16 38.58 -89.18
C MET FA 681 -316.24 39.03 -88.06
N MET FA 682 -315.11 38.33 -87.91
CA MET FA 682 -314.04 38.73 -87.01
C MET FA 682 -312.77 38.86 -87.84
N ALA FA 683 -312.20 40.05 -87.91
CA ALA FA 683 -311.16 40.35 -88.88
C ALA FA 683 -309.82 40.59 -88.20
N ALA FA 684 -308.80 40.81 -89.04
CA ALA FA 684 -307.44 41.14 -88.61
C ALA FA 684 -306.93 42.34 -89.40
N LYS FA 685 -307.73 43.41 -89.41
CA LYS FA 685 -307.50 44.59 -90.23
C LYS FA 685 -306.04 45.05 -90.24
N ASN FA 686 -305.52 45.44 -89.08
CA ASN FA 686 -304.15 45.88 -88.95
C ASN FA 686 -303.35 44.90 -88.10
N LEU FA 687 -302.10 44.66 -88.52
CA LEU FA 687 -301.24 43.69 -87.86
C LEU FA 687 -299.79 44.07 -88.11
N ALA FA 688 -298.94 43.85 -87.11
CA ALA FA 688 -297.52 44.13 -87.24
C ALA FA 688 -296.90 43.29 -88.34
N THR FA 689 -296.43 43.94 -89.40
CA THR FA 689 -295.88 43.24 -90.55
C THR FA 689 -294.47 42.75 -90.22
N THR FA 690 -294.32 41.44 -90.06
CA THR FA 690 -293.01 40.86 -89.81
C THR FA 690 -292.17 40.89 -91.07
N ASP FA 691 -290.93 41.34 -90.95
CA ASP FA 691 -290.02 41.41 -92.08
C ASP FA 691 -289.69 40.00 -92.55
N GLN FA 692 -290.14 39.63 -93.74
CA GLN FA 692 -289.91 38.30 -94.26
C GLN FA 692 -288.45 38.11 -94.64
N SER FA 693 -287.97 36.88 -94.45
CA SER FA 693 -286.63 36.49 -94.84
C SER FA 693 -286.69 35.09 -95.45
N PHE FA 694 -285.96 34.88 -96.55
CA PHE FA 694 -285.97 33.62 -97.26
C PHE FA 694 -284.54 33.17 -97.52
N SER FA 695 -284.36 31.86 -97.56
CA SER FA 695 -283.06 31.28 -97.83
C SER FA 695 -283.23 30.00 -98.63
N ASP FA 696 -282.19 29.64 -99.38
CA ASP FA 696 -282.21 28.41 -100.17
C ASP FA 696 -280.78 27.94 -100.38
N ASP FA 697 -280.53 26.69 -100.00
CA ASP FA 697 -279.19 26.11 -100.15
C ASP FA 697 -278.94 25.55 -101.54
N PHE FA 698 -279.97 25.48 -102.38
CA PHE FA 698 -279.83 24.95 -103.74
C PHE FA 698 -279.24 23.55 -103.74
N ASN FA 699 -279.72 22.70 -102.84
CA ASN FA 699 -279.13 21.39 -102.64
C ASN FA 699 -280.14 20.28 -102.91
N ARG FA 700 -280.86 20.38 -104.03
CA ARG FA 700 -281.90 19.41 -104.34
C ARG FA 700 -281.82 18.96 -105.79
N SER FA 701 -282.82 18.21 -106.25
CA SER FA 701 -282.77 17.63 -107.59
C SER FA 701 -283.02 18.66 -108.67
N ALA FA 702 -284.16 19.36 -108.60
CA ALA FA 702 -284.55 20.34 -109.60
C ALA FA 702 -284.74 21.70 -108.95
N MET FA 703 -284.80 22.74 -109.78
CA MET FA 703 -284.95 24.09 -109.26
C MET FA 703 -286.26 24.25 -108.50
N GLY FA 704 -287.33 23.67 -109.01
CA GLY FA 704 -288.61 23.67 -108.30
C GLY FA 704 -289.46 24.88 -108.63
N GLY FA 705 -290.67 24.87 -108.04
CA GLY FA 705 -291.66 25.90 -108.26
C GLY FA 705 -291.48 27.15 -107.43
N LEU FA 706 -290.44 27.22 -106.60
CA LEU FA 706 -290.18 28.41 -105.81
C LEU FA 706 -289.39 29.47 -106.57
N TRP FA 707 -289.05 29.21 -107.83
CA TRP FA 707 -288.24 30.13 -108.61
C TRP FA 707 -288.87 30.33 -109.98
N PHE FA 708 -289.29 31.56 -110.26
CA PHE FA 708 -289.74 31.92 -111.59
C PHE FA 708 -288.52 32.08 -112.48
N LEU FA 709 -288.46 31.29 -113.55
CA LEU FA 709 -287.28 31.22 -114.40
C LEU FA 709 -287.56 31.93 -115.72
N LYS FA 710 -286.63 32.80 -116.13
CA LYS FA 710 -286.74 33.48 -117.42
C LYS FA 710 -285.34 33.61 -118.02
N SER FA 711 -285.21 33.19 -119.27
CA SER FA 711 -283.90 33.18 -119.92
C SER FA 711 -284.06 33.67 -121.35
N ASP FA 712 -282.93 34.09 -121.92
CA ASP FA 712 -282.91 34.44 -123.34
C ASP FA 712 -282.56 33.26 -124.23
N THR FA 713 -282.28 32.09 -123.66
CA THR FA 713 -281.99 30.90 -124.46
C THR FA 713 -283.24 30.41 -125.18
N GLY FA 714 -284.36 30.31 -124.45
CA GLY FA 714 -285.61 29.87 -125.04
C GLY FA 714 -286.15 28.59 -124.45
N THR FA 715 -285.28 27.62 -124.21
CA THR FA 715 -285.70 26.33 -123.66
C THR FA 715 -285.02 26.00 -122.34
N ASN FA 716 -283.78 26.39 -122.15
CA ASN FA 716 -283.03 26.06 -120.95
C ASN FA 716 -283.13 27.19 -119.93
N GLN FA 717 -283.13 26.81 -118.65
CA GLN FA 717 -283.21 27.78 -117.57
C GLN FA 717 -282.14 27.49 -116.53
N VAL FA 718 -282.17 28.18 -115.39
CA VAL FA 718 -281.21 27.93 -114.32
C VAL FA 718 -281.44 26.52 -113.80
N GLY FA 719 -280.40 25.71 -113.80
CA GLY FA 719 -280.48 24.33 -113.37
C GLY FA 719 -279.57 24.07 -112.18
N VAL FA 720 -280.06 23.28 -111.24
CA VAL FA 720 -279.27 22.91 -110.06
C VAL FA 720 -278.55 21.60 -110.34
N SER FA 721 -277.23 21.60 -110.13
CA SER FA 721 -276.40 20.43 -110.31
C SER FA 721 -275.34 20.40 -109.23
N GLY FA 722 -275.06 19.22 -108.70
CA GLY FA 722 -274.06 19.07 -107.67
C GLY FA 722 -274.30 19.92 -106.44
N GLY FA 723 -275.57 20.26 -106.18
CA GLY FA 723 -275.87 21.12 -105.06
C GLY FA 723 -275.59 22.59 -105.29
N ARG FA 724 -275.54 23.04 -106.54
CA ARG FA 724 -275.31 24.44 -106.84
C ARG FA 724 -276.09 24.83 -108.08
N ALA FA 725 -276.64 26.05 -108.06
CA ALA FA 725 -277.33 26.57 -109.24
C ALA FA 725 -276.31 26.97 -110.30
N ALA FA 726 -276.66 26.75 -111.56
CA ALA FA 726 -275.75 27.03 -112.66
C ALA FA 726 -276.54 27.15 -113.95
N PHE FA 727 -275.81 27.43 -115.03
CA PHE FA 727 -276.40 27.58 -116.36
C PHE FA 727 -276.58 26.20 -116.98
N SER FA 728 -277.73 25.98 -117.58
CA SER FA 728 -278.04 24.71 -118.25
C SER FA 728 -277.94 24.88 -119.76
N GLY FA 729 -277.28 23.92 -120.40
CA GLY FA 729 -277.11 23.94 -121.84
C GLY FA 729 -275.84 24.65 -122.28
N LEU FA 730 -275.52 24.46 -123.55
CA LEU FA 730 -274.32 25.05 -124.15
C LEU FA 730 -274.61 26.34 -124.90
N THR FA 731 -275.85 26.83 -124.85
CA THR FA 731 -276.19 28.04 -125.57
C THR FA 731 -275.57 29.27 -124.92
N ASP FA 732 -275.47 30.34 -125.70
CA ASP FA 732 -274.92 31.61 -125.25
C ASP FA 732 -276.06 32.55 -124.89
N GLY FA 733 -276.06 33.05 -123.67
CA GLY FA 733 -277.12 33.94 -123.25
C GLY FA 733 -277.13 34.16 -121.75
N ASN FA 734 -278.32 34.50 -121.25
CA ASN FA 734 -278.52 34.85 -119.84
C ASN FA 734 -279.72 34.11 -119.29
N GLN FA 735 -279.63 33.75 -118.01
CA GLN FA 735 -280.68 33.09 -117.26
C GLN FA 735 -280.90 33.82 -115.95
N ASN FA 736 -282.17 33.97 -115.56
CA ASN FA 736 -282.54 34.66 -114.34
C ASN FA 736 -283.58 33.85 -113.59
N ALA FA 737 -283.43 33.79 -112.27
CA ALA FA 737 -284.40 33.16 -111.38
C ALA FA 737 -284.87 34.19 -110.37
N LEU FA 738 -286.16 34.20 -110.08
CA LEU FA 738 -286.74 35.16 -109.15
C LEU FA 738 -287.53 34.43 -108.08
N TYR FA 739 -287.38 34.88 -106.84
CA TYR FA 739 -288.13 34.30 -105.73
C TYR FA 739 -289.59 34.72 -105.83
N ILE FA 740 -290.49 33.74 -105.69
CA ILE FA 740 -291.93 34.04 -105.80
C ILE FA 740 -292.37 34.94 -104.67
N ARG FA 741 -291.95 34.64 -103.46
CA ARG FA 741 -292.38 35.40 -102.29
C ARG FA 741 -291.56 36.68 -102.16
N PRO FA 742 -292.19 37.84 -102.11
CA PRO FA 742 -291.46 39.10 -101.99
C PRO FA 742 -291.09 39.39 -100.54
N THR FA 743 -290.40 40.51 -100.34
CA THR FA 743 -290.00 40.95 -99.02
C THR FA 743 -291.09 41.86 -98.44
N ALA FA 744 -290.83 42.43 -97.26
CA ALA FA 744 -291.82 43.28 -96.62
C ALA FA 744 -291.78 44.71 -97.17
N GLY FA 745 -290.63 45.38 -97.02
CA GLY FA 745 -290.52 46.75 -97.46
C GLY FA 745 -289.40 46.96 -98.46
N ASP FA 746 -288.98 48.22 -98.64
CA ASP FA 746 -287.92 48.53 -99.58
C ASP FA 746 -286.54 48.18 -99.04
N LYS FA 747 -286.41 47.99 -97.73
CA LYS FA 747 -285.12 47.63 -97.13
C LYS FA 747 -284.78 46.20 -97.50
N GLN FA 748 -283.79 46.04 -98.37
CA GLN FA 748 -283.41 44.73 -98.91
C GLN FA 748 -281.96 44.43 -98.60
N TRP FA 749 -281.69 43.16 -98.30
CA TRP FA 749 -280.34 42.66 -98.08
C TRP FA 749 -280.28 41.27 -98.68
N VAL FA 750 -279.51 41.10 -99.75
CA VAL FA 750 -279.40 39.81 -100.41
C VAL FA 750 -277.94 39.37 -100.30
N GLU FA 751 -277.75 38.05 -100.28
CA GLU FA 751 -276.40 37.52 -100.09
C GLU FA 751 -276.31 36.11 -100.65
N ALA FA 752 -275.18 35.81 -101.27
CA ALA FA 752 -274.92 34.48 -101.80
C ALA FA 752 -273.43 34.32 -102.00
N THR FA 753 -272.95 33.08 -101.93
CA THR FA 753 -271.55 32.79 -102.16
C THR FA 753 -271.33 32.34 -103.59
N LEU FA 754 -270.29 32.89 -104.22
CA LEU FA 754 -269.98 32.58 -105.61
C LEU FA 754 -268.93 31.49 -105.66
N TYR FA 755 -269.22 30.43 -106.41
CA TYR FA 755 -268.33 29.27 -106.51
C TYR FA 755 -267.92 29.05 -107.96
N GLU FA 756 -266.68 28.60 -108.15
CA GLU FA 756 -266.14 28.28 -109.46
C GLU FA 756 -266.15 29.48 -110.41
N THR FA 757 -266.03 30.68 -109.85
CA THR FA 757 -265.94 31.89 -110.67
C THR FA 757 -264.50 32.30 -110.97
N GLY FA 758 -263.52 31.65 -110.35
CA GLY FA 758 -262.13 31.92 -110.62
C GLY FA 758 -261.56 31.24 -111.83
N ILE FA 759 -262.35 30.41 -112.50
CA ILE FA 759 -261.92 29.72 -113.72
C ILE FA 759 -262.65 30.25 -114.95
N ALA FA 760 -263.35 31.38 -114.83
CA ALA FA 760 -264.05 31.96 -115.96
C ALA FA 760 -263.05 32.45 -117.01
N ALA FA 761 -263.49 32.44 -118.26
CA ALA FA 761 -262.62 32.80 -119.37
C ALA FA 761 -262.68 34.29 -119.69
N SER FA 762 -263.87 34.79 -120.02
CA SER FA 762 -264.00 36.18 -120.44
C SER FA 762 -265.47 36.58 -120.38
N GLY FA 763 -265.77 37.64 -119.63
CA GLY FA 763 -267.09 38.22 -119.64
C GLY FA 763 -268.16 37.44 -118.91
N ALA FA 764 -267.77 36.43 -118.11
CA ALA FA 764 -268.75 35.64 -117.39
C ALA FA 764 -269.39 36.50 -116.30
N ARG FA 765 -270.63 36.90 -116.51
CA ARG FA 765 -271.34 37.77 -115.59
C ARG FA 765 -272.36 36.96 -114.80
N GLU FA 766 -272.20 36.93 -113.48
CA GLU FA 766 -273.12 36.22 -112.61
C GLU FA 766 -273.26 37.00 -111.31
N GLY FA 767 -274.34 36.74 -110.61
CA GLY FA 767 -274.52 37.40 -109.33
C GLY FA 767 -275.97 37.41 -108.89
N LEU FA 768 -276.32 38.44 -108.13
CA LEU FA 768 -277.57 38.50 -107.40
C LEU FA 768 -278.42 39.65 -107.92
N LEU FA 769 -279.74 39.49 -107.78
CA LEU FA 769 -280.72 40.45 -108.26
C LEU FA 769 -281.59 40.90 -107.10
N MET FA 770 -281.83 42.20 -107.00
CA MET FA 770 -282.67 42.75 -105.94
C MET FA 770 -283.39 43.97 -106.49
N HIS FA 771 -284.49 44.32 -105.83
CA HIS FA 771 -285.40 45.35 -106.31
C HIS FA 771 -285.89 45.02 -107.72
N ALA FA 772 -286.12 43.74 -107.97
CA ALA FA 772 -286.54 43.28 -109.28
C ALA FA 772 -288.05 43.34 -109.40
N ASN FA 773 -288.53 43.83 -110.54
CA ASN FA 773 -289.96 43.82 -110.81
C ASN FA 773 -290.45 42.41 -111.07
N ARG FA 774 -291.72 42.16 -110.74
CA ARG FA 774 -292.30 40.85 -110.98
C ARG FA 774 -292.27 40.47 -112.45
N ASP FA 775 -292.35 41.47 -113.34
CA ASP FA 775 -292.24 41.24 -114.77
C ASP FA 775 -290.83 41.53 -115.29
N LEU FA 776 -289.87 41.77 -114.39
CA LEU FA 776 -288.49 42.06 -114.76
C LEU FA 776 -288.38 43.33 -115.60
N SER FA 777 -289.31 44.27 -115.41
CA SER FA 777 -289.27 45.51 -116.17
C SER FA 777 -288.04 46.34 -115.81
N GLN FA 778 -287.72 46.44 -114.52
CA GLN FA 778 -286.51 47.13 -114.08
C GLN FA 778 -285.93 46.39 -112.89
N VAL FA 779 -284.62 46.13 -112.94
CA VAL FA 779 -283.94 45.39 -111.90
C VAL FA 779 -282.62 46.06 -111.56
N VAL FA 780 -282.10 45.73 -110.40
CA VAL FA 780 -280.75 46.08 -109.98
C VAL FA 780 -279.96 44.79 -109.86
N TYR FA 781 -278.78 44.75 -110.45
CA TYR FA 781 -278.03 43.52 -110.63
C TYR FA 781 -276.58 43.73 -110.21
N LEU FA 782 -276.01 42.74 -109.53
CA LEU FA 782 -274.60 42.73 -109.16
C LEU FA 782 -273.91 41.66 -110.00
N GLY FA 783 -273.03 42.08 -110.90
CA GLY FA 783 -272.34 41.15 -111.76
C GLY FA 783 -270.86 41.06 -111.44
N VAL FA 784 -270.40 39.87 -111.03
CA VAL FA 784 -269.03 39.67 -110.59
C VAL FA 784 -268.38 38.64 -111.50
N ASN FA 785 -267.38 39.07 -112.27
CA ASN FA 785 -266.60 38.17 -113.09
C ASN FA 785 -265.32 37.79 -112.36
N LEU FA 786 -264.40 37.13 -113.06
CA LEU FA 786 -263.12 36.78 -112.45
C LEU FA 786 -262.26 38.00 -112.16
N ASN FA 787 -262.57 39.14 -112.78
CA ASN FA 787 -261.73 40.33 -112.70
C ASN FA 787 -262.39 41.48 -111.94
N THR FA 788 -263.63 41.81 -112.26
CA THR FA 788 -264.28 43.01 -111.74
C THR FA 788 -265.66 42.67 -111.20
N ALA FA 789 -266.27 43.69 -110.59
CA ALA FA 789 -267.63 43.60 -110.08
C ALA FA 789 -268.35 44.91 -110.39
N LYS FA 790 -269.52 44.80 -111.02
CA LYS FA 790 -270.25 45.97 -111.49
C LYS FA 790 -271.70 45.91 -111.03
N ILE FA 791 -272.36 47.06 -111.09
CA ILE FA 791 -273.77 47.19 -110.77
C ILE FA 791 -274.50 47.62 -112.03
N TYR FA 792 -275.60 46.95 -112.33
CA TYR FA 792 -276.39 47.21 -113.52
C TYR FA 792 -277.82 47.54 -113.13
N THR FA 793 -278.48 48.34 -113.95
CA THR FA 793 -279.87 48.72 -113.73
C THR FA 793 -280.65 48.60 -115.02
N GLY FA 794 -281.95 48.33 -114.88
CA GLY FA 794 -282.86 48.37 -116.00
C GLY FA 794 -283.47 47.02 -116.34
N PRO FA 795 -284.11 46.94 -117.50
CA PRO FA 795 -284.71 45.67 -117.93
C PRO FA 795 -283.64 44.65 -118.28
N TRP FA 796 -284.03 43.37 -118.18
CA TRP FA 796 -283.09 42.28 -118.41
C TRP FA 796 -282.66 42.20 -119.88
N ASN FA 797 -283.43 42.78 -120.79
CA ASN FA 797 -283.01 42.78 -122.20
C ASN FA 797 -281.75 43.62 -122.40
N SER FA 798 -281.67 44.76 -121.73
CA SER FA 798 -280.50 45.65 -121.85
C SER FA 798 -280.24 46.30 -120.51
N LEU FA 799 -279.06 46.09 -119.96
CA LEU FA 799 -278.68 46.65 -118.68
C LEU FA 799 -277.76 47.85 -118.87
N THR FA 800 -277.79 48.76 -117.91
CA THR FA 800 -276.93 49.95 -117.93
C THR FA 800 -276.05 49.92 -116.69
N GLU FA 801 -274.75 50.13 -116.89
CA GLU FA 801 -273.80 50.13 -115.79
C GLU FA 801 -273.91 51.41 -114.99
N ARG FA 802 -273.94 51.29 -113.67
CA ARG FA 802 -273.96 52.44 -112.77
C ARG FA 802 -272.65 52.62 -112.04
N ALA FA 803 -272.04 51.54 -111.56
CA ALA FA 803 -270.77 51.63 -110.86
C ALA FA 803 -269.98 50.34 -111.09
N SER FA 804 -268.67 50.43 -110.90
CA SER FA 804 -267.80 49.29 -111.13
C SER FA 804 -266.61 49.36 -110.18
N VAL FA 805 -265.98 48.21 -109.97
CA VAL FA 805 -264.81 48.11 -109.11
C VAL FA 805 -263.98 46.92 -109.57
N SER FA 806 -262.67 47.00 -109.35
CA SER FA 806 -261.73 45.97 -109.75
C SER FA 806 -261.22 45.24 -108.52
N THR FA 807 -261.54 43.95 -108.40
CA THR FA 807 -261.15 43.15 -107.25
C THR FA 807 -260.40 41.90 -107.69
N THR FA 808 -260.16 40.98 -106.76
CA THR FA 808 -259.51 39.72 -107.09
C THR FA 808 -260.00 38.65 -106.12
N GLY FA 809 -259.85 37.39 -106.53
CA GLY FA 809 -260.28 36.27 -105.72
C GLY FA 809 -261.78 36.27 -105.48
N ASN FA 810 -262.55 36.49 -106.54
CA ASN FA 810 -263.99 36.65 -106.43
C ASN FA 810 -264.69 35.28 -106.37
N ASP FA 811 -264.41 34.57 -105.28
CA ASP FA 811 -265.04 33.29 -104.99
C ASP FA 811 -265.48 33.25 -103.53
N VAL FA 812 -266.12 34.34 -103.08
CA VAL FA 812 -266.45 34.52 -101.68
C VAL FA 812 -267.94 34.73 -101.51
N LEU FA 813 -268.36 35.01 -100.28
CA LEU FA 813 -269.76 35.24 -99.94
C LEU FA 813 -270.07 36.72 -100.16
N TRP FA 814 -270.60 37.05 -101.34
CA TRP FA 814 -270.93 38.44 -101.66
C TRP FA 814 -272.31 38.79 -101.11
N GLN FA 815 -272.40 39.93 -100.44
CA GLN FA 815 -273.66 40.47 -99.98
C GLN FA 815 -273.86 41.86 -100.57
N MET FA 816 -275.11 42.29 -100.65
CA MET FA 816 -275.37 43.68 -100.98
C MET FA 816 -276.71 44.08 -100.37
N TYR FA 817 -276.77 45.32 -99.89
CA TYR FA 817 -277.95 45.81 -99.22
C TYR FA 817 -278.26 47.23 -99.67
N PHE FA 818 -279.53 47.59 -99.58
CA PHE FA 818 -280.01 48.92 -99.93
C PHE FA 818 -280.46 49.64 -98.67
N ASP FA 819 -279.89 50.83 -98.44
CA ASP FA 819 -280.30 51.66 -97.33
C ASP FA 819 -281.19 52.77 -97.85
N PRO FA 820 -282.47 52.81 -97.48
CA PRO FA 820 -283.35 53.90 -97.94
C PRO FA 820 -283.19 55.21 -97.18
N ALA FA 821 -282.41 55.22 -96.09
CA ALA FA 821 -282.18 56.47 -95.37
C ALA FA 821 -281.48 57.48 -96.27
N THR FA 822 -280.49 57.04 -97.03
CA THR FA 822 -279.85 57.86 -98.04
C THR FA 822 -280.08 57.35 -99.45
N ALA FA 823 -280.88 56.29 -99.61
CA ALA FA 823 -281.19 55.69 -100.91
C ALA FA 823 -279.91 55.30 -101.65
N ALA FA 824 -279.14 54.43 -101.00
CA ALA FA 824 -277.84 54.01 -101.52
C ALA FA 824 -277.69 52.49 -101.43
N TYR FA 825 -276.98 51.94 -102.40
CA TYR FA 825 -276.71 50.50 -102.46
C TYR FA 825 -275.25 50.26 -102.11
N THR FA 826 -275.01 49.28 -101.23
CA THR FA 826 -273.66 48.95 -100.79
C THR FA 826 -273.43 47.46 -100.98
N VAL FA 827 -272.23 47.10 -101.44
CA VAL FA 827 -271.87 45.71 -101.69
C VAL FA 827 -270.68 45.36 -100.81
N LEU FA 828 -270.80 44.25 -100.09
CA LEU FA 828 -269.76 43.77 -99.19
C LEU FA 828 -269.22 42.44 -99.71
N LYS FA 829 -267.89 42.32 -99.73
CA LYS FA 829 -267.22 41.11 -100.19
C LYS FA 829 -266.56 40.45 -98.99
N ASN FA 830 -267.03 39.26 -98.64
CA ASN FA 830 -266.49 38.48 -97.52
C ASN FA 830 -266.50 39.29 -96.22
N GLY FA 831 -267.52 40.11 -96.05
CA GLY FA 831 -267.64 40.95 -94.87
C GLY FA 831 -266.83 42.22 -94.91
N GLN FA 832 -266.13 42.50 -96.00
CA GLN FA 832 -265.34 43.71 -96.15
C GLN FA 832 -266.13 44.76 -96.93
N ALA FA 833 -265.73 46.02 -96.76
CA ALA FA 833 -266.44 47.11 -97.43
C ALA FA 833 -266.33 46.99 -98.95
N SER FA 834 -265.13 46.69 -99.44
CA SER FA 834 -264.87 46.45 -100.87
C SER FA 834 -265.13 47.67 -101.73
N GLY FA 835 -265.56 48.78 -101.13
CA GLY FA 835 -265.71 50.04 -101.85
C GLY FA 835 -266.62 49.99 -103.04
N LEU FA 836 -267.73 49.26 -102.96
CA LEU FA 836 -268.69 49.16 -104.05
C LEU FA 836 -270.00 49.79 -103.58
N THR FA 837 -270.11 51.10 -103.76
CA THR FA 837 -271.27 51.86 -103.31
C THR FA 837 -271.81 52.69 -104.46
N TRP FA 838 -273.14 52.69 -104.58
CA TRP FA 838 -273.83 53.50 -105.58
C TRP FA 838 -274.85 54.39 -104.87
N THR FA 839 -274.94 55.64 -105.30
CA THR FA 839 -275.88 56.60 -104.76
C THR FA 839 -276.87 56.99 -105.84
N ASP FA 840 -278.16 56.84 -105.53
CA ASP FA 840 -279.22 57.13 -106.50
C ASP FA 840 -279.74 58.55 -106.27
N SER FA 841 -278.91 59.52 -106.68
CA SER FA 841 -279.31 60.92 -106.57
C SER FA 841 -280.51 61.22 -107.46
N GLY FA 842 -280.51 60.67 -108.67
CA GLY FA 842 -281.59 60.91 -109.62
C GLY FA 842 -282.82 60.05 -109.45
N SER FA 843 -282.81 59.13 -108.49
CA SER FA 843 -283.95 58.25 -108.21
C SER FA 843 -284.37 57.47 -109.46
N VAL FA 844 -283.38 56.91 -110.15
CA VAL FA 844 -283.66 56.11 -111.34
C VAL FA 844 -284.35 54.80 -110.98
N VAL FA 845 -284.21 54.33 -109.74
CA VAL FA 845 -284.80 53.08 -109.31
C VAL FA 845 -286.04 53.41 -108.46
N ALA FA 846 -287.20 52.95 -108.92
CA ALA FA 846 -288.44 53.18 -108.22
C ALA FA 846 -288.67 52.12 -107.15
N HIS FA 847 -289.17 52.54 -106.00
CA HIS FA 847 -289.44 51.66 -104.88
C HIS FA 847 -290.93 51.66 -104.57
N GLY FA 848 -291.46 50.47 -104.28
CA GLY FA 848 -292.87 50.33 -103.99
C GLY FA 848 -293.25 48.88 -103.76
N PRO FA 849 -294.56 48.62 -103.67
CA PRO FA 849 -295.01 47.23 -103.46
C PRO FA 849 -294.61 46.28 -104.56
N ASN FA 850 -294.48 46.75 -105.80
CA ASN FA 850 -294.20 45.91 -106.94
C ASN FA 850 -292.71 45.76 -107.23
N TYR FA 851 -291.85 46.30 -106.38
CA TYR FA 851 -290.41 46.28 -106.59
C TYR FA 851 -289.68 45.73 -105.37
N ARG FA 852 -290.16 44.61 -104.85
CA ARG FA 852 -289.57 43.97 -103.68
C ARG FA 852 -289.34 42.48 -103.93
N PHE FA 853 -288.79 42.15 -105.10
CA PHE FA 853 -288.47 40.78 -105.45
C PHE FA 853 -286.98 40.64 -105.69
N GLY FA 854 -286.41 39.55 -105.18
CA GLY FA 854 -285.02 39.22 -105.39
C GLY FA 854 -284.84 37.96 -106.22
N GLY FA 855 -283.58 37.64 -106.47
CA GLY FA 855 -283.29 36.46 -107.27
C GLY FA 855 -281.81 36.38 -107.63
N LEU FA 856 -281.54 35.60 -108.68
CA LEU FA 856 -280.20 35.21 -109.08
C LEU FA 856 -280.08 35.34 -110.59
N ARG FA 857 -278.87 35.62 -111.07
CA ARG FA 857 -278.64 35.81 -112.50
C ARG FA 857 -277.31 35.18 -112.89
N ILE FA 858 -277.30 34.49 -114.04
CA ILE FA 858 -276.10 33.89 -114.59
C ILE FA 858 -276.07 34.17 -116.09
N SER FA 859 -274.87 34.30 -116.64
CA SER FA 859 -274.70 34.44 -118.08
C SER FA 859 -273.59 33.53 -118.56
N ARG FA 860 -273.78 32.95 -119.75
CA ARG FA 860 -272.78 32.10 -120.37
C ARG FA 860 -272.46 32.64 -121.76
N ALA FA 861 -271.17 32.65 -122.10
CA ALA FA 861 -270.72 33.16 -123.38
C ALA FA 861 -269.42 32.45 -123.78
N THR FA 862 -269.11 32.56 -125.08
CA THR FA 862 -267.88 32.05 -125.70
C THR FA 862 -267.43 30.71 -125.13
N PHE FA 863 -268.36 29.75 -125.13
CA PHE FA 863 -268.08 28.35 -124.78
C PHE FA 863 -267.49 28.21 -123.38
N PHE FA 864 -267.86 29.09 -122.47
CA PHE FA 864 -267.35 29.01 -121.10
C PHE FA 864 -268.47 29.45 -120.16
N ASN FA 865 -269.10 28.48 -119.51
CA ASN FA 865 -270.14 28.78 -118.53
C ASN FA 865 -269.53 29.51 -117.34
N ALA FA 866 -270.31 30.44 -116.78
CA ALA FA 866 -269.89 31.15 -115.59
C ALA FA 866 -269.91 30.21 -114.39
N GLY FA 867 -269.55 30.74 -113.23
CA GLY FA 867 -269.50 29.95 -112.02
C GLY FA 867 -270.88 29.58 -111.51
N ARG FA 868 -270.88 28.87 -110.40
CA ARG FA 868 -272.11 28.41 -109.76
C ARG FA 868 -272.32 29.15 -108.45
N ILE FA 869 -273.57 29.16 -107.99
CA ILE FA 869 -273.96 29.95 -106.84
C ILE FA 869 -274.54 29.02 -105.78
N ASP FA 870 -274.44 29.44 -104.52
CA ASP FA 870 -274.95 28.64 -103.41
C ASP FA 870 -275.32 29.57 -102.26
N ASN FA 871 -276.14 29.03 -101.35
CA ASN FA 871 -276.55 29.71 -100.12
C ASN FA 871 -277.19 31.06 -100.41
N TRP FA 872 -278.21 31.04 -101.26
CA TRP FA 872 -278.92 32.28 -101.59
C TRP FA 872 -279.79 32.70 -100.41
N THR FA 873 -279.83 34.00 -100.15
CA THR FA 873 -280.60 34.50 -99.01
C THR FA 873 -281.05 35.93 -99.27
N LEU FA 874 -282.31 36.21 -98.95
CA LEU FA 874 -282.87 37.55 -98.98
C LEU FA 874 -283.48 37.86 -97.62
N LYS FA 875 -283.38 39.10 -97.19
CA LYS FA 875 -283.94 39.48 -95.91
C LYS FA 875 -284.11 41.00 -95.87
N ASP FA 876 -284.72 41.49 -94.79
CA ASP FA 876 -284.94 42.91 -94.56
C ASP FA 876 -284.17 43.29 -93.30
N TRP FA 877 -282.93 43.72 -93.49
CA TRP FA 877 -282.09 44.09 -92.36
C TRP FA 877 -282.66 45.31 -91.64
N ALA FA 878 -282.45 45.34 -90.32
CA ALA FA 878 -282.94 46.44 -89.50
C ALA FA 878 -282.03 47.66 -89.64
N MET GA 1 3.28 2.63 24.26
CA MET GA 1 2.03 2.05 23.80
C MET GA 1 1.10 1.79 24.99
N THR GA 2 1.48 2.32 26.14
CA THR GA 2 0.66 2.19 27.34
C THR GA 2 -0.32 3.35 27.44
N MET GA 3 -1.49 3.05 28.00
CA MET GA 3 -2.48 4.08 28.26
C MET GA 3 -2.52 4.36 29.76
N PRO GA 4 -2.01 5.51 30.21
CA PRO GA 4 -1.98 5.77 31.66
C PRO GA 4 -3.35 5.78 32.31
N ASN GA 5 -4.39 6.22 31.60
CA ASN GA 5 -5.74 6.09 32.11
C ASN GA 5 -6.26 4.68 31.86
N GLY GA 6 -7.53 4.45 32.19
CA GLY GA 6 -8.06 3.10 32.11
C GLY GA 6 -8.48 2.71 30.72
N SER GA 7 -9.70 2.17 30.61
CA SER GA 7 -10.27 1.85 29.31
C SER GA 7 -10.63 3.09 28.51
N GLY GA 8 -10.59 4.27 29.13
CA GLY GA 8 -10.87 5.51 28.44
C GLY GA 8 -9.82 5.91 27.41
N GLY GA 9 -8.68 5.22 27.39
CA GLY GA 9 -7.69 5.47 26.35
C GLY GA 9 -8.10 4.99 24.98
N LEU GA 10 -9.01 4.02 24.91
CA LEU GA 10 -9.50 3.55 23.63
C LEU GA 10 -10.46 4.57 23.02
N ASP GA 11 -10.64 4.45 21.71
CA ASP GA 11 -11.54 5.35 20.99
C ASP GA 11 -12.84 4.61 20.69
N PRO GA 12 -13.96 4.99 21.32
CA PRO GA 12 -15.23 4.30 21.04
C PRO GA 12 -15.69 4.45 19.61
N GLY GA 13 -15.32 5.53 18.93
CA GLY GA 13 -15.72 5.78 17.56
C GLY GA 13 -14.80 5.18 16.51
N ALA GA 14 -13.81 4.39 16.90
CA ALA GA 14 -12.88 3.82 15.95
C ALA GA 14 -13.57 2.79 15.06
N TRP GA 15 -12.97 2.53 13.91
CA TRP GA 15 -13.58 1.65 12.92
C TRP GA 15 -13.72 0.22 13.45
N LEU GA 16 -12.69 -0.28 14.12
CA LEU GA 16 -12.68 -1.64 14.65
C LEU GA 16 -12.74 -1.65 16.18
N SER GA 17 -13.37 -0.64 16.78
CA SER GA 17 -13.45 -0.56 18.23
C SER GA 17 -14.36 -1.63 18.81
N HIS GA 18 -15.32 -2.12 18.03
CA HIS GA 18 -16.23 -3.17 18.52
C HIS GA 18 -15.53 -4.51 18.69
N TRP GA 19 -14.35 -4.69 18.09
CA TRP GA 19 -13.67 -5.96 18.08
C TRP GA 19 -12.42 -5.97 18.95
N VAL GA 20 -12.20 -4.93 19.75
CA VAL GA 20 -11.08 -4.91 20.67
C VAL GA 20 -11.45 -5.72 21.91
N ASN GA 21 -10.60 -6.68 22.26
CA ASN GA 21 -10.86 -7.57 23.38
C ASN GA 21 -10.31 -6.97 24.66
N GLN GA 22 -11.13 -7.00 25.72
CA GLN GA 22 -10.69 -6.56 27.04
C GLN GA 22 -10.58 -7.72 28.01
N ALA GA 23 -11.66 -8.47 28.22
CA ALA GA 23 -11.60 -9.70 28.99
C ALA GA 23 -12.52 -10.77 28.43
N ASP GA 24 -13.18 -10.52 27.30
CA ASP GA 24 -14.12 -11.45 26.71
C ASP GA 24 -13.45 -12.23 25.58
N LEU GA 25 -12.48 -13.06 25.98
CA LEU GA 25 -11.75 -13.86 25.00
C LEU GA 25 -12.50 -15.09 24.55
N SER GA 26 -13.60 -15.45 25.22
CA SER GA 26 -14.45 -16.51 24.71
C SER GA 26 -15.19 -16.09 23.45
N SER GA 27 -15.29 -14.79 23.18
CA SER GA 27 -15.96 -14.30 21.98
C SER GA 27 -15.09 -14.43 20.74
N LEU GA 28 -13.80 -14.75 20.90
CA LEU GA 28 -12.94 -14.92 19.73
C LEU GA 28 -13.41 -16.07 18.86
N ALA GA 29 -13.80 -17.19 19.47
CA ALA GA 29 -14.28 -18.34 18.73
C ALA GA 29 -15.63 -18.10 18.07
N GLY GA 30 -16.32 -17.03 18.44
CA GLY GA 30 -17.58 -16.67 17.83
C GLY GA 30 -17.47 -15.80 16.61
N ARG GA 31 -16.26 -15.48 16.16
CA ARG GA 31 -16.08 -14.65 14.97
C ARG GA 31 -15.96 -15.49 13.71
N THR GA 32 -16.94 -16.37 13.51
CA THR GA 32 -17.00 -17.19 12.31
C THR GA 32 -17.71 -16.43 11.19
N GLU GA 33 -17.86 -17.09 10.05
CA GLU GA 33 -18.44 -16.43 8.88
C GLU GA 33 -19.89 -16.05 9.14
N ASP GA 34 -20.64 -16.91 9.82
CA ASP GA 34 -22.06 -16.66 10.01
C ASP GA 34 -22.31 -15.44 10.89
N GLU GA 35 -21.59 -15.34 12.02
CA GLU GA 35 -21.85 -14.25 12.95
C GLU GA 35 -21.41 -12.91 12.38
N VAL GA 36 -20.22 -12.87 11.78
CA VAL GA 36 -19.74 -11.64 11.15
C VAL GA 36 -20.66 -11.25 10.00
N ARG GA 37 -21.10 -12.24 9.23
CA ARG GA 37 -22.03 -11.99 8.14
C ARG GA 37 -23.32 -11.37 8.63
N ALA GA 38 -23.88 -11.91 9.72
CA ALA GA 38 -25.11 -11.35 10.27
C ALA GA 38 -24.90 -9.93 10.78
N TYR GA 39 -23.78 -9.69 11.47
CA TYR GA 39 -23.48 -8.35 11.98
C TYR GA 39 -23.41 -7.33 10.85
N PHE GA 40 -22.69 -7.67 9.78
CA PHE GA 40 -22.52 -6.69 8.71
C PHE GA 40 -23.76 -6.58 7.84
N GLU GA 41 -24.55 -7.65 7.70
CA GLU GA 41 -25.84 -7.53 7.04
C GLU GA 41 -26.75 -6.59 7.82
N ASN GA 42 -26.71 -6.67 9.15
CA ASN GA 42 -27.47 -5.73 9.96
C ASN GA 42 -27.00 -4.30 9.73
N LEU GA 43 -25.68 -4.08 9.68
CA LEU GA 43 -25.17 -2.74 9.44
C LEU GA 43 -25.63 -2.21 8.08
N VAL GA 44 -25.49 -3.02 7.03
CA VAL GA 44 -25.87 -2.57 5.69
C VAL GA 44 -27.36 -2.31 5.61
N GLN GA 45 -28.17 -3.13 6.29
CA GLN GA 45 -29.61 -2.88 6.34
C GLN GA 45 -29.90 -1.57 7.06
N ALA GA 46 -29.10 -1.23 8.06
CA ALA GA 46 -29.28 0.02 8.79
C ALA GA 46 -28.63 1.21 8.09
N ASP GA 47 -27.94 0.99 6.97
CA ASP GA 47 -27.36 2.09 6.20
C ASP GA 47 -28.42 3.11 5.84
N SER GA 48 -28.07 4.40 5.98
CA SER GA 48 -29.05 5.48 5.91
C SER GA 48 -29.29 5.98 4.49
N GLY GA 49 -28.23 6.16 3.70
CA GLY GA 49 -28.40 6.66 2.34
C GLY GA 49 -29.22 5.72 1.48
N TRP GA 50 -28.96 4.42 1.61
CA TRP GA 50 -29.74 3.43 0.88
C TRP GA 50 -31.19 3.43 1.34
N GLY GA 51 -31.43 3.63 2.64
CA GLY GA 51 -32.80 3.71 3.13
C GLY GA 51 -33.54 4.92 2.58
N ASP GA 52 -32.87 6.08 2.55
CA ASP GA 52 -33.49 7.27 1.96
C ASP GA 52 -33.77 7.07 0.49
N ALA GA 53 -32.84 6.43 -0.23
CA ALA GA 53 -33.08 6.12 -1.64
C ALA GA 53 -34.26 5.19 -1.80
N SER GA 54 -34.39 4.20 -0.92
CA SER GA 54 -35.53 3.29 -0.97
C SER GA 54 -36.85 4.04 -0.75
N ASN GA 55 -36.86 4.94 0.23
CA ASN GA 55 -38.05 5.74 0.47
C ASN GA 55 -38.42 6.56 -0.75
N THR GA 56 -37.42 7.23 -1.34
CA THR GA 56 -37.68 8.07 -2.51
C THR GA 56 -38.19 7.24 -3.68
N PHE GA 57 -37.59 6.08 -3.92
CA PHE GA 57 -37.98 5.27 -5.06
C PHE GA 57 -39.37 4.68 -4.89
N PHE GA 58 -39.63 4.08 -3.73
CA PHE GA 58 -40.88 3.34 -3.55
C PHE GA 58 -42.03 4.19 -3.07
N ASN GA 59 -41.79 5.45 -2.71
CA ASN GA 59 -42.87 6.33 -2.27
C ASN GA 59 -43.06 7.55 -3.15
N LEU GA 60 -41.98 8.17 -3.61
CA LEU GA 60 -42.10 9.34 -4.48
C LEU GA 60 -42.20 8.93 -5.95
N ILE GA 61 -41.19 8.22 -6.45
CA ILE GA 61 -41.14 7.89 -7.88
C ILE GA 61 -42.24 6.90 -8.24
N LEU GA 62 -42.40 5.86 -7.44
CA LEU GA 62 -43.39 4.83 -7.71
C LEU GA 62 -44.74 5.13 -7.08
N GLY GA 63 -44.87 6.25 -6.39
CA GLY GA 63 -46.11 6.54 -5.68
C GLY GA 63 -46.33 5.53 -4.57
N GLY GA 64 -47.60 5.28 -4.26
CA GLY GA 64 -47.91 4.24 -3.31
C GLY GA 64 -47.93 2.85 -3.88
N PHE GA 65 -47.74 2.71 -5.18
CA PHE GA 65 -47.83 1.43 -5.86
C PHE GA 65 -46.50 0.69 -5.78
N GLN GA 66 -46.57 -0.60 -5.49
CA GLN GA 66 -45.36 -1.42 -5.44
C GLN GA 66 -44.71 -1.53 -6.82
N ASN GA 67 -45.50 -1.73 -7.87
CA ASN GA 67 -44.96 -1.95 -9.19
C ASN GA 67 -46.03 -1.61 -10.23
N LEU GA 68 -45.58 -1.59 -11.50
CA LEU GA 68 -46.48 -1.27 -12.58
C LEU GA 68 -47.59 -2.30 -12.75
N SER GA 69 -47.33 -3.56 -12.41
CA SER GA 69 -48.37 -4.58 -12.50
C SER GA 69 -49.50 -4.29 -11.53
N GLU GA 70 -49.16 -4.04 -10.27
CA GLU GA 70 -50.17 -3.68 -9.29
C GLU GA 70 -50.88 -2.38 -9.68
N PHE GA 71 -50.13 -1.43 -10.24
CA PHE GA 71 -50.74 -0.18 -10.68
C PHE GA 71 -51.73 -0.41 -11.81
N VAL GA 72 -51.41 -1.30 -12.75
CA VAL GA 72 -52.33 -1.64 -13.83
C VAL GA 72 -53.58 -2.28 -13.27
N THR GA 73 -53.43 -3.18 -12.31
CA THR GA 73 -54.59 -3.79 -11.68
C THR GA 73 -55.46 -2.73 -11.00
N LEU GA 74 -54.82 -1.76 -10.34
CA LEU GA 74 -55.58 -0.69 -9.69
C LEU GA 74 -56.31 0.17 -10.71
N ILE GA 75 -55.67 0.46 -11.85
CA ILE GA 75 -56.34 1.22 -12.90
C ILE GA 75 -57.55 0.46 -13.41
N VAL GA 76 -57.40 -0.85 -13.64
CA VAL GA 76 -58.50 -1.67 -14.12
C VAL GA 76 -59.64 -1.68 -13.11
N GLN GA 77 -59.30 -1.81 -11.82
CA GLN GA 77 -60.34 -1.82 -10.80
C GLN GA 77 -61.02 -0.46 -10.68
N ALA GA 78 -60.28 0.63 -10.91
CA ALA GA 78 -60.87 1.95 -10.81
C ALA GA 78 -61.82 2.22 -11.97
N VAL GA 79 -61.47 1.76 -13.18
CA VAL GA 79 -62.31 2.06 -14.33
C VAL GA 79 -63.48 1.08 -14.42
N THR GA 80 -63.25 -0.19 -14.11
CA THR GA 80 -64.27 -1.23 -14.17
C THR GA 80 -64.27 -2.02 -12.87
N GLY GA 81 -65.45 -2.50 -12.49
CA GLY GA 81 -65.56 -3.23 -11.23
C GLY GA 81 -64.74 -4.50 -11.20
N ALA GA 82 -64.76 -5.25 -12.30
CA ALA GA 82 -64.07 -6.53 -12.35
C ALA GA 82 -62.57 -6.33 -12.39
N PRO GA 83 -61.80 -6.88 -11.46
CA PRO GA 83 -60.34 -6.79 -11.53
C PRO GA 83 -59.79 -7.65 -12.66
N GLY GA 84 -58.63 -7.27 -13.15
CA GLY GA 84 -57.99 -8.00 -14.23
C GLY GA 84 -56.91 -7.17 -14.88
N GLY GA 85 -56.43 -7.69 -16.01
CA GLY GA 85 -55.36 -7.05 -16.75
C GLY GA 85 -55.87 -6.04 -17.77
N LEU GA 86 -54.93 -5.54 -18.56
CA LEU GA 86 -55.28 -4.59 -19.62
C LEU GA 86 -56.21 -5.23 -20.62
N THR GA 87 -56.03 -6.52 -20.90
CA THR GA 87 -56.94 -7.22 -21.79
C THR GA 87 -58.35 -7.27 -21.21
N ASP GA 88 -58.46 -7.51 -19.91
CA ASP GA 88 -59.77 -7.51 -19.26
C ASP GA 88 -60.41 -6.12 -19.33
N LEU GA 89 -59.62 -5.08 -19.11
CA LEU GA 89 -60.12 -3.71 -19.24
C LEU GA 89 -60.65 -3.47 -20.64
N GLN GA 90 -59.87 -3.85 -21.66
CA GLN GA 90 -60.30 -3.65 -23.04
C GLN GA 90 -61.56 -4.45 -23.36
N ALA GA 91 -61.65 -5.67 -22.85
CA ALA GA 91 -62.83 -6.51 -23.12
C ALA GA 91 -64.07 -5.90 -22.49
N PHE GA 92 -63.98 -5.45 -21.24
CA PHE GA 92 -65.12 -4.84 -20.59
C PHE GA 92 -65.54 -3.56 -21.31
N LEU GA 93 -64.57 -2.74 -21.70
CA LEU GA 93 -64.90 -1.50 -22.40
C LEU GA 93 -65.53 -1.79 -23.76
N THR GA 94 -65.04 -2.82 -24.46
CA THR GA 94 -65.63 -3.18 -25.75
C THR GA 94 -67.06 -3.68 -25.58
N GLU GA 95 -67.31 -4.52 -24.57
CA GLU GA 95 -68.66 -5.01 -24.35
C GLU GA 95 -69.62 -3.88 -24.01
N ARG GA 96 -69.20 -2.97 -23.13
CA ARG GA 96 -70.08 -1.86 -22.77
C ARG GA 96 -70.23 -0.88 -23.92
N TRP GA 97 -69.23 -0.74 -24.78
CA TRP GA 97 -69.38 0.07 -25.99
C TRP GA 97 -70.40 -0.54 -26.94
N GLY GA 98 -70.37 -1.87 -27.10
CA GLY GA 98 -71.38 -2.52 -27.91
C GLY GA 98 -72.78 -2.34 -27.35
N ASP GA 99 -72.92 -2.47 -26.03
CA ASP GA 99 -74.22 -2.23 -25.40
C ASP GA 99 -74.68 -0.79 -25.60
N LEU GA 100 -73.75 0.16 -25.47
CA LEU GA 100 -74.09 1.57 -25.67
C LEU GA 100 -74.52 1.85 -27.11
N ALA GA 101 -73.81 1.26 -28.07
CA ALA GA 101 -74.21 1.40 -29.47
C ALA GA 101 -75.58 0.80 -29.72
N ASP GA 102 -75.86 -0.35 -29.09
CA ASP GA 102 -77.18 -0.96 -29.22
C ASP GA 102 -78.27 -0.05 -28.64
N ALA GA 103 -77.98 0.58 -27.51
CA ALA GA 103 -78.96 1.49 -26.92
C ALA GA 103 -79.19 2.72 -27.80
N PHE GA 104 -78.12 3.26 -28.39
CA PHE GA 104 -78.28 4.41 -29.27
C PHE GA 104 -79.07 4.04 -30.52
N GLN GA 105 -78.81 2.85 -31.07
CA GLN GA 105 -79.61 2.38 -32.20
C GLN GA 105 -81.05 2.12 -31.78
N ALA GA 106 -81.28 1.73 -30.53
CA ALA GA 106 -82.65 1.60 -30.02
C ALA GA 106 -83.35 2.94 -29.97
N VAL GA 107 -82.63 3.99 -29.57
CA VAL GA 107 -83.20 5.34 -29.59
C VAL GA 107 -83.55 5.75 -31.02
N ALA GA 108 -82.64 5.47 -31.96
CA ALA GA 108 -82.91 5.76 -33.36
C ALA GA 108 -84.13 4.98 -33.86
N ASN GA 109 -84.26 3.72 -33.44
CA ASN GA 109 -85.41 2.91 -33.81
C ASN GA 109 -86.69 3.44 -33.19
N LEU GA 110 -86.63 3.98 -31.97
CA LEU GA 110 -87.78 4.65 -31.40
C LEU GA 110 -88.21 5.85 -32.23
N ILE GA 111 -87.24 6.65 -32.67
CA ILE GA 111 -87.56 7.79 -33.53
C ILE GA 111 -88.20 7.32 -34.82
N ASP GA 112 -87.62 6.28 -35.44
CA ASP GA 112 -88.17 5.76 -36.69
C ASP GA 112 -89.57 5.17 -36.49
N ALA GA 113 -89.80 4.49 -35.37
CA ALA GA 113 -91.10 3.88 -35.12
C ALA GA 113 -92.17 4.93 -34.86
N ILE GA 114 -91.87 5.95 -34.06
CA ILE GA 114 -92.81 7.03 -33.86
C ILE GA 114 -93.02 7.83 -35.15
N ALA GA 115 -92.05 7.77 -36.07
CA ALA GA 115 -92.28 8.32 -37.40
C ALA GA 115 -93.20 7.42 -38.22
N GLY GA 116 -93.15 6.12 -37.99
CA GLY GA 116 -93.99 5.16 -38.68
C GLY GA 116 -93.26 4.17 -39.56
N GLU GA 117 -91.94 4.29 -39.71
CA GLU GA 117 -91.19 3.37 -40.55
C GLU GA 117 -89.73 3.40 -40.13
N VAL GA 118 -89.07 2.23 -40.27
CA VAL GA 118 -87.68 2.12 -39.90
C VAL GA 118 -86.82 3.02 -40.78
N GLY GA 119 -85.78 3.60 -40.19
CA GLY GA 119 -84.90 4.49 -40.91
C GLY GA 119 -85.53 5.81 -41.33
N SER GA 120 -86.27 6.44 -40.43
CA SER GA 120 -86.94 7.71 -40.70
C SER GA 120 -86.28 8.82 -39.90
N SER GA 121 -86.89 10.01 -39.95
CA SER GA 121 -86.33 11.20 -39.32
C SER GA 121 -87.32 11.79 -38.32
N LEU GA 122 -86.81 12.68 -37.47
CA LEU GA 122 -87.66 13.39 -36.53
C LEU GA 122 -88.68 14.27 -37.24
N ALA GA 123 -88.34 14.76 -38.43
CA ALA GA 123 -89.32 15.47 -39.25
C ALA GA 123 -90.47 14.55 -39.62
N ASP GA 124 -90.17 13.32 -40.02
CA ASP GA 124 -91.23 12.36 -40.30
C ASP GA 124 -92.03 12.04 -39.04
N ALA GA 125 -91.36 12.00 -37.88
CA ALA GA 125 -92.06 11.74 -36.63
C ALA GA 125 -93.08 12.83 -36.33
N ILE GA 126 -92.65 14.09 -36.40
CA ILE GA 126 -93.56 15.19 -36.11
C ILE GA 126 -94.63 15.28 -37.18
N ALA GA 127 -94.31 14.93 -38.44
CA ALA GA 127 -95.34 14.90 -39.48
C ALA GA 127 -96.40 13.86 -39.19
N LYS GA 128 -95.99 12.67 -38.74
CA LYS GA 128 -96.95 11.63 -38.38
C LYS GA 128 -97.82 12.07 -37.21
N LEU GA 129 -97.20 12.68 -36.21
CA LEU GA 129 -97.96 13.16 -35.06
C LEU GA 129 -98.97 14.24 -35.47
N ALA GA 130 -98.56 15.12 -36.40
CA ALA GA 130 -99.48 16.14 -36.90
C ALA GA 130 -100.62 15.50 -37.70
N THR GA 131 -100.31 14.48 -38.50
CA THR GA 131 -101.35 13.83 -39.29
C THR GA 131 -102.36 13.10 -38.41
N PHE GA 132 -101.92 12.57 -37.27
CA PHE GA 132 -102.87 11.97 -36.34
C PHE GA 132 -103.87 13.01 -35.86
N LEU GA 133 -105.12 12.59 -35.70
CA LEU GA 133 -106.20 13.47 -35.29
C LEU GA 133 -106.52 13.27 -33.81
N THR GA 134 -106.31 14.32 -33.02
CA THR GA 134 -106.56 14.25 -31.58
C THR GA 134 -108.04 14.56 -31.30
N GLU GA 135 -108.38 14.74 -30.03
CA GLU GA 135 -109.77 15.02 -29.66
C GLU GA 135 -110.23 16.37 -30.23
N LEU GA 136 -109.40 17.39 -30.09
CA LEU GA 136 -109.78 18.72 -30.55
C LEU GA 136 -109.72 18.86 -32.05
N SER GA 137 -108.92 18.03 -32.72
CA SER GA 137 -108.77 18.11 -34.16
C SER GA 137 -110.02 17.58 -34.87
N PRO GA 138 -110.23 17.96 -36.13
CA PRO GA 138 -111.40 17.46 -36.86
C PRO GA 138 -111.33 15.97 -37.09
N LEU GA 139 -112.46 15.42 -37.52
CA LEU GA 139 -112.56 13.99 -37.83
C LEU GA 139 -113.21 13.83 -39.19
N ASN GA 140 -112.59 13.03 -40.05
CA ASN GA 140 -113.07 12.87 -41.42
C ASN GA 140 -114.45 12.21 -41.44
N ALA GA 141 -115.30 12.70 -42.34
CA ALA GA 141 -116.60 12.08 -42.60
C ALA GA 141 -116.60 11.33 -43.92
N GLY GA 142 -115.43 10.94 -44.42
CA GLY GA 142 -115.36 10.36 -45.76
C GLY GA 142 -116.08 9.04 -45.88
N MET GA 143 -115.84 8.12 -44.94
CA MET GA 143 -116.41 6.79 -45.05
C MET GA 143 -117.34 6.44 -43.89
N LEU GA 144 -116.87 6.46 -42.65
CA LEU GA 144 -117.66 6.06 -41.48
C LEU GA 144 -118.34 4.72 -41.70
N PHE GA 145 -117.50 3.69 -41.77
CA PHE GA 145 -118.02 2.33 -41.91
C PHE GA 145 -118.79 1.95 -40.66
N GLY GA 146 -119.72 1.02 -40.83
CA GLY GA 146 -120.57 0.61 -39.72
C GLY GA 146 -121.99 1.07 -39.90
N LEU GA 147 -122.56 1.69 -38.87
CA LEU GA 147 -123.95 2.09 -38.94
C LEU GA 147 -124.24 3.04 -37.79
N ILE GA 148 -124.84 4.18 -38.08
CA ILE GA 148 -125.11 5.21 -37.08
C ILE GA 148 -126.48 4.96 -36.47
N GLY GA 149 -126.54 4.98 -35.13
CA GLY GA 149 -127.78 4.71 -34.45
C GLY GA 149 -128.80 5.82 -34.63
N THR GA 150 -130.06 5.49 -34.32
CA THR GA 150 -131.15 6.43 -34.53
C THR GA 150 -131.16 7.54 -33.48
N ASN GA 151 -130.91 7.19 -32.21
CA ASN GA 151 -131.04 8.16 -31.13
C ASN GA 151 -130.03 9.29 -31.22
N HIS GA 152 -128.98 9.13 -32.03
CA HIS GA 152 -127.98 10.17 -32.20
C HIS GA 152 -128.33 11.14 -33.32
N LEU GA 153 -129.47 10.97 -33.99
CA LEU GA 153 -129.89 11.86 -35.06
C LEU GA 153 -130.97 12.80 -34.54
N PRO GA 154 -130.63 14.00 -34.11
CA PRO GA 154 -131.61 14.87 -33.47
C PRO GA 154 -132.60 15.51 -34.43
N LEU GA 155 -132.13 16.01 -35.57
CA LEU GA 155 -133.02 16.76 -36.46
C LEU GA 155 -132.64 16.49 -37.91
N LEU GA 156 -133.62 16.02 -38.68
CA LEU GA 156 -133.44 15.76 -40.10
C LEU GA 156 -133.83 16.99 -40.91
N SER GA 157 -133.95 16.82 -42.23
CA SER GA 157 -134.33 17.92 -43.11
C SER GA 157 -135.37 17.44 -44.09
N VAL GA 158 -136.59 18.00 -43.99
CA VAL GA 158 -137.69 17.56 -44.84
C VAL GA 158 -137.36 17.80 -46.31
N SER GA 159 -136.69 18.92 -46.60
CA SER GA 159 -136.26 19.17 -47.98
C SER GA 159 -135.25 18.11 -48.42
N HIS GA 160 -134.33 17.74 -47.52
CA HIS GA 160 -133.35 16.72 -47.85
C HIS GA 160 -133.97 15.36 -48.06
N ILE GA 161 -135.16 15.12 -47.49
CA ILE GA 161 -135.83 13.84 -47.71
C ILE GA 161 -136.12 13.65 -49.19
N ALA GA 162 -135.90 12.44 -49.68
CA ALA GA 162 -136.17 12.10 -51.08
C ALA GA 162 -136.36 10.59 -51.18
N ASN GA 163 -136.33 10.07 -52.40
CA ASN GA 163 -136.64 8.67 -52.68
C ASN GA 163 -135.40 7.94 -53.18
N ILE GA 164 -134.66 7.32 -52.25
CA ILE GA 164 -133.50 6.49 -52.54
C ILE GA 164 -133.54 5.27 -51.63
N ASN GA 165 -133.21 4.11 -52.18
CA ASN GA 165 -133.11 2.87 -51.41
C ASN GA 165 -131.67 2.39 -51.47
N PRO GA 166 -130.87 2.63 -50.43
CA PRO GA 166 -129.48 2.17 -50.44
C PRO GA 166 -129.34 0.81 -49.76
N GLU GA 167 -128.13 0.26 -49.84
CA GLU GA 167 -127.83 -0.98 -49.16
C GLU GA 167 -127.73 -0.74 -47.65
N LEU GA 168 -127.77 -1.83 -46.89
CA LEU GA 168 -127.73 -1.76 -45.44
C LEU GA 168 -126.44 -2.29 -44.85
N LEU GA 169 -126.07 -3.52 -45.18
CA LEU GA 169 -124.92 -4.14 -44.57
C LEU GA 169 -123.62 -3.53 -45.11
N VAL GA 170 -122.57 -3.63 -44.30
CA VAL GA 170 -121.23 -3.20 -44.67
C VAL GA 170 -120.43 -4.44 -45.05
N ASN GA 171 -119.69 -4.35 -46.15
CA ASN GA 171 -119.00 -5.52 -46.72
C ASN GA 171 -120.00 -6.63 -47.04
N ALA GA 172 -121.14 -6.25 -47.61
CA ALA GA 172 -122.17 -7.22 -47.94
C ALA GA 172 -121.73 -8.15 -49.07
N GLY GA 173 -120.87 -7.68 -49.96
CA GLY GA 173 -120.37 -8.50 -51.04
C GLY GA 173 -119.26 -9.45 -50.67
N PHE GA 174 -118.82 -9.43 -49.41
CA PHE GA 174 -117.74 -10.29 -48.93
C PHE GA 174 -116.46 -10.09 -49.73
N ASP GA 175 -116.24 -8.88 -50.24
CA ASP GA 175 -115.06 -8.59 -51.03
C ASP GA 175 -113.83 -8.29 -50.19
N SER GA 176 -113.98 -8.22 -48.86
CA SER GA 176 -112.84 -7.98 -47.99
C SER GA 176 -112.80 -9.01 -46.86
N ASP GA 177 -111.91 -8.81 -45.89
CA ASP GA 177 -111.74 -9.76 -44.80
C ASP GA 177 -112.74 -9.53 -43.67
N VAL GA 178 -113.45 -8.41 -43.66
CA VAL GA 178 -114.39 -8.12 -42.58
C VAL GA 178 -115.60 -9.03 -42.69
N SER GA 179 -116.27 -9.27 -41.55
CA SER GA 179 -117.50 -10.04 -41.38
C SER GA 179 -117.27 -11.54 -41.44
N VAL GA 180 -116.03 -12.00 -41.56
CA VAL GA 180 -115.73 -13.43 -41.60
C VAL GA 180 -114.60 -13.72 -40.62
N VAL GA 181 -114.29 -12.73 -39.78
CA VAL GA 181 -113.15 -12.83 -38.88
C VAL GA 181 -113.41 -13.91 -37.83
N ASP GA 182 -112.32 -14.55 -37.38
CA ASP GA 182 -112.31 -15.60 -36.36
C ASP GA 182 -113.42 -16.63 -36.58
N ASN GA 183 -113.32 -17.33 -37.71
CA ASN GA 183 -114.27 -18.37 -38.03
C ASN GA 183 -113.57 -19.55 -38.71
N PRO GA 184 -113.40 -20.67 -38.01
CA PRO GA 184 -112.85 -21.86 -38.68
C PRO GA 184 -113.73 -22.37 -39.80
N TYR GA 185 -115.05 -22.21 -39.70
CA TYR GA 185 -115.95 -22.72 -40.74
C TYR GA 185 -115.86 -21.89 -42.01
N TRP GA 186 -115.87 -20.58 -41.89
CA TRP GA 186 -115.94 -19.67 -43.04
C TRP GA 186 -114.69 -18.81 -43.10
N ASP GA 187 -114.13 -18.68 -44.30
CA ASP GA 187 -112.97 -17.82 -44.50
C ASP GA 187 -113.16 -17.00 -45.77
N TRP GA 188 -112.53 -15.82 -45.79
CA TRP GA 188 -112.57 -14.96 -46.95
C TRP GA 188 -111.71 -15.52 -48.06
N ASP GA 189 -112.20 -15.42 -49.29
CA ASP GA 189 -111.48 -15.90 -50.47
C ASP GA 189 -111.28 -14.73 -51.43
N GLY GA 190 -110.03 -14.48 -51.80
CA GLY GA 190 -109.68 -13.44 -52.73
C GLY GA 190 -109.56 -13.87 -54.18
N THR GA 191 -109.87 -15.13 -54.50
CA THR GA 191 -109.78 -15.62 -55.87
C THR GA 191 -111.14 -15.98 -56.46
N VAL GA 192 -112.18 -16.11 -55.63
CA VAL GA 192 -113.51 -16.51 -56.09
C VAL GA 192 -114.46 -15.35 -55.84
N GLY GA 193 -115.11 -14.87 -56.90
CA GLY GA 193 -116.05 -13.78 -56.79
C GLY GA 193 -116.38 -13.16 -58.13
N ARG GA 194 -117.61 -12.68 -58.29
CA ARG GA 194 -117.99 -12.05 -59.55
C ARG GA 194 -117.47 -10.63 -59.67
N THR GA 195 -117.38 -9.90 -58.55
CA THR GA 195 -116.92 -8.52 -58.55
C THR GA 195 -115.55 -8.43 -57.87
N ALA GA 196 -114.78 -7.43 -58.29
CA ALA GA 196 -113.44 -7.25 -57.76
C ALA GA 196 -113.49 -6.97 -56.25
N PRO GA 197 -112.49 -7.46 -55.49
CA PRO GA 197 -111.33 -8.25 -55.93
C PRO GA 197 -111.60 -9.75 -55.94
N LEU GA 198 -112.77 -10.16 -56.41
CA LEU GA 198 -113.16 -11.57 -56.49
C LEU GA 198 -113.07 -12.24 -55.12
N GLY GA 199 -113.78 -11.64 -54.16
CA GLY GA 199 -113.79 -12.13 -52.79
C GLY GA 199 -115.17 -12.68 -52.44
N ALA GA 200 -115.16 -13.88 -51.85
CA ALA GA 200 -116.40 -14.54 -51.43
C ALA GA 200 -116.12 -15.27 -50.12
N VAL GA 201 -117.08 -16.08 -49.70
CA VAL GA 201 -116.97 -16.86 -48.47
C VAL GA 201 -116.76 -18.33 -48.83
N LYS GA 202 -115.79 -18.96 -48.19
CA LYS GA 202 -115.49 -20.37 -48.37
C LYS GA 202 -115.79 -21.11 -47.08
N VAL GA 203 -116.34 -22.31 -47.22
CA VAL GA 203 -116.69 -23.14 -46.07
C VAL GA 203 -116.31 -24.59 -46.35
N VAL GA 204 -115.74 -25.24 -45.34
CA VAL GA 204 -115.39 -26.66 -45.43
C VAL GA 204 -116.49 -27.41 -44.69
N ALA GA 205 -117.52 -27.81 -45.42
CA ALA GA 205 -118.68 -28.48 -44.84
C ALA GA 205 -118.30 -29.94 -44.57
N ASP GA 206 -117.96 -30.24 -43.32
CA ASP GA 206 -117.59 -31.60 -42.91
C ASP GA 206 -118.79 -32.31 -42.29
N GLY GA 207 -119.84 -32.48 -43.10
CA GLY GA 207 -121.02 -33.21 -42.65
C GLY GA 207 -121.78 -32.57 -41.51
N THR GA 208 -121.66 -31.27 -41.33
CA THR GA 208 -122.23 -30.61 -40.16
C THR GA 208 -123.03 -29.37 -40.52
N ILE GA 209 -123.42 -28.59 -39.51
CA ILE GA 209 -124.15 -27.34 -39.70
C ILE GA 209 -123.15 -26.18 -39.67
N LYS GA 210 -123.32 -25.24 -40.59
CA LYS GA 210 -122.47 -24.07 -40.68
C LYS GA 210 -123.32 -22.81 -40.59
N ASP GA 211 -122.76 -21.78 -39.97
CA ASP GA 211 -123.47 -20.52 -39.74
C ASP GA 211 -122.58 -19.35 -40.09
N LEU GA 212 -123.19 -18.28 -40.58
CA LEU GA 212 -122.48 -17.04 -40.90
C LEU GA 212 -123.37 -15.85 -40.54
N LEU GA 213 -122.74 -14.85 -39.92
CA LEU GA 213 -123.41 -13.65 -39.47
C LEU GA 213 -122.71 -12.42 -40.06
N SER GA 214 -123.46 -11.32 -40.14
CA SER GA 214 -122.90 -10.08 -40.65
C SER GA 214 -121.96 -9.46 -39.62
N GLY GA 215 -120.78 -9.07 -40.08
CA GLY GA 215 -119.79 -8.43 -39.22
C GLY GA 215 -120.27 -7.14 -38.58
N PRO GA 216 -120.89 -6.25 -39.37
CA PRO GA 216 -121.52 -5.08 -38.77
C PRO GA 216 -122.59 -5.47 -37.76
N ASP GA 217 -122.90 -4.54 -36.89
CA ASP GA 217 -123.83 -4.79 -35.79
C ASP GA 217 -125.27 -4.77 -36.28
N ALA GA 218 -126.21 -4.73 -35.34
CA ALA GA 218 -127.61 -4.94 -35.66
C ALA GA 218 -128.15 -3.89 -36.62
N ILE GA 219 -128.92 -4.37 -37.61
CA ILE GA 219 -129.69 -3.48 -38.47
C ILE GA 219 -130.99 -3.15 -37.75
N PRO GA 220 -131.26 -1.88 -37.47
CA PRO GA 220 -132.49 -1.53 -36.73
C PRO GA 220 -133.68 -1.45 -37.68
N VAL GA 221 -134.68 -2.31 -37.44
CA VAL GA 221 -135.93 -2.31 -38.18
C VAL GA 221 -137.06 -2.28 -37.17
N VAL GA 222 -138.24 -1.87 -37.64
CA VAL GA 222 -139.41 -1.70 -36.78
C VAL GA 222 -140.62 -2.31 -37.48
N GLU GA 223 -141.77 -2.22 -36.82
CA GLU GA 223 -143.00 -2.76 -37.39
C GLU GA 223 -143.30 -2.10 -38.73
N GLY GA 224 -143.93 -2.87 -39.61
CA GLY GA 224 -144.01 -2.41 -40.99
C GLY GA 224 -142.62 -2.36 -41.60
N GLN GA 225 -142.41 -1.39 -42.49
CA GLN GA 225 -141.10 -1.13 -43.08
C GLN GA 225 -140.55 -2.37 -43.77
N LYS GA 226 -141.25 -2.75 -44.85
CA LYS GA 226 -140.95 -3.98 -45.56
C LYS GA 226 -139.49 -4.02 -46.01
N LEU GA 227 -138.94 -5.23 -46.07
CA LEU GA 227 -137.55 -5.43 -46.41
C LEU GA 227 -137.42 -6.43 -47.56
N ASN GA 228 -136.34 -6.29 -48.33
CA ASN GA 228 -136.04 -7.20 -49.42
C ASN GA 228 -134.65 -7.79 -49.19
N VAL GA 229 -134.54 -9.11 -49.32
CA VAL GA 229 -133.29 -9.82 -49.11
C VAL GA 229 -132.95 -10.60 -50.38
N SER GA 230 -131.71 -10.47 -50.85
CA SER GA 230 -131.24 -11.21 -52.01
C SER GA 230 -129.74 -11.46 -51.86
N ALA GA 231 -129.26 -12.46 -52.60
CA ALA GA 231 -127.84 -12.83 -52.62
C ALA GA 231 -127.63 -13.87 -53.70
N TRP GA 232 -126.43 -13.87 -54.29
CA TRP GA 232 -126.07 -14.84 -55.32
C TRP GA 232 -125.24 -15.93 -54.65
N LEU GA 233 -125.81 -17.13 -54.61
CA LEU GA 233 -125.20 -18.28 -53.96
C LEU GA 233 -124.78 -19.32 -54.99
N LYS GA 234 -123.76 -20.09 -54.64
CA LYS GA 234 -123.25 -21.13 -55.55
C LYS GA 234 -122.60 -22.23 -54.73
N TYR GA 235 -123.12 -23.45 -54.83
CA TYR GA 235 -122.54 -24.60 -54.16
C TYR GA 235 -121.70 -25.39 -55.15
N SER GA 236 -120.44 -25.63 -54.81
CA SER GA 236 -119.50 -26.34 -55.66
C SER GA 236 -119.05 -27.61 -54.95
N GLY GA 237 -119.04 -28.72 -55.69
CA GLY GA 237 -118.66 -30.00 -55.13
C GLY GA 237 -119.55 -30.45 -54.00
N LEU GA 238 -120.84 -30.12 -54.06
CA LEU GA 238 -121.75 -30.35 -52.94
C LEU GA 238 -121.95 -31.85 -52.74
N VAL GA 239 -121.29 -32.39 -51.71
CA VAL GA 239 -121.55 -33.77 -51.29
C VAL GA 239 -122.69 -33.82 -50.28
N ALA GA 240 -123.30 -32.68 -49.97
CA ALA GA 240 -124.40 -32.64 -49.01
C ALA GA 240 -125.54 -33.53 -49.48
N GLY GA 241 -126.15 -34.23 -48.52
CA GLY GA 241 -127.21 -35.16 -48.87
C GLY GA 241 -128.38 -34.43 -49.51
N ALA GA 242 -128.95 -35.07 -50.54
CA ALA GA 242 -130.09 -34.50 -51.25
C ALA GA 242 -131.31 -34.56 -50.34
N GLY GA 243 -131.62 -33.43 -49.71
CA GLY GA 243 -132.75 -33.39 -48.81
C GLY GA 243 -133.14 -31.96 -48.49
N ALA GA 244 -134.02 -31.83 -47.49
CA ALA GA 244 -134.52 -30.54 -47.07
C ALA GA 244 -133.52 -29.86 -46.13
N GLY GA 245 -133.35 -28.55 -46.31
CA GLY GA 245 -132.44 -27.79 -45.48
C GLY GA 245 -131.29 -27.20 -46.27
N SER GA 246 -130.06 -27.50 -45.85
CA SER GA 246 -128.84 -27.05 -46.53
C SER GA 246 -128.83 -25.54 -46.54
N ILE GA 247 -128.82 -24.87 -47.70
CA ILE GA 247 -128.66 -23.42 -47.74
C ILE GA 247 -129.94 -22.74 -47.30
N ARG GA 248 -129.82 -21.81 -46.35
CA ARG GA 248 -130.94 -20.99 -45.91
C ARG GA 248 -130.44 -19.58 -45.67
N LEU GA 249 -131.13 -18.61 -46.27
CA LEU GA 249 -130.84 -17.18 -46.09
C LEU GA 249 -131.97 -16.60 -45.25
N SER GA 250 -131.75 -16.49 -43.94
CA SER GA 250 -132.79 -16.06 -43.03
C SER GA 250 -132.37 -14.77 -42.33
N GLY GA 251 -133.19 -14.33 -41.39
CA GLY GA 251 -132.89 -13.13 -40.64
C GLY GA 251 -132.93 -13.32 -39.14
N THR GA 252 -131.81 -13.10 -38.47
CA THR GA 252 -131.75 -13.15 -37.01
C THR GA 252 -132.39 -11.87 -36.49
N ALA GA 253 -133.64 -11.96 -36.07
CA ALA GA 253 -134.37 -10.82 -35.53
C ALA GA 253 -134.32 -10.87 -34.01
N TYR GA 254 -133.77 -9.84 -33.41
CA TYR GA 254 -133.61 -9.75 -31.96
C TYR GA 254 -134.75 -8.97 -31.34
N SER GA 255 -134.93 -9.16 -30.03
CA SER GA 255 -135.89 -8.41 -29.26
C SER GA 255 -135.28 -7.05 -28.91
N ALA GA 256 -135.94 -6.32 -28.01
CA ALA GA 256 -135.40 -5.03 -27.57
C ALA GA 256 -134.04 -5.19 -26.91
N ASP GA 257 -133.88 -6.23 -26.09
CA ASP GA 257 -132.62 -6.50 -25.42
C ASP GA 257 -131.73 -7.45 -26.22
N GLY GA 258 -132.20 -7.95 -27.36
CA GLY GA 258 -131.39 -8.82 -28.19
C GLY GA 258 -131.68 -10.29 -28.03
N GLU GA 259 -132.96 -10.66 -28.06
CA GLU GA 259 -133.40 -12.04 -27.95
C GLU GA 259 -133.98 -12.50 -29.28
N VAL GA 260 -133.52 -13.66 -29.77
CA VAL GA 260 -134.04 -14.19 -31.02
C VAL GA 260 -135.53 -14.46 -30.90
N VAL GA 261 -136.26 -14.23 -31.99
CA VAL GA 261 -137.70 -14.44 -32.04
C VAL GA 261 -138.08 -15.54 -33.01
N ALA GA 262 -137.42 -15.61 -34.17
CA ALA GA 262 -137.76 -16.58 -35.19
C ALA GA 262 -136.60 -16.70 -36.16
N TYR GA 263 -136.76 -17.57 -37.15
CA TYR GA 263 -135.78 -17.78 -38.22
C TYR GA 263 -136.49 -17.62 -39.56
N PRO GA 264 -136.89 -16.41 -39.92
CA PRO GA 264 -137.65 -16.24 -41.16
C PRO GA 264 -136.77 -16.41 -42.40
N ASP GA 265 -136.93 -17.54 -43.08
CA ASP GA 265 -136.13 -17.83 -44.27
C ASP GA 265 -136.70 -17.07 -45.46
N PHE GA 266 -135.82 -16.42 -46.22
CA PHE GA 266 -136.22 -15.67 -47.39
C PHE GA 266 -135.66 -16.23 -48.69
N GLY GA 267 -134.89 -17.32 -48.63
CA GLY GA 267 -134.33 -17.89 -49.84
C GLY GA 267 -133.45 -19.07 -49.51
N GLY GA 268 -132.86 -19.63 -50.55
CA GLY GA 268 -132.00 -20.79 -50.44
C GLY GA 268 -132.41 -21.86 -51.43
N ILE GA 269 -131.64 -22.94 -51.44
CA ILE GA 269 -131.90 -24.07 -52.33
C ILE GA 269 -133.09 -24.85 -51.80
N PRO GA 270 -133.91 -25.44 -52.68
CA PRO GA 270 -135.02 -26.27 -52.21
C PRO GA 270 -134.55 -27.63 -51.69
N ASP GA 271 -135.50 -28.50 -51.37
CA ASP GA 271 -135.15 -29.82 -50.87
C ASP GA 271 -134.47 -30.65 -51.96
N GLY GA 272 -133.95 -31.80 -51.55
CA GLY GA 272 -133.15 -32.61 -52.46
C GLY GA 272 -131.86 -31.91 -52.83
N ALA GA 273 -131.18 -31.35 -51.83
CA ALA GA 273 -130.02 -30.49 -52.04
C ALA GA 273 -128.80 -31.33 -52.39
N SER GA 274 -128.44 -31.35 -53.67
CA SER GA 274 -127.23 -32.02 -54.12
C SER GA 274 -126.87 -31.48 -55.50
N GLY GA 275 -125.63 -31.75 -55.91
CA GLY GA 275 -125.15 -31.37 -57.22
C GLY GA 275 -124.27 -30.14 -57.21
N THR GA 276 -124.24 -29.46 -58.35
CA THR GA 276 -123.46 -28.24 -58.52
C THR GA 276 -124.25 -27.25 -59.35
N SER GA 277 -124.21 -25.98 -58.98
CA SER GA 277 -124.92 -24.94 -59.69
C SER GA 277 -124.00 -23.73 -59.83
N ASP GA 278 -124.56 -22.62 -60.30
CA ASP GA 278 -123.84 -21.37 -60.47
C ASP GA 278 -124.49 -20.30 -59.59
N TRP GA 279 -124.05 -19.06 -59.76
CA TRP GA 279 -124.59 -17.95 -58.99
C TRP GA 279 -126.09 -17.82 -59.21
N THR GA 280 -126.87 -18.10 -58.17
CA THR GA 280 -128.32 -18.05 -58.22
C THR GA 280 -128.82 -17.05 -57.18
N GLN GA 281 -129.81 -16.26 -57.57
CA GLN GA 281 -130.38 -15.22 -56.71
C GLN GA 281 -131.70 -15.72 -56.11
N VAL GA 282 -131.88 -15.50 -54.81
CA VAL GA 282 -133.12 -15.81 -54.12
C VAL GA 282 -133.71 -14.51 -53.58
N THR GA 283 -134.98 -14.29 -53.85
CA THR GA 283 -135.67 -13.06 -53.46
C THR GA 283 -136.58 -13.33 -52.27
N GLY GA 284 -136.46 -12.51 -51.23
CA GLY GA 284 -137.31 -12.65 -50.07
C GLY GA 284 -137.86 -11.35 -49.55
N GLN GA 285 -139.19 -11.25 -49.51
CA GLN GA 285 -139.87 -10.10 -48.94
C GLN GA 285 -140.19 -10.39 -47.48
N TYR GA 286 -139.82 -9.47 -46.59
CA TYR GA 286 -139.97 -9.65 -45.16
C TYR GA 286 -140.82 -8.52 -44.59
N VAL GA 287 -141.85 -8.90 -43.83
CA VAL GA 287 -142.67 -7.96 -43.09
C VAL GA 287 -142.34 -8.13 -41.62
N VAL GA 288 -141.88 -7.05 -40.99
CA VAL GA 288 -141.41 -7.11 -39.61
C VAL GA 288 -142.60 -7.17 -38.67
N PRO GA 289 -142.71 -8.21 -37.84
CA PRO GA 289 -143.78 -8.23 -36.84
C PRO GA 289 -143.48 -7.26 -35.70
N ALA GA 290 -144.49 -7.03 -34.87
CA ALA GA 290 -144.35 -6.10 -33.76
C ALA GA 290 -143.36 -6.64 -32.73
N GLY GA 291 -142.83 -5.73 -31.92
CA GLY GA 291 -141.86 -6.07 -30.90
C GLY GA 291 -140.54 -6.59 -31.43
N VAL GA 292 -140.09 -6.05 -32.56
CA VAL GA 292 -138.81 -6.40 -33.16
C VAL GA 292 -138.06 -5.12 -33.48
N THR GA 293 -136.79 -5.05 -33.06
CA THR GA 293 -136.01 -3.83 -33.22
C THR GA 293 -134.64 -4.03 -33.83
N GLN GA 294 -134.06 -5.23 -33.78
CA GLN GA 294 -132.70 -5.46 -34.26
C GLN GA 294 -132.71 -6.59 -35.28
N PHE GA 295 -131.87 -6.46 -36.31
CA PHE GA 295 -131.87 -7.43 -37.40
C PHE GA 295 -130.44 -7.73 -37.84
N ARG GA 296 -130.18 -9.00 -38.11
CA ARG GA 296 -128.94 -9.44 -38.74
C ARG GA 296 -129.27 -10.43 -39.86
N LEU GA 297 -128.35 -10.57 -40.80
CA LEU GA 297 -128.50 -11.52 -41.91
C LEU GA 297 -127.91 -12.86 -41.48
N ARG GA 298 -128.77 -13.85 -41.27
CA ARG GA 298 -128.36 -15.19 -40.90
C ARG GA 298 -128.15 -16.02 -42.17
N LEU GA 299 -127.00 -16.70 -42.25
CA LEU GA 299 -126.69 -17.54 -43.39
C LEU GA 299 -126.38 -18.93 -42.86
N SER GA 300 -127.33 -19.86 -42.97
CA SER GA 300 -127.22 -21.14 -42.28
C SER GA 300 -127.28 -22.29 -43.27
N VAL GA 301 -126.25 -23.13 -43.26
CA VAL GA 301 -126.28 -24.42 -43.93
C VAL GA 301 -126.63 -25.46 -42.86
N ARG GA 302 -127.75 -26.14 -43.05
CA ARG GA 302 -128.30 -27.01 -42.03
C ARG GA 302 -127.36 -28.19 -41.73
N GLU GA 303 -127.68 -28.90 -40.66
CA GLU GA 303 -126.79 -29.96 -40.17
C GLU GA 303 -126.82 -31.19 -41.06
N ASN GA 304 -127.94 -31.45 -41.74
CA ASN GA 304 -128.05 -32.65 -42.57
C ASN GA 304 -127.13 -32.63 -43.78
N ALA GA 305 -126.53 -31.48 -44.09
CA ALA GA 305 -125.55 -31.40 -45.17
C ALA GA 305 -124.33 -32.25 -44.85
N THR GA 306 -123.70 -32.79 -45.89
CA THR GA 306 -122.58 -33.69 -45.73
C THR GA 306 -121.32 -33.34 -46.52
N GLY GA 307 -121.36 -32.32 -47.37
CA GLY GA 307 -120.15 -31.94 -48.10
C GLY GA 307 -120.42 -30.81 -49.08
N GLY GA 308 -119.33 -30.30 -49.63
CA GLY GA 308 -119.37 -29.22 -50.59
C GLY GA 308 -118.88 -27.91 -50.00
N THR GA 309 -118.66 -26.94 -50.88
CA THR GA 309 -118.27 -25.60 -50.48
C THR GA 309 -119.23 -24.60 -51.09
N VAL GA 310 -119.81 -23.73 -50.26
CA VAL GA 310 -120.84 -22.80 -50.70
C VAL GA 310 -120.26 -21.39 -50.68
N TRP GA 311 -120.45 -20.68 -51.78
CA TRP GA 311 -119.98 -19.31 -51.94
C TRP GA 311 -121.18 -18.37 -52.03
N PHE GA 312 -121.00 -17.17 -51.50
CA PHE GA 312 -122.03 -16.14 -51.50
C PHE GA 312 -121.43 -14.82 -51.98
N ASP GA 313 -122.25 -14.05 -52.70
CA ASP GA 313 -121.80 -12.74 -53.18
C ASP GA 313 -122.99 -11.82 -53.36
N ASP GA 314 -122.68 -10.52 -53.41
CA ASP GA 314 -123.67 -9.49 -53.71
C ASP GA 314 -124.89 -9.59 -52.79
N CYS GA 315 -124.64 -9.85 -51.51
CA CYS GA 315 -125.72 -9.84 -50.54
C CYS GA 315 -126.32 -8.44 -50.45
N SER GA 316 -127.64 -8.37 -50.41
CA SER GA 316 -128.36 -7.10 -50.41
C SER GA 316 -129.62 -7.26 -49.57
N VAL GA 317 -129.61 -6.69 -48.37
CA VAL GA 317 -130.80 -6.55 -47.56
C VAL GA 317 -131.12 -5.06 -47.53
N LYS GA 318 -132.23 -4.69 -48.14
CA LYS GA 318 -132.59 -3.28 -48.32
C LYS GA 318 -133.97 -3.03 -47.74
N LYS GA 319 -134.09 -1.96 -46.96
CA LYS GA 319 -135.40 -1.48 -46.56
C LYS GA 319 -136.09 -0.90 -47.80
N ALA GA 320 -137.26 -1.42 -48.11
CA ALA GA 320 -137.97 -1.05 -49.34
C ALA GA 320 -139.33 -0.46 -49.00
N GLY GA 321 -139.98 0.08 -50.03
CA GLY GA 321 -141.29 0.67 -49.87
C GLY GA 321 -141.27 2.17 -50.03
N LEU GA 322 -142.08 2.86 -49.23
CA LEU GA 322 -142.19 4.31 -49.27
C LEU GA 322 -142.84 4.76 -47.97
N LEU GA 323 -143.21 6.03 -47.90
CA LEU GA 323 -143.74 6.60 -46.66
C LEU GA 323 -145.03 5.88 -46.26
N PRO GA 324 -145.08 5.27 -45.08
CA PRO GA 324 -146.31 4.60 -44.64
C PRO GA 324 -147.43 5.59 -44.42
N GLN GA 325 -148.66 5.10 -44.59
CA GLN GA 325 -149.85 5.95 -44.44
C GLN GA 325 -150.01 6.40 -42.99
N GLY GA 326 -149.74 5.52 -42.04
CA GLY GA 326 -149.99 5.82 -40.65
C GLY GA 326 -148.89 6.57 -39.94
N LEU GA 327 -148.15 7.40 -40.67
CA LEU GA 327 -147.12 8.25 -40.08
C LEU GA 327 -147.46 9.73 -40.13
N VAL GA 328 -148.15 10.19 -41.17
CA VAL GA 328 -148.62 11.56 -41.22
C VAL GA 328 -149.76 11.76 -40.21
N ASP GA 329 -149.91 13.00 -39.74
CA ASP GA 329 -150.79 13.29 -38.62
C ASP GA 329 -152.24 13.29 -39.06
N GLY GA 330 -153.04 12.37 -38.51
CA GLY GA 330 -154.47 12.37 -38.69
C GLY GA 330 -154.95 12.32 -40.13
N LEU GA 331 -154.01 12.18 -41.07
CA LEU GA 331 -154.37 12.17 -42.47
C LEU GA 331 -155.18 10.92 -42.82
N VAL GA 332 -154.86 9.79 -42.18
CA VAL GA 332 -155.64 8.57 -42.40
C VAL GA 332 -157.10 8.82 -42.02
N GLN GA 333 -157.31 9.41 -40.84
CA GLN GA 333 -158.66 9.69 -40.39
C GLN GA 333 -159.35 10.69 -41.31
N ALA GA 334 -158.63 11.72 -41.75
CA ALA GA 334 -159.24 12.74 -42.61
C ALA GA 334 -159.65 12.16 -43.96
N LEU GA 335 -158.76 11.37 -44.57
CA LEU GA 335 -159.09 10.76 -45.86
C LEU GA 335 -160.23 9.76 -45.73
N SER GA 336 -160.21 8.95 -44.68
CA SER GA 336 -161.31 8.04 -44.44
C SER GA 336 -162.62 8.80 -44.23
N ASP GA 337 -162.56 9.92 -43.51
CA ASP GA 337 -163.76 10.71 -43.28
C ASP GA 337 -164.31 11.28 -44.58
N LEU GA 338 -163.43 11.79 -45.45
CA LEU GA 338 -163.88 12.33 -46.73
C LEU GA 338 -164.52 11.24 -47.59
N LEU GA 339 -163.85 10.09 -47.69
CA LEU GA 339 -164.37 9.01 -48.52
C LEU GA 339 -165.70 8.51 -47.97
N THR GA 340 -165.79 8.31 -46.65
CA THR GA 340 -167.04 7.86 -46.05
C THR GA 340 -168.13 8.91 -46.15
N TRP GA 341 -167.77 10.20 -46.12
CA TRP GA 341 -168.77 11.24 -46.30
C TRP GA 341 -169.38 11.18 -47.69
N LEU GA 342 -168.52 11.06 -48.72
CA LEU GA 342 -169.04 10.94 -50.08
C LEU GA 342 -169.89 9.68 -50.23
N GLU GA 343 -169.41 8.56 -49.68
CA GLU GA 343 -170.14 7.30 -49.80
C GLU GA 343 -171.48 7.37 -49.08
N SER GA 344 -171.51 7.97 -47.89
CA SER GA 344 -172.75 8.08 -47.13
C SER GA 344 -173.73 9.03 -47.80
N LEU GA 345 -173.22 10.12 -48.40
CA LEU GA 345 -174.10 11.01 -49.15
C LEU GA 345 -174.75 10.26 -50.31
N VAL GA 346 -173.95 9.50 -51.06
CA VAL GA 346 -174.51 8.72 -52.18
C VAL GA 346 -175.52 7.70 -51.67
N ASP GA 347 -175.19 7.01 -50.58
CA ASP GA 347 -176.07 5.99 -50.02
C ASP GA 347 -177.39 6.59 -49.59
N ASN GA 348 -177.35 7.68 -48.83
CA ASN GA 348 -178.57 8.31 -48.35
C ASN GA 348 -179.42 8.84 -49.49
N VAL GA 349 -178.79 9.46 -50.49
CA VAL GA 349 -179.55 9.97 -51.62
C VAL GA 349 -180.23 8.84 -52.37
N LEU GA 350 -179.50 7.75 -52.62
CA LEU GA 350 -180.08 6.63 -53.35
C LEU GA 350 -181.20 5.98 -52.56
N SER GA 351 -181.04 5.85 -51.24
CA SER GA 351 -182.10 5.31 -50.41
C SER GA 351 -183.34 6.20 -50.45
N ALA GA 352 -183.13 7.51 -50.40
CA ALA GA 352 -184.26 8.43 -50.48
C ALA GA 352 -184.98 8.30 -51.82
N LEU GA 353 -184.23 8.19 -52.91
CA LEU GA 353 -184.84 8.09 -54.22
C LEU GA 353 -185.39 6.70 -54.54
N GLY GA 354 -185.05 5.70 -53.73
CA GLY GA 354 -185.72 4.41 -53.85
C GLY GA 354 -184.84 3.20 -54.07
N LEU GA 355 -183.82 3.32 -54.92
CA LEU GA 355 -182.99 2.17 -55.24
C LEU GA 355 -182.13 1.75 -54.05
N ASP GA 356 -181.87 0.45 -53.94
CA ASP GA 356 -181.02 -0.10 -52.90
C ASP GA 356 -179.58 -0.09 -53.39
N PRO GA 357 -178.68 0.67 -52.76
CA PRO GA 357 -177.32 0.79 -53.28
C PRO GA 357 -176.44 -0.38 -52.87
N ILE GA 358 -176.08 -1.22 -53.84
CA ILE GA 358 -175.16 -2.33 -53.63
C ILE GA 358 -174.13 -2.30 -54.75
N GLY GA 359 -172.85 -2.24 -54.37
CA GLY GA 359 -171.76 -2.23 -55.33
C GLY GA 359 -170.75 -1.16 -54.97
N THR GA 360 -169.96 -0.76 -55.97
CA THR GA 360 -168.95 0.25 -55.78
C THR GA 360 -169.58 1.65 -55.82
N ILE GA 361 -168.76 2.65 -55.47
CA ILE GA 361 -169.23 4.03 -55.52
C ILE GA 361 -169.54 4.44 -56.95
N VAL GA 362 -168.75 3.94 -57.90
CA VAL GA 362 -169.00 4.25 -59.31
C VAL GA 362 -170.34 3.68 -59.76
N ASP GA 363 -170.62 2.42 -59.39
CA ASP GA 363 -171.88 1.80 -59.74
C ASP GA 363 -173.05 2.52 -59.07
N LYS GA 364 -172.88 2.92 -57.81
CA LYS GA 364 -173.93 3.66 -57.12
C LYS GA 364 -174.17 5.00 -57.80
N ILE GA 365 -173.12 5.66 -58.25
CA ILE GA 365 -173.26 6.94 -58.94
C ILE GA 365 -174.00 6.74 -60.26
N LEU GA 366 -173.68 5.68 -60.99
CA LEU GA 366 -174.38 5.41 -62.24
C LEU GA 366 -175.86 5.13 -61.99
N ASP GA 367 -176.17 4.35 -60.94
CA ASP GA 367 -177.56 4.11 -60.59
C ASP GA 367 -178.26 5.41 -60.22
N LEU GA 368 -177.56 6.29 -59.52
CA LEU GA 368 -178.13 7.58 -59.15
C LEU GA 368 -178.44 8.42 -60.39
N ALA GA 369 -177.53 8.41 -61.36
CA ALA GA 369 -177.78 9.13 -62.61
C ALA GA 369 -178.98 8.56 -63.34
N ASP GA 370 -179.10 7.24 -63.39
CA ASP GA 370 -180.27 6.63 -64.02
C ASP GA 370 -181.56 7.00 -63.29
N GLU GA 371 -181.50 7.05 -61.95
CA GLU GA 371 -182.67 7.46 -61.19
C GLU GA 371 -183.06 8.89 -61.49
N PHE GA 372 -182.09 9.80 -61.58
CA PHE GA 372 -182.43 11.17 -61.93
C PHE GA 372 -182.96 11.27 -63.36
N GLY GA 373 -182.48 10.42 -64.27
CA GLY GA 373 -183.06 10.39 -65.60
C GLY GA 373 -184.53 9.97 -65.57
N ASP GA 374 -184.85 8.94 -64.80
CA ASP GA 374 -186.25 8.52 -64.67
C ASP GA 374 -187.08 9.61 -64.00
N TRP GA 375 -186.50 10.30 -63.02
CA TRP GA 375 -187.18 11.42 -62.38
C TRP GA 375 -187.52 12.50 -63.39
N LEU GA 376 -186.55 12.84 -64.25
CA LEU GA 376 -186.78 13.83 -65.29
C LEU GA 376 -187.88 13.38 -66.24
N GLY GA 377 -187.84 12.11 -66.64
CA GLY GA 377 -188.88 11.60 -67.51
C GLY GA 377 -190.25 11.71 -66.87
N ALA GA 378 -190.35 11.35 -65.59
CA ALA GA 378 -191.64 11.43 -64.89
C ALA GA 378 -192.14 12.87 -64.82
N THR GA 379 -191.25 13.79 -64.45
CA THR GA 379 -191.67 15.20 -64.32
C THR GA 379 -192.13 15.75 -65.66
N GLU GA 380 -191.33 15.52 -66.71
CA GLU GA 380 -191.69 16.07 -68.02
C GLU GA 380 -192.97 15.44 -68.55
N ASP GA 381 -193.16 14.13 -68.34
CA ASP GA 381 -194.38 13.47 -68.80
C ASP GA 381 -195.59 13.97 -68.04
N THR GA 382 -195.46 14.20 -66.73
CA THR GA 382 -196.57 14.75 -65.97
C THR GA 382 -196.93 16.15 -66.46
N ALA GA 383 -195.93 17.00 -66.69
CA ALA GA 383 -196.20 18.34 -67.19
C ALA GA 383 -196.86 18.30 -68.55
N ALA GA 384 -196.36 17.46 -69.46
CA ALA GA 384 -196.93 17.35 -70.79
C ALA GA 384 -198.36 16.84 -70.74
N ASN GA 385 -198.62 15.83 -69.90
CA ASN GA 385 -199.97 15.31 -69.77
C ASN GA 385 -200.91 16.38 -69.23
N LEU GA 386 -200.47 17.15 -68.24
CA LEU GA 386 -201.33 18.21 -67.70
C LEU GA 386 -201.63 19.25 -68.76
N SER GA 387 -200.61 19.66 -69.52
CA SER GA 387 -200.83 20.67 -70.56
C SER GA 387 -201.75 20.14 -71.64
N ASN GA 388 -201.56 18.89 -72.06
CA ASN GA 388 -202.41 18.30 -73.09
C ASN GA 388 -203.85 18.16 -72.61
N LEU GA 389 -204.03 17.74 -71.36
CA LEU GA 389 -205.38 17.63 -70.81
C LEU GA 389 -206.05 18.99 -70.74
N LEU GA 390 -205.32 20.02 -70.33
CA LEU GA 390 -205.89 21.36 -70.28
C LEU GA 390 -206.31 21.82 -71.67
N THR GA 391 -205.44 21.64 -72.66
CA THR GA 391 -205.75 22.08 -74.01
C THR GA 391 -206.94 21.32 -74.58
N LYS GA 392 -206.99 20.00 -74.38
CA LYS GA 392 -208.10 19.22 -74.89
C LYS GA 392 -209.40 19.59 -74.20
N LEU GA 393 -209.36 19.79 -72.88
CA LEU GA 393 -210.57 20.18 -72.15
C LEU GA 393 -211.05 21.55 -72.59
N LEU GA 394 -210.14 22.44 -72.97
CA LEU GA 394 -210.56 23.74 -73.48
C LEU GA 394 -211.16 23.63 -74.88
N SER GA 395 -210.51 22.88 -75.77
CA SER GA 395 -210.93 22.86 -77.17
C SER GA 395 -212.07 21.88 -77.42
N ASP GA 396 -211.82 20.59 -77.20
CA ASP GA 396 -212.79 19.53 -77.47
C ASP GA 396 -213.00 18.70 -76.22
N PRO GA 397 -214.03 18.98 -75.43
CA PRO GA 397 -214.26 18.23 -74.18
C PRO GA 397 -215.03 16.94 -74.36
N ALA GA 398 -215.41 16.57 -75.60
CA ALA GA 398 -216.22 15.38 -75.79
C ALA GA 398 -215.45 14.11 -75.47
N SER GA 399 -214.23 13.99 -76.00
CA SER GA 399 -213.47 12.75 -75.82
C SER GA 399 -213.04 12.57 -74.37
N VAL GA 400 -212.56 13.64 -73.73
CA VAL GA 400 -212.02 13.50 -72.38
C VAL GA 400 -213.13 13.24 -71.37
N ILE GA 401 -214.25 13.95 -71.49
CA ILE GA 401 -215.33 13.88 -70.51
C ILE GA 401 -216.30 12.78 -70.93
N GLY GA 402 -216.63 11.90 -69.99
CA GLY GA 402 -217.57 10.84 -70.24
C GLY GA 402 -219.01 11.32 -70.17
N PRO GA 403 -219.94 10.40 -70.36
CA PRO GA 403 -221.36 10.75 -70.28
C PRO GA 403 -221.74 11.25 -68.90
N LEU GA 404 -222.69 12.18 -68.87
CA LEU GA 404 -223.11 12.84 -67.63
C LEU GA 404 -224.62 12.94 -67.57
N ALA GA 405 -225.15 12.93 -66.35
CA ALA GA 405 -226.58 12.95 -66.13
C ALA GA 405 -227.16 14.35 -66.35
N GLN GA 406 -228.37 14.39 -66.92
CA GLN GA 406 -229.05 15.65 -67.16
C GLN GA 406 -229.19 16.46 -65.88
N SER GA 407 -229.37 15.78 -64.75
CA SER GA 407 -229.55 16.47 -63.48
C SER GA 407 -228.35 17.34 -63.11
N MET GA 408 -227.19 17.09 -63.71
CA MET GA 408 -226.03 17.93 -63.42
C MET GA 408 -226.21 19.32 -64.00
N ILE GA 409 -226.92 19.45 -65.11
CA ILE GA 409 -227.14 20.75 -65.74
C ILE GA 409 -228.16 21.53 -64.94
N THR GA 410 -227.90 22.81 -64.71
CA THR GA 410 -228.77 23.64 -63.89
C THR GA 410 -230.05 23.97 -64.65
N GLY GA 411 -231.18 23.53 -64.11
CA GLY GA 411 -232.48 23.87 -64.66
C GLY GA 411 -232.92 23.06 -65.85
N LEU GA 412 -232.09 22.14 -66.35
CA LEU GA 412 -232.47 21.34 -67.49
C LEU GA 412 -233.66 20.44 -67.16
N THR GA 413 -233.59 19.77 -66.00
CA THR GA 413 -234.71 18.92 -65.59
C THR GA 413 -235.97 19.75 -65.35
N GLY GA 414 -235.81 20.94 -64.78
CA GLY GA 414 -236.97 21.79 -64.57
C GLY GA 414 -237.62 22.22 -65.87
N ALA GA 415 -236.82 22.63 -66.84
CA ALA GA 415 -237.37 23.03 -68.14
C ALA GA 415 -238.03 21.86 -68.85
N LEU GA 416 -237.39 20.69 -68.83
CA LEU GA 416 -237.97 19.52 -69.47
C LEU GA 416 -239.29 19.13 -68.81
N GLY GA 417 -239.32 19.14 -67.48
CA GLY GA 417 -240.57 18.84 -66.78
C GLY GA 417 -241.66 19.85 -67.08
N ASN GA 418 -241.31 21.13 -67.15
CA ASN GA 418 -242.29 22.16 -67.46
C ASN GA 418 -242.87 21.94 -68.86
N LEU GA 419 -242.00 21.66 -69.84
CA LEU GA 419 -242.49 21.44 -71.20
C LEU GA 419 -243.35 20.19 -71.29
N ASN GA 420 -242.94 19.11 -70.63
CA ASN GA 420 -243.71 17.87 -70.67
C ASN GA 420 -245.07 18.07 -70.00
N THR GA 421 -245.10 18.78 -68.87
CA THR GA 421 -246.37 19.04 -68.20
C THR GA 421 -247.26 19.95 -69.03
N ALA GA 422 -246.67 20.91 -69.75
CA ALA GA 422 -247.46 21.75 -70.65
C ALA GA 422 -248.08 20.91 -71.76
N ILE GA 423 -247.32 19.99 -72.35
CA ILE GA 423 -247.85 19.13 -73.38
C ILE GA 423 -248.96 18.24 -72.83
N ASN GA 424 -248.75 17.69 -71.62
CA ASN GA 424 -249.76 16.83 -71.01
C ASN GA 424 -251.03 17.61 -70.71
N GLN GA 425 -250.90 18.85 -70.24
CA GLN GA 425 -252.08 19.67 -69.98
C GLN GA 425 -252.81 20.02 -71.27
N ILE GA 426 -252.06 20.30 -72.33
CA ILE GA 426 -252.68 20.56 -73.63
C ILE GA 426 -253.47 19.34 -74.09
N GLY GA 427 -252.91 18.15 -73.92
CA GLY GA 427 -253.64 16.95 -74.26
C GLY GA 427 -254.86 16.73 -73.40
N ASP GA 428 -254.75 17.00 -72.09
CA ASP GA 428 -255.82 16.68 -71.16
C ASP GA 428 -257.00 17.64 -71.27
N VAL GA 429 -256.73 18.93 -71.50
CA VAL GA 429 -257.82 19.91 -71.53
C VAL GA 429 -258.81 19.58 -72.64
N LEU GA 430 -258.31 19.08 -73.77
CA LEU GA 430 -259.18 18.79 -74.90
C LEU GA 430 -260.19 17.68 -74.60
N VAL GA 431 -259.93 16.86 -73.59
CA VAL GA 431 -260.88 15.81 -73.19
C VAL GA 431 -261.51 16.08 -71.84
N GLY GA 432 -261.08 17.12 -71.11
CA GLY GA 432 -261.69 17.49 -69.85
C GLY GA 432 -260.67 17.50 -68.72
N THR GA 433 -261.11 17.05 -67.55
CA THR GA 433 -260.26 16.95 -66.36
C THR GA 433 -259.56 18.29 -66.09
N VAL GA 434 -260.38 19.28 -65.74
CA VAL GA 434 -259.91 20.64 -65.54
C VAL GA 434 -258.71 20.65 -64.61
N VAL GA 435 -257.65 21.33 -65.03
CA VAL GA 435 -256.37 21.35 -64.32
C VAL GA 435 -255.87 22.78 -64.26
N THR GA 436 -255.02 23.05 -63.29
CA THR GA 436 -254.43 24.36 -63.14
C THR GA 436 -253.50 24.66 -64.31
N PRO GA 437 -253.71 25.74 -65.06
CA PRO GA 437 -252.84 26.05 -66.19
C PRO GA 437 -251.43 26.40 -65.72
N ILE GA 438 -250.46 26.15 -66.61
CA ILE GA 438 -249.08 26.44 -66.29
C ILE GA 438 -248.75 27.91 -66.56
N ASN GA 439 -249.12 28.41 -67.73
CA ASN GA 439 -248.75 29.76 -68.11
C ASN GA 439 -249.83 30.33 -69.03
N SER GA 440 -249.49 31.43 -69.72
CA SER GA 440 -250.47 32.17 -70.50
C SER GA 440 -250.99 31.33 -71.66
N ALA GA 441 -250.13 30.53 -72.28
CA ALA GA 441 -250.57 29.70 -73.40
C ALA GA 441 -251.63 28.69 -72.94
N ILE GA 442 -251.40 28.04 -71.81
CA ILE GA 442 -252.37 27.09 -71.29
C ILE GA 442 -253.65 27.79 -70.87
N SER GA 443 -253.53 28.98 -70.28
CA SER GA 443 -254.72 29.73 -69.90
C SER GA 443 -255.56 30.09 -71.13
N ASN GA 444 -254.89 30.52 -72.20
CA ASN GA 444 -255.61 30.86 -73.43
C ASN GA 444 -256.27 29.63 -74.04
N VAL GA 445 -255.58 28.48 -73.98
CA VAL GA 445 -256.18 27.24 -74.48
C VAL GA 445 -257.41 26.89 -73.66
N ILE GA 446 -257.34 27.06 -72.34
CA ILE GA 446 -258.49 26.81 -71.48
C ILE GA 446 -259.65 27.71 -71.89
N ASP GA 447 -259.38 28.99 -72.08
CA ASP GA 447 -260.45 29.93 -72.45
C ASP GA 447 -261.07 29.56 -73.79
N TRP GA 448 -260.23 29.22 -74.78
CA TRP GA 448 -260.76 28.86 -76.09
C TRP GA 448 -261.58 27.58 -76.02
N PHE GA 449 -261.15 26.60 -75.22
CA PHE GA 449 -261.91 25.37 -75.09
C PHE GA 449 -263.26 25.63 -74.43
N ASN GA 450 -263.29 26.52 -73.43
CA ASN GA 450 -264.56 26.88 -72.82
C ASN GA 450 -265.47 27.57 -73.83
N SER GA 451 -264.91 28.45 -74.65
CA SER GA 451 -265.71 29.11 -75.69
C SER GA 451 -266.26 28.10 -76.68
N LEU GA 452 -265.43 27.13 -77.08
CA LEU GA 452 -265.89 26.11 -78.02
C LEU GA 452 -266.99 25.25 -77.40
N LEU GA 453 -266.87 24.91 -76.12
CA LEU GA 453 -267.92 24.15 -75.45
C LEU GA 453 -269.22 24.93 -75.39
N ASN GA 454 -269.13 26.24 -75.10
CA ASN GA 454 -270.32 27.08 -75.10
C ASN GA 454 -270.98 27.09 -76.47
N PHE GA 455 -270.18 27.26 -77.52
CA PHE GA 455 -270.71 27.22 -78.88
C PHE GA 455 -271.34 25.88 -79.18
N GLN GA 456 -270.70 24.79 -78.75
CA GLN GA 456 -271.21 23.44 -78.97
C GLN GA 456 -272.60 23.28 -78.37
N ASP GA 457 -272.74 23.62 -77.08
CA ASP GA 457 -274.04 23.43 -76.44
C ASP GA 457 -275.09 24.35 -77.03
N THR GA 458 -274.73 25.60 -77.35
CA THR GA 458 -275.70 26.51 -77.96
C THR GA 458 -276.17 25.99 -79.31
N THR GA 459 -275.24 25.48 -80.13
CA THR GA 459 -275.62 24.98 -81.44
C THR GA 459 -276.50 23.74 -81.34
N THR GA 460 -276.17 22.83 -80.41
CA THR GA 460 -277.02 21.65 -80.24
C THR GA 460 -278.42 22.04 -79.78
N SER GA 461 -278.52 22.96 -78.82
CA SER GA 461 -279.83 23.41 -78.35
C SER GA 461 -280.60 24.09 -79.46
N ASN GA 462 -279.92 24.91 -80.28
CA ASN GA 462 -280.59 25.58 -81.39
C ASN GA 462 -281.10 24.57 -82.41
N GLN GA 463 -280.29 23.55 -82.72
CA GLN GA 463 -280.74 22.52 -83.66
C GLN GA 463 -281.98 21.81 -83.15
N ILE GA 464 -281.96 21.40 -81.87
CA ILE GA 464 -283.10 20.70 -81.30
C ILE GA 464 -284.34 21.59 -81.33
N ASN GA 465 -284.17 22.85 -80.94
CA ASN GA 465 -285.31 23.77 -80.90
C ASN GA 465 -285.87 24.01 -82.29
N GLN GA 466 -285.00 24.20 -83.29
CA GLN GA 466 -285.47 24.45 -84.64
C GLN GA 466 -286.21 23.26 -85.21
N GLN GA 467 -285.68 22.05 -85.01
CA GLN GA 467 -286.35 20.88 -85.56
C GLN GA 467 -287.67 20.60 -84.84
N ASN GA 468 -287.72 20.84 -83.53
CA ASN GA 468 -288.99 20.72 -82.81
C ASN GA 468 -289.99 21.78 -83.27
N PHE GA 469 -289.51 22.98 -83.57
CA PHE GA 469 -290.36 24.01 -84.15
C PHE GA 469 -290.97 23.54 -85.46
N GLN GA 470 -290.14 22.96 -86.32
CA GLN GA 470 -290.63 22.45 -87.60
C GLN GA 470 -291.68 21.36 -87.40
N ILE GA 471 -291.40 20.42 -86.49
CA ILE GA 471 -292.35 19.34 -86.26
C ILE GA 471 -293.68 19.89 -85.74
N ALA GA 472 -293.62 20.83 -84.79
CA ALA GA 472 -294.85 21.40 -84.24
C ALA GA 472 -295.63 22.17 -85.30
N THR GA 473 -294.93 22.96 -86.12
CA THR GA 473 -295.61 23.72 -87.15
C THR GA 473 -296.28 22.81 -88.17
N LEU GA 474 -295.58 21.74 -88.56
CA LEU GA 474 -296.18 20.79 -89.49
C LEU GA 474 -297.37 20.07 -88.87
N ALA GA 475 -297.28 19.72 -87.58
CA ALA GA 475 -298.37 19.02 -86.92
C ALA GA 475 -299.61 19.90 -86.83
N SER GA 476 -299.44 21.16 -86.44
CA SER GA 476 -300.54 22.11 -86.40
C SER GA 476 -300.69 22.75 -87.78
N GLY GA 477 -301.48 23.82 -87.85
CA GLY GA 477 -301.66 24.51 -89.11
C GLY GA 477 -303.04 25.11 -89.29
N ILE GA 478 -303.71 24.74 -90.38
CA ILE GA 478 -305.00 25.31 -90.74
C ILE GA 478 -306.07 24.27 -90.47
N LYS GA 479 -307.10 24.67 -89.72
CA LYS GA 479 -308.26 23.83 -89.45
C LYS GA 479 -309.47 24.38 -90.20
N LYS GA 480 -310.39 23.49 -90.54
CA LYS GA 480 -311.59 23.92 -91.24
C LYS GA 480 -312.47 24.77 -90.34
N GLN GA 481 -313.08 25.79 -90.93
CA GLN GA 481 -313.94 26.68 -90.16
C GLN GA 481 -315.22 25.97 -89.75
N GLN GA 482 -316.08 26.69 -89.03
CA GLN GA 482 -317.30 26.07 -88.51
C GLN GA 482 -318.28 25.71 -89.61
N TRP GA 483 -318.40 26.56 -90.63
CA TRP GA 483 -319.38 26.31 -91.69
C TRP GA 483 -318.91 25.23 -92.65
N GLU GA 484 -317.61 25.18 -92.94
CA GLU GA 484 -317.11 24.16 -93.87
C GLU GA 484 -317.33 22.76 -93.32
N CYS GA 485 -317.08 22.54 -92.03
CA CYS GA 485 -317.31 21.26 -91.42
C CYS GA 485 -317.58 21.43 -89.93
N ARG GA 486 -318.22 20.42 -89.35
CA ARG GA 486 -318.43 20.41 -87.91
C ARG GA 486 -317.12 20.17 -87.17
N TYR GA 487 -316.34 19.20 -87.63
CA TYR GA 487 -315.07 18.88 -86.99
C TYR GA 487 -313.99 19.85 -87.44
N SER GA 488 -312.93 19.96 -86.62
CA SER GA 488 -311.87 20.91 -86.91
C SER GA 488 -311.14 20.56 -88.20
N THR GA 489 -310.82 19.28 -88.39
CA THR GA 489 -310.11 18.82 -89.58
C THR GA 489 -310.96 17.78 -90.29
N ALA GA 490 -311.33 18.07 -91.54
CA ALA GA 490 -312.13 17.16 -92.33
C ALA GA 490 -312.15 17.65 -93.77
N PHE GA 491 -312.80 16.88 -94.62
CA PHE GA 491 -312.98 17.22 -96.03
C PHE GA 491 -314.40 16.85 -96.43
N VAL GA 492 -315.08 17.77 -97.11
CA VAL GA 492 -316.48 17.58 -97.49
C VAL GA 492 -316.62 17.84 -98.98
N THR GA 493 -317.56 17.13 -99.60
CA THR GA 493 -317.81 17.32 -101.02
C THR GA 493 -318.34 18.72 -101.31
N PHE GA 494 -319.07 19.32 -100.36
CA PHE GA 494 -319.47 20.70 -100.45
C PHE GA 494 -319.88 21.16 -99.05
N PRO GA 495 -319.63 22.42 -98.69
CA PRO GA 495 -319.74 22.86 -97.28
C PRO GA 495 -320.98 22.35 -96.55
N GLU GA 496 -320.77 21.93 -95.30
CA GLU GA 496 -321.85 21.42 -94.46
C GLU GA 496 -322.91 22.48 -94.19
N MET GA 497 -322.57 23.76 -94.36
CA MET GA 497 -323.53 24.82 -94.09
C MET GA 497 -324.73 24.74 -95.01
N PHE GA 498 -324.55 24.21 -96.22
CA PHE GA 498 -325.70 24.03 -97.11
C PHE GA 498 -326.66 22.98 -96.59
N CYS GA 499 -326.13 21.86 -96.08
CA CYS GA 499 -326.99 20.85 -95.48
C CYS GA 499 -327.65 21.36 -94.21
N ASP GA 500 -326.98 22.24 -93.47
CA ASP GA 500 -327.53 22.72 -92.22
C ASP GA 500 -328.53 23.86 -92.42
N TRP GA 501 -328.41 24.61 -93.50
CA TRP GA 501 -329.15 25.85 -93.67
C TRP GA 501 -329.82 25.96 -95.03
N GLY GA 502 -330.37 27.13 -95.34
CA GLY GA 502 -331.03 27.34 -96.62
C GLY GA 502 -331.15 28.82 -96.91
N PHE GA 503 -331.51 29.12 -98.16
CA PHE GA 503 -331.62 30.48 -98.64
C PHE GA 503 -333.08 30.89 -98.72
N ALA GA 504 -333.38 32.13 -98.33
CA ALA GA 504 -334.71 32.68 -98.52
C ALA GA 504 -334.87 33.17 -99.97
N LEU GA 505 -336.04 32.91 -100.54
CA LEU GA 505 -336.30 33.30 -101.91
C LEU GA 505 -336.80 34.75 -101.98
N GLY GA 506 -336.74 35.31 -103.18
CA GLY GA 506 -337.21 36.66 -103.40
C GLY GA 506 -337.39 36.93 -104.89
N GLY GA 507 -338.14 37.98 -105.18
CA GLY GA 507 -338.38 38.36 -106.56
C GLY GA 507 -339.78 38.04 -107.03
N THR GA 508 -339.92 37.66 -108.29
CA THR GA 508 -341.22 37.40 -108.89
C THR GA 508 -341.07 36.30 -109.94
N THR GA 509 -342.10 35.46 -110.06
CA THR GA 509 -342.11 34.39 -111.05
C THR GA 509 -342.44 34.94 -112.42
N GLY GA 510 -342.63 34.05 -113.40
CA GLY GA 510 -342.92 34.47 -114.75
C GLY GA 510 -344.33 34.14 -115.20
N ALA GA 511 -344.46 33.72 -116.46
CA ALA GA 511 -345.78 33.42 -117.02
C ALA GA 511 -346.33 32.11 -116.45
N GLN GA 512 -347.61 31.87 -116.72
CA GLN GA 512 -348.31 30.70 -116.23
C GLN GA 512 -348.49 29.67 -117.33
N SER GA 513 -348.74 28.43 -116.91
CA SER GA 513 -349.03 27.36 -117.87
C SER GA 513 -350.38 27.57 -118.54
N THR GA 514 -351.41 27.87 -117.75
CA THR GA 514 -352.75 28.09 -118.27
C THR GA 514 -353.51 28.98 -117.30
N GLY GA 515 -354.59 29.56 -117.81
CA GLY GA 515 -355.41 30.46 -117.01
C GLY GA 515 -355.03 31.92 -117.20
N THR GA 516 -355.59 32.74 -116.33
CA THR GA 516 -355.32 34.17 -116.37
C THR GA 516 -353.84 34.44 -116.10
N ALA GA 517 -353.24 35.28 -116.93
CA ALA GA 517 -351.82 35.58 -116.79
C ALA GA 517 -351.56 36.37 -115.52
N HIS GA 518 -350.64 35.88 -114.70
CA HIS GA 518 -350.28 36.56 -113.45
C HIS GA 518 -348.92 36.08 -113.02
N THR GA 519 -348.28 36.86 -112.14
CA THR GA 519 -346.97 36.54 -111.61
C THR GA 519 -347.03 36.63 -110.09
N HIS GA 520 -346.72 35.51 -109.42
CA HIS GA 520 -346.76 35.48 -107.97
C HIS GA 520 -345.52 36.15 -107.38
N THR GA 521 -345.69 36.72 -106.19
CA THR GA 521 -344.62 37.46 -105.52
C THR GA 521 -343.90 36.52 -104.56
N LEU GA 522 -342.59 36.39 -104.75
CA LEU GA 522 -341.79 35.55 -103.87
C LEU GA 522 -341.62 36.21 -102.51
N ASN GA 523 -341.35 35.39 -101.51
CA ASN GA 523 -341.17 35.87 -100.14
C ASN GA 523 -340.26 34.89 -99.41
N THR GA 524 -340.09 35.13 -98.11
CA THR GA 524 -339.22 34.28 -97.29
C THR GA 524 -339.78 32.89 -97.08
N ASP GA 525 -341.05 32.65 -97.42
CA ASP GA 525 -341.63 31.32 -97.25
C ASP GA 525 -341.03 30.30 -98.22
N GLY GA 526 -340.37 30.76 -99.28
CA GLY GA 526 -339.69 29.88 -100.19
C GLY GA 526 -338.26 29.65 -99.77
N LEU GA 527 -337.88 28.39 -99.63
CA LEU GA 527 -336.56 28.00 -99.16
C LEU GA 527 -335.82 27.23 -100.25
N ALA GA 528 -334.58 27.64 -100.50
CA ALA GA 528 -333.70 26.93 -101.42
C ALA GA 528 -332.66 26.19 -100.59
N ALA GA 529 -332.63 24.87 -100.71
CA ALA GA 529 -331.70 24.04 -99.94
C ALA GA 529 -331.52 22.72 -100.67
N LEU GA 530 -330.94 21.75 -99.98
CA LEU GA 530 -330.73 20.45 -100.56
C LEU GA 530 -332.03 19.68 -100.67
N GLN GA 531 -332.08 18.75 -101.61
CA GLN GA 531 -333.22 17.85 -101.77
C GLN GA 531 -332.89 16.49 -101.16
N ILE GA 532 -333.90 15.64 -101.12
CA ILE GA 532 -333.75 14.28 -100.59
C ILE GA 532 -334.01 13.30 -101.71
N GLN GA 533 -333.17 12.27 -101.80
CA GLN GA 533 -333.29 11.25 -102.84
C GLN GA 533 -333.47 9.89 -102.18
N ILE GA 534 -334.59 9.25 -102.44
CA ILE GA 534 -334.82 7.89 -101.97
C ILE GA 534 -334.06 6.93 -102.87
N LEU GA 535 -333.74 5.76 -102.32
CA LEU GA 535 -332.92 4.83 -103.06
C LEU GA 535 -333.23 3.41 -102.62
N PRO GA 536 -333.44 2.49 -103.54
CA PRO GA 536 -333.80 1.12 -103.19
C PRO GA 536 -332.56 0.28 -102.89
N ALA GA 537 -332.79 -0.96 -102.49
CA ALA GA 537 -331.71 -1.89 -102.20
C ALA GA 537 -330.92 -2.19 -103.46
N GLY GA 538 -329.62 -2.41 -103.28
CA GLY GA 538 -328.74 -2.71 -104.40
C GLY GA 538 -328.29 -1.52 -105.21
N TYR GA 539 -328.69 -0.31 -104.84
CA TYR GA 539 -328.31 0.91 -105.54
C TYR GA 539 -327.29 1.65 -104.69
N ALA GA 540 -326.12 1.94 -105.26
CA ALA GA 540 -325.04 2.59 -104.54
C ALA GA 540 -324.81 3.99 -105.11
N ILE GA 541 -324.57 4.95 -104.22
CA ILE GA 541 -324.35 6.34 -104.61
C ILE GA 541 -323.14 6.89 -103.88
N GLY GA 542 -322.33 7.65 -104.59
CA GLY GA 542 -321.15 8.23 -103.98
C GLY GA 542 -320.71 9.50 -104.66
N GLY GA 543 -319.93 10.29 -103.95
CA GLY GA 543 -319.41 11.54 -104.48
C GLY GA 543 -317.93 11.67 -104.22
N TYR GA 544 -317.27 12.43 -105.10
CA TYR GA 544 -315.84 12.64 -104.98
C TYR GA 544 -315.53 13.66 -103.89
N ILE GA 545 -314.47 13.42 -103.14
CA ILE GA 545 -314.04 14.28 -102.06
C ILE GA 545 -312.63 14.75 -102.34
N GLY GA 546 -312.40 16.06 -102.30
CA GLY GA 546 -311.06 16.58 -102.41
C GLY GA 546 -310.34 16.56 -101.07
N ILE GA 547 -309.01 16.52 -101.14
CA ILE GA 547 -308.17 16.53 -99.95
C ILE GA 547 -307.39 17.84 -99.94
N SER GA 548 -307.62 18.65 -98.91
CA SER GA 548 -306.97 19.95 -98.83
C SER GA 548 -305.59 19.84 -98.20
N ASP GA 549 -305.51 19.29 -96.99
CA ASP GA 549 -304.25 19.09 -96.29
C ASP GA 549 -304.15 17.65 -95.84
N THR GA 550 -302.97 17.07 -96.02
CA THR GA 550 -302.77 15.66 -95.68
C THR GA 550 -302.89 15.42 -94.19
N THR GA 551 -303.49 14.29 -93.83
CA THR GA 551 -303.68 13.88 -92.45
C THR GA 551 -304.10 12.41 -92.46
N ILE GA 552 -304.52 11.90 -91.31
CA ILE GA 552 -305.01 10.54 -91.17
C ILE GA 552 -306.51 10.60 -90.93
N VAL GA 553 -307.27 9.84 -91.72
CA VAL GA 553 -308.72 9.81 -91.59
C VAL GA 553 -309.10 8.74 -90.58
N ASP GA 554 -310.21 8.96 -89.88
CA ASP GA 554 -310.63 8.04 -88.84
C ASP GA 554 -312.10 7.70 -88.96
N THR GA 555 -312.89 8.60 -89.54
CA THR GA 555 -314.33 8.37 -89.63
C THR GA 555 -314.88 9.06 -90.87
N ILE GA 556 -316.05 8.59 -91.29
CA ILE GA 556 -316.75 9.14 -92.45
C ILE GA 556 -318.21 9.37 -92.08
N ALA GA 557 -318.81 10.36 -92.72
CA ALA GA 557 -320.14 10.82 -92.37
C ALA GA 557 -320.97 11.07 -93.62
N MET GA 558 -322.27 10.84 -93.49
CA MET GA 558 -323.21 11.11 -94.57
C MET GA 558 -324.57 11.46 -93.97
N LYS GA 559 -325.32 12.27 -94.69
CA LYS GA 559 -326.65 12.71 -94.24
C LYS GA 559 -327.70 11.84 -94.92
N MET GA 560 -328.34 10.97 -94.14
CA MET GA 560 -329.30 10.03 -94.68
C MET GA 560 -330.22 9.55 -93.56
N TYR GA 561 -331.29 8.87 -93.97
CA TYR GA 561 -332.26 8.30 -93.04
C TYR GA 561 -332.97 7.15 -93.75
N LYS GA 562 -333.91 6.54 -93.04
CA LYS GA 562 -334.72 5.45 -93.57
C LYS GA 562 -336.16 5.90 -93.70
N GLU GA 563 -336.82 5.46 -94.78
CA GLU GA 563 -338.20 5.88 -95.04
C GLU GA 563 -339.16 5.31 -94.00
N THR GA 564 -339.23 3.98 -93.92
CA THR GA 564 -340.11 3.31 -92.99
C THR GA 564 -339.33 2.88 -91.74
N SER GA 565 -340.08 2.55 -90.70
CA SER GA 565 -339.50 2.17 -89.41
C SER GA 565 -339.13 0.68 -89.34
N SER GA 566 -339.25 -0.04 -90.45
CA SER GA 566 -338.95 -1.46 -90.45
C SER GA 566 -337.44 -1.69 -90.24
N ALA GA 567 -337.12 -2.89 -89.79
CA ALA GA 567 -335.73 -3.25 -89.53
C ALA GA 567 -334.93 -3.26 -90.83
N ILE GA 568 -333.68 -2.79 -90.75
CA ILE GA 568 -332.80 -2.71 -91.90
C ILE GA 568 -331.42 -3.25 -91.53
N ASN GA 569 -330.68 -3.65 -92.55
CA ASN GA 569 -329.32 -4.14 -92.38
C ASN GA 569 -328.59 -3.94 -93.70
N ASN GA 570 -327.33 -4.37 -93.74
CA ASN GA 570 -326.52 -4.36 -94.96
C ASN GA 570 -326.45 -2.97 -95.59
N VAL GA 571 -326.35 -1.94 -94.76
CA VAL GA 571 -326.13 -0.59 -95.21
C VAL GA 571 -324.67 -0.27 -94.93
N TYR GA 572 -323.89 -0.06 -95.98
CA TYR GA 572 -322.45 0.09 -95.88
C TYR GA 572 -322.02 1.46 -96.38
N LEU GA 573 -321.12 2.09 -95.64
CA LEU GA 573 -320.42 3.29 -96.08
C LEU GA 573 -318.96 2.93 -96.26
N GLU GA 574 -318.44 3.19 -97.46
CA GLU GA 574 -317.08 2.79 -97.81
C GLU GA 574 -316.35 3.96 -98.46
N VAL GA 575 -315.02 3.84 -98.48
CA VAL GA 575 -314.15 4.88 -99.01
C VAL GA 575 -313.30 4.29 -100.12
N PHE GA 576 -313.19 5.02 -101.22
CA PHE GA 576 -312.41 4.59 -102.38
C PHE GA 576 -311.39 5.68 -102.72
N ARG GA 577 -310.14 5.28 -102.89
CA ARG GA 577 -309.12 6.18 -103.37
C ARG GA 577 -309.05 6.12 -104.89
N GLU GA 578 -308.90 7.29 -105.52
CA GLU GA 578 -308.76 7.34 -106.97
C GLU GA 578 -307.28 7.34 -107.33
N ASP GA 579 -306.86 6.38 -108.14
CA ASP GA 579 -305.46 6.27 -108.53
C ASP GA 579 -305.16 7.27 -109.65
N SER GA 580 -303.96 7.18 -110.22
CA SER GA 580 -303.61 8.06 -111.34
C SER GA 580 -304.49 7.77 -112.55
N THR GA 581 -304.79 6.49 -112.80
CA THR GA 581 -305.60 6.11 -113.94
C THR GA 581 -307.09 6.41 -113.75
N GLY GA 582 -307.49 6.84 -112.55
CA GLY GA 582 -308.88 7.08 -112.26
C GLY GA 582 -309.63 5.91 -111.66
N ALA GA 583 -308.99 4.75 -111.56
CA ALA GA 583 -309.63 3.59 -110.93
C ALA GA 583 -309.81 3.81 -109.44
N LEU GA 584 -310.87 3.25 -108.89
CA LEU GA 584 -311.20 3.37 -107.48
C LEU GA 584 -310.81 2.11 -106.74
N THR GA 585 -310.05 2.26 -105.66
CA THR GA 585 -309.62 1.15 -104.83
C THR GA 585 -310.20 1.32 -103.43
N SER GA 586 -310.85 0.27 -102.93
CA SER GA 586 -311.43 0.33 -101.59
C SER GA 586 -310.33 0.28 -100.53
N VAL GA 587 -310.43 1.16 -99.54
CA VAL GA 587 -309.45 1.22 -98.47
C VAL GA 587 -310.15 1.20 -97.12
N GLY GA 588 -311.46 0.99 -97.12
CA GLY GA 588 -312.20 0.91 -95.88
C GLY GA 588 -313.71 0.88 -96.07
N SER GA 589 -314.40 0.17 -95.17
CA SER GA 589 -315.86 0.09 -95.21
C SER GA 589 -316.36 -0.12 -93.79
N VAL GA 590 -317.63 0.21 -93.58
CA VAL GA 590 -318.22 0.12 -92.24
C VAL GA 590 -319.73 -0.01 -92.39
N ASP GA 591 -320.34 -0.79 -91.50
CA ASP GA 591 -321.78 -0.98 -91.47
C ASP GA 591 -322.41 0.10 -90.61
N VAL GA 592 -323.40 0.79 -91.16
CA VAL GA 592 -324.05 1.91 -90.49
C VAL GA 592 -325.55 1.68 -90.31
N SER GA 593 -326.04 0.50 -90.65
CA SER GA 593 -327.48 0.25 -90.57
C SER GA 593 -327.97 0.26 -89.13
N GLY GA 594 -327.11 -0.11 -88.17
CA GLY GA 594 -327.55 -0.18 -86.79
C GLY GA 594 -327.91 1.17 -86.20
N GLN GA 595 -327.13 2.20 -86.52
CA GLN GA 595 -327.30 3.51 -85.91
C GLN GA 595 -328.17 4.45 -86.74
N LEU GA 596 -328.76 3.97 -87.83
CA LEU GA 596 -329.62 4.81 -88.64
C LEU GA 596 -330.90 5.17 -87.90
N THR GA 597 -331.48 6.31 -88.25
CA THR GA 597 -332.70 6.80 -87.63
C THR GA 597 -333.67 7.26 -88.72
N THR GA 598 -334.97 7.17 -88.41
CA THR GA 598 -335.98 7.58 -89.37
C THR GA 598 -335.87 9.06 -89.71
N ALA GA 599 -335.62 9.90 -88.70
CA ALA GA 599 -335.44 11.32 -88.94
C ALA GA 599 -334.13 11.57 -89.69
N SER GA 600 -334.14 12.62 -90.51
CA SER GA 600 -332.96 12.99 -91.29
C SER GA 600 -331.88 13.49 -90.34
N ASP GA 601 -330.87 12.65 -90.09
CA ASP GA 601 -329.81 12.98 -89.16
C ASP GA 601 -328.48 12.49 -89.71
N TYR GA 602 -327.39 13.09 -89.23
CA TYR GA 602 -326.07 12.72 -89.67
C TYR GA 602 -325.72 11.31 -89.20
N VAL GA 603 -324.97 10.59 -90.03
CA VAL GA 603 -324.46 9.27 -89.72
C VAL GA 603 -322.95 9.32 -89.78
N GLU GA 604 -322.30 9.12 -88.64
CA GLU GA 604 -320.85 9.14 -88.52
C GLU GA 604 -320.38 7.76 -88.08
N ALA GA 605 -319.43 7.20 -88.82
CA ALA GA 605 -318.96 5.85 -88.56
C ALA GA 605 -317.45 5.80 -88.64
N THR GA 606 -316.85 5.06 -87.72
CA THR GA 606 -315.40 4.92 -87.62
C THR GA 606 -314.91 3.84 -88.56
N LEU GA 607 -313.83 4.14 -89.28
CA LEU GA 607 -313.22 3.16 -90.17
C LEU GA 607 -312.55 2.06 -89.34
N PRO GA 608 -312.41 0.85 -89.92
CA PRO GA 608 -311.68 -0.21 -89.20
C PRO GA 608 -310.25 0.17 -88.87
N ALA GA 609 -309.60 0.96 -89.72
CA ALA GA 609 -308.24 1.41 -89.45
C ALA GA 609 -308.03 2.73 -90.16
N GLY GA 610 -307.01 3.46 -89.72
CA GLY GA 610 -306.69 4.73 -90.33
C GLY GA 610 -306.21 4.56 -91.75
N VAL GA 611 -306.59 5.50 -92.61
CA VAL GA 611 -306.20 5.51 -94.02
C VAL GA 611 -305.51 6.85 -94.30
N ILE GA 612 -304.20 6.81 -94.50
CA ILE GA 612 -303.46 8.05 -94.73
C ILE GA 612 -303.89 8.65 -96.07
N VAL GA 613 -304.12 9.96 -96.07
CA VAL GA 613 -304.53 10.68 -97.27
C VAL GA 613 -303.55 11.82 -97.51
N ASN GA 614 -303.42 12.23 -98.77
CA ASN GA 614 -302.50 13.27 -99.15
C ASN GA 614 -303.22 14.29 -100.03
N ALA GA 615 -302.78 15.54 -99.95
CA ALA GA 615 -303.37 16.60 -100.75
C ALA GA 615 -303.11 16.36 -102.22
N GLY GA 616 -304.14 16.58 -103.04
CA GLY GA 616 -304.07 16.40 -104.47
C GLY GA 616 -304.78 15.16 -104.99
N GLU GA 617 -304.99 14.16 -104.15
CA GLU GA 617 -305.71 12.97 -104.56
C GLU GA 617 -307.20 13.14 -104.26
N ARG GA 618 -308.01 12.25 -104.85
CA ARG GA 618 -309.45 12.31 -104.71
C ARG GA 618 -309.97 11.02 -104.10
N TYR GA 619 -311.02 11.16 -103.29
CA TYR GA 619 -311.63 10.05 -102.59
C TYR GA 619 -313.14 10.08 -102.77
N VAL GA 620 -313.75 8.91 -102.71
CA VAL GA 620 -315.18 8.74 -102.92
C VAL GA 620 -315.76 8.06 -101.68
N VAL GA 621 -316.84 8.63 -101.16
CA VAL GA 621 -317.58 8.04 -100.05
C VAL GA 621 -318.85 7.44 -100.62
N ARG GA 622 -318.92 6.12 -100.62
CA ARG GA 622 -320.01 5.40 -101.28
C ARG GA 622 -320.94 4.79 -100.24
N MET GA 623 -322.24 4.98 -100.45
CA MET GA 623 -323.27 4.30 -99.69
C MET GA 623 -323.85 3.19 -100.55
N ARG GA 624 -323.85 1.97 -100.01
CA ARG GA 624 -324.16 0.77 -100.78
C ARG GA 624 -325.64 0.39 -100.70
N ASN GA 625 -326.15 0.15 -99.49
CA ASN GA 625 -327.54 -0.19 -99.26
C ASN GA 625 -327.94 -1.46 -100.01
N ALA GA 626 -327.33 -2.57 -99.60
CA ALA GA 626 -327.64 -3.89 -100.14
C ALA GA 626 -328.53 -4.69 -99.19
N THR GA 627 -329.49 -4.02 -98.56
CA THR GA 627 -330.30 -4.60 -97.50
C THR GA 627 -331.08 -5.82 -97.98
N THR GA 628 -331.58 -6.58 -97.01
CA THR GA 628 -332.37 -7.78 -97.27
C THR GA 628 -333.85 -7.58 -97.03
N VAL GA 629 -334.24 -6.82 -96.01
CA VAL GA 629 -335.65 -6.60 -95.72
C VAL GA 629 -336.31 -5.86 -96.88
N GLY GA 630 -335.64 -4.82 -97.39
CA GLY GA 630 -336.15 -4.07 -98.52
C GLY GA 630 -336.49 -2.62 -98.25
N ASN GA 631 -336.29 -2.11 -97.03
CA ASN GA 631 -336.60 -0.71 -96.76
C ASN GA 631 -335.61 0.19 -97.48
N ARG GA 632 -336.13 1.23 -98.14
CA ARG GA 632 -335.30 2.13 -98.91
C ARG GA 632 -334.54 3.08 -97.99
N VAL GA 633 -333.52 3.74 -98.54
CA VAL GA 633 -332.68 4.67 -97.82
C VAL GA 633 -332.74 6.02 -98.52
N GLY GA 634 -333.01 7.07 -97.74
CA GLY GA 634 -333.05 8.41 -98.31
C GLY GA 634 -331.84 9.24 -97.95
N VAL GA 635 -331.09 9.66 -98.96
CA VAL GA 635 -329.84 10.40 -98.77
C VAL GA 635 -330.07 11.84 -99.20
N SER GA 636 -329.57 12.79 -98.40
CA SER GA 636 -329.68 14.20 -98.74
C SER GA 636 -328.65 14.55 -99.81
N VAL GA 637 -329.12 15.03 -100.95
CA VAL GA 637 -328.26 15.38 -102.08
C VAL GA 637 -328.61 16.80 -102.52
N MET GA 638 -327.83 17.30 -103.47
CA MET GA 638 -328.10 18.60 -104.08
C MET GA 638 -328.04 18.44 -105.60
N LYS GA 639 -329.03 19.02 -106.28
CA LYS GA 639 -329.21 18.76 -107.70
C LYS GA 639 -328.05 19.35 -108.50
N GLU GA 640 -327.59 18.58 -109.49
CA GLU GA 640 -326.52 19.01 -110.38
C GLU GA 640 -327.11 19.56 -111.67
N LEU GA 641 -326.42 20.53 -112.25
CA LEU GA 641 -326.84 21.16 -113.49
C LEU GA 641 -326.04 20.60 -114.66
N VAL GA 642 -326.73 20.29 -115.74
CA VAL GA 642 -326.07 19.70 -116.90
C VAL GA 642 -325.14 20.72 -117.55
N GLY GA 643 -324.22 20.22 -118.37
CA GLY GA 643 -323.24 21.05 -119.04
C GLY GA 643 -321.94 21.25 -118.28
N GLY GA 644 -321.84 20.73 -117.05
CA GLY GA 644 -320.65 20.87 -116.25
C GLY GA 644 -319.94 19.54 -116.03
N ARG GA 645 -318.94 19.60 -115.15
CA ARG GA 645 -318.16 18.41 -114.84
C ARG GA 645 -318.99 17.40 -114.06
N GLU GA 646 -318.78 16.12 -114.35
CA GLU GA 646 -319.46 15.03 -113.67
C GLU GA 646 -318.47 14.37 -112.71
N LEU GA 647 -318.80 14.41 -111.41
CA LEU GA 647 -317.90 13.88 -110.38
C LEU GA 647 -318.67 13.15 -109.29
N SER GA 648 -319.79 12.53 -109.64
CA SER GA 648 -320.53 11.65 -108.73
C SER GA 648 -320.76 10.32 -109.42
N ILE GA 649 -320.71 9.24 -108.64
CA ILE GA 649 -320.87 7.90 -109.18
C ILE GA 649 -322.17 7.30 -108.64
N ARG GA 650 -322.82 6.50 -109.48
CA ARG GA 650 -324.08 5.87 -109.11
C ARG GA 650 -324.19 4.55 -109.86
N THR GA 651 -324.42 3.47 -109.12
CA THR GA 651 -324.54 2.14 -109.68
C THR GA 651 -325.86 1.53 -109.26
N GLU GA 652 -326.47 0.74 -110.16
CA GLU GA 652 -327.77 0.14 -109.92
C GLU GA 652 -327.73 -1.37 -109.73
N THR GA 653 -326.90 -2.08 -110.49
CA THR GA 653 -326.84 -3.52 -110.38
C THR GA 653 -326.23 -3.95 -109.05
N ALA GA 654 -326.71 -5.09 -108.53
CA ALA GA 654 -326.19 -5.59 -107.26
C ALA GA 654 -324.72 -5.95 -107.37
N THR GA 655 -324.29 -6.44 -108.53
CA THR GA 655 -322.88 -6.75 -108.73
C THR GA 655 -322.03 -5.51 -108.60
N ASP GA 656 -322.44 -4.41 -109.25
CA ASP GA 656 -321.68 -3.17 -109.15
C ASP GA 656 -321.73 -2.60 -107.74
N SER GA 657 -322.87 -2.76 -107.06
CA SER GA 657 -322.97 -2.28 -105.68
C SER GA 657 -322.00 -3.04 -104.78
N ASN GA 658 -321.88 -4.35 -104.96
CA ASN GA 658 -320.96 -5.15 -104.18
C ASN GA 658 -319.53 -5.09 -104.68
N LYS GA 659 -319.28 -4.44 -105.83
CA LYS GA 659 -317.92 -4.33 -106.34
C LYS GA 659 -317.03 -3.57 -105.37
N THR GA 660 -315.79 -4.04 -105.24
CA THR GA 660 -314.81 -3.42 -104.35
C THR GA 660 -313.61 -2.85 -105.09
N PHE GA 661 -313.54 -2.99 -106.40
CA PHE GA 661 -312.42 -2.44 -107.18
C PHE GA 661 -312.96 -2.06 -108.56
N TYR GA 662 -313.33 -0.79 -108.71
CA TYR GA 662 -313.91 -0.31 -109.95
C TYR GA 662 -312.82 -0.03 -110.98
N THR GA 663 -313.08 -0.46 -112.21
CA THR GA 663 -312.21 -0.16 -113.34
C THR GA 663 -312.54 1.22 -113.90
N PRO GA 664 -311.62 1.82 -114.65
CA PRO GA 664 -311.91 3.15 -115.24
C PRO GA 664 -313.15 3.16 -116.12
N SER GA 665 -313.39 2.10 -116.89
CA SER GA 665 -314.57 2.05 -117.74
C SER GA 665 -315.85 2.10 -116.91
N GLU GA 666 -315.90 1.29 -115.85
CA GLU GA 666 -317.08 1.30 -114.98
C GLU GA 666 -317.22 2.64 -114.27
N VAL GA 667 -316.10 3.27 -113.91
CA VAL GA 667 -316.15 4.58 -113.28
C VAL GA 667 -316.76 5.60 -114.23
N LEU GA 668 -316.33 5.58 -115.50
CA LEU GA 668 -316.88 6.50 -116.48
C LEU GA 668 -318.37 6.24 -116.70
N THR GA 669 -318.77 4.97 -116.77
CA THR GA 669 -320.19 4.67 -116.96
C THR GA 669 -321.02 5.16 -115.77
N ALA GA 670 -320.53 4.94 -114.56
CA ALA GA 670 -321.25 5.42 -113.37
C ALA GA 670 -321.33 6.94 -113.36
N GLN GA 671 -320.24 7.61 -113.73
CA GLN GA 671 -320.27 9.08 -113.79
C GLN GA 671 -321.29 9.58 -114.80
N GLY GA 672 -321.36 8.93 -115.97
CA GLY GA 672 -322.35 9.32 -116.96
C GLY GA 672 -323.77 9.06 -116.48
N VAL GA 673 -324.00 7.93 -115.82
CA VAL GA 673 -325.34 7.58 -115.38
C VAL GA 673 -325.82 8.50 -114.26
N SER GA 674 -324.91 8.88 -113.37
CA SER GA 674 -325.29 9.58 -112.15
C SER GA 674 -325.98 10.91 -112.46
N VAL GA 675 -326.98 11.25 -111.65
CA VAL GA 675 -327.75 12.47 -111.81
C VAL GA 675 -327.76 13.33 -110.56
N ILE GA 676 -327.38 12.78 -109.40
CA ILE GA 676 -327.38 13.53 -108.15
C ILE GA 676 -325.96 13.61 -107.61
N MET GA 677 -325.77 14.31 -106.50
CA MET GA 677 -324.47 14.43 -105.87
C MET GA 677 -324.63 14.43 -104.36
N PRO GA 678 -324.24 13.35 -103.69
CA PRO GA 678 -324.51 13.24 -102.24
C PRO GA 678 -323.56 14.07 -101.41
N TRP GA 679 -323.95 14.28 -100.16
CA TRP GA 679 -323.15 15.00 -99.18
C TRP GA 679 -322.35 13.98 -98.37
N ALA GA 680 -321.03 14.11 -98.40
CA ALA GA 680 -320.15 13.15 -97.74
C ALA GA 680 -319.04 13.89 -97.00
N MET GA 681 -318.54 13.26 -95.94
CA MET GA 681 -317.53 13.87 -95.09
C MET GA 681 -316.49 12.83 -94.69
N MET GA 682 -315.22 13.21 -94.74
CA MET GA 682 -314.12 12.39 -94.24
C MET GA 682 -313.42 13.20 -93.16
N ALA GA 683 -313.46 12.74 -91.92
CA ALA GA 683 -313.09 13.57 -90.78
C ALA GA 683 -311.76 13.12 -90.18
N ALA GA 684 -311.30 13.87 -89.18
CA ALA GA 684 -310.09 13.62 -88.41
C ALA GA 684 -310.38 13.76 -86.93
N LYS GA 685 -311.41 13.05 -86.45
CA LYS GA 685 -311.98 13.29 -85.13
C LYS GA 685 -310.91 13.28 -84.03
N ASN GA 686 -310.07 12.26 -83.99
CA ASN GA 686 -309.05 12.14 -82.96
C ASN GA 686 -307.67 12.01 -83.58
N LEU GA 687 -306.72 12.82 -83.09
CA LEU GA 687 -305.34 12.81 -83.55
C LEU GA 687 -304.41 12.61 -82.37
N ALA GA 688 -303.25 12.02 -82.64
CA ALA GA 688 -302.18 11.93 -81.67
C ALA GA 688 -301.51 13.30 -81.61
N THR GA 689 -302.03 14.15 -80.73
CA THR GA 689 -301.56 15.54 -80.65
C THR GA 689 -300.10 15.59 -80.22
N THR GA 690 -299.32 16.38 -80.91
CA THR GA 690 -297.91 16.55 -80.58
C THR GA 690 -297.74 17.61 -79.50
N ASP GA 691 -296.54 17.65 -78.92
CA ASP GA 691 -296.18 18.68 -77.95
C ASP GA 691 -295.59 19.86 -78.74
N GLN GA 692 -296.42 20.87 -79.00
CA GLN GA 692 -295.99 21.99 -79.80
C GLN GA 692 -294.91 22.79 -79.09
N SER GA 693 -293.89 23.20 -79.85
CA SER GA 693 -292.78 23.97 -79.33
C SER GA 693 -292.48 25.12 -80.27
N PHE GA 694 -292.06 26.25 -79.71
CA PHE GA 694 -291.77 27.44 -80.49
C PHE GA 694 -290.51 28.11 -79.95
N SER GA 695 -289.86 28.87 -80.82
CA SER GA 695 -288.65 29.59 -80.45
C SER GA 695 -288.51 30.80 -81.35
N ASP GA 696 -287.85 31.83 -80.82
CA ASP GA 696 -287.61 33.06 -81.57
C ASP GA 696 -286.26 33.63 -81.15
N ASP GA 697 -285.43 33.93 -82.15
CA ASP GA 697 -284.12 34.53 -81.92
C ASP GA 697 -284.20 36.03 -81.72
N PHE GA 698 -285.36 36.65 -81.96
CA PHE GA 698 -285.56 38.08 -81.79
C PHE GA 698 -284.55 38.87 -82.61
N ASN GA 699 -284.30 38.43 -83.84
CA ASN GA 699 -283.24 39.03 -84.65
C ASN GA 699 -283.81 39.64 -85.93
N ARG GA 700 -284.90 40.39 -85.80
CA ARG GA 700 -285.50 41.04 -86.95
C ARG GA 700 -285.66 42.54 -86.70
N SER GA 701 -286.36 43.24 -87.59
CA SER GA 701 -286.47 44.69 -87.52
C SER GA 701 -287.58 45.16 -86.60
N ALA GA 702 -288.75 44.55 -86.68
CA ALA GA 702 -289.90 44.94 -85.88
C ALA GA 702 -290.26 43.82 -84.90
N MET GA 703 -291.21 44.13 -84.00
CA MET GA 703 -291.65 43.14 -83.03
C MET GA 703 -292.30 41.94 -83.71
N GLY GA 704 -293.11 42.20 -84.73
CA GLY GA 704 -293.75 41.14 -85.48
C GLY GA 704 -295.15 40.84 -84.98
N GLY GA 705 -295.93 40.18 -85.83
CA GLY GA 705 -297.29 39.82 -85.52
C GLY GA 705 -297.45 38.57 -84.67
N LEU GA 706 -296.35 37.92 -84.30
CA LEU GA 706 -296.38 36.73 -83.48
C LEU GA 706 -296.29 37.04 -81.99
N TRP GA 707 -296.66 38.25 -81.58
CA TRP GA 707 -296.54 38.65 -80.19
C TRP GA 707 -297.64 39.65 -79.86
N PHE GA 708 -298.50 39.29 -78.91
CA PHE GA 708 -299.48 40.22 -78.38
C PHE GA 708 -298.80 41.09 -77.33
N LEU GA 709 -298.80 42.40 -77.54
CA LEU GA 709 -298.05 43.34 -76.70
C LEU GA 709 -299.02 44.08 -75.80
N LYS GA 710 -298.70 44.13 -74.51
CA LYS GA 710 -299.51 44.88 -73.54
C LYS GA 710 -298.58 45.53 -72.53
N SER GA 711 -298.73 46.83 -72.34
CA SER GA 711 -297.84 47.59 -71.47
C SER GA 711 -298.65 48.59 -70.66
N ASP GA 712 -298.04 49.06 -69.57
CA ASP GA 712 -298.65 50.12 -68.78
C ASP GA 712 -298.20 51.50 -69.24
N THR GA 713 -297.32 51.58 -70.23
CA THR GA 713 -296.89 52.89 -70.74
C THR GA 713 -298.03 53.58 -71.50
N GLY GA 714 -298.69 52.84 -72.39
CA GLY GA 714 -299.81 53.39 -73.13
C GLY GA 714 -299.58 53.41 -74.63
N THR GA 715 -298.37 53.77 -75.05
CA THR GA 715 -298.04 53.85 -76.47
C THR GA 715 -296.89 52.94 -76.87
N ASN GA 716 -295.87 52.84 -76.03
CA ASN GA 716 -294.68 52.05 -76.36
C ASN GA 716 -294.83 50.62 -75.84
N GLN GA 717 -294.25 49.68 -76.59
CA GLN GA 717 -294.30 48.27 -76.24
C GLN GA 717 -292.91 47.66 -76.29
N VAL GA 718 -292.81 46.34 -76.18
CA VAL GA 718 -291.52 45.67 -76.29
C VAL GA 718 -291.00 45.85 -77.70
N GLY GA 719 -289.85 46.50 -77.82
CA GLY GA 719 -289.25 46.79 -79.12
C GLY GA 719 -287.96 46.01 -79.31
N VAL GA 720 -287.74 45.53 -80.53
CA VAL GA 720 -286.52 44.81 -80.85
C VAL GA 720 -285.48 45.79 -81.35
N SER GA 721 -284.30 45.75 -80.76
CA SER GA 721 -283.18 46.59 -81.14
C SER GA 721 -281.90 45.78 -81.03
N GLY GA 722 -281.03 45.90 -82.03
CA GLY GA 722 -279.78 45.17 -82.03
C GLY GA 722 -279.93 43.68 -81.94
N GLY GA 723 -281.08 43.15 -82.37
CA GLY GA 723 -281.33 41.73 -82.24
C GLY GA 723 -281.73 41.27 -80.85
N ARG GA 724 -282.26 42.17 -80.03
CA ARG GA 724 -282.69 41.80 -78.68
C ARG GA 724 -283.92 42.60 -78.29
N ALA GA 725 -284.81 41.97 -77.52
CA ALA GA 725 -285.98 42.65 -77.01
C ALA GA 725 -285.58 43.65 -75.93
N ALA GA 726 -286.31 44.76 -75.86
CA ALA GA 726 -285.98 45.81 -74.92
C ALA GA 726 -287.21 46.66 -74.65
N PHE GA 727 -287.13 47.46 -73.60
CA PHE GA 727 -288.19 48.37 -73.18
C PHE GA 727 -288.08 49.64 -74.01
N SER GA 728 -288.92 49.75 -75.03
CA SER GA 728 -288.93 50.95 -75.86
C SER GA 728 -289.45 52.14 -75.07
N GLY GA 729 -288.83 53.30 -75.30
CA GLY GA 729 -289.25 54.52 -74.66
C GLY GA 729 -288.53 54.77 -73.34
N LEU GA 730 -288.66 56.01 -72.87
CA LEU GA 730 -288.05 56.44 -71.62
C LEU GA 730 -289.03 56.45 -70.45
N THR GA 731 -290.26 55.97 -70.66
CA THR GA 731 -291.25 56.00 -69.61
C THR GA 731 -290.95 54.95 -68.55
N ASP GA 732 -291.59 55.09 -67.40
CA ASP GA 732 -291.44 54.18 -66.27
C ASP GA 732 -292.65 53.25 -66.23
N GLY GA 733 -292.39 51.95 -66.25
CA GLY GA 733 -293.51 51.01 -66.21
C GLY GA 733 -293.08 49.61 -66.59
N ASN GA 734 -294.04 48.85 -67.12
CA ASN GA 734 -293.86 47.45 -67.46
C ASN GA 734 -294.41 47.17 -68.85
N GLN GA 735 -293.75 46.24 -69.54
CA GLN GA 735 -294.15 45.78 -70.87
C GLN GA 735 -294.16 44.26 -70.89
N ASN GA 736 -295.14 43.68 -71.56
CA ASN GA 736 -295.30 42.24 -71.65
C ASN GA 736 -295.60 41.85 -73.08
N ALA GA 737 -294.99 40.77 -73.54
CA ALA GA 737 -295.26 40.18 -74.84
C ALA GA 737 -295.69 38.73 -74.64
N LEU GA 738 -296.79 38.34 -75.25
CA LEU GA 738 -297.33 37.00 -75.12
C LEU GA 738 -297.31 36.31 -76.47
N TYR GA 739 -296.81 35.08 -76.51
CA TYR GA 739 -296.79 34.34 -77.75
C TYR GA 739 -298.21 33.96 -78.17
N ILE GA 740 -298.54 34.22 -79.43
CA ILE GA 740 -299.87 33.89 -79.92
C ILE GA 740 -300.11 32.39 -79.88
N ARG GA 741 -299.10 31.61 -80.25
CA ARG GA 741 -299.26 30.16 -80.34
C ARG GA 741 -299.23 29.53 -78.95
N PRO GA 742 -300.28 28.84 -78.54
CA PRO GA 742 -300.27 28.14 -77.25
C PRO GA 742 -299.58 26.80 -77.39
N THR GA 743 -299.38 26.14 -76.25
CA THR GA 743 -298.75 24.83 -76.21
C THR GA 743 -299.82 23.75 -76.18
N ALA GA 744 -299.39 22.49 -76.00
CA ALA GA 744 -300.33 21.37 -76.02
C ALA GA 744 -301.02 21.20 -74.68
N GLY GA 745 -300.25 20.92 -73.63
CA GLY GA 745 -300.83 20.67 -72.32
C GLY GA 745 -300.31 21.59 -71.24
N ASP GA 746 -300.57 21.23 -69.98
CA ASP GA 746 -300.13 22.06 -68.87
C ASP GA 746 -298.62 21.99 -68.65
N LYS GA 747 -297.95 20.96 -69.17
CA LYS GA 747 -296.50 20.84 -69.02
C LYS GA 747 -295.83 21.94 -69.85
N GLN GA 748 -295.07 22.79 -69.17
CA GLN GA 748 -294.44 23.93 -69.82
C GLN GA 748 -292.97 24.00 -69.46
N TRP GA 749 -292.17 24.51 -70.40
CA TRP GA 749 -290.74 24.73 -70.20
C TRP GA 749 -290.37 25.93 -71.03
N VAL GA 750 -290.06 27.06 -70.39
CA VAL GA 750 -289.65 28.26 -71.09
C VAL GA 750 -288.19 28.54 -70.77
N GLU GA 751 -287.49 29.14 -71.73
CA GLU GA 751 -286.06 29.38 -71.54
C GLU GA 751 -285.63 30.56 -72.41
N ALA GA 752 -284.77 31.40 -71.85
CA ALA GA 752 -284.19 32.49 -72.61
C ALA GA 752 -282.91 32.93 -71.90
N THR GA 753 -282.04 33.60 -72.66
CA THR GA 753 -280.80 34.13 -72.12
C THR GA 753 -280.97 35.60 -71.80
N LEU GA 754 -280.47 36.02 -70.64
CA LEU GA 754 -280.59 37.39 -70.18
C LEU GA 754 -279.31 38.15 -70.50
N TYR GA 755 -279.44 39.27 -71.19
CA TYR GA 755 -278.30 40.06 -71.64
C TYR GA 755 -278.39 41.47 -71.08
N GLU GA 756 -277.22 42.02 -70.75
CA GLU GA 756 -277.10 43.38 -70.21
C GLU GA 756 -277.97 43.59 -68.97
N THR GA 757 -278.02 42.56 -68.12
CA THR GA 757 -278.74 42.65 -66.87
C THR GA 757 -277.85 42.95 -65.67
N GLY GA 758 -276.54 42.77 -65.82
CA GLY GA 758 -275.60 43.10 -64.76
C GLY GA 758 -275.26 44.56 -64.64
N ILE GA 759 -275.79 45.40 -65.54
CA ILE GA 759 -275.58 46.84 -65.48
C ILE GA 759 -276.81 47.57 -64.96
N ALA GA 760 -277.79 46.83 -64.44
CA ALA GA 760 -279.01 47.45 -63.92
C ALA GA 760 -278.68 48.30 -62.69
N ALA GA 761 -279.49 49.33 -62.48
CA ALA GA 761 -279.25 50.25 -61.37
C ALA GA 761 -280.01 49.83 -60.11
N SER GA 762 -281.33 49.74 -60.20
CA SER GA 762 -282.15 49.44 -59.02
C SER GA 762 -283.51 48.95 -59.46
N GLY GA 763 -283.90 47.76 -59.01
CA GLY GA 763 -285.25 47.28 -59.22
C GLY GA 763 -285.61 46.92 -60.63
N ALA GA 764 -284.63 46.64 -61.48
CA ALA GA 764 -284.89 46.26 -62.86
C ALA GA 764 -285.36 44.81 -62.89
N ARG GA 765 -286.65 44.60 -63.18
CA ARG GA 765 -287.25 43.28 -63.17
C ARG GA 765 -287.60 42.88 -64.61
N GLU GA 766 -287.02 41.77 -65.06
CA GLU GA 766 -287.30 41.26 -66.39
C GLU GA 766 -287.15 39.75 -66.38
N GLY GA 767 -287.77 39.10 -67.35
CA GLY GA 767 -287.67 37.65 -67.42
C GLY GA 767 -288.78 37.06 -68.28
N LEU GA 768 -289.15 35.83 -67.93
CA LEU GA 768 -290.06 35.03 -68.73
C LEU GA 768 -291.38 34.82 -68.02
N LEU GA 769 -292.43 34.61 -68.80
CA LEU GA 769 -293.79 34.44 -68.32
C LEU GA 769 -294.29 33.07 -68.77
N MET GA 770 -294.82 32.29 -67.83
CA MET GA 770 -295.42 31.01 -68.14
C MET GA 770 -296.79 30.93 -67.47
N HIS GA 771 -297.65 30.08 -68.02
CA HIS GA 771 -299.03 29.95 -67.58
C HIS GA 771 -299.74 31.30 -67.60
N ALA GA 772 -299.75 31.91 -68.78
CA ALA GA 772 -300.32 33.23 -68.97
C ALA GA 772 -301.69 33.10 -69.62
N ASN GA 773 -302.68 33.81 -69.08
CA ASN GA 773 -304.00 33.84 -69.67
C ASN GA 773 -304.00 34.67 -70.94
N ARG GA 774 -304.94 34.37 -71.83
CA ARG GA 774 -305.08 35.17 -73.05
C ARG GA 774 -305.35 36.63 -72.72
N ASP GA 775 -306.11 36.88 -71.66
CA ASP GA 775 -306.38 38.23 -71.17
C ASP GA 775 -305.44 38.64 -70.05
N LEU GA 776 -304.41 37.85 -69.77
CA LEU GA 776 -303.43 38.13 -68.73
C LEU GA 776 -304.06 38.22 -67.35
N SER GA 777 -305.12 37.43 -67.12
CA SER GA 777 -305.80 37.48 -65.83
C SER GA 777 -304.91 36.96 -64.72
N GLN GA 778 -304.18 35.88 -64.96
CA GLN GA 778 -303.26 35.33 -63.97
C GLN GA 778 -302.06 34.73 -64.67
N VAL GA 779 -300.86 35.06 -64.20
CA VAL GA 779 -299.62 34.59 -64.81
C VAL GA 779 -298.66 34.16 -63.71
N VAL GA 780 -297.66 33.38 -64.12
CA VAL GA 780 -296.51 33.04 -63.30
C VAL GA 780 -295.29 33.66 -63.97
N TYR GA 781 -294.61 34.54 -63.25
CA TYR GA 781 -293.57 35.39 -63.80
C TYR GA 781 -292.25 35.15 -63.08
N LEU GA 782 -291.16 35.19 -63.83
CA LEU GA 782 -289.82 35.04 -63.28
C LEU GA 782 -289.09 36.37 -63.43
N GLY GA 783 -288.83 37.03 -62.30
CA GLY GA 783 -288.17 38.32 -62.34
C GLY GA 783 -286.76 38.28 -61.81
N VAL GA 784 -285.79 38.64 -62.65
CA VAL GA 784 -284.38 38.61 -62.30
C VAL GA 784 -283.82 40.02 -62.35
N ASN GA 785 -283.18 40.45 -61.26
CA ASN GA 785 -282.47 41.71 -61.24
C ASN GA 785 -280.97 41.43 -61.11
N LEU GA 786 -280.18 42.49 -60.96
CA LEU GA 786 -278.76 42.33 -60.75
C LEU GA 786 -278.42 41.66 -59.43
N ASN GA 787 -279.38 41.56 -58.52
CA ASN GA 787 -279.14 41.05 -57.17
C ASN GA 787 -279.78 39.70 -56.90
N THR GA 788 -281.04 39.50 -57.30
CA THR GA 788 -281.77 38.31 -56.91
C THR GA 788 -282.74 37.90 -58.03
N ALA GA 789 -283.51 36.86 -57.74
CA ALA GA 789 -284.52 36.35 -58.66
C ALA GA 789 -285.73 35.90 -57.87
N LYS GA 790 -286.91 36.31 -58.30
CA LYS GA 790 -288.15 36.02 -57.61
C LYS GA 790 -289.17 35.43 -58.58
N ILE GA 791 -290.16 34.75 -58.01
CA ILE GA 791 -291.30 34.23 -58.76
C ILE GA 791 -292.55 34.98 -58.31
N TYR GA 792 -293.32 35.44 -59.28
CA TYR GA 792 -294.52 36.22 -59.03
C TYR GA 792 -295.74 35.50 -59.60
N THR GA 793 -296.90 35.74 -59.00
CA THR GA 793 -298.15 35.17 -59.46
C THR GA 793 -299.23 36.23 -59.50
N GLY GA 794 -300.15 36.07 -60.44
CA GLY GA 794 -301.33 36.89 -60.50
C GLY GA 794 -301.44 37.74 -61.75
N PRO GA 795 -302.38 38.68 -61.74
CA PRO GA 795 -302.53 39.59 -62.88
C PRO GA 795 -301.36 40.57 -62.95
N TRP GA 796 -301.14 41.09 -64.16
CA TRP GA 796 -300.02 42.00 -64.39
C TRP GA 796 -300.18 43.31 -63.62
N ASN GA 797 -301.40 43.69 -63.25
CA ASN GA 797 -301.59 44.92 -62.50
C ASN GA 797 -300.94 44.83 -61.12
N SER GA 798 -301.09 43.68 -60.46
CA SER GA 798 -300.52 43.49 -59.12
C SER GA 798 -300.03 42.05 -59.01
N LEU GA 799 -298.74 41.89 -58.71
CA LEU GA 799 -298.13 40.58 -58.60
C LEU GA 799 -297.86 40.25 -57.13
N THR GA 800 -297.91 38.96 -56.80
CA THR GA 800 -297.61 38.49 -55.46
C THR GA 800 -296.38 37.61 -55.51
N GLU GA 801 -295.42 37.88 -54.62
CA GLU GA 801 -294.16 37.15 -54.61
C GLU GA 801 -294.34 35.83 -53.87
N ARG GA 802 -294.05 34.72 -54.55
CA ARG GA 802 -294.17 33.40 -53.96
C ARG GA 802 -292.85 32.90 -53.40
N ALA GA 803 -291.75 33.10 -54.12
CA ALA GA 803 -290.45 32.65 -53.65
C ALA GA 803 -289.37 33.57 -54.21
N SER GA 804 -288.22 33.56 -53.54
CA SER GA 804 -287.10 34.40 -53.93
C SER GA 804 -285.80 33.70 -53.60
N VAL GA 805 -284.74 34.10 -54.30
CA VAL GA 805 -283.41 33.55 -54.07
C VAL GA 805 -282.38 34.56 -54.51
N SER GA 806 -281.32 34.70 -53.73
CA SER GA 806 -280.27 35.67 -54.00
C SER GA 806 -279.15 35.00 -54.79
N THR GA 807 -278.87 35.51 -55.98
CA THR GA 807 -277.83 34.95 -56.84
C THR GA 807 -276.87 36.03 -57.32
N THR GA 808 -276.00 35.69 -58.27
CA THR GA 808 -275.07 36.65 -58.84
C THR GA 808 -274.72 36.22 -60.26
N GLY GA 809 -274.21 37.17 -61.03
CA GLY GA 809 -273.85 36.90 -62.42
C GLY GA 809 -275.05 36.51 -63.27
N ASN GA 810 -276.14 37.26 -63.13
CA ASN GA 810 -277.40 36.92 -63.79
C ASN GA 810 -277.44 37.42 -65.23
N ASP GA 811 -276.52 36.88 -66.04
CA ASP GA 811 -276.44 37.16 -67.47
C ASP GA 811 -276.26 35.87 -68.24
N VAL GA 812 -277.05 34.86 -67.88
CA VAL GA 812 -276.89 33.51 -68.43
C VAL GA 812 -278.19 33.07 -69.09
N LEU GA 813 -278.21 31.82 -69.54
CA LEU GA 813 -279.38 31.23 -70.19
C LEU GA 813 -280.26 30.62 -69.09
N TRP GA 814 -281.22 31.41 -68.62
CA TRP GA 814 -282.16 30.94 -67.62
C TRP GA 814 -283.22 30.06 -68.25
N GLN GA 815 -283.66 29.06 -67.50
CA GLN GA 815 -284.78 28.21 -67.89
C GLN GA 815 -285.68 28.02 -66.69
N MET GA 816 -286.95 27.76 -66.93
CA MET GA 816 -287.84 27.39 -65.85
C MET GA 816 -289.00 26.60 -66.41
N TYR GA 817 -289.39 25.55 -65.69
CA TYR GA 817 -290.37 24.60 -66.18
C TYR GA 817 -291.31 24.20 -65.06
N PHE GA 818 -292.39 23.52 -65.44
CA PHE GA 818 -293.41 23.08 -64.49
C PHE GA 818 -293.59 21.57 -64.62
N ASP GA 819 -293.57 20.88 -63.49
CA ASP GA 819 -293.86 19.46 -63.44
C ASP GA 819 -295.22 19.25 -62.80
N PRO GA 820 -296.21 18.75 -63.54
CA PRO GA 820 -297.54 18.51 -62.94
C PRO GA 820 -297.62 17.28 -62.07
N ALA GA 821 -296.62 16.40 -62.12
CA ALA GA 821 -296.64 15.22 -61.25
C ALA GA 821 -296.65 15.61 -59.78
N THR GA 822 -295.83 16.59 -59.42
CA THR GA 822 -295.85 17.16 -58.08
C THR GA 822 -296.43 18.57 -58.06
N ALA GA 823 -296.87 19.08 -59.21
CA ALA GA 823 -297.42 20.43 -59.32
C ALA GA 823 -296.44 21.47 -58.80
N ALA GA 824 -295.22 21.43 -59.32
CA ALA GA 824 -294.14 22.28 -58.82
C ALA GA 824 -293.41 22.95 -59.98
N TYR GA 825 -292.96 24.17 -59.73
CA TYR GA 825 -292.20 24.95 -60.71
C TYR GA 825 -290.74 24.99 -60.28
N THR GA 826 -289.84 24.73 -61.23
CA THR GA 826 -288.42 24.68 -60.95
C THR GA 826 -287.67 25.56 -61.94
N VAL GA 827 -286.67 26.30 -61.44
CA VAL GA 827 -285.89 27.22 -62.23
C VAL GA 827 -284.45 26.74 -62.27
N LEU GA 828 -283.88 26.65 -63.47
CA LEU GA 828 -282.51 26.22 -63.67
C LEU GA 828 -281.72 27.37 -64.29
N LYS GA 829 -280.66 27.79 -63.62
CA LYS GA 829 -279.80 28.88 -64.10
C LYS GA 829 -278.55 28.27 -64.70
N ASN GA 830 -278.36 28.49 -66.00
CA ASN GA 830 -277.18 28.00 -66.73
C ASN GA 830 -277.01 26.50 -66.55
N GLY GA 831 -278.12 25.77 -66.56
CA GLY GA 831 -278.08 24.33 -66.37
C GLY GA 831 -277.83 23.87 -64.96
N GLN GA 832 -277.88 24.77 -63.99
CA GLN GA 832 -277.68 24.44 -62.58
C GLN GA 832 -278.98 24.57 -61.81
N ALA GA 833 -279.08 23.84 -60.71
CA ALA GA 833 -280.33 23.80 -59.95
C ALA GA 833 -280.70 25.18 -59.42
N SER GA 834 -279.72 25.91 -58.89
CA SER GA 834 -279.91 27.29 -58.41
C SER GA 834 -280.89 27.37 -57.23
N GLY GA 835 -281.40 26.22 -56.80
CA GLY GA 835 -282.24 26.19 -55.60
C GLY GA 835 -283.50 27.01 -55.68
N LEU GA 836 -284.05 27.22 -56.88
CA LEU GA 836 -285.27 28.00 -57.05
C LEU GA 836 -286.41 27.05 -57.40
N THR GA 837 -287.31 26.84 -56.45
CA THR GA 837 -288.42 25.90 -56.62
C THR GA 837 -289.62 26.41 -55.84
N TRP GA 838 -290.79 26.34 -56.46
CA TRP GA 838 -292.05 26.69 -55.82
C TRP GA 838 -293.00 25.51 -55.88
N THR GA 839 -293.68 25.25 -54.76
CA THR GA 839 -294.65 24.17 -54.67
C THR GA 839 -296.04 24.76 -54.45
N ASP GA 840 -296.98 24.39 -55.33
CA ASP GA 840 -298.34 24.92 -55.26
C ASP GA 840 -299.22 23.98 -54.43
N SER GA 841 -298.98 24.02 -53.12
CA SER GA 841 -299.81 23.23 -52.21
C SER GA 841 -301.26 23.70 -52.23
N GLY GA 842 -301.47 25.01 -52.27
CA GLY GA 842 -302.80 25.58 -52.27
C GLY GA 842 -303.49 25.64 -53.61
N SER GA 843 -302.83 25.20 -54.67
CA SER GA 843 -303.39 25.20 -56.03
C SER GA 843 -303.88 26.58 -56.43
N VAL GA 844 -303.07 27.61 -56.15
CA VAL GA 844 -303.44 28.96 -56.53
C VAL GA 844 -303.39 29.16 -58.03
N VAL GA 845 -302.69 28.29 -58.76
CA VAL GA 845 -302.54 28.40 -60.20
C VAL GA 845 -303.49 27.41 -60.86
N ALA GA 846 -304.35 27.92 -61.76
CA ALA GA 846 -305.29 27.09 -62.48
C ALA GA 846 -304.67 26.63 -63.79
N HIS GA 847 -304.78 25.34 -64.07
CA HIS GA 847 -304.23 24.74 -65.29
C HIS GA 847 -305.38 24.25 -66.15
N GLY GA 848 -305.39 24.68 -67.41
CA GLY GA 848 -306.43 24.31 -68.33
C GLY GA 848 -306.14 24.76 -69.75
N PRO GA 849 -307.14 24.62 -70.63
CA PRO GA 849 -306.93 25.03 -72.03
C PRO GA 849 -306.63 26.51 -72.20
N ASN GA 850 -307.08 27.35 -71.28
CA ASN GA 850 -306.90 28.80 -71.39
C ASN GA 850 -305.66 29.30 -70.66
N TYR GA 851 -304.81 28.41 -70.16
CA TYR GA 851 -303.64 28.78 -69.38
C TYR GA 851 -302.40 28.06 -69.89
N ARG GA 852 -302.21 28.06 -71.21
CA ARG GA 852 -301.06 27.44 -71.84
C ARG GA 852 -300.37 28.41 -72.79
N PHE GA 853 -300.14 29.64 -72.30
CA PHE GA 853 -299.47 30.67 -73.07
C PHE GA 853 -298.26 31.18 -72.32
N GLY GA 854 -297.16 31.41 -73.04
CA GLY GA 854 -295.95 31.96 -72.48
C GLY GA 854 -295.63 33.33 -73.08
N GLY GA 855 -294.52 33.89 -72.61
CA GLY GA 855 -294.12 35.18 -73.10
C GLY GA 855 -292.93 35.74 -72.34
N LEU GA 856 -292.74 37.04 -72.50
CA LEU GA 856 -291.58 37.78 -72.00
C LEU GA 856 -292.06 39.04 -71.31
N ARG GA 857 -291.31 39.48 -70.30
CA ARG GA 857 -291.70 40.65 -69.52
C ARG GA 857 -290.47 41.50 -69.22
N ILE GA 858 -290.63 42.82 -69.35
CA ILE GA 858 -289.59 43.79 -69.02
C ILE GA 858 -290.20 44.87 -68.15
N SER GA 859 -289.39 45.44 -67.25
CA SER GA 859 -289.81 46.59 -66.48
C SER GA 859 -288.69 47.62 -66.46
N ARG GA 860 -289.05 48.90 -66.56
CA ARG GA 860 -288.09 49.98 -66.55
C ARG GA 860 -288.50 51.00 -65.49
N ALA GA 861 -287.51 51.48 -64.72
CA ALA GA 861 -287.76 52.45 -63.67
C ALA GA 861 -286.52 53.32 -63.48
N THR GA 862 -286.75 54.48 -62.86
CA THR GA 862 -285.73 55.47 -62.49
C THR GA 862 -284.64 55.61 -63.55
N PHE GA 863 -285.06 55.85 -64.79
CA PHE GA 863 -284.15 56.20 -65.88
C PHE GA 863 -283.09 55.14 -66.11
N PHE GA 864 -283.46 53.87 -65.91
CA PHE GA 864 -282.52 52.78 -66.14
C PHE GA 864 -283.32 51.58 -66.65
N ASN GA 865 -283.23 51.32 -67.95
CA ASN GA 865 -283.90 50.19 -68.55
C ASN GA 865 -283.28 48.89 -68.06
N ALA GA 866 -284.13 47.86 -67.93
CA ALA GA 866 -283.67 46.55 -67.52
C ALA GA 866 -282.88 45.89 -68.66
N GLY GA 867 -282.45 44.66 -68.41
CA GLY GA 867 -281.66 43.94 -69.40
C GLY GA 867 -282.49 43.52 -70.60
N ARG GA 868 -281.77 43.19 -71.67
CA ARG GA 868 -282.38 42.74 -72.91
C ARG GA 868 -282.37 41.22 -72.98
N ILE GA 869 -283.28 40.67 -73.78
CA ILE GA 869 -283.52 39.23 -73.80
C ILE GA 869 -283.27 38.71 -75.21
N ASP GA 870 -282.92 37.43 -75.30
CA ASP GA 870 -282.67 36.79 -76.58
C ASP GA 870 -282.90 35.30 -76.46
N ASN GA 871 -283.05 34.65 -77.62
CA ASN GA 871 -283.19 33.19 -77.71
C ASN GA 871 -284.37 32.69 -76.89
N TRP GA 872 -285.53 33.30 -77.10
CA TRP GA 872 -286.72 32.90 -76.36
C TRP GA 872 -287.22 31.56 -76.89
N THR GA 873 -287.68 30.70 -75.98
CA THR GA 873 -288.16 29.39 -76.39
C THR GA 873 -289.18 28.88 -75.40
N LEU GA 874 -290.26 28.31 -75.92
CA LEU GA 874 -291.26 27.61 -75.13
C LEU GA 874 -291.45 26.21 -75.69
N LYS GA 875 -291.64 25.24 -74.82
CA LYS GA 875 -291.85 23.87 -75.28
C LYS GA 875 -292.55 23.08 -74.18
N ASP GA 876 -292.90 21.84 -74.50
CA ASP GA 876 -293.55 20.92 -73.58
C ASP GA 876 -292.60 19.74 -73.36
N TRP GA 877 -291.77 19.85 -72.33
CA TRP GA 877 -290.79 18.82 -72.05
C TRP GA 877 -291.49 17.52 -71.65
N ALA GA 878 -290.87 16.40 -72.01
CA ALA GA 878 -291.41 15.08 -71.70
C ALA GA 878 -291.11 14.71 -70.24
#